data_8WMW
#
_entry.id   8WMW
#
_cell.length_a   1.00
_cell.length_b   1.00
_cell.length_c   1.00
_cell.angle_alpha   90.00
_cell.angle_beta   90.00
_cell.angle_gamma   90.00
#
_symmetry.space_group_name_H-M   'P 1'
#
loop_
_entity.id
_entity.type
_entity.pdbx_description
1 polymer 'Photosystem I P700 chlorophyll a apoprotein A1'
2 polymer 'Photosystem I P700 chlorophyll a apoprotein A2'
3 polymer 'Photosystem I iron-sulfur center'
4 polymer 'Photosystem I reaction center subunit II'
5 polymer 'Photosystem I reaction center subunit IV'
6 polymer 'Photosystem I reaction center subunit III'
7 polymer 'Photosystem I reaction center subunit VIII'
8 polymer 'Photosystem I reaction center subunit IX'
9 polymer 'Photosystem I reaction center subunit XI'
10 polymer 'Photosystem I reaction center subunit XII'
11 polymer PsaO
12 polymer 'Photosystem I reaction center subunit PsaK'
13 polymer CAC-c
14 polymer CAC-a
15 polymer CAC-b
16 polymer CAC-h
17 polymer CAC-e
18 polymer CAC-k
19 polymer CAC-f
20 polymer CAC-i
21 polymer CAC-d
22 polymer CAC-g
23 polymer PsaR
24 non-polymer 'CHLOROPHYLL A'
25 non-polymer PHYLLOQUINONE
26 non-polymer 1,2-DIPALMITOYL-PHOSPHATIDYL-GLYCEROLE
27 non-polymer 1,3,3-trimethyl-2-[(1E,3E,5E,7E,9E,11E,13E,15E,17E)-3,7,12,16-tetramethyl-18-[(1R)-2,6,6-trimethylcyclohex-2-en-1-yl]octadeca-1,3,5,7,9,11,13,15,17-nonaenyl]cyclohexene
28 non-polymer DODECYL-BETA-D-MALTOSIDE
29 non-polymer 'IRON/SULFUR CLUSTER'
30 non-polymer 'DIGALACTOSYL DIACYL GLYCEROL (DGDG)'
31 non-polymer DODECYL-ALPHA-D-MALTOSIDE
32 non-polymer 1,2-DISTEAROYL-MONOGALACTOSYL-DIGLYCERIDE
33 non-polymer (1~{R})-3,5,5-trimethyl-4-[(3~{E},5~{E},7~{E},9~{E},11~{E},13~{E},15~{E})-3,7,12,16-tetramethyl-18-[(4~{R})-2,6,6-trimethyl-4-oxidanyl-cyclohexen-1-yl]octadeca-3,5,7,9,11,13,15-heptaen-1,17-diynyl]cyclohex-3-en-1-ol
34 non-polymer (1~{R})-3,5,5-trimethyl-4-[(3~{E},5~{E},7~{E},9~{E},11~{E},13~{E},15~{E},17~{E})-3,7,12,16-tetramethyl-18-(2,6,6-trimethylcyclohexen-1-yl)octadeca-3,5,7,9,11,13,15,17-octaen-1-ynyl]cyclohex-3-en-1-ol
35 non-polymer 'Chlorophyll c2'
36 water water
#
loop_
_entity_poly.entity_id
_entity_poly.type
_entity_poly.pdbx_seq_one_letter_code
_entity_poly.pdbx_strand_id
1 'polypeptide(L)'
;MTISSKEQEAKKVSITVDRDPVATSFEKWAQPGHFSRTLAKGPKTTTWIWNLHADVHDFDSHTNSLEDISRKIFSAHFGQ
LSIIFLWLSGMYFHGARFSNYSAWLSNPTAVKPSAQVVWPIVGQEVLNGDVGGGFQGVQVTSGFFQIWRSSGITSEVELY
WCALAGLIMSGLMIFAGWFHYHKAAPKLEWFQNAESMLNHHLSGLLGLGCLSWAGHQIHVSLPVNKLLDAGVAPQEIPLP
HEFLVNRDLMAQLYPSFSKGLVPFFTLNWSEYSDFLTFKGGLNPVTGGLWLSDTAHHHLALAVLFIVAGHMYRTNWGIGH
SMKEILEAHKGPFTGEGHKGLYEILTTSWHAQLAINLAMLGSVSIIVAHHMYAMPPYPYIATDYPTQLSIFTHHMWIGGF
CVCGGAAHAGIFMVRDYNPAQNYNNLLDRVIRHRDAIISHLNWICIFLGFHSFGLYIHNDTMRALGRTQDMFSDTAIQLK
PVFAQWVQSIHTLAPGNTTPNALATASYAFGGDVVAVGNKVAMMPISLGTADFMVHHIHAFTIHVTVLILLKGVLFSRNS
RLIPDKANLGFRFPCDGPGRGGTCQSSAWDSVFLGLFWMYNCISVVIFHFSWKMQSDVWGTVQSDGTVTHITGGNFAQSA
ITINGWLRDFLWAQASQVIQSYGSALSAYGLIFLGAHFIWAFSLMFLFSGRGYWQELIESIVWAHNKLNVAPAIQPRALS
ITQGRAVGLAHYLLGGIGTTWAFFLARIISVG
;
A
2 'polypeptide(L)'
;MATKFPKFSQALAQDPATRRIWYGLATAHDLESHDGMTEENLYQKIFASHFGHLAVIFLWTSGNLFHVAWQGNFEQWVLN
PLKVKPIAHAIWDPHFGQPAVKAFTKGGVSYPVNIATSGVYHWWYTIGMRSNTDLYAGSLFLLFLAGVFLFAGWLHLQPK
FRPGLSWFKNNESRLNHHLSGLFGFSSLAWSAHLIHVAIPEARGQHVCWDNFTKVAPHPAGLQPFFTGNWGAYAASPDTT
NHIFGTSEGAGTAILTFLGGFHPQTQALWLTDIAHHHLAIGVVFIFAGHMYRTNWGIGHSLKEILDAHRPPGGRLGAGHK
GIFETLTNSLHFQLGLALASLGVITSLVAQHMYALPSYAFIAKDYVTQSALYTHHQYIAGFLMVGAFAHGAIFFVRDYDP
EQNKNNVLARILDHKEAIISHLSWVSLFLGFHTLGIYVHNDVVVAFGTPEKQILVEPVFAQWIQASSGKALYGFDVLLSS
TNSVAANASSNIWLPGWLEAINSGKNSLFLPIGPGDFLIHHAIALALHTTTLILVKGALDARGSKLMPDKKDFGYAFPCD
GPGRGGTCDISAWDAFYLSMFWMLNTIGWVTFYWHWKHITIWQGNAGQFNESSTYIMGWLRDYLWLNSSPLINGYNPFGM
NSLSVWSWMFLFGHLIWATGFMFLISWRGYWQELIETLVWAHERTPLANLVRWKDKPVALSIVQARLVGLIHFTAGYIFT
YAAFVIASTTGKFG
;
B
3 'polypeptide(L)'
;MSHSVKVYDTCIGCTQCVRACPCDVLEMVSWDGCKAGQIASAPRTEDCIGCKRCETACPTDFLSVRVYLGGETTRSMGLA
Y
;
C
4 'polypeptide(L)'
;MAETLNLQIPSPTFEGSTGGWLRAAEVEEKYAITWTSPKEQVFEMPTGGAAIMRQGENLLYLARKEQCLALATQVKNSFK
ITDYKVYRIFPSGEVQYLHPKDGVFPEKVNAGRVGVGNVSHSIGKNLNPAQIKFTSKSFNG
;
D
5 'polypeptide(L)' MVKRGSKVRILRKESYWYQDIGTVATIDTSGIRYPVVVRFEKVSYSGVNTNNFSLDEVVEVVAK E
6 'polypeptide(L)'
;MEIFFVKNWVSMLLVCSFLAFPSLAKADVAGLTPCGESKEFARRLDGSVKKLQTRLSKYEAGTPPALALQKQIDKTKNRF
DRYGKAGLLCGTDGLPHLITDGRWTHSGEFVIPGLLFLYVAGWIGWVGRSYVLFARTADKPTEKEIIIDVPVALSFVSTG
FIWPFSAFKEFTSGNLIVPADEITVSPR
;
F
7 'polypeptide(L)' MTAAYLPSILVPIIGLIFPGLVMAFAFIYIEQDEVA I
8 'polypeptide(L)' MDSNFLKYLSTAPVLFTVWLSFTASFIIEANRFFPDMLYFPM J
9 'polypeptide(L)'
;MSQFIKPYNDDPFVGNLATPVSTSSFTKSLLSNLPAYRAGLSPLLRGVEIGLTHGYFLVGPFYKLGPLRNSDVALLSGFF
SALGLIVILVACLTIYGVVSFEETEAKDQLQTAKGWRQFTSGWLVGSVGGASFAYILISNIPFLQTAGMSMLK
;
L
10 'polypeptide(L)' MISDTQIFIALILALVSLVLAIRLGRALYQ M
11 'polypeptide(L)'
;IFLAVLASASAFAPAAMPTQLGKPAAFTPSLRAARVAPSPLSVVAQSKSDFEISDGTPYTLNVPLVGAASFIGWVVPTLL
PSQIALYGGKGLSTAFFASIGTNLAKFPAPPGMTDPFWLLCFIWHSGLFATMILGSIGYNGYAGKK
;
O
12 'polypeptide(L)'
;MNADLLIALVPQTVAWSAKTGAVMVLSNILCIVAGRYVIQVKGTGPSLPISGSFAGFGLPELLASTSLGHIVGSGAILGL
SYVGVLS
;
K
13 'polypeptide(L)'
;LRTALIAACVASASAFVPASGFAPMAMKSRTSAVSSMRMQEGDFSAAVPFLKRPSNLDGAYIGDVGFDPLGFSDVFDLRV
LREAELKHGRFAMLAVLGFIVQELYTFPFFPKMAPVDAHDYFVKQGGGSQIIFWISFVELFGVVALFETLQGKREPGDFA
FDPLGLAKDEATLERYRLAEVKHARLAMIAIGGFIHQYWVTKQTVLEQLGNFKSLA
;
c
14 'polypeptide(L)'
;RTPVLVLAGAAAVSAFAPAANLAGLRTSSTRAAIARGPQMQEMSEAIPFMPKPANIDSSMPGYAGFDPLGFTDYYSAKWM
QEAEIKHGRVCMLAALGMVFPEFAKFPQFASFSTNPLEAFYQVSPAGWGQIFLFIGVLETFSYEKSFYNFEGGAPGALGF
DPLRMSSNPASAKQYAAAEVRNGRLAMIGFSGMLHHAIVSKQGPITQIVEQNFYPK
;
a
15 'polypeptide(L)'
;SYAFTASPALIRAGAATRATSGISGMKMQAKSKAVPFLSQPEALDGSMAGDVGFDPFGISSVIDIKWLRESELKHGRICM
LAATGCLVQEVVHLPGPAFSQKMALNAWAAAPRGGMISILVAIGLIEMISNRFALTATDMFANPNRVPGDLGFDPLSLGA
NPANRARFELSEVIHGRAAMMGFSGMVHQMIVSKQAPIEQLMHFKAVDSSLMKLGGAAGNLGY
;
b
16 'polypeptide(L)'
;STVALALVAGATAFAPAAMGPGLSLRAQGAAQRAPARAGLSALSMAQNPMSKAVADFAESSPEFGGRGLGVTVNAERWNG
RHAMFGIFAMVMTSYMKGHGLIPDADKVLDIAQWGPLAAVWDGAGNGISNERAIILIAHVHVLVVSVIAAIAPFGFQDTL
VKEKGYTPESPAGLIPPFKTGLTAEAELINGRLAMLGVISIVTASLFTGTSVVDTINLGMGKILY
;
h
17 'polypeptide(L)'
;ATLACVASASAFAPSALLPQAGVRAAKTGMRMQENLAVPFLKAPAKLDSSMPGYAGFDPLGCSDFYDVKWLQEAEIKNGR
VAMLGVVGLLVPEFFHLPMYTAGATPYESYTTVPAFALIQIFLGCGAVEYFTHKGKISPDNMFDGGRVPGEFGWGKADMT
MQTKEIKNGRLAMLAFGGILHQQLFTKMGTIAHLTGGFKPLTF
;
e
18 'polypeptide(L)'
;TTLLVGAVGAASAFAPAALPSMARTTSRSGVSMQLYKDGVLQGKGMRAVPFAPAPDCLPENIPGYMGFDPLGLSTLCNVE
WLREAEIKHCRVAMLAAAGSIAQDLYQFPGVEKIVGSAKMTGVHDKILAAASTGDYKAQAMSQILFWTSFLEIVTLPAVF
ETMNGGPRKPGVFFFDPLGLGKGDKMGEMELKEIKNGRLAMIGVGGMVHHYLLTGKGPIQFLSGIPNYKSCIEPHIGALC
Q
;
k
19 'polypeptide(L)'
;VAAVACVASAAAFAPSAPMGVKATTRAVSSIGPRMQAMSESVPFLKKPEALDSSMAGYAGFDPLGLSSIADIKFLQESEI
KHCRIAMLAAAGSIAQDIFTFPGVSKVVGTAKMTGVHDVLVKQGAMGQILLWTSFLEVFGTIALLETLDGKRAPGDFKFD
PLGFSKNAETAKRYQLSEIKNGRLAMLATGGMVHGYFITGKGPLELLTNFGK
;
f,j
20 'polypeptide(L)'
;ATLVAACVATASAFSASPVLLKAGTRSATSGLSGMKMQDMSASVPFLPRPAALDGSMVGDVGFDPLGFTTKYDIKWLRES
ELKHGRVCMLASLGCIVQEIVHLPFEATSNPVASEAFFQVPAGGLWQIFAGIGIVEHFSNNFKMSGSTMFSEGRAPGNLG
FDPLNFGKNPSARARYELAEIKNGRLAMLGFGGMIHGCFITGKGPIGALTSMDWHQSF
;
i
21 'polypeptide(L)'
;RLSLCAAIVASASAFAPSGVLPTAPRRAGAVSAMKMQLPTAIPPLGRPETDMFDGSVPGDAGFDPLTISAWLDSRWLREA
EIKHCRVAMLAAAGCIAQDIFQFPGAATVYKASTKMTALHDAAVKAGSMGQMLFWIGFVEAISTAATIQMLQGSGRAPGD
FGFDPLGLGKGPGRARMELSEIKNGRLAMIGFSGMVHHYFITGKGPIELLTSR
;
d
22 'polypeptide(L)'
;VLVAAVIGYASAFTAPVLPSTHAVGRTNAMSGMRMQAKSKAIPFLDAPPALSESMPGYVGFDPLWVSSMLPDAGYVKFLQ
EAEIKHGRVAMLAAAGAIVQDIFTFPGVKSVIGDVKMTSVHDKFLSMEAGSGKGDMAAMHQLLLWLGLLEIATSVAIIQS
FKGETSRGPGEFGFDPLNFGKGNSAGSDSYKLKEIKNGRLAMIGIGGMVHHYLLTGKGPLQFLGGIPNYKSCVSHPDSLL
PWLFKAVGPVLPKIC
;
g
23 'polypeptide(L)'
;LRCTVLLLAVASASAFVSGPATLALRSNTRAAISRGPQMFSPVPSPEGTKETYWETKAPSSDVLGIGAGVSSGNFAAASV
FAALVGGYCTGQVIPLTVEPNPLFLAGSFLLPYSWALHVAAWIQKNNGK
;
R
#
loop_
_chem_comp.id
_chem_comp.type
_chem_comp.name
_chem_comp.formula
CLA non-polymer 'CHLOROPHYLL A' 'C55 H72 Mg N4 O5'
DGD saccharide 'DIGALACTOSYL DIACYL GLYCEROL (DGDG)' 'C51 H96 O15'
IHT non-polymer (1~{R})-3,5,5-trimethyl-4-[(3~{E},5~{E},7~{E},9~{E},11~{E},13~{E},15~{E},17~{E})-3,7,12,16-tetramethyl-18-(2,6,6-trimethylcyclohexen-1-yl)octadeca-3,5,7,9,11,13,15,17-octaen-1-ynyl]cyclohex-3-en-1-ol 'C40 H54 O'
II0 non-polymer (1~{R})-3,5,5-trimethyl-4-[(3~{E},5~{E},7~{E},9~{E},11~{E},13~{E},15~{E})-3,7,12,16-tetramethyl-18-[(4~{R})-2,6,6-trimethyl-4-oxidanyl-cyclohexen-1-yl]octadeca-3,5,7,9,11,13,15-heptaen-1,17-diynyl]cyclohex-3-en-1-ol 'C40 H52 O2'
KC2 non-polymer 'Chlorophyll c2' 'C35 H28 Mg N4 O5'
LHG non-polymer 1,2-DIPALMITOYL-PHOSPHATIDYL-GLYCEROLE 'C38 H75 O10 P'
LMG non-polymer 1,2-DISTEAROYL-MONOGALACTOSYL-DIGLYCERIDE 'C45 H86 O10'
LMT D-saccharide DODECYL-BETA-D-MALTOSIDE 'C24 H46 O11'
LMU D-saccharide DODECYL-ALPHA-D-MALTOSIDE 'C24 H46 O11'
PQN non-polymer PHYLLOQUINONE 'C31 H46 O2'
SF4 non-polymer 'IRON/SULFUR CLUSTER' 'Fe4 S4'
WVN non-polymer 1,3,3-trimethyl-2-[(1E,3E,5E,7E,9E,11E,13E,15E,17E)-3,7,12,16-tetramethyl-18-[(1R)-2,6,6-trimethylcyclohex-2-en-1-yl]octadeca-1,3,5,7,9,11,13,15,17-nonaenyl]cyclohexene 'C40 H56'
#
# COMPACT_ATOMS: atom_id res chain seq x y z
N LYS A 11 54.92 -15.66 24.22
CA LYS A 11 54.45 -15.83 22.85
C LYS A 11 53.11 -16.55 22.79
N LYS A 12 52.14 -16.10 23.61
CA LYS A 12 50.81 -16.68 23.55
C LYS A 12 50.03 -16.30 22.30
N VAL A 13 50.51 -15.37 21.50
CA VAL A 13 49.99 -15.14 20.16
C VAL A 13 50.81 -15.98 19.19
N SER A 14 50.21 -17.06 18.69
CA SER A 14 50.93 -18.01 17.86
C SER A 14 50.04 -18.53 16.74
N ILE A 15 50.68 -19.05 15.69
CA ILE A 15 50.00 -19.66 14.56
C ILE A 15 49.76 -21.13 14.86
N THR A 16 48.50 -21.56 14.80
CA THR A 16 48.12 -22.95 15.02
C THR A 16 47.11 -23.36 13.97
N VAL A 17 47.37 -24.49 13.31
CA VAL A 17 46.62 -24.90 12.13
C VAL A 17 46.37 -26.40 12.18
N ASP A 18 45.14 -26.82 11.84
CA ASP A 18 44.84 -28.21 11.54
C ASP A 18 45.14 -28.48 10.08
N ARG A 19 45.89 -29.54 9.82
CA ARG A 19 46.32 -29.90 8.48
C ARG A 19 45.37 -30.92 7.88
N ASP A 20 45.00 -30.70 6.62
CA ASP A 20 44.01 -31.48 5.90
C ASP A 20 42.70 -31.72 6.65
N PRO A 21 42.02 -30.66 7.12
CA PRO A 21 40.78 -30.90 7.87
C PRO A 21 39.68 -31.54 7.03
N VAL A 22 39.34 -30.94 5.90
CA VAL A 22 38.21 -31.33 5.09
C VAL A 22 38.73 -31.85 3.77
N ALA A 23 38.15 -32.95 3.30
CA ALA A 23 38.56 -33.57 2.06
C ALA A 23 37.92 -32.88 0.86
N THR A 24 38.72 -32.57 -0.14
CA THR A 24 38.22 -31.92 -1.35
C THR A 24 37.49 -32.97 -2.19
N SER A 25 36.19 -33.09 -1.98
CA SER A 25 35.38 -34.09 -2.66
C SER A 25 34.17 -33.47 -3.32
N PHE A 26 33.78 -34.03 -4.46
CA PHE A 26 32.56 -33.62 -5.14
C PHE A 26 31.31 -34.32 -4.61
N GLU A 27 31.44 -35.17 -3.60
CA GLU A 27 30.30 -35.97 -3.15
C GLU A 27 29.19 -35.12 -2.56
N LYS A 28 29.54 -34.16 -1.70
CA LYS A 28 28.53 -33.32 -1.09
C LYS A 28 27.95 -32.30 -2.06
N TRP A 29 28.62 -32.03 -3.17
CA TRP A 29 28.04 -31.24 -4.25
C TRP A 29 26.78 -31.89 -4.79
N ALA A 30 26.79 -33.20 -4.90
CA ALA A 30 25.68 -33.98 -5.44
C ALA A 30 24.57 -34.20 -4.43
N GLN A 31 24.72 -33.67 -3.22
CA GLN A 31 23.77 -33.91 -2.13
C GLN A 31 23.30 -32.58 -1.60
N PRO A 32 22.41 -31.89 -2.30
CA PRO A 32 21.95 -30.56 -1.86
C PRO A 32 21.31 -30.64 -0.49
N GLY A 33 21.71 -29.73 0.39
CA GLY A 33 21.20 -29.72 1.73
C GLY A 33 22.04 -30.47 2.73
N HIS A 34 23.26 -30.88 2.35
CA HIS A 34 24.10 -31.72 3.20
C HIS A 34 24.47 -31.07 4.52
N PHE A 35 24.40 -29.75 4.60
CA PHE A 35 24.97 -28.98 5.69
C PHE A 35 24.08 -28.89 6.92
N SER A 36 22.82 -29.32 6.84
CA SER A 36 21.92 -29.24 7.97
C SER A 36 21.19 -30.56 8.12
N ARG A 37 20.84 -30.90 9.35
CA ARG A 37 20.15 -32.17 9.60
C ARG A 37 18.73 -32.17 9.04
N THR A 38 18.07 -31.02 9.04
CA THR A 38 16.71 -30.94 8.51
C THR A 38 16.69 -31.14 7.01
N LEU A 39 17.53 -30.42 6.28
CA LEU A 39 17.48 -30.43 4.84
C LEU A 39 18.18 -31.62 4.21
N ALA A 40 18.99 -32.35 4.96
CA ALA A 40 19.83 -33.39 4.38
C ALA A 40 19.06 -34.65 4.06
N LYS A 41 17.84 -34.79 4.56
CA LYS A 41 17.03 -35.96 4.29
C LYS A 41 16.13 -35.81 3.06
N GLY A 42 16.23 -34.70 2.33
CA GLY A 42 15.58 -34.58 1.03
C GLY A 42 14.25 -33.87 1.06
N PRO A 43 13.78 -33.43 -0.12
CA PRO A 43 12.54 -32.66 -0.17
C PRO A 43 11.31 -33.53 -0.14
N LYS A 44 10.28 -33.02 0.53
CA LYS A 44 8.95 -33.58 0.45
C LYS A 44 7.90 -32.56 0.06
N THR A 45 8.15 -31.28 0.32
CA THR A 45 7.36 -30.17 -0.16
C THR A 45 8.30 -29.16 -0.79
N THR A 46 7.74 -28.22 -1.56
CA THR A 46 8.57 -27.21 -2.20
C THR A 46 9.23 -26.25 -1.21
N THR A 47 8.75 -26.22 0.03
CA THR A 47 9.36 -25.41 1.08
C THR A 47 10.82 -25.78 1.29
N TRP A 48 11.14 -27.07 1.10
CA TRP A 48 12.51 -27.56 1.24
C TRP A 48 13.46 -26.78 0.33
N ILE A 49 13.02 -26.52 -0.90
CA ILE A 49 13.87 -25.81 -1.85
C ILE A 49 14.20 -24.43 -1.33
N TRP A 50 13.19 -23.73 -0.83
CA TRP A 50 13.43 -22.39 -0.34
C TRP A 50 14.23 -22.44 0.94
N ASN A 51 13.93 -23.40 1.81
CA ASN A 51 14.69 -23.53 3.04
C ASN A 51 16.12 -23.87 2.76
N LEU A 52 16.42 -24.44 1.61
CA LEU A 52 17.80 -24.73 1.32
C LEU A 52 18.58 -23.43 1.11
N HIS A 53 18.03 -22.50 0.35
CA HIS A 53 18.76 -21.28 0.07
C HIS A 53 18.76 -20.29 1.23
N ALA A 54 17.72 -20.32 2.04
CA ALA A 54 17.55 -19.33 3.09
C ALA A 54 18.59 -19.48 4.19
N ASP A 55 18.99 -20.71 4.50
CA ASP A 55 19.82 -20.99 5.67
C ASP A 55 21.24 -21.39 5.34
N VAL A 56 21.66 -21.25 4.09
CA VAL A 56 22.90 -21.91 3.68
C VAL A 56 24.14 -21.25 4.27
N HIS A 57 24.19 -19.93 4.33
CA HIS A 57 25.36 -19.28 4.87
C HIS A 57 25.19 -18.98 6.34
N ASP A 58 24.10 -19.43 6.94
CA ASP A 58 23.92 -19.38 8.39
C ASP A 58 24.71 -20.52 9.00
N PHE A 59 26.03 -20.31 9.12
CA PHE A 59 26.93 -21.35 9.60
C PHE A 59 26.64 -21.73 11.04
N ASP A 60 26.43 -20.74 11.91
CA ASP A 60 26.17 -21.03 13.33
C ASP A 60 24.81 -21.65 13.57
N SER A 61 24.02 -21.90 12.52
CA SER A 61 22.81 -22.68 12.59
C SER A 61 23.02 -24.14 12.21
N HIS A 62 24.14 -24.46 11.55
CA HIS A 62 24.45 -25.83 11.17
C HIS A 62 25.39 -26.52 12.14
N THR A 63 26.35 -25.77 12.68
CA THR A 63 27.43 -26.32 13.47
C THR A 63 27.35 -25.73 14.87
N ASN A 64 27.75 -26.50 15.87
CA ASN A 64 27.84 -26.00 17.22
C ASN A 64 29.16 -25.33 17.52
N SER A 65 30.25 -25.79 16.91
CA SER A 65 31.59 -25.38 17.30
C SER A 65 31.93 -24.04 16.68
N LEU A 66 32.49 -23.14 17.50
CA LEU A 66 32.96 -21.85 17.00
C LEU A 66 34.15 -21.99 16.07
N GLU A 67 34.90 -23.08 16.18
CA GLU A 67 36.06 -23.28 15.33
C GLU A 67 35.65 -23.53 13.88
N ASP A 68 34.72 -24.46 13.66
CA ASP A 68 34.29 -24.75 12.29
C ASP A 68 33.56 -23.56 11.68
N ILE A 69 32.82 -22.82 12.50
CA ILE A 69 32.15 -21.61 12.02
C ILE A 69 33.19 -20.59 11.56
N SER A 70 34.23 -20.39 12.36
CA SER A 70 35.27 -19.43 12.02
C SER A 70 36.03 -19.83 10.76
N ARG A 71 36.28 -21.13 10.59
CA ARG A 71 36.97 -21.60 9.40
C ARG A 71 36.14 -21.36 8.14
N LYS A 72 34.82 -21.62 8.24
CA LYS A 72 33.93 -21.38 7.11
C LYS A 72 33.90 -19.91 6.75
N ILE A 73 33.92 -19.04 7.76
CA ILE A 73 33.86 -17.60 7.52
C ILE A 73 35.12 -17.11 6.83
N PHE A 74 36.29 -17.58 7.28
CA PHE A 74 37.55 -17.15 6.70
C PHE A 74 37.65 -17.54 5.22
N SER A 75 37.27 -18.77 4.90
CA SER A 75 37.34 -19.15 3.49
C SER A 75 36.27 -18.49 2.64
N ALA A 76 35.10 -18.20 3.20
CA ALA A 76 34.10 -17.48 2.43
C ALA A 76 34.52 -16.02 2.19
N HIS A 77 35.35 -15.46 3.07
CA HIS A 77 35.84 -14.12 2.81
C HIS A 77 36.88 -14.12 1.71
N PHE A 78 37.64 -15.21 1.60
CA PHE A 78 38.51 -15.34 0.44
C PHE A 78 37.71 -15.50 -0.84
N GLY A 79 36.57 -16.22 -0.80
CA GLY A 79 35.72 -16.33 -1.97
C GLY A 79 35.13 -15.00 -2.41
N GLN A 80 34.73 -14.17 -1.45
CA GLN A 80 34.25 -12.85 -1.81
C GLN A 80 35.36 -12.00 -2.43
N LEU A 81 36.57 -12.07 -1.87
CA LEU A 81 37.69 -11.32 -2.45
C LEU A 81 38.00 -11.76 -3.87
N SER A 82 37.91 -13.07 -4.13
CA SER A 82 38.11 -13.57 -5.48
C SER A 82 37.08 -12.99 -6.45
N ILE A 83 35.84 -12.84 -6.00
CA ILE A 83 34.82 -12.25 -6.86
C ILE A 83 35.09 -10.76 -7.08
N ILE A 84 35.53 -10.05 -6.05
CA ILE A 84 35.79 -8.62 -6.19
C ILE A 84 36.96 -8.37 -7.13
N PHE A 85 38.01 -9.19 -7.02
CA PHE A 85 39.15 -9.05 -7.92
C PHE A 85 38.77 -9.38 -9.36
N LEU A 86 37.96 -10.41 -9.58
CA LEU A 86 37.46 -10.68 -10.93
C LEU A 86 36.65 -9.50 -11.48
N TRP A 87 35.83 -8.88 -10.64
CA TRP A 87 35.03 -7.72 -11.05
C TRP A 87 35.93 -6.54 -11.43
N LEU A 88 36.93 -6.24 -10.61
CA LEU A 88 37.86 -5.15 -10.93
C LEU A 88 38.64 -5.44 -12.21
N SER A 89 39.10 -6.67 -12.36
CA SER A 89 39.82 -7.06 -13.57
C SER A 89 38.94 -6.90 -14.80
N GLY A 90 37.65 -7.22 -14.68
CA GLY A 90 36.75 -6.99 -15.81
C GLY A 90 36.52 -5.53 -16.09
N MET A 91 36.52 -4.67 -15.06
CA MET A 91 36.37 -3.24 -15.30
C MET A 91 37.59 -2.69 -16.03
N TYR A 92 38.77 -3.18 -15.67
CA TYR A 92 39.99 -2.78 -16.36
C TYR A 92 40.05 -3.33 -17.77
N PHE A 93 39.60 -4.57 -17.98
CA PHE A 93 39.64 -5.13 -19.32
C PHE A 93 38.65 -4.44 -20.25
N HIS A 94 37.45 -4.11 -19.76
CA HIS A 94 36.50 -3.39 -20.59
C HIS A 94 36.97 -1.98 -20.88
N GLY A 95 37.70 -1.35 -19.94
CA GLY A 95 38.33 -0.09 -20.26
C GLY A 95 39.43 -0.21 -21.28
N ALA A 96 40.19 -1.31 -21.22
CA ALA A 96 41.30 -1.52 -22.15
C ALA A 96 40.82 -1.85 -23.56
N ARG A 97 39.79 -2.68 -23.67
CA ARG A 97 39.42 -3.26 -24.95
C ARG A 97 38.20 -2.63 -25.57
N PHE A 98 37.16 -2.31 -24.79
CA PHE A 98 35.91 -1.83 -25.33
C PHE A 98 35.60 -0.40 -24.90
N SER A 99 36.59 0.48 -24.82
CA SER A 99 36.32 1.81 -24.30
C SER A 99 36.95 2.89 -25.18
N ASN A 100 36.51 4.12 -24.95
CA ASN A 100 37.08 5.30 -25.57
C ASN A 100 38.01 6.03 -24.62
N TYR A 101 38.70 5.31 -23.74
CA TYR A 101 39.55 5.93 -22.73
C TYR A 101 40.62 6.82 -23.36
N SER A 102 41.28 6.32 -24.41
CA SER A 102 42.36 7.07 -25.05
C SER A 102 41.86 8.37 -25.65
N ALA A 103 40.69 8.35 -26.28
CA ALA A 103 40.09 9.58 -26.77
C ALA A 103 39.68 10.49 -25.63
N TRP A 104 39.23 9.92 -24.52
CA TRP A 104 38.80 10.74 -23.40
C TRP A 104 39.97 11.45 -22.73
N LEU A 105 41.15 10.85 -22.75
CA LEU A 105 42.33 11.49 -22.18
C LEU A 105 42.68 12.79 -22.88
N SER A 106 42.52 12.82 -24.20
CA SER A 106 42.81 14.03 -24.96
C SER A 106 41.77 15.11 -24.70
N ASN A 107 40.49 14.75 -24.66
CA ASN A 107 39.39 15.70 -24.46
C ASN A 107 38.49 15.23 -23.33
N PRO A 108 38.92 15.39 -22.08
CA PRO A 108 38.07 14.96 -20.96
C PRO A 108 36.77 15.72 -20.86
N THR A 109 36.72 16.95 -21.36
CA THR A 109 35.52 17.77 -21.26
C THR A 109 34.55 17.60 -22.43
N ALA A 110 34.97 16.97 -23.53
CA ALA A 110 34.13 16.76 -24.70
C ALA A 110 33.67 15.32 -24.87
N VAL A 111 34.55 14.36 -24.64
CA VAL A 111 34.22 12.95 -24.79
C VAL A 111 33.48 12.49 -23.55
N LYS A 112 32.45 11.70 -23.74
CA LYS A 112 31.73 11.06 -22.64
C LYS A 112 32.24 9.66 -22.44
N PRO A 113 32.64 9.29 -21.22
CA PRO A 113 33.19 7.95 -20.98
C PRO A 113 32.23 6.86 -21.35
N SER A 114 32.75 5.82 -21.99
CA SER A 114 31.94 4.69 -22.42
C SER A 114 32.82 3.46 -22.47
N ALA A 115 32.45 2.41 -21.73
CA ALA A 115 33.24 1.19 -21.68
C ALA A 115 32.39 -0.06 -21.86
N GLN A 116 31.21 0.06 -22.46
CA GLN A 116 30.33 -1.08 -22.67
C GLN A 116 29.73 -0.96 -24.06
N VAL A 117 29.92 -2.01 -24.87
CA VAL A 117 29.43 -2.06 -26.24
C VAL A 117 28.48 -3.25 -26.38
N VAL A 118 27.34 -3.05 -27.01
CA VAL A 118 26.35 -4.11 -27.16
C VAL A 118 26.48 -4.77 -28.52
N TRP A 119 26.09 -6.05 -28.61
CA TRP A 119 26.00 -6.75 -29.88
C TRP A 119 24.72 -6.36 -30.61
N PRO A 120 24.75 -6.32 -31.93
CA PRO A 120 23.52 -6.07 -32.70
C PRO A 120 22.67 -7.32 -32.86
N ILE A 121 21.55 -7.39 -32.13
CA ILE A 121 20.70 -8.57 -32.25
C ILE A 121 19.26 -8.28 -32.65
N VAL A 122 18.52 -7.54 -31.83
CA VAL A 122 17.09 -7.36 -32.08
C VAL A 122 16.83 -5.88 -32.24
N GLY A 123 17.80 -5.17 -32.80
CA GLY A 123 17.75 -3.74 -32.84
C GLY A 123 18.34 -3.08 -31.62
N GLN A 124 18.93 -3.85 -30.70
CA GLN A 124 19.43 -3.32 -29.44
C GLN A 124 20.69 -2.49 -29.63
N GLU A 125 21.27 -2.50 -30.83
CA GLU A 125 22.46 -1.73 -31.12
C GLU A 125 22.19 -0.23 -31.16
N VAL A 126 20.93 0.21 -31.07
CA VAL A 126 20.62 1.60 -30.81
C VAL A 126 21.22 2.06 -29.48
N LEU A 127 21.51 1.13 -28.57
CA LEU A 127 22.12 1.49 -27.30
C LEU A 127 23.56 1.95 -27.47
N ASN A 128 24.21 1.63 -28.58
CA ASN A 128 25.53 2.16 -28.89
C ASN A 128 25.38 3.59 -29.39
N GLY A 129 25.22 4.50 -28.46
CA GLY A 129 25.10 5.90 -28.80
C GLY A 129 26.45 6.54 -29.09
N ASP A 130 26.39 7.75 -29.62
CA ASP A 130 27.58 8.50 -30.01
C ASP A 130 28.13 9.22 -28.77
N VAL A 131 29.01 8.53 -28.05
CA VAL A 131 29.61 9.07 -26.83
C VAL A 131 30.79 9.99 -27.08
N GLY A 132 31.33 9.99 -28.28
CA GLY A 132 32.39 10.88 -28.66
C GLY A 132 33.73 10.15 -28.80
N GLY A 133 34.64 10.78 -29.53
CA GLY A 133 35.92 10.16 -29.80
C GLY A 133 35.88 9.07 -30.85
N GLY A 134 35.00 9.18 -31.84
CA GLY A 134 34.85 8.16 -32.88
C GLY A 134 34.47 6.81 -32.33
N PHE A 135 33.53 6.78 -31.40
CA PHE A 135 33.21 5.58 -30.65
C PHE A 135 31.72 5.51 -30.44
N GLN A 136 31.20 4.29 -30.36
CA GLN A 136 29.80 4.05 -30.03
C GLN A 136 29.69 3.01 -28.94
N GLY A 137 28.94 3.34 -27.90
CA GLY A 137 28.78 2.42 -26.79
C GLY A 137 27.85 3.00 -25.76
N VAL A 138 27.69 2.23 -24.70
CA VAL A 138 26.88 2.67 -23.56
C VAL A 138 27.75 3.55 -22.68
N GLN A 139 27.24 4.74 -22.37
CA GLN A 139 27.96 5.67 -21.51
C GLN A 139 28.02 5.11 -20.09
N VAL A 140 29.20 5.13 -19.48
CA VAL A 140 29.38 4.56 -18.15
C VAL A 140 29.58 5.70 -17.15
N THR A 141 29.08 5.47 -15.94
CA THR A 141 29.02 6.53 -14.93
C THR A 141 29.72 6.13 -13.64
N SER A 142 30.57 5.11 -13.66
CA SER A 142 31.19 4.68 -12.42
C SER A 142 32.42 5.48 -12.05
N GLY A 143 32.87 6.38 -12.91
CA GLY A 143 34.03 7.19 -12.60
C GLY A 143 35.35 6.48 -12.71
N PHE A 144 35.42 5.41 -13.50
CA PHE A 144 36.68 4.68 -13.65
C PHE A 144 37.70 5.46 -14.46
N PHE A 145 37.26 6.16 -15.50
CA PHE A 145 38.17 6.94 -16.33
C PHE A 145 38.92 7.97 -15.50
N GLN A 146 38.21 8.66 -14.60
CA GLN A 146 38.84 9.66 -13.75
C GLN A 146 39.77 9.01 -12.74
N ILE A 147 39.43 7.80 -12.28
CA ILE A 147 40.35 7.06 -11.43
C ILE A 147 41.64 6.77 -12.17
N TRP A 148 41.52 6.27 -13.40
CA TRP A 148 42.68 5.87 -14.18
C TRP A 148 43.55 7.06 -14.53
N ARG A 149 42.93 8.20 -14.84
CA ARG A 149 43.71 9.40 -15.08
C ARG A 149 44.40 9.89 -13.81
N SER A 150 43.73 9.80 -12.66
CA SER A 150 44.37 10.12 -11.39
C SER A 150 45.52 9.17 -11.07
N SER A 151 45.41 7.91 -11.49
CA SER A 151 46.47 6.95 -11.27
C SER A 151 47.64 7.20 -12.21
N GLY A 152 47.37 7.82 -13.35
CA GLY A 152 48.36 8.06 -14.37
C GLY A 152 48.50 6.96 -15.41
N ILE A 153 47.38 6.41 -15.87
CA ILE A 153 47.42 5.23 -16.73
C ILE A 153 47.88 5.61 -18.14
N THR A 154 47.18 6.54 -18.78
CA THR A 154 47.55 7.13 -20.08
C THR A 154 47.61 6.19 -21.28
N SER A 155 47.27 4.91 -21.13
CA SER A 155 47.26 4.02 -22.29
C SER A 155 46.48 2.74 -22.01
N GLU A 156 45.94 2.14 -23.08
CA GLU A 156 45.21 0.88 -22.96
C GLU A 156 46.12 -0.28 -22.58
N VAL A 157 47.41 -0.20 -22.92
CA VAL A 157 48.34 -1.27 -22.58
C VAL A 157 48.46 -1.42 -21.06
N GLU A 158 48.57 -0.30 -20.35
CA GLU A 158 48.63 -0.39 -18.90
C GLU A 158 47.30 -0.87 -18.33
N LEU A 159 46.20 -0.63 -19.04
CA LEU A 159 44.92 -1.16 -18.59
C LEU A 159 44.86 -2.67 -18.75
N TYR A 160 45.54 -3.21 -19.77
CA TYR A 160 45.63 -4.66 -19.90
C TYR A 160 46.47 -5.26 -18.79
N TRP A 161 47.51 -4.55 -18.36
CA TRP A 161 48.33 -5.07 -17.28
C TRP A 161 47.61 -5.01 -15.94
N CYS A 162 46.80 -3.97 -15.73
CA CYS A 162 45.93 -3.95 -14.55
C CYS A 162 44.92 -5.08 -14.57
N ALA A 163 44.35 -5.39 -15.74
CA ALA A 163 43.40 -6.49 -15.84
C ALA A 163 44.06 -7.82 -15.51
N LEU A 164 45.29 -8.02 -15.97
CA LEU A 164 45.98 -9.27 -15.65
C LEU A 164 46.32 -9.33 -14.16
N ALA A 165 46.70 -8.20 -13.55
CA ALA A 165 46.99 -8.21 -12.11
C ALA A 165 45.74 -8.55 -11.30
N GLY A 166 44.58 -8.07 -11.74
CA GLY A 166 43.33 -8.43 -11.10
C GLY A 166 43.02 -9.92 -11.25
N LEU A 167 43.24 -10.49 -12.43
CA LEU A 167 43.00 -11.92 -12.61
C LEU A 167 43.92 -12.78 -11.74
N ILE A 168 45.19 -12.39 -11.64
CA ILE A 168 46.13 -13.15 -10.81
C ILE A 168 45.73 -13.07 -9.34
N MET A 169 45.33 -11.88 -8.86
CA MET A 169 44.84 -11.76 -7.49
C MET A 169 43.58 -12.59 -7.27
N SER A 170 42.69 -12.64 -8.26
CA SER A 170 41.47 -13.45 -8.14
C SER A 170 41.79 -14.93 -8.02
N GLY A 171 42.75 -15.40 -8.81
CA GLY A 171 43.18 -16.78 -8.71
C GLY A 171 43.82 -17.07 -7.37
N LEU A 172 44.61 -16.13 -6.85
CA LEU A 172 45.26 -16.36 -5.56
C LEU A 172 44.27 -16.34 -4.40
N MET A 173 43.19 -15.55 -4.49
CA MET A 173 42.24 -15.54 -3.39
C MET A 173 41.39 -16.80 -3.39
N ILE A 174 40.95 -17.28 -4.56
CA ILE A 174 40.17 -18.52 -4.56
C ILE A 174 41.04 -19.71 -4.16
N PHE A 175 42.34 -19.66 -4.50
CA PHE A 175 43.24 -20.67 -4.00
C PHE A 175 43.39 -20.59 -2.49
N ALA A 176 43.49 -19.38 -1.94
CA ALA A 176 43.68 -19.24 -0.50
C ALA A 176 42.46 -19.71 0.27
N GLY A 177 41.25 -19.43 -0.24
CA GLY A 177 40.06 -19.95 0.41
C GLY A 177 39.97 -21.46 0.40
N TRP A 178 40.32 -22.08 -0.74
CA TRP A 178 40.36 -23.53 -0.76
C TRP A 178 41.44 -24.07 0.17
N PHE A 179 42.63 -23.49 0.14
CA PHE A 179 43.74 -23.98 0.95
C PHE A 179 43.44 -23.85 2.43
N HIS A 180 42.89 -22.72 2.85
CA HIS A 180 42.68 -22.47 4.27
C HIS A 180 41.38 -23.09 4.77
N TYR A 181 40.58 -23.69 3.90
CA TYR A 181 39.53 -24.53 4.45
C TYR A 181 39.85 -26.01 4.38
N HIS A 182 40.52 -26.45 3.32
CA HIS A 182 40.68 -27.86 3.05
C HIS A 182 42.06 -28.39 3.38
N LYS A 183 43.08 -27.55 3.30
CA LYS A 183 44.44 -28.00 3.58
C LYS A 183 44.95 -27.54 4.93
N ALA A 184 44.88 -26.26 5.24
CA ALA A 184 45.50 -25.74 6.46
C ALA A 184 44.54 -24.76 7.12
N ALA A 185 43.66 -25.27 7.98
CA ALA A 185 42.62 -24.44 8.57
C ALA A 185 43.04 -23.98 9.96
N PRO A 186 43.07 -22.68 10.22
CA PRO A 186 43.50 -22.21 11.54
C PRO A 186 42.55 -22.63 12.64
N LYS A 187 43.10 -22.77 13.83
CA LYS A 187 42.32 -23.13 14.99
C LYS A 187 41.64 -21.91 15.58
N LEU A 188 40.68 -22.16 16.47
CA LEU A 188 39.88 -21.09 17.04
C LEU A 188 40.74 -20.08 17.80
N GLU A 189 41.77 -20.55 18.50
CA GLU A 189 42.69 -19.66 19.19
C GLU A 189 43.47 -18.75 18.26
N TRP A 190 43.61 -19.12 16.99
CA TRP A 190 44.18 -18.17 16.02
C TRP A 190 43.20 -17.03 15.74
N PHE A 191 41.93 -17.35 15.53
CA PHE A 191 40.95 -16.31 15.22
C PHE A 191 40.70 -15.40 16.41
N GLN A 192 40.83 -15.92 17.63
CA GLN A 192 40.58 -15.13 18.84
C GLN A 192 41.84 -14.40 19.28
N ASN A 193 42.40 -13.60 18.37
CA ASN A 193 43.54 -12.75 18.65
C ASN A 193 43.15 -11.35 18.20
N ALA A 194 42.41 -10.64 19.05
CA ALA A 194 41.85 -9.36 18.64
C ALA A 194 42.89 -8.25 18.64
N GLU A 195 43.82 -8.29 19.60
CA GLU A 195 44.91 -7.33 19.64
C GLU A 195 45.85 -7.46 18.45
N SER A 196 46.24 -8.69 18.11
CA SER A 196 47.09 -8.90 16.94
C SER A 196 46.38 -8.51 15.66
N MET A 197 45.11 -8.89 15.53
CA MET A 197 44.36 -8.56 14.32
C MET A 197 44.24 -7.06 14.15
N LEU A 198 43.94 -6.33 15.23
CA LEU A 198 43.87 -4.88 15.13
C LEU A 198 45.22 -4.24 14.85
N ASN A 199 46.30 -4.75 15.46
CA ASN A 199 47.63 -4.21 15.18
C ASN A 199 48.00 -4.37 13.73
N HIS A 200 47.72 -5.53 13.15
CA HIS A 200 48.08 -5.75 11.76
C HIS A 200 47.15 -5.01 10.83
N HIS A 201 45.88 -4.90 11.16
CA HIS A 201 44.96 -4.24 10.24
C HIS A 201 45.08 -2.73 10.30
N LEU A 202 45.53 -2.15 11.42
CA LEU A 202 45.82 -0.72 11.45
C LEU A 202 47.18 -0.45 10.83
N SER A 203 48.22 -1.07 11.39
CA SER A 203 49.56 -0.88 10.87
C SER A 203 49.71 -1.44 9.45
N GLY A 204 49.49 -2.74 9.27
CA GLY A 204 49.81 -3.38 8.02
C GLY A 204 48.85 -3.10 6.89
N LEU A 205 47.56 -3.34 7.09
CA LEU A 205 46.60 -3.15 6.02
C LEU A 205 46.42 -1.66 5.71
N LEU A 206 45.92 -0.89 6.68
CA LEU A 206 45.59 0.50 6.41
C LEU A 206 46.80 1.40 6.34
N GLY A 207 47.79 1.17 7.19
CA GLY A 207 48.94 2.05 7.24
C GLY A 207 49.88 1.86 6.05
N LEU A 208 50.30 0.62 5.80
CA LEU A 208 51.10 0.38 4.61
C LEU A 208 50.30 0.50 3.33
N GLY A 209 48.97 0.34 3.38
CA GLY A 209 48.16 0.63 2.22
C GLY A 209 48.24 2.09 1.86
N CYS A 210 48.09 2.96 2.86
CA CYS A 210 48.20 4.39 2.62
C CYS A 210 49.60 4.79 2.22
N LEU A 211 50.63 4.24 2.88
CA LEU A 211 52.01 4.61 2.59
C LEU A 211 52.42 4.19 1.18
N SER A 212 52.10 2.96 0.78
CA SER A 212 52.39 2.50 -0.57
C SER A 212 51.64 3.32 -1.61
N TRP A 213 50.37 3.61 -1.35
CA TRP A 213 49.65 4.45 -2.30
C TRP A 213 50.22 5.86 -2.37
N ALA A 214 50.65 6.41 -1.23
CA ALA A 214 51.30 7.72 -1.23
C ALA A 214 52.57 7.69 -2.06
N GLY A 215 53.33 6.60 -1.98
CA GLY A 215 54.51 6.45 -2.80
C GLY A 215 54.19 6.43 -4.28
N HIS A 216 53.12 5.74 -4.65
CA HIS A 216 52.70 5.77 -6.06
C HIS A 216 52.25 7.13 -6.50
N GLN A 217 51.50 7.83 -5.65
CA GLN A 217 51.04 9.16 -6.01
C GLN A 217 52.21 10.08 -6.23
N ILE A 218 53.21 9.99 -5.38
CA ILE A 218 54.37 10.87 -5.47
C ILE A 218 55.21 10.54 -6.69
N HIS A 219 55.46 9.26 -6.96
CA HIS A 219 56.37 8.93 -8.06
C HIS A 219 55.70 8.71 -9.40
N VAL A 220 54.37 8.57 -9.47
CA VAL A 220 53.74 8.28 -10.74
C VAL A 220 52.59 9.25 -10.98
N SER A 221 51.67 9.37 -10.04
CA SER A 221 50.49 10.22 -10.25
C SER A 221 50.87 11.68 -10.34
N LEU A 222 51.76 12.17 -9.47
CA LEU A 222 52.10 13.59 -9.52
C LEU A 222 52.82 13.99 -10.80
N PRO A 223 53.92 13.33 -11.23
CA PRO A 223 54.55 13.79 -12.49
C PRO A 223 53.68 13.61 -13.72
N VAL A 224 52.99 12.47 -13.84
CA VAL A 224 52.16 12.23 -15.01
C VAL A 224 51.00 13.22 -15.05
N ASN A 225 50.38 13.51 -13.90
CA ASN A 225 49.27 14.43 -13.94
C ASN A 225 49.70 15.88 -14.04
N LYS A 226 50.90 16.22 -13.58
CA LYS A 226 51.43 17.56 -13.82
C LYS A 226 51.68 17.78 -15.29
N LEU A 227 52.22 16.77 -15.98
CA LEU A 227 52.41 16.88 -17.43
C LEU A 227 51.07 16.92 -18.17
N LEU A 228 50.09 16.15 -17.73
CA LEU A 228 48.77 16.20 -18.37
C LEU A 228 48.12 17.57 -18.20
N ASP A 229 48.16 18.12 -16.99
CA ASP A 229 47.51 19.41 -16.74
C ASP A 229 48.30 20.56 -17.32
N ALA A 230 49.59 20.38 -17.57
CA ALA A 230 50.34 21.34 -18.37
C ALA A 230 49.86 21.35 -19.83
N GLY A 231 49.29 20.26 -20.31
CA GLY A 231 48.79 20.17 -21.66
C GLY A 231 49.52 19.19 -22.56
N VAL A 232 50.44 18.41 -22.02
CA VAL A 232 51.20 17.47 -22.84
C VAL A 232 50.30 16.32 -23.27
N ALA A 233 50.43 15.91 -24.53
CA ALA A 233 49.65 14.79 -25.04
C ALA A 233 50.04 13.49 -24.33
N PRO A 234 49.07 12.59 -24.09
CA PRO A 234 49.35 11.38 -23.31
C PRO A 234 50.46 10.48 -23.85
N GLN A 235 50.57 10.32 -25.17
CA GLN A 235 51.64 9.48 -25.72
C GLN A 235 52.98 10.23 -25.77
N GLU A 236 52.99 11.51 -25.47
CA GLU A 236 54.19 12.33 -25.36
C GLU A 236 54.78 12.30 -23.94
N ILE A 237 54.11 11.65 -23.00
CA ILE A 237 54.49 11.70 -21.59
C ILE A 237 55.42 10.53 -21.29
N PRO A 238 56.51 10.74 -20.56
CA PRO A 238 57.42 9.64 -20.23
C PRO A 238 56.74 8.55 -19.42
N LEU A 239 57.21 7.33 -19.61
CA LEU A 239 56.62 6.18 -18.95
C LEU A 239 56.91 6.27 -17.45
N PRO A 240 56.06 5.67 -16.61
CA PRO A 240 56.14 5.96 -15.16
C PRO A 240 57.43 5.55 -14.49
N HIS A 241 58.20 4.63 -15.07
CA HIS A 241 59.45 4.23 -14.46
C HIS A 241 60.60 5.19 -14.78
N GLU A 242 60.48 5.97 -15.85
CA GLU A 242 61.51 6.96 -16.14
C GLU A 242 61.49 8.10 -15.14
N PHE A 243 60.39 8.25 -14.41
CA PHE A 243 60.38 9.15 -13.27
C PHE A 243 61.07 8.51 -12.08
N LEU A 244 60.93 7.19 -11.94
CA LEU A 244 61.59 6.47 -10.86
C LEU A 244 63.11 6.49 -11.01
N VAL A 245 63.61 6.35 -12.23
CA VAL A 245 65.05 6.27 -12.37
C VAL A 245 65.66 7.66 -12.56
N ASN A 246 65.21 8.41 -13.57
CA ASN A 246 65.83 9.69 -13.91
C ASN A 246 65.37 10.74 -12.91
N ARG A 247 66.08 10.79 -11.80
CA ARG A 247 65.85 11.77 -10.74
C ARG A 247 66.00 13.21 -11.21
N ASP A 248 66.75 13.45 -12.29
CA ASP A 248 66.81 14.79 -12.87
C ASP A 248 65.49 15.17 -13.54
N LEU A 249 64.85 14.23 -14.24
CA LEU A 249 63.58 14.50 -14.88
C LEU A 249 62.49 14.74 -13.86
N MET A 250 62.57 14.07 -12.71
CA MET A 250 61.62 14.33 -11.64
C MET A 250 61.92 15.65 -10.95
N ALA A 251 63.19 16.03 -10.85
CA ALA A 251 63.52 17.32 -10.25
C ALA A 251 63.21 18.49 -11.15
N GLN A 252 63.00 18.25 -12.45
CA GLN A 252 62.47 19.29 -13.31
C GLN A 252 61.07 19.72 -12.87
N LEU A 253 60.18 18.75 -12.71
CA LEU A 253 58.80 19.06 -12.32
C LEU A 253 58.73 19.50 -10.87
N TYR A 254 59.41 18.78 -9.98
CA TYR A 254 59.40 19.05 -8.55
C TYR A 254 60.83 19.20 -8.06
N PRO A 255 61.35 20.43 -7.99
CA PRO A 255 62.79 20.64 -7.71
C PRO A 255 63.26 20.14 -6.35
N SER A 256 62.35 19.91 -5.39
CA SER A 256 62.72 19.34 -4.11
C SER A 256 63.36 17.97 -4.23
N PHE A 257 63.05 17.24 -5.31
CA PHE A 257 63.64 15.93 -5.52
C PHE A 257 65.14 16.00 -5.74
N SER A 258 65.69 17.18 -6.03
CA SER A 258 67.14 17.34 -6.11
C SER A 258 67.83 17.01 -4.79
N LYS A 259 67.11 17.06 -3.68
CA LYS A 259 67.70 16.82 -2.37
C LYS A 259 67.50 15.40 -1.86
N GLY A 260 66.68 14.60 -2.52
CA GLY A 260 66.54 13.20 -2.17
C GLY A 260 65.88 13.03 -0.82
N LEU A 261 66.30 11.98 -0.11
CA LEU A 261 65.65 11.57 1.12
C LEU A 261 66.38 12.09 2.35
N VAL A 262 67.44 12.89 2.18
CA VAL A 262 68.09 13.52 3.33
C VAL A 262 67.15 14.44 4.12
N PRO A 263 66.35 15.31 3.48
CA PRO A 263 65.40 16.10 4.28
C PRO A 263 64.39 15.26 5.05
N PHE A 264 64.00 14.08 4.56
CA PHE A 264 63.07 13.24 5.32
C PHE A 264 63.71 12.75 6.60
N PHE A 265 64.94 12.26 6.51
CA PHE A 265 65.55 11.60 7.65
C PHE A 265 66.08 12.61 8.66
N THR A 266 66.53 13.77 8.19
CA THR A 266 67.05 14.81 9.08
C THR A 266 65.97 15.68 9.69
N LEU A 267 64.70 15.43 9.35
CA LEU A 267 63.52 16.13 9.85
C LEU A 267 63.42 17.54 9.30
N ASN A 268 64.04 17.80 8.16
CA ASN A 268 63.89 19.06 7.45
C ASN A 268 62.79 18.91 6.40
N TRP A 269 61.58 18.69 6.91
CA TRP A 269 60.45 18.30 6.09
C TRP A 269 59.91 19.41 5.20
N SER A 270 60.12 20.68 5.57
CA SER A 270 59.66 21.79 4.74
C SER A 270 60.39 21.90 3.42
N GLU A 271 61.35 21.03 3.15
CA GLU A 271 61.93 20.96 1.81
C GLU A 271 60.94 20.38 0.83
N TYR A 272 60.06 19.51 1.31
CA TYR A 272 59.20 18.72 0.43
C TYR A 272 57.91 19.43 0.08
N SER A 273 57.84 20.75 0.27
CA SER A 273 56.60 21.48 0.05
C SER A 273 56.23 21.62 -1.41
N ASP A 274 57.11 21.26 -2.35
CA ASP A 274 56.74 21.20 -3.75
C ASP A 274 55.65 20.17 -3.99
N PHE A 275 55.78 18.99 -3.41
CA PHE A 275 54.88 17.90 -3.71
C PHE A 275 54.07 17.45 -2.52
N LEU A 276 54.37 17.93 -1.32
CA LEU A 276 53.55 17.67 -0.15
C LEU A 276 53.01 19.02 0.29
N THR A 277 51.88 19.40 -0.26
CA THR A 277 51.30 20.71 -0.02
C THR A 277 50.14 20.60 0.97
N PHE A 278 49.58 21.76 1.30
CA PHE A 278 48.34 21.83 2.08
C PHE A 278 47.46 22.89 1.41
N LYS A 279 47.26 22.76 0.10
CA LYS A 279 46.62 23.83 -0.66
C LYS A 279 45.15 24.03 -0.29
N GLY A 280 44.36 22.95 -0.31
CA GLY A 280 42.92 23.07 -0.17
C GLY A 280 42.29 23.58 -1.45
N GLY A 281 40.95 23.53 -1.49
CA GLY A 281 40.30 23.98 -2.70
C GLY A 281 40.49 22.97 -3.83
N LEU A 282 40.29 23.44 -5.05
CA LEU A 282 40.34 22.58 -6.22
C LEU A 282 41.40 23.05 -7.20
N ASN A 283 41.89 22.12 -8.00
CA ASN A 283 42.78 22.43 -9.11
C ASN A 283 41.96 23.14 -10.17
N PRO A 284 42.33 24.36 -10.57
CA PRO A 284 41.54 25.10 -11.57
C PRO A 284 41.46 24.43 -12.93
N VAL A 285 42.47 23.64 -13.31
CA VAL A 285 42.47 23.04 -14.64
C VAL A 285 41.49 21.88 -14.71
N THR A 286 41.51 20.99 -13.71
CA THR A 286 40.73 19.76 -13.71
C THR A 286 39.48 19.83 -12.84
N GLY A 287 39.36 20.81 -11.96
CA GLY A 287 38.24 20.84 -11.04
C GLY A 287 38.29 19.79 -9.96
N GLY A 288 39.45 19.18 -9.75
CA GLY A 288 39.61 18.14 -8.74
C GLY A 288 40.54 18.63 -7.65
N LEU A 289 40.68 17.80 -6.62
CA LEU A 289 41.60 18.07 -5.53
C LEU A 289 43.03 18.10 -6.06
N TRP A 290 43.86 18.96 -5.48
CA TRP A 290 45.28 18.93 -5.79
C TRP A 290 45.88 17.60 -5.40
N LEU A 291 46.53 16.93 -6.35
CA LEU A 291 47.07 15.62 -6.04
C LEU A 291 48.27 15.71 -5.09
N SER A 292 48.95 16.85 -5.01
CA SER A 292 49.94 17.07 -3.96
C SER A 292 49.30 17.05 -2.57
N ASP A 293 48.05 17.49 -2.47
CA ASP A 293 47.35 17.40 -1.20
C ASP A 293 46.99 15.97 -0.88
N THR A 294 46.49 15.22 -1.87
CA THR A 294 46.15 13.82 -1.62
C THR A 294 47.38 13.01 -1.25
N ALA A 295 48.54 13.33 -1.85
CA ALA A 295 49.77 12.66 -1.48
C ALA A 295 50.17 12.96 -0.04
N HIS A 296 50.09 14.22 0.36
CA HIS A 296 50.38 14.56 1.75
C HIS A 296 49.37 13.95 2.71
N HIS A 297 48.09 13.94 2.32
CA HIS A 297 47.03 13.34 3.10
C HIS A 297 47.28 11.86 3.35
N HIS A 298 47.66 11.12 2.29
CA HIS A 298 47.86 9.69 2.46
C HIS A 298 49.13 9.40 3.23
N LEU A 299 50.17 10.21 3.06
CA LEU A 299 51.36 10.04 3.88
C LEU A 299 51.08 10.25 5.36
N ALA A 300 50.29 11.29 5.71
CA ALA A 300 49.99 11.58 7.11
C ALA A 300 49.05 10.53 7.72
N LEU A 301 48.07 10.08 6.93
CA LEU A 301 47.22 9.00 7.39
C LEU A 301 48.00 7.72 7.59
N ALA A 302 48.98 7.46 6.71
CA ALA A 302 49.83 6.29 6.85
C ALA A 302 50.60 6.33 8.15
N VAL A 303 51.13 7.50 8.48
CA VAL A 303 51.95 7.65 9.68
C VAL A 303 51.11 7.32 10.91
N LEU A 304 49.91 7.88 11.00
CA LEU A 304 49.18 7.62 12.24
C LEU A 304 48.37 6.32 12.23
N PHE A 305 48.22 5.65 11.09
CA PHE A 305 47.70 4.28 11.15
C PHE A 305 48.77 3.31 11.61
N ILE A 306 50.02 3.53 11.19
CA ILE A 306 51.12 2.71 11.68
C ILE A 306 51.38 2.97 13.17
N VAL A 307 51.21 4.21 13.61
CA VAL A 307 51.34 4.50 15.03
C VAL A 307 50.20 3.87 15.82
N ALA A 308 48.96 3.95 15.31
CA ALA A 308 47.83 3.38 16.03
C ALA A 308 47.92 1.88 16.13
N GLY A 309 48.54 1.22 15.16
CA GLY A 309 48.63 -0.24 15.22
C GLY A 309 49.70 -0.77 16.16
N HIS A 310 50.18 0.07 17.06
CA HIS A 310 51.14 -0.31 18.09
C HIS A 310 50.55 -0.17 19.48
N MET A 311 49.26 0.10 19.56
CA MET A 311 48.60 0.32 20.84
C MET A 311 48.41 -0.95 21.64
N TYR A 312 48.00 -2.04 21.00
CA TYR A 312 47.56 -3.25 21.70
C TYR A 312 48.68 -4.26 21.93
N ARG A 313 48.57 -5.00 23.03
CA ARG A 313 49.60 -5.93 23.46
C ARG A 313 49.47 -7.28 22.76
N THR A 314 50.57 -7.79 22.18
CA THR A 314 50.53 -9.11 21.54
C THR A 314 51.45 -10.12 22.19
N ASN A 315 52.76 -9.95 22.11
CA ASN A 315 53.70 -11.00 22.52
C ASN A 315 54.83 -10.49 23.37
N TRP A 316 55.06 -9.20 23.37
CA TRP A 316 56.02 -8.51 24.22
C TRP A 316 55.22 -7.56 25.07
N GLY A 317 55.58 -7.42 26.34
CA GLY A 317 54.72 -6.82 27.35
C GLY A 317 54.15 -5.44 27.08
N ILE A 318 54.71 -4.73 26.11
CA ILE A 318 54.25 -3.39 25.79
C ILE A 318 52.90 -3.46 25.08
N GLY A 319 52.03 -2.51 25.40
CA GLY A 319 50.73 -2.45 24.78
C GLY A 319 49.61 -2.48 25.79
N HIS A 320 48.41 -2.27 25.28
CA HIS A 320 47.20 -2.32 26.06
C HIS A 320 46.51 -3.66 25.91
N SER A 321 45.90 -4.12 27.00
CA SER A 321 44.90 -5.18 26.95
C SER A 321 43.53 -4.54 26.76
N MET A 322 42.82 -4.92 25.69
CA MET A 322 41.51 -4.32 25.41
C MET A 322 40.50 -4.67 26.49
N LYS A 323 40.65 -5.84 27.10
CA LYS A 323 39.79 -6.22 28.22
C LYS A 323 39.95 -5.28 29.40
N GLU A 324 41.19 -4.89 29.72
CA GLU A 324 41.43 -3.99 30.85
C GLU A 324 40.88 -2.60 30.59
N ILE A 325 41.05 -2.11 29.35
CA ILE A 325 40.51 -0.81 28.97
C ILE A 325 38.99 -0.82 29.12
N LEU A 326 38.35 -1.89 28.66
CA LEU A 326 36.89 -1.92 28.71
C LEU A 326 36.39 -2.02 30.14
N GLU A 327 36.95 -2.94 30.93
CA GLU A 327 36.48 -3.11 32.30
C GLU A 327 36.79 -1.93 33.20
N ALA A 328 37.77 -1.10 32.83
CA ALA A 328 38.07 0.04 33.70
C ALA A 328 37.10 1.21 33.52
N HIS A 329 36.42 1.30 32.38
CA HIS A 329 35.51 2.41 32.13
C HIS A 329 34.13 2.07 32.67
N LYS A 330 33.88 2.48 33.91
CA LYS A 330 32.61 2.29 34.57
C LYS A 330 32.40 3.42 35.56
N GLY A 331 31.21 4.01 35.56
CA GLY A 331 30.94 5.09 36.47
C GLY A 331 29.75 4.78 37.35
N PRO A 332 29.15 5.81 37.95
CA PRO A 332 28.05 5.59 38.89
C PRO A 332 26.69 5.42 38.24
N PHE A 333 26.54 5.75 36.96
CA PHE A 333 25.27 5.57 36.29
C PHE A 333 25.15 4.22 35.64
N THR A 334 26.27 3.56 35.36
CA THR A 334 26.28 2.46 34.41
C THR A 334 26.76 1.14 35.01
N GLY A 335 26.67 0.97 36.32
CA GLY A 335 26.86 -0.35 36.91
C GLY A 335 28.29 -0.87 36.75
N GLU A 336 28.41 -2.11 36.27
CA GLU A 336 29.71 -2.71 36.06
C GLU A 336 30.42 -2.17 34.82
N GLY A 337 29.73 -1.38 34.01
CA GLY A 337 30.38 -0.74 32.89
C GLY A 337 30.55 -1.67 31.70
N HIS A 338 31.69 -1.56 31.02
CA HIS A 338 31.94 -2.32 29.82
C HIS A 338 32.46 -3.72 30.10
N LYS A 339 32.29 -4.21 31.32
CA LYS A 339 32.69 -5.58 31.65
C LYS A 339 31.89 -6.58 30.83
N GLY A 340 32.58 -7.60 30.31
CA GLY A 340 31.94 -8.62 29.51
C GLY A 340 31.80 -8.31 28.03
N LEU A 341 32.17 -7.11 27.59
CA LEU A 341 32.07 -6.78 26.17
C LEU A 341 33.18 -7.42 25.34
N TYR A 342 34.36 -7.60 25.92
CA TYR A 342 35.44 -8.30 25.23
C TYR A 342 35.05 -9.74 24.93
N GLU A 343 34.46 -10.43 25.92
CA GLU A 343 34.04 -11.81 25.70
C GLU A 343 32.95 -11.90 24.63
N ILE A 344 32.07 -10.91 24.59
CA ILE A 344 31.05 -10.88 23.54
C ILE A 344 31.69 -10.74 22.18
N LEU A 345 32.63 -9.81 22.05
CA LEU A 345 33.15 -9.48 20.74
C LEU A 345 34.29 -10.41 20.31
N THR A 346 34.73 -11.33 21.17
CA THR A 346 35.67 -12.37 20.76
C THR A 346 35.05 -13.75 20.76
N THR A 347 33.75 -13.86 20.97
CA THR A 347 33.06 -15.14 20.87
C THR A 347 31.84 -15.12 19.97
N SER A 348 31.38 -13.96 19.52
CA SER A 348 30.22 -13.87 18.65
C SER A 348 30.62 -13.17 17.37
N TRP A 349 30.46 -13.86 16.25
CA TRP A 349 30.68 -13.26 14.93
C TRP A 349 29.56 -12.27 14.60
N HIS A 350 28.34 -12.56 15.04
CA HIS A 350 27.21 -11.66 14.77
C HIS A 350 27.38 -10.30 15.45
N ALA A 351 27.90 -10.27 16.68
CA ALA A 351 28.17 -8.99 17.35
C ALA A 351 29.21 -8.16 16.60
N GLN A 352 30.25 -8.84 16.12
CA GLN A 352 31.26 -8.17 15.31
C GLN A 352 30.69 -7.69 13.99
N LEU A 353 29.83 -8.50 13.37
CA LEU A 353 29.25 -8.10 12.09
C LEU A 353 28.27 -6.94 12.27
N ALA A 354 27.54 -6.90 13.37
CA ALA A 354 26.64 -5.79 13.67
C ALA A 354 27.41 -4.49 13.76
N ILE A 355 28.51 -4.50 14.52
CA ILE A 355 29.33 -3.29 14.62
C ILE A 355 29.94 -2.92 13.27
N ASN A 356 30.56 -3.89 12.59
CA ASN A 356 31.32 -3.58 11.38
C ASN A 356 30.42 -3.18 10.23
N LEU A 357 29.19 -3.71 10.18
CA LEU A 357 28.24 -3.31 9.15
C LEU A 357 27.71 -1.92 9.42
N ALA A 358 27.44 -1.56 10.68
CA ALA A 358 26.97 -0.22 10.96
C ALA A 358 28.05 0.82 10.66
N MET A 359 29.31 0.49 10.95
CA MET A 359 30.39 1.42 10.69
C MET A 359 30.69 1.52 9.20
N LEU A 360 30.68 0.41 8.48
CA LEU A 360 30.92 0.44 7.04
C LEU A 360 29.81 1.20 6.31
N GLY A 361 28.56 1.03 6.74
CA GLY A 361 27.48 1.80 6.14
C GLY A 361 27.58 3.29 6.42
N SER A 362 27.93 3.65 7.65
CA SER A 362 28.16 5.05 7.96
C SER A 362 29.31 5.64 7.15
N VAL A 363 30.39 4.88 6.98
CA VAL A 363 31.53 5.35 6.20
C VAL A 363 31.13 5.55 4.74
N SER A 364 30.26 4.69 4.21
CA SER A 364 29.82 4.88 2.83
C SER A 364 28.94 6.12 2.68
N ILE A 365 28.16 6.45 3.69
CA ILE A 365 27.37 7.68 3.65
C ILE A 365 28.30 8.90 3.72
N ILE A 366 29.35 8.82 4.52
CA ILE A 366 30.32 9.91 4.58
C ILE A 366 31.04 10.06 3.25
N VAL A 367 31.41 8.94 2.63
CA VAL A 367 32.03 8.94 1.30
C VAL A 367 31.14 9.67 0.29
N ALA A 368 29.84 9.37 0.32
CA ALA A 368 28.92 10.05 -0.60
C ALA A 368 28.94 11.56 -0.41
N HIS A 369 28.95 12.05 0.83
CA HIS A 369 28.95 13.50 1.02
C HIS A 369 30.30 14.14 0.64
N HIS A 370 31.38 13.51 1.05
CA HIS A 370 32.68 14.10 0.88
C HIS A 370 33.13 14.07 -0.57
N MET A 371 32.69 13.10 -1.36
CA MET A 371 33.18 13.05 -2.73
C MET A 371 32.47 14.00 -3.66
N TYR A 372 31.21 14.35 -3.38
CA TYR A 372 30.61 15.39 -4.20
C TYR A 372 31.14 16.74 -3.78
N ALA A 373 31.43 16.93 -2.49
CA ALA A 373 31.77 18.29 -2.08
C ALA A 373 33.23 18.64 -2.29
N MET A 374 34.12 17.66 -2.27
CA MET A 374 35.56 17.86 -2.42
C MET A 374 36.05 16.93 -3.50
N PRO A 375 35.69 17.19 -4.76
CA PRO A 375 35.86 16.21 -5.84
C PRO A 375 37.30 15.76 -5.99
N PRO A 376 37.59 14.48 -5.74
CA PRO A 376 38.99 14.06 -5.62
C PRO A 376 39.65 13.75 -6.94
N TYR A 377 38.95 13.45 -7.91
CA TYR A 377 39.58 12.99 -9.12
C TYR A 377 39.57 14.09 -10.16
N PRO A 378 40.52 14.09 -11.09
CA PRO A 378 40.51 15.09 -12.16
C PRO A 378 39.35 14.85 -13.11
N TYR A 379 38.58 15.91 -13.36
CA TYR A 379 37.45 15.95 -14.30
C TYR A 379 36.27 15.11 -13.84
N ILE A 380 36.15 14.81 -12.55
CA ILE A 380 34.95 14.14 -12.08
C ILE A 380 33.89 15.13 -11.63
N ALA A 381 34.27 16.36 -11.29
CA ALA A 381 33.31 17.33 -10.78
C ALA A 381 32.37 17.83 -11.85
N THR A 382 32.85 17.93 -13.08
CA THR A 382 32.05 18.38 -14.20
C THR A 382 31.47 17.24 -15.02
N ASP A 383 31.83 16.00 -14.71
CA ASP A 383 31.10 14.85 -15.21
C ASP A 383 29.93 14.64 -14.25
N TYR A 384 28.83 15.28 -14.56
CA TYR A 384 27.66 15.22 -13.68
C TYR A 384 26.99 13.85 -13.57
N PRO A 385 26.91 13.03 -14.65
CA PRO A 385 26.40 11.66 -14.46
C PRO A 385 27.20 10.85 -13.46
N THR A 386 28.51 11.04 -13.39
CA THR A 386 29.30 10.30 -12.43
C THR A 386 29.06 10.80 -11.01
N GLN A 387 29.00 12.11 -10.81
CA GLN A 387 28.78 12.67 -9.49
C GLN A 387 27.45 12.22 -8.91
N LEU A 388 26.41 12.23 -9.73
CA LEU A 388 25.11 11.77 -9.26
C LEU A 388 25.12 10.26 -9.03
N SER A 389 25.79 9.50 -9.91
CA SER A 389 25.80 8.05 -9.78
C SER A 389 26.53 7.59 -8.54
N ILE A 390 27.69 8.17 -8.24
CA ILE A 390 28.46 7.66 -7.12
C ILE A 390 27.92 8.21 -5.80
N PHE A 391 27.30 9.39 -5.79
CA PHE A 391 26.61 9.80 -4.58
C PHE A 391 25.44 8.87 -4.29
N THR A 392 24.59 8.61 -5.29
CA THR A 392 23.42 7.78 -5.08
C THR A 392 23.78 6.35 -4.72
N HIS A 393 24.82 5.83 -5.39
CA HIS A 393 25.25 4.46 -5.16
C HIS A 393 25.77 4.30 -3.74
N HIS A 394 26.56 5.27 -3.25
CA HIS A 394 27.14 5.07 -1.93
C HIS A 394 26.16 5.42 -0.81
N MET A 395 25.11 6.18 -1.12
CA MET A 395 24.04 6.36 -0.15
C MET A 395 23.24 5.08 0.00
N TRP A 396 23.02 4.35 -1.10
CA TRP A 396 22.27 3.11 -1.00
C TRP A 396 23.07 2.01 -0.31
N ILE A 397 24.38 1.93 -0.61
CA ILE A 397 25.22 0.95 0.09
C ILE A 397 25.24 1.27 1.58
N GLY A 398 25.33 2.55 1.94
CA GLY A 398 25.33 2.92 3.34
C GLY A 398 24.06 2.53 4.07
N GLY A 399 22.90 2.84 3.46
CA GLY A 399 21.63 2.51 4.10
C GLY A 399 21.41 1.02 4.29
N PHE A 400 21.75 0.22 3.26
CA PHE A 400 21.61 -1.22 3.39
C PHE A 400 22.51 -1.77 4.50
N CYS A 401 23.78 -1.33 4.54
CA CYS A 401 24.70 -1.87 5.53
C CYS A 401 24.31 -1.48 6.96
N VAL A 402 23.72 -0.29 7.14
CA VAL A 402 23.26 0.10 8.47
C VAL A 402 22.10 -0.78 8.93
N CYS A 403 21.21 -1.14 7.99
CA CYS A 403 20.10 -2.00 8.39
C CYS A 403 20.58 -3.44 8.64
N GLY A 404 21.64 -3.87 7.97
CA GLY A 404 22.19 -5.16 8.33
C GLY A 404 22.95 -5.16 9.65
N GLY A 405 23.46 -4.01 10.08
CA GLY A 405 24.02 -3.92 11.41
C GLY A 405 22.95 -4.15 12.46
N ALA A 406 21.74 -3.61 12.24
CA ALA A 406 20.70 -3.91 13.23
C ALA A 406 20.14 -5.34 13.09
N ALA A 407 20.20 -5.92 11.90
CA ALA A 407 19.80 -7.32 11.73
C ALA A 407 20.69 -8.25 12.53
N HIS A 408 21.99 -7.96 12.55
CA HIS A 408 22.90 -8.88 13.21
C HIS A 408 23.09 -8.55 14.68
N ALA A 409 22.72 -7.34 15.11
CA ALA A 409 22.53 -7.09 16.54
C ALA A 409 21.35 -7.88 17.09
N GLY A 410 20.27 -8.01 16.30
CA GLY A 410 19.16 -8.87 16.73
C GLY A 410 19.51 -10.34 16.75
N ILE A 411 20.28 -10.81 15.76
CA ILE A 411 20.68 -12.21 15.75
C ILE A 411 21.60 -12.52 16.94
N PHE A 412 22.45 -11.58 17.30
CA PHE A 412 23.28 -11.75 18.49
C PHE A 412 22.40 -11.86 19.73
N MET A 413 21.48 -10.92 19.92
CA MET A 413 20.66 -10.89 21.13
C MET A 413 19.82 -12.15 21.28
N VAL A 414 19.27 -12.63 20.17
CA VAL A 414 18.44 -13.84 20.21
C VAL A 414 19.30 -15.08 20.48
N ARG A 415 20.51 -15.15 19.90
CA ARG A 415 21.27 -16.39 19.91
C ARG A 415 22.50 -16.35 20.82
N ASP A 416 23.40 -15.40 20.63
CA ASP A 416 24.68 -15.42 21.33
C ASP A 416 24.64 -14.72 22.68
N TYR A 417 23.53 -14.12 23.06
CA TYR A 417 23.44 -13.40 24.32
C TYR A 417 23.16 -14.37 25.46
N ASN A 418 23.94 -14.26 26.53
CA ASN A 418 23.78 -15.08 27.72
C ASN A 418 23.68 -14.20 28.95
N PRO A 419 22.54 -14.17 29.64
CA PRO A 419 22.39 -13.28 30.81
C PRO A 419 23.37 -13.55 31.94
N ALA A 420 23.84 -14.78 32.08
CA ALA A 420 24.76 -15.10 33.18
C ALA A 420 26.08 -14.36 33.05
N GLN A 421 26.58 -14.20 31.82
CA GLN A 421 27.84 -13.50 31.57
C GLN A 421 27.66 -12.01 31.36
N ASN A 422 26.44 -11.50 31.46
CA ASN A 422 26.16 -10.10 31.20
C ASN A 422 25.34 -9.51 32.33
N TYR A 423 25.76 -9.73 33.57
CA TYR A 423 25.00 -9.23 34.71
C TYR A 423 25.42 -7.83 35.07
N ASN A 424 24.47 -6.89 35.00
CA ASN A 424 24.57 -5.52 35.45
C ASN A 424 25.59 -4.70 34.64
N ASN A 425 25.97 -5.17 33.46
CA ASN A 425 26.83 -4.39 32.60
C ASN A 425 25.95 -3.55 31.69
N LEU A 426 26.53 -2.98 30.63
CA LEU A 426 25.82 -2.01 29.80
C LEU A 426 24.66 -2.64 29.02
N LEU A 427 24.80 -3.87 28.52
CA LEU A 427 23.69 -4.51 27.85
C LEU A 427 22.52 -4.77 28.79
N ASP A 428 22.80 -5.36 29.95
CA ASP A 428 21.78 -5.63 30.95
C ASP A 428 20.99 -4.37 31.28
N ARG A 429 21.66 -3.23 31.40
CA ARG A 429 21.00 -1.99 31.78
C ARG A 429 20.20 -1.38 30.62
N VAL A 430 20.66 -1.56 29.39
CA VAL A 430 19.88 -1.08 28.27
C VAL A 430 18.60 -1.89 28.16
N ILE A 431 18.70 -3.21 28.30
CA ILE A 431 17.52 -4.05 28.24
C ILE A 431 16.59 -3.75 29.40
N ARG A 432 17.12 -3.31 30.54
CA ARG A 432 16.30 -3.06 31.71
C ARG A 432 15.74 -1.64 31.76
N HIS A 433 15.97 -0.83 30.71
CA HIS A 433 15.17 0.41 30.60
C HIS A 433 14.73 0.68 29.14
N ARG A 434 14.61 -0.40 28.37
CA ARG A 434 14.19 -0.30 26.97
C ARG A 434 12.81 0.35 26.77
N ASP A 435 11.91 0.32 27.75
CA ASP A 435 10.66 1.06 27.63
C ASP A 435 10.89 2.57 27.63
N ALA A 436 11.80 3.07 28.47
CA ALA A 436 12.11 4.50 28.50
C ALA A 436 12.80 4.93 27.21
N ILE A 437 13.62 4.05 26.66
CA ILE A 437 14.29 4.40 25.41
C ILE A 437 13.29 4.43 24.26
N ILE A 438 12.43 3.41 24.16
CA ILE A 438 11.55 3.32 23.00
C ILE A 438 10.41 4.33 23.08
N SER A 439 9.92 4.65 24.29
CA SER A 439 8.90 5.68 24.39
C SER A 439 9.44 7.07 24.12
N HIS A 440 10.69 7.35 24.48
CA HIS A 440 11.22 8.68 24.18
C HIS A 440 11.57 8.82 22.71
N LEU A 441 12.12 7.77 22.11
CA LEU A 441 12.32 7.78 20.67
C LEU A 441 11.00 7.90 19.91
N ASN A 442 9.96 7.19 20.37
CA ASN A 442 8.65 7.27 19.75
C ASN A 442 8.10 8.68 19.80
N TRP A 443 8.25 9.35 20.95
CA TRP A 443 7.80 10.73 21.06
C TRP A 443 8.60 11.64 20.14
N ILE A 444 9.90 11.43 20.02
CA ILE A 444 10.71 12.27 19.14
C ILE A 444 10.29 12.11 17.68
N CYS A 445 9.98 10.88 17.27
CA CYS A 445 9.59 10.65 15.89
C CYS A 445 8.26 11.30 15.59
N ILE A 446 7.34 11.30 16.57
CA ILE A 446 6.07 12.00 16.37
C ILE A 446 6.28 13.52 16.32
N PHE A 447 7.05 14.06 17.27
CA PHE A 447 7.33 15.50 17.28
C PHE A 447 7.99 15.95 15.99
N LEU A 448 8.82 15.10 15.42
CA LEU A 448 9.67 15.49 14.33
C LEU A 448 9.03 15.24 12.99
N GLY A 449 8.02 14.37 12.93
CA GLY A 449 7.19 14.27 11.76
C GLY A 449 6.16 15.35 11.69
N PHE A 450 5.61 15.73 12.85
CA PHE A 450 4.67 16.83 12.86
C PHE A 450 5.31 18.16 12.46
N HIS A 451 6.51 18.44 12.96
CA HIS A 451 7.11 19.74 12.77
C HIS A 451 8.08 19.79 11.60
N SER A 452 8.20 18.70 10.83
CA SER A 452 8.93 18.75 9.57
C SER A 452 8.00 18.55 8.39
N PHE A 453 7.26 17.44 8.32
CA PHE A 453 6.34 17.21 7.22
C PHE A 453 5.09 18.07 7.37
N GLY A 454 4.73 18.42 8.59
CA GLY A 454 3.58 19.27 8.79
C GLY A 454 3.81 20.68 8.32
N LEU A 455 5.06 21.13 8.27
CA LEU A 455 5.38 22.40 7.65
C LEU A 455 5.11 22.35 6.14
N TYR A 456 5.44 21.22 5.51
CA TYR A 456 5.12 21.04 4.10
C TYR A 456 3.62 21.06 3.87
N ILE A 457 2.85 20.43 4.76
CA ILE A 457 1.39 20.42 4.59
C ILE A 457 0.78 21.79 4.85
N HIS A 458 1.30 22.51 5.85
CA HIS A 458 0.93 23.91 6.05
C HIS A 458 1.19 24.73 4.80
N ASN A 459 2.31 24.47 4.12
CA ASN A 459 2.62 25.26 2.94
C ASN A 459 1.74 24.89 1.75
N ASP A 460 1.50 23.60 1.52
CA ASP A 460 0.55 23.17 0.49
C ASP A 460 -0.79 23.85 0.68
N THR A 461 -1.26 23.89 1.92
CA THR A 461 -2.56 24.47 2.19
C THR A 461 -2.55 25.98 1.96
N MET A 462 -1.54 26.69 2.48
CA MET A 462 -1.48 28.14 2.29
C MET A 462 -1.33 28.55 0.84
N ARG A 463 -0.43 27.89 0.10
CA ARG A 463 -0.28 28.22 -1.32
C ARG A 463 -1.55 27.89 -2.09
N ALA A 464 -2.21 26.78 -1.76
CA ALA A 464 -3.46 26.43 -2.41
C ALA A 464 -4.59 27.41 -2.08
N LEU A 465 -4.59 27.97 -0.89
CA LEU A 465 -5.64 28.88 -0.47
C LEU A 465 -5.41 30.31 -0.90
N GLY A 466 -4.33 30.59 -1.64
CA GLY A 466 -4.00 31.94 -2.01
C GLY A 466 -3.28 32.75 -0.96
N ARG A 467 -2.83 32.15 0.12
CA ARG A 467 -2.20 32.87 1.23
C ARG A 467 -0.70 32.58 1.21
N THR A 468 0.04 33.31 0.39
CA THR A 468 1.48 33.11 0.32
C THR A 468 2.24 33.88 1.39
N GLN A 469 1.59 34.82 2.07
CA GLN A 469 2.20 35.49 3.20
C GLN A 469 2.17 34.65 4.47
N ASP A 470 1.46 33.53 4.45
CA ASP A 470 1.33 32.68 5.62
C ASP A 470 2.18 31.41 5.53
N MET A 471 3.11 31.35 4.59
CA MET A 471 3.88 30.15 4.34
C MET A 471 5.21 30.23 5.08
N PHE A 472 5.80 29.06 5.31
CA PHE A 472 7.18 29.02 5.77
C PHE A 472 8.05 29.06 4.53
N SER A 473 8.62 30.23 4.25
CA SER A 473 9.43 30.40 3.06
C SER A 473 10.36 31.58 3.28
N ASP A 474 11.24 31.82 2.31
CA ASP A 474 12.18 32.94 2.40
C ASP A 474 11.47 34.27 2.22
N THR A 475 10.45 34.32 1.36
CA THR A 475 9.66 35.52 1.11
C THR A 475 8.48 35.68 2.07
N ALA A 476 8.47 34.94 3.18
CA ALA A 476 7.36 34.91 4.12
C ALA A 476 7.95 34.61 5.50
N ILE A 477 7.16 34.01 6.40
CA ILE A 477 7.69 33.48 7.66
C ILE A 477 8.91 32.62 7.37
N GLN A 478 10.07 32.99 7.91
CA GLN A 478 11.33 32.34 7.55
C GLN A 478 11.80 31.40 8.65
N LEU A 479 12.21 30.20 8.24
CA LEU A 479 12.86 29.24 9.10
C LEU A 479 14.28 29.12 8.58
N LYS A 480 15.16 29.98 9.05
CA LYS A 480 16.49 29.95 8.48
C LYS A 480 17.39 28.97 9.22
N PRO A 481 18.26 28.29 8.50
CA PRO A 481 19.26 27.46 9.18
C PRO A 481 20.47 28.26 9.62
N VAL A 482 20.32 28.99 10.73
CA VAL A 482 21.38 29.87 11.20
C VAL A 482 22.61 29.10 11.66
N PHE A 483 22.43 27.93 12.28
CA PHE A 483 23.60 27.18 12.74
C PHE A 483 24.40 26.63 11.56
N ALA A 484 23.73 26.13 10.53
CA ALA A 484 24.42 25.65 9.35
C ALA A 484 25.07 26.80 8.59
N GLN A 485 24.38 27.95 8.49
CA GLN A 485 24.97 29.12 7.85
C GLN A 485 26.20 29.61 8.61
N TRP A 486 26.14 29.56 9.94
CA TRP A 486 27.26 29.99 10.76
C TRP A 486 28.46 29.06 10.57
N VAL A 487 28.21 27.76 10.51
CA VAL A 487 29.29 26.81 10.27
C VAL A 487 29.92 27.03 8.89
N GLN A 488 29.10 27.34 7.88
CA GLN A 488 29.63 27.69 6.56
C GLN A 488 30.50 28.94 6.61
N SER A 489 30.09 29.93 7.40
CA SER A 489 30.88 31.14 7.57
C SER A 489 32.24 30.83 8.16
N ILE A 490 32.27 29.99 9.19
CA ILE A 490 33.53 29.65 9.85
C ILE A 490 34.45 28.95 8.87
N HIS A 491 33.90 28.07 8.03
CA HIS A 491 34.75 27.32 7.13
C HIS A 491 35.28 28.19 6.01
N THR A 492 34.57 29.23 5.63
CA THR A 492 35.15 30.15 4.65
C THR A 492 36.18 31.05 5.30
N LEU A 493 36.04 31.33 6.59
CA LEU A 493 37.04 32.16 7.23
C LEU A 493 38.27 31.39 7.64
N ALA A 494 38.21 30.07 7.68
CA ALA A 494 39.33 29.26 8.17
C ALA A 494 40.66 29.45 7.42
N PRO A 495 40.74 29.52 6.09
CA PRO A 495 42.06 29.67 5.45
C PRO A 495 42.74 30.97 5.86
N GLY A 496 43.91 30.85 6.46
CA GLY A 496 44.64 31.96 6.99
C GLY A 496 44.24 32.39 8.39
N ASN A 497 43.14 31.86 8.93
CA ASN A 497 42.66 32.25 10.25
C ASN A 497 42.77 31.09 11.24
N THR A 498 41.95 30.06 11.11
CA THR A 498 42.07 28.93 12.02
C THR A 498 42.71 27.75 11.36
N THR A 499 42.97 27.82 10.07
CA THR A 499 43.86 26.90 9.39
C THR A 499 44.87 27.77 8.66
N PRO A 500 45.79 28.40 9.39
CA PRO A 500 46.60 29.48 8.80
C PRO A 500 47.45 29.09 7.61
N ASN A 501 47.99 27.88 7.57
CA ASN A 501 48.83 27.51 6.45
C ASN A 501 48.06 26.97 5.25
N ALA A 502 46.76 26.73 5.39
CA ALA A 502 45.94 26.44 4.22
C ALA A 502 45.80 27.68 3.34
N LEU A 503 45.77 27.45 2.04
CA LEU A 503 45.63 28.54 1.09
C LEU A 503 44.19 28.77 0.64
N ALA A 504 43.41 27.70 0.53
CA ALA A 504 42.01 27.78 0.15
C ALA A 504 41.18 26.97 1.14
N THR A 505 39.87 27.10 1.00
CA THR A 505 38.93 26.40 1.85
C THR A 505 38.94 24.90 1.54
N ALA A 506 38.44 24.11 2.50
CA ALA A 506 38.34 22.68 2.29
C ALA A 506 37.43 22.34 1.12
N SER A 507 36.32 23.06 1.01
CA SER A 507 35.41 22.87 -0.10
C SER A 507 34.75 24.20 -0.40
N TYR A 508 34.55 24.47 -1.68
CA TYR A 508 33.83 25.66 -2.10
C TYR A 508 32.35 25.58 -1.82
N ALA A 509 31.84 24.42 -1.40
CA ALA A 509 30.45 24.32 -0.95
C ALA A 509 30.18 25.23 0.25
N PHE A 510 31.20 25.48 1.07
CA PHE A 510 31.01 26.33 2.23
C PHE A 510 30.92 27.80 1.86
N GLY A 511 31.39 28.16 0.69
CA GLY A 511 31.44 29.56 0.31
C GLY A 511 32.70 29.84 -0.47
N GLY A 512 32.77 30.99 -1.10
CA GLY A 512 33.94 31.31 -1.89
C GLY A 512 33.67 31.36 -3.38
N ASP A 513 34.65 30.96 -4.17
CA ASP A 513 34.60 31.16 -5.60
C ASP A 513 33.74 30.12 -6.30
N VAL A 514 33.52 30.38 -7.58
CA VAL A 514 32.95 29.41 -8.51
C VAL A 514 34.09 28.79 -9.29
N VAL A 515 34.23 27.47 -9.23
CA VAL A 515 35.24 26.77 -10.00
C VAL A 515 34.58 26.20 -11.24
N ALA A 516 35.05 26.65 -12.41
CA ALA A 516 34.49 26.26 -13.69
C ALA A 516 35.55 25.52 -14.50
N VAL A 517 35.17 24.39 -15.08
CA VAL A 517 36.04 23.58 -15.92
C VAL A 517 35.27 23.28 -17.20
N GLY A 518 35.82 23.73 -18.32
CA GLY A 518 35.11 23.57 -19.59
C GLY A 518 33.77 24.28 -19.62
N ASN A 519 33.68 25.42 -18.95
CA ASN A 519 32.51 26.27 -18.78
C ASN A 519 31.38 25.63 -17.99
N LYS A 520 31.64 24.51 -17.34
CA LYS A 520 30.68 23.87 -16.46
C LYS A 520 31.17 24.05 -15.03
N VAL A 521 30.22 24.22 -14.11
CA VAL A 521 30.59 24.44 -12.71
C VAL A 521 31.11 23.15 -12.11
N ALA A 522 32.31 23.21 -11.56
CA ALA A 522 32.83 22.10 -10.77
C ALA A 522 32.22 22.12 -9.39
N MET A 523 32.40 23.22 -8.67
CA MET A 523 31.78 23.42 -7.37
C MET A 523 31.66 24.91 -7.14
N MET A 524 30.69 25.28 -6.31
CA MET A 524 30.31 26.64 -6.00
C MET A 524 29.48 26.61 -4.73
N PRO A 525 29.43 27.70 -3.96
CA PRO A 525 28.76 27.67 -2.65
C PRO A 525 27.31 27.21 -2.70
N ILE A 526 26.99 26.30 -1.80
CA ILE A 526 25.66 25.71 -1.70
C ILE A 526 24.94 26.44 -0.58
N SER A 527 24.16 27.45 -0.94
CA SER A 527 23.48 28.26 0.06
C SER A 527 22.33 27.50 0.70
N LEU A 528 22.08 27.81 1.96
CA LEU A 528 21.04 27.15 2.73
C LEU A 528 19.95 28.15 3.09
N GLY A 529 18.71 27.78 2.83
CA GLY A 529 17.58 28.64 3.09
C GLY A 529 16.47 27.91 3.81
N THR A 530 15.24 28.40 3.69
CA THR A 530 14.10 27.76 4.35
C THR A 530 13.85 26.35 3.82
N ALA A 531 13.94 26.15 2.51
CA ALA A 531 13.78 24.82 1.93
C ALA A 531 14.82 23.84 2.46
N ASP A 532 16.03 24.32 2.73
CA ASP A 532 17.11 23.49 3.26
C ASP A 532 16.89 23.15 4.73
N PHE A 533 16.35 24.11 5.50
CA PHE A 533 15.92 23.85 6.87
C PHE A 533 14.86 22.76 6.91
N MET A 534 13.87 22.87 6.03
CA MET A 534 12.78 21.92 6.01
C MET A 534 13.27 20.52 5.62
N VAL A 535 14.06 20.42 4.56
CA VAL A 535 14.42 19.08 4.12
C VAL A 535 15.48 18.46 5.04
N HIS A 536 16.26 19.27 5.76
CA HIS A 536 17.15 18.68 6.75
C HIS A 536 16.37 18.14 7.93
N HIS A 537 15.26 18.77 8.31
CA HIS A 537 14.46 18.16 9.37
C HIS A 537 13.65 16.97 8.87
N ILE A 538 13.32 16.94 7.58
CA ILE A 538 12.82 15.70 6.98
C ILE A 538 13.84 14.57 7.13
N HIS A 539 15.12 14.88 6.93
CA HIS A 539 16.17 13.87 7.05
C HIS A 539 16.29 13.37 8.49
N ALA A 540 16.29 14.31 9.45
CA ALA A 540 16.37 13.91 10.85
C ALA A 540 15.15 13.09 11.27
N PHE A 541 13.99 13.38 10.71
CA PHE A 541 12.79 12.61 11.02
C PHE A 541 12.89 11.19 10.49
N THR A 542 13.29 11.02 9.23
CA THR A 542 13.34 9.67 8.66
C THR A 542 14.44 8.83 9.27
N ILE A 543 15.56 9.46 9.65
CA ILE A 543 16.61 8.71 10.34
C ILE A 543 16.17 8.30 11.73
N HIS A 544 15.48 9.18 12.46
CA HIS A 544 15.02 8.85 13.81
C HIS A 544 13.96 7.74 13.78
N VAL A 545 13.08 7.74 12.79
CA VAL A 545 12.10 6.66 12.70
C VAL A 545 12.76 5.33 12.35
N THR A 546 13.73 5.33 11.42
CA THR A 546 14.42 4.09 11.10
C THR A 546 15.16 3.53 12.32
N VAL A 547 15.79 4.43 13.09
CA VAL A 547 16.43 4.01 14.33
C VAL A 547 15.39 3.45 15.28
N LEU A 548 14.19 4.04 15.34
CA LEU A 548 13.15 3.53 16.24
C LEU A 548 12.75 2.10 15.90
N ILE A 549 12.55 1.80 14.62
CA ILE A 549 12.10 0.46 14.23
C ILE A 549 13.21 -0.56 14.47
N LEU A 550 14.45 -0.21 14.15
CA LEU A 550 15.52 -1.18 14.28
C LEU A 550 15.94 -1.38 15.73
N LEU A 551 15.95 -0.29 16.51
CA LEU A 551 16.26 -0.39 17.92
C LEU A 551 15.18 -1.12 18.69
N LYS A 552 13.91 -0.87 18.36
CA LYS A 552 12.84 -1.62 19.02
C LYS A 552 12.94 -3.10 18.70
N GLY A 553 13.37 -3.45 17.49
CA GLY A 553 13.57 -4.86 17.20
C GLY A 553 14.72 -5.47 17.97
N VAL A 554 15.80 -4.73 18.15
CA VAL A 554 16.93 -5.29 18.90
C VAL A 554 16.60 -5.40 20.39
N LEU A 555 16.00 -4.36 20.96
CA LEU A 555 15.76 -4.33 22.40
C LEU A 555 14.68 -5.32 22.84
N PHE A 556 13.71 -5.61 21.98
CA PHE A 556 12.63 -6.53 22.32
C PHE A 556 12.77 -7.86 21.61
N SER A 557 13.97 -8.22 21.18
CA SER A 557 14.17 -9.44 20.41
C SER A 557 13.99 -10.69 21.25
N ARG A 558 14.32 -10.63 22.54
CA ARG A 558 14.23 -11.82 23.38
C ARG A 558 12.90 -12.00 24.07
N ASN A 559 12.21 -10.91 24.37
CA ASN A 559 10.97 -10.94 25.15
C ASN A 559 10.32 -9.57 25.16
N SER A 560 9.02 -9.57 25.42
CA SER A 560 8.21 -8.36 25.48
C SER A 560 7.25 -8.49 26.64
N ARG A 561 6.41 -7.47 26.81
CA ARG A 561 5.20 -7.66 27.61
C ARG A 561 4.20 -8.50 26.84
N LEU A 562 4.27 -8.46 25.51
CA LEU A 562 3.37 -9.27 24.69
C LEU A 562 3.76 -10.74 24.74
N ILE A 563 4.96 -11.08 24.26
CA ILE A 563 5.42 -12.46 24.23
C ILE A 563 6.58 -12.61 25.21
N PRO A 564 6.39 -13.26 26.37
CA PRO A 564 7.45 -13.32 27.39
C PRO A 564 8.60 -14.24 27.05
N ASP A 565 8.52 -15.05 26.00
CA ASP A 565 9.55 -16.03 25.68
C ASP A 565 9.90 -15.98 24.21
N LYS A 566 10.08 -14.76 23.69
CA LYS A 566 10.32 -14.55 22.27
C LYS A 566 11.63 -15.17 21.81
N ALA A 567 12.58 -15.37 22.71
CA ALA A 567 13.87 -15.95 22.34
C ALA A 567 13.76 -17.43 22.02
N ASN A 568 12.76 -18.11 22.58
CA ASN A 568 12.58 -19.52 22.26
C ASN A 568 12.00 -19.72 20.86
N LEU A 569 11.33 -18.71 20.32
CA LEU A 569 10.80 -18.78 18.98
C LEU A 569 11.85 -18.43 17.93
N GLY A 570 12.88 -17.70 18.30
CA GLY A 570 14.03 -17.44 17.44
C GLY A 570 14.08 -16.00 16.97
N PHE A 571 15.05 -15.75 16.10
CA PHE A 571 15.23 -14.44 15.50
C PHE A 571 14.19 -14.20 14.43
N ARG A 572 13.85 -15.25 13.69
CA ARG A 572 12.99 -15.14 12.52
C ARG A 572 11.84 -16.12 12.71
N PHE A 573 10.71 -15.62 13.18
CA PHE A 573 9.47 -16.38 13.22
C PHE A 573 8.36 -15.45 12.75
N PRO A 574 7.29 -15.99 12.15
CA PRO A 574 6.27 -15.11 11.57
C PRO A 574 5.37 -14.45 12.58
N CYS A 575 5.04 -15.14 13.66
CA CYS A 575 4.06 -14.69 14.64
C CYS A 575 4.06 -15.69 15.78
N ASP A 576 3.27 -15.38 16.79
CA ASP A 576 2.93 -16.38 17.79
C ASP A 576 1.41 -16.50 17.89
N GLY A 577 0.74 -16.60 16.75
CA GLY A 577 -0.66 -16.90 16.74
C GLY A 577 -1.54 -15.68 16.76
N PRO A 578 -2.84 -15.87 16.53
CA PRO A 578 -3.79 -14.76 16.52
C PRO A 578 -4.26 -14.31 17.89
N GLY A 579 -3.78 -14.95 18.96
CA GLY A 579 -4.19 -14.59 20.28
C GLY A 579 -3.39 -13.42 20.78
N ARG A 580 -3.77 -12.96 21.98
CA ARG A 580 -3.32 -11.68 22.55
C ARG A 580 -3.70 -10.51 21.66
N GLY A 581 -4.76 -10.69 20.87
CA GLY A 581 -5.17 -9.76 19.85
C GLY A 581 -4.53 -9.97 18.50
N GLY A 582 -3.40 -10.67 18.45
CA GLY A 582 -2.67 -10.86 17.22
C GLY A 582 -1.22 -10.45 17.35
N THR A 583 -0.29 -11.36 17.04
CA THR A 583 1.12 -11.14 17.23
C THR A 583 1.89 -11.25 15.92
N CYS A 584 1.24 -10.84 14.83
CA CYS A 584 1.87 -10.83 13.52
C CYS A 584 3.12 -9.96 13.53
N GLN A 585 4.21 -10.45 12.96
CA GLN A 585 5.43 -9.66 12.73
C GLN A 585 6.08 -9.22 14.04
N SER A 586 6.16 -10.13 15.00
CA SER A 586 6.70 -9.83 16.32
C SER A 586 8.17 -10.15 16.46
N SER A 587 8.81 -10.71 15.46
CA SER A 587 10.20 -11.12 15.63
C SER A 587 11.14 -9.95 15.40
N ALA A 588 12.41 -10.15 15.71
CA ALA A 588 13.44 -9.16 15.42
C ALA A 588 13.65 -9.03 13.90
N TRP A 589 13.52 -10.15 13.18
CA TRP A 589 13.59 -10.14 11.73
C TRP A 589 12.54 -9.21 11.14
N ASP A 590 11.37 -9.09 11.77
CA ASP A 590 10.29 -8.30 11.22
C ASP A 590 10.46 -6.82 11.47
N SER A 591 11.35 -6.46 12.38
CA SER A 591 11.75 -5.08 12.53
C SER A 591 12.85 -4.73 11.56
N VAL A 592 13.73 -5.68 11.19
CA VAL A 592 14.60 -5.40 10.05
C VAL A 592 13.81 -5.26 8.76
N PHE A 593 12.79 -6.10 8.60
CA PHE A 593 11.90 -6.04 7.45
C PHE A 593 11.18 -4.71 7.38
N LEU A 594 10.68 -4.22 8.51
CA LEU A 594 10.00 -2.92 8.52
C LEU A 594 10.97 -1.75 8.47
N GLY A 595 12.21 -1.91 8.95
CA GLY A 595 13.16 -0.82 8.92
C GLY A 595 13.86 -0.65 7.60
N LEU A 596 13.83 -1.67 6.73
CA LEU A 596 14.34 -1.49 5.39
C LEU A 596 13.41 -0.67 4.51
N PHE A 597 12.11 -0.67 4.81
CA PHE A 597 11.20 0.24 4.14
C PHE A 597 11.50 1.69 4.53
N TRP A 598 11.76 1.94 5.80
CA TRP A 598 12.04 3.30 6.23
C TRP A 598 13.44 3.75 5.87
N MET A 599 14.38 2.82 5.75
CA MET A 599 15.66 3.16 5.14
C MET A 599 15.46 3.56 3.68
N TYR A 600 14.63 2.82 2.94
CA TYR A 600 14.35 3.19 1.57
C TYR A 600 13.75 4.59 1.48
N ASN A 601 12.78 4.88 2.36
CA ASN A 601 12.18 6.21 2.42
C ASN A 601 13.20 7.31 2.72
N CYS A 602 14.08 7.06 3.69
CA CYS A 602 15.08 8.05 4.06
C CYS A 602 16.07 8.30 2.93
N ILE A 603 16.64 7.23 2.37
CA ILE A 603 17.66 7.39 1.34
C ILE A 603 17.06 7.94 0.05
N SER A 604 15.78 7.66 -0.22
CA SER A 604 15.13 8.23 -1.40
C SER A 604 14.98 9.73 -1.25
N VAL A 605 14.65 10.19 -0.06
CA VAL A 605 14.55 11.64 0.09
C VAL A 605 15.91 12.29 0.05
N VAL A 606 16.95 11.62 0.57
CA VAL A 606 18.29 12.22 0.54
C VAL A 606 18.77 12.38 -0.90
N ILE A 607 18.61 11.34 -1.72
CA ILE A 607 19.12 11.43 -3.09
C ILE A 607 18.27 12.36 -3.93
N PHE A 608 16.98 12.48 -3.66
CA PHE A 608 16.16 13.50 -4.34
C PHE A 608 16.58 14.92 -3.95
N HIS A 609 16.87 15.15 -2.66
CA HIS A 609 17.34 16.45 -2.19
C HIS A 609 18.65 16.80 -2.86
N PHE A 610 19.58 15.85 -2.93
CA PHE A 610 20.85 16.09 -3.59
C PHE A 610 20.66 16.43 -5.06
N SER A 611 19.85 15.64 -5.78
CA SER A 611 19.71 15.82 -7.22
C SER A 611 19.07 17.16 -7.54
N TRP A 612 17.98 17.49 -6.86
CA TRP A 612 17.32 18.75 -7.15
C TRP A 612 18.17 19.94 -6.71
N LYS A 613 18.79 19.88 -5.53
CA LYS A 613 19.59 21.02 -5.07
C LYS A 613 20.81 21.26 -5.95
N MET A 614 21.49 20.19 -6.37
CA MET A 614 22.66 20.36 -7.22
C MET A 614 22.28 20.87 -8.59
N GLN A 615 21.18 20.38 -9.17
CA GLN A 615 20.78 20.90 -10.47
C GLN A 615 20.29 22.33 -10.37
N SER A 616 19.55 22.66 -9.33
CA SER A 616 18.94 23.97 -9.18
C SER A 616 19.94 25.05 -8.78
N ASP A 617 20.91 24.72 -7.94
CA ASP A 617 21.74 25.74 -7.31
C ASP A 617 23.23 25.56 -7.49
N VAL A 618 23.71 24.47 -8.08
CA VAL A 618 25.14 24.29 -8.20
C VAL A 618 25.58 24.02 -9.63
N TRP A 619 25.02 22.99 -10.24
CA TRP A 619 25.49 22.57 -11.55
C TRP A 619 24.93 23.47 -12.64
N GLY A 620 25.67 23.58 -13.72
CA GLY A 620 25.23 24.36 -14.85
C GLY A 620 26.41 24.91 -15.60
N THR A 621 26.14 25.94 -16.40
CA THR A 621 27.15 26.48 -17.30
C THR A 621 27.48 27.92 -16.92
N VAL A 622 28.77 28.27 -17.01
CA VAL A 622 29.21 29.65 -16.67
C VAL A 622 29.32 30.47 -17.96
N GLN A 623 28.36 31.36 -18.21
CA GLN A 623 28.38 32.22 -19.42
C GLN A 623 29.26 33.45 -19.17
N SER A 624 29.42 34.31 -20.18
CA SER A 624 30.32 35.49 -20.05
C SER A 624 29.85 36.41 -18.93
N ASP A 625 30.79 37.09 -18.25
CA ASP A 625 30.48 38.00 -17.10
C ASP A 625 30.42 37.18 -15.80
N GLY A 626 30.67 35.86 -15.88
CA GLY A 626 30.73 35.03 -14.65
C GLY A 626 29.37 34.62 -14.12
N THR A 627 28.28 34.98 -14.82
CA THR A 627 26.92 34.56 -14.38
C THR A 627 26.78 33.05 -14.63
N VAL A 628 26.03 32.35 -13.77
CA VAL A 628 25.89 30.87 -13.90
C VAL A 628 24.44 30.50 -14.22
N THR A 629 24.21 29.69 -15.25
CA THR A 629 22.88 29.23 -15.60
C THR A 629 22.76 27.78 -15.15
N HIS A 630 21.93 27.55 -14.14
CA HIS A 630 21.81 26.23 -13.56
C HIS A 630 20.87 25.37 -14.38
N ILE A 631 20.93 24.05 -14.14
CA ILE A 631 20.21 23.10 -14.96
C ILE A 631 18.71 23.33 -14.88
N THR A 632 18.19 23.53 -13.67
CA THR A 632 16.79 23.82 -13.49
C THR A 632 16.54 25.24 -12.99
N GLY A 633 17.52 26.12 -13.13
CA GLY A 633 17.29 27.54 -12.98
C GLY A 633 16.88 28.06 -11.62
N GLY A 634 17.41 27.48 -10.55
CA GLY A 634 17.18 28.01 -9.22
C GLY A 634 15.74 27.97 -8.75
N ASN A 635 15.04 26.89 -9.05
CA ASN A 635 13.67 26.73 -8.59
C ASN A 635 13.56 26.02 -7.25
N PHE A 636 14.67 25.54 -6.67
CA PHE A 636 14.59 24.81 -5.41
C PHE A 636 14.07 25.70 -4.30
N ALA A 637 14.56 26.94 -4.24
CA ALA A 637 14.29 27.84 -3.12
C ALA A 637 12.81 28.08 -2.93
N GLN A 638 12.08 28.30 -4.01
CA GLN A 638 10.68 28.66 -3.92
C GLN A 638 9.74 27.51 -4.24
N SER A 639 10.26 26.34 -4.58
CA SER A 639 9.42 25.21 -4.91
C SER A 639 9.67 23.94 -4.10
N ALA A 640 10.78 23.84 -3.37
CA ALA A 640 10.99 22.68 -2.52
C ALA A 640 10.36 22.83 -1.15
N ILE A 641 9.52 23.84 -0.97
CA ILE A 641 8.87 24.09 0.31
C ILE A 641 7.47 23.51 0.35
N THR A 642 6.92 23.08 -0.78
CA THR A 642 5.63 22.40 -0.87
C THR A 642 5.80 21.00 -1.47
N ILE A 643 4.85 20.12 -1.15
CA ILE A 643 4.85 18.79 -1.77
C ILE A 643 4.51 18.90 -3.25
N ASN A 644 3.59 19.81 -3.60
CA ASN A 644 3.26 20.06 -4.99
C ASN A 644 4.47 20.54 -5.77
N GLY A 645 5.37 21.28 -5.13
CA GLY A 645 6.61 21.65 -5.79
C GLY A 645 7.50 20.46 -6.09
N TRP A 646 7.63 19.53 -5.15
CA TRP A 646 8.43 18.33 -5.40
C TRP A 646 7.80 17.47 -6.47
N LEU A 647 6.48 17.32 -6.45
CA LEU A 647 5.78 16.54 -7.46
C LEU A 647 5.88 17.15 -8.84
N ARG A 648 5.62 18.46 -8.96
CA ARG A 648 5.59 19.12 -10.25
C ARG A 648 6.98 19.46 -10.76
N ASP A 649 7.74 20.23 -9.99
CA ASP A 649 9.01 20.76 -10.46
C ASP A 649 10.17 19.78 -10.34
N PHE A 650 10.05 18.68 -9.61
CA PHE A 650 11.11 17.70 -9.57
C PHE A 650 10.72 16.39 -10.24
N LEU A 651 9.67 15.70 -9.82
CA LEU A 651 9.39 14.41 -10.43
C LEU A 651 8.81 14.57 -11.83
N TRP A 652 7.83 15.44 -11.97
CA TRP A 652 7.14 15.60 -13.25
C TRP A 652 8.06 16.24 -14.29
N ALA A 653 8.71 17.35 -13.91
CA ALA A 653 9.57 18.07 -14.84
C ALA A 653 10.78 17.25 -15.28
N GLN A 654 11.38 16.50 -14.37
CA GLN A 654 12.60 15.80 -14.67
C GLN A 654 12.37 14.39 -15.17
N ALA A 655 11.15 13.87 -15.14
CA ALA A 655 10.90 12.59 -15.78
C ALA A 655 10.70 12.70 -17.29
N SER A 656 10.86 13.89 -17.83
CA SER A 656 10.70 14.12 -19.27
C SER A 656 11.73 13.32 -20.06
N GLN A 657 12.95 13.23 -19.55
CA GLN A 657 14.00 12.50 -20.27
C GLN A 657 13.79 11.00 -20.28
N VAL A 658 13.34 10.40 -19.16
CA VAL A 658 13.09 8.96 -19.21
C VAL A 658 11.94 8.65 -20.12
N ILE A 659 10.88 9.46 -20.08
CA ILE A 659 9.71 9.06 -20.85
C ILE A 659 9.82 9.44 -22.32
N GLN A 660 10.72 10.35 -22.68
CA GLN A 660 10.95 10.68 -24.08
C GLN A 660 12.16 9.98 -24.67
N SER A 661 12.70 8.99 -23.98
CA SER A 661 13.96 8.38 -24.37
C SER A 661 13.82 7.34 -25.45
N TYR A 662 12.59 6.89 -25.77
CA TYR A 662 12.38 5.83 -26.74
C TYR A 662 12.94 6.20 -28.11
N GLY A 663 13.65 5.26 -28.72
CA GLY A 663 14.31 5.44 -29.99
C GLY A 663 15.69 6.06 -29.96
N SER A 664 16.23 6.36 -28.77
CA SER A 664 17.56 6.94 -28.64
C SER A 664 18.46 5.95 -27.92
N ALA A 665 19.67 6.39 -27.61
CA ALA A 665 20.58 5.55 -26.84
C ALA A 665 20.14 5.43 -25.38
N LEU A 666 19.27 6.30 -24.92
CA LEU A 666 18.76 6.24 -23.56
C LEU A 666 17.45 5.46 -23.45
N SER A 667 17.01 4.79 -24.52
CA SER A 667 15.79 4.00 -24.47
C SER A 667 15.85 2.84 -23.51
N ALA A 668 17.05 2.35 -23.19
CA ALA A 668 17.19 1.31 -22.18
C ALA A 668 16.75 1.82 -20.83
N TYR A 669 17.08 3.08 -20.51
CA TYR A 669 16.61 3.68 -19.27
C TYR A 669 15.09 3.85 -19.27
N GLY A 670 14.49 4.18 -20.41
CA GLY A 670 13.03 4.25 -20.49
C GLY A 670 12.38 2.90 -20.24
N LEU A 671 13.00 1.85 -20.76
CA LEU A 671 12.47 0.52 -20.53
C LEU A 671 12.66 0.08 -19.08
N ILE A 672 13.81 0.40 -18.48
CA ILE A 672 14.04 0.01 -17.10
C ILE A 672 13.17 0.83 -16.15
N PHE A 673 12.85 2.07 -16.51
CA PHE A 673 11.90 2.89 -15.75
C PHE A 673 10.56 2.18 -15.67
N LEU A 674 10.07 1.73 -16.83
CA LEU A 674 8.79 1.02 -16.82
C LEU A 674 8.88 -0.34 -16.13
N GLY A 675 9.94 -1.11 -16.39
CA GLY A 675 10.10 -2.42 -15.79
C GLY A 675 10.19 -2.38 -14.28
N ALA A 676 10.84 -1.35 -13.75
CA ALA A 676 10.96 -1.22 -12.31
C ALA A 676 9.64 -0.77 -11.70
N HIS A 677 8.88 0.09 -12.40
CA HIS A 677 7.51 0.37 -11.97
C HIS A 677 6.69 -0.92 -11.86
N PHE A 678 6.91 -1.82 -12.81
CA PHE A 678 6.22 -3.10 -12.81
C PHE A 678 6.62 -3.93 -11.60
N ILE A 679 7.93 -4.13 -11.38
CA ILE A 679 8.41 -4.99 -10.29
C ILE A 679 7.95 -4.45 -8.94
N TRP A 680 8.01 -3.12 -8.77
CA TRP A 680 7.52 -2.49 -7.55
C TRP A 680 6.06 -2.82 -7.30
N ALA A 681 5.21 -2.63 -8.32
CA ALA A 681 3.80 -2.94 -8.13
C ALA A 681 3.57 -4.42 -7.86
N PHE A 682 4.31 -5.29 -8.55
CA PHE A 682 4.21 -6.73 -8.39
C PHE A 682 4.54 -7.16 -6.96
N SER A 683 5.45 -6.44 -6.30
CA SER A 683 5.80 -6.72 -4.90
C SER A 683 4.61 -6.58 -3.95
N LEU A 684 3.68 -5.69 -4.28
CA LEU A 684 2.54 -5.47 -3.40
C LEU A 684 1.60 -6.66 -3.39
N MET A 685 1.68 -7.52 -4.39
CA MET A 685 0.96 -8.78 -4.34
C MET A 685 1.45 -9.63 -3.18
N PHE A 686 2.77 -9.66 -2.95
CA PHE A 686 3.31 -10.44 -1.86
C PHE A 686 3.19 -9.74 -0.53
N LEU A 687 3.12 -8.41 -0.52
CA LEU A 687 3.13 -7.71 0.75
C LEU A 687 1.74 -7.57 1.35
N PHE A 688 0.72 -7.35 0.54
CA PHE A 688 -0.63 -7.14 1.05
C PHE A 688 -1.40 -8.43 1.24
N SER A 689 -0.84 -9.56 0.82
CA SER A 689 -1.52 -10.85 0.79
C SER A 689 -1.07 -11.75 1.93
N GLY A 690 -1.79 -12.86 2.08
CA GLY A 690 -1.49 -13.83 3.10
C GLY A 690 -1.34 -15.22 2.51
N ARG A 691 -0.58 -16.05 3.23
CA ARG A 691 -0.23 -17.39 2.76
C ARG A 691 -1.45 -18.31 2.60
N GLY A 692 -2.48 -18.16 3.44
CA GLY A 692 -3.60 -19.10 3.42
C GLY A 692 -4.42 -19.05 2.14
N TYR A 693 -4.59 -17.85 1.58
CA TYR A 693 -5.25 -17.72 0.29
C TYR A 693 -4.48 -18.48 -0.78
N TRP A 694 -3.16 -18.36 -0.79
CA TRP A 694 -2.38 -18.91 -1.88
C TRP A 694 -2.26 -20.41 -1.78
N GLN A 695 -2.27 -20.95 -0.56
CA GLN A 695 -2.29 -22.40 -0.41
C GLN A 695 -3.63 -22.97 -0.87
N GLU A 696 -4.73 -22.29 -0.56
CA GLU A 696 -6.01 -22.79 -1.04
C GLU A 696 -6.15 -22.68 -2.56
N LEU A 697 -5.59 -21.65 -3.19
CA LEU A 697 -5.58 -21.59 -4.66
C LEU A 697 -4.72 -22.69 -5.28
N ILE A 698 -3.56 -22.96 -4.65
CA ILE A 698 -2.70 -24.02 -5.13
C ILE A 698 -3.39 -25.37 -5.03
N GLU A 699 -4.30 -25.55 -4.06
CA GLU A 699 -5.05 -26.81 -3.97
C GLU A 699 -5.88 -27.12 -5.23
N SER A 700 -6.59 -26.13 -5.76
CA SER A 700 -7.35 -26.33 -6.99
C SER A 700 -6.41 -26.56 -8.18
N ILE A 701 -5.26 -25.89 -8.19
CA ILE A 701 -4.31 -26.14 -9.29
C ILE A 701 -3.75 -27.56 -9.21
N VAL A 702 -3.46 -28.02 -7.99
CA VAL A 702 -3.01 -29.39 -7.75
C VAL A 702 -4.08 -30.37 -8.17
N TRP A 703 -5.35 -30.03 -7.94
CA TRP A 703 -6.44 -30.91 -8.35
C TRP A 703 -6.43 -31.10 -9.86
N ALA A 704 -6.22 -30.01 -10.60
CA ALA A 704 -6.21 -30.13 -12.06
C ALA A 704 -5.02 -30.95 -12.52
N HIS A 705 -3.93 -30.95 -11.77
CA HIS A 705 -2.81 -31.81 -12.11
C HIS A 705 -3.10 -33.28 -11.78
N ASN A 706 -3.73 -33.54 -10.63
CA ASN A 706 -4.15 -34.90 -10.29
C ASN A 706 -5.09 -35.46 -11.34
N LYS A 707 -5.97 -34.63 -11.88
CA LYS A 707 -6.92 -35.07 -12.91
C LYS A 707 -6.21 -35.59 -14.14
N LEU A 708 -5.10 -34.97 -14.51
CA LEU A 708 -4.34 -35.38 -15.68
C LEU A 708 -3.20 -36.30 -15.30
N ASN A 709 -3.13 -36.72 -14.03
CA ASN A 709 -2.08 -37.58 -13.50
C ASN A 709 -0.69 -36.99 -13.69
N VAL A 710 -0.56 -35.69 -13.46
CA VAL A 710 0.74 -35.05 -13.65
C VAL A 710 1.16 -34.28 -12.39
N ALA A 711 0.65 -34.66 -11.23
CA ALA A 711 1.04 -33.97 -10.02
C ALA A 711 2.51 -34.24 -9.69
N PRO A 712 3.24 -33.25 -9.18
CA PRO A 712 4.64 -33.47 -8.82
C PRO A 712 4.75 -34.22 -7.50
N ALA A 713 5.88 -34.87 -7.32
CA ALA A 713 6.15 -35.55 -6.06
C ALA A 713 6.68 -34.60 -4.98
N ILE A 714 7.26 -33.47 -5.36
CA ILE A 714 7.58 -32.40 -4.43
C ILE A 714 6.33 -31.53 -4.34
N GLN A 715 5.55 -31.74 -3.29
CA GLN A 715 4.24 -31.13 -3.14
C GLN A 715 4.34 -29.62 -3.11
N PRO A 716 3.65 -28.91 -3.98
CA PRO A 716 3.74 -27.45 -4.00
C PRO A 716 3.10 -26.83 -2.77
N ARG A 717 3.79 -25.83 -2.24
CA ARG A 717 3.29 -25.08 -1.11
C ARG A 717 3.32 -23.60 -1.43
N ALA A 718 2.43 -22.86 -0.81
CA ALA A 718 2.58 -21.42 -0.77
C ALA A 718 3.85 -21.10 0.03
N LEU A 719 4.52 -20.02 -0.36
CA LEU A 719 5.71 -19.58 0.34
C LEU A 719 5.40 -19.39 1.81
N SER A 720 6.42 -19.51 2.66
CA SER A 720 6.19 -19.30 4.08
C SER A 720 5.78 -17.85 4.33
N ILE A 721 5.28 -17.59 5.53
CA ILE A 721 4.88 -16.24 5.91
C ILE A 721 6.07 -15.29 5.85
N THR A 722 7.19 -15.73 6.41
CA THR A 722 8.41 -14.95 6.34
C THR A 722 8.89 -14.80 4.91
N GLN A 723 8.82 -15.87 4.11
CA GLN A 723 9.29 -15.73 2.73
C GLN A 723 8.38 -14.85 1.88
N GLY A 724 7.07 -14.86 2.12
CA GLY A 724 6.21 -13.89 1.48
C GLY A 724 6.61 -12.46 1.83
N ARG A 725 6.99 -12.23 3.08
CA ARG A 725 7.49 -10.92 3.47
C ARG A 725 8.83 -10.58 2.80
N ALA A 726 9.73 -11.55 2.73
CA ALA A 726 11.06 -11.30 2.16
C ALA A 726 10.98 -11.06 0.65
N VAL A 727 10.08 -11.79 -0.03
CA VAL A 727 9.92 -11.62 -1.47
C VAL A 727 9.28 -10.28 -1.76
N GLY A 728 8.26 -9.90 -0.97
CA GLY A 728 7.66 -8.59 -1.14
C GLY A 728 8.65 -7.46 -0.93
N LEU A 729 9.48 -7.57 0.10
CA LEU A 729 10.47 -6.53 0.36
C LEU A 729 11.54 -6.46 -0.73
N ALA A 730 12.00 -7.62 -1.22
CA ALA A 730 13.02 -7.63 -2.27
C ALA A 730 12.52 -7.01 -3.56
N HIS A 731 11.29 -7.35 -3.96
CA HIS A 731 10.77 -6.78 -5.20
C HIS A 731 10.38 -5.32 -5.03
N TYR A 732 9.99 -4.93 -3.81
CA TYR A 732 9.67 -3.50 -3.53
C TYR A 732 10.94 -2.68 -3.71
N LEU A 733 12.02 -3.06 -3.02
CA LEU A 733 13.29 -2.29 -3.09
C LEU A 733 13.82 -2.31 -4.52
N LEU A 734 13.76 -3.48 -5.18
CA LEU A 734 14.31 -3.60 -6.55
C LEU A 734 13.56 -2.64 -7.47
N GLY A 735 12.23 -2.63 -7.36
CA GLY A 735 11.43 -1.74 -8.23
C GLY A 735 11.64 -0.27 -7.91
N GLY A 736 11.62 0.10 -6.63
CA GLY A 736 11.73 1.52 -6.27
C GLY A 736 13.11 2.08 -6.58
N ILE A 737 14.16 1.34 -6.22
CA ILE A 737 15.56 1.78 -6.50
C ILE A 737 15.78 1.76 -8.02
N GLY A 738 15.25 0.75 -8.70
CA GLY A 738 15.39 0.66 -10.18
C GLY A 738 14.72 1.82 -10.88
N THR A 739 13.54 2.22 -10.40
CA THR A 739 12.80 3.36 -11.01
C THR A 739 13.64 4.63 -10.85
N THR A 740 14.24 4.81 -9.66
CA THR A 740 15.08 6.01 -9.41
C THR A 740 16.38 5.90 -10.22
N TRP A 741 16.96 4.70 -10.30
CA TRP A 741 18.18 4.51 -11.06
C TRP A 741 18.00 4.93 -12.52
N ALA A 742 16.91 4.47 -13.12
CA ALA A 742 16.63 4.83 -14.51
C ALA A 742 16.33 6.32 -14.64
N PHE A 743 15.53 6.87 -13.72
CA PHE A 743 15.16 8.28 -13.76
C PHE A 743 16.39 9.18 -13.61
N PHE A 744 17.25 8.87 -12.63
CA PHE A 744 18.44 9.68 -12.38
C PHE A 744 19.39 9.62 -13.55
N LEU A 745 19.59 8.44 -14.12
CA LEU A 745 20.64 8.31 -15.12
C LEU A 745 20.23 8.91 -16.45
N ALA A 746 19.00 8.65 -16.92
CA ALA A 746 18.57 9.28 -18.18
C ALA A 746 18.48 10.79 -18.04
N ARG A 747 18.04 11.28 -16.89
CA ARG A 747 17.93 12.73 -16.70
C ARG A 747 19.31 13.38 -16.73
N ILE A 748 20.27 12.85 -15.97
CA ILE A 748 21.53 13.57 -15.87
C ILE A 748 22.42 13.31 -17.08
N ILE A 749 22.23 12.21 -17.80
CA ILE A 749 22.98 12.01 -19.04
C ILE A 749 22.49 12.98 -20.10
N SER A 750 21.17 13.21 -20.19
CA SER A 750 20.67 14.16 -21.17
C SER A 750 21.06 15.59 -20.85
N VAL A 751 20.91 16.01 -19.58
CA VAL A 751 21.06 17.43 -19.29
C VAL A 751 22.40 17.79 -18.67
N GLY A 752 23.16 16.82 -18.19
CA GLY A 752 24.42 17.11 -17.54
C GLY A 752 25.59 16.35 -18.13
N THR B 3 -19.09 0.44 28.49
CA THR B 3 -19.48 -0.88 28.95
C THR B 3 -20.88 -1.20 28.45
N LYS B 4 -21.49 -0.25 27.74
CA LYS B 4 -22.82 -0.51 27.21
C LYS B 4 -23.02 0.01 25.79
N PHE B 5 -22.00 0.54 25.11
CA PHE B 5 -22.20 0.96 23.72
C PHE B 5 -22.67 -0.17 22.82
N PRO B 6 -21.93 -1.30 22.67
CA PRO B 6 -22.51 -2.36 21.85
C PRO B 6 -23.62 -3.04 22.63
N LYS B 7 -24.80 -2.41 22.72
CA LYS B 7 -25.92 -3.01 23.43
C LYS B 7 -26.44 -4.25 22.72
N PHE B 8 -26.10 -4.42 21.45
CA PHE B 8 -26.47 -5.58 20.67
C PHE B 8 -25.47 -6.72 20.80
N SER B 9 -24.40 -6.55 21.57
CA SER B 9 -23.37 -7.56 21.69
C SER B 9 -22.79 -7.49 23.09
N GLN B 10 -23.08 -8.50 23.89
CA GLN B 10 -22.52 -8.53 25.24
C GLN B 10 -21.05 -8.92 25.24
N ALA B 11 -20.56 -9.62 24.21
CA ALA B 11 -19.14 -9.94 24.15
C ALA B 11 -18.30 -8.70 23.91
N LEU B 12 -18.80 -7.76 23.12
CA LEU B 12 -18.05 -6.53 22.88
C LEU B 12 -18.23 -5.54 24.00
N ALA B 13 -19.42 -5.49 24.60
CA ALA B 13 -19.66 -4.53 25.67
C ALA B 13 -18.88 -4.85 26.94
N GLN B 14 -18.28 -6.04 27.02
CA GLN B 14 -17.42 -6.42 28.12
C GLN B 14 -15.95 -6.43 27.77
N ASP B 15 -15.59 -6.10 26.54
CA ASP B 15 -14.18 -5.91 26.21
C ASP B 15 -13.68 -4.64 26.89
N PRO B 16 -12.59 -4.70 27.64
CA PRO B 16 -12.08 -3.50 28.33
C PRO B 16 -11.14 -2.64 27.51
N ALA B 17 -10.94 -2.94 26.24
CA ALA B 17 -9.98 -2.24 25.42
C ALA B 17 -10.71 -1.23 24.54
N THR B 18 -9.93 -0.49 23.74
CA THR B 18 -10.49 0.36 22.69
C THR B 18 -11.03 -0.44 21.51
N ARG B 19 -10.78 -1.74 21.47
CA ARG B 19 -11.32 -2.61 20.44
C ARG B 19 -12.85 -2.65 20.48
N ARG B 20 -13.43 -2.41 21.66
CA ARG B 20 -14.88 -2.44 21.83
C ARG B 20 -15.57 -1.36 21.01
N ILE B 21 -15.01 -0.14 20.99
CA ILE B 21 -15.61 0.96 20.24
C ILE B 21 -15.56 0.69 18.73
N TRP B 22 -14.39 0.26 18.24
CA TRP B 22 -14.22 0.00 16.82
C TRP B 22 -15.13 -1.13 16.37
N TYR B 23 -15.16 -2.23 17.13
CA TYR B 23 -15.92 -3.39 16.71
C TYR B 23 -17.42 -3.14 16.86
N GLY B 24 -17.83 -2.36 17.87
CA GLY B 24 -19.22 -1.97 17.99
C GLY B 24 -19.69 -1.11 16.83
N LEU B 25 -18.82 -0.24 16.32
CA LEU B 25 -19.22 0.56 15.18
C LEU B 25 -19.27 -0.28 13.90
N ALA B 26 -18.35 -1.22 13.73
CA ALA B 26 -18.27 -2.00 12.51
C ALA B 26 -19.27 -3.15 12.42
N THR B 27 -19.94 -3.53 13.51
CA THR B 27 -20.90 -4.61 13.45
C THR B 27 -22.35 -4.16 13.58
N ALA B 28 -22.59 -2.85 13.62
CA ALA B 28 -23.89 -2.30 14.01
C ALA B 28 -25.01 -2.71 13.05
N HIS B 29 -24.72 -2.85 11.78
CA HIS B 29 -25.77 -3.11 10.79
C HIS B 29 -25.91 -4.59 10.47
N ASP B 30 -25.13 -5.43 11.12
CA ASP B 30 -25.21 -6.88 10.93
C ASP B 30 -26.16 -7.46 11.97
N LEU B 31 -27.45 -7.18 11.74
CA LEU B 31 -28.48 -7.49 12.73
C LEU B 31 -28.63 -8.99 13.00
N GLU B 32 -28.29 -9.84 12.03
CA GLU B 32 -28.42 -11.28 12.22
C GLU B 32 -27.53 -11.79 13.35
N SER B 33 -26.39 -11.17 13.56
CA SER B 33 -25.45 -11.63 14.58
C SER B 33 -25.67 -10.98 15.93
N HIS B 34 -26.59 -10.03 16.04
CA HIS B 34 -26.82 -9.35 17.31
C HIS B 34 -27.51 -10.28 18.29
N ASP B 35 -27.22 -10.08 19.57
CA ASP B 35 -27.68 -10.99 20.62
C ASP B 35 -29.20 -11.04 20.68
N GLY B 36 -29.73 -12.25 20.75
CA GLY B 36 -31.17 -12.47 20.86
C GLY B 36 -31.96 -11.97 19.67
N MET B 37 -31.45 -12.16 18.47
CA MET B 37 -32.17 -11.73 17.29
C MET B 37 -33.01 -12.87 16.76
N THR B 38 -34.32 -12.67 16.73
CA THR B 38 -35.25 -13.59 16.10
C THR B 38 -35.41 -13.23 14.63
N GLU B 39 -36.11 -14.07 13.89
CA GLU B 39 -36.30 -13.79 12.47
C GLU B 39 -37.37 -12.72 12.25
N GLU B 40 -38.39 -12.68 13.11
CA GLU B 40 -39.38 -11.61 13.10
C GLU B 40 -38.72 -10.26 13.20
N ASN B 41 -37.87 -10.10 14.21
CA ASN B 41 -37.31 -8.80 14.48
C ASN B 41 -36.28 -8.41 13.43
N LEU B 42 -35.58 -9.39 12.87
CA LEU B 42 -34.61 -9.09 11.80
C LEU B 42 -35.33 -8.52 10.59
N TYR B 43 -36.45 -9.13 10.19
CA TYR B 43 -37.13 -8.62 9.01
C TYR B 43 -37.80 -7.28 9.28
N GLN B 44 -38.23 -7.03 10.51
CA GLN B 44 -38.92 -5.76 10.78
C GLN B 44 -37.95 -4.59 10.90
N LYS B 45 -36.76 -4.83 11.46
CA LYS B 45 -35.76 -3.78 11.50
C LYS B 45 -35.24 -3.46 10.11
N ILE B 46 -35.07 -4.49 9.26
CA ILE B 46 -34.65 -4.24 7.89
C ILE B 46 -35.70 -3.42 7.14
N PHE B 47 -36.99 -3.71 7.35
CA PHE B 47 -38.07 -2.95 6.72
C PHE B 47 -38.02 -1.47 7.13
N ALA B 48 -37.88 -1.20 8.42
CA ALA B 48 -37.84 0.19 8.88
C ALA B 48 -36.59 0.92 8.39
N SER B 49 -35.44 0.26 8.41
CA SER B 49 -34.24 0.92 7.93
C SER B 49 -34.21 1.05 6.41
N HIS B 50 -35.07 0.33 5.69
CA HIS B 50 -35.23 0.58 4.27
C HIS B 50 -36.05 1.85 4.03
N PHE B 51 -37.03 2.10 4.90
CA PHE B 51 -37.70 3.40 4.85
C PHE B 51 -36.74 4.55 5.18
N GLY B 52 -35.85 4.34 6.14
CA GLY B 52 -34.87 5.37 6.47
C GLY B 52 -33.85 5.62 5.37
N HIS B 53 -33.43 4.57 4.67
CA HIS B 53 -32.55 4.75 3.52
C HIS B 53 -33.26 5.53 2.39
N LEU B 54 -34.54 5.21 2.14
CA LEU B 54 -35.29 5.95 1.13
C LEU B 54 -35.39 7.43 1.49
N ALA B 55 -35.61 7.72 2.77
CA ALA B 55 -35.69 9.10 3.22
C ALA B 55 -34.36 9.84 3.05
N VAL B 56 -33.25 9.15 3.29
CA VAL B 56 -31.93 9.74 3.02
C VAL B 56 -31.76 10.05 1.53
N ILE B 57 -32.27 9.19 0.66
CA ILE B 57 -32.16 9.44 -0.78
C ILE B 57 -33.00 10.66 -1.19
N PHE B 58 -34.18 10.80 -0.60
CA PHE B 58 -35.03 11.94 -0.94
C PHE B 58 -34.49 13.25 -0.36
N LEU B 59 -33.83 13.19 0.79
CA LEU B 59 -33.22 14.40 1.34
C LEU B 59 -32.01 14.82 0.53
N TRP B 60 -31.24 13.86 0.01
CA TRP B 60 -30.11 14.20 -0.86
C TRP B 60 -30.59 14.85 -2.15
N THR B 61 -31.69 14.35 -2.72
CA THR B 61 -32.16 14.92 -3.98
C THR B 61 -32.76 16.30 -3.76
N SER B 62 -33.50 16.48 -2.66
CA SER B 62 -34.04 17.79 -2.38
C SER B 62 -32.93 18.80 -2.11
N GLY B 63 -31.86 18.38 -1.43
CA GLY B 63 -30.74 19.28 -1.20
C GLY B 63 -30.06 19.74 -2.47
N ASN B 64 -29.89 18.84 -3.45
CA ASN B 64 -29.34 19.28 -4.73
C ASN B 64 -30.27 20.26 -5.45
N LEU B 65 -31.57 20.00 -5.42
CA LEU B 65 -32.51 20.92 -6.06
C LEU B 65 -32.55 22.26 -5.33
N PHE B 66 -32.52 22.24 -4.00
CA PHE B 66 -32.58 23.47 -3.23
C PHE B 66 -31.34 24.31 -3.43
N HIS B 67 -30.15 23.70 -3.37
CA HIS B 67 -28.94 24.49 -3.48
C HIS B 67 -28.76 25.02 -4.90
N VAL B 68 -29.30 24.33 -5.90
CA VAL B 68 -29.26 24.88 -7.25
C VAL B 68 -30.29 26.01 -7.39
N ALA B 69 -31.49 25.83 -6.84
CA ALA B 69 -32.51 26.87 -6.87
C ALA B 69 -32.07 28.13 -6.15
N TRP B 70 -31.41 27.98 -5.02
CA TRP B 70 -31.02 29.11 -4.20
C TRP B 70 -29.78 29.79 -4.78
N GLN B 71 -28.69 29.05 -4.96
CA GLN B 71 -27.41 29.65 -5.27
C GLN B 71 -26.96 29.45 -6.70
N GLY B 72 -27.69 28.67 -7.49
CA GLY B 72 -27.28 28.36 -8.84
C GLY B 72 -27.61 29.43 -9.85
N ASN B 73 -27.21 29.14 -11.09
CA ASN B 73 -27.51 29.98 -12.24
C ASN B 73 -28.37 29.21 -13.25
N PHE B 74 -29.39 28.51 -12.77
CA PHE B 74 -30.16 27.63 -13.64
C PHE B 74 -30.87 28.42 -14.74
N GLU B 75 -31.44 29.59 -14.44
CA GLU B 75 -32.17 30.33 -15.47
C GLU B 75 -31.25 30.93 -16.53
N GLN B 76 -30.05 31.35 -16.12
CA GLN B 76 -29.07 31.82 -17.08
C GLN B 76 -28.53 30.67 -17.90
N TRP B 77 -28.27 29.51 -17.27
CA TRP B 77 -27.83 28.35 -18.03
C TRP B 77 -28.87 27.92 -19.03
N VAL B 78 -30.14 27.98 -18.63
CA VAL B 78 -31.25 27.58 -19.50
C VAL B 78 -31.30 28.47 -20.74
N LEU B 79 -30.96 29.76 -20.59
CA LEU B 79 -30.93 30.61 -21.78
C LEU B 79 -29.85 30.19 -22.77
N ASN B 80 -28.66 29.83 -22.28
CA ASN B 80 -27.48 29.63 -23.12
C ASN B 80 -26.66 28.43 -22.64
N PRO B 81 -27.17 27.21 -22.85
CA PRO B 81 -26.61 26.05 -22.14
C PRO B 81 -25.24 25.58 -22.61
N LEU B 82 -24.80 25.92 -23.81
CA LEU B 82 -23.46 25.52 -24.21
C LEU B 82 -22.36 26.47 -23.76
N LYS B 83 -22.69 27.69 -23.37
CA LYS B 83 -21.69 28.65 -22.95
C LYS B 83 -21.62 28.84 -21.43
N VAL B 84 -22.74 28.72 -20.73
CA VAL B 84 -22.76 28.91 -19.29
C VAL B 84 -22.32 27.62 -18.61
N LYS B 85 -21.55 27.74 -17.53
CA LYS B 85 -21.13 26.59 -16.76
C LYS B 85 -22.03 26.42 -15.55
N PRO B 86 -22.69 25.28 -15.40
CA PRO B 86 -23.69 25.13 -14.34
C PRO B 86 -23.08 25.20 -12.95
N ILE B 87 -23.83 25.78 -12.03
CA ILE B 87 -23.38 25.99 -10.66
C ILE B 87 -24.01 24.96 -9.73
N ALA B 88 -23.19 24.35 -8.88
CA ALA B 88 -23.66 23.36 -7.91
C ALA B 88 -24.13 24.04 -6.63
N HIS B 89 -23.23 24.73 -5.94
CA HIS B 89 -23.58 25.43 -4.71
C HIS B 89 -22.50 26.46 -4.44
N ALA B 90 -22.80 27.37 -3.51
CA ALA B 90 -21.85 28.41 -3.19
C ALA B 90 -20.84 27.95 -2.17
N ILE B 91 -19.73 28.69 -2.09
CA ILE B 91 -18.64 28.40 -1.18
C ILE B 91 -18.64 29.46 -0.09
N TRP B 92 -18.65 29.03 1.16
CA TRP B 92 -18.35 29.90 2.28
C TRP B 92 -17.30 29.22 3.14
N ASP B 93 -16.04 29.59 2.95
CA ASP B 93 -14.92 28.96 3.62
C ASP B 93 -14.05 30.06 4.25
N PRO B 94 -14.03 30.20 5.57
CA PRO B 94 -13.26 31.29 6.18
C PRO B 94 -11.76 31.08 6.17
N HIS B 95 -11.27 29.98 5.61
CA HIS B 95 -9.85 29.78 5.41
C HIS B 95 -9.36 30.32 4.08
N PHE B 96 -10.26 30.74 3.19
CA PHE B 96 -9.85 31.21 1.88
C PHE B 96 -9.06 32.51 1.97
N GLY B 97 -8.06 32.64 1.11
CA GLY B 97 -7.50 33.94 0.85
C GLY B 97 -8.32 34.64 -0.20
N GLN B 98 -8.04 35.92 -0.39
CA GLN B 98 -8.79 36.69 -1.38
C GLN B 98 -8.52 36.28 -2.83
N PRO B 99 -7.30 35.87 -3.23
CA PRO B 99 -7.16 35.26 -4.55
C PRO B 99 -8.01 34.02 -4.74
N ALA B 100 -8.19 33.22 -3.69
CA ALA B 100 -9.03 32.04 -3.79
C ALA B 100 -10.49 32.42 -3.97
N VAL B 101 -10.93 33.47 -3.29
CA VAL B 101 -12.28 33.96 -3.45
C VAL B 101 -12.52 34.44 -4.88
N LYS B 102 -11.55 35.17 -5.43
CA LYS B 102 -11.68 35.64 -6.81
C LYS B 102 -11.63 34.50 -7.82
N ALA B 103 -10.76 33.52 -7.60
CA ALA B 103 -10.60 32.43 -8.57
C ALA B 103 -11.82 31.54 -8.65
N PHE B 104 -12.63 31.48 -7.60
CA PHE B 104 -13.80 30.63 -7.59
C PHE B 104 -15.08 31.39 -7.87
N THR B 105 -14.99 32.63 -8.32
CA THR B 105 -16.15 33.50 -8.58
C THR B 105 -16.59 33.44 -10.03
N LYS B 106 -16.51 32.27 -10.63
CA LYS B 106 -16.95 32.06 -11.99
C LYS B 106 -18.46 31.79 -12.03
N GLY B 107 -18.97 31.44 -13.21
CA GLY B 107 -20.38 31.13 -13.37
C GLY B 107 -21.29 32.33 -13.57
N GLY B 108 -20.74 33.53 -13.66
CA GLY B 108 -21.56 34.72 -13.82
C GLY B 108 -22.17 35.25 -12.55
N VAL B 109 -21.67 34.86 -11.38
CA VAL B 109 -22.26 35.26 -10.12
C VAL B 109 -21.26 36.10 -9.36
N SER B 110 -21.65 36.60 -8.19
CA SER B 110 -20.83 37.53 -7.43
C SER B 110 -20.21 36.92 -6.18
N TYR B 111 -20.21 35.60 -6.06
CA TYR B 111 -19.67 34.91 -4.90
C TYR B 111 -18.91 33.69 -5.37
N PRO B 112 -17.93 33.20 -4.58
CA PRO B 112 -17.21 31.99 -4.98
C PRO B 112 -18.14 30.79 -5.03
N VAL B 113 -17.87 29.88 -5.96
CA VAL B 113 -18.87 28.87 -6.26
C VAL B 113 -18.20 27.64 -6.86
N ASN B 114 -18.86 26.49 -6.70
CA ASN B 114 -18.46 25.23 -7.33
C ASN B 114 -19.27 25.01 -8.60
N ILE B 115 -18.61 24.57 -9.66
CA ILE B 115 -19.27 24.27 -10.93
C ILE B 115 -19.66 22.80 -10.95
N ALA B 116 -20.91 22.51 -11.29
CA ALA B 116 -21.45 21.17 -11.14
C ALA B 116 -20.97 20.23 -12.23
N THR B 117 -20.52 19.04 -11.84
CA THR B 117 -20.13 18.00 -12.78
C THR B 117 -21.15 16.86 -12.83
N SER B 118 -22.27 17.00 -12.14
CA SER B 118 -23.25 15.92 -12.01
C SER B 118 -24.22 15.84 -13.17
N GLY B 119 -24.37 16.89 -13.96
CA GLY B 119 -25.33 16.82 -15.03
C GLY B 119 -26.75 17.09 -14.63
N VAL B 120 -27.01 17.50 -13.39
CA VAL B 120 -28.39 17.70 -12.95
C VAL B 120 -29.06 18.83 -13.72
N TYR B 121 -28.29 19.82 -14.19
CA TYR B 121 -28.85 20.88 -15.03
C TYR B 121 -29.42 20.34 -16.34
N HIS B 122 -28.68 19.43 -17.00
CA HIS B 122 -29.13 18.90 -18.28
C HIS B 122 -30.31 17.95 -18.09
N TRP B 123 -30.33 17.25 -16.96
CA TRP B 123 -31.44 16.36 -16.66
C TRP B 123 -32.69 17.15 -16.35
N TRP B 124 -32.58 18.18 -15.50
CA TRP B 124 -33.74 18.97 -15.13
C TRP B 124 -34.27 19.80 -16.29
N TYR B 125 -33.38 20.29 -17.14
CA TYR B 125 -33.81 20.99 -18.33
C TYR B 125 -34.56 20.06 -19.28
N THR B 126 -34.04 18.86 -19.50
CA THR B 126 -34.67 17.96 -20.46
C THR B 126 -36.07 17.53 -20.02
N ILE B 127 -36.28 17.34 -18.71
CA ILE B 127 -37.56 16.84 -18.23
C ILE B 127 -38.55 17.94 -17.93
N GLY B 128 -38.21 19.19 -18.17
CA GLY B 128 -39.18 20.25 -18.05
C GLY B 128 -38.81 21.46 -17.22
N MET B 129 -37.96 21.33 -16.20
CA MET B 129 -37.71 22.45 -15.31
C MET B 129 -37.12 23.63 -16.10
N ARG B 130 -37.65 24.83 -15.84
CA ARG B 130 -37.27 26.00 -16.60
C ARG B 130 -36.87 27.16 -15.71
N SER B 131 -37.44 27.24 -14.52
CA SER B 131 -37.17 28.34 -13.62
C SER B 131 -36.59 27.82 -12.31
N ASN B 132 -36.19 28.75 -11.46
CA ASN B 132 -35.78 28.38 -10.11
C ASN B 132 -36.96 27.98 -9.24
N THR B 133 -38.16 28.49 -9.55
CA THR B 133 -39.29 28.25 -8.66
C THR B 133 -39.86 26.85 -8.79
N ASP B 134 -39.69 26.18 -9.93
CA ASP B 134 -40.11 24.79 -9.96
C ASP B 134 -39.01 23.83 -9.53
N LEU B 135 -37.74 24.26 -9.54
CA LEU B 135 -36.71 23.53 -8.80
C LEU B 135 -36.99 23.59 -7.31
N TYR B 136 -37.38 24.75 -6.81
CA TYR B 136 -37.71 24.89 -5.39
C TYR B 136 -38.99 24.12 -5.05
N ALA B 137 -39.96 24.09 -5.97
CA ALA B 137 -41.15 23.27 -5.76
C ALA B 137 -40.78 21.79 -5.66
N GLY B 138 -39.87 21.33 -6.52
CA GLY B 138 -39.45 19.93 -6.43
C GLY B 138 -38.68 19.61 -5.17
N SER B 139 -37.90 20.57 -4.65
CA SER B 139 -37.18 20.33 -3.40
C SER B 139 -38.16 20.25 -2.22
N LEU B 140 -39.21 21.06 -2.22
CA LEU B 140 -40.18 20.92 -1.12
C LEU B 140 -40.98 19.63 -1.21
N PHE B 141 -41.24 19.15 -2.43
CA PHE B 141 -41.93 17.87 -2.56
C PHE B 141 -41.07 16.74 -2.05
N LEU B 142 -39.78 16.74 -2.36
CA LEU B 142 -38.91 15.70 -1.85
C LEU B 142 -38.72 15.78 -0.34
N LEU B 143 -38.72 16.98 0.25
CA LEU B 143 -38.70 17.10 1.71
C LEU B 143 -39.95 16.48 2.33
N PHE B 144 -41.10 16.71 1.71
CA PHE B 144 -42.34 16.10 2.16
C PHE B 144 -42.29 14.58 2.04
N LEU B 145 -41.79 14.06 0.91
CA LEU B 145 -41.70 12.61 0.71
C LEU B 145 -40.75 11.98 1.70
N ALA B 146 -39.63 12.65 1.99
CA ALA B 146 -38.70 12.19 3.01
C ALA B 146 -39.39 12.09 4.36
N GLY B 147 -40.22 13.08 4.69
CA GLY B 147 -40.97 13.01 5.95
C GLY B 147 -41.97 11.88 5.97
N VAL B 148 -42.67 11.66 4.85
CA VAL B 148 -43.64 10.57 4.74
C VAL B 148 -42.97 9.22 4.91
N PHE B 149 -41.78 9.02 4.33
CA PHE B 149 -41.13 7.73 4.46
C PHE B 149 -40.42 7.54 5.80
N LEU B 150 -40.01 8.63 6.44
CA LEU B 150 -39.54 8.51 7.82
C LEU B 150 -40.70 8.12 8.73
N PHE B 151 -41.87 8.71 8.52
CA PHE B 151 -43.02 8.37 9.33
C PHE B 151 -43.49 6.95 9.08
N ALA B 152 -43.47 6.48 7.81
CA ALA B 152 -43.87 5.11 7.51
C ALA B 152 -42.91 4.10 8.12
N GLY B 153 -41.61 4.41 8.11
CA GLY B 153 -40.67 3.55 8.80
C GLY B 153 -40.94 3.48 10.28
N TRP B 154 -41.26 4.60 10.90
CA TRP B 154 -41.61 4.56 12.32
C TRP B 154 -42.90 3.80 12.56
N LEU B 155 -43.88 4.00 11.67
CA LEU B 155 -45.20 3.42 11.82
C LEU B 155 -45.15 1.91 11.71
N HIS B 156 -44.38 1.37 10.78
CA HIS B 156 -44.34 -0.07 10.62
C HIS B 156 -43.44 -0.77 11.64
N LEU B 157 -42.89 -0.04 12.60
CA LEU B 157 -42.28 -0.61 13.80
C LEU B 157 -43.22 -0.61 14.99
N GLN B 158 -44.43 -0.11 14.83
CA GLN B 158 -45.39 -0.06 15.92
C GLN B 158 -46.05 -1.44 16.05
N PRO B 159 -46.49 -1.81 17.27
CA PRO B 159 -46.94 -3.20 17.51
C PRO B 159 -48.05 -3.69 16.59
N LYS B 160 -49.00 -2.83 16.21
CA LYS B 160 -50.07 -3.27 15.33
C LYS B 160 -49.67 -3.27 13.87
N PHE B 161 -48.67 -2.48 13.50
CA PHE B 161 -48.29 -2.32 12.11
C PHE B 161 -47.03 -3.07 11.75
N ARG B 162 -46.54 -3.93 12.63
CA ARG B 162 -45.35 -4.71 12.34
C ARG B 162 -45.73 -5.94 11.51
N PRO B 163 -45.27 -6.05 10.28
CA PRO B 163 -45.68 -7.19 9.46
C PRO B 163 -45.11 -8.52 9.96
N GLY B 164 -45.87 -9.58 9.73
CA GLY B 164 -45.39 -10.91 10.05
C GLY B 164 -44.47 -11.48 8.99
N LEU B 165 -43.76 -12.54 9.36
CA LEU B 165 -42.86 -13.21 8.41
C LEU B 165 -43.60 -13.77 7.21
N SER B 166 -44.85 -14.16 7.41
CA SER B 166 -45.67 -14.64 6.30
C SER B 166 -45.88 -13.55 5.26
N TRP B 167 -45.92 -12.28 5.69
CA TRP B 167 -45.99 -11.18 4.74
C TRP B 167 -44.65 -10.97 4.05
N PHE B 168 -43.56 -10.99 4.81
CA PHE B 168 -42.24 -10.71 4.25
C PHE B 168 -41.77 -11.77 3.26
N LYS B 169 -42.37 -12.96 3.27
CA LYS B 169 -41.94 -14.05 2.42
C LYS B 169 -42.97 -14.42 1.37
N ASN B 170 -43.95 -13.53 1.12
CA ASN B 170 -44.90 -13.67 0.03
C ASN B 170 -44.20 -13.24 -1.25
N ASN B 171 -43.58 -14.21 -1.94
CA ASN B 171 -42.82 -13.88 -3.13
C ASN B 171 -43.71 -13.47 -4.29
N GLU B 172 -44.88 -14.09 -4.43
CA GLU B 172 -45.70 -13.88 -5.61
C GLU B 172 -46.42 -12.53 -5.58
N SER B 173 -46.88 -12.10 -4.41
CA SER B 173 -47.55 -10.81 -4.34
C SER B 173 -46.55 -9.67 -4.50
N ARG B 174 -45.36 -9.82 -3.93
CA ARG B 174 -44.34 -8.80 -4.07
C ARG B 174 -43.84 -8.72 -5.49
N LEU B 175 -43.68 -9.85 -6.17
CA LEU B 175 -43.25 -9.82 -7.57
C LEU B 175 -44.31 -9.21 -8.46
N ASN B 176 -45.59 -9.52 -8.24
CA ASN B 176 -46.66 -8.93 -9.03
C ASN B 176 -46.69 -7.41 -8.85
N HIS B 177 -46.55 -6.94 -7.62
CA HIS B 177 -46.63 -5.50 -7.41
C HIS B 177 -45.38 -4.77 -7.84
N HIS B 178 -44.21 -5.37 -7.70
CA HIS B 178 -43.01 -4.67 -8.09
C HIS B 178 -42.83 -4.66 -9.60
N LEU B 179 -43.31 -5.69 -10.29
CA LEU B 179 -43.23 -5.65 -11.75
C LEU B 179 -44.29 -4.75 -12.35
N SER B 180 -45.53 -4.88 -11.90
CA SER B 180 -46.59 -4.13 -12.56
C SER B 180 -46.77 -2.74 -11.99
N GLY B 181 -46.47 -2.53 -10.72
CA GLY B 181 -46.62 -1.20 -10.17
C GLY B 181 -45.34 -0.41 -10.03
N LEU B 182 -44.32 -0.99 -9.42
CA LEU B 182 -43.11 -0.24 -9.13
C LEU B 182 -42.26 -0.04 -10.37
N PHE B 183 -42.16 -1.05 -11.22
CA PHE B 183 -41.46 -0.95 -12.50
C PHE B 183 -42.39 -0.44 -13.59
N GLY B 184 -43.50 -1.11 -13.81
CA GLY B 184 -44.30 -0.86 -14.99
C GLY B 184 -45.19 0.35 -14.94
N PHE B 185 -45.95 0.51 -13.87
CA PHE B 185 -46.86 1.65 -13.81
C PHE B 185 -46.11 2.95 -13.65
N SER B 186 -44.99 2.96 -12.93
CA SER B 186 -44.24 4.21 -12.80
C SER B 186 -43.50 4.56 -14.08
N SER B 187 -43.15 3.55 -14.89
CA SER B 187 -42.69 3.84 -16.24
C SER B 187 -43.80 4.42 -17.10
N LEU B 188 -45.03 3.93 -16.93
CA LEU B 188 -46.17 4.48 -17.66
C LEU B 188 -46.45 5.92 -17.22
N ALA B 189 -46.36 6.19 -15.92
CA ALA B 189 -46.52 7.55 -15.41
C ALA B 189 -45.39 8.45 -15.87
N TRP B 190 -44.17 7.94 -16.05
CA TRP B 190 -43.12 8.80 -16.58
C TRP B 190 -43.34 9.10 -18.06
N SER B 191 -43.90 8.14 -18.81
CA SER B 191 -44.35 8.42 -20.17
C SER B 191 -45.39 9.53 -20.17
N ALA B 192 -46.29 9.51 -19.19
CA ALA B 192 -47.27 10.59 -19.07
C ALA B 192 -46.61 11.92 -18.79
N HIS B 193 -45.59 11.95 -17.93
CA HIS B 193 -44.92 13.22 -17.63
C HIS B 193 -44.26 13.78 -18.87
N LEU B 194 -43.58 12.93 -19.63
CA LEU B 194 -42.93 13.42 -20.84
C LEU B 194 -43.94 13.94 -21.83
N ILE B 195 -45.03 13.20 -22.05
CA ILE B 195 -46.05 13.61 -23.01
C ILE B 195 -46.75 14.90 -22.56
N HIS B 196 -47.01 15.04 -21.27
CA HIS B 196 -47.81 16.14 -20.77
C HIS B 196 -46.99 17.38 -20.39
N VAL B 197 -45.73 17.21 -20.00
CA VAL B 197 -44.94 18.34 -19.52
C VAL B 197 -43.65 18.51 -20.31
N ALA B 198 -42.81 17.47 -20.32
CA ALA B 198 -41.47 17.59 -20.88
C ALA B 198 -41.48 17.91 -22.37
N ILE B 199 -42.26 17.19 -23.15
CA ILE B 199 -42.34 17.45 -24.60
C ILE B 199 -42.98 18.81 -24.90
N PRO B 200 -44.12 19.19 -24.29
CA PRO B 200 -44.63 20.55 -24.55
C PRO B 200 -43.66 21.66 -24.22
N GLU B 201 -42.92 21.57 -23.13
CA GLU B 201 -41.97 22.62 -22.78
C GLU B 201 -40.68 22.52 -23.58
N ALA B 202 -40.38 21.34 -24.12
CA ALA B 202 -39.38 21.24 -25.17
C ALA B 202 -39.82 21.95 -26.44
N ARG B 203 -41.12 22.25 -26.55
CA ARG B 203 -41.64 22.94 -27.72
C ARG B 203 -42.16 24.34 -27.39
N GLY B 204 -41.72 24.95 -26.29
CA GLY B 204 -42.05 26.32 -25.98
C GLY B 204 -43.29 26.55 -25.14
N GLN B 205 -44.15 25.55 -25.01
CA GLN B 205 -45.42 25.68 -24.30
C GLN B 205 -45.23 25.27 -22.84
N HIS B 206 -45.46 26.21 -21.92
CA HIS B 206 -45.40 25.87 -20.50
C HIS B 206 -46.61 25.05 -20.09
N VAL B 207 -46.36 23.94 -19.38
CA VAL B 207 -47.42 23.14 -18.78
C VAL B 207 -47.03 22.84 -17.34
N CYS B 208 -47.85 23.30 -16.40
CA CYS B 208 -47.63 23.02 -14.99
C CYS B 208 -48.92 22.58 -14.34
N TRP B 209 -48.91 22.41 -13.01
CA TRP B 209 -50.11 21.99 -12.29
C TRP B 209 -51.25 22.99 -12.42
N ASP B 210 -50.95 24.23 -12.75
CA ASP B 210 -51.98 25.25 -12.89
C ASP B 210 -52.72 25.16 -14.22
N ASN B 211 -52.18 24.48 -15.22
CA ASN B 211 -52.83 24.44 -16.52
C ASN B 211 -52.84 23.07 -17.21
N PHE B 212 -52.38 22.01 -16.56
CA PHE B 212 -52.17 20.75 -17.29
C PHE B 212 -53.46 19.99 -17.53
N THR B 213 -54.55 20.38 -16.88
CA THR B 213 -55.85 19.78 -17.13
C THR B 213 -56.59 20.46 -18.26
N LYS B 214 -56.12 21.63 -18.71
CA LYS B 214 -56.76 22.36 -19.79
C LYS B 214 -55.84 22.54 -20.99
N VAL B 215 -54.75 21.80 -21.07
CA VAL B 215 -53.82 21.86 -22.19
C VAL B 215 -53.61 20.44 -22.70
N ALA B 216 -54.01 20.18 -23.93
CA ALA B 216 -53.96 18.84 -24.48
C ALA B 216 -52.55 18.53 -24.98
N PRO B 217 -51.99 17.37 -24.66
CA PRO B 217 -50.69 16.98 -25.23
C PRO B 217 -50.71 16.86 -26.75
N HIS B 218 -51.81 16.42 -27.32
CA HIS B 218 -51.92 16.26 -28.77
C HIS B 218 -53.15 17.04 -29.21
N PRO B 219 -53.10 17.64 -30.41
CA PRO B 219 -54.28 18.38 -30.90
C PRO B 219 -55.52 17.53 -31.04
N ALA B 220 -55.39 16.30 -31.55
CA ALA B 220 -56.53 15.39 -31.66
C ALA B 220 -57.02 15.05 -30.26
N GLY B 221 -56.21 14.35 -29.49
CA GLY B 221 -56.30 14.35 -28.04
C GLY B 221 -57.11 13.19 -27.53
N LEU B 222 -56.44 12.07 -27.22
CA LEU B 222 -56.98 10.88 -26.57
C LEU B 222 -58.14 10.25 -27.34
N GLN B 223 -58.47 10.80 -28.48
CA GLN B 223 -59.40 10.28 -29.45
C GLN B 223 -58.73 9.27 -30.38
N PRO B 224 -57.54 9.51 -30.96
CA PRO B 224 -56.86 8.42 -31.68
C PRO B 224 -56.56 7.22 -30.81
N PHE B 225 -56.30 7.42 -29.51
CA PHE B 225 -56.02 6.29 -28.64
C PHE B 225 -57.22 5.38 -28.49
N PHE B 226 -58.40 5.95 -28.34
CA PHE B 226 -59.63 5.19 -28.18
C PHE B 226 -60.27 4.81 -29.50
N THR B 227 -59.50 4.80 -30.58
CA THR B 227 -59.99 4.42 -31.89
C THR B 227 -59.08 3.39 -32.54
N GLY B 228 -57.87 3.19 -32.02
CA GLY B 228 -56.90 2.36 -32.68
C GLY B 228 -56.11 3.07 -33.74
N ASN B 229 -56.36 4.36 -33.96
CA ASN B 229 -55.59 5.19 -34.86
C ASN B 229 -54.35 5.69 -34.13
N TRP B 230 -53.57 4.77 -33.56
CA TRP B 230 -52.44 5.14 -32.70
C TRP B 230 -51.35 5.85 -33.48
N GLY B 231 -51.15 5.47 -34.74
CA GLY B 231 -50.16 6.09 -35.60
C GLY B 231 -50.40 7.55 -35.88
N ALA B 232 -51.59 8.06 -35.58
CA ALA B 232 -51.84 9.50 -35.67
C ALA B 232 -51.07 10.27 -34.63
N TYR B 233 -50.49 9.60 -33.64
CA TYR B 233 -49.70 10.26 -32.60
C TYR B 233 -48.24 10.39 -32.97
N ALA B 234 -47.81 9.74 -34.05
CA ALA B 234 -46.47 9.88 -34.56
C ALA B 234 -46.37 10.92 -35.66
N ALA B 235 -47.49 11.48 -36.08
CA ALA B 235 -47.50 12.37 -37.22
C ALA B 235 -46.90 13.73 -36.86
N SER B 236 -46.16 14.30 -37.80
CA SER B 236 -45.44 15.57 -37.67
C SER B 236 -44.48 15.54 -36.49
N PRO B 237 -43.38 14.80 -36.55
CA PRO B 237 -42.38 14.85 -35.49
C PRO B 237 -41.65 16.18 -35.50
N ASP B 238 -40.83 16.38 -34.48
CA ASP B 238 -40.01 17.59 -34.41
C ASP B 238 -39.09 17.64 -35.63
N THR B 239 -39.04 18.80 -36.27
CA THR B 239 -38.21 19.00 -37.45
C THR B 239 -36.74 19.03 -37.04
N THR B 240 -35.85 18.82 -38.02
CA THR B 240 -34.42 18.94 -37.77
C THR B 240 -33.99 20.39 -37.53
N ASN B 241 -34.86 21.35 -37.78
CA ASN B 241 -34.62 22.75 -37.48
C ASN B 241 -35.12 23.17 -36.11
N HIS B 242 -35.60 22.25 -35.30
CA HIS B 242 -36.19 22.60 -34.02
C HIS B 242 -35.12 23.14 -33.07
N ILE B 243 -35.43 24.25 -32.41
CA ILE B 243 -34.60 24.81 -31.35
C ILE B 243 -35.25 24.42 -30.03
N PHE B 244 -34.59 23.52 -29.29
CA PHE B 244 -35.12 22.97 -28.06
C PHE B 244 -35.48 24.06 -27.05
N GLY B 245 -36.65 23.93 -26.46
CA GLY B 245 -37.14 24.91 -25.53
C GLY B 245 -38.01 25.98 -26.16
N THR B 246 -38.08 26.02 -27.48
CA THR B 246 -38.78 27.06 -28.21
C THR B 246 -39.75 26.42 -29.19
N SER B 247 -40.60 27.25 -29.78
CA SER B 247 -41.63 26.78 -30.70
C SER B 247 -41.15 26.62 -32.14
N GLU B 248 -39.95 27.08 -32.47
CA GLU B 248 -39.51 27.10 -33.85
C GLU B 248 -39.06 25.72 -34.30
N GLY B 249 -39.66 25.24 -35.39
CA GLY B 249 -39.37 23.91 -35.90
C GLY B 249 -40.06 22.78 -35.18
N ALA B 250 -40.96 23.08 -34.26
CA ALA B 250 -41.52 22.06 -33.41
C ALA B 250 -42.65 21.34 -34.12
N GLY B 251 -42.79 20.06 -33.83
CA GLY B 251 -43.87 19.26 -34.36
C GLY B 251 -45.01 19.10 -33.37
N THR B 252 -45.90 18.15 -33.67
CA THR B 252 -47.00 17.83 -32.78
C THR B 252 -47.02 16.38 -32.30
N ALA B 253 -46.13 15.52 -32.80
CA ALA B 253 -46.14 14.12 -32.42
C ALA B 253 -45.81 13.97 -30.93
N ILE B 254 -46.22 12.84 -30.37
CA ILE B 254 -45.86 12.57 -28.98
C ILE B 254 -45.22 11.19 -28.85
N LEU B 255 -45.55 10.27 -29.74
CA LEU B 255 -45.05 8.90 -29.63
C LEU B 255 -44.27 8.43 -30.86
N THR B 256 -43.75 9.33 -31.68
CA THR B 256 -43.06 8.92 -32.89
C THR B 256 -41.76 8.20 -32.59
N PHE B 257 -41.42 7.20 -33.42
CA PHE B 257 -40.15 6.47 -33.35
C PHE B 257 -39.31 6.88 -34.56
N LEU B 258 -38.22 7.60 -34.31
CA LEU B 258 -37.35 8.08 -35.38
C LEU B 258 -35.94 7.51 -35.31
N GLY B 259 -35.45 7.18 -34.13
CA GLY B 259 -34.08 6.77 -33.97
C GLY B 259 -33.13 7.95 -34.03
N GLY B 260 -31.88 7.69 -33.66
CA GLY B 260 -30.92 8.76 -33.77
C GLY B 260 -31.07 9.86 -32.73
N PHE B 261 -30.43 10.98 -33.03
CA PHE B 261 -30.32 12.08 -32.08
C PHE B 261 -31.02 13.31 -32.64
N HIS B 262 -31.60 14.09 -31.74
CA HIS B 262 -32.02 15.45 -32.06
C HIS B 262 -30.80 16.21 -32.57
N PRO B 263 -30.88 16.83 -33.75
CA PRO B 263 -29.66 17.37 -34.38
C PRO B 263 -29.00 18.48 -33.62
N GLN B 264 -29.73 19.24 -32.83
CA GLN B 264 -29.16 20.36 -32.09
CA GLN B 264 -29.14 20.35 -32.09
C GLN B 264 -28.78 20.00 -30.65
N THR B 265 -29.60 19.22 -29.98
CA THR B 265 -29.22 18.83 -28.63
C THR B 265 -28.26 17.66 -28.61
N GLN B 266 -28.11 16.93 -29.72
CA GLN B 266 -27.29 15.72 -29.81
C GLN B 266 -27.75 14.66 -28.82
N ALA B 267 -29.03 14.68 -28.49
CA ALA B 267 -29.64 13.79 -27.54
C ALA B 267 -30.78 13.06 -28.22
N LEU B 268 -31.22 11.97 -27.60
CA LEU B 268 -32.35 11.21 -28.14
C LEU B 268 -33.59 12.08 -28.15
N TRP B 269 -34.47 11.83 -29.12
CA TRP B 269 -35.73 12.57 -29.20
C TRP B 269 -36.57 12.29 -27.97
N LEU B 270 -37.23 13.34 -27.45
CA LEU B 270 -38.11 13.15 -26.30
C LEU B 270 -39.34 12.31 -26.65
N THR B 271 -39.75 12.29 -27.91
CA THR B 271 -40.86 11.43 -28.31
C THR B 271 -40.45 9.97 -28.45
N ASP B 272 -39.18 9.71 -28.78
CA ASP B 272 -38.69 8.33 -28.70
C ASP B 272 -38.68 7.87 -27.26
N ILE B 273 -38.29 8.76 -26.34
CA ILE B 273 -38.16 8.38 -24.94
C ILE B 273 -39.54 8.15 -24.33
N ALA B 274 -40.51 8.97 -24.73
CA ALA B 274 -41.88 8.80 -24.23
C ALA B 274 -42.49 7.50 -24.76
N HIS B 275 -42.24 7.16 -26.02
CA HIS B 275 -42.75 5.90 -26.55
C HIS B 275 -42.00 4.71 -25.95
N HIS B 276 -40.73 4.88 -25.61
CA HIS B 276 -39.99 3.84 -24.92
C HIS B 276 -40.62 3.53 -23.59
N HIS B 277 -40.94 4.56 -22.80
CA HIS B 277 -41.43 4.32 -21.46
C HIS B 277 -42.87 3.84 -21.47
N LEU B 278 -43.64 4.23 -22.49
CA LEU B 278 -44.97 3.64 -22.66
C LEU B 278 -44.89 2.14 -22.97
N ALA B 279 -43.96 1.74 -23.85
CA ALA B 279 -43.90 0.33 -24.22
C ALA B 279 -43.31 -0.53 -23.11
N ILE B 280 -42.28 -0.03 -22.43
CA ILE B 280 -41.75 -0.64 -21.21
C ILE B 280 -42.83 -0.75 -20.14
N GLY B 281 -43.64 0.29 -19.95
CA GLY B 281 -44.71 0.22 -18.98
C GLY B 281 -45.71 -0.87 -19.29
N VAL B 282 -46.11 -1.00 -20.56
CA VAL B 282 -47.06 -2.04 -20.93
C VAL B 282 -46.46 -3.43 -20.71
N VAL B 283 -45.22 -3.65 -21.18
CA VAL B 283 -44.58 -4.95 -21.04
C VAL B 283 -44.43 -5.33 -19.57
N PHE B 284 -43.96 -4.40 -18.72
CA PHE B 284 -43.78 -4.70 -17.32
C PHE B 284 -45.12 -4.90 -16.59
N ILE B 285 -46.17 -4.17 -16.96
CA ILE B 285 -47.47 -4.42 -16.34
C ILE B 285 -47.96 -5.82 -16.69
N PHE B 286 -47.77 -6.24 -17.94
CA PHE B 286 -48.11 -7.61 -18.31
C PHE B 286 -47.28 -8.62 -17.54
N ALA B 287 -45.98 -8.35 -17.37
CA ALA B 287 -45.10 -9.23 -16.60
C ALA B 287 -45.57 -9.37 -15.17
N GLY B 288 -46.18 -8.34 -14.62
CA GLY B 288 -46.65 -8.34 -13.26
C GLY B 288 -47.98 -9.01 -13.01
N HIS B 289 -48.50 -9.74 -13.98
CA HIS B 289 -49.67 -10.59 -13.79
C HIS B 289 -49.32 -12.07 -13.86
N MET B 290 -48.04 -12.40 -13.78
CA MET B 290 -47.59 -13.78 -13.97
C MET B 290 -47.91 -14.67 -12.78
N TYR B 291 -47.81 -14.15 -11.57
CA TYR B 291 -47.77 -14.99 -10.38
C TYR B 291 -49.12 -14.98 -9.68
N ARG B 292 -49.49 -16.13 -9.14
CA ARG B 292 -50.76 -16.34 -8.46
C ARG B 292 -50.76 -15.70 -7.08
N THR B 293 -51.74 -14.85 -6.80
CA THR B 293 -51.81 -14.23 -5.48
C THR B 293 -53.05 -14.66 -4.70
N ASN B 294 -54.25 -14.33 -5.16
CA ASN B 294 -55.47 -14.64 -4.42
C ASN B 294 -56.63 -15.09 -5.28
N TRP B 295 -56.49 -15.13 -6.59
CA TRP B 295 -57.66 -15.34 -7.43
C TRP B 295 -57.53 -16.51 -8.41
N GLY B 296 -56.57 -17.40 -8.17
CA GLY B 296 -56.57 -18.68 -8.85
C GLY B 296 -55.93 -18.70 -10.22
N ILE B 297 -55.54 -17.55 -10.76
CA ILE B 297 -54.76 -17.52 -11.99
C ILE B 297 -53.34 -17.17 -11.64
N GLY B 298 -52.39 -17.70 -12.40
CA GLY B 298 -51.00 -17.37 -12.24
C GLY B 298 -50.15 -18.57 -11.90
N HIS B 299 -48.89 -18.30 -11.62
CA HIS B 299 -47.89 -19.34 -11.38
C HIS B 299 -47.46 -19.35 -9.94
N SER B 300 -47.18 -20.54 -9.43
CA SER B 300 -46.41 -20.69 -8.20
C SER B 300 -44.93 -20.74 -8.53
N LEU B 301 -44.13 -19.89 -7.89
CA LEU B 301 -42.69 -19.88 -8.10
C LEU B 301 -42.05 -21.21 -7.70
N LYS B 302 -42.58 -21.81 -6.63
CA LYS B 302 -42.10 -23.12 -6.18
C LYS B 302 -42.31 -24.19 -7.25
N GLU B 303 -43.46 -24.17 -7.93
CA GLU B 303 -43.77 -25.18 -8.93
C GLU B 303 -42.87 -25.03 -10.16
N ILE B 304 -42.61 -23.79 -10.57
CA ILE B 304 -41.75 -23.57 -11.72
C ILE B 304 -40.35 -24.04 -11.40
N LEU B 305 -39.84 -23.70 -10.21
CA LEU B 305 -38.48 -24.12 -9.87
C LEU B 305 -38.37 -25.64 -9.74
N ASP B 306 -39.35 -26.29 -9.13
CA ASP B 306 -39.31 -27.74 -8.98
C ASP B 306 -39.40 -28.46 -10.31
N ALA B 307 -40.13 -27.93 -11.27
CA ALA B 307 -40.29 -28.70 -12.50
C ALA B 307 -39.13 -28.56 -13.48
N HIS B 308 -38.18 -27.66 -13.25
CA HIS B 308 -37.11 -27.46 -14.22
C HIS B 308 -35.86 -28.23 -13.81
N ARG B 309 -35.98 -29.53 -14.01
CA ARG B 309 -34.87 -30.48 -13.95
C ARG B 309 -34.74 -31.14 -15.30
N PRO B 310 -33.67 -30.88 -16.06
CA PRO B 310 -33.50 -31.52 -17.36
C PRO B 310 -33.50 -33.03 -17.26
N PRO B 311 -34.28 -33.71 -18.11
CA PRO B 311 -34.44 -35.17 -18.00
C PRO B 311 -33.19 -35.96 -18.26
N GLY B 312 -32.22 -35.41 -19.00
CA GLY B 312 -30.95 -36.08 -19.18
C GLY B 312 -30.14 -36.24 -17.91
N GLY B 313 -30.50 -35.50 -16.85
CA GLY B 313 -29.86 -35.65 -15.56
C GLY B 313 -28.57 -34.89 -15.37
N ARG B 314 -28.19 -34.03 -16.32
CA ARG B 314 -26.92 -33.34 -16.22
C ARG B 314 -26.89 -32.28 -15.13
N LEU B 315 -28.04 -31.79 -14.68
CA LEU B 315 -28.11 -30.84 -13.59
C LEU B 315 -28.50 -31.49 -12.28
N GLY B 316 -28.62 -32.81 -12.24
CA GLY B 316 -28.91 -33.49 -10.99
C GLY B 316 -30.37 -33.39 -10.67
N ALA B 317 -30.67 -32.99 -9.43
CA ALA B 317 -32.04 -32.71 -9.02
C ALA B 317 -32.56 -31.37 -9.54
N GLY B 318 -31.74 -30.62 -10.25
CA GLY B 318 -32.19 -29.38 -10.85
C GLY B 318 -32.33 -28.29 -9.83
N HIS B 319 -33.51 -27.66 -9.80
CA HIS B 319 -33.76 -26.54 -8.91
C HIS B 319 -34.71 -26.92 -7.77
N LYS B 320 -34.80 -28.21 -7.46
CA LYS B 320 -35.59 -28.66 -6.33
C LYS B 320 -34.99 -28.15 -5.03
N GLY B 321 -35.77 -27.42 -4.24
CA GLY B 321 -35.23 -26.89 -3.01
C GLY B 321 -34.52 -25.56 -3.14
N ILE B 322 -34.42 -25.00 -4.34
CA ILE B 322 -33.87 -23.67 -4.49
C ILE B 322 -34.84 -22.62 -3.97
N PHE B 323 -36.15 -22.88 -4.13
CA PHE B 323 -37.18 -21.93 -3.69
C PHE B 323 -37.05 -21.59 -2.21
N GLU B 324 -36.91 -22.62 -1.37
CA GLU B 324 -36.79 -22.40 0.07
C GLU B 324 -35.44 -21.80 0.42
N THR B 325 -34.40 -22.19 -0.30
CA THR B 325 -33.05 -21.69 -0.03
C THR B 325 -32.97 -20.20 -0.30
N LEU B 326 -33.58 -19.74 -1.40
CA LEU B 326 -33.55 -18.33 -1.72
C LEU B 326 -34.48 -17.54 -0.81
N THR B 327 -35.65 -18.09 -0.50
CA THR B 327 -36.59 -17.38 0.36
C THR B 327 -36.06 -17.18 1.77
N ASN B 328 -35.37 -18.18 2.32
CA ASN B 328 -34.94 -18.07 3.71
C ASN B 328 -33.63 -17.30 3.88
N SER B 329 -32.87 -17.11 2.82
CA SER B 329 -31.56 -16.48 2.89
C SER B 329 -31.65 -15.07 2.36
N LEU B 330 -31.53 -14.09 3.25
CA LEU B 330 -31.46 -12.71 2.81
C LEU B 330 -30.15 -12.41 2.10
N HIS B 331 -29.08 -13.13 2.44
CA HIS B 331 -27.81 -12.94 1.74
C HIS B 331 -27.86 -13.44 0.30
N PHE B 332 -28.55 -14.55 0.04
CA PHE B 332 -28.76 -15.01 -1.34
C PHE B 332 -29.55 -13.97 -2.14
N GLN B 333 -30.60 -13.40 -1.53
CA GLN B 333 -31.37 -12.36 -2.18
C GLN B 333 -30.52 -11.12 -2.43
N LEU B 334 -29.69 -10.74 -1.45
CA LEU B 334 -28.80 -9.59 -1.62
C LEU B 334 -27.79 -9.84 -2.73
N GLY B 335 -27.22 -11.05 -2.81
CA GLY B 335 -26.26 -11.34 -3.86
C GLY B 335 -26.87 -11.27 -5.24
N LEU B 336 -28.07 -11.82 -5.40
CA LEU B 336 -28.77 -11.71 -6.69
C LEU B 336 -29.09 -10.26 -7.03
N ALA B 337 -29.58 -9.49 -6.04
CA ALA B 337 -29.92 -8.10 -6.28
C ALA B 337 -28.69 -7.26 -6.63
N LEU B 338 -27.58 -7.45 -5.91
CA LEU B 338 -26.39 -6.66 -6.18
C LEU B 338 -25.75 -7.03 -7.51
N ALA B 339 -25.76 -8.31 -7.90
CA ALA B 339 -25.22 -8.69 -9.20
C ALA B 339 -26.03 -8.07 -10.33
N SER B 340 -27.35 -8.13 -10.19
CA SER B 340 -28.24 -7.53 -11.18
C SER B 340 -28.07 -6.02 -11.25
N LEU B 341 -27.98 -5.39 -10.08
CA LEU B 341 -27.77 -3.95 -10.03
C LEU B 341 -26.42 -3.55 -10.61
N GLY B 342 -25.36 -4.34 -10.34
CA GLY B 342 -24.04 -4.03 -10.88
C GLY B 342 -23.99 -4.09 -12.38
N VAL B 343 -24.65 -5.07 -12.97
CA VAL B 343 -24.73 -5.12 -14.42
C VAL B 343 -25.47 -3.90 -14.94
N ILE B 344 -26.58 -3.51 -14.31
CA ILE B 344 -27.32 -2.34 -14.80
C ILE B 344 -26.55 -1.04 -14.68
N THR B 345 -25.88 -0.79 -13.56
CA THR B 345 -25.16 0.47 -13.47
C THR B 345 -23.98 0.47 -14.45
N SER B 346 -23.50 -0.71 -14.85
CA SER B 346 -22.55 -0.71 -15.97
C SER B 346 -23.24 -0.44 -17.30
N LEU B 347 -24.46 -0.96 -17.52
CA LEU B 347 -25.22 -0.58 -18.73
C LEU B 347 -25.54 0.91 -18.75
N VAL B 348 -25.86 1.47 -17.61
CA VAL B 348 -26.14 2.89 -17.52
C VAL B 348 -24.90 3.67 -17.94
N ALA B 349 -23.73 3.29 -17.42
CA ALA B 349 -22.50 3.96 -17.83
C ALA B 349 -22.22 3.81 -19.32
N GLN B 350 -22.43 2.62 -19.88
CA GLN B 350 -22.13 2.41 -21.30
C GLN B 350 -23.15 3.05 -22.22
N HIS B 351 -24.43 2.94 -21.92
CA HIS B 351 -25.45 3.48 -22.82
C HIS B 351 -25.68 4.95 -22.64
N MET B 352 -25.26 5.55 -21.52
CA MET B 352 -25.48 6.98 -21.39
C MET B 352 -24.38 7.81 -22.04
N TYR B 353 -23.23 7.23 -22.35
CA TYR B 353 -22.26 8.02 -23.08
C TYR B 353 -22.44 7.85 -24.56
N ALA B 354 -22.96 6.69 -24.97
CA ALA B 354 -23.15 6.41 -26.38
C ALA B 354 -24.48 6.88 -26.89
N LEU B 355 -25.51 6.84 -26.04
CA LEU B 355 -26.85 7.32 -26.39
C LEU B 355 -27.34 8.29 -25.32
N PRO B 356 -26.89 9.54 -25.36
CA PRO B 356 -27.31 10.49 -24.33
C PRO B 356 -28.74 10.95 -24.53
N SER B 357 -29.47 11.10 -23.42
CA SER B 357 -30.87 11.48 -23.47
C SER B 357 -31.10 12.91 -23.05
N TYR B 358 -30.13 13.55 -22.44
CA TYR B 358 -30.29 14.90 -21.91
C TYR B 358 -29.77 15.92 -22.90
N ALA B 359 -30.47 17.06 -22.97
CA ALA B 359 -30.13 18.07 -23.97
C ALA B 359 -28.82 18.74 -23.61
N PHE B 360 -27.95 18.90 -24.61
CA PHE B 360 -26.67 19.61 -24.58
C PHE B 360 -25.63 18.93 -23.71
N ILE B 361 -25.96 17.83 -23.07
CA ILE B 361 -24.95 16.98 -22.50
C ILE B 361 -24.34 16.19 -23.65
N ALA B 362 -23.11 15.72 -23.47
CA ALA B 362 -22.14 15.19 -24.45
C ALA B 362 -21.43 16.33 -25.15
N LYS B 363 -21.79 17.58 -24.88
CA LYS B 363 -20.88 18.70 -25.08
C LYS B 363 -20.29 19.18 -23.78
N ASP B 364 -20.75 18.66 -22.65
CA ASP B 364 -20.15 18.92 -21.35
C ASP B 364 -19.20 17.74 -21.10
N TYR B 365 -17.97 17.89 -21.59
CA TYR B 365 -16.98 16.83 -21.51
C TYR B 365 -16.63 16.48 -20.06
N VAL B 366 -16.67 17.45 -19.16
CA VAL B 366 -16.42 17.17 -17.75
C VAL B 366 -17.56 16.37 -17.15
N THR B 367 -18.81 16.76 -17.45
CA THR B 367 -19.96 16.02 -16.95
C THR B 367 -19.99 14.61 -17.52
N GLN B 368 -19.70 14.47 -18.82
CA GLN B 368 -19.70 13.17 -19.46
C GLN B 368 -18.64 12.24 -18.86
N SER B 369 -17.45 12.78 -18.56
CA SER B 369 -16.38 11.98 -17.99
C SER B 369 -16.68 11.60 -16.55
N ALA B 370 -17.17 12.56 -15.76
CA ALA B 370 -17.48 12.27 -14.37
C ALA B 370 -18.61 11.27 -14.26
N LEU B 371 -19.65 11.40 -15.09
CA LEU B 371 -20.78 10.46 -15.01
C LEU B 371 -20.36 9.04 -15.38
N TYR B 372 -19.52 8.89 -16.41
CA TYR B 372 -19.08 7.54 -16.75
C TYR B 372 -18.24 6.95 -15.64
N THR B 373 -17.24 7.69 -15.16
CA THR B 373 -16.39 7.20 -14.08
C THR B 373 -17.18 6.87 -12.82
N HIS B 374 -18.10 7.75 -12.45
CA HIS B 374 -18.93 7.55 -11.25
C HIS B 374 -19.68 6.25 -11.34
N HIS B 375 -20.35 5.99 -12.47
CA HIS B 375 -21.22 4.83 -12.49
C HIS B 375 -20.45 3.54 -12.71
N GLN B 376 -19.27 3.58 -13.33
CA GLN B 376 -18.44 2.38 -13.36
C GLN B 376 -17.86 2.02 -12.00
N TYR B 377 -17.48 3.02 -11.19
CA TYR B 377 -17.01 2.67 -9.85
C TYR B 377 -18.14 2.12 -8.98
N ILE B 378 -19.34 2.69 -9.10
CA ILE B 378 -20.50 2.13 -8.41
C ILE B 378 -20.75 0.71 -8.88
N ALA B 379 -20.58 0.45 -10.18
CA ALA B 379 -20.75 -0.88 -10.73
C ALA B 379 -19.78 -1.89 -10.13
N GLY B 380 -18.51 -1.51 -9.98
CA GLY B 380 -17.52 -2.42 -9.43
C GLY B 380 -17.78 -2.73 -7.96
N PHE B 381 -18.22 -1.73 -7.20
CA PHE B 381 -18.57 -1.97 -5.79
C PHE B 381 -19.77 -2.91 -5.66
N LEU B 382 -20.82 -2.69 -6.47
CA LEU B 382 -21.98 -3.58 -6.43
C LEU B 382 -21.63 -5.01 -6.83
N MET B 383 -20.69 -5.19 -7.77
CA MET B 383 -20.37 -6.55 -8.21
C MET B 383 -19.55 -7.30 -7.15
N VAL B 384 -18.62 -6.59 -6.52
CA VAL B 384 -17.88 -7.19 -5.41
C VAL B 384 -18.82 -7.56 -4.29
N GLY B 385 -19.78 -6.68 -3.97
CA GLY B 385 -20.74 -6.97 -2.91
C GLY B 385 -21.63 -8.18 -3.19
N ALA B 386 -21.99 -8.38 -4.45
CA ALA B 386 -22.79 -9.55 -4.80
C ALA B 386 -22.01 -10.83 -4.52
N PHE B 387 -20.74 -10.87 -4.90
CA PHE B 387 -19.96 -12.08 -4.59
C PHE B 387 -19.68 -12.23 -3.08
N ALA B 388 -19.49 -11.12 -2.37
CA ALA B 388 -19.30 -11.17 -0.93
C ALA B 388 -20.52 -11.73 -0.21
N HIS B 389 -21.71 -11.31 -0.60
CA HIS B 389 -22.91 -11.80 0.05
C HIS B 389 -23.27 -13.21 -0.41
N GLY B 390 -22.81 -13.65 -1.58
CA GLY B 390 -22.87 -15.08 -1.89
C GLY B 390 -21.95 -15.93 -1.02
N ALA B 391 -20.77 -15.42 -0.68
CA ALA B 391 -19.91 -16.11 0.27
C ALA B 391 -20.54 -16.17 1.66
N ILE B 392 -21.16 -15.06 2.09
CA ILE B 392 -21.84 -15.04 3.38
C ILE B 392 -23.01 -16.00 3.37
N PHE B 393 -23.68 -16.14 2.22
CA PHE B 393 -24.75 -17.12 2.07
C PHE B 393 -24.25 -18.53 2.31
N PHE B 394 -23.16 -18.92 1.62
CA PHE B 394 -22.67 -20.29 1.79
C PHE B 394 -22.24 -20.56 3.22
N VAL B 395 -21.54 -19.61 3.86
CA VAL B 395 -21.12 -19.83 5.24
C VAL B 395 -22.31 -19.94 6.18
N ARG B 396 -23.24 -19.00 6.09
CA ARG B 396 -24.24 -18.79 7.14
C ARG B 396 -25.59 -19.38 6.82
N ASP B 397 -26.07 -19.29 5.59
CA ASP B 397 -27.45 -19.60 5.29
C ASP B 397 -27.63 -20.87 4.47
N TYR B 398 -26.56 -21.50 4.02
CA TYR B 398 -26.69 -22.65 3.15
C TYR B 398 -26.75 -23.93 3.97
N ASP B 399 -27.78 -24.72 3.72
CA ASP B 399 -27.95 -26.01 4.37
C ASP B 399 -27.76 -27.10 3.33
N PRO B 400 -26.70 -27.90 3.42
CA PRO B 400 -26.44 -28.90 2.39
C PRO B 400 -27.51 -29.98 2.32
N GLU B 401 -28.31 -30.17 3.37
CA GLU B 401 -29.30 -31.23 3.42
C GLU B 401 -30.65 -30.83 2.82
N GLN B 402 -31.00 -29.54 2.80
CA GLN B 402 -32.14 -29.11 2.01
C GLN B 402 -31.79 -28.85 0.54
N ASN B 403 -30.55 -29.11 0.14
CA ASN B 403 -30.09 -28.80 -1.20
C ASN B 403 -29.44 -30.00 -1.87
N LYS B 404 -29.88 -31.21 -1.51
CA LYS B 404 -29.31 -32.46 -2.01
C LYS B 404 -29.33 -32.56 -3.53
N ASN B 405 -28.14 -32.53 -4.15
CA ASN B 405 -27.96 -32.74 -5.59
C ASN B 405 -28.59 -31.62 -6.42
N ASN B 406 -28.72 -30.43 -5.84
CA ASN B 406 -29.19 -29.25 -6.54
C ASN B 406 -28.16 -28.74 -7.53
N VAL B 407 -28.52 -27.64 -8.17
CA VAL B 407 -27.52 -26.86 -8.88
C VAL B 407 -26.49 -26.29 -7.92
N LEU B 408 -26.92 -25.87 -6.71
CA LEU B 408 -25.99 -25.32 -5.73
C LEU B 408 -25.01 -26.37 -5.21
N ALA B 409 -25.53 -27.52 -4.81
CA ALA B 409 -24.68 -28.58 -4.29
C ALA B 409 -23.74 -29.09 -5.36
N ARG B 410 -24.20 -29.18 -6.62
CA ARG B 410 -23.32 -29.64 -7.70
C ARG B 410 -22.27 -28.59 -8.09
N ILE B 411 -22.57 -27.31 -7.90
CA ILE B 411 -21.54 -26.28 -7.99
C ILE B 411 -20.44 -26.55 -6.97
N LEU B 412 -20.84 -26.79 -5.72
CA LEU B 412 -19.82 -27.06 -4.71
C LEU B 412 -19.14 -28.38 -4.96
N ASP B 413 -19.80 -29.27 -5.68
CA ASP B 413 -19.26 -30.58 -6.03
C ASP B 413 -18.20 -30.46 -7.12
N HIS B 414 -18.22 -29.40 -7.94
CA HIS B 414 -17.11 -29.28 -8.88
C HIS B 414 -16.41 -27.93 -8.78
N LYS B 415 -16.29 -27.45 -7.53
CA LYS B 415 -15.66 -26.16 -7.29
C LYS B 415 -14.17 -26.14 -7.70
N GLU B 416 -13.43 -27.25 -7.64
CA GLU B 416 -12.04 -27.22 -8.14
C GLU B 416 -11.97 -27.14 -9.65
N ALA B 417 -12.92 -27.73 -10.37
CA ALA B 417 -12.97 -27.55 -11.82
C ALA B 417 -13.21 -26.09 -12.17
N ILE B 418 -14.12 -25.45 -11.43
CA ILE B 418 -14.42 -24.04 -11.69
C ILE B 418 -13.22 -23.16 -11.36
N ILE B 419 -12.60 -23.38 -10.20
CA ILE B 419 -11.54 -22.49 -9.73
C ILE B 419 -10.28 -22.68 -10.57
N SER B 420 -9.98 -23.92 -10.96
CA SER B 420 -8.80 -24.13 -11.80
C SER B 420 -9.01 -23.61 -13.21
N HIS B 421 -10.24 -23.64 -13.75
CA HIS B 421 -10.39 -23.08 -15.09
C HIS B 421 -10.43 -21.55 -15.11
N LEU B 422 -10.91 -20.92 -14.05
CA LEU B 422 -10.66 -19.49 -13.89
C LEU B 422 -9.17 -19.20 -13.75
N SER B 423 -8.44 -20.05 -13.04
CA SER B 423 -7.00 -19.85 -12.90
C SER B 423 -6.29 -19.93 -14.24
N TRP B 424 -6.70 -20.90 -15.06
CA TRP B 424 -6.10 -21.05 -16.37
C TRP B 424 -6.44 -19.87 -17.26
N VAL B 425 -7.72 -19.47 -17.33
CA VAL B 425 -8.07 -18.38 -18.24
C VAL B 425 -7.46 -17.05 -17.79
N SER B 426 -7.33 -16.82 -16.48
CA SER B 426 -6.66 -15.62 -16.00
C SER B 426 -5.20 -15.62 -16.39
N LEU B 427 -4.51 -16.75 -16.19
CA LEU B 427 -3.11 -16.84 -16.61
C LEU B 427 -2.94 -16.76 -18.12
N PHE B 428 -3.80 -17.42 -18.88
CA PHE B 428 -3.82 -17.37 -20.33
C PHE B 428 -3.96 -15.95 -20.85
N LEU B 429 -4.92 -15.21 -20.31
CA LEU B 429 -5.09 -13.82 -20.67
C LEU B 429 -3.87 -12.99 -20.24
N GLY B 430 -3.39 -13.21 -19.01
CA GLY B 430 -2.35 -12.36 -18.47
C GLY B 430 -1.01 -12.48 -19.17
N PHE B 431 -0.58 -13.71 -19.44
CA PHE B 431 0.70 -13.95 -20.09
C PHE B 431 0.76 -13.28 -21.44
N HIS B 432 -0.29 -13.44 -22.23
CA HIS B 432 -0.21 -12.95 -23.60
C HIS B 432 -0.61 -11.50 -23.75
N THR B 433 -1.57 -10.99 -22.96
CA THR B 433 -1.85 -9.57 -23.05
C THR B 433 -0.65 -8.76 -22.58
N LEU B 434 -0.08 -9.11 -21.42
CA LEU B 434 1.12 -8.43 -20.98
C LEU B 434 2.30 -8.68 -21.92
N GLY B 435 2.40 -9.88 -22.50
CA GLY B 435 3.48 -10.15 -23.44
C GLY B 435 3.42 -9.30 -24.69
N ILE B 436 2.22 -9.09 -25.23
CA ILE B 436 2.08 -8.24 -26.42
C ILE B 436 2.35 -6.78 -26.06
N TYR B 437 1.85 -6.32 -24.90
CA TYR B 437 2.13 -4.94 -24.49
C TYR B 437 3.63 -4.70 -24.32
N VAL B 438 4.31 -5.60 -23.59
CA VAL B 438 5.76 -5.50 -23.42
C VAL B 438 6.48 -5.73 -24.74
N HIS B 439 5.87 -6.45 -25.68
CA HIS B 439 6.45 -6.64 -26.99
C HIS B 439 6.56 -5.33 -27.70
N ASN B 440 5.44 -4.62 -27.73
CA ASN B 440 5.36 -3.39 -28.47
C ASN B 440 6.20 -2.32 -27.80
N ASP B 441 6.18 -2.28 -26.47
CA ASP B 441 7.07 -1.39 -25.72
C ASP B 441 8.52 -1.58 -26.11
N VAL B 442 9.01 -2.83 -26.05
CA VAL B 442 10.41 -3.09 -26.32
C VAL B 442 10.75 -2.76 -27.77
N VAL B 443 9.85 -3.09 -28.70
CA VAL B 443 10.23 -2.96 -30.09
C VAL B 443 10.05 -1.51 -30.58
N VAL B 444 9.15 -0.74 -29.96
CA VAL B 444 9.05 0.69 -30.23
C VAL B 444 10.22 1.43 -29.61
N ALA B 445 10.69 0.96 -28.45
CA ALA B 445 11.84 1.58 -27.79
C ALA B 445 13.09 1.50 -28.65
N PHE B 446 13.28 0.39 -29.35
CA PHE B 446 14.43 0.23 -30.23
C PHE B 446 14.24 0.90 -31.58
N GLY B 447 13.25 1.78 -31.72
CA GLY B 447 13.08 2.52 -32.94
C GLY B 447 12.38 1.81 -34.07
N THR B 448 11.63 0.75 -33.78
CA THR B 448 11.02 -0.09 -34.82
C THR B 448 9.54 -0.33 -34.56
N PRO B 449 8.70 0.72 -34.60
CA PRO B 449 7.27 0.53 -34.30
C PRO B 449 6.54 -0.33 -35.31
N GLU B 450 7.10 -0.58 -36.49
CA GLU B 450 6.48 -1.43 -37.49
C GLU B 450 6.63 -2.91 -37.19
N LYS B 451 7.40 -3.29 -36.18
CA LYS B 451 7.44 -4.67 -35.74
C LYS B 451 6.46 -4.96 -34.61
N GLN B 452 5.62 -3.99 -34.24
CA GLN B 452 4.60 -4.19 -33.23
C GLN B 452 3.61 -5.26 -33.66
N ILE B 453 3.02 -5.94 -32.67
CA ILE B 453 1.94 -6.88 -32.92
C ILE B 453 0.65 -6.11 -32.74
N LEU B 454 0.02 -5.75 -33.85
CA LEU B 454 -1.16 -4.90 -33.85
C LEU B 454 -2.30 -5.72 -34.44
N VAL B 455 -3.17 -6.24 -33.59
CA VAL B 455 -4.28 -7.07 -34.06
C VAL B 455 -5.50 -6.20 -34.25
N GLU B 456 -6.10 -6.29 -35.41
CA GLU B 456 -7.32 -5.56 -35.71
C GLU B 456 -8.51 -6.21 -35.01
N PRO B 457 -9.32 -5.45 -34.27
CA PRO B 457 -10.45 -6.03 -33.55
C PRO B 457 -11.62 -6.31 -34.48
N VAL B 458 -11.42 -7.20 -35.44
CA VAL B 458 -12.36 -7.44 -36.53
C VAL B 458 -13.72 -7.90 -36.02
N PHE B 459 -13.77 -8.64 -34.91
CA PHE B 459 -15.07 -9.13 -34.42
C PHE B 459 -15.96 -7.98 -33.98
N ALA B 460 -15.41 -7.04 -33.22
CA ALA B 460 -16.18 -5.90 -32.79
C ALA B 460 -16.48 -4.96 -33.96
N GLN B 461 -15.55 -4.85 -34.90
CA GLN B 461 -15.78 -4.04 -36.09
C GLN B 461 -16.90 -4.62 -36.95
N TRP B 462 -16.98 -5.95 -37.02
CA TRP B 462 -18.07 -6.62 -37.70
C TRP B 462 -19.40 -6.42 -36.97
N ILE B 463 -19.38 -6.33 -35.63
CA ILE B 463 -20.62 -6.03 -34.91
C ILE B 463 -21.08 -4.60 -35.17
N GLN B 464 -20.12 -3.67 -35.21
CA GLN B 464 -20.42 -2.29 -35.55
C GLN B 464 -21.01 -2.20 -36.96
N ALA B 465 -20.44 -2.94 -37.90
CA ALA B 465 -20.98 -2.94 -39.25
C ALA B 465 -22.36 -3.58 -39.31
N SER B 466 -22.61 -4.62 -38.50
CA SER B 466 -23.93 -5.20 -38.43
C SER B 466 -24.96 -4.21 -37.93
N SER B 467 -24.55 -3.21 -37.16
CA SER B 467 -25.48 -2.18 -36.74
C SER B 467 -25.57 -1.03 -37.75
N GLY B 468 -24.87 -1.12 -38.87
CA GLY B 468 -24.93 -0.15 -39.93
C GLY B 468 -23.71 0.73 -40.10
N LYS B 469 -22.66 0.54 -39.30
CA LYS B 469 -21.45 1.35 -39.44
C LYS B 469 -20.77 1.04 -40.76
N ALA B 470 -20.63 2.05 -41.62
CA ALA B 470 -20.06 1.83 -42.95
C ALA B 470 -18.59 2.24 -43.00
N LEU B 471 -17.84 1.98 -41.93
CA LEU B 471 -16.49 2.51 -41.78
C LEU B 471 -15.42 1.47 -42.07
N TYR B 472 -15.79 0.19 -42.02
CA TYR B 472 -14.83 -0.88 -42.22
C TYR B 472 -15.12 -1.68 -43.48
N GLY B 473 -16.07 -1.22 -44.30
CA GLY B 473 -16.39 -1.88 -45.55
C GLY B 473 -16.84 -3.30 -45.43
N PHE B 474 -17.47 -3.65 -44.29
CA PHE B 474 -18.11 -4.98 -44.16
C PHE B 474 -19.56 -4.78 -44.58
N ASP B 475 -20.07 -5.56 -45.52
CA ASP B 475 -21.45 -5.31 -46.06
C ASP B 475 -22.50 -6.18 -45.37
N VAL B 476 -22.14 -6.88 -44.30
CA VAL B 476 -23.11 -7.83 -43.67
C VAL B 476 -24.25 -7.10 -42.95
N LEU B 477 -25.47 -7.64 -42.98
CA LEU B 477 -26.64 -7.09 -42.24
C LEU B 477 -27.01 -5.65 -42.61
N LEU B 478 -27.14 -4.77 -41.61
CA LEU B 478 -27.64 -3.38 -41.85
C LEU B 478 -26.71 -2.61 -42.81
N SER B 479 -25.41 -2.88 -42.78
CA SER B 479 -24.45 -2.12 -43.61
C SER B 479 -24.82 -2.27 -45.10
N SER B 480 -25.25 -3.46 -45.54
CA SER B 480 -25.69 -3.64 -46.94
C SER B 480 -26.91 -2.77 -47.23
N THR B 481 -26.95 -2.13 -48.40
CA THR B 481 -28.14 -1.34 -48.79
C THR B 481 -29.33 -2.31 -48.94
N ASN B 482 -29.09 -3.48 -49.52
CA ASN B 482 -30.17 -4.50 -49.66
C ASN B 482 -29.89 -5.65 -48.70
N SER B 483 -30.80 -5.90 -47.76
CA SER B 483 -30.65 -6.99 -46.77
C SER B 483 -31.96 -7.09 -46.00
N VAL B 484 -32.37 -8.29 -45.57
CA VAL B 484 -33.68 -8.40 -44.93
C VAL B 484 -33.70 -7.59 -43.63
N ALA B 485 -32.58 -7.57 -42.90
CA ALA B 485 -32.48 -6.77 -41.69
C ALA B 485 -32.62 -5.29 -42.02
N ALA B 486 -31.88 -4.83 -43.04
CA ALA B 486 -31.91 -3.43 -43.42
C ALA B 486 -33.27 -3.05 -43.98
N ASN B 487 -33.89 -3.93 -44.76
CA ASN B 487 -35.18 -3.57 -45.34
C ASN B 487 -36.30 -3.58 -44.31
N ALA B 488 -36.18 -4.39 -43.27
CA ALA B 488 -37.26 -4.48 -42.29
C ALA B 488 -37.42 -3.20 -41.47
N SER B 489 -36.32 -2.58 -41.07
CA SER B 489 -36.39 -1.40 -40.20
C SER B 489 -36.43 -0.09 -40.96
N SER B 490 -36.48 -0.17 -42.29
CA SER B 490 -36.34 1.02 -43.15
C SER B 490 -37.43 2.05 -42.90
N ASN B 491 -38.66 1.61 -42.66
CA ASN B 491 -39.73 2.57 -42.46
C ASN B 491 -39.74 3.20 -41.08
N ILE B 492 -39.00 2.66 -40.11
CA ILE B 492 -39.16 3.20 -38.76
C ILE B 492 -37.92 3.96 -38.29
N TRP B 493 -36.97 3.26 -37.72
CA TRP B 493 -35.83 3.88 -37.07
C TRP B 493 -34.56 3.88 -37.88
N LEU B 494 -34.52 3.11 -38.98
CA LEU B 494 -33.25 2.85 -39.66
C LEU B 494 -32.64 4.12 -40.24
N PRO B 495 -33.37 5.03 -40.94
CA PRO B 495 -32.73 6.27 -41.40
C PRO B 495 -32.07 7.11 -40.31
N GLY B 496 -32.74 7.32 -39.19
CA GLY B 496 -32.18 8.15 -38.14
C GLY B 496 -31.04 7.45 -37.42
N TRP B 497 -31.11 6.13 -37.33
CA TRP B 497 -30.02 5.38 -36.73
C TRP B 497 -28.79 5.38 -37.61
N LEU B 498 -28.96 5.27 -38.93
CA LEU B 498 -27.78 5.33 -39.81
C LEU B 498 -27.18 6.73 -39.83
N GLU B 499 -28.03 7.75 -39.75
CA GLU B 499 -27.51 9.10 -39.65
C GLU B 499 -26.71 9.27 -38.36
N ALA B 500 -27.19 8.66 -37.27
CA ALA B 500 -26.50 8.81 -36.00
C ALA B 500 -25.21 7.99 -35.95
N ILE B 501 -25.21 6.79 -36.53
CA ILE B 501 -24.07 5.90 -36.38
C ILE B 501 -22.98 6.15 -37.43
N ASN B 502 -23.30 6.86 -38.51
CA ASN B 502 -22.33 7.14 -39.55
C ASN B 502 -21.88 8.59 -39.59
N SER B 503 -22.25 9.39 -38.60
CA SER B 503 -21.58 10.65 -38.34
C SER B 503 -20.47 10.42 -37.33
N GLY B 504 -19.29 10.99 -37.59
CA GLY B 504 -18.21 10.88 -36.63
C GLY B 504 -18.20 12.02 -35.63
N LYS B 505 -19.37 12.37 -35.13
CA LYS B 505 -19.55 13.53 -34.28
C LYS B 505 -20.20 13.15 -32.97
N ASN B 506 -20.28 11.86 -32.67
CA ASN B 506 -20.88 11.39 -31.45
C ASN B 506 -20.05 10.21 -30.95
N SER B 507 -20.56 9.50 -29.94
CA SER B 507 -19.85 8.37 -29.36
C SER B 507 -20.60 7.07 -29.63
N LEU B 508 -21.51 7.08 -30.59
CA LEU B 508 -22.22 5.87 -30.96
C LEU B 508 -21.28 5.00 -31.78
N PHE B 509 -20.92 3.84 -31.23
CA PHE B 509 -20.03 2.87 -31.87
C PHE B 509 -18.75 3.51 -32.40
N LEU B 510 -17.98 4.06 -31.48
CA LEU B 510 -16.73 4.75 -31.79
C LEU B 510 -15.78 3.85 -32.59
N PRO B 511 -15.03 4.40 -33.54
CA PRO B 511 -14.07 3.60 -34.30
C PRO B 511 -13.01 2.97 -33.39
N ILE B 512 -12.66 1.73 -33.71
CA ILE B 512 -11.77 0.95 -32.87
C ILE B 512 -10.61 0.41 -33.70
N GLY B 513 -9.50 0.13 -33.02
CA GLY B 513 -8.32 -0.38 -33.65
C GLY B 513 -7.51 -1.29 -32.74
N PRO B 514 -6.21 -1.47 -33.04
CA PRO B 514 -5.35 -2.32 -32.21
C PRO B 514 -5.21 -1.89 -30.75
N GLY B 515 -5.27 -0.59 -30.46
CA GLY B 515 -5.21 -0.16 -29.08
C GLY B 515 -6.45 -0.57 -28.30
N ASP B 516 -7.60 -0.57 -28.97
CA ASP B 516 -8.85 -1.02 -28.36
C ASP B 516 -8.87 -2.53 -28.19
N PHE B 517 -8.26 -3.28 -29.11
CA PHE B 517 -8.11 -4.72 -28.97
C PHE B 517 -7.29 -5.06 -27.73
N LEU B 518 -6.16 -4.37 -27.55
CA LEU B 518 -5.29 -4.71 -26.44
C LEU B 518 -5.93 -4.34 -25.12
N ILE B 519 -6.59 -3.18 -25.06
CA ILE B 519 -7.19 -2.81 -23.78
C ILE B 519 -8.41 -3.68 -23.47
N HIS B 520 -9.12 -4.16 -24.50
CA HIS B 520 -10.27 -5.07 -24.24
C HIS B 520 -9.78 -6.38 -23.61
N HIS B 521 -8.68 -6.94 -24.12
CA HIS B 521 -8.10 -8.17 -23.53
C HIS B 521 -7.61 -7.91 -22.10
N ALA B 522 -7.03 -6.73 -21.85
CA ALA B 522 -6.62 -6.38 -20.48
C ALA B 522 -7.85 -6.33 -19.57
N ILE B 523 -8.95 -5.76 -20.07
CA ILE B 523 -10.21 -5.69 -19.27
C ILE B 523 -10.70 -7.12 -19.01
N ALA B 524 -10.62 -8.00 -20.01
CA ALA B 524 -11.05 -9.41 -19.85
C ALA B 524 -10.18 -10.09 -18.79
N LEU B 525 -8.87 -9.83 -18.81
CA LEU B 525 -7.94 -10.43 -17.82
C LEU B 525 -8.36 -9.93 -16.43
N ALA B 526 -8.62 -8.63 -16.31
CA ALA B 526 -8.98 -8.05 -14.99
C ALA B 526 -10.30 -8.64 -14.49
N LEU B 527 -11.28 -8.80 -15.38
CA LEU B 527 -12.61 -9.34 -14.98
C LEU B 527 -12.42 -10.78 -14.50
N HIS B 528 -11.80 -11.64 -15.32
CA HIS B 528 -11.64 -13.04 -14.95
C HIS B 528 -10.83 -13.22 -13.66
N THR B 529 -9.87 -12.33 -13.38
CA THR B 529 -9.09 -12.48 -12.15
C THR B 529 -9.86 -12.01 -10.93
N THR B 530 -10.61 -10.91 -11.03
CA THR B 530 -11.47 -10.52 -9.92
C THR B 530 -12.53 -11.57 -9.67
N THR B 531 -13.08 -12.15 -10.74
CA THR B 531 -14.04 -13.23 -10.60
C THR B 531 -13.42 -14.44 -9.95
N LEU B 532 -12.16 -14.77 -10.30
CA LEU B 532 -11.43 -15.85 -9.66
C LEU B 532 -11.37 -15.66 -8.15
N ILE B 533 -10.92 -14.50 -7.71
CA ILE B 533 -10.70 -14.27 -6.28
C ILE B 533 -12.04 -14.35 -5.55
N LEU B 534 -13.08 -13.75 -6.12
CA LEU B 534 -14.38 -13.75 -5.44
C LEU B 534 -15.03 -15.12 -5.45
N VAL B 535 -14.98 -15.83 -6.57
CA VAL B 535 -15.53 -17.17 -6.66
C VAL B 535 -14.78 -18.14 -5.75
N LYS B 536 -13.46 -18.04 -5.72
CA LYS B 536 -12.66 -18.86 -4.84
C LYS B 536 -13.00 -18.56 -3.38
N GLY B 537 -13.28 -17.31 -3.05
CA GLY B 537 -13.73 -17.01 -1.71
C GLY B 537 -15.10 -17.58 -1.39
N ALA B 538 -16.02 -17.55 -2.36
CA ALA B 538 -17.36 -18.07 -2.10
C ALA B 538 -17.37 -19.58 -2.00
N LEU B 539 -16.65 -20.28 -2.88
CA LEU B 539 -16.69 -21.73 -2.92
C LEU B 539 -15.81 -22.37 -1.86
N ASP B 540 -14.78 -21.69 -1.38
CA ASP B 540 -13.95 -22.20 -0.30
C ASP B 540 -14.37 -21.65 1.05
N ALA B 541 -15.46 -20.89 1.09
CA ALA B 541 -15.93 -20.26 2.31
C ALA B 541 -16.30 -21.29 3.37
N ARG B 542 -17.03 -22.34 2.97
CA ARG B 542 -17.44 -23.35 3.92
C ARG B 542 -16.28 -24.22 4.38
N GLY B 543 -15.39 -24.61 3.47
CA GLY B 543 -14.21 -25.38 3.88
C GLY B 543 -13.19 -25.49 2.76
N SER B 544 -12.00 -25.91 3.14
CA SER B 544 -10.89 -26.14 2.21
C SER B 544 -10.04 -27.28 2.76
N LYS B 545 -8.84 -27.46 2.23
CA LYS B 545 -7.96 -28.47 2.81
C LYS B 545 -7.19 -27.96 4.01
N LEU B 546 -6.80 -26.69 4.05
CA LEU B 546 -6.20 -26.13 5.26
C LEU B 546 -7.19 -26.09 6.41
N MET B 547 -8.37 -25.50 6.19
CA MET B 547 -9.43 -25.49 7.20
C MET B 547 -10.64 -26.22 6.63
N PRO B 548 -10.73 -27.53 6.83
CA PRO B 548 -11.96 -28.25 6.45
C PRO B 548 -13.17 -27.83 7.25
N ASP B 549 -13.00 -27.21 8.41
CA ASP B 549 -14.08 -26.71 9.24
C ASP B 549 -14.21 -25.19 9.24
N LYS B 550 -13.88 -24.54 8.11
CA LYS B 550 -13.86 -23.07 8.06
C LYS B 550 -15.22 -22.45 8.38
N LYS B 551 -16.31 -23.18 8.15
CA LYS B 551 -17.63 -22.63 8.40
C LYS B 551 -17.93 -22.46 9.89
N ASP B 552 -17.24 -23.18 10.77
CA ASP B 552 -17.45 -23.02 12.20
C ASP B 552 -16.89 -21.71 12.72
N PHE B 553 -16.05 -21.04 11.95
CA PHE B 553 -15.40 -19.83 12.43
C PHE B 553 -16.05 -18.57 11.91
N GLY B 554 -16.89 -18.66 10.88
CA GLY B 554 -17.64 -17.54 10.40
C GLY B 554 -17.20 -17.08 9.03
N TYR B 555 -17.48 -15.82 8.74
CA TYR B 555 -17.09 -15.20 7.49
C TYR B 555 -15.77 -14.44 7.63
N ALA B 556 -15.64 -13.65 8.69
CA ALA B 556 -14.47 -12.80 8.92
C ALA B 556 -13.78 -13.22 10.22
N PHE B 557 -12.68 -13.94 10.10
CA PHE B 557 -11.78 -14.26 11.20
C PHE B 557 -10.36 -14.05 10.72
N PRO B 558 -9.43 -13.70 11.62
CA PRO B 558 -8.08 -13.34 11.16
C PRO B 558 -7.32 -14.44 10.46
N CYS B 559 -7.26 -15.62 11.05
CA CYS B 559 -6.45 -16.73 10.57
C CYS B 559 -6.73 -17.93 11.43
N ASP B 560 -6.06 -19.03 11.14
CA ASP B 560 -6.10 -20.20 12.01
C ASP B 560 -4.78 -20.42 12.72
N GLY B 561 -3.90 -19.42 12.72
CA GLY B 561 -2.64 -19.51 13.41
C GLY B 561 -1.51 -19.89 12.48
N PRO B 562 -0.30 -19.96 13.05
CA PRO B 562 0.89 -20.25 12.24
C PRO B 562 1.11 -21.72 11.95
N GLY B 563 0.30 -22.60 12.51
CA GLY B 563 0.47 -24.01 12.26
C GLY B 563 -0.05 -24.38 10.89
N ARG B 564 0.30 -25.60 10.47
CA ARG B 564 -0.01 -26.14 9.15
C ARG B 564 0.59 -25.28 8.04
N GLY B 565 1.69 -24.59 8.34
CA GLY B 565 2.41 -23.78 7.40
C GLY B 565 2.11 -22.29 7.47
N GLY B 566 0.99 -21.92 8.08
CA GLY B 566 0.56 -20.52 8.10
C GLY B 566 -0.75 -20.32 7.37
N THR B 567 -1.65 -19.52 7.95
CA THR B 567 -3.02 -19.42 7.46
C THR B 567 -3.50 -17.98 7.41
N CYS B 568 -2.61 -17.06 7.07
CA CYS B 568 -3.03 -15.67 6.91
C CYS B 568 -3.97 -15.54 5.72
N ASP B 569 -4.98 -14.69 5.86
CA ASP B 569 -5.94 -14.40 4.80
C ASP B 569 -6.70 -15.63 4.31
N ILE B 570 -7.03 -16.52 5.24
CA ILE B 570 -7.68 -17.78 4.86
C ILE B 570 -9.20 -17.68 4.87
N SER B 571 -9.78 -16.63 5.41
CA SER B 571 -11.21 -16.52 5.50
C SER B 571 -11.78 -16.02 4.17
N ALA B 572 -13.08 -16.25 3.97
CA ALA B 572 -13.77 -15.74 2.78
C ALA B 572 -13.79 -14.21 2.75
N TRP B 573 -13.82 -13.59 3.93
CA TRP B 573 -13.71 -12.15 4.01
C TRP B 573 -12.42 -11.66 3.39
N ASP B 574 -11.34 -12.39 3.60
CA ASP B 574 -10.05 -12.00 3.04
C ASP B 574 -10.01 -12.15 1.54
N ALA B 575 -10.93 -12.94 0.96
CA ALA B 575 -11.04 -12.98 -0.47
C ALA B 575 -11.85 -11.81 -1.00
N PHE B 576 -12.79 -11.29 -0.20
CA PHE B 576 -13.36 -9.99 -0.54
C PHE B 576 -12.29 -8.90 -0.52
N TYR B 577 -11.50 -8.87 0.56
CA TYR B 577 -10.40 -7.95 0.74
C TYR B 577 -9.43 -7.98 -0.42
N LEU B 578 -9.06 -9.16 -0.89
CA LEU B 578 -8.12 -9.27 -1.99
C LEU B 578 -8.74 -8.92 -3.33
N SER B 579 -10.03 -9.21 -3.53
CA SER B 579 -10.67 -8.83 -4.77
C SER B 579 -10.97 -7.34 -4.86
N MET B 580 -10.91 -6.62 -3.75
CA MET B 580 -11.17 -5.18 -3.80
C MET B 580 -10.07 -4.45 -4.54
N PHE B 581 -8.83 -4.92 -4.39
CA PHE B 581 -7.71 -4.36 -5.16
C PHE B 581 -7.89 -4.62 -6.65
N TRP B 582 -8.38 -5.79 -7.01
CA TRP B 582 -8.55 -6.11 -8.43
C TRP B 582 -9.75 -5.41 -9.02
N MET B 583 -10.79 -5.15 -8.23
CA MET B 583 -11.87 -4.33 -8.73
C MET B 583 -11.38 -2.91 -8.98
N LEU B 584 -10.59 -2.36 -8.06
CA LEU B 584 -10.05 -1.02 -8.26
C LEU B 584 -9.15 -0.97 -9.49
N ASN B 585 -8.35 -2.00 -9.68
CA ASN B 585 -7.49 -2.08 -10.86
C ASN B 585 -8.30 -2.17 -12.15
N THR B 586 -9.35 -2.99 -12.19
CA THR B 586 -10.10 -3.11 -13.44
C THR B 586 -10.87 -1.83 -13.76
N ILE B 587 -11.49 -1.19 -12.76
CA ILE B 587 -12.20 0.05 -13.05
C ILE B 587 -11.20 1.13 -13.43
N GLY B 588 -9.97 1.06 -12.91
CA GLY B 588 -8.92 1.93 -13.39
C GLY B 588 -8.63 1.73 -14.86
N TRP B 589 -8.44 0.49 -15.29
CA TRP B 589 -8.17 0.23 -16.71
C TRP B 589 -9.33 0.66 -17.61
N VAL B 590 -10.57 0.44 -17.14
CA VAL B 590 -11.74 0.81 -17.91
C VAL B 590 -11.88 2.32 -18.04
N THR B 591 -11.74 3.05 -16.93
CA THR B 591 -11.96 4.49 -17.00
C THR B 591 -10.77 5.21 -17.63
N PHE B 592 -9.56 4.69 -17.47
CA PHE B 592 -8.41 5.22 -18.19
C PHE B 592 -8.61 5.09 -19.69
N TYR B 593 -9.13 3.94 -20.13
CA TYR B 593 -9.39 3.72 -21.55
C TYR B 593 -10.47 4.66 -22.07
N TRP B 594 -11.61 4.73 -21.36
CA TRP B 594 -12.69 5.62 -21.77
C TRP B 594 -12.22 7.07 -21.84
N HIS B 595 -11.48 7.51 -20.82
CA HIS B 595 -11.14 8.92 -20.75
C HIS B 595 -10.09 9.29 -21.77
N TRP B 596 -9.06 8.46 -21.97
CA TRP B 596 -8.06 8.77 -22.98
C TRP B 596 -8.65 8.76 -24.39
N LYS B 597 -9.47 7.76 -24.70
CA LYS B 597 -10.09 7.72 -26.02
C LYS B 597 -10.99 8.93 -26.24
N HIS B 598 -11.67 9.39 -25.20
CA HIS B 598 -12.56 10.50 -25.42
C HIS B 598 -11.83 11.84 -25.46
N ILE B 599 -10.81 12.06 -24.63
CA ILE B 599 -10.13 13.35 -24.72
C ILE B 599 -9.38 13.47 -26.03
N THR B 600 -8.83 12.37 -26.56
CA THR B 600 -8.20 12.48 -27.87
C THR B 600 -9.22 12.73 -28.97
N ILE B 601 -10.39 12.09 -28.92
CA ILE B 601 -11.44 12.39 -29.91
C ILE B 601 -11.94 13.82 -29.78
N TRP B 602 -12.18 14.29 -28.55
CA TRP B 602 -12.72 15.61 -28.34
C TRP B 602 -11.74 16.71 -28.73
N GLN B 603 -10.43 16.44 -28.68
CA GLN B 603 -9.47 17.41 -29.20
C GLN B 603 -9.47 17.43 -30.71
N GLY B 604 -9.86 16.35 -31.36
CA GLY B 604 -9.67 16.18 -32.77
C GLY B 604 -8.43 15.41 -33.15
N ASN B 605 -7.83 14.68 -32.22
CA ASN B 605 -6.55 14.01 -32.39
C ASN B 605 -6.66 12.52 -32.04
N ALA B 606 -7.66 11.82 -32.59
CA ALA B 606 -7.84 10.41 -32.31
C ALA B 606 -6.61 9.58 -32.69
N GLY B 607 -5.81 10.03 -33.65
CA GLY B 607 -4.60 9.34 -34.03
C GLY B 607 -3.56 9.27 -32.92
N GLN B 608 -3.65 10.16 -31.94
CA GLN B 608 -2.74 10.09 -30.80
C GLN B 608 -3.05 8.89 -29.92
N PHE B 609 -4.34 8.60 -29.71
CA PHE B 609 -4.70 7.37 -29.03
C PHE B 609 -4.35 6.18 -29.91
N ASN B 610 -4.58 6.29 -31.21
CA ASN B 610 -4.41 5.13 -32.10
C ASN B 610 -2.98 4.65 -32.13
N GLU B 611 -2.03 5.56 -32.08
CA GLU B 611 -0.63 5.17 -32.16
C GLU B 611 -0.03 4.92 -30.79
N SER B 612 -0.42 5.68 -29.77
CA SER B 612 0.26 5.52 -28.49
C SER B 612 -0.36 4.46 -27.58
N SER B 613 -1.55 3.95 -27.88
CA SER B 613 -2.18 3.04 -26.94
C SER B 613 -1.66 1.62 -27.01
N THR B 614 -0.82 1.31 -27.98
CA THR B 614 -0.41 -0.06 -28.20
C THR B 614 0.82 -0.44 -27.41
N TYR B 615 1.45 0.51 -26.73
CA TYR B 615 2.51 0.23 -25.77
C TYR B 615 2.24 1.02 -24.50
N ILE B 616 2.88 0.62 -23.40
CA ILE B 616 2.55 1.19 -22.09
C ILE B 616 3.20 2.55 -21.85
N MET B 617 4.30 2.86 -22.55
CA MET B 617 4.85 4.21 -22.43
C MET B 617 3.94 5.23 -23.08
N GLY B 618 3.15 4.82 -24.07
CA GLY B 618 2.14 5.72 -24.59
C GLY B 618 1.09 6.07 -23.56
N TRP B 619 0.69 5.10 -22.75
CA TRP B 619 -0.24 5.39 -21.67
C TRP B 619 0.40 6.23 -20.59
N LEU B 620 1.68 6.06 -20.35
CA LEU B 620 2.31 6.80 -19.27
C LEU B 620 2.58 8.25 -19.64
N ARG B 621 3.20 8.51 -20.79
CA ARG B 621 3.49 9.90 -21.12
C ARG B 621 2.35 10.62 -21.82
N ASP B 622 1.62 9.98 -22.72
CA ASP B 622 0.60 10.70 -23.48
C ASP B 622 -0.74 10.78 -22.79
N TYR B 623 -0.96 10.01 -21.73
CA TYR B 623 -2.20 10.15 -20.98
C TYR B 623 -1.94 10.68 -19.57
N LEU B 624 -1.15 10.01 -18.75
CA LEU B 624 -1.01 10.45 -17.37
C LEU B 624 -0.12 11.70 -17.28
N TRP B 625 1.04 11.66 -17.94
CA TRP B 625 2.02 12.72 -17.81
C TRP B 625 1.57 13.96 -18.58
N LEU B 626 1.04 13.77 -19.79
CA LEU B 626 0.67 14.90 -20.64
C LEU B 626 -0.53 15.66 -20.07
N ASN B 627 -1.51 14.95 -19.54
CA ASN B 627 -2.72 15.56 -19.00
C ASN B 627 -2.58 15.95 -17.54
N SER B 628 -1.48 15.61 -16.88
CA SER B 628 -1.32 16.04 -15.50
C SER B 628 -1.07 17.54 -15.39
N SER B 629 -0.48 18.16 -16.40
CA SER B 629 0.04 19.52 -16.27
C SER B 629 -1.00 20.60 -15.92
N PRO B 630 -2.23 20.64 -16.48
CA PRO B 630 -3.19 21.63 -15.93
C PRO B 630 -3.58 21.34 -14.50
N LEU B 631 -3.57 20.07 -14.10
CA LEU B 631 -4.01 19.68 -12.76
C LEU B 631 -2.98 20.08 -11.71
N ILE B 632 -1.71 19.80 -11.96
CA ILE B 632 -0.68 20.08 -10.97
C ILE B 632 -0.25 21.53 -10.99
N ASN B 633 -0.76 22.32 -11.91
CA ASN B 633 -0.53 23.76 -11.94
C ASN B 633 -1.71 24.54 -11.40
N GLY B 634 -2.65 23.87 -10.73
CA GLY B 634 -3.76 24.57 -10.11
C GLY B 634 -3.31 25.57 -9.07
N TYR B 635 -2.19 25.31 -8.41
CA TYR B 635 -1.46 26.35 -7.70
C TYR B 635 0.02 26.10 -7.92
N ASN B 636 0.79 27.16 -7.85
CA ASN B 636 2.24 27.12 -8.03
C ASN B 636 2.80 28.39 -7.42
N PRO B 637 4.14 28.61 -7.37
CA PRO B 637 4.64 29.88 -6.79
C PRO B 637 4.25 31.16 -7.51
N PHE B 638 3.50 31.06 -8.59
CA PHE B 638 3.09 32.20 -9.38
C PHE B 638 1.62 32.55 -9.23
N GLY B 639 0.86 31.79 -8.45
CA GLY B 639 -0.54 32.11 -8.22
C GLY B 639 -1.37 30.86 -8.02
N MET B 640 -2.68 31.01 -8.15
CA MET B 640 -3.61 29.90 -8.11
C MET B 640 -4.82 30.25 -8.96
N ASN B 641 -5.55 29.22 -9.39
CA ASN B 641 -6.78 29.38 -10.15
C ASN B 641 -7.82 28.44 -9.58
N SER B 642 -8.93 28.29 -10.29
CA SER B 642 -10.05 27.52 -9.76
C SER B 642 -9.79 26.01 -9.76
N LEU B 643 -8.74 25.54 -10.44
CA LEU B 643 -8.32 24.14 -10.35
C LEU B 643 -7.45 23.89 -9.13
N SER B 644 -7.35 24.84 -8.22
CA SER B 644 -6.55 24.66 -7.03
C SER B 644 -7.13 23.61 -6.09
N VAL B 645 -8.45 23.45 -6.09
CA VAL B 645 -9.05 22.48 -5.18
C VAL B 645 -8.79 21.06 -5.67
N TRP B 646 -8.88 20.82 -6.98
CA TRP B 646 -8.59 19.48 -7.48
C TRP B 646 -7.12 19.16 -7.34
N SER B 647 -6.28 20.19 -7.52
CA SER B 647 -4.84 20.07 -7.30
C SER B 647 -4.53 19.69 -5.87
N TRP B 648 -5.37 20.10 -4.92
CA TRP B 648 -5.17 19.70 -3.54
C TRP B 648 -5.73 18.31 -3.30
N MET B 649 -6.91 18.04 -3.86
CA MET B 649 -7.50 16.70 -3.77
C MET B 649 -6.60 15.64 -4.38
N PHE B 650 -5.87 16.01 -5.41
CA PHE B 650 -4.96 15.10 -6.06
C PHE B 650 -3.88 14.66 -5.09
N LEU B 651 -3.25 15.62 -4.44
CA LEU B 651 -2.26 15.27 -3.41
C LEU B 651 -2.90 14.56 -2.24
N PHE B 652 -4.09 15.01 -1.85
CA PHE B 652 -4.85 14.37 -0.80
C PHE B 652 -5.06 12.89 -1.11
N GLY B 653 -5.38 12.60 -2.36
CA GLY B 653 -5.57 11.22 -2.75
C GLY B 653 -4.30 10.42 -2.70
N HIS B 654 -3.18 11.01 -3.08
CA HIS B 654 -1.92 10.32 -2.96
C HIS B 654 -1.57 10.05 -1.51
N LEU B 655 -1.99 10.91 -0.58
CA LEU B 655 -1.62 10.69 0.81
C LEU B 655 -2.39 9.53 1.44
N ILE B 656 -3.71 9.52 1.25
CA ILE B 656 -4.56 8.50 1.88
C ILE B 656 -4.18 7.13 1.37
N TRP B 657 -3.97 7.04 0.06
CA TRP B 657 -3.59 5.79 -0.58
C TRP B 657 -2.32 5.24 0.03
N ALA B 658 -1.33 6.11 0.22
CA ALA B 658 -0.08 5.64 0.76
C ALA B 658 -0.20 5.32 2.24
N THR B 659 -1.03 6.06 2.96
CA THR B 659 -1.27 5.74 4.35
C THR B 659 -1.90 4.36 4.48
N GLY B 660 -2.65 3.93 3.46
CA GLY B 660 -3.20 2.59 3.47
C GLY B 660 -2.13 1.54 3.47
N PHE B 661 -1.01 1.82 2.82
CA PHE B 661 0.11 0.88 2.79
C PHE B 661 0.59 0.56 4.20
N MET B 662 0.55 1.54 5.10
CA MET B 662 1.03 1.29 6.46
C MET B 662 0.19 0.23 7.16
N PHE B 663 -1.11 0.24 6.93
CA PHE B 663 -1.96 -0.77 7.51
C PHE B 663 -1.87 -2.09 6.78
N LEU B 664 -1.45 -2.08 5.52
CA LEU B 664 -1.43 -3.30 4.73
C LEU B 664 -0.11 -4.03 4.77
N ILE B 665 0.99 -3.33 5.00
CA ILE B 665 2.32 -3.93 5.01
C ILE B 665 2.76 -4.29 6.41
N SER B 666 2.61 -3.39 7.37
CA SER B 666 3.01 -3.65 8.75
C SER B 666 1.86 -4.21 9.54
N TRP B 667 2.12 -5.25 10.33
CA TRP B 667 1.07 -5.98 11.03
C TRP B 667 1.21 -5.84 12.56
N ARG B 668 0.24 -6.46 13.26
CA ARG B 668 -0.13 -6.11 14.64
C ARG B 668 0.99 -6.14 15.69
N GLY B 669 1.85 -7.17 15.69
CA GLY B 669 2.76 -7.35 16.81
C GLY B 669 3.70 -6.18 17.05
N TYR B 670 4.20 -5.57 15.98
CA TYR B 670 5.06 -4.40 16.10
C TYR B 670 4.33 -3.28 16.82
N TRP B 671 3.08 -3.07 16.47
CA TRP B 671 2.36 -1.92 16.98
C TRP B 671 1.90 -2.12 18.41
N GLN B 672 1.51 -3.35 18.77
CA GLN B 672 1.15 -3.64 20.15
C GLN B 672 2.35 -3.43 21.06
N GLU B 673 3.57 -3.72 20.61
CA GLU B 673 4.72 -3.51 21.49
C GLU B 673 5.05 -2.02 21.64
N LEU B 674 4.91 -1.24 20.56
CA LEU B 674 5.01 0.21 20.71
C LEU B 674 3.98 0.75 21.71
N ILE B 675 2.72 0.34 21.55
CA ILE B 675 1.65 0.85 22.39
C ILE B 675 1.88 0.50 23.86
N GLU B 676 2.53 -0.63 24.14
CA GLU B 676 2.89 -0.95 25.53
C GLU B 676 3.97 0.00 26.06
N THR B 677 4.87 0.46 25.20
CA THR B 677 5.83 1.45 25.72
C THR B 677 5.17 2.83 25.92
N LEU B 678 4.11 3.12 25.18
CA LEU B 678 3.38 4.36 25.39
C LEU B 678 2.50 4.32 26.64
N VAL B 679 1.95 3.14 26.95
CA VAL B 679 1.19 2.97 28.19
C VAL B 679 2.10 3.17 29.40
N TRP B 680 3.32 2.60 29.32
CA TRP B 680 4.26 2.79 30.42
C TRP B 680 4.60 4.27 30.60
N ALA B 681 4.90 4.96 29.48
CA ALA B 681 5.33 6.35 29.58
C ALA B 681 4.24 7.25 30.11
N HIS B 682 2.99 6.99 29.75
CA HIS B 682 1.91 7.81 30.31
C HIS B 682 1.80 7.59 31.81
N GLU B 683 1.91 6.35 32.26
CA GLU B 683 1.75 6.10 33.70
C GLU B 683 2.91 6.67 34.51
N ARG B 684 4.07 6.85 33.90
CA ARG B 684 5.23 7.34 34.65
C ARG B 684 5.48 8.83 34.52
N THR B 685 4.77 9.52 33.63
CA THR B 685 4.97 10.94 33.45
C THR B 685 4.17 11.74 34.47
N PRO B 686 4.79 12.57 35.29
CA PRO B 686 4.03 13.42 36.21
C PRO B 686 3.20 14.44 35.46
N LEU B 687 2.10 14.86 36.10
CA LEU B 687 1.11 15.83 35.64
C LEU B 687 0.26 15.27 34.51
N ALA B 688 0.66 14.15 33.96
CA ALA B 688 -0.07 13.48 32.89
C ALA B 688 -0.76 12.22 33.37
N ASN B 689 -0.19 11.52 34.34
CA ASN B 689 -0.84 10.37 34.93
C ASN B 689 -2.00 10.74 35.83
N LEU B 690 -2.28 12.04 36.02
CA LEU B 690 -3.55 12.44 36.60
C LEU B 690 -4.72 12.10 35.71
N VAL B 691 -4.49 11.92 34.41
CA VAL B 691 -5.52 11.64 33.43
C VAL B 691 -5.39 10.18 33.03
N ARG B 692 -6.50 9.45 33.05
CA ARG B 692 -6.49 8.01 32.85
C ARG B 692 -7.48 7.62 31.76
N TRP B 693 -7.10 6.65 30.96
CA TRP B 693 -8.01 6.11 29.96
C TRP B 693 -9.07 5.25 30.61
N LYS B 694 -10.29 5.34 30.09
CA LYS B 694 -11.33 4.38 30.45
C LYS B 694 -11.18 3.09 29.67
N ASP B 695 -10.62 3.15 28.47
CA ASP B 695 -10.42 1.98 27.64
C ASP B 695 -8.93 1.78 27.45
N LYS B 696 -8.47 0.58 27.71
CA LYS B 696 -7.07 0.25 27.57
C LYS B 696 -6.64 0.35 26.11
N PRO B 697 -5.63 1.17 25.79
CA PRO B 697 -5.20 1.33 24.41
C PRO B 697 -4.55 0.06 23.89
N VAL B 698 -5.10 -0.49 22.81
CA VAL B 698 -4.52 -1.65 22.16
C VAL B 698 -4.34 -1.35 20.69
N ALA B 699 -3.43 -2.07 20.06
CA ALA B 699 -3.30 -2.03 18.62
C ALA B 699 -4.56 -2.58 17.97
N LEU B 700 -4.84 -2.09 16.76
CA LEU B 700 -5.98 -2.55 15.97
C LEU B 700 -5.91 -4.07 15.76
N SER B 701 -7.05 -4.66 15.48
CA SER B 701 -7.07 -6.10 15.27
C SER B 701 -6.58 -6.43 13.87
N ILE B 702 -6.35 -7.70 13.59
CA ILE B 702 -5.83 -8.12 12.29
C ILE B 702 -6.83 -7.82 11.17
N VAL B 703 -8.08 -8.20 11.37
CA VAL B 703 -9.10 -7.97 10.34
C VAL B 703 -9.41 -6.49 10.24
N GLN B 704 -9.43 -5.79 11.38
CA GLN B 704 -9.72 -4.36 11.37
C GLN B 704 -8.66 -3.59 10.62
N ALA B 705 -7.40 -3.96 10.82
CA ALA B 705 -6.30 -3.31 10.10
C ALA B 705 -6.37 -3.57 8.62
N ARG B 706 -6.80 -4.78 8.23
CA ARG B 706 -7.03 -5.03 6.81
C ARG B 706 -8.11 -4.12 6.25
N LEU B 707 -9.20 -3.94 7.01
CA LEU B 707 -10.29 -3.08 6.56
C LEU B 707 -9.88 -1.62 6.49
N VAL B 708 -9.10 -1.14 7.46
CA VAL B 708 -8.67 0.25 7.49
C VAL B 708 -7.70 0.54 6.36
N GLY B 709 -6.78 -0.38 6.10
CA GLY B 709 -5.89 -0.20 4.96
C GLY B 709 -6.63 -0.25 3.65
N LEU B 710 -7.62 -1.13 3.53
CA LEU B 710 -8.45 -1.19 2.33
C LEU B 710 -9.24 0.11 2.13
N ILE B 711 -9.79 0.67 3.20
CA ILE B 711 -10.53 1.92 3.10
C ILE B 711 -9.61 3.07 2.69
N HIS B 712 -8.43 3.15 3.28
CA HIS B 712 -7.49 4.22 2.93
C HIS B 712 -7.03 4.09 1.48
N PHE B 713 -6.65 2.88 1.07
CA PHE B 713 -6.31 2.60 -0.32
C PHE B 713 -7.43 3.01 -1.27
N THR B 714 -8.65 2.54 -1.01
CA THR B 714 -9.79 2.81 -1.89
C THR B 714 -10.13 4.29 -1.95
N ALA B 715 -10.16 4.97 -0.80
CA ALA B 715 -10.47 6.39 -0.78
C ALA B 715 -9.42 7.19 -1.53
N GLY B 716 -8.14 6.86 -1.34
CA GLY B 716 -7.09 7.52 -2.11
C GLY B 716 -7.22 7.29 -3.61
N TYR B 717 -7.61 6.08 -3.99
CA TYR B 717 -7.84 5.74 -5.39
C TYR B 717 -8.93 6.61 -5.99
N ILE B 718 -10.07 6.72 -5.29
CA ILE B 718 -11.21 7.47 -5.79
C ILE B 718 -10.88 8.96 -5.87
N PHE B 719 -10.30 9.51 -4.80
CA PHE B 719 -10.04 10.96 -4.76
C PHE B 719 -8.99 11.37 -5.78
N THR B 720 -7.93 10.58 -5.95
CA THR B 720 -6.90 10.91 -6.93
C THR B 720 -7.46 10.88 -8.34
N TYR B 721 -8.18 9.81 -8.70
CA TYR B 721 -8.67 9.78 -10.07
C TYR B 721 -9.76 10.82 -10.31
N ALA B 722 -10.62 11.07 -9.32
CA ALA B 722 -11.66 12.09 -9.50
C ALA B 722 -11.05 13.45 -9.74
N ALA B 723 -10.03 13.81 -8.96
CA ALA B 723 -9.32 15.07 -9.18
C ALA B 723 -8.70 15.11 -10.57
N PHE B 724 -8.12 14.00 -11.01
CA PHE B 724 -7.48 13.99 -12.33
C PHE B 724 -8.50 14.08 -13.47
N VAL B 725 -9.51 13.22 -13.46
CA VAL B 725 -10.46 13.15 -14.57
C VAL B 725 -11.27 14.44 -14.65
N ILE B 726 -11.50 15.12 -13.53
CA ILE B 726 -12.27 16.35 -13.60
C ILE B 726 -11.37 17.50 -14.01
N ALA B 727 -10.21 17.64 -13.36
CA ALA B 727 -9.37 18.80 -13.64
C ALA B 727 -8.72 18.74 -15.02
N SER B 728 -8.25 17.57 -15.47
CA SER B 728 -7.62 17.50 -16.79
C SER B 728 -8.63 17.78 -17.90
N THR B 729 -9.86 17.31 -17.75
CA THR B 729 -10.89 17.57 -18.73
C THR B 729 -11.33 19.03 -18.67
N THR B 730 -11.47 19.60 -17.47
CA THR B 730 -11.76 21.02 -17.34
C THR B 730 -10.67 21.89 -17.97
N GLY B 731 -9.41 21.62 -17.59
CA GLY B 731 -8.29 22.43 -18.06
C GLY B 731 -8.10 22.33 -19.55
N LYS B 732 -8.35 21.17 -20.14
CA LYS B 732 -8.19 21.04 -21.58
C LYS B 732 -9.40 21.57 -22.34
N PHE B 733 -10.61 21.27 -21.85
CA PHE B 733 -11.87 21.44 -22.59
C PHE B 733 -11.78 20.74 -23.95
N GLY B 734 -11.61 19.43 -23.89
CA GLY B 734 -11.39 18.65 -25.09
C GLY B 734 -10.72 17.34 -24.74
N SER C 2 -14.10 -15.18 27.15
CA SER C 2 -13.00 -16.13 27.04
C SER C 2 -13.03 -16.85 25.70
N HIS C 3 -11.94 -17.56 25.41
CA HIS C 3 -11.87 -18.42 24.24
C HIS C 3 -12.44 -19.79 24.58
N SER C 4 -12.90 -20.50 23.56
CA SER C 4 -13.51 -21.80 23.73
C SER C 4 -12.59 -22.86 23.19
N VAL C 5 -12.18 -23.81 24.02
CA VAL C 5 -11.27 -24.86 23.59
C VAL C 5 -11.95 -26.20 23.76
N LYS C 6 -11.93 -27.00 22.69
CA LYS C 6 -12.64 -28.27 22.64
C LYS C 6 -11.64 -29.37 22.33
N VAL C 7 -11.89 -30.56 22.85
CA VAL C 7 -11.10 -31.73 22.53
C VAL C 7 -12.03 -32.79 21.99
N TYR C 8 -11.75 -33.27 20.79
CA TYR C 8 -12.58 -34.24 20.11
C TYR C 8 -12.02 -35.63 20.36
N ASP C 9 -12.87 -36.64 20.17
CA ASP C 9 -12.53 -37.98 20.63
C ASP C 9 -11.53 -38.68 19.72
N THR C 10 -10.93 -37.97 18.77
CA THR C 10 -9.81 -38.50 18.00
C THR C 10 -8.49 -38.33 18.71
N CYS C 11 -8.48 -37.75 19.91
CA CYS C 11 -7.24 -37.52 20.64
C CYS C 11 -6.56 -38.84 20.94
N ILE C 12 -5.27 -38.91 20.60
CA ILE C 12 -4.49 -40.10 20.85
C ILE C 12 -3.79 -40.07 22.19
N GLY C 13 -4.04 -39.04 22.99
CA GLY C 13 -3.46 -38.95 24.32
C GLY C 13 -1.97 -38.76 24.31
N CYS C 14 -1.45 -37.95 23.39
CA CYS C 14 -0.01 -37.75 23.28
C CYS C 14 0.54 -36.71 24.25
N THR C 15 -0.33 -35.97 24.94
CA THR C 15 -0.02 -34.93 25.93
C THR C 15 0.72 -33.74 25.35
N GLN C 16 0.89 -33.64 24.03
CA GLN C 16 1.73 -32.60 23.46
C GLN C 16 1.09 -31.22 23.57
N CYS C 17 -0.22 -31.17 23.40
CA CYS C 17 -0.97 -29.93 23.58
C CYS C 17 -0.81 -29.41 25.00
N VAL C 18 -0.86 -30.31 25.98
CA VAL C 18 -0.75 -29.90 27.37
C VAL C 18 0.63 -29.34 27.68
N ARG C 19 1.67 -29.92 27.09
CA ARG C 19 3.01 -29.42 27.34
C ARG C 19 3.26 -28.11 26.60
N ALA C 20 2.64 -27.92 25.45
CA ALA C 20 2.89 -26.72 24.65
C ALA C 20 2.11 -25.51 25.12
N CYS C 21 1.06 -25.69 25.91
CA CYS C 21 0.23 -24.56 26.31
C CYS C 21 1.00 -23.65 27.24
N PRO C 22 1.14 -22.36 26.92
CA PRO C 22 1.90 -21.46 27.79
C PRO C 22 1.13 -20.97 29.00
N CYS C 23 -0.18 -21.23 29.12
CA CYS C 23 -0.98 -20.65 30.20
C CYS C 23 -1.67 -21.70 31.08
N ASP C 24 -1.25 -22.96 31.02
CA ASP C 24 -1.79 -24.04 31.85
C ASP C 24 -3.32 -24.14 31.72
N VAL C 25 -3.78 -24.11 30.48
CA VAL C 25 -5.21 -24.27 30.23
C VAL C 25 -5.60 -25.74 30.15
N LEU C 26 -4.73 -26.57 29.61
CA LEU C 26 -5.03 -27.95 29.29
C LEU C 26 -4.44 -28.88 30.33
N GLU C 27 -5.09 -30.02 30.53
CA GLU C 27 -4.52 -31.08 31.34
C GLU C 27 -5.02 -32.44 30.87
N MET C 28 -4.38 -33.51 31.32
CA MET C 28 -4.72 -34.86 30.90
C MET C 28 -5.65 -35.53 31.89
N VAL C 29 -6.74 -36.12 31.40
CA VAL C 29 -7.66 -36.89 32.23
C VAL C 29 -7.73 -38.30 31.67
N SER C 30 -8.24 -39.23 32.47
CA SER C 30 -8.32 -40.64 32.10
C SER C 30 -9.49 -40.91 31.16
N TRP C 31 -9.28 -41.81 30.19
CA TRP C 31 -10.28 -42.08 29.15
C TRP C 31 -9.96 -43.41 28.49
N ASP C 32 -10.96 -44.27 28.32
CA ASP C 32 -10.74 -45.60 27.80
C ASP C 32 -10.76 -45.67 26.27
N GLY C 33 -11.10 -44.55 25.61
CA GLY C 33 -11.27 -44.55 24.17
C GLY C 33 -10.03 -44.87 23.35
N CYS C 34 -8.89 -44.34 23.76
CA CYS C 34 -7.67 -44.50 22.97
C CYS C 34 -6.72 -45.45 23.65
N LYS C 35 -5.64 -45.77 22.93
CA LYS C 35 -4.63 -46.69 23.43
C LYS C 35 -3.88 -46.13 24.62
N ALA C 36 -3.60 -44.82 24.62
CA ALA C 36 -2.84 -44.22 25.71
C ALA C 36 -3.62 -44.14 27.01
N GLY C 37 -4.93 -44.34 26.98
CA GLY C 37 -5.72 -44.32 28.18
C GLY C 37 -5.99 -42.95 28.77
N GLN C 38 -5.85 -41.89 27.97
CA GLN C 38 -5.93 -40.53 28.46
C GLN C 38 -6.38 -39.61 27.34
N ILE C 39 -7.04 -38.52 27.70
CA ILE C 39 -7.48 -37.52 26.74
C ILE C 39 -7.20 -36.14 27.29
N ALA C 40 -7.00 -35.18 26.39
CA ALA C 40 -6.77 -33.80 26.80
C ALA C 40 -8.06 -33.16 27.25
N SER C 41 -7.93 -32.17 28.13
CA SER C 41 -9.06 -31.51 28.72
C SER C 41 -8.74 -30.04 28.84
N ALA C 42 -9.79 -29.22 28.87
CA ALA C 42 -9.67 -27.77 28.89
C ALA C 42 -10.43 -27.18 30.07
N PRO C 43 -9.97 -27.40 31.30
CA PRO C 43 -10.71 -26.90 32.46
C PRO C 43 -10.52 -25.42 32.76
N ARG C 44 -9.54 -24.76 32.18
CA ARG C 44 -9.16 -23.40 32.55
C ARG C 44 -9.10 -22.48 31.33
N THR C 45 -10.15 -22.49 30.51
CA THR C 45 -10.18 -21.66 29.31
C THR C 45 -10.27 -20.17 29.61
N GLU C 46 -10.62 -19.78 30.83
CA GLU C 46 -10.59 -18.37 31.20
C GLU C 46 -9.18 -17.79 31.13
N ASP C 47 -8.17 -18.64 31.21
CA ASP C 47 -6.78 -18.26 31.06
C ASP C 47 -6.25 -18.43 29.64
N CYS C 48 -7.08 -18.90 28.70
CA CYS C 48 -6.59 -19.14 27.35
C CYS C 48 -6.35 -17.81 26.65
N ILE C 49 -5.13 -17.61 26.15
CA ILE C 49 -4.83 -16.39 25.42
C ILE C 49 -5.09 -16.51 23.93
N GLY C 50 -5.35 -17.71 23.42
CA GLY C 50 -5.62 -17.87 22.01
C GLY C 50 -4.41 -18.04 21.14
N CYS C 51 -3.25 -18.36 21.71
CA CYS C 51 -2.01 -18.52 20.95
C CYS C 51 -2.09 -19.65 19.91
N LYS C 52 -2.91 -20.67 20.15
CA LYS C 52 -3.06 -21.84 19.29
C LYS C 52 -1.76 -22.65 19.16
N ARG C 53 -0.93 -22.64 20.20
CA ARG C 53 0.22 -23.53 20.25
C ARG C 53 -0.20 -24.97 20.45
N CYS C 54 -1.33 -25.18 21.15
CA CYS C 54 -1.90 -26.50 21.30
C CYS C 54 -2.26 -27.11 19.95
N GLU C 55 -2.90 -26.32 19.08
CA GLU C 55 -3.28 -26.82 17.77
C GLU C 55 -2.05 -27.15 16.93
N THR C 56 -1.00 -26.34 17.06
CA THR C 56 0.26 -26.63 16.38
C THR C 56 0.85 -27.93 16.87
N ALA C 57 0.76 -28.19 18.17
CA ALA C 57 1.33 -29.42 18.72
C ALA C 57 0.56 -30.67 18.32
N CYS C 58 -0.72 -30.55 18.00
CA CYS C 58 -1.55 -31.74 17.82
C CYS C 58 -1.18 -32.49 16.55
N PRO C 59 -0.94 -33.80 16.64
CA PRO C 59 -0.57 -34.60 15.47
C PRO C 59 -1.69 -35.37 14.77
N THR C 60 -2.91 -35.38 15.30
CA THR C 60 -3.97 -36.09 14.62
C THR C 60 -4.29 -35.34 13.33
N ASP C 61 -4.85 -36.06 12.34
CA ASP C 61 -4.92 -35.51 10.98
C ASP C 61 -5.65 -34.19 10.93
N PHE C 62 -6.87 -34.13 11.44
CA PHE C 62 -7.35 -32.83 11.80
C PHE C 62 -7.43 -32.74 13.32
N LEU C 63 -7.10 -31.55 13.81
CA LEU C 63 -6.81 -31.30 15.21
C LEU C 63 -7.88 -31.86 16.12
N SER C 64 -7.42 -32.65 17.10
CA SER C 64 -8.33 -33.05 18.15
C SER C 64 -8.63 -31.90 19.08
N VAL C 65 -7.67 -31.03 19.34
CA VAL C 65 -7.90 -29.82 20.12
C VAL C 65 -8.18 -28.66 19.18
N ARG C 66 -9.26 -27.94 19.43
CA ARG C 66 -9.64 -26.79 18.61
C ARG C 66 -9.90 -25.57 19.48
N VAL C 67 -9.23 -24.48 19.16
CA VAL C 67 -9.43 -23.18 19.81
C VAL C 67 -10.36 -22.34 18.95
N TYR C 68 -11.37 -21.77 19.58
CA TYR C 68 -12.34 -20.89 18.94
C TYR C 68 -12.24 -19.55 19.67
N LEU C 69 -11.64 -18.57 19.00
CA LEU C 69 -11.45 -17.27 19.60
C LEU C 69 -12.80 -16.59 19.82
N GLY C 70 -12.99 -16.05 21.02
CA GLY C 70 -14.28 -15.50 21.37
C GLY C 70 -14.22 -14.09 21.93
N GLY C 71 -14.94 -13.86 23.02
CA GLY C 71 -14.89 -12.56 23.68
C GLY C 71 -13.53 -12.32 24.29
N GLU C 72 -13.08 -11.07 24.21
CA GLU C 72 -11.78 -10.70 24.73
C GLU C 72 -11.92 -10.16 26.15
N THR C 73 -10.97 -10.51 27.00
CA THR C 73 -10.86 -10.07 28.37
C THR C 73 -9.44 -9.58 28.56
N THR C 74 -9.09 -9.15 29.77
CA THR C 74 -7.69 -8.82 30.04
C THR C 74 -6.79 -10.04 29.95
N ARG C 75 -7.27 -11.20 30.42
CA ARG C 75 -6.44 -12.39 30.39
C ARG C 75 -6.21 -12.87 28.95
N SER C 76 -7.27 -12.93 28.15
CA SER C 76 -7.14 -13.45 26.80
C SER C 76 -6.54 -12.45 25.83
N MET C 77 -6.44 -11.18 26.21
CA MET C 77 -5.78 -10.18 25.39
C MET C 77 -4.29 -10.11 25.65
N GLY C 78 -3.80 -10.81 26.66
CA GLY C 78 -2.39 -10.76 27.00
C GLY C 78 -1.92 -9.40 27.43
N LEU C 79 -2.69 -8.74 28.29
CA LEU C 79 -2.38 -7.38 28.71
C LEU C 79 -1.78 -7.40 30.11
N ALA C 80 -0.54 -6.92 30.22
CA ALA C 80 0.12 -6.74 31.50
C ALA C 80 -0.11 -5.36 32.06
N TYR C 81 -1.08 -4.64 31.52
CA TYR C 81 -1.43 -3.32 31.98
C TYR C 81 -2.93 -3.21 32.02
N GLU D 3 0.24 -24.61 52.57
CA GLU D 3 -0.21 -24.40 51.20
C GLU D 3 -0.17 -22.91 50.83
N THR D 4 -0.69 -22.06 51.71
CA THR D 4 -0.86 -20.66 51.38
C THR D 4 0.49 -19.98 51.19
N LEU D 5 0.50 -18.97 50.33
CA LEU D 5 1.69 -18.19 50.06
C LEU D 5 2.22 -17.57 51.35
N ASN D 6 3.46 -17.91 51.69
CA ASN D 6 4.13 -17.24 52.80
C ASN D 6 4.70 -15.95 52.24
N LEU D 7 4.07 -14.83 52.59
CA LEU D 7 4.44 -13.53 52.03
C LEU D 7 5.86 -13.12 52.39
N GLN D 8 6.46 -13.75 53.40
CA GLN D 8 7.78 -13.39 53.91
C GLN D 8 8.95 -14.02 53.15
N ILE D 9 8.70 -14.85 52.15
CA ILE D 9 9.78 -15.51 51.40
C ILE D 9 10.65 -14.45 50.71
N PRO D 10 11.97 -14.52 50.81
CA PRO D 10 12.79 -13.49 50.21
C PRO D 10 12.81 -13.52 48.69
N SER D 11 12.68 -12.36 48.07
CA SER D 11 12.72 -12.26 46.62
C SER D 11 14.13 -12.43 46.07
N PRO D 12 14.27 -12.94 44.85
CA PRO D 12 15.59 -13.00 44.22
C PRO D 12 16.17 -11.62 44.01
N THR D 13 17.48 -11.48 44.17
CA THR D 13 18.10 -10.16 44.04
C THR D 13 17.90 -9.64 42.61
N PHE D 14 17.48 -8.38 42.50
CA PHE D 14 17.22 -7.76 41.22
C PHE D 14 17.37 -6.26 41.35
N GLU D 15 17.94 -5.63 40.32
CA GLU D 15 18.20 -4.19 40.36
C GLU D 15 17.07 -3.34 39.81
N GLY D 16 15.95 -3.94 39.42
CA GLY D 16 14.83 -3.18 38.91
C GLY D 16 14.89 -3.06 37.40
N SER D 17 13.72 -2.80 36.83
CA SER D 17 13.58 -2.61 35.40
C SER D 17 12.28 -1.89 35.15
N THR D 18 12.12 -1.38 33.94
CA THR D 18 10.81 -0.84 33.57
C THR D 18 9.84 -1.92 33.13
N GLY D 19 10.27 -3.16 33.02
CA GLY D 19 9.40 -4.18 32.50
C GLY D 19 8.47 -4.80 33.50
N GLY D 20 8.53 -4.39 34.76
CA GLY D 20 7.71 -4.98 35.79
C GLY D 20 6.24 -4.62 35.70
N TRP D 21 5.52 -4.81 36.78
CA TRP D 21 4.07 -4.67 36.72
C TRP D 21 3.68 -3.22 36.94
N LEU D 22 2.50 -2.88 36.46
CA LEU D 22 1.99 -1.53 36.41
C LEU D 22 0.77 -1.46 37.31
N ARG D 23 0.02 -0.34 37.19
CA ARG D 23 -1.11 -0.07 38.09
C ARG D 23 -2.18 -1.17 38.04
N ALA D 24 -2.31 -1.86 36.91
CA ALA D 24 -3.28 -2.94 36.82
C ALA D 24 -2.98 -4.07 37.78
N ALA D 25 -1.72 -4.24 38.18
CA ALA D 25 -1.41 -5.28 39.14
C ALA D 25 -1.91 -4.91 40.52
N GLU D 26 -1.82 -3.65 40.88
CA GLU D 26 -2.27 -3.23 42.20
C GLU D 26 -3.75 -2.91 42.25
N VAL D 27 -4.46 -2.91 41.12
CA VAL D 27 -5.90 -2.69 41.15
C VAL D 27 -6.71 -3.84 40.55
N GLU D 28 -6.12 -4.76 39.78
CA GLU D 28 -6.90 -5.86 39.24
C GLU D 28 -6.44 -7.22 39.77
N GLU D 29 -5.18 -7.60 39.57
CA GLU D 29 -4.65 -8.90 40.01
C GLU D 29 -3.15 -8.94 39.76
N LYS D 30 -2.47 -9.74 40.56
CA LYS D 30 -1.03 -9.95 40.45
C LYS D 30 -0.76 -11.45 40.53
N TYR D 31 0.33 -11.90 39.96
CA TYR D 31 0.68 -13.30 40.03
C TYR D 31 1.97 -13.44 40.81
N ALA D 32 2.11 -14.52 41.55
CA ALA D 32 3.34 -14.74 42.29
C ALA D 32 3.85 -16.13 41.99
N ILE D 33 5.17 -16.28 41.99
CA ILE D 33 5.74 -17.61 41.80
C ILE D 33 6.80 -17.85 42.87
N THR D 34 6.78 -19.03 43.47
CA THR D 34 7.83 -19.43 44.41
C THR D 34 8.54 -20.66 43.90
N TRP D 35 9.82 -20.76 44.24
CA TRP D 35 10.56 -21.96 43.90
C TRP D 35 11.78 -22.12 44.78
N THR D 36 12.28 -23.34 44.87
CA THR D 36 13.46 -23.64 45.67
C THR D 36 14.68 -23.77 44.76
N SER D 37 15.75 -23.09 45.11
CA SER D 37 17.01 -23.18 44.38
C SER D 37 18.06 -23.80 45.26
N PRO D 38 18.85 -24.75 44.76
CA PRO D 38 19.99 -25.26 45.53
C PRO D 38 21.22 -24.37 45.46
N LYS D 39 21.17 -23.27 44.71
CA LYS D 39 22.34 -22.44 44.47
C LYS D 39 21.92 -20.98 44.41
N GLU D 40 22.92 -20.11 44.41
CA GLU D 40 22.73 -18.67 44.34
C GLU D 40 23.18 -18.29 42.93
N GLN D 41 22.27 -18.42 41.97
CA GLN D 41 22.66 -18.44 40.56
C GLN D 41 21.85 -17.45 39.75
N VAL D 42 22.41 -17.02 38.61
CA VAL D 42 21.78 -16.01 37.76
C VAL D 42 20.79 -16.66 36.80
N PHE D 43 19.60 -16.08 36.71
CA PHE D 43 18.59 -16.44 35.72
C PHE D 43 18.14 -15.17 35.00
N GLU D 44 17.33 -15.36 33.96
CA GLU D 44 16.77 -14.26 33.19
C GLU D 44 15.33 -13.99 33.58
N MET D 45 15.03 -12.74 33.88
CA MET D 45 13.67 -12.35 34.20
C MET D 45 12.82 -12.31 32.94
N PRO D 46 11.56 -12.74 33.00
CA PRO D 46 10.67 -12.63 31.83
C PRO D 46 10.42 -11.20 31.40
N THR D 47 10.62 -10.24 32.28
CA THR D 47 10.27 -8.86 32.06
C THR D 47 11.47 -7.99 31.72
N GLY D 48 12.64 -8.57 31.50
CA GLY D 48 13.80 -7.73 31.34
C GLY D 48 15.14 -8.43 31.39
N GLY D 49 16.02 -7.92 32.23
CA GLY D 49 17.39 -8.40 32.28
C GLY D 49 17.59 -9.64 33.11
N ALA D 50 18.66 -9.65 33.90
CA ALA D 50 19.04 -10.82 34.67
C ALA D 50 18.85 -10.56 36.15
N ALA D 51 18.44 -11.59 36.88
CA ALA D 51 18.33 -11.56 38.32
C ALA D 51 19.13 -12.72 38.88
N ILE D 52 19.29 -12.73 40.19
CA ILE D 52 20.02 -13.80 40.87
C ILE D 52 19.09 -14.45 41.88
N MET D 53 18.81 -15.74 41.69
CA MET D 53 17.99 -16.47 42.64
C MET D 53 18.84 -16.89 43.81
N ARG D 54 18.30 -16.69 45.01
CA ARG D 54 19.02 -16.98 46.24
C ARG D 54 18.87 -18.45 46.57
N GLN D 55 19.90 -19.02 47.20
CA GLN D 55 19.82 -20.38 47.69
C GLN D 55 18.71 -20.49 48.72
N GLY D 56 17.86 -21.49 48.57
CA GLY D 56 16.71 -21.63 49.42
C GLY D 56 15.45 -21.27 48.66
N GLU D 57 14.53 -20.55 49.28
CA GLU D 57 13.23 -20.26 48.69
C GLU D 57 13.21 -18.87 48.07
N ASN D 58 12.73 -18.77 46.84
CA ASN D 58 12.58 -17.52 46.13
C ASN D 58 11.11 -17.26 45.87
N LEU D 59 10.80 -15.98 45.64
CA LEU D 59 9.45 -15.47 45.40
C LEU D 59 9.50 -14.27 44.47
N LEU D 60 8.67 -14.29 43.43
CA LEU D 60 8.56 -13.17 42.51
C LEU D 60 7.10 -12.76 42.40
N TYR D 61 6.92 -11.55 41.90
CA TYR D 61 5.62 -10.99 41.52
C TYR D 61 5.68 -10.53 40.06
N LEU D 62 4.69 -10.97 39.28
CA LEU D 62 4.59 -10.65 37.88
C LEU D 62 3.16 -10.25 37.58
N ALA D 63 2.96 -9.61 36.44
CA ALA D 63 1.63 -9.14 36.07
C ALA D 63 0.79 -10.18 35.36
N ARG D 64 1.40 -11.05 34.58
CA ARG D 64 0.66 -12.02 33.79
C ARG D 64 0.98 -13.45 34.23
N LYS D 65 0.00 -14.33 34.08
CA LYS D 65 0.21 -15.74 34.38
C LYS D 65 1.22 -16.36 33.40
N GLU D 66 1.19 -15.93 32.15
CA GLU D 66 2.14 -16.41 31.16
C GLU D 66 3.57 -16.02 31.52
N GLN D 67 3.76 -14.89 32.21
CA GLN D 67 5.12 -14.51 32.61
C GLN D 67 5.65 -15.45 33.70
N CYS D 68 4.78 -15.85 34.63
CA CYS D 68 5.16 -16.76 35.70
C CYS D 68 5.46 -18.13 35.14
N LEU D 69 4.69 -18.54 34.13
CA LEU D 69 4.93 -19.86 33.56
C LEU D 69 6.12 -19.88 32.59
N ALA D 70 6.39 -18.78 31.87
CA ALA D 70 7.61 -18.68 31.06
C ALA D 70 8.85 -18.74 31.94
N LEU D 71 8.78 -18.12 33.12
CA LEU D 71 9.90 -18.26 34.05
C LEU D 71 9.98 -19.68 34.59
N ALA D 72 8.83 -20.31 34.87
CA ALA D 72 8.82 -21.69 35.37
C ALA D 72 9.44 -22.66 34.36
N THR D 73 9.06 -22.50 33.09
CA THR D 73 9.63 -23.31 32.04
C THR D 73 11.13 -23.13 32.03
N GLN D 74 11.59 -21.89 32.18
CA GLN D 74 13.03 -21.64 32.17
C GLN D 74 13.75 -22.32 33.33
N VAL D 75 13.20 -22.21 34.56
CA VAL D 75 13.91 -22.76 35.71
C VAL D 75 13.97 -24.28 35.59
N LYS D 76 12.89 -24.89 35.10
CA LYS D 76 12.90 -26.33 34.95
C LYS D 76 13.89 -26.77 33.88
N ASN D 77 13.89 -26.09 32.73
CA ASN D 77 14.79 -26.48 31.66
C ASN D 77 16.27 -26.29 32.01
N SER D 78 16.62 -25.18 32.66
CA SER D 78 18.04 -24.95 32.88
C SER D 78 18.53 -25.38 34.25
N PHE D 79 17.85 -25.02 35.32
CA PHE D 79 18.35 -25.32 36.64
C PHE D 79 17.69 -26.55 37.24
N LYS D 80 16.80 -27.22 36.49
CA LYS D 80 16.11 -28.44 36.89
C LYS D 80 15.33 -28.27 38.20
N ILE D 81 14.70 -27.11 38.34
CA ILE D 81 13.90 -26.79 39.51
C ILE D 81 12.45 -27.10 39.19
N THR D 82 11.93 -28.20 39.75
CA THR D 82 10.54 -28.58 39.53
C THR D 82 9.66 -28.22 40.72
N ASP D 83 10.16 -27.36 41.61
CA ASP D 83 9.53 -27.07 42.89
C ASP D 83 8.78 -25.75 42.85
N TYR D 84 8.18 -25.41 41.71
CA TYR D 84 7.62 -24.07 41.52
C TYR D 84 6.12 -24.10 41.70
N LYS D 85 5.61 -23.13 42.45
CA LYS D 85 4.18 -22.99 42.70
C LYS D 85 3.76 -21.59 42.30
N VAL D 86 2.69 -21.50 41.51
CA VAL D 86 2.19 -20.27 40.92
C VAL D 86 0.86 -19.95 41.55
N TYR D 87 0.71 -18.70 41.99
CA TYR D 87 -0.44 -18.15 42.70
C TYR D 87 -0.98 -16.94 41.97
N ARG D 88 -2.29 -16.71 42.12
CA ARG D 88 -2.95 -15.47 41.75
C ARG D 88 -3.34 -14.72 43.01
N ILE D 89 -3.15 -13.41 43.02
CA ILE D 89 -3.37 -12.56 44.18
C ILE D 89 -4.28 -11.40 43.77
N PHE D 90 -5.31 -11.26 44.44
CA PHE D 90 -6.26 -10.19 44.20
C PHE D 90 -5.99 -9.04 45.17
N PRO D 91 -6.37 -7.81 44.81
CA PRO D 91 -6.12 -6.67 45.71
C PRO D 91 -6.87 -6.74 47.02
N SER D 92 -7.87 -7.62 47.14
CA SER D 92 -8.55 -7.85 48.41
C SER D 92 -7.71 -8.63 49.41
N GLY D 93 -6.53 -9.10 49.01
CA GLY D 93 -5.70 -9.96 49.84
C GLY D 93 -5.88 -11.44 49.57
N GLU D 94 -6.91 -11.83 48.82
CA GLU D 94 -7.17 -13.23 48.55
C GLU D 94 -6.07 -13.78 47.65
N VAL D 95 -5.50 -14.92 48.04
CA VAL D 95 -4.46 -15.58 47.28
C VAL D 95 -5.02 -16.88 46.72
N GLN D 96 -4.86 -17.07 45.42
CA GLN D 96 -5.44 -18.19 44.69
C GLN D 96 -4.33 -19.06 44.11
N TYR D 97 -4.19 -20.27 44.64
CA TYR D 97 -3.21 -21.21 44.11
C TYR D 97 -3.59 -21.65 42.70
N LEU D 98 -2.62 -21.67 41.80
CA LEU D 98 -2.89 -21.89 40.39
C LEU D 98 -2.18 -23.11 39.84
N HIS D 99 -0.89 -23.28 40.11
CA HIS D 99 -0.16 -24.27 39.31
C HIS D 99 1.00 -24.86 40.10
N PRO D 100 1.15 -26.18 40.16
CA PRO D 100 0.25 -27.21 39.60
C PRO D 100 -1.01 -27.36 40.44
N LYS D 101 -2.15 -27.45 39.76
CA LYS D 101 -3.44 -27.18 40.38
C LYS D 101 -3.80 -28.22 41.44
N ASP D 102 -3.37 -29.46 41.25
CA ASP D 102 -3.67 -30.52 42.20
C ASP D 102 -2.40 -31.25 42.65
N GLY D 103 -1.27 -30.55 42.65
CA GLY D 103 -0.02 -31.13 43.11
C GLY D 103 0.73 -31.92 42.08
N VAL D 104 0.10 -32.23 40.95
CA VAL D 104 0.69 -33.03 39.89
C VAL D 104 0.66 -32.19 38.62
N PHE D 105 1.72 -32.27 37.82
CA PHE D 105 1.78 -31.46 36.62
C PHE D 105 0.69 -31.89 35.65
N PRO D 106 0.15 -30.95 34.87
CA PRO D 106 -0.96 -31.29 33.96
C PRO D 106 -0.60 -32.33 32.91
N GLU D 107 0.65 -32.41 32.48
CA GLU D 107 1.01 -33.41 31.49
C GLU D 107 1.08 -34.82 32.07
N LYS D 108 1.00 -34.97 33.38
CA LYS D 108 0.84 -36.27 34.02
C LYS D 108 -0.62 -36.47 34.41
N VAL D 109 -1.14 -37.68 34.15
CA VAL D 109 -2.53 -37.97 34.48
C VAL D 109 -2.69 -38.02 35.99
N ASN D 110 -3.89 -37.72 36.46
CA ASN D 110 -4.20 -37.78 37.88
C ASN D 110 -5.64 -38.24 38.02
N ALA D 111 -5.91 -39.02 39.06
CA ALA D 111 -7.27 -39.38 39.38
C ALA D 111 -7.99 -38.16 39.96
N GLY D 112 -9.32 -38.21 39.88
CA GLY D 112 -10.14 -37.11 40.36
C GLY D 112 -10.16 -35.88 39.49
N ARG D 113 -9.45 -35.89 38.36
CA ARG D 113 -9.59 -34.86 37.35
C ARG D 113 -10.80 -35.17 36.49
N VAL D 114 -11.71 -34.22 36.34
CA VAL D 114 -12.89 -34.38 35.50
C VAL D 114 -12.64 -33.67 34.17
N GLY D 115 -12.99 -34.35 33.07
CA GLY D 115 -12.73 -33.81 31.75
C GLY D 115 -13.66 -32.67 31.39
N VAL D 116 -13.11 -31.53 31.03
CA VAL D 116 -13.88 -30.37 30.60
C VAL D 116 -13.58 -30.12 29.13
N GLY D 117 -14.62 -29.86 28.34
CA GLY D 117 -14.43 -29.53 26.95
C GLY D 117 -14.34 -30.71 26.01
N ASN D 118 -14.59 -31.92 26.47
CA ASN D 118 -14.39 -33.11 25.65
C ASN D 118 -15.66 -33.40 24.85
N VAL D 119 -15.49 -33.59 23.55
CA VAL D 119 -16.59 -33.76 22.61
C VAL D 119 -16.54 -35.18 22.08
N SER D 120 -17.69 -35.87 22.13
CA SER D 120 -17.75 -37.31 21.92
C SER D 120 -17.52 -37.74 20.48
N HIS D 121 -17.57 -36.83 19.51
CA HIS D 121 -17.36 -37.19 18.11
C HIS D 121 -16.11 -36.48 17.59
N SER D 122 -15.74 -36.80 16.35
CA SER D 122 -14.62 -36.13 15.73
C SER D 122 -15.04 -34.77 15.19
N ILE D 123 -14.05 -33.98 14.79
CA ILE D 123 -14.25 -32.58 14.51
C ILE D 123 -15.08 -32.38 13.24
N GLY D 124 -15.08 -33.35 12.35
CA GLY D 124 -15.86 -33.23 11.14
C GLY D 124 -17.33 -33.50 11.31
N LYS D 125 -17.75 -33.90 12.50
CA LYS D 125 -19.14 -34.26 12.73
C LYS D 125 -19.92 -33.14 13.39
N ASN D 126 -19.37 -31.93 13.42
CA ASN D 126 -20.08 -30.80 13.99
C ASN D 126 -21.27 -30.42 13.12
N LEU D 127 -22.11 -29.55 13.65
CA LEU D 127 -23.30 -29.13 12.95
C LEU D 127 -23.03 -27.91 12.09
N ASN D 128 -23.71 -27.85 10.95
CA ASN D 128 -23.59 -26.72 10.06
C ASN D 128 -24.20 -25.48 10.71
N PRO D 129 -23.68 -24.28 10.41
CA PRO D 129 -24.23 -23.07 11.04
C PRO D 129 -25.70 -22.83 10.73
N ALA D 130 -26.16 -23.16 9.52
CA ALA D 130 -27.55 -22.96 9.14
C ALA D 130 -28.48 -23.79 10.01
N GLN D 131 -28.09 -25.02 10.37
CA GLN D 131 -28.92 -25.88 11.19
C GLN D 131 -29.22 -25.28 12.56
N ILE D 132 -28.27 -24.55 13.13
CA ILE D 132 -28.44 -24.00 14.46
C ILE D 132 -28.70 -22.50 14.41
N LYS D 133 -29.11 -21.97 13.26
CA LYS D 133 -29.44 -20.55 13.17
C LYS D 133 -30.78 -20.29 13.85
N PHE D 134 -30.84 -19.17 14.58
CA PHE D 134 -31.99 -18.77 15.41
C PHE D 134 -32.37 -19.86 16.42
N THR D 135 -31.41 -20.70 16.78
CA THR D 135 -31.55 -21.77 17.75
C THR D 135 -30.40 -21.67 18.74
N SER D 136 -30.63 -22.04 19.99
CA SER D 136 -29.56 -22.02 20.98
C SER D 136 -28.67 -23.25 20.93
N LYS D 137 -28.98 -24.23 20.08
CA LYS D 137 -28.29 -25.51 20.10
C LYS D 137 -26.84 -25.33 19.67
N SER D 138 -25.94 -26.06 20.32
CA SER D 138 -24.51 -25.89 20.11
C SER D 138 -24.06 -26.67 18.89
N PHE D 139 -23.03 -26.15 18.22
CA PHE D 139 -22.58 -26.76 16.98
C PHE D 139 -21.86 -28.09 17.20
N ASN D 140 -21.46 -28.40 18.44
CA ASN D 140 -20.78 -29.66 18.75
C ASN D 140 -21.81 -30.76 18.92
N GLY D 141 -22.49 -31.08 17.83
CA GLY D 141 -23.51 -32.11 17.85
C GLY D 141 -24.82 -31.69 18.46
N VAL E 2 -10.18 -54.96 7.36
CA VAL E 2 -8.95 -55.01 6.58
C VAL E 2 -7.94 -55.87 7.33
N LYS E 3 -6.69 -55.85 6.88
CA LYS E 3 -5.62 -56.56 7.56
C LYS E 3 -4.34 -55.74 7.43
N ARG E 4 -3.40 -56.01 8.32
CA ARG E 4 -2.13 -55.30 8.32
C ARG E 4 -1.42 -55.48 6.97
N GLY E 5 -0.89 -54.38 6.45
CA GLY E 5 -0.16 -54.39 5.20
C GLY E 5 -0.98 -54.16 3.95
N SER E 6 -2.31 -54.17 4.07
CA SER E 6 -3.15 -53.97 2.89
C SER E 6 -3.26 -52.50 2.52
N LYS E 7 -3.61 -52.26 1.27
CA LYS E 7 -3.73 -50.91 0.74
C LYS E 7 -5.19 -50.47 0.87
N VAL E 8 -5.42 -49.28 1.39
CA VAL E 8 -6.76 -48.81 1.68
C VAL E 8 -6.95 -47.39 1.18
N ARG E 9 -8.18 -47.10 0.77
CA ARG E 9 -8.64 -45.81 0.30
C ARG E 9 -9.44 -45.16 1.42
N ILE E 10 -9.03 -43.94 1.80
CA ILE E 10 -9.53 -43.23 2.97
C ILE E 10 -10.85 -42.55 2.64
N LEU E 11 -11.80 -42.65 3.56
CA LEU E 11 -13.14 -42.11 3.38
C LEU E 11 -13.53 -41.11 4.46
N ARG E 12 -12.58 -40.59 5.21
CA ARG E 12 -12.85 -39.55 6.21
C ARG E 12 -12.73 -38.21 5.50
N LYS E 13 -13.84 -37.49 5.39
CA LYS E 13 -13.91 -36.35 4.48
C LYS E 13 -12.99 -35.21 4.90
N GLU E 14 -12.65 -35.11 6.17
CA GLU E 14 -11.69 -34.11 6.62
C GLU E 14 -10.28 -34.62 6.74
N SER E 15 -10.01 -35.83 6.30
CA SER E 15 -8.64 -36.27 6.25
C SER E 15 -7.91 -35.52 5.14
N TYR E 16 -6.62 -35.24 5.36
CA TYR E 16 -5.76 -34.75 4.29
C TYR E 16 -5.72 -35.74 3.14
N TRP E 17 -5.78 -37.03 3.44
CA TRP E 17 -5.66 -38.09 2.46
C TRP E 17 -7.01 -38.68 2.09
N TYR E 18 -8.08 -37.90 2.24
CA TYR E 18 -9.41 -38.34 1.85
C TYR E 18 -9.42 -38.68 0.37
N GLN E 19 -9.83 -39.91 0.07
CA GLN E 19 -9.84 -40.51 -1.25
C GLN E 19 -8.43 -40.74 -1.79
N ASP E 20 -7.44 -40.82 -0.92
CA ASP E 20 -6.09 -41.24 -1.24
C ASP E 20 -5.81 -42.61 -0.61
N ILE E 21 -4.72 -43.23 -1.08
CA ILE E 21 -4.36 -44.58 -0.71
C ILE E 21 -3.26 -44.56 0.34
N GLY E 22 -3.45 -45.30 1.43
CA GLY E 22 -2.41 -45.60 2.37
C GLY E 22 -2.23 -47.10 2.53
N THR E 23 -1.35 -47.46 3.45
CA THR E 23 -1.14 -48.86 3.78
C THR E 23 -1.30 -49.07 5.28
N VAL E 24 -1.98 -50.14 5.66
CA VAL E 24 -2.31 -50.38 7.06
C VAL E 24 -1.09 -50.93 7.78
N ALA E 25 -0.71 -50.26 8.86
CA ALA E 25 0.42 -50.65 9.69
C ALA E 25 0.00 -51.65 10.77
N THR E 26 -0.94 -51.28 11.63
CA THR E 26 -1.46 -52.18 12.66
C THR E 26 -2.97 -51.96 12.80
N ILE E 27 -3.64 -52.93 13.42
CA ILE E 27 -5.05 -52.82 13.79
C ILE E 27 -5.19 -53.20 15.26
N ASP E 28 -5.66 -52.28 16.08
CA ASP E 28 -5.89 -52.58 17.49
C ASP E 28 -7.09 -53.49 17.67
N THR E 29 -7.05 -54.26 18.77
CA THR E 29 -8.11 -55.20 19.10
C THR E 29 -8.91 -54.76 20.32
N SER E 30 -8.54 -53.66 20.95
CA SER E 30 -9.20 -53.20 22.16
C SER E 30 -10.49 -52.47 21.80
N GLY E 31 -11.06 -51.77 22.77
CA GLY E 31 -12.23 -50.95 22.52
C GLY E 31 -11.86 -49.57 22.00
N ILE E 32 -10.91 -49.52 21.10
CA ILE E 32 -10.41 -48.24 20.61
C ILE E 32 -11.36 -47.72 19.55
N ARG E 33 -11.58 -46.41 19.56
CA ARG E 33 -12.51 -45.80 18.61
C ARG E 33 -11.95 -45.79 17.21
N TYR E 34 -10.64 -45.66 17.07
CA TYR E 34 -9.99 -45.55 15.78
C TYR E 34 -8.84 -46.54 15.75
N PRO E 35 -9.13 -47.81 15.46
CA PRO E 35 -8.12 -48.87 15.62
C PRO E 35 -7.21 -49.11 14.44
N VAL E 36 -7.44 -48.54 13.27
CA VAL E 36 -6.64 -48.82 12.09
C VAL E 36 -5.58 -47.74 11.97
N VAL E 37 -4.31 -48.14 11.94
CA VAL E 37 -3.21 -47.20 11.78
C VAL E 37 -2.78 -47.26 10.33
N VAL E 38 -2.80 -46.12 9.63
CA VAL E 38 -2.55 -46.07 8.20
C VAL E 38 -1.39 -45.13 7.95
N ARG E 39 -0.41 -45.57 7.16
CA ARG E 39 0.72 -44.74 6.77
C ARG E 39 0.62 -44.39 5.30
N PHE E 40 1.09 -43.19 4.98
CA PHE E 40 0.98 -42.63 3.65
C PHE E 40 2.35 -42.18 3.16
N GLU E 41 2.44 -41.96 1.84
CA GLU E 41 3.66 -41.43 1.23
C GLU E 41 3.67 -39.92 1.12
N LYS E 42 2.50 -39.28 0.99
CA LYS E 42 2.42 -37.83 1.11
C LYS E 42 2.37 -37.45 2.58
N VAL E 43 2.99 -36.36 2.91
CA VAL E 43 2.86 -35.76 4.23
C VAL E 43 1.68 -34.79 4.20
N SER E 44 1.03 -34.62 5.34
CA SER E 44 -0.01 -33.61 5.46
C SER E 44 0.61 -32.24 5.56
N TYR E 45 -0.24 -31.22 5.69
CA TYR E 45 0.25 -29.86 5.89
C TYR E 45 1.05 -29.73 7.17
N SER E 46 0.85 -30.61 8.15
CA SER E 46 1.64 -30.64 9.36
C SER E 46 2.91 -31.47 9.23
N GLY E 47 3.15 -32.10 8.09
CA GLY E 47 4.30 -32.96 7.95
C GLY E 47 4.16 -34.31 8.59
N VAL E 48 2.96 -34.70 8.96
CA VAL E 48 2.66 -36.03 9.48
C VAL E 48 2.32 -36.95 8.30
N ASN E 49 2.76 -38.20 8.36
CA ASN E 49 2.49 -39.16 7.29
C ASN E 49 1.78 -40.41 7.79
N THR E 50 1.11 -40.35 8.95
CA THR E 50 0.41 -41.49 9.51
C THR E 50 -0.80 -40.99 10.29
N ASN E 51 -1.85 -41.83 10.36
CA ASN E 51 -3.03 -41.43 11.11
C ASN E 51 -3.86 -42.65 11.48
N ASN E 52 -4.68 -42.49 12.52
CA ASN E 52 -5.63 -43.50 12.97
C ASN E 52 -7.00 -43.29 12.34
N PHE E 53 -7.69 -44.40 12.04
CA PHE E 53 -9.04 -44.30 11.41
C PHE E 53 -9.98 -45.33 12.06
N SER E 54 -11.10 -45.59 11.38
CA SER E 54 -12.10 -46.57 11.83
C SER E 54 -12.21 -47.68 10.78
N LEU E 55 -13.39 -48.29 10.63
CA LEU E 55 -13.56 -49.36 9.60
C LEU E 55 -14.53 -48.88 8.53
N ASP E 56 -15.37 -47.90 8.87
CA ASP E 56 -16.36 -47.34 7.90
C ASP E 56 -15.69 -46.25 7.05
N GLU E 57 -14.49 -45.81 7.46
CA GLU E 57 -13.76 -44.74 6.71
C GLU E 57 -12.50 -45.34 6.07
N VAL E 58 -12.48 -46.66 5.85
CA VAL E 58 -11.32 -47.31 5.25
C VAL E 58 -11.81 -48.44 4.34
N VAL E 59 -11.42 -48.43 3.07
CA VAL E 59 -11.87 -49.47 2.16
C VAL E 59 -10.68 -50.06 1.43
N GLU E 60 -10.62 -51.39 1.34
CA GLU E 60 -9.53 -52.02 0.59
C GLU E 60 -9.65 -51.72 -0.90
N VAL E 61 -8.50 -51.59 -1.55
CA VAL E 61 -8.45 -51.47 -2.99
C VAL E 61 -7.72 -52.67 -3.57
N ASP F 28 -8.76 -2.86 -48.11
CA ASP F 28 -8.79 -4.31 -48.26
C ASP F 28 -9.70 -4.86 -47.16
N VAL F 29 -9.17 -5.72 -46.30
CA VAL F 29 -9.94 -6.20 -45.16
C VAL F 29 -10.05 -5.08 -44.12
N ALA F 30 -11.27 -4.85 -43.63
CA ALA F 30 -11.54 -3.88 -42.57
C ALA F 30 -11.04 -2.48 -42.89
N GLY F 31 -11.14 -2.10 -44.16
CA GLY F 31 -10.69 -0.80 -44.62
C GLY F 31 -9.20 -0.57 -44.51
N LEU F 32 -8.40 -1.63 -44.46
CA LEU F 32 -6.96 -1.51 -44.36
C LEU F 32 -6.36 -1.51 -45.76
N THR F 33 -5.13 -1.07 -45.85
CA THR F 33 -4.39 -0.90 -47.07
C THR F 33 -3.19 -1.84 -47.09
N PRO F 34 -2.91 -2.51 -48.21
CA PRO F 34 -1.69 -3.32 -48.30
C PRO F 34 -0.47 -2.43 -48.07
N CYS F 35 0.46 -2.92 -47.25
CA CYS F 35 1.61 -2.13 -46.84
C CYS F 35 2.48 -1.72 -48.01
N GLY F 36 2.46 -2.47 -49.12
CA GLY F 36 3.28 -2.10 -50.24
C GLY F 36 2.83 -0.84 -50.95
N GLU F 37 1.57 -0.46 -50.82
CA GLU F 37 1.05 0.74 -51.45
C GLU F 37 0.60 1.79 -50.44
N SER F 38 0.81 1.55 -49.15
CA SER F 38 0.51 2.57 -48.17
C SER F 38 1.55 3.68 -48.25
N LYS F 39 1.09 4.93 -48.32
CA LYS F 39 2.02 6.06 -48.30
C LYS F 39 2.61 6.29 -46.91
N GLU F 40 1.86 5.98 -45.86
CA GLU F 40 2.39 6.15 -44.52
C GLU F 40 3.47 5.13 -44.20
N PHE F 41 3.36 3.91 -44.76
CA PHE F 41 4.46 2.94 -44.64
C PHE F 41 5.73 3.46 -45.30
N ALA F 42 5.58 4.08 -46.47
CA ALA F 42 6.73 4.64 -47.17
C ALA F 42 7.37 5.76 -46.38
N ARG F 43 6.55 6.60 -45.72
CA ARG F 43 7.13 7.63 -44.89
C ARG F 43 7.80 7.07 -43.65
N ARG F 44 7.30 5.96 -43.11
CA ARG F 44 8.01 5.27 -42.03
C ARG F 44 9.39 4.84 -42.48
N LEU F 45 9.47 4.20 -43.66
CA LEU F 45 10.77 3.72 -44.16
C LEU F 45 11.73 4.87 -44.39
N ASP F 46 11.23 5.96 -44.97
CA ASP F 46 12.09 7.09 -45.26
C ASP F 46 12.55 7.78 -43.99
N GLY F 47 11.66 8.01 -43.02
CA GLY F 47 12.07 8.63 -41.77
C GLY F 47 13.05 7.77 -40.99
N SER F 48 12.86 6.44 -41.03
CA SER F 48 13.78 5.53 -40.35
C SER F 48 15.15 5.57 -40.99
N VAL F 49 15.22 5.80 -42.30
CA VAL F 49 16.53 5.83 -42.93
C VAL F 49 17.21 7.18 -42.78
N LYS F 50 16.44 8.28 -42.83
CA LYS F 50 17.03 9.60 -42.58
C LYS F 50 17.59 9.71 -41.16
N LYS F 51 16.95 9.06 -40.19
CA LYS F 51 17.46 9.11 -38.83
C LYS F 51 18.82 8.42 -38.72
N LEU F 52 19.03 7.34 -39.46
CA LEU F 52 20.32 6.65 -39.47
C LEU F 52 21.36 7.40 -40.30
N GLN F 53 20.92 8.02 -41.40
CA GLN F 53 21.85 8.76 -42.25
C GLN F 53 22.36 10.02 -41.57
N THR F 54 21.56 10.66 -40.72
CA THR F 54 22.09 11.82 -40.02
C THR F 54 23.06 11.43 -38.91
N ARG F 55 22.93 10.22 -38.35
CA ARG F 55 23.97 9.72 -37.46
C ARG F 55 25.21 9.31 -38.24
N LEU F 56 25.02 8.84 -39.46
CA LEU F 56 26.16 8.47 -40.30
C LEU F 56 26.90 9.67 -40.83
N SER F 57 26.23 10.83 -40.91
CA SER F 57 26.88 12.05 -41.40
C SER F 57 27.95 12.60 -40.46
N LYS F 58 28.19 11.95 -39.31
CA LYS F 58 29.14 12.41 -38.32
C LYS F 58 30.36 11.50 -38.20
N TYR F 59 30.58 10.63 -39.19
CA TYR F 59 31.64 9.63 -39.14
C TYR F 59 32.29 9.55 -40.51
N GLU F 60 33.55 9.13 -40.53
CA GLU F 60 34.27 8.95 -41.78
C GLU F 60 34.09 7.54 -42.32
N ALA F 61 34.38 7.39 -43.62
CA ALA F 61 33.81 6.30 -44.42
C ALA F 61 34.20 4.93 -43.88
N GLY F 62 35.48 4.69 -43.66
CA GLY F 62 35.89 3.35 -43.28
C GLY F 62 35.89 3.05 -41.80
N THR F 63 35.41 3.98 -40.98
CA THR F 63 35.44 3.80 -39.54
C THR F 63 34.50 2.69 -39.13
N PRO F 64 34.73 2.05 -37.99
CA PRO F 64 33.77 1.05 -37.47
C PRO F 64 32.37 1.61 -37.17
N PRO F 65 32.20 2.85 -36.66
CA PRO F 65 30.82 3.35 -36.55
C PRO F 65 30.13 3.56 -37.90
N ALA F 66 30.89 3.82 -38.96
CA ALA F 66 30.28 4.00 -40.26
C ALA F 66 29.80 2.67 -40.84
N LEU F 67 30.61 1.61 -40.68
CA LEU F 67 30.19 0.29 -41.13
C LEU F 67 29.01 -0.22 -40.33
N ALA F 68 29.00 0.07 -39.02
CA ALA F 68 27.87 -0.33 -38.17
C ALA F 68 26.58 0.35 -38.61
N LEU F 69 26.63 1.65 -38.90
CA LEU F 69 25.40 2.32 -39.29
C LEU F 69 24.98 1.98 -40.72
N GLN F 70 25.93 1.73 -41.62
CA GLN F 70 25.56 1.31 -42.96
C GLN F 70 24.91 -0.07 -42.95
N LYS F 71 25.35 -0.95 -42.04
CA LYS F 71 24.72 -2.25 -41.93
C LYS F 71 23.33 -2.12 -41.30
N GLN F 72 23.13 -1.10 -40.46
CA GLN F 72 21.80 -0.88 -39.90
C GLN F 72 20.84 -0.28 -40.92
N ILE F 73 21.35 0.51 -41.87
CA ILE F 73 20.49 1.05 -42.93
C ILE F 73 20.10 -0.05 -43.90
N ASP F 74 21.01 -0.97 -44.18
CA ASP F 74 20.67 -2.12 -45.02
C ASP F 74 19.62 -2.99 -44.34
N LYS F 75 19.76 -3.22 -43.03
CA LYS F 75 18.78 -4.03 -42.32
C LYS F 75 17.40 -3.36 -42.30
N THR F 76 17.35 -2.05 -42.10
CA THR F 76 16.07 -1.34 -42.10
C THR F 76 15.37 -1.42 -43.45
N LYS F 77 16.11 -1.15 -44.53
CA LYS F 77 15.52 -1.21 -45.87
C LYS F 77 15.05 -2.62 -46.20
N ASN F 78 15.83 -3.63 -45.81
CA ASN F 78 15.45 -5.01 -46.06
C ASN F 78 14.15 -5.37 -45.35
N ARG F 79 14.02 -4.94 -44.09
CA ARG F 79 12.80 -5.21 -43.33
C ARG F 79 11.58 -4.56 -43.98
N PHE F 80 11.69 -3.30 -44.37
CA PHE F 80 10.55 -2.60 -44.97
C PHE F 80 10.17 -3.21 -46.32
N ASP F 81 11.17 -3.59 -47.12
CA ASP F 81 10.90 -4.26 -48.39
C ASP F 81 10.20 -5.60 -48.18
N ARG F 82 10.67 -6.40 -47.22
CA ARG F 82 10.06 -7.70 -46.97
C ARG F 82 8.62 -7.54 -46.51
N TYR F 83 8.36 -6.57 -45.63
CA TYR F 83 7.01 -6.35 -45.13
C TYR F 83 6.08 -5.91 -46.26
N GLY F 84 6.57 -5.05 -47.15
CA GLY F 84 5.75 -4.58 -48.26
C GLY F 84 5.29 -5.69 -49.20
N LYS F 85 6.13 -6.68 -49.44
CA LYS F 85 5.84 -7.73 -50.40
C LYS F 85 5.20 -8.97 -49.78
N ALA F 86 4.87 -8.93 -48.49
CA ALA F 86 4.40 -10.13 -47.81
C ALA F 86 2.89 -10.26 -47.77
N GLY F 87 2.15 -9.25 -48.20
CA GLY F 87 0.71 -9.26 -48.08
C GLY F 87 0.19 -8.76 -46.76
N LEU F 88 1.04 -8.20 -45.91
CA LEU F 88 0.57 -7.53 -44.71
C LEU F 88 -0.23 -6.30 -45.09
N LEU F 89 -1.16 -5.93 -44.21
CA LEU F 89 -2.01 -4.76 -44.39
C LEU F 89 -1.61 -3.69 -43.39
N CYS F 90 -1.42 -2.48 -43.87
CA CYS F 90 -1.08 -1.35 -43.02
C CYS F 90 -2.32 -0.54 -42.69
N GLY F 91 -2.25 0.17 -41.56
CA GLY F 91 -3.31 1.04 -41.13
C GLY F 91 -3.11 2.46 -41.64
N THR F 92 -3.88 3.39 -41.06
CA THR F 92 -3.66 4.79 -41.31
C THR F 92 -2.35 5.27 -40.71
N ASP F 93 -1.85 4.60 -39.68
CA ASP F 93 -0.59 4.98 -39.06
C ASP F 93 0.62 4.44 -39.79
N GLY F 94 0.42 3.63 -40.83
CA GLY F 94 1.54 3.08 -41.56
C GLY F 94 2.23 1.93 -40.89
N LEU F 95 1.59 1.28 -39.94
CA LEU F 95 2.17 0.12 -39.33
C LEU F 95 1.39 -1.12 -39.76
N PRO F 96 2.04 -2.27 -39.91
CA PRO F 96 1.32 -3.49 -40.30
C PRO F 96 0.29 -3.90 -39.26
N HIS F 97 -0.86 -4.38 -39.73
CA HIS F 97 -1.90 -4.90 -38.85
C HIS F 97 -2.13 -6.36 -39.18
N LEU F 98 -2.46 -7.13 -38.14
CA LEU F 98 -2.62 -8.57 -38.25
C LEU F 98 -4.10 -8.92 -38.27
N ILE F 99 -4.49 -9.75 -39.23
CA ILE F 99 -5.87 -10.24 -39.35
C ILE F 99 -5.91 -11.66 -38.80
N THR F 100 -6.75 -11.89 -37.80
CA THR F 100 -6.73 -13.15 -37.04
C THR F 100 -8.13 -13.75 -36.92
N ASP F 101 -9.01 -13.49 -37.88
CA ASP F 101 -10.37 -14.00 -37.81
C ASP F 101 -10.49 -15.43 -38.32
N GLY F 102 -9.43 -15.95 -38.93
CA GLY F 102 -9.42 -17.30 -39.44
C GLY F 102 -9.29 -17.40 -40.95
N ARG F 103 -9.36 -16.29 -41.67
CA ARG F 103 -9.30 -16.34 -43.13
C ARG F 103 -7.94 -16.83 -43.60
N TRP F 104 -7.95 -17.60 -44.70
CA TRP F 104 -6.78 -18.33 -45.11
C TRP F 104 -5.73 -17.47 -45.78
N THR F 105 -6.13 -16.35 -46.37
CA THR F 105 -5.17 -15.41 -46.96
C THR F 105 -4.28 -14.76 -45.91
N HIS F 106 -4.61 -14.92 -44.62
CA HIS F 106 -3.86 -14.31 -43.53
C HIS F 106 -3.50 -15.33 -42.46
N SER F 107 -3.44 -16.62 -42.81
CA SER F 107 -3.16 -17.63 -41.80
C SER F 107 -1.73 -17.58 -41.30
N GLY F 108 -0.84 -16.95 -42.04
CA GLY F 108 0.53 -16.87 -41.60
C GLY F 108 0.80 -15.88 -40.50
N GLU F 109 -0.20 -15.14 -40.07
CA GLU F 109 -0.02 -14.20 -38.97
C GLU F 109 -0.46 -14.74 -37.62
N PHE F 110 -1.47 -15.58 -37.55
CA PHE F 110 -1.79 -16.19 -36.27
C PHE F 110 -2.00 -17.70 -36.33
N VAL F 111 -2.63 -18.22 -37.37
CA VAL F 111 -3.08 -19.60 -37.37
C VAL F 111 -1.90 -20.56 -37.47
N ILE F 112 -0.96 -20.27 -38.36
CA ILE F 112 0.21 -21.11 -38.54
C ILE F 112 1.23 -20.91 -37.42
N PRO F 113 1.58 -19.67 -37.00
CA PRO F 113 2.36 -19.55 -35.76
C PRO F 113 1.70 -20.23 -34.57
N GLY F 114 0.36 -20.18 -34.50
CA GLY F 114 -0.33 -20.86 -33.42
C GLY F 114 -0.26 -22.37 -33.49
N LEU F 115 -0.35 -22.94 -34.70
CA LEU F 115 -0.15 -24.38 -34.86
C LEU F 115 1.25 -24.80 -34.47
N LEU F 116 2.26 -24.00 -34.84
CA LEU F 116 3.63 -24.31 -34.44
C LEU F 116 3.78 -24.26 -32.93
N PHE F 117 3.15 -23.26 -32.30
CA PHE F 117 3.26 -23.16 -30.85
C PHE F 117 2.62 -24.36 -30.19
N LEU F 118 1.42 -24.73 -30.63
CA LEU F 118 0.71 -25.79 -29.93
C LEU F 118 1.43 -27.13 -30.10
N TYR F 119 2.09 -27.33 -31.25
CA TYR F 119 2.94 -28.52 -31.40
C TYR F 119 4.10 -28.52 -30.42
N VAL F 120 4.78 -27.38 -30.26
CA VAL F 120 5.90 -27.33 -29.31
C VAL F 120 5.40 -27.44 -27.86
N ALA F 121 4.34 -26.74 -27.51
CA ALA F 121 3.83 -26.72 -26.15
C ALA F 121 3.30 -28.07 -25.74
N GLY F 122 2.55 -28.74 -26.63
CA GLY F 122 2.10 -30.08 -26.34
C GLY F 122 3.24 -31.06 -26.24
N TRP F 123 4.31 -30.86 -27.02
CA TRP F 123 5.52 -31.66 -26.85
C TRP F 123 6.09 -31.51 -25.44
N ILE F 124 6.29 -30.27 -25.00
CA ILE F 124 6.86 -30.01 -23.68
C ILE F 124 5.98 -30.61 -22.58
N GLY F 125 4.67 -30.45 -22.71
CA GLY F 125 3.76 -30.99 -21.71
C GLY F 125 3.77 -32.51 -21.68
N TRP F 126 3.74 -33.14 -22.85
CA TRP F 126 3.77 -34.60 -22.94
C TRP F 126 5.05 -35.17 -22.37
N VAL F 127 6.18 -34.52 -22.63
CA VAL F 127 7.47 -35.00 -22.18
C VAL F 127 7.62 -34.82 -20.67
N GLY F 128 7.17 -33.67 -20.14
CA GLY F 128 7.20 -33.46 -18.71
C GLY F 128 6.29 -34.41 -17.96
N ARG F 129 5.11 -34.69 -18.53
CA ARG F 129 4.19 -35.63 -17.90
C ARG F 129 4.78 -37.04 -17.90
N SER F 130 5.45 -37.44 -18.98
CA SER F 130 6.05 -38.76 -19.03
C SER F 130 7.14 -38.90 -17.98
N TYR F 131 7.90 -37.82 -17.75
CA TYR F 131 8.93 -37.91 -16.73
C TYR F 131 8.34 -37.92 -15.32
N VAL F 132 7.25 -37.19 -15.04
CA VAL F 132 6.72 -37.25 -13.66
C VAL F 132 6.12 -38.63 -13.38
N LEU F 133 5.57 -39.28 -14.40
CA LEU F 133 5.05 -40.61 -14.18
C LEU F 133 6.17 -41.62 -14.01
N PHE F 134 7.29 -41.44 -14.72
CA PHE F 134 8.46 -42.29 -14.48
C PHE F 134 9.01 -42.09 -13.08
N ALA F 135 9.12 -40.83 -12.65
CA ALA F 135 9.72 -40.54 -11.36
C ALA F 135 8.88 -41.04 -10.21
N ARG F 136 7.58 -41.25 -10.41
CA ARG F 136 6.78 -41.82 -9.33
C ARG F 136 7.18 -43.25 -9.00
N THR F 137 7.65 -44.02 -9.98
CA THR F 137 8.07 -45.41 -9.79
C THR F 137 9.53 -45.55 -9.40
N ALA F 138 10.11 -44.54 -8.79
CA ALA F 138 11.54 -44.53 -8.48
C ALA F 138 11.75 -44.89 -7.02
N ASP F 139 13.01 -45.17 -6.68
CA ASP F 139 13.38 -45.49 -5.31
C ASP F 139 13.08 -44.33 -4.36
N LYS F 140 13.47 -43.12 -4.76
CA LYS F 140 13.10 -41.89 -4.07
C LYS F 140 12.49 -40.99 -5.13
N PRO F 141 11.17 -40.92 -5.23
CA PRO F 141 10.55 -40.15 -6.30
C PRO F 141 10.86 -38.67 -6.25
N THR F 142 11.07 -38.10 -5.07
CA THR F 142 11.34 -36.68 -4.97
C THR F 142 12.80 -36.34 -5.23
N GLU F 143 13.70 -37.31 -5.15
CA GLU F 143 15.09 -37.06 -5.55
C GLU F 143 15.24 -37.03 -7.07
N LYS F 144 14.37 -37.71 -7.81
CA LYS F 144 14.41 -37.66 -9.26
C LYS F 144 13.96 -36.32 -9.81
N GLU F 145 13.37 -35.47 -8.99
CA GLU F 145 12.88 -34.19 -9.49
C GLU F 145 13.80 -33.04 -9.16
N ILE F 146 14.67 -33.17 -8.17
CA ILE F 146 15.73 -32.19 -7.96
C ILE F 146 17.07 -32.65 -8.52
N ILE F 147 17.26 -33.95 -8.73
CA ILE F 147 18.40 -34.48 -9.46
C ILE F 147 17.82 -35.30 -10.60
N ILE F 148 17.78 -34.73 -11.79
CA ILE F 148 17.08 -35.34 -12.91
C ILE F 148 17.92 -36.45 -13.49
N ASP F 149 17.29 -37.60 -13.73
CA ASP F 149 17.96 -38.68 -14.45
C ASP F 149 18.09 -38.30 -15.92
N VAL F 150 19.23 -37.71 -16.28
CA VAL F 150 19.36 -37.09 -17.60
C VAL F 150 19.24 -38.06 -18.77
N PRO F 151 19.81 -39.29 -18.74
CA PRO F 151 19.55 -40.23 -19.86
C PRO F 151 18.08 -40.60 -20.05
N VAL F 152 17.34 -40.78 -18.96
CA VAL F 152 15.94 -41.13 -19.10
C VAL F 152 15.13 -39.91 -19.55
N ALA F 153 15.46 -38.74 -19.01
CA ALA F 153 14.77 -37.53 -19.43
C ALA F 153 15.03 -37.20 -20.89
N LEU F 154 16.20 -37.57 -21.43
CA LEU F 154 16.45 -37.38 -22.85
C LEU F 154 15.73 -38.41 -23.71
N SER F 155 15.57 -39.62 -23.18
CA SER F 155 14.70 -40.60 -23.83
C SER F 155 13.29 -40.05 -23.92
N PHE F 156 12.86 -39.30 -22.91
CA PHE F 156 11.51 -38.75 -22.96
C PHE F 156 11.41 -37.57 -23.91
N VAL F 157 12.42 -36.67 -23.93
CA VAL F 157 12.31 -35.48 -24.78
C VAL F 157 12.27 -35.90 -26.24
N SER F 158 12.91 -37.02 -26.58
CA SER F 158 12.84 -37.45 -27.97
C SER F 158 11.44 -37.96 -28.35
N THR F 159 10.68 -38.51 -27.41
CA THR F 159 9.35 -39.06 -27.71
C THR F 159 8.29 -38.03 -28.04
N GLY F 160 8.53 -36.75 -27.82
CA GLY F 160 7.43 -35.81 -27.92
C GLY F 160 6.99 -35.46 -29.32
N PHE F 161 7.72 -35.91 -30.35
CA PHE F 161 7.41 -35.51 -31.72
C PHE F 161 6.10 -36.06 -32.22
N ILE F 162 5.55 -37.06 -31.56
CA ILE F 162 4.26 -37.62 -31.95
C ILE F 162 3.30 -37.52 -30.79
N TRP F 163 3.46 -36.49 -29.98
CA TRP F 163 2.56 -36.29 -28.84
C TRP F 163 1.07 -36.27 -29.21
N PRO F 164 0.58 -35.71 -30.34
CA PRO F 164 -0.88 -35.78 -30.57
C PRO F 164 -1.43 -37.20 -30.60
N PHE F 165 -0.74 -38.11 -31.28
CA PHE F 165 -1.22 -39.48 -31.38
C PHE F 165 -1.03 -40.22 -30.06
N SER F 166 0.14 -40.07 -29.42
CA SER F 166 0.40 -40.74 -28.16
C SER F 166 -0.56 -40.27 -27.08
N ALA F 167 -0.86 -38.97 -27.04
CA ALA F 167 -1.69 -38.43 -25.99
C ALA F 167 -3.15 -38.77 -26.24
N PHE F 168 -3.60 -38.82 -27.49
CA PHE F 168 -5.00 -39.19 -27.70
C PHE F 168 -5.20 -40.68 -27.45
N LYS F 169 -4.27 -41.53 -27.89
CA LYS F 169 -4.37 -42.94 -27.55
C LYS F 169 -4.27 -43.16 -26.04
N GLU F 170 -3.46 -42.35 -25.35
CA GLU F 170 -3.40 -42.37 -23.90
C GLU F 170 -4.77 -42.02 -23.32
N PHE F 171 -5.43 -41.03 -23.91
CA PHE F 171 -6.77 -40.61 -23.46
C PHE F 171 -7.80 -41.71 -23.64
N THR F 172 -7.90 -42.27 -24.84
CA THR F 172 -8.95 -43.25 -25.09
C THR F 172 -8.69 -44.57 -24.40
N SER F 173 -7.44 -44.91 -24.12
CA SER F 173 -7.15 -46.14 -23.38
C SER F 173 -7.32 -45.98 -21.89
N GLY F 174 -7.89 -44.87 -21.43
CA GLY F 174 -8.14 -44.63 -20.02
C GLY F 174 -6.91 -44.48 -19.16
N ASN F 175 -5.91 -43.78 -19.65
CA ASN F 175 -4.69 -43.59 -18.88
C ASN F 175 -4.27 -42.13 -18.79
N LEU F 176 -4.99 -41.22 -19.42
CA LEU F 176 -4.74 -39.80 -19.28
C LEU F 176 -5.56 -39.21 -18.14
N ILE F 177 -6.84 -39.54 -18.09
CA ILE F 177 -7.77 -38.94 -17.14
C ILE F 177 -7.99 -39.93 -16.01
N VAL F 178 -7.87 -39.47 -14.77
CA VAL F 178 -8.15 -40.36 -13.65
C VAL F 178 -9.59 -40.10 -13.23
N PRO F 179 -10.32 -41.11 -12.75
CA PRO F 179 -11.70 -40.89 -12.33
C PRO F 179 -11.81 -40.00 -11.10
N ALA F 180 -12.96 -39.36 -10.96
CA ALA F 180 -13.20 -38.35 -9.93
C ALA F 180 -13.04 -38.87 -8.52
N ASP F 181 -13.16 -40.17 -8.31
CA ASP F 181 -13.11 -40.75 -6.97
C ASP F 181 -11.71 -41.21 -6.55
N GLU F 182 -10.68 -40.98 -7.35
CA GLU F 182 -9.29 -41.12 -6.91
C GLU F 182 -8.59 -39.78 -6.78
N ILE F 183 -9.34 -38.71 -6.63
CA ILE F 183 -8.77 -37.38 -6.51
C ILE F 183 -9.22 -36.79 -5.19
N THR F 184 -8.27 -36.34 -4.39
CA THR F 184 -8.62 -35.71 -3.13
C THR F 184 -9.26 -34.35 -3.39
N VAL F 185 -10.36 -34.10 -2.66
CA VAL F 185 -11.10 -32.81 -2.82
C VAL F 185 -11.39 -32.25 -1.42
N SER F 186 -11.78 -30.99 -1.33
CA SER F 186 -12.14 -30.37 -0.03
C SER F 186 -13.46 -30.96 0.48
N PRO F 187 -13.72 -31.01 1.80
CA PRO F 187 -14.93 -31.62 2.34
C PRO F 187 -16.21 -30.91 1.87
N ARG F 188 -16.18 -29.58 1.75
CA ARG F 188 -17.36 -28.78 1.30
C ARG F 188 -18.46 -28.86 2.36
N MET G 1 -26.73 36.96 -3.65
CA MET G 1 -27.42 35.87 -3.00
C MET G 1 -28.51 36.34 -2.04
N THR G 2 -29.66 35.68 -2.11
CA THR G 2 -30.75 35.94 -1.19
C THR G 2 -30.51 35.23 0.13
N ALA G 3 -30.87 35.91 1.23
CA ALA G 3 -30.58 35.45 2.59
C ALA G 3 -29.11 35.11 2.74
N ALA G 4 -28.26 36.01 2.25
CA ALA G 4 -26.82 35.79 2.19
C ALA G 4 -26.17 35.62 3.56
N TYR G 5 -26.83 36.02 4.64
CA TYR G 5 -26.28 35.86 5.99
C TYR G 5 -26.29 34.40 6.47
N LEU G 6 -27.10 33.57 5.83
CA LEU G 6 -27.25 32.19 6.27
C LEU G 6 -25.97 31.39 6.24
N PRO G 7 -25.13 31.39 5.18
CA PRO G 7 -23.90 30.59 5.26
C PRO G 7 -22.98 30.99 6.38
N SER G 8 -22.84 32.29 6.66
CA SER G 8 -21.95 32.71 7.72
C SER G 8 -22.53 32.41 9.08
N ILE G 9 -23.83 32.12 9.16
CA ILE G 9 -24.36 31.64 10.44
C ILE G 9 -24.27 30.12 10.56
N LEU G 10 -24.72 29.39 9.54
CA LEU G 10 -24.87 27.96 9.66
C LEU G 10 -23.57 27.18 9.48
N VAL G 11 -22.64 27.65 8.64
CA VAL G 11 -21.40 26.91 8.39
C VAL G 11 -20.54 26.78 9.65
N PRO G 12 -20.29 27.83 10.45
CA PRO G 12 -19.60 27.59 11.72
C PRO G 12 -20.35 26.66 12.66
N ILE G 13 -21.67 26.76 12.73
CA ILE G 13 -22.44 25.89 13.62
C ILE G 13 -22.40 24.45 13.14
N ILE G 14 -22.67 24.21 11.86
CA ILE G 14 -22.65 22.85 11.32
C ILE G 14 -21.23 22.29 11.33
N GLY G 15 -20.24 23.12 11.07
CA GLY G 15 -18.89 22.64 10.96
C GLY G 15 -18.11 22.56 12.25
N LEU G 16 -18.49 23.32 13.27
CA LEU G 16 -17.77 23.30 14.53
C LEU G 16 -18.63 22.88 15.71
N ILE G 17 -19.76 23.54 15.94
CA ILE G 17 -20.58 23.23 17.11
C ILE G 17 -21.27 21.89 16.98
N PHE G 18 -21.83 21.59 15.82
CA PHE G 18 -22.46 20.28 15.63
C PHE G 18 -21.51 19.11 15.84
N PRO G 19 -20.34 19.03 15.18
CA PRO G 19 -19.41 17.94 15.54
C PRO G 19 -18.90 18.01 16.96
N GLY G 20 -18.62 19.20 17.51
CA GLY G 20 -18.16 19.28 18.89
C GLY G 20 -19.17 18.75 19.89
N LEU G 21 -20.45 18.89 19.58
CA LEU G 21 -21.48 18.41 20.48
C LEU G 21 -21.74 16.92 20.28
N VAL G 22 -21.69 16.43 19.04
CA VAL G 22 -21.92 15.00 18.88
C VAL G 22 -20.73 14.20 19.41
N MET G 23 -19.49 14.70 19.21
CA MET G 23 -18.33 14.08 19.85
C MET G 23 -18.42 14.11 21.37
N ALA G 24 -18.85 15.24 21.96
CA ALA G 24 -18.96 15.28 23.42
C ALA G 24 -19.98 14.26 23.95
N PHE G 25 -21.15 14.20 23.32
CA PHE G 25 -22.18 13.32 23.84
C PHE G 25 -21.97 11.85 23.45
N ALA G 26 -21.39 11.60 22.28
CA ALA G 26 -21.01 10.25 21.92
C ALA G 26 -19.93 9.73 22.86
N PHE G 27 -18.98 10.59 23.23
CA PHE G 27 -17.96 10.20 24.19
C PHE G 27 -18.58 9.83 25.53
N ILE G 28 -19.56 10.61 25.99
CA ILE G 28 -20.25 10.27 27.24
C ILE G 28 -20.99 8.94 27.12
N TYR G 29 -21.67 8.71 25.99
CA TYR G 29 -22.45 7.49 25.82
C TYR G 29 -21.57 6.24 25.72
N ILE G 30 -20.44 6.32 25.00
CA ILE G 30 -19.59 5.14 24.86
C ILE G 30 -18.73 4.87 26.09
N GLU G 31 -18.65 5.79 27.04
CA GLU G 31 -17.81 5.60 28.22
C GLU G 31 -18.63 5.50 29.50
N GLN G 32 -19.88 5.08 29.41
CA GLN G 32 -20.73 4.93 30.59
C GLN G 32 -20.98 3.47 30.87
N ASP G 33 -20.94 3.10 32.15
CA ASP G 33 -21.19 1.72 32.53
C ASP G 33 -22.66 1.33 32.44
N GLU G 34 -23.56 2.29 32.57
CA GLU G 34 -24.98 1.97 32.63
C GLU G 34 -25.81 2.96 31.79
N MET H 1 34.64 -39.31 -16.42
CA MET H 1 34.41 -38.12 -15.60
C MET H 1 33.77 -38.57 -14.30
N ASP H 2 34.02 -37.84 -13.22
CA ASP H 2 33.53 -38.19 -11.89
C ASP H 2 32.02 -38.31 -11.87
N SER H 3 31.52 -39.38 -11.25
CA SER H 3 30.08 -39.60 -11.24
C SER H 3 29.38 -38.65 -10.29
N ASN H 4 30.09 -38.17 -9.26
CA ASN H 4 29.50 -37.19 -8.35
C ASN H 4 29.49 -35.80 -8.96
N PHE H 5 30.45 -35.50 -9.83
CA PHE H 5 30.41 -34.22 -10.53
C PHE H 5 29.31 -34.23 -11.58
N LEU H 6 29.05 -35.38 -12.18
CA LEU H 6 27.94 -35.52 -13.12
C LEU H 6 26.61 -35.53 -12.39
N LYS H 7 26.58 -36.04 -11.17
CA LYS H 7 25.37 -35.97 -10.36
C LYS H 7 25.13 -34.55 -9.89
N TYR H 8 26.19 -33.75 -9.80
CA TYR H 8 26.03 -32.33 -9.51
C TYR H 8 25.50 -31.59 -10.74
N LEU H 9 25.97 -31.96 -11.93
CA LEU H 9 25.50 -31.30 -13.14
C LEU H 9 24.07 -31.70 -13.49
N SER H 10 23.55 -32.75 -12.89
CA SER H 10 22.16 -33.16 -13.05
C SER H 10 21.22 -32.49 -12.07
N THR H 11 21.72 -31.67 -11.16
CA THR H 11 20.83 -30.99 -10.23
C THR H 11 19.96 -30.00 -10.98
N ALA H 12 18.77 -29.76 -10.42
CA ALA H 12 17.77 -28.90 -11.07
C ALA H 12 18.27 -27.51 -11.44
N PRO H 13 18.95 -26.74 -10.59
CA PRO H 13 19.38 -25.39 -11.04
C PRO H 13 20.38 -25.41 -12.17
N VAL H 14 21.28 -26.40 -12.21
CA VAL H 14 22.27 -26.45 -13.29
C VAL H 14 21.59 -26.78 -14.62
N LEU H 15 20.72 -27.80 -14.62
CA LEU H 15 19.99 -28.15 -15.83
C LEU H 15 19.06 -27.04 -16.28
N PHE H 16 18.39 -26.39 -15.34
CA PHE H 16 17.51 -25.26 -15.66
C PHE H 16 18.29 -24.11 -16.29
N THR H 17 19.47 -23.80 -15.74
CA THR H 17 20.25 -22.69 -16.28
C THR H 17 20.84 -23.05 -17.63
N VAL H 18 21.31 -24.30 -17.79
CA VAL H 18 21.91 -24.71 -19.05
C VAL H 18 20.86 -24.85 -20.14
N TRP H 19 19.73 -25.47 -19.83
CA TRP H 19 18.68 -25.68 -20.82
C TRP H 19 18.08 -24.36 -21.25
N LEU H 20 17.79 -23.45 -20.31
CA LEU H 20 17.25 -22.16 -20.72
C LEU H 20 18.30 -21.25 -21.35
N SER H 21 19.58 -21.47 -21.09
CA SER H 21 20.60 -20.72 -21.82
C SER H 21 20.75 -21.23 -23.24
N PHE H 22 20.71 -22.54 -23.43
CA PHE H 22 20.70 -23.13 -24.75
C PHE H 22 19.45 -22.73 -25.54
N THR H 23 18.29 -22.70 -24.88
CA THR H 23 17.04 -22.30 -25.52
C THR H 23 17.08 -20.83 -25.95
N ALA H 24 17.47 -19.94 -25.02
CA ALA H 24 17.63 -18.53 -25.33
C ALA H 24 18.64 -18.33 -26.44
N SER H 25 19.63 -19.20 -26.50
CA SER H 25 20.72 -19.06 -27.43
C SER H 25 20.30 -19.44 -28.85
N PHE H 26 19.43 -20.44 -29.02
CA PHE H 26 19.03 -20.67 -30.41
C PHE H 26 17.88 -19.78 -30.84
N ILE H 27 17.16 -19.17 -29.90
CA ILE H 27 16.27 -18.06 -30.29
C ILE H 27 17.09 -16.88 -30.80
N ILE H 28 18.20 -16.57 -30.10
CA ILE H 28 19.06 -15.47 -30.51
C ILE H 28 19.69 -15.74 -31.88
N GLU H 29 20.21 -16.95 -32.08
CA GLU H 29 20.83 -17.28 -33.37
C GLU H 29 19.81 -17.27 -34.52
N ALA H 30 18.61 -17.79 -34.27
CA ALA H 30 17.57 -17.77 -35.29
C ALA H 30 17.16 -16.36 -35.63
N ASN H 31 17.20 -15.44 -34.66
CA ASN H 31 16.91 -14.05 -34.97
C ASN H 31 18.10 -13.30 -35.52
N ARG H 32 19.28 -13.89 -35.47
CA ARG H 32 20.41 -13.28 -36.16
C ARG H 32 20.35 -13.59 -37.63
N PHE H 33 20.24 -14.86 -37.99
CA PHE H 33 20.18 -15.23 -39.40
C PHE H 33 18.84 -14.91 -40.06
N PHE H 34 17.74 -15.02 -39.34
CA PHE H 34 16.40 -14.77 -39.89
C PHE H 34 15.68 -13.72 -39.05
N PRO H 35 16.03 -12.45 -39.20
CA PRO H 35 15.43 -11.40 -38.35
C PRO H 35 14.09 -10.90 -38.86
N ASP H 36 13.38 -10.22 -37.94
CA ASP H 36 12.14 -9.49 -38.20
C ASP H 36 11.04 -10.36 -38.79
N MET H 37 10.87 -11.56 -38.24
CA MET H 37 9.82 -12.47 -38.70
C MET H 37 8.54 -12.19 -37.92
N LEU H 38 7.81 -11.19 -38.38
CA LEU H 38 6.53 -10.87 -37.78
C LEU H 38 5.44 -11.90 -38.12
N TYR H 39 5.65 -12.70 -39.17
CA TYR H 39 4.62 -13.58 -39.69
C TYR H 39 5.30 -14.84 -40.19
N PHE H 40 4.55 -15.92 -40.28
CA PHE H 40 5.06 -17.10 -40.95
C PHE H 40 4.99 -16.83 -42.45
N PRO H 41 6.11 -16.83 -43.17
CA PRO H 41 6.09 -16.38 -44.56
C PRO H 41 5.33 -17.32 -45.47
N MET H 42 4.17 -16.85 -45.89
CA MET H 42 3.24 -17.59 -46.72
C MET H 42 2.31 -16.61 -47.43
N SER I 2 29.43 3.89 44.01
CA SER I 2 28.10 4.46 44.17
C SER I 2 27.21 4.17 42.98
N GLN I 3 25.92 4.00 43.24
CA GLN I 3 24.97 3.68 42.18
C GLN I 3 23.80 4.64 42.27
N PHE I 4 23.46 5.24 41.16
CA PHE I 4 22.43 6.27 41.13
C PHE I 4 21.07 5.73 40.74
N ILE I 5 21.00 4.53 40.18
CA ILE I 5 19.74 3.97 39.73
C ILE I 5 19.41 2.79 40.62
N LYS I 6 18.19 2.77 41.14
CA LYS I 6 17.73 1.75 42.07
C LYS I 6 16.30 1.35 41.74
N PRO I 7 15.79 0.25 42.32
CA PRO I 7 14.37 -0.06 42.15
C PRO I 7 13.46 1.01 42.74
N TYR I 8 12.26 1.11 42.19
CA TYR I 8 11.35 2.20 42.53
C TYR I 8 10.62 1.89 43.82
N ASN I 9 10.88 2.71 44.85
CA ASN I 9 10.29 2.58 46.19
C ASN I 9 10.58 1.20 46.76
N ASP I 10 11.85 0.79 46.67
CA ASP I 10 12.41 -0.46 47.18
C ASP I 10 11.86 -1.69 46.48
N ASP I 11 11.00 -1.55 45.48
CA ASP I 11 10.36 -2.69 44.87
C ASP I 11 11.04 -3.03 43.55
N PRO I 12 11.81 -4.12 43.46
CA PRO I 12 12.48 -4.47 42.20
C PRO I 12 11.56 -4.91 41.08
N PHE I 13 10.30 -5.24 41.34
CA PHE I 13 9.45 -5.82 40.32
C PHE I 13 8.33 -4.89 39.88
N VAL I 14 8.31 -3.66 40.38
CA VAL I 14 7.39 -2.66 39.87
C VAL I 14 7.96 -2.10 38.57
N GLY I 15 7.09 -1.62 37.69
CA GLY I 15 7.52 -1.17 36.38
C GLY I 15 8.11 0.21 36.34
N ASN I 16 9.03 0.51 37.26
CA ASN I 16 9.66 1.82 37.29
C ASN I 16 11.04 1.69 37.95
N LEU I 17 11.85 2.71 37.72
CA LEU I 17 13.20 2.80 38.27
C LEU I 17 13.36 4.12 38.99
N ALA I 18 14.28 4.15 39.95
CA ALA I 18 14.59 5.36 40.71
C ALA I 18 15.85 5.96 40.13
N THR I 19 15.67 6.86 39.19
CA THR I 19 16.74 7.57 38.50
C THR I 19 16.83 9.00 39.01
N PRO I 20 17.97 9.68 38.82
CA PRO I 20 18.08 11.08 39.25
C PRO I 20 17.03 12.01 38.66
N VAL I 21 16.65 11.82 37.40
CA VAL I 21 15.55 12.61 36.86
C VAL I 21 14.26 12.27 37.58
N SER I 22 14.05 10.99 37.86
CA SER I 22 12.78 10.56 38.45
C SER I 22 12.68 10.95 39.92
N THR I 23 13.73 10.71 40.71
CA THR I 23 13.58 10.74 42.17
C THR I 23 14.70 11.45 42.90
N SER I 24 15.32 12.46 42.27
CA SER I 24 16.35 13.25 43.01
C SER I 24 15.67 14.20 43.99
N SER I 25 16.44 14.76 44.92
CA SER I 25 15.87 15.74 45.90
C SER I 25 15.34 16.97 45.15
N PHE I 26 16.09 17.44 44.13
CA PHE I 26 15.65 18.62 43.35
C PHE I 26 14.34 18.30 42.61
N THR I 27 14.25 17.11 42.00
CA THR I 27 13.01 16.71 41.29
C THR I 27 11.87 16.59 42.30
N LYS I 28 12.15 16.01 43.47
CA LYS I 28 11.09 15.82 44.49
C LYS I 28 10.57 17.19 44.91
N SER I 29 11.48 18.16 45.08
CA SER I 29 11.08 19.53 45.52
C SER I 29 10.16 20.17 44.48
N LEU I 30 10.48 20.01 43.19
CA LEU I 30 9.66 20.64 42.13
C LEU I 30 8.28 19.98 42.09
N LEU I 31 8.24 18.65 41.93
CA LEU I 31 6.96 17.95 41.85
C LEU I 31 6.08 18.25 43.06
N SER I 32 6.64 18.15 44.27
CA SER I 32 5.86 18.36 45.47
C SER I 32 5.36 19.79 45.59
N ASN I 33 6.05 20.76 44.97
CA ASN I 33 5.62 22.15 45.11
C ASN I 33 4.78 22.65 43.96
N LEU I 34 4.58 21.84 42.92
CA LEU I 34 3.71 22.25 41.84
C LEU I 34 2.26 22.26 42.33
N PRO I 35 1.41 23.11 41.77
CA PRO I 35 0.03 23.21 42.27
C PRO I 35 -0.76 21.93 42.24
N ALA I 36 -0.50 21.07 41.25
CA ALA I 36 -1.18 19.77 41.17
C ALA I 36 -0.91 18.92 42.40
N TYR I 37 0.32 18.94 42.90
CA TYR I 37 0.71 18.08 44.01
C TYR I 37 0.95 18.80 45.33
N ARG I 38 0.90 20.13 45.37
CA ARG I 38 1.26 20.84 46.59
C ARG I 38 0.23 20.60 47.68
N ALA I 39 0.73 20.38 48.89
CA ALA I 39 -0.13 20.10 50.03
C ALA I 39 -0.79 21.38 50.51
N GLY I 40 -1.95 21.23 51.12
CA GLY I 40 -2.68 22.35 51.67
C GLY I 40 -3.49 23.14 50.66
N LEU I 41 -3.65 22.63 49.45
CA LEU I 41 -4.39 23.30 48.39
C LEU I 41 -5.70 22.57 48.16
N SER I 42 -6.79 23.32 48.07
CA SER I 42 -8.06 22.75 47.66
C SER I 42 -8.00 22.45 46.18
N PRO I 43 -8.85 21.54 45.67
CA PRO I 43 -8.86 21.29 44.21
C PRO I 43 -9.16 22.51 43.38
N LEU I 44 -10.01 23.40 43.90
CA LEU I 44 -10.31 24.64 43.20
C LEU I 44 -9.07 25.54 43.08
N LEU I 45 -8.31 25.68 44.17
CA LEU I 45 -7.11 26.53 44.12
C LEU I 45 -6.04 25.93 43.21
N ARG I 46 -5.95 24.60 43.17
CA ARG I 46 -5.04 23.95 42.23
C ARG I 46 -5.44 24.32 40.81
N GLY I 47 -6.75 24.29 40.53
CA GLY I 47 -7.23 24.68 39.22
C GLY I 47 -6.95 26.12 38.90
N VAL I 48 -7.08 27.01 39.88
CA VAL I 48 -6.86 28.43 39.64
C VAL I 48 -5.41 28.69 39.27
N GLU I 49 -4.46 28.11 40.01
CA GLU I 49 -3.05 28.38 39.75
C GLU I 49 -2.61 27.81 38.41
N ILE I 50 -3.04 26.58 38.11
CA ILE I 50 -2.75 25.98 36.81
C ILE I 50 -3.40 26.78 35.69
N GLY I 51 -4.64 27.22 35.90
CA GLY I 51 -5.35 27.97 34.89
C GLY I 51 -4.71 29.30 34.57
N LEU I 52 -4.25 30.03 35.60
CA LEU I 52 -3.60 31.32 35.39
C LEU I 52 -2.35 31.15 34.56
N THR I 53 -1.56 30.12 34.86
CA THR I 53 -0.34 29.88 34.11
C THR I 53 -0.63 29.56 32.64
N HIS I 54 -1.57 28.63 32.40
CA HIS I 54 -1.82 28.17 31.04
C HIS I 54 -2.52 29.21 30.20
N GLY I 55 -3.52 29.89 30.76
CA GLY I 55 -4.21 30.94 30.03
C GLY I 55 -3.28 32.07 29.66
N TYR I 56 -2.36 32.42 30.56
CA TYR I 56 -1.41 33.49 30.30
C TYR I 56 -0.52 33.16 29.12
N PHE I 57 0.07 31.96 29.08
CA PHE I 57 0.93 31.74 27.91
C PHE I 57 0.12 31.49 26.62
N LEU I 58 -1.14 31.06 26.70
CA LEU I 58 -1.90 30.73 25.49
C LEU I 58 -2.07 31.91 24.54
N VAL I 59 -2.22 33.12 25.08
CA VAL I 59 -2.52 34.30 24.26
C VAL I 59 -1.43 34.57 23.24
N GLY I 60 -0.17 34.41 23.65
CA GLY I 60 0.97 34.81 22.83
C GLY I 60 1.15 34.16 21.47
N PRO I 61 1.11 32.83 21.37
CA PRO I 61 1.20 32.20 20.04
C PRO I 61 0.07 32.56 19.10
N PHE I 62 -1.17 32.65 19.61
CA PHE I 62 -2.30 33.03 18.77
C PHE I 62 -2.13 34.44 18.25
N TYR I 63 -1.68 35.35 19.11
CA TYR I 63 -1.52 36.74 18.74
C TYR I 63 -0.40 36.93 17.72
N LYS I 64 0.78 36.37 17.99
CA LYS I 64 1.91 36.62 17.09
C LYS I 64 1.80 35.86 15.79
N LEU I 65 1.21 34.66 15.78
CA LEU I 65 1.25 33.83 14.59
C LEU I 65 -0.11 33.54 13.97
N GLY I 66 -1.18 34.13 14.46
CA GLY I 66 -2.50 33.85 13.93
C GLY I 66 -2.75 34.51 12.60
N PRO I 67 -3.90 34.19 12.00
CA PRO I 67 -4.23 34.75 10.69
C PRO I 67 -4.32 36.25 10.64
N LEU I 68 -4.73 36.89 11.73
CA LEU I 68 -4.87 38.34 11.80
C LEU I 68 -3.66 38.98 12.46
N ARG I 69 -2.49 38.35 12.36
CA ARG I 69 -1.31 38.85 13.08
C ARG I 69 -0.84 40.20 12.55
N ASN I 70 -0.96 40.45 11.25
CA ASN I 70 -0.48 41.69 10.67
C ASN I 70 -1.51 42.80 10.75
N SER I 71 -2.75 42.48 11.12
CA SER I 71 -3.81 43.45 11.29
C SER I 71 -3.61 44.24 12.58
N ASP I 72 -4.42 45.30 12.75
CA ASP I 72 -4.35 46.11 14.00
C ASP I 72 -5.31 45.52 15.03
N VAL I 73 -6.02 44.45 14.66
CA VAL I 73 -6.98 43.78 15.61
C VAL I 73 -6.34 42.46 16.07
N ALA I 74 -5.02 42.32 15.89
CA ALA I 74 -4.35 41.04 16.21
C ALA I 74 -4.53 40.65 17.68
N LEU I 75 -4.36 41.58 18.61
CA LEU I 75 -4.44 41.20 20.05
C LEU I 75 -5.86 40.77 20.39
N LEU I 76 -6.87 41.46 19.85
CA LEU I 76 -8.29 41.09 20.11
C LEU I 76 -8.53 39.69 19.52
N SER I 77 -8.01 39.43 18.32
CA SER I 77 -8.14 38.08 17.71
C SER I 77 -7.39 37.06 18.56
N GLY I 78 -6.20 37.42 19.04
CA GLY I 78 -5.38 36.51 19.87
C GLY I 78 -6.09 36.16 21.17
N PHE I 79 -6.77 37.14 21.78
CA PHE I 79 -7.53 36.88 23.03
C PHE I 79 -8.74 35.99 22.71
N PHE I 80 -9.50 36.31 21.67
CA PHE I 80 -10.71 35.54 21.38
C PHE I 80 -10.37 34.10 21.03
N SER I 81 -9.34 33.88 20.20
CA SER I 81 -8.93 32.52 19.85
C SER I 81 -8.42 31.76 21.08
N ALA I 82 -7.66 32.42 21.94
CA ALA I 82 -7.22 31.79 23.18
C ALA I 82 -8.40 31.45 24.08
N LEU I 83 -9.37 32.36 24.19
CA LEU I 83 -10.58 32.11 24.97
C LEU I 83 -11.40 30.97 24.36
N GLY I 84 -11.49 30.92 23.02
CA GLY I 84 -12.17 29.83 22.35
C GLY I 84 -11.53 28.49 22.65
N LEU I 85 -10.20 28.45 22.64
CA LEU I 85 -9.49 27.23 23.00
C LEU I 85 -9.79 26.85 24.44
N ILE I 86 -9.80 27.84 25.34
CA ILE I 86 -10.04 27.57 26.76
C ILE I 86 -11.45 27.00 26.97
N VAL I 87 -12.44 27.52 26.24
CA VAL I 87 -13.81 27.03 26.35
C VAL I 87 -13.87 25.56 25.91
N ILE I 88 -13.19 25.23 24.80
CA ILE I 88 -13.13 23.83 24.36
C ILE I 88 -12.45 22.96 25.41
N LEU I 89 -11.35 23.43 25.98
CA LEU I 89 -10.61 22.66 26.98
C LEU I 89 -11.41 22.43 28.25
N VAL I 90 -12.21 23.43 28.65
CA VAL I 90 -13.08 23.27 29.82
C VAL I 90 -14.11 22.19 29.54
N ALA I 91 -14.65 22.14 28.31
CA ALA I 91 -15.56 21.05 27.97
C ALA I 91 -14.85 19.69 28.04
N CYS I 92 -13.59 19.62 27.61
CA CYS I 92 -12.82 18.37 27.71
C CYS I 92 -12.69 17.94 29.17
N LEU I 93 -12.42 18.90 30.06
CA LEU I 93 -12.33 18.62 31.50
C LEU I 93 -13.67 18.14 32.05
N THR I 94 -14.77 18.78 31.63
CA THR I 94 -16.10 18.45 32.12
C THR I 94 -16.52 17.03 31.73
N ILE I 95 -16.32 16.67 30.45
CA ILE I 95 -16.72 15.33 30.00
C ILE I 95 -15.86 14.27 30.68
N TYR I 96 -14.56 14.57 30.88
CA TYR I 96 -13.70 13.62 31.57
C TYR I 96 -14.24 13.38 32.97
N GLY I 97 -14.65 14.45 33.65
CA GLY I 97 -15.16 14.31 35.02
C GLY I 97 -16.40 13.44 35.08
N VAL I 98 -17.29 13.60 34.09
CA VAL I 98 -18.55 12.85 34.11
C VAL I 98 -18.28 11.36 33.98
N VAL I 99 -17.46 10.95 33.03
CA VAL I 99 -17.25 9.50 32.86
C VAL I 99 -16.33 8.91 33.94
N SER I 100 -15.25 9.60 34.31
CA SER I 100 -14.22 9.00 35.15
C SER I 100 -14.65 8.75 36.59
N PHE I 101 -15.40 9.66 37.21
CA PHE I 101 -15.63 9.57 38.65
C PHE I 101 -17.11 9.41 38.99
N GLU I 102 -17.39 8.47 39.89
CA GLU I 102 -18.72 8.26 40.44
C GLU I 102 -18.95 9.25 41.60
N GLU I 103 -20.22 9.53 41.87
CA GLU I 103 -20.54 10.55 42.87
C GLU I 103 -20.36 10.01 44.29
N THR I 104 -19.60 10.74 45.12
CA THR I 104 -19.37 10.41 46.52
C THR I 104 -19.33 11.71 47.33
N GLU I 105 -19.44 11.56 48.65
CA GLU I 105 -19.49 12.69 49.57
C GLU I 105 -18.20 13.51 49.58
N ALA I 106 -17.04 12.86 49.50
CA ALA I 106 -15.75 13.55 49.61
C ALA I 106 -15.54 14.55 48.49
N LYS I 107 -15.05 15.74 48.85
CA LYS I 107 -14.77 16.78 47.88
C LYS I 107 -13.37 17.39 48.01
N ASP I 108 -12.48 16.79 48.79
CA ASP I 108 -11.19 17.41 49.07
C ASP I 108 -10.05 16.94 48.17
N GLN I 109 -10.32 16.03 47.22
CA GLN I 109 -9.27 15.44 46.40
C GLN I 109 -9.62 15.60 44.94
N LEU I 110 -8.59 15.73 44.09
CA LEU I 110 -8.82 15.90 42.66
C LEU I 110 -9.51 14.68 42.03
N GLN I 111 -9.11 13.48 42.44
CA GLN I 111 -9.66 12.29 41.79
C GLN I 111 -10.99 11.87 42.40
N THR I 112 -11.89 12.83 42.56
CA THR I 112 -13.25 12.62 43.04
C THR I 112 -14.13 13.47 42.14
N ALA I 113 -15.40 13.09 42.01
CA ALA I 113 -16.30 13.79 41.10
C ALA I 113 -16.48 15.26 41.52
N LYS I 114 -16.70 15.48 42.82
CA LYS I 114 -16.84 16.84 43.33
C LYS I 114 -15.52 17.59 43.17
N GLY I 115 -14.39 16.93 43.48
CA GLY I 115 -13.10 17.56 43.34
C GLY I 115 -12.73 17.93 41.93
N TRP I 116 -13.02 17.03 40.97
CA TRP I 116 -12.72 17.34 39.57
C TRP I 116 -13.57 18.52 39.10
N ARG I 117 -14.83 18.57 39.54
CA ARG I 117 -15.67 19.71 39.18
C ARG I 117 -15.09 21.01 39.73
N GLN I 118 -14.55 20.99 40.96
CA GLN I 118 -13.91 22.18 41.50
C GLN I 118 -12.68 22.57 40.70
N PHE I 119 -11.89 21.58 40.27
CA PHE I 119 -10.70 21.86 39.47
C PHE I 119 -11.07 22.54 38.15
N THR I 120 -12.13 22.06 37.51
CA THR I 120 -12.60 22.65 36.27
C THR I 120 -13.07 24.10 36.48
N SER I 121 -13.78 24.36 37.58
CA SER I 121 -14.24 25.73 37.88
C SER I 121 -13.05 26.66 38.08
N GLY I 122 -12.06 26.21 38.84
CA GLY I 122 -10.87 27.00 39.04
C GLY I 122 -10.09 27.23 37.76
N TRP I 123 -9.92 26.17 36.96
CA TRP I 123 -9.14 26.28 35.72
C TRP I 123 -9.80 27.24 34.74
N LEU I 124 -11.13 27.21 34.66
CA LEU I 124 -11.85 28.12 33.78
C LEU I 124 -11.63 29.56 34.21
N VAL I 125 -11.80 29.83 35.51
CA VAL I 125 -11.67 31.22 35.96
C VAL I 125 -10.22 31.69 35.80
N GLY I 126 -9.27 30.83 36.18
CA GLY I 126 -7.87 31.19 36.06
C GLY I 126 -7.42 31.39 34.64
N SER I 127 -7.88 30.53 33.71
CA SER I 127 -7.49 30.67 32.31
C SER I 127 -8.03 31.96 31.72
N VAL I 128 -9.29 32.29 32.03
CA VAL I 128 -9.84 33.57 31.59
C VAL I 128 -9.06 34.72 32.23
N GLY I 129 -8.70 34.58 33.50
CA GLY I 129 -7.98 35.65 34.19
C GLY I 129 -6.55 35.82 33.72
N GLY I 130 -5.85 34.71 33.46
CA GLY I 130 -4.50 34.78 32.95
C GLY I 130 -4.45 35.26 31.52
N ALA I 131 -5.40 34.83 30.69
CA ALA I 131 -5.48 35.33 29.32
C ALA I 131 -5.81 36.82 29.32
N SER I 132 -6.68 37.25 30.24
CA SER I 132 -7.00 38.66 30.37
C SER I 132 -5.80 39.49 30.83
N PHE I 133 -5.02 38.96 31.78
CA PHE I 133 -3.84 39.66 32.26
C PHE I 133 -2.81 39.80 31.16
N ALA I 134 -2.61 38.73 30.39
CA ALA I 134 -1.68 38.79 29.26
C ALA I 134 -2.16 39.80 28.23
N TYR I 135 -3.47 39.85 28.00
CA TYR I 135 -4.04 40.85 27.09
C TYR I 135 -3.76 42.28 27.55
N ILE I 136 -3.98 42.58 28.83
CA ILE I 136 -3.74 43.94 29.33
C ILE I 136 -2.27 44.31 29.18
N LEU I 137 -1.38 43.38 29.56
CA LEU I 137 0.05 43.66 29.52
C LEU I 137 0.52 43.88 28.09
N ILE I 138 0.09 43.01 27.16
CA ILE I 138 0.52 43.18 25.77
C ILE I 138 -0.07 44.44 25.17
N SER I 139 -1.35 44.73 25.46
CA SER I 139 -2.00 45.93 24.93
C SER I 139 -1.24 47.20 25.31
N ASN I 140 -0.68 47.24 26.51
CA ASN I 140 -0.14 48.52 26.97
C ASN I 140 1.35 48.69 26.77
N ILE I 141 2.13 47.61 26.74
CA ILE I 141 3.58 47.68 26.76
C ILE I 141 4.12 47.34 25.37
N PRO I 142 4.75 48.29 24.68
CA PRO I 142 5.24 48.03 23.31
C PRO I 142 6.36 47.01 23.21
N PHE I 143 7.09 46.73 24.29
CA PHE I 143 8.11 45.69 24.24
C PHE I 143 7.46 44.33 23.98
N LEU I 144 6.33 44.07 24.60
CA LEU I 144 5.67 42.79 24.48
C LEU I 144 5.00 42.61 23.13
N GLN I 145 4.56 43.70 22.50
CA GLN I 145 3.91 43.62 21.20
C GLN I 145 4.88 43.13 20.13
N THR I 146 6.09 43.63 20.16
CA THR I 146 7.16 43.08 19.34
C THR I 146 7.84 41.99 20.14
N ALA I 147 8.91 41.43 19.60
CA ALA I 147 9.63 40.39 20.33
C ALA I 147 10.73 40.99 21.20
N GLY I 148 10.54 42.21 21.68
CA GLY I 148 11.61 43.06 22.14
C GLY I 148 12.23 43.91 21.04
N MET I 149 11.68 43.87 19.84
CA MET I 149 12.25 44.56 18.67
C MET I 149 12.06 46.07 18.72
N SER I 150 11.33 46.58 19.71
CA SER I 150 11.18 48.03 19.83
C SER I 150 12.51 48.71 20.15
N MET I 151 13.43 48.00 20.81
CA MET I 151 14.70 48.60 21.20
C MET I 151 15.62 48.80 20.00
N LEU I 152 15.53 47.94 19.00
CA LEU I 152 16.41 48.08 17.84
C LEU I 152 15.85 49.09 16.87
N MET J 1 -36.38 34.19 -8.74
CA MET J 1 -35.48 34.00 -7.62
C MET J 1 -36.27 33.53 -6.41
N ILE J 2 -35.55 33.08 -5.39
CA ILE J 2 -36.12 32.53 -4.17
C ILE J 2 -36.08 33.61 -3.10
N SER J 3 -37.19 33.81 -2.41
CA SER J 3 -37.19 34.74 -1.30
C SER J 3 -36.63 34.05 -0.06
N ASP J 4 -36.21 34.86 0.90
CA ASP J 4 -35.78 34.31 2.19
C ASP J 4 -36.92 33.63 2.92
N THR J 5 -38.15 34.17 2.82
CA THR J 5 -39.31 33.48 3.40
C THR J 5 -39.46 32.07 2.84
N GLN J 6 -39.18 31.89 1.54
CA GLN J 6 -39.25 30.57 0.93
C GLN J 6 -38.19 29.65 1.51
N ILE J 7 -36.99 30.20 1.75
CA ILE J 7 -35.95 29.46 2.44
C ILE J 7 -36.40 29.07 3.83
N PHE J 8 -37.12 29.95 4.52
CA PHE J 8 -37.57 29.65 5.88
C PHE J 8 -38.64 28.56 5.90
N ILE J 9 -39.48 28.51 4.88
CA ILE J 9 -40.43 27.40 4.73
C ILE J 9 -39.68 26.09 4.56
N ALA J 10 -38.63 26.11 3.73
CA ALA J 10 -37.83 24.90 3.52
C ALA J 10 -37.17 24.45 4.83
N LEU J 11 -36.67 25.41 5.61
CA LEU J 11 -36.07 25.09 6.90
C LEU J 11 -37.09 24.53 7.89
N ILE J 12 -38.33 25.00 7.86
CA ILE J 12 -39.36 24.42 8.71
C ILE J 12 -39.61 22.96 8.34
N LEU J 13 -39.77 22.68 7.05
CA LEU J 13 -40.07 21.30 6.64
C LEU J 13 -38.90 20.38 6.93
N ALA J 14 -37.68 20.89 6.82
CA ALA J 14 -36.54 20.07 7.17
C ALA J 14 -36.45 19.85 8.67
N LEU J 15 -36.90 20.82 9.48
CA LEU J 15 -36.97 20.63 10.92
C LEU J 15 -37.98 19.54 11.27
N VAL J 16 -39.14 19.53 10.61
CA VAL J 16 -40.12 18.48 10.82
C VAL J 16 -39.54 17.12 10.42
N SER J 17 -38.76 17.09 9.34
CA SER J 17 -38.13 15.84 8.94
C SER J 17 -37.06 15.41 9.94
N LEU J 18 -36.36 16.36 10.57
CA LEU J 18 -35.40 16.00 11.61
C LEU J 18 -36.10 15.38 12.80
N VAL J 19 -37.26 15.91 13.17
CA VAL J 19 -38.01 15.35 14.30
C VAL J 19 -38.48 13.94 13.97
N LEU J 20 -38.95 13.73 12.75
CA LEU J 20 -39.37 12.38 12.36
C LEU J 20 -38.20 11.42 12.23
N ALA J 21 -37.03 11.89 11.79
CA ALA J 21 -35.85 11.04 11.72
C ALA J 21 -35.37 10.64 13.11
N ILE J 22 -35.42 11.56 14.08
CA ILE J 22 -35.08 11.22 15.45
C ILE J 22 -36.04 10.17 15.99
N ARG J 23 -37.34 10.32 15.73
CA ARG J 23 -38.29 9.35 16.26
C ARG J 23 -38.12 7.97 15.60
N LEU J 24 -37.87 7.93 14.29
CA LEU J 24 -37.60 6.65 13.65
C LEU J 24 -36.30 6.04 14.17
N GLY J 25 -35.26 6.85 14.39
CA GLY J 25 -34.01 6.33 14.90
C GLY J 25 -34.14 5.80 16.31
N ARG J 26 -34.98 6.42 17.13
CA ARG J 26 -35.20 5.90 18.48
C ARG J 26 -36.01 4.62 18.44
N ALA J 27 -36.98 4.52 17.52
CA ALA J 27 -37.76 3.30 17.38
C ALA J 27 -36.89 2.12 16.93
N LEU J 28 -36.00 2.37 15.97
CA LEU J 28 -35.07 1.34 15.52
C LEU J 28 -34.08 0.96 16.62
N TYR J 29 -33.63 1.94 17.41
CA TYR J 29 -32.72 1.66 18.50
C TYR J 29 -33.38 0.88 19.64
N GLN J 30 -34.71 0.95 19.74
CA GLN J 30 -35.65 0.28 20.68
C GLN J 30 -35.87 1.16 21.89
N LEU K 41 24.35 25.37 42.62
CA LEU K 41 24.79 25.10 43.99
C LEU K 41 23.70 24.40 44.79
N SER K 42 23.24 23.24 44.32
CA SER K 42 22.24 22.47 45.06
C SER K 42 22.82 21.98 46.39
N VAL K 43 24.07 21.54 46.36
CA VAL K 43 24.80 21.21 47.56
C VAL K 43 26.26 21.57 47.30
N VAL K 44 26.91 22.09 48.32
CA VAL K 44 28.29 22.53 48.26
C VAL K 44 29.07 21.44 48.98
N ALA K 45 30.40 21.62 49.05
CA ALA K 45 31.30 20.64 49.70
C ALA K 45 31.09 20.68 51.22
N GLN K 46 29.86 20.38 51.67
CA GLN K 46 29.53 20.39 53.12
C GLN K 46 28.26 19.58 53.37
N SER K 47 28.01 19.22 54.63
CA SER K 47 26.79 18.45 55.01
C SER K 47 25.69 19.42 55.44
N LYS K 48 25.23 20.28 54.52
CA LYS K 48 24.17 21.26 54.83
C LYS K 48 22.80 20.58 54.72
N SER K 49 22.08 20.85 53.63
CA SER K 49 20.75 20.21 53.39
C SER K 49 20.95 18.74 53.05
N ASP K 50 19.97 17.90 53.38
CA ASP K 50 20.05 16.44 53.08
C ASP K 50 19.80 16.23 51.58
N PHE K 51 20.84 16.44 50.76
CA PHE K 51 20.70 16.26 49.29
C PHE K 51 20.84 14.78 48.94
N GLU K 52 20.10 14.34 47.92
CA GLU K 52 20.14 12.93 47.45
C GLU K 52 20.11 12.94 45.92
N ILE K 53 21.25 12.65 45.28
CA ILE K 53 21.30 12.59 43.83
C ILE K 53 20.20 11.69 43.28
N SER K 54 19.69 10.78 44.09
CA SER K 54 18.65 9.86 43.68
C SER K 54 17.80 9.54 44.90
N ASP K 55 17.01 8.47 44.82
CA ASP K 55 15.97 8.19 45.81
C ASP K 55 16.51 8.15 47.24
N GLY K 56 17.54 7.35 47.48
CA GLY K 56 18.00 7.18 48.83
C GLY K 56 19.49 7.45 49.02
N THR K 57 20.19 7.81 47.95
CA THR K 57 21.62 8.02 48.04
C THR K 57 21.99 9.50 48.13
N PRO K 58 22.48 9.97 49.28
CA PRO K 58 23.04 11.32 49.34
C PRO K 58 24.38 11.39 48.63
N TYR K 59 24.62 12.49 47.94
CA TYR K 59 25.84 12.66 47.17
C TYR K 59 26.18 14.13 47.20
N THR K 60 27.37 14.46 47.63
CA THR K 60 27.78 15.86 47.67
C THR K 60 28.25 16.27 46.27
N LEU K 61 27.42 17.05 45.59
CA LEU K 61 27.87 17.77 44.43
C LEU K 61 28.83 18.83 44.93
N ASN K 62 30.01 18.93 44.34
CA ASN K 62 30.96 19.93 44.82
C ASN K 62 30.94 21.15 43.91
N VAL K 63 29.76 21.80 43.85
CA VAL K 63 29.56 22.89 42.89
C VAL K 63 30.52 24.05 43.09
N PRO K 64 30.80 24.55 44.34
CA PRO K 64 31.84 25.57 44.48
C PRO K 64 33.21 25.11 44.00
N LEU K 65 33.70 24.01 44.56
CA LEU K 65 35.05 23.56 44.27
C LEU K 65 35.21 23.16 42.81
N VAL K 66 34.25 22.40 42.27
CA VAL K 66 34.36 21.95 40.89
C VAL K 66 34.21 23.13 39.94
N GLY K 67 33.21 24.00 40.16
CA GLY K 67 33.03 25.14 39.29
C GLY K 67 34.20 26.11 39.29
N ALA K 68 34.73 26.41 40.49
CA ALA K 68 35.89 27.29 40.60
C ALA K 68 37.12 26.69 39.96
N ALA K 69 37.43 25.43 40.31
CA ALA K 69 38.62 24.78 39.80
C ALA K 69 38.55 24.55 38.30
N SER K 70 37.39 24.13 37.78
CA SER K 70 37.23 23.97 36.34
C SER K 70 37.38 25.30 35.62
N PHE K 71 36.82 26.36 36.20
CA PHE K 71 36.94 27.68 35.59
C PHE K 71 38.40 28.09 35.51
N ILE K 72 39.13 28.01 36.62
CA ILE K 72 40.52 28.44 36.63
C ILE K 72 41.41 27.52 35.79
N GLY K 73 41.20 26.21 35.97
CA GLY K 73 42.00 25.21 35.22
C GLY K 73 41.89 25.41 33.73
N TRP K 74 40.67 25.63 33.22
CA TRP K 74 40.50 25.92 31.76
C TRP K 74 41.07 27.29 31.39
N VAL K 75 40.83 28.32 32.20
CA VAL K 75 41.23 29.72 31.81
C VAL K 75 42.75 29.91 31.70
N VAL K 76 43.56 29.40 32.65
CA VAL K 76 45.01 29.72 32.62
C VAL K 76 45.71 29.23 31.34
N PRO K 77 45.53 27.98 30.86
CA PRO K 77 46.10 27.56 29.58
C PRO K 77 45.46 28.36 28.44
N THR K 78 44.16 28.65 28.55
CA THR K 78 43.41 29.35 27.47
C THR K 78 43.97 30.76 27.25
N LEU K 79 44.61 31.35 28.26
CA LEU K 79 45.21 32.71 28.13
C LEU K 79 46.26 32.70 27.01
N LEU K 80 46.97 31.58 26.80
CA LEU K 80 47.98 31.45 25.71
C LEU K 80 47.62 32.33 24.49
N PRO K 81 48.37 33.42 24.14
CA PRO K 81 48.01 34.27 23.01
C PRO K 81 48.27 33.61 21.68
N SER K 82 47.66 34.20 20.65
CA SER K 82 47.82 33.71 19.29
C SER K 82 47.51 34.84 18.32
N GLN K 83 48.42 35.10 17.38
CA GLN K 83 48.27 36.21 16.44
C GLN K 83 47.36 35.84 15.29
N ILE K 84 46.21 35.27 15.62
CA ILE K 84 45.19 34.84 14.68
C ILE K 84 44.04 35.84 14.75
N ALA K 85 43.42 36.11 13.60
CA ALA K 85 42.39 37.15 13.51
C ALA K 85 41.23 36.91 14.47
N LEU K 86 40.90 35.65 14.75
CA LEU K 86 39.85 35.36 15.71
C LEU K 86 40.26 35.82 17.10
N TYR K 87 41.47 35.48 17.53
CA TYR K 87 41.94 35.94 18.83
C TYR K 87 42.32 37.40 18.80
N GLY K 88 43.02 37.84 17.76
CA GLY K 88 43.47 39.21 17.72
C GLY K 88 44.67 39.52 18.58
N GLY K 89 45.52 38.53 18.88
CA GLY K 89 46.67 38.74 19.71
C GLY K 89 46.48 38.38 21.16
N LYS K 90 45.24 38.17 21.59
CA LYS K 90 44.97 37.71 22.94
C LYS K 90 44.86 36.19 22.96
N GLY K 91 44.59 35.63 24.14
CA GLY K 91 44.25 34.23 24.24
C GLY K 91 42.78 34.04 23.95
N LEU K 92 42.30 32.78 24.02
CA LEU K 92 40.85 32.54 23.81
C LEU K 92 40.06 33.17 24.96
N SER K 93 40.48 32.95 26.21
CA SER K 93 39.70 33.48 27.37
C SER K 93 39.66 35.00 27.30
N THR K 94 40.81 35.64 27.06
CA THR K 94 40.88 37.12 27.02
C THR K 94 40.06 37.65 25.85
N ALA K 95 40.17 37.02 24.67
CA ALA K 95 39.39 37.44 23.49
C ALA K 95 37.89 37.25 23.74
N PHE K 96 37.51 36.14 24.37
CA PHE K 96 36.08 35.87 24.70
C PHE K 96 35.59 36.97 25.65
N PHE K 97 36.41 37.31 26.66
CA PHE K 97 36.02 38.37 27.62
C PHE K 97 35.90 39.71 26.87
N ALA K 98 36.84 39.98 25.96
CA ALA K 98 36.82 41.23 25.17
C ALA K 98 35.57 41.25 24.28
N SER K 99 35.22 40.11 23.69
CA SER K 99 34.03 40.04 22.79
C SER K 99 32.76 40.34 23.59
N ILE K 100 32.67 39.85 24.83
CA ILE K 100 31.49 40.16 25.67
C ILE K 100 31.45 41.67 25.87
N GLY K 101 32.60 42.29 26.16
CA GLY K 101 32.64 43.75 26.41
C GLY K 101 32.26 44.55 25.18
N THR K 102 32.73 44.15 23.99
CA THR K 102 32.46 44.95 22.77
C THR K 102 30.98 44.81 22.36
N ASN K 103 30.42 43.61 22.51
CA ASN K 103 29.00 43.43 22.18
C ASN K 103 28.08 43.97 23.27
N LEU K 104 28.51 43.99 24.54
CA LEU K 104 27.71 44.62 25.58
C LEU K 104 27.61 46.12 25.41
N ALA K 105 28.61 46.77 24.82
CA ALA K 105 28.50 48.19 24.53
C ALA K 105 27.31 48.48 23.61
N LYS K 106 27.15 47.68 22.56
CA LYS K 106 25.94 47.75 21.74
C LYS K 106 24.89 46.81 22.32
N PHE K 107 24.37 47.18 23.50
CA PHE K 107 23.60 46.21 24.29
C PHE K 107 22.37 45.63 23.59
N PRO K 108 21.46 46.40 23.00
CA PRO K 108 20.32 45.74 22.35
C PRO K 108 20.73 44.92 21.14
N ALA K 109 21.68 45.42 20.35
CA ALA K 109 22.05 44.74 19.11
C ALA K 109 22.80 43.45 19.41
N PRO K 110 22.43 42.34 18.78
CA PRO K 110 23.15 41.09 18.96
C PRO K 110 24.39 41.05 18.08
N PRO K 111 25.36 40.20 18.41
CA PRO K 111 26.50 40.02 17.52
C PRO K 111 26.09 39.38 16.21
N GLY K 112 26.74 39.80 15.14
CA GLY K 112 26.42 39.31 13.82
C GLY K 112 26.98 37.93 13.56
N MET K 113 26.56 37.35 12.44
CA MET K 113 26.98 35.99 12.10
C MET K 113 28.48 35.89 11.92
N THR K 114 29.09 36.88 11.27
CA THR K 114 30.54 36.89 11.09
C THR K 114 31.28 37.49 12.28
N ASP K 115 30.58 37.94 13.30
CA ASP K 115 31.24 38.46 14.49
C ASP K 115 32.04 37.34 15.16
N PRO K 116 33.25 37.63 15.65
CA PRO K 116 34.05 36.60 16.34
C PRO K 116 33.45 36.14 17.66
N PHE K 117 32.41 36.82 18.14
CA PHE K 117 31.82 36.45 19.44
C PHE K 117 31.34 35.02 19.41
N TRP K 118 30.66 34.58 18.35
CA TRP K 118 30.02 33.27 18.32
C TRP K 118 31.04 32.13 18.32
N LEU K 119 32.14 32.32 17.58
CA LEU K 119 33.19 31.27 17.56
C LEU K 119 33.91 31.24 18.91
N LEU K 120 34.39 32.39 19.37
CA LEU K 120 35.13 32.46 20.65
C LEU K 120 34.29 31.83 21.76
N CYS K 121 33.05 32.29 21.93
CA CYS K 121 32.22 31.79 23.06
C CYS K 121 31.98 30.28 22.93
N PHE K 122 31.67 29.78 21.73
CA PHE K 122 31.32 28.34 21.60
C PHE K 122 32.52 27.48 22.01
N ILE K 123 33.72 27.83 21.53
CA ILE K 123 34.95 27.05 21.86
C ILE K 123 35.23 27.15 23.36
N TRP K 124 35.10 28.36 23.92
CA TRP K 124 35.38 28.56 25.36
C TRP K 124 34.40 27.76 26.21
N HIS K 125 33.11 27.80 25.86
CA HIS K 125 32.08 27.06 26.63
C HIS K 125 32.31 25.56 26.47
N SER K 126 32.65 25.10 25.26
CA SER K 126 32.84 23.66 25.02
C SER K 126 33.99 23.16 25.89
N GLY K 127 35.09 23.92 25.93
CA GLY K 127 36.23 23.55 26.80
C GLY K 127 35.85 23.60 28.26
N LEU K 128 35.09 24.63 28.66
CA LEU K 128 34.67 24.78 30.08
C LEU K 128 33.77 23.60 30.48
N PHE K 129 32.84 23.20 29.60
CA PHE K 129 31.92 22.08 29.91
C PHE K 129 32.76 20.81 30.06
N ALA K 130 33.75 20.64 29.18
CA ALA K 130 34.58 19.43 29.21
C ALA K 130 35.44 19.38 30.46
N THR K 131 36.00 20.52 30.86
CA THR K 131 36.80 20.53 32.08
C THR K 131 35.92 20.49 33.32
N MET K 132 34.68 21.00 33.26
CA MET K 132 33.75 20.78 34.37
C MET K 132 33.36 19.32 34.52
N ILE K 133 33.05 18.65 33.40
CA ILE K 133 32.71 17.23 33.42
C ILE K 133 33.87 16.41 33.96
N LEU K 134 35.07 16.63 33.42
CA LEU K 134 36.23 15.89 33.87
C LEU K 134 36.58 16.25 35.31
N GLY K 135 36.37 17.49 35.71
CA GLY K 135 36.61 17.87 37.09
C GLY K 135 35.64 17.25 38.07
N SER K 136 34.36 17.21 37.70
CA SER K 136 33.37 16.55 38.52
C SER K 136 33.67 15.07 38.66
N ILE K 137 34.08 14.42 37.55
CA ILE K 137 34.45 13.01 37.60
C ILE K 137 35.64 12.81 38.52
N GLY K 138 36.70 13.61 38.34
CA GLY K 138 37.90 13.43 39.13
C GLY K 138 37.69 13.69 40.60
N TYR K 139 37.01 14.79 40.93
CA TYR K 139 36.88 15.15 42.34
C TYR K 139 35.84 14.28 43.03
N ASN K 140 34.65 14.14 42.46
CA ASN K 140 33.61 13.35 43.11
C ASN K 140 34.02 11.88 43.20
N GLY K 141 34.62 11.33 42.15
CA GLY K 141 34.94 9.93 42.13
C GLY K 141 36.24 9.59 42.82
N TYR K 142 37.35 10.18 42.39
CA TYR K 142 38.63 9.85 43.00
C TYR K 142 38.80 10.43 44.39
N ALA K 143 38.04 11.48 44.72
CA ALA K 143 38.05 12.14 46.03
C ALA K 143 39.44 12.58 46.47
N GLY K 144 40.38 12.62 45.54
CA GLY K 144 41.78 12.86 45.84
C GLY K 144 42.71 12.05 44.97
N VAL L 10 54.50 28.51 5.22
CA VAL L 10 55.06 27.22 5.59
C VAL L 10 55.86 27.32 6.87
N PRO L 11 55.61 26.40 7.80
CA PRO L 11 56.43 26.34 9.01
C PRO L 11 57.89 26.14 8.66
N GLN L 12 58.75 26.82 9.39
CA GLN L 12 60.17 26.87 9.07
C GLN L 12 60.91 25.75 9.79
N THR L 13 61.50 24.83 9.02
CA THR L 13 62.38 23.80 9.55
C THR L 13 63.82 24.14 9.20
N VAL L 14 64.74 23.45 9.85
CA VAL L 14 66.17 23.76 9.75
C VAL L 14 66.92 22.49 9.36
N ALA L 15 68.03 22.67 8.66
CA ALA L 15 68.94 21.56 8.40
C ALA L 15 69.46 21.02 9.72
N TRP L 16 69.81 19.73 9.72
CA TRP L 16 70.23 19.07 10.95
C TRP L 16 71.51 19.70 11.47
N SER L 17 71.50 20.01 12.76
CA SER L 17 72.67 20.50 13.48
C SER L 17 72.71 19.74 14.79
N ALA L 18 73.77 19.99 15.56
CA ALA L 18 73.88 19.37 16.87
C ALA L 18 72.76 19.80 17.82
N LYS L 19 72.09 20.93 17.56
CA LYS L 19 70.93 21.31 18.37
C LYS L 19 69.77 20.34 18.16
N THR L 20 69.52 19.98 16.90
CA THR L 20 68.51 18.97 16.57
C THR L 20 68.84 17.66 17.25
N GLY L 21 70.11 17.26 17.17
CA GLY L 21 70.55 16.07 17.88
C GLY L 21 70.33 16.15 19.37
N ALA L 22 70.60 17.31 19.96
CA ALA L 22 70.41 17.52 21.39
C ALA L 22 68.97 17.27 21.79
N VAL L 23 68.05 17.86 21.04
CA VAL L 23 66.61 17.66 21.31
C VAL L 23 66.26 16.18 21.21
N MET L 24 66.71 15.52 20.14
CA MET L 24 66.40 14.09 19.96
C MET L 24 66.95 13.24 21.10
N VAL L 25 68.20 13.45 21.47
CA VAL L 25 68.85 12.69 22.54
C VAL L 25 68.10 12.88 23.86
N LEU L 26 67.78 14.15 24.19
CA LEU L 26 67.00 14.46 25.39
C LEU L 26 65.68 13.71 25.42
N SER L 27 64.91 13.79 24.32
CA SER L 27 63.60 13.14 24.26
C SER L 27 63.72 11.62 24.41
N ASN L 28 64.72 11.01 23.76
CA ASN L 28 64.90 9.57 23.85
C ASN L 28 65.21 9.16 25.29
N ILE L 29 66.12 9.87 25.95
CA ILE L 29 66.46 9.53 27.34
C ILE L 29 65.26 9.73 28.26
N LEU L 30 64.52 10.84 28.06
CA LEU L 30 63.30 11.12 28.80
C LEU L 30 62.33 9.97 28.71
N CYS L 31 62.14 9.44 27.50
CA CYS L 31 61.20 8.35 27.34
C CYS L 31 61.75 7.04 27.88
N ILE L 32 63.08 6.82 27.83
CA ILE L 32 63.65 5.62 28.44
C ILE L 32 63.38 5.60 29.95
N VAL L 33 63.54 6.74 30.62
CA VAL L 33 63.23 6.81 32.05
C VAL L 33 61.73 6.68 32.30
N ALA L 34 60.92 7.36 31.49
CA ALA L 34 59.48 7.25 31.62
C ALA L 34 59.01 5.82 31.41
N GLY L 35 59.55 5.12 30.41
CA GLY L 35 59.25 3.71 30.19
C GLY L 35 59.67 2.82 31.33
N ARG L 36 60.77 3.15 32.01
CA ARG L 36 61.10 2.41 33.23
C ARG L 36 60.05 2.63 34.30
N TYR L 37 59.31 3.73 34.23
CA TYR L 37 58.32 4.03 35.25
C TYR L 37 56.90 3.56 34.90
N VAL L 38 56.47 3.70 33.64
CA VAL L 38 55.07 3.61 33.27
C VAL L 38 54.74 2.37 32.45
N ILE L 39 55.73 1.65 31.94
CA ILE L 39 55.41 0.40 31.25
C ILE L 39 54.97 -0.62 32.30
N GLN L 40 53.69 -0.98 32.26
CA GLN L 40 53.08 -1.75 33.35
C GLN L 40 53.44 -3.23 33.31
N VAL L 41 53.64 -3.79 32.12
CA VAL L 41 54.05 -5.18 31.97
C VAL L 41 55.45 -5.20 31.38
N LYS L 42 56.38 -5.83 32.08
CA LYS L 42 57.75 -5.91 31.60
C LYS L 42 58.22 -7.34 31.48
N SER L 51 68.87 -1.23 41.08
CA SER L 51 68.93 -1.40 39.64
C SER L 51 67.70 -0.81 38.98
N GLY L 52 67.66 0.52 38.92
CA GLY L 52 66.50 1.20 38.38
C GLY L 52 66.26 0.91 36.91
N SER L 53 67.34 0.84 36.13
CA SER L 53 67.27 0.47 34.72
C SER L 53 67.88 -0.88 34.45
N PHE L 54 68.37 -1.56 35.48
CA PHE L 54 68.99 -2.87 35.32
C PHE L 54 68.11 -4.00 35.82
N ALA L 55 66.82 -3.74 36.08
CA ALA L 55 65.91 -4.82 36.43
C ALA L 55 64.89 -4.95 35.31
N GLY L 56 64.85 -6.13 34.70
CA GLY L 56 63.84 -6.43 33.71
C GLY L 56 63.86 -5.56 32.47
N PHE L 57 64.98 -4.91 32.18
CA PHE L 57 65.07 -4.05 30.99
C PHE L 57 65.51 -4.91 29.81
N GLY L 58 64.69 -4.97 28.78
CA GLY L 58 65.04 -5.78 27.63
C GLY L 58 64.95 -5.05 26.31
N LEU L 59 65.13 -5.79 25.22
CA LEU L 59 65.08 -5.16 23.90
C LEU L 59 63.71 -4.60 23.55
N PRO L 60 62.58 -5.30 23.74
CA PRO L 60 61.30 -4.64 23.44
C PRO L 60 61.00 -3.40 24.28
N GLU L 61 61.44 -3.35 25.54
CA GLU L 61 61.26 -2.13 26.33
C GLU L 61 62.11 -0.99 25.79
N LEU L 62 63.38 -1.27 25.46
CA LEU L 62 64.28 -0.25 24.94
C LEU L 62 63.82 0.25 23.59
N LEU L 63 63.39 -0.67 22.71
CA LEU L 63 62.92 -0.34 21.39
C LEU L 63 61.60 0.40 21.43
N ALA L 64 60.80 0.20 22.49
CA ALA L 64 59.54 0.94 22.58
C ALA L 64 59.77 2.35 23.11
N SER L 65 60.63 2.48 24.13
CA SER L 65 60.90 3.80 24.67
C SER L 65 61.67 4.67 23.68
N THR L 66 62.58 4.08 22.90
CA THR L 66 63.23 4.85 21.84
C THR L 66 62.33 5.10 20.63
N SER L 67 61.32 4.26 20.37
CA SER L 67 60.36 4.61 19.33
C SER L 67 59.49 5.79 19.77
N LEU L 68 59.09 5.81 21.03
CA LEU L 68 58.37 6.98 21.52
C LEU L 68 59.30 8.18 21.62
N GLY L 69 60.59 7.94 21.83
CA GLY L 69 61.54 9.03 21.82
C GLY L 69 61.65 9.69 20.46
N HIS L 70 61.70 8.89 19.38
CA HIS L 70 61.66 9.50 18.04
C HIS L 70 60.31 10.12 17.67
N ILE L 71 59.22 9.73 18.32
CA ILE L 71 57.96 10.43 18.05
C ILE L 71 57.88 11.75 18.82
N VAL L 72 58.19 11.72 20.11
CA VAL L 72 58.22 12.94 20.94
C VAL L 72 59.30 13.89 20.45
N GLY L 73 60.47 13.35 20.11
CA GLY L 73 61.56 14.16 19.61
C GLY L 73 61.26 14.79 18.27
N SER L 74 60.63 14.05 17.35
CA SER L 74 60.28 14.66 16.06
C SER L 74 59.25 15.78 16.25
N GLY L 75 58.26 15.56 17.11
CA GLY L 75 57.30 16.62 17.38
C GLY L 75 57.91 17.83 18.04
N ALA L 76 58.80 17.61 19.01
CA ALA L 76 59.46 18.71 19.69
C ALA L 76 60.38 19.49 18.75
N ILE L 77 61.15 18.78 17.91
CA ILE L 77 62.02 19.46 16.94
C ILE L 77 61.21 20.31 15.99
N LEU L 78 60.14 19.74 15.42
CA LEU L 78 59.32 20.49 14.47
C LEU L 78 58.61 21.66 15.14
N GLY L 79 58.12 21.49 16.36
CA GLY L 79 57.48 22.61 17.05
C GLY L 79 58.43 23.72 17.45
N LEU L 80 59.62 23.35 17.93
CA LEU L 80 60.57 24.37 18.31
C LEU L 80 61.11 25.08 17.09
N SER L 81 61.12 24.40 15.93
CA SER L 81 61.42 25.08 14.68
C SER L 81 60.27 26.00 14.25
N TYR L 82 59.03 25.59 14.53
CA TYR L 82 57.86 26.39 14.18
C TYR L 82 57.87 27.71 14.94
N VAL L 83 58.15 27.67 16.24
CA VAL L 83 58.01 28.88 17.04
C VAL L 83 59.27 29.74 17.08
N GLY L 84 60.43 29.20 16.71
CA GLY L 84 61.65 29.99 16.68
C GLY L 84 62.71 29.59 17.68
N VAL L 85 62.40 28.65 18.59
CA VAL L 85 63.40 28.18 19.55
C VAL L 85 64.50 27.40 18.84
N LEU L 86 64.11 26.61 17.83
CA LEU L 86 64.99 25.80 16.98
C LEU L 86 65.62 24.66 17.78
N ASP M 43 66.01 -36.37 5.51
CA ASP M 43 65.96 -36.63 4.08
C ASP M 43 66.25 -35.35 3.30
N PHE M 44 67.04 -35.45 2.24
CA PHE M 44 67.34 -34.29 1.41
C PHE M 44 67.19 -34.65 -0.05
N SER M 45 66.81 -33.66 -0.85
CA SER M 45 66.68 -33.85 -2.29
C SER M 45 68.03 -34.15 -2.91
N ALA M 46 68.04 -35.09 -3.86
CA ALA M 46 69.29 -35.42 -4.55
C ALA M 46 69.80 -34.26 -5.39
N ALA M 47 68.91 -33.58 -6.12
CA ALA M 47 69.34 -32.54 -7.04
C ALA M 47 70.01 -31.39 -6.32
N VAL M 48 69.38 -30.90 -5.27
CA VAL M 48 69.89 -29.77 -4.51
C VAL M 48 70.10 -30.28 -3.08
N PRO M 49 71.34 -30.31 -2.59
CA PRO M 49 71.61 -30.89 -1.27
C PRO M 49 70.98 -30.15 -0.11
N PHE M 50 71.01 -28.82 -0.10
CA PHE M 50 70.46 -28.08 1.03
C PHE M 50 68.95 -28.26 1.16
N LEU M 51 68.22 -28.33 0.06
CA LEU M 51 66.77 -28.48 0.12
C LEU M 51 66.40 -29.90 0.53
N LYS M 52 65.20 -30.04 1.12
CA LYS M 52 64.70 -31.31 1.62
C LYS M 52 63.87 -32.02 0.56
N ARG M 53 63.80 -33.35 0.66
CA ARG M 53 63.00 -34.14 -0.27
C ARG M 53 61.53 -33.80 -0.08
N PRO M 54 60.81 -33.44 -1.16
CA PRO M 54 59.42 -32.94 -1.06
C PRO M 54 58.41 -33.79 -0.30
N SER M 55 58.56 -35.12 -0.35
CA SER M 55 57.79 -36.22 0.29
C SER M 55 56.75 -36.82 -0.65
N ASN M 56 56.41 -36.13 -1.73
CA ASN M 56 55.62 -36.77 -2.77
C ASN M 56 56.50 -37.22 -3.91
N LEU M 57 57.70 -36.64 -3.99
CA LEU M 57 58.73 -37.01 -4.95
C LEU M 57 59.59 -38.07 -4.27
N ASP M 58 59.19 -39.33 -4.43
CA ASP M 58 59.90 -40.45 -3.86
C ASP M 58 60.54 -41.33 -4.92
N GLY M 59 60.63 -40.85 -6.14
CA GLY M 59 61.11 -41.65 -7.25
C GLY M 59 60.04 -42.43 -7.97
N ALA M 60 58.77 -42.17 -7.66
CA ALA M 60 57.66 -42.88 -8.29
C ALA M 60 57.64 -42.65 -9.79
N TYR M 61 57.91 -41.41 -10.22
CA TYR M 61 57.87 -41.04 -11.62
C TYR M 61 59.29 -40.79 -12.11
N ILE M 62 59.56 -41.23 -13.34
CA ILE M 62 60.89 -41.13 -13.91
C ILE M 62 61.28 -39.67 -14.11
N GLY M 63 62.54 -39.36 -13.85
CA GLY M 63 63.04 -38.00 -13.91
C GLY M 63 63.05 -37.30 -12.58
N ASP M 64 62.75 -38.00 -11.49
CA ASP M 64 62.66 -37.39 -10.18
C ASP M 64 64.05 -37.22 -9.60
N VAL M 65 64.43 -35.97 -9.36
CA VAL M 65 65.67 -35.62 -8.70
C VAL M 65 65.39 -34.86 -7.40
N GLY M 66 64.14 -34.76 -7.00
CA GLY M 66 63.75 -34.04 -5.81
C GLY M 66 63.62 -32.54 -5.94
N PHE M 67 63.60 -32.01 -7.15
CA PHE M 67 63.56 -30.55 -7.34
C PHE M 67 62.12 -30.07 -7.33
N ASP M 68 61.66 -29.59 -6.18
CA ASP M 68 60.35 -28.96 -6.06
C ASP M 68 60.40 -27.92 -4.95
N PRO M 69 61.10 -26.81 -5.16
CA PRO M 69 61.23 -25.80 -4.08
C PRO M 69 59.90 -25.14 -3.71
N LEU M 70 59.07 -24.78 -4.70
CA LEU M 70 57.80 -24.15 -4.39
C LEU M 70 56.86 -25.09 -3.64
N GLY M 71 56.90 -26.38 -3.96
CA GLY M 71 56.10 -27.34 -3.24
C GLY M 71 54.76 -27.66 -3.85
N PHE M 72 54.60 -27.37 -5.15
CA PHE M 72 53.33 -27.62 -5.82
C PHE M 72 52.92 -29.08 -5.80
N SER M 73 53.90 -29.99 -5.79
CA SER M 73 53.62 -31.43 -5.78
C SER M 73 52.82 -31.84 -4.56
N ASP M 74 53.11 -31.23 -3.42
CA ASP M 74 52.32 -31.50 -2.22
C ASP M 74 50.88 -30.99 -2.37
N VAL M 75 50.71 -29.77 -2.89
CA VAL M 75 49.38 -29.17 -2.98
C VAL M 75 48.51 -29.87 -4.02
N PHE M 76 49.08 -30.25 -5.16
CA PHE M 76 48.30 -30.76 -6.28
C PHE M 76 48.71 -32.19 -6.63
N ASP M 77 47.81 -32.88 -7.33
CA ASP M 77 48.09 -34.23 -7.79
C ASP M 77 49.26 -34.22 -8.77
N LEU M 78 50.22 -35.11 -8.56
CA LEU M 78 51.40 -35.14 -9.41
C LEU M 78 51.09 -35.68 -10.80
N ARG M 79 50.05 -36.50 -10.95
CA ARG M 79 49.73 -37.09 -12.25
C ARG M 79 49.39 -36.01 -13.26
N VAL M 80 48.64 -35.00 -12.82
CA VAL M 80 48.26 -33.89 -13.68
C VAL M 80 49.51 -33.16 -14.13
N LEU M 81 50.41 -32.89 -13.20
CA LEU M 81 51.63 -32.14 -13.47
C LEU M 81 52.54 -32.90 -14.43
N ARG M 82 52.68 -34.22 -14.25
CA ARG M 82 53.51 -35.01 -15.14
C ARG M 82 52.93 -35.04 -16.56
N GLU M 83 51.60 -35.18 -16.69
CA GLU M 83 51.01 -35.11 -18.02
C GLU M 83 51.25 -33.73 -18.64
N ALA M 84 51.09 -32.67 -17.84
CA ALA M 84 51.32 -31.32 -18.32
C ALA M 84 52.76 -31.12 -18.73
N GLU M 85 53.70 -31.69 -17.96
CA GLU M 85 55.12 -31.59 -18.27
C GLU M 85 55.43 -32.24 -19.60
N LEU M 86 54.88 -33.44 -19.81
CA LEU M 86 55.10 -34.11 -21.09
C LEU M 86 54.44 -33.35 -22.24
N LYS M 87 53.22 -32.84 -22.05
CA LYS M 87 52.55 -32.13 -23.12
C LYS M 87 53.26 -30.83 -23.48
N HIS M 88 53.67 -30.06 -22.46
CA HIS M 88 54.41 -28.83 -22.67
C HIS M 88 55.75 -29.12 -23.34
N GLY M 89 56.45 -30.16 -22.86
CA GLY M 89 57.72 -30.53 -23.45
C GLY M 89 57.61 -31.03 -24.87
N ARG M 90 56.60 -31.85 -25.17
CA ARG M 90 56.42 -32.36 -26.53
C ARG M 90 56.14 -31.23 -27.50
N PHE M 91 55.30 -30.27 -27.07
CA PHE M 91 55.06 -29.10 -27.89
C PHE M 91 56.36 -28.32 -28.11
N ALA M 92 57.14 -28.13 -27.04
CA ALA M 92 58.38 -27.37 -27.14
C ALA M 92 59.43 -28.07 -28.00
N MET M 93 59.56 -29.40 -27.87
CA MET M 93 60.53 -30.15 -28.66
C MET M 93 60.20 -30.03 -30.13
N LEU M 94 58.90 -30.19 -30.46
CA LEU M 94 58.47 -30.01 -31.83
C LEU M 94 58.74 -28.59 -32.29
N ALA M 95 58.45 -27.60 -31.43
CA ALA M 95 58.57 -26.20 -31.81
C ALA M 95 60.01 -25.81 -32.12
N VAL M 96 60.97 -26.26 -31.30
CA VAL M 96 62.35 -25.86 -31.56
C VAL M 96 62.82 -26.46 -32.87
N LEU M 97 62.47 -27.74 -33.12
CA LEU M 97 62.80 -28.34 -34.41
C LEU M 97 62.09 -27.59 -35.55
N GLY M 98 60.83 -27.21 -35.35
CA GLY M 98 60.07 -26.51 -36.37
C GLY M 98 60.65 -25.17 -36.73
N PHE M 99 61.12 -24.41 -35.73
CA PHE M 99 61.77 -23.13 -35.97
C PHE M 99 62.99 -23.31 -36.86
N ILE M 100 63.86 -24.25 -36.47
CA ILE M 100 65.09 -24.49 -37.21
C ILE M 100 64.79 -24.95 -38.63
N VAL M 101 63.92 -25.96 -38.78
CA VAL M 101 63.61 -26.54 -40.08
C VAL M 101 62.99 -25.51 -41.00
N GLN M 102 62.09 -24.66 -40.48
CA GLN M 102 61.45 -23.65 -41.32
C GLN M 102 62.48 -22.71 -41.91
N GLU M 103 63.49 -22.34 -41.11
CA GLU M 103 64.59 -21.58 -41.72
C GLU M 103 65.34 -22.40 -42.76
N LEU M 104 65.60 -23.69 -42.47
CA LEU M 104 66.34 -24.54 -43.41
C LEU M 104 65.59 -24.78 -44.71
N TYR M 105 64.30 -25.12 -44.63
CA TYR M 105 63.49 -25.45 -45.79
C TYR M 105 62.06 -25.02 -45.55
N THR M 106 61.40 -24.54 -46.59
CA THR M 106 60.01 -24.13 -46.51
C THR M 106 59.27 -24.68 -47.73
N PHE M 107 58.03 -25.11 -47.52
CA PHE M 107 57.20 -25.55 -48.64
C PHE M 107 57.02 -24.38 -49.60
N PRO M 108 57.11 -24.62 -50.91
CA PRO M 108 57.07 -23.50 -51.88
C PRO M 108 55.75 -22.73 -51.93
N PHE M 109 54.60 -23.41 -51.83
CA PHE M 109 53.32 -22.72 -51.99
C PHE M 109 53.13 -21.58 -50.99
N PHE M 110 53.38 -21.85 -49.72
CA PHE M 110 53.34 -20.77 -48.74
C PHE M 110 54.52 -19.82 -48.96
N PRO M 111 54.34 -18.52 -48.82
CA PRO M 111 55.48 -17.58 -48.90
C PRO M 111 56.47 -17.75 -47.75
N LYS M 112 57.76 -17.65 -48.07
CA LYS M 112 58.81 -17.72 -47.05
C LYS M 112 58.71 -16.50 -46.13
N MET M 113 58.74 -16.77 -44.83
CA MET M 113 58.64 -15.73 -43.82
C MET M 113 59.49 -16.14 -42.63
N ALA M 114 59.83 -15.17 -41.79
CA ALA M 114 60.41 -15.50 -40.50
C ALA M 114 59.40 -16.32 -39.71
N PRO M 115 59.83 -17.38 -39.03
CA PRO M 115 58.88 -18.26 -38.32
C PRO M 115 58.11 -17.56 -37.21
N VAL M 116 58.78 -16.69 -36.43
CA VAL M 116 58.11 -16.01 -35.33
C VAL M 116 56.98 -15.13 -35.85
N ASP M 117 57.22 -14.44 -36.96
CA ASP M 117 56.22 -13.55 -37.52
C ASP M 117 55.29 -14.24 -38.50
N ALA M 118 55.56 -15.51 -38.85
CA ALA M 118 54.69 -16.27 -39.73
C ALA M 118 53.29 -16.44 -39.14
N HIS M 119 53.24 -16.58 -37.81
CA HIS M 119 52.02 -16.69 -37.02
C HIS M 119 50.92 -15.75 -37.51
N ASP M 120 51.24 -14.47 -37.69
CA ASP M 120 50.23 -13.48 -38.05
C ASP M 120 49.64 -13.75 -39.44
N TYR M 121 50.51 -14.10 -40.40
CA TYR M 121 50.03 -14.40 -41.74
C TYR M 121 49.09 -15.60 -41.73
N PHE M 122 49.47 -16.65 -41.00
CA PHE M 122 48.58 -17.80 -40.91
C PHE M 122 47.28 -17.46 -40.19
N VAL M 123 47.34 -16.54 -39.21
CA VAL M 123 46.13 -16.16 -38.48
C VAL M 123 45.11 -15.55 -39.44
N LYS M 124 45.56 -14.63 -40.31
CA LYS M 124 44.63 -14.06 -41.27
C LYS M 124 44.24 -15.06 -42.37
N GLN M 125 45.20 -15.87 -42.86
CA GLN M 125 44.95 -16.78 -43.98
C GLN M 125 43.88 -17.82 -43.64
N GLY M 126 43.90 -18.30 -42.39
CA GLY M 126 42.96 -19.36 -41.98
C GLY M 126 43.70 -20.68 -41.80
N GLY M 127 44.94 -20.76 -42.29
CA GLY M 127 45.75 -21.97 -42.10
C GLY M 127 46.02 -22.23 -40.63
N GLY M 128 46.31 -21.17 -39.87
CA GLY M 128 46.54 -21.30 -38.42
C GLY M 128 45.30 -21.81 -37.71
N SER M 129 44.12 -21.33 -38.12
CA SER M 129 42.84 -21.78 -37.51
C SER M 129 42.68 -23.29 -37.76
N GLN M 130 43.05 -23.76 -38.95
CA GLN M 130 42.92 -25.21 -39.29
C GLN M 130 43.78 -26.01 -38.32
N ILE M 131 45.01 -25.56 -38.05
CA ILE M 131 45.92 -26.31 -37.13
C ILE M 131 45.30 -26.34 -35.73
N ILE M 132 44.77 -25.20 -35.28
CA ILE M 132 44.17 -25.12 -33.90
C ILE M 132 43.01 -26.11 -33.83
N PHE M 133 42.13 -26.11 -34.83
CA PHE M 133 40.95 -26.97 -34.79
C PHE M 133 41.33 -28.44 -34.64
N TRP M 134 42.31 -28.90 -35.43
CA TRP M 134 42.70 -30.30 -35.32
C TRP M 134 43.39 -30.59 -33.98
N ILE M 135 44.21 -29.65 -33.50
CA ILE M 135 44.83 -29.83 -32.20
C ILE M 135 43.78 -29.92 -31.10
N SER M 136 42.76 -29.06 -31.18
CA SER M 136 41.66 -29.07 -30.21
C SER M 136 40.89 -30.38 -30.27
N PHE M 137 40.70 -30.90 -31.49
CA PHE M 137 39.99 -32.16 -31.66
C PHE M 137 40.72 -33.29 -30.96
N VAL M 138 42.05 -33.35 -31.12
CA VAL M 138 42.83 -34.36 -30.40
C VAL M 138 42.80 -34.10 -28.90
N GLU M 139 42.84 -32.83 -28.49
CA GLU M 139 42.82 -32.46 -27.09
C GLU M 139 41.53 -32.92 -26.41
N LEU M 140 40.42 -32.95 -27.18
CA LEU M 140 39.16 -33.46 -26.65
C LEU M 140 39.30 -34.89 -26.17
N PHE M 141 39.96 -35.74 -26.96
CA PHE M 141 40.27 -37.10 -26.55
C PHE M 141 41.24 -37.11 -25.40
N GLY M 142 42.15 -36.13 -25.38
CA GLY M 142 43.08 -36.00 -24.26
C GLY M 142 42.37 -35.78 -22.93
N VAL M 143 41.23 -35.09 -22.95
CA VAL M 143 40.44 -34.90 -21.72
C VAL M 143 39.96 -36.23 -21.16
N VAL M 144 39.47 -37.10 -22.04
CA VAL M 144 39.05 -38.45 -21.64
C VAL M 144 40.23 -39.22 -21.11
N ALA M 145 41.40 -39.07 -21.77
CA ALA M 145 42.62 -39.73 -21.31
C ALA M 145 43.05 -39.22 -19.93
N LEU M 146 42.86 -37.93 -19.67
CA LEU M 146 43.15 -37.38 -18.35
C LEU M 146 42.28 -38.04 -17.29
N PHE M 147 41.01 -38.28 -17.62
CA PHE M 147 40.14 -39.01 -16.70
C PHE M 147 40.63 -40.44 -16.50
N GLU M 148 41.12 -41.07 -17.57
CA GLU M 148 41.68 -42.42 -17.45
C GLU M 148 42.88 -42.44 -16.51
N THR M 149 43.72 -41.41 -16.60
CA THR M 149 44.86 -41.28 -15.70
C THR M 149 44.40 -41.16 -14.25
N LEU M 150 43.37 -40.34 -14.01
CA LEU M 150 42.90 -40.14 -12.64
C LEU M 150 42.31 -41.41 -12.06
N GLN M 151 41.58 -42.18 -12.88
CA GLN M 151 41.09 -43.46 -12.42
C GLN M 151 42.22 -44.45 -12.16
N GLY M 152 43.30 -44.38 -12.92
CA GLY M 152 44.41 -45.30 -12.78
C GLY M 152 44.59 -46.25 -13.93
N LYS M 153 43.82 -46.08 -15.01
CA LYS M 153 43.91 -46.90 -16.20
C LYS M 153 44.99 -46.45 -17.16
N ARG M 154 45.55 -45.26 -16.97
CA ARG M 154 46.51 -44.71 -17.91
C ARG M 154 47.73 -44.17 -17.17
N GLU M 155 48.87 -44.23 -17.85
CA GLU M 155 50.07 -43.59 -17.35
C GLU M 155 49.89 -42.08 -17.59
N PRO M 156 50.68 -41.22 -16.92
CA PRO M 156 50.44 -39.77 -17.10
C PRO M 156 50.57 -39.29 -18.53
N GLY M 157 51.57 -39.74 -19.28
CA GLY M 157 51.76 -39.25 -20.62
C GLY M 157 51.67 -40.31 -21.69
N ASP M 158 51.06 -41.45 -21.38
CA ASP M 158 51.03 -42.58 -22.31
C ASP M 158 49.84 -42.46 -23.23
N PHE M 159 50.11 -42.27 -24.51
CA PHE M 159 49.08 -42.31 -25.54
C PHE M 159 49.24 -43.52 -26.44
N ALA M 160 50.06 -44.49 -26.00
CA ALA M 160 50.28 -45.76 -26.69
C ALA M 160 50.80 -45.58 -28.11
N PHE M 161 51.67 -44.60 -28.30
CA PHE M 161 52.18 -44.27 -29.62
C PHE M 161 53.49 -45.01 -29.83
N ASP M 162 53.44 -46.13 -30.54
CA ASP M 162 54.64 -46.85 -30.95
C ASP M 162 54.52 -47.36 -32.39
N PRO M 163 54.33 -46.46 -33.37
CA PRO M 163 54.14 -46.96 -34.76
C PRO M 163 55.35 -47.69 -35.30
N LEU M 164 56.55 -47.17 -35.06
CA LEU M 164 57.78 -47.75 -35.58
C LEU M 164 58.36 -48.80 -34.66
N GLY M 165 57.72 -49.07 -33.52
CA GLY M 165 58.17 -50.09 -32.59
C GLY M 165 59.58 -49.90 -32.10
N LEU M 166 59.96 -48.64 -31.83
CA LEU M 166 61.32 -48.33 -31.41
C LEU M 166 61.68 -49.00 -30.10
N ALA M 167 60.75 -49.04 -29.15
CA ALA M 167 61.01 -49.59 -27.82
C ALA M 167 60.71 -51.08 -27.87
N LYS M 168 61.75 -51.89 -28.07
CA LYS M 168 61.61 -53.34 -28.16
C LYS M 168 61.22 -53.96 -26.82
N ASP M 169 61.88 -53.56 -25.74
CA ASP M 169 61.70 -54.19 -24.43
C ASP M 169 61.61 -53.10 -23.36
N GLU M 170 61.31 -53.53 -22.14
CA GLU M 170 61.12 -52.59 -21.03
C GLU M 170 62.36 -51.74 -20.76
N ALA M 171 63.55 -52.33 -20.88
CA ALA M 171 64.78 -51.60 -20.57
C ALA M 171 65.01 -50.44 -21.53
N THR M 172 64.84 -50.66 -22.84
CA THR M 172 65.01 -49.57 -23.79
C THR M 172 63.92 -48.52 -23.60
N LEU M 173 62.70 -48.94 -23.26
CA LEU M 173 61.64 -47.98 -22.95
C LEU M 173 61.99 -47.14 -21.73
N GLU M 174 62.61 -47.76 -20.71
CA GLU M 174 63.00 -47.00 -19.52
C GLU M 174 64.05 -45.94 -19.87
N ARG M 175 65.01 -46.33 -20.72
CA ARG M 175 66.01 -45.36 -21.18
C ARG M 175 65.33 -44.23 -21.94
N TYR M 176 64.38 -44.58 -22.80
CA TYR M 176 63.66 -43.58 -23.59
C TYR M 176 62.83 -42.65 -22.72
N ARG M 177 62.13 -43.17 -21.70
CA ARG M 177 61.27 -42.30 -20.90
C ARG M 177 62.08 -41.31 -20.09
N LEU M 178 63.21 -41.75 -19.51
CA LEU M 178 64.09 -40.77 -18.85
C LEU M 178 64.63 -39.76 -19.86
N ALA M 179 65.00 -40.24 -21.05
CA ALA M 179 65.52 -39.36 -22.09
C ALA M 179 64.46 -38.36 -22.54
N GLU M 180 63.22 -38.82 -22.69
CA GLU M 180 62.12 -37.96 -23.13
C GLU M 180 61.88 -36.87 -22.10
N VAL M 181 61.98 -37.22 -20.81
CA VAL M 181 61.82 -36.21 -19.77
C VAL M 181 62.91 -35.15 -19.90
N LYS M 182 64.16 -35.58 -20.09
CA LYS M 182 65.27 -34.64 -20.20
C LYS M 182 65.16 -33.75 -21.43
N HIS M 183 64.82 -34.36 -22.58
CA HIS M 183 64.66 -33.62 -23.83
C HIS M 183 63.51 -32.62 -23.72
N ALA M 184 62.41 -33.03 -23.08
CA ALA M 184 61.26 -32.14 -22.89
C ALA M 184 61.63 -30.95 -22.01
N ARG M 185 62.34 -31.21 -20.90
CA ARG M 185 62.70 -30.14 -19.97
C ARG M 185 63.64 -29.15 -20.63
N LEU M 186 64.70 -29.68 -21.27
CA LEU M 186 65.68 -28.85 -21.96
C LEU M 186 65.01 -28.06 -23.08
N ALA M 187 64.14 -28.71 -23.85
CA ALA M 187 63.46 -28.06 -24.95
C ALA M 187 62.52 -26.95 -24.48
N MET M 188 61.86 -27.15 -23.33
CA MET M 188 61.05 -26.08 -22.77
C MET M 188 61.93 -24.88 -22.47
N ILE M 189 63.14 -25.12 -21.94
CA ILE M 189 64.07 -24.00 -21.77
C ILE M 189 64.49 -23.41 -23.13
N ALA M 190 64.84 -24.29 -24.08
CA ALA M 190 65.29 -23.86 -25.42
C ALA M 190 64.18 -23.09 -26.14
N ILE M 191 62.93 -23.52 -25.99
CA ILE M 191 61.83 -22.71 -26.60
C ILE M 191 61.73 -21.41 -25.80
N GLY M 192 61.68 -20.28 -26.50
CA GLY M 192 61.72 -18.98 -25.80
C GLY M 192 63.17 -18.58 -25.66
N GLY M 193 64.07 -19.54 -25.85
CA GLY M 193 65.51 -19.21 -25.82
C GLY M 193 65.86 -18.30 -26.98
N PHE M 194 65.31 -18.61 -28.17
CA PHE M 194 65.60 -17.78 -29.36
C PHE M 194 64.33 -17.08 -29.85
N ILE M 195 63.16 -17.40 -29.30
CA ILE M 195 61.98 -16.50 -29.49
C ILE M 195 62.31 -15.17 -28.79
N HIS M 196 62.82 -15.23 -27.56
CA HIS M 196 63.24 -14.00 -26.84
C HIS M 196 64.46 -13.38 -27.52
N GLN M 197 65.39 -14.22 -28.02
CA GLN M 197 66.57 -13.69 -28.76
C GLN M 197 66.07 -12.97 -30.01
N TYR M 198 65.08 -13.57 -30.70
CA TYR M 198 64.52 -12.92 -31.90
C TYR M 198 64.05 -11.52 -31.52
N TRP M 199 63.47 -11.38 -30.33
CA TRP M 199 62.93 -10.07 -29.97
C TRP M 199 64.06 -9.08 -29.73
N VAL M 200 65.12 -9.49 -29.03
CA VAL M 200 66.25 -8.58 -28.85
C VAL M 200 66.99 -8.37 -30.17
N THR M 201 67.27 -9.44 -30.92
CA THR M 201 68.01 -9.35 -32.18
C THR M 201 67.24 -10.04 -33.31
N LYS M 202 66.93 -9.27 -34.36
CA LYS M 202 66.09 -9.74 -35.45
C LYS M 202 66.91 -10.60 -36.42
N GLN M 203 67.35 -11.74 -35.92
CA GLN M 203 68.17 -12.67 -36.68
C GLN M 203 67.61 -14.07 -36.55
N THR M 204 67.61 -14.81 -37.66
CA THR M 204 67.23 -16.21 -37.63
C THR M 204 68.23 -16.95 -36.73
N VAL M 205 67.69 -17.80 -35.85
CA VAL M 205 68.50 -18.50 -34.83
C VAL M 205 69.70 -19.21 -35.45
N LEU M 206 69.53 -19.82 -36.62
CA LEU M 206 70.67 -20.44 -37.32
C LEU M 206 71.68 -19.37 -37.75
N GLU M 207 71.18 -18.30 -38.38
CA GLU M 207 72.04 -17.20 -38.81
C GLU M 207 72.65 -16.52 -37.59
N GLN M 208 71.85 -16.34 -36.53
CA GLN M 208 72.34 -15.72 -35.31
C GLN M 208 73.45 -16.56 -34.69
N LEU M 209 73.30 -17.89 -34.73
CA LEU M 209 74.29 -18.78 -34.15
C LEU M 209 75.62 -18.64 -34.88
N GLY M 210 75.58 -18.61 -36.22
CA GLY M 210 76.80 -18.37 -36.96
C GLY M 210 77.33 -16.96 -36.79
N ASN M 211 76.45 -15.97 -36.79
CA ASN M 211 76.84 -14.57 -36.73
C ASN M 211 77.35 -14.17 -35.35
N PHE M 212 78.16 -13.11 -35.33
CA PHE M 212 78.77 -12.53 -34.11
C PHE M 212 79.62 -13.55 -33.38
N GLU N 42 -5.18 -62.17 -29.73
CA GLU N 42 -5.88 -61.92 -30.98
C GLU N 42 -5.37 -60.64 -31.64
N MET N 43 -5.21 -60.65 -32.95
CA MET N 43 -4.71 -59.51 -33.71
C MET N 43 -5.78 -59.03 -34.68
N SER N 44 -5.68 -57.75 -35.07
CA SER N 44 -6.64 -57.20 -36.02
C SER N 44 -6.37 -57.73 -37.41
N GLU N 45 -7.45 -57.98 -38.15
CA GLU N 45 -7.30 -58.42 -39.54
C GLU N 45 -6.78 -57.30 -40.42
N ALA N 46 -7.29 -56.08 -40.21
CA ALA N 46 -6.89 -54.96 -41.06
C ALA N 46 -5.42 -54.62 -40.87
N ILE N 47 -4.95 -54.56 -39.63
CA ILE N 47 -3.54 -54.30 -39.36
C ILE N 47 -2.95 -55.54 -38.69
N PRO N 48 -2.15 -56.34 -39.40
CA PRO N 48 -1.68 -57.60 -38.82
C PRO N 48 -0.81 -57.44 -37.58
N PHE N 49 0.10 -56.47 -37.58
CA PHE N 49 0.99 -56.32 -36.44
C PHE N 49 0.27 -55.79 -35.21
N MET N 50 -0.78 -54.97 -35.40
CA MET N 50 -1.55 -54.40 -34.30
C MET N 50 -2.52 -55.44 -33.71
N PRO N 51 -2.82 -55.35 -32.41
CA PRO N 51 -3.79 -56.28 -31.83
C PRO N 51 -5.23 -55.95 -32.22
N LYS N 52 -6.16 -56.86 -31.79
CA LYS N 52 -7.57 -56.64 -32.06
C LYS N 52 -8.18 -55.78 -30.95
N PRO N 53 -8.86 -54.69 -31.29
CA PRO N 53 -9.57 -53.90 -30.28
C PRO N 53 -10.73 -54.69 -29.71
N ALA N 54 -10.83 -54.70 -28.38
CA ALA N 54 -11.79 -55.56 -27.70
C ALA N 54 -13.24 -55.21 -28.00
N ASN N 55 -13.59 -53.92 -28.00
CA ASN N 55 -14.98 -53.52 -28.12
C ASN N 55 -15.59 -53.88 -29.47
N ILE N 56 -14.84 -53.71 -30.56
CA ILE N 56 -15.36 -54.16 -31.85
C ILE N 56 -15.32 -55.68 -31.93
N ASP N 57 -16.24 -56.25 -32.70
CA ASP N 57 -16.39 -57.69 -32.83
C ASP N 57 -16.77 -58.03 -34.26
N SER N 58 -16.58 -59.31 -34.61
CA SER N 58 -16.88 -59.79 -35.96
C SER N 58 -18.37 -59.68 -36.32
N SER N 59 -19.26 -59.79 -35.33
CA SER N 59 -20.69 -59.74 -35.61
C SER N 59 -21.11 -58.41 -36.24
N MET N 60 -20.44 -57.32 -35.84
CA MET N 60 -20.76 -56.00 -36.36
C MET N 60 -20.63 -56.00 -37.89
N PRO N 61 -21.57 -55.34 -38.60
CA PRO N 61 -21.69 -55.55 -40.05
C PRO N 61 -20.47 -55.28 -40.92
N GLY N 62 -19.72 -54.21 -40.67
CA GLY N 62 -18.61 -53.94 -41.56
C GLY N 62 -17.24 -54.22 -40.97
N TYR N 63 -17.19 -55.09 -39.97
CA TYR N 63 -15.99 -55.31 -39.17
C TYR N 63 -14.79 -55.74 -40.01
N ALA N 64 -13.70 -55.00 -39.86
CA ALA N 64 -12.42 -55.35 -40.45
C ALA N 64 -11.31 -55.34 -39.42
N GLY N 65 -11.59 -54.92 -38.18
CA GLY N 65 -10.60 -54.80 -37.14
C GLY N 65 -9.83 -53.52 -37.14
N PHE N 66 -10.28 -52.51 -37.89
CA PHE N 66 -9.54 -51.27 -38.06
C PHE N 66 -9.94 -50.23 -37.02
N ASP N 67 -9.28 -50.27 -35.87
CA ASP N 67 -9.43 -49.23 -34.86
C ASP N 67 -8.07 -48.93 -34.24
N PRO N 68 -7.16 -48.28 -34.99
CA PRO N 68 -5.81 -48.04 -34.46
C PRO N 68 -5.82 -47.18 -33.21
N LEU N 69 -6.63 -46.13 -33.18
CA LEU N 69 -6.86 -45.36 -31.98
C LEU N 69 -8.13 -45.93 -31.36
N GLY N 70 -8.13 -46.14 -30.05
CA GLY N 70 -9.28 -46.82 -29.48
C GLY N 70 -10.47 -45.94 -29.22
N PHE N 71 -11.17 -45.50 -30.27
CA PHE N 71 -12.38 -44.72 -30.06
C PHE N 71 -13.44 -45.55 -29.37
N THR N 72 -13.61 -46.80 -29.80
CA THR N 72 -14.58 -47.70 -29.19
C THR N 72 -14.22 -48.02 -27.75
N ASP N 73 -12.93 -47.95 -27.40
CA ASP N 73 -12.52 -48.24 -26.03
C ASP N 73 -13.15 -47.26 -25.06
N TYR N 74 -13.24 -45.99 -25.43
CA TYR N 74 -13.78 -44.95 -24.56
C TYR N 74 -15.24 -44.62 -24.85
N TYR N 75 -15.74 -44.97 -26.03
CA TYR N 75 -17.09 -44.62 -26.46
C TYR N 75 -17.84 -45.90 -26.82
N SER N 76 -19.10 -45.98 -26.41
CA SER N 76 -19.96 -47.14 -26.67
C SER N 76 -19.91 -47.57 -28.13
N ALA N 77 -19.69 -48.87 -28.35
CA ALA N 77 -19.64 -49.42 -29.69
C ALA N 77 -20.94 -49.17 -30.44
N LYS N 78 -22.07 -49.37 -29.77
CA LYS N 78 -23.37 -49.20 -30.41
C LYS N 78 -23.58 -47.77 -30.91
N TRP N 79 -23.20 -46.79 -30.10
CA TRP N 79 -23.37 -45.40 -30.50
C TRP N 79 -22.48 -45.08 -31.70
N MET N 80 -21.24 -45.56 -31.69
CA MET N 80 -20.34 -45.32 -32.81
C MET N 80 -20.86 -46.01 -34.07
N GLN N 81 -21.46 -47.20 -33.91
CA GLN N 81 -22.04 -47.90 -35.04
C GLN N 81 -23.20 -47.10 -35.62
N GLU N 82 -24.06 -46.59 -34.76
CA GLU N 82 -25.20 -45.79 -35.20
C GLU N 82 -24.73 -44.52 -35.90
N ALA N 83 -23.69 -43.89 -35.36
CA ALA N 83 -23.11 -42.69 -35.96
C ALA N 83 -22.53 -43.01 -37.33
N GLU N 84 -21.83 -44.13 -37.45
CA GLU N 84 -21.22 -44.49 -38.72
C GLU N 84 -22.29 -44.71 -39.77
N ILE N 85 -23.34 -45.45 -39.43
CA ILE N 85 -24.41 -45.71 -40.40
C ILE N 85 -25.15 -44.42 -40.74
N LYS N 86 -25.39 -43.57 -39.75
CA LYS N 86 -26.10 -42.31 -40.01
C LYS N 86 -25.29 -41.41 -40.93
N HIS N 87 -23.99 -41.27 -40.67
CA HIS N 87 -23.11 -40.48 -41.53
C HIS N 87 -23.06 -41.09 -42.91
N GLY N 88 -22.99 -42.42 -42.99
CA GLY N 88 -22.96 -43.10 -44.26
C GLY N 88 -24.22 -42.88 -45.09
N ARG N 89 -25.38 -42.92 -44.45
CA ARG N 89 -26.65 -42.68 -45.15
C ARG N 89 -26.70 -41.25 -45.68
N VAL N 90 -26.31 -40.28 -44.85
CA VAL N 90 -26.35 -38.89 -45.28
C VAL N 90 -25.40 -38.66 -46.45
N CYS N 91 -24.18 -39.20 -46.34
CA CYS N 91 -23.20 -39.09 -47.41
C CYS N 91 -23.63 -39.87 -48.65
N MET N 92 -24.29 -41.02 -48.49
CA MET N 92 -24.73 -41.79 -49.64
C MET N 92 -25.69 -40.96 -50.48
N LEU N 93 -26.66 -40.35 -49.80
CA LEU N 93 -27.62 -39.49 -50.49
C LEU N 93 -26.92 -38.29 -51.11
N ALA N 94 -25.99 -37.66 -50.39
CA ALA N 94 -25.30 -36.49 -50.92
C ALA N 94 -24.44 -36.83 -52.13
N ALA N 95 -23.75 -37.98 -52.08
CA ALA N 95 -22.87 -38.38 -53.16
C ALA N 95 -23.66 -38.63 -54.43
N LEU N 96 -24.82 -39.29 -54.31
CA LEU N 96 -25.70 -39.37 -55.47
C LEU N 96 -26.16 -37.97 -55.87
N GLY N 97 -26.39 -37.12 -54.87
CA GLY N 97 -26.88 -35.77 -55.09
C GLY N 97 -26.00 -34.91 -55.96
N MET N 98 -24.69 -35.08 -55.85
CA MET N 98 -23.81 -34.33 -56.75
C MET N 98 -23.97 -34.77 -58.21
N VAL N 99 -24.00 -36.08 -58.47
CA VAL N 99 -24.05 -36.59 -59.84
C VAL N 99 -25.44 -36.44 -60.49
N PHE N 100 -26.53 -36.60 -59.74
CA PHE N 100 -27.85 -36.67 -60.37
C PHE N 100 -28.32 -35.41 -61.12
N PRO N 101 -28.19 -34.18 -60.59
CA PRO N 101 -28.65 -33.00 -61.36
C PRO N 101 -27.97 -32.86 -62.71
N GLU N 102 -26.73 -33.36 -62.83
CA GLU N 102 -25.99 -33.25 -64.08
C GLU N 102 -26.73 -33.98 -65.20
N PHE N 103 -27.20 -35.20 -64.92
CA PHE N 103 -27.92 -35.97 -65.91
C PHE N 103 -29.27 -35.34 -66.25
N ALA N 104 -30.02 -34.91 -65.24
CA ALA N 104 -31.35 -34.31 -65.46
C ALA N 104 -31.80 -33.57 -64.22
N LYS N 105 -31.89 -32.24 -64.31
CA LYS N 105 -32.40 -31.43 -63.21
C LYS N 105 -33.93 -31.44 -63.18
N PHE N 106 -34.49 -31.03 -62.05
CA PHE N 106 -35.93 -30.92 -61.94
C PHE N 106 -36.44 -29.80 -62.84
N PRO N 107 -37.67 -29.91 -63.36
CA PRO N 107 -38.18 -28.88 -64.29
C PRO N 107 -38.26 -27.49 -63.67
N GLN N 108 -38.67 -27.40 -62.41
CA GLN N 108 -38.70 -26.12 -61.71
C GLN N 108 -37.30 -25.54 -61.56
N PHE N 109 -36.32 -26.39 -61.29
CA PHE N 109 -34.96 -25.97 -60.99
C PHE N 109 -34.04 -26.12 -62.19
N ALA N 110 -34.58 -26.10 -63.41
CA ALA N 110 -33.76 -26.26 -64.60
C ALA N 110 -32.71 -25.16 -64.73
N SER N 111 -33.10 -23.93 -64.37
CA SER N 111 -32.18 -22.80 -64.44
C SER N 111 -31.00 -22.97 -63.48
N PHE N 112 -31.25 -23.53 -62.29
CA PHE N 112 -30.24 -23.72 -61.25
C PHE N 112 -28.96 -24.36 -61.79
N SER N 113 -27.83 -23.90 -61.25
CA SER N 113 -26.52 -24.34 -61.71
C SER N 113 -26.26 -25.81 -61.44
N THR N 114 -25.62 -26.48 -62.40
CA THR N 114 -25.23 -27.88 -62.24
C THR N 114 -24.23 -28.03 -61.11
N ASN N 115 -23.28 -27.10 -60.99
CA ASN N 115 -22.27 -27.18 -59.95
C ASN N 115 -22.94 -27.18 -58.58
N PRO N 116 -22.64 -28.15 -57.72
CA PRO N 116 -23.36 -28.27 -56.42
C PRO N 116 -23.20 -27.07 -55.50
N LEU N 117 -21.96 -26.56 -55.39
CA LEU N 117 -21.67 -25.48 -54.47
C LEU N 117 -22.42 -24.21 -54.84
N GLU N 118 -22.53 -23.92 -56.13
CA GLU N 118 -23.32 -22.76 -56.59
C GLU N 118 -24.79 -22.95 -56.25
N ALA N 119 -25.28 -24.18 -56.42
CA ALA N 119 -26.67 -24.51 -56.17
C ALA N 119 -27.04 -24.26 -54.72
N PHE N 120 -26.11 -24.48 -53.80
CA PHE N 120 -26.42 -24.27 -52.38
C PHE N 120 -26.88 -22.85 -52.11
N TYR N 121 -26.16 -21.87 -52.65
CA TYR N 121 -26.52 -20.48 -52.47
C TYR N 121 -27.79 -20.12 -53.23
N GLN N 122 -28.02 -20.72 -54.41
CA GLN N 122 -29.21 -20.35 -55.16
C GLN N 122 -30.51 -20.65 -54.42
N VAL N 123 -30.58 -21.78 -53.70
CA VAL N 123 -31.82 -22.17 -53.03
C VAL N 123 -32.24 -21.12 -52.02
N SER N 124 -33.54 -20.84 -51.98
CA SER N 124 -34.10 -19.83 -51.11
C SER N 124 -33.88 -20.23 -49.65
N PRO N 125 -33.75 -19.25 -48.75
CA PRO N 125 -33.71 -19.59 -47.32
C PRO N 125 -34.96 -20.34 -46.90
N ALA N 126 -36.10 -19.94 -47.47
CA ALA N 126 -37.36 -20.59 -47.18
C ALA N 126 -37.34 -22.06 -47.61
N GLY N 127 -36.77 -22.34 -48.77
CA GLY N 127 -36.68 -23.71 -49.24
C GLY N 127 -35.81 -24.57 -48.34
N TRP N 128 -34.68 -24.03 -47.89
CA TRP N 128 -33.85 -24.75 -46.94
C TRP N 128 -34.60 -24.99 -45.66
N GLY N 129 -35.43 -24.03 -45.24
CA GLY N 129 -36.26 -24.24 -44.06
C GLY N 129 -37.19 -25.43 -44.20
N GLN N 130 -37.80 -25.58 -45.38
CA GLN N 130 -38.63 -26.77 -45.63
C GLN N 130 -37.82 -28.05 -45.56
N ILE N 131 -36.62 -28.03 -46.14
CA ILE N 131 -35.74 -29.22 -46.10
C ILE N 131 -35.34 -29.54 -44.67
N PHE N 132 -35.01 -28.51 -43.88
CA PHE N 132 -34.61 -28.70 -42.49
C PHE N 132 -35.74 -29.30 -41.68
N LEU N 133 -36.98 -28.83 -41.93
CA LEU N 133 -38.14 -29.40 -41.25
C LEU N 133 -38.35 -30.87 -41.61
N PHE N 134 -38.14 -31.23 -42.88
CA PHE N 134 -38.27 -32.64 -43.28
C PHE N 134 -37.25 -33.51 -42.59
N ILE N 135 -36.00 -33.05 -42.54
CA ILE N 135 -34.95 -33.77 -41.82
C ILE N 135 -35.26 -33.85 -40.34
N GLY N 136 -35.78 -32.77 -39.77
CA GLY N 136 -36.13 -32.76 -38.35
C GLY N 136 -37.23 -33.76 -38.03
N VAL N 137 -38.23 -33.86 -38.89
CA VAL N 137 -39.30 -34.83 -38.70
C VAL N 137 -38.74 -36.24 -38.73
N LEU N 138 -37.86 -36.51 -39.69
CA LEU N 138 -37.22 -37.82 -39.74
C LEU N 138 -36.35 -38.07 -38.51
N GLU N 139 -35.65 -37.05 -38.05
CA GLU N 139 -34.76 -37.20 -36.91
C GLU N 139 -35.50 -37.36 -35.59
N THR N 140 -36.78 -37.00 -35.51
CA THR N 140 -37.51 -37.28 -34.26
C THR N 140 -37.53 -38.77 -33.97
N PHE N 141 -37.65 -39.60 -35.02
CA PHE N 141 -37.64 -41.05 -34.84
C PHE N 141 -36.29 -41.52 -34.29
N SER N 142 -35.20 -40.97 -34.81
CA SER N 142 -33.87 -41.32 -34.32
C SER N 142 -33.65 -40.78 -32.92
N TYR N 143 -34.25 -39.64 -32.61
CA TYR N 143 -34.17 -39.07 -31.27
C TYR N 143 -34.83 -40.00 -30.25
N GLU N 144 -35.98 -40.58 -30.61
CA GLU N 144 -36.60 -41.55 -29.72
C GLU N 144 -35.76 -42.84 -29.59
N LYS N 145 -35.23 -43.32 -30.73
CA LYS N 145 -34.50 -44.58 -30.75
C LYS N 145 -33.25 -44.49 -29.89
N SER N 146 -32.48 -43.42 -30.05
CA SER N 146 -31.42 -43.19 -29.09
C SER N 146 -32.08 -42.55 -27.88
N PHE N 147 -31.39 -42.59 -26.76
CA PHE N 147 -31.85 -42.04 -25.48
C PHE N 147 -33.03 -42.84 -24.91
N TYR N 148 -34.17 -42.92 -25.62
CA TYR N 148 -35.30 -43.64 -25.01
C TYR N 148 -35.16 -45.16 -25.10
N ASN N 149 -34.72 -45.69 -26.23
CA ASN N 149 -34.68 -47.14 -26.44
C ASN N 149 -33.34 -47.58 -27.01
N PHE N 150 -32.24 -47.00 -26.51
CA PHE N 150 -30.92 -47.22 -27.08
C PHE N 150 -30.45 -48.67 -26.97
N GLU N 151 -30.65 -49.30 -25.81
CA GLU N 151 -30.09 -50.63 -25.57
C GLU N 151 -30.65 -51.68 -26.53
N GLY N 152 -31.96 -51.64 -26.77
CA GLY N 152 -32.54 -52.65 -27.63
C GLY N 152 -32.37 -52.35 -29.10
N GLY N 153 -32.50 -53.40 -29.93
CA GLY N 153 -32.47 -53.25 -31.37
C GLY N 153 -31.07 -53.30 -31.93
N ALA N 154 -31.00 -53.23 -33.27
CA ALA N 154 -29.76 -53.21 -34.03
C ALA N 154 -29.41 -51.78 -34.40
N PRO N 155 -28.13 -51.42 -34.50
CA PRO N 155 -27.76 -50.03 -34.80
C PRO N 155 -28.22 -49.61 -36.18
N GLY N 156 -28.80 -48.41 -36.25
CA GLY N 156 -29.28 -47.85 -37.49
C GLY N 156 -30.69 -48.26 -37.87
N ALA N 157 -31.40 -48.97 -37.00
CA ALA N 157 -32.72 -49.50 -37.32
C ALA N 157 -33.80 -48.57 -36.78
N LEU N 158 -34.44 -47.83 -37.68
CA LEU N 158 -35.55 -46.97 -37.36
C LEU N 158 -36.88 -47.57 -37.78
N GLY N 159 -36.88 -48.85 -38.15
CA GLY N 159 -38.07 -49.55 -38.56
C GLY N 159 -38.49 -49.33 -39.98
N PHE N 160 -37.62 -48.72 -40.79
CA PHE N 160 -37.93 -48.37 -42.18
C PHE N 160 -37.62 -49.57 -43.07
N ASP N 161 -38.56 -50.49 -43.13
CA ASP N 161 -38.47 -51.64 -44.03
C ASP N 161 -39.79 -51.83 -44.75
N PRO N 162 -40.15 -50.91 -45.66
CA PRO N 162 -41.45 -51.01 -46.33
C PRO N 162 -41.57 -52.22 -47.26
N LEU N 163 -40.52 -52.53 -48.01
CA LEU N 163 -40.58 -53.67 -48.92
C LEU N 163 -40.43 -55.01 -48.21
N ARG N 164 -40.16 -54.98 -46.90
CA ARG N 164 -40.03 -56.16 -46.06
C ARG N 164 -38.86 -57.04 -46.50
N MET N 165 -37.87 -56.41 -47.12
CA MET N 165 -36.63 -57.11 -47.42
C MET N 165 -35.88 -57.32 -46.12
N SER N 166 -35.00 -58.33 -46.12
CA SER N 166 -34.15 -58.70 -44.98
C SER N 166 -34.95 -59.36 -43.87
N SER N 167 -36.15 -59.86 -44.18
CA SER N 167 -36.92 -60.62 -43.19
C SER N 167 -36.17 -61.88 -42.78
N ASN N 168 -35.61 -62.59 -43.74
CA ASN N 168 -34.82 -63.77 -43.47
C ASN N 168 -33.43 -63.34 -42.98
N PRO N 169 -32.91 -63.94 -41.90
CA PRO N 169 -31.64 -63.45 -41.32
C PRO N 169 -30.44 -63.51 -42.24
N ALA N 170 -30.32 -64.59 -43.02
CA ALA N 170 -29.18 -64.77 -43.92
C ALA N 170 -29.12 -63.68 -44.98
N SER N 171 -30.28 -63.33 -45.56
CA SER N 171 -30.34 -62.24 -46.52
C SER N 171 -29.97 -60.91 -45.87
N ALA N 172 -30.44 -60.73 -44.62
CA ALA N 172 -30.21 -59.51 -43.88
C ALA N 172 -28.72 -59.27 -43.69
N LYS N 173 -27.95 -60.33 -43.45
CA LYS N 173 -26.52 -60.15 -43.19
C LYS N 173 -25.80 -59.52 -44.37
N GLN N 174 -26.11 -59.98 -45.58
CA GLN N 174 -25.53 -59.38 -46.78
C GLN N 174 -25.97 -57.93 -46.92
N TYR N 175 -27.27 -57.66 -46.71
CA TYR N 175 -27.77 -56.29 -46.91
C TYR N 175 -27.13 -55.32 -45.92
N ALA N 176 -27.01 -55.72 -44.64
CA ALA N 176 -26.40 -54.87 -43.63
C ALA N 176 -24.94 -54.59 -43.94
N ALA N 177 -24.18 -55.63 -44.31
CA ALA N 177 -22.76 -55.45 -44.59
C ALA N 177 -22.57 -54.50 -45.74
N ALA N 178 -23.41 -54.66 -46.78
CA ALA N 178 -23.34 -53.81 -47.95
C ALA N 178 -23.66 -52.36 -47.59
N GLU N 179 -24.64 -52.15 -46.71
CA GLU N 179 -25.02 -50.79 -46.34
C GLU N 179 -23.86 -50.08 -45.68
N VAL N 180 -23.21 -50.74 -44.73
CA VAL N 180 -22.11 -50.11 -44.01
C VAL N 180 -20.95 -49.82 -44.96
N ARG N 181 -20.61 -50.79 -45.83
CA ARG N 181 -19.49 -50.60 -46.74
C ARG N 181 -19.73 -49.48 -47.76
N ASN N 182 -20.92 -49.46 -48.37
CA ASN N 182 -21.26 -48.39 -49.31
C ASN N 182 -21.28 -47.03 -48.63
N GLY N 183 -21.78 -46.97 -47.38
CA GLY N 183 -21.72 -45.71 -46.65
C GLY N 183 -20.31 -45.23 -46.39
N ARG N 184 -19.38 -46.15 -46.11
CA ARG N 184 -17.98 -45.76 -45.93
C ARG N 184 -17.39 -45.21 -47.22
N LEU N 185 -17.66 -45.90 -48.35
CA LEU N 185 -17.19 -45.42 -49.64
C LEU N 185 -17.81 -44.08 -49.97
N ALA N 186 -19.11 -43.92 -49.67
CA ALA N 186 -19.80 -42.67 -49.91
C ALA N 186 -19.23 -41.53 -49.10
N MET N 187 -18.79 -41.81 -47.86
CA MET N 187 -18.22 -40.73 -47.06
C MET N 187 -16.94 -40.21 -47.68
N ILE N 188 -16.03 -41.13 -48.03
CA ILE N 188 -14.80 -40.72 -48.70
C ILE N 188 -15.11 -40.07 -50.05
N GLY N 189 -16.08 -40.63 -50.79
CA GLY N 189 -16.45 -40.10 -52.08
C GLY N 189 -17.05 -38.72 -52.04
N PHE N 190 -17.95 -38.47 -51.08
CA PHE N 190 -18.52 -37.13 -50.95
C PHE N 190 -17.43 -36.13 -50.60
N SER N 191 -16.51 -36.50 -49.71
CA SER N 191 -15.47 -35.54 -49.32
C SER N 191 -14.62 -35.18 -50.53
N GLY N 192 -14.32 -36.20 -51.36
CA GLY N 192 -13.59 -35.96 -52.58
C GLY N 192 -14.33 -35.06 -53.55
N MET N 193 -15.62 -35.36 -53.79
CA MET N 193 -16.41 -34.59 -54.74
C MET N 193 -16.53 -33.15 -54.28
N LEU N 194 -16.71 -32.93 -52.98
CA LEU N 194 -16.88 -31.58 -52.46
C LEU N 194 -15.61 -30.74 -52.62
N HIS N 195 -14.45 -31.28 -52.19
CA HIS N 195 -13.20 -30.52 -52.33
C HIS N 195 -12.86 -30.31 -53.83
N HIS N 196 -13.07 -31.33 -54.67
CA HIS N 196 -12.79 -31.18 -56.10
C HIS N 196 -13.78 -30.22 -56.79
N ALA N 197 -15.03 -30.15 -56.35
CA ALA N 197 -15.94 -29.13 -56.86
C ALA N 197 -15.42 -27.73 -56.52
N ILE N 198 -14.80 -27.59 -55.34
CA ILE N 198 -14.20 -26.30 -55.00
C ILE N 198 -13.11 -25.93 -56.00
N VAL N 199 -12.22 -26.88 -56.32
CA VAL N 199 -11.10 -26.52 -57.19
C VAL N 199 -11.58 -26.23 -58.62
N SER N 200 -12.42 -27.11 -59.17
CA SER N 200 -13.03 -26.89 -60.49
C SER N 200 -14.53 -26.79 -60.33
N LYS N 201 -15.10 -25.64 -60.66
CA LYS N 201 -16.51 -25.37 -60.40
C LYS N 201 -17.38 -26.03 -61.46
N GLN N 202 -17.64 -27.32 -61.25
CA GLN N 202 -18.50 -28.10 -62.12
C GLN N 202 -18.93 -29.35 -61.37
N GLY N 203 -20.01 -29.96 -61.85
CA GLY N 203 -20.47 -31.22 -61.31
C GLY N 203 -19.49 -32.30 -61.68
N PRO N 204 -19.50 -33.42 -60.94
CA PRO N 204 -18.50 -34.48 -61.17
C PRO N 204 -18.51 -35.01 -62.60
N ILE N 205 -19.69 -35.20 -63.17
CA ILE N 205 -19.83 -35.66 -64.54
C ILE N 205 -19.24 -34.63 -65.51
N THR N 206 -19.51 -33.34 -65.25
CA THR N 206 -18.95 -32.28 -66.07
C THR N 206 -17.42 -32.23 -65.95
N GLN N 207 -16.89 -32.43 -64.74
CA GLN N 207 -15.44 -32.40 -64.57
C GLN N 207 -14.80 -33.52 -65.37
N ILE N 208 -15.43 -34.70 -65.40
CA ILE N 208 -14.91 -35.80 -66.21
C ILE N 208 -14.90 -35.39 -67.67
N VAL N 209 -15.93 -34.65 -68.10
CA VAL N 209 -15.97 -34.21 -69.49
C VAL N 209 -14.80 -33.30 -69.82
N GLU N 210 -14.50 -32.32 -68.96
CA GLU N 210 -13.42 -31.40 -69.33
C GLU N 210 -12.04 -31.80 -68.84
N GLN N 211 -11.93 -32.83 -67.99
CA GLN N 211 -10.65 -33.38 -67.52
C GLN N 211 -9.78 -32.34 -66.83
N ASN N 212 -10.38 -31.40 -66.11
CA ASN N 212 -9.59 -30.43 -65.32
C ASN N 212 -9.34 -31.05 -63.95
N PHE N 213 -8.45 -32.05 -63.95
CA PHE N 213 -8.20 -32.82 -62.75
C PHE N 213 -7.01 -32.37 -61.94
N TYR N 214 -6.21 -31.42 -62.43
CA TYR N 214 -4.98 -31.08 -61.74
C TYR N 214 -4.97 -29.60 -61.36
N PRO N 215 -4.44 -29.25 -60.19
CA PRO N 215 -4.29 -27.84 -59.84
C PRO N 215 -3.41 -27.18 -60.90
N LYS N 216 -3.88 -26.07 -61.43
CA LYS N 216 -3.19 -25.41 -62.53
C LYS N 216 -3.78 -24.02 -62.78
N ALA O 30 40.38 -54.86 -22.39
CA ALA O 30 40.55 -53.80 -21.40
C ALA O 30 40.82 -52.49 -22.11
N LYS O 31 41.69 -52.54 -23.13
CA LYS O 31 42.00 -51.38 -23.95
C LYS O 31 41.34 -51.53 -25.30
N SER O 32 40.68 -50.46 -25.74
CA SER O 32 39.97 -50.46 -27.00
C SER O 32 40.92 -50.70 -28.16
N LYS O 33 40.42 -51.41 -29.18
CA LYS O 33 41.23 -51.65 -30.36
C LYS O 33 41.47 -50.34 -31.10
N ALA O 34 40.41 -49.55 -31.24
CA ALA O 34 40.50 -48.27 -31.94
C ALA O 34 41.42 -47.31 -31.21
N VAL O 35 41.29 -47.19 -29.91
CA VAL O 35 42.07 -46.15 -29.25
C VAL O 35 42.79 -46.86 -28.12
N PRO O 36 44.09 -47.18 -28.21
CA PRO O 36 44.71 -47.97 -27.14
C PRO O 36 44.81 -47.27 -25.79
N PHE O 37 45.11 -45.97 -25.75
CA PHE O 37 45.30 -45.30 -24.46
C PHE O 37 44.01 -45.22 -23.65
N LEU O 38 42.85 -45.28 -24.30
CA LEU O 38 41.56 -45.29 -23.63
C LEU O 38 41.15 -46.72 -23.31
N SER O 39 40.39 -46.88 -22.24
CA SER O 39 39.85 -48.18 -21.88
C SER O 39 38.66 -48.52 -22.77
N GLN O 40 38.45 -49.82 -23.00
CA GLN O 40 37.42 -50.28 -23.92
C GLN O 40 36.04 -49.83 -23.44
N PRO O 41 35.21 -49.28 -24.33
CA PRO O 41 33.87 -48.83 -23.91
C PRO O 41 32.99 -49.98 -23.44
N GLU O 42 32.25 -49.73 -22.38
CA GLU O 42 31.28 -50.70 -21.91
C GLU O 42 30.08 -50.68 -22.85
N ALA O 43 29.36 -51.80 -22.87
CA ALA O 43 28.15 -52.09 -23.65
C ALA O 43 28.55 -52.44 -25.08
N LEU O 44 29.84 -52.48 -25.38
CA LEU O 44 30.36 -52.89 -26.70
C LEU O 44 31.01 -54.25 -26.53
N ASP O 45 30.32 -55.31 -26.95
CA ASP O 45 30.82 -56.67 -26.79
C ASP O 45 31.46 -57.21 -28.06
N GLY O 46 31.43 -56.46 -29.15
CA GLY O 46 31.98 -56.90 -30.42
C GLY O 46 31.03 -57.72 -31.26
N SER O 47 29.80 -57.96 -30.75
CA SER O 47 28.83 -58.78 -31.46
C SER O 47 28.40 -58.13 -32.77
N MET O 48 28.16 -56.83 -32.75
CA MET O 48 27.76 -56.12 -33.95
C MET O 48 28.95 -55.99 -34.88
N ALA O 49 28.67 -56.05 -36.18
CA ALA O 49 29.73 -55.85 -37.15
C ALA O 49 30.17 -54.39 -37.12
N GLY O 50 31.47 -54.18 -37.35
CA GLY O 50 32.00 -52.84 -37.24
C GLY O 50 32.16 -52.36 -35.81
N ASP O 51 32.21 -53.27 -34.84
CA ASP O 51 32.42 -52.93 -33.44
C ASP O 51 33.92 -52.91 -33.19
N VAL O 52 34.50 -51.71 -33.06
CA VAL O 52 35.93 -51.58 -32.93
C VAL O 52 36.32 -50.92 -31.60
N GLY O 53 35.36 -50.70 -30.72
CA GLY O 53 35.64 -50.02 -29.46
C GLY O 53 35.85 -48.54 -29.58
N PHE O 54 35.38 -47.93 -30.66
CA PHE O 54 35.49 -46.49 -30.85
C PHE O 54 34.28 -45.78 -30.23
N ASP O 55 34.33 -45.59 -28.91
CA ASP O 55 33.38 -44.74 -28.21
C ASP O 55 34.10 -43.94 -27.13
N PRO O 56 34.98 -43.00 -27.53
CA PRO O 56 35.75 -42.25 -26.51
C PRO O 56 34.89 -41.42 -25.58
N PHE O 57 33.84 -40.78 -26.10
CA PHE O 57 33.02 -39.87 -25.31
C PHE O 57 32.20 -40.62 -24.26
N GLY O 58 31.98 -41.91 -24.42
CA GLY O 58 31.14 -42.63 -23.48
C GLY O 58 29.66 -42.47 -23.70
N ILE O 59 29.26 -42.12 -24.93
CA ILE O 59 27.86 -41.94 -25.28
C ILE O 59 27.06 -43.22 -25.10
N SER O 60 27.69 -44.38 -25.36
CA SER O 60 27.02 -45.68 -25.30
C SER O 60 26.41 -45.95 -23.93
N SER O 61 27.12 -45.55 -22.87
CA SER O 61 26.60 -45.76 -21.53
C SER O 61 25.29 -45.01 -21.32
N VAL O 62 25.21 -43.76 -21.83
CA VAL O 62 24.01 -42.96 -21.67
C VAL O 62 22.85 -43.50 -22.50
N ILE O 63 23.10 -43.82 -23.77
CA ILE O 63 22.03 -44.16 -24.71
C ILE O 63 22.20 -45.62 -25.09
N ASP O 64 21.08 -46.36 -25.08
CA ASP O 64 21.08 -47.78 -25.36
C ASP O 64 21.66 -48.05 -26.74
N ILE O 65 22.46 -49.12 -26.83
CA ILE O 65 23.17 -49.43 -28.07
C ILE O 65 22.20 -49.71 -29.22
N LYS O 66 21.05 -50.31 -28.94
CA LYS O 66 20.10 -50.64 -29.99
C LYS O 66 19.58 -49.38 -30.68
N TRP O 67 19.24 -48.35 -29.91
CA TRP O 67 18.81 -47.09 -30.48
C TRP O 67 19.93 -46.43 -31.27
N LEU O 68 21.15 -46.46 -30.72
CA LEU O 68 22.31 -45.89 -31.41
C LEU O 68 22.62 -46.61 -32.71
N ARG O 69 22.54 -47.94 -32.72
CA ARG O 69 22.81 -48.70 -33.93
C ARG O 69 21.72 -48.46 -34.97
N GLU O 70 20.46 -48.41 -34.55
CA GLU O 70 19.38 -48.11 -35.49
C GLU O 70 19.58 -46.73 -36.08
N SER O 71 19.99 -45.77 -35.24
CA SER O 71 20.29 -44.43 -35.71
C SER O 71 21.47 -44.43 -36.68
N GLU O 72 22.54 -45.17 -36.35
CA GLU O 72 23.73 -45.21 -37.19
C GLU O 72 23.43 -45.80 -38.55
N LEU O 73 22.71 -46.92 -38.57
CA LEU O 73 22.37 -47.59 -39.83
C LEU O 73 21.46 -46.72 -40.66
N LYS O 74 20.41 -46.15 -40.06
CA LYS O 74 19.48 -45.32 -40.82
C LYS O 74 20.17 -44.07 -41.35
N HIS O 75 21.01 -43.43 -40.51
CA HIS O 75 21.76 -42.24 -40.92
C HIS O 75 22.66 -42.56 -42.10
N GLY O 76 23.35 -43.69 -42.01
CA GLY O 76 24.23 -44.12 -43.08
C GLY O 76 23.50 -44.43 -44.37
N ARG O 77 22.35 -45.11 -44.27
CA ARG O 77 21.59 -45.48 -45.46
C ARG O 77 21.09 -44.23 -46.19
N ILE O 78 20.65 -43.22 -45.43
CA ILE O 78 20.25 -41.95 -46.01
C ILE O 78 21.45 -41.32 -46.72
N CYS O 79 22.62 -41.35 -46.07
CA CYS O 79 23.82 -40.76 -46.66
C CYS O 79 24.28 -41.52 -47.90
N MET O 80 24.14 -42.84 -47.92
CA MET O 80 24.57 -43.62 -49.08
C MET O 80 23.80 -43.19 -50.30
N LEU O 81 22.47 -43.12 -50.15
CA LEU O 81 21.64 -42.63 -51.24
C LEU O 81 21.95 -41.18 -51.55
N ALA O 82 22.20 -40.35 -50.53
CA ALA O 82 22.43 -38.92 -50.72
C ALA O 82 23.68 -38.63 -51.53
N ALA O 83 24.80 -39.30 -51.20
CA ALA O 83 26.04 -39.11 -51.97
C ALA O 83 25.84 -39.55 -53.41
N THR O 84 25.37 -40.79 -53.56
CA THR O 84 25.12 -41.34 -54.92
C THR O 84 24.20 -40.36 -55.65
N GLY O 85 23.17 -39.88 -54.97
CA GLY O 85 22.19 -39.00 -55.63
C GLY O 85 22.82 -37.73 -56.15
N CYS O 86 23.69 -37.08 -55.37
CA CYS O 86 24.25 -35.77 -55.82
C CYS O 86 25.06 -35.98 -57.10
N LEU O 87 25.91 -37.01 -57.13
CA LEU O 87 26.72 -37.30 -58.35
C LEU O 87 25.78 -37.68 -59.49
N VAL O 88 24.78 -38.53 -59.21
CA VAL O 88 23.83 -38.99 -60.26
C VAL O 88 23.03 -37.80 -60.78
N GLN O 89 22.64 -36.87 -59.90
CA GLN O 89 21.80 -35.73 -60.34
C GLN O 89 22.57 -34.91 -61.37
N GLU O 90 23.87 -34.68 -61.15
CA GLU O 90 24.67 -33.96 -62.17
C GLU O 90 24.77 -34.79 -63.46
N VAL O 91 25.06 -36.08 -63.34
CA VAL O 91 25.24 -36.95 -64.55
C VAL O 91 23.90 -37.16 -65.28
N VAL O 92 22.81 -37.44 -64.56
CA VAL O 92 21.51 -37.77 -65.20
C VAL O 92 20.42 -36.84 -64.66
N HIS O 93 19.58 -36.30 -65.54
CA HIS O 93 18.46 -35.42 -65.10
C HIS O 93 17.14 -35.96 -65.65
N LEU O 94 16.09 -36.03 -64.83
CA LEU O 94 14.79 -36.40 -65.35
C LEU O 94 14.44 -35.37 -66.43
N PRO O 95 13.83 -35.80 -67.55
CA PRO O 95 13.62 -34.88 -68.67
C PRO O 95 12.82 -33.66 -68.23
N GLY O 96 13.33 -32.47 -68.54
CA GLY O 96 12.70 -31.25 -68.11
C GLY O 96 13.68 -30.30 -67.43
N PRO O 97 13.42 -29.00 -67.56
CA PRO O 97 14.31 -28.00 -66.97
C PRO O 97 14.37 -28.03 -65.45
N ALA O 98 13.23 -28.35 -64.80
CA ALA O 98 13.14 -28.35 -63.34
C ALA O 98 14.13 -29.32 -62.71
N PHE O 99 14.43 -30.41 -63.40
CA PHE O 99 15.31 -31.46 -62.90
C PHE O 99 16.73 -31.33 -63.44
N SER O 100 17.06 -30.22 -64.07
CA SER O 100 18.33 -30.08 -64.79
C SER O 100 19.46 -29.45 -63.98
N GLN O 101 19.26 -29.08 -62.73
CA GLN O 101 20.31 -28.37 -62.00
C GLN O 101 21.49 -29.29 -61.69
N LYS O 102 22.69 -28.88 -62.10
CA LYS O 102 23.89 -29.68 -61.88
C LYS O 102 24.24 -29.76 -60.40
N MET O 103 24.17 -28.64 -59.69
CA MET O 103 24.55 -28.62 -58.28
C MET O 103 23.36 -29.05 -57.44
N ALA O 104 23.59 -30.04 -56.55
CA ALA O 104 22.49 -30.62 -55.79
C ALA O 104 21.84 -29.61 -54.86
N LEU O 105 22.63 -28.71 -54.26
CA LEU O 105 22.04 -27.66 -53.44
C LEU O 105 21.14 -26.77 -54.28
N ASN O 106 21.55 -26.46 -55.51
CA ASN O 106 20.69 -25.75 -56.44
C ASN O 106 19.47 -26.59 -56.82
N ALA O 107 19.66 -27.91 -56.91
CA ALA O 107 18.56 -28.82 -57.22
C ALA O 107 17.48 -28.75 -56.16
N TRP O 108 17.86 -28.49 -54.91
CA TRP O 108 16.91 -28.37 -53.81
C TRP O 108 15.88 -27.28 -54.10
N ALA O 109 16.33 -26.11 -54.55
CA ALA O 109 15.42 -25.05 -54.97
C ALA O 109 14.75 -25.35 -56.31
N ALA O 110 15.48 -25.98 -57.24
CA ALA O 110 14.97 -26.18 -58.61
C ALA O 110 13.74 -27.09 -58.66
N ALA O 111 13.72 -28.17 -57.89
CA ALA O 111 12.66 -29.17 -57.98
C ALA O 111 11.30 -28.60 -57.57
N PRO O 112 10.22 -29.06 -58.20
CA PRO O 112 8.88 -28.63 -57.80
C PRO O 112 8.60 -28.88 -56.32
N ARG O 113 8.16 -27.83 -55.64
CA ARG O 113 7.98 -27.87 -54.19
C ARG O 113 6.93 -28.89 -53.77
N GLY O 114 5.83 -28.98 -54.53
CA GLY O 114 4.76 -29.90 -54.17
C GLY O 114 5.22 -31.35 -54.18
N GLY O 115 6.03 -31.71 -55.17
CA GLY O 115 6.58 -33.06 -55.23
C GLY O 115 7.50 -33.34 -54.06
N MET O 116 8.33 -32.37 -53.69
CA MET O 116 9.25 -32.54 -52.56
C MET O 116 8.49 -32.74 -51.26
N ILE O 117 7.41 -31.96 -51.06
CA ILE O 117 6.57 -32.16 -49.88
C ILE O 117 5.88 -33.52 -49.92
N SER O 118 5.48 -33.97 -51.11
CA SER O 118 4.91 -35.31 -51.25
C SER O 118 5.93 -36.38 -50.85
N ILE O 119 7.20 -36.19 -51.22
CA ILE O 119 8.26 -37.12 -50.81
C ILE O 119 8.37 -37.14 -49.29
N LEU O 120 8.25 -35.97 -48.66
CA LEU O 120 8.35 -35.88 -47.21
C LEU O 120 7.24 -36.69 -46.55
N VAL O 121 6.02 -36.59 -47.09
CA VAL O 121 4.90 -37.37 -46.58
C VAL O 121 5.13 -38.87 -46.80
N ALA O 122 5.67 -39.24 -47.97
CA ALA O 122 5.93 -40.65 -48.26
C ALA O 122 6.94 -41.23 -47.28
N ILE O 123 7.97 -40.47 -46.94
CA ILE O 123 8.97 -40.90 -45.99
C ILE O 123 8.32 -41.11 -44.63
N GLY O 124 7.45 -40.17 -44.23
CA GLY O 124 6.78 -40.30 -42.95
C GLY O 124 5.93 -41.56 -42.86
N LEU O 125 5.11 -41.81 -43.90
CA LEU O 125 4.23 -42.98 -43.89
C LEU O 125 5.04 -44.28 -43.89
N ILE O 126 6.15 -44.30 -44.64
CA ILE O 126 7.01 -45.48 -44.67
C ILE O 126 7.60 -45.73 -43.28
N GLU O 127 8.02 -44.65 -42.60
CA GLU O 127 8.55 -44.77 -41.24
C GLU O 127 7.48 -45.33 -40.31
N MET O 128 6.25 -44.85 -40.46
CA MET O 128 5.14 -45.25 -39.60
C MET O 128 4.82 -46.73 -39.76
N ILE O 129 4.70 -47.22 -41.00
CA ILE O 129 4.36 -48.61 -41.22
C ILE O 129 5.53 -49.55 -40.89
N SER O 130 6.75 -49.20 -41.32
CA SER O 130 7.89 -50.10 -41.16
C SER O 130 8.21 -50.37 -39.70
N ASN O 131 8.16 -49.33 -38.87
CA ASN O 131 8.41 -49.51 -37.45
C ASN O 131 7.27 -50.19 -36.73
N ARG O 132 6.10 -50.30 -37.36
CA ARG O 132 4.88 -50.89 -36.79
C ARG O 132 4.37 -50.07 -35.60
N PHE O 133 4.50 -48.75 -35.70
CA PHE O 133 4.10 -47.70 -34.76
C PHE O 133 5.08 -47.63 -33.61
N ALA O 134 6.17 -48.40 -33.66
CA ALA O 134 7.23 -48.33 -32.65
C ALA O 134 8.19 -47.22 -33.04
N LEU O 135 7.76 -45.98 -32.80
CA LEU O 135 8.51 -44.81 -33.21
C LEU O 135 9.38 -44.22 -32.11
N THR O 136 8.87 -44.18 -30.89
CA THR O 136 9.56 -43.54 -29.78
C THR O 136 10.70 -44.41 -29.25
N ALA O 137 11.66 -43.77 -28.59
CA ALA O 137 12.78 -44.50 -27.99
C ALA O 137 12.30 -45.42 -26.89
N THR O 138 11.32 -44.99 -26.11
CA THR O 138 10.78 -45.84 -25.06
C THR O 138 10.07 -47.07 -25.63
N ASP O 139 9.27 -46.90 -26.69
CA ASP O 139 8.50 -48.03 -27.19
C ASP O 139 9.17 -48.80 -28.33
N MET O 140 10.21 -48.26 -28.96
CA MET O 140 10.96 -49.03 -29.94
C MET O 140 11.79 -50.06 -29.19
N PHE O 141 11.88 -51.27 -29.76
CA PHE O 141 12.66 -52.40 -29.26
C PHE O 141 12.01 -53.04 -28.05
N ALA O 142 10.80 -52.59 -27.69
CA ALA O 142 10.06 -53.20 -26.59
C ALA O 142 9.71 -54.65 -26.92
N ASN O 143 9.30 -54.91 -28.15
CA ASN O 143 9.09 -56.28 -28.59
C ASN O 143 10.44 -57.00 -28.58
N PRO O 144 10.51 -58.21 -28.04
CA PRO O 144 11.82 -58.91 -27.94
C PRO O 144 12.48 -59.18 -29.29
N ASN O 145 11.70 -59.53 -30.32
CA ASN O 145 12.26 -59.89 -31.61
C ASN O 145 12.86 -58.70 -32.35
N ARG O 146 12.45 -57.47 -32.02
CA ARG O 146 12.94 -56.29 -32.72
C ARG O 146 14.46 -56.17 -32.53
N VAL O 147 15.15 -55.96 -33.64
CA VAL O 147 16.61 -55.95 -33.69
C VAL O 147 17.04 -54.65 -34.33
N PRO O 148 18.16 -54.04 -33.93
CA PRO O 148 18.58 -52.75 -34.49
C PRO O 148 18.75 -52.82 -36.00
N GLY O 149 18.07 -51.90 -36.69
CA GLY O 149 18.16 -51.82 -38.13
C GLY O 149 17.32 -52.85 -38.87
N ASP O 150 16.70 -53.78 -38.17
CA ASP O 150 15.99 -54.90 -38.79
C ASP O 150 14.54 -54.51 -39.03
N LEU O 151 14.29 -53.93 -40.19
CA LEU O 151 12.96 -53.55 -40.59
C LEU O 151 12.31 -54.63 -41.42
N GLY O 152 12.97 -55.78 -41.54
CA GLY O 152 12.50 -56.89 -42.38
C GLY O 152 12.37 -56.53 -43.84
N PHE O 153 13.28 -55.71 -44.36
CA PHE O 153 13.29 -55.33 -45.77
C PHE O 153 14.31 -56.18 -46.52
N ASP O 154 13.82 -57.20 -47.22
CA ASP O 154 14.67 -58.05 -48.05
C ASP O 154 13.82 -58.69 -49.15
N PRO O 155 13.35 -57.88 -50.13
CA PRO O 155 12.45 -58.44 -51.16
C PRO O 155 13.07 -59.55 -51.99
N LEU O 156 14.31 -59.39 -52.41
CA LEU O 156 14.97 -60.38 -53.25
C LEU O 156 15.68 -61.45 -52.43
N SER O 157 15.67 -61.29 -51.10
CA SER O 157 16.26 -62.25 -50.16
C SER O 157 17.74 -62.50 -50.45
N LEU O 158 18.47 -61.41 -50.68
CA LEU O 158 19.92 -61.50 -50.85
C LEU O 158 20.58 -61.99 -49.57
N GLY O 159 20.06 -61.56 -48.42
CA GLY O 159 20.62 -61.89 -47.13
C GLY O 159 20.05 -63.11 -46.47
N ALA O 160 19.16 -63.83 -47.16
CA ALA O 160 18.48 -64.99 -46.57
C ALA O 160 19.46 -66.08 -46.16
N ASN O 161 20.50 -66.31 -46.96
CA ASN O 161 21.53 -67.29 -46.59
C ASN O 161 22.29 -66.79 -45.37
N PRO O 162 22.41 -67.58 -44.31
CA PRO O 162 23.22 -67.16 -43.15
C PRO O 162 24.71 -67.06 -43.45
N ALA O 163 25.20 -67.76 -44.48
CA ALA O 163 26.64 -67.76 -44.77
C ALA O 163 27.14 -66.36 -45.09
N ASN O 164 26.37 -65.60 -45.86
CA ASN O 164 26.76 -64.27 -46.29
C ASN O 164 26.22 -63.17 -45.39
N ARG O 165 25.52 -63.53 -44.31
CA ARG O 165 24.86 -62.53 -43.46
C ARG O 165 25.85 -61.60 -42.80
N ALA O 166 26.92 -62.17 -42.23
CA ALA O 166 27.90 -61.37 -41.49
C ALA O 166 28.62 -60.40 -42.40
N ARG O 167 29.04 -60.85 -43.58
CA ARG O 167 29.76 -59.96 -44.49
C ARG O 167 28.86 -58.85 -45.01
N PHE O 168 27.59 -59.16 -45.27
CA PHE O 168 26.65 -58.14 -45.69
C PHE O 168 26.45 -57.09 -44.60
N GLU O 169 26.33 -57.55 -43.34
CA GLU O 169 26.19 -56.63 -42.23
C GLU O 169 27.41 -55.74 -42.09
N LEU O 170 28.60 -56.34 -42.23
CA LEU O 170 29.85 -55.62 -42.07
C LEU O 170 29.99 -54.54 -43.13
N SER O 171 29.69 -54.90 -44.38
CA SER O 171 29.78 -53.96 -45.49
C SER O 171 28.77 -52.83 -45.33
N GLU O 172 27.54 -53.15 -44.89
CA GLU O 172 26.52 -52.13 -44.76
C GLU O 172 26.92 -51.08 -43.72
N VAL O 173 27.44 -51.53 -42.57
CA VAL O 173 27.83 -50.57 -41.53
C VAL O 173 28.98 -49.69 -42.00
N ILE O 174 29.97 -50.28 -42.68
CA ILE O 174 31.13 -49.50 -43.11
C ILE O 174 30.74 -48.53 -44.24
N HIS O 175 29.99 -49.02 -45.24
CA HIS O 175 29.47 -48.15 -46.29
C HIS O 175 28.73 -46.96 -45.70
N GLY O 176 27.91 -47.18 -44.66
CA GLY O 176 27.17 -46.07 -44.07
C GLY O 176 28.07 -45.02 -43.43
N ARG O 177 29.07 -45.48 -42.68
CA ARG O 177 30.01 -44.52 -42.06
C ARG O 177 30.78 -43.73 -43.14
N ALA O 178 31.26 -44.44 -44.17
CA ALA O 178 32.00 -43.79 -45.25
C ALA O 178 31.12 -42.80 -46.00
N ALA O 179 29.87 -43.18 -46.22
CA ALA O 179 28.91 -42.32 -46.91
C ALA O 179 28.64 -41.05 -46.12
N MET O 180 28.52 -41.16 -44.79
CA MET O 180 28.25 -39.96 -43.99
C MET O 180 29.40 -38.98 -44.10
N MET O 181 30.64 -39.49 -44.03
CA MET O 181 31.80 -38.61 -44.19
C MET O 181 31.83 -37.98 -45.58
N GLY O 182 31.54 -38.79 -46.61
CA GLY O 182 31.53 -38.29 -47.97
C GLY O 182 30.47 -37.23 -48.21
N PHE O 183 29.27 -37.45 -47.71
CA PHE O 183 28.20 -36.47 -47.87
C PHE O 183 28.54 -35.16 -47.17
N SER O 184 29.11 -35.23 -45.96
CA SER O 184 29.46 -33.99 -45.27
C SER O 184 30.48 -33.22 -46.09
N GLY O 185 31.45 -33.95 -46.65
CA GLY O 185 32.42 -33.31 -47.52
C GLY O 185 31.82 -32.72 -48.77
N MET O 186 30.94 -33.46 -49.43
CA MET O 186 30.36 -32.99 -50.69
C MET O 186 29.48 -31.77 -50.48
N VAL O 187 28.67 -31.76 -49.41
CA VAL O 187 27.85 -30.58 -49.12
C VAL O 187 28.72 -29.38 -48.84
N HIS O 188 29.71 -29.56 -47.97
CA HIS O 188 30.52 -28.41 -47.59
C HIS O 188 31.37 -27.92 -48.77
N GLN O 189 31.90 -28.83 -49.59
CA GLN O 189 32.66 -28.42 -50.77
C GLN O 189 31.79 -27.66 -51.77
N MET O 190 30.51 -28.06 -51.92
CA MET O 190 29.59 -27.27 -52.72
C MET O 190 29.39 -25.88 -52.13
N ILE O 191 29.34 -25.78 -50.80
CA ILE O 191 29.21 -24.49 -50.15
C ILE O 191 30.44 -23.60 -50.40
N VAL O 192 31.63 -24.15 -50.25
CA VAL O 192 32.85 -23.33 -50.37
C VAL O 192 33.03 -22.86 -51.81
N SER O 193 32.87 -23.76 -52.76
CA SER O 193 32.90 -23.41 -54.18
C SER O 193 31.59 -23.81 -54.81
N LYS O 194 30.92 -22.87 -55.46
CA LYS O 194 29.56 -23.12 -55.98
C LYS O 194 29.68 -23.92 -57.27
N GLN O 195 30.12 -25.17 -57.11
CA GLN O 195 30.30 -26.11 -58.20
C GLN O 195 29.69 -27.45 -57.81
N ALA O 196 29.29 -28.20 -58.83
CA ALA O 196 28.82 -29.56 -58.61
C ALA O 196 30.04 -30.43 -58.27
N PRO O 197 29.84 -31.58 -57.60
CA PRO O 197 31.02 -32.34 -57.12
C PRO O 197 31.98 -32.84 -58.20
N ILE O 198 31.43 -33.40 -59.27
CA ILE O 198 32.30 -34.00 -60.29
C ILE O 198 33.14 -32.95 -60.97
N GLU O 199 32.55 -31.79 -61.30
CA GLU O 199 33.32 -30.76 -61.99
C GLU O 199 34.43 -30.19 -61.12
N GLN O 200 34.24 -30.15 -59.79
CA GLN O 200 35.34 -29.76 -58.92
C GLN O 200 36.48 -30.76 -59.04
N LEU O 201 36.13 -32.05 -59.13
CA LEU O 201 37.18 -33.04 -59.42
C LEU O 201 37.79 -32.84 -60.80
N MET O 202 36.95 -32.54 -61.80
CA MET O 202 37.43 -32.31 -63.17
C MET O 202 38.23 -31.02 -63.30
N HIS O 203 37.74 -29.93 -62.71
CA HIS O 203 38.45 -28.65 -62.70
C HIS O 203 38.56 -28.18 -61.26
N PHE O 204 39.79 -28.10 -60.74
CA PHE O 204 39.99 -27.84 -59.33
C PHE O 204 40.50 -26.43 -59.08
N LYS O 205 39.83 -25.75 -58.16
CA LYS O 205 40.20 -24.41 -57.73
C LYS O 205 40.53 -24.47 -56.24
N ALA O 206 41.74 -24.05 -55.89
CA ALA O 206 42.06 -23.90 -54.47
C ALA O 206 41.17 -22.79 -53.92
N VAL O 207 40.65 -23.02 -52.71
CA VAL O 207 39.86 -21.98 -52.06
C VAL O 207 40.75 -20.75 -51.90
N ASP O 208 40.22 -19.59 -52.27
CA ASP O 208 41.01 -18.37 -52.10
C ASP O 208 41.19 -18.05 -50.63
N SER O 209 40.13 -18.26 -49.84
CA SER O 209 40.00 -18.12 -48.39
C SER O 209 39.75 -16.66 -48.02
N SER O 210 39.80 -15.73 -48.98
CA SER O 210 39.46 -14.34 -48.70
C SER O 210 37.99 -14.22 -48.33
N LEU O 211 37.14 -14.94 -49.04
CA LEU O 211 35.71 -14.98 -48.75
C LEU O 211 35.48 -15.95 -47.59
N MET O 212 34.31 -15.80 -46.96
CA MET O 212 33.72 -16.76 -46.00
C MET O 212 34.71 -17.19 -44.91
N LYS O 213 35.39 -16.20 -44.31
CA LYS O 213 36.25 -16.48 -43.18
C LYS O 213 35.43 -17.04 -42.03
N LEU O 214 36.02 -18.00 -41.31
CA LEU O 214 35.30 -18.70 -40.25
C LEU O 214 34.89 -17.73 -39.16
N GLY O 215 33.62 -17.83 -38.74
CA GLY O 215 33.04 -17.01 -37.68
C GLY O 215 33.39 -15.54 -37.73
N GLY O 216 33.72 -14.95 -36.59
CA GLY O 216 34.06 -13.54 -36.52
C GLY O 216 32.94 -12.61 -36.12
N ALA O 217 31.76 -13.15 -35.78
CA ALA O 217 30.65 -12.32 -35.33
C ALA O 217 30.99 -11.57 -34.04
N ALA O 218 31.59 -12.26 -33.08
CA ALA O 218 31.98 -11.61 -31.83
C ALA O 218 33.13 -10.64 -32.02
N GLY O 219 34.12 -11.01 -32.85
CA GLY O 219 35.35 -10.25 -32.94
C GLY O 219 35.17 -8.82 -33.43
N ASN O 220 34.32 -8.62 -34.43
CA ASN O 220 34.09 -7.29 -34.99
C ASN O 220 32.91 -6.60 -34.34
N LEU O 221 32.41 -7.16 -33.23
CA LEU O 221 31.27 -6.63 -32.47
C LEU O 221 30.01 -6.60 -33.32
N GLY O 222 29.81 -7.64 -34.14
CA GLY O 222 28.64 -7.73 -34.99
C GLY O 222 28.80 -6.98 -36.30
N TYR O 223 27.66 -6.76 -36.96
CA TYR O 223 27.54 -6.07 -38.24
C TYR O 223 28.34 -6.77 -39.34
N PHE P 64 -27.16 12.40 32.11
CA PHE P 64 -28.14 12.20 31.05
C PHE P 64 -29.27 13.24 31.18
N GLY P 65 -30.51 12.78 31.21
CA GLY P 65 -31.65 13.66 31.39
C GLY P 65 -32.13 13.74 32.82
N GLY P 66 -31.43 13.10 33.74
CA GLY P 66 -31.70 13.17 35.16
C GLY P 66 -30.91 14.27 35.82
N ARG P 67 -30.20 15.05 35.01
CA ARG P 67 -29.42 16.19 35.45
C ARG P 67 -30.18 17.50 35.30
N GLY P 68 -31.48 17.43 35.07
CA GLY P 68 -32.33 18.61 34.99
C GLY P 68 -32.65 19.08 33.59
N LEU P 69 -32.20 18.37 32.57
CA LEU P 69 -32.45 18.72 31.18
C LEU P 69 -33.80 18.12 30.75
N GLY P 70 -34.15 18.25 29.47
CA GLY P 70 -35.45 17.80 29.03
C GLY P 70 -36.53 18.80 29.41
N VAL P 71 -37.77 18.34 29.49
CA VAL P 71 -38.87 19.18 29.94
C VAL P 71 -38.97 19.09 31.45
N THR P 72 -38.44 20.10 32.14
CA THR P 72 -38.38 20.11 33.58
C THR P 72 -38.70 21.51 34.07
N VAL P 73 -39.10 21.63 35.34
CA VAL P 73 -39.34 22.95 35.91
C VAL P 73 -38.04 23.78 35.92
N ASN P 74 -36.89 23.10 35.98
CA ASN P 74 -35.60 23.78 35.89
C ASN P 74 -35.39 24.34 34.50
N ALA P 75 -35.68 23.54 33.48
CA ALA P 75 -35.52 24.00 32.10
C ALA P 75 -36.50 25.12 31.80
N GLU P 76 -37.73 24.99 32.31
CA GLU P 76 -38.75 26.01 32.10
C GLU P 76 -38.29 27.33 32.66
N ARG P 77 -37.73 27.30 33.87
CA ARG P 77 -37.27 28.52 34.50
C ARG P 77 -36.08 29.12 33.74
N TRP P 78 -35.09 28.30 33.35
CA TRP P 78 -33.90 28.84 32.69
C TRP P 78 -34.23 29.43 31.32
N ASN P 79 -35.04 28.72 30.54
CA ASN P 79 -35.47 29.26 29.25
C ASN P 79 -36.30 30.52 29.43
N GLY P 80 -37.16 30.54 30.45
CA GLY P 80 -37.95 31.72 30.70
C GLY P 80 -37.08 32.92 31.06
N ARG P 81 -36.02 32.69 31.84
CA ARG P 81 -35.12 33.78 32.22
C ARG P 81 -34.45 34.37 31.01
N HIS P 82 -33.99 33.50 30.11
CA HIS P 82 -33.37 33.98 28.88
C HIS P 82 -34.38 34.73 28.01
N ALA P 83 -35.62 34.22 27.92
CA ALA P 83 -36.63 34.89 27.10
C ALA P 83 -37.00 36.27 27.63
N MET P 84 -37.12 36.41 28.96
CA MET P 84 -37.39 37.74 29.54
C MET P 84 -36.28 38.71 29.20
N PHE P 85 -35.04 38.25 29.32
CA PHE P 85 -33.91 39.10 28.93
C PHE P 85 -33.97 39.41 27.43
N GLY P 86 -34.34 38.42 26.61
CA GLY P 86 -34.43 38.61 25.17
C GLY P 86 -35.47 39.63 24.76
N ILE P 87 -36.63 39.63 25.42
CA ILE P 87 -37.64 40.65 25.17
C ILE P 87 -37.10 42.03 25.53
N PHE P 88 -36.41 42.13 26.67
CA PHE P 88 -35.86 43.42 27.07
C PHE P 88 -34.83 43.89 26.05
N ALA P 89 -33.97 42.98 25.60
CA ALA P 89 -32.93 43.30 24.64
C ALA P 89 -33.51 43.71 23.29
N MET P 90 -34.57 43.03 22.82
CA MET P 90 -35.17 43.41 21.55
C MET P 90 -35.80 44.80 21.63
N VAL P 91 -36.44 45.11 22.76
CA VAL P 91 -36.98 46.46 22.95
C VAL P 91 -35.86 47.48 22.94
N MET P 92 -34.76 47.17 23.62
CA MET P 92 -33.62 48.09 23.70
C MET P 92 -32.97 48.27 22.34
N THR P 93 -32.75 47.19 21.59
CA THR P 93 -32.10 47.34 20.28
C THR P 93 -32.98 48.11 19.32
N SER P 94 -34.30 47.92 19.37
CA SER P 94 -35.20 48.68 18.51
C SER P 94 -35.12 50.18 18.84
N TYR P 95 -35.15 50.51 20.14
CA TYR P 95 -35.02 51.91 20.54
C TYR P 95 -33.65 52.48 20.19
N MET P 96 -32.60 51.71 20.43
CA MET P 96 -31.23 52.17 20.21
C MET P 96 -30.97 52.45 18.74
N LYS P 97 -31.35 51.52 17.86
CA LYS P 97 -31.16 51.76 16.43
C LYS P 97 -32.05 52.89 15.94
N GLY P 98 -33.28 53.01 16.48
CA GLY P 98 -34.19 54.04 16.02
C GLY P 98 -33.65 55.45 16.23
N HIS P 99 -32.96 55.66 17.34
CA HIS P 99 -32.37 56.96 17.64
C HIS P 99 -30.97 57.09 17.04
N GLY P 100 -30.54 56.13 16.23
CA GLY P 100 -29.23 56.15 15.61
C GLY P 100 -28.09 56.10 16.61
N LEU P 101 -28.27 55.36 17.69
CA LEU P 101 -27.28 55.32 18.76
C LEU P 101 -26.24 54.23 18.56
N ILE P 102 -26.35 53.42 17.51
CA ILE P 102 -25.36 52.41 17.19
C ILE P 102 -24.32 53.07 16.27
N PRO P 103 -23.06 53.20 16.69
CA PRO P 103 -22.08 54.00 15.95
C PRO P 103 -21.70 53.40 14.61
N ASP P 104 -21.78 54.24 13.56
CA ASP P 104 -21.36 53.91 12.20
C ASP P 104 -21.98 52.60 11.71
N ALA P 105 -23.29 52.48 11.96
CA ALA P 105 -24.01 51.24 11.69
C ALA P 105 -23.99 50.86 10.21
N ASP P 106 -24.11 51.85 9.32
CA ASP P 106 -24.20 51.53 7.89
C ASP P 106 -22.91 50.93 7.34
N LYS P 107 -21.76 51.32 7.91
CA LYS P 107 -20.45 50.91 7.37
C LYS P 107 -20.32 49.39 7.34
N VAL P 108 -19.70 48.89 6.28
CA VAL P 108 -19.47 47.46 6.12
C VAL P 108 -18.05 47.18 6.60
N LEU P 109 -17.89 46.19 7.47
CA LEU P 109 -16.58 45.87 8.03
C LEU P 109 -15.64 45.35 6.93
N ASP P 110 -14.39 45.80 6.99
CA ASP P 110 -13.44 45.43 5.95
C ASP P 110 -12.79 44.09 6.21
N ILE P 111 -12.71 43.28 5.14
CA ILE P 111 -12.06 41.98 5.21
C ILE P 111 -10.57 42.13 5.54
N ALA P 112 -9.93 43.18 5.01
CA ALA P 112 -8.51 43.37 5.23
C ALA P 112 -8.20 43.54 6.72
N GLN P 113 -8.97 44.38 7.41
CA GLN P 113 -8.76 44.55 8.84
C GLN P 113 -9.28 43.36 9.66
N TRP P 114 -10.50 42.89 9.37
CA TRP P 114 -11.14 41.89 10.24
C TRP P 114 -11.17 40.46 9.69
N GLY P 115 -10.56 40.18 8.55
CA GLY P 115 -10.45 38.82 8.05
C GLY P 115 -11.61 38.35 7.19
N PRO P 116 -11.49 37.12 6.66
CA PRO P 116 -12.56 36.59 5.81
C PRO P 116 -13.81 36.18 6.57
N LEU P 117 -13.75 36.11 7.89
CA LEU P 117 -14.94 35.83 8.68
C LEU P 117 -16.00 36.90 8.49
N ALA P 118 -15.56 38.14 8.21
CA ALA P 118 -16.45 39.27 7.99
C ALA P 118 -17.31 39.15 6.75
N ALA P 119 -16.92 38.35 5.76
CA ALA P 119 -17.65 38.26 4.50
C ALA P 119 -19.06 37.71 4.67
N VAL P 120 -20.02 38.33 4.00
CA VAL P 120 -21.42 37.91 4.06
C VAL P 120 -22.00 37.53 2.70
N TRP P 121 -21.28 37.74 1.60
CA TRP P 121 -21.67 37.34 0.24
C TRP P 121 -23.03 37.87 -0.21
N ASP P 122 -23.34 39.12 0.12
CA ASP P 122 -24.52 39.72 -0.46
C ASP P 122 -24.16 40.28 -1.84
N GLY P 123 -25.15 40.85 -2.52
CA GLY P 123 -24.95 41.29 -3.89
C GLY P 123 -23.83 42.31 -4.05
N ALA P 124 -23.74 43.25 -3.12
CA ALA P 124 -22.74 44.31 -3.19
C ALA P 124 -22.01 44.41 -1.87
N GLY P 125 -20.74 44.81 -1.92
CA GLY P 125 -19.94 44.89 -0.71
C GLY P 125 -19.35 43.58 -0.25
N ASN P 126 -20.21 42.57 -0.05
CA ASN P 126 -19.83 41.23 0.38
C ASN P 126 -19.21 41.24 1.79
N GLY P 127 -19.64 42.15 2.64
CA GLY P 127 -19.12 42.23 3.99
C GLY P 127 -20.23 42.54 4.98
N ILE P 128 -20.03 42.10 6.22
CA ILE P 128 -21.01 42.31 7.27
C ILE P 128 -21.03 43.78 7.69
N SER P 129 -22.21 44.28 8.02
CA SER P 129 -22.34 45.65 8.49
C SER P 129 -21.82 45.78 9.92
N ASN P 130 -21.38 47.00 10.25
CA ASN P 130 -20.85 47.27 11.59
C ASN P 130 -21.89 47.05 12.67
N GLU P 131 -23.15 47.37 12.38
CA GLU P 131 -24.23 47.24 13.37
C GLU P 131 -24.42 45.80 13.82
N ARG P 132 -24.46 44.86 12.86
CA ARG P 132 -24.66 43.46 13.18
C ARG P 132 -23.49 42.93 14.00
N ALA P 133 -22.28 43.37 13.68
CA ALA P 133 -21.11 42.99 14.44
C ALA P 133 -21.19 43.48 15.88
N ILE P 134 -21.65 44.72 16.07
CA ILE P 134 -21.78 45.26 17.43
C ILE P 134 -22.80 44.47 18.25
N ILE P 135 -23.94 44.13 17.64
CA ILE P 135 -24.98 43.37 18.34
C ILE P 135 -24.46 41.98 18.71
N LEU P 136 -23.72 41.36 17.79
CA LEU P 136 -23.12 40.06 18.06
C LEU P 136 -22.14 40.14 19.22
N ILE P 137 -21.35 41.21 19.30
CA ILE P 137 -20.40 41.35 20.41
C ILE P 137 -21.12 41.49 21.75
N ALA P 138 -22.28 42.18 21.78
CA ALA P 138 -23.05 42.22 23.03
C ALA P 138 -23.49 40.82 23.47
N HIS P 139 -23.93 40.02 22.50
CA HIS P 139 -24.30 38.64 22.82
C HIS P 139 -23.09 37.81 23.24
N VAL P 140 -21.93 38.07 22.67
CA VAL P 140 -20.72 37.40 23.12
C VAL P 140 -20.43 37.71 24.58
N HIS P 141 -20.62 38.98 24.98
CA HIS P 141 -20.33 39.39 26.36
C HIS P 141 -21.20 38.60 27.35
N VAL P 142 -22.50 38.52 27.05
CA VAL P 142 -23.38 37.75 27.94
C VAL P 142 -23.08 36.25 27.87
N LEU P 143 -22.73 35.73 26.69
CA LEU P 143 -22.45 34.29 26.56
C LEU P 143 -21.24 33.86 27.37
N VAL P 144 -20.18 34.68 27.39
CA VAL P 144 -19.03 34.36 28.23
C VAL P 144 -19.42 34.36 29.70
N VAL P 145 -20.27 35.31 30.12
CA VAL P 145 -20.76 35.26 31.49
C VAL P 145 -21.52 33.95 31.74
N SER P 146 -22.30 33.51 30.74
CA SER P 146 -23.09 32.29 30.87
C SER P 146 -22.22 31.06 31.05
N VAL P 147 -21.15 30.94 30.25
CA VAL P 147 -20.28 29.78 30.37
C VAL P 147 -19.62 29.74 31.74
N ILE P 148 -19.14 30.91 32.22
CA ILE P 148 -18.53 30.95 33.55
C ILE P 148 -19.55 30.58 34.63
N ALA P 149 -20.78 31.11 34.50
CA ALA P 149 -21.82 30.85 35.48
C ALA P 149 -22.23 29.39 35.51
N ALA P 150 -22.29 28.73 34.35
CA ALA P 150 -22.59 27.30 34.34
C ALA P 150 -21.48 26.48 34.98
N ILE P 151 -20.24 26.68 34.55
CA ILE P 151 -19.14 25.86 35.09
C ILE P 151 -18.80 26.24 36.53
N ALA P 152 -18.79 27.53 36.85
CA ALA P 152 -18.42 27.99 38.19
C ALA P 152 -19.48 28.93 38.75
N PRO P 153 -20.59 28.40 39.24
CA PRO P 153 -21.68 29.25 39.69
C PRO P 153 -21.43 29.87 41.05
N PHE P 154 -22.19 30.94 41.32
CA PHE P 154 -22.18 31.55 42.66
C PHE P 154 -22.77 30.56 43.66
N GLY P 155 -22.40 30.74 44.92
CA GLY P 155 -22.79 29.77 45.95
C GLY P 155 -24.30 29.66 46.12
N PHE P 156 -24.99 30.79 46.10
CA PHE P 156 -26.44 30.85 46.28
C PHE P 156 -27.21 30.61 44.99
N GLN P 157 -26.52 30.64 43.85
CA GLN P 157 -27.16 30.63 42.54
C GLN P 157 -27.76 29.28 42.20
N ASP P 158 -28.81 29.31 41.38
CA ASP P 158 -29.42 28.10 40.84
C ASP P 158 -28.51 27.55 39.75
N THR P 159 -28.61 26.27 39.46
CA THR P 159 -27.65 25.66 38.54
C THR P 159 -28.34 25.09 37.31
N LEU P 160 -27.71 25.31 36.17
CA LEU P 160 -28.24 24.83 34.89
C LEU P 160 -28.36 23.32 34.87
N VAL P 161 -27.31 22.63 35.28
CA VAL P 161 -27.40 21.21 35.55
C VAL P 161 -27.50 20.99 37.05
N LYS P 162 -28.30 19.99 37.44
CA LYS P 162 -28.52 19.63 38.83
C LYS P 162 -27.64 18.43 39.20
N GLU P 163 -27.53 18.18 40.51
CA GLU P 163 -26.63 17.15 41.04
C GLU P 163 -26.90 15.73 40.54
N LYS P 164 -28.17 15.41 40.22
CA LYS P 164 -28.78 14.14 39.77
C LYS P 164 -29.40 13.37 40.92
N GLY P 165 -29.09 13.77 42.15
CA GLY P 165 -29.76 13.21 43.30
C GLY P 165 -30.73 14.22 43.87
N TYR P 166 -31.01 15.24 43.07
CA TYR P 166 -31.85 16.35 43.48
C TYR P 166 -33.32 15.98 43.50
N THR P 167 -34.06 16.65 44.37
CA THR P 167 -35.51 16.47 44.41
C THR P 167 -36.13 17.53 43.51
N PRO P 168 -36.75 17.15 42.39
CA PRO P 168 -37.30 18.16 41.48
C PRO P 168 -38.44 18.92 42.12
N GLU P 169 -38.53 20.20 41.79
CA GLU P 169 -39.63 21.01 42.28
C GLU P 169 -40.90 20.63 41.52
N SER P 170 -42.04 20.81 42.18
CA SER P 170 -43.32 20.42 41.59
C SER P 170 -43.60 21.25 40.34
N PRO P 171 -44.19 20.64 39.31
CA PRO P 171 -44.59 21.43 38.13
C PRO P 171 -45.64 22.47 38.49
N ALA P 172 -45.51 23.64 37.87
CA ALA P 172 -46.37 24.77 38.21
C ALA P 172 -47.83 24.51 37.90
N GLY P 173 -48.13 23.67 36.92
CA GLY P 173 -49.50 23.49 36.52
C GLY P 173 -49.93 24.67 35.70
N LEU P 174 -51.25 24.86 35.58
CA LEU P 174 -51.75 25.93 34.73
C LEU P 174 -51.36 27.29 35.30
N ILE P 175 -51.59 27.49 36.59
CA ILE P 175 -51.28 28.76 37.24
C ILE P 175 -50.66 28.48 38.61
N PRO P 176 -49.39 28.82 38.81
CA PRO P 176 -48.80 28.72 40.13
C PRO P 176 -49.40 29.77 41.03
N PRO P 177 -49.40 29.57 42.36
CA PRO P 177 -50.03 30.53 43.28
C PRO P 177 -49.44 31.92 43.16
N PHE P 178 -50.32 32.92 43.10
CA PHE P 178 -49.89 34.33 42.88
C PHE P 178 -49.08 34.86 44.06
N LYS P 179 -47.84 35.29 43.81
CA LYS P 179 -47.06 35.94 44.89
C LYS P 179 -46.67 37.34 44.42
N THR P 180 -47.13 38.39 45.10
CA THR P 180 -46.83 39.79 44.69
C THR P 180 -45.34 40.09 44.81
N GLY P 181 -44.69 39.58 45.86
CA GLY P 181 -43.25 39.85 46.08
C GLY P 181 -42.37 39.10 45.10
N LEU P 182 -41.12 39.51 44.94
CA LEU P 182 -40.19 38.77 44.06
C LEU P 182 -40.17 37.33 44.58
N THR P 183 -40.45 36.36 43.71
CA THR P 183 -40.57 34.94 44.16
C THR P 183 -40.36 33.99 42.98
N ALA P 184 -40.16 32.70 43.26
CA ALA P 184 -40.03 31.71 42.18
C ALA P 184 -41.33 31.68 41.36
N GLU P 185 -42.48 31.77 42.04
CA GLU P 185 -43.79 31.76 41.35
C GLU P 185 -43.83 32.89 40.32
N ALA P 186 -43.56 34.13 40.74
CA ALA P 186 -43.63 35.27 39.84
C ALA P 186 -42.64 35.11 38.70
N GLU P 187 -41.47 34.55 39.00
CA GLU P 187 -40.46 34.32 37.98
C GLU P 187 -40.98 33.37 36.92
N LEU P 188 -41.63 32.28 37.35
CA LEU P 188 -42.19 31.34 36.37
C LEU P 188 -43.31 31.97 35.56
N ILE P 189 -44.19 32.73 36.20
CA ILE P 189 -45.34 33.31 35.51
C ILE P 189 -44.87 34.26 34.41
N ASN P 190 -43.94 35.14 34.77
CA ASN P 190 -43.39 36.08 33.81
C ASN P 190 -42.56 35.37 32.75
N GLY P 191 -41.78 34.35 33.13
CA GLY P 191 -40.95 33.66 32.16
C GLY P 191 -41.76 32.95 31.10
N ARG P 192 -42.85 32.30 31.50
CA ARG P 192 -43.74 31.65 30.55
C ARG P 192 -44.36 32.67 29.61
N LEU P 193 -44.76 33.82 30.17
CA LEU P 193 -45.35 34.87 29.35
C LEU P 193 -44.35 35.42 28.34
N ALA P 194 -43.10 35.62 28.76
CA ALA P 194 -42.07 36.16 27.87
C ALA P 194 -41.75 35.18 26.75
N MET P 195 -41.69 33.88 27.05
CA MET P 195 -41.41 32.89 26.00
C MET P 195 -42.51 32.92 24.94
N LEU P 196 -43.75 33.05 25.41
CA LEU P 196 -44.88 33.21 24.50
C LEU P 196 -44.75 34.49 23.69
N GLY P 197 -44.27 35.56 24.33
CA GLY P 197 -44.08 36.82 23.64
C GLY P 197 -43.05 36.75 22.55
N VAL P 198 -41.96 36.02 22.78
CA VAL P 198 -40.91 35.89 21.78
C VAL P 198 -41.48 35.20 20.55
N ILE P 199 -42.26 34.14 20.77
CA ILE P 199 -42.91 33.45 19.64
C ILE P 199 -43.85 34.40 18.91
N SER P 200 -44.64 35.18 19.66
CA SER P 200 -45.60 36.09 19.05
C SER P 200 -44.93 37.16 18.19
N ILE P 201 -43.85 37.76 18.71
CA ILE P 201 -43.17 38.83 17.98
C ILE P 201 -42.54 38.29 16.71
N VAL P 202 -41.94 37.09 16.79
CA VAL P 202 -41.35 36.50 15.60
C VAL P 202 -42.42 36.19 14.55
N THR P 203 -43.53 35.59 14.99
CA THR P 203 -44.59 35.21 14.04
C THR P 203 -45.24 36.43 13.41
N ALA P 204 -45.47 37.48 14.19
CA ALA P 204 -46.02 38.70 13.63
C ALA P 204 -45.08 39.31 12.61
N SER P 205 -43.78 39.30 12.91
CA SER P 205 -42.80 39.82 11.96
C SER P 205 -42.78 39.00 10.68
N LEU P 206 -42.93 37.68 10.81
CA LEU P 206 -43.00 36.82 9.64
C LEU P 206 -44.25 37.06 8.81
N PHE P 207 -45.42 37.07 9.45
CA PHE P 207 -46.68 37.15 8.70
C PHE P 207 -46.91 38.55 8.14
N THR P 208 -46.71 39.58 8.94
CA THR P 208 -46.88 40.96 8.46
C THR P 208 -45.84 41.30 7.42
N GLY P 209 -44.62 40.79 7.57
CA GLY P 209 -43.55 41.07 6.65
C GLY P 209 -42.66 42.23 7.05
N THR P 210 -42.94 42.87 8.16
CA THR P 210 -42.06 43.93 8.66
C THR P 210 -40.90 43.34 9.45
N SER P 211 -39.92 44.18 9.72
CA SER P 211 -38.80 43.79 10.57
C SER P 211 -39.26 43.66 12.01
N VAL P 212 -38.50 42.90 12.79
CA VAL P 212 -38.85 42.65 14.19
C VAL P 212 -38.83 43.96 14.97
N VAL P 213 -37.88 44.84 14.64
CA VAL P 213 -37.74 46.13 15.31
C VAL P 213 -39.01 46.97 15.12
N ASP P 214 -39.54 47.00 13.89
CA ASP P 214 -40.79 47.71 13.64
C ASP P 214 -41.94 47.09 14.41
N THR P 215 -41.98 45.76 14.50
CA THR P 215 -43.08 45.10 15.20
C THR P 215 -43.07 45.47 16.66
N ILE P 216 -41.89 45.54 17.27
CA ILE P 216 -41.79 45.96 18.66
C ILE P 216 -42.26 47.40 18.81
N ASN P 217 -41.88 48.27 17.88
CA ASN P 217 -42.35 49.66 17.93
C ASN P 217 -43.87 49.76 17.76
N LEU P 218 -44.42 49.05 16.77
CA LEU P 218 -45.85 49.12 16.49
C LEU P 218 -46.69 48.51 17.61
N GLY P 219 -46.24 47.40 18.20
CA GLY P 219 -46.94 46.82 19.34
C GLY P 219 -46.95 47.75 20.53
N MET P 220 -45.84 48.46 20.75
CA MET P 220 -45.66 49.36 21.87
C MET P 220 -46.12 50.76 21.55
N GLY P 221 -46.76 50.97 20.40
CA GLY P 221 -47.34 52.26 20.11
C GLY P 221 -46.40 53.34 19.69
N LYS P 222 -45.23 52.97 19.18
CA LYS P 222 -44.21 53.90 18.66
C LYS P 222 -43.56 54.71 19.77
N ILE P 223 -43.70 54.26 21.02
CA ILE P 223 -43.10 54.93 22.17
C ILE P 223 -41.59 54.94 22.03
N LEU P 224 -41.03 53.84 21.52
CA LEU P 224 -39.58 53.69 21.42
C LEU P 224 -38.96 54.75 20.52
N TYR P 225 -39.57 54.97 19.36
CA TYR P 225 -39.11 56.00 18.44
C TYR P 225 -40.23 56.35 17.46
N ASN Q 35 49.87 24.72 59.56
CA ASN Q 35 50.62 24.68 60.81
C ASN Q 35 50.95 26.10 61.24
N LEU Q 36 52.21 26.47 61.12
CA LEU Q 36 52.65 27.80 61.53
C LEU Q 36 52.82 28.78 60.38
N ALA Q 37 53.08 28.31 59.16
CA ALA Q 37 53.33 29.20 58.02
C ALA Q 37 52.06 29.83 57.50
N VAL Q 38 51.10 28.99 57.15
CA VAL Q 38 49.75 29.37 56.74
C VAL Q 38 48.83 29.03 57.89
N PRO Q 39 48.55 29.99 58.79
CA PRO Q 39 47.86 29.65 60.04
C PRO Q 39 46.38 29.31 59.91
N PHE Q 40 45.72 29.74 58.84
CA PHE Q 40 44.32 29.42 58.62
C PHE Q 40 44.11 28.08 57.94
N LEU Q 41 45.15 27.25 57.87
CA LEU Q 41 45.08 25.89 57.33
C LEU Q 41 45.53 24.92 58.40
N LYS Q 42 45.31 23.63 58.16
CA LYS Q 42 45.73 22.64 59.14
C LYS Q 42 47.23 22.40 59.08
N ALA Q 43 47.75 21.88 60.18
CA ALA Q 43 49.10 21.38 60.21
C ALA Q 43 49.20 20.20 59.25
N PRO Q 44 50.25 20.13 58.42
CA PRO Q 44 50.37 19.04 57.46
C PRO Q 44 50.37 17.65 58.07
N ALA Q 45 50.98 17.50 59.26
CA ALA Q 45 51.07 16.26 60.03
C ALA Q 45 51.83 15.15 59.30
N LYS Q 46 52.53 15.48 58.23
CA LYS Q 46 53.50 14.58 57.61
C LYS Q 46 54.90 15.14 57.73
N LEU Q 47 55.04 16.34 58.25
CA LEU Q 47 56.30 17.00 58.47
C LEU Q 47 56.44 17.35 59.94
N ASP Q 48 57.66 17.57 60.40
CA ASP Q 48 57.91 17.98 61.77
C ASP Q 48 59.17 18.83 61.80
N SER Q 49 59.43 19.43 62.97
CA SER Q 49 60.61 20.28 63.15
C SER Q 49 61.90 19.48 63.09
N SER Q 50 61.81 18.14 63.11
CA SER Q 50 62.99 17.31 62.93
C SER Q 50 63.59 17.53 61.55
N MET Q 51 62.74 17.68 60.55
CA MET Q 51 63.20 17.97 59.20
C MET Q 51 63.84 19.37 59.19
N PRO Q 52 64.86 19.57 58.34
CA PRO Q 52 65.63 20.83 58.42
C PRO Q 52 64.85 22.11 58.14
N GLY Q 53 63.98 22.14 57.13
CA GLY Q 53 63.38 23.40 56.76
C GLY Q 53 61.93 23.60 57.15
N TYR Q 54 61.48 22.89 58.18
CA TYR Q 54 60.09 22.88 58.55
C TYR Q 54 59.55 24.25 58.92
N ALA Q 55 58.51 24.67 58.22
CA ALA Q 55 57.76 25.86 58.54
C ALA Q 55 56.28 25.52 58.62
N GLY Q 56 55.93 24.25 58.42
CA GLY Q 56 54.55 23.84 58.37
C GLY Q 56 53.85 24.19 57.09
N PHE Q 57 54.61 24.47 56.04
CA PHE Q 57 54.07 24.98 54.79
C PHE Q 57 53.81 23.85 53.81
N ASP Q 58 52.59 23.32 53.82
CA ASP Q 58 52.13 22.37 52.80
C ASP Q 58 50.67 22.61 52.48
N PRO Q 59 50.34 23.75 51.87
CA PRO Q 59 48.93 24.08 51.64
C PRO Q 59 48.21 23.11 50.72
N LEU Q 60 48.87 22.59 49.70
CA LEU Q 60 48.20 21.69 48.78
C LEU Q 60 48.24 20.24 49.25
N GLY Q 61 48.84 19.97 50.40
CA GLY Q 61 48.91 18.62 50.93
C GLY Q 61 49.68 17.65 50.06
N CYS Q 62 50.76 18.12 49.42
CA CYS Q 62 51.60 17.24 48.61
C CYS Q 62 52.28 16.17 49.43
N SER Q 63 52.65 16.49 50.67
CA SER Q 63 53.38 15.55 51.52
C SER Q 63 52.55 14.29 51.77
N ASP Q 64 51.24 14.44 51.92
CA ASP Q 64 50.37 13.28 52.08
C ASP Q 64 50.38 12.40 50.82
N PHE Q 65 50.32 13.02 49.64
CA PHE Q 65 50.22 12.24 48.40
C PHE Q 65 51.50 11.46 48.06
N TYR Q 66 52.68 12.03 48.31
CA TYR Q 66 53.92 11.39 47.89
C TYR Q 66 54.87 11.25 49.07
N ASP Q 67 55.82 10.34 48.95
CA ASP Q 67 56.77 10.07 50.04
C ASP Q 67 57.57 11.30 50.39
N VAL Q 68 57.65 11.59 51.71
CA VAL Q 68 58.40 12.76 52.16
C VAL Q 68 59.88 12.64 51.83
N LYS Q 69 60.43 11.43 51.90
CA LYS Q 69 61.85 11.23 51.62
C LYS Q 69 62.19 11.65 50.20
N TRP Q 70 61.32 11.30 49.24
CA TRP Q 70 61.49 11.71 47.86
C TRP Q 70 61.36 13.22 47.73
N LEU Q 71 60.39 13.82 48.41
CA LEU Q 71 60.19 15.27 48.33
C LEU Q 71 61.37 16.02 48.91
N GLN Q 72 61.91 15.56 50.04
CA GLN Q 72 63.08 16.19 50.62
C GLN Q 72 64.28 16.06 49.71
N GLU Q 73 64.46 14.88 49.10
CA GLU Q 73 65.55 14.68 48.15
C GLU Q 73 65.42 15.63 46.98
N ALA Q 74 64.21 15.76 46.44
CA ALA Q 74 63.98 16.63 45.29
C ALA Q 74 64.24 18.08 45.66
N GLU Q 75 63.80 18.51 46.84
CA GLU Q 75 63.97 19.91 47.23
C GLU Q 75 65.45 20.25 47.32
N ILE Q 76 66.24 19.40 47.99
CA ILE Q 76 67.67 19.71 48.11
C ILE Q 76 68.35 19.66 46.74
N LYS Q 77 68.02 18.65 45.91
CA LYS Q 77 68.69 18.53 44.61
C LYS Q 77 68.34 19.70 43.68
N ASN Q 78 67.05 20.07 43.61
CA ASN Q 78 66.64 21.19 42.76
C ASN Q 78 67.31 22.46 43.24
N GLY Q 79 67.39 22.64 44.57
CA GLY Q 79 68.07 23.79 45.13
C GLY Q 79 69.55 23.84 44.79
N ARG Q 80 70.23 22.70 44.85
CA ARG Q 80 71.67 22.66 44.55
C ARG Q 80 71.93 23.04 43.09
N VAL Q 81 71.13 22.49 42.17
CA VAL Q 81 71.28 22.84 40.76
C VAL Q 81 71.01 24.32 40.54
N ALA Q 82 69.96 24.85 41.18
CA ALA Q 82 69.64 26.27 41.04
C ALA Q 82 70.73 27.16 41.64
N MET Q 83 71.30 26.75 42.78
CA MET Q 83 72.37 27.54 43.41
C MET Q 83 73.57 27.62 42.48
N LEU Q 84 73.94 26.50 41.86
CA LEU Q 84 74.99 26.54 40.86
C LEU Q 84 74.58 27.43 39.70
N GLY Q 85 73.30 27.36 39.31
CA GLY Q 85 72.79 28.14 38.18
C GLY Q 85 72.89 29.65 38.37
N VAL Q 86 72.62 30.14 39.58
CA VAL Q 86 72.62 31.59 39.81
C VAL Q 86 74.02 32.17 39.58
N VAL Q 87 75.04 31.53 40.15
CA VAL Q 87 76.42 31.93 39.89
C VAL Q 87 76.78 31.64 38.43
N GLY Q 88 76.23 30.56 37.88
CA GLY Q 88 76.45 30.24 36.48
C GLY Q 88 75.95 31.32 35.54
N LEU Q 89 74.86 31.97 35.91
CA LEU Q 89 74.40 33.15 35.19
C LEU Q 89 75.31 34.36 35.43
N LEU Q 90 75.77 34.54 36.68
CA LEU Q 90 76.58 35.73 36.98
C LEU Q 90 77.97 35.69 36.35
N VAL Q 91 78.63 34.52 36.37
CA VAL Q 91 80.06 34.45 36.00
C VAL Q 91 80.38 34.80 34.54
N PRO Q 92 79.64 34.34 33.50
CA PRO Q 92 80.05 34.64 32.11
C PRO Q 92 80.16 36.12 31.78
N GLU Q 93 79.35 36.96 32.43
CA GLU Q 93 79.38 38.38 32.16
C GLU Q 93 80.77 38.95 32.43
N PHE Q 94 81.39 38.54 33.52
CA PHE Q 94 82.76 38.96 33.78
C PHE Q 94 83.75 38.12 32.97
N PHE Q 95 83.95 36.85 33.35
CA PHE Q 95 84.91 35.97 32.70
C PHE Q 95 84.18 34.91 31.88
N HIS Q 96 84.64 34.69 30.64
CA HIS Q 96 84.15 33.61 29.81
C HIS Q 96 85.33 32.78 29.29
N LEU Q 97 85.05 31.52 28.99
CA LEU Q 97 86.07 30.62 28.47
C LEU Q 97 86.46 31.02 27.05
N PRO Q 98 87.75 30.96 26.71
CA PRO Q 98 88.20 31.41 25.38
C PRO Q 98 87.62 30.63 24.21
N MET Q 99 87.48 29.31 24.36
CA MET Q 99 87.01 28.47 23.26
C MET Q 99 85.59 28.84 22.83
N TYR Q 100 84.74 29.11 23.80
CA TYR Q 100 83.34 29.41 23.56
C TYR Q 100 83.13 30.90 23.29
N THR Q 101 82.04 31.20 22.59
CA THR Q 101 81.64 32.58 22.32
C THR Q 101 80.73 33.09 23.42
N ALA Q 102 80.70 34.42 23.58
CA ALA Q 102 79.95 35.06 24.67
C ALA Q 102 78.45 34.84 24.54
N GLY Q 103 77.90 34.98 23.34
CA GLY Q 103 76.48 34.76 23.15
C GLY Q 103 75.58 35.94 23.44
N ALA Q 104 76.13 37.06 23.95
CA ALA Q 104 75.54 38.37 24.22
C ALA Q 104 74.77 38.37 25.54
N THR Q 105 74.54 37.22 26.15
CA THR Q 105 73.87 37.10 27.43
C THR Q 105 74.35 35.79 28.04
N PRO Q 106 74.63 35.74 29.34
CA PRO Q 106 74.99 34.46 29.99
C PRO Q 106 74.02 33.34 29.72
N TYR Q 107 72.72 33.64 29.68
CA TYR Q 107 71.72 32.64 29.37
C TYR Q 107 71.73 32.29 27.89
N GLU Q 108 71.83 33.30 27.02
CA GLU Q 108 71.70 33.08 25.58
C GLU Q 108 72.83 32.23 25.02
N SER Q 109 73.99 32.23 25.70
CA SER Q 109 75.17 31.46 25.35
C SER Q 109 74.93 30.01 24.94
N TYR Q 110 73.87 29.37 25.45
CA TYR Q 110 73.63 27.97 25.11
C TYR Q 110 73.45 27.81 23.61
N THR Q 111 72.83 28.80 22.96
CA THR Q 111 72.72 28.76 21.51
C THR Q 111 74.08 28.87 20.83
N THR Q 112 74.95 29.77 21.30
CA THR Q 112 76.22 29.98 20.61
C THR Q 112 77.17 28.78 20.77
N VAL Q 113 77.21 28.15 21.95
CA VAL Q 113 78.15 27.07 22.21
C VAL Q 113 77.76 25.82 21.43
N PRO Q 114 78.70 24.92 21.12
CA PRO Q 114 78.34 23.68 20.43
C PRO Q 114 77.38 22.85 21.27
N ALA Q 115 76.35 22.31 20.62
CA ALA Q 115 75.39 21.52 21.37
C ALA Q 115 75.97 20.19 21.82
N PHE Q 116 77.03 19.69 21.17
CA PHE Q 116 77.69 18.49 21.66
C PHE Q 116 78.23 18.71 23.06
N ALA Q 117 78.66 19.94 23.37
CA ALA Q 117 79.05 20.29 24.72
C ALA Q 117 77.88 20.12 25.68
N LEU Q 118 76.70 20.61 25.29
CA LEU Q 118 75.51 20.51 26.12
C LEU Q 118 75.11 19.05 26.31
N ILE Q 119 75.23 18.25 25.26
CA ILE Q 119 74.96 16.82 25.35
C ILE Q 119 75.96 16.14 26.29
N GLN Q 120 77.25 16.55 26.23
CA GLN Q 120 78.20 15.95 27.16
C GLN Q 120 77.83 16.28 28.60
N ILE Q 121 77.40 17.52 28.85
CA ILE Q 121 76.94 17.90 30.19
C ILE Q 121 75.73 17.05 30.61
N PHE Q 122 74.77 16.85 29.71
CA PHE Q 122 73.57 16.09 30.02
C PHE Q 122 73.90 14.64 30.38
N LEU Q 123 74.75 14.01 29.56
CA LEU Q 123 75.18 12.64 29.80
C LEU Q 123 76.04 12.55 31.07
N GLY Q 124 76.92 13.52 31.27
CA GLY Q 124 77.80 13.51 32.44
C GLY Q 124 77.00 13.61 33.73
N CYS Q 125 75.99 14.47 33.75
CA CYS Q 125 75.15 14.60 34.93
C CYS Q 125 74.43 13.30 35.21
N GLY Q 126 73.87 12.67 34.16
CA GLY Q 126 73.20 11.39 34.37
C GLY Q 126 74.11 10.29 34.86
N ALA Q 127 75.32 10.21 34.31
CA ALA Q 127 76.31 9.24 34.77
C ALA Q 127 76.73 9.49 36.21
N VAL Q 128 76.91 10.77 36.58
CA VAL Q 128 77.23 11.10 37.98
C VAL Q 128 76.08 10.70 38.88
N GLU Q 129 74.84 10.90 38.43
CA GLU Q 129 73.69 10.47 39.22
C GLU Q 129 73.67 8.95 39.41
N TYR Q 130 74.04 8.20 38.37
CA TYR Q 130 74.13 6.75 38.50
C TYR Q 130 75.24 6.33 39.45
N PHE Q 131 76.36 7.06 39.49
CA PHE Q 131 77.37 6.74 40.51
C PHE Q 131 76.93 7.12 41.92
N THR Q 132 76.42 8.34 42.09
CA THR Q 132 76.05 8.86 43.41
C THR Q 132 74.88 8.08 44.00
N HIS Q 133 73.86 7.80 43.20
CA HIS Q 133 72.78 6.91 43.58
C HIS Q 133 73.16 5.58 42.93
N LYS Q 134 73.55 4.59 43.73
CA LYS Q 134 74.18 3.39 43.18
C LYS Q 134 73.10 2.48 42.62
N GLY Q 135 72.67 2.79 41.40
CA GLY Q 135 71.65 2.00 40.74
C GLY Q 135 70.24 2.37 41.13
N LYS Q 136 70.06 3.42 41.94
CA LYS Q 136 68.76 3.87 42.40
C LYS Q 136 68.31 5.08 41.58
N ILE Q 137 67.42 4.87 40.62
CA ILE Q 137 66.86 5.99 39.87
C ILE Q 137 65.37 6.15 40.10
N SER Q 138 64.78 5.37 40.99
CA SER Q 138 63.35 5.36 41.23
C SER Q 138 63.09 5.52 42.71
N PRO Q 139 61.89 6.00 43.09
CA PRO Q 139 61.60 6.26 44.52
C PRO Q 139 61.69 5.04 45.42
N ASP Q 140 61.21 3.87 44.96
CA ASP Q 140 61.34 2.66 45.76
C ASP Q 140 62.80 2.26 45.95
N ASN Q 141 63.60 2.33 44.88
CA ASN Q 141 65.01 1.95 44.97
C ASN Q 141 65.79 2.90 45.85
N MET Q 142 65.52 4.19 45.76
CA MET Q 142 66.19 5.16 46.62
C MET Q 142 65.74 4.93 48.05
N PHE Q 143 66.67 5.14 48.98
CA PHE Q 143 66.48 5.05 50.42
C PHE Q 143 66.39 3.58 50.84
N ASP Q 144 66.60 2.64 49.91
CA ASP Q 144 66.66 1.23 50.26
C ASP Q 144 67.83 0.96 51.18
N GLY Q 145 68.95 1.65 50.97
CA GLY Q 145 70.12 1.53 51.81
C GLY Q 145 69.97 2.19 53.17
N GLY Q 146 68.92 2.98 53.38
CA GLY Q 146 68.75 3.75 54.59
C GLY Q 146 69.41 5.11 54.57
N ARG Q 147 69.93 5.52 53.41
CA ARG Q 147 70.62 6.80 53.28
C ARG Q 147 69.64 7.96 53.33
N VAL Q 148 70.03 9.01 54.06
CA VAL Q 148 69.30 10.26 54.20
C VAL Q 148 69.33 10.96 52.84
N PRO Q 149 68.27 11.68 52.44
CA PRO Q 149 68.24 12.24 51.08
C PRO Q 149 69.38 13.19 50.74
N GLY Q 150 69.66 14.16 51.61
CA GLY Q 150 70.71 15.12 51.33
C GLY Q 150 72.07 14.50 51.26
N GLU Q 151 72.35 13.57 52.15
CA GLU Q 151 73.69 13.01 52.29
C GLU Q 151 74.06 12.17 51.10
N PHE Q 152 75.18 12.51 50.47
CA PHE Q 152 75.80 11.71 49.43
C PHE Q 152 77.18 11.30 49.89
N GLY Q 153 77.46 11.47 51.18
CA GLY Q 153 78.71 11.08 51.81
C GLY Q 153 79.78 12.15 51.85
N TRP Q 154 79.53 13.36 51.33
CA TRP Q 154 80.51 14.42 51.45
C TRP Q 154 80.75 14.82 52.90
N GLY Q 155 79.69 14.95 53.69
CA GLY Q 155 79.86 15.29 55.10
C GLY Q 155 78.59 15.05 55.90
N LYS Q 156 78.74 15.11 57.22
CA LYS Q 156 77.62 15.07 58.16
C LYS Q 156 77.49 16.43 58.80
N ALA Q 157 76.25 16.91 58.97
CA ALA Q 157 76.06 18.29 59.36
C ALA Q 157 75.05 18.45 60.49
N ASP Q 158 75.16 19.58 61.15
CA ASP Q 158 74.22 20.00 62.17
C ASP Q 158 72.92 20.44 61.52
N MET Q 159 71.83 20.35 62.29
CA MET Q 159 70.52 20.79 61.80
C MET Q 159 70.54 22.28 61.45
N THR Q 160 71.30 23.07 62.21
CA THR Q 160 71.46 24.49 61.88
C THR Q 160 72.08 24.64 60.50
N MET Q 161 73.14 23.88 60.25
CA MET Q 161 73.84 23.89 58.97
C MET Q 161 72.94 23.38 57.85
N GLN Q 162 72.20 22.30 58.10
CA GLN Q 162 71.33 21.72 57.08
C GLN Q 162 70.24 22.72 56.70
N THR Q 163 69.66 23.39 57.70
CA THR Q 163 68.62 24.37 57.46
C THR Q 163 69.17 25.51 56.62
N LYS Q 164 70.42 25.90 56.90
CA LYS Q 164 71.05 26.96 56.11
C LYS Q 164 71.15 26.55 54.65
N GLU Q 165 71.51 25.27 54.39
CA GLU Q 165 71.63 24.82 53.01
C GLU Q 165 70.30 24.89 52.29
N ILE Q 166 69.24 24.36 52.92
CA ILE Q 166 67.94 24.31 52.27
C ILE Q 166 67.41 25.71 51.99
N LYS Q 167 67.53 26.63 52.96
CA LYS Q 167 66.98 27.96 52.77
C LYS Q 167 67.73 28.76 51.69
N ASN Q 168 69.06 28.67 51.64
CA ASN Q 168 69.78 29.26 50.50
C ASN Q 168 69.31 28.66 49.19
N GLY Q 169 69.09 27.34 49.15
CA GLY Q 169 68.64 26.72 47.91
C GLY Q 169 67.27 27.22 47.47
N ARG Q 170 66.34 27.38 48.42
CA ARG Q 170 65.00 27.84 48.11
C ARG Q 170 65.04 29.26 47.52
N LEU Q 171 65.82 30.13 48.16
CA LEU Q 171 66.01 31.48 47.66
C LEU Q 171 66.65 31.47 46.28
N ALA Q 172 67.62 30.59 46.07
CA ALA Q 172 68.32 30.50 44.80
C ALA Q 172 67.39 30.06 43.68
N MET Q 173 66.46 29.14 43.96
CA MET Q 173 65.56 28.66 42.91
C MET Q 173 64.70 29.81 42.40
N LEU Q 174 64.14 30.58 43.35
CA LEU Q 174 63.34 31.74 42.95
C LEU Q 174 64.19 32.77 42.21
N ALA Q 175 65.41 33.01 42.72
CA ALA Q 175 66.31 33.98 42.11
C ALA Q 175 66.70 33.57 40.71
N PHE Q 176 66.94 32.28 40.49
CA PHE Q 176 67.31 31.80 39.16
C PHE Q 176 66.21 32.08 38.17
N GLY Q 177 64.95 31.85 38.56
CA GLY Q 177 63.86 32.18 37.67
C GLY Q 177 63.82 33.66 37.35
N GLY Q 178 64.03 34.51 38.37
CA GLY Q 178 64.05 35.95 38.16
C GLY Q 178 65.16 36.40 37.22
N ILE Q 179 66.38 35.91 37.45
CA ILE Q 179 67.53 36.31 36.63
C ILE Q 179 67.38 35.82 35.20
N LEU Q 180 66.94 34.57 35.02
CA LEU Q 180 66.84 34.03 33.67
C LEU Q 180 65.83 34.82 32.85
N HIS Q 181 64.68 35.13 33.44
CA HIS Q 181 63.72 35.96 32.72
C HIS Q 181 64.23 37.38 32.51
N GLN Q 182 64.95 37.94 33.48
CA GLN Q 182 65.47 39.30 33.32
C GLN Q 182 66.42 39.38 32.13
N GLN Q 183 67.35 38.42 32.05
CA GLN Q 183 68.29 38.36 30.93
C GLN Q 183 67.55 38.10 29.62
N LEU Q 184 66.53 37.24 29.66
CA LEU Q 184 65.76 36.95 28.45
C LEU Q 184 65.01 38.18 27.94
N PHE Q 185 64.28 38.87 28.81
CA PHE Q 185 63.46 40.00 28.37
C PHE Q 185 64.33 41.20 28.02
N THR Q 186 65.29 41.54 28.88
CA THR Q 186 66.13 42.69 28.65
C THR Q 186 67.08 42.48 27.48
N LYS Q 187 67.64 41.27 27.37
CA LYS Q 187 68.71 40.87 26.46
C LYS Q 187 70.04 41.42 26.92
N MET Q 188 70.13 41.83 28.18
CA MET Q 188 71.33 42.40 28.77
C MET Q 188 71.65 41.70 30.08
N GLY Q 189 72.92 41.79 30.49
CA GLY Q 189 73.38 41.11 31.69
C GLY Q 189 72.78 41.67 32.96
N THR Q 190 72.74 40.81 33.99
CA THR Q 190 72.14 41.17 35.27
C THR Q 190 72.89 42.31 35.95
N ILE Q 191 74.22 42.22 35.97
CA ILE Q 191 75.04 43.25 36.59
C ILE Q 191 74.93 44.56 35.83
N ALA Q 192 74.93 44.48 34.49
CA ALA Q 192 74.81 45.67 33.67
C ALA Q 192 73.47 46.36 33.87
N HIS Q 193 72.40 45.58 33.99
CA HIS Q 193 71.06 46.15 34.17
C HIS Q 193 70.91 46.74 35.56
N LEU Q 194 71.44 46.06 36.58
CA LEU Q 194 71.36 46.57 37.97
C LEU Q 194 72.08 47.92 38.04
N THR Q 195 73.36 47.95 37.67
CA THR Q 195 74.18 49.19 37.71
C THR Q 195 73.64 50.25 36.74
N GLY Q 196 73.13 49.84 35.58
CA GLY Q 196 72.73 50.83 34.54
C GLY Q 196 71.27 51.24 34.57
N GLY Q 197 70.57 51.13 33.45
CA GLY Q 197 69.19 51.65 33.35
C GLY Q 197 68.20 51.06 34.33
N PHE Q 198 68.29 49.76 34.63
CA PHE Q 198 67.29 49.11 35.52
C PHE Q 198 65.90 49.26 34.90
N LYS Q 199 65.81 49.10 33.58
CA LYS Q 199 64.51 49.22 32.86
C LYS Q 199 63.58 48.08 33.30
N PRO Q 200 62.24 48.32 33.39
CA PRO Q 200 61.31 47.25 33.73
C PRO Q 200 61.31 46.13 32.68
N LEU Q 201 61.26 44.87 33.12
CA LEU Q 201 61.27 43.73 32.18
C LEU Q 201 60.01 43.79 31.33
N THR Q 202 60.15 43.78 30.00
CA THR Q 202 59.00 43.94 29.13
C THR Q 202 59.11 42.96 27.96
N PHE Q 203 58.01 42.31 27.64
CA PHE Q 203 57.95 41.42 26.49
C PHE Q 203 56.60 41.52 25.79
N ARG R 47 -54.79 -60.52 -52.09
CA ARG R 47 -53.60 -59.91 -52.65
C ARG R 47 -53.77 -59.60 -54.14
N ALA R 48 -53.86 -58.31 -54.47
CA ALA R 48 -54.01 -57.83 -55.85
C ALA R 48 -52.86 -58.27 -56.74
N VAL R 49 -51.64 -58.07 -56.26
CA VAL R 49 -50.40 -58.53 -56.90
C VAL R 49 -49.86 -59.68 -56.07
N PRO R 50 -49.73 -60.89 -56.62
CA PRO R 50 -49.04 -61.96 -55.89
C PRO R 50 -47.55 -61.73 -55.83
N PHE R 51 -47.01 -60.97 -56.79
CA PHE R 51 -45.58 -60.68 -56.85
C PHE R 51 -45.10 -59.91 -55.62
N ALA R 52 -45.88 -58.92 -55.18
CA ALA R 52 -45.58 -58.16 -53.97
C ALA R 52 -46.60 -58.48 -52.89
N PRO R 53 -46.18 -59.04 -51.76
CA PRO R 53 -47.12 -59.46 -50.72
C PRO R 53 -47.84 -58.31 -50.02
N ALA R 54 -48.98 -58.64 -49.44
CA ALA R 54 -49.71 -57.67 -48.62
C ALA R 54 -49.04 -57.53 -47.25
N PRO R 55 -48.91 -56.31 -46.74
CA PRO R 55 -48.33 -56.11 -45.41
C PRO R 55 -49.21 -56.65 -44.31
N ASP R 56 -48.59 -57.34 -43.35
CA ASP R 56 -49.29 -57.89 -42.20
C ASP R 56 -50.01 -56.83 -41.39
N CYS R 57 -49.41 -55.63 -41.29
CA CYS R 57 -49.99 -54.55 -40.48
C CYS R 57 -51.38 -54.19 -40.95
N LEU R 58 -51.61 -54.23 -42.27
CA LEU R 58 -52.94 -54.02 -42.83
C LEU R 58 -53.84 -55.13 -42.33
N PRO R 59 -54.91 -54.83 -41.62
CA PRO R 59 -55.84 -55.90 -41.19
C PRO R 59 -56.69 -56.36 -42.36
N GLU R 60 -56.87 -57.68 -42.44
CA GLU R 60 -57.76 -58.23 -43.45
C GLU R 60 -59.21 -57.82 -43.21
N ASN R 61 -59.62 -57.75 -41.94
CA ASN R 61 -61.02 -57.47 -41.59
C ASN R 61 -61.48 -56.07 -42.01
N ILE R 62 -60.61 -55.06 -41.99
CA ILE R 62 -61.04 -53.67 -42.22
C ILE R 62 -61.66 -53.50 -43.61
N PRO R 63 -62.69 -52.66 -43.77
CA PRO R 63 -63.38 -52.53 -45.05
C PRO R 63 -62.52 -51.93 -46.15
N GLY R 64 -62.81 -52.36 -47.37
CA GLY R 64 -62.11 -51.85 -48.54
C GLY R 64 -60.73 -52.42 -48.77
N TYR R 65 -60.43 -53.57 -48.16
CA TYR R 65 -59.10 -54.15 -48.21
C TYR R 65 -58.98 -55.11 -49.38
N MET R 66 -58.21 -54.72 -50.39
CA MET R 66 -57.88 -55.62 -51.49
C MET R 66 -56.46 -56.16 -51.36
N GLY R 67 -55.73 -55.72 -50.33
CA GLY R 67 -54.35 -56.13 -50.13
C GLY R 67 -53.39 -55.58 -51.14
N PHE R 68 -53.73 -54.48 -51.80
CA PHE R 68 -52.82 -53.81 -52.73
C PHE R 68 -51.98 -52.76 -52.03
N ASP R 69 -50.91 -53.21 -51.40
CA ASP R 69 -49.89 -52.33 -50.85
C ASP R 69 -48.53 -52.85 -51.26
N PRO R 70 -48.17 -52.75 -52.55
CA PRO R 70 -46.91 -53.32 -53.02
C PRO R 70 -45.69 -52.70 -52.39
N LEU R 71 -45.71 -51.39 -52.14
CA LEU R 71 -44.58 -50.72 -51.51
C LEU R 71 -44.65 -50.77 -49.99
N GLY R 72 -45.68 -51.39 -49.42
CA GLY R 72 -45.80 -51.56 -47.98
C GLY R 72 -45.79 -50.27 -47.18
N LEU R 73 -46.47 -49.24 -47.68
CA LEU R 73 -46.50 -47.94 -47.01
C LEU R 73 -47.28 -47.98 -45.70
N SER R 74 -48.08 -49.01 -45.48
CA SER R 74 -48.86 -49.13 -44.26
C SER R 74 -47.99 -49.25 -43.03
N THR R 75 -46.83 -49.89 -43.14
CA THR R 75 -45.94 -50.06 -42.01
C THR R 75 -45.42 -48.72 -41.48
N LEU R 76 -45.15 -47.78 -42.39
CA LEU R 76 -44.56 -46.50 -42.02
C LEU R 76 -45.49 -45.65 -41.17
N CYS R 77 -46.79 -45.68 -41.44
CA CYS R 77 -47.73 -44.79 -40.77
C CYS R 77 -48.79 -45.59 -40.02
N ASN R 78 -49.47 -44.92 -39.09
CA ASN R 78 -50.57 -45.54 -38.36
C ASN R 78 -51.69 -45.93 -39.32
N VAL R 79 -52.20 -47.16 -39.18
CA VAL R 79 -53.22 -47.65 -40.09
C VAL R 79 -54.53 -46.87 -39.95
N GLU R 80 -54.96 -46.56 -38.71
CA GLU R 80 -56.23 -45.86 -38.51
C GLU R 80 -56.20 -44.46 -39.14
N TRP R 81 -55.09 -43.74 -38.96
CA TRP R 81 -54.92 -42.44 -39.58
C TRP R 81 -54.88 -42.56 -41.09
N LEU R 82 -54.21 -43.60 -41.62
CA LEU R 82 -54.16 -43.81 -43.07
C LEU R 82 -55.56 -44.04 -43.62
N ARG R 83 -56.37 -44.83 -42.92
CA ARG R 83 -57.74 -45.09 -43.36
C ARG R 83 -58.54 -43.81 -43.38
N GLU R 84 -58.43 -43.00 -42.32
CA GLU R 84 -59.19 -41.76 -42.26
C GLU R 84 -58.78 -40.80 -43.37
N ALA R 85 -57.47 -40.72 -43.64
CA ALA R 85 -56.98 -39.86 -44.70
C ALA R 85 -57.53 -40.29 -46.05
N GLU R 86 -57.59 -41.60 -46.28
CA GLU R 86 -58.16 -42.15 -47.50
C GLU R 86 -59.62 -41.76 -47.66
N ILE R 87 -60.41 -42.01 -46.62
CA ILE R 87 -61.88 -41.73 -46.71
C ILE R 87 -62.10 -40.24 -46.95
N LYS R 88 -61.38 -39.39 -46.21
CA LYS R 88 -61.55 -37.92 -46.36
C LYS R 88 -61.15 -37.53 -47.79
N HIS R 89 -60.04 -38.09 -48.30
CA HIS R 89 -59.56 -37.75 -49.67
C HIS R 89 -60.63 -38.16 -50.68
N CYS R 90 -61.24 -39.33 -50.49
CA CYS R 90 -62.24 -39.82 -51.47
C CYS R 90 -63.42 -38.86 -51.52
N ARG R 91 -63.91 -38.40 -50.36
CA ARG R 91 -65.11 -37.52 -50.34
C ARG R 91 -64.80 -36.18 -51.01
N VAL R 92 -63.64 -35.58 -50.70
CA VAL R 92 -63.30 -34.26 -51.30
C VAL R 92 -63.13 -34.43 -52.82
N ALA R 93 -62.48 -35.52 -53.24
CA ALA R 93 -62.26 -35.77 -54.68
C ALA R 93 -63.61 -35.97 -55.38
N MET R 94 -64.53 -36.68 -54.74
CA MET R 94 -65.83 -36.97 -55.40
C MET R 94 -66.55 -35.65 -55.68
N LEU R 95 -66.54 -34.72 -54.72
CA LEU R 95 -67.19 -33.40 -54.92
C LEU R 95 -66.49 -32.67 -56.07
N ALA R 96 -65.15 -32.74 -56.11
CA ALA R 96 -64.40 -31.98 -57.14
C ALA R 96 -64.72 -32.47 -58.54
N ALA R 97 -64.84 -33.79 -58.76
CA ALA R 97 -65.03 -34.30 -60.11
C ALA R 97 -66.43 -34.04 -60.65
N ALA R 98 -67.45 -34.26 -59.80
CA ALA R 98 -68.80 -33.90 -60.23
C ALA R 98 -68.90 -32.40 -60.49
N GLY R 99 -68.21 -31.60 -59.67
CA GLY R 99 -68.23 -30.17 -59.88
C GLY R 99 -67.72 -29.82 -61.26
N SER R 100 -66.69 -30.53 -61.72
CA SER R 100 -66.14 -30.29 -63.05
C SER R 100 -67.19 -30.56 -64.13
N ILE R 101 -67.89 -31.69 -64.02
CA ILE R 101 -68.91 -32.02 -65.03
C ILE R 101 -70.10 -31.03 -64.97
N ALA R 102 -70.61 -30.79 -63.76
CA ALA R 102 -71.76 -29.94 -63.56
C ALA R 102 -71.51 -28.51 -63.99
N GLN R 103 -70.29 -28.02 -63.77
CA GLN R 103 -69.97 -26.64 -64.10
C GLN R 103 -70.18 -26.37 -65.57
N ASP R 104 -69.76 -27.29 -66.43
CA ASP R 104 -70.02 -27.15 -67.85
C ASP R 104 -71.52 -27.21 -68.16
N LEU R 105 -72.22 -28.21 -67.60
CA LEU R 105 -73.62 -28.36 -68.02
C LEU R 105 -74.52 -27.25 -67.46
N TYR R 106 -74.39 -26.88 -66.20
CA TYR R 106 -75.26 -25.88 -65.59
C TYR R 106 -74.45 -24.85 -64.84
N GLN R 107 -74.89 -23.59 -64.92
CA GLN R 107 -74.30 -22.51 -64.15
C GLN R 107 -75.39 -21.80 -63.37
N PHE R 108 -75.07 -21.42 -62.14
CA PHE R 108 -76.03 -20.66 -61.34
C PHE R 108 -76.18 -19.26 -61.94
N PRO R 109 -77.36 -18.64 -61.77
CA PRO R 109 -77.63 -17.37 -62.44
C PRO R 109 -76.62 -16.28 -62.05
N GLY R 110 -76.17 -15.54 -63.05
CA GLY R 110 -75.31 -14.40 -62.83
C GLY R 110 -73.84 -14.70 -62.65
N VAL R 111 -73.44 -15.97 -62.52
CA VAL R 111 -72.01 -16.28 -62.43
C VAL R 111 -71.32 -16.01 -63.75
N GLU R 112 -72.07 -16.00 -64.86
CA GLU R 112 -71.50 -15.84 -66.19
C GLU R 112 -70.73 -14.53 -66.32
N LYS R 113 -71.21 -13.45 -65.70
CA LYS R 113 -70.44 -12.21 -65.73
C LYS R 113 -69.15 -12.33 -64.93
N ILE R 114 -69.20 -12.94 -63.74
CA ILE R 114 -68.04 -12.95 -62.86
C ILE R 114 -67.03 -14.03 -63.21
N VAL R 115 -67.36 -14.96 -64.11
CA VAL R 115 -66.50 -16.08 -64.45
C VAL R 115 -66.42 -16.17 -65.98
N GLY R 116 -65.32 -16.68 -66.50
CA GLY R 116 -65.23 -16.94 -67.92
C GLY R 116 -66.21 -18.05 -68.29
N SER R 117 -66.63 -18.04 -69.57
CA SER R 117 -67.69 -18.96 -70.00
C SER R 117 -67.33 -20.42 -69.79
N ALA R 118 -66.12 -20.83 -70.13
CA ALA R 118 -65.64 -22.19 -69.87
C ALA R 118 -64.34 -22.14 -69.08
N LYS R 119 -64.36 -22.69 -67.87
CA LYS R 119 -63.18 -22.67 -67.01
C LYS R 119 -63.31 -23.76 -65.94
N MET R 120 -62.17 -24.14 -65.34
CA MET R 120 -62.21 -25.07 -64.21
C MET R 120 -61.46 -24.51 -63.00
N THR R 121 -60.11 -24.55 -63.01
CA THR R 121 -59.31 -23.91 -61.97
C THR R 121 -59.24 -22.42 -62.23
N GLY R 122 -59.40 -22.07 -63.52
CA GLY R 122 -59.55 -20.70 -63.92
C GLY R 122 -60.68 -20.02 -63.17
N VAL R 123 -61.74 -20.78 -62.86
CA VAL R 123 -62.86 -20.20 -62.13
C VAL R 123 -62.38 -19.71 -60.76
N HIS R 124 -61.60 -20.57 -60.07
CA HIS R 124 -61.07 -20.24 -58.75
C HIS R 124 -60.23 -18.97 -58.83
N ASP R 125 -59.34 -18.91 -59.83
CA ASP R 125 -58.51 -17.73 -60.01
C ASP R 125 -59.34 -16.48 -60.32
N LYS R 126 -60.37 -16.63 -61.16
CA LYS R 126 -61.24 -15.51 -61.52
C LYS R 126 -62.02 -14.97 -60.31
N ILE R 127 -62.59 -15.87 -59.52
CA ILE R 127 -63.33 -15.48 -58.32
C ILE R 127 -62.42 -14.79 -57.34
N LEU R 128 -61.20 -15.33 -57.18
CA LEU R 128 -60.23 -14.73 -56.29
C LEU R 128 -59.82 -13.35 -56.79
N ALA R 129 -59.68 -13.21 -58.11
CA ALA R 129 -59.27 -11.93 -58.67
C ALA R 129 -60.28 -10.85 -58.33
N ALA R 130 -61.56 -11.19 -58.40
CA ALA R 130 -62.56 -10.18 -58.05
C ALA R 130 -62.62 -9.96 -56.53
N ALA R 131 -62.39 -11.00 -55.72
CA ALA R 131 -62.37 -10.81 -54.27
C ALA R 131 -61.23 -9.91 -53.83
N SER R 132 -60.04 -10.12 -54.40
CA SER R 132 -58.89 -9.26 -54.14
C SER R 132 -59.15 -7.85 -54.67
N THR R 133 -59.86 -7.75 -55.78
CA THR R 133 -60.24 -6.46 -56.34
C THR R 133 -61.10 -5.67 -55.35
N GLY R 134 -61.89 -6.37 -54.56
CA GLY R 134 -62.78 -5.73 -53.60
C GLY R 134 -64.26 -5.85 -53.92
N ASP R 135 -64.63 -6.64 -54.93
CA ASP R 135 -66.04 -6.88 -55.21
C ASP R 135 -66.68 -7.63 -54.06
N TYR R 136 -67.84 -7.14 -53.62
CA TYR R 136 -68.59 -7.83 -52.58
C TYR R 136 -69.10 -9.17 -53.07
N LYS R 137 -69.62 -9.20 -54.30
CA LYS R 137 -70.30 -10.39 -54.82
C LYS R 137 -69.41 -11.60 -54.91
N ALA R 138 -68.16 -11.44 -55.33
CA ALA R 138 -67.28 -12.60 -55.51
C ALA R 138 -66.49 -12.92 -54.25
N GLN R 139 -67.20 -13.34 -53.20
CA GLN R 139 -66.56 -13.77 -51.97
C GLN R 139 -66.86 -15.24 -51.68
N ALA R 140 -67.10 -16.00 -52.75
CA ALA R 140 -67.45 -17.40 -52.63
C ALA R 140 -66.34 -18.22 -51.98
N MET R 141 -65.09 -17.95 -52.36
CA MET R 141 -63.95 -18.74 -51.90
C MET R 141 -63.80 -18.66 -50.39
N SER R 142 -63.97 -17.46 -49.82
CA SER R 142 -63.83 -17.29 -48.38
C SER R 142 -64.89 -18.07 -47.64
N GLN R 143 -66.13 -18.06 -48.12
CA GLN R 143 -67.21 -18.81 -47.48
C GLN R 143 -66.98 -20.31 -47.54
N ILE R 144 -66.56 -20.85 -48.69
CA ILE R 144 -66.27 -22.28 -48.77
C ILE R 144 -65.13 -22.63 -47.82
N LEU R 145 -64.06 -21.82 -47.84
CA LEU R 145 -62.90 -22.07 -46.99
C LEU R 145 -63.28 -22.02 -45.52
N PHE R 146 -64.07 -21.02 -45.14
CA PHE R 146 -64.46 -20.83 -43.75
C PHE R 146 -65.30 -21.99 -43.25
N TRP R 147 -66.31 -22.40 -44.02
CA TRP R 147 -67.20 -23.45 -43.53
C TRP R 147 -66.50 -24.81 -43.51
N THR R 148 -65.72 -25.14 -44.54
CA THR R 148 -64.97 -26.39 -44.50
C THR R 148 -63.97 -26.40 -43.36
N SER R 149 -63.29 -25.27 -43.12
CA SER R 149 -62.34 -25.17 -42.03
C SER R 149 -63.02 -25.35 -40.68
N PHE R 150 -64.20 -24.74 -40.52
CA PHE R 150 -64.94 -24.86 -39.26
C PHE R 150 -65.33 -26.30 -39.00
N LEU R 151 -65.80 -26.99 -40.05
CA LEU R 151 -66.17 -28.39 -39.91
C LEU R 151 -64.96 -29.24 -39.55
N GLU R 152 -63.81 -28.97 -40.19
CA GLU R 152 -62.58 -29.68 -39.89
C GLU R 152 -62.12 -29.42 -38.46
N ILE R 153 -62.27 -28.19 -37.98
CA ILE R 153 -61.87 -27.85 -36.62
C ILE R 153 -62.73 -28.59 -35.60
N VAL R 154 -64.04 -28.71 -35.86
CA VAL R 154 -64.88 -29.33 -34.85
C VAL R 154 -64.92 -30.84 -34.98
N THR R 155 -64.43 -31.40 -36.08
CA THR R 155 -64.27 -32.84 -36.21
C THR R 155 -62.84 -33.26 -35.91
N LEU R 156 -62.02 -32.31 -35.45
CA LEU R 156 -60.62 -32.59 -35.15
C LEU R 156 -60.42 -33.64 -34.07
N PRO R 157 -61.12 -33.62 -32.92
CA PRO R 157 -60.87 -34.66 -31.91
C PRO R 157 -61.17 -36.07 -32.38
N ALA R 158 -62.03 -36.26 -33.39
CA ALA R 158 -62.44 -37.60 -33.80
C ALA R 158 -61.25 -38.46 -34.22
N VAL R 159 -60.34 -37.92 -35.04
CA VAL R 159 -59.23 -38.71 -35.55
C VAL R 159 -58.33 -39.16 -34.40
N PHE R 160 -58.01 -38.24 -33.49
CA PHE R 160 -57.17 -38.55 -32.35
C PHE R 160 -57.85 -39.54 -31.42
N GLU R 161 -59.16 -39.36 -31.19
CA GLU R 161 -59.91 -40.25 -30.30
C GLU R 161 -59.93 -41.67 -30.84
N THR R 162 -60.12 -41.85 -32.16
CA THR R 162 -60.05 -43.19 -32.72
C THR R 162 -58.65 -43.77 -32.58
N MET R 163 -57.62 -42.94 -32.74
CA MET R 163 -56.26 -43.44 -32.59
C MET R 163 -55.99 -43.93 -31.17
N ASN R 164 -56.73 -43.44 -30.18
CA ASN R 164 -56.62 -43.89 -28.80
C ASN R 164 -57.60 -45.03 -28.50
N GLY R 165 -58.13 -45.68 -29.53
CA GLY R 165 -59.05 -46.78 -29.35
C GLY R 165 -60.46 -46.40 -28.99
N GLY R 166 -60.89 -45.21 -29.37
CA GLY R 166 -62.22 -44.74 -29.08
C GLY R 166 -63.31 -45.53 -29.81
N PRO R 167 -64.52 -45.51 -29.25
CA PRO R 167 -65.61 -46.37 -29.77
C PRO R 167 -65.95 -46.18 -31.23
N ARG R 168 -65.96 -44.93 -31.71
CA ARG R 168 -66.20 -44.69 -33.13
C ARG R 168 -65.08 -45.30 -33.95
N LYS R 169 -65.45 -45.94 -35.05
CA LYS R 169 -64.49 -46.50 -35.99
C LYS R 169 -64.03 -45.37 -36.92
N PRO R 170 -62.95 -45.57 -37.68
CA PRO R 170 -62.57 -44.54 -38.66
C PRO R 170 -63.62 -44.34 -39.73
N GLY R 171 -63.94 -43.08 -40.01
CA GLY R 171 -64.81 -42.71 -41.10
C GLY R 171 -66.30 -42.56 -40.82
N VAL R 172 -66.78 -43.01 -39.66
CA VAL R 172 -68.22 -42.96 -39.38
C VAL R 172 -68.51 -41.76 -38.49
N PHE R 173 -69.13 -40.74 -39.08
CA PHE R 173 -69.56 -39.58 -38.34
C PHE R 173 -71.05 -39.66 -38.03
N PHE R 174 -71.66 -40.80 -38.37
CA PHE R 174 -73.07 -41.12 -38.12
C PHE R 174 -74.02 -40.16 -38.82
N PHE R 175 -73.61 -39.64 -39.98
CA PHE R 175 -74.41 -38.71 -40.79
C PHE R 175 -75.20 -39.49 -41.81
N ASP R 176 -76.34 -40.03 -41.37
CA ASP R 176 -77.29 -40.68 -42.28
C ASP R 176 -78.71 -40.22 -41.96
N PRO R 177 -79.08 -38.99 -42.31
CA PRO R 177 -80.40 -38.47 -41.93
C PRO R 177 -81.53 -39.25 -42.55
N LEU R 178 -81.40 -39.55 -43.85
CA LEU R 178 -82.42 -40.30 -44.56
C LEU R 178 -82.56 -41.69 -43.97
N GLY R 179 -81.43 -42.32 -43.68
CA GLY R 179 -81.40 -43.63 -43.07
C GLY R 179 -81.49 -44.74 -44.08
N LEU R 180 -81.86 -44.41 -45.32
CA LEU R 180 -82.08 -45.46 -46.35
C LEU R 180 -80.77 -46.16 -46.70
N GLY R 181 -79.73 -45.40 -47.04
CA GLY R 181 -78.48 -46.02 -47.50
C GLY R 181 -77.80 -46.90 -46.48
N LYS R 182 -77.69 -46.47 -45.21
CA LYS R 182 -76.90 -47.26 -44.22
C LYS R 182 -77.82 -47.92 -43.16
N GLY R 183 -79.14 -47.86 -43.36
CA GLY R 183 -80.08 -48.40 -42.35
C GLY R 183 -80.02 -49.90 -42.20
N ASP R 184 -80.12 -50.39 -40.95
CA ASP R 184 -80.16 -51.85 -40.68
C ASP R 184 -78.92 -52.57 -41.23
N LYS R 185 -79.12 -53.70 -41.92
CA LYS R 185 -77.98 -54.52 -42.41
C LYS R 185 -77.14 -53.73 -43.44
N MET R 186 -77.79 -52.96 -44.32
CA MET R 186 -77.10 -52.15 -45.36
C MET R 186 -76.73 -53.06 -46.55
N GLY R 187 -76.17 -52.50 -47.62
CA GLY R 187 -75.77 -53.29 -48.80
C GLY R 187 -74.26 -53.27 -49.01
N GLU R 188 -73.82 -53.22 -50.27
CA GLU R 188 -72.37 -53.15 -50.59
C GLU R 188 -71.99 -51.68 -50.75
N MET R 189 -72.87 -50.77 -50.33
CA MET R 189 -72.63 -49.31 -50.46
C MET R 189 -71.38 -48.91 -49.65
N GLU R 190 -71.08 -49.63 -48.57
CA GLU R 190 -69.92 -49.28 -47.71
C GLU R 190 -68.63 -49.36 -48.53
N LEU R 191 -68.49 -50.40 -49.37
CA LEU R 191 -67.28 -50.52 -50.24
C LEU R 191 -67.54 -49.75 -51.55
N LYS R 192 -68.81 -49.52 -51.90
CA LYS R 192 -69.14 -48.71 -53.10
C LYS R 192 -68.55 -47.31 -52.95
N GLU R 193 -68.74 -46.67 -51.80
CA GLU R 193 -68.14 -45.33 -51.54
C GLU R 193 -66.64 -45.39 -51.81
N ILE R 194 -65.98 -46.45 -51.34
CA ILE R 194 -64.50 -46.52 -51.44
C ILE R 194 -64.12 -46.65 -52.92
N LYS R 195 -64.81 -47.52 -53.67
CA LYS R 195 -64.46 -47.75 -55.07
C LYS R 195 -64.74 -46.51 -55.93
N ASN R 196 -65.91 -45.90 -55.75
CA ASN R 196 -66.22 -44.66 -56.44
C ASN R 196 -65.28 -43.54 -56.02
N GLY R 197 -64.91 -43.47 -54.73
CA GLY R 197 -63.98 -42.45 -54.28
C GLY R 197 -62.59 -42.58 -54.90
N ARG R 198 -62.08 -43.81 -54.98
CA ARG R 198 -60.76 -44.01 -55.61
C ARG R 198 -60.80 -43.62 -57.08
N LEU R 199 -61.92 -43.99 -57.75
CA LEU R 199 -62.12 -43.59 -59.12
C LEU R 199 -62.18 -42.08 -59.23
N ALA R 200 -62.82 -41.43 -58.27
CA ALA R 200 -62.91 -39.99 -58.25
C ALA R 200 -61.55 -39.34 -58.10
N MET R 201 -60.69 -39.93 -57.26
CA MET R 201 -59.37 -39.35 -57.04
C MET R 201 -58.58 -39.29 -58.34
N ILE R 202 -58.40 -40.46 -58.98
CA ILE R 202 -57.69 -40.44 -60.27
C ILE R 202 -58.45 -39.66 -61.33
N GLY R 203 -59.79 -39.71 -61.30
CA GLY R 203 -60.61 -38.98 -62.26
C GLY R 203 -60.44 -37.48 -62.15
N VAL R 204 -60.36 -36.96 -60.92
CA VAL R 204 -60.08 -35.54 -60.71
C VAL R 204 -58.72 -35.21 -61.28
N GLY R 205 -57.74 -36.08 -61.00
CA GLY R 205 -56.40 -35.86 -61.54
C GLY R 205 -56.40 -35.74 -63.05
N GLY R 206 -57.15 -36.61 -63.72
CA GLY R 206 -57.28 -36.51 -65.16
C GLY R 206 -57.98 -35.24 -65.60
N MET R 207 -59.10 -34.90 -64.97
CA MET R 207 -59.87 -33.73 -65.38
C MET R 207 -59.09 -32.45 -65.17
N VAL R 208 -58.41 -32.32 -64.05
CA VAL R 208 -57.58 -31.15 -63.78
C VAL R 208 -56.40 -31.09 -64.73
N HIS R 209 -55.71 -32.21 -64.97
CA HIS R 209 -54.54 -32.18 -65.84
C HIS R 209 -54.92 -31.82 -67.27
N HIS R 210 -56.06 -32.30 -67.75
CA HIS R 210 -56.60 -31.78 -69.00
C HIS R 210 -57.12 -30.39 -68.63
N TYR R 211 -57.11 -29.43 -69.57
CA TYR R 211 -57.44 -28.00 -69.41
C TYR R 211 -56.21 -27.23 -68.90
N LEU R 212 -55.17 -27.93 -68.50
CA LEU R 212 -53.91 -27.29 -68.15
C LEU R 212 -53.10 -27.09 -69.43
N LEU R 213 -53.08 -28.11 -70.26
CA LEU R 213 -52.46 -28.07 -71.58
C LEU R 213 -53.41 -27.64 -72.68
N THR R 214 -54.71 -27.54 -72.38
CA THR R 214 -55.73 -27.24 -73.38
C THR R 214 -56.71 -26.22 -72.84
N GLY R 215 -57.52 -25.66 -73.74
CA GLY R 215 -58.59 -24.79 -73.28
C GLY R 215 -59.91 -25.49 -73.09
N LYS R 216 -59.95 -26.81 -73.28
CA LYS R 216 -61.18 -27.58 -73.24
C LYS R 216 -61.58 -27.96 -71.82
N GLY R 217 -62.88 -27.99 -71.56
CA GLY R 217 -63.43 -28.39 -70.28
C GLY R 217 -63.81 -29.87 -70.28
N PRO R 218 -64.29 -30.40 -69.15
CA PRO R 218 -64.58 -31.84 -69.07
C PRO R 218 -65.58 -32.39 -70.07
N ILE R 219 -66.76 -31.77 -70.17
CA ILE R 219 -67.75 -32.23 -71.13
C ILE R 219 -67.24 -32.01 -72.55
N GLN R 220 -66.60 -30.86 -72.79
CA GLN R 220 -66.07 -30.54 -74.11
C GLN R 220 -64.97 -31.52 -74.52
N PHE R 221 -64.05 -31.84 -73.61
CA PHE R 221 -62.96 -32.74 -73.95
C PHE R 221 -63.47 -34.16 -74.17
N LEU R 222 -64.44 -34.61 -73.37
CA LEU R 222 -65.05 -35.91 -73.63
C LEU R 222 -65.75 -35.92 -74.98
N SER R 223 -66.49 -34.86 -75.29
CA SER R 223 -67.26 -34.78 -76.53
C SER R 223 -66.37 -34.90 -77.76
N GLY R 224 -65.36 -34.04 -77.86
CA GLY R 224 -64.43 -34.08 -78.98
C GLY R 224 -63.02 -34.33 -78.53
N ILE R 225 -62.35 -35.34 -79.08
CA ILE R 225 -61.01 -35.72 -78.69
C ILE R 225 -60.04 -35.51 -79.86
N PRO R 226 -59.02 -34.66 -79.72
CA PRO R 226 -58.04 -34.38 -80.77
C PRO R 226 -56.66 -34.95 -80.46
N ALA S 37 8.32 32.52 65.63
CA ALA S 37 8.95 33.80 65.91
C ALA S 37 8.99 34.63 64.64
N MET S 38 9.06 35.95 64.81
CA MET S 38 9.05 36.87 63.69
C MET S 38 10.45 37.43 63.47
N SER S 39 10.72 37.81 62.23
CA SER S 39 11.98 38.45 61.90
C SER S 39 12.05 39.81 62.59
N GLU S 40 13.18 40.13 63.20
CA GLU S 40 13.34 41.44 63.84
C GLU S 40 13.35 42.57 62.83
N SER S 41 14.02 42.36 61.68
CA SER S 41 14.07 43.39 60.62
C SER S 41 12.67 43.58 60.03
N VAL S 42 12.08 42.53 59.45
CA VAL S 42 10.68 42.63 58.93
C VAL S 42 9.76 42.00 59.98
N PRO S 43 8.99 42.81 60.75
CA PRO S 43 8.16 42.27 61.84
C PRO S 43 7.07 41.30 61.35
N PHE S 44 6.43 41.64 60.23
CA PHE S 44 5.33 40.80 59.69
C PHE S 44 5.85 39.42 59.28
N LEU S 45 7.07 39.34 58.75
CA LEU S 45 7.61 38.05 58.23
C LEU S 45 8.06 37.08 59.33
N LYS S 46 7.98 35.77 59.09
CA LYS S 46 8.45 34.77 60.07
C LYS S 46 9.98 34.79 60.09
N LYS S 47 10.59 34.45 61.24
CA LYS S 47 12.07 34.48 61.39
C LYS S 47 12.71 33.46 60.44
N PRO S 48 13.71 33.85 59.63
CA PRO S 48 14.42 32.89 58.76
C PRO S 48 15.07 31.80 59.61
N GLU S 49 14.72 30.53 59.33
CA GLU S 49 15.22 29.41 60.17
C GLU S 49 16.72 29.21 60.00
N ALA S 50 17.24 29.31 58.77
CA ALA S 50 18.68 29.03 58.54
C ALA S 50 19.56 30.02 59.32
N LEU S 51 19.10 31.26 59.52
CA LEU S 51 19.90 32.23 60.23
C LEU S 51 19.80 32.06 61.75
N ASP S 52 20.86 32.49 62.45
CA ASP S 52 20.92 32.38 63.91
C ASP S 52 21.44 33.68 64.52
N SER S 53 21.08 33.92 65.78
CA SER S 53 21.46 35.15 66.48
C SER S 53 22.97 35.28 66.65
N SER S 54 23.66 34.15 66.84
CA SER S 54 25.10 34.19 67.10
C SER S 54 25.87 34.82 65.95
N MET S 55 25.44 34.58 64.71
CA MET S 55 26.14 35.05 63.53
C MET S 55 26.26 36.57 63.55
N ALA S 56 27.44 37.07 63.19
CA ALA S 56 27.67 38.51 63.25
C ALA S 56 26.88 39.20 62.15
N GLY S 57 26.30 40.34 62.48
CA GLY S 57 25.54 41.10 61.51
C GLY S 57 24.14 40.61 61.31
N TYR S 58 23.65 39.71 62.15
CA TYR S 58 22.34 39.13 61.98
C TYR S 58 21.26 40.11 62.42
N ALA S 59 20.32 40.39 61.53
CA ALA S 59 19.17 41.19 61.85
C ALA S 59 17.87 40.47 61.53
N GLY S 60 17.93 39.23 61.07
CA GLY S 60 16.74 38.51 60.64
C GLY S 60 16.31 38.85 59.23
N PHE S 61 17.15 39.54 58.48
CA PHE S 61 16.80 40.02 57.15
C PHE S 61 17.16 39.01 56.08
N ASP S 62 16.22 38.13 55.78
CA ASP S 62 16.30 37.27 54.61
C ASP S 62 14.90 37.05 54.07
N PRO S 63 14.27 38.12 53.54
CA PRO S 63 12.87 37.99 53.11
C PRO S 63 12.66 36.97 52.01
N LEU S 64 13.59 36.87 51.07
CA LEU S 64 13.42 35.94 49.96
C LEU S 64 13.82 34.51 50.33
N GLY S 65 14.37 34.31 51.52
CA GLY S 65 14.79 32.99 51.95
C GLY S 65 15.89 32.38 51.09
N LEU S 66 16.85 33.19 50.68
CA LEU S 66 17.95 32.68 49.85
C LEU S 66 18.90 31.78 50.63
N SER S 67 18.87 31.85 51.96
CA SER S 67 19.66 30.96 52.80
C SER S 67 19.26 29.50 52.64
N SER S 68 18.01 29.22 52.29
CA SER S 68 17.62 27.84 52.00
C SER S 68 18.27 27.33 50.71
N ILE S 69 18.41 28.19 49.70
CA ILE S 69 18.94 27.77 48.40
C ILE S 69 20.38 27.27 48.51
N ALA S 70 21.21 27.92 49.31
CA ALA S 70 22.62 27.59 49.42
C ALA S 70 23.02 27.53 50.88
N ASP S 71 24.15 26.87 51.16
CA ASP S 71 24.62 26.75 52.53
C ASP S 71 24.90 28.12 53.14
N ILE S 72 24.51 28.28 54.41
CA ILE S 72 24.71 29.56 55.10
C ILE S 72 26.19 29.87 55.27
N LYS S 73 27.03 28.86 55.55
CA LYS S 73 28.46 29.11 55.76
C LYS S 73 29.12 29.69 54.50
N PHE S 74 28.74 29.16 53.34
CA PHE S 74 29.23 29.69 52.07
C PHE S 74 28.80 31.13 51.90
N LEU S 75 27.52 31.42 52.17
CA LEU S 75 27.01 32.78 52.02
C LEU S 75 27.67 33.73 53.01
N GLN S 76 27.96 33.26 54.22
CA GLN S 76 28.58 34.10 55.23
C GLN S 76 29.98 34.51 54.79
N GLU S 77 30.76 33.54 54.29
CA GLU S 77 32.09 33.87 53.77
C GLU S 77 31.98 34.78 52.56
N SER S 78 30.99 34.54 51.70
CA SER S 78 30.83 35.36 50.50
C SER S 78 30.53 36.81 50.87
N GLU S 79 29.67 37.00 51.87
CA GLU S 79 29.33 38.34 52.31
C GLU S 79 30.55 39.06 52.84
N ILE S 80 31.37 38.39 53.67
CA ILE S 80 32.54 39.08 54.20
C ILE S 80 33.55 39.39 53.10
N LYS S 81 33.73 38.48 52.13
CA LYS S 81 34.69 38.74 51.06
C LYS S 81 34.25 39.93 50.22
N HIS S 82 32.96 40.00 49.89
CA HIS S 82 32.41 41.17 49.20
C HIS S 82 32.61 42.43 50.05
N CYS S 83 32.41 42.31 51.38
CA CYS S 83 32.52 43.45 52.28
C CYS S 83 33.93 44.03 52.26
N ARG S 84 34.93 43.17 52.35
CA ARG S 84 36.32 43.64 52.41
C ARG S 84 36.73 44.29 51.10
N ILE S 85 36.36 43.68 49.96
CA ILE S 85 36.68 44.29 48.67
C ILE S 85 35.97 45.63 48.53
N ALA S 86 34.69 45.69 48.93
CA ALA S 86 33.93 46.92 48.81
C ALA S 86 34.50 48.02 49.68
N MET S 87 34.95 47.67 50.89
CA MET S 87 35.51 48.67 51.81
C MET S 87 36.76 49.28 51.22
N LEU S 88 37.61 48.41 50.65
CA LEU S 88 38.82 48.91 50.00
C LEU S 88 38.47 49.82 48.84
N ALA S 89 37.47 49.44 48.03
CA ALA S 89 37.10 50.23 46.87
C ALA S 89 36.60 51.62 47.24
N ALA S 90 35.73 51.70 48.26
CA ALA S 90 35.19 53.00 48.67
C ALA S 90 36.28 53.91 49.20
N ALA S 91 37.15 53.35 50.05
CA ALA S 91 38.27 54.13 50.56
C ALA S 91 39.17 54.58 49.43
N GLY S 92 39.38 53.68 48.46
CA GLY S 92 40.22 54.01 47.33
C GLY S 92 39.67 55.16 46.52
N SER S 93 38.36 55.21 46.32
CA SER S 93 37.77 56.30 45.54
C SER S 93 37.98 57.63 46.25
N ILE S 94 37.76 57.66 47.56
CA ILE S 94 37.97 58.90 48.31
C ILE S 94 39.45 59.30 48.27
N ALA S 95 40.34 58.34 48.52
CA ALA S 95 41.78 58.61 48.54
C ALA S 95 42.29 59.07 47.17
N GLN S 96 41.81 58.44 46.11
CA GLN S 96 42.23 58.78 44.76
C GLN S 96 41.86 60.21 44.42
N ASP S 97 40.67 60.64 44.84
CA ASP S 97 40.35 62.06 44.66
C ASP S 97 41.25 62.96 45.51
N ILE S 98 41.51 62.58 46.77
CA ILE S 98 42.32 63.45 47.63
C ILE S 98 43.75 63.59 47.10
N PHE S 99 44.38 62.47 46.72
CA PHE S 99 45.77 62.54 46.27
C PHE S 99 46.07 61.36 45.37
N THR S 100 47.15 61.49 44.61
CA THR S 100 47.65 60.44 43.75
C THR S 100 49.13 60.20 44.06
N PHE S 101 49.56 58.96 43.83
CA PHE S 101 50.92 58.57 44.11
C PHE S 101 51.89 59.25 43.15
N PRO S 102 53.15 59.44 43.55
CA PRO S 102 54.10 60.20 42.71
C PRO S 102 54.27 59.59 41.33
N GLY S 103 54.12 60.44 40.32
CA GLY S 103 54.30 60.03 38.95
C GLY S 103 53.09 59.35 38.35
N VAL S 104 52.05 59.08 39.14
CA VAL S 104 50.82 58.50 38.60
C VAL S 104 50.16 59.45 37.61
N SER S 105 50.24 60.76 37.89
CA SER S 105 49.60 61.78 37.04
C SER S 105 50.12 61.74 35.61
N LYS S 106 51.40 61.46 35.42
CA LYS S 106 51.96 61.46 34.07
C LYS S 106 51.31 60.39 33.21
N VAL S 107 51.11 59.19 33.76
CA VAL S 107 50.48 58.12 33.00
C VAL S 107 49.00 58.41 32.77
N VAL S 108 48.28 58.81 33.81
CA VAL S 108 46.85 59.11 33.73
C VAL S 108 46.66 60.58 34.08
N GLY S 109 46.24 61.36 33.09
CA GLY S 109 46.13 62.78 33.32
C GLY S 109 44.76 63.22 33.78
N THR S 110 43.70 62.77 33.09
CA THR S 110 42.36 63.24 33.39
C THR S 110 41.43 62.16 33.92
N ALA S 111 41.73 60.87 33.70
CA ALA S 111 40.86 59.80 34.12
C ALA S 111 40.75 59.77 35.65
N LYS S 112 39.53 59.54 36.15
CA LYS S 112 39.27 59.67 37.58
C LYS S 112 39.06 58.34 38.30
N MET S 113 38.11 57.51 37.88
CA MET S 113 37.89 56.27 38.64
C MET S 113 37.92 55.02 37.78
N THR S 114 36.84 54.73 37.08
CA THR S 114 36.84 53.59 36.18
C THR S 114 37.74 53.86 34.97
N GLY S 115 37.99 55.13 34.68
CA GLY S 115 38.79 55.48 33.51
C GLY S 115 40.25 55.08 33.66
N VAL S 116 40.77 55.17 34.88
CA VAL S 116 42.22 54.87 35.08
C VAL S 116 42.42 53.36 34.84
N HIS S 117 41.38 52.56 35.06
CA HIS S 117 41.53 51.09 34.95
C HIS S 117 41.93 50.70 33.52
N ASP S 118 41.29 51.28 32.50
CA ASP S 118 41.57 50.85 31.10
C ASP S 118 43.02 51.17 30.71
N VAL S 119 43.51 52.36 31.03
CA VAL S 119 44.89 52.75 30.61
C VAL S 119 45.90 51.95 31.43
N LEU S 120 45.58 51.65 32.70
CA LEU S 120 46.54 50.91 33.57
C LEU S 120 46.45 49.41 33.30
N VAL S 121 45.45 48.96 32.53
CA VAL S 121 45.41 47.52 32.12
C VAL S 121 46.53 47.37 31.09
N LYS S 122 46.68 48.35 30.20
CA LYS S 122 47.75 48.31 29.17
C LYS S 122 49.10 48.57 29.84
N GLN S 123 49.11 49.40 30.89
CA GLN S 123 50.36 49.69 31.64
C GLN S 123 50.75 48.46 32.46
N GLY S 124 49.80 47.54 32.67
CA GLY S 124 50.07 46.30 33.42
C GLY S 124 49.96 46.48 34.93
N ALA S 125 49.59 47.67 35.39
CA ALA S 125 49.39 47.88 36.84
C ALA S 125 48.23 47.02 37.34
N MET S 126 47.12 46.98 36.59
CA MET S 126 45.94 46.17 36.99
C MET S 126 46.30 44.69 36.82
N GLY S 127 47.04 44.38 35.76
CA GLY S 127 47.49 42.99 35.53
C GLY S 127 48.24 42.43 36.73
N GLN S 128 49.18 43.20 37.27
CA GLN S 128 49.99 42.74 38.43
C GLN S 128 49.07 42.51 39.63
N ILE S 129 48.21 43.47 39.95
CA ILE S 129 47.25 43.29 41.08
C ILE S 129 46.46 42.00 40.86
N LEU S 130 45.83 41.83 39.69
CA LEU S 130 45.04 40.62 39.39
C LEU S 130 45.85 39.37 39.75
N LEU S 131 47.11 39.30 39.33
CA LEU S 131 47.94 38.12 39.57
C LEU S 131 48.06 37.84 41.05
N TRP S 132 48.38 38.86 41.85
CA TRP S 132 48.59 38.60 43.27
C TRP S 132 47.28 38.31 44.01
N THR S 133 46.20 39.02 43.68
CA THR S 133 44.91 38.69 44.31
C THR S 133 44.46 37.28 43.96
N SER S 134 44.69 36.86 42.70
CA SER S 134 44.37 35.49 42.30
C SER S 134 45.23 34.50 43.08
N PHE S 135 46.49 34.85 43.31
CA PHE S 135 47.39 33.99 44.06
C PHE S 135 46.88 33.80 45.48
N LEU S 136 46.42 34.88 46.12
CA LEU S 136 45.83 34.75 47.45
C LEU S 136 44.54 33.95 47.42
N GLU S 137 43.73 34.13 46.38
CA GLU S 137 42.46 33.40 46.28
C GLU S 137 42.68 31.90 46.12
N VAL S 138 43.82 31.47 45.57
CA VAL S 138 44.09 30.04 45.49
C VAL S 138 44.12 29.42 46.89
N PHE S 139 44.79 30.08 47.83
CA PHE S 139 44.73 29.63 49.22
C PHE S 139 43.37 29.93 49.83
N GLY S 140 42.67 30.92 49.29
CA GLY S 140 41.30 31.17 49.72
C GLY S 140 40.39 29.99 49.45
N THR S 141 40.60 29.30 48.33
CA THR S 141 39.79 28.12 48.00
C THR S 141 39.97 27.02 49.04
N ILE S 142 41.21 26.79 49.47
CA ILE S 142 41.48 25.81 50.52
C ILE S 142 40.83 26.23 51.82
N ALA S 143 40.88 27.53 52.13
CA ALA S 143 40.20 28.03 53.34
C ALA S 143 38.70 27.81 53.25
N LEU S 144 38.12 28.06 52.07
CA LEU S 144 36.68 27.87 51.88
C LEU S 144 36.31 26.42 52.08
N LEU S 145 37.17 25.51 51.61
CA LEU S 145 36.94 24.09 51.84
C LEU S 145 36.97 23.78 53.33
N GLU S 146 37.90 24.38 54.07
CA GLU S 146 37.96 24.15 55.51
C GLU S 146 36.69 24.66 56.21
N THR S 147 36.16 25.79 55.75
CA THR S 147 34.91 26.29 56.30
C THR S 147 33.78 25.30 56.05
N LEU S 148 33.62 24.86 54.80
CA LEU S 148 32.58 23.89 54.46
C LEU S 148 32.74 22.60 55.27
N ASP S 149 33.98 22.18 55.49
CA ASP S 149 34.25 21.04 56.37
C ASP S 149 33.75 21.29 57.79
N GLY S 150 33.75 22.55 58.22
CA GLY S 150 33.24 22.94 59.51
C GLY S 150 34.29 23.21 60.55
N LYS S 151 35.55 22.90 60.26
CA LYS S 151 36.63 23.24 61.17
C LYS S 151 36.88 24.73 61.22
N ARG S 152 36.75 25.43 60.09
CA ARG S 152 37.10 26.85 60.02
C ARG S 152 35.88 27.74 60.07
N ALA S 153 35.99 28.83 60.83
CA ALA S 153 34.95 29.84 60.87
C ALA S 153 34.92 30.60 59.53
N PRO S 154 33.74 31.00 59.06
CA PRO S 154 33.68 31.77 57.81
C PRO S 154 34.41 33.09 57.93
N GLY S 155 35.22 33.39 56.91
CA GLY S 155 35.87 34.67 56.83
C GLY S 155 37.10 34.84 57.68
N ASP S 156 37.58 33.80 58.34
CA ASP S 156 38.71 33.91 59.26
C ASP S 156 39.97 33.38 58.60
N PHE S 157 40.93 34.27 58.40
CA PHE S 157 42.26 33.93 57.89
C PHE S 157 43.32 34.15 58.94
N LYS S 158 42.92 34.41 60.20
CA LYS S 158 43.80 34.59 61.36
C LYS S 158 44.78 35.75 61.18
N PHE S 159 44.38 36.76 60.41
CA PHE S 159 45.21 37.94 60.18
C PHE S 159 44.85 39.04 61.17
N ASP S 160 45.47 38.99 62.34
CA ASP S 160 45.37 40.05 63.35
C ASP S 160 46.75 40.35 63.89
N PRO S 161 47.62 40.99 63.07
CA PRO S 161 49.01 41.19 63.50
C PRO S 161 49.18 42.07 64.73
N LEU S 162 48.34 43.09 64.92
CA LEU S 162 48.49 44.03 66.03
C LEU S 162 47.79 43.58 67.30
N GLY S 163 47.15 42.41 67.31
CA GLY S 163 46.45 41.93 68.48
C GLY S 163 45.29 42.79 68.93
N PHE S 164 44.52 43.32 67.99
CA PHE S 164 43.36 44.15 68.33
C PHE S 164 42.27 43.34 69.03
N SER S 165 42.09 42.07 68.64
CA SER S 165 41.00 41.26 69.13
C SER S 165 41.36 40.42 70.35
N LYS S 166 42.49 40.73 71.00
CA LYS S 166 42.99 39.93 72.12
C LYS S 166 42.01 39.84 73.29
N ASN S 167 41.34 40.95 73.62
CA ASN S 167 40.51 41.02 74.83
C ASN S 167 39.37 40.00 74.82
N ALA S 168 38.78 39.75 73.65
CA ALA S 168 37.70 38.83 73.28
C ALA S 168 36.35 39.51 73.46
N GLU S 169 36.33 40.63 74.18
CA GLU S 169 35.14 41.45 74.26
C GLU S 169 35.19 42.55 73.22
N THR S 170 36.40 43.03 72.89
CA THR S 170 36.54 43.95 71.78
C THR S 170 36.34 43.21 70.46
N ALA S 171 36.56 41.90 70.47
CA ALA S 171 36.42 41.08 69.28
C ALA S 171 34.99 41.09 68.76
N LYS S 172 34.00 40.99 69.66
CA LYS S 172 32.61 40.93 69.21
C LYS S 172 32.22 42.23 68.52
N ARG S 173 32.64 43.36 69.11
CA ARG S 173 32.38 44.67 68.52
C ARG S 173 33.07 44.77 67.17
N TYR S 174 34.32 44.30 67.09
CA TYR S 174 35.05 44.39 65.84
C TYR S 174 34.41 43.55 64.74
N GLN S 175 33.96 42.34 65.08
CA GLN S 175 33.35 41.47 64.08
C GLN S 175 32.08 42.12 63.53
N LEU S 176 31.29 42.71 64.44
CA LEU S 176 30.05 43.35 64.02
C LEU S 176 30.35 44.58 63.18
N SER S 177 31.28 45.43 63.65
CA SER S 177 31.65 46.65 62.96
C SER S 177 32.17 46.37 61.57
N GLU S 178 32.93 45.28 61.40
CA GLU S 178 33.42 44.91 60.08
C GLU S 178 32.25 44.59 59.16
N ILE S 179 31.30 43.79 59.64
CA ILE S 179 30.18 43.40 58.79
C ILE S 179 29.36 44.63 58.40
N LYS S 180 29.08 45.50 59.37
CA LYS S 180 28.25 46.69 59.11
C LYS S 180 28.95 47.66 58.16
N ASN S 181 30.24 47.93 58.39
CA ASN S 181 30.98 48.85 57.54
C ASN S 181 31.08 48.31 56.13
N GLY S 182 31.31 47.00 55.98
CA GLY S 182 31.36 46.42 54.65
C GLY S 182 30.04 46.49 53.92
N ARG S 183 28.93 46.29 54.63
CA ARG S 183 27.62 46.41 53.99
C ARG S 183 27.39 47.83 53.48
N LEU S 184 27.73 48.82 54.31
CA LEU S 184 27.63 50.22 53.90
C LEU S 184 28.56 50.49 52.73
N ALA S 185 29.75 49.90 52.75
CA ALA S 185 30.71 50.09 51.68
C ALA S 185 30.23 49.52 50.36
N MET S 186 29.52 48.39 50.37
CA MET S 186 28.97 47.87 49.12
C MET S 186 27.99 48.87 48.53
N LEU S 187 27.09 49.39 49.38
CA LEU S 187 26.15 50.40 48.91
C LEU S 187 26.88 51.65 48.46
N ALA S 188 27.91 52.05 49.20
CA ALA S 188 28.70 53.23 48.90
C ALA S 188 29.44 53.11 47.58
N THR S 189 30.12 51.97 47.41
CA THR S 189 30.91 51.74 46.17
C THR S 189 29.96 51.86 44.97
N GLY S 190 28.86 51.12 44.98
CA GLY S 190 27.93 51.19 43.86
C GLY S 190 27.39 52.59 43.65
N GLY S 191 27.08 53.27 44.76
CA GLY S 191 26.56 54.62 44.71
C GLY S 191 27.47 55.66 44.11
N MET S 192 28.77 55.56 44.45
CA MET S 192 29.90 56.36 43.95
C MET S 192 30.21 56.09 42.50
N VAL S 193 30.31 54.81 42.11
CA VAL S 193 30.64 54.52 40.72
C VAL S 193 29.51 54.98 39.82
N HIS S 194 28.26 54.79 40.25
CA HIS S 194 27.14 55.27 39.45
C HIS S 194 27.13 56.79 39.40
N GLY S 195 27.47 57.48 40.50
CA GLY S 195 27.61 58.93 40.41
C GLY S 195 28.67 59.34 39.39
N TYR S 196 29.78 58.61 39.32
CA TYR S 196 30.80 58.87 38.31
C TYR S 196 30.28 58.61 36.90
N PHE S 197 29.44 57.58 36.74
CA PHE S 197 28.92 57.21 35.39
C PHE S 197 28.07 58.38 34.87
N ILE S 198 27.40 59.09 35.79
CA ILE S 198 26.59 60.27 35.38
C ILE S 198 27.52 61.48 35.33
N THR S 199 27.87 62.04 36.49
CA THR S 199 28.80 63.20 36.54
C THR S 199 30.23 62.68 36.71
N GLY S 200 31.01 62.65 35.63
CA GLY S 200 32.39 62.11 35.70
C GLY S 200 33.33 63.01 36.47
N LYS S 201 33.33 62.91 37.79
CA LYS S 201 34.19 63.81 38.62
C LYS S 201 34.68 63.11 39.88
N GLY S 202 34.06 61.97 40.24
CA GLY S 202 34.45 61.28 41.48
C GLY S 202 33.61 61.73 42.66
N PRO S 203 33.59 61.01 43.80
CA PRO S 203 32.70 61.35 44.90
C PRO S 203 32.95 62.72 45.56
N LEU S 204 34.21 63.03 45.86
CA LEU S 204 34.52 64.31 46.56
C LEU S 204 34.22 65.51 45.66
N GLU S 205 34.57 65.41 44.38
CA GLU S 205 34.31 66.52 43.43
C GLU S 205 32.80 66.72 43.27
N LEU S 206 32.03 65.63 43.26
CA LEU S 206 30.55 65.73 43.16
C LEU S 206 30.03 66.48 44.39
N LEU S 207 30.58 66.18 45.57
CA LEU S 207 30.13 66.85 46.82
C LEU S 207 30.45 68.35 46.74
N THR S 208 31.62 68.71 46.19
CA THR S 208 32.03 70.14 46.14
C THR S 208 31.21 70.87 45.08
N ASN S 209 31.14 70.33 43.86
CA ASN S 209 30.40 70.99 42.75
C ASN S 209 29.42 70.00 42.13
N PHE S 210 28.10 70.22 42.32
CA PHE S 210 27.09 69.31 41.80
C PHE S 210 26.71 69.70 40.38
N ASP T 39 -77.33 -14.51 7.58
CA ASP T 39 -77.29 -15.47 6.48
C ASP T 39 -76.92 -14.76 5.18
N MET T 40 -77.91 -14.17 4.54
CA MET T 40 -77.72 -13.41 3.30
C MET T 40 -78.21 -11.99 3.53
N SER T 41 -77.52 -11.03 2.92
CA SER T 41 -77.85 -9.63 3.14
C SER T 41 -79.24 -9.30 2.63
N ALA T 42 -80.00 -8.56 3.45
CA ALA T 42 -81.33 -8.10 3.04
C ALA T 42 -81.25 -7.13 1.88
N SER T 43 -80.32 -6.19 1.95
CA SER T 43 -80.18 -5.20 0.88
C SER T 43 -79.69 -5.86 -0.40
N VAL T 44 -78.62 -6.65 -0.33
CA VAL T 44 -78.11 -7.31 -1.53
C VAL T 44 -78.52 -8.77 -1.39
N PRO T 45 -79.56 -9.28 -2.07
CA PRO T 45 -80.01 -10.65 -1.77
C PRO T 45 -78.99 -11.74 -2.07
N PHE T 46 -78.29 -11.65 -3.21
CA PHE T 46 -77.40 -12.73 -3.63
C PHE T 46 -76.20 -12.89 -2.69
N LEU T 47 -75.60 -11.80 -2.23
CA LEU T 47 -74.40 -11.88 -1.41
C LEU T 47 -74.71 -12.31 0.03
N PRO T 48 -73.79 -13.06 0.66
CA PRO T 48 -73.97 -13.45 2.07
C PRO T 48 -73.87 -12.27 3.03
N ARG T 49 -74.53 -12.43 4.19
CA ARG T 49 -74.59 -11.37 5.19
C ARG T 49 -73.21 -11.08 5.77
N PRO T 50 -72.84 -9.82 5.92
CA PRO T 50 -71.56 -9.50 6.58
C PRO T 50 -71.59 -9.97 8.03
N ALA T 51 -70.49 -10.61 8.45
CA ALA T 51 -70.40 -11.18 9.79
C ALA T 51 -70.43 -10.11 10.87
N ALA T 52 -69.77 -8.98 10.63
CA ALA T 52 -69.60 -7.96 11.66
C ALA T 52 -70.91 -7.32 12.10
N LEU T 53 -71.85 -7.13 11.17
CA LEU T 53 -73.04 -6.34 11.46
C LEU T 53 -73.89 -6.91 12.58
N ASP T 54 -74.24 -8.20 12.50
CA ASP T 54 -74.97 -8.95 13.51
C ASP T 54 -76.42 -8.47 13.64
N GLY T 55 -76.84 -7.46 12.89
CA GLY T 55 -78.14 -6.85 13.00
C GLY T 55 -78.28 -5.92 14.18
N SER T 56 -77.25 -5.81 15.02
CA SER T 56 -77.32 -5.03 16.26
C SER T 56 -77.37 -3.53 16.04
N MET T 57 -76.50 -3.01 15.17
CA MET T 57 -76.33 -1.56 15.04
C MET T 57 -77.57 -0.89 14.45
N VAL T 58 -77.81 0.35 14.89
CA VAL T 58 -78.91 1.14 14.36
C VAL T 58 -78.59 1.58 12.94
N GLY T 59 -79.59 1.49 12.06
CA GLY T 59 -79.41 1.89 10.68
C GLY T 59 -78.74 0.86 9.81
N ASP T 60 -78.85 -0.42 10.16
CA ASP T 60 -78.23 -1.51 9.43
C ASP T 60 -79.27 -2.26 8.61
N VAL T 61 -79.03 -2.36 7.31
CA VAL T 61 -79.86 -3.20 6.47
C VAL T 61 -79.07 -4.32 5.83
N GLY T 62 -77.84 -4.56 6.33
CA GLY T 62 -76.97 -5.56 5.77
C GLY T 62 -76.14 -5.13 4.57
N PHE T 63 -76.07 -3.82 4.29
CA PHE T 63 -75.40 -3.33 3.09
C PHE T 63 -73.90 -3.10 3.29
N ASP T 64 -73.14 -4.18 3.26
CA ASP T 64 -71.68 -4.09 3.25
C ASP T 64 -71.13 -5.09 2.24
N PRO T 65 -71.33 -4.84 0.94
CA PRO T 65 -70.87 -5.84 -0.06
C PRO T 65 -69.36 -6.01 -0.09
N LEU T 66 -68.60 -4.94 0.05
CA LEU T 66 -67.15 -4.99 -0.09
C LEU T 66 -66.43 -5.32 1.21
N GLY T 67 -67.18 -5.57 2.29
CA GLY T 67 -66.62 -6.04 3.54
C GLY T 67 -65.62 -5.12 4.21
N PHE T 68 -65.86 -3.81 4.20
CA PHE T 68 -65.00 -2.88 4.94
C PHE T 68 -65.03 -3.19 6.43
N THR T 69 -66.17 -3.68 6.94
CA THR T 69 -66.33 -3.93 8.36
C THR T 69 -65.31 -4.95 8.87
N THR T 70 -65.01 -5.97 8.08
CA THR T 70 -64.06 -6.98 8.53
C THR T 70 -62.68 -6.37 8.74
N LYS T 71 -62.26 -5.48 7.84
CA LYS T 71 -60.96 -4.83 7.94
C LYS T 71 -60.88 -3.83 9.09
N TYR T 72 -61.94 -3.05 9.35
CA TYR T 72 -61.88 -1.93 10.28
C TYR T 72 -62.86 -2.06 11.44
N ASP T 73 -62.56 -1.36 12.54
CA ASP T 73 -63.42 -1.39 13.72
C ASP T 73 -64.79 -0.76 13.42
N ILE T 74 -65.87 -1.46 13.82
CA ILE T 74 -67.22 -1.01 13.50
C ILE T 74 -67.55 0.33 14.16
N LYS T 75 -67.14 0.52 15.41
CA LYS T 75 -67.46 1.76 16.12
C LYS T 75 -66.80 2.96 15.46
N TRP T 76 -65.53 2.82 15.06
CA TRP T 76 -64.83 3.89 14.34
C TRP T 76 -65.49 4.17 12.98
N LEU T 77 -65.88 3.11 12.27
CA LEU T 77 -66.53 3.29 10.96
C LEU T 77 -67.85 4.03 11.09
N ARG T 78 -68.66 3.63 12.07
CA ARG T 78 -69.93 4.30 12.31
C ARG T 78 -69.72 5.74 12.74
N GLU T 79 -68.69 5.97 13.58
CA GLU T 79 -68.43 7.34 14.03
C GLU T 79 -68.08 8.23 12.85
N SER T 80 -67.28 7.70 11.90
CA SER T 80 -67.00 8.45 10.68
C SER T 80 -68.26 8.67 9.86
N GLU T 81 -69.13 7.66 9.76
CA GLU T 81 -70.34 7.82 8.95
C GLU T 81 -71.25 8.89 9.53
N LEU T 82 -71.44 8.87 10.86
CA LEU T 82 -72.23 9.91 11.50
C LEU T 82 -71.59 11.28 11.35
N LYS T 83 -70.27 11.38 11.52
CA LYS T 83 -69.60 12.68 11.44
C LYS T 83 -69.74 13.25 10.03
N HIS T 84 -69.54 12.40 9.02
CA HIS T 84 -69.68 12.79 7.63
C HIS T 84 -71.12 13.27 7.37
N GLY T 85 -72.10 12.51 7.87
CA GLY T 85 -73.49 12.88 7.66
C GLY T 85 -73.88 14.18 8.33
N ARG T 86 -73.43 14.40 9.57
CA ARG T 86 -73.79 15.62 10.31
C ARG T 86 -73.25 16.85 9.61
N VAL T 87 -71.99 16.77 9.14
CA VAL T 87 -71.42 17.86 8.36
C VAL T 87 -72.25 18.08 7.10
N CYS T 88 -72.61 17.00 6.41
CA CYS T 88 -73.34 17.11 5.14
C CYS T 88 -74.73 17.71 5.33
N MET T 89 -75.42 17.33 6.42
CA MET T 89 -76.76 17.87 6.67
C MET T 89 -76.70 19.37 6.84
N LEU T 90 -75.75 19.82 7.68
CA LEU T 90 -75.54 21.25 7.85
C LEU T 90 -75.17 21.92 6.54
N ALA T 91 -74.27 21.28 5.78
CA ALA T 91 -73.75 21.85 4.54
C ALA T 91 -74.84 22.04 3.49
N SER T 92 -75.71 21.04 3.32
CA SER T 92 -76.76 21.14 2.31
C SER T 92 -77.73 22.26 2.64
N LEU T 93 -78.12 22.34 3.94
CA LEU T 93 -78.97 23.45 4.34
C LEU T 93 -78.26 24.77 4.09
N GLY T 94 -76.95 24.80 4.37
CA GLY T 94 -76.16 25.99 4.16
C GLY T 94 -76.13 26.43 2.71
N CYS T 95 -75.98 25.49 1.77
CA CYS T 95 -75.90 25.85 0.36
C CYS T 95 -77.21 26.50 -0.09
N ILE T 96 -78.34 25.90 0.28
CA ILE T 96 -79.62 26.50 -0.09
C ILE T 96 -79.79 27.87 0.57
N VAL T 97 -79.45 27.98 1.86
CA VAL T 97 -79.59 29.22 2.61
C VAL T 97 -78.67 30.31 2.05
N GLN T 98 -77.45 29.95 1.65
CA GLN T 98 -76.49 30.90 1.12
C GLN T 98 -77.03 31.52 -0.17
N GLU T 99 -77.67 30.72 -1.01
CA GLU T 99 -78.33 31.35 -2.15
C GLU T 99 -79.50 32.24 -1.71
N ILE T 100 -80.37 31.75 -0.81
CA ILE T 100 -81.57 32.52 -0.46
C ILE T 100 -81.25 33.76 0.38
N VAL T 101 -80.29 33.70 1.29
CA VAL T 101 -80.07 34.81 2.20
C VAL T 101 -78.61 35.25 2.18
N HIS T 102 -78.39 36.54 2.44
CA HIS T 102 -77.06 37.10 2.54
C HIS T 102 -77.01 38.07 3.71
N LEU T 103 -75.81 38.25 4.26
CA LEU T 103 -75.60 39.29 5.25
C LEU T 103 -75.60 40.62 4.50
N PRO T 104 -75.81 41.76 5.19
CA PRO T 104 -75.67 43.05 4.49
C PRO T 104 -74.21 43.42 4.29
N PHE T 105 -73.47 42.55 3.62
CA PHE T 105 -72.05 42.67 3.41
C PHE T 105 -71.71 42.17 2.02
N GLU T 106 -70.60 42.68 1.48
CA GLU T 106 -70.07 42.20 0.23
C GLU T 106 -69.30 40.91 0.50
N ALA T 107 -69.30 40.01 -0.48
CA ALA T 107 -68.61 38.73 -0.58
C ALA T 107 -69.41 37.66 0.14
N THR T 108 -70.40 38.02 0.95
CA THR T 108 -71.33 37.11 1.57
C THR T 108 -72.63 37.14 0.81
N SER T 109 -72.68 37.93 -0.25
CA SER T 109 -73.84 38.12 -1.10
C SER T 109 -73.83 37.21 -2.31
N ASN T 110 -72.77 36.42 -2.48
CA ASN T 110 -72.64 35.54 -3.64
C ASN T 110 -73.71 34.45 -3.58
N PRO T 111 -74.37 34.15 -4.69
CA PRO T 111 -75.37 33.07 -4.71
C PRO T 111 -74.83 31.68 -5.00
N VAL T 112 -73.55 31.57 -5.29
CA VAL T 112 -72.89 30.30 -5.61
C VAL T 112 -72.02 29.94 -4.42
N ALA T 113 -72.19 28.72 -3.90
CA ALA T 113 -71.50 28.33 -2.68
C ALA T 113 -69.98 28.38 -2.83
N SER T 114 -69.46 27.73 -3.88
CA SER T 114 -68.02 27.68 -4.11
C SER T 114 -67.46 29.07 -4.44
N GLU T 115 -68.17 29.80 -5.30
CA GLU T 115 -67.71 31.12 -5.73
C GLU T 115 -67.65 32.05 -4.52
N ALA T 116 -68.60 31.88 -3.60
CA ALA T 116 -68.61 32.67 -2.37
C ALA T 116 -67.41 32.30 -1.52
N PHE T 117 -67.00 31.02 -1.53
CA PHE T 117 -65.85 30.60 -0.72
C PHE T 117 -64.62 31.37 -1.16
N PHE T 118 -64.46 31.56 -2.46
CA PHE T 118 -63.35 32.39 -2.93
C PHE T 118 -63.54 33.86 -2.55
N GLN T 119 -64.77 34.36 -2.67
CA GLN T 119 -65.03 35.80 -2.39
C GLN T 119 -64.81 36.13 -0.91
N VAL T 120 -65.23 35.26 0.00
CA VAL T 120 -65.14 35.59 1.46
C VAL T 120 -63.67 35.67 1.90
N PRO T 121 -63.34 36.50 2.92
CA PRO T 121 -61.95 36.68 3.35
C PRO T 121 -61.31 35.40 3.90
N ALA T 122 -60.02 35.20 3.64
CA ALA T 122 -59.31 33.99 4.11
C ALA T 122 -59.30 33.93 5.64
N GLY T 123 -59.12 35.08 6.29
CA GLY T 123 -59.06 35.12 7.77
C GLY T 123 -60.24 34.42 8.41
N GLY T 124 -61.42 34.48 7.78
CA GLY T 124 -62.60 33.88 8.34
C GLY T 124 -62.55 32.37 8.17
N LEU T 125 -62.10 31.92 6.99
CA LEU T 125 -61.95 30.50 6.75
C LEU T 125 -60.95 29.91 7.72
N TRP T 126 -59.85 30.64 7.96
CA TRP T 126 -58.85 30.18 8.93
C TRP T 126 -59.45 30.09 10.32
N GLN T 127 -60.29 31.07 10.70
CA GLN T 127 -60.92 31.06 12.01
C GLN T 127 -61.80 29.84 12.20
N ILE T 128 -62.59 29.50 11.18
CA ILE T 128 -63.44 28.31 11.26
C ILE T 128 -62.60 27.05 11.33
N PHE T 129 -61.56 26.96 10.49
CA PHE T 129 -60.73 25.75 10.45
C PHE T 129 -60.02 25.53 11.78
N ALA T 130 -59.48 26.60 12.37
CA ALA T 130 -58.88 26.53 13.70
C ALA T 130 -59.91 26.16 14.76
N GLY T 131 -61.12 26.73 14.65
CA GLY T 131 -62.17 26.39 15.59
C GLY T 131 -62.59 24.93 15.51
N ILE T 132 -62.71 24.41 14.29
CA ILE T 132 -63.08 23.01 14.09
C ILE T 132 -62.00 22.10 14.65
N GLY T 133 -60.73 22.45 14.43
CA GLY T 133 -59.65 21.65 15.02
C GLY T 133 -59.70 21.66 16.54
N ILE T 134 -59.93 22.83 17.13
CA ILE T 134 -60.05 22.94 18.58
C ILE T 134 -61.24 22.12 19.08
N VAL T 135 -62.34 22.15 18.34
CA VAL T 135 -63.53 21.38 18.70
C VAL T 135 -63.26 19.86 18.63
N GLU T 136 -62.50 19.41 17.63
CA GLU T 136 -62.16 17.98 17.59
C GLU T 136 -61.31 17.59 18.80
N HIS T 137 -60.35 18.44 19.16
CA HIS T 137 -59.54 18.23 20.36
C HIS T 137 -60.40 18.23 21.62
N PHE T 138 -61.35 19.17 21.69
CA PHE T 138 -62.26 19.30 22.82
C PHE T 138 -63.18 18.09 22.93
N SER T 139 -63.74 17.65 21.81
CA SER T 139 -64.72 16.59 21.77
C SER T 139 -64.13 15.25 22.17
N ASN T 140 -62.92 14.94 21.71
CA ASN T 140 -62.39 13.62 22.00
C ASN T 140 -61.50 13.57 23.23
N ASN T 141 -61.28 14.69 23.93
CA ASN T 141 -60.31 14.77 25.02
C ASN T 141 -58.93 14.31 24.54
N PHE T 142 -58.56 14.74 23.33
CA PHE T 142 -57.28 14.42 22.68
C PHE T 142 -57.09 12.91 22.51
N LYS T 143 -58.03 12.27 21.82
CA LYS T 143 -57.95 10.84 21.55
C LYS T 143 -57.97 10.58 20.04
N MET T 144 -57.07 9.71 19.57
CA MET T 144 -56.98 9.29 18.18
C MET T 144 -57.86 8.05 17.97
N SER T 145 -57.74 7.40 16.81
CA SER T 145 -58.61 6.29 16.44
C SER T 145 -58.50 5.13 17.42
N GLY T 146 -57.28 4.73 17.77
CA GLY T 146 -57.11 3.71 18.79
C GLY T 146 -57.56 4.20 20.15
N SER T 147 -57.21 5.44 20.48
CA SER T 147 -57.55 6.02 21.78
C SER T 147 -59.06 6.25 21.95
N THR T 148 -59.75 6.72 20.89
CA THR T 148 -61.17 7.04 21.02
C THR T 148 -61.99 5.81 21.38
N MET T 149 -61.66 4.67 20.80
CA MET T 149 -62.36 3.44 21.13
C MET T 149 -61.56 2.70 22.18
N ARG T 154 -67.20 4.97 26.23
CA ARG T 154 -67.78 5.78 25.16
C ARG T 154 -68.73 4.89 24.35
N ALA T 155 -69.63 5.51 23.59
CA ALA T 155 -70.58 4.83 22.73
C ALA T 155 -70.41 5.32 21.29
N PRO T 156 -70.83 4.53 20.26
CA PRO T 156 -70.54 4.93 18.87
C PRO T 156 -71.30 6.15 18.39
N GLY T 157 -70.57 7.23 18.16
CA GLY T 157 -71.13 8.49 17.72
C GLY T 157 -71.81 9.28 18.80
N ASN T 158 -71.82 8.77 20.04
CA ASN T 158 -72.53 9.37 21.15
C ASN T 158 -71.65 10.44 21.81
N LEU T 159 -71.52 11.56 21.10
CA LEU T 159 -70.82 12.71 21.67
C LEU T 159 -71.56 13.25 22.89
N GLY T 160 -72.86 13.00 22.96
CA GLY T 160 -73.66 13.38 24.12
C GLY T 160 -73.93 14.86 24.24
N PHE T 161 -73.85 15.61 23.14
CA PHE T 161 -74.19 17.01 23.16
C PHE T 161 -75.71 17.11 23.08
N ASP T 162 -76.35 17.36 24.22
CA ASP T 162 -77.81 17.43 24.31
C ASP T 162 -78.24 18.68 25.05
N PRO T 163 -78.12 19.87 24.44
CA PRO T 163 -78.65 21.07 25.10
C PRO T 163 -80.15 20.98 25.32
N LEU T 164 -80.87 20.46 24.32
CA LEU T 164 -82.31 20.20 24.43
C LEU T 164 -82.49 18.70 24.20
N ASN T 165 -82.90 17.98 25.24
CA ASN T 165 -83.05 16.53 25.08
C ASN T 165 -84.41 16.26 24.46
N PHE T 166 -84.44 16.11 23.14
CA PHE T 166 -85.69 15.71 22.49
C PHE T 166 -86.09 14.32 22.93
N GLY T 167 -85.13 13.40 23.02
CA GLY T 167 -85.39 12.00 23.33
C GLY T 167 -85.44 11.64 24.80
N LYS T 168 -86.43 12.17 25.53
CA LYS T 168 -86.61 11.79 26.93
C LYS T 168 -86.99 10.32 27.06
N ASN T 169 -87.90 9.84 26.20
CA ASN T 169 -88.39 8.47 26.28
C ASN T 169 -87.45 7.48 25.59
N PRO T 170 -87.10 6.37 26.24
CA PRO T 170 -86.25 5.37 25.59
C PRO T 170 -86.93 4.65 24.45
N SER T 171 -88.25 4.46 24.52
CA SER T 171 -88.97 3.90 23.40
C SER T 171 -88.92 4.84 22.20
N ALA T 172 -89.13 6.15 22.45
CA ALA T 172 -89.05 7.14 21.40
C ALA T 172 -87.63 7.24 20.86
N ARG T 173 -86.62 7.17 21.74
CA ARG T 173 -85.25 7.13 21.27
C ARG T 173 -85.00 5.77 20.65
N ALA T 174 -84.00 5.74 19.74
CA ALA T 174 -83.60 4.75 18.74
C ALA T 174 -84.41 4.95 17.48
N ARG T 175 -85.47 5.76 17.54
CA ARG T 175 -86.19 6.16 16.35
C ARG T 175 -85.67 7.52 15.92
N TYR T 176 -85.13 8.25 16.90
CA TYR T 176 -84.41 9.46 16.60
C TYR T 176 -83.03 9.08 16.06
N GLU T 177 -82.44 8.03 16.62
CA GLU T 177 -81.21 7.43 16.08
C GLU T 177 -81.40 7.04 14.62
N LEU T 178 -82.46 6.27 14.34
CA LEU T 178 -82.75 5.80 12.98
C LEU T 178 -82.96 6.98 12.05
N ALA T 179 -83.66 8.01 12.55
CA ALA T 179 -83.95 9.20 11.75
C ALA T 179 -82.65 9.90 11.38
N GLU T 180 -81.73 10.01 12.34
CA GLU T 180 -80.49 10.74 12.09
C GLU T 180 -79.68 10.05 11.02
N ILE T 181 -79.56 8.72 11.11
CA ILE T 181 -78.71 8.03 10.14
C ILE T 181 -79.31 8.11 8.73
N LYS T 182 -80.63 7.90 8.60
CA LYS T 182 -81.22 7.95 7.26
C LYS T 182 -81.19 9.37 6.64
N ASN T 183 -81.48 10.39 7.44
CA ASN T 183 -81.40 11.77 6.96
C ASN T 183 -79.97 12.20 6.65
N GLY T 184 -79.00 11.72 7.43
CA GLY T 184 -77.61 12.04 7.16
C GLY T 184 -77.09 11.41 5.88
N ARG T 185 -77.45 10.15 5.63
CA ARG T 185 -77.03 9.50 4.39
C ARG T 185 -77.62 10.23 3.18
N LEU T 186 -78.91 10.57 3.26
CA LEU T 186 -79.54 11.36 2.20
C LEU T 186 -78.82 12.68 2.01
N ALA T 187 -78.45 13.33 3.11
CA ALA T 187 -77.74 14.60 3.06
C ALA T 187 -76.38 14.47 2.38
N MET T 188 -75.64 13.38 2.63
CA MET T 188 -74.33 13.24 2.02
C MET T 188 -74.45 13.17 0.51
N LEU T 189 -75.39 12.35 0.04
CA LEU T 189 -75.60 12.26 -1.41
C LEU T 189 -76.13 13.58 -1.97
N GLY T 190 -77.04 14.23 -1.27
CA GLY T 190 -77.59 15.49 -1.75
C GLY T 190 -76.60 16.64 -1.79
N PHE T 191 -75.76 16.77 -0.74
CA PHE T 191 -74.74 17.82 -0.76
C PHE T 191 -73.77 17.59 -1.91
N GLY T 192 -73.37 16.33 -2.15
CA GLY T 192 -72.48 16.10 -3.28
C GLY T 192 -73.16 16.46 -4.60
N GLY T 193 -74.43 16.10 -4.71
CA GLY T 193 -75.20 16.36 -5.91
C GLY T 193 -75.35 17.81 -6.27
N MET T 194 -75.58 18.63 -5.20
CA MET T 194 -75.64 20.10 -5.19
C MET T 194 -74.30 20.75 -5.48
N ILE T 195 -73.23 20.27 -4.84
CA ILE T 195 -71.92 20.91 -5.01
C ILE T 195 -71.45 20.72 -6.45
N HIS T 196 -71.65 19.53 -7.01
CA HIS T 196 -71.31 19.34 -8.41
C HIS T 196 -72.26 20.10 -9.33
N GLY T 197 -73.56 20.17 -8.99
CA GLY T 197 -74.45 21.02 -9.79
C GLY T 197 -74.01 22.48 -9.78
N CYS T 198 -73.53 22.97 -8.63
CA CYS T 198 -72.96 24.31 -8.56
C CYS T 198 -71.75 24.45 -9.46
N PHE T 199 -70.91 23.41 -9.52
CA PHE T 199 -69.76 23.44 -10.43
C PHE T 199 -70.23 23.53 -11.88
N ILE T 200 -71.28 22.79 -12.24
CA ILE T 200 -71.70 22.71 -13.63
C ILE T 200 -72.62 23.86 -14.04
N THR T 201 -73.79 23.97 -13.42
CA THR T 201 -74.72 25.04 -13.76
C THR T 201 -74.21 26.40 -13.30
N GLY T 202 -73.68 26.47 -12.09
CA GLY T 202 -73.18 27.72 -11.54
C GLY T 202 -74.22 28.64 -10.96
N LYS T 203 -75.49 28.20 -10.89
CA LYS T 203 -76.59 29.06 -10.47
C LYS T 203 -77.04 28.84 -9.04
N GLY T 204 -76.45 27.92 -8.30
CA GLY T 204 -76.96 27.62 -6.98
C GLY T 204 -77.98 26.50 -7.03
N PRO T 205 -78.29 25.91 -5.88
CA PRO T 205 -79.14 24.70 -5.89
C PRO T 205 -80.57 24.89 -6.43
N ILE T 206 -81.32 25.86 -5.89
CA ILE T 206 -82.72 25.99 -6.27
C ILE T 206 -82.85 26.45 -7.72
N GLY T 207 -81.97 27.37 -8.16
CA GLY T 207 -82.03 27.88 -9.51
C GLY T 207 -81.76 26.79 -10.52
N ALA T 208 -80.78 25.93 -10.21
CA ALA T 208 -80.47 24.80 -11.07
C ALA T 208 -81.65 23.85 -11.16
N LEU T 209 -82.26 23.53 -10.02
CA LEU T 209 -83.34 22.54 -10.02
C LEU T 209 -84.54 23.02 -10.82
N THR T 210 -84.99 24.25 -10.58
CA THR T 210 -86.15 24.76 -11.30
C THR T 210 -85.82 24.98 -12.76
N SER T 211 -84.67 25.59 -13.05
CA SER T 211 -84.26 25.88 -14.43
C SER T 211 -83.40 24.75 -14.99
N MET T 212 -84.04 23.61 -15.20
CA MET T 212 -83.37 22.53 -15.89
C MET T 212 -83.18 22.97 -17.34
N ASP T 213 -82.08 22.54 -17.96
CA ASP T 213 -81.90 22.85 -19.37
C ASP T 213 -83.09 22.23 -20.10
N TRP T 214 -83.80 23.03 -20.87
CA TRP T 214 -85.04 22.57 -21.48
C TRP T 214 -85.04 22.93 -22.95
N HIS T 215 -85.10 21.89 -23.79
CA HIS T 215 -85.25 21.93 -25.24
C HIS T 215 -83.97 22.32 -25.97
N GLN T 216 -82.80 22.21 -25.34
CA GLN T 216 -81.53 22.44 -26.02
C GLN T 216 -80.56 21.31 -25.68
N SER T 217 -79.79 20.89 -26.68
CA SER T 217 -78.79 19.81 -26.60
C SER T 217 -77.97 19.72 -25.30
N MET U 38 -70.55 -41.14 -25.76
CA MET U 38 -70.77 -40.30 -26.93
C MET U 38 -71.60 -39.10 -26.50
N SER U 39 -71.69 -38.09 -27.36
CA SER U 39 -72.40 -36.86 -27.06
C SER U 39 -73.74 -36.83 -27.77
N GLU U 40 -74.76 -36.32 -27.07
CA GLU U 40 -76.09 -36.22 -27.66
C GLU U 40 -76.09 -35.29 -28.87
N SER U 41 -75.35 -34.18 -28.80
CA SER U 41 -75.27 -33.25 -29.92
C SER U 41 -74.45 -33.83 -31.07
N VAL U 42 -73.20 -34.21 -30.79
CA VAL U 42 -72.29 -34.75 -31.80
C VAL U 42 -72.10 -36.23 -31.51
N PRO U 43 -72.68 -37.12 -32.31
CA PRO U 43 -72.56 -38.57 -32.02
C PRO U 43 -71.15 -39.10 -32.08
N PHE U 44 -70.35 -38.67 -33.07
CA PHE U 44 -69.01 -39.23 -33.25
C PHE U 44 -68.08 -38.94 -32.07
N LEU U 45 -68.12 -37.74 -31.51
CA LEU U 45 -67.21 -37.39 -30.43
C LEU U 45 -67.70 -37.92 -29.09
N LYS U 46 -66.75 -38.06 -28.15
CA LYS U 46 -67.06 -38.52 -26.81
C LYS U 46 -67.80 -37.42 -26.04
N LYS U 47 -68.56 -37.86 -25.04
CA LYS U 47 -69.30 -36.94 -24.18
C LYS U 47 -68.31 -36.05 -23.41
N PRO U 48 -68.57 -34.75 -23.32
CA PRO U 48 -67.69 -33.88 -22.52
C PRO U 48 -67.77 -34.24 -21.05
N GLU U 49 -66.60 -34.44 -20.44
CA GLU U 49 -66.55 -34.93 -19.07
C GLU U 49 -67.05 -33.89 -18.07
N ALA U 50 -66.63 -32.64 -18.21
CA ALA U 50 -67.01 -31.62 -17.24
C ALA U 50 -68.52 -31.35 -17.24
N LEU U 51 -69.11 -31.28 -18.44
CA LEU U 51 -70.52 -30.96 -18.58
C LEU U 51 -71.41 -32.07 -18.02
N ASP U 52 -72.51 -31.68 -17.39
CA ASP U 52 -73.46 -32.65 -16.85
C ASP U 52 -74.88 -32.28 -17.27
N SER U 53 -75.74 -33.30 -17.27
CA SER U 53 -77.14 -33.15 -17.67
C SER U 53 -77.92 -32.21 -16.76
N SER U 54 -77.56 -32.14 -15.49
CA SER U 54 -78.33 -31.34 -14.54
C SER U 54 -78.33 -29.86 -14.93
N MET U 55 -77.20 -29.35 -15.42
CA MET U 55 -77.08 -27.95 -15.77
C MET U 55 -78.04 -27.60 -16.91
N ALA U 56 -78.64 -26.41 -16.81
CA ALA U 56 -79.62 -25.98 -17.78
C ALA U 56 -78.96 -25.74 -19.14
N GLY U 57 -79.73 -25.96 -20.19
CA GLY U 57 -79.23 -25.81 -21.55
C GLY U 57 -78.10 -26.76 -21.88
N TYR U 58 -78.21 -28.01 -21.45
CA TYR U 58 -77.20 -29.02 -21.71
C TYR U 58 -77.58 -29.80 -22.98
N ALA U 59 -76.74 -29.68 -24.00
CA ALA U 59 -76.88 -30.49 -25.21
C ALA U 59 -75.69 -31.42 -25.39
N GLY U 60 -74.80 -31.49 -24.41
CA GLY U 60 -73.57 -32.26 -24.53
C GLY U 60 -72.66 -31.76 -25.63
N PHE U 61 -72.66 -30.45 -25.89
CA PHE U 61 -71.92 -29.88 -26.99
C PHE U 61 -70.70 -29.13 -26.47
N ASP U 62 -69.52 -29.71 -26.68
CA ASP U 62 -68.23 -29.08 -26.44
C ASP U 62 -67.17 -29.87 -27.19
N PRO U 63 -67.14 -29.79 -28.53
CA PRO U 63 -66.16 -30.59 -29.29
C PRO U 63 -64.72 -30.30 -28.97
N LEU U 64 -64.37 -29.04 -28.72
CA LEU U 64 -62.99 -28.69 -28.46
C LEU U 64 -62.62 -28.86 -26.99
N GLY U 65 -63.56 -29.24 -26.15
CA GLY U 65 -63.31 -29.50 -24.74
C GLY U 65 -62.84 -28.29 -23.96
N LEU U 66 -63.38 -27.11 -24.28
CA LEU U 66 -63.02 -25.88 -23.57
C LEU U 66 -63.45 -25.92 -22.11
N SER U 67 -64.48 -26.70 -21.81
CA SER U 67 -64.97 -26.86 -20.44
C SER U 67 -63.92 -27.49 -19.53
N SER U 68 -63.10 -28.40 -20.05
CA SER U 68 -62.02 -28.97 -19.25
C SER U 68 -60.97 -27.92 -18.87
N ILE U 69 -60.62 -27.04 -19.82
CA ILE U 69 -59.57 -26.06 -19.59
C ILE U 69 -59.94 -25.06 -18.50
N ALA U 70 -61.19 -24.60 -18.48
CA ALA U 70 -61.59 -23.56 -17.54
C ALA U 70 -62.69 -24.07 -16.64
N ASP U 71 -62.80 -23.48 -15.46
CA ASP U 71 -63.80 -23.91 -14.47
C ASP U 71 -65.20 -23.77 -15.06
N ILE U 72 -66.00 -24.83 -14.94
CA ILE U 72 -67.32 -24.87 -15.56
C ILE U 72 -68.24 -23.81 -14.96
N LYS U 73 -68.12 -23.53 -13.66
CA LYS U 73 -68.97 -22.53 -13.03
C LYS U 73 -68.73 -21.14 -13.64
N PHE U 74 -67.46 -20.82 -13.93
CA PHE U 74 -67.13 -19.56 -14.58
C PHE U 74 -67.73 -19.50 -15.97
N LEU U 75 -67.64 -20.60 -16.72
CA LEU U 75 -68.19 -20.64 -18.07
C LEU U 75 -69.70 -20.50 -18.06
N GLN U 76 -70.38 -21.10 -17.07
CA GLN U 76 -71.82 -20.96 -16.96
C GLN U 76 -72.21 -19.52 -16.67
N GLU U 77 -71.50 -18.87 -15.75
CA GLU U 77 -71.80 -17.48 -15.41
C GLU U 77 -71.57 -16.57 -16.61
N SER U 78 -70.46 -16.78 -17.32
CA SER U 78 -70.17 -16.00 -18.51
C SER U 78 -71.21 -16.23 -19.61
N GLU U 79 -71.62 -17.47 -19.83
CA GLU U 79 -72.59 -17.73 -20.89
C GLU U 79 -73.90 -17.02 -20.60
N ILE U 80 -74.36 -17.09 -19.34
CA ILE U 80 -75.60 -16.41 -18.95
C ILE U 80 -75.48 -14.90 -19.13
N LYS U 81 -74.34 -14.33 -18.70
CA LYS U 81 -74.14 -12.89 -18.84
C LYS U 81 -74.11 -12.46 -20.30
N HIS U 82 -73.42 -13.23 -21.15
CA HIS U 82 -73.35 -12.94 -22.57
C HIS U 82 -74.76 -13.01 -23.16
N CYS U 83 -75.54 -14.01 -22.73
CA CYS U 83 -76.91 -14.18 -23.23
C CYS U 83 -77.78 -12.98 -22.89
N ARG U 84 -77.69 -12.47 -21.66
CA ARG U 84 -78.58 -11.39 -21.26
C ARG U 84 -78.19 -10.06 -21.92
N ILE U 85 -76.89 -9.77 -21.99
CA ILE U 85 -76.46 -8.56 -22.70
C ILE U 85 -76.87 -8.64 -24.16
N ALA U 86 -76.68 -9.79 -24.79
CA ALA U 86 -77.06 -9.94 -26.18
C ALA U 86 -78.57 -9.83 -26.38
N MET U 87 -79.35 -10.34 -25.43
CA MET U 87 -80.81 -10.28 -25.56
C MET U 87 -81.28 -8.84 -25.56
N LEU U 88 -80.72 -8.04 -24.62
CA LEU U 88 -81.02 -6.63 -24.61
C LEU U 88 -80.57 -5.97 -25.91
N ALA U 89 -79.40 -6.37 -26.41
CA ALA U 89 -78.85 -5.76 -27.62
C ALA U 89 -79.73 -6.02 -28.83
N ALA U 90 -80.19 -7.27 -29.01
CA ALA U 90 -81.00 -7.60 -30.18
C ALA U 90 -82.35 -6.90 -30.13
N ALA U 91 -82.99 -6.88 -28.95
CA ALA U 91 -84.26 -6.16 -28.83
C ALA U 91 -84.07 -4.68 -29.07
N GLY U 92 -83.00 -4.11 -28.54
CA GLY U 92 -82.71 -2.70 -28.78
C GLY U 92 -82.47 -2.41 -30.23
N SER U 93 -81.79 -3.31 -30.93
CA SER U 93 -81.48 -3.10 -32.33
C SER U 93 -82.77 -3.01 -33.14
N ILE U 94 -83.72 -3.91 -32.88
CA ILE U 94 -85.01 -3.82 -33.56
C ILE U 94 -85.77 -2.56 -33.12
N ALA U 95 -85.74 -2.25 -31.81
CA ALA U 95 -86.53 -1.15 -31.26
C ALA U 95 -86.11 0.19 -31.83
N GLN U 96 -84.80 0.41 -31.98
CA GLN U 96 -84.31 1.69 -32.49
C GLN U 96 -84.83 1.93 -33.91
N ASP U 97 -84.96 0.87 -34.71
CA ASP U 97 -85.59 1.01 -36.01
C ASP U 97 -87.05 1.41 -35.87
N ILE U 98 -87.79 0.71 -34.98
CA ILE U 98 -89.23 0.97 -34.88
C ILE U 98 -89.51 2.36 -34.32
N PHE U 99 -88.86 2.73 -33.23
CA PHE U 99 -89.17 4.01 -32.60
C PHE U 99 -87.93 4.56 -31.93
N THR U 100 -87.91 5.87 -31.79
CA THR U 100 -86.81 6.57 -31.14
C THR U 100 -87.37 7.54 -30.11
N PHE U 101 -86.68 7.68 -28.98
CA PHE U 101 -87.13 8.48 -27.86
C PHE U 101 -87.17 9.97 -28.22
N PRO U 102 -88.03 10.75 -27.56
CA PRO U 102 -88.17 12.17 -27.92
C PRO U 102 -86.88 12.98 -27.82
N GLY U 103 -86.57 13.64 -28.93
CA GLY U 103 -85.44 14.52 -29.05
C GLY U 103 -84.16 13.83 -29.47
N VAL U 104 -84.13 12.50 -29.48
CA VAL U 104 -82.92 11.77 -29.86
C VAL U 104 -82.55 12.05 -31.30
N SER U 105 -83.56 12.21 -32.17
CA SER U 105 -83.35 12.31 -33.62
C SER U 105 -82.44 13.45 -34.01
N LYS U 106 -82.46 14.57 -33.30
CA LYS U 106 -81.54 15.65 -33.63
C LYS U 106 -80.09 15.20 -33.43
N VAL U 107 -79.80 14.55 -32.30
CA VAL U 107 -78.45 14.14 -32.00
C VAL U 107 -77.96 13.06 -32.95
N VAL U 108 -78.78 12.05 -33.23
CA VAL U 108 -78.42 11.00 -34.19
C VAL U 108 -79.04 11.36 -35.53
N GLY U 109 -78.23 11.88 -36.45
CA GLY U 109 -78.78 12.31 -37.71
C GLY U 109 -79.29 11.15 -38.56
N THR U 110 -78.47 10.14 -38.80
CA THR U 110 -78.87 9.05 -39.69
C THR U 110 -78.25 7.73 -39.25
N ALA U 111 -77.18 7.80 -38.46
CA ALA U 111 -76.46 6.60 -38.06
C ALA U 111 -77.34 5.67 -37.24
N LYS U 112 -77.14 4.36 -37.44
CA LYS U 112 -77.96 3.35 -36.73
C LYS U 112 -77.01 2.34 -36.10
N MET U 113 -77.50 1.49 -35.19
CA MET U 113 -76.64 0.39 -34.66
C MET U 113 -75.32 0.95 -34.11
N THR U 114 -74.19 0.45 -34.59
CA THR U 114 -72.86 0.88 -34.08
C THR U 114 -72.66 2.38 -34.30
N GLY U 115 -73.18 2.94 -35.40
CA GLY U 115 -72.96 4.36 -35.71
C GLY U 115 -73.50 5.29 -34.64
N VAL U 116 -74.66 4.96 -34.06
CA VAL U 116 -75.29 5.85 -33.02
C VAL U 116 -74.32 5.95 -31.83
N HIS U 117 -73.63 4.85 -31.51
CA HIS U 117 -72.75 4.84 -30.32
C HIS U 117 -71.71 5.96 -30.44
N ASP U 118 -71.14 6.15 -31.63
CA ASP U 118 -70.08 7.18 -31.82
C ASP U 118 -70.60 8.56 -31.42
N VAL U 119 -71.83 8.91 -31.84
CA VAL U 119 -72.38 10.23 -31.58
C VAL U 119 -72.76 10.34 -30.11
N LEU U 120 -73.34 9.29 -29.57
CA LEU U 120 -73.72 9.33 -28.16
C LEU U 120 -72.51 9.20 -27.25
N VAL U 121 -71.39 8.71 -27.77
CA VAL U 121 -70.12 8.72 -27.05
C VAL U 121 -69.63 10.15 -26.92
N LYS U 122 -69.74 10.94 -28.01
CA LYS U 122 -69.41 12.35 -27.95
C LYS U 122 -70.31 13.06 -26.96
N GLN U 123 -71.62 12.90 -27.10
CA GLN U 123 -72.58 13.36 -26.11
C GLN U 123 -72.43 12.46 -24.86
N GLY U 124 -73.17 12.74 -23.79
CA GLY U 124 -72.94 12.01 -22.58
C GLY U 124 -73.61 10.66 -22.39
N ALA U 125 -74.38 10.16 -23.37
CA ALA U 125 -75.21 8.97 -23.14
C ALA U 125 -74.39 7.72 -22.83
N MET U 126 -73.42 7.40 -23.70
CA MET U 126 -72.68 6.15 -23.58
C MET U 126 -71.88 6.11 -22.28
N GLY U 127 -71.28 7.24 -21.91
CA GLY U 127 -70.48 7.31 -20.68
C GLY U 127 -71.33 7.07 -19.45
N GLN U 128 -72.51 7.69 -19.41
CA GLN U 128 -73.44 7.52 -18.26
C GLN U 128 -73.89 6.07 -18.16
N ILE U 129 -74.19 5.43 -19.29
CA ILE U 129 -74.55 3.97 -19.26
C ILE U 129 -73.35 3.19 -18.73
N LEU U 130 -72.17 3.38 -19.31
CA LEU U 130 -70.97 2.69 -18.85
C LEU U 130 -70.81 2.84 -17.34
N LEU U 131 -71.03 4.04 -16.80
CA LEU U 131 -70.79 4.29 -15.39
C LEU U 131 -71.73 3.45 -14.53
N TRP U 132 -73.02 3.47 -14.88
CA TRP U 132 -73.97 2.73 -14.06
C TRP U 132 -73.81 1.21 -14.24
N THR U 133 -73.55 0.74 -15.47
CA THR U 133 -73.28 -0.69 -15.64
C THR U 133 -72.03 -1.12 -14.88
N SER U 134 -70.99 -0.28 -14.88
CA SER U 134 -69.77 -0.61 -14.16
C SER U 134 -70.03 -0.71 -12.67
N PHE U 135 -70.87 0.18 -12.15
CA PHE U 135 -71.24 0.10 -10.74
C PHE U 135 -71.95 -1.21 -10.45
N LEU U 136 -72.87 -1.62 -11.34
CA LEU U 136 -73.52 -2.92 -11.18
C LEU U 136 -72.51 -4.07 -11.24
N GLU U 137 -71.57 -4.01 -12.17
CA GLU U 137 -70.58 -5.05 -12.35
C GLU U 137 -69.67 -5.20 -11.14
N VAL U 138 -69.39 -4.12 -10.40
CA VAL U 138 -68.53 -4.26 -9.22
C VAL U 138 -69.13 -5.26 -8.23
N PHE U 139 -70.44 -5.15 -8.00
CA PHE U 139 -71.15 -6.11 -7.20
C PHE U 139 -71.21 -7.46 -7.90
N GLY U 140 -71.30 -7.42 -9.23
CA GLY U 140 -71.22 -8.66 -10.01
C GLY U 140 -69.90 -9.38 -9.83
N THR U 141 -68.80 -8.64 -9.66
CA THR U 141 -67.49 -9.21 -9.38
C THR U 141 -67.51 -9.96 -8.06
N ILE U 142 -68.12 -9.37 -7.04
CA ILE U 142 -68.27 -10.07 -5.76
C ILE U 142 -69.11 -11.35 -5.94
N ALA U 143 -70.19 -11.24 -6.71
CA ALA U 143 -71.04 -12.40 -6.99
C ALA U 143 -70.28 -13.50 -7.74
N LEU U 144 -69.44 -13.10 -8.70
CA LEU U 144 -68.66 -14.06 -9.47
C LEU U 144 -67.71 -14.82 -8.55
N LEU U 145 -67.11 -14.11 -7.59
CA LEU U 145 -66.22 -14.78 -6.65
C LEU U 145 -66.96 -15.83 -5.87
N GLU U 146 -68.19 -15.49 -5.44
CA GLU U 146 -68.97 -16.45 -4.68
C GLU U 146 -69.37 -17.66 -5.52
N THR U 147 -69.65 -17.46 -6.81
CA THR U 147 -69.96 -18.58 -7.69
C THR U 147 -68.75 -19.48 -7.88
N LEU U 148 -67.56 -18.88 -8.07
CA LEU U 148 -66.35 -19.67 -8.28
C LEU U 148 -66.00 -20.50 -7.06
N ASP U 149 -66.21 -19.95 -5.87
CA ASP U 149 -66.00 -20.72 -4.65
C ASP U 149 -66.98 -21.89 -4.52
N GLY U 150 -68.12 -21.82 -5.21
CA GLY U 150 -69.09 -22.89 -5.21
C GLY U 150 -70.25 -22.68 -4.26
N LYS U 151 -70.18 -21.64 -3.42
CA LYS U 151 -71.23 -21.35 -2.45
C LYS U 151 -72.55 -20.95 -3.12
N ARG U 152 -72.49 -20.15 -4.19
CA ARG U 152 -73.67 -19.60 -4.85
C ARG U 152 -73.83 -20.18 -6.24
N ALA U 153 -75.08 -20.50 -6.61
CA ALA U 153 -75.37 -20.99 -7.96
C ALA U 153 -75.11 -19.90 -9.00
N PRO U 154 -74.49 -20.24 -10.12
CA PRO U 154 -74.11 -19.23 -11.11
C PRO U 154 -75.30 -18.58 -11.81
N GLY U 155 -75.19 -17.28 -12.04
CA GLY U 155 -76.16 -16.54 -12.81
C GLY U 155 -77.38 -16.08 -12.05
N ASP U 156 -77.45 -16.33 -10.75
CA ASP U 156 -78.61 -16.02 -9.95
C ASP U 156 -78.29 -14.83 -9.07
N PHE U 157 -79.02 -13.73 -9.29
CA PHE U 157 -78.91 -12.55 -8.46
C PHE U 157 -80.13 -12.38 -7.57
N LYS U 158 -81.00 -13.40 -7.52
CA LYS U 158 -82.23 -13.40 -6.72
C LYS U 158 -83.12 -12.23 -7.10
N PHE U 159 -83.10 -11.88 -8.38
CA PHE U 159 -83.88 -10.77 -8.91
C PHE U 159 -85.14 -11.34 -9.55
N ASP U 160 -86.22 -11.37 -8.79
CA ASP U 160 -87.54 -11.75 -9.30
C ASP U 160 -88.57 -10.79 -8.74
N PRO U 161 -88.63 -9.57 -9.27
CA PRO U 161 -89.55 -8.56 -8.71
C PRO U 161 -90.99 -9.00 -8.77
N LEU U 162 -91.39 -9.57 -9.90
CA LEU U 162 -92.69 -10.17 -10.10
C LEU U 162 -92.46 -11.68 -10.11
N GLY U 163 -93.21 -12.40 -9.29
CA GLY U 163 -92.97 -13.82 -9.15
C GLY U 163 -93.34 -14.54 -10.43
N PHE U 164 -92.38 -15.23 -11.04
CA PHE U 164 -92.61 -16.07 -12.19
C PHE U 164 -92.05 -17.47 -11.99
N SER U 165 -91.20 -17.67 -10.98
CA SER U 165 -90.55 -18.95 -10.75
C SER U 165 -90.67 -19.33 -9.27
N LYS U 166 -91.88 -19.70 -8.86
CA LYS U 166 -92.10 -20.28 -7.54
C LYS U 166 -92.62 -21.69 -7.64
N ASN U 167 -93.00 -22.13 -8.85
CA ASN U 167 -93.54 -23.46 -9.07
C ASN U 167 -92.53 -24.57 -8.78
N ALA U 168 -91.28 -24.38 -9.22
CA ALA U 168 -90.10 -25.26 -9.19
C ALA U 168 -90.12 -26.26 -10.34
N GLU U 169 -91.20 -26.32 -11.12
CA GLU U 169 -91.27 -27.04 -12.38
C GLU U 169 -91.24 -26.07 -13.53
N THR U 170 -92.01 -24.98 -13.39
CA THR U 170 -91.98 -23.88 -14.33
C THR U 170 -90.61 -23.22 -14.36
N ALA U 171 -89.96 -23.12 -13.19
CA ALA U 171 -88.64 -22.50 -13.08
C ALA U 171 -87.63 -23.10 -14.05
N LYS U 172 -87.53 -24.44 -14.08
CA LYS U 172 -86.55 -25.09 -14.96
C LYS U 172 -86.86 -24.82 -16.43
N ARG U 173 -88.15 -24.85 -16.80
CA ARG U 173 -88.55 -24.57 -18.18
C ARG U 173 -88.18 -23.14 -18.56
N TYR U 174 -88.43 -22.20 -17.65
CA TYR U 174 -88.05 -20.80 -17.84
C TYR U 174 -86.55 -20.66 -17.99
N GLN U 175 -85.79 -21.43 -17.21
CA GLN U 175 -84.33 -21.36 -17.30
C GLN U 175 -83.84 -21.85 -18.66
N LEU U 176 -84.40 -22.96 -19.13
CA LEU U 176 -84.05 -23.45 -20.47
C LEU U 176 -84.43 -22.44 -21.54
N SER U 177 -85.59 -21.79 -21.36
CA SER U 177 -86.02 -20.76 -22.30
C SER U 177 -85.03 -19.61 -22.32
N GLU U 178 -84.55 -19.22 -21.13
CA GLU U 178 -83.60 -18.13 -21.04
C GLU U 178 -82.31 -18.48 -21.79
N ILE U 179 -81.81 -19.70 -21.59
CA ILE U 179 -80.57 -20.09 -22.25
C ILE U 179 -80.74 -20.10 -23.76
N LYS U 180 -81.81 -20.71 -24.26
CA LYS U 180 -81.99 -20.81 -25.70
C LYS U 180 -82.24 -19.44 -26.34
N ASN U 181 -83.08 -18.61 -25.72
CA ASN U 181 -83.33 -17.26 -26.22
C ASN U 181 -82.06 -16.42 -26.21
N GLY U 182 -81.27 -16.54 -25.15
CA GLY U 182 -80.01 -15.81 -25.10
C GLY U 182 -79.01 -16.26 -26.15
N ARG U 183 -78.92 -17.57 -26.40
CA ARG U 183 -78.02 -18.08 -27.43
C ARG U 183 -78.45 -17.55 -28.80
N LEU U 184 -79.77 -17.55 -29.05
CA LEU U 184 -80.28 -17.02 -30.29
C LEU U 184 -79.98 -15.55 -30.43
N ALA U 185 -80.08 -14.81 -29.31
CA ALA U 185 -79.82 -13.38 -29.34
C ALA U 185 -78.35 -13.07 -29.54
N MET U 186 -77.45 -13.89 -29.01
CA MET U 186 -76.02 -13.71 -29.29
C MET U 186 -75.75 -13.86 -30.77
N LEU U 187 -76.29 -14.94 -31.36
CA LEU U 187 -76.12 -15.15 -32.80
C LEU U 187 -76.79 -14.03 -33.60
N ALA U 188 -77.97 -13.60 -33.16
CA ALA U 188 -78.72 -12.55 -33.83
C ALA U 188 -77.98 -11.22 -33.79
N THR U 189 -77.43 -10.86 -32.62
CA THR U 189 -76.76 -9.58 -32.48
C THR U 189 -75.58 -9.51 -33.41
N GLY U 190 -74.81 -10.60 -33.51
CA GLY U 190 -73.72 -10.62 -34.47
C GLY U 190 -74.22 -10.51 -35.90
N GLY U 191 -75.32 -11.20 -36.18
CA GLY U 191 -75.88 -11.21 -37.52
C GLY U 191 -76.35 -9.91 -38.09
N MET U 192 -77.04 -9.14 -37.22
CA MET U 192 -77.57 -7.80 -37.46
C MET U 192 -76.45 -6.77 -37.58
N VAL U 193 -75.49 -6.79 -36.64
CA VAL U 193 -74.42 -5.80 -36.70
C VAL U 193 -73.61 -5.98 -37.98
N HIS U 194 -73.37 -7.24 -38.39
CA HIS U 194 -72.61 -7.44 -39.60
C HIS U 194 -73.39 -6.95 -40.81
N GLY U 195 -74.73 -7.16 -40.84
CA GLY U 195 -75.50 -6.56 -41.92
C GLY U 195 -75.40 -5.04 -41.94
N TYR U 196 -75.37 -4.39 -40.76
CA TYR U 196 -75.16 -2.94 -40.71
C TYR U 196 -73.80 -2.57 -41.27
N PHE U 197 -72.78 -3.38 -41.01
CA PHE U 197 -71.44 -3.08 -41.53
C PHE U 197 -71.45 -3.09 -43.04
N ILE U 198 -72.12 -4.07 -43.64
CA ILE U 198 -72.11 -4.18 -45.10
C ILE U 198 -72.89 -3.04 -45.73
N THR U 199 -74.11 -2.77 -45.25
CA THR U 199 -74.94 -1.81 -45.96
C THR U 199 -75.36 -0.58 -45.15
N GLY U 200 -75.35 -0.65 -43.83
CA GLY U 200 -75.84 0.46 -43.04
C GLY U 200 -77.33 0.50 -42.87
N LYS U 201 -78.04 -0.52 -43.33
CA LYS U 201 -79.49 -0.50 -43.30
C LYS U 201 -80.08 -0.60 -41.90
N GLY U 202 -79.53 -1.44 -41.03
CA GLY U 202 -80.21 -1.70 -39.79
C GLY U 202 -81.13 -2.89 -39.98
N PRO U 203 -81.54 -3.55 -38.87
CA PRO U 203 -82.25 -4.83 -39.00
C PRO U 203 -83.57 -4.81 -39.76
N LEU U 204 -84.51 -3.93 -39.40
CA LEU U 204 -85.83 -3.95 -40.04
C LEU U 204 -85.78 -3.38 -41.46
N GLU U 205 -85.04 -2.28 -41.65
CA GLU U 205 -84.96 -1.63 -42.96
C GLU U 205 -84.38 -2.58 -43.99
N LEU U 206 -83.36 -3.36 -43.62
CA LEU U 206 -82.74 -4.28 -44.57
C LEU U 206 -83.76 -5.32 -45.03
N LEU U 207 -84.60 -5.78 -44.11
CA LEU U 207 -85.63 -6.75 -44.47
C LEU U 207 -86.59 -6.14 -45.49
N THR U 208 -87.01 -4.87 -45.27
CA THR U 208 -87.87 -4.24 -46.27
C THR U 208 -87.17 -4.07 -47.60
N ASN U 209 -85.90 -3.63 -47.57
CA ASN U 209 -85.05 -3.36 -48.74
C ASN U 209 -83.77 -2.71 -48.26
N VAL V 57 77.46 -21.48 16.51
CA VAL V 57 78.59 -21.88 17.36
C VAL V 57 79.92 -21.21 16.93
N PRO V 58 80.38 -21.31 15.67
CA PRO V 58 81.62 -20.59 15.31
C PRO V 58 81.40 -19.08 15.38
N GLY V 59 82.49 -18.35 15.62
CA GLY V 59 82.39 -16.92 15.80
C GLY V 59 81.64 -16.51 17.03
N ASP V 60 81.77 -17.27 18.11
CA ASP V 60 81.19 -16.93 19.40
C ASP V 60 82.25 -16.24 20.24
N ALA V 61 81.99 -14.98 20.60
CA ALA V 61 82.82 -14.23 21.53
C ALA V 61 82.02 -13.79 22.75
N GLY V 62 80.80 -14.30 22.91
CA GLY V 62 79.91 -13.87 23.98
C GLY V 62 79.58 -12.40 23.93
N PHE V 63 79.46 -11.85 22.73
CA PHE V 63 79.19 -10.43 22.53
C PHE V 63 77.71 -10.23 22.24
N ASP V 64 76.95 -9.85 23.26
CA ASP V 64 75.54 -9.52 23.11
C ASP V 64 75.13 -8.50 24.17
N PRO V 65 75.58 -7.25 24.04
CA PRO V 65 75.12 -6.23 25.00
C PRO V 65 73.63 -5.96 24.88
N LEU V 66 73.11 -5.91 23.65
CA LEU V 66 71.70 -5.65 23.42
C LEU V 66 70.86 -6.92 23.52
N THR V 67 71.50 -8.08 23.69
CA THR V 67 70.85 -9.38 23.88
C THR V 67 69.84 -9.71 22.78
N ILE V 68 70.24 -9.47 21.53
CA ILE V 68 69.36 -9.72 20.39
C ILE V 68 69.03 -11.20 20.26
N SER V 69 69.95 -12.07 20.70
CA SER V 69 69.80 -13.52 20.52
C SER V 69 68.53 -14.05 21.16
N ALA V 70 68.15 -13.51 22.32
CA ALA V 70 66.97 -13.98 23.02
C ALA V 70 65.68 -13.72 22.24
N TRP V 71 65.56 -12.56 21.60
CA TRP V 71 64.31 -12.16 21.00
C TRP V 71 64.18 -12.48 19.52
N LEU V 72 65.18 -13.12 18.90
CA LEU V 72 65.04 -13.57 17.53
C LEU V 72 65.68 -14.95 17.41
N ASP V 73 65.26 -15.71 16.41
CA ASP V 73 65.77 -17.07 16.24
C ASP V 73 67.25 -17.06 15.91
N SER V 74 68.00 -17.93 16.58
CA SER V 74 69.44 -18.03 16.35
C SER V 74 69.77 -18.51 14.95
N ARG V 75 69.01 -19.47 14.41
CA ARG V 75 69.32 -20.02 13.10
C ARG V 75 69.20 -18.95 12.02
N TRP V 76 68.15 -18.14 12.10
CA TRP V 76 67.97 -17.03 11.17
C TRP V 76 69.09 -16.01 11.31
N LEU V 77 69.44 -15.69 12.57
CA LEU V 77 70.48 -14.67 12.84
C LEU V 77 71.84 -15.14 12.31
N ARG V 78 72.26 -16.35 12.66
CA ARG V 78 73.58 -16.87 12.22
C ARG V 78 73.61 -17.01 10.69
N GLU V 79 72.51 -17.50 10.10
CA GLU V 79 72.42 -17.60 8.62
C GLU V 79 72.51 -16.20 8.01
N ALA V 80 71.81 -15.23 8.63
CA ALA V 80 71.85 -13.85 8.12
C ALA V 80 73.28 -13.31 8.21
N GLU V 81 73.97 -13.57 9.33
CA GLU V 81 75.34 -13.05 9.52
C GLU V 81 76.27 -13.69 8.49
N ILE V 82 76.15 -15.01 8.28
CA ILE V 82 77.08 -15.70 7.33
C ILE V 82 76.82 -15.18 5.91
N LYS V 83 75.55 -14.94 5.55
CA LYS V 83 75.22 -14.40 4.21
C LYS V 83 75.84 -13.00 4.08
N HIS V 84 75.72 -12.17 5.12
CA HIS V 84 76.33 -10.81 5.10
C HIS V 84 77.85 -10.92 5.01
N CYS V 85 78.44 -11.86 5.75
CA CYS V 85 79.91 -12.06 5.73
C CYS V 85 80.35 -12.39 4.30
N ARG V 86 79.65 -13.31 3.64
CA ARG V 86 80.03 -13.74 2.30
C ARG V 86 79.91 -12.59 1.31
N VAL V 87 78.80 -11.84 1.40
CA VAL V 87 78.58 -10.73 0.47
C VAL V 87 79.67 -9.69 0.68
N ALA V 88 80.00 -9.39 1.93
CA ALA V 88 81.00 -8.38 2.24
C ALA V 88 82.39 -8.80 1.75
N MET V 89 82.76 -10.07 1.96
CA MET V 89 84.07 -10.52 1.52
C MET V 89 84.19 -10.39 0.01
N LEU V 90 83.15 -10.81 -0.70
CA LEU V 90 83.15 -10.71 -2.15
C LEU V 90 83.28 -9.26 -2.57
N ALA V 91 82.53 -8.36 -1.93
CA ALA V 91 82.52 -6.96 -2.30
C ALA V 91 83.87 -6.29 -2.04
N ALA V 92 84.48 -6.55 -0.88
CA ALA V 92 85.78 -5.95 -0.58
C ALA V 92 86.87 -6.47 -1.53
N ALA V 93 86.84 -7.78 -1.83
CA ALA V 93 87.80 -8.34 -2.77
C ALA V 93 87.60 -7.72 -4.15
N GLY V 94 86.32 -7.51 -4.52
CA GLY V 94 86.03 -6.93 -5.81
C GLY V 94 86.50 -5.51 -5.91
N CYS V 95 86.33 -4.73 -4.84
CA CYS V 95 86.75 -3.33 -4.82
C CYS V 95 88.26 -3.18 -4.96
N ILE V 96 89.04 -4.02 -4.27
CA ILE V 96 90.50 -3.93 -4.48
C ILE V 96 90.90 -4.47 -5.86
N ALA V 97 90.33 -5.61 -6.28
CA ALA V 97 90.71 -6.24 -7.54
C ALA V 97 90.36 -5.36 -8.73
N GLN V 98 89.20 -4.72 -8.70
CA GLN V 98 88.72 -3.95 -9.83
C GLN V 98 89.66 -2.76 -10.09
N ASP V 99 90.19 -2.16 -9.02
CA ASP V 99 91.23 -1.14 -9.19
C ASP V 99 92.47 -1.76 -9.83
N ILE V 100 92.83 -2.99 -9.43
CA ILE V 100 94.03 -3.62 -10.01
C ILE V 100 93.88 -3.84 -11.52
N PHE V 101 92.72 -4.31 -11.98
CA PHE V 101 92.55 -4.66 -13.39
C PHE V 101 91.10 -4.47 -13.81
N GLN V 102 90.88 -4.20 -15.09
CA GLN V 102 89.55 -3.98 -15.66
C GLN V 102 89.13 -5.16 -16.54
N PHE V 103 87.91 -5.65 -16.33
CA PHE V 103 87.36 -6.68 -17.22
C PHE V 103 87.11 -6.11 -18.62
N PRO V 104 87.37 -6.89 -19.67
CA PRO V 104 87.32 -6.36 -21.05
C PRO V 104 85.98 -5.75 -21.44
N GLY V 105 86.06 -4.56 -22.03
CA GLY V 105 84.87 -3.83 -22.46
C GLY V 105 84.07 -3.23 -21.33
N ALA V 106 84.60 -3.26 -20.11
CA ALA V 106 83.86 -2.82 -18.93
C ALA V 106 84.73 -1.97 -18.02
N ALA V 118 79.38 4.96 -7.24
CA ALA V 118 78.92 5.58 -8.48
C ALA V 118 78.83 4.57 -9.61
N LEU V 119 79.68 3.54 -9.56
CA LEU V 119 79.79 2.57 -10.66
C LEU V 119 78.47 1.88 -10.94
N HIS V 120 77.60 1.76 -9.91
CA HIS V 120 76.30 1.11 -10.04
C HIS V 120 75.51 1.76 -11.15
N ASP V 121 75.61 3.09 -11.28
CA ASP V 121 74.87 3.83 -12.30
C ASP V 121 75.30 3.43 -13.71
N ALA V 122 76.61 3.44 -13.96
CA ALA V 122 77.12 2.97 -15.25
C ALA V 122 76.63 1.55 -15.51
N ALA V 123 76.70 0.69 -14.48
CA ALA V 123 76.31 -0.71 -14.64
C ALA V 123 74.82 -0.86 -14.98
N VAL V 124 73.96 -0.11 -14.29
CA VAL V 124 72.52 -0.22 -14.54
C VAL V 124 72.21 0.32 -15.93
N LYS V 125 72.88 1.41 -16.35
CA LYS V 125 72.68 1.88 -17.71
C LYS V 125 73.15 0.85 -18.72
N ALA V 126 74.29 0.21 -18.42
CA ALA V 126 74.80 -0.88 -19.23
C ALA V 126 73.83 -2.06 -19.19
N GLY V 127 73.15 -2.23 -18.05
CA GLY V 127 72.15 -3.31 -17.93
C GLY V 127 72.72 -4.52 -17.20
N SER V 128 73.98 -4.44 -16.78
CA SER V 128 74.64 -5.59 -16.10
C SER V 128 73.92 -5.91 -14.80
N MET V 129 73.55 -4.89 -14.03
CA MET V 129 72.90 -5.12 -12.71
C MET V 129 71.57 -5.83 -12.89
N GLY V 130 70.79 -5.47 -13.92
CA GLY V 130 69.45 -6.06 -14.09
C GLY V 130 69.48 -7.56 -14.33
N GLN V 131 70.38 -8.02 -15.21
CA GLN V 131 70.53 -9.48 -15.45
C GLN V 131 71.05 -10.15 -14.18
N MET V 132 72.02 -9.51 -13.51
CA MET V 132 72.59 -10.08 -12.26
C MET V 132 71.47 -10.19 -11.22
N LEU V 133 70.60 -9.18 -11.14
CA LEU V 133 69.51 -9.18 -10.14
C LEU V 133 68.61 -10.39 -10.39
N PHE V 134 68.30 -10.67 -11.66
CA PHE V 134 67.38 -11.79 -11.98
C PHE V 134 67.99 -13.12 -11.52
N TRP V 135 69.28 -13.33 -11.83
CA TRP V 135 69.95 -14.60 -11.47
C TRP V 135 70.15 -14.73 -9.96
N ILE V 136 70.52 -13.63 -9.28
CA ILE V 136 70.67 -13.65 -7.80
C ILE V 136 69.29 -13.91 -7.19
N GLY V 137 68.26 -13.22 -7.69
CA GLY V 137 66.92 -13.41 -7.19
C GLY V 137 66.46 -14.84 -7.33
N PHE V 138 66.82 -15.50 -8.43
CA PHE V 138 66.46 -16.90 -8.60
C PHE V 138 67.12 -17.77 -7.52
N VAL V 139 68.42 -17.53 -7.28
CA VAL V 139 69.12 -18.29 -6.25
C VAL V 139 68.50 -18.02 -4.88
N GLU V 140 68.14 -16.76 -4.62
CA GLU V 140 67.52 -16.39 -3.35
C GLU V 140 66.13 -16.99 -3.17
N ALA V 141 65.33 -17.07 -4.24
CA ALA V 141 64.03 -17.71 -4.14
C ALA V 141 64.17 -19.19 -3.82
N ILE V 142 65.11 -19.87 -4.48
CA ILE V 142 65.36 -21.28 -4.14
C ILE V 142 65.87 -21.39 -2.71
N SER V 143 66.73 -20.45 -2.30
CA SER V 143 67.26 -20.42 -0.95
C SER V 143 66.19 -20.20 0.12
N THR V 144 65.18 -19.38 -0.18
CA THR V 144 64.18 -19.05 0.83
C THR V 144 63.43 -20.30 1.30
N ALA V 145 63.21 -21.26 0.40
CA ALA V 145 62.64 -22.53 0.82
C ALA V 145 63.55 -23.21 1.83
N ALA V 146 64.87 -23.17 1.59
CA ALA V 146 65.83 -23.79 2.51
C ALA V 146 65.82 -23.11 3.88
N THR V 147 65.84 -21.77 3.89
CA THR V 147 65.91 -21.03 5.18
C THR V 147 64.61 -21.29 5.96
N ILE V 148 63.48 -21.37 5.27
CA ILE V 148 62.18 -21.69 5.95
C ILE V 148 62.28 -23.11 6.52
N GLN V 149 62.88 -24.04 5.77
CA GLN V 149 63.01 -25.45 6.24
C GLN V 149 63.85 -25.48 7.51
N MET V 150 64.94 -24.69 7.56
CA MET V 150 65.80 -24.65 8.77
C MET V 150 65.00 -24.10 9.96
N LEU V 151 64.21 -23.05 9.72
CA LEU V 151 63.37 -22.45 10.80
C LEU V 151 62.35 -23.48 11.29
N GLN V 152 61.74 -24.23 10.37
CA GLN V 152 60.77 -25.30 10.76
C GLN V 152 61.51 -26.36 11.58
N GLY V 153 62.74 -26.71 11.17
CA GLY V 153 63.51 -27.75 11.87
C GLY V 153 64.68 -28.23 11.04
N GLY V 173 89.69 -29.94 11.58
CA GLY V 173 90.08 -28.68 10.99
C GLY V 173 88.99 -27.92 10.24
N ARG V 174 87.91 -28.62 9.89
CA ARG V 174 86.78 -27.98 9.20
C ARG V 174 86.13 -26.90 10.08
N ALA V 175 86.05 -27.17 11.38
CA ALA V 175 85.48 -26.18 12.33
C ALA V 175 86.34 -24.91 12.31
N ARG V 176 87.66 -25.06 12.20
CA ARG V 176 88.57 -23.90 12.12
C ARG V 176 88.26 -23.09 10.84
N MET V 177 87.96 -23.79 9.74
CA MET V 177 87.62 -23.12 8.46
C MET V 177 86.35 -22.29 8.66
N GLU V 178 85.37 -22.82 9.40
CA GLU V 178 84.12 -22.06 9.68
C GLU V 178 84.46 -20.80 10.48
N LEU V 179 85.34 -20.92 11.47
CA LEU V 179 85.74 -19.75 12.29
C LEU V 179 86.45 -18.71 11.40
N SER V 180 87.34 -19.17 10.52
CA SER V 180 88.04 -18.24 9.59
C SER V 180 87.03 -17.58 8.66
N GLU V 181 86.04 -18.34 8.18
CA GLU V 181 85.03 -17.78 7.24
C GLU V 181 84.26 -16.66 7.94
N ILE V 182 83.87 -16.88 9.20
CA ILE V 182 83.04 -15.86 9.89
C ILE V 182 83.92 -14.66 10.27
N LYS V 183 85.17 -14.90 10.70
CA LYS V 183 86.01 -13.78 11.12
C LYS V 183 86.43 -12.89 9.94
N ASN V 184 86.86 -13.52 8.83
CA ASN V 184 87.20 -12.76 7.63
C ASN V 184 85.98 -12.00 7.11
N GLY V 185 84.80 -12.62 7.18
CA GLY V 185 83.59 -11.94 6.74
C GLY V 185 83.26 -10.72 7.58
N ARG V 186 83.36 -10.85 8.92
CA ARG V 186 83.11 -9.71 9.80
C ARG V 186 84.10 -8.60 9.48
N LEU V 187 85.34 -8.99 9.20
CA LEU V 187 86.39 -8.03 8.88
C LEU V 187 86.05 -7.27 7.61
N ALA V 188 85.56 -7.99 6.59
CA ALA V 188 85.14 -7.35 5.35
C ALA V 188 83.94 -6.44 5.60
N MET V 189 83.00 -6.87 6.44
CA MET V 189 81.83 -6.04 6.75
C MET V 189 82.23 -4.70 7.35
N ILE V 190 83.40 -4.65 7.97
CA ILE V 190 83.93 -3.36 8.44
C ILE V 190 84.73 -2.65 7.35
N GLY V 191 85.62 -3.39 6.68
CA GLY V 191 86.51 -2.79 5.69
C GLY V 191 85.78 -2.23 4.49
N PHE V 192 84.80 -2.97 3.95
CA PHE V 192 84.04 -2.54 2.79
C PHE V 192 83.24 -1.29 3.10
N SER V 193 82.66 -1.23 4.29
CA SER V 193 81.90 -0.06 4.69
C SER V 193 82.82 1.15 4.71
N GLY V 194 84.05 0.94 5.21
CA GLY V 194 85.05 1.98 5.15
C GLY V 194 85.41 2.38 3.73
N MET V 195 85.57 1.41 2.83
CA MET V 195 85.98 1.70 1.45
C MET V 195 84.93 2.54 0.72
N VAL V 196 83.65 2.18 0.88
CA VAL V 196 82.60 2.95 0.23
C VAL V 196 82.50 4.35 0.83
N HIS V 197 82.57 4.48 2.16
CA HIS V 197 82.51 5.81 2.75
C HIS V 197 83.75 6.63 2.37
N HIS V 198 84.90 5.95 2.22
CA HIS V 198 86.12 6.62 1.76
C HIS V 198 85.87 7.23 0.39
N TYR V 199 85.19 6.48 -0.49
CA TYR V 199 84.86 6.99 -1.83
C TYR V 199 83.94 8.19 -1.74
N PHE V 200 83.02 8.21 -0.78
CA PHE V 200 82.19 9.42 -0.64
C PHE V 200 83.08 10.63 -0.35
N ILE V 201 84.01 10.48 0.59
CA ILE V 201 84.82 11.62 1.02
C ILE V 201 85.81 12.06 -0.05
N THR V 202 86.52 11.11 -0.66
CA THR V 202 87.63 11.45 -1.55
C THR V 202 87.41 11.09 -3.02
N GLY V 203 86.32 10.42 -3.36
CA GLY V 203 86.09 10.01 -4.74
C GLY V 203 87.16 9.10 -5.31
N LYS V 204 87.71 8.22 -4.48
CA LYS V 204 88.83 7.38 -4.90
C LYS V 204 88.59 5.95 -4.47
N GLY V 205 89.23 5.03 -5.18
CA GLY V 205 89.23 3.64 -4.80
C GLY V 205 90.17 3.49 -3.62
N PRO V 206 89.95 2.48 -2.78
CA PRO V 206 90.75 2.38 -1.54
C PRO V 206 92.26 2.20 -1.76
N ILE V 207 92.66 1.28 -2.64
CA ILE V 207 94.08 1.03 -2.85
C ILE V 207 94.76 2.20 -3.58
N GLU V 208 94.09 2.78 -4.58
CA GLU V 208 94.68 3.93 -5.27
C GLU V 208 94.83 5.11 -4.32
N LEU V 209 93.80 5.37 -3.50
CA LEU V 209 93.86 6.47 -2.51
C LEU V 209 95.20 6.41 -1.76
N LEU V 210 95.55 5.22 -1.25
CA LEU V 210 96.81 5.06 -0.48
C LEU V 210 98.01 5.37 -1.37
N THR V 211 98.00 4.87 -2.62
CA THR V 211 99.15 5.08 -3.55
C THR V 211 99.31 6.57 -3.84
N SER V 212 98.21 7.28 -4.04
CA SER V 212 98.24 8.73 -4.37
C SER V 212 98.66 9.54 -3.14
N ALA W 37 -30.10 32.61 59.85
CA ALA W 37 -29.05 33.55 59.46
C ALA W 37 -29.62 34.73 58.68
N LYS W 38 -29.60 35.91 59.29
CA LYS W 38 -30.05 37.13 58.63
C LYS W 38 -28.99 38.22 58.80
N SER W 39 -28.60 38.84 57.69
CA SER W 39 -27.63 39.92 57.70
C SER W 39 -28.21 41.18 58.31
N LYS W 40 -27.37 41.92 59.03
CA LYS W 40 -27.77 43.23 59.55
C LYS W 40 -27.93 44.26 58.43
N ALA W 41 -26.99 44.29 57.48
CA ALA W 41 -27.00 45.30 56.42
C ALA W 41 -28.23 45.19 55.54
N ILE W 42 -28.57 43.97 55.19
CA ILE W 42 -29.78 43.62 54.46
C ILE W 42 -30.57 42.67 55.34
N PRO W 43 -31.60 43.16 56.04
CA PRO W 43 -32.34 42.29 56.97
C PRO W 43 -33.00 41.09 56.34
N PHE W 44 -33.60 41.26 55.15
CA PHE W 44 -34.27 40.11 54.52
C PHE W 44 -33.27 39.04 54.07
N LEU W 45 -32.13 39.44 53.53
CA LEU W 45 -31.18 38.48 52.96
C LEU W 45 -30.46 37.66 54.02
N ASP W 46 -30.16 36.42 53.66
CA ASP W 46 -29.43 35.50 54.52
C ASP W 46 -28.01 35.99 54.75
N ALA W 47 -27.52 35.79 55.96
CA ALA W 47 -26.18 36.24 56.34
C ALA W 47 -25.13 35.50 55.52
N PRO W 48 -24.04 36.16 55.16
CA PRO W 48 -22.95 35.49 54.45
C PRO W 48 -22.38 34.36 55.26
N PRO W 49 -22.27 33.18 54.69
CA PRO W 49 -21.82 32.01 55.46
C PRO W 49 -20.38 32.08 55.92
N ALA W 50 -19.47 32.47 55.01
CA ALA W 50 -18.05 32.44 55.31
C ALA W 50 -17.65 33.49 56.34
N LEU W 51 -18.23 34.70 56.27
CA LEU W 51 -17.81 35.79 57.13
C LEU W 51 -18.08 35.48 58.59
N SER W 52 -17.05 35.69 59.42
CA SER W 52 -17.08 35.31 60.83
C SER W 52 -18.03 36.14 61.69
N GLU W 53 -18.07 37.47 61.48
CA GLU W 53 -18.80 38.55 62.16
C GLU W 53 -17.89 39.19 63.23
N SER W 54 -16.86 38.47 63.63
CA SER W 54 -15.92 39.02 64.60
C SER W 54 -14.83 39.81 63.90
N MET W 55 -14.81 39.79 62.57
CA MET W 55 -13.85 40.51 61.76
C MET W 55 -14.17 42.02 61.80
N PRO W 56 -13.15 42.86 61.76
CA PRO W 56 -13.39 44.31 61.69
C PRO W 56 -14.07 44.70 60.39
N GLY W 57 -14.99 45.65 60.48
CA GLY W 57 -15.65 46.17 59.31
C GLY W 57 -16.83 45.37 58.83
N TYR W 58 -17.27 44.37 59.59
CA TYR W 58 -18.35 43.49 59.17
C TYR W 58 -19.70 44.09 59.55
N VAL W 59 -20.52 44.39 58.54
CA VAL W 59 -21.91 44.75 58.76
C VAL W 59 -22.83 43.71 58.15
N GLY W 60 -22.28 42.64 57.60
CA GLY W 60 -23.02 41.60 56.94
C GLY W 60 -23.22 41.76 55.46
N PHE W 61 -22.58 42.75 54.84
CA PHE W 61 -22.81 43.04 53.43
C PHE W 61 -21.90 42.21 52.53
N ASP W 62 -22.34 41.01 52.19
CA ASP W 62 -21.68 40.22 51.15
C ASP W 62 -22.78 39.49 50.39
N PRO W 63 -23.59 40.22 49.61
CA PRO W 63 -24.70 39.57 48.89
C PRO W 63 -24.24 38.55 47.86
N LEU W 64 -23.13 38.77 47.16
CA LEU W 64 -22.71 37.87 46.10
C LEU W 64 -21.88 36.70 46.59
N TRP W 65 -21.67 36.59 47.91
CA TRP W 65 -20.93 35.47 48.53
C TRP W 65 -19.53 35.33 47.97
N VAL W 66 -18.84 36.47 47.77
CA VAL W 66 -17.46 36.44 47.30
C VAL W 66 -16.57 35.77 48.34
N SER W 67 -16.91 35.90 49.62
CA SER W 67 -16.15 35.28 50.70
C SER W 67 -16.11 33.77 50.56
N SER W 68 -17.15 33.17 49.99
CA SER W 68 -17.26 31.72 49.89
C SER W 68 -16.73 31.16 48.58
N MET W 69 -16.21 32.01 47.68
CA MET W 69 -15.76 31.56 46.37
C MET W 69 -14.63 30.55 46.44
N LEU W 70 -13.68 30.74 47.36
CA LEU W 70 -12.64 29.73 47.57
C LEU W 70 -12.86 29.02 48.89
N PRO W 71 -12.85 27.67 48.89
CA PRO W 71 -13.11 26.94 50.13
C PRO W 71 -12.04 27.09 51.20
N ASP W 72 -10.83 27.48 50.81
CA ASP W 72 -9.68 27.53 51.72
C ASP W 72 -9.92 28.50 52.88
N ALA W 73 -9.40 28.12 54.05
CA ALA W 73 -9.58 28.91 55.26
C ALA W 73 -8.94 30.28 55.16
N GLY W 74 -7.79 30.39 54.52
CA GLY W 74 -7.11 31.66 54.44
C GLY W 74 -7.72 32.68 53.51
N TYR W 75 -8.64 32.26 52.62
CA TYR W 75 -9.15 33.15 51.57
C TYR W 75 -9.85 34.38 52.14
N VAL W 76 -10.60 34.22 53.22
CA VAL W 76 -11.26 35.36 53.84
C VAL W 76 -10.22 36.36 54.33
N LYS W 77 -9.11 35.87 54.89
CA LYS W 77 -8.04 36.75 55.32
C LYS W 77 -7.46 37.50 54.13
N PHE W 78 -7.32 36.81 52.99
CA PHE W 78 -6.80 37.44 51.79
C PHE W 78 -7.69 38.60 51.39
N LEU W 79 -9.01 38.39 51.49
CA LEU W 79 -9.96 39.43 51.15
C LEU W 79 -9.81 40.63 52.08
N GLN W 80 -9.63 40.37 53.38
CA GLN W 80 -9.50 41.48 54.33
C GLN W 80 -8.24 42.27 54.04
N GLU W 81 -7.14 41.58 53.73
CA GLU W 81 -5.90 42.29 53.45
C GLU W 81 -6.08 43.17 52.23
N ALA W 82 -6.75 42.62 51.20
CA ALA W 82 -6.95 43.36 49.96
C ALA W 82 -7.75 44.63 50.23
N GLU W 83 -8.78 44.51 51.08
CA GLU W 83 -9.63 45.67 51.33
C GLU W 83 -8.82 46.79 51.95
N ILE W 84 -8.03 46.43 52.96
CA ILE W 84 -7.22 47.45 53.63
C ILE W 84 -6.19 48.00 52.68
N LYS W 85 -5.59 47.13 51.85
CA LYS W 85 -4.60 47.61 50.91
C LYS W 85 -5.24 48.55 49.90
N HIS W 86 -6.43 48.16 49.39
CA HIS W 86 -7.15 49.03 48.48
C HIS W 86 -7.51 50.33 49.18
N GLY W 87 -7.90 50.23 50.44
CA GLY W 87 -8.24 51.43 51.18
C GLY W 87 -7.04 52.33 51.40
N ARG W 88 -5.90 51.74 51.80
CA ARG W 88 -4.75 52.57 52.17
C ARG W 88 -4.22 53.36 51.00
N VAL W 89 -4.11 52.71 49.84
CA VAL W 89 -3.66 53.39 48.64
C VAL W 89 -4.64 54.50 48.30
N ALA W 90 -5.93 54.18 48.40
CA ALA W 90 -6.97 55.15 48.03
C ALA W 90 -6.89 56.35 48.94
N MET W 91 -6.62 56.13 50.23
CA MET W 91 -6.57 57.26 51.15
C MET W 91 -5.47 58.22 50.77
N LEU W 92 -4.29 57.67 50.44
CA LEU W 92 -3.19 58.51 49.99
C LEU W 92 -3.59 59.22 48.70
N ALA W 93 -4.22 58.47 47.81
CA ALA W 93 -4.58 59.01 46.49
C ALA W 93 -5.53 60.16 46.64
N ALA W 94 -6.50 60.03 47.55
CA ALA W 94 -7.49 61.08 47.71
C ALA W 94 -6.81 62.36 48.15
N ALA W 95 -5.99 62.25 49.20
CA ALA W 95 -5.33 63.42 49.74
C ALA W 95 -4.37 63.99 48.71
N GLY W 96 -3.69 63.10 47.99
CA GLY W 96 -2.69 63.56 47.05
C GLY W 96 -3.29 64.42 45.97
N ALA W 97 -4.46 64.02 45.45
CA ALA W 97 -5.11 64.81 44.41
C ALA W 97 -5.45 66.18 44.93
N ILE W 98 -6.04 66.23 46.14
CA ILE W 98 -6.43 67.50 46.72
C ILE W 98 -5.20 68.36 46.95
N VAL W 99 -4.15 67.75 47.51
CA VAL W 99 -2.96 68.51 47.86
C VAL W 99 -2.29 69.03 46.60
N GLN W 100 -2.30 68.23 45.52
CA GLN W 100 -1.67 68.66 44.28
C GLN W 100 -2.32 69.95 43.77
N ASP W 101 -3.65 70.07 43.93
CA ASP W 101 -4.31 71.33 43.60
C ASP W 101 -3.91 72.46 44.52
N ILE W 102 -3.81 72.19 45.84
CA ILE W 102 -3.53 73.23 46.83
C ILE W 102 -2.17 73.87 46.60
N PHE W 103 -1.14 73.04 46.41
CA PHE W 103 0.21 73.53 46.16
C PHE W 103 1.03 72.41 45.56
N THR W 104 2.16 72.78 44.96
CA THR W 104 3.09 71.82 44.41
C THR W 104 4.49 72.15 44.92
N PHE W 105 5.33 71.11 45.00
CA PHE W 105 6.68 71.26 45.51
C PHE W 105 7.51 72.13 44.55
N PRO W 106 8.56 72.80 45.06
CA PRO W 106 9.32 73.72 44.21
C PRO W 106 9.92 73.04 43.00
N GLY W 107 9.74 73.67 41.84
CA GLY W 107 10.32 73.21 40.61
C GLY W 107 9.50 72.24 39.79
N VAL W 108 8.47 71.60 40.38
CA VAL W 108 7.71 70.59 39.64
C VAL W 108 6.95 71.22 38.48
N LYS W 109 6.38 72.41 38.72
CA LYS W 109 5.54 73.10 37.75
C LYS W 109 6.30 73.36 36.46
N SER W 110 7.59 73.67 36.57
CA SER W 110 8.40 74.00 35.41
C SER W 110 8.50 72.84 34.44
N VAL W 111 8.79 71.64 34.96
CA VAL W 111 8.99 70.48 34.11
C VAL W 111 7.66 69.97 33.58
N ILE W 112 6.70 69.69 34.47
CA ILE W 112 5.47 69.06 34.01
C ILE W 112 4.59 70.04 33.22
N GLY W 113 4.55 71.30 33.64
CA GLY W 113 3.61 72.23 33.06
C GLY W 113 2.34 72.24 33.90
N ASP W 114 1.18 72.51 33.31
CA ASP W 114 -0.04 72.67 34.09
C ASP W 114 -0.93 71.43 34.10
N VAL W 115 -0.40 70.25 33.78
CA VAL W 115 -1.15 69.00 33.87
C VAL W 115 -1.59 68.75 35.32
N LYS W 116 -2.77 68.16 35.52
CA LYS W 116 -3.33 68.12 36.87
C LYS W 116 -3.36 66.75 37.56
N MET W 117 -4.05 65.72 37.06
CA MET W 117 -4.14 64.53 37.90
C MET W 117 -3.47 63.33 37.26
N THR W 118 -4.21 62.45 36.60
CA THR W 118 -3.63 61.30 35.90
C THR W 118 -2.74 61.76 34.75
N SER W 119 -3.01 62.97 34.27
CA SER W 119 -2.24 63.58 33.21
C SER W 119 -0.79 63.77 33.60
N VAL W 120 -0.52 64.12 34.87
CA VAL W 120 0.86 64.23 35.32
C VAL W 120 1.57 62.88 35.28
N HIS W 121 0.86 61.78 35.61
CA HIS W 121 1.44 60.45 35.50
C HIS W 121 1.83 60.17 34.06
N ASP W 122 0.94 60.52 33.11
CA ASP W 122 1.24 60.33 31.70
C ASP W 122 2.43 61.18 31.24
N LYS W 123 2.47 62.45 31.66
CA LYS W 123 3.54 63.36 31.23
C LYS W 123 4.89 62.88 31.74
N PHE W 124 4.93 62.48 33.02
CA PHE W 124 6.16 62.00 33.61
C PHE W 124 6.65 60.77 32.85
N LEU W 125 5.72 59.87 32.52
CA LEU W 125 6.07 58.65 31.80
C LEU W 125 6.63 58.97 30.42
N SER W 126 6.08 60.00 29.75
CA SER W 126 6.62 60.41 28.46
C SER W 126 8.07 60.85 28.58
N MET W 127 8.45 61.45 29.72
CA MET W 127 9.82 61.93 29.87
C MET W 127 10.74 60.97 30.62
N GLU W 128 10.39 59.70 30.74
CA GLU W 128 11.20 58.68 31.42
C GLU W 128 11.63 57.59 30.44
N ALA W 129 12.81 57.01 30.69
CA ALA W 129 13.35 55.97 29.81
C ALA W 129 12.51 54.70 29.85
N GLY W 130 12.55 53.95 28.75
CA GLY W 130 11.71 52.78 28.60
C GLY W 130 10.28 53.14 28.24
N SER W 131 9.61 53.91 29.11
CA SER W 131 8.28 54.42 28.78
C SER W 131 8.34 55.45 27.65
N GLY W 132 9.36 56.27 27.63
CA GLY W 132 9.47 57.33 26.66
C GLY W 132 10.91 57.75 26.53
N LYS W 133 11.13 58.96 26.01
CA LYS W 133 12.46 59.55 25.91
C LYS W 133 12.58 60.73 26.86
N GLY W 134 13.56 60.69 27.77
CA GLY W 134 13.75 61.83 28.63
C GLY W 134 14.77 61.57 29.73
N ASP W 135 14.84 62.54 30.64
CA ASP W 135 15.78 62.55 31.75
C ASP W 135 15.08 62.48 33.11
N MET W 136 13.87 61.95 33.16
CA MET W 136 13.11 61.84 34.40
C MET W 136 12.98 60.38 34.78
N ALA W 137 12.79 60.12 36.07
CA ALA W 137 12.51 58.76 36.52
C ALA W 137 11.54 58.72 37.70
N ALA W 138 10.60 59.65 37.79
CA ALA W 138 9.73 59.73 38.97
C ALA W 138 8.84 58.51 39.11
N MET W 139 8.13 58.14 38.04
CA MET W 139 7.19 57.02 38.12
C MET W 139 7.94 55.71 38.32
N HIS W 140 9.05 55.54 37.62
CA HIS W 140 9.83 54.32 37.74
C HIS W 140 10.43 54.17 39.14
N GLN W 141 10.92 55.27 39.72
CA GLN W 141 11.49 55.23 41.07
C GLN W 141 10.43 54.87 42.10
N LEU W 142 9.26 55.49 41.98
CA LEU W 142 8.14 55.14 42.90
C LEU W 142 7.89 53.64 42.79
N LEU W 143 7.78 53.12 41.56
CA LEU W 143 7.45 51.69 41.35
C LEU W 143 8.55 50.82 41.97
N LEU W 144 9.82 51.20 41.82
CA LEU W 144 10.91 50.33 42.32
C LEU W 144 10.84 50.20 43.85
N TRP W 145 10.70 51.32 44.56
CA TRP W 145 10.65 51.28 46.05
C TRP W 145 9.35 50.64 46.54
N LEU W 146 8.22 50.98 45.90
CA LEU W 146 6.92 50.35 46.28
C LEU W 146 6.99 48.85 45.99
N GLY W 147 7.62 48.47 44.88
CA GLY W 147 7.76 47.05 44.51
C GLY W 147 8.57 46.28 45.55
N LEU W 148 9.67 46.86 46.04
CA LEU W 148 10.50 46.19 47.07
C LEU W 148 9.65 45.97 48.33
N LEU W 149 8.86 46.98 48.72
CA LEU W 149 7.97 46.84 49.90
C LEU W 149 6.93 45.76 49.59
N GLU W 150 6.40 45.74 48.36
CA GLU W 150 5.29 44.80 48.03
C GLU W 150 5.79 43.36 47.95
N ILE W 151 7.05 43.12 47.59
CA ILE W 151 7.54 41.75 47.57
C ILE W 151 7.61 41.20 48.99
N ALA W 152 8.07 42.05 49.93
CA ALA W 152 8.11 41.59 51.33
C ALA W 152 6.70 41.32 51.87
N THR W 153 5.77 42.23 51.60
CA THR W 153 4.38 42.02 52.04
C THR W 153 3.77 40.80 51.37
N SER W 154 4.14 40.52 50.12
CA SER W 154 3.63 39.35 49.40
C SER W 154 3.99 38.07 50.12
N VAL W 155 5.24 37.98 50.61
CA VAL W 155 5.61 36.81 51.40
C VAL W 155 4.75 36.72 52.65
N ALA W 156 4.46 37.88 53.26
CA ALA W 156 3.57 37.87 54.44
C ALA W 156 2.16 37.38 54.10
N ILE W 157 1.62 37.80 52.95
CA ILE W 157 0.28 37.38 52.55
C ILE W 157 0.23 35.87 52.34
N ILE W 158 1.27 35.33 51.71
CA ILE W 158 1.33 33.88 51.50
C ILE W 158 1.38 33.15 52.83
N GLN W 159 2.21 33.63 53.76
CA GLN W 159 2.33 32.95 55.04
C GLN W 159 1.04 33.01 55.85
N SER W 160 0.37 34.16 55.85
CA SER W 160 -0.91 34.27 56.56
C SER W 160 -1.97 33.38 55.93
N PHE W 161 -2.01 33.31 54.60
CA PHE W 161 -3.02 32.51 53.89
C PHE W 161 -2.91 31.03 54.22
N LYS W 162 -1.70 30.51 54.33
CA LYS W 162 -1.50 29.11 54.65
C LYS W 162 -1.50 28.83 56.14
N GLY W 163 -1.66 29.85 56.99
CA GLY W 163 -1.79 29.66 58.41
C GLY W 163 -0.50 29.56 59.19
N GLU W 164 0.65 29.74 58.51
CA GLU W 164 1.94 29.69 59.18
C GLU W 164 2.09 30.78 60.22
N THR W 165 1.58 31.96 59.93
CA THR W 165 1.73 33.14 60.77
C THR W 165 0.41 33.46 61.47
N SER W 166 0.51 34.03 62.67
CA SER W 166 -0.66 34.45 63.45
C SER W 166 -1.10 35.86 63.13
N ARG W 167 -0.37 36.55 62.24
CA ARG W 167 -0.64 37.95 61.92
C ARG W 167 -2.02 38.11 61.32
N GLY W 168 -2.76 39.09 61.81
CA GLY W 168 -4.03 39.44 61.23
C GLY W 168 -3.83 40.29 60.00
N PRO W 169 -4.89 40.42 59.21
CA PRO W 169 -4.77 41.16 57.94
C PRO W 169 -4.41 42.62 58.15
N GLY W 170 -3.40 43.07 57.40
CA GLY W 170 -2.96 44.44 57.44
C GLY W 170 -2.01 44.80 58.56
N GLU W 171 -1.73 43.87 59.47
CA GLU W 171 -0.91 44.15 60.65
C GLU W 171 0.56 44.01 60.32
N PHE W 172 1.12 45.04 59.70
CA PHE W 172 2.53 45.01 59.35
C PHE W 172 3.41 45.58 60.46
N GLY W 173 2.81 46.04 61.55
CA GLY W 173 3.56 46.52 62.69
C GLY W 173 4.05 47.95 62.62
N PHE W 174 3.49 48.77 61.74
CA PHE W 174 3.96 50.14 61.54
C PHE W 174 3.20 51.11 62.43
N ASP W 175 3.66 51.24 63.68
CA ASP W 175 3.12 52.21 64.61
C ASP W 175 4.27 52.95 65.29
N PRO W 176 5.03 53.77 64.55
CA PRO W 176 6.22 54.42 65.15
C PRO W 176 5.87 55.35 66.29
N LEU W 177 4.87 56.19 66.11
CA LEU W 177 4.36 57.02 67.18
C LEU W 177 3.34 56.13 67.89
N ASN W 178 3.49 55.97 69.20
CA ASN W 178 2.59 55.07 69.89
C ASN W 178 1.16 55.58 69.80
N PHE W 179 0.25 54.69 69.43
CA PHE W 179 -1.16 55.06 69.32
C PHE W 179 -1.99 53.91 69.86
N GLY W 180 -1.58 52.69 69.53
CA GLY W 180 -2.23 51.50 70.02
C GLY W 180 -1.91 51.17 71.45
N LYS W 181 -1.05 51.97 72.07
CA LYS W 181 -0.61 51.80 73.46
C LYS W 181 -0.01 50.42 73.71
N GLY W 182 1.05 50.13 72.95
CA GLY W 182 1.81 48.92 73.10
C GLY W 182 1.60 47.87 72.02
N ASN W 183 0.56 47.98 71.22
CA ASN W 183 0.42 47.08 70.07
C ASN W 183 0.25 47.91 68.82
N SER W 184 1.02 47.55 67.80
CA SER W 184 0.88 48.18 66.49
C SER W 184 -0.42 47.79 65.81
N ALA W 185 -1.01 46.66 66.20
CA ALA W 185 -2.25 46.19 65.57
C ALA W 185 -3.39 47.18 65.76
N GLY W 186 -3.50 47.77 66.94
CA GLY W 186 -4.49 48.79 67.19
C GLY W 186 -5.78 48.23 67.76
N SER W 187 -6.57 49.12 68.34
CA SER W 187 -7.83 48.73 68.94
C SER W 187 -8.90 48.55 67.86
N ASP W 188 -9.98 47.86 68.23
CA ASP W 188 -11.09 47.64 67.30
C ASP W 188 -11.71 48.95 66.85
N SER W 189 -11.78 49.94 67.75
CA SER W 189 -12.32 51.25 67.39
C SER W 189 -11.50 51.91 66.28
N TYR W 190 -10.17 51.90 66.43
CA TYR W 190 -9.31 52.48 65.41
C TYR W 190 -9.37 51.70 64.10
N LYS W 191 -9.34 50.37 64.17
CA LYS W 191 -9.36 49.61 62.93
C LYS W 191 -10.68 49.79 62.20
N LEU W 192 -11.79 49.95 62.93
CA LEU W 192 -13.05 50.30 62.28
C LEU W 192 -12.92 51.64 61.56
N LYS W 193 -12.25 52.61 62.19
CA LYS W 193 -12.06 53.91 61.54
C LYS W 193 -11.22 53.78 60.27
N GLU W 194 -10.16 52.96 60.32
CA GLU W 194 -9.32 52.75 59.15
C GLU W 194 -10.11 52.10 58.02
N ILE W 195 -10.89 51.06 58.33
CA ILE W 195 -11.60 50.33 57.28
C ILE W 195 -12.67 51.22 56.64
N LYS W 196 -13.45 51.95 57.46
CA LYS W 196 -14.50 52.79 56.90
C LYS W 196 -13.94 53.99 56.12
N ASN W 197 -12.89 54.65 56.64
CA ASN W 197 -12.25 55.72 55.88
C ASN W 197 -11.67 55.19 54.57
N GLY W 198 -11.08 53.98 54.60
CA GLY W 198 -10.54 53.40 53.38
C GLY W 198 -11.59 53.12 52.33
N ARG W 199 -12.75 52.59 52.74
CA ARG W 199 -13.86 52.37 51.82
C ARG W 199 -14.35 53.70 51.23
N LEU W 200 -14.49 54.70 52.10
CA LEU W 200 -14.94 56.01 51.67
C LEU W 200 -13.95 56.63 50.69
N ALA W 201 -12.66 56.47 50.96
CA ALA W 201 -11.63 56.98 50.09
C ALA W 201 -11.67 56.30 48.73
N MET W 202 -11.96 55.00 48.71
CA MET W 202 -12.03 54.28 47.43
C MET W 202 -13.09 54.90 46.54
N ILE W 203 -14.27 55.15 47.12
CA ILE W 203 -15.34 55.79 46.35
C ILE W 203 -14.96 57.21 45.95
N GLY W 204 -14.40 57.98 46.89
CA GLY W 204 -14.08 59.37 46.60
C GLY W 204 -13.04 59.54 45.52
N ILE W 205 -11.95 58.77 45.60
CA ILE W 205 -10.89 58.88 44.60
C ILE W 205 -11.42 58.44 43.24
N GLY W 206 -12.30 57.43 43.21
CA GLY W 206 -12.86 57.02 41.92
C GLY W 206 -13.67 58.15 41.31
N GLY W 207 -14.45 58.84 42.14
CA GLY W 207 -15.18 60.00 41.67
C GLY W 207 -14.27 61.07 41.13
N MET W 208 -13.20 61.40 41.86
CA MET W 208 -12.29 62.46 41.44
C MET W 208 -11.64 62.15 40.09
N VAL W 209 -11.17 60.90 39.91
CA VAL W 209 -10.57 60.50 38.65
C VAL W 209 -11.57 60.63 37.52
N HIS W 210 -12.79 60.12 37.74
CA HIS W 210 -13.80 60.18 36.70
C HIS W 210 -14.21 61.62 36.38
N HIS W 211 -14.27 62.48 37.39
CA HIS W 211 -14.60 63.88 37.14
C HIS W 211 -13.48 64.58 36.35
N TYR W 212 -12.21 64.26 36.62
CA TYR W 212 -11.12 64.80 35.79
C TYR W 212 -11.22 64.30 34.36
N LEU W 213 -11.80 63.12 34.14
CA LEU W 213 -11.87 62.57 32.79
C LEU W 213 -12.72 63.43 31.87
N LEU W 214 -13.81 64.02 32.36
CA LEU W 214 -14.62 64.88 31.50
C LEU W 214 -14.40 66.38 31.74
N THR W 215 -14.59 66.87 32.96
CA THR W 215 -14.42 68.30 33.20
C THR W 215 -12.95 68.71 33.06
N GLY W 216 -12.04 67.87 33.50
CA GLY W 216 -10.63 68.22 33.55
C GLY W 216 -10.34 69.31 34.56
N LYS W 217 -11.13 69.37 35.63
CA LYS W 217 -11.03 70.44 36.62
C LYS W 217 -10.16 70.09 37.82
N GLY W 218 -10.13 68.83 38.23
CA GLY W 218 -9.42 68.45 39.43
C GLY W 218 -10.38 68.55 40.61
N PRO W 219 -9.98 68.06 41.78
CA PRO W 219 -10.94 67.99 42.91
C PRO W 219 -11.45 69.34 43.41
N LEU W 220 -10.54 70.28 43.70
CA LEU W 220 -10.95 71.56 44.27
C LEU W 220 -11.73 72.41 43.28
N GLN W 221 -11.26 72.46 42.03
CA GLN W 221 -11.93 73.29 41.03
C GLN W 221 -13.32 72.74 40.71
N PHE W 222 -13.45 71.41 40.66
CA PHE W 222 -14.75 70.80 40.41
C PHE W 222 -15.69 71.14 41.57
N LEU W 223 -15.17 71.12 42.79
CA LEU W 223 -16.00 71.47 43.95
C LEU W 223 -16.50 72.91 43.84
N GLY W 224 -15.63 73.83 43.41
CA GLY W 224 -16.04 75.20 43.22
C GLY W 224 -17.11 75.36 42.15
N GLY W 225 -16.95 74.64 41.04
CA GLY W 225 -17.95 74.64 39.99
C GLY W 225 -19.03 73.61 40.21
N ILE W 226 -20.00 73.91 41.09
CA ILE W 226 -21.16 73.01 41.26
C ILE W 226 -21.93 72.87 39.96
N PRO W 227 -22.21 73.95 39.18
CA PRO W 227 -22.73 73.68 37.83
C PRO W 227 -21.55 73.48 36.90
N ASN W 228 -21.36 72.27 36.40
CA ASN W 228 -20.22 71.96 35.58
C ASN W 228 -20.77 71.37 34.29
N TYR W 229 -19.89 71.39 33.26
CA TYR W 229 -20.08 71.10 31.83
C TYR W 229 -20.38 72.43 31.16
N LYS W 230 -20.76 73.42 31.96
CA LYS W 230 -20.91 74.78 31.45
C LYS W 230 -19.54 75.29 31.02
N SER W 231 -18.54 75.02 31.85
CA SER W 231 -17.14 75.35 31.63
C SER W 231 -16.35 74.07 31.78
N CYS W 232 -15.50 73.76 30.80
CA CYS W 232 -14.60 72.61 30.88
C CYS W 232 -13.17 73.07 30.69
N VAL W 233 -12.30 72.72 31.64
CA VAL W 233 -10.88 72.96 31.46
C VAL W 233 -10.31 71.81 30.64
N SER W 234 -9.54 72.17 29.60
CA SER W 234 -8.99 71.15 28.70
C SER W 234 -8.03 70.21 29.42
N HIS W 235 -8.11 68.93 29.09
CA HIS W 235 -7.25 67.93 29.69
C HIS W 235 -6.65 67.05 28.59
N PRO W 236 -5.34 66.79 28.62
CA PRO W 236 -4.74 65.84 27.67
C PRO W 236 -5.31 64.43 27.88
N ASP W 237 -5.42 63.70 26.76
CA ASP W 237 -6.03 62.37 26.76
C ASP W 237 -5.20 61.38 27.57
N SER W 238 -5.91 60.46 28.21
CA SER W 238 -5.30 59.45 29.05
C SER W 238 -4.62 58.39 28.18
N LEU W 239 -3.67 57.67 28.80
CA LEU W 239 -2.93 56.60 28.13
C LEU W 239 -3.87 55.51 27.62
N LEU W 240 -4.96 55.27 28.35
CA LEU W 240 -6.05 54.40 27.92
C LEU W 240 -7.15 55.25 27.29
N PRO W 241 -7.09 55.56 25.99
CA PRO W 241 -8.08 56.47 25.41
C PRO W 241 -9.28 55.81 24.74
N TRP W 242 -9.21 54.49 24.49
CA TRP W 242 -10.32 53.77 23.87
C TRP W 242 -11.55 53.80 24.74
N LEU W 243 -11.35 53.77 26.07
CA LEU W 243 -12.47 53.79 27.01
C LEU W 243 -13.28 55.08 26.87
N PHE W 244 -12.62 56.20 26.61
CA PHE W 244 -13.29 57.47 26.33
C PHE W 244 -13.58 57.63 24.84
N LYS W 245 -14.26 56.65 24.24
CA LYS W 245 -14.71 56.79 22.86
C LYS W 245 -16.21 56.67 22.70
N ALA W 246 -16.91 56.10 23.68
CA ALA W 246 -18.34 55.91 23.62
C ALA W 246 -19.09 57.08 24.24
N VAL W 247 -18.36 58.13 24.60
CA VAL W 247 -19.03 59.35 25.13
C VAL W 247 -19.85 59.98 24.01
N GLY W 248 -19.22 60.38 22.90
CA GLY W 248 -19.99 61.05 21.84
C GLY W 248 -21.04 60.19 21.13
N PRO W 249 -20.73 58.96 20.64
CA PRO W 249 -21.70 58.16 19.88
C PRO W 249 -22.92 57.59 20.63
N VAL W 250 -22.72 57.00 21.82
CA VAL W 250 -23.85 56.35 22.54
C VAL W 250 -24.36 57.28 23.64
N LEU W 251 -23.43 57.84 24.42
CA LEU W 251 -23.81 58.79 25.52
C LEU W 251 -24.11 60.16 24.91
N PRO W 252 -24.75 61.09 25.63
CA PRO W 252 -25.05 62.43 25.11
C PRO W 252 -23.82 63.25 24.71
N LYS W 253 -22.72 63.15 25.49
CA LYS W 253 -21.50 63.97 25.24
C LYS W 253 -21.84 65.44 25.46
N ILE W 254 -22.18 65.80 26.70
CA ILE W 254 -22.51 67.19 27.03
C ILE W 254 -21.27 68.07 27.03
N CYS W 255 -20.16 67.57 27.57
CA CYS W 255 -18.89 68.31 27.68
C CYS W 255 -18.39 68.94 26.38
N PHE X 40 -36.16 -21.55 7.56
CA PHE X 40 -35.94 -21.17 8.96
C PHE X 40 -37.28 -20.91 9.64
N SER X 41 -38.23 -20.43 8.86
CA SER X 41 -39.65 -20.39 9.17
C SER X 41 -40.36 -20.95 7.95
N PRO X 42 -41.60 -21.43 8.11
CA PRO X 42 -42.33 -21.98 6.96
C PRO X 42 -42.47 -20.97 5.84
N VAL X 43 -42.06 -21.37 4.64
CA VAL X 43 -42.15 -20.54 3.45
C VAL X 43 -43.55 -20.71 2.86
N PRO X 44 -44.32 -19.64 2.70
CA PRO X 44 -45.67 -19.77 2.16
C PRO X 44 -45.66 -19.90 0.65
N SER X 45 -46.65 -20.62 0.15
CA SER X 45 -46.94 -20.76 -1.26
C SER X 45 -48.42 -20.53 -1.47
N PRO X 46 -48.85 -20.10 -2.66
CA PRO X 46 -50.28 -19.92 -2.90
C PRO X 46 -51.04 -21.21 -2.75
N GLU X 47 -52.30 -21.09 -2.31
CA GLU X 47 -53.17 -22.24 -2.22
C GLU X 47 -53.34 -22.90 -3.58
N GLY X 48 -53.32 -24.22 -3.60
CA GLY X 48 -53.28 -24.96 -4.83
C GLY X 48 -51.89 -25.34 -5.27
N THR X 49 -50.87 -25.02 -4.47
CA THR X 49 -49.52 -25.48 -4.76
C THR X 49 -49.43 -26.98 -4.56
N LYS X 50 -48.95 -27.68 -5.57
CA LYS X 50 -48.77 -29.11 -5.52
C LYS X 50 -47.35 -29.44 -5.90
N GLU X 51 -46.99 -30.71 -5.74
CA GLU X 51 -45.63 -31.14 -6.01
C GLU X 51 -45.47 -31.45 -7.49
N THR X 52 -44.44 -30.87 -8.09
CA THR X 52 -44.19 -31.00 -9.52
C THR X 52 -42.85 -31.61 -9.84
N TYR X 53 -42.06 -32.02 -8.84
CA TYR X 53 -40.79 -32.65 -9.11
C TYR X 53 -40.99 -34.00 -9.76
N TRP X 54 -40.29 -34.23 -10.86
CA TRP X 54 -40.47 -35.44 -11.64
C TRP X 54 -39.10 -36.00 -12.01
N GLU X 55 -39.01 -37.32 -12.03
CA GLU X 55 -37.84 -38.02 -12.53
C GLU X 55 -38.22 -39.07 -13.57
N THR X 56 -39.42 -38.98 -14.11
CA THR X 56 -39.93 -39.94 -15.07
C THR X 56 -39.56 -39.51 -16.49
N LYS X 57 -40.15 -40.16 -17.49
CA LYS X 57 -39.92 -39.78 -18.87
C LYS X 57 -40.51 -38.41 -19.19
N ALA X 58 -41.74 -38.17 -18.75
CA ALA X 58 -42.43 -36.90 -18.92
C ALA X 58 -42.97 -36.43 -17.58
N PRO X 59 -43.10 -35.12 -17.39
CA PRO X 59 -43.70 -34.62 -16.14
C PRO X 59 -45.17 -35.00 -16.04
N SER X 60 -45.66 -35.04 -14.81
CA SER X 60 -47.08 -35.22 -14.58
C SER X 60 -47.87 -34.11 -15.25
N SER X 61 -49.10 -34.41 -15.66
CA SER X 61 -49.93 -33.44 -16.39
C SER X 61 -50.26 -32.20 -15.56
N ASP X 62 -50.02 -32.24 -14.26
CA ASP X 62 -50.28 -31.09 -13.40
C ASP X 62 -49.42 -29.89 -13.78
N VAL X 63 -48.25 -30.13 -14.38
CA VAL X 63 -47.39 -29.04 -14.79
C VAL X 63 -47.99 -28.23 -15.94
N LEU X 64 -49.12 -28.67 -16.48
CA LEU X 64 -49.77 -27.94 -17.55
C LEU X 64 -50.84 -26.99 -17.03
N GLY X 65 -51.06 -26.99 -15.71
CA GLY X 65 -52.00 -26.05 -15.13
C GLY X 65 -53.41 -26.31 -15.61
N ILE X 66 -54.07 -25.28 -16.13
CA ILE X 66 -55.42 -25.40 -16.68
C ILE X 66 -55.49 -26.31 -17.90
N GLY X 67 -54.36 -26.66 -18.50
CA GLY X 67 -54.37 -27.52 -19.66
C GLY X 67 -54.08 -28.97 -19.35
N ALA X 68 -54.25 -29.35 -18.08
CA ALA X 68 -53.90 -30.70 -17.64
C ALA X 68 -54.80 -31.76 -18.26
N GLY X 69 -56.02 -31.42 -18.63
CA GLY X 69 -56.93 -32.37 -19.22
C GLY X 69 -57.02 -32.38 -20.72
N VAL X 70 -56.29 -31.52 -21.40
CA VAL X 70 -56.30 -31.50 -22.86
C VAL X 70 -55.47 -32.66 -23.39
N SER X 71 -55.95 -33.25 -24.49
CA SER X 71 -55.34 -34.43 -25.09
C SER X 71 -54.07 -34.08 -25.85
N SER X 72 -53.22 -35.08 -26.07
CA SER X 72 -51.99 -34.86 -26.83
C SER X 72 -52.27 -34.55 -28.29
N GLY X 73 -53.33 -35.12 -28.85
CA GLY X 73 -53.74 -34.76 -30.19
C GLY X 73 -54.19 -33.31 -30.27
N ASN X 74 -54.87 -32.83 -29.24
CA ASN X 74 -55.40 -31.47 -29.29
C ASN X 74 -54.29 -30.44 -29.14
N PHE X 75 -53.29 -30.72 -28.29
CA PHE X 75 -52.12 -29.85 -28.28
C PHE X 75 -51.35 -29.94 -29.59
N ALA X 76 -51.22 -31.13 -30.18
CA ALA X 76 -50.44 -31.23 -31.42
C ALA X 76 -51.11 -30.48 -32.58
N ALA X 77 -52.43 -30.55 -32.66
CA ALA X 77 -53.14 -29.82 -33.70
C ALA X 77 -53.13 -28.33 -33.40
N ALA X 78 -53.30 -27.93 -32.15
CA ALA X 78 -53.15 -26.52 -31.78
C ALA X 78 -51.74 -26.02 -32.03
N SER X 79 -50.74 -26.88 -31.83
CA SER X 79 -49.35 -26.55 -32.07
C SER X 79 -49.11 -26.23 -33.53
N VAL X 80 -49.61 -27.09 -34.42
CA VAL X 80 -49.41 -26.83 -35.83
C VAL X 80 -50.23 -25.63 -36.28
N PHE X 81 -51.46 -25.52 -35.78
CA PHE X 81 -52.34 -24.41 -36.16
C PHE X 81 -51.75 -23.08 -35.73
N ALA X 82 -51.31 -22.98 -34.48
CA ALA X 82 -50.70 -21.76 -33.99
C ALA X 82 -49.42 -21.47 -34.73
N ALA X 83 -48.65 -22.49 -35.11
CA ALA X 83 -47.41 -22.25 -35.85
C ALA X 83 -47.70 -21.70 -37.24
N LEU X 84 -48.69 -22.26 -37.94
CA LEU X 84 -49.00 -21.79 -39.28
C LEU X 84 -49.65 -20.42 -39.26
N VAL X 85 -50.65 -20.22 -38.40
CA VAL X 85 -51.31 -18.92 -38.32
C VAL X 85 -50.34 -17.85 -37.82
N GLY X 86 -49.54 -18.17 -36.79
CA GLY X 86 -48.57 -17.22 -36.28
C GLY X 86 -47.50 -16.87 -37.30
N GLY X 87 -47.03 -17.86 -38.05
CA GLY X 87 -46.04 -17.58 -39.08
C GLY X 87 -46.62 -16.77 -40.22
N TYR X 88 -47.86 -17.07 -40.62
CA TYR X 88 -48.54 -16.29 -41.65
C TYR X 88 -48.74 -14.83 -41.23
N CYS X 89 -49.26 -14.62 -40.02
CA CYS X 89 -49.47 -13.27 -39.52
C CYS X 89 -48.16 -12.53 -39.31
N THR X 90 -47.13 -13.22 -38.83
CA THR X 90 -45.81 -12.58 -38.72
C THR X 90 -45.28 -12.18 -40.09
N GLY X 91 -45.38 -13.09 -41.07
CA GLY X 91 -44.91 -12.81 -42.41
C GLY X 91 -45.63 -11.65 -43.05
N GLN X 92 -46.91 -11.49 -42.76
CA GLN X 92 -47.69 -10.44 -43.41
C GLN X 92 -47.32 -9.04 -42.93
N VAL X 93 -46.54 -8.90 -41.86
CA VAL X 93 -46.17 -7.59 -41.32
C VAL X 93 -44.67 -7.44 -41.11
N ILE X 94 -43.86 -8.24 -41.82
CA ILE X 94 -42.40 -8.13 -41.69
C ILE X 94 -41.86 -6.75 -42.07
N PRO X 95 -42.22 -6.16 -43.23
CA PRO X 95 -41.96 -4.72 -43.33
C PRO X 95 -42.96 -4.00 -42.47
N LEU X 96 -42.54 -3.55 -41.30
CA LEU X 96 -43.47 -2.89 -40.39
C LEU X 96 -43.71 -1.46 -40.82
N THR X 97 -44.96 -1.03 -40.78
CA THR X 97 -45.35 0.32 -41.11
C THR X 97 -45.89 1.02 -39.87
N VAL X 98 -46.18 2.32 -40.03
CA VAL X 98 -46.84 3.08 -38.98
C VAL X 98 -48.31 2.67 -38.85
N GLU X 99 -48.88 2.01 -39.87
CA GLU X 99 -50.21 1.41 -39.78
C GLU X 99 -50.11 -0.10 -39.95
N PRO X 100 -49.80 -0.83 -38.88
CA PRO X 100 -49.89 -2.29 -38.97
C PRO X 100 -51.29 -2.77 -38.59
N ASN X 101 -51.68 -3.86 -39.23
CA ASN X 101 -52.97 -4.48 -38.92
C ASN X 101 -52.90 -5.09 -37.53
N PRO X 102 -53.75 -4.66 -36.57
CA PRO X 102 -53.62 -5.16 -35.19
C PRO X 102 -53.92 -6.64 -35.04
N LEU X 103 -54.72 -7.19 -35.94
CA LEU X 103 -55.00 -8.62 -35.90
C LEU X 103 -53.77 -9.41 -36.29
N PHE X 104 -52.96 -8.89 -37.21
CA PHE X 104 -51.74 -9.59 -37.60
C PHE X 104 -50.66 -9.48 -36.55
N LEU X 105 -50.59 -8.37 -35.84
CA LEU X 105 -49.71 -8.26 -34.69
C LEU X 105 -50.10 -9.27 -33.61
N ALA X 106 -51.38 -9.28 -33.23
CA ALA X 106 -51.86 -10.20 -32.20
C ALA X 106 -51.71 -11.66 -32.65
N GLY X 107 -52.00 -11.95 -33.91
CA GLY X 107 -51.82 -13.28 -34.44
C GLY X 107 -50.37 -13.71 -34.56
N SER X 108 -49.45 -12.76 -34.57
CA SER X 108 -48.05 -13.12 -34.65
C SER X 108 -47.52 -13.72 -33.36
N PHE X 109 -48.20 -13.46 -32.23
CA PHE X 109 -47.83 -14.05 -30.95
C PHE X 109 -48.15 -15.53 -30.86
N LEU X 110 -48.77 -16.11 -31.88
CA LEU X 110 -49.05 -17.53 -31.93
C LEU X 110 -47.81 -18.36 -32.22
N LEU X 111 -46.79 -17.79 -32.87
CA LEU X 111 -45.57 -18.56 -33.14
C LEU X 111 -44.84 -19.00 -31.87
N PRO X 112 -44.46 -18.11 -30.92
CA PRO X 112 -43.86 -18.63 -29.69
C PRO X 112 -44.80 -19.49 -28.87
N TYR X 113 -46.10 -19.20 -28.91
CA TYR X 113 -47.09 -19.99 -28.18
C TYR X 113 -47.18 -21.41 -28.72
N SER X 114 -46.88 -21.59 -29.99
CA SER X 114 -46.87 -22.93 -30.57
C SER X 114 -45.74 -23.80 -30.03
N TRP X 115 -44.59 -23.20 -29.69
CA TRP X 115 -43.50 -23.96 -29.07
C TRP X 115 -43.96 -24.60 -27.76
N ALA X 116 -44.62 -23.80 -26.92
CA ALA X 116 -45.16 -24.29 -25.67
C ALA X 116 -46.24 -25.31 -25.91
N LEU X 117 -46.97 -25.16 -27.01
CA LEU X 117 -48.00 -26.15 -27.34
C LEU X 117 -47.40 -27.50 -27.73
N HIS X 118 -46.28 -27.52 -28.47
CA HIS X 118 -45.78 -28.84 -28.87
C HIS X 118 -45.04 -29.49 -27.70
N VAL X 119 -44.50 -28.69 -26.79
CA VAL X 119 -43.96 -29.25 -25.56
C VAL X 119 -45.07 -29.92 -24.75
N ALA X 120 -46.22 -29.25 -24.62
CA ALA X 120 -47.37 -29.84 -23.95
C ALA X 120 -47.89 -31.09 -24.67
N ALA X 121 -47.78 -31.11 -26.00
CA ALA X 121 -48.19 -32.29 -26.76
C ALA X 121 -47.27 -33.48 -26.48
N TRP X 122 -45.97 -33.24 -26.35
CA TRP X 122 -45.06 -34.34 -26.00
C TRP X 122 -45.31 -34.83 -24.58
N ILE X 123 -45.61 -33.91 -23.67
CA ILE X 123 -45.88 -34.29 -22.29
C ILE X 123 -47.14 -35.13 -22.21
N GLN X 124 -48.19 -34.73 -22.93
CA GLN X 124 -49.44 -35.47 -22.87
C GLN X 124 -49.35 -36.80 -23.59
N LYS X 125 -48.61 -36.87 -24.70
CA LYS X 125 -48.46 -38.15 -25.38
C LYS X 125 -47.71 -39.13 -24.50
N ASN X 126 -46.72 -38.65 -23.76
CA ASN X 126 -45.98 -39.53 -22.87
C ASN X 126 -46.63 -39.74 -21.52
N ASN X 127 -47.76 -39.11 -21.25
CA ASN X 127 -48.58 -39.47 -20.10
C ASN X 127 -49.82 -40.26 -20.48
N GLY X 128 -49.93 -40.67 -21.74
CA GLY X 128 -51.07 -41.44 -22.18
C GLY X 128 -52.34 -40.64 -22.31
N LYS X 129 -52.26 -39.37 -22.67
CA LYS X 129 -53.45 -38.55 -22.85
C LYS X 129 -53.56 -38.09 -24.31
MG CLA Y . 6.03 6.64 -10.64
CHA CLA Y . 8.72 6.75 -8.41
CHB CLA Y . 4.54 4.34 -8.60
CHC CLA Y . 2.97 7.43 -12.01
CHD CLA Y . 7.41 9.47 -12.26
NA CLA Y . 6.60 5.63 -8.90
C1A CLA Y . 7.73 5.84 -8.09
C2A CLA Y . 7.76 4.82 -6.95
C3A CLA Y . 6.74 3.77 -7.45
C4A CLA Y . 5.87 4.62 -8.36
CMA CLA Y . 7.47 2.74 -8.26
CAA CLA Y . 7.41 5.31 -5.55
CBA CLA Y . 7.76 4.21 -4.58
CGA CLA Y . 7.63 4.63 -3.15
O1A CLA Y . 7.79 3.96 -2.14
O2A CLA Y . 7.26 5.94 -3.01
NB CLA Y . 4.13 6.03 -10.34
C1B CLA Y . 3.71 5.08 -9.45
C2B CLA Y . 2.22 4.92 -9.55
C3B CLA Y . 1.80 5.80 -10.52
C4B CLA Y . 3.00 6.49 -11.04
CMB CLA Y . 1.47 3.98 -8.73
CAB CLA Y . 0.49 6.07 -11.07
CBB CLA Y . -0.31 5.20 -11.66
NC CLA Y . 5.37 8.07 -12.01
C1C CLA Y . 4.10 8.15 -12.50
C2C CLA Y . 4.00 9.21 -13.49
C3C CLA Y . 5.22 9.87 -13.48
C4C CLA Y . 6.08 9.13 -12.56
CMC CLA Y . 2.78 9.54 -14.24
CAC CLA Y . 5.64 10.99 -14.33
CBC CLA Y . 6.19 10.50 -15.66
ND CLA Y . 7.77 7.66 -10.62
C1D CLA Y . 8.20 8.82 -11.34
C2D CLA Y . 9.57 9.15 -10.93
C3D CLA Y . 9.82 8.38 -9.81
C4D CLA Y . 8.63 7.53 -9.61
CMD CLA Y . 10.38 10.16 -11.60
CAD CLA Y . 10.80 7.98 -8.83
OBD CLA Y . 12.01 8.18 -8.79
CBD CLA Y . 10.02 7.16 -7.75
CGD CLA Y . 10.81 6.04 -7.11
O1D CLA Y . 10.88 4.87 -7.46
O2D CLA Y . 11.50 6.43 -6.00
CED CLA Y . 10.80 7.19 -5.02
C1 CLA Y . 8.08 6.70 -2.10
C2 CLA Y . 7.65 8.11 -2.30
C3 CLA Y . 8.46 9.14 -2.02
C4 CLA Y . 9.84 8.96 -1.51
C5 CLA Y . 7.98 10.53 -2.24
C6 CLA Y . 8.78 11.20 -3.35
C7 CLA Y . 8.03 12.39 -3.92
C8 CLA Y . 7.67 13.42 -2.86
C9 CLA Y . 6.69 14.41 -3.42
C10 CLA Y . 8.93 14.11 -2.34
C11 CLA Y . 8.65 14.97 -1.13
C12 CLA Y . 9.88 15.10 -0.26
C13 CLA Y . 9.71 16.14 0.84
C14 CLA Y . 11.06 16.58 1.37
C15 CLA Y . 8.82 15.65 1.98
C16 CLA Y . 9.14 14.23 2.41
C17 CLA Y . 8.03 13.69 3.28
C18 CLA Y . 8.34 12.33 3.89
C19 CLA Y . 9.08 12.46 5.21
C20 CLA Y . 9.10 11.45 2.93
MG CLA Z . -1.55 -10.34 -8.33
CHA CLA Z . -3.49 -13.09 -9.18
CHB CLA Z . -0.06 -10.54 -11.38
CHC CLA Z . -0.58 -7.03 -8.08
CHD CLA Z . -3.66 -9.87 -5.53
NA CLA Z . -1.71 -11.63 -9.95
C1A CLA Z . -2.58 -12.70 -10.12
C2A CLA Z . -2.34 -13.35 -11.45
C3A CLA Z . -0.93 -12.86 -11.80
C4A CLA Z . -0.90 -11.56 -11.02
CMA CLA Z . 0.11 -13.82 -11.33
CAA CLA Z . -3.38 -12.73 -12.35
CBA CLA Z . -2.88 -12.53 -13.75
CGA CLA Z . -2.70 -13.90 -14.30
O1A CLA Z . -3.36 -14.86 -13.96
O2A CLA Z . -1.69 -14.07 -15.22
NB CLA Z . -0.57 -9.04 -9.51
C1B CLA Z . 0.03 -9.35 -10.68
C2B CLA Z . 0.85 -8.23 -11.17
C3B CLA Z . 0.70 -7.22 -10.26
C4B CLA Z . -0.18 -7.73 -9.18
CMB CLA Z . 1.60 -8.35 -12.41
CAB CLA Z . 1.27 -5.89 -10.20
CBB CLA Z . 1.78 -5.20 -11.20
NC CLA Z . -1.97 -8.78 -7.00
C1C CLA Z . -1.40 -7.54 -7.06
C2C CLA Z . -1.84 -6.75 -5.93
C3C CLA Z . -2.78 -7.52 -5.25
C4C CLA Z . -2.84 -8.80 -5.93
CMC CLA Z . -1.36 -5.40 -5.69
CAC CLA Z . -3.51 -7.18 -4.03
CBC CLA Z . -2.90 -7.81 -2.80
ND CLA Z . -3.09 -11.28 -7.43
C1D CLA Z . -3.80 -11.03 -6.23
C2D CLA Z . -4.67 -12.18 -5.95
C3D CLA Z . -4.60 -12.99 -7.06
C4D CLA Z . -3.64 -12.37 -7.97
CMD CLA Z . -5.45 -12.30 -4.73
CAD CLA Z . -5.03 -14.23 -7.68
OBD CLA Z . -5.73 -15.13 -7.24
CBD CLA Z . -4.42 -14.26 -9.11
CGD CLA Z . -3.78 -15.57 -9.47
O1D CLA Z . -2.65 -15.96 -9.22
O2D CLA Z . -4.59 -16.39 -10.18
CED CLA Z . -3.99 -17.33 -11.06
C1 CLA Z . -0.72 -13.03 -15.39
C2 CLA Z . 0.64 -13.56 -15.20
C3 CLA Z . 1.67 -12.72 -15.04
C4 CLA Z . 1.51 -11.25 -15.05
C5 CLA Z . 3.05 -13.24 -14.83
C6 CLA Z . 4.08 -12.44 -15.56
C7 CLA Z . 5.02 -13.34 -16.33
C8 CLA Z . 6.42 -13.26 -15.75
C9 CLA Z . 6.87 -11.82 -15.59
C10 CLA Z . 7.37 -14.09 -16.60
C11 CLA Z . 8.77 -13.55 -16.57
C12 CLA Z . 9.80 -14.60 -16.24
C13 CLA Z . 11.11 -13.88 -16.04
C14 CLA Z . 12.20 -14.51 -16.90
C15 CLA Z . 11.49 -13.88 -14.56
C16 CLA Z . 12.82 -13.21 -14.31
C17 CLA Z . 13.35 -13.53 -12.92
C18 CLA Z . 14.80 -13.13 -12.77
C19 CLA Z . 15.26 -13.29 -11.35
C20 CLA Z . 15.65 -14.01 -13.67
MG CLA AA . 27.15 -20.13 -1.18
CHA CLA AA . 27.70 -23.41 -0.24
CHB CLA AA . 30.42 -19.42 -0.47
CHC CLA AA . 26.85 -17.14 -2.83
CHD CLA AA . 23.93 -21.04 -2.28
NA CLA AA . 28.77 -21.23 -0.45
C1A CLA AA . 28.78 -22.58 -0.10
C2A CLA AA . 30.15 -22.97 0.45
C3A CLA AA . 30.85 -21.61 0.65
C4A CLA AA . 29.97 -20.68 -0.16
CMA CLA AA . 30.83 -21.18 2.08
CAA CLA AA . 30.91 -23.93 -0.44
CBA CLA AA . 31.78 -23.29 -1.48
CGA CLA AA . 32.35 -24.43 -2.25
O1A CLA AA . 32.80 -25.48 -1.82
O2A CLA AA . 32.30 -24.26 -3.58
NB CLA AA . 28.37 -18.58 -1.55
C1B CLA AA . 29.67 -18.49 -1.20
C2B CLA AA . 30.27 -17.22 -1.67
C3B CLA AA . 29.27 -16.56 -2.34
C4B CLA AA . 28.06 -17.42 -2.28
CMB CLA AA . 31.67 -16.93 -1.40
CAB CLA AA . 29.28 -15.29 -3.01
CBB CLA AA . 29.95 -14.21 -2.62
NC CLA AA . 25.65 -19.24 -2.32
C1C CLA AA . 25.71 -18.00 -2.84
C2C CLA AA . 24.46 -17.66 -3.48
C3C CLA AA . 23.65 -18.78 -3.36
C4C CLA AA . 24.39 -19.76 -2.62
CMC CLA AA . 24.17 -16.38 -4.14
CAC CLA AA . 22.26 -18.92 -3.80
CBC CLA AA . 21.31 -18.52 -2.70
ND CLA AA . 26.04 -21.82 -1.35
C1D CLA AA . 24.70 -22.03 -1.72
C2D CLA AA . 24.33 -23.43 -1.40
C3D CLA AA . 25.46 -24.01 -0.88
C4D CLA AA . 26.50 -22.96 -0.85
CMD CLA AA . 23.00 -24.00 -1.61
CAD CLA AA . 26.05 -25.20 -0.29
OBD CLA AA . 25.55 -26.31 -0.12
CBD CLA AA . 27.50 -24.85 0.14
CGD CLA AA . 27.81 -25.09 1.59
O1D CLA AA . 28.44 -26.02 2.08
O2D CLA AA . 27.34 -24.17 2.48
CED CLA AA . 27.54 -24.39 3.87
C1 CLA AA . 33.16 -23.24 -4.12
C2 CLA AA . 34.07 -23.94 -5.06
C3 CLA AA . 34.38 -23.44 -6.27
C4 CLA AA . 35.31 -24.16 -7.16
C5 CLA AA . 33.85 -22.16 -6.77
C6 CLA AA . 32.97 -22.29 -8.01
C7 CLA AA . 31.69 -23.06 -7.78
C8 CLA AA . 30.71 -22.93 -8.95
C9 CLA AA . 31.12 -23.80 -10.12
C10 CLA AA . 30.57 -21.48 -9.39
MG CLA BA . 31.56 -12.33 6.14
CHA CLA BA . 32.88 -9.14 6.54
CHB CLA BA . 31.54 -11.87 2.77
CHC CLA BA . 29.61 -15.15 5.76
CHD CLA BA . 30.93 -12.41 9.61
NA CLA BA . 32.17 -10.79 4.89
C1A CLA BA . 32.70 -9.54 5.24
C2A CLA BA . 33.08 -8.75 4.00
C3A CLA BA . 32.66 -9.65 2.85
C4A CLA BA . 32.10 -10.88 3.53
CMA CLA BA . 31.63 -8.98 2.01
CAA CLA BA . 34.60 -8.63 4.01
CBA CLA BA . 35.38 -9.29 2.91
CGA CLA BA . 35.42 -8.34 1.76
O1A CLA BA . 35.77 -8.61 0.61
O2A CLA BA . 34.99 -7.09 2.09
NB CLA BA . 30.74 -13.31 4.58
C1B CLA BA . 30.94 -13.03 3.28
C2B CLA BA . 30.41 -14.11 2.42
C3B CLA BA . 29.87 -15.05 3.27
C4B CLA BA . 30.08 -14.55 4.65
CMB CLA BA . 30.47 -14.02 0.97
CAB CLA BA . 29.18 -16.29 3.06
CBB CLA BA . 29.33 -17.11 2.03
NC CLA BA . 30.47 -13.55 7.45
C1C CLA BA . 29.78 -14.66 7.08
C2C CLA BA . 29.18 -15.28 8.24
C3C CLA BA . 29.51 -14.50 9.32
C4C CLA BA . 30.35 -13.42 8.83
CMC CLA BA . 28.33 -16.46 8.22
CAC CLA BA . 29.07 -14.73 10.71
CBC CLA BA . 27.91 -13.83 11.06
ND CLA BA . 31.84 -11.14 7.74
C1D CLA BA . 31.63 -11.34 9.13
C2D CLA BA . 32.26 -10.25 9.87
C3D CLA BA . 32.73 -9.36 8.93
C4D CLA BA . 32.43 -9.95 7.62
CMD CLA BA . 32.30 -10.15 11.32
CAD CLA BA . 33.44 -8.13 8.70
OBD CLA BA . 33.94 -7.37 9.50
CBD CLA BA . 33.48 -7.91 7.17
CGD CLA BA . 32.79 -6.64 6.75
O1D CLA BA . 33.01 -5.96 5.73
O2D CLA BA . 31.82 -6.19 7.57
CED CLA BA . 30.91 -5.23 7.04
C1 CLA BA . 34.53 -6.19 1.07
C2 CLA BA . 35.76 -5.58 0.55
C3 CLA BA . 36.53 -4.69 1.18
C4 CLA BA . 36.21 -4.11 2.51
C5 CLA BA . 37.77 -4.22 0.51
C6 CLA BA . 37.86 -4.80 -0.89
C7 CLA BA . 39.06 -4.29 -1.62
C8 CLA BA . 39.11 -4.97 -2.98
C9 CLA BA . 39.70 -6.36 -2.87
C10 CLA BA . 39.92 -4.12 -3.92
C11 CLA BA . 41.37 -4.07 -3.52
C12 CLA BA . 42.15 -3.45 -4.64
C13 CLA BA . 43.58 -3.17 -4.20
C14 CLA BA . 44.24 -2.27 -5.21
C15 CLA BA . 44.33 -4.48 -4.04
C16 CLA BA . 45.83 -4.29 -3.97
C17 CLA BA . 46.53 -5.61 -3.83
C18 CLA BA . 48.02 -5.43 -3.57
C19 CLA BA . 48.80 -6.70 -3.78
C20 CLA BA . 48.26 -4.90 -2.18
MG CLA CA . 29.42 -8.78 -1.71
CHA CLA CA . 27.25 -11.46 -1.54
CHB CLA CA . 28.32 -7.78 1.38
CHC CLA CA . 31.14 -5.86 -2.04
CHD CLA CA . 29.74 -9.33 -5.20
NA CLA CA . 28.07 -9.55 -0.30
C1A CLA CA . 27.30 -10.70 -0.40
C2A CLA CA . 26.50 -10.92 0.85
C3A CLA CA . 26.77 -9.67 1.69
C4A CLA CA . 27.83 -8.97 0.90
CMA CLA CA . 25.52 -8.83 1.76
CAA CLA CA . 27.16 -11.99 1.66
CBA CLA CA . 26.51 -13.35 1.61
CGA CLA CA . 25.43 -13.48 2.62
O1A CLA CA . 25.25 -14.41 3.40
O2A CLA CA . 24.54 -12.44 2.67
NB CLA CA . 29.71 -7.16 -0.55
C1B CLA CA . 29.25 -6.97 0.71
C2B CLA CA . 29.83 -5.75 1.30
C3B CLA CA . 30.64 -5.21 0.33
C4B CLA CA . 30.56 -6.10 -0.85
CMB CLA CA . 29.47 -5.30 2.64
CAB CLA CA . 31.41 -4.00 0.29
CBB CLA CA . 32.20 -3.53 1.26
NC CLA CA . 30.29 -7.80 -3.32
C1C CLA CA . 30.99 -6.64 -3.20
C2C CLA CA . 31.54 -6.25 -4.48
C3C CLA CA . 31.07 -7.18 -5.41
C4C CLA CA . 30.31 -8.17 -4.67
CMC CLA CA . 32.34 -5.05 -4.71
CAC CLA CA . 31.35 -7.19 -6.84
CBC CLA CA . 30.27 -6.43 -7.59
ND CLA CA . 28.71 -10.06 -3.09
C1D CLA CA . 28.99 -10.22 -4.48
C2D CLA CA . 28.33 -11.45 -4.94
C3D CLA CA . 27.68 -11.97 -3.86
C4D CLA CA . 27.91 -11.06 -2.74
CMD CLA CA . 28.40 -11.95 -6.30
CAD CLA CA . 26.81 -13.02 -3.38
OBD CLA CA . 26.38 -13.97 -3.97
CBD CLA CA . 26.49 -12.72 -1.90
CGD CLA CA . 25.00 -12.63 -1.72
O1D CLA CA . 24.26 -13.54 -1.35
O2D CLA CA . 24.43 -11.44 -2.02
CED CLA CA . 23.01 -11.31 -1.93
C1 CLA CA . 23.16 -12.80 2.83
C2 CLA CA . 22.33 -12.00 1.91
C3 CLA CA . 21.47 -11.07 2.36
C4 CLA CA . 21.29 -10.78 3.79
C5 CLA CA . 20.66 -10.28 1.40
C6 CLA CA . 21.09 -8.83 1.38
C7 CLA CA . 21.00 -8.42 -0.07
C8 CLA CA . 21.08 -6.93 -0.37
C9 CLA CA . 21.02 -6.82 -1.88
C10 CLA CA . 22.35 -6.31 0.18
C11 CLA CA . 22.71 -5.02 -0.51
C12 CLA CA . 23.94 -4.34 0.05
C13 CLA CA . 25.21 -5.10 -0.23
C14 CLA CA . 26.38 -4.25 0.21
C15 CLA CA . 25.34 -5.44 -1.72
C16 CLA CA . 26.33 -6.55 -1.96
C17 CLA CA . 26.65 -6.70 -3.43
C18 CLA CA . 25.52 -7.35 -4.20
C19 CLA CA . 25.08 -8.63 -3.54
C20 CLA CA . 25.95 -7.66 -5.61
MG CLA DA . 32.96 -8.84 -19.95
CHA CLA DA . 31.65 -9.06 -23.13
CHB CLA DA . 29.85 -8.13 -18.76
CHC CLA DA . 34.11 -9.34 -16.76
CHD CLA DA . 36.02 -10.06 -21.22
NA CLA DA . 31.07 -8.66 -20.81
C1A CLA DA . 30.75 -8.77 -22.17
C2A CLA DA . 29.27 -8.53 -22.40
C3A CLA DA . 28.80 -7.99 -21.04
C4A CLA DA . 29.96 -8.30 -20.11
CMA CLA DA . 28.61 -6.50 -21.10
CAA CLA DA . 28.53 -9.78 -22.87
CBA CLA DA . 28.92 -11.06 -22.18
CGA CLA DA . 28.08 -12.12 -22.80
O1A CLA DA . 26.90 -12.07 -23.11
O2A CLA DA . 28.70 -13.32 -23.00
NB CLA DA . 32.14 -8.72 -18.11
C1B CLA DA . 30.86 -8.37 -17.83
C2B CLA DA . 30.69 -8.26 -16.35
C3B CLA DA . 31.88 -8.60 -15.78
C4B CLA DA . 32.82 -8.91 -16.89
CMB CLA DA . 29.44 -7.92 -15.69
CAB CLA DA . 32.17 -8.68 -14.37
CBB CLA DA . 32.86 -9.62 -13.74
NC CLA DA . 34.74 -9.57 -19.15
C1C CLA DA . 35.00 -9.67 -17.81
C2C CLA DA . 36.36 -10.18 -17.63
C3C CLA DA . 36.88 -10.39 -18.89
C4C CLA DA . 35.88 -9.97 -19.83
CMC CLA DA . 37.00 -10.49 -16.36
CAC CLA DA . 38.22 -10.89 -19.22
CBC CLA DA . 38.25 -12.34 -19.57
ND CLA DA . 33.69 -9.57 -21.70
C1D CLA DA . 34.99 -9.89 -22.10
C2D CLA DA . 35.06 -10.00 -23.56
C3D CLA DA . 33.79 -9.69 -24.01
C4D CLA DA . 32.99 -9.42 -22.81
CMD CLA DA . 36.25 -10.35 -24.30
CAD CLA DA . 32.93 -9.56 -25.15
OBD CLA DA . 33.14 -9.76 -26.33
CBD CLA DA . 31.58 -9.05 -24.64
CGD CLA DA . 31.39 -7.66 -25.16
O1D CLA DA . 31.35 -6.61 -24.53
O2D CLA DA . 31.26 -7.59 -26.50
CED CLA DA . 31.07 -6.29 -27.06
C1 CLA DA . 27.88 -14.49 -22.82
C2 CLA DA . 28.76 -15.64 -23.13
C3 CLA DA . 28.44 -16.92 -22.88
C4 CLA DA . 29.36 -18.04 -23.23
C5 CLA DA . 27.16 -17.29 -22.24
C6 CLA DA . 27.39 -18.12 -21.01
C7 CLA DA . 26.10 -18.28 -20.25
C8 CLA DA . 26.24 -19.35 -19.17
C9 CLA DA . 25.12 -20.36 -19.31
C10 CLA DA . 26.24 -18.70 -17.80
C11 CLA DA . 26.23 -19.82 -16.81
C12 CLA DA . 27.09 -19.65 -15.59
C13 CLA DA . 27.17 -21.00 -14.88
C14 CLA DA . 25.85 -21.78 -14.92
C15 CLA DA . 27.72 -20.83 -13.47
C16 CLA DA . 27.67 -22.15 -12.74
C17 CLA DA . 28.74 -23.10 -13.24
C18 CLA DA . 28.27 -24.54 -13.33
C19 CLA DA . 29.39 -25.51 -13.07
C20 CLA DA . 27.04 -24.89 -12.51
MG CLA EA . 25.84 -2.25 -18.12
CHA CLA EA . 28.32 -0.85 -16.14
CHB CLA EA . 27.31 -5.30 -17.73
CHC CLA EA . 22.95 -3.77 -19.20
CHD CLA EA . 24.12 0.82 -17.97
NA CLA EA . 27.56 -2.92 -17.14
C1A CLA EA . 28.46 -2.20 -16.36
C2A CLA EA . 29.59 -3.09 -15.84
C3A CLA EA . 29.40 -4.35 -16.71
C4A CLA EA . 27.98 -4.21 -17.22
CMA CLA EA . 30.36 -4.36 -17.86
CAA CLA EA . 29.49 -3.43 -14.35
CBA CLA EA . 28.10 -3.80 -13.88
CGA CLA EA . 28.08 -4.84 -12.80
O1A CLA EA . 28.78 -5.84 -12.68
O2A CLA EA . 27.07 -4.62 -11.90
NB CLA EA . 25.24 -4.16 -18.37
C1B CLA EA . 26.02 -5.24 -18.24
C2B CLA EA . 25.33 -6.44 -18.76
C3B CLA EA . 24.08 -6.03 -19.18
C4B CLA EA . 24.02 -4.57 -18.93
CMB CLA EA . 25.98 -7.74 -18.75
CAB CLA EA . 22.97 -6.75 -19.74
CBB CLA EA . 23.01 -7.81 -20.55
NC CLA EA . 23.92 -1.58 -18.57
C1C CLA EA . 22.91 -2.35 -19.06
C2C CLA EA . 21.74 -1.54 -19.35
C3C CLA EA . 22.06 -0.26 -18.93
C4C CLA EA . 23.44 -0.28 -18.48
CMC CLA EA . 20.48 -2.06 -19.88
CAC CLA EA . 21.26 0.96 -19.03
CBC CLA EA . 21.62 1.72 -20.29
ND CLA EA . 26.13 -0.41 -17.38
C1D CLA EA . 25.38 0.79 -17.43
C2D CLA EA . 26.13 1.88 -16.82
C3D CLA EA . 27.28 1.31 -16.33
C4D CLA EA . 27.22 -0.13 -16.67
CMD CLA EA . 25.69 3.28 -16.74
CAD CLA EA . 28.52 1.52 -15.62
OBD CLA EA . 29.00 2.57 -15.22
CBD CLA EA . 29.19 0.15 -15.43
CGD CLA EA . 30.62 0.21 -15.88
O1D CLA EA . 31.57 0.77 -15.33
O2D CLA EA . 30.89 -0.41 -17.05
CED CLA EA . 32.25 -0.72 -17.31
C1 CLA EA . 26.57 -5.73 -11.11
C2 CLA EA . 25.36 -5.23 -10.42
C3 CLA EA . 24.56 -5.98 -9.64
C4 CLA EA . 24.83 -7.42 -9.43
C5 CLA EA . 23.34 -5.42 -8.99
C6 CLA EA . 22.98 -4.02 -9.45
C7 CLA EA . 21.60 -3.66 -8.96
C8 CLA EA . 21.12 -2.38 -9.61
C9 CLA EA . 21.82 -1.17 -9.05
C10 CLA EA . 19.61 -2.20 -9.47
C11 CLA EA . 19.18 -1.07 -10.36
C12 CLA EA . 18.04 -1.45 -11.27
C13 CLA EA . 18.39 -2.56 -12.22
C14 CLA EA . 19.41 -2.03 -13.18
C15 CLA EA . 17.16 -3.07 -12.97
C16 CLA EA . 15.94 -3.12 -12.06
C17 CLA EA . 14.66 -2.97 -12.83
C18 CLA EA . 14.40 -4.17 -13.71
C19 CLA EA . 13.55 -5.16 -12.93
C20 CLA EA . 13.72 -3.76 -14.99
MG CLA FA . 19.71 -7.27 -24.87
CHA CLA FA . 23.07 -7.66 -24.20
CHB CLA FA . 19.59 -10.46 -26.08
CHC CLA FA . 16.31 -7.13 -24.89
CHD CLA FA . 19.79 -4.16 -23.19
NA CLA FA . 21.12 -8.80 -25.06
C1A CLA FA . 22.47 -8.78 -24.72
C2A CLA FA . 23.16 -10.10 -25.11
C3A CLA FA . 22.02 -10.92 -25.75
C4A CLA FA . 20.81 -10.01 -25.61
CMA CLA FA . 22.30 -11.16 -27.18
CAA CLA FA . 23.88 -10.91 -24.05
CBA CLA FA . 23.34 -10.80 -22.66
CGA CLA FA . 24.54 -10.67 -21.79
O1A CLA FA . 25.32 -9.72 -21.77
O2A CLA FA . 24.78 -11.73 -20.96
NB CLA FA . 18.26 -8.58 -25.31
C1B CLA FA . 18.42 -9.73 -25.99
C2B CLA FA . 17.14 -10.16 -26.61
C3B CLA FA . 16.21 -9.21 -26.27
C4B CLA FA . 16.91 -8.22 -25.44
CMB CLA FA . 17.07 -11.40 -27.39
CAB CLA FA . 14.81 -9.03 -26.55
CBB CLA FA . 13.92 -9.94 -26.92
NC CLA FA . 18.32 -5.91 -24.13
C1C CLA FA . 16.98 -6.05 -24.27
C2C CLA FA . 16.28 -4.92 -23.69
C3C CLA FA . 17.25 -4.07 -23.19
C4C CLA FA . 18.54 -4.70 -23.49
CMC CLA FA . 14.82 -4.81 -23.67
CAC CLA FA . 17.06 -2.79 -22.51
CBC CLA FA . 16.81 -2.95 -21.04
ND CLA FA . 21.05 -6.13 -23.87
C1D CLA FA . 20.98 -4.81 -23.38
C2D CLA FA . 22.35 -4.34 -23.09
C3D CLA FA . 23.18 -5.41 -23.35
C4D CLA FA . 22.32 -6.50 -23.83
CMD CLA FA . 22.73 -3.02 -22.61
CAD CLA FA . 24.54 -5.86 -23.39
OBD CLA FA . 25.56 -5.29 -23.05
CBD CLA FA . 24.51 -7.32 -23.91
CGD CLA FA . 25.34 -7.44 -25.13
O1D CLA FA . 25.06 -7.14 -26.28
O2D CLA FA . 26.58 -7.92 -24.90
CED CLA FA . 27.62 -7.36 -25.67
C1 CLA FA . 25.79 -11.45 -19.96
C2 CLA FA . 26.39 -12.72 -19.50
C3 CLA FA . 27.42 -12.77 -18.65
C4 CLA FA . 28.07 -11.57 -18.07
C5 CLA FA . 27.96 -14.09 -18.22
C6 CLA FA . 27.75 -14.26 -16.73
C7 CLA FA . 27.93 -15.68 -16.26
C8 CLA FA . 28.11 -15.78 -14.75
C9 CLA FA . 27.33 -14.71 -14.00
C10 CLA FA . 29.59 -15.73 -14.42
C11 CLA FA . 29.84 -16.17 -12.98
C12 CLA FA . 31.29 -16.43 -12.66
C13 CLA FA . 31.46 -17.10 -11.30
C14 CLA FA . 30.37 -18.10 -10.97
C15 CLA FA . 31.57 -16.07 -10.19
C16 CLA FA . 32.57 -16.48 -9.12
C17 CLA FA . 34.01 -16.38 -9.60
C18 CLA FA . 34.99 -16.90 -8.57
C19 CLA FA . 36.40 -16.95 -9.12
C20 CLA FA . 34.60 -18.28 -8.08
MG CLA GA . 47.48 -17.61 4.13
CHA CLA GA . 49.72 -19.78 5.59
CHB CLA GA . 47.03 -16.11 7.18
CHC CLA GA . 46.23 -14.83 2.57
CHD CLA GA . 48.61 -18.78 0.96
NA CLA GA . 48.18 -17.96 6.06
C1A CLA GA . 49.12 -18.91 6.47
C2A CLA GA . 49.34 -18.87 7.98
C3A CLA GA . 48.20 -17.96 8.45
C4A CLA GA . 47.74 -17.28 7.15
CMA CLA GA . 47.12 -18.78 9.10
CAA CLA GA . 50.74 -18.40 8.36
CBA CLA GA . 50.86 -16.90 8.21
CGA CLA GA . 52.26 -16.40 8.24
O1A CLA GA . 53.16 -16.66 9.03
O2A CLA GA . 52.50 -15.49 7.25
NB CLA GA . 46.83 -15.82 4.75
C1B CLA GA . 46.60 -15.45 6.03
C2B CLA GA . 45.81 -14.20 6.08
C3B CLA GA . 45.58 -13.81 4.79
C4B CLA GA . 46.21 -14.84 3.93
CMB CLA GA . 45.45 -13.58 7.35
CAB CLA GA . 44.87 -12.69 4.23
CBB CLA GA . 43.65 -12.31 4.61
NC CLA GA . 47.37 -16.98 2.15
C1C CLA GA . 46.76 -15.83 1.74
C2C CLA GA . 46.81 -15.73 0.31
C3C CLA GA . 47.54 -16.83 -0.15
C4C CLA GA . 47.86 -17.61 1.01
CMC CLA GA . 46.25 -14.62 -0.45
CAC CLA GA . 47.86 -17.20 -1.53
CBC CLA GA . 49.25 -16.79 -1.93
ND CLA GA . 48.71 -19.03 3.39
C1D CLA GA . 49.02 -19.45 2.08
C2D CLA GA . 49.89 -20.65 2.13
C3D CLA GA . 50.20 -20.81 3.46
C4D CLA GA . 49.46 -19.75 4.19
CMD CLA GA . 50.36 -21.41 0.99
CAD CLA GA . 50.91 -21.58 4.44
OBD CLA GA . 51.60 -22.58 4.27
CBD CLA GA . 50.68 -20.91 5.81
CGD CLA GA . 50.09 -21.88 6.79
O1D CLA GA . 48.95 -22.35 6.81
O2D CLA GA . 50.97 -22.25 7.74
CED CLA GA . 50.46 -22.89 8.91
C1 CLA GA . 53.35 -14.40 7.67
C2 CLA GA . 54.04 -13.81 6.50
C3 CLA GA . 54.99 -14.46 5.79
C4 CLA GA . 55.47 -15.81 6.17
C5 CLA GA . 55.71 -13.83 4.65
C6 CLA GA . 55.21 -14.21 3.27
C7 CLA GA . 54.01 -13.36 2.84
C8 CLA GA . 54.11 -12.83 1.41
C9 CLA GA . 55.54 -12.74 0.89
C10 CLA GA . 53.42 -11.47 1.26
C11 CLA GA . 54.31 -10.30 1.64
MG CLA HA . 35.22 -26.53 -0.32
CHA CLA HA . 32.57 -27.02 1.86
CHB CLA HA . 34.35 -29.47 -1.87
CHC CLA HA . 36.74 -25.48 -3.24
CHD CLA HA . 35.37 -23.19 0.85
NA CLA HA . 33.78 -28.01 0.01
C1A CLA HA . 32.72 -28.02 0.94
C2A CLA HA . 31.89 -29.31 0.82
C3A CLA HA . 32.84 -30.20 -0.02
C4A CLA HA . 33.70 -29.16 -0.71
CMA CLA HA . 33.63 -31.15 0.82
CAA CLA HA . 30.56 -29.16 0.09
CBA CLA HA . 30.23 -27.80 -0.50
CGA CLA HA . 29.19 -27.84 -1.57
O1A CLA HA . 28.07 -28.34 -1.57
O2A CLA HA . 29.58 -27.20 -2.72
NB CLA HA . 35.54 -27.34 -2.15
C1B CLA HA . 35.15 -28.57 -2.57
C2B CLA HA . 35.64 -28.83 -3.94
C3B CLA HA . 36.31 -27.72 -4.34
C4B CLA HA . 36.26 -26.75 -3.21
CMB CLA HA . 35.36 -30.05 -4.69
CAB CLA HA . 36.90 -27.44 -5.62
CBB CLA HA . 38.19 -27.22 -5.84
NC CLA HA . 36.01 -24.72 -1.01
C1C CLA HA . 36.62 -24.53 -2.20
C2C CLA HA . 37.05 -23.15 -2.36
C3C CLA HA . 36.60 -22.49 -1.24
C4C CLA HA . 35.97 -23.48 -0.39
CMC CLA HA . 37.69 -22.57 -3.53
CAC CLA HA . 36.75 -21.05 -0.95
CBC CLA HA . 35.47 -20.29 -1.19
ND CLA HA . 34.34 -25.38 1.09
C1D CLA HA . 34.59 -24.07 1.54
C2D CLA HA . 33.85 -23.83 2.78
C3D CLA HA . 33.05 -24.93 2.95
C4D CLA HA . 33.36 -25.85 1.85
CMD CLA HA . 33.94 -22.60 3.56
CAD CLA HA . 32.05 -25.59 3.78
OBD CLA HA . 31.55 -25.23 4.84
CBD CLA HA . 31.66 -26.89 3.04
CGD CLA HA . 31.79 -28.07 3.95
O1D CLA HA . 32.66 -28.94 3.94
O2D CLA HA . 30.80 -28.16 4.87
CED CLA HA . 30.78 -29.33 5.67
C1 CLA HA . 28.53 -26.75 -3.60
C2 CLA HA . 28.30 -25.31 -3.37
C3 CLA HA . 28.32 -24.42 -4.36
C4 CLA HA . 28.60 -24.83 -5.76
C5 CLA HA . 28.09 -22.97 -4.13
C6 CLA HA . 29.23 -22.16 -4.72
C7 CLA HA . 28.93 -20.69 -4.77
C8 CLA HA . 30.11 -19.92 -5.36
C9 CLA HA . 31.19 -19.83 -4.32
C10 CLA HA . 29.77 -18.52 -5.86
C11 CLA HA . 28.28 -18.30 -6.03
C12 CLA HA . 27.89 -16.87 -6.35
C13 CLA HA . 28.16 -16.48 -7.78
C14 CLA HA . 28.96 -15.21 -7.83
C15 CLA HA . 26.87 -16.24 -8.52
C16 CLA HA . 26.03 -15.19 -7.84
C17 CLA HA . 24.59 -15.29 -8.30
MG CLA IA . 52.76 -10.27 11.70
CHA CLA IA . 51.32 -13.16 12.95
CHB CLA IA . 54.23 -9.73 14.72
CHC CLA IA . 54.73 -7.83 10.29
CHD CLA IA . 51.60 -11.15 8.49
NA CLA IA . 52.76 -11.29 13.53
C1A CLA IA . 52.09 -12.48 13.85
C2A CLA IA . 52.32 -12.85 15.32
C3A CLA IA . 53.06 -11.63 15.88
C4A CLA IA . 53.39 -10.82 14.63
CMA CLA IA . 52.21 -10.84 16.85
CAA CLA IA . 53.13 -14.12 15.49
CBA CLA IA . 54.34 -14.10 14.62
CGA CLA IA . 54.28 -15.16 13.57
O1A CLA IA . 54.20 -16.38 13.74
O2A CLA IA . 54.31 -14.70 12.29
NB CLA IA . 54.20 -9.03 12.37
C1B CLA IA . 54.62 -8.93 13.65
C2B CLA IA . 55.54 -7.79 13.81
C3B CLA IA . 55.72 -7.22 12.58
C4B CLA IA . 54.87 -8.01 11.62
CMB CLA IA . 56.16 -7.41 15.07
CAB CLA IA . 56.59 -6.11 12.30
CBB CLA IA . 56.72 -5.34 11.22
NC CLA IA . 53.09 -9.62 9.75
C1C CLA IA . 53.91 -8.58 9.41
C2C CLA IA . 53.84 -8.34 7.99
C3C CLA IA . 53.00 -9.29 7.46
C4C CLA IA . 52.51 -10.09 8.58
CMC CLA IA . 54.57 -7.28 7.30
CAC CLA IA . 52.61 -9.40 6.04
CBC CLA IA . 53.38 -10.45 5.30
ND CLA IA . 51.77 -11.81 10.84
C1D CLA IA . 51.24 -11.97 9.54
C2D CLA IA . 50.29 -13.10 9.55
C3D CLA IA . 50.33 -13.63 10.82
C4D CLA IA . 51.24 -12.77 11.59
CMD CLA IA . 49.54 -13.54 8.39
CAD CLA IA . 49.80 -14.61 11.73
OBD CLA IA . 48.98 -15.51 11.53
CBD CLA IA . 50.41 -14.35 13.14
CGD CLA IA . 49.37 -14.05 14.17
O1D CLA IA . 48.77 -12.99 14.34
O2D CLA IA . 49.06 -15.08 15.00
CED CLA IA . 47.76 -15.05 15.60
C1 CLA IA . 55.23 -13.62 11.99
C2 CLA IA . 55.15 -13.21 10.58
C3 CLA IA . 55.91 -12.20 10.12
C4 CLA IA . 56.85 -11.48 11.01
C5 CLA IA . 55.84 -11.73 8.71
C6 CLA IA . 56.94 -10.76 8.31
C7 CLA IA . 56.97 -10.57 6.81
C8 CLA IA . 57.89 -9.44 6.40
C9 CLA IA . 57.48 -8.89 5.05
MG CLA JA . 43.78 -9.92 7.98
CHA CLA JA . 40.69 -10.49 6.56
CHB CLA JA . 44.65 -8.03 5.28
CHC CLA JA . 46.97 -9.73 9.17
CHD CLA JA . 43.03 -12.36 10.44
NA CLA JA . 42.81 -9.35 6.24
C1A CLA JA . 41.50 -9.65 5.85
C2A CLA JA . 41.17 -8.96 4.53
C3A CLA JA . 42.49 -8.32 4.12
C4A CLA JA . 43.38 -8.55 5.31
CMA CLA JA . 43.10 -9.04 2.95
CAA CLA JA . 40.16 -7.88 4.85
CBA CLA JA . 39.30 -7.48 3.68
CGA CLA JA . 40.09 -6.48 2.91
O1A CLA JA . 40.20 -5.28 3.16
O2A CLA JA . 40.77 -7.05 1.89
NB CLA JA . 45.47 -9.02 7.38
C1B CLA JA . 45.61 -8.24 6.27
C2B CLA JA . 46.98 -7.67 6.21
C3B CLA JA . 47.65 -8.16 7.31
C4B CLA JA . 46.70 -9.03 8.05
CMB CLA JA . 47.41 -6.83 5.10
CAB CLA JA . 49.01 -8.03 7.79
CBB CLA JA . 49.89 -7.08 7.51
NC CLA JA . 44.79 -10.86 9.55
C1C CLA JA . 46.08 -10.58 9.89
C2C CLA JA . 46.45 -11.32 11.07
C3C CLA JA . 45.37 -12.13 11.40
C4C CLA JA . 44.31 -11.81 10.44
CMC CLA JA . 47.74 -11.25 11.71
CAC CLA JA . 45.31 -13.02 12.55
CBC CLA JA . 44.82 -12.40 13.83
ND CLA JA . 42.28 -11.20 8.42
C1D CLA JA . 42.07 -12.10 9.48
C2D CLA JA . 40.71 -12.65 9.40
C3D CLA JA . 40.13 -12.06 8.30
C4D CLA JA . 41.14 -11.17 7.72
CMD CLA JA . 40.18 -13.62 10.34
CAD CLA JA . 38.95 -11.97 7.47
OBD CLA JA . 37.86 -12.51 7.58
CBD CLA JA . 39.28 -10.97 6.33
CGD CLA JA . 39.21 -11.59 4.97
O1D CLA JA . 38.66 -11.14 3.97
O2D CLA JA . 39.86 -12.76 4.87
CED CLA JA . 40.24 -13.11 3.56
C1 CLA JA . 40.84 -6.31 0.66
C2 CLA JA . 42.03 -5.46 0.71
C3 CLA JA . 43.17 -5.81 0.11
C4 CLA JA . 44.36 -4.94 0.20
C5 CLA JA . 43.29 -7.09 -0.63
C6 CLA JA . 44.70 -7.58 -0.44
C7 CLA JA . 44.95 -9.06 -0.56
C8 CLA JA . 46.29 -9.41 0.11
C9 CLA JA . 46.10 -10.64 0.96
C10 CLA JA . 46.85 -8.30 1.01
C11 CLA JA . 48.31 -8.45 1.36
C12 CLA JA . 49.19 -8.65 0.13
C13 CLA JA . 50.68 -8.43 0.37
C14 CLA JA . 51.11 -8.44 1.83
C15 CLA JA . 51.17 -7.12 -0.23
C16 CLA JA . 52.48 -7.33 -0.96
C17 CLA JA . 53.11 -6.00 -1.33
C18 CLA JA . 54.20 -6.19 -2.38
C19 CLA JA . 53.63 -5.96 -3.76
C20 CLA JA . 55.35 -5.27 -2.09
MG CLA KA . 51.47 1.88 -8.88
CHA CLA KA . 51.44 1.27 -12.27
CHB CLA KA . 48.31 0.67 -8.65
CHC CLA KA . 51.88 1.37 -5.45
CHD CLA KA . 54.99 2.31 -9.12
NA CLA KA . 50.11 1.13 -10.25
C1A CLA KA . 50.28 0.97 -11.62
C2A CLA KA . 49.02 0.44 -12.28
C3A CLA KA . 47.98 0.56 -11.15
C4A CLA KA . 48.84 0.79 -9.91
CMA CLA KA . 47.07 1.75 -11.33
CAA CLA KA . 49.27 -0.94 -12.88
CBA CLA KA . 49.07 -2.16 -12.02
CGA CLA KA . 49.77 -3.25 -12.76
O1A CLA KA . 49.85 -3.40 -13.98
O2A CLA KA . 50.34 -4.20 -11.96
NB CLA KA . 50.33 1.14 -7.38
C1B CLA KA . 49.03 0.84 -7.46
C2B CLA KA . 48.43 0.65 -6.11
C3B CLA KA . 49.45 0.85 -5.21
C4B CLA KA . 50.67 1.14 -5.99
CMB CLA KA . 47.03 0.30 -5.92
CAB CLA KA . 49.50 0.81 -3.78
CBB CLA KA . 48.90 -0.07 -2.99
NC CLA KA . 53.11 1.87 -7.53
C1C CLA KA . 53.05 1.74 -6.17
C2C CLA KA . 54.36 1.96 -5.58
C3C CLA KA . 55.24 2.13 -6.63
C4C CLA KA . 54.46 2.13 -7.84
CMC CLA KA . 54.68 1.93 -4.15
CAC CLA KA . 56.68 2.42 -6.56
CBC CLA KA . 57.02 3.88 -6.40
ND CLA KA . 52.92 1.82 -10.30
C1D CLA KA . 54.30 2.15 -10.28
C2D CLA KA . 54.79 2.27 -11.66
C3D CLA KA . 53.74 1.94 -12.47
C4D CLA KA . 52.62 1.64 -11.57
CMD CLA KA . 56.16 2.63 -12.02
CAD CLA KA . 53.30 1.76 -13.83
OBD CLA KA . 53.88 1.89 -14.89
CBD CLA KA . 51.82 1.31 -13.73
CGD CLA KA . 50.86 2.19 -14.43
O1D CLA KA . 49.82 1.81 -14.98
O2D CLA KA . 51.13 3.52 -14.44
CED CLA KA . 50.20 4.31 -13.72
MG CLA LA . 59.73 7.58 -2.57
CHA CLA LA . 62.79 8.33 -3.91
CHB CLA LA . 60.25 4.28 -3.37
CHC CLA LA . 57.09 6.68 -0.57
CHD CLA LA . 59.59 10.85 -1.20
NA CLA LA . 61.27 6.51 -3.45
C1A CLA LA . 62.46 7.01 -3.98
C2A CLA LA . 63.33 5.91 -4.56
C3A CLA LA . 62.36 4.71 -4.62
C4A CLA LA . 61.23 5.17 -3.72
CMA CLA LA . 61.90 4.44 -6.01
CAA CLA LA . 64.39 5.66 -3.51
CBA CLA LA . 65.78 5.89 -4.03
CGA CLA LA . 66.68 6.24 -2.88
O1A CLA LA . 66.82 5.65 -1.81
O2A CLA LA . 67.47 7.34 -3.11
NB CLA LA . 58.85 5.84 -2.08
C1B CLA LA . 59.15 4.63 -2.58
C2B CLA LA . 58.16 3.62 -2.17
C3B CLA LA . 57.25 4.27 -1.38
C4B CLA LA . 57.69 5.69 -1.30
CMB CLA LA . 58.32 2.23 -2.60
CAB CLA LA . 56.09 3.80 -0.67
CBB CLA LA . 55.97 2.61 -0.07
NC CLA LA . 58.54 8.59 -1.18
C1C CLA LA . 57.49 8.04 -0.53
C2C CLA LA . 56.83 9.03 0.29
C3C CLA LA . 57.57 10.19 0.17
C4C CLA LA . 58.64 9.92 -0.76
CMC CLA LA . 55.63 8.77 1.08
CAC CLA LA . 57.33 11.50 0.79
CBC CLA LA . 58.19 11.75 2.01
ND CLA LA . 60.92 9.22 -2.44
C1D CLA LA . 60.68 10.54 -1.98
C2D CLA LA . 61.73 11.43 -2.51
C3D CLA LA . 62.55 10.63 -3.27
C4D CLA LA . 62.01 9.27 -3.18
CMD CLA LA . 61.84 12.86 -2.28
CAD CLA LA . 63.73 10.58 -4.10
OBD CLA LA . 64.49 11.48 -4.41
CBD CLA LA . 63.91 9.10 -4.57
CGD CLA LA . 63.89 8.93 -6.07
O1D CLA LA . 64.60 8.19 -6.76
O2D CLA LA . 62.98 9.67 -6.74
CED CLA LA . 62.49 9.18 -7.99
C1 CLA LA . 66.87 8.60 -2.74
C2 CLA LA . 67.82 9.74 -2.88
C3 CLA LA . 68.69 10.06 -1.90
C4 CLA LA . 69.64 11.18 -2.00
C5 CLA LA . 68.73 9.27 -0.62
MG CLA MA . 56.88 -1.07 -14.68
CHA CLA MA . 56.32 -1.95 -17.98
CHB CLA MA . 53.74 -2.19 -13.91
CHC CLA MA . 57.64 -0.93 -11.34
CHD CLA MA . 60.32 -0.75 -15.43
NA CLA MA . 55.30 -1.90 -15.77
C1A CLA MA . 55.27 -2.17 -17.13
C2A CLA MA . 53.92 -2.74 -17.53
C3A CLA MA . 53.06 -2.59 -16.27
C4A CLA MA . 54.09 -2.21 -15.22
CMA CLA MA . 52.00 -1.53 -16.41
CAA CLA MA . 54.04 -4.17 -18.01
CBA CLA MA . 54.28 -5.20 -16.94
CGA CLA MA . 55.71 -5.58 -16.97
O1A CLA MA . 56.46 -5.71 -17.95
O2A CLA MA . 56.20 -5.83 -15.72
NB CLA MA . 55.91 -1.52 -12.99
C1B CLA MA . 54.62 -1.85 -12.88
C2B CLA MA . 54.19 -1.81 -11.47
C3B CLA MA . 55.29 -1.46 -10.73
C4B CLA MA . 56.38 -1.26 -11.69
CMB CLA MA . 52.82 -2.17 -11.16
CAB CLA MA . 55.54 -1.26 -9.33
CBB CLA MA . 54.65 -1.19 -8.35
NC CLA MA . 58.64 -0.82 -13.60
C1C CLA MA . 58.71 -0.72 -12.24
C2C CLA MA . 60.06 -0.44 -11.82
C3C CLA MA . 60.83 -0.50 -12.96
C4C CLA MA . 59.95 -0.71 -14.09
CMC CLA MA . 60.46 -0.25 -10.43
CAC CLA MA . 62.27 -0.27 -13.06
CBC CLA MA . 62.60 1.20 -13.09
ND CLA MA . 58.09 -1.23 -16.28
C1D CLA MA . 59.47 -1.00 -16.48
C2D CLA MA . 59.76 -1.05 -17.93
C3D CLA MA . 58.57 -1.34 -18.56
C4D CLA MA . 57.58 -1.50 -17.48
CMD CLA MA . 61.07 -0.80 -18.52
CAD CLA MA . 57.91 -1.58 -19.82
OBD CLA MA . 58.33 -1.46 -20.96
CBD CLA MA . 56.46 -2.06 -19.47
CGD CLA MA . 55.43 -1.20 -20.14
O1D CLA MA . 55.39 0.03 -20.20
O2D CLA MA . 54.41 -1.90 -20.72
CED CLA MA . 54.69 -2.59 -21.93
MG CLA NA . 52.85 17.16 7.18
CHA CLA NA . 52.89 20.60 6.78
CHB CLA NA . 55.83 16.99 5.50
CHC CLA NA . 53.34 13.94 8.30
CHD CLA NA . 50.27 17.52 9.56
NA CLA NA . 54.12 18.56 6.28
C1A CLA NA . 53.95 19.95 6.19
C2A CLA NA . 55.12 20.59 5.44
C3A CLA NA . 55.90 19.39 4.89
C4A CLA NA . 55.25 18.22 5.61
CMA CLA NA . 55.85 19.27 3.39
CAA CLA NA . 56.16 21.38 6.23
CBA CLA NA . 55.95 21.67 7.71
CGA CLA NA . 56.02 20.42 8.52
O1A CLA NA . 56.91 19.60 8.59
O2A CLA NA . 54.91 20.22 9.29
NB CLA NA . 54.30 15.77 6.96
C1B CLA NA . 55.35 15.85 6.13
C2B CLA NA . 55.99 14.53 5.95
C3B CLA NA . 55.30 13.66 6.74
C4B CLA NA . 54.22 14.44 7.40
CMB CLA NA . 57.17 14.40 5.09
CAB CLA NA . 55.44 12.25 7.05
CBB CLA NA . 56.46 11.45 6.77
NC CLA NA . 51.94 15.95 8.64
C1C CLA NA . 52.28 14.65 8.89
C2C CLA NA . 51.43 14.09 9.90
C3C CLA NA . 50.57 15.10 10.31
C4C CLA NA . 50.90 16.27 9.50
CMC CLA NA . 51.51 12.72 10.40
CAC CLA NA . 49.52 15.00 11.32
CBC CLA NA . 48.21 14.59 10.72
ND CLA NA . 51.78 18.66 8.01
C1D CLA NA . 50.67 18.64 8.88
C2D CLA NA . 50.10 20.01 8.94
C3D CLA NA . 50.95 20.81 8.19
C4D CLA NA . 51.98 19.91 7.64
CMD CLA NA . 48.91 20.35 9.72
CAD CLA NA . 51.27 22.14 7.73
OBD CLA NA . 50.77 23.20 8.04
CBD CLA NA . 52.49 22.06 6.78
CGD CLA NA . 52.18 22.64 5.42
O1D CLA NA . 51.91 23.80 5.14
O2D CLA NA . 52.24 21.76 4.40
CED CLA NA . 52.87 22.22 3.20
C1 CLA NA . 54.69 18.86 9.69
C2 CLA NA . 54.35 18.99 11.12
C3 CLA NA . 53.98 18.05 11.99
C4 CLA NA . 53.72 18.46 13.38
C5 CLA NA . 53.86 16.60 11.66
C6 CLA NA . 53.73 15.72 12.89
C7 CLA NA . 54.01 14.26 12.63
C8 CLA NA . 54.11 13.52 13.96
C9 CLA NA . 55.36 13.96 14.68
C10 CLA NA . 54.13 12.00 13.77
C11 CLA NA . 53.23 11.29 14.77
C12 CLA NA . 51.86 11.91 14.82
C13 CLA NA . 50.87 11.02 15.53
C14 CLA NA . 49.48 11.26 15.00
C15 CLA NA . 50.89 11.29 17.03
C16 CLA NA . 50.75 10.00 17.80
C17 CLA NA . 50.39 10.21 19.25
C18 CLA NA . 50.52 8.92 20.02
C19 CLA NA . 49.69 8.92 21.29
C20 CLA NA . 51.95 8.57 20.31
MG CLA OA . 42.57 14.82 4.52
CHA CLA OA . 39.72 15.13 2.58
CHB CLA OA . 44.14 17.03 2.44
CHC CLA OA . 45.18 15.00 6.72
CHD CLA OA . 40.61 13.23 7.02
NA CLA OA . 42.01 15.88 2.81
C1A CLA OA . 40.79 15.85 2.13
C2A CLA OA . 40.83 16.74 0.91
C3A CLA OA . 42.30 17.13 0.79
C4A CLA OA . 42.87 16.66 2.11
CMA CLA OA . 43.00 16.42 -0.32
CAA CLA OA . 39.96 17.97 1.13
CBA CLA OA . 40.57 19.26 0.68
CGA CLA OA . 41.03 20.02 1.87
O1A CLA OA . 41.41 21.18 1.91
O2A CLA OA . 41.05 19.33 3.03
NB CLA OA . 44.30 15.84 4.58
C1B CLA OA . 44.77 16.64 3.61
C2B CLA OA . 46.17 17.02 3.89
C3B CLA OA . 46.49 16.46 5.10
C4B CLA OA . 45.31 15.70 5.56
CMB CLA OA . 46.93 17.85 2.98
CAB CLA OA . 47.72 16.58 5.82
CBB CLA OA . 47.85 17.05 7.06
NC CLA OA . 42.85 14.17 6.49
C1C CLA OA . 44.03 14.28 7.16
C2C CLA OA . 43.94 13.60 8.43
C3C CLA OA . 42.62 13.20 8.58
C4C CLA OA . 41.94 13.55 7.34
CMC CLA OA . 45.05 13.45 9.37
CAC CLA OA . 42.05 12.43 9.70
CBC CLA OA . 41.77 13.30 10.90
ND CLA OA . 40.65 14.28 4.81
C1D CLA OA . 40.01 13.57 5.84
C2D CLA OA . 38.65 13.24 5.41
C3D CLA OA . 38.52 13.77 4.15
C4D CLA OA . 39.76 14.44 3.83
CMD CLA OA . 37.71 12.46 6.20
CAD CLA OA . 37.66 13.93 3.01
OBD CLA OA . 36.58 13.42 2.82
CBD CLA OA . 38.36 14.86 2.00
CGD CLA OA . 38.45 14.18 0.66
O1D CLA OA . 39.37 13.46 0.26
O2D CLA OA . 37.42 14.38 -0.18
CED CLA OA . 37.20 13.34 -1.14
C1 CLA OA . 42.13 19.69 3.91
C2 CLA OA . 42.21 18.69 4.98
C3 CLA OA . 41.65 18.90 6.18
C4 CLA OA . 40.96 20.17 6.50
C5 CLA OA . 41.73 17.86 7.23
C6 CLA OA . 42.70 18.27 8.30
C7 CLA OA . 42.64 17.32 9.47
C8 CLA OA . 43.67 17.73 10.50
C9 CLA OA . 45.08 17.57 9.94
C10 CLA OA . 43.45 17.00 11.83
C11 CLA OA . 44.56 16.07 12.24
C12 CLA OA . 44.34 15.50 13.61
C13 CLA OA . 45.16 14.23 13.77
C14 CLA OA . 44.26 13.02 13.68
C15 CLA OA . 45.93 14.21 15.08
C16 CLA OA . 44.96 14.45 16.22
C17 CLA OA . 45.67 14.75 17.52
C18 CLA OA . 44.73 15.18 18.64
C19 CLA OA . 43.58 16.05 18.15
C20 CLA OA . 45.51 15.92 19.71
MG CLA PA . 42.51 7.35 0.03
CHA CLA PA . 41.97 7.72 -3.35
CHB CLA PA . 40.59 10.15 0.54
CHC CLA PA . 42.12 6.52 3.34
CHD CLA PA . 43.77 4.11 -0.59
NA CLA PA . 41.51 8.72 -1.21
C1A CLA PA . 41.41 8.69 -2.60
C2A CLA PA . 40.57 9.85 -3.11
C3A CLA PA . 40.52 10.77 -1.90
C4A CLA PA . 40.87 9.83 -0.76
CMA CLA PA . 41.54 11.87 -2.04
CAA CLA PA . 39.20 9.29 -3.48
CBA CLA PA . 38.03 9.77 -2.63
CGA CLA PA . 37.77 8.95 -1.44
O1A CLA PA . 38.40 7.99 -1.01
O2A CLA PA . 36.65 9.34 -0.78
NB CLA PA . 41.65 8.21 1.63
C1B CLA PA . 40.87 9.32 1.62
C2B CLA PA . 40.34 9.58 2.97
C3B CLA PA . 40.77 8.56 3.79
C4B CLA PA . 41.59 7.69 2.93
CMB CLA PA . 39.45 10.68 3.20
CAB CLA PA . 40.50 8.26 5.16
CBB CLA PA . 40.31 9.13 6.16
NC CLA PA . 42.93 5.66 1.17
C1C CLA PA . 42.73 5.55 2.49
C2C CLA PA . 43.18 4.27 2.99
C3C CLA PA . 43.62 3.55 1.88
C4C CLA PA . 43.46 4.45 0.74
CMC CLA PA . 43.07 3.90 4.41
CAC CLA PA . 44.21 2.21 1.77
CBC CLA PA . 43.40 1.06 2.31
ND CLA PA . 42.78 6.12 -1.55
C1D CLA PA . 43.44 4.87 -1.68
C2D CLA PA . 43.66 4.59 -3.10
C3D CLA PA . 43.14 5.68 -3.79
C4D CLA PA . 42.60 6.58 -2.77
CMD CLA PA . 44.30 3.38 -3.62
CAD CLA PA . 42.88 6.27 -5.08
OBD CLA PA . 43.13 5.85 -6.20
CBD CLA PA . 42.14 7.61 -4.84
CGD CLA PA . 42.96 8.75 -5.35
O1D CLA PA . 44.17 8.91 -5.23
O2D CLA PA . 42.29 9.71 -6.03
CED CLA PA . 42.86 11.02 -6.02
C1 CLA PA . 36.77 9.97 0.52
C2 CLA PA . 36.82 8.92 1.58
C3 CLA PA . 36.15 9.10 2.73
C4 CLA PA . 35.33 10.30 2.96
C5 CLA PA . 36.13 8.12 3.84
C6 CLA PA . 37.20 7.05 3.85
C7 CLA PA . 37.26 6.53 5.28
C8 CLA PA . 38.22 5.38 5.50
C9 CLA PA . 37.82 4.19 4.66
C10 CLA PA . 38.27 5.00 6.97
C11 CLA PA . 39.17 5.91 7.76
C12 CLA PA . 38.57 6.27 9.11
C13 CLA PA . 39.45 7.20 9.95
C14 CLA PA . 39.54 6.69 11.36
C15 CLA PA . 39.03 8.67 10.00
C16 CLA PA . 37.80 9.08 9.21
C17 CLA PA . 36.53 9.18 10.04
C18 CLA PA . 35.33 9.51 9.15
C19 CLA PA . 35.13 8.47 8.07
C20 CLA PA . 35.41 10.89 8.55
MG CLA QA . 56.19 -2.21 14.65
CHA CLA QA . 55.11 -4.41 17.09
CHB CLA QA . 58.85 -1.37 16.61
CHC CLA QA . 57.57 -0.47 12.05
CHD CLA QA . 53.84 -3.60 12.40
NA CLA QA . 56.85 -2.80 16.55
C1A CLA QA . 56.25 -3.73 17.42
C2A CLA QA . 57.05 -3.81 18.72
C3A CLA QA . 58.20 -2.81 18.54
C4A CLA QA . 57.97 -2.28 17.13
CMA CLA QA . 58.18 -1.71 19.55
CAA CLA QA . 57.53 -5.21 19.04
CBA CLA QA . 58.72 -5.63 18.25
CGA CLA QA . 59.67 -6.16 19.25
O1A CLA QA . 60.14 -5.59 20.23
O2A CLA QA . 60.03 -7.46 19.01
NB CLA QA . 57.88 -1.17 14.36
C1B CLA QA . 58.76 -0.83 15.33
C2B CLA QA . 59.67 0.22 14.84
C3B CLA QA . 59.33 0.50 13.54
C4B CLA QA . 58.19 -0.40 13.23
CMB CLA QA . 60.72 0.80 15.66
CAB CLA QA . 59.97 1.41 12.62
CBB CLA QA . 59.42 2.28 11.79
NC CLA QA . 55.75 -2.04 12.63
C1C CLA QA . 56.41 -1.23 11.77
C2C CLA QA . 55.85 -1.26 10.46
C3C CLA QA . 54.84 -2.23 10.52
C4C CLA QA . 54.77 -2.69 11.89
CMC CLA QA . 56.39 -0.45 9.35
CAC CLA QA . 53.94 -2.66 9.47
CBC CLA QA . 53.04 -1.49 9.28
ND CLA QA . 54.77 -3.65 14.67
C1D CLA QA . 53.83 -4.07 13.71
C2D CLA QA . 52.89 -5.01 14.35
C3D CLA QA . 53.32 -5.15 15.64
C4D CLA QA . 54.52 -4.31 15.78
CMD CLA QA . 51.74 -5.63 13.71
CAD CLA QA . 53.07 -5.78 16.91
OBD CLA QA . 52.14 -6.47 17.27
CBD CLA QA . 54.25 -5.40 17.84
CGD CLA QA . 53.82 -4.87 19.18
O1D CLA QA . 54.05 -5.36 20.28
O2D CLA QA . 53.08 -3.72 19.14
CED CLA QA . 52.59 -3.24 20.39
MG CLA RA . 41.17 2.74 17.11
CHA CLA RA . 39.74 2.28 20.24
CHB CLA RA . 38.75 0.73 15.79
CHC CLA RA . 41.85 3.97 13.98
CHD CLA RA . 43.12 5.33 18.50
NA CLA RA . 39.55 1.69 17.90
C1A CLA RA . 39.12 1.63 19.23
C2A CLA RA . 37.91 0.74 19.38
C3A CLA RA . 37.90 0.01 18.03
C4A CLA RA . 38.76 0.88 17.15
CMA CLA RA . 38.54 -1.34 18.12
CAA CLA RA . 36.67 1.57 19.67
CBA CLA RA . 36.50 2.84 18.84
CGA CLA RA . 35.54 3.78 19.48
O1A CLA RA . 35.54 4.23 20.62
O2A CLA RA . 34.50 4.13 18.67
NB CLA RA . 40.46 2.42 15.27
C1B CLA RA . 39.54 1.50 14.93
C2B CLA RA . 39.41 1.41 13.47
C3B CLA RA . 40.28 2.32 12.92
C4B CLA RA . 40.94 2.98 14.06
CMB CLA RA . 38.47 0.48 12.91
CAB CLA RA . 40.55 2.70 11.57
CBB CLA RA . 39.69 2.70 10.55
NC CLA RA . 42.34 4.31 16.38
C1C CLA RA . 42.51 4.58 15.07
C2C CLA RA . 43.43 5.68 14.91
C3C CLA RA . 43.74 6.14 16.18
C4C CLA RA . 43.05 5.25 17.10
CMC CLA RA . 43.86 6.20 13.61
CAC CLA RA . 44.66 7.22 16.52
CBC CLA RA . 44.03 8.42 17.21
ND CLA RA . 41.44 3.61 18.90
C1D CLA RA . 42.36 4.58 19.35
C2D CLA RA . 42.34 4.63 20.81
C3D CLA RA . 41.35 3.76 21.21
C4D CLA RA . 40.82 3.17 19.98
CMD CLA RA . 43.19 5.49 21.63
CAD CLA RA . 40.64 3.17 22.32
OBD CLA RA . 40.78 3.34 23.51
CBD CLA RA . 39.56 2.24 21.73
CGD CLA RA . 39.81 0.88 22.31
O1D CLA RA . 40.59 0.02 21.90
O2D CLA RA . 39.09 0.59 23.43
CED CLA RA . 38.96 -0.79 23.77
C1 CLA RA . 33.71 5.31 18.96
C2 CLA RA . 32.35 5.01 18.45
C3 CLA RA . 31.93 5.35 17.23
C4 CLA RA . 32.78 6.05 16.26
C5 CLA RA . 30.56 5.02 16.77
C6 CLA RA . 29.69 4.28 17.76
C7 CLA RA . 29.05 3.16 17.00
C8 CLA RA . 28.08 2.31 17.79
C9 CLA RA . 27.71 1.10 16.96
C10 CLA RA . 26.87 3.14 18.18
C11 CLA RA . 25.66 2.28 18.50
C12 CLA RA . 24.45 3.10 18.89
C13 CLA RA . 23.32 2.19 19.35
C14 CLA RA . 22.17 2.97 19.96
C15 CLA RA . 23.82 1.15 20.33
C16 CLA RA . 22.70 0.17 20.61
C17 CLA RA . 23.08 -0.80 21.70
C18 CLA RA . 22.03 -1.88 21.84
C19 CLA RA . 22.18 -2.60 23.15
C20 CLA RA . 22.16 -2.86 20.70
MG CLA SA . 48.31 4.15 25.44
CHA CLA SA . 50.48 2.57 27.63
CHB CLA SA . 46.92 5.81 28.07
CHC CLA SA . 46.68 6.21 23.25
CHD CLA SA . 50.22 2.86 22.79
NA CLA SA . 48.67 4.18 27.50
C1A CLA SA . 49.62 3.45 28.22
C2A CLA SA . 49.54 3.75 29.71
C3A CLA SA . 48.31 4.66 29.81
C4A CLA SA . 47.92 4.93 28.35
CMA CLA SA . 47.19 3.97 30.55
CAA CLA SA . 50.78 4.45 30.21
CBA CLA SA . 50.99 5.74 29.46
CGA CLA SA . 51.24 6.83 30.43
O1A CLA SA . 51.07 6.81 31.65
O2A CLA SA . 51.62 8.01 29.83
NB CLA SA . 47.12 5.76 25.63
C1B CLA SA . 46.51 6.12 26.77
C2B CLA SA . 45.27 6.88 26.50
C3B CLA SA . 45.18 7.01 25.13
C4B CLA SA . 46.36 6.30 24.57
CMB CLA SA . 44.45 7.38 27.59
CAB CLA SA . 44.23 7.68 24.28
CBB CLA SA . 42.98 8.07 24.56
NC CLA SA . 48.46 4.49 23.40
C1C CLA SA . 47.69 5.36 22.70
C2C CLA SA . 48.02 5.31 21.29
C3C CLA SA . 49.04 4.37 21.17
C4C CLA SA . 49.28 3.85 22.49
CMC CLA SA . 47.39 6.12 20.25
CAC CLA SA . 49.76 3.94 19.96
CBC CLA SA . 51.16 4.49 19.87
ND CLA SA . 49.98 3.02 25.19
C1D CLA SA . 50.56 2.45 24.04
C2D CLA SA . 51.54 1.42 24.43
C3D CLA SA . 51.54 1.41 25.81
C4D CLA SA . 50.57 2.44 26.22
CMD CLA SA . 52.29 0.62 23.47
CAD CLA SA . 52.09 0.84 27.03
OBD CLA SA . 52.92 -0.05 27.19
CBD CLA SA . 51.43 1.55 28.21
CGD CLA SA . 50.72 0.54 29.08
O1D CLA SA . 51.16 -0.09 30.04
O2D CLA SA . 49.44 0.27 28.72
CED CLA SA . 48.75 -0.76 29.42
C1 CLA SA . 52.98 8.15 29.41
C2 CLA SA . 53.05 9.49 28.79
C3 CLA SA . 54.12 9.96 28.12
C4 CLA SA . 55.34 9.15 27.96
MG CLA TA . 39.33 6.61 29.07
CHA CLA TA . 41.95 4.84 30.49
CHB CLA TA . 38.53 7.80 32.16
CHC CLA TA . 37.21 8.88 27.61
CHD CLA TA . 40.59 5.80 25.88
NA CLA TA . 40.12 6.34 30.99
C1A CLA TA . 41.20 5.54 31.38
C2A CLA TA . 41.42 5.58 32.89
C3A CLA TA . 40.16 6.32 33.38
C4A CLA TA . 39.56 6.88 32.10
CMA CLA TA . 39.22 5.38 34.07
CAA CLA TA . 42.68 6.31 33.32
CBA CLA TA . 42.94 7.55 32.51
CGA CLA TA . 44.29 7.47 31.88
O1A CLA TA . 44.80 6.53 31.27
O2A CLA TA . 45.05 8.60 31.94
NB CLA TA . 38.13 8.05 29.76
C1B CLA TA . 37.90 8.37 31.05
C2B CLA TA . 36.85 9.39 31.15
C3B CLA TA . 36.48 9.70 29.90
C4B CLA TA . 37.28 8.86 28.97
CMB CLA TA . 36.39 9.95 32.41
CAB CLA TA . 35.51 10.66 29.48
CBB CLA TA . 35.84 11.79 28.88
NC CLA TA . 38.95 7.21 27.11
C1C CLA TA . 37.99 8.09 26.74
C2C CLA TA . 37.92 8.17 25.28
C3C CLA TA . 38.94 7.37 24.78
C4C CLA TA . 39.55 6.74 25.94
CMC CLA TA . 36.97 9.04 24.59
CAC CLA TA . 39.30 7.09 23.38
CBC CLA TA . 38.35 6.16 22.69
ND CLA TA . 40.90 5.62 28.29
C1D CLA TA . 41.23 5.27 26.98
C2D CLA TA . 42.33 4.30 27.01
C3D CLA TA . 42.64 4.10 28.31
C4D CLA TA . 41.73 4.95 29.08
CMD CLA TA . 42.97 3.69 25.86
CAD CLA TA . 43.49 3.41 29.26
OBD CLA TA . 44.40 2.63 29.04
CBD CLA TA . 43.05 3.85 30.67
CGD CLA TA . 42.53 2.66 31.42
O1D CLA TA . 41.41 2.18 31.34
O2D CLA TA . 43.41 2.07 32.25
CED CLA TA . 43.11 0.74 32.64
C1 CLA TA . 45.53 9.03 30.66
C2 CLA TA . 46.87 9.61 30.90
C3 CLA TA . 47.73 10.00 29.94
C4 CLA TA . 49.05 10.55 30.30
C5 CLA TA . 47.46 9.90 28.48
C6 CLA TA . 48.59 9.23 27.71
MG CLA UA . 30.57 2.57 25.91
CHA CLA UA . 33.62 2.57 24.34
CHB CLA UA . 31.16 5.78 26.95
CHC CLA UA . 27.22 3.01 26.54
CHD CLA UA . 29.80 -0.48 24.28
NA CLA UA . 32.14 3.92 25.68
C1A CLA UA . 33.33 3.74 24.97
C2A CLA UA . 34.25 4.97 25.06
C3A CLA UA . 33.53 5.84 26.11
C4A CLA UA . 32.17 5.16 26.26
CMA CLA UA . 34.30 5.89 27.38
CAA CLA UA . 34.43 5.72 23.75
CBA CLA UA . 33.16 6.10 23.03
CGA CLA UA . 33.42 7.22 22.06
O1A CLA UA . 34.42 7.37 21.36
O2A CLA UA . 32.40 8.13 21.94
NB CLA UA . 29.43 4.08 26.60
C1B CLA UA . 29.89 5.24 27.12
C2B CLA UA . 28.81 5.92 27.88
C3B CLA UA . 27.69 5.15 27.77
C4B CLA UA . 28.06 3.99 26.94
CMB CLA UA . 28.97 7.22 28.52
CAB CLA UA . 26.37 5.40 28.26
CBB CLA UA . 25.31 5.65 27.49
NC CLA UA . 28.84 1.46 25.51
C1C CLA UA . 27.58 1.82 25.86
C2C CLA UA . 26.62 0.83 25.46
C3C CLA UA . 27.34 -0.16 24.82
C4C CLA UA . 28.74 0.22 24.86
CMC CLA UA . 25.17 0.93 25.68
CAC CLA UA . 26.78 -1.39 24.25
CBC CLA UA . 26.61 -2.45 25.31
ND CLA UA . 31.43 1.30 24.60
C1D CLA UA . 31.07 0.01 24.14
C2D CLA UA . 32.25 -0.62 23.52
C3D CLA UA . 33.24 0.33 23.54
C4D CLA UA . 32.68 1.50 24.22
CMD CLA UA . 32.30 -1.95 22.95
CAD CLA UA . 34.61 0.64 23.21
OBD CLA UA . 35.45 -0.04 22.65
CBD CLA UA . 34.89 2.08 23.69
CGD CLA UA . 36.01 2.02 24.67
O1D CLA UA . 36.25 1.11 25.46
O2D CLA UA . 36.84 3.08 24.66
CED CLA UA . 37.63 3.30 25.80
C1 CLA UA . 31.40 7.93 20.91
C2 CLA UA . 30.49 9.10 21.00
C3 CLA UA . 29.26 9.19 20.47
C4 CLA UA . 28.45 10.42 20.62
C5 CLA UA . 28.62 8.07 19.72
C6 CLA UA . 27.21 7.87 20.20
C7 CLA UA . 26.37 7.02 19.26
C8 CLA UA . 24.99 6.78 19.82
C9 CLA UA . 24.22 8.08 20.00
C10 CLA UA . 25.08 6.06 21.16
MG CLA VA . 35.91 -3.15 15.98
CHA CLA VA . 37.52 -3.82 12.98
CHB CLA VA . 34.42 -0.45 14.55
CHC CLA VA . 34.98 -2.06 19.10
CHD CLA VA . 37.94 -5.60 17.54
NA CLA VA . 35.92 -2.33 14.05
C1A CLA VA . 36.62 -2.77 12.92
C2A CLA VA . 36.26 -1.90 11.69
C3A CLA VA . 35.07 -1.07 12.20
C4A CLA VA . 35.12 -1.28 13.71
CMA CLA VA . 35.10 0.40 11.84
CAA CLA VA . 35.85 -2.75 10.50
CBA CLA VA . 35.04 -2.14 9.37
CGA CLA VA . 34.86 -3.16 8.32
O1A CLA VA . 33.86 -3.84 8.09
O2A CLA VA . 35.95 -3.32 7.53
NB CLA VA . 34.94 -1.54 16.69
C1B CLA VA . 34.37 -0.57 15.94
C2B CLA VA . 33.61 0.36 16.83
C3B CLA VA . 33.78 -0.10 18.12
C4B CLA VA . 34.61 -1.32 18.04
CMB CLA VA . 32.88 1.49 16.29
CAB CLA VA . 33.30 0.34 19.41
CBB CLA VA . 32.39 1.25 19.71
NC CLA VA . 36.32 -3.78 17.94
C1C CLA VA . 35.77 -3.24 19.05
C2C CLA VA . 36.19 -3.97 20.24
C3C CLA VA . 37.09 -4.93 19.80
C4C CLA VA . 37.14 -4.83 18.35
CMC CLA VA . 35.81 -3.65 21.60
CAC CLA VA . 37.80 -5.93 20.62
CBC CLA VA . 37.25 -7.34 20.59
ND CLA VA . 37.31 -4.50 15.44
C1D CLA VA . 38.05 -5.44 16.19
C2D CLA VA . 38.94 -6.17 15.29
C3D CLA VA . 38.79 -5.60 14.06
C4D CLA VA . 37.78 -4.53 14.20
CMD CLA VA . 39.83 -7.24 15.72
CAD CLA VA . 39.21 -5.61 12.69
OBD CLA VA . 40.00 -6.35 12.13
CBD CLA VA . 38.46 -4.46 11.98
CGD CLA VA . 39.36 -3.44 11.34
O1D CLA VA . 39.60 -3.31 10.15
O2D CLA VA . 39.94 -2.59 12.21
CED CLA VA . 41.02 -1.78 11.72
C1 CLA VA . 35.96 -4.41 6.57
C2 CLA VA . 36.62 -5.52 7.28
C3 CLA VA . 37.94 -5.58 7.54
C4 CLA VA . 38.89 -4.53 7.14
C5 CLA VA . 38.53 -6.72 8.29
C6 CLA VA . 37.52 -7.60 9.00
C7 CLA VA . 38.24 -8.77 9.61
C8 CLA VA . 37.37 -9.61 10.53
C9 CLA VA . 36.40 -10.43 9.70
C10 CLA VA . 36.58 -8.75 11.50
C11 CLA VA . 36.92 -9.06 12.93
C12 CLA VA . 36.12 -10.25 13.40
C13 CLA VA . 36.56 -10.83 14.75
C14 CLA VA . 37.29 -9.85 15.62
C15 CLA VA . 37.39 -12.08 14.60
C16 CLA VA . 37.12 -13.06 15.73
C17 CLA VA . 35.63 -13.27 15.95
C18 CLA VA . 35.35 -14.19 17.12
C19 CLA VA . 33.87 -14.49 17.17
C20 CLA VA . 36.07 -15.51 16.92
MG CLA WA . 23.20 7.86 10.51
CHA CLA WA . 24.14 10.79 8.94
CHB CLA WA . 24.74 8.95 13.37
CHC CLA WA . 21.48 5.53 12.33
CHD CLA WA . 21.14 7.13 7.75
NA CLA WA . 24.26 9.56 11.05
C1A CLA WA . 24.55 10.66 10.24
C2A CLA WA . 25.36 11.68 11.02
C3A CLA WA . 25.83 10.90 12.25
C4A CLA WA . 24.87 9.73 12.25
CMA CLA WA . 27.26 10.47 12.13
CAA CLA WA . 24.43 12.78 11.44
CBA CLA WA . 25.17 13.84 12.22
CGA CLA WA . 24.26 15.01 12.35
O1A CLA WA . 23.33 15.32 11.61
O2A CLA WA . 24.59 15.84 13.38
NB CLA WA . 23.17 7.31 12.44
C1B CLA WA . 23.87 7.87 13.46
C2B CLA WA . 23.56 7.18 14.74
C3B CLA WA . 22.63 6.21 14.44
C4B CLA WA . 22.38 6.30 12.99
CMB CLA WA . 24.18 7.60 15.99
CAB CLA WA . 21.90 5.27 15.24
CBB CLA WA . 21.70 5.29 16.55
NC CLA WA . 21.63 6.54 10.10
C1C CLA WA . 21.12 5.65 10.98
C2C CLA WA . 20.09 4.85 10.35
C3C CLA WA . 19.97 5.31 9.05
C4C CLA WA . 20.95 6.37 8.91
CMC CLA WA . 19.34 3.80 11.03
CAC CLA WA . 19.09 4.79 7.99
CBC CLA WA . 17.91 5.63 7.67
ND CLA WA . 22.66 8.72 8.77
C1D CLA WA . 21.90 8.26 7.69
C2D CLA WA . 22.11 9.14 6.54
C3D CLA WA . 22.99 10.11 6.95
C4D CLA WA . 23.29 9.81 8.34
CMD CLA WA . 21.43 8.94 5.27
CAD CLA WA . 23.73 11.29 6.59
OBD CLA WA . 23.81 11.85 5.51
CBD CLA WA . 24.49 11.76 7.86
CGD CLA WA . 25.95 11.67 7.64
O1D CLA WA . 26.75 10.89 8.18
O2D CLA WA . 26.47 12.53 6.73
CED CLA WA . 27.77 12.23 6.27
C1 CLA WA . 24.13 17.19 13.17
C2 CLA WA . 25.18 18.09 13.71
C3 CLA WA . 25.24 18.56 14.95
C4 CLA WA . 24.24 18.24 15.98
C5 CLA WA . 26.35 19.45 15.36
C6 CLA WA . 27.22 18.74 16.38
C7 CLA WA . 28.38 19.63 16.80
C8 CLA WA . 29.28 19.03 17.89
C9 CLA WA . 28.54 18.01 18.75
C10 CLA WA . 29.80 20.13 18.80
C11 CLA WA . 31.30 20.28 18.72
C12 CLA WA . 32.02 19.21 19.50
C13 CLA WA . 33.54 19.30 19.43
C14 CLA WA . 34.15 18.76 20.71
C15 CLA WA . 34.06 20.70 19.12
C16 CLA WA . 35.51 20.89 19.51
C17 CLA WA . 36.05 22.21 18.99
C18 CLA WA . 37.58 22.32 19.11
C19 CLA WA . 38.29 21.49 18.06
C20 CLA WA . 38.10 22.04 20.49
MG CLA XA . 32.02 16.00 6.61
CHA CLA XA . 29.94 14.59 8.98
CHB CLA XA . 34.70 15.40 8.64
CHC CLA XA . 33.91 18.10 4.73
CHD CLA XA . 29.12 17.27 4.97
NA CLA XA . 32.27 15.09 8.47
C1A CLA XA . 31.28 14.53 9.28
C2A CLA XA . 31.92 13.94 10.54
C3A CLA XA . 33.43 14.15 10.34
C4A CLA XA . 33.49 14.92 9.05
CMA CLA XA . 34.05 14.98 11.43
CAA CLA XA . 31.72 12.45 10.56
CBA CLA XA . 32.44 11.75 11.67
CGA CLA XA . 31.88 10.38 11.71
O1A CLA XA . 30.69 10.04 11.70
O2A CLA XA . 32.82 9.40 11.72
NB CLA XA . 33.92 16.63 6.68
C1B CLA XA . 34.90 16.17 7.50
C2B CLA XA . 36.23 16.61 7.03
C3B CLA XA . 36.02 17.38 5.92
C4B CLA XA . 34.55 17.42 5.71
CMB CLA XA . 37.44 16.26 7.77
CAB CLA XA . 36.91 18.12 5.07
CBB CLA XA . 38.22 17.95 4.91
NC CLA XA . 31.59 17.36 5.09
C1C CLA XA . 32.55 18.05 4.44
C2C CLA XA . 31.96 18.83 3.39
C3C CLA XA . 30.58 18.67 3.47
C4C CLA XA . 30.36 17.72 4.54
CMC CLA XA . 32.80 19.62 2.51
CAC CLA XA . 29.54 19.23 2.60
CBC CLA XA . 28.94 20.50 3.12
ND CLA XA . 30.01 15.96 6.83
C1D CLA XA . 28.94 16.46 6.05
C2D CLA XA . 27.67 16.00 6.61
C3D CLA XA . 27.99 15.30 7.74
C4D CLA XA . 29.46 15.31 7.85
CMD CLA XA . 26.37 16.29 6.04
CAD CLA XA . 27.48 14.57 8.87
OBD CLA XA . 26.32 14.35 9.20
CBD CLA XA . 28.71 14.08 9.68
CGD CLA XA . 28.67 14.44 11.13
O1D CLA XA . 28.63 13.67 12.07
O2D CLA XA . 28.68 15.76 11.40
CED CLA XA . 28.60 16.09 12.79
C1 CLA XA . 32.59 8.40 12.71
C2 CLA XA . 33.42 7.21 12.36
C3 CLA XA . 33.10 6.33 11.41
C4 CLA XA . 31.87 6.45 10.59
C5 CLA XA . 33.99 5.18 11.15
C6 CLA XA . 35.32 5.31 11.85
C7 CLA XA . 35.94 3.99 12.23
C8 CLA XA . 36.33 3.94 13.70
C9 CLA XA . 35.12 3.76 14.56
C10 CLA XA . 36.95 5.23 14.15
C11 CLA XA . 37.58 5.09 15.52
C12 CLA XA . 38.62 6.19 15.61
C13 CLA XA . 39.29 6.36 16.95
C14 CLA XA . 38.34 6.13 18.11
C15 CLA XA . 39.90 7.75 17.10
C16 CLA XA . 40.37 8.34 15.80
C17 CLA XA . 40.79 9.78 15.98
C18 CLA XA . 41.07 10.48 14.65
C19 CLA XA . 39.82 10.60 13.80
C20 CLA XA . 42.14 9.74 13.89
MG CLA YA . 24.84 0.94 -7.59
CHA CLA YA . 27.25 -0.22 -9.80
CHB CLA YA . 24.59 3.78 -9.47
CHC CLA YA . 21.82 1.61 -6.12
CHD CLA YA . 24.76 -2.27 -6.14
NA CLA YA . 25.83 1.68 -9.28
C1A CLA YA . 26.81 1.05 -10.05
C2A CLA YA . 27.30 1.96 -11.17
C3A CLA YA . 26.71 3.32 -10.75
C4A CLA YA . 25.62 2.93 -9.77
CMA CLA YA . 27.77 4.13 -10.08
CAA CLA YA . 26.93 1.53 -12.59
CBA CLA YA . 25.48 1.58 -12.98
CGA CLA YA . 24.74 0.41 -12.45
O1A CLA YA . 23.95 0.35 -11.50
O2A CLA YA . 24.95 -0.72 -13.18
NB CLA YA . 23.50 2.44 -7.73
C1B CLA YA . 23.55 3.46 -8.60
C2B CLA YA . 22.31 4.25 -8.54
C3B CLA YA . 21.50 3.65 -7.59
C4B CLA YA . 22.25 2.49 -7.06
CMB CLA YA . 22.15 5.43 -9.41
CAB CLA YA . 20.17 3.93 -7.12
CBB CLA YA . 19.25 4.73 -7.65
NC CLA YA . 23.60 -0.09 -6.26
C1C CLA YA . 22.46 0.41 -5.71
C2C CLA YA . 21.92 -0.54 -4.75
C3C CLA YA . 22.69 -1.69 -4.84
C4C CLA YA . 23.76 -1.38 -5.77
CMC CLA YA . 20.72 -0.35 -3.95
CAC CLA YA . 22.54 -2.90 -4.01
CBC CLA YA . 22.10 -4.15 -4.75
ND CLA YA . 25.81 -0.82 -7.79
C1D CLA YA . 25.71 -2.03 -7.10
C2D CLA YA . 26.72 -2.96 -7.61
C3D CLA YA . 27.32 -2.33 -8.67
C4D CLA YA . 26.70 -1.00 -8.75
CMD CLA YA . 26.94 -4.31 -7.09
CAD CLA YA . 28.30 -2.41 -9.72
OBD CLA YA . 29.05 -3.32 -10.05
CBD CLA YA . 28.27 -1.09 -10.51
CGD CLA YA . 29.65 -0.52 -10.57
O1D CLA YA . 30.35 -0.10 -9.66
O2D CLA YA . 30.18 -0.49 -11.81
CED CLA YA . 31.60 -0.46 -11.88
C1 CLA YA . 24.43 -1.89 -12.54
C2 CLA YA . 24.52 -3.03 -13.46
C3 CLA YA . 23.72 -3.16 -14.53
C4 CLA YA . 22.69 -2.18 -14.92
C5 CLA YA . 23.88 -4.36 -15.38
C6 CLA YA . 23.40 -5.63 -14.74
C7 CLA YA . 21.91 -5.65 -14.51
C8 CLA YA . 21.49 -6.96 -13.88
C9 CLA YA . 20.00 -6.91 -13.62
C10 CLA YA . 22.23 -7.13 -12.56
C11 CLA YA . 21.89 -8.44 -11.88
C12 CLA YA . 22.21 -9.64 -12.74
C13 CLA YA . 22.05 -10.99 -12.04
C14 CLA YA . 21.67 -10.88 -10.58
C15 CLA YA . 23.28 -11.88 -12.24
C16 CLA YA . 24.21 -11.92 -11.05
C17 CLA YA . 25.40 -12.82 -11.32
MG CLA ZA . 32.37 2.08 -3.57
CHA CLA ZA . 34.42 4.02 -5.56
CHB CLA ZA . 31.29 0.43 -6.36
CHC CLA ZA . 30.87 -0.23 -1.57
CHD CLA ZA . 33.82 3.59 -0.70
NA CLA ZA . 32.77 2.24 -5.62
C1A CLA ZA . 33.65 3.13 -6.25
C2A CLA ZA . 33.57 2.97 -7.77
C3A CLA ZA . 32.34 2.09 -7.94
C4A CLA ZA . 32.10 1.52 -6.55
CMA CLA ZA . 31.14 2.91 -8.34
CAA CLA ZA . 34.83 2.42 -8.40
CBA CLA ZA . 35.20 1.05 -7.88
CGA CLA ZA . 36.67 1.02 -7.64
O1A CLA ZA . 37.57 0.71 -8.41
O2A CLA ZA . 37.03 1.42 -6.39
NB CLA ZA . 31.23 0.46 -3.91
C1B CLA ZA . 31.00 -0.13 -5.11
C2B CLA ZA . 30.25 -1.40 -4.92
C3B CLA ZA . 30.12 -1.59 -3.56
C4B CLA ZA . 30.76 -0.41 -2.91
CMB CLA ZA . 29.87 -2.24 -6.04
CAB CLA ZA . 29.54 -2.63 -2.76
CBB CLA ZA . 28.54 -3.44 -3.07
NC CLA ZA . 32.34 1.76 -1.51
C1C CLA ZA . 31.60 0.79 -0.90
C2C CLA ZA . 31.73 0.91 0.54
C3C CLA ZA . 32.61 1.95 0.78
C4C CLA ZA . 32.95 2.51 -0.51
CMC CLA ZA . 31.09 0.03 1.52
CAC CLA ZA . 33.04 2.48 2.09
CBC CLA ZA . 34.42 2.03 2.51
ND CLA ZA . 33.87 3.36 -3.15
C1D CLA ZA . 34.30 3.96 -1.94
C2D CLA ZA . 35.24 5.03 -2.25
C3D CLA ZA . 35.35 5.06 -3.62
C4D CLA ZA . 34.46 4.03 -4.14
CMD CLA ZA . 35.94 5.84 -1.26
CAD CLA ZA . 35.96 5.71 -4.75
OBD CLA ZA . 36.79 6.60 -4.75
CBD CLA ZA . 35.35 5.10 -6.03
CGD CLA ZA . 34.68 6.17 -6.81
O1D CLA ZA . 33.67 6.80 -6.48
O2D CLA ZA . 35.25 6.46 -8.00
CED CLA ZA . 34.55 7.35 -8.86
C1 CLA ZA . 38.18 2.28 -6.41
C2 CLA ZA . 38.34 2.90 -5.08
C3 CLA ZA . 39.33 3.78 -4.89
C4 CLA ZA . 40.26 4.13 -5.99
C5 CLA ZA . 39.58 4.48 -3.60
C6 CLA ZA . 39.04 3.80 -2.38
C7 CLA ZA . 39.61 4.44 -1.14
C8 CLA ZA . 38.99 3.86 0.11
C9 CLA ZA . 39.22 4.79 1.26
C10 CLA ZA . 39.61 2.50 0.38
C11 CLA ZA . 39.24 1.93 1.73
C12 CLA ZA . 39.55 0.47 1.80
C13 CLA ZA . 39.49 -0.04 3.24
C14 CLA ZA . 40.02 -1.44 3.34
C15 CLA ZA . 38.06 0.04 3.76
C16 CLA ZA . 38.05 0.27 5.24
C17 CLA ZA . 36.66 0.56 5.73
C18 CLA ZA . 36.68 1.18 7.12
C19 CLA ZA . 37.57 0.40 8.06
C20 CLA ZA . 35.29 1.38 7.69
MG CLA AB . 22.78 -10.48 7.02
CHA CLA AB . 20.72 -13.22 7.62
CHB CLA AB . 25.38 -12.62 6.57
CHC CLA AB . 24.54 -8.02 5.36
CHD CLA AB . 19.86 -8.51 6.68
NA CLA AB . 23.02 -12.56 7.15
C1A CLA AB . 22.03 -13.53 7.40
C2A CLA AB . 22.65 -14.95 7.43
C3A CLA AB . 24.16 -14.67 7.31
C4A CLA AB . 24.21 -13.19 6.97
CMA CLA AB . 24.89 -14.94 8.59
CAA CLA AB . 22.11 -15.90 6.37
CBA CLA AB . 22.52 -15.58 4.96
CGA CLA AB . 21.85 -16.49 3.99
O1A CLA AB . 21.74 -17.70 4.07
O2A CLA AB . 21.32 -15.83 2.91
NB CLA AB . 24.58 -10.36 6.10
C1B CLA AB . 25.55 -11.28 6.21
C2B CLA AB . 26.86 -10.72 5.86
C3B CLA AB . 26.66 -9.42 5.51
C4B CLA AB . 25.20 -9.17 5.66
CMB CLA AB . 28.06 -11.57 5.86
CAB CLA AB . 27.56 -8.38 5.05
CBB CLA AB . 28.88 -8.30 5.22
NC CLA AB . 22.30 -8.61 6.23
C1C CLA AB . 23.19 -7.77 5.61
C2C CLA AB . 22.52 -6.56 5.18
C3C CLA AB . 21.17 -6.69 5.52
C4C CLA AB . 21.06 -7.97 6.21
CMC CLA AB . 23.20 -5.49 4.45
CAC CLA AB . 20.09 -5.74 5.28
CBC CLA AB . 19.19 -6.17 4.15
ND CLA AB . 20.79 -10.70 7.23
C1D CLA AB . 19.71 -9.78 7.14
C2D CLA AB . 18.47 -10.44 7.59
C3D CLA AB . 18.81 -11.76 7.79
C4D CLA AB . 20.25 -11.88 7.51
CMD CLA AB . 17.17 -9.79 7.72
CAD CLA AB . 18.36 -13.07 8.18
OBD CLA AB . 17.28 -13.43 8.61
CBD CLA AB . 19.52 -14.06 7.98
CGD CLA AB . 19.63 -14.92 9.21
O1D CLA AB . 18.77 -15.69 9.65
O2D CLA AB . 20.78 -14.84 9.90
CED CLA AB . 20.90 -15.67 11.04
C1 CLA AB . 21.26 -16.53 1.64
C2 CLA AB . 21.26 -15.52 0.54
C3 CLA AB . 20.21 -15.29 -0.28
C4 CLA AB . 18.93 -16.02 -0.13
C5 CLA AB . 20.29 -14.25 -1.35
C6 CLA AB . 18.96 -13.68 -1.83
C7 CLA AB . 18.78 -12.27 -1.31
C8 CLA AB . 18.28 -11.23 -2.30
C9 CLA AB . 16.79 -11.17 -2.40
C10 CLA AB . 18.88 -11.49 -3.67
C11 CLA AB . 19.64 -10.27 -4.14
C12 CLA AB . 18.98 -9.52 -5.27
C13 CLA AB . 20.07 -9.03 -6.23
C14 CLA AB . 21.17 -8.29 -5.51
C15 CLA AB . 19.51 -8.15 -7.34
C16 CLA AB . 18.88 -9.00 -8.42
C17 CLA AB . 18.83 -8.27 -9.74
C18 CLA AB . 17.43 -8.39 -10.35
C19 CLA AB . 17.17 -7.28 -11.35
C20 CLA AB . 17.21 -9.74 -10.99
MG CLA BB . 19.20 5.38 28.58
CHA CLA BB . 20.59 4.68 31.66
CHB CLA BB . 16.89 7.33 30.14
CHC CLA BB . 18.28 6.71 25.55
CHD CLA BB . 21.93 3.79 27.05
NA CLA BB . 18.81 5.89 30.57
C1A CLA BB . 19.51 5.49 31.71
C2A CLA BB . 18.86 6.04 32.98
C3A CLA BB . 17.52 6.57 32.45
C4A CLA BB . 17.74 6.62 30.94
CMA CLA BB . 16.43 5.61 32.79
CAA CLA BB . 19.69 7.08 33.71
CBA CLA BB . 19.68 8.42 33.02
CGA CLA BB . 19.98 9.51 34.00
O1A CLA BB . 19.46 9.70 35.08
O2A CLA BB . 20.94 10.38 33.55
NB CLA BB . 17.85 6.74 27.97
C1B CLA BB . 17.00 7.42 28.76
C2B CLA BB . 16.13 8.29 27.96
C3B CLA BB . 16.51 8.14 26.65
C4B CLA BB . 17.61 7.15 26.64
CMB CLA BB . 15.12 9.11 28.59
CAB CLA BB . 16.00 8.77 25.47
CBB CLA BB . 15.82 10.08 25.31
NC CLA BB . 19.95 5.24 26.65
C1C CLA BB . 19.38 5.80 25.55
C2C CLA BB . 20.10 5.38 24.36
C3C CLA BB . 21.17 4.62 24.79
C4C CLA BB . 21.06 4.52 26.23
CMC CLA BB . 19.72 5.75 23.00
CAC CLA BB . 22.16 3.92 23.96
CBC CLA BB . 23.54 4.52 24.03
ND CLA BB . 20.91 4.47 29.14
C1D CLA BB . 21.87 3.75 28.41
C2D CLA BB . 22.73 3.01 29.35
C3D CLA BB . 22.29 3.34 30.60
C4D CLA BB . 21.16 4.26 30.42
CMD CLA BB . 23.84 2.15 28.99
CAD CLA BB . 22.47 3.15 32.02
OBD CLA BB . 23.28 2.47 32.61
CBD CLA BB . 21.38 3.98 32.74
CGD CLA BB . 20.51 3.04 33.53
O1D CLA BB . 20.30 3.03 34.73
O2D CLA BB . 19.90 2.06 32.82
CED CLA BB . 19.03 1.19 33.52
C1 CLA BB . 20.41 11.58 32.94
C2 CLA BB . 21.45 12.24 32.13
C3 CLA BB . 22.32 13.13 32.62
C4 CLA BB . 22.31 13.55 34.04
C5 CLA BB . 23.33 13.75 31.73
MG CLA CB . 4.36 22.36 18.23
CHA CLA CB . 3.52 19.38 19.77
CHB CLA CB . 1.41 22.30 16.56
CHC CLA CB . 4.85 25.62 17.33
CHD CLA CB . 7.15 22.62 20.40
NA CLA CB . 2.77 21.02 18.15
C1A CLA CB . 2.61 19.82 18.85
C2A CLA CB . 1.33 19.13 18.44
C3A CLA CB . 0.92 19.90 17.19
C4A CLA CB . 1.73 21.19 17.29
CMA CLA CB . 1.28 19.15 15.95
CAA CLA CB . 0.30 19.21 19.53
CBA CLA CB . 0.01 17.85 20.11
CGA CLA CB . -0.73 17.06 19.11
O1A CLA CB . -1.61 17.46 18.35
O2A CLA CB . -0.42 15.72 19.10
NB CLA CB . 3.32 23.69 17.14
C1B CLA CB . 2.12 23.51 16.57
C2B CLA CB . 1.71 24.76 15.87
C3B CLA CB . 2.70 25.69 16.09
C4B CLA CB . 3.73 25.01 16.90
CMB CLA CB . 0.47 24.90 15.11
CAB CLA CB . 2.88 27.06 15.71
CBB CLA CB . 2.60 28.09 16.50
NC CLA CB . 5.77 23.82 18.73
C1C CLA CB . 5.83 25.06 18.17
C2C CLA CB . 6.97 25.77 18.64
C3C CLA CB . 7.59 24.96 19.58
C4C CLA CB . 6.84 23.73 19.60
CMC CLA CB . 7.31 27.14 18.22
CAC CLA CB . 8.80 25.25 20.36
CBC CLA CB . 10.04 24.72 19.67
ND CLA CB . 5.18 21.33 19.74
C1D CLA CB . 6.38 21.50 20.47
C2D CLA CB . 6.60 20.32 21.31
C3D CLA CB . 5.52 19.50 21.11
C4D CLA CB . 4.66 20.16 20.11
CMD CLA CB . 7.73 20.15 22.20
CAD CLA CB . 4.89 18.25 21.46
OBD CLA CB . 5.21 17.44 22.31
CBD CLA CB . 3.63 18.11 20.58
CGD CLA CB . 3.81 16.91 19.72
O1D CLA CB . 4.19 16.85 18.55
O2D CLA CB . 3.55 15.75 20.35
CED CLA CB . 4.28 14.61 19.90
C1 CLA CB . -1.36 14.89 18.41
C2 CLA CB . -1.04 13.50 18.79
C3 CLA CB . -1.60 12.45 18.20
C4 CLA CB . -1.25 11.07 18.61
C5 CLA CB . -2.58 12.62 17.09
C6 CLA CB . -3.98 12.11 17.31
C7 CLA CB . -4.85 12.70 16.22
C8 CLA CB . -6.23 12.07 16.14
C9 CLA CB . -6.96 12.57 14.92
C10 CLA CB . -7.03 12.38 17.39
C11 CLA CB . -8.05 11.31 17.64
C12 CLA CB . -8.61 11.36 19.04
C13 CLA CB . -9.45 10.13 19.39
C14 CLA CB . -8.56 9.15 20.10
C15 CLA CB . -10.09 9.51 18.15
C16 CLA CB . -11.58 9.25 18.25
C17 CLA CB . -11.93 8.11 19.20
C18 CLA CB . -13.31 7.57 18.90
C19 CLA CB . -13.34 6.57 17.76
C20 CLA CB . -13.91 6.93 20.13
MG CLA DB . -0.60 25.57 10.11
CHA CLA DB . -2.13 28.57 10.70
CHB CLA DB . 1.96 26.53 12.19
CHC CLA DB . 0.51 22.34 10.27
CHD CLA DB . -3.49 24.48 8.41
NA CLA DB . -0.18 27.26 11.25
C1A CLA DB . -0.95 28.41 11.35
C2A CLA DB . -0.27 29.44 12.24
C3A CLA DB . 1.13 28.85 12.49
C4A CLA DB . 0.97 27.44 11.97
CMA CLA DB . 2.19 29.61 11.73
CAA CLA DB . -1.00 29.73 13.51
CBA CLA DB . -1.02 28.58 14.46
CGA CLA DB . -1.67 29.13 15.67
O1A CLA DB . -2.04 30.27 15.89
O2A CLA DB . -1.81 28.24 16.67
NB CLA DB . 0.95 24.65 10.99
C1B CLA DB . 1.89 25.21 11.78
C2B CLA DB . 2.88 24.21 12.21
C3B CLA DB . 2.49 23.03 11.67
C4B CLA DB . 1.24 23.28 10.91
CMB CLA DB . 4.01 24.55 13.06
CAB CLA DB . 3.02 21.71 11.84
CBB CLA DB . 3.18 21.18 13.06
NC CLA DB . -1.34 23.75 9.42
C1C CLA DB . -0.69 22.57 9.55
C2C CLA DB . -1.43 21.50 8.91
C3C CLA DB . -2.59 22.09 8.39
C4C CLA DB . -2.51 23.51 8.72
CMC CLA DB . -0.94 20.13 8.90
CAC CLA DB . -3.66 21.49 7.59
CBC CLA DB . -4.46 20.42 8.28
ND CLA DB . -2.46 26.26 9.71
C1D CLA DB . -3.49 25.76 8.88
C2D CLA DB . -4.48 26.84 8.66
C3D CLA DB . -4.00 27.94 9.33
C4D CLA DB . -2.75 27.53 9.96
CMD CLA DB . -5.70 26.70 7.87
CAD CLA DB . -4.22 29.33 9.67
OBD CLA DB . -5.15 30.07 9.38
CBD CLA DB . -3.01 29.79 10.53
CGD CLA DB . -2.29 30.98 9.96
O1D CLA DB . -2.68 32.13 9.92
O2D CLA DB . -1.06 30.79 9.42
CED CLA DB . -0.20 31.91 9.46
C1 CLA DB . -1.36 28.72 17.93
C2 CLA DB . -0.47 27.65 18.41
C3 CLA DB . -0.48 27.22 19.67
C4 CLA DB . -1.39 27.76 20.69
C5 CLA DB . 0.44 26.11 20.06
C6 CLA DB . 1.65 26.50 20.83
C7 CLA DB . 2.55 25.29 20.87
C8 CLA DB . 3.67 25.59 21.84
C9 CLA DB . 4.62 26.61 21.25
C10 CLA DB . 4.43 24.33 22.19
C11 CLA DB . 5.07 24.53 23.54
C12 CLA DB . 5.89 23.33 23.91
C13 CLA DB . 6.84 23.68 25.04
C14 CLA DB . 8.19 24.10 24.47
C15 CLA DB . 6.98 22.46 25.91
C16 CLA DB . 8.03 22.63 26.98
C17 CLA DB . 7.62 23.59 28.06
C18 CLA DB . 7.53 22.88 29.40
C19 CLA DB . 7.20 23.85 30.49
C20 CLA DB . 8.84 22.22 29.73
MG CLA EB . 33.87 22.62 10.91
CHA CLA EB . 37.15 22.98 9.89
CHB CLA EB . 33.58 19.89 8.86
CHC CLA EB . 30.97 21.77 12.49
CHD CLA EB . 34.49 25.02 13.42
NA CLA EB . 35.15 21.64 9.58
C1A CLA EB . 36.48 21.95 9.29
C2A CLA EB . 37.07 21.04 8.24
C3A CLA EB . 35.81 20.37 7.70
C4A CLA EB . 34.76 20.61 8.77
CMA CLA EB . 35.45 21.07 6.42
CAA CLA EB . 38.02 20.01 8.81
CBA CLA EB . 37.60 19.56 10.19
CGA CLA EB . 38.59 18.67 10.87
O1A CLA EB . 39.72 18.92 11.25
O2A CLA EB . 38.05 17.43 11.06
NB CLA EB . 32.54 21.13 10.70
C1B CLA EB . 32.59 20.12 9.81
C2B CLA EB . 31.37 19.28 9.96
C3B CLA EB . 30.63 19.81 10.99
C4B CLA EB . 31.36 21.00 11.45
CMB CLA EB . 31.11 18.12 9.15
CAB CLA EB . 29.40 19.41 11.59
CBB CLA EB . 28.25 19.19 10.96
NC CLA EB . 32.89 23.31 12.61
C1C CLA EB . 31.68 22.85 13.03
C2C CLA EB . 31.24 23.60 14.19
C3C CLA EB . 32.28 24.47 14.51
C4C CLA EB . 33.30 24.29 13.49
CMC CLA EB . 29.98 23.38 14.90
CAC CLA EB . 32.30 25.43 15.61
CBC CLA EB . 33.28 25.06 16.70
ND CLA EB . 35.40 23.77 11.55
C1D CLA EB . 35.49 24.78 12.53
C2D CLA EB . 36.79 25.47 12.39
C3D CLA EB . 37.45 24.83 11.38
C4D CLA EB . 36.55 23.76 10.91
CMD CLA EB . 37.27 26.59 13.19
CAD CLA EB . 38.66 24.76 10.60
OBD CLA EB . 39.64 25.47 10.62
CBD CLA EB . 38.52 23.56 9.63
CGD CLA EB . 38.66 24.05 8.21
O1D CLA EB . 37.84 24.69 7.55
O2D CLA EB . 39.84 23.72 7.64
CED CLA EB . 40.02 24.05 6.27
C1 CLA EB . 38.84 16.46 11.80
C2 CLA EB . 38.74 15.16 11.06
C3 CLA EB . 38.11 14.08 11.56
C4 CLA EB . 37.46 14.08 12.90
C5 CLA EB . 38.06 12.83 10.77
MG CLA FB . 23.09 18.35 4.87
CHA CLA FB . 25.13 20.79 6.28
CHB CLA FB . 23.03 16.75 7.89
CHC CLA FB . 21.79 15.58 3.38
CHD CLA FB . 23.93 19.63 1.68
NA CLA FB . 23.90 18.75 6.75
C1A CLA FB . 24.68 19.84 7.15
C2A CLA FB . 25.04 19.73 8.61
C3A CLA FB . 24.26 18.51 9.10
C4A CLA FB . 23.67 17.95 7.83
CMA CLA FB . 25.23 17.53 9.69
CAA CLA FB . 24.50 20.87 9.43
CBA CLA FB . 25.62 21.42 10.26
CGA CLA FB . 25.01 22.29 11.29
O1A CLA FB . 23.96 22.92 11.19
O2A CLA FB . 25.73 22.42 12.42
NB CLA FB . 22.53 16.54 5.51
C1B CLA FB . 22.50 16.12 6.78
C2B CLA FB . 21.82 14.82 6.91
C3B CLA FB . 21.47 14.46 5.63
C4B CLA FB . 21.91 15.56 4.73
CMB CLA FB . 21.70 14.18 8.23
CAB CLA FB . 20.81 13.30 5.09
CBB CLA FB . 20.28 12.29 5.78
NC CLA FB . 22.85 17.75 2.88
C1C CLA FB . 22.23 16.60 2.50
C2C CLA FB . 22.16 16.52 1.05
C3C CLA FB . 22.84 17.63 0.57
C4C CLA FB . 23.23 18.42 1.73
CMC CLA FB . 21.60 15.43 0.27
CAC CLA FB . 23.06 18.00 -0.82
CBC CLA FB . 22.10 19.04 -1.28
ND CLA FB . 24.20 19.84 4.09
C1D CLA FB . 24.39 20.30 2.76
C2D CLA FB . 25.17 21.54 2.80
C3D CLA FB . 25.47 21.77 4.11
C4D CLA FB . 24.86 20.68 4.88
CMD CLA FB . 25.58 22.32 1.66
CAD CLA FB . 26.18 22.62 5.02
OBD CLA FB . 26.86 23.60 4.77
CBD CLA FB . 25.98 22.04 6.43
CGD CLA FB . 27.30 21.84 7.13
O1D CLA FB . 27.73 22.43 8.10
O2D CLA FB . 28.10 20.87 6.61
CED CLA FB . 29.40 20.75 7.16
C1 CLA FB . 24.97 22.99 13.48
C2 CLA FB . 25.85 23.33 14.62
C3 CLA FB . 25.35 23.56 15.85
C4 CLA FB . 23.93 23.48 16.24
C5 CLA FB . 26.28 23.87 16.94
C6 CLA FB . 26.14 22.78 17.96
MG CLA GB . 16.95 21.23 14.10
CHA CLA GB . 19.53 22.26 12.04
CHB CLA GB . 17.98 17.99 13.75
CHC CLA GB . 14.89 20.33 16.68
CHD CLA GB . 16.35 24.64 14.87
NA CLA GB . 18.49 20.30 13.05
C1A CLA GB . 19.44 20.91 12.22
C2A CLA GB . 20.37 19.86 11.63
C3A CLA GB . 19.69 18.53 11.97
C4A CLA GB . 18.64 18.94 13.01
CMA CLA GB . 19.08 17.90 10.76
CAA CLA GB . 21.76 19.97 12.22
CBA CLA GB . 21.79 19.87 13.73
CGA CLA GB . 21.72 21.19 14.40
O1A CLA GB . 21.92 22.30 13.93
O2A CLA GB . 21.41 21.10 15.71
NB CLA GB . 16.54 19.51 15.05
C1B CLA GB . 17.01 18.28 14.71
C2B CLA GB . 16.33 17.25 15.51
C3B CLA GB . 15.47 17.87 16.35
C4B CLA GB . 15.59 19.34 16.07
CMB CLA GB . 16.58 15.82 15.38
CAB CLA GB . 14.60 17.27 17.31
CBB CLA GB . 14.46 17.58 18.60
NC CLA GB . 15.79 22.29 15.48
C1C CLA GB . 14.97 21.72 16.39
C2C CLA GB . 14.23 22.74 17.11
C3C CLA GB . 14.70 23.96 16.65
C4C CLA GB . 15.66 23.67 15.61
CMC CLA GB . 13.24 22.49 18.16
CAC CLA GB . 14.24 25.30 17.03
CBC CLA GB . 15.19 26.06 17.91
ND CLA GB . 17.71 23.05 13.63
C1D CLA GB . 17.32 24.36 13.94
C2D CLA GB . 18.13 25.33 13.19
C3D CLA GB . 19.01 24.57 12.47
C4D CLA GB . 18.71 23.16 12.77
CMD CLA GB . 17.99 26.78 13.28
CAD CLA GB . 20.14 24.58 11.57
OBD CLA GB . 20.83 25.53 11.23
CBD CLA GB . 20.46 23.11 11.21
CGD CLA GB . 20.42 22.80 9.73
O1D CLA GB . 21.34 22.35 9.05
O2D CLA GB . 19.26 23.03 9.11
CED CLA GB . 19.36 22.97 7.69
C1 CLA GB . 20.02 21.01 16.07
C2 CLA GB . 19.65 22.35 16.56
C3 CLA GB . 18.91 22.53 17.66
C4 CLA GB . 18.55 23.88 18.13
C5 CLA GB . 18.45 21.36 18.46
C6 CLA GB . 17.45 21.71 19.54
C7 CLA GB . 17.06 20.47 20.29
C8 CLA GB . 16.29 20.81 21.55
C9 CLA GB . 17.13 20.46 22.75
C10 CLA GB . 14.99 20.04 21.58
C11 CLA GB . 13.89 20.72 22.35
C12 CLA GB . 12.56 20.02 22.15
C13 CLA GB . 11.59 20.39 23.26
C14 CLA GB . 11.45 21.90 23.33
C15 CLA GB . 12.07 19.85 24.59
C16 CLA GB . 11.16 20.22 25.72
C17 CLA GB . 10.09 19.18 25.98
C18 CLA GB . 10.31 18.29 27.21
C19 CLA GB . 9.02 18.14 27.98
C20 CLA GB . 11.37 18.80 28.16
MG CLA HB . 18.33 12.19 18.42
CHA CLA HB . 20.42 13.42 15.99
CHB CLA HB . 19.43 9.03 17.78
CHC CLA HB . 16.67 11.06 21.20
CHD CLA HB . 17.63 15.51 19.46
NA CLA HB . 19.69 11.36 17.08
C1A CLA HB . 20.44 12.04 16.11
C2A CLA HB . 21.25 11.04 15.28
C3A CLA HB . 20.81 9.66 15.81
C4A CLA HB . 19.91 10.02 16.97
CMA CLA HB . 20.04 8.93 14.76
CAA CLA HB . 22.74 11.24 15.26
CBA CLA HB . 23.30 11.55 16.60
CGA CLA HB . 24.65 12.00 16.23
O1A CLA HB . 24.96 13.07 15.72
O2A CLA HB . 25.59 11.04 16.45
NB CLA HB . 18.05 10.39 19.28
C1B CLA HB . 18.59 9.22 18.88
C2B CLA HB . 18.18 8.13 19.80
C3B CLA HB . 17.40 8.73 20.78
C4B CLA HB . 17.32 10.16 20.45
CMB CLA HB . 18.64 6.77 19.62
CAB CLA HB . 16.70 8.26 21.95
CBB CLA HB . 16.30 7.03 22.26
NC CLA HB . 17.33 13.12 20.01
C1C CLA HB . 16.67 12.46 21.01
C2C CLA HB . 16.00 13.40 21.88
C3C CLA HB . 16.31 14.67 21.42
C4C CLA HB . 17.11 14.48 20.23
CMC CLA HB . 15.21 13.03 23.07
CAC CLA HB . 15.86 15.95 21.96
CBC CLA HB . 16.74 16.48 23.05
ND CLA HB . 18.94 14.05 17.98
C1D CLA HB . 18.52 15.31 18.43
C2D CLA HB . 19.14 16.35 17.59
C3D CLA HB . 19.86 15.68 16.64
C4D CLA HB . 19.70 14.24 16.91
CMD CLA HB . 18.96 17.78 17.79
CAD CLA HB . 20.74 15.80 15.52
OBD CLA HB . 21.19 16.81 15.02
CBD CLA HB . 21.06 14.37 15.01
CGD CLA HB . 20.49 14.20 13.64
O1D CLA HB . 19.48 14.73 13.19
O2D CLA HB . 21.17 13.34 12.83
CED CLA HB . 20.52 12.94 11.63
C1 CLA HB . 26.94 11.46 16.21
C2 CLA HB . 27.34 12.18 17.43
C3 CLA HB . 27.97 13.36 17.40
C4 CLA HB . 28.32 14.09 16.17
C5 CLA HB . 28.31 13.98 18.69
C6 CLA HB . 29.77 14.04 18.98
C7 CLA HB . 29.89 14.52 20.41
C8 CLA HB . 31.23 14.29 21.08
C9 CLA HB . 32.03 15.58 21.01
C10 CLA HB . 32.02 13.20 20.38
C11 CLA HB . 33.05 12.50 21.22
C12 CLA HB . 32.47 12.00 22.52
C13 CLA HB . 33.59 11.41 23.37
C14 CLA HB . 33.00 10.33 24.23
C15 CLA HB . 34.32 12.45 24.20
C16 CLA HB . 33.58 12.88 25.44
C17 CLA HB . 34.28 14.03 26.13
C18 CLA HB . 33.82 14.23 27.56
C19 CLA HB . 32.32 14.40 27.65
C20 CLA HB . 34.46 15.44 28.18
MG CLA IB . 11.00 -12.72 -8.37
CHA CLA IB . 12.95 -13.78 -5.72
CHB CLA IB . 13.51 -10.61 -9.31
CHC CLA IB . 9.45 -12.26 -11.39
CHD CLA IB . 8.65 -15.26 -7.63
NA CLA IB . 12.89 -12.27 -7.62
C1A CLA IB . 13.52 -12.82 -6.50
C2A CLA IB . 14.89 -12.17 -6.27
C3A CLA IB . 14.83 -10.95 -7.20
C4A CLA IB . 13.68 -11.29 -8.14
CMA CLA IB . 14.48 -9.77 -6.35
CAA CLA IB . 16.02 -13.10 -6.63
CBA CLA IB . 16.94 -12.53 -7.67
CGA CLA IB . 17.52 -13.74 -8.28
O1A CLA IB . 16.89 -14.76 -8.58
O2A CLA IB . 18.88 -13.67 -8.46
NB CLA IB . 11.41 -11.66 -10.01
C1B CLA IB . 12.45 -10.82 -10.22
C2B CLA IB . 12.29 -10.10 -11.50
C3B CLA IB . 11.13 -10.57 -12.07
C4B CLA IB . 10.57 -11.56 -11.15
CMB CLA IB . 13.25 -9.12 -11.97
CAB CLA IB . 10.44 -10.32 -13.31
CBB CLA IB . 10.99 -10.10 -14.50
NC CLA IB . 9.35 -13.60 -9.32
C1C CLA IB . 8.88 -13.22 -10.55
C2C CLA IB . 7.69 -13.95 -10.89
C3C CLA IB . 7.46 -14.83 -9.85
C4C CLA IB . 8.50 -14.59 -8.84
CMC CLA IB . 6.94 -13.79 -12.12
CAC CLA IB . 6.31 -15.74 -9.77
CBC CLA IB . 5.19 -15.20 -8.91
ND CLA IB . 10.81 -14.24 -7.05
C1D CLA IB . 9.74 -15.13 -6.78
C2D CLA IB . 10.03 -15.83 -5.51
C3D CLA IB . 11.27 -15.36 -5.07
C4D CLA IB . 11.70 -14.38 -6.07
CMD CLA IB . 9.15 -16.81 -4.90
CAD CLA IB . 12.30 -15.41 -4.06
OBD CLA IB . 12.39 -16.09 -3.05
CBD CLA IB . 13.39 -14.37 -4.42
CGD CLA IB . 13.45 -13.31 -3.37
O1D CLA IB . 12.83 -12.25 -3.34
O2D CLA IB . 14.29 -13.54 -2.31
CED CLA IB . 13.91 -12.99 -1.05
C1 CLA IB . 19.49 -13.81 -9.76
C2 CLA IB . 19.43 -15.23 -10.21
C3 CLA IB . 19.90 -15.60 -11.41
C4 CLA IB . 20.54 -14.64 -12.34
C5 CLA IB . 19.83 -17.01 -11.89
C6 CLA IB . 19.04 -17.03 -13.17
C7 CLA IB . 18.94 -18.38 -13.82
C8 CLA IB . 18.48 -18.19 -15.26
C9 CLA IB . 17.63 -19.34 -15.71
C10 CLA IB . 19.69 -17.97 -16.16
C11 CLA IB . 19.34 -18.03 -17.63
C12 CLA IB . 18.61 -16.80 -18.12
C13 CLA IB . 18.21 -16.98 -19.57
C14 CLA IB . 19.38 -16.64 -20.46
C15 CLA IB . 16.99 -16.14 -19.95
C16 CLA IB . 15.97 -17.04 -20.62
C17 CLA IB . 14.94 -16.25 -21.40
C18 CLA IB . 13.85 -17.12 -22.01
C19 CLA IB . 13.17 -16.35 -23.13
C20 CLA IB . 14.42 -18.39 -22.61
MG CLA JB . 30.85 9.95 34.07
CHA CLA JB . 29.83 12.10 36.59
CHB CLA JB . 29.41 12.06 31.79
CHC CLA JB . 32.77 8.58 31.59
CHD CLA JB . 33.02 8.43 36.43
NA CLA JB . 29.72 11.69 34.20
C1A CLA JB . 29.40 12.44 35.34
C2A CLA JB . 28.54 13.64 34.99
C3A CLA JB . 28.07 13.28 33.56
C4A CLA JB . 29.14 12.28 33.12
CMA CLA JB . 26.71 12.67 33.55
CAA CLA JB . 29.38 14.91 35.02
CBA CLA JB . 28.68 16.09 35.64
CGA CLA JB . 28.20 17.05 34.58
O1A CLA JB . 27.43 16.82 33.64
O2A CLA JB . 28.68 18.33 34.74
NB CLA JB . 31.08 10.30 32.10
C1B CLA JB . 30.36 11.14 31.33
C2B CLA JB . 30.69 10.96 29.90
C3B CLA JB . 31.65 9.98 29.84
C4B CLA JB . 31.88 9.53 31.24
CMB CLA JB . 30.05 11.76 28.86
CAB CLA JB . 32.36 9.31 28.79
CBB CLA JB . 32.19 9.43 27.48
NC CLA JB . 32.47 8.62 34.02
C1C CLA JB . 33.03 8.12 32.90
C2C CLA JB . 34.06 7.16 33.21
C3C CLA JB . 34.22 7.21 34.59
C4C CLA JB . 33.21 8.12 35.08
CMC CLA JB . 34.83 6.40 32.23
CAC CLA JB . 35.12 6.42 35.43
CBC CLA JB . 36.37 7.15 35.83
ND CLA JB . 31.16 9.97 36.05
C1D CLA JB . 32.10 9.32 36.89
C2D CLA JB . 31.89 9.74 38.28
C3D CLA JB . 30.98 10.77 38.23
C4D CLA JB . 30.63 10.94 36.81
CMD CLA JB . 32.57 9.18 39.44
CAD CLA JB . 30.23 11.74 38.96
OBD CLA JB . 30.07 11.83 40.17
CBD CLA JB . 29.64 12.73 37.95
CGD CLA JB . 28.21 12.98 38.32
O1D CLA JB . 27.24 12.26 38.11
O2D CLA JB . 27.98 14.15 38.97
CED CLA JB . 26.61 14.44 39.27
C1 CLA JB . 28.64 19.25 33.62
C2 CLA JB . 27.50 20.19 33.68
C3 CLA JB . 27.18 20.97 32.62
C4 CLA JB . 27.96 20.88 31.36
C5 CLA JB . 26.04 21.92 32.64
C6 CLA JB . 25.40 22.16 31.28
C7 CLA JB . 24.25 23.14 31.37
MG CLA KB . 43.03 25.25 13.54
CHA CLA KB . 45.93 24.20 12.01
CHB CLA KB . 41.41 22.54 12.27
CHC CLA KB . 40.41 25.89 15.59
CHD CLA KB . 44.96 27.62 15.39
NA CLA KB . 43.58 23.66 12.29
C1A CLA KB . 44.84 23.42 11.74
C2A CLA KB . 44.80 22.18 10.86
C3A CLA KB . 43.31 21.78 10.85
C4A CLA KB . 42.70 22.71 11.87
CMA CLA KB . 42.66 21.89 9.50
CAA CLA KB . 45.62 21.04 11.42
CBA CLA KB . 45.43 20.96 12.91
CGA CLA KB . 46.14 19.77 13.38
O1A CLA KB . 46.35 18.72 12.79
O2A CLA KB . 46.47 19.85 14.69
NB CLA KB . 41.23 24.41 13.83
C1B CLA KB . 40.76 23.32 13.22
C2B CLA KB . 39.41 22.98 13.72
C3B CLA KB . 39.09 23.90 14.67
C4B CLA KB . 40.25 24.84 14.74
CMB CLA KB . 38.68 21.82 13.24
CAB CLA KB . 37.87 23.94 15.45
CBB CLA KB . 37.49 24.74 16.43
NC CLA KB . 42.74 26.55 15.14
C1C CLA KB . 41.56 26.69 15.79
C2C CLA KB . 41.65 27.72 16.80
C3C CLA KB . 42.97 28.14 16.79
C4C CLA KB . 43.63 27.42 15.74
CMC CLA KB . 40.59 28.13 17.70
CAC CLA KB . 43.58 29.16 17.65
CBC CLA KB . 43.32 30.54 17.09
ND CLA KB . 44.96 25.83 13.73
C1D CLA KB . 45.59 26.87 14.43
C2D CLA KB . 47.00 26.97 14.02
C3D CLA KB . 47.19 25.96 13.12
C4D CLA KB . 45.89 25.27 12.96
CMD CLA KB . 47.94 27.95 14.55
CAD CLA KB . 48.13 25.28 12.27
OBD CLA KB . 49.31 25.50 12.10
CBD CLA KB . 47.35 24.17 11.53
CGD CLA KB . 47.44 24.55 10.10
O1D CLA KB . 47.56 25.67 9.64
O2D CLA KB . 47.39 23.51 9.24
CED CLA KB . 47.63 23.88 7.90
C1 CLA KB . 46.07 18.66 15.38
C2 CLA KB . 47.11 18.46 16.41
C3 CLA KB . 47.20 19.22 17.51
C4 CLA KB . 46.24 20.28 17.89
C5 CLA KB . 48.28 18.94 18.46
C6 CLA KB . 49.16 20.15 18.72
C7 CLA KB . 49.59 20.24 20.18
C8 CLA KB . 50.81 19.42 20.58
C9 CLA KB . 50.44 18.01 21.02
C10 CLA KB . 51.64 20.18 21.63
C11 CLA KB . 52.06 19.27 22.75
C12 CLA KB . 53.22 19.64 23.65
C13 CLA KB . 53.53 18.50 24.62
C14 CLA KB . 55.01 18.17 24.57
C15 CLA KB . 52.64 17.25 24.47
C16 CLA KB . 53.34 15.91 24.43
C17 CLA KB . 52.41 14.78 24.03
C18 CLA KB . 53.05 13.40 24.18
C19 CLA KB . 53.05 12.95 25.62
C20 CLA KB . 52.32 12.37 23.34
MG CLA LB . 11.75 12.10 29.68
CHA CLA LB . 12.46 10.21 32.49
CHB CLA LB . 8.41 11.77 30.36
CHC CLA LB . 11.04 14.53 27.37
CHD CLA LB . 15.18 12.95 29.47
NA CLA LB . 10.64 11.14 31.17
C1A CLA LB . 11.13 10.39 32.26
C2A CLA LB . 9.99 9.82 33.10
C3A CLA LB . 8.75 10.14 32.23
C4A CLA LB . 9.29 11.11 31.18
CMA CLA LB . 8.28 8.90 31.55
CAA CLA LB . 9.91 10.43 34.47
CBA CLA LB . 10.16 11.92 34.47
CGA CLA LB . 9.88 12.47 35.83
O1A CLA LB . 9.82 11.87 36.91
O2A CLA LB . 9.65 13.82 35.82
NB CLA LB . 10.07 13.00 29.03
C1B CLA LB . 8.81 12.65 29.35
C2B CLA LB . 7.83 13.28 28.45
C3B CLA LB . 8.56 14.07 27.58
C4B CLA LB . 9.99 13.91 27.95
CMB CLA LB . 6.41 13.02 28.59
CAB CLA LB . 8.16 14.96 26.52
CBB CLA LB . 6.98 15.04 25.90
NC CLA LB . 12.91 13.45 28.59
C1C CLA LB . 12.42 14.30 27.65
C2C CLA LB . 13.50 15.02 27.02
C3C CLA LB . 14.66 14.64 27.67
C4C CLA LB . 14.28 13.64 28.64
CMC CLA LB . 13.34 15.99 25.94
CAC CLA LB . 16.04 15.05 27.40
CBC CLA LB . 16.67 14.25 26.29
ND CLA LB . 13.45 11.71 30.68
C1D CLA LB . 14.80 12.05 30.43
C2D CLA LB . 15.66 11.27 31.36
C3D CLA LB . 14.80 10.55 32.16
C4D CLA LB . 13.46 10.88 31.72
CMD CLA LB . 17.11 11.31 31.35
CAD CLA LB . 14.69 9.60 33.25
OBD CLA LB . 15.55 9.04 33.90
CBD CLA LB . 13.18 9.36 33.50
CGD CLA LB . 12.85 7.92 33.32
O1D CLA LB . 12.66 7.32 32.27
O2D CLA LB . 12.74 7.22 34.47
CED CLA LB . 12.94 5.81 34.40
C1 CLA LB . 10.72 14.67 36.30
C2 CLA LB . 10.27 16.06 36.05
C3 CLA LB . 11.11 17.11 35.91
C4 CLA LB . 12.59 16.95 36.00
C5 CLA LB . 10.57 18.48 35.64
C6 CLA LB . 11.55 19.45 35.04
C7 CLA LB . 11.22 19.79 33.60
C8 CLA LB . 11.32 21.28 33.28
C9 CLA LB . 12.72 21.78 33.54
C10 CLA LB . 10.28 22.08 34.05
C11 CLA LB . 10.50 23.58 34.00
C12 CLA LB . 9.24 24.42 33.83
C13 CLA LB . 8.66 25.05 35.10
C14 CLA LB . 8.43 26.54 34.93
C15 CLA LB . 9.48 24.71 36.35
C16 CLA LB . 10.37 25.81 36.88
C17 CLA LB . 11.36 25.20 37.84
C18 CLA LB . 12.13 26.23 38.64
C19 CLA LB . 11.52 26.41 40.01
C20 CLA LB . 13.59 25.88 38.71
MG CLA MB . 6.74 -27.75 -9.00
CHA CLA MB . 8.48 -29.67 -11.32
CHB CLA MB . 9.71 -26.49 -7.90
CHC CLA MB . 5.07 -25.14 -7.53
CHD CLA MB . 3.74 -28.63 -10.67
NA CLA MB . 8.75 -28.12 -9.48
C1A CLA MB . 9.27 -28.94 -10.48
C2A CLA MB . 10.79 -28.94 -10.47
C3A CLA MB . 11.13 -28.16 -9.18
C4A CLA MB . 9.78 -27.54 -8.80
CMA CLA MB . 11.67 -29.07 -8.12
CAA CLA MB . 11.46 -28.30 -11.65
CBA CLA MB . 12.78 -28.98 -11.96
CGA CLA MB . 13.46 -28.30 -13.10
O1A CLA MB . 13.86 -27.15 -13.18
O2A CLA MB . 13.65 -29.12 -14.18
NB CLA MB . 7.28 -26.12 -7.97
C1B CLA MB . 8.53 -25.85 -7.52
C2B CLA MB . 8.49 -24.71 -6.57
C3B CLA MB . 7.18 -24.33 -6.47
C4B CLA MB . 6.41 -25.22 -7.35
CMB CLA MB . 9.72 -24.22 -5.96
CAB CLA MB . 6.50 -23.30 -5.71
CBB CLA MB . 6.85 -22.83 -4.52
NC CLA MB . 4.76 -27.08 -9.02
C1C CLA MB . 4.29 -26.03 -8.29
C2C CLA MB . 2.87 -25.86 -8.50
C3C CLA MB . 2.50 -26.82 -9.44
C4C CLA MB . 3.70 -27.59 -9.73
CMC CLA MB . 2.04 -24.80 -7.89
CAC CLA MB . 1.18 -27.07 -9.99
CBC CLA MB . 0.42 -28.04 -9.13
ND CLA MB . 6.16 -28.99 -10.49
C1D CLA MB . 4.89 -29.30 -11.03
C2D CLA MB . 5.06 -30.32 -12.08
C3D CLA MB . 6.40 -30.45 -12.25
C4D CLA MB . 7.05 -29.60 -11.26
CMD CLA MB . 3.98 -30.94 -12.84
CAD CLA MB . 7.44 -31.10 -13.01
OBD CLA MB . 7.38 -31.85 -13.97
CBD CLA MB . 8.80 -30.60 -12.47
CGD CLA MB . 9.61 -31.81 -12.13
O1D CLA MB . 9.28 -32.79 -11.45
O2D CLA MB . 10.85 -31.83 -12.68
CED CLA MB . 11.40 -33.10 -12.99
C1 CLA MB . 15.00 -29.14 -14.67
C2 CLA MB . 14.94 -29.58 -16.09
C3 CLA MB . 14.64 -28.77 -17.09
C4 CLA MB . 14.40 -27.33 -16.88
C5 CLA MB . 14.61 -29.27 -18.49
C6 CLA MB . 15.48 -30.51 -18.64
C7 CLA MB . 15.34 -31.12 -20.01
C8 CLA MB . 16.57 -31.91 -20.44
C9 CLA MB . 16.42 -33.37 -20.10
C10 CLA MB . 17.87 -31.40 -19.82
C11 CLA MB . 19.05 -32.11 -20.44
C12 CLA MB . 20.27 -31.21 -20.44
C13 CLA MB . 21.00 -31.34 -21.78
C14 CLA MB . 21.98 -32.48 -21.74
C15 CLA MB . 21.68 -30.03 -22.16
C16 CLA MB . 21.24 -29.57 -23.53
C17 CLA MB . 21.87 -28.25 -23.93
C18 CLA MB . 23.30 -28.38 -24.45
C19 CLA MB . 23.30 -28.63 -25.94
C20 CLA MB . 24.07 -27.10 -24.18
MG CLA NB . 19.52 -23.34 -6.20
CHA CLA NB . 16.40 -24.32 -7.37
CHB CLA NB . 19.17 -20.38 -7.87
CHC CLA NB . 22.86 -22.70 -5.80
CHD CLA NB . 20.10 -26.68 -5.15
NA CLA NB . 18.00 -22.48 -7.35
C1A CLA NB . 16.77 -23.04 -7.71
C2A CLA NB . 15.96 -22.03 -8.52
C3A CLA NB . 16.84 -20.78 -8.59
C4A CLA NB . 18.09 -21.23 -7.86
CMA CLA NB . 17.19 -20.50 -10.01
CAA CLA NB . 14.75 -21.61 -7.72
CBA CLA NB . 13.58 -21.38 -8.63
CGA CLA NB . 12.43 -22.17 -8.09
O1A CLA NB . 12.01 -22.18 -6.94
O2A CLA NB . 11.81 -22.97 -9.01
NB CLA NB . 20.74 -21.81 -6.68
C1B CLA NB . 20.41 -20.67 -7.31
C2B CLA NB . 21.57 -19.76 -7.43
C3B CLA NB . 22.63 -20.42 -6.85
C4B CLA NB . 22.11 -21.73 -6.36
CMB CLA NB . 21.46 -18.49 -8.12
CAB CLA NB . 24.02 -20.10 -6.65
CBB CLA NB . 24.68 -19.00 -7.03
NC CLA NB . 21.15 -24.47 -5.55
C1C CLA NB . 22.42 -23.99 -5.43
C2C CLA NB . 23.30 -25.01 -4.91
C3C CLA NB . 22.53 -26.15 -4.76
C4C CLA NB . 21.17 -25.80 -5.14
CMC CLA NB . 24.73 -24.86 -4.68
CAC CLA NB . 22.98 -27.45 -4.25
CBC CLA NB . 23.41 -28.39 -5.34
ND CLA NB . 18.54 -25.10 -6.21
C1D CLA NB . 18.85 -26.36 -5.65
C2D CLA NB . 17.69 -27.23 -5.75
C3D CLA NB . 16.73 -26.51 -6.43
C4D CLA NB . 17.31 -25.20 -6.69
CMD CLA NB . 17.66 -28.61 -5.26
CAD CLA NB . 15.41 -26.53 -6.99
OBD CLA NB . 14.60 -27.44 -7.02
CBD CLA NB . 15.15 -25.13 -7.59
CGD CLA NB . 14.67 -25.22 -9.02
O1D CLA NB . 13.51 -25.36 -9.42
O2D CLA NB . 15.61 -25.10 -9.97
CED CLA NB . 15.11 -24.76 -11.24
C1 CLA NB . 11.53 -22.36 -10.28
C2 CLA NB . 11.25 -23.43 -11.24
C3 CLA NB . 10.10 -24.11 -11.24
C4 CLA NB . 8.99 -23.89 -10.29
C5 CLA NB . 9.86 -25.17 -12.23
C6 CLA NB . 9.89 -24.57 -13.62
C7 CLA NB . 8.71 -23.63 -13.85
C8 CLA NB . 9.04 -22.52 -14.83
C9 CLA NB . 9.98 -23.05 -15.90
C10 CLA NB . 9.62 -21.31 -14.09
C11 CLA NB . 9.39 -20.04 -14.88
C12 CLA NB . 10.65 -19.56 -15.57
C13 CLA NB . 10.33 -18.99 -16.95
C14 CLA NB . 9.49 -19.99 -17.70
C15 CLA NB . 11.58 -18.64 -17.75
C16 CLA NB . 11.29 -18.56 -19.25
C17 CLA NB . 10.89 -17.15 -19.62
C18 CLA NB . 9.54 -17.11 -20.32
C19 CLA NB . 8.89 -15.77 -20.09
C20 CLA NB . 9.72 -17.33 -21.81
C1 PQN OB . 1.83 -14.23 -2.68
O1 PQN OB . 1.53 -13.13 -3.02
C2 PQN OB . 2.00 -15.30 -3.72
C2M PQN OB . 1.79 -14.96 -5.19
C3 PQN OB . 2.37 -16.67 -3.30
C4 PQN OB . 2.58 -16.98 -1.85
O4 PQN OB . 2.87 -18.06 -1.51
C5 PQN OB . 2.39 -15.86 -0.77
C6 PQN OB . 2.58 -16.15 0.58
C7 PQN OB . 2.42 -15.15 1.53
C8 PQN OB . 2.06 -13.86 1.14
C9 PQN OB . 1.87 -13.55 -0.21
C10 PQN OB . 2.04 -14.55 -1.17
C11 PQN OB . 2.57 -17.80 -4.32
C12 PQN OB . 3.90 -17.55 -5.04
C13 PQN OB . 4.60 -18.54 -5.56
C14 PQN OB . 4.10 -19.97 -5.46
C15 PQN OB . 5.92 -18.20 -6.25
C16 PQN OB . 5.89 -18.71 -7.69
C17 PQN OB . 7.29 -19.16 -8.09
C18 PQN OB . 7.18 -20.06 -9.31
C19 PQN OB . 6.92 -21.50 -8.85
C20 PQN OB . 8.45 -19.99 -10.15
C21 PQN OB . 8.53 -18.63 -10.83
C22 PQN OB . 9.78 -17.88 -10.35
C23 PQN OB . 10.06 -16.70 -11.26
C24 PQN OB . 9.88 -17.08 -12.72
C25 PQN OB . 11.48 -16.18 -11.03
C26 PQN OB . 11.90 -16.51 -9.59
C27 PQN OB . 13.32 -16.00 -9.34
C28 PQN OB . 13.85 -16.63 -8.06
C29 PQN OB . 15.11 -17.44 -8.38
C30 PQN OB . 12.81 -17.56 -7.47
O1 LHG PB . 14.16 -24.22 8.26
C1 LHG PB . 13.16 -23.21 8.42
C2 LHG PB . 13.66 -21.97 7.70
O2 LHG PB . 14.59 -21.31 8.56
C3 LHG PB . 12.46 -21.08 7.45
O3 LHG PB . 12.87 -19.99 6.67
P LHG PB . 11.82 -18.81 6.44
O4 LHG PB . 10.72 -19.30 5.55
O5 LHG PB . 11.50 -18.32 7.83
O6 LHG PB . 12.73 -17.75 5.66
C4 LHG PB . 12.17 -16.75 4.82
C5 LHG PB . 13.28 -16.08 4.03
C6 LHG PB . 14.32 -15.49 4.96
O7 LHG PB . 13.87 -17.04 3.18
C7 LHG PB . 13.61 -16.78 1.79
O9 LHG PB . 13.00 -15.78 1.49
C8 LHG PB . 14.08 -17.75 0.74
C9 LHG PB . 15.15 -17.10 -0.10
C10 LHG PB . 15.34 -17.89 -1.39
O8 LHG PB . 15.38 -14.94 4.17
C23 LHG PB . 16.77 -15.23 4.45
O10 LHG PB . 17.04 -15.92 5.41
C24 LHG PB . 17.90 -14.74 3.57
C11 LHG PB . 15.99 -16.95 -2.40
C12 LHG PB . 15.88 -17.43 -3.84
C13 LHG PB . 16.96 -18.40 -4.27
C14 LHG PB . 17.84 -17.78 -5.35
C15 LHG PB . 18.67 -16.64 -4.80
C16 LHG PB . 19.57 -16.01 -5.86
C17 LHG PB . 20.45 -14.95 -5.24
C18 LHG PB . 21.35 -14.27 -6.26
C19 LHG PB . 22.20 -13.18 -5.63
C20 LHG PB . 23.01 -12.46 -6.70
C21 LHG PB . 23.97 -11.44 -6.10
C25 LHG PB . 18.06 -13.23 3.65
C26 LHG PB . 17.07 -12.51 2.75
C27 LHG PB . 16.82 -11.08 3.18
C28 LHG PB . 15.49 -10.63 2.60
C29 LHG PB . 15.11 -9.24 3.08
C30 LHG PB . 15.95 -8.17 2.40
C31 LHG PB . 15.72 -8.24 0.90
C32 LHG PB . 16.60 -7.24 0.21
C33 LHG PB . 16.67 -7.50 -1.28
C34 LHG PB . 17.07 -6.23 -2.02
C35 LHG PB . 16.98 -6.45 -3.52
C36 LHG PB . 16.93 -5.13 -4.27
C37 LHG PB . 18.24 -4.38 -4.18
C38 LHG PB . 18.17 -3.13 -5.02
O1 LHG QB . 32.58 4.76 29.92
C1 LHG QB . 31.50 5.48 30.50
C2 LHG QB . 30.90 4.66 31.61
O2 LHG QB . 29.74 4.02 31.11
C3 LHG QB . 30.53 5.60 32.73
O3 LHG QB . 29.50 6.51 32.37
P LHG QB . 28.64 7.16 33.55
O4 LHG QB . 28.22 6.04 34.44
O5 LHG QB . 29.41 8.30 34.16
O6 LHG QB . 27.36 7.74 32.76
C4 LHG QB . 27.55 8.78 31.80
C5 LHG QB . 26.24 9.37 31.31
C6 LHG QB . 26.57 10.30 30.15
O7 LHG QB . 25.39 8.32 30.85
C7 LHG QB . 24.06 8.35 31.44
O9 LHG QB . 23.90 8.93 32.49
C8 LHG QB . 22.90 7.68 30.78
C9 LHG QB . 22.35 8.73 29.84
C10 LHG QB . 21.28 8.14 28.95
O8 LHG QB . 25.40 10.65 29.42
C23 LHG QB . 25.28 11.97 28.83
O10 LHG QB . 26.20 12.74 29.01
C24 LHG QB . 24.07 12.38 28.04
C11 LHG QB . 20.72 9.19 28.02
C12 LHG QB . 19.91 10.23 28.78
C13 LHG QB . 19.31 11.17 27.75
C25 LHG QB . 23.86 11.46 26.83
C10 WVN RB . 43.43 -3.05 -9.29
C11 WVN RB . 60.25 1.67 6.01
C12 WVN RB . 43.01 -4.49 -9.52
C13 WVN RB . 45.71 -3.87 -8.64
C14 WVN RB . 43.83 -5.49 -8.69
C01 WVN RB . 61.84 2.19 7.88
C02 WVN RB . 61.70 1.97 6.37
C03 WVN RB . 61.07 3.42 8.33
C04 WVN RB . 61.42 4.69 7.55
C05 WVN RB . 62.16 3.26 5.69
C06 WVN RB . 44.92 -2.84 -9.44
C07 WVN RB . 61.28 0.97 8.58
C08 WVN RB . 63.32 2.32 8.25
C09 WVN RB . 61.65 4.41 6.07
C15 WVN RB . 45.32 -5.13 -8.57
C16 WVN RB . 63.16 3.23 4.55
C17 WVN RB . 45.25 -1.43 -8.98
C18 WVN RB . 45.29 -2.99 -10.91
C19 WVN RB . 59.98 0.84 5.03
C20 WVN RB . 46.97 -3.43 -7.90
C21 WVN RB . 46.16 -6.14 -7.84
C22 WVN RB . 58.56 0.51 4.60
C23 WVN RB . 48.12 -3.40 -8.50
C24 WVN RB . 57.42 0.66 5.61
C25 WVN RB . 49.40 -2.95 -7.79
C26 WVN RB . 58.35 0.11 3.37
C27 WVN RB . 50.42 -2.23 -8.60
C28 WVN RB . 49.63 -3.13 -6.52
C29 WVN RB . 56.99 -0.24 2.79
C30 WVN RB . 50.96 -2.62 -5.99
C31 WVN RB . 56.92 -0.41 1.47
C32 WVN RB . 55.61 -0.79 0.83
C33 WVN RB . 51.23 -2.63 -4.71
C34 WVN RB . 52.58 -2.15 -4.18
C35 WVN RB . 54.33 -0.69 1.65
C36 WVN RB . 55.60 -1.20 -0.43
C37 WVN RB . 52.74 -1.92 -2.90
C38 WVN RB . 53.76 -1.95 -5.11
C39 WVN RB . 54.29 -1.62 -1.08
C40 WVN RB . 54.08 -1.46 -2.36
C10 WVN SB . 34.46 -1.00 -0.96
C11 WVN SB . 56.18 -4.48 2.81
C12 WVN SB . 34.04 -2.09 -1.93
C13 WVN SB . 36.48 -0.97 -2.53
C14 WVN SB . 34.25 -1.62 -3.36
C01 WVN SB . 58.55 -4.58 2.02
C02 WVN SB . 57.51 -3.74 2.79
C03 WVN SB . 59.64 -5.14 2.93
C04 WVN SB . 60.29 -4.04 3.75
C05 WVN SB . 57.96 -3.41 4.24
C06 WVN SB . 35.87 -0.50 -1.21
C07 WVN SB . 57.93 -5.76 1.26
C08 WVN SB . 59.23 -3.68 0.98
C09 WVN SB . 59.24 -3.28 4.53
C15 WVN SB . 35.71 -1.26 -3.56
C16 WVN SB . 56.97 -3.46 5.41
C17 WVN SB . 36.67 -0.90 0.00
C18 WVN SB . 35.94 1.00 -1.19
C19 WVN SB . 55.03 -4.03 2.35
C20 WVN SB . 37.99 -1.08 -2.63
C21 WVN SB . 36.35 -1.65 -4.88
C22 WVN SB . 53.92 -5.05 2.50
C23 WVN SB . 38.75 -0.03 -2.81
C24 WVN SB . 54.31 -6.43 3.03
C25 WVN SB . 40.25 -0.18 -2.88
C26 WVN SB . 52.66 -4.90 2.17
C27 WVN SB . 40.99 0.02 -4.19
C28 WVN SB . 40.88 -0.50 -1.78
C29 WVN SB . 51.79 -3.75 1.64
C30 WVN SB . 42.37 -0.65 -1.87
C31 WVN SB . 50.56 -4.11 1.91
C32 WVN SB . 49.19 -3.54 1.67
C33 WVN SB . 43.11 -0.56 -0.81
C34 WVN SB . 44.61 -0.71 -0.99
C35 WVN SB . 48.14 -3.96 2.69
C36 WVN SB . 48.81 -2.81 0.64
C37 WVN SB . 45.24 -1.62 -0.31
C38 WVN SB . 45.34 0.17 -2.00
C39 WVN SB . 47.33 -2.43 0.60
C40 WVN SB . 46.74 -1.87 -0.42
C10 WVN TB . 31.72 19.93 24.81
C11 WVN TB . 27.30 -2.84 20.06
C12 WVN TB . 31.55 20.12 23.30
C13 WVN TB . 30.18 17.92 24.52
C14 WVN TB . 30.10 19.84 22.94
C01 WVN TB . 26.70 -5.15 20.92
C02 WVN TB . 26.20 -3.89 20.22
C03 WVN TB . 25.71 -6.28 20.69
C04 WVN TB . 25.57 -6.59 19.21
C05 WVN TB . 25.62 -4.12 18.84
C06 WVN TB . 31.41 18.51 25.24
C07 WVN TB . 28.11 -5.56 20.48
C08 WVN TB . 26.77 -4.91 22.42
C09 WVN TB . 25.35 -5.32 18.40
C15 WVN TB . 29.74 18.42 23.38
C16 WVN TB . 25.51 -2.96 17.86
C17 WVN TB . 31.23 18.53 26.74
C18 WVN TB . 32.66 17.72 24.88
C19 WVN TB . 27.19 -1.78 20.79
C20 WVN TB . 29.41 16.68 25.01
C21 WVN TB . 29.08 17.51 22.36
C22 WVN TB . 28.18 -0.64 20.74
C23 WVN TB . 29.99 15.53 25.33
C24 WVN TB . 29.49 -0.81 20.02
C25 WVN TB . 29.18 14.33 25.77
C26 WVN TB . 27.82 0.47 21.34
C27 WVN TB . 28.10 14.44 26.83
C28 WVN TB . 29.48 13.18 25.20
C29 WVN TB . 28.60 1.76 21.40
C30 WVN TB . 28.78 11.85 25.46
C31 WVN TB . 28.34 2.57 22.39
C32 WVN TB . 29.06 3.91 22.49
C33 WVN TB . 29.29 10.81 24.84
C34 WVN TB . 28.71 9.41 24.94
C35 WVN TB . 30.41 4.10 21.83
C36 WVN TB . 28.45 4.87 23.13
C37 WVN TB . 29.35 8.42 24.35
C38 WVN TB . 27.39 9.19 25.65
C39 WVN TB . 29.00 6.29 23.29
C40 WVN TB . 28.80 7.00 24.36
C10 WVN UB . 35.26 20.60 13.48
C11 WVN UB . 22.47 1.17 14.13
C12 WVN UB . 35.19 21.41 14.78
C13 WVN UB . 34.00 18.86 14.69
C14 WVN UB . 33.86 21.17 15.48
C01 WVN UB . 20.41 0.67 15.54
C02 WVN UB . 21.65 0.09 14.84
C03 WVN UB . 19.67 -0.47 16.22
C04 WVN UB . 20.52 -1.22 17.23
C05 WVN UB . 22.51 -0.82 15.74
C06 WVN UB . 35.22 19.13 13.83
C07 WVN UB . 19.53 1.24 14.43
C08 WVN UB . 20.63 1.79 16.54
C09 WVN UB . 22.00 -1.35 16.83
C15 WVN UB . 33.23 19.87 15.00
C16 WVN UB . 23.53 -1.72 15.04
C17 WVN UB . 36.54 18.82 14.53
C18 WVN UB . 35.08 18.36 12.53
C19 WVN UB . 23.57 1.69 14.64
C20 WVN UB . 33.50 17.48 15.13
C21 WVN UB . 31.72 19.63 15.16
C22 WVN UB . 24.34 2.75 13.87
C23 WVN UB . 34.20 16.61 15.79
C24 WVN UB . 24.13 2.94 12.38
C25 WVN UB . 33.51 15.33 16.22
C26 WVN UB . 25.19 3.47 14.54
C27 WVN UB . 33.55 15.01 17.69
C28 WVN UB . 32.86 14.52 15.40
C29 WVN UB . 26.00 4.57 13.88
C30 WVN UB . 32.18 13.28 15.95
C31 WVN UB . 26.78 5.24 14.68
C32 WVN UB . 27.61 6.40 14.17
C33 WVN UB . 31.98 12.19 15.24
C34 WVN UB . 31.26 11.00 15.85
C35 WVN UB . 27.65 6.71 12.68
C36 WVN UB . 28.28 7.13 15.04
C37 WVN UB . 30.57 10.21 15.05
C38 WVN UB . 31.36 10.72 17.34
C39 WVN UB . 29.11 8.32 14.62
C40 WVN UB . 29.78 9.00 15.52
C10 WVN VB . 60.90 6.72 0.69
C11 WVN VB . 54.45 3.51 23.15
C12 WVN VB . 61.49 5.35 0.39
C13 WVN VB . 59.70 5.78 2.68
C14 WVN VB . 60.69 4.19 0.98
C01 WVN VB . 55.21 3.70 25.56
C02 WVN VB . 54.50 4.42 24.39
C03 WVN VB . 54.87 4.21 26.95
C04 WVN VB . 53.89 5.38 27.02
C05 WVN VB . 53.11 4.96 24.74
C06 WVN VB . 60.59 6.90 2.16
C07 WVN VB . 55.01 2.18 25.50
C08 WVN VB . 56.71 3.89 25.39
C09 WVN VB . 52.81 5.22 25.98
C15 WVN VB . 59.68 4.60 2.06
C16 WVN VB . 52.28 5.66 23.66
C17 WVN VB . 59.86 8.24 2.25
C18 WVN VB . 61.88 6.97 2.97
C19 WVN VB . 55.18 3.85 22.12
C20 WVN VB . 59.24 5.86 4.13
C21 WVN VB . 58.54 3.61 2.30
C22 WVN VB . 55.27 3.07 20.83
C23 WVN VB . 58.03 6.29 4.45
C24 WVN VB . 55.42 1.55 20.86
C25 WVN VB . 57.55 6.37 5.88
C26 WVN VB . 55.23 3.72 19.69
C27 WVN VB . 56.95 7.68 6.38
C28 WVN VB . 57.63 5.34 6.68
C29 WVN VB . 55.34 3.04 18.35
C30 WVN VB . 57.11 5.48 8.10
C31 WVN VB . 55.80 3.81 17.39
C32 WVN VB . 56.02 3.32 15.98
C33 WVN VB . 56.63 4.48 8.79
C34 WVN VB . 56.19 4.83 10.20
C35 WVN VB . 56.72 1.98 15.79
C36 WVN VB . 55.67 4.03 14.93
C37 WVN VB . 56.61 4.11 11.19
C38 WVN VB . 55.27 6.02 10.43
C39 WVN VB . 55.97 3.52 13.53
C40 WVN VB . 56.24 4.44 12.63
C1B LMT WB . 36.01 -39.08 -2.05
C2B LMT WB . 34.64 -39.22 -1.33
C3B LMT WB . 34.65 -38.43 0.01
C4B LMT WB . 36.03 -38.49 0.69
C5B LMT WB . 36.98 -37.74 -0.27
C6B LMT WB . 38.45 -38.06 -0.01
O1B LMT WB . 35.88 -39.09 -3.47
O2B LMT WB . 33.69 -38.73 -2.16
O3B LMT WB . 33.64 -38.79 0.85
O4' LMT WB . 35.99 -37.81 1.87
O5B LMT WB . 36.65 -37.91 -1.65
O6B LMT WB . 39.22 -37.11 -0.63
C1' LMT WB . 36.90 -36.06 -6.28
C2' LMT WB . 37.87 -36.37 -5.11
C3' LMT WB . 37.63 -37.83 -4.67
C4' LMT WB . 36.19 -37.88 -4.15
C5' LMT WB . 35.39 -37.71 -5.45
C6' LMT WB . 33.94 -38.07 -5.38
O1' LMT WB . 36.91 -34.72 -6.54
O2' LMT WB . 39.18 -36.25 -5.47
O3' LMT WB . 38.56 -38.18 -3.74
O5' LMT WB . 35.55 -36.38 -5.91
O6' LMT WB . 33.51 -37.63 -4.16
C1 LMT WB . 37.81 -34.31 -7.54
C2 LMT WB . 38.59 -33.19 -6.91
C3 LMT WB . 37.95 -31.86 -6.91
C4 LMT WB . 38.96 -30.92 -7.53
C5 LMT WB . 38.86 -31.00 -9.02
C6 LMT WB . 38.74 -29.66 -9.65
C7 LMT WB . 40.02 -28.92 -9.43
C8 LMT WB . 39.78 -27.45 -9.57
C9 LMT WB . 39.83 -26.98 -11.00
C10 LMT WB . 38.47 -26.46 -11.35
C11 LMT WB . 38.29 -26.39 -12.84
C12 LMT WB . 38.23 -27.76 -13.43
MG CLA XB . 4.75 8.26 1.86
CHA CLA XB . 3.45 9.31 -1.14
CHB CLA XB . 4.81 11.50 2.91
CHC CLA XB . 6.31 7.30 4.70
CHD CLA XB . 5.41 5.10 0.44
NA CLA XB . 4.25 10.11 0.99
C1A CLA XB . 3.71 10.33 -0.27
C2A CLA XB . 3.46 11.81 -0.50
C3A CLA XB . 4.14 12.46 0.71
C4A CLA XB . 4.42 11.29 1.62
CMA CLA XB . 5.45 13.06 0.31
CAA CLA XB . 1.95 12.04 -0.47
CBA CLA XB . 1.46 13.29 -1.14
CGA CLA XB . 1.18 14.31 -0.10
O1A CLA XB . 1.42 14.23 1.09
O2A CLA XB . 0.59 15.43 -0.61
NB CLA XB . 5.56 9.24 3.42
C1B CLA XB . 5.13 10.47 3.80
C2B CLA XB . 5.07 10.60 5.27
C3B CLA XB . 5.50 9.41 5.78
C4B CLA XB . 5.82 8.55 4.62
CMB CLA XB . 4.67 11.84 5.90
CAB CLA XB . 5.70 8.89 7.11
CBB CLA XB . 5.52 9.48 8.28
NC CLA XB . 5.74 6.52 2.44
C1C CLA XB . 6.30 6.35 3.66
C2C CLA XB . 6.86 5.03 3.78
C3C CLA XB . 6.66 4.40 2.57
C4C CLA XB . 5.94 5.35 1.72
CMC CLA XB . 7.53 4.55 4.99
CAC CLA XB . 7.13 3.04 2.22
CBC CLA XB . 8.52 3.06 1.65
ND CLA XB . 4.49 7.33 0.10
C1D CLA XB . 4.72 6.01 -0.33
C2D CLA XB . 4.03 5.82 -1.61
C3D CLA XB . 3.44 7.03 -1.93
C4D CLA XB . 3.84 7.96 -0.87
CMD CLA XB . 3.93 4.53 -2.28
CAD CLA XB . 2.58 7.79 -2.82
OBD CLA XB . 1.76 7.41 -3.62
CBD CLA XB . 2.76 9.28 -2.47
CGD CLA XB . 3.57 10.04 -3.47
O1D CLA XB . 4.79 10.07 -3.58
O2D CLA XB . 2.84 10.78 -4.35
CED CLA XB . 3.58 11.46 -5.36
C1 CLA XB . 0.21 16.53 0.24
C2 CLA XB . -1.06 16.19 0.91
C3 CLA XB . -2.05 17.07 1.07
C4 CLA XB . -1.95 18.47 0.58
C5 CLA XB . -3.30 16.68 1.76
C6 CLA XB . -3.21 17.12 3.20
C7 CLA XB . -4.41 16.73 4.00
C8 CLA XB . -4.07 16.88 5.48
C9 CLA XB . -3.09 15.82 5.90
C10 CLA XB . -5.29 16.84 6.38
C11 CLA XB . -6.46 17.63 5.84
C12 CLA XB . -7.54 17.73 6.88
C13 CLA XB . -8.75 18.48 6.36
C14 CLA XB . -8.43 19.92 6.10
C15 CLA XB . -9.93 18.34 7.32
C16 CLA XB . -11.11 19.13 6.81
C17 CLA XB . -12.40 18.69 7.45
C18 CLA XB . -13.46 19.72 7.15
C19 CLA XB . -14.60 19.65 8.14
C20 CLA XB . -13.96 19.63 5.73
MG CLA YB . 0.81 -26.95 -14.43
CHA CLA YB . -2.20 -25.31 -14.90
CHB CLA YB . -0.13 -29.20 -16.84
CHC CLA YB . 4.06 -27.99 -14.69
CHD CLA YB . 1.87 -24.23 -12.45
NA CLA YB . -0.88 -27.21 -15.61
C1A CLA YB . -2.03 -26.43 -15.66
C2A CLA YB . -3.05 -27.02 -16.64
C3A CLA YB . -2.49 -28.44 -16.85
C4A CLA YB . -1.04 -28.28 -16.43
CMA CLA YB . -3.13 -29.35 -15.87
CAA CLA YB . -3.28 -26.26 -17.94
CBA CLA YB . -2.06 -25.93 -18.77
CGA CLA YB . -1.48 -24.68 -18.22
O1A CLA YB . -2.09 -23.75 -17.71
O2A CLA YB . -0.13 -24.62 -18.25
NB CLA YB . 1.78 -28.30 -15.57
C1B CLA YB . 1.21 -29.15 -16.44
C2B CLA YB . 2.20 -30.12 -16.95
C3B CLA YB . 3.39 -29.80 -16.35
C4B CLA YB . 3.14 -28.63 -15.46
CMB CLA YB . 1.85 -31.15 -17.92
CAB CLA YB . 4.67 -30.41 -16.52
CBB CLA YB . 5.33 -30.47 -17.66
NC CLA YB . 2.62 -26.28 -13.63
C1C CLA YB . 3.81 -26.91 -13.79
C2C CLA YB . 4.84 -26.22 -13.02
C3C CLA YB . 4.23 -25.10 -12.45
C4C CLA YB . 2.84 -25.18 -12.83
CMC CLA YB . 6.24 -26.59 -12.93
CAC CLA YB . 4.83 -24.10 -11.57
CBC CLA YB . 5.21 -22.82 -12.26
ND CLA YB . 0.05 -25.23 -13.72
C1D CLA YB . 0.58 -24.22 -12.89
C2D CLA YB . -0.48 -23.27 -12.56
C3D CLA YB . -1.58 -23.66 -13.27
C4D CLA YB . -1.18 -24.86 -14.02
CMD CLA YB . -0.29 -22.15 -11.65
CAD CLA YB . -2.98 -23.43 -13.58
OBD CLA YB . -3.77 -22.64 -13.07
CBD CLA YB . -3.37 -24.40 -14.72
CGD CLA YB . -4.59 -25.18 -14.35
O1D CLA YB . -4.78 -25.81 -13.32
O2D CLA YB . -5.56 -25.16 -15.32
CED CLA YB . -6.47 -26.25 -15.40
C1 CLA YB . 0.40 -23.53 -17.47
C2 CLA YB . 1.80 -23.81 -17.11
C3 CLA YB . 2.43 -22.98 -16.27
C4 CLA YB . 1.78 -21.79 -15.70
C5 CLA YB . 3.84 -23.19 -15.87
C6 CLA YB . 4.55 -24.23 -16.70
C7 CLA YB . 6.04 -24.00 -16.56
C8 CLA YB . 6.85 -24.96 -17.42
C9 CLA YB . 6.78 -24.50 -18.86
C10 CLA YB . 6.32 -26.39 -17.32
C11 CLA YB . 7.30 -27.24 -16.55
C12 CLA YB . 8.33 -27.89 -17.44
C13 CLA YB . 9.03 -29.02 -16.69
C14 CLA YB . 10.30 -28.49 -16.06
C15 CLA YB . 9.21 -30.26 -17.56
C16 CLA YB . 10.58 -30.91 -17.52
C17 CLA YB . 10.58 -32.24 -18.24
C18 CLA YB . 11.91 -32.95 -18.20
C19 CLA YB . 11.90 -34.22 -19.02
C20 CLA YB . 12.37 -33.26 -16.78
FE1 SF4 ZB . -0.66 -14.91 9.58
FE2 SF4 ZB . -0.81 -12.93 11.87
FE3 SF4 ZB . 0.48 -15.62 12.29
FE4 SF4 ZB . -2.52 -15.42 11.90
S1 SF4 ZB . -1.12 -14.53 13.23
S2 SF4 ZB . -0.93 -16.51 10.97
S3 SF4 ZB . -2.22 -13.80 10.53
S4 SF4 ZB . 0.76 -14.02 10.91
MG CLA AC . -0.94 10.71 25.24
CHA CLA AC . 2.42 11.07 24.49
CHB CLA AC . -0.50 12.81 27.89
CHC CLA AC . -4.34 11.28 25.33
CHD CLA AC . -1.36 9.14 22.10
NA CLA AC . 0.71 11.68 26.10
C1A CLA AC . 2.02 11.73 25.62
C2A CLA AC . 2.92 12.53 26.57
C3A CLA AC . 2.02 12.67 27.81
C4A CLA AC . 0.63 12.39 27.25
CMA CLA AC . 2.43 11.63 28.82
CAA CLA AC . 3.43 13.87 26.06
CBA CLA AC . 2.45 14.58 25.17
CGA CLA AC . 2.71 14.29 23.72
O1A CLA AC . 3.79 14.38 23.15
O2A CLA AC . 1.65 13.83 22.94
NB CLA AC . -2.17 11.83 26.37
C1B CLA AC . -1.79 12.59 27.43
C2B CLA AC . -2.98 13.19 28.06
C3B CLA AC . -4.08 12.79 27.38
C4B CLA AC . -3.59 11.89 26.28
CMB CLA AC . -2.91 14.04 29.23
CAB CLA AC . -5.43 13.20 27.69
CBB CLA AC . -6.58 12.60 27.47
NC CLA AC . -2.56 10.18 24.02
C1C CLA AC . -3.86 10.45 24.29
C2C CLA AC . -4.70 9.87 23.28
C3C CLA AC . -3.86 9.36 22.31
C4C CLA AC . -2.51 9.54 22.79
CMC CLA AC . -6.15 9.90 23.25
CAC CLA AC . -4.24 8.64 21.11
CBC CLA AC . -4.38 9.57 19.94
ND CLA AC . 0.21 10.02 23.73
C1D CLA AC . -0.08 9.38 22.52
C2D CLA AC . 1.17 9.06 21.81
C3D CLA AC . 2.16 9.66 22.54
C4D CLA AC . 1.51 10.30 23.70
CMD CLA AC . 1.24 8.30 20.57
CAD CLA AC . 3.59 9.90 22.68
OBD CLA AC . 4.52 9.44 22.05
CBD CLA AC . 3.75 10.94 23.81
CGD CLA AC . 4.87 10.71 24.78
O1D CLA AC . 5.56 11.57 25.30
O2D CLA AC . 5.14 9.45 25.13
CED CLA AC . 6.43 9.32 25.72
C1 CLA AC . 0.26 13.96 23.32
C2 CLA AC . -0.08 15.39 23.13
C3 CLA AC . -1.06 16.03 23.77
C4 CLA AC . -1.20 17.47 23.49
C5 CLA AC . -1.96 15.36 24.76
C6 CLA AC . -3.07 16.25 25.30
C7 CLA AC . -4.33 16.19 24.45
C8 CLA AC . -5.34 17.24 24.86
C9 CLA AC . -6.62 16.60 25.30
C10 CLA AC . -5.69 18.16 23.70
C11 CLA AC . -4.53 18.49 22.78
C12 CLA AC . -4.68 19.83 22.10
C13 CLA AC . -4.95 20.93 23.11
C14 CLA AC . -5.56 22.11 22.41
C15 CLA AC . -3.66 21.38 23.75
C16 CLA AC . -3.89 22.11 25.04
C17 CLA AC . -2.73 23.03 25.26
C18 CLA AC . -2.54 23.49 26.70
C19 CLA AC . -1.88 24.85 26.69
C20 CLA AC . -3.81 23.58 27.49
MG CLA BC . 36.58 -14.59 -29.43
CHA CLA BC . 38.63 -12.08 -30.63
CHB CLA BC . 38.46 -16.95 -30.96
CHC CLA BC . 34.17 -16.96 -28.67
CHD CLA BC . 34.54 -12.10 -27.93
NA CLA BC . 38.27 -14.50 -30.61
C1A CLA BC . 39.00 -13.36 -30.99
C2A CLA BC . 40.20 -13.79 -31.83
C3A CLA BC . 40.21 -15.32 -31.70
C4A CLA BC . 38.87 -15.64 -31.06
CMA CLA BC . 40.36 -15.97 -33.04
CAA CLA BC . 41.50 -13.33 -31.22
NB CLA BC . 36.32 -16.55 -29.82
C1B CLA BC . 37.25 -17.36 -30.37
C2B CLA BC . 36.79 -18.79 -30.29
C3B CLA BC . 35.58 -18.79 -29.64
C4B CLA BC . 35.28 -17.36 -29.33
CMB CLA BC . 37.56 -19.91 -30.80
CAB CLA BC . 34.71 -19.86 -29.26
CBB CLA BC . 34.81 -20.54 -28.12
NC CLA BC . 34.71 -14.52 -28.49
C1C CLA BC . 33.92 -15.62 -28.27
C2C CLA BC . 32.72 -15.25 -27.56
C3C CLA BC . 32.83 -13.89 -27.33
C4C CLA BC . 34.09 -13.43 -27.89
CMC CLA BC . 31.66 -16.18 -27.21
CAC CLA BC . 31.88 -13.07 -26.59
CBC CLA BC . 32.02 -13.20 -25.10
ND CLA BC . 36.54 -12.58 -29.24
C1D CLA BC . 35.67 -11.68 -28.59
C2D CLA BC . 36.21 -10.31 -28.72
C3D CLA BC . 37.34 -10.40 -29.48
C4D CLA BC . 37.51 -11.84 -29.79
CMD CLA BC . 35.63 -9.08 -28.20
CAD CLA BC . 38.44 -9.67 -30.06
OBD CLA BC . 38.76 -8.49 -29.97
CBD CLA BC . 39.26 -10.71 -30.86
CGD CLA BC . 39.37 -10.37 -32.34
O1D CLA BC . 38.49 -9.93 -33.08
O2D CLA BC . 40.60 -10.57 -32.86
CED CLA BC . 41.40 -9.40 -33.03
MG CLA CC . -0.41 -3.07 -12.09
CHA CLA CC . 1.65 -0.34 -12.52
CHB CLA CC . 0.17 -3.98 -15.30
CHC CLA CC . -2.52 -5.68 -11.64
CHD CLA CC . -1.38 -1.74 -8.98
NA CLA CC . 0.68 -2.22 -13.67
C1A CLA CC . 1.48 -1.09 -13.65
C2A CLA CC . 2.12 -0.85 -15.01
C3A CLA CC . 1.45 -1.92 -15.90
C4A CLA CC . 0.71 -2.79 -14.90
CMA CLA CC . 0.50 -1.34 -16.91
CAA CLA CC . 3.62 -1.11 -14.95
CBA CLA CC . 4.34 -0.76 -16.23
CGA CLA CC . 4.61 -2.01 -17.00
O1A CLA CC . 3.84 -2.86 -17.44
O2A CLA CC . 5.93 -2.23 -17.25
NB CLA CC . -1.15 -4.48 -13.29
C1B CLA CC . -0.54 -4.83 -14.44
C2B CLA CC . -0.71 -6.26 -14.73
C3B CLA CC . -1.47 -6.77 -13.69
C4B CLA CC . -1.77 -5.64 -12.78
CMB CLA CC . -0.13 -6.85 -15.94
CAB CLA CC . -1.97 -8.09 -13.43
CBB CLA CC . -1.77 -9.22 -14.11
NC CLA CC . -1.79 -3.56 -10.60
C1C CLA CC . -2.57 -4.69 -10.62
C2C CLA CC . -3.38 -4.73 -9.40
C3C CLA CC . -3.06 -3.60 -8.66
C4C CLA CC . -2.06 -2.88 -9.43
CMC CLA CC . -4.35 -5.75 -9.04
CAC CLA CC . -3.62 -3.16 -7.38
CBC CLA CC . -4.59 -2.02 -7.54
ND CLA CC . -0.07 -1.41 -10.99
C1D CLA CC . -0.46 -1.05 -9.69
C2D CLA CC . 0.37 0.05 -9.21
C3D CLA CC . 1.26 0.31 -10.24
C4D CLA CC . 0.90 -0.58 -11.33
CMD CLA CC . 0.27 0.59 -7.87
CAD CLA CC . 2.41 1.05 -10.68
OBD CLA CC . 3.23 1.68 -10.04
CBD CLA CC . 2.58 0.81 -12.19
CGD CLA CC . 2.28 2.06 -12.96
O1D CLA CC . 1.26 2.73 -12.89
O2D CLA CC . 3.25 2.52 -13.77
CED CLA CC . 3.21 3.90 -14.05
C1 CLA CC . 6.20 -3.28 -18.19
C2 CLA CC . 6.68 -2.59 -19.39
C3 CLA CC . 7.93 -2.76 -19.84
C4 CLA CC . 8.42 -2.06 -21.04
C5 CLA CC . 8.91 -3.64 -19.15
C6 CLA CC . 9.90 -4.26 -20.09
C7 CLA CC . 11.19 -4.51 -19.36
C8 CLA CC . 12.18 -5.26 -20.23
C9 CLA CC . 11.57 -6.56 -20.73
C10 CLA CC . 13.48 -5.48 -19.45
C11 CLA CC . 13.59 -6.82 -18.77
C12 CLA CC . 14.73 -6.85 -17.78
C13 CLA CC . 14.99 -8.21 -17.13
C14 CLA CC . 13.75 -9.06 -16.97
C15 CLA CC . 15.65 -8.03 -15.77
C16 CLA CC . 16.18 -9.35 -15.24
C17 CLA CC . 17.53 -9.65 -15.84
C18 CLA CC . 17.85 -11.13 -15.80
C19 CLA CC . 17.54 -11.79 -17.12
C20 CLA CC . 19.30 -11.37 -15.44
O1 LHG DC . 12.03 -6.85 -15.31
C1 LHG DC . 10.97 -6.87 -16.26
C2 LHG DC . 9.76 -6.28 -15.60
O2 LHG DC . 9.39 -7.15 -14.54
C3 LHG DC . 8.65 -6.24 -16.63
O3 LHG DC . 8.35 -7.58 -16.96
P LHG DC . 6.95 -7.83 -17.66
O4 LHG DC . 6.25 -9.00 -17.01
O5 LHG DC . 6.27 -6.50 -17.78
O6 LHG DC . 7.47 -8.31 -19.08
C4 LHG DC . 6.85 -9.44 -19.65
C5 LHG DC . 7.85 -10.56 -19.49
C6 LHG DC . 7.19 -11.80 -20.04
O7 LHG DC . 8.98 -10.26 -20.27
C7 LHG DC . 10.20 -10.24 -19.49
O9 LHG DC . 10.54 -9.22 -18.93
C8 LHG DC . 11.01 -11.50 -19.38
C9 LHG DC . 11.26 -12.06 -20.78
C10 LHG DC . 12.39 -13.09 -20.76
O8 LHG DC . 5.98 -12.03 -19.36
C23 LHG DC . 4.76 -12.29 -20.11
O10 LHG DC . 3.71 -11.83 -19.73
C24 LHG DC . 4.83 -13.12 -21.36
C11 LHG DC . 13.64 -12.53 -21.44
C12 LHG DC . 14.68 -11.94 -20.49
C13 LHG DC . 14.46 -10.45 -20.25
C14 LHG DC . 14.57 -9.57 -21.49
C15 LHG DC . 16.01 -9.35 -21.90
C16 LHG DC . 16.75 -8.48 -20.90
C17 LHG DC . 18.16 -8.18 -21.38
C18 LHG DC . 19.01 -7.57 -20.29
C19 LHG DC . 18.25 -6.51 -19.52
C20 LHG DC . 19.02 -6.03 -18.30
C21 LHG DC . 18.09 -5.20 -17.44
C22 LHG DC . 18.75 -4.68 -16.19
C25 LHG DC . 5.11 -14.57 -20.97
C26 LHG DC . 5.71 -15.32 -22.16
C27 LHG DC . 6.86 -14.55 -22.77
MG CLA EC . 0.38 9.35 -9.05
CHA CLA EC . -2.58 7.81 -10.02
CHB CLA EC . 0.80 6.92 -6.71
CHC CLA EC . 3.73 10.06 -8.99
CHD CLA EC . 0.11 11.42 -11.90
NA CLA EC . -0.78 7.75 -8.39
C1A CLA EC . -1.97 7.25 -8.92
C2A CLA EC . -2.48 6.10 -8.07
C3A CLA EC . -1.65 6.25 -6.79
C4A CLA EC . -0.44 7.01 -7.30
CMA CLA EC . -2.38 7.07 -5.77
CAA CLA EC . -2.34 4.73 -8.71
CBA CLA EC . -3.24 3.80 -7.94
CGA CLA EC . -3.01 2.37 -8.29
O1A CLA EC . -3.18 1.39 -7.58
O2A CLA EC . -2.58 2.19 -9.56
NB CLA EC . 1.94 8.64 -8.03
C1B CLA EC . 1.94 7.61 -7.14
C2B CLA EC . 3.34 7.34 -6.71
C3B CLA EC . 4.15 8.22 -7.36
C4B CLA EC . 3.27 9.08 -8.18
CMB CLA EC . 3.72 6.27 -5.78
CAB CLA EC . 5.56 8.47 -7.31
CBB CLA EC . 6.25 8.68 -6.20
NC CLA EC . 1.63 10.61 -10.15
C1C CLA EC . 2.96 10.81 -9.89
C2C CLA EC . 3.52 11.79 -10.80
C3C CLA EC . 2.50 12.13 -11.67
C4C CLA EC . 1.33 11.39 -11.24
CMC CLA EC . 4.90 12.26 -10.82
CAC CLA EC . 2.55 13.11 -12.75
CBC CLA EC . 2.19 14.46 -12.22
ND CLA EC . -0.98 9.74 -10.49
C1D CLA EC . -0.95 10.61 -11.58
C2D CLA EC . -2.21 10.52 -12.31
C3D CLA EC . -2.86 9.44 -11.78
C4D CLA EC . -2.04 8.96 -10.67
CMD CLA EC . -2.52 11.38 -13.43
CAD CLA EC . -4.08 8.65 -11.78
OBD CLA EC . -5.11 8.83 -12.40
CBD CLA EC . -3.83 7.46 -10.80
CGD CLA EC . -5.01 7.05 -9.99
O1D CLA EC . -5.60 7.67 -9.12
O2D CLA EC . -5.48 5.82 -10.28
CED CLA EC . -6.87 5.64 -10.08
C1 CLA EC . -3.45 1.44 -10.43
C2 CLA EC . -2.88 1.61 -11.78
C3 CLA EC . -3.62 1.54 -12.90
C4 CLA EC . -5.09 1.31 -12.84
C5 CLA EC . -3.03 1.70 -14.25
C6 CLA EC . -1.57 2.08 -14.16
C7 CLA EC . -1.16 3.17 -15.13
C8 CLA EC . -0.71 2.64 -16.47
C9 CLA EC . 0.64 3.23 -16.80
C10 CLA EC . -1.70 3.05 -17.54
C11 CLA EC . -2.67 1.95 -17.90
C12 CLA EC . -2.10 0.88 -18.81
C13 CLA EC . -3.17 -0.02 -19.42
C14 CLA EC . -4.56 0.57 -19.29
C15 CLA EC . -3.23 -1.40 -18.79
C16 CLA EC . -2.30 -2.40 -19.41
C17 CLA EC . -2.82 -3.78 -19.07
C18 CLA EC . -1.80 -4.89 -18.91
C19 CLA EC . -2.38 -6.24 -19.27
C20 CLA EC . -0.52 -4.65 -19.66
MG CLA FC . 3.82 4.82 8.80
CHA CLA FC . 5.43 5.25 11.83
CHB CLA FC . 2.55 7.96 9.09
CHC CLA FC . 3.31 4.87 5.43
CHD CLA FC . 5.40 1.69 8.52
NA CLA FC . 3.93 6.30 10.27
C1A CLA FC . 4.66 6.30 11.44
C2A CLA FC . 4.40 7.56 12.24
C3A CLA FC . 3.15 8.13 11.54
C4A CLA FC . 3.20 7.45 10.19
CMA CLA FC . 1.91 7.82 12.33
CAA CLA FC . 5.59 8.49 12.24
CBA CLA FC . 5.46 9.52 13.33
CGA CLA FC . 4.90 10.75 12.73
O1A CLA FC . 5.29 11.30 11.71
O2A CLA FC . 3.84 11.28 13.39
NB CLA FC . 3.09 6.16 7.51
C1B CLA FC . 2.57 7.36 7.82
C2B CLA FC . 2.06 8.04 6.61
C3B CLA FC . 2.29 7.18 5.56
C4B CLA FC . 2.95 5.97 6.12
CMB CLA FC . 1.45 9.36 6.70
CAB CLA FC . 1.99 7.29 4.16
CBB CLA FC . 1.95 8.40 3.45
NC CLA FC . 4.24 3.48 7.26
C1C CLA FC . 3.91 3.70 5.96
C2C CLA FC . 4.29 2.53 5.20
C3C CLA FC . 4.90 1.62 6.04
C4C CLA FC . 4.84 2.23 7.36
CMC CLA FC . 4.07 2.36 3.77
CAC CLA FC . 5.32 0.28 5.59
CBC CLA FC . 6.58 -0.35 6.10
ND CLA FC . 5.06 3.67 9.89
C1D CLA FC . 5.54 2.37 9.70
C2D CLA FC . 6.24 1.91 10.90
C3D CLA FC . 6.34 3.03 11.69
C4D CLA FC . 5.55 4.07 11.04
CMD CLA FC . 6.83 0.59 11.08
CAD CLA FC . 6.73 3.52 12.97
OBD CLA FC . 7.31 2.94 13.88
CBD CLA FC . 6.26 4.98 13.07
CGD CLA FC . 5.53 5.23 14.36
O1D CLA FC . 4.34 5.09 14.60
O2D CLA FC . 6.32 5.64 15.37
CED CLA FC . 6.04 6.94 15.86
C1 CLA FC . 3.24 12.47 12.84
C2 CLA FC . 2.13 12.07 11.95
C3 CLA FC . 2.12 12.30 10.63
C4 CLA FC . 3.23 13.01 9.96
C5 CLA FC . 0.96 11.88 9.78
C6 CLA FC . 0.41 13.03 8.97
C7 CLA FC . -0.23 14.08 9.84
C8 CLA FC . -0.15 15.45 9.17
C9 CLA FC . 0.88 16.30 9.86
C10 CLA FC . -1.50 16.16 9.17
C11 CLA FC . -2.34 16.03 10.41
C12 CLA FC . -3.71 16.61 10.10
C13 CLA FC . -4.62 16.78 11.30
C14 CLA FC . -4.49 15.63 12.29
C15 CLA FC . -6.08 16.91 10.85
C16 CLA FC . -6.99 17.00 12.05
C17 CLA FC . -8.45 17.20 11.71
C18 CLA FC . -9.05 15.97 11.05
C19 CLA FC . -9.08 14.87 12.09
C20 CLA FC . -10.47 16.24 10.63
MG CLA GC . -31.29 -3.71 3.01
CHA CLA GC . -32.07 -3.79 -0.36
CHB CLA GC . -30.64 -0.36 2.75
CHC CLA GC . -29.92 -3.72 6.13
CHD CLA GC . -31.21 -7.24 3.01
NA CLA GC . -31.40 -2.32 1.45
C1A CLA GC . -31.77 -2.55 0.12
C2A CLA GC . -31.76 -1.25 -0.66
C3A CLA GC . -31.24 -0.23 0.34
C4A CLA GC . -31.11 -1.01 1.62
CMA CLA GC . -29.87 0.16 -0.11
CAA CLA GC . -33.20 -0.91 -1.03
CBA CLA GC . -33.82 0.35 -0.47
CGA CLA GC . -33.41 1.56 -1.26
O1A CLA GC . -33.69 2.73 -1.03
O2A CLA GC . -32.59 1.29 -2.31
NB CLA GC . -30.46 -2.31 4.20
C1B CLA GC . -30.40 -0.98 3.97
C2B CLA GC . -30.02 -0.26 5.21
C3B CLA GC . -29.83 -1.23 6.17
C4B CLA GC . -30.07 -2.53 5.52
CMB CLA GC . -29.86 1.19 5.24
CAB CLA GC . -29.38 -1.23 7.54
CBB CLA GC . -28.82 -0.25 8.23
NC CLA GC . -30.69 -5.21 4.33
C1C CLA GC . -30.19 -4.99 5.57
C2C CLA GC . -29.92 -6.23 6.25
C3C CLA GC . -30.23 -7.24 5.35
C4C CLA GC . -30.73 -6.58 4.16
CMC CLA GC . -29.36 -6.35 7.59
CAC CLA GC . -30.11 -8.69 5.54
CBC CLA GC . -28.90 -9.27 4.85
ND CLA GC . -31.55 -5.20 1.69
C1D CLA GC . -31.61 -6.61 1.87
C2D CLA GC . -32.10 -7.22 0.63
C3D CLA GC . -32.24 -6.19 -0.27
C4D CLA GC . -31.89 -4.96 0.44
CMD CLA GC . -32.33 -8.65 0.45
CAD CLA GC . -32.60 -5.85 -1.61
OBD CLA GC . -32.92 -6.59 -2.52
CBD CLA GC . -32.51 -4.31 -1.72
CGD CLA GC . -31.62 -3.87 -2.85
O1D CLA GC . -31.98 -3.49 -3.95
O2D CLA GC . -30.29 -3.89 -2.62
CED CLA GC . -29.48 -4.15 -3.77
C1 CLA GC . -33.00 1.64 -3.64
C2 CLA GC . -32.75 0.42 -4.43
C3 CLA GC . -32.94 0.34 -5.75
C4 CLA GC . -33.42 1.49 -6.55
C5 CLA GC . -32.68 -0.91 -6.49
C6 CLA GC . -33.94 -1.65 -6.90
C7 CLA GC . -34.55 -2.30 -5.68
C8 CLA GC . -35.77 -3.16 -5.93
C9 CLA GC . -36.70 -2.54 -6.94
C10 CLA GC . -36.48 -3.39 -4.62
C11 CLA GC . -35.96 -4.61 -3.91
C12 CLA GC . -36.27 -4.49 -2.45
C13 CLA GC . -36.71 -5.81 -1.86
C14 CLA GC . -38.22 -5.81 -1.74
C15 CLA GC . -36.02 -6.00 -0.52
C16 CLA GC . -36.79 -6.89 0.43
C17 CLA GC . -36.07 -7.14 1.73
C18 CLA GC . -37.08 -7.74 2.69
C19 CLA GC . -36.61 -7.74 4.12
C20 CLA GC . -37.51 -9.11 2.23
MG CLA HC . -27.01 3.92 0.14
CHA CLA HC . -25.77 3.17 3.24
CHB CLA HC . -26.49 0.68 -0.80
CHC CLA HC . -27.82 4.73 -3.08
CHD CLA HC . -26.84 7.36 0.94
NA CLA HC . -26.26 2.22 1.09
C1A CLA HC . -25.84 2.11 2.40
C2A CLA HC . -25.40 0.68 2.73
C3A CLA HC . -25.51 -0.03 1.38
C4A CLA HC . -26.17 1.00 0.49
CMA CLA HC . -24.14 -0.37 0.86
CAA CLA HC . -26.41 0.09 3.69
CBA CLA HC . -26.19 -1.35 4.07
CGA CLA HC . -25.08 -1.53 5.05
O1A CLA HC . -25.15 -1.48 6.28
O2A CLA HC . -23.89 -1.83 4.47
NB CLA HC . -27.17 2.90 -1.59
C1B CLA HC . -27.04 1.56 -1.73
C2B CLA HC . -27.51 1.14 -3.06
C3B CLA HC . -27.89 2.29 -3.71
C4B CLA HC . -27.65 3.41 -2.80
CMB CLA HC . -27.44 -0.26 -3.45
CAB CLA HC . -28.34 2.54 -5.06
CBB CLA HC . -29.08 1.72 -5.80
NC CLA HC . -27.26 5.72 -0.88
C1C CLA HC . -27.62 5.81 -2.18
C2C CLA HC . -27.79 7.21 -2.54
C3C CLA HC . -27.48 7.95 -1.41
C4C CLA HC . -27.16 7.01 -0.37
CMC CLA HC . -28.19 7.66 -3.86
CAC CLA HC . -27.51 9.40 -1.21
CBC CLA HC . -26.23 10.12 -1.53
ND CLA HC . -26.37 5.08 1.66
C1D CLA HC . -26.45 6.46 1.91
C2D CLA HC . -26.07 6.74 3.30
C3D CLA HC . -25.82 5.51 3.84
C4D CLA HC . -26.01 4.51 2.79
CMD CLA HC . -26.02 8.05 3.93
CAD CLA HC . -25.40 4.81 5.02
OBD CLA HC . -25.11 5.24 6.10
CBD CLA HC . -25.36 3.30 4.69
CGD CLA HC . -24.02 2.69 4.94
O1D CLA HC . -23.04 2.63 4.20
O2D CLA HC . -23.93 2.13 6.16
CED CLA HC . -22.72 2.35 6.85
C1 CLA HC . -22.72 -1.27 5.08
C2 CLA HC . -21.79 -1.07 3.95
C3 CLA HC . -20.93 -1.99 3.51
C4 CLA HC . -20.80 -3.30 4.17
C5 CLA HC . -20.06 -1.74 2.35
C6 CLA HC . -20.30 -0.43 1.64
C7 CLA HC . -19.04 -0.05 0.91
C8 CLA HC . -19.24 0.98 -0.19
C9 CLA HC . -19.59 2.30 0.46
C10 CLA HC . -20.30 0.47 -1.15
C11 CLA HC . -21.00 1.60 -1.87
C12 CLA HC . -22.19 1.12 -2.68
C13 CLA HC . -23.30 2.16 -2.75
C14 CLA HC . -23.84 2.24 -4.15
C15 CLA HC . -22.87 3.55 -2.27
C16 CLA HC . -23.76 4.05 -1.17
C17 CLA HC . -23.61 5.53 -0.94
C18 CLA HC . -22.50 5.89 0.03
C19 CLA HC . -22.50 4.98 1.23
C20 CLA HC . -22.72 7.30 0.53
MG CLA IC . -27.60 22.26 2.79
CHA CLA IC . -25.57 24.98 3.34
CHB CLA IC . -24.92 20.40 1.86
CHC CLA IC . -29.67 19.67 2.08
CHD CLA IC . -30.44 24.31 3.40
NA CLA IC . -25.57 22.65 2.62
C1A CLA IC . -24.92 23.85 2.91
C2A CLA IC . -23.42 23.70 2.69
C3A CLA IC . -23.28 22.30 2.09
C4A CLA IC . -24.68 21.71 2.20
CMA CLA IC . -22.85 22.42 0.66
CAA CLA IC . -22.67 23.78 4.01
CBA CLA IC . -23.19 22.87 5.11
CGA CLA IC . -24.22 23.54 5.97
O1A CLA IC . -24.20 24.65 6.48
O2A CLA IC . -25.31 22.76 6.21
NB CLA IC . -27.36 20.42 2.00
C1B CLA IC . -26.18 19.78 1.90
C2B CLA IC . -26.38 18.31 1.81
C3B CLA IC . -27.74 18.10 1.87
C4B CLA IC . -28.36 19.44 2.00
CMB CLA IC . -25.26 17.39 1.67
CAB CLA IC . -28.58 16.93 1.83
CBB CLA IC . -28.25 15.66 2.04
NC CLA IC . -29.67 22.06 2.68
C1C CLA IC . -30.30 20.91 2.35
C2C CLA IC . -31.73 21.09 2.40
C3C CLA IC . -31.96 22.40 2.78
C4C CLA IC . -30.65 23.00 2.96
CMC CLA IC . -32.72 20.06 2.11
CAC CLA IC . -33.25 23.06 2.95
CBC CLA IC . -33.68 23.11 4.39
ND CLA IC . -28.00 24.17 3.24
C1D CLA IC . -29.20 24.87 3.54
C2D CLA IC . -28.86 26.22 4.02
C3D CLA IC . -27.50 26.31 3.96
C4D CLA IC . -27.00 25.03 3.47
CMD CLA IC . -29.85 27.21 4.44
CAD CLA IC . -26.36 27.14 4.20
OBD CLA IC . -26.31 28.26 4.68
CBD CLA IC . -25.10 26.36 3.76
CGD CLA IC . -24.45 27.06 2.59
O1D CLA IC . -24.93 27.27 1.49
O2D CLA IC . -23.19 27.50 2.80
CED CLA IC . -22.51 28.02 1.67
C1 CLA IC . -26.44 23.38 6.85
C2 CLA IC . -27.63 22.70 6.29
C3 CLA IC . -28.82 22.66 6.88
C4 CLA IC . -29.10 23.33 8.16
C5 CLA IC . -29.97 21.96 6.23
C6 CLA IC . -30.25 20.55 6.72
C7 CLA IC . -29.40 19.55 5.96
C8 CLA IC . -30.15 18.32 5.43
C9 CLA IC . -31.65 18.55 5.35
C10 CLA IC . -29.88 17.12 6.30
C11 CLA IC . -29.31 15.94 5.54
C12 CLA IC . -28.97 14.84 6.51
C13 CLA IC . -28.40 13.61 5.83
C14 CLA IC . -29.45 12.91 5.00
C15 CLA IC . -27.83 12.65 6.86
C16 CLA IC . -26.54 13.20 7.44
C17 CLA IC . -26.02 12.33 8.55
C18 CLA IC . -24.93 11.38 8.10
C19 CLA IC . -23.85 11.35 9.16
C20 CLA IC . -25.49 9.98 7.92
MG CLA JC . -20.10 20.25 -3.07
CHA CLA JC . -22.29 18.93 -5.43
CHB CLA JC . -22.26 19.17 -0.63
CHC CLA JC . -17.56 20.37 -0.78
CHD CLA JC . -17.61 20.27 -5.61
NA CLA JC . -21.99 19.36 -3.05
C1A CLA JC . -22.74 18.91 -4.15
C2A CLA JC . -24.04 18.27 -3.66
C3A CLA JC . -24.15 18.80 -2.23
C4A CLA JC . -22.71 19.15 -1.91
CMA CLA JC . -25.07 20.00 -2.14
CAA CLA JC . -23.95 16.74 -3.74
CBA CLA JC . -22.85 15.99 -3.00
CGA CLA JC . -21.53 16.06 -3.69
O1A CLA JC . -21.34 15.90 -4.88
O2A CLA JC . -20.45 16.35 -2.92
NB CLA JC . -19.95 19.85 -1.11
C1B CLA JC . -20.94 19.48 -0.28
C2B CLA JC . -20.46 19.46 1.12
C3B CLA JC . -19.14 19.78 1.11
C4B CLA JC . -18.79 20.06 -0.31
CMB CLA JC . -21.29 19.08 2.26
CAB CLA JC . -18.26 19.85 2.23
CBB CLA JC . -16.99 19.45 2.33
NC CLA JC . -18.02 20.46 -3.18
C1C CLA JC . -17.19 20.58 -2.11
C2C CLA JC . -15.82 20.79 -2.52
C3C CLA JC . -15.82 20.66 -3.91
C4C CLA JC . -17.20 20.47 -4.29
CMC CLA JC . -14.69 20.97 -1.63
CAC CLA JC . -14.68 20.82 -4.80
CBC CLA JC . -13.92 19.55 -5.06
ND CLA JC . -20.00 19.98 -5.08
C1D CLA JC . -18.90 20.01 -5.97
C2D CLA JC . -19.36 19.68 -7.31
C3D CLA JC . -20.67 19.28 -7.19
C4D CLA JC . -20.99 19.42 -5.75
CMD CLA JC . -18.48 19.70 -8.46
CAD CLA JC . -21.84 18.76 -7.85
OBD CLA JC . -22.04 18.54 -9.03
CBD CLA JC . -22.87 18.41 -6.75
CGD CLA JC . -24.22 18.92 -7.10
O1D CLA JC . -24.96 18.49 -7.99
O2D CLA JC . -24.69 19.95 -6.36
CED CLA JC . -25.93 20.52 -6.77
C1 CLA JC . -19.25 16.67 -3.65
C2 CLA JC . -18.10 16.74 -2.72
C3 CLA JC . -16.82 16.76 -3.16
C4 CLA JC . -16.48 16.68 -4.60
C5 CLA JC . -15.67 16.84 -2.22
C6 CLA JC . -15.71 15.80 -1.12
C7 CLA JC . -15.76 16.49 0.23
C8 CLA JC . -16.32 15.60 1.32
C9 CLA JC . -15.26 14.68 1.84
C10 CLA JC . -17.50 14.77 0.85
C11 CLA JC . -18.81 15.40 1.17
C12 CLA JC . -19.92 14.77 0.35
C13 CLA JC . -21.30 15.05 0.94
C14 CLA JC . -21.25 14.96 2.46
C15 CLA JC . -22.36 14.16 0.30
C16 CLA JC . -23.15 13.35 1.31
C17 CLA JC . -24.18 12.44 0.70
C18 CLA JC . -25.10 11.85 1.76
C19 CLA JC . -26.28 12.74 2.06
C20 CLA JC . -24.37 11.49 3.03
MG CLA KC . -12.22 24.40 2.33
CHA CLA KC . -15.59 24.04 1.70
CHB CLA KC . -12.82 23.80 5.63
CHC CLA KC . -8.83 23.96 2.84
CHD CLA KC . -11.63 24.41 -1.14
NA CLA KC . -13.94 24.06 3.47
C1A CLA KC . -15.26 23.95 3.03
C2A CLA KC . -16.23 23.75 4.20
C3A CLA KC . -15.31 24.03 5.41
C4A CLA KC . -13.92 23.96 4.82
CMA CLA KC . -15.56 25.38 6.00
CAA CLA KC . -16.85 22.38 4.31
CBA CLA KC . -17.27 22.13 5.75
CGA CLA KC . -18.69 21.68 5.87
O1A CLA KC . -19.65 21.94 5.15
O2A CLA KC . -18.90 20.87 6.96
NB CLA KC . -11.06 23.97 3.91
C1B CLA KC . -11.50 23.75 5.17
C2B CLA KC . -10.35 23.49 6.04
C3B CLA KC . -9.22 23.54 5.28
C4B CLA KC . -9.66 23.86 3.91
CMB CLA KC . -10.54 23.20 7.45
CAB CLA KC . -7.83 23.36 5.60
CBB CLA KC . -7.23 23.64 6.75
NC CLA KC . -10.55 24.27 1.09
C1C CLA KC . -9.26 24.16 1.51
C2C CLA KC . -8.35 24.20 0.39
C3C CLA KC . -9.14 24.27 -0.74
C4C CLA KC . -10.52 24.34 -0.30
CMC CLA KC . -6.91 24.11 0.49
CAC CLA KC . -8.69 24.36 -2.12
CBC CLA KC . -8.63 25.80 -2.58
ND CLA KC . -13.30 24.33 0.64
C1D CLA KC . -12.93 24.39 -0.72
C2D CLA KC . -14.13 24.42 -1.54
C3D CLA KC . -15.19 24.29 -0.66
C4D CLA KC . -14.61 24.21 0.67
CMD CLA KC . -14.10 24.52 -2.99
CAD CLA KC . -16.62 24.21 -0.50
OBD CLA KC . -17.50 24.29 -1.34
CBD CLA KC . -16.91 24.00 1.01
CGD CLA KC . -17.78 25.08 1.56
O1D CLA KC . -17.47 26.26 1.67
O2D CLA KC . -19.01 24.68 1.94
CED CLA KC . -19.82 25.63 2.60
C1 CLA KC . -19.32 19.51 6.69
C2 CLA KC . -18.12 18.67 6.43
C3 CLA KC . -18.22 17.46 5.86
C4 CLA KC . -19.51 16.91 5.40
C5 CLA KC . -16.99 16.65 5.62
C6 CLA KC . -16.76 15.57 6.66
C7 CLA KC . -17.30 14.22 6.26
C8 CLA KC . -17.12 13.16 7.33
C9 CLA KC . -15.71 13.20 7.86
C10 CLA KC . -17.43 11.79 6.75
C11 CLA KC . -17.71 10.77 7.83
C12 CLA KC . -18.80 11.23 8.78
C13 CLA KC . -19.04 10.18 9.85
C14 CLA KC . -20.53 10.03 10.06
C15 CLA KC . -18.31 10.55 11.12
C16 CLA KC . -19.09 11.57 11.92
C17 CLA KC . -18.30 12.15 13.08
C18 CLA KC . -19.06 13.21 13.87
C19 CLA KC . -20.04 13.99 13.02
C20 CLA KC . -18.07 14.17 14.47
MG CLA LC . -47.68 0.69 4.84
CHA CLA LC . -50.39 -0.94 6.21
CHB CLA LC . -46.76 -2.25 3.35
CHC CLA LC . -45.58 2.43 2.75
CHD CLA LC . -49.15 3.77 5.83
NA CLA LC . -48.42 -1.26 4.84
C1A CLA LC . -49.57 -1.73 5.47
C2A CLA LC . -49.77 -3.22 5.26
C3A CLA LC . -48.41 -3.63 4.66
C4A CLA LC . -47.81 -2.30 4.23
CMA CLA LC . -47.59 -4.26 5.74
CAA CLA LC . -50.96 -3.55 4.36
CBA CLA LC . -50.99 -2.80 3.06
CGA CLA LC . -52.19 -3.27 2.32
O1A CLA LC . -52.71 -4.38 2.36
O2A CLA LC . -52.75 -2.32 1.51
NB CLA LC . -46.43 0.19 3.34
C1B CLA LC . -46.13 -1.06 2.92
C2B CLA LC . -45.02 -1.04 1.97
C3B CLA LC . -44.67 0.26 1.78
C4B CLA LC . -45.57 1.08 2.66
CMB CLA LC . -44.45 -2.22 1.32
CAB CLA LC . -43.66 0.79 0.91
NC CLA LC . -47.39 2.72 4.42
C1C CLA LC . -46.44 3.21 3.57
C2C CLA LC . -46.47 4.66 3.58
C3C CLA LC . -47.53 5.04 4.40
C4C CLA LC . -48.08 3.81 4.94
CMC CLA LC . -45.58 5.52 2.80
CAC CLA LC . -48.01 6.37 4.78
CBC CLA LC . -47.30 6.98 5.96
ND CLA LC . -49.33 1.33 5.82
C1D CLA LC . -49.76 2.61 6.25
C2D CLA LC . -50.91 2.45 7.16
C3D CLA LC . -51.19 1.11 7.18
C4D CLA LC . -50.20 0.47 6.31
CMD CLA LC . -51.59 3.54 7.85
CAD CLA LC . -52.04 0.06 7.70
OBD CLA LC . -52.99 0.15 8.47
CBD CLA LC . -51.58 -1.27 7.07
CGD CLA LC . -51.16 -2.26 8.13
O1D CLA LC . -50.03 -2.64 8.41
O2D CLA LC . -52.20 -2.78 8.83
CED CLA LC . -51.96 -3.13 10.19
C1 CLA LC . -53.51 -2.76 0.36
C2 CLA LC . -53.65 -1.54 -0.46
C3 CLA LC . -54.20 -1.48 -1.68
C4 CLA LC . -54.75 -2.68 -2.36
C5 CLA LC . -54.28 -0.19 -2.41
C6 CLA LC . -53.76 0.99 -1.61
C7 CLA LC . -53.86 2.31 -2.33
C8 CLA LC . -53.37 3.47 -1.47
C9 CLA LC . -54.17 3.54 -0.20
C10 CLA LC . -53.47 4.81 -2.18
MG CLA MC . -52.06 -4.35 -4.09
CHA CLA MC . -51.74 -6.02 -1.08
CHB CLA MC . -54.35 -6.67 -5.07
CHC CLA MC . -52.94 -2.34 -6.69
CHD CLA MC . -50.15 -1.70 -2.70
NA CLA MC . -52.88 -6.06 -3.21
C1A CLA MC . -52.62 -6.60 -1.95
C2A CLA MC . -53.41 -7.88 -1.74
C3A CLA MC . -53.99 -8.17 -3.13
C4A CLA MC . -53.74 -6.87 -3.87
CMA CLA MC . -53.23 -9.24 -3.85
CAA CLA MC . -54.49 -7.71 -0.68
CBA CLA MC . -55.56 -6.71 -1.05
CGA CLA MC . -55.93 -5.97 0.18
O1A CLA MC . -56.06 -6.40 1.34
O2A CLA MC . -56.17 -4.64 -0.05
NB CLA MC . -53.45 -4.44 -5.55
C1B CLA MC . -54.17 -5.54 -5.85
C2B CLA MC . -54.79 -5.41 -7.19
C3B CLA MC . -54.42 -4.20 -7.68
C4B CLA MC . -53.55 -3.55 -6.63
CMB CLA MC . -55.63 -6.43 -7.80
CAB CLA MC . -54.83 -3.72 -8.96
CBB CLA MC . -54.68 -2.51 -9.52
NC CLA MC . -51.59 -2.39 -4.61
C1C CLA MC . -52.02 -1.80 -5.75
C2C CLA MC . -51.41 -0.47 -5.87
C3C CLA MC . -50.69 -0.25 -4.70
C4C CLA MC . -50.79 -1.47 -3.92
CMC CLA MC . -51.59 0.43 -7.00
CAC CLA MC . -49.88 0.93 -4.40
CBC CLA MC . -50.34 1.77 -3.24
ND CLA MC . -51.09 -3.92 -2.38
C1D CLA MC . -50.28 -2.85 -1.96
C2D CLA MC . -49.66 -3.17 -0.67
C3D CLA MC . -50.18 -4.38 -0.29
C4D CLA MC . -51.09 -4.79 -1.38
CMD CLA MC . -48.71 -2.33 0.05
CAD CLA MC . -50.18 -5.42 0.71
OBD CLA MC . -49.53 -5.51 1.73
CBD CLA MC . -51.23 -6.48 0.26
CGD CLA MC . -50.59 -7.82 0.10
O1D CLA MC . -50.20 -8.35 -0.94
O2D CLA MC . -50.46 -8.52 1.25
CED CLA MC . -49.97 -9.85 1.15
C1 CLA MC . -57.52 -4.27 -0.39
C2 CLA MC . -58.20 -3.74 0.82
C3 CLA MC . -58.21 -2.45 1.21
C4 CLA MC . -58.94 -2.04 2.44
C5 CLA MC . -57.56 -1.35 0.47
C6 CLA MC . -58.58 -0.36 -0.06
C7 CLA MC . -57.92 0.84 -0.71
C8 CLA MC . -58.80 1.53 -1.75
C9 CLA MC . -58.56 0.97 -3.12
C10 CLA MC . -58.53 3.03 -1.77
MG CLA NC . -42.85 -2.98 -2.16
CHA CLA NC . -39.84 -2.19 -0.68
CHB CLA NC . -42.69 -0.10 -3.95
CHC CLA NC . -46.10 -3.43 -3.15
CHD CLA NC . -43.22 -5.63 0.17
NA CLA NC . -41.45 -1.44 -2.32
C1A CLA NC . -40.24 -1.30 -1.64
C2A CLA NC . -39.49 -0.07 -2.12
C3A CLA NC . -40.42 0.54 -3.18
C4A CLA NC . -41.60 -0.41 -3.18
CMA CLA NC . -40.87 1.92 -2.80
CAA CLA NC . -38.28 -0.56 -2.90
CBA CLA NC . -37.04 0.31 -2.83
CGA CLA NC . -37.18 1.39 -3.86
O1A CLA NC . -37.47 2.57 -3.70
O2A CLA NC . -36.96 0.94 -5.12
NB CLA NC . -44.14 -1.97 -3.32
C1B CLA NC . -43.87 -0.85 -4.02
C2B CLA NC . -45.02 -0.47 -4.87
C3B CLA NC . -46.00 -1.43 -4.66
C4B CLA NC . -45.46 -2.35 -3.65
CMB CLA NC . -44.99 0.70 -5.73
CAB CLA NC . -47.33 -1.54 -5.19
CBB CLA NC . -47.71 -1.34 -6.45
NC CLA NC . -44.35 -4.32 -1.62
C1C CLA NC . -45.58 -4.37 -2.22
C2C CLA NC . -46.34 -5.49 -1.70
C3C CLA NC . -45.58 -6.07 -0.69
C4C CLA NC . -44.31 -5.34 -0.67
CMC CLA NC . -47.67 -5.84 -2.15
CAC CLA NC . -45.92 -7.27 0.09
CBC CLA NC . -45.92 -8.61 -0.63
ND CLA NC . -41.82 -3.77 -0.62
C1D CLA NC . -42.05 -4.91 0.20
C2D CLA NC . -40.90 -5.09 1.08
C3D CLA NC . -40.04 -4.05 0.82
C4D CLA NC . -40.65 -3.27 -0.25
CMD CLA NC . -40.76 -6.15 2.07
CAD CLA NC . -38.80 -3.42 1.18
OBD CLA NC . -38.03 -3.66 2.10
CBD CLA NC . -38.60 -2.24 0.20
CGD CLA NC . -38.40 -0.92 0.87
O1D CLA NC . -37.59 -0.05 0.58
O2D CLA NC . -39.25 -0.71 1.90
CED CLA NC . -39.37 0.63 2.34
C1 CLA NC . -37.33 1.82 -6.20
C2 CLA NC . -37.26 1.02 -7.44
C3 CLA NC . -37.56 1.54 -8.63
C4 CLA NC . -38.00 2.93 -8.84
C5 CLA NC . -37.50 0.74 -9.87
C6 CLA NC . -36.16 0.05 -10.02
C7 CLA NC . -35.41 0.79 -11.07
C8 CLA NC . -34.40 -0.08 -11.80
C9 CLA NC . -33.29 -0.53 -10.87
C10 CLA NC . -33.78 0.66 -12.99
C11 CLA NC . -34.38 2.02 -13.27
C12 CLA NC . -33.59 2.73 -14.32
C13 CLA NC . -34.22 4.07 -14.63
C14 CLA NC . -33.54 4.59 -15.87
C15 CLA NC . -34.14 5.03 -13.44
C16 CLA NC . -33.71 6.43 -13.84
C17 CLA NC . -33.43 7.35 -12.67
C18 CLA NC . -33.34 8.82 -13.05
C19 CLA NC . -32.33 9.55 -12.19
C20 CLA NC . -32.99 9.02 -14.51
MG CLA OC . -44.46 14.94 -13.46
CHA CLA OC . -43.89 18.25 -12.54
CHB CLA OC . -41.56 14.06 -11.92
CHC CLA OC . -45.49 11.66 -13.47
CHD CLA OC . -47.75 15.90 -14.38
NA CLA OC . -42.98 16.01 -12.44
C1A CLA OC . -42.92 17.38 -12.14
C2A CLA OC . -41.64 17.74 -11.40
C3A CLA OC . -40.81 16.45 -11.55
C4A CLA OC . -41.85 15.41 -11.97
CMA CLA OC . -39.71 16.60 -12.56
CAA CLA OC . -41.74 18.04 -9.90
CBA CLA OC . -43.04 18.51 -9.27
CGA CLA OC . -43.43 17.53 -8.22
O1A CLA OC . -43.51 16.31 -8.33
O2A CLA OC . -43.68 18.08 -7.00
NB CLA OC . -43.69 13.21 -12.81
C1B CLA OC . -42.45 13.03 -12.28
C2B CLA OC . -42.16 11.59 -12.10
C3B CLA OC . -43.27 10.90 -12.53
C4B CLA OC . -44.24 11.93 -13.00
CMB CLA OC . -40.90 11.13 -11.53
CAB CLA OC . -43.61 9.50 -12.60
CBB CLA OC . -42.78 8.47 -12.74
NC CLA OC . -46.25 13.98 -13.92
C1C CLA OC . -46.43 12.62 -13.90
C2C CLA OC . -47.78 12.29 -14.31
C3C CLA OC . -48.45 13.48 -14.51
C4C CLA OC . -47.48 14.54 -14.28
CMC CLA OC . -48.33 10.94 -14.39
CAC CLA OC . -49.85 13.65 -14.90
CBC CLA OC . -50.05 13.66 -16.39
ND CLA OC . -45.58 16.63 -13.54
C1D CLA OC . -46.88 16.88 -14.03
C2D CLA OC . -47.10 18.34 -14.08
C3D CLA OC . -45.98 18.90 -13.52
C4D CLA OC . -45.09 17.80 -13.17
CMD CLA OC . -48.29 18.99 -14.59
CAD CLA OC . -45.32 20.12 -13.15
OBD CLA OC . -45.63 21.27 -13.31
CBD CLA OC . -44.00 19.75 -12.44
CGD CLA OC . -42.90 20.57 -13.04
O1D CLA OC . -42.09 21.28 -12.44
O2D CLA OC . -42.81 20.55 -14.39
CED CLA OC . -41.51 20.51 -14.96
C1 CLA OC . -44.95 18.74 -6.83
C2 CLA OC . -46.00 17.70 -6.66
C3 CLA OC . -47.29 18.00 -6.41
C4 CLA OC . -47.76 19.39 -6.29
C5 CLA OC . -48.32 16.93 -6.26
C6 CLA OC . -47.80 15.53 -6.53
C7 CLA OC . -48.75 14.52 -5.95
C8 CLA OC . -48.52 13.09 -6.40
C9 CLA OC . -49.71 12.65 -7.18
C10 CLA OC . -48.35 12.14 -5.20
C11 CLA OC . -47.13 11.25 -5.32
C12 CLA OC . -46.92 10.38 -4.08
C13 CLA OC . -45.72 9.43 -4.12
C14 CLA OC . -44.74 9.72 -5.24
C15 CLA OC . -46.13 7.96 -4.19
MG CLA PC . -52.59 11.51 -20.44
CHA CLA PC . -55.27 13.53 -21.36
CHB CLA PC . -53.65 11.64 -17.19
CHC CLA PC . -50.83 8.63 -19.73
CHD CLA PC . -52.02 10.88 -23.89
NA CLA PC . -54.15 12.48 -19.46
C1A CLA PC . -55.18 13.27 -20.02
C2A CLA PC . -56.09 13.81 -18.91
C3A CLA PC . -55.30 13.49 -17.62
C4A CLA PC . -54.30 12.45 -18.10
CMA CLA PC . -54.59 14.71 -17.13
CAA CLA PC . -57.48 13.19 -18.98
CBA CLA PC . -57.44 11.69 -19.19
CGA CLA PC . -58.83 11.16 -19.35
O1A CLA PC . -59.83 11.74 -19.79
O2A CLA PC . -58.94 9.86 -18.99
NB CLA PC . -52.35 10.34 -18.81
C1B CLA PC . -52.74 10.64 -17.55
C2B CLA PC . -52.10 9.74 -16.57
C3B CLA PC . -51.30 8.87 -17.27
C4B CLA PC . -51.45 9.25 -18.70
CMB CLA PC . -52.36 9.85 -15.15
CAB CLA PC . -50.42 7.80 -16.85
CBB CLA PC . -50.48 7.03 -15.76
NC CLA PC . -51.55 10.10 -21.58
C1C CLA PC . -50.86 9.05 -21.07
C2C CLA PC . -50.22 8.30 -22.13
C3C CLA PC . -50.59 8.91 -23.33
C4C CLA PC . -51.42 10.04 -22.96
CMC CLA PC . -49.39 7.12 -21.90
CAC CLA PC . -50.24 8.55 -24.71
CBC CLA PC . -51.24 7.63 -25.34
ND CLA PC . -53.30 12.14 -22.23
C1D CLA PC . -52.92 11.87 -23.55
C2D CLA PC . -53.64 12.77 -24.47
C3D CLA PC . -54.58 13.41 -23.68
C4D CLA PC . -54.35 12.95 -22.30
CMD CLA PC . -53.43 12.86 -25.90
CAD CLA PC . -55.63 14.39 -23.64
OBD CLA PC . -56.06 15.10 -24.53
CBD CLA PC . -56.18 14.39 -22.19
CGD CLA PC . -56.35 15.80 -21.70
O1D CLA PC . -57.39 16.36 -21.39
O2D CLA PC . -55.22 16.51 -21.63
CED CLA PC . -55.13 17.39 -20.52
C1 CLA PC . -60.27 9.45 -18.57
C2 CLA PC . -60.37 7.99 -18.75
C3 CLA PC . -60.76 7.16 -17.77
C4 CLA PC . -60.85 5.71 -18.00
C5 CLA PC . -61.09 7.70 -16.42
C6 CLA PC . -60.28 7.10 -15.28
C7 CLA PC . -61.11 6.15 -14.44
C8 CLA PC . -60.37 4.84 -14.18
C9 CLA PC . -61.25 3.67 -14.63
C10 CLA PC . -59.89 4.73 -12.73
C11 CLA PC . -59.90 3.31 -12.18
C12 CLA PC . -60.65 3.23 -10.87
C13 CLA PC . -62.08 3.73 -11.00
C14 CLA PC . -63.07 2.65 -10.62
MG CLA QC . -46.07 1.40 -29.83
CHA CLA QC . -45.46 1.98 -33.17
CHB CLA QC . -48.61 3.71 -29.94
CHC CLA QC . -47.32 0.16 -26.88
CHD CLA QC . -43.91 -1.41 -30.03
NA CLA QC . -46.88 2.65 -31.30
C1A CLA QC . -46.47 2.74 -32.64
C2A CLA QC . -47.30 3.78 -33.38
C3A CLA QC . -48.04 4.51 -32.26
C4A CLA QC . -47.87 3.56 -31.08
CMA CLA QC . -47.45 5.86 -32.04
CAA CLA QC . -48.29 3.16 -34.36
CBA CLA QC . -48.63 1.71 -34.10
CGA CLA QC . -50.09 1.45 -34.25
O1A CLA QC . -50.85 1.93 -35.08
O2A CLA QC . -50.58 0.52 -33.37
NB CLA QC . -47.63 1.87 -28.64
C1B CLA QC . -48.52 2.88 -28.82
C2B CLA QC . -49.42 2.99 -27.64
C3B CLA QC . -49.05 1.99 -26.78
C4B CLA QC . -47.93 1.26 -27.41
CMB CLA QC . -50.47 4.00 -27.58
CAB CLA QC . -49.59 1.54 -25.52
CBB CLA QC . -50.82 1.75 -25.03
NC CLA QC . -45.66 -0.28 -28.68
C1C CLA QC . -46.26 -0.56 -27.48
C2C CLA QC . -45.66 -1.76 -26.91
C3C CLA QC . -44.74 -2.23 -27.82
C4C CLA QC . -44.72 -1.29 -28.91
CMC CLA QC . -46.05 -2.35 -25.64
CAC CLA QC . -43.86 -3.41 -27.68
CBC CLA QC . -44.37 -4.65 -28.35
ND CLA QC . -44.98 0.43 -31.22
C1D CLA QC . -44.02 -0.61 -31.13
C2D CLA QC . -43.23 -0.68 -32.36
C3D CLA QC . -43.76 0.28 -33.20
C4D CLA QC . -44.84 0.94 -32.44
CMD CLA QC . -42.15 -1.62 -32.61
CAD CLA QC . -43.72 0.92 -34.50
OBD CLA QC . -43.01 0.68 -35.46
CBD CLA QC . -44.79 2.05 -34.51
CGD CLA QC . -44.16 3.40 -34.66
O1D CLA QC . -43.76 4.14 -33.78
O2D CLA QC . -44.06 3.81 -35.95
CED CLA QC . -43.24 4.95 -36.20
C1 CLA QC . -51.08 -0.71 -33.98
C2 CLA QC . -51.58 -1.61 -32.91
C3 CLA QC . -52.80 -1.54 -32.34
C4 CLA QC . -53.80 -0.53 -32.73
C5 CLA QC . -53.22 -2.49 -31.27
C6 CLA QC . -52.16 -3.52 -30.94
C7 CLA QC . -52.51 -4.33 -29.70
C8 CLA QC . -51.60 -5.53 -29.46
C9 CLA QC . -51.01 -6.10 -30.75
C10 CLA QC . -52.34 -6.65 -28.75
MG CLA RC . -36.35 1.15 -25.78
CHA CLA RC . -33.05 2.17 -25.53
CHB CLA RC . -36.90 3.74 -27.97
CHC CLA RC . -39.30 -0.31 -26.77
CHD CLA RC . -35.45 -1.84 -24.13
NA CLA RC . -35.18 2.68 -26.57
C1A CLA RC . -33.83 2.93 -26.34
C2A CLA RC . -33.38 4.13 -27.10
C3A CLA RC . -34.69 4.81 -27.51
C4A CLA RC . -35.66 3.66 -27.38
CMA CLA RC . -35.01 5.90 -26.51
CAA CLA RC . -32.69 3.60 -28.33
CBA CLA RC . -31.90 4.72 -28.92
CGA CLA RC . -32.09 4.69 -30.40
O1A CLA RC . -31.71 5.52 -31.22
O2A CLA RC . -32.77 3.61 -30.85
NB CLA RC . -37.77 1.60 -27.13
C1B CLA RC . -37.86 2.75 -27.84
C2B CLA RC . -39.21 2.87 -28.45
C3B CLA RC . -39.89 1.73 -28.12
C4B CLA RC . -39.00 0.92 -27.28
CMB CLA RC . -39.57 4.01 -29.26
CAB CLA RC . -41.20 1.28 -28.46
CBB CLA RC . -41.67 1.19 -29.69
NC CLA RC . -37.24 -0.71 -25.47
C1C CLA RC . -38.47 -1.06 -25.91
C2C CLA RC . -38.81 -2.39 -25.45
C3C CLA RC . -37.69 -2.86 -24.78
C4C CLA RC . -36.70 -1.79 -24.76
CMC CLA RC . -40.07 -3.07 -25.73
CAC CLA RC . -37.55 -4.16 -24.14
CBC CLA RC . -37.05 -5.16 -25.15
ND CLA RC . -34.70 0.31 -24.98
C1D CLA RC . -34.49 -0.87 -24.21
C2D CLA RC . -33.14 -0.83 -23.62
C3D CLA RC . -32.55 0.32 -24.10
C4D CLA RC . -33.55 0.97 -24.95
CMD CLA RC . -32.56 -1.83 -22.74
CAD CLA RC . -31.36 1.15 -24.10
OBD CLA RC . -30.30 0.99 -23.51
CBD CLA RC . -31.64 2.35 -25.03
CGD CLA RC . -31.53 3.62 -24.24
O1D CLA RC . -32.36 4.15 -23.51
O2D CLA RC . -30.33 4.24 -24.35
CED CLA RC . -29.97 5.14 -23.31
C1 CLA RC . -32.68 3.30 -32.26
C2 CLA RC . -33.41 2.01 -32.43
C3 CLA RC . -32.91 0.81 -32.14
C4 CLA RC . -31.52 0.62 -31.71
C5 CLA RC . -33.74 -0.41 -32.32
C6 CLA RC . -33.96 -1.18 -31.04
C7 CLA RC . -34.66 -0.35 -29.98
C8 CLA RC . -35.30 -1.20 -28.88
C9 CLA RC . -34.26 -1.69 -27.91
C10 CLA RC . -36.01 -2.41 -29.44
C11 CLA RC . -37.50 -2.26 -29.43
C12 CLA RC . -38.15 -3.48 -30.05
C13 CLA RC . -39.66 -3.47 -29.94
C14 CLA RC . -40.15 -4.89 -30.16
MG CLA SC . -36.26 5.31 -17.96
CHA CLA SC . -35.01 8.53 -17.97
CHB CLA SC . -34.08 4.49 -20.45
CHC CLA SC . -37.05 2.00 -17.52
CHD CLA SC . -38.13 6.10 -15.08
NA CLA SC . -34.82 6.36 -19.04
C1A CLA SC . -34.45 7.71 -18.91
C2A CLA SC . -33.39 8.07 -19.95
C3A CLA SC . -33.36 6.83 -20.87
C4A CLA SC . -34.12 5.80 -20.07
CMA CLA SC . -34.04 7.04 -22.18
CAA CLA SC . -32.04 8.44 -19.35
CBA CLA SC . -30.87 7.56 -19.73
CGA CLA SC . -30.92 6.35 -18.85
O1A CLA SC . -31.66 6.23 -17.89
O2A CLA SC . -30.00 5.38 -19.18
NB CLA SC . -35.74 3.61 -18.86
C1B CLA SC . -34.76 3.46 -19.80
C2B CLA SC . -34.55 2.02 -20.09
C3B CLA SC . -35.40 1.32 -19.26
C4B CLA SC . -36.14 2.31 -18.48
CMB CLA SC . -33.56 1.60 -21.05
CAB CLA SC . -35.60 -0.08 -19.06
CBB CLA SC . -35.73 -0.99 -20.00
NC CLA SC . -37.39 4.26 -16.57
C1C CLA SC . -37.62 2.92 -16.61
C2C CLA SC . -38.53 2.53 -15.54
C3C CLA SC . -38.81 3.68 -14.82
C4C CLA SC . -38.10 4.76 -15.49
CMC CLA SC . -38.99 1.17 -15.30
CAC CLA SC . -39.69 3.84 -13.66
CBC CLA SC . -39.00 3.62 -12.35
ND CLA SC . -36.46 6.87 -16.69
C1D CLA SC . -37.35 7.09 -15.61
C2D CLA SC . -37.30 8.50 -15.22
C3D CLA SC . -36.41 9.10 -16.08
C4D CLA SC . -35.93 8.05 -16.99
CMD CLA SC . -38.06 9.05 -14.10
CAD CLA SC . -35.72 10.32 -16.46
OBD CLA SC . -35.77 11.43 -15.95
CBD CLA SC . -34.89 10.01 -17.72
CGD CLA SC . -35.46 10.74 -18.88
O1D CLA SC . -36.54 10.51 -19.42
O2D CLA SC . -34.72 11.75 -19.40
CED CLA SC . -35.06 12.20 -20.70
C1 CLA SC . -30.47 4.12 -19.68
C2 CLA SC . -31.09 3.29 -18.63
C3 CLA SC . -30.75 2.00 -18.43
C4 CLA SC . -29.74 1.32 -19.28
C5 CLA SC . -31.40 1.19 -17.37
C6 CLA SC . -31.92 -0.15 -17.90
C7 CLA SC . -32.78 -0.87 -16.87
C8 CLA SC . -33.35 -2.18 -17.41
C9 CLA SC . -34.14 -2.90 -16.33
C10 CLA SC . -32.22 -3.06 -17.91
C11 CLA SC . -32.42 -3.67 -19.27
C12 CLA SC . -32.53 -5.18 -19.23
MG CLA TC . -39.41 -12.03 -14.61
CHA CLA TC . -38.85 -15.38 -14.02
CHB CLA TC . -37.34 -11.25 -11.99
CHC CLA TC . -39.12 -8.86 -15.80
CHD CLA TC . -40.90 -12.93 -17.72
NA CLA TC . -38.33 -13.15 -13.22
C1A CLA TC . -38.22 -14.54 -13.14
C2A CLA TC . -37.34 -14.95 -11.97
C3A CLA TC . -37.22 -13.65 -11.17
C4A CLA TC . -37.63 -12.59 -12.19
CMA CLA TC . -38.19 -13.71 -10.04
CAA CLA TC . -36.00 -15.53 -12.45
CBA CLA TC . -35.24 -14.65 -13.40
CGA CLA TC . -34.10 -15.37 -14.08
O1A CLA TC . -34.08 -16.50 -14.52
O2A CLA TC . -33.01 -14.58 -14.25
NB CLA TC . -38.39 -10.38 -14.05
C1B CLA TC . -37.71 -10.24 -12.89
C2B CLA TC . -37.36 -8.82 -12.68
C3B CLA TC . -37.85 -8.08 -13.74
C4B CLA TC . -38.51 -9.10 -14.62
CMB CLA TC . -36.63 -8.45 -11.48
CAB CLA TC . -37.78 -6.64 -14.00
CBB CLA TC . -38.46 -5.84 -14.86
NC CLA TC . -39.98 -11.07 -16.38
C1C CLA TC . -39.82 -9.76 -16.62
C2C CLA TC . -40.37 -9.37 -17.90
C3C CLA TC . -40.81 -10.54 -18.50
C4C CLA TC . -40.57 -11.60 -17.53
CMC CLA TC . -40.35 -8.01 -18.42
CAC CLA TC . -41.44 -10.67 -19.81
CBC CLA TC . -42.94 -10.56 -19.77
ND CLA TC . -39.92 -13.70 -15.60
C1D CLA TC . -40.59 -13.93 -16.83
C2D CLA TC . -40.85 -15.37 -16.97
C3D CLA TC . -40.22 -15.97 -15.90
C4D CLA TC . -39.62 -14.90 -15.11
CMD CLA TC . -41.59 -15.95 -18.08
CAD CLA TC . -39.94 -17.21 -15.23
OBD CLA TC . -40.33 -18.33 -15.48
CBD CLA TC . -38.96 -16.88 -14.07
CGD CLA TC . -39.49 -17.47 -12.80
O1D CLA TC . -40.48 -17.11 -12.16
O2D CLA TC . -38.76 -18.52 -12.35
CED CLA TC . -39.18 -19.19 -11.17
C1 CLA TC . -32.13 -15.00 -15.32
C2 CLA TC . -31.32 -13.83 -15.76
C3 CLA TC . -30.56 -13.88 -16.87
C4 CLA TC . -30.48 -15.09 -17.72
C5 CLA TC . -29.75 -12.71 -17.32
C6 CLA TC . -30.04 -12.29 -18.75
C7 CLA TC . -31.42 -11.66 -18.94
C8 CLA TC . -31.65 -11.07 -20.34
C9 CLA TC . -32.13 -12.12 -21.31
C10 CLA TC . -30.39 -10.42 -20.89
C11 CLA TC . -30.63 -9.58 -22.12
C12 CLA TC . -31.50 -8.35 -21.85
C13 CLA TC . -32.12 -7.79 -23.12
C14 CLA TC . -31.92 -6.30 -23.24
C15 CLA TC . -33.60 -8.12 -23.20
C16 CLA TC . -33.96 -8.87 -24.48
C17 CLA TC . -33.16 -10.15 -24.65
C18 CLA TC . -33.56 -10.92 -25.89
C19 CLA TC . -32.77 -12.22 -25.95
C20 CLA TC . -35.04 -11.23 -25.87
MG CLA UC . -47.84 -18.60 -17.91
CHA CLA UC . -50.80 -20.16 -17.10
CHB CLA UC . -46.73 -21.51 -19.33
CHC CLA UC . -45.22 -16.90 -19.30
CHD CLA UC . -49.30 -15.51 -16.96
NA CLA UC . -48.66 -20.50 -18.19
C1A CLA UC . -49.92 -20.96 -17.78
C2A CLA UC . -50.14 -22.41 -18.16
C3A CLA UC . -48.77 -22.84 -18.72
C4A CLA UC . -47.99 -21.53 -18.78
CMA CLA UC . -48.11 -23.86 -17.85
CAA CLA UC . -51.28 -22.52 -19.17
CBA CLA UC . -51.08 -23.55 -20.26
CGA CLA UC . -52.23 -23.46 -21.20
O1A CLA UC . -52.73 -22.46 -21.72
O2A CLA UC . -52.76 -24.66 -21.55
NB CLA UC . -46.30 -19.10 -19.10
C1B CLA UC . -45.94 -20.36 -19.44
C2B CLA UC . -44.57 -20.38 -19.98
C3B CLA UC . -44.13 -19.08 -19.98
C4B CLA UC . -45.24 -18.25 -19.43
CMB CLA UC . -44.00 -21.65 -20.42
CAB CLA UC . -42.91 -18.46 -20.40
CBB CLA UC . -41.93 -18.97 -21.13
NC CLA UC . -47.36 -16.57 -18.10
C1C CLA UC . -46.22 -16.10 -18.68
C2C CLA UC . -46.18 -14.65 -18.59
C3C CLA UC . -47.36 -14.26 -17.98
C4C CLA UC . -48.08 -15.47 -17.65
CMC CLA UC . -45.14 -13.77 -19.11
CAC CLA UC . -47.78 -12.89 -17.67
CBC CLA UC . -48.86 -12.42 -18.62
ND CLA UC . -49.63 -17.92 -17.26
C1D CLA UC . -50.05 -16.65 -16.78
C2D CLA UC . -51.32 -16.79 -16.05
C3D CLA UC . -51.64 -18.13 -16.11
C4D CLA UC . -50.57 -18.77 -16.89
CMD CLA UC . -52.02 -15.69 -15.39
CAD CLA UC . -52.57 -19.16 -15.71
OBD CLA UC . -53.54 -19.10 -14.97
CBD CLA UC . -52.09 -20.48 -16.38
CGD CLA UC . -51.85 -21.55 -15.37
O1D CLA UC . -52.56 -22.52 -15.15
O2D CLA UC . -50.71 -21.42 -14.64
CED CLA UC . -50.29 -22.56 -13.90
C1 CLA UC . -53.79 -24.64 -22.57
MG CLA VC . -40.07 -24.06 -18.83
CHA CLA VC . -43.11 -24.84 -17.37
CHB CLA VC . -39.97 -27.21 -20.18
CHC CLA VC . -37.52 -23.08 -20.90
CHD CLA VC . -40.61 -20.67 -17.99
NA CLA VC . -41.32 -25.73 -18.75
C1A CLA VC . -42.54 -25.86 -18.06
C2A CLA VC . -43.11 -27.26 -18.24
C3A CLA VC . -41.95 -28.03 -18.89
C4A CLA VC . -41.00 -26.93 -19.33
CMA CLA VC . -41.31 -28.95 -17.88
CAA CLA VC . -44.34 -27.27 -19.11
CBA CLA VC . -44.25 -26.32 -20.28
CGA CLA VC . -45.50 -26.37 -21.08
O1A CLA VC . -46.00 -27.30 -21.71
O2A CLA VC . -46.14 -25.17 -21.08
NB CLA VC . -38.91 -25.00 -20.17
C1B CLA VC . -39.05 -26.26 -20.63
C2B CLA VC . -38.07 -26.55 -21.69
C3B CLA VC . -37.37 -25.40 -21.91
C4B CLA VC . -37.91 -24.38 -20.97
CMB CLA VC . -38.03 -27.84 -22.38
CAB CLA VC . -36.37 -25.13 -22.91
CBB CLA VC . -35.26 -25.84 -23.09
NC CLA VC . -39.18 -22.22 -19.30
C1C CLA VC . -38.11 -22.07 -20.10
C2C CLA VC . -37.69 -20.69 -20.14
C3C CLA VC . -38.62 -19.97 -19.39
C4C CLA VC . -39.53 -20.95 -18.83
CMC CLA VC . -36.57 -20.19 -20.92
CAC CLA VC . -38.63 -18.53 -19.13
CBC CLA VC . -37.70 -18.09 -18.03
ND CLA VC . -41.53 -22.93 -18.00
C1D CLA VC . -41.57 -21.58 -17.61
C2D CLA VC . -42.75 -21.35 -16.77
C3D CLA VC . -43.38 -22.57 -16.64
C4D CLA VC . -42.57 -23.51 -17.41
CMD CLA VC . -43.14 -20.07 -16.22
CAD CLA VC . -44.50 -23.29 -16.08
OBD CLA VC . -45.45 -22.91 -15.42
CBD CLA VC . -44.33 -24.77 -16.48
CGD CLA VC . -44.07 -25.53 -15.23
O1D CLA VC . -42.99 -25.76 -14.71
O2D CLA VC . -45.16 -25.97 -14.58
CED CLA VC . -45.03 -26.21 -13.19
C1 CLA VC . -47.31 -25.05 -21.91
C2 CLA VC . -47.59 -23.60 -22.01
C3 CLA VC . -48.58 -23.11 -22.79
C4 CLA VC . -49.44 -23.98 -23.62
C5 CLA VC . -48.84 -21.66 -22.90
C6 CLA VC . -47.62 -20.81 -22.59
C7 CLA VC . -47.98 -19.35 -22.37
C8 CLA VC . -47.21 -18.38 -23.25
C9 CLA VC . -45.79 -18.82 -23.52
C10 CLA VC . -47.17 -17.02 -22.57
MG CLA WC . -30.90 -22.23 -12.74
CHA CLA WC . -33.76 -20.35 -13.19
CHB CLA WC . -31.10 -23.16 -16.04
CHC CLA WC . -27.62 -23.22 -12.65
CHD CLA WC . -30.50 -20.72 -9.58
NA CLA WC . -32.22 -21.83 -14.31
C1A CLA WC . -33.35 -21.02 -14.29
C2A CLA WC . -34.03 -20.99 -15.64
C3A CLA WC . -33.39 -22.18 -16.36
C4A CLA WC . -32.12 -22.40 -15.54
CMA CLA WC . -34.29 -23.37 -16.29
CAA CLA WC . -33.63 -19.70 -16.32
CBA CLA WC . -34.33 -19.44 -17.63
CGA CLA WC . -33.77 -18.20 -18.25
O1A CLA WC . -33.12 -17.31 -17.72
O2A CLA WC . -34.06 -18.06 -19.57
NB CLA WC . -29.62 -23.04 -14.07
C1B CLA WC . -29.91 -23.40 -15.35
C2B CLA WC . -28.76 -24.10 -15.96
C3B CLA WC . -27.77 -24.10 -15.02
C4B CLA WC . -28.30 -23.44 -13.81
CMB CLA WC . -28.77 -24.59 -17.33
CAB CLA WC . -26.44 -24.63 -15.11
CBB CLA WC . -25.40 -24.05 -15.70
NC CLA WC . -29.36 -22.05 -11.34
C1C CLA WC . -28.11 -22.57 -11.49
C2C CLA WC . -27.33 -22.32 -10.30
C3C CLA WC . -28.12 -21.57 -9.46
C4C CLA WC . -29.41 -21.43 -10.11
CMC CLA WC . -25.95 -22.72 -10.08
CAC CLA WC . -27.77 -21.09 -8.11
CBC CLA WC . -27.47 -19.61 -8.09
ND CLA WC . -31.85 -20.88 -11.58
C1D CLA WC . -31.64 -20.43 -10.26
C2D CLA WC . -32.81 -19.67 -9.81
C3D CLA WC . -33.65 -19.60 -10.90
C4D CLA WC . -33.01 -20.36 -11.98
CMD CLA WC . -32.95 -19.07 -8.49
CAD CLA WC . -34.92 -19.13 -11.43
OBD CLA WC . -35.81 -18.51 -10.88
CBD CLA WC . -35.01 -19.55 -12.92
CGD CLA WC . -36.23 -20.38 -13.20
O1D CLA WC . -36.63 -21.37 -12.59
O2D CLA WC . -36.95 -19.97 -14.28
CED CLA WC . -37.71 -20.94 -15.00
C1 CLA WC . -34.22 -16.70 -20.05
C2 CLA WC . -34.78 -16.82 -21.42
C3 CLA WC . -34.05 -16.93 -22.54
C4 CLA WC . -32.56 -16.93 -22.54
C5 CLA WC . -34.72 -17.06 -23.85
C6 CLA WC . -34.50 -15.84 -24.73
C7 CLA WC . -34.87 -16.15 -26.17
C8 CLA WC . -35.13 -14.88 -26.99
MG CLA XC . -35.45 -12.42 -7.44
CHA CLA XC . -36.56 -9.22 -6.74
CHB CLA XC . -33.03 -11.12 -9.44
CHC CLA XC . -34.89 -15.54 -8.76
CHD CLA XC . -38.30 -13.70 -5.76
NA CLA XC . -34.87 -10.47 -7.94
C1A CLA XC . -35.44 -9.26 -7.55
C2A CLA XC . -34.64 -8.08 -8.12
C3A CLA XC . -33.42 -8.76 -8.76
C4A CLA XC . -33.78 -10.23 -8.72
CMA CLA XC . -33.20 -8.36 -10.17
CAA CLA XC . -34.17 -7.15 -7.03
CBA CLA XC . -33.23 -6.02 -7.39
CGA CLA XC . -33.86 -5.17 -8.44
O1A CLA XC . -35.02 -4.78 -8.58
O2A CLA XC . -32.96 -4.75 -9.37
NB CLA XC . -34.21 -13.18 -8.83
C1B CLA XC . -33.26 -12.50 -9.50
C2B CLA XC . -32.47 -13.41 -10.36
C3B CLA XC . -33.00 -14.67 -10.18
C4B CLA XC . -34.11 -14.53 -9.20
CMB CLA XC . -31.41 -12.91 -11.19
CAB CLA XC . -32.67 -15.96 -10.71
CBB CLA XC . -31.49 -16.36 -11.21
NC CLA XC . -36.38 -14.27 -7.24
C1C CLA XC . -35.96 -15.42 -7.83
C2C CLA XC . -36.79 -16.52 -7.42
C3C CLA XC . -37.78 -16.00 -6.61
C4C CLA XC . -37.50 -14.59 -6.48
CMC CLA XC . -36.65 -17.91 -7.83
CAC CLA XC . -38.82 -16.75 -5.93
CBC CLA XC . -38.42 -17.15 -4.53
ND CLA XC . -37.04 -11.70 -6.42
C1D CLA XC . -38.11 -12.33 -5.75
C2D CLA XC . -38.92 -11.32 -5.06
C3D CLA XC . -38.37 -10.11 -5.41
C4D CLA XC . -37.21 -10.40 -6.27
CMD CLA XC . -40.08 -11.58 -4.24
CAD CLA XC . -38.44 -8.70 -5.21
OBD CLA XC . -39.15 -8.03 -4.47
CBD CLA XC . -37.38 -8.08 -6.14
CGD CLA XC . -38.00 -7.18 -7.16
O1D CLA XC . -38.45 -6.05 -6.96
O2D CLA XC . -38.08 -7.66 -8.42
CED CLA XC . -39.15 -7.17 -9.21
C1 CLA XC . -33.51 -4.43 -10.64
C2 CLA XC . -32.36 -4.93 -11.41
C3 CLA XC . -32.42 -5.43 -12.65
C4 CLA XC . -31.14 -5.90 -13.15
C5 CLA XC . -33.67 -5.56 -13.44
C6 CLA XC . -34.20 -6.98 -13.59
C7 CLA XC . -33.42 -8.01 -14.39
C8 CLA XC . -33.96 -9.39 -14.32
C9 CLA XC . -32.89 -10.31 -13.79
C10 CLA XC . -34.33 -9.75 -15.73
C11 CLA XC . -35.18 -11.00 -15.73
C12 CLA XC . -35.68 -11.24 -17.12
C13 CLA XC . -36.27 -12.64 -17.14
C14 CLA XC . -35.16 -13.66 -17.07
C15 CLA XC . -37.23 -12.80 -18.31
C16 CLA XC . -37.11 -14.15 -18.96
C17 CLA XC . -38.34 -14.60 -19.70
C18 CLA XC . -38.57 -13.89 -21.03
C19 CLA XC . -40.01 -14.02 -21.46
C20 CLA XC . -37.66 -14.47 -22.09
MG CLA YC . -19.27 -7.94 -15.12
CHA CLA YC . -19.55 -5.90 -17.86
CHB CLA YC . -20.74 -10.43 -16.89
CHC CLA YC . -18.18 -10.23 -12.78
CHD CLA YC . -17.29 -5.48 -13.54
NA CLA YC . -20.05 -8.10 -17.04
C1A CLA YC . -20.07 -7.14 -18.04
C2A CLA YC . -20.75 -7.66 -19.30
C3A CLA YC . -21.47 -8.90 -18.79
C4A CLA YC . -20.70 -9.20 -17.49
CMA CLA YC . -22.93 -8.62 -18.60
CAA CLA YC . -19.68 -8.09 -20.26
CBA CLA YC . -20.26 -8.70 -21.51
CGA CLA YC . -19.13 -9.06 -22.39
O1A CLA YC . -18.12 -8.42 -22.66
O2A CLA YC . -19.27 -10.27 -23.00
NB CLA YC . -19.42 -9.92 -14.89
C1B CLA YC . -20.08 -10.76 -15.71
C2B CLA YC . -20.03 -12.14 -15.17
C3B CLA YC . -19.30 -12.08 -14.01
C4B CLA YC . -18.92 -10.68 -13.81
CMB CLA YC . -20.67 -13.24 -15.90
CAB CLA YC . -18.92 -13.07 -13.02
CBB CLA YC . -18.91 -14.39 -13.16
NC CLA YC . -18.01 -7.85 -13.46
C1C CLA YC . -17.74 -8.90 -12.62
C2C CLA YC . -16.92 -8.47 -11.52
C3C CLA YC . -16.62 -7.15 -11.77
C4C CLA YC . -17.34 -6.75 -12.96
CMC CLA YC . -16.44 -9.33 -10.45
CAC CLA YC . -15.86 -6.28 -10.87
CBC CLA YC . -14.44 -6.38 -11.24
ND CLA YC . -18.56 -6.11 -15.54
C1D CLA YC . -17.84 -5.18 -14.77
C2D CLA YC . -17.79 -3.91 -15.49
C3D CLA YC . -18.45 -4.11 -16.69
C4D CLA YC . -18.90 -5.51 -16.66
CMD CLA YC . -17.11 -2.75 -14.97
CAD CLA YC . -18.89 -3.56 -17.95
OBD CLA YC . -18.74 -2.43 -18.40
CBD CLA YC . -19.61 -4.68 -18.73
CGD CLA YC . -21.05 -4.35 -18.93
O1D CLA YC . -22.05 -4.90 -18.45
O2D CLA YC . -21.27 -3.30 -19.74
CED CLA YC . -22.63 -2.90 -19.81
C1 CLA YC . -19.20 -10.30 -24.44
C2 CLA YC . -19.04 -11.73 -24.74
C3 CLA YC . -19.36 -12.30 -25.91
C4 CLA YC . -19.93 -11.54 -27.03
C5 CLA YC . -19.14 -13.76 -26.09
C6 CLA YC . -18.02 -13.99 -27.08
C7 CLA YC . -18.38 -15.07 -28.07
C8 CLA YC . -17.16 -15.95 -28.33
C9 CLA YC . -17.47 -17.02 -29.36
C10 CLA YC . -16.68 -16.53 -27.01
C11 CLA YC . -17.27 -17.88 -26.65
C12 CLA YC . -16.20 -18.75 -26.01
C13 CLA YC . -16.37 -20.26 -26.26
C14 CLA YC . -17.10 -20.55 -27.56
C15 CLA YC . -17.05 -20.90 -25.05
C16 CLA YC . -17.48 -22.33 -25.28
C17 CLA YC . -18.06 -22.88 -24.00
C18 CLA YC . -19.01 -24.06 -24.21
C19 CLA YC . -18.25 -25.33 -24.50
MG CLA ZC . -25.43 -2.32 -25.18
CHA CLA ZC . -24.22 -4.95 -23.28
CHB CLA ZC . -28.43 -3.90 -25.41
CHC CLA ZC . -26.42 -0.07 -27.53
CHD CLA ZC . -22.14 -1.06 -25.40
NA CLA ZC . -26.19 -4.14 -24.46
C1A CLA ZC . -25.54 -5.08 -23.66
C2A CLA ZC . -26.47 -6.24 -23.32
C3A CLA ZC . -27.76 -5.88 -24.05
C4A CLA ZC . -27.46 -4.54 -24.69
CMA CLA ZC . -28.08 -6.90 -25.11
CAA CLA ZC . -26.75 -6.34 -21.84
CBA CLA ZC . -27.44 -7.63 -21.45
CGA CLA ZC . -28.00 -7.48 -20.07
O1A CLA ZC . -28.65 -6.53 -19.62
O2A CLA ZC . -27.72 -8.52 -19.23
NB CLA ZC . -27.08 -2.10 -26.31
C1B CLA ZC . -28.27 -2.69 -26.08
C2B CLA ZC . -29.38 -1.88 -26.63
C3B CLA ZC . -28.81 -0.78 -27.23
C4B CLA ZC . -27.35 -0.93 -27.06
CMB CLA ZC . -30.77 -2.31 -26.50
CAB CLA ZC . -29.33 0.33 -27.99
CBB CLA ZC . -30.58 0.63 -28.28
NC CLA ZC . -24.44 -0.85 -26.28
C1C CLA ZC . -25.04 -0.04 -27.18
C2C CLA ZC . -24.11 0.91 -27.73
C3C CLA ZC . -22.89 0.64 -27.12
C4C CLA ZC . -23.11 -0.46 -26.20
CMC CLA ZC . -24.45 1.92 -28.73
CAC CLA ZC . -21.61 1.34 -27.31
CBC CLA ZC . -20.62 0.62 -28.20
ND CLA ZC . -23.59 -2.83 -24.56
C1D CLA ZC . -22.34 -2.17 -24.63
C2D CLA ZC . -21.35 -2.88 -23.80
C3D CLA ZC . -22.03 -3.95 -23.28
C4D CLA ZC . -23.41 -3.89 -23.78
CMD CLA ZC . -19.96 -2.49 -23.62
CAD CLA ZC . -21.92 -5.11 -22.44
OBD CLA ZC . -20.95 -5.50 -21.83
CBD CLA ZC . -23.32 -5.78 -22.39
CGD CLA ZC . -23.35 -7.24 -22.73
O1D CLA ZC . -23.77 -8.15 -22.02
O2D CLA ZC . -22.91 -7.55 -23.97
CED CLA ZC . -22.95 -8.93 -24.34
C1 CLA ZC . -28.56 -8.60 -18.06
C2 CLA ZC . -27.84 -9.37 -17.02
C3 CLA ZC . -28.09 -9.24 -15.72
C4 CLA ZC . -29.12 -8.29 -15.21
C5 CLA ZC . -27.33 -10.02 -14.71
C6 CLA ZC . -28.16 -10.97 -13.89
C7 CLA ZC . -27.21 -11.80 -13.05
C8 CLA ZC . -27.93 -12.88 -12.26
C9 CLA ZC . -27.16 -13.27 -11.02
C10 CLA ZC . -28.26 -14.09 -13.14
C11 CLA ZC . -27.11 -14.48 -14.05
C12 CLA ZC . -27.42 -15.71 -14.86
C13 CLA ZC . -26.28 -16.01 -15.81
C14 CLA ZC . -26.70 -16.89 -16.97
C15 CLA ZC . -25.10 -16.64 -15.10
C16 CLA ZC . -23.90 -16.55 -16.02
C17 CLA ZC . -22.82 -17.56 -15.70
C18 CLA ZC . -21.65 -17.54 -16.68
C19 CLA ZC . -20.40 -16.95 -16.08
C20 CLA ZC . -21.92 -16.86 -18.00
MG CLA AD . -19.14 9.96 -7.16
CHA CLA AD . -21.54 12.38 -6.78
CHB CLA AD . -18.04 11.47 -9.97
CHC CLA AD . -16.79 7.51 -7.48
CHD CLA AD . -20.48 8.25 -4.36
NA CLA AD . -19.78 11.62 -8.25
C1A CLA AD . -20.78 12.54 -7.92
C2A CLA AD . -20.89 13.62 -8.99
C3A CLA AD . -19.87 13.17 -10.06
C4A CLA AD . -19.17 12.00 -9.40
CMA CLA AD . -20.54 12.74 -11.32
CAA CLA AD . -20.64 15.06 -8.60
CBA CLA AD . -19.64 15.36 -7.49
CGA CLA AD . -18.21 15.24 -7.87
O1A CLA AD . -17.61 15.77 -8.78
O2A CLA AD . -17.49 14.44 -7.02
NB CLA AD . -17.76 9.52 -8.54
C1B CLA AD . -17.32 10.38 -9.46
C2B CLA AD . -15.98 10.02 -9.94
C3B CLA AD . -15.61 8.90 -9.24
C4B CLA AD . -16.74 8.57 -8.34
CMB CLA AD . -15.32 10.82 -10.97
CAB CLA AD . -14.42 8.08 -9.26
CBB CLA AD . -13.18 8.49 -9.49
NC CLA AD . -18.79 8.16 -6.15
C1C CLA AD . -17.77 7.31 -6.46
C2C CLA AD . -17.78 6.18 -5.55
C3C CLA AD . -18.82 6.39 -4.66
C4C CLA AD . -19.44 7.64 -5.04
CMC CLA AD . -16.84 5.07 -5.60
CAC CLA AD . -19.24 5.51 -3.56
CBC CLA AD . -18.71 5.92 -2.21
ND CLA AD . -20.70 10.13 -5.91
C1D CLA AD . -21.08 9.41 -4.75
C2D CLA AD . -22.14 10.14 -4.03
C3D CLA AD . -22.33 11.29 -4.77
C4D CLA AD . -21.42 11.24 -5.92
CMD CLA AD . -22.76 9.71 -2.79
CAD CLA AD . -23.06 12.52 -4.85
OBD CLA AD . -23.88 12.98 -4.06
CBD CLA AD . -22.61 13.24 -6.14
CGD CLA AD . -23.79 13.39 -7.03
O1D CLA AD . -24.36 12.52 -7.66
O2D CLA AD . -24.29 14.65 -7.10
CED CLA AD . -25.58 14.81 -7.66
C1 CLA AD . -16.25 13.91 -7.50
C2 CLA AD . -16.14 12.64 -6.74
C3 CLA AD . -15.38 12.48 -5.65
C4 CLA AD . -14.54 13.57 -5.12
C5 CLA AD . -15.36 11.19 -4.93
C6 CLA AD . -16.75 10.86 -4.46
C7 CLA AD . -17.10 11.58 -3.19
C8 CLA AD . -18.60 11.66 -2.99
C9 CLA AD . -19.06 13.06 -3.27
C10 CLA AD . -18.99 11.29 -1.57
C11 CLA AD . -18.51 9.90 -1.23
C12 CLA AD . -19.06 9.39 0.08
C13 CLA AD . -18.55 10.17 1.28
C14 CLA AD . -17.04 10.23 1.27
C15 CLA AD . -19.00 9.53 2.60
C16 CLA AD . -20.34 10.04 3.08
C17 CLA AD . -21.25 8.91 3.55
C18 CLA AD . -20.98 8.45 4.98
C19 CLA AD . -21.73 9.31 5.98
C20 CLA AD . -21.38 7.01 5.19
MG CLA BD . -26.86 7.21 -10.74
CHA CLA BD . -28.29 9.67 -12.73
CHB CLA BD . -25.85 9.66 -8.58
CHC CLA BD . -26.35 4.86 -8.29
CHD CLA BD . -28.65 4.79 -12.60
NA CLA BD . -27.02 9.30 -10.70
C1A CLA BD . -27.65 10.14 -11.63
C2A CLA BD . -27.49 11.62 -11.24
C3A CLA BD . -26.42 11.53 -10.13
C4A CLA BD . -26.44 10.07 -9.75
CMA CLA BD . -25.07 11.83 -10.72
CAA CLA BD . -28.79 12.32 -10.85
CBA CLA BD . -29.22 12.30 -9.40
CGA CLA BD . -30.33 11.32 -9.21
O1A CLA BD . -30.28 10.11 -9.41
O2A CLA BD . -31.50 11.83 -8.73
NB CLA BD . -26.21 7.26 -8.84
C1B CLA BD . -25.82 8.34 -8.14
C2B CLA BD . -25.32 7.98 -6.81
C3B CLA BD . -25.45 6.61 -6.71
C4B CLA BD . -26.02 6.14 -8.00
CMB CLA BD . -24.85 9.00 -5.88
CAB CLA BD . -25.18 5.67 -5.66
CBB CLA BD . -24.44 5.85 -4.57
NC CLA BD . -27.34 5.19 -10.53
C1C CLA BD . -26.95 4.41 -9.48
C2C CLA BD . -27.36 3.03 -9.72
C3C CLA BD . -28.10 3.04 -10.89
C4C CLA BD . -28.06 4.39 -11.41
CMC CLA BD . -27.10 1.92 -8.81
CAC CLA BD . -28.71 1.89 -11.56
CBC CLA BD . -30.18 1.80 -11.30
ND CLA BD . -28.13 7.16 -12.30
C1D CLA BD . -28.71 6.09 -13.01
C2D CLA BD . -29.33 6.62 -14.23
C3D CLA BD . -29.17 7.99 -14.19
C4D CLA BD . -28.45 8.28 -12.95
CMD CLA BD . -29.97 5.79 -15.23
CAD CLA BD . -29.40 9.24 -14.86
OBD CLA BD . -29.90 9.43 -15.96
CBD CLA BD . -28.91 10.37 -13.91
CGD CLA BD . -27.94 11.27 -14.60
O1D CLA BD . -26.93 10.96 -15.21
O2D CLA BD . -28.25 12.58 -14.53
CED CLA BD . -27.50 13.48 -15.34
C1 CLA BD . -32.24 11.00 -7.79
C2 CLA BD . -33.54 10.59 -8.37
C3 CLA BD . -34.57 10.12 -7.63
C4 CLA BD . -34.48 10.00 -6.17
C5 CLA BD . -35.88 9.71 -8.22
C6 CLA BD . -35.89 9.47 -9.72
C7 CLA BD . -37.24 8.97 -10.18
C8 CLA BD . -37.50 7.53 -9.81
C9 CLA BD . -36.47 6.64 -10.48
C10 CLA BD . -38.90 7.09 -10.23
C11 CLA BD . -39.97 7.73 -9.40
C12 CLA BD . -41.31 7.08 -9.61
C13 CLA BD . -42.47 7.90 -9.06
C14 CLA BD . -42.43 7.94 -7.56
C15 CLA BD . -43.78 7.34 -9.56
C16 CLA BD . -45.01 8.04 -9.04
C17 CLA BD . -46.23 7.46 -9.73
C18 CLA BD . -47.53 8.18 -9.42
C19 CLA BD . -47.73 8.33 -7.93
C20 CLA BD . -48.69 7.44 -10.05
MG CLA CD . -19.79 -26.47 -14.21
CHA CLA CD . -21.80 -29.30 -14.14
CHB CLA CD . -17.38 -28.31 -15.78
CHC CLA CD . -18.22 -23.57 -15.18
CHD CLA CD . -22.65 -24.57 -13.39
NA CLA CD . -19.63 -28.46 -14.82
C1A CLA CD . -20.58 -29.48 -14.71
C2A CLA CD . -20.05 -30.80 -15.28
C3A CLA CD . -18.55 -30.50 -15.44
C4A CLA CD . -18.50 -28.99 -15.38
CMA CLA CD . -17.78 -31.08 -14.30
CAA CLA CD . -20.78 -31.15 -16.55
CBA CLA CD . -19.96 -31.10 -17.81
CGA CLA CD . -20.42 -29.94 -18.66
O1A CLA CD . -20.15 -28.75 -18.52
O2A CLA CD . -21.24 -30.30 -19.69
NB CLA CD . -18.17 -26.03 -15.31
C1B CLA CD . -17.25 -26.93 -15.74
C2B CLA CD . -16.03 -26.23 -16.19
C3B CLA CD . -16.26 -24.89 -16.03
C4B CLA CD . -17.62 -24.75 -15.46
CMB CLA CD . -14.88 -26.93 -16.71
CAB CLA CD . -15.41 -23.80 -16.35
CBB CLA CD . -15.10 -23.42 -17.58
NC CLA CD . -20.31 -24.45 -14.19
C1C CLA CD . -19.49 -23.43 -14.57
C2C CLA CD . -20.13 -22.15 -14.33
C3C CLA CD . -21.43 -22.43 -13.94
C4C CLA CD . -21.53 -23.88 -13.85
CMC CLA CD . -19.50 -20.86 -14.58
CAC CLA CD . -22.48 -21.48 -13.58
CBC CLA CD . -23.44 -21.19 -14.70
ND CLA CD . -21.73 -26.79 -13.74
C1D CLA CD . -22.77 -25.94 -13.31
C2D CLA CD . -23.89 -26.74 -12.83
C3D CLA CD . -23.55 -28.04 -13.08
C4D CLA CD . -22.24 -28.01 -13.72
CMD CLA CD . -25.09 -26.21 -12.19
CAD CLA CD . -23.94 -29.44 -13.00
OBD CLA CD . -24.90 -29.92 -12.43
CBD CLA CD . -22.87 -30.27 -13.74
CGD CLA CD . -22.26 -31.30 -12.85
O1D CLA CD . -21.98 -32.47 -13.11
O2D CLA CD . -21.98 -30.84 -11.60
CED CLA CD . -21.30 -31.70 -10.70
C1 CLA CD . -20.73 -29.99 -21.01
C2 CLA CD . -21.37 -28.74 -21.49
C3 CLA CD . -20.90 -28.06 -22.57
C4 CLA CD . -21.53 -26.81 -23.05
C5 CLA CD . -19.72 -28.55 -23.32
MG CLA DD . -11.15 -28.12 -19.36
CHA CLA DD . -12.79 -30.82 -17.98
CHB CLA DD . -8.16 -29.60 -18.52
CHC CLA DD . -9.47 -25.87 -21.32
CHD CLA DD . -14.19 -27.06 -20.79
NA CLA DD . -10.59 -29.89 -18.39
C1A CLA DD . -11.43 -30.89 -17.86
C2A CLA DD . -10.62 -32.00 -17.21
C3A CLA DD . -9.19 -31.43 -17.19
C4A CLA DD . -9.30 -30.23 -18.11
CMA CLA DD . -8.79 -31.01 -15.81
CAA CLA DD . -10.66 -33.30 -18.00
CBA CLA DD . -10.66 -33.04 -19.50
CGA CLA DD . -10.87 -34.30 -20.26
O1A CLA DD . -11.77 -35.11 -20.17
O2A CLA DD . -9.87 -34.51 -21.16
NB CLA DD . -9.21 -27.77 -19.79
C1B CLA DD . -8.14 -28.49 -19.36
C2B CLA DD . -6.88 -27.94 -19.89
C3B CLA DD . -7.25 -26.87 -20.69
C4B CLA DD . -8.72 -26.75 -20.62
CMB CLA DD . -5.61 -28.58 -19.57
CAB CLA DD . -6.48 -25.95 -21.49
CBB CLA DD . -5.21 -26.03 -21.87
NC CLA DD . -11.74 -26.71 -20.77
C1C CLA DD . -10.88 -25.86 -21.41
C2C CLA DD . -11.63 -24.94 -22.25
C3C CLA DD . -12.97 -25.32 -22.16
C4C CLA DD . -13.02 -26.41 -21.20
CMC CLA DD . -11.03 -23.90 -23.07
CAC CLA DD . -14.14 -24.69 -22.81
CBC CLA DD . -14.85 -23.73 -21.89
ND CLA DD . -13.04 -28.77 -19.49
C1D CLA DD . -14.21 -28.17 -19.99
C2D CLA DD . -15.39 -28.91 -19.53
C3D CLA DD . -14.90 -29.94 -18.75
C4D CLA DD . -13.44 -29.81 -18.76
CMD CLA DD . -16.76 -28.59 -19.87
CAD CLA DD . -15.22 -31.11 -17.98
OBD CLA DD . -16.31 -31.62 -17.80
CBD CLA DD . -13.89 -31.68 -17.40
CGD CLA DD . -13.91 -31.64 -15.89
O1D CLA DD . -13.90 -30.65 -15.15
O2D CLA DD . -13.95 -32.86 -15.29
CED CLA DD . -14.34 -32.87 -13.92
C1 CLA DD . -10.19 -34.36 -22.56
C2 CLA DD . -9.05 -34.93 -23.30
C3 CLA DD . -8.78 -34.67 -24.58
C4 CLA DD . -9.61 -33.75 -25.40
MG CLA ED . 8.17 -10.78 -29.20
CHA CLA ED . 10.22 -10.78 -31.94
CHB CLA ED . 6.12 -13.03 -30.73
CHC CLA ED . 6.70 -11.51 -26.17
CHD CLA ED . 10.60 -8.88 -27.46
NA CLA ED . 8.19 -11.75 -31.05
C1A CLA ED . 9.15 -11.62 -32.04
C2A CLA ED . 8.77 -12.46 -33.25
C3A CLA ED . 7.33 -12.92 -32.93
C4A CLA ED . 7.19 -12.58 -31.46
CMA CLA ED . 6.32 -12.17 -33.73
CAA CLA ED . 9.73 -13.62 -33.32
CBA CLA ED . 9.38 -14.60 -34.40
CGA CLA ED . 10.42 -15.68 -34.37
O1A CLA ED . 10.77 -16.34 -33.40
O2A CLA ED . 10.99 -15.94 -35.58
NB CLA ED . 6.80 -12.13 -28.56
C1B CLA ED . 5.91 -12.74 -29.38
C2B CLA ED . 4.66 -13.08 -28.65
C3B CLA ED . 4.82 -12.66 -27.36
C4B CLA ED . 6.16 -12.05 -27.28
CMB CLA ED . 3.53 -13.73 -29.29
CAB CLA ED . 3.92 -12.71 -26.25
CBB CLA ED . 3.52 -13.82 -25.63
NC CLA ED . 8.60 -10.30 -27.20
C1C CLA ED . 7.86 -10.68 -26.12
C2C CLA ED . 8.39 -10.13 -24.89
C3C CLA ED . 9.52 -9.40 -25.26
C4C CLA ED . 9.62 -9.50 -26.70
CMC CLA ED . 7.84 -10.34 -23.56
CAC CLA ED . 10.40 -8.63 -24.38
CBC CLA ED . 11.65 -9.40 -24.03
ND CLA ED . 9.95 -9.93 -29.55
C1D CLA ED . 10.77 -9.06 -28.81
C2D CLA ED . 11.78 -8.49 -29.70
C3D CLA ED . 11.64 -9.14 -30.89
C4D CLA ED . 10.51 -10.04 -30.75
CMD CLA ED . 12.73 -7.47 -29.30
CAD CLA ED . 12.11 -9.26 -32.25
OBD CLA ED . 13.00 -8.65 -32.81
CBD CLA ED . 11.26 -10.35 -32.93
CGD CLA ED . 10.64 -9.85 -34.19
O1D CLA ED . 10.92 -10.21 -35.32
O2D CLA ED . 9.68 -8.92 -34.06
CED CLA ED . 8.85 -8.71 -35.20
C1 CLA ED . 12.39 -16.25 -35.56
C2 CLA ED . 12.74 -17.13 -36.72
C3 CLA ED . 12.43 -18.43 -36.83
C4 CLA ED . 12.83 -19.23 -38.01
C5 CLA ED . 11.67 -19.17 -35.77
MG CLA FD . -25.90 -5.86 -32.47
CHA CLA FD . -28.76 -4.12 -33.26
CHB CLA FD . -25.84 -4.26 -29.44
CHC CLA FD . -23.76 -8.23 -31.26
CHD CLA FD . -26.33 -7.79 -35.40
NA CLA FD . -27.08 -4.40 -31.56
C1A CLA FD . -28.24 -3.81 -32.05
C2A CLA FD . -28.77 -2.75 -31.09
C3A CLA FD . -27.56 -2.55 -30.17
C4A CLA FD . -26.77 -3.83 -30.36
CMA CLA FD . -26.79 -1.39 -30.71
CAA CLA FD . -30.03 -3.13 -30.36
CBA CLA FD . -30.08 -4.53 -29.83
CGA CLA FD . -31.49 -4.77 -29.45
O1A CLA FD . -32.46 -4.78 -30.22
O2A CLA FD . -31.70 -4.96 -28.11
NB CLA FD . -24.95 -6.14 -30.72
C1B CLA FD . -25.08 -5.42 -29.59
C2B CLA FD . -24.25 -6.00 -28.50
C3B CLA FD . -23.65 -7.12 -29.02
C4B CLA FD . -24.10 -7.22 -30.43
CMB CLA FD . -24.21 -5.44 -27.15
CAB CLA FD . -22.79 -8.11 -28.44
CBB CLA FD . -21.76 -7.90 -27.63
NC CLA FD . -25.16 -7.65 -33.22
C1C CLA FD . -24.24 -8.43 -32.57
C2C CLA FD . -23.88 -9.55 -33.39
C3C CLA FD . -24.63 -9.47 -34.55
C4C CLA FD . -25.42 -8.25 -34.45
CMC CLA FD . -22.92 -10.58 -32.99
CAC CLA FD . -24.55 -10.41 -35.68
CBC CLA FD . -25.60 -11.49 -35.64
ND CLA FD . -27.22 -6.01 -33.99
C1D CLA FD . -27.20 -6.74 -35.20
C2D CLA FD . -28.25 -6.22 -36.08
C3D CLA FD . -28.92 -5.26 -35.37
C4D CLA FD . -28.23 -5.15 -34.08
CMD CLA FD . -28.56 -6.71 -37.41
CAD CLA FD . -29.99 -4.30 -35.37
OBD CLA FD . -30.87 -4.10 -36.19
CBD CLA FD . -29.89 -3.51 -34.04
CGD CLA FD . -29.61 -2.07 -34.33
O1D CLA FD . -28.53 -1.55 -34.59
O2D CLA FD . -30.73 -1.30 -34.33
CED CLA FD . -30.89 -0.38 -35.41
C1 CLA FD . -31.58 -6.30 -27.57
C2 CLA FD . -32.40 -7.22 -28.40
C3 CLA FD . -33.74 -7.26 -28.43
C4 CLA FD . -34.60 -6.38 -27.62
C5 CLA FD . -34.44 -8.22 -29.32
C6 CLA FD . -33.49 -8.98 -30.20
C7 CLA FD . -33.41 -10.43 -29.79
C8 CLA FD . -32.67 -11.28 -30.81
C9 CLA FD . -31.19 -11.22 -30.53
C10 CLA FD . -32.97 -10.85 -32.23
C11 CLA FD . -32.88 -12.00 -33.17
C12 CLA FD . -33.41 -11.62 -34.54
C13 CLA FD . -33.55 -12.84 -35.43
C14 CLA FD . -32.20 -13.41 -35.80
C15 CLA FD . -34.35 -12.52 -36.67
C16 CLA FD . -35.60 -11.77 -36.28
C17 CLA FD . -36.67 -11.90 -37.34
C18 CLA FD . -37.92 -11.08 -37.06
C19 CLA FD . -39.12 -11.89 -37.47
C20 CLA FD . -38.08 -10.69 -35.60
MG CLA GD . -32.67 -8.18 -36.41
CHA CLA GD . -35.88 -6.95 -36.46
CHB CLA GD . -32.26 -6.88 -33.30
CHC CLA GD . -29.84 -10.11 -36.01
CHD CLA GD . -33.38 -9.97 -39.38
NA CLA GD . -33.87 -7.06 -35.12
C1A CLA GD . -35.18 -6.63 -35.32
C2A CLA GD . -35.68 -5.79 -34.15
C3A CLA GD . -34.38 -5.53 -33.37
C4A CLA GD . -33.43 -6.58 -33.94
CMA CLA GD . -33.87 -4.15 -33.60
CAA CLA GD . -36.73 -6.42 -33.26
CBA CLA GD . -36.79 -7.93 -33.37
CGA CLA GD . -37.40 -8.57 -32.18
O1A CLA GD . -38.35 -8.20 -31.50
O2A CLA GD . -36.80 -9.75 -31.86
NB CLA GD . -31.32 -8.44 -34.94
C1B CLA GD . -31.32 -7.82 -33.76
C2B CLA GD . -30.14 -8.23 -32.97
C3B CLA GD . -29.45 -9.13 -33.71
C4B CLA GD . -30.20 -9.28 -34.99
CMB CLA GD . -29.89 -7.70 -31.65
CAB CLA GD . -28.25 -9.85 -33.42
CBB CLA GD . -28.17 -11.15 -33.11
NC CLA GD . -31.75 -9.69 -37.52
C1C CLA GD . -30.57 -10.27 -37.20
C2C CLA GD . -30.17 -11.21 -38.25
C3C CLA GD . -31.21 -11.23 -39.17
C4C CLA GD . -32.19 -10.25 -38.72
CMC CLA GD . -28.95 -12.02 -38.23
CAC CLA GD . -31.31 -11.98 -40.42
CBC CLA GD . -32.13 -13.23 -40.28
ND CLA GD . -34.21 -8.43 -37.68
C1D CLA GD . -34.35 -9.13 -38.90
C2D CLA GD . -35.65 -8.83 -39.48
C3D CLA GD . -36.29 -8.01 -38.58
C4D CLA GD . -35.35 -7.79 -37.47
CMD CLA GD . -36.16 -9.38 -40.74
CAD CLA GD . -37.49 -7.27 -38.26
OBD CLA GD . -38.53 -7.21 -38.88
CBD CLA GD . -37.27 -6.56 -36.91
CGD CLA GD . -37.36 -5.09 -37.14
O1D CLA GD . -36.51 -4.36 -37.63
O2D CLA GD . -38.54 -4.54 -36.78
CED CLA GD . -39.01 -3.43 -37.55
MG CLA HD . -16.02 -2.35 -24.93
CHA CLA HD . -17.50 -3.39 -27.87
CHB CLA HD . -17.07 -5.25 -23.45
CHC CLA HD . -15.36 -1.04 -21.85
CHD CLA HD . -15.82 0.93 -26.29
NA CLA HD . -17.04 -4.05 -25.59
C1A CLA HD . -17.55 -4.31 -26.87
C2A CLA HD . -18.18 -5.69 -26.94
C3A CLA HD . -17.98 -6.26 -25.54
C4A CLA HD . -17.30 -5.13 -24.80
CMA CLA HD . -19.34 -6.52 -24.98
CAA CLA HD . -17.40 -6.61 -27.85
CBA CLA HD . -18.36 -7.52 -28.57
CGA CLA HD . -17.65 -8.55 -29.39
O1A CLA HD . -16.58 -8.44 -29.99
O2A CLA HD . -18.31 -9.73 -29.42
NB CLA HD . -16.17 -3.02 -23.04
C1B CLA HD . -16.52 -4.26 -22.66
C2B CLA HD . -16.30 -4.43 -21.21
C3B CLA HD . -15.81 -3.24 -20.74
C4B CLA HD . -15.74 -2.33 -21.90
CMB CLA HD . -16.63 -5.70 -20.57
CAB CLA HD . -15.49 -2.75 -19.43
CBB CLA HD . -15.54 -3.41 -18.28
NC CLA HD . -15.56 -0.44 -24.24
C1C CLA HD . -15.24 -0.15 -22.95
C2C CLA HD . -14.89 1.24 -22.80
C3C CLA HD . -15.13 1.83 -24.03
C4C CLA HD . -15.54 0.77 -24.93
CMC CLA HD . -14.47 1.84 -21.56
CAC CLA HD . -14.97 3.27 -24.36
CBC CLA HD . -13.64 3.68 -24.90
ND CLA HD . -16.44 -1.42 -26.67
C1D CLA HD . -16.24 -0.09 -27.10
C2D CLA HD . -16.61 0.00 -28.52
C3D CLA HD . -17.10 -1.23 -28.86
C4D CLA HD . -17.00 -2.07 -27.67
CMD CLA HD . -16.48 1.21 -29.33
CAD CLA HD . -17.68 -2.04 -29.89
OBD CLA HD . -17.93 -1.75 -31.05
CBD CLA HD . -18.01 -3.42 -29.29
CGD CLA HD . -19.47 -3.79 -29.35
O1D CLA HD . -19.94 -4.85 -29.75
O2D CLA HD . -20.33 -2.84 -28.91
CED CLA HD . -21.61 -3.24 -28.48
C1 CLA HD . -17.74 -10.91 -30.02
C2 CLA HD . -17.97 -10.93 -31.50
C3 CLA HD . -18.59 -11.95 -32.11
C4 CLA HD . -18.82 -11.97 -33.57
C5 CLA HD . -19.10 -13.12 -31.35
C6 CLA HD . -20.62 -13.18 -31.22
C7 CLA HD . -21.06 -14.55 -30.74
C8 CLA HD . -22.50 -14.63 -30.24
C9 CLA HD . -23.48 -14.23 -31.32
C10 CLA HD . -22.72 -13.79 -28.98
C11 CLA HD . -23.27 -14.61 -27.82
C12 CLA HD . -23.30 -13.83 -26.51
C13 CLA HD . -23.90 -14.65 -25.36
MG CLA ID . -10.40 -11.98 -27.65
CHA CLA ID . -12.46 -9.44 -28.83
CHB CLA ID . -12.09 -11.94 -24.70
CHC CLA ID . -8.94 -14.97 -26.81
CHD CLA ID . -9.23 -12.41 -30.97
NA CLA ID . -11.98 -10.85 -26.89
C1A CLA ID . -12.67 -9.81 -27.52
C2A CLA ID . -13.76 -9.26 -26.61
C3A CLA ID . -13.37 -9.85 -25.25
C4A CLA ID . -12.44 -10.99 -25.62
CMA CLA ID . -12.62 -8.84 -24.47
CAA CLA ID . -15.17 -9.65 -27.06
CBA CLA ID . -15.53 -11.12 -27.12
CGA CLA ID . -14.86 -11.85 -28.26
O1A CLA ID . -14.72 -11.51 -29.42
O2A CLA ID . -14.35 -13.03 -27.88
NB CLA ID . -10.54 -13.23 -26.08
C1B CLA ID . -11.21 -13.00 -24.94
C2B CLA ID . -10.88 -14.02 -23.92
C3B CLA ID . -9.98 -14.88 -24.52
C4B CLA ID . -9.76 -14.38 -25.89
CMB CLA ID . -11.47 -13.95 -22.59
CAB CLA ID . -9.33 -16.07 -24.04
CBB CLA ID . -9.84 -16.98 -23.23
NC CLA ID . -9.23 -13.37 -28.68
C1C CLA ID . -8.67 -14.48 -28.12
C2C CLA ID . -7.84 -15.16 -29.09
C3C CLA ID . -7.99 -14.47 -30.29
C4C CLA ID . -8.84 -13.35 -30.01
CMC CLA ID . -7.07 -16.38 -28.86
CAC CLA ID . -7.32 -14.76 -31.57
CBC CLA ID . -6.08 -13.94 -31.78
ND CLA ID . -10.65 -11.13 -29.46
C1D CLA ID . -10.09 -11.38 -30.74
C2D CLA ID . -10.57 -10.40 -31.70
C3D CLA ID . -11.47 -9.62 -31.01
C4D CLA ID . -11.52 -10.14 -29.64
CMD CLA ID . -10.14 -10.37 -33.09
CAD CLA ID . -12.40 -8.52 -31.09
OBD CLA ID . -12.68 -7.78 -32.00
CBD CLA ID . -13.11 -8.42 -29.72
CGD CLA ID . -13.10 -7.02 -29.23
O1D CLA ID . -14.02 -6.40 -28.70
O2D CLA ID . -11.93 -6.36 -29.42
CED CLA ID . -11.96 -4.97 -29.09
C1 CLA ID . -13.46 -13.67 -28.82
C2 CLA ID . -13.40 -15.04 -28.31
C3 CLA ID . -12.74 -16.03 -28.90
C4 CLA ID . -11.97 -15.82 -30.14
C5 CLA ID . -12.77 -17.36 -28.26
C6 CLA ID . -11.42 -17.86 -27.84
C7 CLA ID . -11.61 -19.07 -26.98
C8 CLA ID . -10.44 -20.02 -27.12
C9 CLA ID . -10.61 -21.15 -26.13
C10 CLA ID . -9.16 -19.28 -26.84
C11 CLA ID . -7.97 -20.03 -27.38
C12 CLA ID . -8.03 -20.22 -28.88
C13 CLA ID . -6.71 -20.80 -29.35
C14 CLA ID . -5.53 -20.01 -28.85
C15 CLA ID . -6.59 -20.84 -30.87
C16 CLA ID . -6.70 -22.26 -31.34
C17 CLA ID . -5.57 -22.66 -32.26
C18 CLA ID . -5.54 -21.98 -33.60
C19 CLA ID . -5.35 -23.04 -34.66
C20 CLA ID . -4.30 -21.11 -33.65
MG CLA JD . -15.44 -16.30 -19.26
CHA CLA JD . -16.11 -13.24 -20.70
CHB CLA JD . -16.69 -15.23 -16.32
CHC CLA JD . -14.52 -19.27 -17.89
CHD CLA JD . -13.87 -17.28 -22.32
NA CLA JD . -16.28 -14.50 -18.64
C1A CLA JD . -16.46 -13.33 -19.38
C2A CLA JD . -17.15 -12.27 -18.53
C3A CLA JD . -17.22 -12.92 -17.15
C4A CLA JD . -16.72 -14.33 -17.36
CMA CLA JD . -16.30 -12.24 -16.18
CAA CLA JD . -18.53 -12.00 -19.09
CBA CLA JD . -19.30 -13.27 -19.42
CGA CLA JD . -20.71 -13.02 -19.86
O1A CLA JD . -21.73 -13.62 -19.53
O2A CLA JD . -20.82 -12.05 -20.80
NB CLA JD . -15.47 -17.06 -17.41
C1B CLA JD . -16.24 -16.55 -16.41
C2B CLA JD . -16.50 -17.59 -15.38
C3B CLA JD . -15.89 -18.74 -15.82
C4B CLA JD . -15.24 -18.42 -17.12
CMB CLA JD . -17.28 -17.37 -14.17
CAB CLA JD . -15.89 -20.04 -15.20
CBB CLA JD . -14.83 -20.78 -14.90
NC CLA JD . -14.35 -17.93 -19.98
C1C CLA JD . -14.10 -19.03 -19.22
C2C CLA JD . -13.32 -20.00 -19.99
C3C CLA JD . -13.14 -19.45 -21.25
C4C CLA JD . -13.80 -18.15 -21.23
CMC CLA JD . -12.85 -21.29 -19.50
CAC CLA JD . -12.40 -20.07 -22.37
CBC CLA JD . -13.26 -20.64 -23.45
ND CLA JD . -15.12 -15.56 -21.11
C1D CLA JD . -14.51 -16.07 -22.29
C2D CLA JD . -14.64 -15.10 -23.37
C3D CLA JD . -15.24 -14.00 -22.81
C4D CLA JD . -15.50 -14.32 -21.41
CMD CLA JD . -14.18 -15.30 -24.73
CAD CLA JD . -15.74 -12.68 -23.07
OBD CLA JD . -15.81 -12.07 -24.11
CBD CLA JD . -16.21 -12.12 -21.71
CGD CLA JD . -15.30 -11.01 -21.29
O1D CLA JD . -14.21 -11.10 -20.77
O2D CLA JD . -15.76 -9.76 -21.53
CED CLA JD . -14.79 -8.73 -21.55
C1 CLA JD . -22.09 -11.91 -21.46
C2 CLA JD . -22.22 -12.95 -22.52
MG CLA KD . -7.25 6.44 24.11
CHA CLA KD . -8.94 8.65 26.18
CHB CLA KD . -9.96 6.40 22.02
CHC CLA KD . -5.35 4.98 21.70
CHD CLA KD . -4.28 7.23 25.90
NA CLA KD . -9.13 7.37 24.13
C1A CLA KD . -9.65 8.24 25.08
C2A CLA KD . -11.06 8.70 24.71
C3A CLA KD . -11.40 7.78 23.52
C4A CLA KD . -10.07 7.14 23.17
CMA CLA KD . -12.40 6.72 23.88
CAA CLA KD . -11.06 10.17 24.33
CBA CLA KD . -9.96 10.57 23.37
CGA CLA KD . -9.09 11.66 23.91
O1A CLA KD . -8.66 11.79 25.05
O2A CLA KD . -8.73 12.60 22.97
NB CLA KD . -7.58 5.87 22.22
C1B CLA KD . -8.79 5.77 21.63
C2B CLA KD . -8.74 4.85 20.47
C3B CLA KD . -7.44 4.43 20.36
C4B CLA KD . -6.68 5.08 21.47
CMB CLA KD . -9.91 4.57 19.67
CAB CLA KD . -6.85 3.58 19.36
CBB CLA KD . -6.13 2.48 19.60
NC CLA KD . -5.20 6.12 23.87
C1C CLA KD . -4.65 5.47 22.82
C2C CLA KD . -3.21 5.38 22.98
C3C CLA KD . -2.90 6.06 24.15
C4C CLA KD . -4.16 6.50 24.71
CMC CLA KD . -2.30 4.73 22.05
CAC CLA KD . -1.58 6.26 24.74
CBC CLA KD . -1.23 5.25 25.79
ND CLA KD . -6.68 7.59 25.68
C1D CLA KD . -5.45 7.75 26.36
C2D CLA KD . -5.68 8.56 27.57
C3D CLA KD . -7.01 8.88 27.56
C4D CLA KD . -7.58 8.30 26.35
CMD CLA KD . -4.68 8.94 28.54
CAD CLA KD . -8.04 9.60 28.23
OBD CLA KD . -8.01 10.21 29.28
CBD CLA KD . -9.31 9.50 27.37
CGD CLA KD . -10.37 8.85 28.21
O1D CLA KD . -10.70 7.66 28.22
O2D CLA KD . -10.99 9.71 29.06
CED CLA KD . -11.81 9.16 30.08
C1 CLA KD . -7.56 13.43 23.20
C2 CLA KD . -7.38 14.19 21.94
C3 CLA KD . -6.24 14.31 21.22
C4 CLA KD . -4.96 13.69 21.61
C5 CLA KD . -6.25 15.10 19.96
C6 CLA KD . -5.11 16.08 19.82
C7 CLA KD . -5.11 16.68 18.42
C8 CLA KD . -6.43 17.33 18.07
C9 CLA KD . -6.78 16.92 16.65
C10 CLA KD . -6.30 18.84 18.15
C11 CLA KD . -7.31 19.59 18.98
C12 CLA KD . -8.50 20.05 18.15
C13 CLA KD . -9.00 21.45 18.49
C14 CLA KD . -8.86 21.80 19.96
C15 CLA KD . -10.44 21.69 18.05
C16 CLA KD . -11.34 20.53 18.41
C17 CLA KD . -12.51 20.35 17.48
C18 CLA KD . -13.64 21.36 17.67
C19 CLA KD . -14.83 20.97 16.83
C20 CLA KD . -14.05 21.36 19.13
MG CLA LD . -6.82 7.63 8.66
CHA CLA LD . -9.96 6.41 9.37
CHB CLA LD . -8.23 9.79 6.43
CHC CLA LD . -3.89 9.36 8.51
CHD CLA LD . -5.54 5.78 11.39
NA CLA LD . -8.76 8.01 8.01
C1A CLA LD . -9.94 7.38 8.42
C2A CLA LD . -11.14 7.93 7.68
C3A CLA LD . -10.51 8.73 6.54
C4A CLA LD . -9.07 8.88 7.02
CMA CLA LD . -10.56 7.93 5.27
CAA CLA LD . -11.93 8.80 8.62
CBA CLA LD . -12.71 9.87 7.91
CGA CLA LD . -13.70 10.37 8.92
O1A CLA LD . -14.72 9.81 9.30
O2A CLA LD . -13.38 11.56 9.49
NB CLA LD . -6.18 9.24 7.64
C1B CLA LD . -6.89 9.98 6.77
C2B CLA LD . -6.04 11.05 6.20
C3B CLA LD . -4.81 10.94 6.76
C4B CLA LD . -4.88 9.78 7.69
CMB CLA LD . -6.51 12.03 5.23
CAB CLA LD . -3.66 11.78 6.55
CBB CLA LD . -2.37 11.47 6.51
NC CLA LD . -5.04 7.55 9.74
C1C CLA LD . -3.97 8.34 9.47
C2C CLA LD . -2.85 8.00 10.32
C3C CLA LD . -3.29 7.01 11.17
C4C CLA LD . -4.68 6.72 10.80
CMC CLA LD . -1.53 8.62 10.28
CAC CLA LD . -2.36 6.36 12.10
CBC CLA LD . -2.78 6.15 13.52
ND CLA LD . -7.53 6.42 10.11
C1D CLA LD . -6.88 5.65 11.10
C2D CLA LD . -7.86 4.72 11.69
C3D CLA LD . -9.05 4.96 11.06
C4D CLA LD . -8.79 6.03 10.10
CMD CLA LD . -7.55 3.77 12.75
CAD CLA LD . -10.45 4.60 10.94
OBD CLA LD . -11.08 3.73 11.52
CBD CLA LD . -11.08 5.53 9.87
CGD CLA LD . -11.76 4.77 8.78
O1D CLA LD . -11.28 3.97 7.98
O2D CLA LD . -13.09 5.02 8.72
CED CLA LD . -13.78 4.64 7.53
C1 CLA LD . -13.90 11.75 10.82
C2 CLA LD . -12.75 12.13 11.67
C3 CLA LD . -12.91 12.62 12.90
C4 CLA LD . -14.23 12.79 13.54
C5 CLA LD . -11.70 12.98 13.68
C6 CLA LD . -11.96 13.44 15.10
C7 CLA LD . -11.62 14.90 15.36
C8 CLA LD . -10.81 15.12 16.64
C9 CLA LD . -10.66 13.84 17.43
C10 CLA LD . -11.38 16.21 17.55
C11 CLA LD . -10.40 16.82 18.51
C12 CLA LD . -10.39 16.29 19.94
C13 CLA LD . -10.67 17.35 20.99
C14 CLA LD . -9.50 17.51 21.94
C15 CLA LD . -11.90 17.03 21.80
C16 CLA LD . -12.76 18.26 21.99
C17 CLA LD . -14.18 18.04 21.50
C18 CLA LD . -15.20 17.63 22.56
C19 CLA LD . -14.91 18.22 23.92
C20 CLA LD . -15.32 16.13 22.67
MG CLA MD . -26.74 2.82 11.59
CHA CLA MD . -27.41 1.57 14.77
CHB CLA MD . -29.99 2.30 10.76
CHC CLA MD . -26.38 4.98 8.95
CHD CLA MD . -23.61 3.93 12.83
NA CLA MD . -28.38 1.98 12.58
C1A CLA MD . -28.46 1.54 13.91
C2A CLA MD . -29.86 0.99 14.21
C3A CLA MD . -30.50 0.92 12.82
C4A CLA MD . -29.58 1.80 11.97
CMA CLA MD . -30.59 -0.50 12.33
CAA CLA MD . -30.66 1.84 15.20
CBA CLA MD . -30.72 3.31 14.87
CGA CLA MD . -29.78 4.09 15.73
O1A CLA MD . -29.43 3.88 16.87
O2A CLA MD . -29.31 5.21 15.10
NB CLA MD . -27.97 3.55 10.18
C1B CLA MD . -29.21 3.11 9.93
C2B CLA MD . -29.69 3.62 8.62
C3B CLA MD . -28.68 4.40 8.10
C4B CLA MD . -27.57 4.34 9.09
CMB CLA MD . -31.03 3.30 8.10
CAB CLA MD . -28.51 5.15 6.88
CBB CLA MD . -29.26 5.15 5.78
NC CLA MD . -25.23 4.12 10.95
C1C CLA MD . -25.27 4.85 9.81
C2C CLA MD . -24.02 5.61 9.66
C3C CLA MD . -23.28 5.35 10.80
C4C CLA MD . -24.04 4.41 11.59
CMC CLA MD . -23.66 6.51 8.58
CAC CLA MD . -21.95 5.86 11.13
CBC CLA MD . -22.09 7.19 11.82
ND CLA MD . -25.64 2.64 13.27
C1D CLA MD . -24.36 3.12 13.63
C2D CLA MD . -24.01 2.65 14.99
C3D CLA MD . -25.15 2.04 15.47
C4D CLA MD . -26.15 2.11 14.39
CMD CLA MD . -22.73 2.88 15.62
CAD CLA MD . -25.77 1.34 16.57
OBD CLA MD . -25.29 0.97 17.64
CBD CLA MD . -27.26 1.14 16.21
CGD CLA MD . -27.77 -0.23 16.55
O1D CLA MD . -28.46 -0.54 17.52
O2D CLA MD . -27.47 -1.24 15.71
CED CLA MD . -28.49 -2.22 15.59
C1 CLA MD . -28.03 5.11 14.45
C2 CLA MD . -26.94 5.37 15.41
C3 CLA MD . -26.23 6.50 15.33
C4 CLA MD . -25.13 6.79 16.27
C5 CLA MD . -26.50 7.52 14.29
C6 CLA MD . -25.36 7.66 13.30
C7 CLA MD . -25.62 8.75 12.28
C8 CLA MD . -25.94 10.11 12.91
C9 CLA MD . -26.87 10.92 12.03
C10 CLA MD . -24.69 10.94 13.16
C11 CLA MD . -24.77 11.60 14.52
C12 CLA MD . -24.83 10.55 15.61
C13 CLA MD . -25.51 10.98 16.90
C14 CLA MD . -26.42 12.18 16.72
C15 CLA MD . -24.45 11.20 17.98
C16 CLA MD . -25.04 11.62 19.31
C17 CLA MD . -25.87 10.50 19.88
C18 CLA MD . -25.04 9.43 20.57
C19 CLA MD . -25.60 8.07 20.21
C20 CLA MD . -25.16 9.64 22.06
MG CLA ND . -54.23 -6.25 -12.75
CHA CLA ND . -54.38 -8.81 -10.47
CHB CLA ND . -57.10 -7.44 -14.19
CHC CLA ND . -54.45 -3.40 -14.65
CHD CLA ND . -51.70 -4.73 -10.82
NA CLA ND . -55.51 -7.87 -12.39
C1A CLA ND . -55.38 -8.84 -11.40
C2A CLA ND . -56.49 -9.88 -11.47
C3A CLA ND . -57.20 -9.53 -12.80
C4A CLA ND . -56.58 -8.19 -13.17
CMA CLA ND . -56.91 -10.59 -13.83
CAA CLA ND . -57.43 -9.66 -10.31
CBA CLA ND . -58.72 -10.44 -10.38
CGA CLA ND . -59.57 -10.06 -9.21
O1A CLA ND . -60.68 -10.49 -8.88
O2A CLA ND . -59.01 -9.11 -8.40
NB CLA ND . -55.50 -5.58 -14.15
C1B CLA ND . -56.61 -6.20 -14.60
C2B CLA ND . -57.23 -5.40 -15.69
C3B CLA ND . -56.49 -4.28 -15.82
C4B CLA ND . -55.38 -4.35 -14.86
CMB CLA ND . -58.43 -5.84 -16.38
CAB CLA ND . -56.67 -3.15 -16.69
CBB CLA ND . -56.49 -3.17 -18.01
NC CLA ND . -53.24 -4.41 -12.75
C1C CLA ND . -53.44 -3.42 -13.65
C2C CLA ND . -52.50 -2.34 -13.44
C3C CLA ND . -51.78 -2.66 -12.29
C4C CLA ND . -52.23 -3.98 -11.89
CMC CLA ND . -52.43 -1.12 -14.24
CAC CLA ND . -50.70 -1.87 -11.70
CBC CLA ND . -51.09 -1.26 -10.37
ND CLA ND . -53.27 -6.58 -11.02
C1D CLA ND . -52.17 -5.94 -10.40
C2D CLA ND . -51.68 -6.78 -9.30
C3D CLA ND . -52.49 -7.90 -9.28
C4D CLA ND . -53.46 -7.72 -10.37
CMD CLA ND . -50.57 -6.44 -8.44
CAD CLA ND . -52.80 -9.14 -8.63
OBD CLA ND . -52.31 -9.65 -7.64
CBD CLA ND . -53.98 -9.79 -9.40
CGD CLA ND . -53.69 -11.13 -9.99
O1D CLA ND . -54.20 -12.21 -9.71
O2D CLA ND . -52.72 -11.13 -10.96
CED CLA ND . -52.48 -12.38 -11.62
C1 CLA ND . -59.74 -7.89 -8.15
C2 CLA ND . -59.73 -7.16 -9.44
C3 CLA ND . -59.45 -5.86 -9.56
C4 CLA ND . -59.11 -5.02 -8.40
C5 CLA ND . -59.45 -5.19 -10.88
C6 CLA ND . -58.07 -4.75 -11.30
C7 CLA ND . -58.16 -3.78 -12.45
C8 CLA ND . -57.67 -2.38 -12.08
C9 CLA ND . -58.59 -1.69 -11.08
C10 CLA ND . -57.46 -1.52 -13.32
C11 CLA ND . -58.65 -0.67 -13.70
C12 CLA ND . -59.63 -1.36 -14.64
MG CLA OD . -10.62 26.22 10.84
CHA CLA OD . -8.69 28.92 11.82
CHB CLA OD . -13.39 28.20 11.02
CHC CLA OD . -12.56 23.46 10.47
CHD CLA OD . -7.81 24.12 11.46
NA CLA OD . -10.95 28.24 11.28
C1A CLA OD . -10.01 29.21 11.64
C2A CLA OD . -10.65 30.57 11.83
C3A CLA OD . -12.14 30.26 11.71
C4A CLA OD . -12.19 28.81 11.26
CMA CLA OD . -12.74 30.44 13.07
CAA CLA OD . -10.37 31.38 10.58
CBA CLA OD . -9.43 32.56 10.69
CGA CLA OD . -9.95 33.70 11.53
O1A CLA OD . -10.18 34.85 11.17
O2A CLA OD . -10.16 33.35 12.83
NB CLA OD . -12.61 25.89 10.82
C1B CLA OD . -13.54 26.85 10.67
C2B CLA OD . -14.79 26.29 10.13
C3B CLA OD . -14.59 24.95 9.98
C4B CLA OD . -13.20 24.66 10.43
CMB CLA OD . -15.99 27.07 9.89
CAB CLA OD . -15.58 24.03 9.49
CBB CLA OD . -15.64 22.70 9.61
NC CLA OD . -10.24 24.18 10.94
C1C CLA OD . -11.18 23.23 10.71
C2C CLA OD . -10.58 21.90 10.74
C3C CLA OD . -9.25 22.09 11.08
C4C CLA OD . -9.04 23.52 11.18
CMC CLA OD . -11.29 20.65 10.47
CAC CLA OD . -8.23 21.05 11.21
CBC CLA OD . -7.65 20.74 9.86
ND CLA OD . -8.68 26.40 11.38
C1D CLA OD . -7.62 25.48 11.54
C2D CLA OD . -6.38 26.20 11.87
C3D CLA OD . -6.75 27.51 12.02
C4D CLA OD . -8.19 27.59 11.73
CMD CLA OD . -5.06 25.61 12.05
CAD CLA OD . -6.31 28.84 12.36
OBD CLA OD . -5.25 29.23 12.78
CBD CLA OD . -7.53 29.76 12.26
CGD CLA OD . -7.75 30.33 13.63
O1D CLA OD . -8.08 29.75 14.65
O2D CLA OD . -7.50 31.65 13.71
CED CLA OD . -7.49 32.19 15.02
C1 CLA OD . -10.45 34.36 13.82
C2 CLA OD . -10.81 33.62 15.06
C3 CLA OD . -11.40 34.19 16.12
C4 CLA OD . -11.73 35.62 16.15
C5 CLA OD . -11.73 33.39 17.34
C6 CLA OD . -13.15 32.84 17.32
C7 CLA OD . -13.31 31.73 18.35
C8 CLA OD . -14.68 31.07 18.34
C9 CLA OD . -15.78 31.99 17.87
C10 CLA OD . -15.07 30.55 19.70
C11 CLA OD . -15.32 29.07 19.63
C12 CLA OD . -15.81 28.45 20.92
C13 CLA OD . -15.93 26.92 20.85
C14 CLA OD . -15.94 26.36 19.43
C15 CLA OD . -17.16 26.39 21.55
C16 CLA OD . -16.98 24.89 21.72
C17 CLA OD . -18.30 24.17 21.94
C18 CLA OD . -18.14 22.70 22.30
C19 CLA OD . -16.88 22.05 21.79
C20 CLA OD . -19.35 21.93 21.84
MG CLA PD . 1.11 -19.12 -25.42
CHA CLA PD . 0.15 -20.96 -22.68
CHB CLA PD . 4.04 -18.36 -23.85
CHC CLA PD . 2.33 -17.81 -28.37
CHD CLA PD . -1.64 -20.43 -27.19
NA CLA PD . 1.93 -19.59 -23.56
C1A CLA PD . 1.35 -20.33 -22.53
C2A CLA PD . 2.28 -20.38 -21.31
C3A CLA PD . 3.45 -19.46 -21.71
C4A CLA PD . 3.14 -19.10 -23.14
CMA CLA PD . 3.58 -18.22 -20.87
CAA CLA PD . 2.72 -21.77 -20.90
CBA CLA PD . 3.87 -22.29 -21.69
CGA CLA PD . 3.58 -23.71 -22.02
O1A CLA PD . 2.88 -24.09 -22.96
O2A CLA PD . 4.17 -24.61 -21.17
NB CLA PD . 2.79 -18.17 -25.97
C1B CLA PD . 3.88 -18.00 -25.19
C2B CLA PD . 5.00 -17.43 -25.97
C3B CLA PD . 4.53 -17.27 -27.26
C4B CLA PD . 3.14 -17.75 -27.27
CMB CLA PD . 6.29 -17.18 -25.33
CAB CLA PD . 5.17 -16.82 -28.47
CBB CLA PD . 6.42 -16.38 -28.63
NC CLA PD . 0.43 -19.09 -27.40
C1C CLA PD . 1.05 -18.44 -28.42
C2C CLA PD . 0.26 -18.53 -29.63
C3C CLA PD . -0.84 -19.33 -29.33
C4C CLA PD . -0.73 -19.66 -27.92
CMC CLA PD . 0.64 -17.92 -30.89
CAC CLA PD . -1.95 -19.65 -30.23
CBC CLA PD . -2.28 -21.11 -30.48
ND CLA PD . -0.34 -20.48 -25.12
C1D CLA PD . -1.46 -20.86 -25.90
C2D CLA PD . -2.36 -21.69 -25.12
C3D CLA PD . -1.80 -21.76 -23.86
C4D CLA PD . -0.55 -20.98 -23.91
CMD CLA PD . -3.58 -22.27 -25.64
CAD CLA PD . -1.91 -22.30 -22.53
OBD CLA PD . -2.72 -23.08 -22.09
CBD CLA PD . -0.72 -21.74 -21.71
CGD CLA PD . -1.17 -20.82 -20.64
O1D CLA PD . -1.13 -19.59 -20.65
O2D CLA PD . -1.68 -21.43 -19.56
CED CLA PD . -1.72 -20.62 -18.40
C1 CLA PD . 4.42 -25.98 -21.57
C2 CLA PD . 3.16 -26.76 -21.51
C3 CLA PD . 2.52 -27.19 -20.40
C4 CLA PD . 3.02 -26.91 -19.03
C5 CLA PD . 1.24 -27.96 -20.50
C6 CLA PD . 0.68 -27.98 -21.90
C7 CLA PD . -0.20 -26.81 -22.27
C8 CLA PD . -0.42 -26.79 -23.77
C9 CLA PD . -0.88 -25.44 -24.25
C10 CLA PD . -1.45 -27.83 -24.18
C11 CLA PD . -1.52 -27.94 -25.69
C12 CLA PD . -2.42 -29.06 -26.11
C13 CLA PD . -3.86 -28.74 -25.80
C14 CLA PD . -4.70 -29.94 -26.17
C15 CLA PD . -4.32 -27.51 -26.56
C16 CLA PD . -5.70 -27.01 -26.15
C17 CLA PD . -5.84 -25.53 -26.45
C18 CLA PD . -7.21 -24.97 -26.12
C19 CLA PD . -7.38 -23.60 -26.72
C20 CLA PD . -7.39 -24.83 -24.64
MG CLA QD . -34.45 -29.47 -22.54
CHA CLA QD . -33.14 -27.64 -19.95
CHB CLA QD . -31.89 -28.46 -24.52
CHC CLA QD . -35.44 -31.74 -24.90
CHD CLA QD . -37.02 -30.60 -20.39
NA CLA QD . -32.75 -28.29 -22.24
C1A CLA QD . -32.37 -27.60 -21.08
C2A CLA QD . -31.09 -26.80 -21.30
C3A CLA QD . -30.84 -26.98 -22.81
C4A CLA QD . -31.88 -28.00 -23.23
CMA CLA QD . -31.07 -25.70 -23.57
CAA CLA QD . -29.92 -27.28 -20.45
CBA CLA QD . -29.90 -28.79 -20.42
CGA CLA QD . -28.68 -29.36 -19.79
O1A CLA QD . -28.35 -30.54 -19.75
O2A CLA QD . -27.85 -28.46 -19.19
NB CLA QD . -33.73 -30.06 -24.33
C1B CLA QD . -32.80 -29.38 -25.04
C2B CLA QD . -32.88 -29.76 -26.48
C3B CLA QD . -33.88 -30.70 -26.58
C4B CLA QD . -34.42 -30.90 -25.22
CMB CLA QD . -31.97 -29.18 -27.47
CAB CLA QD . -34.43 -31.44 -27.69
CBB CLA QD . -34.43 -31.12 -28.98
NC CLA QD . -35.92 -30.95 -22.60
C1C CLA QD . -36.14 -31.77 -23.67
C2C CLA QD . -37.25 -32.67 -23.38
C3C CLA QD . -37.73 -32.33 -22.12
C4C CLA QD . -36.90 -31.24 -21.64
CMC CLA QD . -37.77 -33.70 -24.27
CAC CLA QD . -38.85 -32.98 -21.44
CBC CLA QD . -40.17 -32.25 -21.57
ND CLA QD . -34.97 -29.29 -20.61
C1D CLA QD . -36.12 -29.69 -19.90
C2D CLA QD . -36.15 -29.00 -18.61
C3D CLA QD . -35.02 -28.22 -18.56
C4D CLA QD . -34.32 -28.42 -19.84
CMD CLA QD . -37.20 -29.17 -17.62
CAD CLA QD . -34.23 -27.27 -17.81
OBD CLA QD . -34.42 -26.82 -16.69
CBD CLA QD . -33.03 -26.86 -18.68
CGD CLA QD . -33.04 -25.40 -19.04
O1D CLA QD . -32.11 -24.61 -18.97
O2D CLA QD . -34.22 -24.95 -19.49
CED CLA QD . -34.22 -23.67 -20.08
C1 CLA QD . -26.60 -28.99 -18.72
C2 CLA QD . -25.76 -27.87 -18.21
C3 CLA QD . -24.51 -28.06 -17.75
C4 CLA QD . -23.87 -29.39 -17.69
C5 CLA QD . -23.70 -26.93 -17.23
C6 CLA QD . -22.61 -26.50 -18.18
C7 CLA QD . -21.86 -25.33 -17.57
C8 CLA QD . -20.93 -24.67 -18.56
C9 CLA QD . -19.71 -25.53 -18.77
C10 CLA QD . -20.54 -23.30 -18.04
C11 CLA QD . -19.50 -22.65 -18.93
C12 CLA QD . -19.28 -21.21 -18.54
C13 CLA QD . -18.49 -20.52 -19.62
C14 CLA QD . -17.12 -21.14 -19.74
C15 CLA QD . -18.36 -19.03 -19.35
C16 CLA QD . -17.86 -18.33 -20.59
C17 CLA QD . -18.76 -17.18 -20.99
C18 CLA QD . -18.46 -16.79 -22.43
C19 CLA QD . -19.13 -17.75 -23.38
C20 CLA QD . -18.94 -15.38 -22.68
C1 PQN RD . -0.81 -0.20 11.90
O1 PQN RD . -0.32 -0.07 10.83
C2 PQN RD . -0.91 0.96 12.85
C2M PQN RD . -0.36 2.31 12.45
C3 PQN RD . -1.53 0.77 14.18
C4 PQN RD . -2.08 -0.57 14.57
O4 PQN RD . -2.58 -0.71 15.63
C5 PQN RD . -1.98 -1.78 13.58
C6 PQN RD . -2.49 -3.02 13.96
C7 PQN RD . -2.40 -4.10 13.07
C8 PQN RD . -1.80 -3.92 11.81
C9 PQN RD . -1.30 -2.68 11.44
C10 PQN RD . -1.39 -1.60 12.32
C11 PQN RD . -1.66 1.93 15.16
C12 PQN RD . -2.95 2.65 14.79
C13 PQN RD . -3.82 2.99 15.72
C14 PQN RD . -3.54 2.66 17.18
C15 PQN RD . -5.11 3.70 15.33
C16 PQN RD . -5.53 4.73 16.37
C17 PQN RD . -6.36 5.80 15.69
C18 PQN RD . -6.08 7.16 16.34
C19 PQN RD . -6.20 7.03 17.86
C20 PQN RD . -7.07 8.20 15.84
C21 PQN RD . -7.36 8.02 14.35
C22 PQN RD . -8.86 7.79 14.15
C23 PQN RD . -9.29 8.29 12.78
C24 PQN RD . -8.25 9.27 12.22
C25 PQN RD . -10.63 9.00 12.91
C26 PQN RD . -11.53 8.21 13.86
C27 PQN RD . -12.87 8.90 14.01
C28 PQN RD . -13.82 8.50 12.88
C29 PQN RD . -13.48 7.12 12.33
C30 PQN RD . -15.26 8.51 13.40
C1A DGD SD . -13.51 -3.74 12.40
C2A DGD SD . -13.23 -2.40 11.75
C3A DGD SD . -13.51 -1.27 12.71
C4A DGD SD . -13.08 0.06 12.12
C5A DGD SD . -13.93 0.50 10.94
C6A DGD SD . -15.35 0.81 11.38
C7A DGD SD . -16.19 1.35 10.23
C8A DGD SD . -16.20 0.40 9.03
C9A DGD SD . -16.99 1.02 7.89
CAA DGD SD . -16.76 0.31 6.56
CBA DGD SD . -17.51 1.00 5.43
CCA DGD SD . -17.06 2.45 5.29
O1A DGD SD . -13.99 -3.80 13.51
C1B DGD SD . -16.13 -5.54 9.19
C2B DGD SD . -16.33 -5.69 7.72
C3B DGD SD . -17.70 -5.11 7.42
C4B DGD SD . -17.63 -3.81 6.65
C5B DGD SD . -17.13 -4.04 5.24
C6B DGD SD . -16.85 -2.70 4.59
C7B DGD SD . -16.28 -2.82 3.19
C8B DGD SD . -15.65 -1.50 2.82
C9B DGD SD . -14.91 -1.62 1.49
CAB DGD SD . -14.09 -0.39 1.17
CBB DGD SD . -14.94 0.88 1.31
CCB DGD SD . -14.18 2.11 0.83
CDB DGD SD . -14.84 3.36 1.34
CEB DGD SD . -14.34 4.58 0.57
CFB DGD SD . -14.77 4.48 -0.89
CGB DGD SD . -14.43 5.76 -1.64
CHB DGD SD . -15.18 6.95 -1.07
CIB DGD SD . -14.94 8.20 -1.88
O1B DGD SD . -16.81 -4.72 9.78
O1G DGD SD . -13.21 -4.97 11.71
C1G DGD SD . -13.92 -6.15 12.04
C2G DGD SD . -15.27 -6.09 11.36
O2G DGD SD . -15.18 -6.35 9.95
C3G DGD SD . -16.23 -7.05 12.07
O3G DGD SD . -15.89 -8.41 11.92
C1D DGD SD . -16.79 -9.18 12.71
C2D DGD SD . -16.93 -10.60 12.19
O2D DGD SD . -17.53 -10.60 10.89
C3D DGD SD . -17.80 -11.43 13.12
O3D DGD SD . -17.80 -12.80 12.68
C4D DGD SD . -17.33 -11.34 14.56
O4D DGD SD . -16.05 -11.93 14.74
C5D DGD SD . -17.27 -9.87 14.93
O5D DGD SD . -17.71 -10.55 17.17
C6D DGD SD . -16.89 -9.68 16.39
O6D DGD SD . -16.34 -9.20 14.08
C1E DGD SD . -18.49 -9.90 18.16
C2E DGD SD . -19.03 -10.96 19.13
O2E DGD SD . -17.97 -11.78 19.61
C3E DGD SD . -20.05 -11.83 18.43
O3E DGD SD . -20.64 -12.73 19.36
C4E DGD SD . -21.14 -11.00 17.77
O4E DGD SD . -21.91 -10.31 18.76
C5E DGD SD . -20.51 -9.96 16.85
O6E DGD SD . -19.57 -9.16 17.58
C6E DGD SD . -21.63 -9.08 16.31
O5E DGD SD . -22.19 -8.38 17.42
C1B LMU TD . -53.33 -7.29 6.86
C2B LMU TD . -52.70 -7.57 8.22
C3B LMU TD . -51.32 -7.05 8.29
C4B LMU TD . -50.49 -7.53 7.15
C5B LMU TD . -51.09 -7.09 5.82
C6B LMU TD . -51.26 -8.25 4.92
O1B LMU TD . -54.58 -6.70 6.99
O2B LMU TD . -53.52 -6.93 9.22
O3B LMU TD . -50.69 -7.45 9.55
O4' LMU TD . -49.18 -6.97 7.28
O5B LMU TD . -52.40 -6.47 6.01
O6B LMU TD . -52.07 -7.86 3.84
C1' LMU TD . -55.23 -2.87 5.43
C2' LMU TD . -55.28 -4.02 4.41
C3' LMU TD . -55.26 -5.37 5.01
C4' LMU TD . -54.69 -5.38 6.41
C5' LMU TD . -55.65 -4.53 7.26
C6' LMU TD . -55.07 -4.18 8.56
O1' LMU TD . -55.68 -1.70 4.90
O2' LMU TD . -56.47 -3.92 3.62
O3' LMU TD . -54.52 -6.24 4.11
O5' LMU TD . -56.04 -3.23 6.63
O6' LMU TD . -55.29 -2.81 8.78
C1 LMU TD . -54.77 -0.60 5.12
C2 LMU TD . -54.41 0.02 3.75
C3 LMU TD . -53.25 1.07 3.87
C4 LMU TD . -52.18 0.73 2.77
C5 LMU TD . -51.09 1.82 2.70
C6 LMU TD . -49.90 1.21 1.91
C7 LMU TD . -49.51 2.09 0.73
C8 LMU TD . -48.27 1.50 0.05
C9 LMU TD . -47.63 2.62 -0.74
C10 LMU TD . -46.38 2.13 -1.48
C11 LMU TD . -45.74 3.39 -2.09
C12 LMU TD . -44.29 3.13 -2.44
C10 WVN UD . -30.15 6.87 -8.49
C11 WVN UD . -53.57 3.93 -6.34
C12 WVN UD . -30.93 6.97 -9.78
C13 WVN UD . -32.22 5.57 -7.84
C14 WVN UD . -31.39 5.58 -10.16
C01 WVN UD . -55.45 4.97 -7.63
C02 WVN UD . -54.57 3.71 -7.48
C03 WVN UD . -56.90 4.58 -7.89
C04 WVN UD . -57.47 3.73 -6.77
C05 WVN UD . -55.39 2.48 -7.09
C06 WVN UD . -31.01 6.36 -7.35
C07 WVN UD . -55.39 5.93 -6.43
C08 WVN UD . -54.96 5.74 -8.84
C09 WVN UD . -56.47 2.63 -6.37
C15 WVN UD . -32.15 4.95 -9.01
C16 WVN UD . -55.15 1.11 -7.73
C17 WVN UD . -31.42 7.56 -6.52
C18 WVN UD . -30.18 5.43 -6.49
C19 WVN UD . -52.26 4.02 -6.32
C20 WVN UD . -33.31 5.25 -6.83
C21 WVN UD . -33.10 3.82 -9.38
C22 WVN UD . -51.13 3.92 -7.36
C23 WVN UD . -34.45 5.88 -6.93
C24 WVN UD . -51.29 3.72 -8.86
C25 WVN UD . -35.62 5.68 -5.99
C26 WVN UD . -49.95 4.05 -6.82
C27 WVN UD . -35.44 5.76 -4.49
C28 WVN UD . -36.78 5.42 -6.53
C29 WVN UD . -48.64 4.01 -7.56
C30 WVN UD . -38.02 5.22 -5.69
C31 WVN UD . -47.60 3.99 -6.78
C32 WVN UD . -46.17 3.97 -7.28
C33 WVN UD . -39.14 5.26 -6.35
C34 WVN UD . -40.51 5.11 -5.71
C35 WVN UD . -45.82 3.60 -8.71
C36 WVN UD . -45.25 4.30 -6.41
C37 WVN UD . -41.46 4.57 -6.44
C38 WVN UD . -40.77 5.58 -4.30
C39 WVN UD . -43.79 4.36 -6.81
C40 WVN UD . -42.86 4.45 -5.89
C10 WVN VD . -26.85 -9.44 -29.75
C11 WVN VD . -23.40 -14.96 -6.88
C12 WVN VD . -27.22 -8.14 -29.05
C13 WVN VD . -27.70 -10.43 -27.61
C14 WVN VD . -28.59 -8.27 -28.40
C01 WVN VD . -25.01 -16.30 -5.49
C02 WVN VD . -23.66 -16.29 -6.21
C03 WVN VD . -25.13 -17.37 -4.40
C04 WVN VD . -24.01 -18.41 -4.45
C05 WVN VD . -22.52 -16.66 -5.28
C06 WVN VD . -26.71 -10.58 -28.75
C07 WVN VD . -25.35 -14.94 -4.88
C08 WVN VD . -26.07 -16.57 -6.53
C09 WVN VD . -22.65 -17.72 -4.52
C15 WVN VD . -28.74 -9.64 -27.76
C16 WVN VD . -21.15 -16.02 -5.43
C17 WVN VD . -25.30 -10.68 -28.19
C18 WVN VD . -27.02 -11.84 -29.56
C19 WVN VD . -23.24 -14.99 -8.17
C20 WVN VD . -27.57 -11.30 -26.36
C21 WVN VD . -30.08 -9.95 -27.08
C22 WVN VD . -22.98 -13.75 -8.98
C23 WVN VD . -27.22 -10.76 -25.21
C24 WVN VD . -22.51 -12.45 -8.34
C25 WVN VD . -27.12 -11.64 -23.98
C26 WVN VD . -23.22 -13.87 -10.26
C27 WVN VD . -27.57 -13.10 -24.08
C28 WVN VD . -26.66 -11.15 -22.85
C29 WVN VD . -23.07 -12.77 -11.29
C30 WVN VD . -26.54 -11.99 -21.59
C31 WVN VD . -23.53 -13.11 -12.47
C32 WVN VD . -23.52 -12.17 -13.65
C33 WVN VD . -25.92 -11.44 -20.57
C34 WVN VD . -25.73 -12.18 -19.25
C35 WVN VD . -22.96 -10.76 -13.51
C36 WVN VD . -24.02 -12.62 -14.77
C37 WVN VD . -25.17 -11.55 -18.24
C38 WVN VD . -26.20 -13.62 -19.11
C39 WVN VD . -24.12 -11.81 -16.04
C40 WVN VD . -24.97 -12.26 -16.92
C10 WVN WD . -60.34 16.08 -15.96
C11 WVN WD . -39.24 13.59 -8.35
C12 WVN WD . -60.98 15.16 -16.99
C13 WVN WD . -59.08 13.96 -15.29
C14 WVN WD . -61.35 13.85 -16.31
C01 WVN WD . -37.19 14.19 -9.67
C02 WVN WD . -38.55 14.66 -9.18
C03 WVN WD . -36.54 15.29 -10.50
C04 WVN WD . -36.50 16.65 -9.80
C05 WVN WD . -38.44 15.99 -8.45
C06 WVN WD . -59.09 15.49 -15.32
C07 WVN WD . -36.31 13.79 -8.49
C08 WVN WD . -37.36 13.00 -10.58
C09 WVN WD . -37.80 16.97 -9.05
C15 WVN WD . -60.10 13.23 -15.72
C16 WVN WD . -39.48 16.39 -7.39
C17 WVN WD . -58.99 16.07 -13.92
C18 WVN WD . -57.89 15.98 -16.13
C19 WVN WD . -40.45 13.38 -8.77
C20 WVN WD . -57.74 13.23 -15.11
C21 WVN WD . -60.12 11.72 -15.51
C22 WVN WD . -41.47 12.39 -8.22
C23 WVN WD . -57.29 13.02 -13.89
C24 WVN WD . -41.06 11.34 -7.20
C25 WVN WD . -55.99 12.31 -13.57
C26 WVN WD . -42.68 12.55 -8.67
C27 WVN WD . -55.99 10.80 -13.45
C28 WVN WD . -54.89 13.00 -13.35
C29 WVN WD . -43.83 11.64 -8.24
C30 WVN WD . -53.63 12.22 -12.97
C31 WVN WD . -45.10 11.73 -8.59
C32 WVN WD . -45.92 12.72 -9.43
C33 WVN WD . -52.80 12.84 -12.16
C34 WVN WD . -51.53 12.22 -11.63
C35 WVN WD . -45.56 14.17 -9.72
C36 WVN WD . -47.05 12.23 -9.91
C37 WVN WD . -50.53 13.02 -11.30
C38 WVN WD . -51.47 10.71 -11.43
C39 WVN WD . -48.06 13.00 -10.72
C40 WVN WD . -49.26 12.48 -10.66
C10 WVN XD . 1.49 4.82 17.49
C11 WVN XD . -11.90 17.41 2.71
C12 WVN XD . 0.31 3.91 17.77
C13 WVN XD . -0.18 6.63 17.16
C14 WVN XD . -0.79 4.66 18.52
C01 WVN XD . -11.83 19.83 1.88
C02 WVN XD . -11.30 18.40 1.70
C03 WVN XD . -11.45 20.78 0.74
C04 WVN XD . -10.65 20.13 -0.40
C05 WVN XD . -11.50 17.92 0.26
C06 WVN XD . 1.06 5.96 16.58
C07 WVN XD . -13.33 19.88 2.05
C08 WVN XD . -11.24 20.39 3.16
C09 WVN XD . -11.25 18.77 -0.72
C15 WVN XD . -0.75 6.17 18.26
C16 WVN XD . -11.48 16.42 -0.04
C17 WVN XD . 2.21 6.94 16.47
C18 WVN XD . 0.76 5.38 15.21
C19 WVN XD . -11.02 16.82 3.48
C20 WVN XD . -1.04 7.53 16.28
C21 WVN XD . -1.94 6.93 18.82
C22 WVN XD . -11.33 15.81 4.57
C23 WVN XD . -0.77 8.77 15.93
C24 WVN XD . -12.75 15.38 4.91
C25 WVN XD . -1.82 9.44 15.07
C26 WVN XD . -10.30 15.36 5.25
C27 WVN XD . -3.24 9.13 15.52
C28 WVN XD . -1.49 10.24 14.08
C29 WVN XD . -10.36 14.36 6.39
C30 WVN XD . -2.37 11.03 13.07
C31 WVN XD . -9.21 14.18 7.00
C32 WVN XD . -8.97 13.23 8.16
C33 WVN XD . -3.56 10.70 12.57
C34 WVN XD . -4.27 11.58 11.54
C35 WVN XD . -10.08 12.34 8.70
C36 WVN XD . -7.77 13.21 8.70
C37 WVN XD . -5.58 11.59 11.41
C38 WVN XD . -3.40 12.43 10.63
C39 WVN XD . -7.36 12.30 9.83
C40 WVN XD . -6.16 12.47 10.31
C10 WVN YD . -54.67 8.29 -20.35
C11 WVN YD . -52.99 -15.36 -19.01
C12 WVN YD . -55.66 8.45 -19.20
C13 WVN YD . -54.22 5.96 -19.53
C14 WVN YD . -55.29 7.62 -17.97
C01 WVN YD . -53.72 -17.46 -20.18
C02 WVN YD . -52.77 -16.25 -20.25
C03 WVN YD . -53.29 -18.57 -21.13
C04 WVN YD . -51.87 -19.03 -20.81
C05 WVN YD . -51.30 -16.61 -20.51
C06 WVN YD . -54.57 6.84 -20.73
C07 WVN YD . -53.87 -18.00 -18.77
C08 WVN YD . -55.08 -16.97 -20.61
C09 WVN YD . -50.91 -17.85 -20.71
C15 WVN YD . -54.44 6.39 -18.30
C16 WVN YD . -50.28 -15.51 -20.71
C17 WVN YD . -53.53 6.73 -21.84
C18 WVN YD . -55.89 6.44 -21.35
C19 WVN YD . -53.28 -14.11 -19.25
C20 WVN YD . -54.02 4.47 -19.83
C21 WVN YD . -53.73 5.77 -17.09
C22 WVN YD . -53.57 -13.00 -18.26
C23 WVN YD . -52.81 3.95 -19.92
C24 WVN YD . -54.43 -13.25 -17.04
C25 WVN YD . -52.54 2.49 -20.25
C26 WVN YD . -53.05 -11.81 -18.50
C27 WVN YD . -51.93 2.18 -21.61
C28 WVN YD . -52.80 1.54 -19.40
C29 WVN YD . -53.26 -10.56 -17.66
C30 WVN YD . -52.51 0.08 -19.77
C31 WVN YD . -53.38 -9.47 -18.39
C32 WVN YD . -53.62 -8.06 -17.90
C33 WVN YD . -52.56 -0.85 -18.85
C34 WVN YD . -52.31 -2.32 -19.19
C35 WVN YD . -54.79 -7.82 -16.98
C36 WVN YD . -52.84 -7.08 -18.31
C37 WVN YD . -53.01 -3.23 -18.55
C38 WVN YD . -51.31 -2.72 -20.24
C39 WVN YD . -53.02 -5.63 -17.89
C40 WVN YD . -52.86 -4.71 -18.83
FE1 SF4 ZD . -2.61 -21.09 23.57
FE2 SF4 ZD . -3.10 -22.99 25.86
FE3 SF4 ZD . -4.20 -23.62 23.11
FE4 SF4 ZD . -5.37 -21.35 24.74
S1 SF4 ZD . -5.03 -23.43 25.08
S2 SF4 ZD . -4.53 -21.54 22.79
S3 SF4 ZD . -3.45 -20.91 25.54
S4 SF4 ZD . -2.27 -23.17 23.90
FE1 SF4 AE . -3.99 -33.49 20.06
FE2 SF4 AE . -3.34 -32.83 22.94
FE3 SF4 AE . -1.94 -35.13 21.56
FE4 SF4 AE . -4.87 -35.35 22.27
S1 SF4 AE . -3.08 -34.91 23.35
S2 SF4 AE . -3.74 -35.57 20.48
S3 SF4 AE . -5.13 -33.27 21.86
S4 SF4 AE . -2.20 -33.05 21.15
MG CLA BE . 11.64 -25.45 -24.96
CHA CLA BE . 11.50 -28.60 -26.32
CHB CLA BE . 11.37 -24.11 -28.08
CHC CLA BE . 10.95 -22.38 -23.56
CHD CLA BE . 11.20 -26.92 -21.75
NA CLA BE . 11.53 -26.25 -26.89
C1A CLA BE . 11.49 -27.60 -27.26
C2A CLA BE . 11.44 -27.77 -28.78
C3A CLA BE . 11.54 -26.31 -29.29
C4A CLA BE . 11.48 -25.48 -28.02
CMA CLA BE . 12.79 -26.05 -30.08
CAA CLA BE . 10.17 -28.46 -29.27
CBA CLA BE . 10.11 -28.76 -30.74
CGA CLA BE . 11.36 -29.48 -31.17
O1A CLA BE . 12.01 -30.30 -30.56
O2A CLA BE . 11.77 -29.13 -32.42
NB CLA BE . 11.27 -23.61 -25.68
C1B CLA BE . 11.27 -23.26 -26.97
C2B CLA BE . 11.12 -21.79 -27.10
C3B CLA BE . 11.00 -21.27 -25.85
C4B CLA BE . 11.08 -22.43 -24.91
CMB CLA BE . 11.05 -21.12 -28.39
CAB CLA BE . 10.75 -19.89 -25.47
CBB CLA BE . 11.26 -19.18 -24.47
NC CLA BE . 11.20 -24.79 -23.03
C1C CLA BE . 11.00 -23.48 -22.68
C2C CLA BE . 10.77 -23.36 -21.27
C3C CLA BE . 10.79 -24.66 -20.75
C4C CLA BE . 11.08 -25.54 -21.86
CMC CLA BE . 10.52 -22.11 -20.56
CAC CLA BE . 10.59 -25.06 -19.36
CBC CLA BE . 11.88 -25.25 -18.64
ND CLA BE . 11.41 -27.28 -24.14
C1D CLA BE . 11.36 -27.75 -22.81
C2D CLA BE . 11.43 -29.22 -22.81
C3D CLA BE . 11.45 -29.59 -24.12
C4D CLA BE . 11.45 -28.36 -24.92
CMD CLA BE . 11.41 -30.07 -21.62
CAD CLA BE . 11.46 -30.70 -25.04
OBD CLA BE . 11.39 -31.90 -24.82
CBD CLA BE . 11.53 -30.10 -26.46
CGD CLA BE . 12.78 -30.48 -27.16
O1D CLA BE . 13.77 -29.77 -27.32
O2D CLA BE . 12.76 -31.72 -27.67
CED CLA BE . 13.87 -32.04 -28.49
C1 CLA BE . 11.07 -29.63 -33.58
C2 CLA BE . 11.49 -31.03 -33.84
C3 CLA BE . 11.01 -31.77 -34.87
C4 CLA BE . 10.02 -31.22 -35.84
C5 CLA BE . 11.45 -33.17 -35.09
C6 CLA BE . 10.31 -34.09 -35.50
C7 CLA BE . 10.73 -35.54 -35.47
C8 CLA BE . 10.78 -36.32 -36.78
C9 CLA BE . 11.98 -37.25 -36.76
C10 CLA BE . 10.73 -35.42 -38.02
C11 CLA BE . 12.07 -35.23 -38.67
C12 CLA BE . 11.98 -34.48 -39.98
C13 CLA BE . 13.33 -34.07 -40.55
C14 CLA BE . 14.52 -34.76 -39.91
C15 CLA BE . 13.54 -32.57 -40.44
C16 CLA BE . 13.88 -31.96 -41.79
C17 CLA BE . 12.81 -32.17 -42.84
C18 CLA BE . 11.99 -30.93 -43.22
C19 CLA BE . 12.70 -30.01 -44.19
C20 CLA BE . 11.50 -30.12 -42.04
MG CLA CE . -13.68 -16.65 -38.43
CHA CLA CE . -12.69 -18.72 -41.04
CHB CLA CE . -13.71 -19.35 -36.34
CHC CLA CE . -15.50 -14.87 -36.09
CHD CLA CE . -14.36 -14.12 -40.81
NA CLA CE . -13.21 -18.67 -38.66
C1A CLA CE . -12.79 -19.34 -39.81
C2A CLA CE . -12.53 -20.81 -39.50
C3A CLA CE . -12.79 -20.94 -37.99
C4A CLA CE . -13.25 -19.55 -37.62
CMA CLA CE . -13.86 -21.94 -37.68
CAA CLA CE . -11.08 -21.14 -39.78
CBA CLA CE . -10.40 -21.96 -38.72
CGA CLA CE . -10.12 -23.31 -39.28
O1A CLA CE . -8.98 -23.76 -39.46
O2A CLA CE . -11.26 -24.02 -39.52
NB CLA CE . -14.43 -17.01 -36.58
C1B CLA CE . -14.24 -18.15 -35.87
C2B CLA CE . -14.73 -17.99 -34.48
C3B CLA CE . -15.24 -16.74 -34.39
C4B CLA CE . -15.06 -16.09 -35.72
CMB CLA CE . -14.68 -19.09 -33.52
CAB CLA CE . -15.90 -16.13 -33.26
CBB CLA CE . -15.60 -14.98 -32.66
NC CLA CE . -14.69 -14.82 -38.43
C1C CLA CE . -15.32 -14.27 -37.36
C2C CLA CE . -15.87 -12.98 -37.71
C3C CLA CE . -15.57 -12.79 -39.05
C4C CLA CE . -14.81 -13.93 -39.49
CMC CLA CE . -16.64 -12.13 -36.80
CAC CLA CE . -15.92 -11.64 -39.88
CBC CLA CE . -17.16 -11.94 -40.65
ND CLA CE . -13.54 -16.38 -40.42
C1D CLA CE . -13.77 -15.27 -41.26
C2D CLA CE . -13.32 -15.58 -42.64
C3D CLA CE . -12.93 -16.90 -42.61
C4D CLA CE . -13.08 -17.35 -41.21
CMD CLA CE . -13.40 -14.67 -43.78
CAD CLA CE . -12.42 -18.01 -43.39
OBD CLA CE . -12.17 -18.08 -44.59
CBD CLA CE . -12.27 -19.20 -42.42
CGD CLA CE . -13.03 -20.43 -42.86
O1D CLA CE . -12.60 -21.45 -43.37
O2D CLA CE . -14.38 -20.38 -42.65
CED CLA CE . -15.03 -21.58 -42.25
C1 CLA CE . -11.60 -24.66 -40.79
C2 CLA CE . -10.58 -25.69 -41.03
C3 CLA CE . -10.53 -26.91 -40.45
C4 CLA CE . -11.56 -27.35 -39.49
C5 CLA CE . -9.40 -27.84 -40.76
C6 CLA CE . -8.28 -27.12 -41.49
C7 CLA CE . -7.02 -27.93 -41.55
O1B LMT DE . -16.13 -18.65 -49.18
C1' LMT DE . -16.36 -18.63 -45.40
C2' LMT DE . -16.84 -17.48 -46.31
C3' LMT DE . -15.74 -17.13 -47.36
C4' LMT DE . -15.22 -18.36 -48.15
C5' LMT DE . -15.21 -19.57 -47.18
C6' LMT DE . -14.19 -20.62 -47.49
O1' LMT DE . -16.20 -18.19 -44.13
O2' LMT DE . -17.98 -17.87 -46.98
O3' LMT DE . -14.70 -16.54 -46.73
O5' LMT DE . -15.11 -19.11 -45.85
O6' LMT DE . -12.99 -19.97 -47.55
C1 LMT DE . -17.42 -18.00 -43.45
C2 LMT DE . -17.17 -17.03 -42.34
C3 LMT DE . -16.55 -17.56 -41.09
C4 LMT DE . -17.33 -18.75 -40.64
C5 LMT DE . -16.98 -19.15 -39.25
C6 LMT DE . -17.48 -18.22 -38.22
C7 LMT DE . -17.68 -19.01 -36.96
C8 LMT DE . -18.38 -18.19 -35.92
C9 LMT DE . -18.60 -18.96 -34.66
C10 LMT DE . -19.40 -18.13 -33.70
C11 LMT DE . -19.64 -18.90 -32.44
C12 LMT DE . -20.63 -18.25 -31.54
C10 WVN EE . 6.39 -19.84 -33.18
C11 WVN EE . 2.77 -18.60 -10.61
C12 WVN EE . 7.79 -20.48 -33.29
C13 WVN EE . 7.32 -19.19 -30.97
C14 WVN EE . 8.89 -19.52 -32.81
C01 WVN EE . 0.73 -18.27 -9.24
C02 WVN EE . 1.66 -19.31 -9.83
C03 WVN EE . -0.38 -18.97 -8.46
C04 WVN EE . 0.13 -19.93 -7.39
C05 WVN EE . 2.17 -20.33 -8.80
C06 WVN EE . 6.17 -18.97 -31.95
C07 WVN EE . 1.46 -17.25 -8.37
C08 WVN EE . 0.07 -17.51 -10.39
C09 WVN EE . 1.37 -20.70 -7.81
C15 WVN EE . 8.52 -18.96 -31.44
C16 WVN EE . 3.14 -21.42 -9.24
C17 WVN EE . 4.83 -19.35 -31.33
C18 WVN EE . 6.04 -17.49 -32.30
C19 WVN EE . 3.00 -19.06 -11.81
C20 WVN EE . 7.13 -20.25 -29.89
C21 WVN EE . 9.40 -17.88 -30.80
C22 WVN EE . 4.00 -18.53 -12.82
C23 WVN EE . 7.46 -19.94 -28.68
C24 WVN EE . 4.16 -17.03 -13.00
C25 WVN EE . 7.31 -20.92 -27.55
C26 WVN EE . 4.68 -19.38 -13.55
C27 WVN EE . 7.20 -22.41 -27.82
C28 WVN EE . 7.24 -20.43 -26.34
C29 WVN EE . 5.63 -18.87 -14.62
C30 WVN EE . 7.09 -21.24 -25.07
C31 WVN EE . 5.34 -19.40 -15.78
C32 WVN EE . 5.95 -19.15 -17.14
C33 WVN EE . 7.42 -20.61 -23.98
C34 WVN EE . 7.30 -21.27 -22.63
C35 WVN EE . 6.53 -17.78 -17.48
C36 WVN EE . 5.90 -20.13 -18.01
C37 WVN EE . 7.24 -20.46 -21.59
C38 WVN EE . 7.32 -22.78 -22.54
C39 WVN EE . 6.38 -20.02 -19.45
C40 WVN EE . 7.05 -20.92 -20.15
C10 WVN FE . -8.71 -17.62 -34.11
C11 WVN FE . -3.69 -31.56 -22.63
C12 WVN FE . -9.03 -17.96 -35.56
C13 WVN FE . -10.19 -19.59 -33.50
C14 WVN FE . -9.01 -19.47 -35.71
C01 WVN FE . -1.43 -32.68 -22.93
C02 WVN FE . -2.20 -31.53 -22.26
C03 WVN FE . -0.27 -33.15 -22.07
C04 WVN FE . -0.77 -33.59 -20.72
C05 WVN FE . -1.99 -31.43 -20.74
C06 WVN FE . -9.85 -18.12 -33.23
C07 WVN FE . -2.33 -33.87 -23.22
C08 WVN FE . -0.87 -32.22 -24.26
C09 WVN FE . -1.56 -32.46 -20.05
C15 WVN FE . -9.79 -20.19 -34.61
C16 WVN FE . -1.88 -30.07 -20.06
C17 WVN FE . -11.08 -17.26 -33.52
C18 WVN FE . -9.42 -17.89 -31.78
C19 WVN FE . -4.61 -31.55 -21.70
C20 WVN FE . -10.49 -20.54 -32.34
C21 WVN FE . -10.05 -21.67 -34.82
C22 WVN FE . -6.10 -31.59 -22.04
C23 WVN FE . -11.66 -20.84 -31.80
C24 WVN FE . -6.93 -32.73 -21.51
C25 WVN FE . -11.56 -21.87 -30.68
C26 WVN FE . -6.64 -30.63 -22.75
C27 WVN FE . -10.24 -22.63 -30.61
C28 WVN FE . -12.50 -22.16 -29.80
C29 WVN FE . -8.13 -30.63 -23.10
C30 WVN FE . -12.08 -23.26 -28.80
C31 WVN FE . -8.73 -29.47 -23.01
C32 WVN FE . -10.19 -29.17 -23.33
C33 WVN FE . -12.82 -24.11 -28.13
C34 WVN FE . -12.00 -25.06 -27.27
C35 WVN FE . -11.37 -29.84 -22.62
C36 WVN FE . -10.37 -28.25 -24.24
C37 WVN FE . -12.46 -25.71 -26.22
C38 WVN FE . -10.55 -25.28 -27.70
C39 WVN FE . -11.67 -27.68 -24.79
C40 WVN FE . -11.45 -26.61 -25.51
C1 LMG GE . 0.62 -45.04 -26.77
O1 LMG GE . 0.58 -44.31 -28.00
C2 LMG GE . -0.29 -44.47 -25.70
O2 LMG GE . 0.10 -43.13 -25.38
C3 LMG GE . -0.23 -45.34 -24.45
O3 LMG GE . -1.23 -44.93 -23.51
C4 LMG GE . -0.51 -46.80 -24.79
O4 LMG GE . -1.90 -46.94 -25.12
C5 LMG GE . 0.33 -47.27 -25.97
O5 LMG GE . 0.37 -49.61 -25.46
C6 LMG GE . -0.06 -48.66 -26.43
O6 LMG GE . 0.19 -46.37 -27.06
C7 LMG GE . 1.40 -45.00 -28.93
C8 LMG GE . 0.89 -44.96 -30.38
C9 LMG GE . -0.58 -45.38 -30.51
O7 LMG GE . 1.03 -43.67 -30.95
C10 LMG GE . 1.92 -43.76 -32.09
O9 LMG GE . 2.52 -44.80 -32.30
C11 LMG GE . 2.10 -42.61 -33.02
C12 LMG GE . 2.28 -43.13 -34.44
C13 LMG GE . 1.17 -42.58 -35.33
C14 LMG GE . 1.78 -41.91 -36.56
C15 LMG GE . 2.66 -40.73 -36.14
C16 LMG GE . 2.94 -39.80 -37.31
C17 LMG GE . 3.44 -40.57 -38.52
C18 LMG GE . 2.81 -40.06 -39.82
C19 LMG GE . 3.26 -38.65 -40.19
C20 LMG GE . 2.97 -38.42 -41.67
C21 LMG GE . 3.27 -36.99 -42.09
C22 LMG GE . 4.59 -36.50 -41.53
C23 LMG GE . 4.84 -35.04 -41.86
C24 LMG GE . 3.82 -34.12 -41.21
C25 LMG GE . 3.73 -34.30 -39.70
C26 LMG GE . 2.31 -34.05 -39.19
C27 LMG GE . 1.41 -35.25 -39.39
O8 LMG GE . -1.13 -44.57 -31.55
C28 LMG GE . -1.54 -45.12 -32.84
O10 LMG GE . -1.28 -46.27 -33.13
C29 LMG GE . -2.32 -44.26 -33.80
C30 LMG GE . -2.17 -44.71 -35.25
C31 LMG GE . -3.17 -43.92 -36.09
C32 LMG GE . -2.76 -43.82 -37.55
C33 LMG GE . -3.71 -42.90 -38.32
C34 LMG GE . -3.16 -42.65 -39.72
C35 LMG GE . -3.48 -41.25 -40.21
C36 LMG GE . -2.65 -40.85 -41.42
C37 LMG GE . -1.17 -40.78 -41.08
C38 LMG GE . -0.91 -39.67 -40.07
C10 WVN HE . -2.15 19.77 13.24
C11 WVN HE . -22.65 16.90 7.73
C12 WVN HE . -2.97 18.74 14.01
C13 WVN HE . -3.37 21.29 14.87
C14 WVN HE . -2.82 18.98 15.50
C01 WVN HE . -24.35 16.98 5.89
C02 WVN HE . -24.15 17.03 7.41
C03 WVN HE . -25.68 17.63 5.52
C04 WVN HE . -25.73 19.09 5.95
C05 WVN HE . -24.80 18.24 8.09
C06 WVN HE . -2.57 21.19 13.57
C07 WVN HE . -23.21 17.63 5.11
C08 WVN HE . -24.38 15.52 5.46
C09 WVN HE . -25.27 19.27 7.39
C15 WVN HE . -3.05 20.44 15.83
C16 WVN HE . -25.23 18.15 9.55
C17 WVN HE . -3.38 21.75 12.40
C18 WVN HE . -1.30 22.01 13.67
C19 WVN HE . -22.26 16.34 8.85
C20 WVN HE . -4.78 21.88 14.84
C21 WVN HE . -3.10 20.85 17.30
C22 WVN HE . -20.78 16.18 9.14
C23 WVN HE . -5.81 21.07 14.94
C24 WVN HE . -20.15 14.80 8.94
C25 WVN HE . -7.24 21.54 14.90
C26 WVN HE . -20.05 17.19 9.54
C27 WVN HE . -7.60 23.01 15.03
C28 WVN HE . -8.18 20.62 14.72
C29 WVN HE . -18.56 17.04 9.82
C30 WVN HE . -9.66 20.93 14.62
C31 WVN HE . -18.10 17.34 11.01
C32 WVN HE . -16.61 17.24 11.36
C33 WVN HE . -10.38 19.99 14.04
C34 WVN HE . -11.88 20.11 13.80
C35 WVN HE . -15.91 15.89 11.33
C36 WVN HE . -15.97 18.32 11.73
C37 WVN HE . -12.57 19.05 13.42
C38 WVN HE . -12.51 21.48 13.96
C39 WVN HE . -14.50 18.34 12.13
C40 WVN HE . -14.06 19.08 13.12
MG CLA IE . -21.44 32.40 14.45
CHA CLA IE . -22.20 35.42 12.92
CHB CLA IE . -18.23 32.69 13.32
CHC CLA IE . -20.47 29.94 16.65
CHD CLA IE . -24.62 32.47 15.97
NA CLA IE . -20.42 33.81 13.30
C1A CLA IE . -20.91 35.00 12.76
C2A CLA IE . -19.85 35.71 11.96
C3A CLA IE . -18.74 34.65 11.84
C4A CLA IE . -19.13 33.65 12.92
CMA CLA IE . -18.85 34.07 10.47
CAA CLA IE . -19.31 36.94 12.64
CBA CLA IE . -18.82 37.86 11.55
CGA CLA IE . -18.28 39.12 12.13
O1A CLA IE . -17.94 40.12 11.50
O2A CLA IE . -18.18 39.12 13.48
NB CLA IE . -19.69 31.50 14.90
C1B CLA IE . -18.51 31.71 14.29
C2B CLA IE . -17.51 30.73 14.77
C3B CLA IE . -18.12 29.96 15.71
C4B CLA IE . -19.52 30.43 15.80
CMB CLA IE . -16.13 30.69 14.31
CAB CLA IE . -17.56 28.90 16.48
CBB CLA IE . -17.95 27.63 16.50
NC CLA IE . -22.39 31.39 16.01
C1C CLA IE . -21.82 30.39 16.74
C2C CLA IE . -22.78 29.87 17.70
C3C CLA IE . -23.95 30.62 17.53
C4C CLA IE . -23.69 31.55 16.44
CMC CLA IE . -22.52 28.81 18.64
CAC CLA IE . -25.21 30.49 18.24
CBC CLA IE . -25.24 31.37 19.45
ND CLA IE . -23.05 33.62 14.50
C1D CLA IE . -24.35 33.44 15.03
C2D CLA IE . -25.25 34.48 14.50
C3D CLA IE . -24.45 35.31 13.74
C4D CLA IE . -23.10 34.72 13.76
CMD CLA IE . -26.67 34.60 14.79
CAD CLA IE . -24.39 36.49 12.91
OBD CLA IE . -25.25 37.34 12.68
CBD CLA IE . -22.98 36.57 12.32
CGD CLA IE . -23.17 36.50 10.83
O1D CLA IE . -23.21 35.51 10.12
O2D CLA IE . -23.33 37.70 10.21
CED CLA IE . -24.08 37.69 9.01
C1 CLA IE . -17.11 39.87 14.14
C2 CLA IE . -15.77 39.64 13.53
C3 CLA IE . -15.13 38.46 13.47
C4 CLA IE . -13.80 38.35 12.82
C5 CLA IE . -15.70 37.21 14.04
C6 CLA IE . -15.19 36.85 15.43
C7 CLA IE . -16.05 35.76 16.02
C8 CLA IE . -17.46 36.31 16.14
C9 CLA IE . -17.63 37.08 17.43
C10 CLA IE . -18.49 35.19 16.00
C11 CLA IE . -18.77 34.55 17.33
C12 CLA IE . -20.13 33.89 17.34
C13 CLA IE . -20.34 32.98 18.54
C14 CLA IE . -21.65 33.31 19.22
C15 CLA IE . -19.23 33.11 19.55
C16 CLA IE . -19.35 32.09 20.62
C17 CLA IE . -18.48 32.56 21.76
C18 CLA IE . -18.32 31.56 22.88
C19 CLA IE . -18.01 32.33 24.13
C20 CLA IE . -19.58 30.73 23.08
C10 WVN JE . 9.37 -13.81 -26.96
C11 WVN JE . 28.00 -10.11 -13.10
C12 WVN JE . 9.44 -14.39 -28.37
C13 WVN JE . 11.83 -13.51 -27.09
C14 WVN JE . 10.52 -13.70 -29.20
C01 WVN JE . 29.28 -10.47 -10.90
C02 WVN JE . 28.86 -11.08 -12.26
C03 WVN JE . 30.60 -10.98 -10.32
C04 WVN JE . 31.04 -12.32 -10.90
C05 WVN JE . 30.09 -11.57 -13.05
C06 WVN JE . 10.68 -14.10 -26.27
C07 WVN JE . 29.29 -8.95 -10.92
C08 WVN JE . 28.22 -10.92 -9.90
C09 WVN JE . 31.05 -12.19 -12.42
C15 WVN JE . 11.68 -13.17 -28.36
C16 WVN JE . 30.02 -11.82 -14.56
C17 WVN JE . 10.79 -15.62 -26.12
C18 WVN JE . 10.67 -13.50 -24.87
C19 WVN JE . 26.92 -10.58 -13.68
C20 WVN JE . 13.17 -13.19 -26.41
C21 WVN JE . 12.87 -12.60 -29.12
C22 WVN JE . 25.93 -9.79 -14.54
C23 WVN JE . 13.93 -14.20 -26.09
C24 WVN JE . 25.81 -8.29 -14.36
C25 WVN JE . 15.28 -14.13 -25.40
C26 WVN JE . 25.22 -10.46 -15.41
C27 WVN JE . 16.28 -15.19 -25.82
C28 WVN JE . 15.60 -13.24 -24.50
C29 WVN JE . 24.16 -9.86 -16.32
C30 WVN JE . 16.97 -13.32 -23.83
C31 WVN JE . 23.42 -10.74 -16.95
C32 WVN JE . 22.24 -10.43 -17.87
C33 WVN JE . 17.51 -12.32 -23.17
C34 WVN JE . 18.85 -12.51 -22.48
C35 WVN JE . 21.41 -9.19 -17.62
C36 WVN JE . 21.94 -11.27 -18.84
C37 WVN JE . 19.27 -11.62 -21.62
C38 WVN JE . 19.69 -13.76 -22.73
C39 WVN JE . 20.74 -11.10 -19.74
C40 WVN JE . 20.56 -11.82 -20.84
C10 WVN KE . -4.86 -12.83 -25.34
C11 WVN KE . 11.43 -18.75 -41.65
C12 WVN KE . -5.49 -14.20 -25.14
C13 WVN KE . -3.61 -13.73 -27.37
C14 WVN KE . -4.66 -15.32 -25.74
C01 WVN KE . 12.82 -20.20 -43.21
C02 WVN KE . 11.95 -18.93 -43.08
C03 WVN KE . 13.75 -20.23 -44.41
C04 WVN KE . 13.75 -18.99 -45.29
C05 WVN KE . 12.75 -17.70 -43.49
C06 WVN KE . -4.39 -12.57 -26.77
C07 WVN KE . 13.66 -20.40 -41.94
C08 WVN KE . 11.91 -21.40 -43.38
C09 WVN KE . 13.68 -17.76 -44.39
C15 WVN KE . -3.68 -14.94 -26.86
C16 WVN KE . 12.23 -16.32 -43.13
C17 WVN KE . -3.52 -11.31 -26.67
C18 WVN KE . -5.56 -12.31 -27.69
C19 WVN KE . 10.18 -19.05 -41.40
C20 WVN KE . -3.17 -13.57 -28.83
C21 WVN KE . -2.90 -16.09 -27.46
C22 WVN KE . 9.47 -18.95 -40.06
C23 WVN KE . -1.94 -13.21 -29.13
C24 WVN KE . 9.23 -20.21 -39.23
C25 WVN KE . -1.45 -13.03 -30.56
C26 WVN KE . 9.02 -17.78 -39.65
C27 WVN KE . -2.24 -12.24 -31.58
C28 WVN KE . -0.29 -13.54 -30.88
C29 WVN KE . 8.25 -17.68 -38.34
C30 WVN KE . 0.33 -13.42 -32.26
C31 WVN KE . 7.52 -16.62 -38.14
C32 WVN KE . 6.71 -16.57 -36.86
C33 WVN KE . 1.56 -13.83 -32.33
C34 WVN KE . 2.41 -13.79 -33.59
C35 WVN KE . 6.74 -17.82 -36.01
C36 WVN KE . 5.94 -15.55 -36.53
C37 WVN KE . 3.25 -14.77 -33.84
C38 WVN KE . 2.31 -12.60 -34.54
C39 WVN KE . 5.11 -15.61 -35.24
C40 WVN KE . 4.12 -14.75 -35.09
MG CLA LE . 26.48 -19.38 -32.07
CHA CLA LE . 28.50 -18.65 -34.79
CHB CLA LE . 24.82 -21.65 -34.00
CHC CLA LE . 25.21 -20.83 -29.29
CHD CLA LE . 28.72 -17.53 -30.03
NA CLA LE . 26.65 -20.01 -34.06
C1A CLA LE . 27.53 -19.57 -35.05
C2A CLA LE . 27.27 -20.29 -36.37
C3A CLA LE . 25.96 -21.07 -36.11
C4A CLA LE . 25.79 -20.91 -34.61
CMA CLA LE . 24.73 -20.58 -36.82
CAA CLA LE . 28.36 -21.31 -36.65
CBA CLA LE . 29.18 -20.91 -37.85
NB CLA LE . 25.30 -20.97 -31.73
C1B CLA LE . 24.58 -21.63 -32.64
C2B CLA LE . 23.47 -22.38 -32.05
C3B CLA LE . 23.57 -22.16 -30.70
C4B CLA LE . 24.76 -21.29 -30.48
CMB CLA LE . 22.57 -23.17 -32.89
CAB CLA LE . 22.81 -22.63 -29.58
CBB CLA LE . 21.81 -23.50 -29.60
NC CLA LE . 26.82 -19.12 -30.03
C1C CLA LE . 26.12 -19.76 -29.05
C2C CLA LE . 26.55 -19.31 -27.73
C3C CLA LE . 27.62 -18.43 -27.95
C4C CLA LE . 27.75 -18.31 -29.39
CMC CLA LE . 26.03 -19.75 -26.44
CAC CLA LE . 28.38 -17.71 -26.92
CBC CLA LE . 27.96 -16.29 -26.66
ND CLA LE . 28.13 -18.26 -32.30
C1D CLA LE . 28.93 -17.52 -31.38
C2D CLA LE . 29.95 -16.79 -32.13
C3D CLA LE . 29.81 -17.16 -33.44
C4D CLA LE . 28.70 -18.12 -33.48
CMD CLA LE . 30.92 -15.88 -31.54
CAD CLA LE . 30.30 -17.00 -34.79
OBD CLA LE . 31.16 -16.23 -35.21
CBD CLA LE . 29.53 -18.00 -35.68
CGD CLA LE . 28.89 -17.31 -36.84
O1D CLA LE . 27.69 -17.18 -37.07
O2D CLA LE . 29.78 -16.78 -37.73
CED CLA LE . 29.31 -15.78 -38.64
C03 II0 ME . 27.27 -13.17 -31.37
C04 II0 ME . 23.35 -22.33 -10.59
C05 II0 ME . 27.76 -11.84 -32.21
C06 II0 ME . 23.45 -23.47 -9.39
C07 II0 ME . 26.82 -11.42 -33.07
C08 II0 ME . 24.68 -24.08 -9.38
C09 II0 ME . 25.86 -13.06 -30.95
C10 II0 ME . 24.39 -21.35 -10.46
C11 II0 ME . 25.44 -10.85 -32.27
C12 II0 ME . 25.94 -23.02 -9.15
C13 II0 ME . 25.05 -11.72 -31.21
C14 II0 ME . 25.68 -21.66 -9.59
C15 II0 ME . 27.36 -14.40 -32.33
C16 II0 ME . 28.22 -13.43 -30.15
C17 II0 ME . 23.47 -23.01 -11.98
C18 II0 ME . 21.97 -21.60 -10.51
C19 II0 ME . 23.77 -11.47 -30.44
C20 II0 ME . 26.74 -20.55 -9.42
C21 II0 ME . 25.36 -13.97 -29.81
C22 II0 ME . 24.25 -19.97 -11.14
C23 II0 ME . 24.96 -14.69 -28.94
C24 II0 ME . 24.17 -18.96 -11.77
C25 II0 ME . 24.41 -15.49 -27.74
C26 II0 ME . 24.20 -17.79 -12.75
C27 II0 ME . 23.62 -16.73 -28.04
C28 II0 ME . 24.42 -16.36 -12.33
C29 II0 ME . 24.64 -15.03 -26.45
C30 II0 ME . 24.05 -18.20 -14.01
C31 II0 ME . 24.15 -15.82 -25.19
C32 II0 ME . 24.06 -17.28 -15.25
C33 II0 ME . 23.36 -15.27 -24.26
C34 II0 ME . 23.00 -16.58 -15.63
C35 II0 ME . 23.02 -16.14 -23.06
C36 II0 ME . 23.21 -15.76 -16.88
C37 II0 ME . 22.47 -17.54 -23.18
C38 II0 ME . 23.75 -14.34 -16.80
C39 II0 ME . 23.28 -15.59 -21.85
C40 II0 ME . 22.92 -16.35 -18.05
C41 II0 ME . 23.04 -16.33 -20.53
C42 II0 ME . 23.14 -15.60 -19.39
O01 II0 ME . 27.38 -10.35 -33.78
O02 II0 ME . 24.68 -25.01 -8.30
MG CLA NE . 10.42 -24.67 -47.29
CHA CLA NE . 11.00 -21.31 -48.08
CHB CLA NE . 12.45 -25.62 -49.83
CHC CLA NE . 9.39 -27.90 -46.80
CHD CLA NE . 8.16 -23.60 -44.75
NA CLA NE . 11.55 -23.60 -48.68
C1A CLA NE . 11.68 -22.21 -48.87
C2A CLA NE . 12.68 -21.95 -50.02
C3A CLA NE . 13.38 -23.31 -50.19
C4A CLA NE . 12.38 -24.26 -49.56
CMA CLA NE . 13.70 -23.67 -51.63
CAA CLA NE . 13.73 -20.87 -49.79
CBA CLA NE . 13.42 -19.75 -50.75
CGA CLA NE . 14.31 -18.55 -50.67
O1A CLA NE . 14.73 -17.97 -49.68
O2A CLA NE . 14.70 -18.11 -51.91
NB CLA NE . 10.84 -26.42 -48.17
C1B CLA NE . 11.63 -26.60 -49.26
C2B CLA NE . 11.51 -28.00 -49.76
C3B CLA NE . 10.64 -28.64 -48.90
C4B CLA NE . 10.22 -27.66 -47.86
CMB CLA NE . 12.25 -28.47 -50.92
CAB CLA NE . 10.21 -30.01 -48.89
CBB CLA NE . 11.04 -31.05 -48.78
NC CLA NE . 9.07 -25.57 -45.97
C1C CLA NE . 8.86 -26.93 -45.90
C2C CLA NE . 7.94 -27.23 -44.81
C3C CLA NE . 7.53 -26.01 -44.29
C4C CLA NE . 8.24 -24.98 -45.02
CMC CLA NE . 7.53 -28.59 -44.43
CAC CLA NE . 6.60 -25.79 -43.17
CBC CLA NE . 7.27 -25.61 -41.84
ND CLA NE . 9.75 -22.94 -46.51
C1D CLA NE . 8.87 -22.64 -45.43
C2D CLA NE . 8.83 -21.18 -45.24
C3D CLA NE . 9.59 -20.63 -46.24
C4D CLA NE . 10.15 -21.75 -47.01
CMD CLA NE . 8.09 -20.49 -44.22
CAD CLA NE . 10.12 -19.40 -46.78
OBD CLA NE . 10.00 -18.24 -46.38
CBD CLA NE . 10.95 -19.79 -48.01
CGD CLA NE . 10.33 -19.20 -49.26
O1D CLA NE . 9.60 -19.75 -50.08
O2D CLA NE . 10.64 -17.88 -49.43
CED CLA NE . 10.27 -17.25 -50.65
C1 CLA NE . 13.74 -18.13 -53.00
C2 CLA NE . 14.53 -18.48 -54.21
C3 CLA NE . 14.32 -19.59 -54.93
C4 CLA NE . 13.27 -20.58 -54.57
C5 CLA NE . 15.14 -19.92 -56.14
C6 CLA NE . 16.30 -18.97 -56.38
C1 LMG OE . 23.74 -38.39 -14.48
O1 LMG OE . 23.85 -38.61 -15.88
C2 LMG OE . 22.27 -38.43 -14.09
O2 LMG OE . 21.62 -37.32 -14.70
C3 LMG OE . 22.11 -38.33 -12.57
O3 LMG OE . 20.74 -38.48 -12.19
C4 LMG OE . 22.93 -39.41 -11.91
O4 LMG OE . 22.38 -40.66 -12.30
C5 LMG OE . 24.38 -39.29 -12.37
O5 LMG OE . 26.64 -39.85 -11.81
C6 LMG OE . 25.30 -40.30 -11.70
O6 LMG OE . 24.46 -39.42 -13.80
C7 LMG OE . 25.19 -38.59 -16.34
C8 LMG OE . 25.26 -37.63 -17.51
C9 LMG OE . 24.70 -38.25 -18.75
O7 LMG OE . 24.39 -36.54 -17.25
C10 LMG OE . 25.10 -35.30 -17.10
O9 LMG OE . 26.25 -35.19 -17.48
C11 LMG OE . 24.38 -34.16 -16.46
C12 LMG OE . 24.75 -32.89 -17.17
C13 LMG OE . 24.32 -32.84 -18.62
C14 LMG OE . 24.92 -31.60 -19.28
C15 LMG OE . 24.46 -30.32 -18.59
C16 LMG OE . 25.64 -29.59 -17.97
C17 LMG OE . 26.54 -29.01 -19.04
C18 LMG OE . 27.67 -28.18 -18.45
C19 LMG OE . 27.15 -27.10 -17.53
C20 LMG OE . 28.21 -26.26 -16.88
C21 LMG OE . 27.73 -24.81 -16.91
C22 LMG OE . 28.01 -24.13 -18.23
C23 LMG OE . 28.61 -22.75 -17.98
C24 LMG OE . 29.90 -22.89 -17.19
C25 LMG OE . 30.62 -21.56 -17.04
C26 LMG OE . 31.56 -21.63 -15.84
C27 LMG OE . 32.61 -22.69 -16.06
O8 LMG OE . 24.94 -37.34 -19.82
C28 LMG OE . 23.89 -37.06 -20.79
O10 LMG OE . 22.89 -37.74 -20.75
C29 LMG OE . 24.04 -35.90 -21.76
C30 LMG OE . 24.19 -36.38 -23.21
C31 LMG OE . 24.74 -37.79 -23.29
C32 LMG OE . 25.37 -38.12 -24.64
C33 LMG OE . 24.33 -37.88 -25.73
C34 LMG OE . 25.05 -37.47 -27.00
C35 LMG OE . 24.08 -37.23 -28.15
C36 LMG OE . 23.18 -36.04 -27.91
C37 LMG OE . 23.97 -34.80 -27.54
C38 LMG OE . 23.08 -33.57 -27.47
C39 LMG OE . 22.74 -33.06 -28.87
C40 LMG OE . 22.57 -31.56 -28.80
C41 LMG OE . 21.97 -31.02 -30.10
C42 LMG OE . 21.60 -29.56 -29.93
C43 LMG OE . 20.84 -29.08 -31.16
C44 LMG OE . 21.79 -28.52 -32.22
C45 LMG OE . 22.82 -27.59 -31.61
O1 LHG PE . 5.66 -21.31 -46.34
C1 LHG PE . 4.91 -21.42 -47.56
C2 LHG PE . 5.83 -21.05 -48.71
O2 LHG PE . 5.21 -21.35 -49.97
C3 LHG PE . 7.11 -21.86 -48.53
O3 LHG PE . 6.78 -23.11 -47.95
P LHG PE . 6.91 -24.49 -48.77
O4 LHG PE . 8.25 -25.07 -48.28
O5 LHG PE . 6.71 -24.12 -50.22
O6 LHG PE . 5.54 -25.22 -48.29
C4 LHG PE . 5.29 -25.68 -46.96
C5 LHG PE . 3.80 -25.87 -46.61
C6 LHG PE . 3.24 -27.20 -47.11
O7 LHG PE . 3.76 -25.87 -45.18
C7 LHG PE . 3.56 -24.55 -44.57
O9 LHG PE . 3.68 -23.53 -45.22
C8 LHG PE . 3.15 -24.46 -43.12
C9 LHG PE . 1.73 -24.95 -42.94
C10 LHG PE . 1.56 -25.50 -41.53
O8 LHG PE . 2.22 -27.67 -46.21
C23 LHG PE . 1.70 -29.03 -46.29
O10 LHG PE . 1.78 -29.63 -47.35
C24 LHG PE . 1.10 -29.72 -45.08
C11 LHG PE . 2.62 -26.57 -41.30
C12 LHG PE . 2.44 -27.21 -39.93
C13 LHG PE . 2.73 -26.24 -38.79
C14 LHG PE . 2.51 -26.93 -37.45
C15 LHG PE . 3.17 -28.31 -37.42
C16 LHG PE . 2.57 -29.20 -36.34
C17 LHG PE . 1.05 -29.13 -36.32
C18 LHG PE . 0.41 -30.43 -36.79
C19 LHG PE . 0.39 -30.54 -38.33
C20 LHG PE . -0.57 -29.54 -38.98
C21 LHG PE . -0.47 -29.68 -40.50
C22 LHG PE . -1.36 -28.70 -41.25
C25 LHG PE . 0.74 -31.17 -45.40
C26 LHG PE . 0.66 -32.02 -44.12
C27 LHG PE . 0.49 -33.51 -44.40
C28 LHG PE . -0.98 -33.88 -44.63
C29 LHG PE . -1.20 -35.36 -44.91
C30 LHG PE . -0.70 -35.71 -46.30
C31 LHG PE . -1.62 -35.15 -47.39
C32 LHG PE . -0.84 -34.65 -48.59
C33 LHG PE . 0.31 -33.77 -48.10
C34 LHG PE . 0.81 -32.83 -49.17
C35 LHG PE . -0.27 -31.86 -49.62
C36 LHG PE . 0.38 -30.58 -50.14
C37 LHG PE . 1.53 -30.88 -51.10
C38 LHG PE . 2.29 -29.61 -51.45
C10 WVN QE . -5.07 21.99 30.71
C11 WVN QE . -17.88 8.97 16.64
C12 WVN QE . -4.12 21.72 31.85
C13 WVN QE . -5.83 19.57 31.03
C14 WVN QE . -4.84 20.91 32.91
C01 WVN QE . -20.10 8.26 15.70
C02 WVN QE . -18.84 7.80 16.42
C03 WVN QE . -21.25 7.31 16.03
C04 WVN QE . -21.53 7.31 17.53
C05 WVN QE . -19.11 7.00 17.70
C06 WVN QE . -5.68 20.75 30.08
C07 WVN QE . -20.47 9.72 16.00
C08 WVN QE . -19.73 8.17 14.24
C09 WVN QE . -20.23 7.19 18.35
C15 WVN QE . -5.49 19.66 32.31
C16 WVN QE . -18.41 5.64 17.88
C17 WVN QE . -4.86 20.34 28.87
C18 WVN QE . -7.05 21.18 29.59
C19 WVN QE . -17.26 9.02 17.77
C20 WVN QE . -6.99 18.63 30.69
C21 WVN QE . -5.45 18.41 33.19
C22 WVN QE . -16.27 10.12 18.08
C23 WVN QE . -6.80 17.48 30.09
C24 WVN QE . -15.43 10.71 16.96
C25 WVN QE . -7.97 16.55 29.77
C26 WVN QE . -16.13 10.48 19.33
C27 WVN QE . -8.71 15.83 30.88
C28 WVN QE . -8.30 16.34 28.53
C29 WVN QE . -15.12 11.54 19.71
C30 WVN QE . -9.43 15.40 28.14
C31 WVN QE . -14.67 11.46 20.93
C32 WVN QE . -13.62 12.44 21.42
C33 WVN QE . -9.84 15.46 26.91
C34 WVN QE . -10.93 14.56 26.37
C35 WVN QE . -12.74 13.17 20.41
C36 WVN QE . -13.49 12.65 22.70
C37 WVN QE . -11.15 14.54 25.07
C38 WVN QE . -11.74 13.67 27.31
C39 WVN QE . -12.44 13.61 23.21
C40 WVN QE . -12.22 13.63 24.50
MG CLA RE . 2.90 29.14 42.09
CHA CLA RE . 1.90 30.18 45.24
CHB CLA RE . 0.91 31.54 40.71
CHC CLA RE . 4.43 28.62 39.09
CHD CLA RE . 5.30 27.02 43.61
NA CLA RE . 1.61 30.60 42.87
C1A CLA RE . 1.32 30.86 44.21
C2A CLA RE . 0.27 31.97 44.33
C3A CLA RE . -0.19 32.18 42.88
C4A CLA RE . 0.85 31.40 42.08
CMA CLA RE . -1.58 31.65 42.67
CAA CLA RE . 0.87 33.23 44.96
CBA CLA RE . 1.24 34.27 43.93
CGA CLA RE . 2.72 34.30 43.82
O1A CLA RE . 3.48 33.51 43.24
O2A CLA RE . 3.24 35.37 44.47
NB CLA RE . 2.69 29.91 40.25
C1B CLA RE . 1.84 30.89 39.90
C2B CLA RE . 2.00 31.24 38.47
C3B CLA RE . 3.00 30.44 37.98
C4B CLA RE . 3.47 29.58 39.10
CMB CLA RE . 1.20 32.27 37.86
CAB CLA RE . 3.51 30.44 36.62
CBB CLA RE . 4.71 30.05 36.18
NC CLA RE . 4.50 27.97 41.46
C1C CLA RE . 4.89 27.84 40.17
C2C CLA RE . 5.95 26.86 40.05
C3C CLA RE . 6.26 26.48 41.35
C4C CLA RE . 5.33 27.16 42.22
CMC CLA RE . 6.57 26.44 38.80
CAC CLA RE . 7.26 25.47 41.75
CBC CLA RE . 8.50 26.09 42.33
ND CLA RE . 3.52 28.67 43.94
C1D CLA RE . 4.48 27.74 44.43
C2D CLA RE . 4.39 27.70 45.91
C3D CLA RE . 3.42 28.62 46.27
C4D CLA RE . 2.92 29.21 45.01
CMD CLA RE . 5.18 26.86 46.78
CAD CLA RE . 2.68 29.23 47.35
OBD CLA RE . 2.73 29.01 48.54
CBD CLA RE . 1.73 30.27 46.74
CGD CLA RE . 0.32 30.07 47.24
O1D CLA RE . -0.29 30.76 48.05
O2D CLA RE . -0.33 29.01 46.72
CED CLA RE . -1.68 29.23 46.32
C1 CLA RE . 4.62 35.71 44.20
C2 CLA RE . 4.65 36.77 43.16
C3 CLA RE . 5.83 37.31 42.75
C4 CLA RE . 5.90 38.37 41.73
MG CLA SE . 1.03 22.46 31.46
CHA CLA SE . 2.02 22.95 34.74
CHB CLA SE . 3.66 24.40 30.44
CHC CLA SE . 0.54 21.44 28.24
CHD CLA SE . -1.12 19.90 32.59
NA CLA SE . 2.57 23.49 32.45
C1A CLA SE . 2.80 23.56 33.82
C2A CLA SE . 4.04 24.42 34.12
C3A CLA SE . 4.44 24.97 32.74
C4A CLA SE . 3.51 24.23 31.79
CMA CLA SE . 4.28 26.45 32.63
CAA CLA SE . 5.17 23.57 34.68
CBA CLA SE . 5.32 22.23 34.01
CGA CLA SE . 6.50 21.45 34.53
O1A CLA SE . 6.96 21.47 35.67
O2A CLA SE . 7.05 20.59 33.61
NB CLA SE . 1.94 22.83 29.71
C1B CLA SE . 2.88 23.77 29.49
C2B CLA SE . 3.01 24.07 28.04
C3B CLA SE . 2.13 23.25 27.40
C4B CLA SE . 1.44 22.44 28.45
CMB CLA SE . 3.98 25.03 27.54
CAB CLA SE . 1.89 23.07 26.00
CBB CLA SE . 1.62 24.04 25.13
NC CLA SE . -0.08 20.93 30.58
C1C CLA SE . -0.14 20.71 29.23
C2C CLA SE . -1.05 19.61 28.96
C3C CLA SE . -1.49 19.14 30.20
C4C CLA SE . -0.88 19.99 31.21
CMC CLA SE . -1.36 19.13 27.62
CAC CLA SE . -2.42 18.04 30.47
CBC CLA SE . -1.74 16.86 31.09
ND CLA SE . 0.54 21.56 33.21
C1D CLA SE . -0.47 20.64 33.54
C2D CLA SE . -0.66 20.61 35.00
C3D CLA SE . 0.28 21.48 35.51
C4D CLA SE . 1.01 22.02 34.36
CMD CLA SE . -1.63 19.82 35.73
CAD CLA SE . 0.85 22.07 36.70
OBD CLA SE . 0.56 21.89 37.86
CBD CLA SE . 1.97 23.03 36.25
CGD CLA SE . 1.56 24.40 36.70
O1D CLA SE . 0.59 25.07 36.31
O2D CLA SE . 2.34 24.94 37.66
CED CLA SE . 2.17 26.34 37.83
C1 CLA SE . 7.31 19.25 34.07
C2 CLA SE . 7.73 18.44 32.89
C3 CLA SE . 7.68 17.09 32.91
C4 CLA SE . 7.22 16.33 34.09
C5 CLA SE . 8.06 16.28 31.73
C6 CLA SE . 9.37 15.58 31.91
C7 CLA SE . 10.48 16.39 31.29
C8 CLA SE . 11.87 15.77 31.37
C9 CLA SE . 11.93 14.50 32.21
C10 CLA SE . 12.88 16.79 31.89
C11 CLA SE . 14.27 16.30 31.58
C12 CLA SE . 15.33 17.19 32.17
C13 CLA SE . 16.77 16.82 31.82
C14 CLA SE . 16.95 15.37 31.42
C15 CLA SE . 17.75 17.10 32.96
C16 CLA SE . 17.13 17.06 34.35
C17 CLA SE . 18.14 17.50 35.39
C18 CLA SE . 17.72 17.29 36.85
C19 CLA SE . 16.24 17.51 37.08
C20 CLA SE . 18.15 15.93 37.34
MG CLA TE . 4.95 33.34 24.79
CHA CLA TE . 5.09 36.36 26.45
CHB CLA TE . 4.78 34.97 21.81
CHC CLA TE . 5.43 30.36 23.17
CHD CLA TE . 5.79 31.75 27.83
NA CLA TE . 4.93 35.35 24.24
C1A CLA TE . 4.97 36.47 25.09
C2A CLA TE . 4.89 37.77 24.30
C3A CLA TE . 4.64 37.29 22.86
C4A CLA TE . 4.79 35.77 22.95
CMA CLA TE . 3.28 37.73 22.42
CAA CLA TE . 6.09 38.69 24.48
CBA CLA TE . 7.08 38.71 23.35
CGA CLA TE . 8.33 38.16 23.94
O1A CLA TE . 8.47 37.03 24.42
O2A CLA TE . 9.39 38.99 23.93
NB CLA TE . 5.07 32.78 22.87
C1B CLA TE . 4.91 33.57 21.79
C2B CLA TE . 4.91 32.75 20.55
C3B CLA TE . 5.10 31.44 20.93
C4B CLA TE . 5.20 31.45 22.41
CMB CLA TE . 4.77 33.35 19.22
CAB CLA TE . 5.22 30.20 20.21
CBB CLA TE . 4.56 29.84 19.10
NC CLA TE . 5.47 31.41 25.41
C1C CLA TE . 5.54 30.33 24.59
C2C CLA TE . 5.83 29.13 25.35
C3C CLA TE . 6.01 29.54 26.66
C4C CLA TE . 5.75 30.97 26.69
CMC CLA TE . 5.99 27.79 24.82
CAC CLA TE . 6.31 28.69 27.82
CBC CLA TE . 5.10 28.42 28.69
ND CLA TE . 5.39 33.85 26.69
C1D CLA TE . 5.64 33.10 27.85
C2D CLA TE . 5.68 34.00 29.01
C3D CLA TE . 5.42 35.24 28.53
C4D CLA TE . 5.29 35.11 27.08
CMD CLA TE . 5.92 33.59 30.38
CAD CLA TE . 5.30 36.63 28.87
OBD CLA TE . 5.38 37.16 29.97
CBD CLA TE . 5.04 37.38 27.56
CGD CLA TE . 3.65 37.95 27.57
O1D CLA TE . 2.61 37.42 27.16
O2D CLA TE . 3.56 39.17 28.12
CED CLA TE . 2.29 39.51 28.65
C1 CLA TE . 10.41 38.69 24.90
C2 CLA TE . 11.66 38.43 24.15
C3 CLA TE . 12.87 38.76 24.62
C4 CLA TE . 13.07 39.39 25.95
C5 CLA TE . 14.09 38.48 23.83
C10 WVN UE . -8.11 41.13 36.84
C11 WVN UE . 11.08 28.25 32.16
C12 WVN UE . -8.79 40.53 38.06
C13 WVN UE . -6.99 38.87 36.52
C14 WVN UE . -8.01 39.36 38.66
C01 WVN UE . 13.05 26.77 32.30
C02 WVN UE . 12.54 28.09 31.74
C03 WVN UE . 14.56 26.67 32.14
C04 WVN UE . 15.31 27.84 32.78
C05 WVN UE . 13.35 29.28 32.24
C06 WVN UE . -7.62 40.10 35.84
C07 WVN UE . 12.43 25.62 31.51
C08 WVN UE . 12.64 26.60 33.76
C09 WVN UE . 14.64 29.19 32.49
C15 WVN UE . -7.61 38.39 37.58
C16 WVN UE . 12.68 30.65 32.41
C17 WVN UE . -6.64 40.77 34.89
C18 WVN UE . -8.84 39.69 35.01
C19 WVN UE . 10.21 28.39 31.19
C20 WVN UE . -5.49 38.61 36.34
C21 WVN UE . -8.35 37.06 37.52
C22 WVN UE . 8.72 28.54 31.37
C23 WVN UE . -4.87 37.60 36.91
C24 WVN UE . 7.83 27.41 30.91
C25 WVN UE . -3.36 37.37 36.73
C26 WVN UE . 8.21 29.63 31.91
C27 WVN UE . -2.36 38.28 37.42
C28 WVN UE . -2.87 36.40 35.99
C29 WVN UE . 6.69 29.77 32.03
C30 WVN UE . -1.35 36.21 35.86
C31 WVN UE . 6.20 30.86 32.56
C32 WVN UE . 4.71 31.12 32.66
C33 WVN UE . -0.86 35.13 35.28
C34 WVN UE . 0.63 34.90 35.13
C35 WVN UE . 3.74 30.38 31.75
C36 WVN UE . 4.30 32.03 33.51
C37 WVN UE . 1.05 33.76 34.64
C38 WVN UE . 1.61 35.98 35.56
C39 WVN UE . 2.83 32.39 33.70
C40 WVN UE . 2.52 33.44 34.44
C10 WVN VE . 4.75 18.10 31.27
C11 WVN VE . -8.88 26.78 16.43
C12 WVN VE . 4.26 16.67 31.45
C13 WVN VE . 3.24 18.34 29.37
C14 WVN VE . 3.60 16.08 30.22
C01 WVN VE . -11.17 26.35 15.59
C02 WVN VE . -10.34 26.59 16.84
C03 WVN VE . -12.67 26.40 15.84
C04 WVN VE . -13.11 26.94 17.19
C05 WVN VE . -10.86 27.78 17.67
C06 WVN VE . 3.76 19.02 30.63
C07 WVN VE . -10.82 27.34 14.49
C08 WVN VE . -10.86 24.95 15.07
C09 WVN VE . -12.15 28.01 17.69
C15 WVN VE . 2.81 17.09 29.44
C16 WVN VE . -10.10 28.24 18.90
C17 WVN VE . 4.46 20.33 30.27
C18 WVN VE . 2.66 19.27 31.65
C19 WVN VE . -8.04 26.10 17.16
C20 WVN VE . 3.50 18.99 28.02
C21 WVN VE . 1.59 16.63 28.66
C22 WVN VE . -6.54 26.03 17.02
C23 WVN VE . 4.18 18.35 27.10
C24 WVN VE . -5.77 26.71 15.89
C25 WVN VE . 4.39 19.03 25.76
C26 WVN VE . -5.95 25.33 17.93
C27 WVN VE . 5.80 19.03 25.18
C28 WVN VE . 3.36 19.58 25.15
C29 WVN VE . -4.45 25.09 17.97
C30 WVN VE . 3.57 20.25 23.81
C31 WVN VE . -4.09 24.28 18.92
C32 WVN VE . -2.63 23.91 19.09
C33 WVN VE . 2.73 20.82 22.96
C34 WVN VE . 1.23 21.10 22.93
C35 WVN VE . -1.67 24.17 17.95
C36 WVN VE . -2.28 23.32 20.22
C37 WVN VE . 0.81 21.75 21.87
C38 WVN VE . 0.22 20.70 24.00
C39 WVN VE . -0.86 22.87 20.54
C40 WVN VE . -0.63 22.17 21.61
MG CLA WE . 19.06 39.41 21.92
CHA CLA WE . 17.49 39.35 18.81
CHB CLA WE . 16.62 41.57 23.02
CHC CLA WE . 19.94 38.77 25.20
CHD CLA WE . 20.90 36.54 20.94
NA CLA WE . 17.40 40.34 21.03
C1A CLA WE . 16.91 40.19 19.72
C2A CLA WE . 15.68 41.06 19.50
C3A CLA WE . 15.66 41.95 20.75
C4A CLA WE . 16.62 41.23 21.69
CMA CLA WE . 16.17 43.33 20.49
CAA CLA WE . 14.41 40.24 19.39
CBA CLA WE . 14.44 38.96 20.18
CGA CLA WE . 13.34 38.05 19.72
O1A CLA WE . 13.01 37.79 18.56
O2A CLA WE . 12.65 37.49 20.76
NB CLA WE . 18.43 40.06 23.72
C1B CLA WE . 17.45 40.96 23.96
C2B CLA WE . 17.33 41.23 25.41
C3B CLA WE . 18.26 40.45 26.04
C4B CLA WE . 18.97 39.70 24.98
CMB CLA WE . 16.31 42.15 25.92
CAB CLA WE . 18.62 40.23 27.42
CBB CLA WE . 18.21 40.89 28.51
NC CLA WE . 20.29 38.00 22.86
C1C CLA WE . 20.57 37.99 24.20
C2C CLA WE . 21.51 36.94 24.51
C3C CLA WE . 21.69 36.22 23.34
C4C CLA WE . 20.93 36.91 22.29
CMC CLA WE . 22.07 36.64 25.82
CAC CLA WE . 22.54 35.03 23.20
CBC CLA WE . 23.91 35.28 22.68
ND CLA WE . 19.30 38.28 20.27
C1D CLA WE . 20.14 37.19 19.98
C2D CLA WE . 20.04 36.87 18.54
C3D CLA WE . 19.04 37.68 18.04
C4D CLA WE . 18.58 38.50 19.17
CMD CLA WE . 20.85 35.86 17.87
CAD CLA WE . 18.28 38.06 16.87
OBD CLA WE . 18.40 37.72 15.71
CBD CLA WE . 17.19 39.05 17.36
CGD CLA WE . 17.16 40.26 16.47
O1D CLA WE . 17.71 41.33 16.68
O2D CLA WE . 16.45 40.08 15.32
CED CLA WE . 16.54 41.06 14.30
C1 CLA WE . 12.30 36.10 20.62
C2 CLA WE . 12.36 35.49 21.97
C3 CLA WE . 12.57 34.18 22.18
C4 CLA WE . 12.75 33.22 21.07
C5 CLA WE . 12.64 33.63 23.56
C6 CLA WE . 13.41 34.53 24.49
C1 LMG XE . 7.99 48.05 30.21
O1 LMG XE . 7.19 46.90 30.55
C2 LMG XE . 8.08 48.93 31.45
O2 LMG XE . 6.86 49.66 31.63
C3 LMG XE . 9.26 49.91 31.46
O3 LMG XE . 9.97 49.74 32.68
C4 LMG XE . 10.28 49.78 30.35
O4 LMG XE . 11.46 49.26 30.96
C5 LMG XE . 9.93 48.80 29.24
O5 LMG XE . 10.69 47.61 27.36
C6 LMG XE . 11.16 48.40 28.46
O6 LMG XE . 9.29 47.67 29.80
C7 LMG XE . 7.92 45.72 30.88
C8 LMG XE . 7.18 45.00 32.01
C9 LMG XE . 6.92 45.97 33.15
O7 LMG XE . 5.99 44.39 31.56
C10 LMG XE . 5.91 43.02 32.04
O9 LMG XE . 6.10 42.81 33.23
C11 LMG XE . 5.53 41.90 31.12
C12 LMG XE . 5.50 40.57 31.86
C13 LMG XE . 6.89 39.98 32.01
C14 LMG XE . 7.57 39.90 30.65
C15 LMG XE . 8.98 39.40 30.81
C16 LMG XE . 9.68 39.38 29.47
C17 LMG XE . 8.94 38.47 28.51
C18 LMG XE . 9.25 37.00 28.78
C19 LMG XE . 8.93 36.24 27.50
C20 LMG XE . 9.87 35.05 27.29
C21 LMG XE . 9.16 33.71 27.45
C22 LMG XE . 9.28 32.89 26.17
C23 LMG XE . 8.73 33.62 24.95
C24 LMG XE . 8.63 32.65 23.79
C25 LMG XE . 9.05 33.26 22.46
C26 LMG XE . 8.33 34.56 22.17
C27 LMG XE . 8.67 35.06 20.79
O8 LMG XE . 5.87 46.88 32.87
C28 LMG XE . 5.58 47.92 33.83
O10 LMG XE . 6.46 48.28 34.58
C29 LMG XE . 4.20 48.52 33.92
C30 LMG XE . 4.00 48.86 35.38
C31 LMG XE . 2.53 49.14 35.63
C32 LMG XE . 2.30 49.67 37.03
C33 LMG XE . 0.81 49.94 37.17
C34 LMG XE . 0.40 50.11 38.63
C35 LMG XE . -0.69 49.12 39.00
C36 LMG XE . -0.15 47.70 38.95
C37 LMG XE . -0.44 46.99 40.26
C38 LMG XE . -0.13 45.50 40.12
C39 LMG XE . 1.19 45.26 39.41
C40 LMG XE . 1.86 43.96 39.79
C41 LMG XE . 0.82 42.90 40.12
C42 LMG XE . 1.28 41.47 39.86
C43 LMG XE . 0.21 40.52 40.37
C44 LMG XE . -1.17 40.93 39.90
C45 LMG XE . -2.24 40.09 40.54
C10 WVN YE . -40.06 30.06 12.08
C11 WVN YE . -31.60 8.88 9.05
C12 WVN YE . -39.83 30.02 10.56
C13 WVN YE . -37.78 29.00 11.99
C14 WVN YE . -38.45 30.54 10.20
C01 WVN YE . -32.05 6.87 10.41
C02 WVN YE . -30.98 7.56 9.53
C03 WVN YE . -31.44 5.87 11.36
C04 WVN YE . -30.47 6.58 12.30
C05 WVN YE . -29.63 7.75 10.26
C06 WVN YE . -38.98 29.33 12.86
C07 WVN YE . -32.91 7.84 11.23
C08 WVN YE . -32.98 6.13 9.47
C09 WVN YE . -29.47 7.43 11.53
C15 WVN YE . -37.38 29.88 11.08
C16 WVN YE . -28.36 7.93 9.44
C17 WVN YE . -39.56 28.02 13.41
C18 WVN YE . -38.55 30.23 14.01
C19 WVN YE . -31.03 10.06 9.06
C20 WVN YE . -36.99 27.73 12.32
C21 WVN YE . -36.12 30.72 11.30
C22 WVN YE . -31.82 11.25 8.57
C23 WVN YE . -36.04 27.25 11.56
C24 WVN YE . -33.00 11.07 7.62
C25 WVN YE . -35.34 25.98 11.99
C26 WVN YE . -31.49 12.45 9.00
C27 WVN YE . -35.10 25.71 13.47
C28 WVN YE . -34.93 25.14 11.07
C29 WVN YE . -32.24 13.71 8.63
C30 WVN YE . -34.21 23.86 11.45
C31 WVN YE . -31.78 14.83 9.14
C32 WVN YE . -32.47 16.15 8.89
C33 WVN YE . -33.68 23.18 10.47
C34 WVN YE . -32.95 21.88 10.72
C35 WVN YE . -33.63 16.24 7.90
C36 WVN YE . -32.05 17.22 9.50
C37 WVN YE . -33.09 20.92 9.83
C38 WVN YE . -32.10 21.71 11.97
C39 WVN YE . -32.73 18.56 9.27
C40 WVN YE . -32.39 19.58 10.03
MG CLA ZE . 41.55 15.71 36.17
CHA CLA ZE . 42.23 12.62 37.58
CHB CLA ZE . 42.25 14.43 33.10
CHC CLA ZE . 40.22 18.51 34.76
CHD CLA ZE . 40.43 16.82 39.35
NA CLA ZE . 42.13 13.83 35.48
C1A CLA ZE . 42.37 12.65 36.23
C2A CLA ZE . 42.82 11.51 35.33
C3A CLA ZE . 43.06 12.21 33.98
C4A CLA ZE . 42.41 13.58 34.17
CMA CLA ZE . 44.53 12.37 33.73
CAA CLA ZE . 41.89 10.30 35.21
CBA CLA ZE . 40.46 10.48 35.65
CGA CLA ZE . 39.71 11.26 34.62
O1A CLA ZE . 39.13 12.35 34.73
O2A CLA ZE . 39.67 10.58 33.45
NB CLA ZE . 41.20 16.31 34.29
C1B CLA ZE . 41.69 15.71 33.18
C2B CLA ZE . 41.55 16.61 32.00
C3B CLA ZE . 40.97 17.77 32.47
C4B CLA ZE . 40.74 17.59 33.93
CMB CLA ZE . 41.99 16.22 30.67
CAB CLA ZE . 40.61 18.98 31.79
CBB CLA ZE . 39.92 19.06 30.66
NC CLA ZE . 40.55 17.37 36.93
C1C CLA ZE . 40.14 18.44 36.17
C2C CLA ZE . 39.57 19.47 37.03
C3C CLA ZE . 39.57 18.97 38.33
C4C CLA ZE . 40.20 17.66 38.24
CMC CLA ZE . 39.07 20.75 36.54
CAC CLA ZE . 39.16 19.63 39.58
CBC CLA ZE . 37.70 19.73 39.92
ND CLA ZE . 41.39 15.00 38.04
C1D CLA ZE . 40.94 15.57 39.26
C2D CLA ZE . 41.20 14.62 40.35
C3D CLA ZE . 41.73 13.49 39.76
C4D CLA ZE . 41.80 13.76 38.32
CMD CLA ZE . 40.93 14.87 41.75
CAD CLA ZE . 42.27 12.18 39.99
OBD CLA ZE . 42.53 11.63 41.04
CBD CLA ZE . 42.50 11.54 38.59
CGD CLA ZE . 43.90 11.04 38.48
O1D CLA ZE . 44.32 10.20 37.69
O2D CLA ZE . 44.76 11.61 39.36
CED CLA ZE . 46.00 12.11 38.86
C1 CLA ZE . 39.80 11.38 32.26
C2 CLA ZE . 40.56 10.57 31.28
C3 CLA ZE . 41.25 11.16 30.32
C4 CLA ZE . 41.29 12.63 30.16
C5 CLA ZE . 42.01 10.36 29.32
C6 CLA ZE . 41.07 9.77 28.29
C7 CLA ZE . 41.35 10.30 26.91
C8 CLA ZE . 40.09 10.82 26.21
C9 CLA ZE . 40.41 11.29 24.81
C10 CLA ZE . 39.39 11.86 27.08
C11 CLA ZE . 39.14 13.19 26.41
C12 CLA ZE . 38.03 13.96 27.06
C13 CLA ZE . 37.97 15.35 26.46
C14 CLA ZE . 37.61 15.29 24.98
C15 CLA ZE . 39.31 16.08 26.63
C16 CLA ZE . 39.07 17.57 26.72
C17 CLA ZE . 40.34 18.40 26.72
C18 CLA ZE . 40.04 19.89 26.55
C19 CLA ZE . 39.64 20.21 25.12
C20 CLA ZE . 38.97 20.35 27.52
C03 II0 AF . 28.66 20.64 38.53
C04 II0 AF . 25.48 39.53 24.48
C05 II0 AF . 29.55 19.57 39.41
C06 II0 AF . 24.74 40.38 23.24
C07 II0 AF . 28.79 18.71 40.12
C08 II0 AF . 23.39 40.22 23.30
C09 II0 AF . 27.20 20.44 38.66
C10 II0 AF . 24.85 39.74 25.77
C11 II0 AF . 27.56 17.98 39.21
C12 II0 AF . 22.73 40.82 24.70
C13 II0 AF . 26.73 18.92 38.53
C14 II0 AF . 23.56 40.67 25.88
C15 II0 AF . 29.04 22.10 38.99
C16 II0 AF . 29.08 20.51 37.02
C17 II0 AF . 25.58 38.04 24.17
C18 II0 AF . 26.96 40.05 24.62
C19 II0 AF . 25.99 18.47 37.28
C20 II0 AF . 22.83 40.67 27.23
C21 II0 AF . 26.30 21.47 37.93
C22 II0 AF . 25.30 38.93 27.03
C23 II0 AF . 25.66 22.26 37.28
C24 II0 AF . 25.66 38.32 27.99
C25 II0 AF . 24.99 23.29 36.35
C26 II0 AF . 26.03 37.46 29.23
C27 II0 AF . 23.68 22.97 35.61
C28 II0 AF . 27.16 37.90 30.14
C29 II0 AF . 25.61 24.51 36.20
C30 II0 AF . 25.38 36.32 29.47
C31 II0 AF . 25.05 25.62 35.27
C32 II0 AF . 25.75 35.42 30.66
C33 II0 AF . 24.70 26.86 35.65
C34 II0 AF . 25.35 34.14 30.61
C35 II0 AF . 24.22 27.76 34.53
C36 II0 AF . 25.67 33.14 31.73
C37 II0 AF . 22.90 27.51 33.84
C38 II0 AF . 26.64 33.52 32.84
C39 II0 AF . 25.04 28.76 34.13
C40 II0 AF . 25.05 31.94 31.75
C41 II0 AF . 24.67 29.73 32.98
C42 II0 AF . 25.36 30.92 32.89
O01 II0 AF . 29.62 17.67 40.59
O02 II0 AF . 22.77 40.93 22.23
C02 IHT BF . 41.60 18.72 47.26
C03 IHT BF . 43.87 26.80 24.01
C04 IHT BF . 41.18 17.71 48.50
C05 IHT BF . 44.28 27.64 22.64
C06 IHT BF . 42.10 16.74 48.68
C07 IHT BF . 41.74 18.00 46.02
C08 IHT BF . 43.99 27.00 21.47
C09 IHT BF . 42.36 15.83 47.30
C10 IHT BF . 42.52 16.61 46.10
C11 IHT BF . 43.47 25.44 23.68
C12 IHT BF . 42.44 26.26 21.49
C13 IHT BF . 42.97 19.40 47.62
C14 IHT BF . 40.48 19.87 47.10
C15 IHT BF . 42.36 25.29 22.51
C16 IHT BF . 45.05 26.77 24.97
C17 IHT BF . 42.68 27.47 24.65
C18 IHT BF . 41.49 18.70 44.67
C19 IHT BF . 43.63 16.27 45.11
C20 IHT BF . 41.04 24.53 22.74
C21 IHT BF . 43.52 24.40 24.83
C22 IHT BF . 42.46 19.44 44.14
C23 IHT BF . 42.26 20.18 42.75
C24 IHT BF . 43.58 23.62 25.78
C25 IHT BF . 41.10 21.20 42.58
C26 IHT BF . 43.72 22.67 26.99
C27 IHT BF . 43.11 19.95 41.72
C28 IHT BF . 44.36 21.30 26.81
C29 IHT BF . 43.29 23.05 28.21
C30 IHT BF . 42.94 20.70 40.35
C31 IHT BF . 43.46 22.09 29.40
C32 IHT BF . 43.05 20.06 39.18
C33 IHT BF . 42.87 20.88 37.91
C34 IHT BF . 43.10 22.46 30.63
C35 IHT BF . 43.30 21.45 31.82
C36 IHT BF . 42.46 22.34 38.01
C37 IHT BF . 43.06 20.32 36.69
C38 IHT BF . 42.82 21.74 33.04
C39 IHT BF . 44.07 20.12 31.59
C40 IHT BF . 42.87 21.22 35.45
C41 IHT BF . 43.03 20.76 34.22
O01 IHT BF . 44.02 27.95 20.44
C1 LMG CF . 50.58 29.98 16.60
O1 LMG CF . 50.45 29.41 17.89
C2 LMG CF . 49.65 31.18 16.48
O2 LMG CF . 48.28 30.78 16.61
C3 LMG CF . 49.83 31.82 15.13
O3 LMG CF . 49.06 33.01 15.14
C4 LMG CF . 51.28 32.20 14.94
O4 LMG CF . 51.59 33.15 15.97
C5 LMG CF . 52.16 30.97 15.12
O5 LMG CF . 53.87 31.89 13.70
C6 LMG CF . 53.63 31.34 14.99
O6 LMG CF . 51.92 30.42 16.42
C7 LMG CF . 51.49 28.49 18.13
C8 LMG CF . 51.16 27.67 19.36
C9 LMG CF . 50.13 26.59 19.00
O7 LMG CF . 52.35 27.04 19.79
C10 LMG CF . 52.40 26.90 21.22
O9 LMG CF . 51.67 27.60 21.90
C11 LMG CF . 53.37 25.93 21.87
C12 LMG CF . 53.12 25.86 23.37
O8 LMG CF . 48.88 26.82 19.67
C28 LMG CF . 48.34 25.82 20.58
O10 LMG CF . 49.06 25.36 21.45
C29 LMG CF . 46.91 25.36 20.47
C30 LMG CF . 46.73 24.07 21.26
C31 LMG CF . 46.98 22.84 20.41
MG CLA DF . 28.28 29.91 29.60
CHA CLA DF . 25.75 30.98 27.35
CHB CLA DF . 26.36 27.22 30.27
CHC CLA DF . 29.75 29.57 32.73
CHD CLA DF . 29.18 33.39 29.83
NA CLA DF . 26.45 29.19 28.82
C1A CLA DF . 25.56 29.72 27.86
C2A CLA DF . 24.39 28.77 27.62
C3A CLA DF . 24.80 27.50 28.38
C4A CLA DF . 25.97 27.98 29.21
CMA CLA DF . 23.70 27.02 29.28
CAA CLA DF . 24.11 28.28 26.19
CBA CLA DF . 25.09 28.55 25.05
CGA CLA DF . 26.41 27.83 24.99
O1A CLA DF . 27.53 28.31 24.86
O2A CLA DF . 26.36 26.48 24.94
NB CLA DF . 28.11 28.65 31.16
C1B CLA DF . 27.37 27.54 31.17
C2B CLA DF . 27.77 26.65 32.29
C3B CLA DF . 28.71 27.31 33.01
C4B CLA DF . 28.94 28.59 32.30
CMB CLA DF . 27.12 25.38 32.53
CAB CLA DF . 29.36 26.89 34.24
CBB CLA DF . 29.60 27.57 35.36
NC CLA DF . 29.38 31.16 30.88
C1C CLA DF . 29.99 30.77 32.03
C2C CLA DF . 30.81 31.80 32.61
C3C CLA DF . 30.54 32.95 31.89
C4C CLA DF . 29.66 32.53 30.81
CMC CLA DF . 31.64 31.65 33.81
CAC CLA DF . 31.22 34.24 32.10
CBC CLA DF . 30.34 35.44 32.36
ND CLA DF . 27.77 31.70 28.75
C1D CLA DF . 28.23 33.03 28.93
C2D CLA DF . 27.69 33.92 27.89
C3D CLA DF . 26.79 33.15 27.21
C4D CLA DF . 26.78 31.82 27.86
CMD CLA DF . 28.12 35.30 27.65
CAD CLA DF . 25.84 33.14 26.14
OBD CLA DF . 25.67 33.96 25.26
CBD CLA DF . 25.01 31.83 26.31
CGD CLA DF . 23.56 32.08 26.60
O1D CLA DF . 22.60 31.80 25.90
O2D CLA DF . 23.30 32.69 27.80
CED CLA DF . 22.01 33.28 27.98
C1 CLA DF . 26.73 25.97 23.64
C2 CLA DF . 25.86 24.80 23.37
C3 CLA DF . 26.35 23.55 23.30
C4 CLA DF . 27.78 23.21 23.51
C5 CLA DF . 25.37 22.47 23.02
C6 CLA DF . 25.14 22.35 21.54
C7 CLA DF . 25.80 21.08 21.07
C8 CLA DF . 24.91 19.91 21.46
C9 CLA DF . 25.68 18.89 22.26
C10 CLA DF . 24.35 19.29 20.20
C11 CLA DF . 23.43 18.14 20.53
C12 CLA DF . 23.23 17.23 19.34
C13 CLA DF . 24.03 15.96 19.55
C14 CLA DF . 25.34 16.05 18.80
C15 CLA DF . 23.30 14.71 19.07
C16 CLA DF . 21.86 14.78 19.48
C17 CLA DF . 21.54 13.94 20.67
C18 CLA DF . 21.03 14.74 21.88
C19 CLA DF . 20.46 16.11 21.56
C20 CLA DF . 20.01 13.90 22.61
MG CLA EF . 53.31 19.72 17.76
CHA CLA EF . 51.02 20.72 15.36
CHB CLA EF . 53.77 22.96 18.64
CHC CLA EF . 55.12 18.71 20.50
CHD CLA EF . 52.28 16.39 17.25
NA CLA EF . 52.49 21.53 17.11
C1A CLA EF . 51.55 21.75 16.08
C2A CLA EF . 51.31 23.27 15.93
C3A CLA EF . 52.10 23.89 17.09
C4A CLA EF . 52.85 22.71 17.66
CMA CLA EF . 53.09 24.91 16.65
CAA CLA EF . 49.91 23.84 15.82
CBA CLA EF . 48.95 23.36 16.85
CGA CLA EF . 47.73 24.23 16.78
O1A CLA EF . 47.64 25.43 17.03
O2A CLA EF . 46.63 23.55 16.37
NB CLA EF . 54.21 20.65 19.29
C1B CLA EF . 54.50 21.97 19.30
C2B CLA EF . 55.65 22.26 20.19
C3B CLA EF . 56.03 21.05 20.72
C4B CLA EF . 55.10 20.03 20.19
CMB CLA EF . 56.12 23.63 20.39
CAB CLA EF . 57.01 20.65 21.71
CBB CLA EF . 57.82 21.42 22.43
NC CLA EF . 53.64 17.89 18.69
C1C CLA EF . 54.43 17.70 19.79
C2C CLA EF . 54.44 16.29 20.15
C3C CLA EF . 53.61 15.64 19.26
C4C CLA EF . 53.12 16.65 18.34
CMC CLA EF . 55.19 15.75 21.28
CAC CLA EF . 53.28 14.21 19.24
CBC CLA EF . 53.97 13.50 18.10
ND CLA EF . 51.98 18.72 16.63
C1D CLA EF . 51.74 17.34 16.44
C2D CLA EF . 50.88 17.14 15.29
C3D CLA EF . 50.58 18.39 14.82
C4D CLA EF . 51.26 19.35 15.71
CMD CLA EF . 50.47 15.82 14.80
CAD CLA EF . 49.88 19.16 13.82
OBD CLA EF . 49.23 18.79 12.86
CBD CLA EF . 50.08 20.67 14.18
CGD CLA EF . 50.57 21.50 13.04
O1D CLA EF . 49.89 22.19 12.30
O2D CLA EF . 51.90 21.47 12.82
CED CLA EF . 52.32 21.98 11.56
C1 CLA EF . 45.37 24.10 16.79
C2 CLA EF . 44.32 23.19 16.28
C3 CLA EF . 43.21 22.98 17.00
C4 CLA EF . 42.12 22.06 16.55
C5 CLA EF . 43.06 23.63 18.34
C6 CLA EF . 41.78 24.41 18.51
MG CLA FF . 66.58 8.21 14.32
CHA CLA FF . 68.82 10.48 15.68
CHB CLA FF . 68.44 5.67 15.64
CHC CLA FF . 64.92 5.94 12.34
CHD CLA FF . 65.20 10.81 12.36
NA CLA FF . 68.29 8.12 15.53
C1A CLA FF . 69.07 9.17 16.02
C2A CLA FF . 70.23 8.62 16.88
C3A CLA FF . 69.86 7.13 17.04
C4A CLA FF . 68.78 6.94 16.00
CMA CLA FF . 71.03 6.25 16.76
CAA CLA FF . 70.36 9.20 18.28
CBA CLA FF . 69.34 8.67 19.25
NB CLA FF . 66.68 6.22 14.05
C1B CLA FF . 67.46 5.35 14.70
C2B CLA FF . 67.14 3.95 14.34
C3B CLA FF . 66.14 4.02 13.41
C4B CLA FF . 65.81 5.46 13.23
CMB CLA FF . 67.86 2.80 14.89
CAB CLA FF . 65.44 2.99 12.72
CBB CLA FF . 64.62 2.15 13.36
NC CLA FF . 65.28 8.36 12.69
C1C CLA FF . 64.69 7.29 12.08
C2C CLA FF . 63.79 7.74 11.04
C3C CLA FF . 63.88 9.12 11.00
C4C CLA FF . 64.80 9.50 12.06
CMC CLA FF . 63.05 6.80 10.20
CAC CLA FF . 63.13 10.03 10.12
CBC CLA FF . 61.93 10.61 10.81
ND CLA FF . 66.84 10.18 14.07
C1D CLA FF . 66.19 11.14 13.26
C2D CLA FF . 66.73 12.48 13.59
C3D CLA FF . 67.71 12.28 14.52
C4D CLA FF . 67.78 10.83 14.76
CMD CLA FF . 66.31 13.76 13.02
CAD CLA FF . 68.70 12.92 15.35
OBD CLA FF . 68.95 14.10 15.51
CBD CLA FF . 69.49 11.78 16.05
CGD CLA FF . 70.95 11.79 15.66
O1D CLA FF . 71.47 11.91 14.56
O2D CLA FF . 71.76 11.63 16.73
CED CLA FF . 72.03 12.77 17.52
C10 WVN GF . 73.92 -2.60 27.56
C11 WVN GF . 58.90 7.21 12.94
C12 WVN GF . 75.24 -1.89 27.83
C13 WVN GF . 73.69 -0.80 25.81
C14 WVN GF . 75.93 -1.56 26.51
C01 WVN GF . 57.60 9.30 12.60
C02 WVN GF . 58.76 8.46 12.08
C03 WVN GF . 57.27 10.39 11.58
C04 WVN GF . 56.97 9.83 10.19
C05 WVN GF . 58.63 8.06 10.62
C06 WVN GF . 72.97 -1.63 26.86
C07 WVN GF . 56.37 8.46 12.94
C08 WVN GF . 58.05 9.97 13.88
C09 WVN GF . 58.06 8.86 9.75
C15 WVN GF . 74.90 -1.23 25.42
C16 WVN GF . 59.50 6.92 10.10
C17 WVN GF . 72.42 -0.67 27.92
C18 WVN GF . 71.80 -2.43 26.30
C19 WVN GF . 60.05 7.06 13.55
C20 WVN GF . 72.85 0.20 24.98
C21 WVN GF . 75.27 -1.60 23.98
C22 WVN GF . 60.34 5.88 14.43
C23 WVN GF . 73.36 1.16 24.23
C24 WVN GF . 59.23 4.98 14.94
C25 WVN GF . 72.54 2.15 23.40
C26 WVN GF . 61.60 5.67 14.71
C27 WVN GF . 72.94 3.61 23.34
C28 WVN GF . 71.49 1.73 22.74
C29 WVN GF . 62.11 4.54 15.57
C30 WVN GF . 70.71 2.73 21.91
C31 WVN GF . 63.27 4.78 16.10
C32 WVN GF . 64.02 3.82 17.00
C33 WVN GF . 69.82 2.25 21.06
C34 WVN GF . 69.02 3.21 20.20
C35 WVN GF . 63.36 2.63 17.66
C36 WVN GF . 65.30 4.03 17.16
C37 WVN GF . 67.89 2.79 19.69
C38 WVN GF . 69.53 4.62 19.96
C39 WVN GF . 66.17 3.14 18.03
C40 WVN GF . 67.03 3.70 18.83
MG CLA HF . 72.13 -29.77 -7.88
CHA CLA HF . 71.52 -32.13 -10.35
CHB CLA HF . 74.90 -31.56 -6.92
CHC CLA HF . 73.20 -27.07 -6.05
CHD CLA HF . 69.53 -27.77 -9.25
NA CLA HF . 73.03 -31.55 -8.53
C1A CLA HF . 72.63 -32.38 -9.59
C2A CLA HF . 73.57 -33.58 -9.69
C3A CLA HF . 74.40 -33.51 -8.40
C4A CLA HF . 74.11 -32.10 -7.91
CMA CLA HF . 73.99 -34.55 -7.39
CAA CLA HF . 74.54 -33.49 -10.86
CBA CLA HF . 74.76 -32.12 -11.46
CGA CLA HF . 75.79 -31.31 -10.73
O1A CLA HF . 76.72 -31.72 -10.01
O2A CLA HF . 75.69 -29.96 -10.94
NB CLA HF . 73.75 -29.37 -6.76
C1B CLA HF . 74.72 -30.27 -6.40
C2B CLA HF . 75.58 -29.69 -5.34
C3B CLA HF . 75.11 -28.42 -5.09
C4B CLA HF . 73.94 -28.20 -5.99
CMB CLA HF . 76.71 -30.41 -4.75
CAB CLA HF . 75.61 -27.43 -4.17
CBB CLA HF . 75.24 -27.30 -2.90
NC CLA HF . 71.46 -27.81 -7.67
C1C CLA HF . 72.03 -26.89 -6.83
C2C CLA HF . 71.29 -25.64 -6.89
C3C CLA HF . 70.27 -25.81 -7.83
C4C CLA HF . 70.38 -27.18 -8.30
CMC CLA HF . 71.61 -24.45 -6.12
CAC CLA HF . 69.26 -24.82 -8.23
CBC CLA HF . 67.90 -25.05 -7.61
ND CLA HF . 70.77 -29.88 -9.36
C1D CLA HF . 69.71 -29.03 -9.76
C2D CLA HF . 68.90 -29.71 -10.78
C3D CLA HF . 69.55 -30.89 -11.05
C4D CLA HF . 70.73 -30.95 -10.16
CMD CLA HF . 67.68 -29.15 -11.38
CAD CLA HF . 69.53 -32.12 -11.81
OBD CLA HF . 68.66 -32.50 -12.59
CBD CLA HF . 70.83 -32.90 -11.46
CGD CLA HF . 70.58 -34.34 -11.09
O1D CLA HF . 70.55 -35.32 -11.84
O2D CLA HF . 70.36 -34.52 -9.75
CED CLA HF . 70.67 -35.76 -9.14
C1 CLA HF . 74.91 -29.23 -9.99
C2 CLA HF . 73.80 -28.56 -10.72
C3 CLA HF . 73.59 -27.23 -10.65
C4 CLA HF . 74.45 -26.36 -9.82
C5 CLA HF . 72.46 -26.61 -11.40
C6 CLA HF . 72.35 -25.10 -11.25
MG CLA IF . 59.24 -30.00 -14.40
CHA CLA IF . 59.70 -31.81 -11.47
CHB CLA IF . 55.86 -30.06 -13.80
CHC CLA IF . 58.79 -27.53 -16.73
CHD CLA IF . 62.71 -29.19 -14.28
NA CLA IF . 58.02 -30.82 -12.92
C1A CLA IF . 58.41 -31.53 -11.78
C2A CLA IF . 57.21 -31.94 -10.95
C3A CLA IF . 56.05 -31.73 -11.93
C4A CLA IF . 56.66 -30.77 -12.95
CMA CLA IF . 55.72 -33.04 -12.58
CAA CLA IF . 57.08 -31.00 -9.75
CBA CLA IF . 55.72 -30.35 -9.64
CGA CLA IF . 55.77 -28.86 -9.71
O1A CLA IF . 56.30 -28.09 -8.93
O2A CLA IF . 55.14 -28.33 -10.80
NB CLA IF . 57.66 -28.95 -15.07
C1B CLA IF . 56.35 -29.22 -14.79
C2B CLA IF . 55.46 -28.52 -15.73
C3B CLA IF . 56.27 -27.79 -16.57
C4B CLA IF . 57.67 -28.07 -16.17
CMB CLA IF . 54.01 -28.62 -15.65
CAB CLA IF . 55.90 -26.92 -17.67
CBB CLA IF . 55.18 -25.81 -17.57
NC CLA IF . 60.55 -28.70 -15.39
C1C CLA IF . 60.14 -27.84 -16.37
C2C CLA IF . 61.31 -27.16 -16.94
C3C CLA IF . 62.40 -27.52 -16.15
C4C CLA IF . 61.91 -28.49 -15.19
CMC CLA IF . 61.28 -26.22 -18.04
CAC CLA IF . 63.76 -27.03 -16.37
CBC CLA IF . 64.75 -27.99 -16.98
ND CLA IF . 60.87 -30.49 -13.31
C1D CLA IF . 62.24 -30.13 -13.39
C2D CLA IF . 63.00 -30.93 -12.42
C3D CLA IF . 62.08 -31.69 -11.73
C4D CLA IF . 60.76 -31.29 -12.24
CMD CLA IF . 64.46 -30.90 -12.31
CAD CLA IF . 61.84 -32.65 -10.67
OBD CLA IF . 62.63 -33.38 -10.10
CBD CLA IF . 60.32 -32.65 -10.38
CGD CLA IF . 59.86 -34.08 -10.35
O1D CLA IF . 60.21 -34.97 -9.58
O2D CLA IF . 58.96 -34.46 -11.29
CED CLA IF . 58.17 -35.61 -11.00
C1 CLA IF . 55.87 -27.28 -11.47
C2 CLA IF . 54.88 -26.20 -11.74
C3 CLA IF . 55.02 -25.34 -12.76
C4 CLA IF . 56.17 -25.38 -13.71
C5 CLA IF . 54.02 -24.27 -12.99
MG CLA JF . 51.20 -23.30 -19.95
CHA CLA JF . 48.68 -25.03 -18.34
CHB CLA JF . 52.98 -23.23 -17.06
CHC CLA JF . 53.85 -22.04 -21.69
CHD CLA JF . 49.36 -23.58 -22.96
NA CLA JF . 50.88 -24.05 -18.03
C1A CLA JF . 49.77 -24.76 -17.55
C2A CLA JF . 49.93 -25.08 -16.06
C3A CLA JF . 51.23 -24.35 -15.67
C4A CLA JF . 51.76 -23.86 -17.01
CMA CLA JF . 50.97 -23.20 -14.75
CAA CLA JF . 50.04 -26.58 -15.81
CBA CLA JF . 50.61 -26.92 -14.45
CGA CLA JF . 49.66 -26.63 -13.31
O1A CLA JF . 48.56 -27.16 -13.07
O2A CLA JF . 50.15 -25.68 -12.46
NB CLA JF . 53.10 -22.85 -19.48
C1B CLA JF . 53.57 -22.71 -18.23
C2B CLA JF . 54.82 -21.90 -18.21
C3B CLA JF . 55.07 -21.55 -19.51
C4B CLA JF . 53.97 -22.14 -20.34
CMB CLA JF . 55.53 -21.60 -16.97
CAB CLA JF . 56.12 -20.77 -20.13
CBB CLA JF . 56.77 -19.73 -19.60
NC CLA JF . 51.55 -22.93 -21.97
C1C CLA JF . 52.71 -22.42 -22.47
C2C CLA JF . 52.62 -22.27 -23.90
C3C CLA JF . 51.34 -22.70 -24.28
C4C CLA JF . 50.67 -23.10 -23.05
CMC CLA JF . 53.68 -21.75 -24.76
CAC CLA JF . 50.78 -22.72 -25.64
CBC CLA JF . 49.69 -21.70 -25.85
ND CLA JF . 49.45 -24.08 -20.57
C1D CLA JF . 48.77 -24.03 -21.81
C2D CLA JF . 47.40 -24.55 -21.64
C3D CLA JF . 47.33 -24.98 -20.34
C4D CLA JF . 48.62 -24.67 -19.72
CMD CLA JF . 46.39 -24.59 -22.69
CAD CLA JF . 46.48 -25.53 -19.32
OBD CLA JF . 45.31 -25.83 -19.38
CBD CLA JF . 47.33 -25.64 -18.03
CGD CLA JF . 46.64 -24.94 -16.90
O1D CLA JF . 46.39 -25.41 -15.78
O2D CLA JF . 46.20 -23.68 -17.20
CED CLA JF . 46.90 -22.54 -16.70
C1 CLA JF . 49.49 -25.40 -11.22
C2 CLA JF . 48.28 -24.57 -11.44
C3 CLA JF . 48.30 -23.23 -11.47
C4 CLA JF . 49.55 -22.45 -11.29
C5 CLA JF . 47.05 -22.45 -11.69
C6 CLA JF . 46.97 -21.89 -13.10
MG CLA KF . 55.99 -25.91 -38.82
CHA CLA KF . 55.03 -24.31 -41.73
CHB CLA KF . 53.33 -24.44 -37.19
CHC CLA KF . 56.35 -28.13 -36.20
CHD CLA KF . 58.03 -28.05 -40.79
NA CLA KF . 54.47 -24.58 -39.37
C1A CLA KF . 54.26 -24.00 -40.64
C2A CLA KF . 53.04 -23.08 -40.64
C3A CLA KF . 52.64 -23.02 -39.14
C4A CLA KF . 53.53 -24.08 -38.50
CMA CLA KF . 52.76 -21.63 -38.57
CAA CLA KF . 51.89 -23.59 -41.50
CBA CLA KF . 51.46 -25.01 -41.23
CGA CLA KF . 52.17 -25.99 -42.09
O1A CLA KF . 52.23 -26.05 -43.32
O2A CLA KF . 52.80 -26.91 -41.33
NB CLA KF . 55.06 -26.20 -37.04
C1B CLA KF . 54.05 -25.45 -36.53
C2B CLA KF . 53.74 -25.89 -35.13
C3B CLA KF . 54.59 -26.94 -34.86
C4B CLA KF . 55.43 -27.15 -36.06
CMB CLA KF . 52.67 -25.28 -34.35
CAB CLA KF . 54.74 -27.80 -33.71
CBB CLA KF . 54.65 -27.44 -32.43
NC CLA KF . 57.06 -27.69 -38.53
C1C CLA KF . 57.13 -28.39 -37.37
C2C CLA KF . 58.03 -29.53 -37.51
C3C CLA KF . 58.43 -29.56 -38.84
C4C CLA KF . 57.83 -28.40 -39.46
CMC CLA KF . 58.35 -30.50 -36.45
CAC CLA KF . 59.31 -30.53 -39.50
CBC CLA KF . 58.59 -31.78 -39.94
ND CLA KF . 56.48 -26.16 -40.76
C1D CLA KF . 57.40 -27.00 -41.42
C2D CLA KF . 57.54 -26.59 -42.83
C3D CLA KF . 56.67 -25.54 -42.99
C4D CLA KF . 56.02 -25.33 -41.69
CMD CLA KF . 58.42 -27.23 -43.81
CAD CLA KF . 56.12 -24.59 -43.92
OBD CLA KF . 56.37 -24.43 -45.11
CBD CLA KF . 55.05 -23.78 -43.15
CGD CLA KF . 55.52 -22.36 -43.15
O1D CLA KF . 55.07 -21.39 -43.78
O2D CLA KF . 56.59 -22.20 -42.35
CED CLA KF . 57.40 -21.03 -42.56
C1 CLA KF . 53.52 -27.97 -41.98
C2 CLA KF . 54.16 -28.73 -40.88
C3 CLA KF . 54.22 -30.07 -40.89
C4 CLA KF . 53.66 -30.89 -42.00
C5 CLA KF . 54.87 -30.81 -39.77
C6 CLA KF . 53.88 -31.55 -38.91
C7 CLA KF . 54.61 -32.57 -38.06
C8 CLA KF . 53.98 -32.73 -36.69
C9 CLA KF . 54.10 -31.43 -35.94
C10 CLA KF . 54.71 -33.82 -35.91
C11 CLA KF . 54.20 -35.21 -36.21
C12 CLA KF . 54.45 -36.12 -35.02
C13 CLA KF . 53.60 -37.38 -35.03
C14 CLA KF . 54.04 -38.30 -36.14
C15 CLA KF . 52.10 -37.05 -35.12
C16 CLA KF . 51.63 -36.25 -33.93
C17 CLA KF . 50.45 -36.86 -33.21
C18 CLA KF . 50.81 -38.14 -32.49
C19 CLA KF . 51.88 -37.86 -31.45
C20 CLA KF . 49.57 -38.68 -31.80
MG CLA LF . 43.07 -28.65 -43.55
CHA CLA LF . 44.05 -25.88 -45.39
CHB CLA LF . 40.40 -29.07 -45.67
CHC CLA LF . 42.74 -31.92 -42.49
CHD CLA LF . 46.19 -28.50 -41.85
NA CLA LF . 42.32 -27.59 -45.19
C1A CLA LF . 42.89 -26.47 -45.81
C2A CLA LF . 41.99 -26.00 -46.94
C3A CLA LF . 40.68 -26.79 -46.72
C4A CLA LF . 41.14 -27.91 -45.81
CMA CLA LF . 39.62 -25.94 -46.08
CAA CLA LF . 42.70 -26.31 -48.23
CBA CLA LF . 42.08 -25.66 -49.44
CGA CLA LF . 42.15 -26.66 -50.56
O1A CLA LF . 41.41 -27.61 -50.78
O2A CLA LF . 43.15 -26.44 -51.47
NB CLA LF . 41.78 -30.15 -43.94
C1B CLA LF . 40.79 -30.15 -44.86
C2B CLA LF . 40.17 -31.49 -44.95
C3B CLA LF . 40.82 -32.29 -44.07
C4B CLA LF . 41.85 -31.46 -43.41
CMB CLA LF . 39.07 -31.81 -45.86
CAB CLA LF . 40.67 -33.69 -43.76
CBB CLA LF . 41.31 -34.67 -44.39
NC CLA LF . 44.20 -29.93 -42.33
C1C CLA LF . 43.83 -31.19 -41.97
C2C CLA LF . 44.79 -31.76 -41.04
C3C CLA LF . 45.81 -30.83 -40.92
C4C CLA LF . 45.43 -29.67 -41.71
CMC CLA LF . 44.71 -33.08 -40.43
CAC CLA LF . 47.00 -30.97 -40.07
CBC CLA LF . 46.80 -30.39 -38.69
ND CLA LF . 44.73 -27.49 -43.52
C1D CLA LF . 45.88 -27.47 -42.70
C2D CLA LF . 46.65 -26.24 -42.97
C3D CLA LF . 46.02 -25.61 -44.03
C4D CLA LF . 44.84 -26.43 -44.34
CMD CLA LF . 47.88 -25.86 -42.28
CAD CLA LF . 46.00 -24.46 -44.90
OBD CLA LF . 46.76 -23.50 -44.96
CBD CLA LF . 44.79 -24.64 -45.86
CGD CLA LF . 43.99 -23.38 -45.98
O1D CLA LF . 44.05 -22.55 -46.89
O2D CLA LF . 43.12 -23.12 -44.98
CED CLA LF . 42.31 -21.95 -45.13
C1 CLA LF . 44.41 -27.09 -51.21
C2 CLA LF . 44.39 -28.39 -51.92
C3 CLA LF . 45.32 -29.33 -51.68
C4 CLA LF . 46.45 -29.14 -50.73
C5 CLA LF . 45.28 -30.63 -52.40
C6 CLA LF . 45.89 -31.78 -51.62
MG CLA MF . 48.39 -17.75 -31.56
CHA CLA MF . 45.68 -15.66 -31.84
CHB CLA MF . 49.34 -16.05 -28.71
CHC CLA MF . 50.40 -20.38 -30.66
CHD CLA MF . 46.95 -19.82 -34.08
NA CLA MF . 47.65 -16.10 -30.50
C1A CLA MF . 46.50 -15.37 -30.79
C2A CLA MF . 46.32 -14.25 -29.78
C3A CLA MF . 47.71 -14.15 -29.12
C4A CLA MF . 48.28 -15.54 -29.43
CMA CLA MF . 48.51 -13.05 -29.71
CAA CLA MF . 45.32 -14.66 -28.74
CBA CLA MF . 44.10 -13.79 -28.86
CGA CLA MF . 44.48 -12.36 -28.77
O1A CLA MF . 44.89 -11.72 -27.79
O2A CLA MF . 44.41 -11.70 -29.97
NB CLA MF . 49.67 -18.11 -30.04
C1B CLA MF . 49.91 -17.30 -28.96
C2B CLA MF . 50.88 -17.95 -28.05
C3B CLA MF . 51.20 -19.17 -28.57
C4B CLA MF . 50.43 -19.30 -29.85
CMB CLA MF . 51.31 -17.36 -26.79
CAB CLA MF . 52.07 -20.15 -27.97
CBB CLA MF . 52.69 -21.22 -28.50
NC CLA MF . 48.65 -19.70 -32.26
C1C CLA MF . 49.57 -20.59 -31.77
C2C CLA MF . 49.56 -21.82 -32.54
C3C CLA MF . 48.55 -21.67 -33.49
C4C CLA MF . 48.00 -20.35 -33.32
CMC CLA MF . 50.40 -22.98 -32.29
CAC CLA MF . 48.21 -22.65 -34.53
CBC CLA MF . 49.08 -22.46 -35.74
ND CLA MF . 46.70 -17.84 -32.67
C1D CLA MF . 46.31 -18.65 -33.76
C2D CLA MF . 45.16 -18.04 -34.46
C3D CLA MF . 44.88 -16.90 -33.76
C4D CLA MF . 45.86 -16.81 -32.66
CMD CLA MF . 44.51 -18.58 -35.65
CAD CLA MF . 44.05 -15.72 -33.67
OBD CLA MF . 43.15 -15.36 -34.43
CBD CLA MF . 44.53 -14.90 -32.45
CGD CLA MF . 44.98 -13.58 -32.95
O1D CLA MF . 46.15 -13.23 -33.19
O2D CLA MF . 43.97 -12.70 -33.15
CED CLA MF . 43.87 -12.05 -34.42
C1 CLA MF . 45.51 -10.79 -30.19
C2 CLA MF . 45.30 -10.04 -31.45
C3 CLA MF . 46.28 -9.27 -31.97
C4 CLA MF . 47.61 -9.11 -31.33
C5 CLA MF . 46.05 -8.51 -33.24
C6 CLA MF . 47.01 -8.93 -34.33
C7 CLA MF . 46.62 -8.27 -35.64
MG CLA NF . 44.57 -28.60 -24.36
CHA CLA NF . 46.11 -28.91 -21.26
CHB CLA NF . 41.62 -29.52 -22.86
CHC CLA NF . 42.78 -27.03 -26.86
CHD CLA NF . 47.42 -26.73 -25.38
NA CLA NF . 44.01 -29.22 -22.44
C1A CLA NF . 44.80 -29.26 -21.27
C2A CLA NF . 43.98 -29.75 -20.10
C3A CLA NF . 42.78 -30.40 -20.79
C4A CLA NF . 42.77 -29.65 -22.12
CMA CLA NF . 43.00 -31.89 -20.98
CAA CLA NF . 43.55 -28.52 -19.33
CBA CLA NF . 42.76 -28.84 -18.08
CGA CLA NF . 43.71 -29.25 -17.01
O1A CLA NF . 44.71 -28.65 -16.59
O2A CLA NF . 43.36 -30.44 -16.43
NB CLA NF . 42.61 -28.31 -24.76
C1B CLA NF . 41.56 -28.86 -24.09
C2B CLA NF . 40.30 -28.71 -24.86
C3B CLA NF . 40.62 -27.99 -26.00
C4B CLA NF . 42.09 -27.74 -25.94
CMB CLA NF . 39.03 -29.21 -24.36
CAB CLA NF . 39.84 -27.49 -27.12
CBB CLA NF . 38.54 -27.57 -27.36
NC CLA NF . 45.05 -27.26 -25.89
C1C CLA NF . 44.18 -26.83 -26.84
C2C CLA NF . 44.85 -25.97 -27.80
C3C CLA NF . 46.15 -25.78 -27.32
C4C CLA NF . 46.25 -26.61 -26.13
CMC CLA NF . 44.18 -25.36 -28.96
CAC CLA NF . 47.23 -24.98 -27.92
CBC CLA NF . 47.96 -25.69 -29.03
ND CLA NF . 46.41 -28.15 -23.66
C1D CLA NF . 47.51 -27.44 -24.22
C2D CLA NF . 48.68 -27.57 -23.33
C3D CLA NF . 48.19 -28.15 -22.17
C4D CLA NF . 46.77 -28.41 -22.41
CMD CLA NF . 50.03 -27.11 -23.63
CAD CLA NF . 48.51 -28.66 -20.85
OBD CLA NF . 49.59 -28.82 -20.31
CBD CLA NF . 47.16 -28.97 -20.17
CGD CLA NF . 47.20 -30.31 -19.49
O1D CLA NF . 47.39 -31.41 -20.00
O2D CLA NF . 47.02 -30.24 -18.15
CED CLA NF . 47.33 -31.41 -17.40
C1 CLA NF . 43.02 -30.41 -15.03
MG CLA OF . 57.81 -39.40 -26.92
CHA CLA OF . 55.82 -42.17 -26.32
CHB CLA OF . 60.58 -41.29 -26.15
CHC CLA OF . 59.82 -36.98 -28.30
CHD CLA OF . 55.01 -37.89 -28.50
NA CLA OF . 58.13 -41.37 -26.30
C1A CLA OF . 57.16 -42.36 -26.10
C2A CLA OF . 57.79 -43.68 -25.63
C3A CLA OF . 59.23 -43.25 -25.32
C4A CLA OF . 59.35 -41.89 -25.98
CMA CLA OF . 59.39 -43.20 -23.83
CAA CLA OF . 57.72 -44.75 -26.70
CBA CLA OF . 59.09 -45.28 -27.02
CGA CLA OF . 59.26 -45.00 -28.46
O1A CLA OF . 59.10 -45.76 -29.41
O2A CLA OF . 59.61 -43.69 -28.70
NB CLA OF . 59.80 -39.21 -27.22
C1B CLA OF . 60.77 -40.03 -26.74
C2B CLA OF . 62.11 -39.40 -26.87
C3B CLA OF . 61.90 -38.18 -27.47
C4B CLA OF . 60.44 -38.04 -27.69
CMB CLA OF . 63.32 -40.07 -26.40
CAB CLA OF . 62.79 -37.13 -27.90
CBB CLA OF . 64.08 -37.23 -28.19
NC CLA OF . 57.46 -37.70 -28.09
C1C CLA OF . 58.43 -36.81 -28.48
C2C CLA OF . 57.80 -35.70 -29.19
C3C CLA OF . 56.46 -36.02 -29.35
C4C CLA OF . 56.26 -37.28 -28.65
CMC CLA OF . 58.50 -34.52 -29.72
CAC CLA OF . 55.41 -35.23 -29.98
CBC CLA OF . 55.12 -35.69 -31.38
ND CLA OF . 55.86 -39.79 -27.23
C1D CLA OF . 54.80 -39.07 -27.85
C2D CLA OF . 53.53 -39.80 -27.64
C3D CLA OF . 53.87 -40.97 -27.00
C4D CLA OF . 55.33 -40.94 -26.84
CMD CLA OF . 52.21 -39.31 -28.04
CAD CLA OF . 53.39 -42.21 -26.44
OBD CLA OF . 52.25 -42.60 -26.26
CBD CLA OF . 54.63 -43.07 -26.11
CGD CLA OF . 54.62 -43.60 -24.70
O1D CLA OF . 54.90 -42.98 -23.68
O2D CLA OF . 54.26 -44.91 -24.56
CED CLA OF . 54.28 -45.82 -25.67
C1 CLA OF . 61.01 -43.48 -28.97
C2 CLA OF . 61.13 -42.14 -29.58
C3 CLA OF . 62.27 -41.72 -30.11
C4 CLA OF . 63.50 -42.54 -30.13
C5 CLA OF . 62.38 -40.37 -30.72
C6 CLA OF . 62.62 -40.47 -32.21
C7 CLA OF . 63.06 -39.12 -32.73
C8 CLA OF . 63.30 -39.19 -34.22
C9 CLA OF . 64.80 -39.24 -34.47
C10 CLA OF . 62.59 -38.04 -34.95
C11 CLA OF . 63.52 -36.97 -35.49
C12 CLA OF . 62.82 -35.82 -36.19
C13 CLA OF . 62.41 -36.08 -37.64
C14 CLA OF . 63.25 -37.15 -38.33
C15 CLA OF . 62.39 -34.76 -38.43
C16 CLA OF . 62.97 -34.85 -39.85
C17 CLA OF . 63.65 -33.56 -40.23
C18 CLA OF . 64.96 -33.43 -39.45
C19 CLA OF . 66.06 -34.33 -40.00
C20 CLA OF . 65.44 -32.00 -39.42
MG CLA PF . 72.99 -35.07 -19.05
CHA CLA PF . 71.66 -37.71 -20.88
CHB CLA PF . 75.17 -37.30 -17.61
CHC CLA PF . 75.04 -32.45 -18.10
CHD CLA PF . 71.26 -32.83 -21.20
NA CLA PF . 73.28 -37.14 -19.17
C1A CLA PF . 72.64 -38.07 -20.00
C2A CLA PF . 73.13 -39.50 -19.74
C3A CLA PF . 73.95 -39.34 -18.44
C4A CLA PF . 74.17 -37.83 -18.39
CMA CLA PF . 73.22 -39.88 -17.23
CAA CLA PF . 73.93 -40.14 -20.87
CBA CLA PF . 75.06 -39.29 -21.39
CGA CLA PF . 76.33 -39.50 -20.62
O1A CLA PF . 76.90 -40.56 -20.37
O2A CLA PF . 76.90 -38.33 -20.19
NB CLA PF . 74.73 -34.91 -18.05
C1B CLA PF . 75.44 -35.94 -17.53
C2B CLA PF . 76.64 -35.44 -16.81
C3B CLA PF . 76.62 -34.06 -16.93
C4B CLA PF . 75.41 -33.71 -17.72
CMB CLA PF . 77.57 -36.37 -16.17
CAB CLA PF . 77.53 -33.04 -16.47
CBB CLA PF . 78.19 -33.06 -15.31
NC CLA PF . 73.06 -33.01 -19.47
C1C CLA PF . 73.92 -32.11 -18.91
C2C CLA PF . 73.62 -30.76 -19.37
C3C CLA PF . 72.62 -30.89 -20.32
C4C CLA PF . 72.25 -32.30 -20.38
CMC CLA PF . 74.32 -29.53 -18.98
CAC CLA PF . 71.96 -29.79 -21.07
CBC CLA PF . 72.73 -29.35 -22.29
ND CLA PF . 71.66 -35.17 -20.56
C1D CLA PF . 70.98 -34.18 -21.31
C2D CLA PF . 69.99 -34.82 -22.19
C3D CLA PF . 70.19 -36.19 -22.05
C4D CLA PF . 71.28 -36.34 -21.06
CMD CLA PF . 69.05 -34.10 -23.04
CAD CLA PF . 69.77 -37.53 -22.44
OBD CLA PF . 68.83 -37.88 -23.12
CBD CLA PF . 70.78 -38.52 -21.80
CGD CLA PF . 70.09 -39.66 -21.09
O1D CLA PF . 69.85 -39.77 -19.88
O2D CLA PF . 69.69 -40.65 -21.93
CED CLA PF . 70.37 -41.90 -21.83
NB KC2 QF . 68.17 -35.37 -29.52
ND KC2 QF . 70.68 -36.51 -26.52
C1A KC2 QF . 69.15 -39.22 -27.66
C1B KC2 QF . 67.34 -36.16 -30.21
C1C KC2 QF . 69.76 -32.91 -28.69
C1D KC2 QF . 71.60 -35.85 -25.77
C2A KC2 QF . 68.50 -40.41 -28.21
C2B KC2 QF . 66.69 -35.44 -31.33
C2C KC2 QF . 70.60 -31.80 -28.26
C2D KC2 QF . 72.34 -36.83 -24.95
C3A KC2 QF . 67.59 -39.83 -29.22
C3B KC2 QF . 67.22 -34.08 -31.23
C3C KC2 QF . 71.40 -32.32 -27.14
C3D KC2 QF . 71.76 -38.15 -25.29
C4A KC2 QF . 67.80 -38.36 -29.15
C4B KC2 QF . 68.13 -34.14 -30.07
C4C KC2 QF . 70.93 -33.72 -27.04
C4D KC2 QF . 70.76 -37.89 -26.25
CAA KC2 QF . 68.66 -41.85 -27.89
CAB KC2 QF . 67.05 -32.79 -31.95
CAC KC2 QF . 72.43 -31.54 -26.37
CAD KC2 QF . 71.83 -39.62 -25.00
CBA KC2 QF . 67.87 -42.63 -27.18
CBB KC2 QF . 66.52 -32.71 -33.17
CBC KC2 QF . 71.75 -30.57 -25.46
CBD KC2 QF . 71.11 -40.21 -26.12
CED KC2 QF . 73.27 -39.75 -29.20
CGA KC2 QF . 68.45 -43.12 -25.93
CGD KC2 QF . 72.11 -40.54 -27.17
CHA KC2 QF . 70.16 -39.20 -26.60
CHB KC2 QF . 66.99 -37.57 -30.08
CHC KC2 QF . 68.77 -32.88 -29.77
CHD KC2 QF . 71.67 -34.39 -25.93
CMA KC2 QF . 66.62 -40.50 -30.17
CMB KC2 QF . 65.71 -35.99 -32.33
CMC KC2 QF . 70.58 -30.42 -28.87
CMD KC2 QF . 73.42 -36.32 -24.03
NA KC2 QF . 68.71 -37.94 -28.25
NC KC2 QF . 69.89 -34.07 -28.04
O1A KC2 QF . 69.03 -42.29 -25.19
O1D KC2 QF . 73.10 -41.21 -26.91
O2A KC2 QF . 68.57 -44.37 -25.80
O2D KC2 QF . 72.10 -39.77 -28.39
OBD KC2 QF . 72.68 -39.95 -24.10
MG KC2 QF . 69.24 -36.00 -27.90
MG CLA RF . 69.34 -17.20 -24.78
CHA CLA RF . 71.03 -14.35 -25.76
CHB CLA RF . 72.22 -19.02 -24.99
CHC CLA RF . 67.84 -19.80 -23.06
CHD CLA RF . 66.56 -15.17 -23.85
NA CLA RF . 71.31 -16.74 -25.32
C1A CLA RF . 71.81 -15.49 -25.72
C2A CLA RF . 73.30 -15.62 -26.10
C3A CLA RF . 73.62 -17.13 -25.88
C4A CLA RF . 72.30 -17.69 -25.36
CMA CLA RF . 74.03 -17.80 -27.16
CAA CLA RF . 74.29 -14.65 -25.46
CBA CLA RF . 75.58 -14.65 -26.25
CGA CLA RF . 75.40 -14.14 -27.66
O1A CLA RF . 75.12 -13.01 -28.06
O2A CLA RF . 75.61 -15.11 -28.60
NB CLA RF . 69.93 -19.02 -24.12
C1B CLA RF . 71.07 -19.65 -24.46
C2B CLA RF . 70.94 -21.13 -24.23
C3B CLA RF . 69.70 -21.32 -23.67
C4B CLA RF . 69.06 -20.00 -23.59
CMB CLA RF . 72.02 -22.08 -24.48
CAB CLA RF . 69.00 -22.49 -23.20
CBB CLA RF . 68.82 -23.61 -23.90
NC CLA RF . 67.57 -17.42 -23.66
C1C CLA RF . 67.15 -18.57 -23.07
C2C CLA RF . 65.84 -18.43 -22.48
C3C CLA RF . 65.47 -17.10 -22.67
C4C CLA RF . 66.55 -16.50 -23.45
CMC CLA RF . 65.13 -19.49 -21.78
CAC CLA RF . 64.16 -16.51 -22.31
CBC CLA RF . 63.97 -16.10 -20.87
ND CLA RF . 68.87 -15.24 -24.71
C1D CLA RF . 67.66 -14.58 -24.41
C2D CLA RF . 67.75 -13.17 -24.83
C3D CLA RF . 69.02 -13.03 -25.37
C4D CLA RF . 69.69 -14.34 -25.24
CMD CLA RF . 66.65 -12.24 -24.64
CAD CLA RF . 69.95 -12.13 -25.99
OBD CLA RF . 69.79 -10.95 -26.29
CBD CLA RF . 71.27 -12.94 -26.25
CGD CLA RF . 71.67 -12.94 -27.70
O1D CLA RF . 72.12 -13.87 -28.35
O2D CLA RF . 71.50 -11.76 -28.34
CED CLA RF . 72.65 -10.94 -28.54
MG CLA SF . 59.14 -13.31 -22.12
CHA CLA SF . 60.10 -10.13 -23.13
CHB CLA SF . 61.77 -13.31 -19.92
CHC CLA SF . 57.69 -15.90 -20.38
CHD CLA SF . 56.09 -12.87 -23.87
NA CLA SF . 60.69 -11.98 -21.68
C1A CLA SF . 60.92 -10.71 -22.21
C2A CLA SF . 62.19 -10.13 -21.59
C3A CLA SF . 62.91 -11.38 -21.12
C4A CLA SF . 61.71 -12.29 -20.84
CMA CLA SF . 63.75 -11.98 -22.20
CAA CLA SF . 61.86 -9.36 -20.33
CBA CLA SF . 62.15 -7.87 -20.38
CGA CLA SF . 61.03 -7.11 -21.02
O1A CLA SF . 59.82 -7.20 -20.81
O2A CLA SF . 61.44 -6.19 -21.95
NB CLA SF . 59.67 -14.43 -20.53
C1B CLA SF . 60.72 -14.20 -19.68
C2B CLA SF . 60.62 -15.04 -18.47
C3B CLA SF . 59.46 -15.78 -18.60
C4B CLA SF . 58.87 -15.42 -19.91
CMB CLA SF . 61.64 -14.97 -17.42
CAB CLA SF . 58.80 -16.76 -17.77
CBB CLA SF . 59.23 -17.36 -16.65
NC CLA SF . 57.28 -14.28 -22.20
C1C CLA SF . 56.94 -15.38 -21.47
C2C CLA SF . 55.63 -15.88 -21.87
C3C CLA SF . 55.12 -14.92 -22.75
C4C CLA SF . 56.19 -13.95 -22.98
CMC CLA SF . 54.97 -17.05 -21.33
CAC CLA SF . 53.84 -14.97 -23.45
CBC CLA SF . 53.92 -15.70 -24.77
ND CLA SF . 58.26 -11.90 -23.27
C1D CLA SF . 57.05 -11.89 -24.00
C2D CLA SF . 57.02 -10.70 -24.88
C3D CLA SF . 58.18 -9.98 -24.58
C4D CLA SF . 58.90 -10.77 -23.56
CMD CLA SF . 55.94 -10.38 -25.81
CAD CLA SF . 58.98 -8.82 -24.86
OBD CLA SF . 58.78 -7.91 -25.68
CBD CLA SF . 60.21 -8.86 -23.91
CGD CLA SF . 61.50 -8.77 -24.69
O1D CLA SF . 62.28 -9.68 -25.03
O2D CLA SF . 61.82 -7.50 -25.05
CED CLA SF . 62.00 -7.25 -26.45
C1 CLA SF . 61.05 -4.82 -21.72
C2 CLA SF . 61.81 -4.43 -20.51
C3 CLA SF . 62.96 -3.73 -20.51
C4 CLA SF . 63.59 -3.25 -21.77
C5 CLA SF . 63.64 -3.40 -19.23
C6 CLA SF . 62.98 -4.11 -18.06
C7 CLA SF . 63.55 -3.78 -16.69
C8 CLA SF . 62.70 -4.38 -15.58
C9 CLA SF . 61.21 -4.39 -15.88
C10 CLA SF . 62.94 -3.66 -14.26
C11 CLA SF . 64.19 -4.16 -13.57
C12 CLA SF . 63.91 -4.50 -12.13
C13 CLA SF . 62.90 -5.64 -11.97
C14 CLA SF . 62.41 -5.70 -10.54
C15 CLA SF . 63.44 -6.97 -12.50
C16 CLA SF . 63.64 -8.04 -11.44
C17 CLA SF . 64.46 -9.22 -11.88
C18 CLA SF . 64.51 -10.30 -10.80
C19 CLA SF . 63.30 -11.22 -10.85
C20 CLA SF . 64.72 -9.74 -9.41
C03 II0 TF . 57.72 -42.30 -33.72
C04 II0 TF . 71.36 -22.42 -28.95
C05 II0 TF . 57.49 -43.89 -33.39
C06 II0 TF . 71.66 -20.82 -29.30
C07 II0 TF . 57.89 -44.26 -32.14
C08 II0 TF . 70.58 -20.21 -29.89
C09 II0 TF . 57.68 -41.42 -32.53
C10 II0 TF . 70.18 -22.59 -28.12
C11 II0 TF . 57.10 -43.37 -30.93
C12 II0 TF . 69.19 -20.30 -28.95
C13 II0 TF . 57.19 -41.97 -31.11
C14 II0 TF . 69.22 -21.31 -27.89
C15 II0 TF . 59.13 -42.15 -34.40
C16 II0 TF . 56.60 -41.81 -34.72
C17 II0 TF . 72.57 -23.08 -28.24
C18 II0 TF . 71.16 -23.16 -30.31
C19 II0 TF . 57.51 -41.11 -29.90
C20 II0 TF . 68.01 -21.45 -26.96
C21 II0 TF . 58.16 -39.96 -32.61
C22 II0 TF . 69.72 -24.01 -27.67
C23 II0 TF . 58.52 -38.82 -32.68
C24 II0 TF . 69.40 -25.13 -27.39
C25 II0 TF . 59.12 -37.41 -32.76
C26 II0 TF . 69.01 -26.62 -27.16
C27 II0 TF . 58.51 -36.32 -33.65
C28 II0 TF . 69.60 -27.43 -26.05
C29 II0 TF . 60.24 -37.17 -31.99
C30 II0 TF . 68.10 -27.13 -27.99
C31 II0 TF . 60.89 -35.77 -32.02
C32 II0 TF . 67.62 -28.60 -27.85
C33 II0 TF . 61.68 -35.47 -30.96
C34 II0 TF . 66.32 -28.80 -27.71
C35 II0 TF . 62.34 -34.11 -30.89
C36 II0 TF . 65.78 -30.23 -27.60
C37 II0 TF . 61.97 -33.02 -31.86
C38 II0 TF . 66.02 -31.08 -26.37
C39 II0 TF . 63.25 -33.90 -29.91
C40 II0 TF . 65.07 -30.68 -28.64
C41 II0 TF . 63.89 -32.51 -29.83
C42 II0 TF . 64.45 -32.10 -28.65
O01 II0 TF . 57.53 -45.61 -31.96
O02 II0 TF . 70.91 -18.84 -30.10
C03 II0 UF . 59.48 -23.88 -10.14
C04 II0 UF . 56.45 -22.74 -34.46
C05 II0 UF . 59.30 -24.45 -8.61
C06 II0 UF . 56.87 -21.86 -35.81
C07 II0 UF . 58.65 -25.65 -8.57
C08 II0 UF . 55.77 -21.53 -36.54
C09 II0 UF . 59.44 -24.93 -11.18
C10 II0 UF . 55.08 -22.57 -34.00
C11 II0 UF . 59.53 -26.83 -9.42
C12 II0 UF . 54.70 -20.59 -35.68
C13 II0 UF . 59.70 -26.47 -10.79
C14 II0 UF . 54.36 -21.19 -34.39
C15 II0 UF . 58.33 -22.87 -10.45
C16 II0 UF . 60.85 -23.11 -10.24
C17 II0 UF . 56.77 -24.22 -34.73
C18 II0 UF . 57.36 -22.30 -33.27
C19 II0 UF . 59.75 -27.54 -11.87
C20 II0 UF . 53.06 -20.77 -33.70
C21 II0 UF . 59.74 -24.52 -12.67
C22 II0 UF . 54.81 -23.09 -32.56
C23 II0 UF . 60.04 -24.29 -13.80
C24 II0 UF . 54.61 -23.50 -31.46
C25 II0 UF . 60.15 -23.76 -15.25
C26 II0 UF . 54.22 -24.09 -30.08
C27 II0 UF . 61.44 -23.17 -15.76
C28 II0 UF . 52.85 -24.68 -29.87
C29 II0 UF . 59.01 -23.86 -16.06
C30 II0 UF . 55.13 -24.07 -29.11
C31 II0 UF . 59.06 -23.36 -17.54
C32 II0 UF . 54.87 -24.64 -27.68
C33 II0 UF . 58.27 -24.09 -18.36
C34 II0 UF . 55.72 -24.20 -26.77
C35 II0 UF . 58.27 -23.75 -19.84
C36 II0 UF . 55.66 -24.62 -25.30
C37 II0 UF . 59.37 -22.89 -20.38
C38 II0 UF . 54.51 -25.46 -24.76
C39 II0 UF . 57.29 -24.21 -20.63
C40 II0 UF . 56.62 -24.17 -24.49
C41 II0 UF . 57.32 -23.83 -22.13
C42 II0 UF . 56.57 -24.56 -23.00
O01 II0 UF . 58.57 -26.08 -7.24
O02 II0 UF . 56.21 -20.84 -37.72
C02 IHT VF . 67.02 -25.18 -12.99
C03 IHT VF . 53.82 -15.81 -31.24
C04 IHT VF . 67.91 -26.42 -13.62
C05 IHT VF . 53.81 -14.55 -32.31
C06 IHT VF . 69.22 -26.30 -13.33
C07 IHT VF . 67.52 -23.88 -13.42
C08 IHT VF . 52.84 -13.65 -32.02
C09 IHT VF . 69.87 -24.86 -13.88
C10 IHT VF . 69.11 -23.73 -13.46
C11 IHT VF . 54.03 -15.29 -29.89
C12 IHT VF . 53.08 -12.94 -30.47
C13 IHT VF . 67.11 -25.26 -11.42
C14 IHT VF . 65.49 -25.34 -13.44
C15 IHT VF . 53.33 -13.89 -29.46
C16 IHT VF . 52.48 -16.53 -31.29
C17 IHT VF . 54.93 -16.78 -31.60
C18 IHT VF . 66.67 -23.02 -14.37
C19 IHT VF . 69.79 -22.60 -12.67
C20 IHT VF . 53.22 -13.48 -27.98
C21 IHT VF . 54.77 -16.16 -28.84
C22 IHT VF . 66.59 -21.70 -14.16
C23 IHT VF . 65.72 -20.77 -15.10
C24 IHT VF . 55.37 -16.87 -28.03
C25 IHT VF . 65.31 -19.35 -14.61
C26 IHT VF . 56.15 -17.78 -27.05
C27 IHT VF . 65.36 -21.21 -16.34
C28 IHT VF . 55.78 -19.25 -26.93
C29 IHT VF . 57.16 -17.25 -26.32
C30 IHT VF . 64.50 -20.27 -17.27
C31 IHT VF . 57.94 -18.16 -25.35
C32 IHT VF . 63.45 -20.76 -17.96
C33 IHT VF . 62.64 -19.81 -18.84
C34 IHT VF . 57.67 -18.17 -24.04
C35 IHT VF . 58.51 -19.11 -23.10
C36 IHT VF . 62.38 -18.38 -18.38
C37 IHT VF . 62.16 -20.24 -20.04
C38 IHT VF . 59.25 -18.58 -22.10
C39 IHT VF . 58.51 -20.64 -23.36
C40 IHT VF . 61.35 -19.27 -20.94
C41 IHT VF . 60.08 -19.54 -21.21
O01 IHT VF . 52.87 -12.63 -33.00
C03 II0 WF . 50.83 -33.51 -28.78
C04 II0 WF . 46.27 -22.96 -50.74
C05 II0 WF . 50.22 -34.44 -27.56
C06 II0 WF . 46.36 -21.95 -52.06
C07 II0 WF . 49.27 -33.79 -26.87
C08 II0 WF . 47.40 -22.26 -52.92
C09 II0 WF . 49.83 -32.65 -29.43
C10 II0 WF . 47.18 -24.09 -50.80
C11 II0 WF . 47.92 -33.42 -27.87
C12 II0 WF . 47.37 -23.84 -53.40
C13 II0 WF . 48.28 -32.96 -29.17
C14 II0 WF . 47.38 -24.75 -52.25
C15 II0 WF . 51.94 -32.55 -28.20
C16 II0 WF . 51.46 -34.44 -29.89
C17 II0 WF . 46.61 -22.12 -49.49
C18 II0 WF . 44.79 -23.48 -50.60
C19 II0 WF . 47.25 -32.24 -30.02
C20 II0 WF . 47.99 -26.16 -52.38
C21 II0 WF . 50.26 -31.94 -30.76
C22 II0 WF . 47.27 -25.11 -49.62
C23 II0 WF . 50.58 -31.35 -31.76
C24 II0 WF . 47.37 -26.01 -48.82
C25 II0 WF . 50.89 -30.47 -32.99
C26 II0 WF . 47.43 -26.89 -47.55
C27 II0 WF . 51.53 -29.10 -32.81
C28 II0 WF . 46.30 -27.81 -47.21
C29 II0 WF . 50.58 -30.90 -34.26
C30 II0 WF . 48.49 -26.78 -46.71
C31 II0 WF . 50.87 -29.97 -35.48
C32 II0 WF . 48.48 -27.67 -45.42
C33 II0 WF . 50.64 -30.47 -36.71
C34 II0 WF . 49.44 -28.61 -45.28
C35 II0 WF . 50.86 -29.62 -37.95
C36 II0 WF . 49.35 -29.44 -44.00
C37 II0 WF . 51.57 -28.28 -37.85
C38 II0 WF . 48.39 -30.64 -43.94
C39 II0 WF . 50.37 -30.08 -39.14
C40 II0 WF . 50.06 -29.05 -42.93
C41 II0 WF . 50.51 -29.28 -40.45
C42 II0 WF . 49.98 -29.82 -41.59
O01 II0 WF . 48.86 -34.62 -25.81
O02 II0 WF . 47.35 -21.41 -54.07
O1 LHG XF . 75.18 -36.17 -12.68
C1 LHG XF . 74.49 -35.65 -13.83
C2 LHG XF . 73.25 -36.49 -14.06
O2 LHG XF . 73.63 -37.87 -14.07
C3 LHG XF . 72.66 -36.10 -15.40
O3 LHG XF . 72.74 -34.69 -15.54
P LHG XF . 71.49 -33.88 -16.13
O4 LHG XF . 70.32 -34.08 -15.20
O5 LHG XF . 71.43 -34.33 -17.58
O6 LHG XF . 71.97 -32.34 -16.06
C4 LHG XF . 71.30 -31.36 -15.26
C5 LHG XF . 72.23 -30.18 -14.97
C6 LHG XF . 71.47 -29.04 -14.29
O7 LHG XF . 73.30 -30.56 -14.10
C7 LHG XF . 74.50 -30.90 -14.85
O9 LHG XF . 74.82 -32.06 -14.92
C8 LHG XF . 75.32 -29.83 -15.54
C9 LHG XF . 76.22 -29.05 -14.58
C10 LHG XF . 75.47 -27.90 -13.93
O8 LHG XF . 70.88 -28.19 -15.27
C23 LHG XF . 71.72 -27.49 -16.24
O10 LHG XF . 71.74 -27.91 -17.39
C24 LHG XF . 72.56 -26.30 -15.81
C11 LHG XF . 76.37 -27.07 -13.00
C12 LHG XF . 77.43 -26.32 -13.76
C13 LHG XF . 78.18 -25.38 -12.82
C14 LHG XF . 77.25 -24.33 -12.23
C25 LHG XF . 73.48 -25.87 -16.95
C26 LHG XF . 72.80 -24.94 -17.94
C27 LHG XF . 72.54 -23.57 -17.33
C28 LHG XF . 73.86 -22.87 -17.04
C29 LHG XF . 73.62 -21.44 -16.54
C30 LHG XF . 73.01 -21.43 -15.14
C31 LHG XF . 73.98 -22.03 -14.12
C32 LHG XF . 73.47 -21.77 -12.71
C33 LHG XF . 73.36 -20.26 -12.46
C34 LHG XF . 72.76 -19.94 -11.10
O1 LHG YF . 40.42 -54.87 -38.84
C1 LHG YF . 39.87 -54.77 -40.15
C2 LHG YF . 40.37 -53.53 -40.90
O2 LHG YF . 41.80 -53.42 -40.85
C3 LHG YF . 39.76 -52.26 -40.34
O3 LHG YF . 40.09 -51.14 -41.18
P LHG YF . 38.99 -50.01 -41.47
O4 LHG YF . 38.08 -50.00 -40.27
O5 LHG YF . 38.45 -50.19 -42.92
O6 LHG YF . 39.91 -48.69 -41.42
C4 LHG YF . 39.52 -47.50 -40.71
C5 LHG YF . 40.78 -46.72 -40.31
C6 LHG YF . 41.51 -46.43 -41.60
O7 LHG YF . 40.46 -45.45 -39.75
C7 LHG YF . 41.39 -45.09 -38.69
O9 LHG YF . 41.82 -45.97 -37.96
C8 LHG YF . 41.81 -43.64 -38.51
C9 LHG YF . 42.54 -43.37 -37.20
C10 LHG YF . 44.02 -43.74 -37.25
O8 LHG YF . 40.72 -45.52 -42.34
C23 LHG YF . 41.26 -44.21 -42.69
O10 LHG YF . 42.32 -44.17 -43.26
C24 LHG YF . 40.50 -42.96 -42.33
C11 LHG YF . 44.76 -43.24 -36.02
C12 LHG YF . 44.65 -41.72 -35.91
C13 LHG YF . 45.59 -41.18 -34.83
C14 LHG YF . 45.45 -39.67 -34.70
C25 LHG YF . 41.19 -41.80 -43.03
C26 LHG YF . 40.97 -40.48 -42.30
C27 LHG YF . 41.63 -39.37 -43.09
C28 LHG YF . 41.40 -37.98 -42.50
C29 LHG YF . 42.07 -37.79 -41.14
C30 LHG YF . 42.16 -36.30 -40.83
C31 LHG YF . 42.51 -36.03 -39.37
C32 LHG YF . 43.75 -36.77 -38.90
C33 LHG YF . 44.13 -36.30 -37.50
C34 LHG YF . 42.98 -36.42 -36.51
O1 LHG ZF . -34.67 -36.17 -23.42
C1 LHG ZF . -33.34 -36.66 -23.26
C2 LHG ZF . -32.42 -35.47 -23.43
O2 LHG ZF . -31.16 -35.77 -22.81
C3 LHG ZF . -33.11 -34.34 -22.70
O3 LHG ZF . -32.46 -33.12 -22.99
P LHG ZF . -32.09 -32.17 -21.80
O4 LHG ZF . -31.64 -33.08 -20.69
O5 LHG ZF . -33.21 -31.16 -21.61
O6 LHG ZF . -30.85 -31.41 -22.49
C4 LHG ZF . -29.63 -32.03 -22.86
C5 LHG ZF . -29.55 -32.13 -24.38
C6 LHG ZF . -29.29 -30.78 -25.01
O7 LHG ZF . -28.47 -32.96 -24.79
C7 LHG ZF . -28.97 -34.16 -25.45
O9 LHG ZF . -28.78 -35.23 -24.91
C8 LHG ZF . -29.68 -34.07 -26.78
C9 LHG ZF . -28.72 -33.52 -27.84
C10 LHG ZF . -29.36 -32.34 -28.57
O8 LHG ZF . -28.47 -29.96 -24.19
C23 LHG ZF . -27.79 -28.84 -24.81
O10 LHG ZF . -28.27 -28.35 -25.82
C24 LHG ZF . -26.52 -28.28 -24.20
C11 LHG ZF . -30.49 -32.74 -29.49
C12 LHG ZF . -30.09 -32.45 -30.93
C13 LHG ZF . -29.96 -30.94 -31.15
C14 LHG ZF . -29.68 -30.62 -32.62
C15 LHG ZF . -28.41 -31.33 -33.05
C16 LHG ZF . -28.05 -31.06 -34.50
C17 LHG ZF . -28.10 -29.58 -34.82
C18 LHG ZF . -27.67 -29.35 -36.25
C19 LHG ZF . -26.28 -29.89 -36.51
C20 LHG ZF . -25.96 -29.86 -38.01
C21 LHG ZF . -25.83 -28.44 -38.54
C22 LHG ZF . -24.59 -27.77 -37.99
C25 LHG ZF . -26.66 -28.02 -22.70
C26 LHG ZF . -25.44 -27.29 -22.17
C27 LHG ZF . -25.35 -25.87 -22.73
C28 LHG ZF . -26.28 -24.91 -21.98
C29 LHG ZF . -25.94 -24.97 -20.48
C30 LHG ZF . -26.02 -23.63 -19.76
C31 LHG ZF . -24.79 -22.79 -20.08
C32 LHG ZF . -24.52 -21.73 -19.01
C33 LHG ZF . -25.75 -20.86 -18.84
C34 LHG ZF . -25.83 -19.89 -20.00
C35 LHG ZF . -27.20 -19.22 -19.99
C36 LHG ZF . -27.28 -18.00 -20.90
C37 LHG ZF . -28.68 -17.43 -20.82
C38 LHG ZF . -28.77 -16.11 -21.56
MG CLA AG . -4.45 -53.36 -43.57
CHA CLA AG . -7.46 -54.31 -44.99
CHB CLA AG . -2.99 -56.18 -44.89
CHC CLA AG . -1.36 -52.13 -42.78
CHD CLA AG . -5.86 -50.21 -42.81
NA CLA AG . -5.14 -54.97 -44.71
C1A CLA AG . -6.43 -55.18 -45.22
C2A CLA AG . -6.52 -56.52 -45.97
C3A CLA AG . -5.15 -57.15 -45.72
C4A CLA AG . -4.36 -56.03 -45.07
CMA CLA AG . -5.26 -58.32 -44.78
CAA CLA AG . -6.87 -56.42 -47.45
CBA CLA AG . -5.69 -56.24 -48.36
CGA CLA AG . -5.44 -54.78 -48.58
O1A CLA AG . -4.87 -53.99 -47.83
O2A CLA AG . -5.94 -54.29 -49.75
NB CLA AG . -2.55 -54.01 -43.83
C1B CLA AG . -2.17 -55.22 -44.30
C2B CLA AG . -0.71 -55.41 -44.08
C3B CLA AG . -0.25 -54.27 -43.48
C4B CLA AG . -1.41 -53.37 -43.30
CMB CLA AG . 0.03 -56.59 -44.49
CAB CLA AG . 1.07 -53.90 -43.06
CBB CLA AG . 1.84 -52.98 -43.67
NC CLA AG . -3.76 -51.51 -42.87
C1C CLA AG . -2.46 -51.25 -42.57
C2C CLA AG . -2.31 -49.90 -42.06
C3C CLA AG . -3.57 -49.31 -42.12
C4C CLA AG . -4.47 -50.34 -42.63
CMC CLA AG . -1.02 -49.35 -41.64
CAC CLA AG . -3.94 -47.92 -41.75
CBC CLA AG . -3.72 -47.46 -40.32
ND CLA AG . -6.22 -52.44 -43.75
C1D CLA AG . -6.69 -51.17 -43.33
C2D CLA AG . -8.13 -51.10 -43.54
C3D CLA AG . -8.49 -52.29 -44.14
C4D CLA AG . -7.26 -53.07 -44.29
CMD CLA AG . -8.96 -49.97 -43.15
CAD CLA AG . -9.57 -53.10 -44.69
OBD CLA AG . -10.77 -52.90 -44.70
CBD CLA AG . -8.93 -54.36 -45.32
CGD CLA AG . -9.58 -55.62 -44.84
O1D CLA AG . -10.47 -56.27 -45.39
O2D CLA AG . -9.12 -56.06 -43.64
CED CLA AG . -9.61 -57.34 -43.21
C1 CLA AG . -4.96 -53.99 -50.76
C2 CLA AG . -5.58 -53.07 -51.76
C3 CLA AG . -4.86 -52.46 -52.72
C4 CLA AG . -3.41 -52.65 -52.89
C5 CLA AG . -5.50 -51.54 -53.70
C6 CLA AG . -4.95 -50.14 -53.55
C7 CLA AG . -5.39 -49.25 -54.71
MG CLA BG . -15.90 -46.53 -39.56
CHA CLA BG . -14.83 -49.36 -37.88
CHB CLA BG . -17.29 -45.40 -36.66
CHC CLA BG . -16.19 -43.39 -40.93
CHD CLA BG . -13.81 -47.46 -42.28
NA CLA BG . -16.06 -47.29 -37.63
C1A CLA BG . -15.55 -48.49 -37.12
C2A CLA BG . -15.91 -48.66 -35.65
C3A CLA BG . -16.97 -47.58 -35.44
C4A CLA BG . -16.77 -46.67 -36.65
CMA CLA BG . -18.33 -48.22 -35.42
CAA CLA BG . -14.71 -48.43 -34.74
CBA CLA BG . -14.74 -47.14 -33.95
CGA CLA BG . -14.08 -46.08 -34.75
O1A CLA BG . -13.21 -46.26 -35.60
O2A CLA BG . -14.48 -44.80 -34.50
NB CLA BG . -16.58 -44.76 -38.90
C1B CLA BG . -17.16 -44.51 -37.72
C2B CLA BG . -17.71 -43.12 -37.67
C3B CLA BG . -17.41 -42.55 -38.88
C4B CLA BG . -16.70 -43.59 -39.68
CMB CLA BG . -18.40 -42.61 -36.49
CAB CLA BG . -17.65 -41.25 -39.44
CBB CLA BG . -17.77 -40.09 -38.80
NC CLA BG . -15.19 -45.63 -41.30
C1C CLA BG . -15.49 -44.35 -41.69
C2C CLA BG . -14.91 -44.07 -42.99
C3C CLA BG . -14.17 -45.19 -43.34
C4C CLA BG . -14.37 -46.18 -42.29
CMC CLA BG . -15.02 -42.80 -43.70
CAC CLA BG . -13.39 -45.39 -44.56
CBC CLA BG . -11.95 -45.00 -44.39
ND CLA BG . -14.65 -48.05 -40.06
C1D CLA BG . -13.92 -48.35 -41.22
C2D CLA BG . -13.35 -49.70 -41.10
C3D CLA BG . -13.71 -50.14 -39.85
C4D CLA BG . -14.48 -49.06 -39.22
CMD CLA BG . -12.57 -50.39 -42.12
CAD CLA BG . -13.62 -51.22 -38.89
OBD CLA BG . -13.15 -52.34 -39.02
CBD CLA BG . -14.29 -50.74 -37.58
CGD CLA BG . -15.36 -51.71 -37.18
O1D CLA BG . -15.25 -52.69 -36.45
O2D CLA BG . -16.59 -51.48 -37.70
CED CLA BG . -17.69 -52.05 -37.00
C1 CLA BG . -13.95 -43.82 -35.43
C2 CLA BG . -14.42 -42.47 -35.06
C3 CLA BG . -14.16 -41.39 -35.80
C4 CLA BG . -13.37 -41.44 -37.06
C5 CLA BG . -14.65 -40.05 -35.41
MG CLA CG . -20.05 -35.62 -37.90
CHA CLA CG . -21.35 -36.51 -34.83
CHB CLA CG . -17.12 -37.19 -37.06
CHC CLA CG . -18.48 -34.16 -40.58
CHD CLA CG . -22.82 -33.44 -38.38
NA CLA CG . -19.39 -36.69 -36.23
C1A CLA CG . -20.10 -37.00 -35.07
C2A CLA CG . -19.26 -37.86 -34.14
C3A CLA CG . -17.93 -38.02 -34.88
C4A CLA CG . -18.16 -37.27 -36.16
CMA CLA CG . -16.82 -37.35 -34.09
CAA CLA CG . -19.90 -39.24 -34.05
CBA CLA CG . -19.19 -40.21 -33.15
CGA CLA CG . -19.10 -39.69 -31.75
O1A CLA CG . -20.00 -39.38 -30.98
O2A CLA CG . -17.80 -39.58 -31.35
NB CLA CG . -18.20 -35.70 -38.68
C1B CLA CG . -17.16 -36.47 -38.26
C2B CLA CG . -16.03 -36.40 -39.22
C3B CLA CG . -16.41 -35.54 -40.21
C4B CLA CG . -17.78 -35.06 -39.86
CMB CLA CG . -14.77 -37.09 -39.01
CAB CLA CG . -15.69 -35.02 -41.33
CBB CLA CG . -14.58 -34.29 -41.23
NC CLA CG . -20.58 -34.12 -39.25
C1C CLA CG . -19.81 -33.74 -40.29
C2C CLA CG . -20.49 -32.73 -41.08
C3C CLA CG . -21.70 -32.48 -40.43
C4C CLA CG . -21.76 -33.37 -39.29
CMC CLA CG . -19.91 -32.11 -42.27
CAC CLA CG . -22.74 -31.52 -40.84
CBC CLA CG . -23.68 -32.10 -41.86
ND CLA CG . -21.69 -35.02 -36.89
C1D CLA CG . -22.80 -34.21 -37.24
C2D CLA CG . -23.82 -34.30 -36.18
C3D CLA CG . -23.31 -35.15 -35.23
C4D CLA CG . -21.98 -35.58 -35.71
CMD CLA CG . -25.08 -33.58 -36.18
CAD CLA CG . -23.50 -35.73 -33.93
OBD CLA CG . -24.39 -35.56 -33.12
CBD CLA CG . -22.31 -36.70 -33.67
CGD CLA CG . -21.68 -36.49 -32.32
O1D CLA CG . -21.83 -37.17 -31.31
O2D CLA CG . -20.85 -35.41 -32.23
CED CLA CG . -20.27 -35.15 -30.96
C1 CLA CG . -17.51 -39.53 -29.94
C2 CLA CG . -17.38 -38.10 -29.58
C3 CLA CG . -16.28 -37.36 -29.83
C4 CLA CG . -15.07 -37.91 -30.49
C5 CLA CG . -16.24 -35.93 -29.43
C6 CLA CG . -15.97 -35.01 -30.60
MG CLA DG . -30.16 -32.86 -54.96
CHA CLA DG . -31.54 -30.24 -56.73
CHB CLA DG . -29.59 -30.69 -52.36
CHC CLA DG . -29.70 -35.51 -52.83
CHD CLA DG . -31.58 -35.08 -57.33
NA CLA DG . -30.47 -30.81 -54.64
C1A CLA DG . -31.03 -29.89 -55.52
C2A CLA DG . -31.07 -28.50 -54.89
C3A CLA DG . -30.19 -28.64 -53.64
C4A CLA DG . -30.07 -30.15 -53.52
CMA CLA DG . -28.85 -28.00 -53.80
CAA CLA DG . -32.49 -28.05 -54.55
CBA CLA DG . -33.30 -28.96 -53.63
CGA CLA DG . -33.85 -30.18 -54.31
O1A CLA DG . -34.66 -30.29 -55.23
O2A CLA DG . -33.33 -31.32 -53.81
NB CLA DG . -29.74 -33.06 -53.00
C1B CLA DG . -29.45 -32.06 -52.14
C2B CLA DG . -28.96 -32.58 -50.85
C3B CLA DG . -28.99 -33.96 -50.95
C4B CLA DG . -29.48 -34.27 -52.33
CMB CLA DG . -28.61 -31.67 -49.76
CAB CLA DG . -28.65 -35.03 -50.05
CBB CLA DG . -27.98 -34.97 -48.89
NC CLA DG . -30.50 -34.91 -55.10
C1C CLA DG . -30.18 -35.82 -54.14
C2C CLA DG . -30.47 -37.16 -54.60
C3C CLA DG . -31.09 -37.03 -55.84
C4C CLA DG . -31.07 -35.62 -56.15
CMC CLA DG . -30.26 -38.39 -53.84
CAC CLA DG . -31.57 -38.10 -56.72
CBC CLA DG . -33.07 -38.28 -56.63
ND CLA DG . -31.22 -32.77 -56.66
C1D CLA DG . -31.67 -33.74 -57.58
C2D CLA DG . -32.23 -33.10 -58.76
C3D CLA DG . -32.21 -31.74 -58.49
C4D CLA DG . -31.61 -31.60 -57.16
CMD CLA DG . -32.72 -33.83 -59.93
CAD CLA DG . -32.55 -30.41 -58.96
OBD CLA DG . -33.07 -30.06 -60.01
CBD CLA DG . -32.15 -29.41 -57.85
CGD CLA DG . -31.21 -28.34 -58.30
O1D CLA DG . -31.24 -27.14 -58.05
O2D CLA DG . -30.19 -28.80 -59.06
CED CLA DG . -28.96 -28.10 -58.93
C1 CLA DG . -33.79 -32.54 -54.42
C2 CLA DG . -33.35 -33.64 -53.54
C3 CLA DG . -33.99 -34.82 -53.50
C4 CLA DG . -35.18 -35.11 -54.33
C5 CLA DG . -33.50 -35.90 -52.61
C6 CLA DG . -34.54 -36.33 -51.59
C7 CLA DG . -34.16 -37.68 -51.02
C8 CLA DG . -34.87 -37.92 -49.71
C9 CLA DG . -34.32 -36.99 -48.67
C10 CLA DG . -34.66 -39.34 -49.19
C11 CLA DG . -35.53 -40.29 -49.94
C12 CLA DG . -35.21 -41.72 -49.56
C13 CLA DG . -36.05 -42.75 -50.28
C14 CLA DG . -36.44 -42.32 -51.68
C15 CLA DG . -37.25 -43.16 -49.44
C16 CLA DG . -38.28 -43.92 -50.26
C17 CLA DG . -39.40 -44.50 -49.43
C18 CLA DG . -39.99 -45.73 -50.13
C19 CLA DG . -41.17 -46.25 -49.36
C20 CLA DG . -40.44 -45.40 -51.54
MG CLA EG . -41.95 -26.49 -50.54
CHA CLA EG . -40.63 -23.82 -52.29
CHB CLA EG . -45.08 -25.20 -50.97
CHC CLA EG . -43.31 -29.38 -49.31
CHD CLA EG . -38.78 -28.05 -50.56
NA CLA EG . -42.71 -24.79 -51.49
C1A CLA EG . -41.99 -23.78 -52.15
C2A CLA EG . -42.95 -22.68 -52.65
C3A CLA EG . -44.32 -23.11 -52.10
C4A CLA EG . -44.04 -24.46 -51.49
CMA CLA EG . -44.77 -22.14 -51.03
CAA CLA EG . -43.00 -22.41 -54.14
CBA CLA EG . -42.67 -20.96 -54.44
CGA CLA EG . -43.77 -20.01 -54.04
O1A CLA EG . -44.96 -20.03 -54.36
O2A CLA EG . -43.35 -18.99 -53.23
NB CLA EG . -43.81 -27.17 -50.24
C1B CLA EG . -44.96 -26.45 -50.37
C2B CLA EG . -46.10 -27.18 -49.75
C3B CLA EG . -45.60 -28.37 -49.28
C4B CLA EG . -44.16 -28.38 -49.60
CMB CLA EG . -47.46 -26.66 -49.73
CAB CLA EG . -46.26 -29.46 -48.61
CBB CLA EG . -46.00 -29.90 -47.39
NC CLA EG . -41.18 -28.36 -50.02
C1C CLA EG . -41.92 -29.37 -49.50
C2C CLA EG . -41.11 -30.53 -49.18
C3C CLA EG . -39.82 -30.19 -49.57
C4C CLA EG . -39.85 -28.80 -50.07
CMC CLA EG . -41.63 -31.78 -48.64
CAC CLA EG . -38.65 -31.04 -49.44
CBC CLA EG . -38.14 -31.15 -48.03
ND CLA EG . -40.11 -26.12 -51.29
C1D CLA EG . -38.88 -26.80 -51.13
C2D CLA EG . -37.81 -25.96 -51.69
C3D CLA EG . -38.42 -24.79 -52.15
C4D CLA EG . -39.85 -24.95 -51.88
CMD CLA EG . -36.41 -26.36 -51.71
CAD CLA EG . -38.25 -23.51 -52.81
OBD CLA EG . -37.25 -22.98 -53.26
CBD CLA EG . -39.65 -22.83 -52.87
CGD CLA EG . -39.67 -21.52 -52.12
O1D CLA EG . -40.08 -21.30 -50.97
O2D CLA EG . -39.16 -20.47 -52.82
CED CLA EG . -39.71 -19.17 -52.58
MG CLA FG . -29.10 -35.26 -36.71
CHA CLA FG . -26.78 -37.33 -35.14
CHB CLA FG . -30.85 -35.10 -33.77
CHC CLA FG . -30.69 -32.45 -37.81
CHD CLA FG . -26.80 -34.93 -39.40
NA CLA FG . -28.87 -36.11 -34.82
C1A CLA FG . -27.84 -36.94 -34.35
C2A CLA FG . -28.10 -37.31 -32.91
C3A CLA FG . -29.59 -37.01 -32.75
C4A CLA FG . -29.79 -35.97 -33.83
CMA CLA FG . -30.40 -38.23 -33.04
CAA CLA FG . -27.38 -36.29 -32.08
CBA CLA FG . -26.49 -36.92 -31.04
CGA CLA FG . -25.76 -35.85 -30.31
O1A CLA FG . -24.77 -35.95 -29.59
O2A CLA FG . -26.33 -34.61 -30.47
NB CLA FG . -30.47 -34.01 -35.93
C1B CLA FG . -31.12 -34.15 -34.76
C2B CLA FG . -32.21 -33.15 -34.63
C3B CLA FG . -32.19 -32.40 -35.76
C4B CLA FG . -31.09 -32.94 -36.61
CMB CLA FG . -33.09 -33.07 -33.47
CAB CLA FG . -33.05 -31.27 -36.05
CBB CLA FG . -33.47 -30.81 -37.23
NC CLA FG . -28.85 -34.01 -38.35
C1C CLA FG . -29.65 -32.95 -38.63
C2C CLA FG . -29.26 -32.32 -39.87
C3C CLA FG . -28.09 -32.97 -40.29
C4C CLA FG . -27.86 -34.04 -39.34
CMC CLA FG . -29.94 -31.15 -40.44
CAC CLA FG . -27.28 -32.70 -41.49
CBC CLA FG . -27.87 -33.33 -42.72
ND CLA FG . -27.32 -36.04 -37.28
C1D CLA FG . -26.53 -35.86 -38.44
C2D CLA FG . -25.40 -36.81 -38.41
C3D CLA FG . -25.46 -37.42 -37.17
C4D CLA FG . -26.64 -36.86 -36.48
CMD CLA FG . -24.44 -36.98 -39.50
CAD CLA FG . -24.88 -38.40 -36.28
OBD CLA FG . -24.00 -39.22 -36.48
CBD CLA FG . -25.60 -38.24 -34.91
CGD CLA FG . -25.87 -39.58 -34.30
O1D CLA FG . -25.09 -40.28 -33.66
O2D CLA FG . -27.11 -40.06 -34.49
CED CLA FG . -27.52 -41.02 -33.53
C1 CLA FG . -25.45 -33.50 -30.18
C2 CLA FG . -25.35 -32.73 -31.43
C3 CLA FG . -24.57 -31.63 -31.51
C4 CLA FG . -23.77 -31.14 -30.36
C5 CLA FG . -24.51 -30.86 -32.78
C6 CLA FG . -23.09 -30.54 -33.21
C7 CLA FG . -22.28 -31.78 -33.56
C8 CLA FG . -21.04 -31.35 -34.32
C9 CLA FG . -21.45 -30.65 -35.60
C10 CLA FG . -20.00 -32.48 -34.50
C11 CLA FG . -19.28 -32.31 -35.81
C12 CLA FG . -17.84 -32.76 -35.91
C13 CLA FG . -17.18 -32.22 -37.19
C14 CLA FG . -15.78 -31.72 -36.90
C15 CLA FG . -18.06 -31.18 -37.92
C16 CLA FG . -17.44 -29.85 -38.33
C17 CLA FG . -17.97 -29.38 -39.67
C18 CLA FG . -18.96 -28.20 -39.65
C19 CLA FG . -19.55 -27.90 -41.02
C20 CLA FG . -20.08 -28.30 -38.62
MG CLA GG . -30.56 -48.49 -45.50
CHA CLA GG . -32.59 -50.01 -43.17
CHB CLA GG . -29.58 -51.54 -46.65
CHC CLA GG . -29.01 -46.96 -48.15
CHD CLA GG . -32.03 -45.37 -44.64
NA CLA GG . -31.00 -50.44 -44.94
C1A CLA GG . -31.87 -50.88 -43.95
C2A CLA GG . -31.84 -52.41 -43.82
C3A CLA GG . -30.72 -52.81 -44.78
C4A CLA GG . -30.39 -51.53 -45.52
CMA CLA GG . -29.57 -53.27 -43.95
CAA CLA GG . -33.13 -53.17 -44.11
CBA CLA GG . -33.85 -52.73 -45.35
CGA CLA GG . -33.31 -53.44 -46.55
O1A CLA GG . -33.28 -54.63 -46.82
O2A CLA GG . -32.84 -52.55 -47.47
NB CLA GG . -29.53 -49.13 -47.11
C1B CLA GG . -29.22 -50.42 -47.39
C2B CLA GG . -28.39 -50.48 -48.61
C3B CLA GG . -28.23 -49.19 -49.05
C4B CLA GG . -28.94 -48.31 -48.08
CMB CLA GG . -27.90 -51.74 -49.14
CAB CLA GG . -27.50 -48.63 -50.15
CBB CLA GG . -26.28 -48.97 -50.51
NC CLA GG . -30.49 -46.52 -46.22
C1C CLA GG . -29.73 -46.12 -47.28
C2C CLA GG . -29.81 -44.68 -47.41
C3C CLA GG . -30.74 -44.25 -46.49
C4C CLA GG . -31.15 -45.41 -45.73
CMC CLA GG . -29.07 -43.86 -48.37
CAC CLA GG . -31.12 -42.86 -46.23
CBC CLA GG . -32.32 -42.43 -47.02
ND CLA GG . -31.91 -47.78 -44.19
C1D CLA GG . -32.38 -46.48 -43.92
C2D CLA GG . -33.29 -46.53 -42.77
C3D CLA GG . -33.40 -47.87 -42.43
C4D CLA GG . -32.54 -48.60 -43.37
CMD CLA GG . -33.92 -45.35 -42.18
CAD CLA GG . -34.00 -48.84 -41.54
OBD CLA GG . -34.73 -48.68 -40.57
CBD CLA GG . -33.55 -50.24 -42.03
CGD CLA GG . -32.91 -51.02 -40.91
O1D CLA GG . -33.32 -52.04 -40.37
O2D CLA GG . -31.73 -50.49 -40.48
CED CLA GG . -30.71 -51.40 -40.06
C1 CLA GG . -32.24 -53.04 -48.68
C2 CLA GG . -31.91 -51.79 -49.39
C3 CLA GG . -31.29 -51.68 -50.57
C4 CLA GG . -30.82 -52.86 -51.34
C5 CLA GG . -31.06 -50.33 -51.14
C6 CLA GG . -31.15 -50.26 -52.64
C7 CLA GG . -31.27 -48.82 -53.08
C8 CLA GG . -30.87 -48.48 -54.51
C9 CLA GG . -30.72 -49.73 -55.36
C10 CLA GG . -29.62 -47.61 -54.52
C11 CLA GG . -29.84 -46.22 -55.09
C12 CLA GG . -29.81 -46.25 -56.61
C13 CLA GG . -30.18 -44.91 -57.23
C14 CLA GG . -31.65 -44.62 -57.00
C15 CLA GG . -29.87 -44.87 -58.72
C16 CLA GG . -28.81 -43.84 -59.06
C17 CLA GG . -28.53 -43.76 -60.55
C18 CLA GG . -27.40 -42.77 -60.87
C19 CLA GG . -26.03 -43.42 -60.76
C20 CLA GG . -27.59 -42.10 -62.22
MG CLA HG . -14.66 -54.26 -51.56
CHA CLA HG . -18.08 -54.81 -51.26
CHB CLA HG . -14.23 -57.64 -51.93
CHC CLA HG . -11.52 -53.71 -52.85
CHD CLA HG . -15.37 -50.80 -51.96
NA CLA HG . -15.94 -55.92 -51.52
C1A CLA HG . -17.33 -55.95 -51.40
C2A CLA HG . -17.88 -57.38 -51.42
C3A CLA HG . -16.59 -58.21 -51.25
C4A CLA HG . -15.50 -57.21 -51.61
CMA CLA HG . -16.44 -58.72 -49.84
CAA CLA HG . -18.63 -57.72 -52.69
CBA CLA HG . -18.16 -56.95 -53.92
CGA CLA HG . -18.95 -57.36 -55.14
O1A CLA HG . -19.20 -58.51 -55.53
O2A CLA HG . -19.38 -56.31 -55.92
NB CLA HG . -13.19 -55.43 -52.28
C1B CLA HG . -13.17 -56.79 -52.25
C2B CLA HG . -11.82 -57.29 -52.61
C3B CLA HG . -11.04 -56.19 -52.87
C4B CLA HG . -11.90 -54.99 -52.66
CMB CLA HG . -11.48 -58.71 -52.67
CAB CLA HG . -9.67 -56.10 -53.28
CBB CLA HG . -8.68 -55.60 -52.54
NC CLA HG . -13.63 -52.55 -52.21
C1C CLA HG . -12.33 -52.56 -52.64
C2C CLA HG . -11.88 -51.21 -52.93
C3C CLA HG . -12.99 -50.38 -52.76
C4C CLA HG . -14.08 -51.24 -52.28
CMC CLA HG . -10.56 -50.84 -53.41
CAC CLA HG . -13.02 -48.92 -52.91
CBC CLA HG . -13.43 -48.48 -54.29
ND CLA HG . -16.26 -53.03 -51.49
C1D CLA HG . -16.41 -51.63 -51.60
C2D CLA HG . -17.80 -51.27 -51.27
C3D CLA HG . -18.48 -52.45 -51.12
C4D CLA HG . -17.49 -53.51 -51.32
CMD CLA HG . -18.34 -49.92 -51.17
CAD CLA HG . -19.75 -53.08 -50.80
OBD CLA HG . -20.81 -52.57 -50.42
CBD CLA HG . -19.55 -54.60 -51.01
CGD CLA HG . -20.06 -55.40 -49.86
O1D CLA HG . -19.84 -55.22 -48.66
O2D CLA HG . -20.86 -56.42 -50.20
CED CLA HG . -21.49 -57.15 -49.15
C1 CLA HG . -19.26 -56.51 -57.35
C2 CLA HG . -19.84 -55.33 -58.06
C3 CLA HG . -19.38 -54.08 -57.94
MG CLA IG . -21.89 -48.65 -54.82
CHA CLA IG . -22.85 -51.94 -54.27
CHB CLA IG . -25.21 -47.79 -55.16
CHC CLA IG . -21.06 -45.71 -56.46
CHD CLA IG . -18.64 -49.84 -55.62
NA CLA IG . -23.69 -49.68 -54.61
C1A CLA IG . -23.89 -51.05 -54.36
C2A CLA IG . -25.37 -51.36 -54.26
C3A CLA IG . -26.05 -49.98 -54.37
C4A CLA IG . -24.91 -49.07 -54.72
CMA CLA IG . -27.05 -50.02 -55.50
CAA CLA IG . -25.71 -51.87 -52.87
CBA CLA IG . -27.08 -52.50 -52.80
CGA CLA IG . -26.99 -53.85 -53.41
O1A CLA IG . -26.81 -54.93 -52.85
O2A CLA IG . -27.13 -53.80 -54.76
NB CLA IG . -22.92 -47.07 -55.59
C1B CLA IG . -24.25 -46.87 -55.58
C2B CLA IG . -24.61 -45.53 -56.13
C3B CLA IG . -23.43 -44.94 -56.50
C4B CLA IG . -22.36 -45.91 -56.17
CMB CLA IG . -25.98 -45.05 -56.28
CAB CLA IG . -23.14 -43.67 -57.14
CBB CLA IG . -23.63 -42.47 -56.83
NC CLA IG . -20.16 -47.89 -55.73
C1C CLA IG . -20.02 -46.63 -56.23
C2C CLA IG . -18.66 -46.37 -56.66
C3C CLA IG . -18.00 -47.59 -56.57
C4C CLA IG . -18.94 -48.53 -55.96
CMC CLA IG . -18.19 -45.08 -57.20
CAC CLA IG . -16.58 -47.82 -56.89
CBC CLA IG . -16.32 -48.09 -58.35
ND CLA IG . -20.89 -50.40 -54.82
C1D CLA IG . -19.54 -50.74 -55.08
C2D CLA IG . -19.33 -52.15 -54.73
C3D CLA IG . -20.56 -52.67 -54.43
C4D CLA IG . -21.51 -51.55 -54.55
CMD CLA IG . -18.04 -52.85 -54.78
CAD CLA IG . -21.30 -53.85 -54.06
OBD CLA IG . -20.93 -54.99 -53.89
CBD CLA IG . -22.79 -53.44 -54.01
CGD CLA IG . -23.61 -54.25 -54.97
O1D CLA IG . -24.43 -55.13 -54.70
O2D CLA IG . -23.37 -53.96 -56.29
CED CLA IG . -23.66 -54.96 -57.27
C1 CLA IG . -28.46 -53.66 -55.31
C2 CLA IG . -28.25 -53.41 -56.75
C3 CLA IG . -29.22 -53.21 -57.66
C4 CLA IG . -30.66 -53.22 -57.33
C5 CLA IG . -28.86 -52.95 -59.09
C6 CLA IG . -29.24 -51.55 -59.51
C7 CLA IG . -28.30 -50.52 -58.90
C8 CLA IG . -28.83 -49.09 -58.81
C9 CLA IG . -30.27 -48.92 -59.30
C10 CLA IG . -27.91 -48.11 -59.54
C11 CLA IG . -26.50 -48.18 -59.01
C12 CLA IG . -25.53 -47.32 -59.81
C13 CLA IG . -24.09 -47.59 -59.41
C14 CLA IG . -23.12 -46.92 -60.35
C15 CLA IG . -23.81 -49.10 -59.37
C16 CLA IG . -22.89 -49.46 -58.21
C17 CLA IG . -22.43 -50.89 -58.35
C18 CLA IG . -21.49 -51.02 -59.53
C19 CLA IG . -21.59 -52.41 -60.12
C20 CLA IG . -20.07 -50.68 -59.14
MG CLA JG . -8.13 -35.53 -54.10
CHA CLA JG . -8.20 -37.06 -57.23
CHB CLA JG . -10.03 -38.08 -52.84
CHC CLA JG . -9.11 -33.50 -51.55
CHD CLA JG . -6.87 -32.61 -55.72
NA CLA JG . -8.91 -37.30 -54.91
C1A CLA JG . -8.90 -37.76 -56.25
C2A CLA JG . -9.60 -39.15 -56.31
C3A CLA JG . -9.58 -39.57 -54.83
C4A CLA JG . -9.56 -38.22 -54.12
CMA CLA JG . -10.62 -40.58 -54.39
CAA CLA JG . -8.79 -40.21 -57.04
CBA CLA JG . -9.46 -40.73 -58.30
CGA CLA JG . -8.49 -41.61 -59.03
O1A CLA JG . -8.26 -42.81 -58.88
O2A CLA JG . -7.80 -40.94 -60.00
NB CLA JG . -9.43 -35.71 -52.58
C1B CLA JG . -9.96 -36.87 -52.13
C2B CLA JG . -10.43 -36.73 -50.73
C3B CLA JG . -10.16 -35.44 -50.36
C4B CLA JG . -9.51 -34.79 -51.52
CMB CLA JG . -11.04 -37.83 -49.99
CAB CLA JG . -10.39 -34.74 -49.13
CBB CLA JG . -9.42 -34.23 -48.36
NC CLA JG . -7.94 -33.48 -53.69
C1C CLA JG . -8.34 -32.88 -52.54
C2C CLA JG . -7.99 -31.47 -52.49
C3C CLA JG . -7.47 -31.16 -53.76
C4C CLA JG . -7.46 -32.43 -54.48
CMC CLA JG . -8.24 -30.64 -51.31
CAC CLA JG . -6.96 -29.90 -54.36
CBC CLA JG . -6.19 -28.86 -53.55
ND CLA JG . -7.45 -35.00 -55.91
C1D CLA JG . -6.83 -33.82 -56.35
C2D CLA JG . -6.21 -34.12 -57.63
C3D CLA JG . -6.73 -35.31 -58.05
C4D CLA JG . -7.57 -35.81 -56.95
CMD CLA JG . -5.26 -33.23 -58.23
CAD CLA JG . -6.65 -36.33 -59.05
OBD CLA JG . -5.92 -36.46 -60.02
CBD CLA JG . -7.77 -37.34 -58.66
CGD CLA JG . -8.91 -37.11 -59.60
O1D CLA JG . -9.53 -36.06 -59.74
O2D CLA JG . -9.22 -38.20 -60.34
CED CLA JG . -10.42 -38.15 -61.10
C1 CLA JG . -6.36 -41.01 -60.03
C2 CLA JG . -5.90 -40.10 -61.12
MG CLA KG . -11.07 -29.05 -45.69
CHA CLA KG . -9.19 -26.13 -46.39
CHB CLA KG . -7.99 -30.54 -44.97
CHC CLA KG . -12.52 -31.16 -43.32
CHD CLA KG . -13.84 -26.84 -45.14
NA CLA KG . -9.02 -28.49 -45.82
C1A CLA KG . -8.44 -27.23 -46.12
C2A CLA KG . -6.91 -27.27 -46.14
C3A CLA KG . -6.68 -28.79 -46.23
C4A CLA KG . -7.97 -29.33 -45.62
CMA CLA KG . -6.53 -29.21 -47.66
CAA CLA KG . -6.25 -26.59 -44.94
CBA CLA KG . -4.79 -26.24 -45.21
CGA CLA KG . -4.65 -24.91 -45.89
O1A CLA KG . -5.45 -24.39 -46.66
O2A CLA KG . -3.47 -24.26 -45.62
NB CLA KG . -10.44 -30.61 -44.53
C1B CLA KG . -9.16 -31.04 -44.37
C2B CLA KG . -9.09 -32.18 -43.41
C3B CLA KG . -10.37 -32.37 -42.94
C4B CLA KG . -11.22 -31.36 -43.63
CMB CLA KG . -7.82 -32.78 -43.04
CAB CLA KG . -10.94 -33.22 -41.92
CBB CLA KG . -10.44 -34.36 -41.42
NC CLA KG . -12.89 -29.08 -44.62
C1C CLA KG . -13.32 -30.08 -43.78
C2C CLA KG . -14.65 -29.82 -43.27
C3C CLA KG . -14.97 -28.53 -43.68
C4C CLA KG . -13.88 -28.09 -44.54
CMC CLA KG . -15.40 -30.69 -42.37
CAC CLA KG . -16.21 -27.80 -43.40
CBC CLA KG . -16.06 -26.74 -42.33
ND CLA KG . -11.51 -27.06 -45.84
C1D CLA KG . -12.72 -26.34 -45.75
C2D CLA KG . -12.56 -25.00 -46.32
C3D CLA KG . -11.21 -24.86 -46.60
C4D CLA KG . -10.61 -26.15 -46.22
CMD CLA KG . -13.66 -24.04 -46.45
CAD CLA KG . -10.15 -23.99 -47.08
OBD CLA KG . -10.21 -22.86 -47.53
CBD CLA KG . -8.83 -24.78 -46.95
CGD CLA KG . -8.40 -25.00 -48.36
O1D CLA KG . -7.28 -24.79 -48.87
O2D CLA KG . -9.42 -25.46 -49.15
CED CLA KG . -9.34 -26.76 -49.76
C1 CLA KG . -3.41 -22.81 -45.60
C2 CLA KG . -3.20 -22.27 -46.96
C3 CLA KG . -3.24 -20.94 -47.21
C03 II0 LG . -35.82 -48.68 -50.44
C04 II0 LG . -14.82 -38.19 -58.88
C05 II0 LG . -36.89 -49.58 -49.56
C06 II0 LG . -14.06 -36.89 -59.59
C07 II0 LG . -36.24 -50.49 -48.79
C08 II0 LG . -13.33 -36.11 -58.71
C09 II0 LG . -34.55 -48.48 -49.71
C10 II0 LG . -14.55 -38.33 -57.46
C11 II0 LG . -35.32 -49.73 -47.58
C12 II0 LG . -12.32 -37.05 -57.78
C13 II0 LG . -34.58 -48.65 -48.13
C14 II0 LG . -13.08 -37.98 -56.96
C15 II0 LG . -35.50 -49.46 -51.77
C16 II0 LG . -36.49 -47.30 -50.79
C17 II0 LG . -16.34 -37.97 -59.05
C18 II0 LG . -14.46 -39.52 -59.62
C19 II0 LG . -33.49 -47.98 -47.31
C20 II0 LG . -12.86 -38.05 -55.46
C21 II0 LG . -33.50 -47.47 -50.28
C22 II0 LG . -15.31 -39.43 -56.66
C23 II0 LG . -32.68 -46.71 -50.72
C24 II0 LG . -15.88 -40.27 -56.04
C25 II0 LG . -31.64 -45.74 -51.37
C26 II0 LG . -16.59 -41.43 -55.30
C27 II0 LG . -32.14 -44.64 -52.28
C28 II0 LG . -15.83 -42.65 -54.77
C29 II0 LG . -30.30 -45.88 -51.10
C30 II0 LG . -17.90 -41.34 -55.08
C31 II0 LG . -29.27 -44.90 -51.75
C32 II0 LG . -18.68 -42.46 -54.35
C33 II0 LG . -27.99 -45.30 -51.83
C34 II0 LG . -20.01 -42.36 -54.42
C35 II0 LG . -27.00 -44.34 -52.47
C36 II0 LG . -20.96 -43.36 -53.75
C37 II0 LG . -27.54 -43.02 -52.92
C38 II0 LG . -20.44 -44.67 -53.15
C39 II0 LG . -25.69 -44.68 -52.60
C40 II0 LG . -22.26 -43.04 -53.69
C41 II0 LG . -24.64 -43.74 -53.24
C42 II0 LG . -23.31 -43.99 -53.04
O01 II0 LG . -37.19 -51.33 -48.17
O02 II0 LG . -12.54 -35.16 -59.42
C03 II0 MG . -9.04 -43.13 -37.62
C04 II0 MG . -24.15 -29.15 -49.83
C05 II0 MG . -8.68 -44.00 -36.26
C06 II0 MG . -24.71 -28.08 -50.96
C07 II0 MG . -9.74 -44.71 -35.78
C08 II0 MG . -24.59 -28.50 -52.25
C09 II0 MG . -10.16 -43.66 -38.43
C10 II0 MG . -24.65 -30.49 -50.06
C11 II0 MG . -10.40 -45.75 -36.94
C12 II0 MG . -25.22 -30.00 -52.56
C13 II0 MG . -10.93 -44.99 -38.01
C14 II0 MG . -24.85 -30.99 -51.57
C15 II0 MG . -9.40 -41.65 -37.22
C16 II0 MG . -7.76 -43.10 -38.53
C17 II0 MG . -24.63 -28.69 -48.43
C18 II0 MG . -22.59 -29.17 -49.87
C19 II0 MG . -12.25 -45.37 -38.68
C20 II0 MG . -25.18 -32.46 -51.81
C21 II0 MG . -10.78 -42.80 -39.56
C22 II0 MG . -24.51 -31.51 -48.89
C23 II0 MG . -11.36 -42.13 -40.37
C24 II0 MG . -24.38 -32.21 -47.94
C25 II0 MG . -12.13 -41.22 -41.35
C26 II0 MG . -24.11 -33.09 -46.70
C27 II0 MG . -11.73 -41.10 -42.85
C28 II0 MG . -24.97 -32.98 -45.46
C29 II0 MG . -13.18 -40.51 -40.89
C30 II0 MG . -23.09 -33.93 -46.79
C31 II0 MG . -13.97 -39.62 -41.87
C32 II0 MG . -22.64 -34.89 -45.66
C33 II0 MG . -15.29 -39.46 -41.67
C34 II0 MG . -21.63 -34.43 -44.92
C35 II0 MG . -16.13 -38.61 -42.61
C36 II0 MG . -21.06 -35.27 -43.78
C37 II0 MG . -15.52 -38.06 -43.86
C38 II0 MG . -21.90 -35.61 -42.54
C39 II0 MG . -17.43 -38.37 -42.34
C40 II0 MG . -19.80 -35.69 -43.95
C41 II0 MG . -18.22 -37.51 -43.34
C42 II0 MG . -19.06 -36.55 -42.88
O01 II0 MG . -9.34 -45.49 -34.68
O02 II0 MG . -25.32 -27.57 -53.06
C03 II0 NG . -13.67 -48.23 -47.94
C04 II0 NG . -2.27 -26.81 -49.32
C05 II0 NG . -14.33 -49.12 -46.70
C06 II0 NG . -1.50 -25.58 -50.15
C07 II0 NG . -13.51 -50.12 -46.31
C08 II0 NG . -1.24 -24.50 -49.34
C09 II0 NG . -12.20 -48.14 -47.93
C10 II0 NG . -1.67 -27.14 -48.04
C11 II0 NG . -12.04 -49.53 -45.72
C12 II0 NG . -0.25 -24.91 -48.07
C13 II0 NG . -11.46 -48.55 -46.56
C14 II0 NG . -0.76 -26.05 -47.30
C15 II0 NG . -14.14 -48.89 -49.27
C16 II0 NG . -14.21 -46.76 -47.84
C17 II0 NG . -3.72 -26.34 -49.04
C18 II0 NG . -2.34 -28.08 -50.24
C19 II0 NG . -10.18 -47.82 -46.12
C20 II0 NG . -0.63 -26.05 -45.77
C21 II0 NG . -11.57 -46.92 -48.69
C22 II0 NG . -2.16 -28.42 -47.29
C23 II0 NG . -11.05 -45.97 -49.23
C24 II0 NG . -2.60 -29.40 -46.73
C25 II0 NG . -10.32 -44.73 -49.85
C26 II0 NG . -3.22 -30.66 -46.09
C27 II0 NG . -10.48 -44.40 -51.33
C28 II0 NG . -3.42 -30.80 -44.61
C29 II0 NG . -9.50 -43.96 -49.05
C30 II0 NG . -3.59 -31.64 -46.93
C31 II0 NG . -8.73 -42.70 -49.58
C32 II0 NG . -4.24 -32.96 -46.44
C33 II0 NG . -8.52 -41.67 -48.73
C34 II0 NG . -4.83 -33.70 -47.37
C35 II0 NG . -7.77 -40.41 -49.19
C36 II0 NG . -5.53 -35.03 -47.02
C37 II0 NG . -7.36 -40.28 -50.63
C38 II0 NG . -5.72 -35.46 -45.55
C39 II0 NG . -7.47 -39.45 -48.28
C40 II0 NG . -5.98 -35.80 -48.03
C41 II0 NG . -6.73 -38.16 -48.66
C42 II0 NG . -6.69 -37.14 -47.73
O01 II0 NG . -14.14 -50.82 -45.26
O02 II0 NG . -0.62 -23.46 -50.12
C02 IHT OG . -7.43 -44.85 -43.40
C03 IHT OG . -21.33 -24.96 -48.73
C04 IHT OG . -7.66 -46.48 -43.60
C05 IHT OG . -21.20 -23.48 -47.98
C06 IHT OG . -6.77 -47.03 -44.45
C07 IHT OG . -7.35 -44.14 -44.64
C08 IHT OG . -19.96 -23.15 -47.53
C09 IHT OG . -6.85 -46.31 -45.96
C10 IHT OG . -6.73 -44.89 -45.90
C11 IHT OG . -20.02 -25.62 -48.67
C12 IHT OG . -18.72 -23.41 -48.69
C13 IHT OG . -6.09 -44.61 -42.62
C14 IHT OG . -8.65 -44.26 -42.54
C15 IHT OG . -18.73 -24.75 -49.14
C16 IHT OG . -22.36 -25.80 -48.02
C17 IHT OG . -21.72 -24.76 -50.18
C18 IHT OG . -7.37 -42.60 -44.61
C19 IHT OG . -5.67 -44.17 -46.76
C20 IHT OG . -17.43 -25.43 -49.59
C21 IHT OG . -19.82 -26.92 -47.86
C22 IHT OG . -8.39 -41.97 -45.19
C23 IHT OG . -8.50 -40.39 -45.21
C24 IHT OG . -19.63 -27.97 -47.25
C25 IHT OG . -7.35 -39.48 -44.66
C26 IHT OG . -19.33 -29.32 -46.57
C27 IHT OG . -9.65 -39.88 -45.72
C28 IHT OG . -20.32 -30.48 -46.69
C29 IHT OG . -18.17 -29.48 -45.89
C30 IHT OG . -10.00 -38.36 -45.85
C31 IHT OG . -17.83 -30.85 -45.25
C32 IHT OG . -10.73 -37.77 -44.90
C33 IHT OG . -11.09 -36.29 -45.09
C34 IHT OG . -16.76 -31.41 -45.82
C35 IHT OG . -16.12 -32.80 -45.48
C36 IHT OG . -10.03 -35.21 -45.12
C37 IHT OG . -12.42 -36.01 -45.23
C38 IHT OG . -14.79 -32.91 -45.28
C39 IHT OG . -17.01 -34.07 -45.41
C40 IHT OG . -12.99 -34.59 -45.47
C41 IHT OG . -14.20 -34.30 -45.00
O01 IHT OG . -19.95 -21.78 -47.19
C03 II0 PG . -31.37 -39.05 -43.78
C04 II0 PG . -40.92 -22.66 -58.07
C05 II0 PG . -31.91 -40.02 -42.56
C06 II0 PG . -41.34 -21.06 -57.80
C07 II0 PG . -31.18 -39.87 -41.43
C08 II0 PG . -40.35 -20.20 -57.39
C09 II0 PG . -30.84 -37.73 -43.38
C10 II0 PG . -39.91 -23.21 -57.17
C11 II0 PG . -31.21 -38.26 -40.87
C12 II0 PG . -39.33 -20.83 -56.24
C13 II0 PG . -30.74 -37.34 -41.83
C14 II0 PG . -38.85 -22.17 -56.59
C15 II0 PG . -30.20 -39.82 -44.48
C16 II0 PG . -32.54 -38.83 -44.80
C17 II0 PG . -40.43 -22.80 -59.53
C18 II0 PG . -42.26 -23.48 -57.92
C19 II0 PG . -29.77 -36.25 -41.37
C20 II0 PG . -37.33 -22.35 -56.78
C21 II0 PG . -30.82 -36.62 -44.49
C22 II0 PG . -40.25 -24.51 -56.37
C23 II0 PG . -30.90 -35.75 -45.33
C24 II0 PG . -40.61 -25.49 -55.75
C25 II0 PG . -31.18 -34.62 -46.37
C26 II0 PG . -41.30 -26.66 -54.99
C27 II0 PG . -30.17 -33.51 -46.65
C28 II0 PG . -42.80 -26.56 -54.82
C29 II0 PG . -32.39 -34.68 -47.02
C30 II0 PG . -40.75 -27.74 -54.43
C31 II0 PG . -32.91 -33.64 -48.08
C32 II0 PG . -39.29 -28.30 -54.33
C33 II0 PG . -32.79 -33.74 -49.41
C34 II0 PG . -39.35 -29.46 -53.65
C35 II0 PG . -33.43 -32.56 -50.13
C36 II0 PG . -38.32 -30.52 -53.21
C37 II0 PG . -32.58 -31.41 -50.59
C38 II0 PG . -38.72 -31.97 -53.41
C39 II0 PG . -34.77 -32.59 -50.35
C40 II0 PG . -37.12 -30.25 -52.62
C41 II0 PG . -35.59 -31.46 -51.00
C42 II0 PG . -36.27 -31.52 -52.20
O01 II0 PG . -31.73 -40.69 -40.43
O02 II0 PG . -39.57 -19.77 -58.51
C1B LMT QG . 1.79 -26.70 -58.07
C2B LMT QG . 1.37 -25.24 -58.40
C3B LMT QG . 0.45 -25.18 -59.64
C4B LMT QG . 1.04 -26.01 -60.80
C5B LMT QG . 1.29 -27.42 -60.27
C6B LMT QG . 1.79 -28.27 -61.40
O1B LMT QG . 0.74 -27.37 -57.45
O2B LMT QG . 0.74 -24.74 -57.30
O3B LMT QG . 0.15 -23.90 -60.02
O4' LMT QG . 0.16 -26.07 -61.84
O5B LMT QG . 2.20 -27.42 -59.20
O6B LMT QG . 2.88 -27.67 -61.97
C1' LMT QG . -1.13 -28.79 -54.60
C2' LMT QG . -0.02 -27.98 -53.96
C3' LMT QG . 0.90 -27.38 -55.07
C4' LMT QG . 1.06 -28.22 -56.37
C5' LMT QG . 0.09 -29.45 -56.45
C6' LMT QG . 0.71 -30.66 -57.07
O1' LMT QG . -1.96 -29.31 -53.66
O2' LMT QG . -0.58 -26.97 -53.23
O3' LMT QG . 2.14 -27.12 -54.56
O5' LMT QG . -0.48 -29.85 -55.23
O6' LMT QG . 1.38 -30.23 -58.19
C1 LMT QG . -2.87 -30.23 -54.19
C2 LMT QG . -3.36 -31.06 -53.03
C3 LMT QG . -4.09 -32.29 -53.43
C4 LMT QG . -4.44 -33.13 -52.23
C5 LMT QG . -4.90 -34.43 -52.79
C6 LMT QG . -5.51 -35.37 -51.80
C7 LMT QG . -5.68 -36.69 -52.48
C8 LMT QG . -6.30 -36.57 -53.85
C9 LMT QG . -5.93 -37.79 -54.66
C10 LMT QG . -6.21 -39.06 -53.91
C11 LMT QG . -5.99 -40.26 -54.76
C12 LMT QG . -6.25 -41.55 -54.06
C1 LMG RG . 40.23 -18.10 -36.18
O1 LMG RG . 40.11 -18.65 -34.87
C2 LMG RG . 38.91 -18.18 -36.95
O2 LMG RG . 38.73 -19.51 -37.44
C3 LMG RG . 38.93 -17.19 -38.10
O3 LMG RG . 38.31 -15.98 -37.65
C4 LMG RG . 40.35 -16.96 -38.62
O4 LMG RG . 40.34 -16.12 -39.78
C5 LMG RG . 41.19 -16.33 -37.51
O5 LMG RG . 41.75 -14.25 -36.41
C6 LMG RG . 41.23 -14.82 -37.61
O6 LMG RG . 40.70 -16.75 -36.22
C7 LMG RG . 41.07 -19.66 -34.66
C8 LMG RG . 40.79 -20.39 -33.35
C9 LMG RG . 40.99 -19.43 -32.18
O7 LMG RG . 39.46 -20.92 -33.36
C10 LMG RG . 39.40 -22.21 -32.71
O9 LMG RG . 39.83 -22.30 -31.58
C11 LMG RG . 38.84 -23.43 -33.42
C12 LMG RG . 38.95 -24.68 -32.55
C13 LMG RG . 37.88 -24.74 -31.48
C14 LMG RG . 36.53 -25.14 -32.06
C15 LMG RG . 36.43 -26.65 -32.18
C16 LMG RG . 36.76 -27.32 -30.85
C17 LMG RG . 36.32 -28.78 -30.85
C18 LMG RG . 36.82 -29.50 -32.10
C19 LMG RG . 36.16 -30.86 -32.23
C20 LMG RG . 34.63 -30.75 -32.19
C21 LMG RG . 33.99 -32.12 -31.95
C22 LMG RG . 32.48 -32.00 -31.87
C23 LMG RG . 32.05 -31.10 -30.72
C24 LMG RG . 32.11 -31.84 -29.39
C25 LMG RG . 31.89 -30.90 -28.20
C26 LMG RG . 31.76 -31.69 -26.91
C27 LMG RG . 32.86 -32.71 -26.74
O8 LMG RG . 42.37 -19.10 -32.11
C28 LMG RG . 42.97 -18.74 -30.85
O10 LMG RG . 42.42 -17.90 -30.15
C29 LMG RG . 44.28 -19.36 -30.41
C30 LMG RG . 44.91 -18.56 -29.29
C31 LMG RG . 46.27 -19.13 -28.92
C32 LMG RG . 46.14 -20.53 -28.35
C33 LMG RG . 45.90 -20.52 -26.84
C34 LMG RG . 45.13 -21.76 -26.39
C35 LMG RG . 43.66 -21.65 -26.78
C36 LMG RG . 42.82 -22.87 -26.37
C37 LMG RG . 43.18 -23.33 -24.98
C38 LMG RG . 42.19 -24.34 -24.42
C39 LMG RG . 42.70 -24.78 -23.07
C40 LMG RG . 41.65 -25.45 -22.21
C41 LMG RG . 41.98 -25.27 -20.73
C42 LMG RG . 42.23 -23.79 -20.47
C43 LMG RG . 42.59 -23.43 -19.03
C44 LMG RG . 42.75 -21.92 -18.93
C45 LMG RG . 43.01 -21.48 -17.51
O1 LHG SG . -12.72 -59.13 -47.29
C1 LHG SG . -12.23 -58.97 -48.63
C2 LHG SG . -11.50 -57.64 -48.76
O2 LHG SG . -10.47 -57.54 -47.77
C3 LHG SG . -12.48 -56.50 -48.55
O3 LHG SG . -11.79 -55.29 -48.80
P LHG SG . -12.58 -53.90 -48.66
O4 LHG SG . -12.68 -53.55 -47.20
O5 LHG SG . -13.83 -54.03 -49.51
O6 LHG SG . -11.56 -52.88 -49.37
C4 LHG SG . -11.07 -51.74 -48.68
C5 LHG SG . -9.56 -51.72 -48.76
C6 LHG SG . -9.13 -51.28 -50.14
O7 LHG SG . -9.03 -50.80 -47.82
C7 LHG SG . -7.66 -51.16 -47.50
O9 LHG SG . -7.34 -52.33 -47.51
C8 LHG SG . -6.63 -50.11 -47.13
C9 LHG SG . -5.31 -50.85 -47.00
C10 LHG SG . -4.22 -49.97 -46.42
O8 LHG SG . -9.54 -49.92 -50.36
C23 LHG SG . -8.59 -48.96 -50.89
O10 LHG SG . -8.17 -49.08 -52.02
C24 LHG SG . -8.08 -47.84 -50.02
C11 LHG SG . -2.89 -50.73 -46.44
C12 LHG SG . -1.80 -49.82 -45.92
C13 LHG SG . -0.44 -50.21 -46.47
C14 LHG SG . 0.61 -49.19 -46.06
C15 LHG SG . 1.88 -49.33 -46.90
C16 LHG SG . 1.57 -49.22 -48.38
C17 LHG SG . 2.74 -48.63 -49.15
C18 LHG SG . 2.85 -47.15 -48.82
C19 LHG SG . 3.97 -46.45 -49.57
C20 LHG SG . 3.80 -44.94 -49.49
C21 LHG SG . 2.39 -44.51 -49.91
C22 LHG SG . 2.25 -43.01 -49.96
C25 LHG SG . -6.73 -47.37 -50.55
C26 LHG SG . -6.10 -46.36 -49.61
C27 LHG SG . -4.64 -46.15 -49.98
C28 LHG SG . -3.85 -47.42 -49.66
C29 LHG SG . -2.47 -47.33 -50.30
C30 LHG SG . -2.60 -47.33 -51.82
C31 LHG SG . -1.25 -47.15 -52.48
C32 LHG SG . -0.23 -48.16 -51.98
C33 LHG SG . 1.08 -48.03 -52.74
C34 LHG SG . 1.56 -46.58 -52.77
C35 LHG SG . 2.83 -46.38 -53.59
C36 LHG SG . 3.94 -47.30 -53.12
C37 LHG SG . 5.29 -46.83 -53.65
C38 LHG SG . 5.64 -45.45 -53.15
MG CLA TG . 43.16 -45.59 -33.32
CHA CLA TG . 41.79 -47.87 -35.53
CHB CLA TG . 46.10 -47.32 -33.39
CHC CLA TG . 44.68 -43.05 -31.62
CHD CLA TG . 40.28 -43.56 -33.70
NA CLA TG . 43.81 -47.31 -34.31
C1A CLA TG . 43.09 -48.12 -35.18
C2A CLA TG . 43.94 -49.29 -35.68
C3A CLA TG . 45.22 -49.19 -34.82
C4A CLA TG . 45.07 -47.84 -34.13
CMA CLA TG . 45.28 -50.32 -33.84
CAA CLA TG . 44.24 -49.11 -37.16
CBA CLA TG . 44.68 -47.69 -37.48
CGA CLA TG . 44.88 -47.54 -38.94
O1A CLA TG . 44.37 -46.69 -39.69
O2A CLA TG . 45.69 -48.49 -39.46
NB CLA TG . 45.05 -45.20 -32.74
C1B CLA TG . 46.06 -46.10 -32.71
C2B CLA TG . 47.14 -45.64 -31.82
C3B CLA TG . 46.75 -44.42 -31.30
C4B CLA TG . 45.41 -44.15 -31.88
CMB CLA TG . 48.35 -46.42 -31.58
CAB CLA TG . 47.40 -43.56 -30.36
CBB CLA TG . 47.86 -42.32 -30.59
NC CLA TG . 42.56 -43.68 -32.74
C1C CLA TG . 43.34 -42.84 -32.02
C2C CLA TG . 42.63 -41.63 -31.70
C3C CLA TG . 41.39 -41.74 -32.32
C4C CLA TG . 41.36 -43.04 -32.98
CMC CLA TG . 43.20 -40.55 -30.90
CAC CLA TG . 40.31 -40.77 -32.24
CBC CLA TG . 39.59 -41.04 -30.93
ND CLA TG . 41.39 -45.68 -34.27
C1D CLA TG . 40.28 -44.80 -34.33
C2D CLA TG . 39.21 -45.44 -35.12
C3D CLA TG . 39.71 -46.65 -35.56
C4D CLA TG . 41.09 -46.71 -35.05
CMD CLA TG . 37.88 -44.87 -35.35
CAD CLA TG . 39.45 -47.86 -36.30
OBD CLA TG . 38.41 -48.26 -36.80
CBD CLA TG . 40.81 -48.62 -36.41
CGD CLA TG . 40.75 -50.10 -36.09
O1D CLA TG . 40.43 -51.01 -36.84
O2D CLA TG . 41.10 -50.44 -34.82
CED CLA TG . 41.62 -51.75 -34.64
C1 CLA TG . 47.08 -48.16 -39.57
C2 CLA TG . 47.82 -49.22 -38.83
C3 CLA TG . 48.62 -48.96 -37.78
C4 CLA TG . 49.33 -50.03 -37.05
C5 CLA TG . 48.82 -47.57 -37.29
C6 CLA TG . 48.68 -47.44 -35.79
MG CLA UG . 29.17 -44.98 -35.36
CHA CLA UG . 30.43 -47.17 -32.97
CHB CLA UG . 26.33 -44.66 -33.50
CHC CLA UG . 28.33 -42.16 -37.15
CHD CLA UG . 32.42 -44.82 -36.74
NA CLA UG . 28.51 -45.80 -33.56
C1A CLA UG . 29.19 -46.69 -32.71
C2A CLA UG . 28.34 -47.04 -31.49
C3A CLA UG . 26.95 -46.55 -31.94
C4A CLA UG . 27.27 -45.56 -33.06
CMA CLA UG . 26.10 -47.69 -32.43
CAA CLA UG . 28.87 -46.29 -30.29
CBA CLA UG . 27.81 -45.36 -29.72
CGA CLA UG . 28.18 -43.97 -30.10
O1A CLA UG . 29.30 -43.54 -30.26
O2A CLA UG . 27.14 -43.11 -30.32
NB CLA UG . 27.65 -43.66 -35.30
C1B CLA UG . 26.54 -43.74 -34.53
C2B CLA UG . 25.53 -42.72 -34.94
C3B CLA UG . 26.10 -42.02 -35.98
C4B CLA UG . 27.44 -42.60 -36.22
CMB CLA UG . 24.24 -42.58 -34.28
CAB CLA UG . 25.62 -40.92 -36.77
CBB CLA UG . 24.95 -39.84 -36.33
NC CLA UG . 30.17 -43.78 -36.74
C1C CLA UG . 29.61 -42.72 -37.39
C2C CLA UG . 30.56 -42.16 -38.34
C3C CLA UG . 31.76 -42.85 -38.14
C4C CLA UG . 31.50 -43.87 -37.15
CMC CLA UG . 30.30 -41.06 -39.25
CAC CLA UG . 33.01 -42.65 -38.88
CBC CLA UG . 33.92 -41.67 -38.15
ND CLA UG . 30.98 -45.83 -35.05
C1D CLA UG . 32.20 -45.75 -35.75
C2D CLA UG . 33.12 -46.78 -35.27
C3D CLA UG . 32.47 -47.39 -34.21
C4D CLA UG . 31.17 -46.72 -34.09
CMD CLA UG . 34.42 -47.01 -35.85
CAD CLA UG . 32.54 -48.41 -33.19
OBD CLA UG . 33.38 -49.26 -33.00
CBD CLA UG . 31.27 -48.24 -32.30
CGD CLA UG . 30.61 -49.58 -32.09
O1D CLA UG . 31.14 -50.56 -31.57
O2D CLA UG . 29.33 -49.75 -32.51
CED CLA UG . 28.65 -50.93 -32.08
C1 CLA UG . 27.46 -42.14 -31.33
C2 CLA UG . 26.86 -40.82 -30.98
C3 CLA UG . 27.00 -39.77 -31.80
C4 CLA UG . 27.75 -39.86 -33.06
C5 CLA UG . 26.43 -38.44 -31.46
C6 CLA UG . 27.50 -37.36 -31.57
C7 CLA UG . 26.92 -35.98 -31.37
C8 CLA UG . 27.52 -35.30 -30.15
C9 CLA UG . 26.86 -33.96 -29.91
C10 CLA UG . 29.02 -35.15 -30.29
MG CLA VG . 21.32 -36.91 -36.60
CHA CLA VG . 19.35 -38.28 -34.13
CHB CLA VG . 24.02 -37.05 -34.48
CHC CLA VG . 23.17 -34.99 -38.76
CHD CLA VG . 18.38 -36.01 -38.37
NA CLA VG . 21.61 -37.57 -34.65
C1A CLA VG . 20.67 -38.15 -33.79
C2A CLA VG . 21.30 -38.52 -32.46
C3A CLA VG . 22.74 -38.02 -32.59
C4A CLA VG . 22.82 -37.53 -34.02
CMA CLA VG . 22.95 -36.83 -31.69
CAA CLA VG . 21.37 -40.04 -32.35
CBA CLA VG . 21.95 -40.45 -31.03
CGA CLA VG . 20.92 -40.25 -29.98
O1A CLA VG . 19.80 -40.77 -29.89
O2A CLA VG . 21.30 -39.37 -29.01
NB CLA VG . 23.22 -36.20 -36.62
C1B CLA VG . 24.20 -36.48 -35.74
C2B CLA VG . 25.52 -36.01 -36.24
C3B CLA VG . 25.29 -35.43 -37.46
C4B CLA VG . 23.82 -35.52 -37.69
CMB CLA VG . 26.75 -36.15 -35.45
CAB CLA VG . 26.15 -34.75 -38.39
CBB CLA VG . 27.07 -33.85 -38.11
NC CLA VG . 20.86 -35.74 -38.26
C1C CLA VG . 21.78 -35.07 -39.02
C2C CLA VG . 21.14 -34.43 -40.14
C3C CLA VG . 19.78 -34.66 -40.02
C4C CLA VG . 19.61 -35.51 -38.84
CMC CLA VG . 21.86 -33.62 -41.14
CAC CLA VG . 18.70 -34.22 -40.91
CBC CLA VG . 18.11 -32.91 -40.46
ND CLA VG . 19.33 -37.01 -36.35
C1D CLA VG . 18.24 -36.70 -37.20
C2D CLA VG . 17.00 -37.25 -36.61
C3D CLA VG . 17.38 -37.89 -35.46
C4D CLA VG . 18.82 -37.69 -35.33
CMD CLA VG . 15.68 -37.12 -37.20
CAD CLA VG . 16.93 -38.63 -34.30
OBD CLA VG . 15.82 -38.99 -33.98
CBD CLA VG . 18.17 -38.91 -33.42
CGD CLA VG . 17.96 -38.40 -32.02
O1D CLA VG . 18.26 -37.29 -31.54
O2D CLA VG . 17.38 -39.32 -31.22
CED CLA VG . 16.96 -38.91 -29.93
C1 CLA VG . 20.24 -38.76 -28.27
C2 CLA VG . 20.05 -37.45 -28.90
C3 CLA VG . 19.41 -36.44 -28.30
C4 CLA VG . 18.76 -36.62 -26.97
C5 CLA VG . 19.28 -35.14 -29.00
C6 CLA VG . 18.15 -34.29 -28.47
C7 CLA VG . 18.48 -32.83 -28.67
C8 CLA VG . 18.47 -32.09 -27.34
C9 CLA VG . 17.32 -32.54 -26.44
C10 CLA VG . 18.40 -30.59 -27.60
C11 CLA VG . 17.03 -30.17 -28.06
C12 CLA VG . 17.15 -29.36 -29.33
C13 CLA VG . 16.07 -29.69 -30.37
C14 CLA VG . 16.61 -30.53 -31.50
C15 CLA VG . 15.44 -28.42 -30.94
C16 CLA VG . 16.33 -27.21 -30.79
C17 CLA VG . 16.13 -26.14 -31.82
C18 CLA VG . 17.39 -25.91 -32.65
C19 CLA VG . 17.33 -24.59 -33.38
C20 CLA VG . 18.68 -26.07 -31.87
MG CLA WG . 17.95 -37.23 -55.95
CHA CLA WG . 16.33 -35.37 -58.30
CHB CLA WG . 16.43 -35.43 -53.45
CHC CLA WG . 18.65 -39.73 -53.63
CHD CLA WG . 18.85 -39.58 -58.49
NA CLA WG . 16.63 -35.61 -55.90
C1A CLA WG . 16.09 -34.97 -57.02
C2A CLA WG . 15.20 -33.80 -56.56
C3A CLA WG . 15.49 -33.71 -55.03
C4A CLA WG . 16.23 -35.01 -54.74
CMA CLA WG . 16.37 -32.55 -54.67
CAA CLA WG . 13.73 -33.98 -56.88
CBA CLA WG . 13.13 -35.27 -56.38
CGA CLA WG . 13.18 -36.32 -57.46
O1A CLA WG . 12.67 -36.29 -58.57
O2A CLA WG . 13.89 -37.41 -57.08
NB CLA WG . 17.64 -37.50 -53.97
C1B CLA WG . 17.08 -36.62 -53.10
C2B CLA WG . 17.26 -37.10 -51.70
C3B CLA WG . 17.88 -38.30 -51.76
C4B CLA WG . 18.12 -38.58 -53.19
CMB CLA WG . 16.75 -36.36 -50.55
CAB CLA WG . 18.21 -39.26 -50.73
CBB CLA WG . 19.01 -39.01 -49.69
NC CLA WG . 18.62 -39.22 -56.05
C1C CLA WG . 18.87 -40.03 -54.98
C2C CLA WG . 19.40 -41.32 -55.41
C3C CLA WG . 19.41 -41.30 -56.79
C4C CLA WG . 18.97 -39.98 -57.17
CMC CLA WG . 19.75 -42.43 -54.54
CAC CLA WG . 19.90 -42.38 -57.67
CBC CLA WG . 18.81 -43.36 -58.06
ND CLA WG . 17.64 -37.52 -57.91
C1D CLA WG . 18.21 -38.42 -58.85
C2D CLA WG . 18.00 -37.93 -60.21
C3D CLA WG . 17.24 -36.78 -60.06
C4D CLA WG . 17.04 -36.57 -58.61
CMD CLA WG . 18.48 -38.61 -61.40
CAD CLA WG . 16.56 -35.72 -60.74
OBD CLA WG . 16.42 -35.55 -61.94
CBD CLA WG . 16.01 -34.76 -59.64
CGD CLA WG . 16.67 -33.44 -59.79
O1D CLA WG . 16.27 -32.33 -59.43
O2D CLA WG . 17.89 -33.54 -60.39
CED CLA WG . 18.80 -32.46 -60.29
C1 CLA WG . 14.14 -38.42 -58.09
C2 CLA WG . 14.60 -39.59 -57.31
C3 CLA WG . 15.06 -40.73 -57.82
C4 CLA WG . 15.19 -40.94 -59.27
C5 CLA WG . 15.49 -41.85 -56.94
C6 CLA WG . 15.44 -41.50 -55.46
C7 CLA WG . 14.82 -42.60 -54.64
C8 CLA WG . 15.77 -43.16 -53.60
C9 CLA WG . 16.41 -44.41 -54.15
C10 CLA WG . 15.04 -43.42 -52.28
C11 CLA WG . 14.47 -44.80 -52.09
C12 CLA WG . 14.43 -45.18 -50.62
C13 CLA WG . 13.01 -45.12 -50.08
C14 CLA WG . 12.98 -44.34 -48.79
C15 CLA WG . 12.39 -46.51 -49.86
C16 CLA WG . 13.07 -47.31 -48.78
C17 CLA WG . 12.08 -47.70 -47.69
C18 CLA WG . 12.48 -48.88 -46.82
C19 CLA WG . 13.95 -49.23 -46.92
C20 CLA WG . 12.10 -48.62 -45.38
MG CLA XG . 3.87 -37.24 -57.87
CHA CLA XG . 5.10 -34.52 -59.65
CHB CLA XG . 0.75 -36.58 -59.11
CHC CLA XG . 2.49 -39.43 -55.60
CHD CLA XG . 6.92 -37.36 -56.06
NA CLA XG . 3.10 -35.83 -59.21
C1A CLA XG . 3.78 -34.79 -59.87
C2A CLA XG . 2.81 -34.01 -60.78
C3A CLA XG . 1.51 -34.83 -60.72
C4A CLA XG . 1.79 -35.83 -59.61
CMA CLA XG . 0.29 -33.96 -60.44
CAA CLA XG . 3.22 -33.99 -62.25
CBA CLA XG . 3.07 -35.35 -62.90
CGA CLA XG . 3.24 -35.20 -64.38
O1A CLA XG . 2.59 -34.50 -65.16
O2A CLA XG . 4.29 -35.91 -64.88
NB CLA XG . 2.00 -37.82 -57.39
C1B CLA XG . 0.88 -37.52 -58.08
C2B CLA XG . -0.27 -38.31 -57.62
C3B CLA XG . 0.20 -39.13 -56.62
C4B CLA XG . 1.65 -38.84 -56.49
CMB CLA XG . -1.58 -38.13 -58.23
CAB CLA XG . -0.44 -40.15 -55.82
CBB CLA XG . -1.75 -40.40 -55.66
NC CLA XG . 4.61 -38.27 -56.20
C1C CLA XG . 3.88 -39.17 -55.47
C2C CLA XG . 4.70 -39.77 -54.44
C3C CLA XG . 5.94 -39.14 -54.49
C4C CLA XG . 5.88 -38.20 -55.61
CMC CLA XG . 4.18 -40.79 -53.51
CAC CLA XG . 7.12 -39.41 -53.64
CBC CLA XG . 7.78 -40.74 -53.89
ND CLA XG . 5.69 -36.35 -57.93
C1D CLA XG . 6.84 -36.48 -57.11
C2D CLA XG . 7.88 -35.52 -57.60
C3D CLA XG . 7.27 -34.78 -58.60
C4D CLA XG . 5.89 -35.29 -58.71
CMD CLA XG . 9.23 -35.37 -57.06
CAD CLA XG . 7.42 -33.70 -59.54
OBD CLA XG . 8.41 -33.03 -59.84
CBD CLA XG . 6.02 -33.43 -60.12
CGD CLA XG . 5.56 -32.12 -59.55
O1D CLA XG . 5.31 -31.86 -58.38
O2D CLA XG . 5.41 -31.14 -60.48
CED CLA XG . 4.67 -29.99 -60.08
C1 CLA XG . 4.02 -36.86 -65.94
C2 CLA XG . 5.26 -37.63 -66.10
C3 CLA XG . 5.62 -38.66 -65.30
C4 CLA XG . 4.74 -39.12 -64.20
C5 CLA XG . 6.89 -39.40 -65.52
C6 CLA XG . 7.75 -39.52 -64.28
C7 CLA XG . 8.77 -40.63 -64.40
C8 CLA XG . 9.07 -41.31 -63.07
C9 CLA XG . 7.78 -41.70 -62.36
C10 CLA XG . 9.99 -40.44 -62.20
C11 CLA XG . 11.10 -41.24 -61.55
C12 CLA XG . 10.69 -41.82 -60.21
C13 CLA XG . 11.60 -42.90 -59.65
C14 CLA XG . 11.12 -44.23 -60.17
C15 CLA XG . 11.65 -42.86 -58.12
C16 CLA XG . 11.89 -44.23 -57.47
C17 CLA XG . 11.88 -44.23 -55.96
C18 CLA XG . 10.49 -44.08 -55.35
C19 CLA XG . 10.57 -43.61 -53.91
C20 CLA XG . 9.71 -45.38 -55.47
MG CLA YG . 12.59 -40.26 -38.95
CHA CLA YG . 14.55 -41.36 -36.31
CHB CLA YG . 9.81 -40.72 -37.04
CHC CLA YG . 10.78 -38.23 -41.09
CHD CLA YG . 15.55 -39.16 -40.53
NA CLA YG . 12.26 -41.00 -37.03
C1A CLA YG . 13.20 -41.41 -36.09
C2A CLA YG . 12.51 -41.93 -34.83
C3A CLA YG . 11.06 -42.11 -35.32
C4A CLA YG . 11.00 -41.20 -36.54
CMA CLA YG . 10.83 -43.53 -35.74
CAA CLA YG . 12.61 -41.06 -33.60
CBA CLA YG . 12.66 -39.57 -33.84
CGA CLA YG . 12.93 -38.97 -32.49
O1A CLA YG . 13.50 -39.47 -31.52
O2A CLA YG . 12.41 -37.72 -32.36
NB CLA YG . 10.66 -39.68 -39.08
C1B CLA YG . 9.68 -39.90 -38.17
C2B CLA YG . 8.45 -39.15 -38.53
C3B CLA YG . 8.74 -38.45 -39.67
C4B CLA YG . 10.13 -38.78 -40.05
CMB CLA YG . 7.21 -39.15 -37.76
CAB CLA YG . 7.93 -37.54 -40.42
CBB CLA YG . 8.04 -36.21 -40.35
NC CLA YG . 13.07 -39.02 -40.54
C1C CLA YG . 12.18 -38.35 -41.32
C2C CLA YG . 12.85 -37.66 -42.40
C3C CLA YG . 14.22 -37.86 -42.17
C4C CLA YG . 14.33 -38.73 -41.04
CMC CLA YG . 12.10 -36.88 -43.37
CAC CLA YG . 15.41 -37.43 -42.90
CBC CLA YG . 15.74 -38.36 -44.05
ND CLA YG . 14.57 -40.23 -38.59
C1D CLA YG . 15.68 -39.87 -39.38
C2D CLA YG . 16.92 -40.29 -38.76
C3D CLA YG . 16.55 -40.86 -37.57
C4D CLA YG . 15.09 -40.80 -37.51
CMD CLA YG . 18.23 -40.05 -39.35
CAD CLA YG . 17.02 -41.48 -36.35
OBD CLA YG . 18.17 -41.66 -35.98
CBD CLA YG . 15.75 -41.86 -35.53
CGD CLA YG . 15.69 -43.35 -35.43
O1D CLA YG . 14.79 -44.10 -35.79
O2D CLA YG . 16.83 -43.88 -34.91
CED CLA YG . 16.73 -44.72 -33.77
C1 CLA YG . 13.13 -36.63 -32.95
C2 CLA YG . 13.68 -35.91 -31.78
C3 CLA YG . 14.77 -35.16 -31.86
C4 CLA YG . 15.30 -34.47 -30.67
C5 CLA YG . 15.50 -34.99 -33.16
C6 CLA YG . 16.83 -34.28 -32.97
C7 CLA YG . 17.50 -33.83 -34.24
C8 CLA YG . 19.01 -34.06 -34.12
C9 CLA YG . 19.55 -33.77 -32.72
C10 CLA YG . 19.77 -33.23 -35.15
C11 CLA YG . 21.24 -33.54 -35.08
C12 CLA YG . 22.08 -32.48 -35.75
C13 CLA YG . 23.11 -31.89 -34.80
C14 CLA YG . 23.46 -30.48 -35.26
C15 CLA YG . 24.38 -32.74 -34.72
C16 CLA YG . 24.81 -32.99 -33.28
MG CLA ZG . 20.62 -52.65 -46.07
CHA CLA ZG . 18.66 -54.86 -44.30
CHB CLA ZG . 22.94 -55.14 -46.47
CHC CLA ZG . 22.19 -50.76 -48.47
CHD CLA ZG . 17.83 -50.45 -46.21
NA CLA ZG . 20.76 -54.64 -45.46
C1A CLA ZG . 19.83 -55.39 -44.74
C2A CLA ZG . 20.35 -56.81 -44.48
C3A CLA ZG . 21.82 -56.72 -44.91
C4A CLA ZG . 21.86 -55.42 -45.69
CMA CLA ZG . 22.76 -56.74 -43.73
CAA CLA ZG . 19.63 -57.87 -45.29
CBA CLA ZG . 19.30 -57.45 -46.71
CGA CLA ZG . 20.50 -57.81 -47.53
O1A CLA ZG . 21.24 -58.78 -47.35
O2A CLA ZG . 20.80 -56.95 -48.54
NB CLA ZG . 22.16 -52.96 -47.34
C1B CLA ZG . 23.10 -53.94 -47.18
C2B CLA ZG . 24.38 -53.56 -47.78
C3B CLA ZG . 24.21 -52.33 -48.35
C4B CLA ZG . 22.80 -51.91 -48.07
CMB CLA ZG . 25.55 -54.42 -47.74
CAB CLA ZG . 25.18 -51.53 -49.05
CBB CLA ZG . 25.59 -51.69 -50.30
NC CLA ZG . 20.10 -50.92 -47.14
C1C CLA ZG . 20.92 -50.31 -48.04
C2C CLA ZG . 20.27 -49.09 -48.53
C3C CLA ZG . 19.00 -49.04 -47.94
C4C CLA ZG . 18.93 -50.18 -47.06
CMC CLA ZG . 20.90 -48.20 -49.50
CAC CLA ZG . 17.90 -48.07 -48.11
CBC CLA ZG . 18.21 -46.60 -47.95
ND CLA ZG . 18.73 -52.55 -45.37
C1D CLA ZG . 17.73 -51.55 -45.40
C2D CLA ZG . 16.65 -51.91 -44.46
C3D CLA ZG . 16.98 -53.16 -43.98
C4D CLA ZG . 18.24 -53.53 -44.63
CMD CLA ZG . 15.50 -51.07 -44.15
CAD CLA ZG . 16.62 -54.25 -43.08
OBD CLA ZG . 15.75 -54.31 -42.23
CBD CLA ZG . 17.63 -55.40 -43.36
CGD CLA ZG . 18.37 -55.81 -42.13
O1D CLA ZG . 18.62 -56.96 -41.74
O2D CLA ZG . 18.86 -54.77 -41.41
CED CLA ZG . 19.94 -55.05 -40.51
C1 CLA ZG . 22.01 -57.29 -49.25
C2 CLA ZG . 22.49 -56.07 -49.92
C3 CLA ZG . 23.44 -56.09 -50.86
C4 CLA ZG . 24.11 -57.35 -51.29
C5 CLA ZG . 23.89 -54.82 -51.49
C6 CLA ZG . 22.74 -53.99 -52.03
C7 CLA ZG . 23.02 -53.61 -53.47
C8 CLA ZG . 21.82 -53.83 -54.37
C9 CLA ZG . 21.73 -55.30 -54.69
C10 CLA ZG . 21.91 -53.04 -55.68
C11 CLA ZG . 21.52 -51.60 -55.49
C12 CLA ZG . 22.02 -50.74 -56.63
C13 CLA ZG . 21.56 -49.29 -56.45
C14 CLA ZG . 20.46 -48.93 -57.42
C15 CLA ZG . 22.75 -48.32 -56.47
C16 CLA ZG . 22.84 -47.50 -57.75
C17 CLA ZG . 24.19 -47.55 -58.42
C18 CLA ZG . 24.68 -46.14 -58.72
C19 CLA ZG . 26.07 -46.10 -59.28
C20 CLA ZG . 23.70 -45.43 -59.64
MG CLA AH . 37.98 -50.29 -45.28
CHA CLA AH . 35.80 -52.75 -46.43
CHB CLA AH . 40.27 -52.75 -44.60
CHC CLA AH . 40.50 -47.94 -45.25
CHD CLA AH . 35.90 -47.92 -46.98
NA CLA AH . 37.98 -52.37 -45.41
C1A CLA AH . 36.99 -53.22 -45.95
C2A CLA AH . 37.39 -54.70 -45.82
C3A CLA AH . 38.70 -54.66 -45.01
C4A CLA AH . 39.03 -53.17 -44.99
CMA CLA AH . 38.50 -55.21 -43.63
CAA CLA AH . 37.57 -55.40 -47.17
CBA CLA AH . 38.28 -54.55 -48.19
CGA CLA AH . 38.09 -55.21 -49.51
O1A CLA AH . 37.80 -56.39 -49.74
O2A CLA AH . 38.29 -54.37 -50.57
NB CLA AH . 39.98 -50.35 -45.02
C1B CLA AH . 40.68 -51.43 -44.58
C2B CLA AH . 42.01 -51.00 -44.05
C3B CLA AH . 42.10 -49.64 -44.23
C4B CLA AH . 40.81 -49.21 -44.86
CMB CLA AH . 42.98 -51.98 -43.55
CAB CLA AH . 43.17 -48.73 -43.93
CBB CLA AH . 43.87 -48.71 -42.79
NC CLA AH . 38.13 -48.30 -45.92
C1C CLA AH . 39.24 -47.52 -45.76
C2C CLA AH . 39.00 -46.17 -46.24
C3C CLA AH . 37.73 -46.19 -46.81
C4C CLA AH . 37.18 -47.51 -46.58
CMC CLA AH . 39.98 -45.09 -46.19
CAC CLA AH . 37.00 -45.07 -47.42
CBC CLA AH . 36.19 -44.37 -46.37
ND CLA AH . 36.24 -50.24 -46.33
C1D CLA AH . 35.44 -49.19 -46.87
C2D CLA AH . 34.13 -49.72 -47.29
C3D CLA AH . 34.20 -51.09 -47.10
C4D CLA AH . 35.54 -51.36 -46.56
CMD CLA AH . 33.02 -48.92 -47.84
CAD CLA AH . 33.51 -52.35 -47.23
OBD CLA AH . 32.36 -52.58 -47.58
CBD CLA AH . 34.54 -53.46 -46.85
CGD CLA AH . 34.05 -54.34 -45.73
O1D CLA AH . 33.76 -55.54 -45.80
O2D CLA AH . 33.91 -53.72 -44.52
CED CLA AH . 34.83 -53.98 -43.44
C1 CLA AH . 38.10 -54.91 -51.89
C2 CLA AH . 37.42 -53.89 -52.73
C3 CLA AH . 36.32 -54.18 -53.44
C4 CLA AH . 35.70 -55.52 -53.41
C5 CLA AH . 35.66 -53.15 -54.31
C6 CLA AH . 34.19 -53.44 -54.57
C7 CLA AH . 33.60 -52.35 -55.43
C8 CLA AH . 32.09 -52.21 -55.24
C9 CLA AH . 31.35 -53.44 -55.74
C10 CLA AH . 31.54 -50.92 -55.84
C11 CLA AH . 32.58 -49.81 -55.81
C12 CLA AH . 32.05 -48.50 -56.34
C13 CLA AH . 33.21 -47.57 -56.70
C14 CLA AH . 33.99 -47.17 -55.47
C15 CLA AH . 32.76 -46.35 -57.50
C16 CLA AH . 31.55 -46.63 -58.37
C17 CLA AH . 31.90 -46.68 -59.84
C18 CLA AH . 30.91 -45.89 -60.68
C19 CLA AH . 31.61 -45.19 -61.83
C20 CLA AH . 29.85 -46.82 -61.24
MG CLA BH . 30.73 -50.94 -52.46
CHA CLA BH . 31.53 -54.05 -51.22
CHB CLA BH . 27.60 -52.06 -53.20
CHC CLA BH . 29.85 -47.74 -53.29
CHD CLA BH . 33.89 -49.76 -51.36
NA CLA BH . 29.74 -52.75 -52.22
C1A CLA BH . 30.26 -53.95 -51.69
C2A CLA BH . 29.20 -55.04 -51.68
C3A CLA BH . 28.05 -54.43 -52.50
C4A CLA BH . 28.46 -52.97 -52.63
CMA CLA BH . 27.96 -55.12 -53.82
CAA CLA BH . 28.75 -55.21 -50.23
CBA CLA BH . 27.87 -56.42 -50.02
CGA CLA BH . 28.69 -57.64 -50.32
O1A CLA BH . 29.72 -58.06 -49.80
O2A CLA BH . 28.16 -58.33 -51.37
NB CLA BH . 29.03 -50.06 -53.06
C1B CLA BH . 27.89 -50.70 -53.42
C2B CLA BH . 26.96 -49.76 -54.09
C3B CLA BH . 27.59 -48.53 -54.13
C4B CLA BH . 28.92 -48.72 -53.48
CMB CLA BH . 25.64 -50.20 -54.56
CAB CLA BH . 27.20 -47.25 -54.65
CBB CLA BH . 26.39 -46.99 -55.67
NC CLA BH . 31.69 -49.10 -52.31
C1C CLA BH . 31.14 -47.92 -52.72
C2C CLA BH . 32.08 -46.83 -52.52
C3C CLA BH . 33.22 -47.40 -51.96
C4C CLA BH . 32.97 -48.82 -51.84
CMC CLA BH . 31.79 -45.44 -52.86
CAC CLA BH . 34.45 -46.72 -51.55
CBC CLA BH . 34.33 -46.20 -50.14
ND CLA BH . 32.34 -51.65 -51.48
C1D CLA BH . 33.61 -51.09 -51.19
C2D CLA BH . 34.51 -52.14 -50.66
C3D CLA BH . 33.76 -53.30 -50.65
C4D CLA BH . 32.42 -52.94 -51.18
CMD CLA BH . 35.87 -51.92 -50.24
CAD CLA BH . 33.73 -54.71 -50.34
OBD CLA BH . 34.62 -55.40 -49.86
CBD CLA BH . 32.31 -55.24 -50.70
CGD CLA BH . 32.30 -56.41 -51.67
O1D CLA BH . 32.22 -56.38 -52.89
O2D CLA BH . 32.38 -57.62 -51.07
CED CLA BH . 33.64 -58.30 -51.14
C1 CLA BH . 29.13 -59.03 -52.15
C2 CLA BH . 28.93 -58.66 -53.57
C3 CLA BH . 29.89 -58.88 -54.49
C4 CLA BH . 31.19 -59.49 -54.12
C5 CLA BH . 29.71 -58.52 -55.92
C6 CLA BH . 30.50 -57.30 -56.32
MG CLA CH . 36.23 -32.30 -47.98
CHA CLA CH . 37.88 -29.49 -49.19
CHB CLA CH . 38.31 -34.28 -49.87
CHC CLA CH . 35.47 -35.05 -46.01
CHD CLA CH . 34.93 -30.23 -45.39
NA CLA CH . 37.76 -31.93 -49.36
C1A CLA CH . 38.32 -30.69 -49.71
C2A CLA CH . 39.42 -30.88 -50.75
C3A CLA CH . 39.30 -32.35 -51.16
C4A CLA CH . 38.40 -32.92 -50.06
CMA CLA CH . 38.76 -32.51 -52.55
CAA CLA CH . 40.83 -30.65 -50.22
CBA CLA CH . 41.04 -30.83 -48.74
CGA CLA CH . 42.43 -30.40 -48.36
O1A CLA CH . 43.12 -29.55 -48.91
O2A CLA CH . 42.93 -31.02 -47.26
NB CLA CH . 36.81 -34.24 -47.92
C1B CLA CH . 37.53 -34.88 -48.88
C2B CLA CH . 37.39 -36.36 -48.77
C3B CLA CH . 36.58 -36.58 -47.69
C4B CLA CH . 36.21 -35.24 -47.13
CMB CLA CH . 38.06 -37.29 -49.65
CAB CLA CH . 36.16 -37.82 -47.09
CBB CLA CH . 35.22 -38.63 -47.59
NC CLA CH . 35.31 -32.57 -46.11
C1C CLA CH . 35.05 -33.78 -45.52
C2C CLA CH . 34.33 -33.59 -44.26
C3C CLA CH . 34.26 -32.23 -44.05
C4C CLA CH . 34.85 -31.60 -45.22
CMC CLA CH . 33.88 -34.66 -43.37
CAC CLA CH . 33.62 -31.52 -42.93
CBC CLA CH . 32.14 -31.30 -43.18
ND CLA CH . 36.19 -30.34 -47.48
C1D CLA CH . 35.56 -29.61 -46.43
C2D CLA CH . 35.73 -28.17 -46.66
C3D CLA CH . 36.59 -28.07 -47.72
C4D CLA CH . 36.91 -29.44 -48.15
CMD CLA CH . 35.14 -27.09 -45.87
CAD CLA CH . 37.31 -27.17 -48.57
OBD CLA CH . 37.26 -25.95 -48.63
CBD CLA CH . 38.24 -28.04 -49.46
CGD CLA CH . 37.99 -27.60 -50.86
O1D CLA CH . 38.72 -26.95 -51.61
O2D CLA CH . 36.75 -27.95 -51.31
CED CLA CH . 35.92 -26.88 -51.78
C1 CLA CH . 44.35 -30.96 -47.00
C2 CLA CH . 44.50 -31.79 -45.78
C3 CLA CH . 45.38 -32.80 -45.66
C4 CLA CH . 46.30 -33.14 -46.78
C5 CLA CH . 45.45 -33.59 -44.40
C6 CLA CH . 46.48 -34.70 -44.40
C7 CLA CH . 46.17 -35.75 -43.34
C8 CLA CH . 46.16 -37.17 -43.93
C9 CLA CH . 44.73 -37.63 -44.15
C10 CLA CH . 46.87 -38.21 -43.07
C11 CLA CH . 46.94 -37.80 -41.61
C12 CLA CH . 47.66 -38.81 -40.75
C13 CLA CH . 46.85 -39.11 -39.51
C14 CLA CH . 47.72 -38.96 -38.27
C15 CLA CH . 46.24 -40.49 -39.55
C16 CLA CH . 44.77 -40.40 -39.92
C17 CLA CH . 44.23 -41.69 -40.52
C18 CLA CH . 45.18 -42.26 -41.55
C19 CLA CH . 45.07 -43.78 -41.59
C20 CLA CH . 44.89 -41.66 -42.91
MG CLA DH . 27.42 -26.90 -42.13
CHA CLA DH . 29.51 -24.16 -42.59
CHB CLA DH . 29.59 -28.03 -39.70
CHC CLA DH . 24.88 -28.77 -40.66
CHD CLA DH . 24.81 -24.93 -43.67
NA CLA DH . 29.26 -26.28 -41.39
C1A CLA DH . 29.97 -25.10 -41.71
C2A CLA DH . 31.30 -25.02 -40.94
C3A CLA DH . 31.42 -26.45 -40.36
C4A CLA DH . 30.00 -26.98 -40.47
CMA CLA DH . 32.38 -27.31 -41.11
CAA CLA DH . 31.23 -23.92 -39.89
CBA CLA DH . 32.20 -24.06 -38.74
CGA CLA DH . 31.47 -23.80 -37.46
O1A CLA DH . 31.86 -23.17 -36.47
O2A CLA DH . 30.22 -24.35 -37.43
NB CLA DH . 27.30 -28.23 -40.60
C1B CLA DH . 28.29 -28.54 -39.72
C2B CLA DH . 27.80 -29.50 -38.69
C3B CLA DH . 26.48 -29.72 -38.96
C4B CLA DH . 26.14 -28.91 -40.17
CMB CLA DH . 28.62 -29.99 -37.58
CAB CLA DH . 25.54 -30.48 -38.19
CBB CLA DH . 24.74 -31.45 -38.66
NC CLA DH . 25.31 -26.94 -42.28
C1C CLA DH . 24.49 -27.86 -41.68
C2C CLA DH . 23.10 -27.68 -42.07
C3C CLA DH . 23.05 -26.49 -42.78
C4C CLA DH . 24.44 -26.05 -42.93
CMC CLA DH . 21.98 -28.52 -41.63
CAC CLA DH . 21.88 -25.84 -43.38
CBC CLA DH . 21.45 -24.57 -42.68
ND CLA DH . 27.18 -25.10 -43.02
C1D CLA DH . 26.10 -24.47 -43.72
C2D CLA DH . 26.59 -23.28 -44.44
C3D CLA DH . 27.89 -23.14 -44.06
C4D CLA DH . 28.19 -24.26 -43.13
CMD CLA DH . 25.78 -22.46 -45.33
CAD CLA DH . 29.09 -22.36 -44.20
OBD CLA DH . 29.32 -21.42 -44.97
CBD CLA DH . 30.11 -22.92 -43.18
CGD CLA DH . 31.41 -23.24 -43.84
O1D CLA DH . 32.54 -22.95 -43.45
O2D CLA DH . 31.26 -23.94 -44.99
CED CLA DH . 32.12 -25.05 -45.21
C1 CLA DH . 30.10 -25.45 -36.51
C2 CLA DH . 28.66 -25.71 -36.28
C3 CLA DH . 28.20 -26.23 -35.13
C4 CLA DH . 29.13 -26.61 -34.03
C5 CLA DH . 26.75 -26.49 -34.92
C6 CLA DH . 26.09 -26.88 -36.23
C7 CLA DH . 24.67 -26.36 -36.37
C8 CLA DH . 24.53 -25.42 -37.57
C9 CLA DH . 23.22 -25.66 -38.32
C10 CLA DH . 25.72 -25.45 -38.54
C11 CLA DH . 25.51 -24.50 -39.68
C12 CLA DH . 26.58 -23.43 -39.79
C13 CLA DH . 26.01 -22.06 -40.16
C14 CLA DH . 24.65 -22.18 -40.86
C15 CLA DH . 27.00 -21.21 -40.96
C16 CLA DH . 26.28 -20.16 -41.80
C17 CLA DH . 27.17 -19.24 -42.60
C18 CLA DH . 27.83 -18.20 -41.71
C19 CLA DH . 29.32 -18.12 -41.98
C20 CLA DH . 27.18 -16.85 -41.97
C03 II0 EH . 34.43 -37.47 -53.83
C04 II0 EH . 17.36 -54.54 -52.50
C05 II0 EH . 34.32 -35.94 -54.45
C06 II0 EH . 16.55 -55.94 -52.15
C07 II0 EH . 34.26 -34.93 -53.54
C08 II0 EH . 17.19 -56.70 -51.21
C09 II0 EH . 34.37 -37.57 -52.36
C10 II0 EH . 18.31 -54.11 -51.47
C11 II0 EH . 35.23 -35.20 -52.17
C12 II0 EH . 17.38 -55.88 -49.78
C13 II0 EH . 34.76 -36.31 -51.44
C14 II0 EH . 18.04 -54.59 -49.96
C15 II0 EH . 33.23 -38.30 -54.43
C16 II0 EH . 35.76 -38.13 -54.35
C17 II0 EH . 18.15 -54.74 -53.81
C18 II0 EH . 16.30 -53.41 -52.73
C19 II0 EH . 33.88 -36.04 -50.22
C20 II0 EH . 18.89 -54.02 -48.82
C21 II0 EH . 33.81 -38.88 -51.74
C22 II0 EH . 19.04 -52.75 -51.71
C23 II0 EH . 33.23 -39.86 -51.34
C24 II0 EH . 19.61 -51.74 -51.95
C25 II0 EH . 32.23 -40.98 -51.02
C26 II0 EH . 20.43 -50.45 -52.30
C27 II0 EH . 30.89 -40.62 -51.67
C28 II0 EH . 19.72 -49.22 -52.84
C29 II0 EH . 32.57 -42.11 -50.24
C30 II0 EH . 21.75 -50.49 -52.18
C31 II0 EH . 31.70 -43.37 -49.84
C32 II0 EH . 22.65 -49.28 -52.53
C33 II0 EH . 30.43 -43.57 -50.28
C34 II0 EH . 23.55 -48.92 -51.62
C35 II0 EH . 29.54 -44.75 -50.04
C36 II0 EH . 24.48 -47.72 -51.82
C37 II0 EH . 29.99 -45.88 -49.15
C38 II0 EH . 23.98 -46.50 -52.60
C39 II0 EH . 28.36 -44.81 -50.70
C40 II0 EH . 25.70 -47.70 -51.25
C41 II0 EH . 27.46 -46.05 -50.47
C42 II0 EH . 26.60 -46.44 -51.45
O01 II0 EH . 34.71 -33.75 -54.17
O02 II0 EH . 16.41 -57.86 -50.94
C03 II0 FH . 14.83 -35.01 -46.98
C04 II0 FH . 32.65 -39.51 -31.32
C05 II0 FH . 13.97 -33.69 -47.44
C06 II0 FH . 32.70 -40.20 -29.81
C07 II0 FH . 14.18 -32.75 -46.49
C08 II0 FH . 31.82 -41.22 -29.65
C09 II0 FH . 16.27 -34.68 -47.07
C10 II0 FH . 32.47 -40.45 -32.41
C11 II0 FH . 15.83 -32.24 -46.46
C12 II0 FH . 32.14 -42.42 -30.75
C13 II0 FH . 16.58 -33.14 -47.29
C14 II0 FH . 31.97 -41.93 -32.11
C15 II0 FH . 14.44 -35.34 -45.51
C16 II0 FH . 14.40 -36.23 -47.87
C17 II0 FH . 31.50 -38.49 -31.38
C18 II0 FH . 34.01 -38.77 -31.59
C19 II0 FH . 17.88 -32.72 -47.99
C20 II0 FH . 31.12 -42.71 -33.12
C21 II0 FH . 17.46 -35.42 -46.40
C22 II0 FH . 32.06 -39.84 -33.75
C23 II0 FH . 18.52 -35.85 -45.99
C24 II0 FH . 31.70 -39.35 -34.75
C25 II0 FH . 20.02 -36.03 -45.70
C26 II0 FH . 31.17 -38.78 -36.08
C27 II0 FH . 20.87 -36.41 -46.90
C28 II0 FH . 32.10 -38.29 -37.16
C29 II0 FH . 20.62 -35.85 -44.47
C30 II0 FH . 29.85 -38.73 -36.20
C31 II0 FH . 22.19 -36.06 -44.41
C32 II0 FH . 29.29 -38.17 -37.52
C33 II0 FH . 23.02 -36.57 -43.46
C34 II0 FH . 28.07 -38.43 -37.92
C35 II0 FH . 22.73 -37.21 -42.11
C36 II0 FH . 27.74 -37.80 -39.27
C37 II0 FH . 21.35 -37.57 -41.61
C38 II0 FH . 28.88 -37.16 -40.09
C39 II0 FH . 23.81 -37.50 -41.32
C40 II0 FH . 26.50 -37.85 -39.79
C41 II0 FH . 25.19 -37.10 -41.88
C42 II0 FH . 26.36 -37.21 -41.21
O01 II0 FH . 13.29 -31.70 -46.76
O02 II0 FH . 31.99 -41.76 -28.35
C02 IHT GH . 36.85 -22.09 -45.52
C03 IHT GH . 35.39 -46.31 -41.94
C04 IHT GH . 37.06 -20.50 -45.90
C05 IHT GH . 34.63 -47.26 -40.80
C06 IHT GH . 38.36 -20.14 -45.88
C07 IHT GH . 37.56 -22.52 -44.33
C08 IHT GH . 35.53 -47.95 -40.05
C09 IHT GH . 39.05 -20.40 -44.39
C10 IHT GH . 38.90 -21.75 -43.94
C11 IHT GH . 36.36 -45.45 -41.28
C12 IHT GH . 36.52 -46.92 -39.13
C13 IHT GH . 35.31 -22.35 -45.31
C14 IHT GH . 37.36 -22.99 -46.75
C15 IHT GH . 36.60 -45.61 -39.69
C16 IHT GH . 34.35 -45.44 -42.64
C17 IHT GH . 36.10 -47.17 -42.96
C18 IHT GH . 37.35 -23.95 -43.81
C19 IHT GH . 39.73 -22.24 -42.74
C20 IHT GH . 37.29 -44.49 -38.88
C21 IHT GH . 36.71 -44.09 -41.95
C22 IHT GH . 36.72 -24.14 -42.65
C23 IHT GH . 36.49 -25.60 -42.08
C24 IHT GH . 36.96 -43.02 -42.46
C25 IHT GH . 35.64 -25.79 -40.78
C26 IHT GH . 37.25 -41.64 -43.11
C27 IHT GH . 37.02 -26.68 -42.71
C28 IHT GH . 37.62 -41.54 -44.59
C29 IHT GH . 37.17 -40.53 -42.35
C30 IHT GH . 36.76 -28.11 -42.12
C31 IHT GH . 37.46 -39.16 -42.98
C32 IHT GH . 37.42 -29.17 -42.61
C33 IHT GH . 37.15 -30.55 -42.00
C34 IHT GH . 37.35 -38.07 -42.21
C35 IHT GH . 37.63 -36.65 -42.82
C36 IHT GH . 36.42 -30.67 -40.67
C37 IHT GH . 37.57 -31.66 -42.65
C38 IHT GH . 37.28 -35.55 -42.13
C39 IHT GH . 38.30 -36.54 -44.21
C40 IHT GH . 37.29 -33.06 -42.04
C41 IHT GH . 37.56 -34.15 -42.75
O01 IHT GH . 34.81 -48.79 -39.16
C02 IHT HH . 20.17 -27.94 -48.80
C03 IHT HH . 38.77 -38.46 -37.89
C04 IHT HH . 20.48 -26.76 -49.92
C05 IHT HH . 38.72 -40.09 -38.21
C06 IHT HH . 20.69 -25.55 -49.37
C07 IHT HH . 21.24 -28.08 -47.84
C08 IHT HH . 38.63 -40.79 -37.06
C09 IHT HH . 21.80 -25.56 -48.12
C10 IHT HH . 22.27 -26.86 -47.74
C11 IHT HH . 37.53 -38.09 -37.20
C12 IHT HH . 37.14 -40.50 -36.27
C13 IHT HH . 18.85 -27.55 -48.02
C14 IHT HH . 19.93 -29.33 -49.55
C15 IHT HH . 36.88 -39.11 -36.11
C16 IHT HH . 39.97 -38.18 -37.02
C17 IHT HH . 38.87 -37.68 -39.19
C18 IHT HH . 20.94 -28.95 -46.60
C19 IHT HH . 23.54 -26.98 -46.89
C20 IHT HH . 35.76 -38.66 -35.15
C21 IHT HH . 36.78 -36.78 -37.57
C22 IHT HH . 21.79 -29.86 -46.12
C23 IHT HH . 21.29 -30.65 -44.83
C24 IHT HH . 36.15 -35.76 -37.85
C25 IHT HH . 19.76 -30.75 -44.59
C26 IHT HH . 35.32 -34.50 -38.18
C27 IHT HH . 22.12 -31.24 -43.93
C28 IHT HH . 35.84 -33.11 -37.79
C29 IHT HH . 34.13 -34.62 -38.82
C30 IHT HH . 23.69 -31.28 -43.94
C31 IHT HH . 33.26 -33.40 -39.17
C32 IHT HH . 24.16 -31.95 -42.86
C33 IHT HH . 25.59 -32.27 -42.45
C34 IHT HH . 32.06 -33.62 -39.73
C35 IHT HH . 31.08 -32.45 -40.12
C36 IHT HH . 25.81 -33.66 -41.83
C37 IHT HH . 26.67 -31.46 -42.53
C38 IHT HH . 29.99 -32.74 -40.86
C39 IHT HH . 31.36 -31.00 -39.67
C40 IHT HH . 27.91 -32.20 -41.98
C41 IHT HH . 28.93 -31.69 -41.30
O01 IHT HH . 38.75 -42.17 -37.34
C03 II0 IH . 8.61 -34.66 -65.69
C04 II0 IH . 15.60 -44.91 -44.93
C05 II0 IH . 9.19 -33.17 -66.05
C06 II0 IH . 15.80 -45.81 -43.54
C07 II0 IH . 8.34 -32.48 -66.83
C08 II0 IH . 14.73 -45.82 -42.68
C09 II0 IH . 7.34 -34.57 -64.94
C10 II0 IH . 14.88 -43.68 -44.76
C11 II0 IH . 6.85 -32.23 -66.04
C12 II0 IH . 13.99 -44.34 -42.46
C13 II0 IH . 6.68 -33.10 -64.91
C14 II0 IH . 13.71 -43.65 -43.71
C15 II0 IH . 8.33 -35.41 -67.05
C16 II0 IH . 9.72 -35.49 -64.92
C17 II0 IH . 16.99 -44.51 -45.41
C18 II0 IH . 14.96 -45.77 -46.06
C19 II0 IH . 6.25 -32.45 -63.60
C20 II0 IH . 12.28 -43.62 -44.26
C21 II0 IH . 7.28 -35.48 -63.67
C22 II0 IH . 14.90 -42.57 -45.85
C23 II0 IH . 7.32 -36.15 -62.65
C24 II0 IH . 14.91 -41.73 -46.70
C25 II0 IH . 7.41 -37.14 -61.46
C26 II0 IH . 14.95 -40.75 -47.87
C27 II0 IH . 6.18 -37.93 -60.99
C28 II0 IH . 15.96 -39.63 -47.95
C29 II0 IH . 8.63 -37.31 -60.83
C30 II0 IH . 14.13 -41.00 -48.89
C31 II0 IH . 8.73 -38.24 -59.58
C32 II0 IH . 14.11 -40.09 -50.15
C33 II0 IH . 9.88 -38.24 -58.88
C34 II0 IH . 13.40 -40.58 -51.17
C35 II0 IH . 10.00 -39.07 -57.61
C36 II0 IH . 13.29 -39.79 -52.47
C37 II0 IH . 9.15 -40.29 -57.37
C38 II0 IH . 14.33 -38.75 -52.87
C39 II0 IH . 10.84 -38.65 -56.66
C40 II0 IH . 12.25 -40.06 -53.27
C41 II0 IH . 10.98 -39.44 -55.34
C42 II0 IH . 12.11 -39.28 -54.61
O01 II0 IH . 8.93 -31.25 -67.18
O02 II0 IH . 13.77 -46.76 -43.15
O1B LMT JH . 29.59 -45.36 -15.81
C1' LMT JH . 28.92 -41.47 -17.08
C2' LMT JH . 27.64 -42.27 -16.73
C3' LMT JH . 27.98 -43.60 -16.02
C4' LMT JH . 29.16 -44.35 -16.68
C5' LMT JH . 30.28 -43.32 -16.82
C6' LMT JH . 31.58 -43.91 -17.29
O1' LMT JH . 28.59 -40.48 -17.97
O2' LMT JH . 26.90 -41.49 -15.88
O3' LMT JH . 26.90 -44.42 -16.01
O5' LMT JH . 29.87 -42.32 -17.71
O6' LMT JH . 31.72 -43.51 -18.60
C1 LMT JH . 29.04 -40.64 -19.29
C2 LMT JH . 28.62 -39.39 -19.98
C3 LMT JH . 28.46 -39.50 -21.45
C4 LMT JH . 28.16 -38.13 -21.96
C5 LMT JH . 28.94 -37.88 -23.20
C6 LMT JH . 29.72 -36.62 -23.09
C7 LMT JH . 29.05 -35.54 -23.89
C8 LMT JH . 29.04 -35.91 -25.34
C9 LMT JH . 28.43 -34.89 -26.25
C10 LMT JH . 28.74 -33.51 -25.74
C11 LMT JH . 27.93 -32.46 -26.44
C12 LMT JH . 26.50 -32.52 -26.06
O1 LHG KH . 36.52 -11.17 -36.03
C1 LHG KH . 37.83 -11.66 -36.32
C2 LHG KH . 38.37 -12.49 -35.17
O2 LHG KH . 39.76 -12.75 -35.37
C3 LHG KH . 37.64 -13.81 -35.06
O3 LHG KH . 36.43 -13.75 -34.30
P LHG KH . 36.21 -14.93 -33.22
O4 LHG KH . 36.15 -14.48 -31.76
O5 LHG KH . 37.24 -15.96 -33.63
O6 LHG KH . 34.82 -15.59 -33.68
C4 LHG KH . 34.35 -16.75 -33.00
C5 LHG KH . 34.13 -17.93 -33.94
C6 LHG KH . 35.25 -18.00 -34.96
O7 LHG KH . 34.20 -19.13 -33.18
C7 LHG KH . 32.90 -19.58 -32.72
O9 LHG KH . 32.43 -19.09 -31.71
C8 LHG KH . 32.14 -20.63 -33.52
C9 LHG KH . 31.59 -21.67 -32.57
C10 LHG KH . 30.17 -21.33 -32.10
O8 LHG KH . 35.01 -19.02 -35.92
C23 LHG KH . 35.79 -20.26 -35.87
O10 LHG KH . 36.85 -20.29 -35.28
C24 LHG KH . 35.23 -21.49 -36.53
C11 LHG KH . 29.96 -21.89 -30.71
C12 LHG KH . 28.54 -22.44 -30.57
C13 LHG KH . 28.28 -23.49 -31.63
C14 LHG KH . 26.97 -24.24 -31.38
C15 LHG KH . 26.88 -24.61 -29.91
C16 LHG KH . 25.90 -25.75 -29.66
C17 LHG KH . 25.90 -26.11 -28.18
C18 LHG KH . 27.32 -26.40 -27.71
C19 LHG KH . 27.85 -27.73 -28.20
C20 LHG KH . 29.37 -27.79 -28.12
C21 LHG KH . 30.01 -26.78 -29.07
C22 LHG KH . 31.53 -26.87 -29.08
C25 LHG KH . 36.23 -22.64 -36.45
C26 LHG KH . 35.53 -23.83 -37.07
C27 LHG KH . 36.32 -25.13 -37.03
C28 LHG KH . 35.35 -26.29 -37.17
C29 LHG KH . 34.15 -26.11 -36.23
C30 LHG KH . 33.40 -27.41 -36.01
C31 LHG KH . 33.15 -28.09 -37.35
C32 LHG KH . 33.24 -29.59 -37.18
C33 LHG KH . 32.24 -30.10 -36.15
C34 LHG KH . 32.41 -31.61 -36.00
C35 LHG KH . 31.14 -32.24 -35.44
C36 LHG KH . 31.29 -33.74 -35.30
C37 LHG KH . 30.09 -34.33 -34.55
C38 LHG KH . 30.37 -35.75 -34.14
MG CLA LH . -43.96 24.75 30.37
CHA CLA LH . -46.15 22.49 31.86
CHB CLA LH . -41.50 22.37 30.50
CHC CLA LH . -42.19 26.44 27.96
CHD CLA LH . -46.75 26.86 29.70
NA CLA LH . -43.85 22.78 31.08
C1A CLA LH . -44.88 22.02 31.67
C2A CLA LH . -44.38 20.64 32.04
C3A CLA LH . -42.85 20.78 31.91
C4A CLA LH . -42.71 22.05 31.08
CMA CLA LH . -42.22 20.89 33.27
CAA CLA LH . -44.94 19.58 31.09
CBA CLA LH . -45.25 20.08 29.69
CGA CLA LH . -44.74 19.15 28.66
O1A CLA LH . -45.04 17.97 28.50
O2A CLA LH . -43.81 19.71 27.82
NB CLA LH . -42.20 24.46 29.44
C1B CLA LH . -41.28 23.50 29.71
C2B CLA LH . -40.01 23.79 29.03
C3B CLA LH . -40.19 24.96 28.31
C4B CLA LH . -41.59 25.38 28.55
CMB CLA LH . -38.87 22.90 29.15
CAB CLA LH . -39.35 25.71 27.41
CBB CLA LH . -38.27 25.30 26.76
NC CLA LH . -44.38 26.37 29.12
C1C CLA LH . -43.51 26.91 28.22
C2C CLA LH . -44.13 28.02 27.52
C3C CLA LH . -45.42 28.14 28.01
C4C CLA LH . -45.56 27.12 29.03
CMC CLA LH . -43.50 28.78 26.46
CAC CLA LH . -46.44 29.12 27.61
CBC CLA LH . -47.30 28.66 26.47
ND CLA LH . -45.96 24.75 30.68
C1D CLA LH . -46.96 25.73 30.46
C2D CLA LH . -48.20 25.34 31.16
C3D CLA LH . -47.94 24.09 31.69
C4D CLA LH . -46.55 23.77 31.37
CMD CLA LH . -49.42 26.11 31.16
CAD CLA LH . -48.48 23.00 32.47
OBD CLA LH . -49.58 22.88 32.99
CBD CLA LH . -47.36 21.91 32.56
CGD CLA LH . -47.16 21.53 34.00
O1D CLA LH . -46.91 22.27 34.95
O2D CLA LH . -47.30 20.19 34.23
CED CLA LH . -48.20 19.77 35.27
C1 CLA LH . -44.12 20.97 27.20
C2 CLA LH . -42.92 21.37 26.42
C3 CLA LH . -42.69 22.60 25.93
C4 CLA LH . -43.66 23.71 26.11
C5 CLA LH . -41.45 22.89 25.16
MG CLA MH . -33.45 26.67 25.36
CHA CLA MH . -32.02 24.45 27.57
CHB CLA MH . -30.80 28.78 25.86
CHC CLA MH . -34.34 28.42 22.54
CHD CLA MH . -35.82 24.18 24.49
NA CLA MH . -31.72 26.62 26.54
C1A CLA MH . -31.31 25.59 27.39
C2A CLA MH . -30.01 25.96 28.12
C3A CLA MH . -29.86 27.45 27.77
C4A CLA MH . -30.84 27.65 26.64
CMA CLA MH . -30.23 28.26 28.98
CAA CLA MH . -28.81 25.10 27.72
CBA CLA MH . -28.29 25.35 26.32
CGA CLA MH . -28.29 24.07 25.54
O1A CLA MH . -29.21 23.56 24.91
O2A CLA MH . -27.10 23.40 25.58
NB CLA MH . -32.73 28.28 24.41
C1B CLA MH . -31.67 29.03 24.80
C2B CLA MH . -31.53 30.20 23.89
C3B CLA MH . -32.53 30.10 22.96
C4B CLA MH . -33.29 28.87 23.27
CMB CLA MH . -30.47 31.18 24.06
CAB CLA MH . -32.84 30.90 21.81
CBB CLA MH . -32.01 31.09 20.81
NC CLA MH . -34.84 26.37 23.83
C1C CLA MH . -35.07 27.24 22.81
C2C CLA MH . -36.13 26.75 21.96
C3C CLA MH . -36.53 25.52 22.47
C4C CLA MH . -35.73 25.30 23.67
CMC CLA MH . -36.61 27.43 20.76
CAC CLA MH . -37.56 24.63 21.93
CBC CLA MH . -38.95 24.97 22.43
ND CLA MH . -33.87 24.75 25.84
C1D CLA MH . -34.95 23.91 25.51
C2D CLA MH . -34.95 22.75 26.41
C3D CLA MH . -33.84 22.90 27.22
C4D CLA MH . -33.19 24.16 26.81
CMD CLA MH . -35.95 21.69 26.36
CAD CLA MH . -33.06 22.36 28.32
OBD CLA MH . -33.25 21.37 28.99
CBD CLA MH . -31.86 23.33 28.56
CGD CLA MH . -31.89 23.93 29.92
O1D CLA MH . -32.55 24.91 30.28
O2D CLA MH . -31.11 23.33 30.85
CED CLA MH . -31.66 23.20 32.15
C1 CLA MH . -25.96 24.05 25.00
C2 CLA MH . -26.27 24.33 23.57
C3 CLA MH . -25.36 24.85 22.72
C4 CLA MH . -23.98 25.17 23.13
C5 CLA MH . -25.71 25.12 21.29
MG CLA NH . -16.28 44.77 26.85
CHA CLA NH . -16.57 47.71 25.01
CHB CLA NH . -18.16 46.17 29.31
CHC CLA NH . -15.00 42.51 29.12
CHD CLA NH . -13.73 43.76 24.60
NA CLA NH . -17.26 46.61 27.07
C1A CLA NH . -17.29 47.71 26.20
C2A CLA NH . -18.16 48.83 26.81
C3A CLA NH . -18.90 48.12 27.97
C4A CLA NH . -18.04 46.88 28.15
CMA CLA NH . -18.92 48.93 29.23
CAA CLA NH . -19.14 49.48 25.84
CBA CLA NH . -20.58 49.03 25.85
CGA CLA NH . -21.29 49.90 24.86
O1A CLA NH . -21.00 51.04 24.56
O2A CLA NH . -22.40 49.32 24.28
NB CLA NH . -16.51 44.43 28.81
C1B CLA NH . -17.42 45.02 29.61
C2B CLA NH . -17.50 44.33 30.92
C3B CLA NH . -16.60 43.29 30.88
C4B CLA NH . -15.97 43.35 29.53
CMB CLA NH . -18.42 44.80 31.96
CAB CLA NH . -16.18 42.30 31.82
CBB CLA NH . -16.63 42.08 33.05
NC CLA NH . -14.75 43.34 26.81
C1C CLA NH . -14.44 42.48 27.83
C2C CLA NH . -13.36 41.59 27.44
C3C CLA NH . -12.96 41.99 26.17
C4C CLA NH . -13.84 43.06 25.79
CMC CLA NH . -12.79 40.54 28.28
CAC CLA NH . -11.91 41.41 25.32
CBC CLA NH . -10.54 41.92 25.64
ND CLA NH . -15.44 45.44 25.14
C1D CLA NH . -14.45 44.88 24.30
C2D CLA NH . -14.31 45.69 23.10
C3D CLA NH . -15.10 46.79 23.31
C4D CLA NH . -15.75 46.61 24.62
CMD CLA NH . -13.43 45.35 22.00
CAD CLA NH . -15.56 48.03 22.76
OBD CLA NH . -15.36 48.54 21.67
CBD CLA NH . -16.44 48.69 23.86
CGD CLA NH . -15.93 50.02 24.30
O1D CLA NH . -16.19 51.12 23.81
O2D CLA NH . -15.11 49.98 25.38
CED CLA NH . -15.05 51.17 26.17
C1 CLA NH . -23.12 50.13 23.32
C2 CLA NH . -24.21 49.33 22.70
C3 CLA NH . -24.81 49.66 21.53
C4 CLA NH . -24.38 50.86 20.78
C5 CLA NH . -25.90 48.84 20.93
C6 CLA NH . -26.31 47.65 21.77
MG CLA OH . -27.42 32.24 29.12
CHA CLA OH . -26.90 33.63 32.25
CHB CLA OH . -27.76 35.41 27.89
CHC CLA OH . -26.76 31.08 25.96
CHD CLA OH . -26.30 29.14 30.42
NA CLA OH . -27.42 34.15 29.95
C1A CLA OH . -27.17 34.53 31.27
C2A CLA OH . -27.28 36.03 31.44
C3A CLA OH . -28.01 36.43 30.16
C4A CLA OH . -27.70 35.27 29.23
CMA CLA OH . -29.49 36.55 30.40
CAA CLA OH . -25.90 36.64 31.49
CBA CLA OH . -25.79 37.68 32.58
CGA CLA OH . -26.39 38.97 32.14
O1A CLA OH . -26.12 39.64 31.15
O2A CLA OH . -27.37 39.44 32.97
NB CLA OH . -27.22 33.09 27.30
C1B CLA OH . -27.52 34.37 26.99
C2B CLA OH . -27.61 34.55 25.52
C3B CLA OH . -27.34 33.32 24.98
C4B CLA OH . -27.09 32.39 26.09
CMB CLA OH . -27.92 35.84 24.94
CAB CLA OH . -27.25 32.86 23.61
CBB CLA OH . -26.78 33.56 22.58
NC CLA OH . -26.75 30.42 28.34
C1C CLA OH . -26.60 30.16 27.02
C2C CLA OH . -26.16 28.78 26.82
C3C CLA OH . -25.97 28.25 28.09
C4C CLA OH . -26.36 29.28 29.03
CMC CLA OH . -25.90 28.14 25.53
CAC CLA OH . -25.52 26.90 28.40
CBC CLA OH . -24.07 26.86 28.80
ND CLA OH . -26.95 31.45 30.90
C1D CLA OH . -26.56 30.16 31.32
C2D CLA OH . -26.45 30.14 32.78
C3D CLA OH . -26.58 31.45 33.19
C4D CLA OH . -26.83 32.23 31.98
CMD CLA OH . -26.17 28.97 33.60
CAD CLA OH . -26.62 32.36 34.30
OBD CLA OH . -26.60 32.14 35.50
CBD CLA OH . -26.68 33.79 33.72
CGD CLA OH . -27.78 34.59 34.34
O1D CLA OH . -28.98 34.57 34.05
O2D CLA OH . -27.37 35.43 35.31
CED CLA OH . -28.11 36.65 35.41
C1 CLA OH . -26.95 40.37 33.98
C2 CLA OH . -28.19 40.88 34.61
C3 CLA OH . -28.17 41.70 35.67
C4 CLA OH . -26.91 42.14 36.31
C5 CLA OH . -29.45 42.18 36.26
C6 CLA OH . -29.58 41.98 37.76
MG CLA PH . -34.75 35.47 38.62
CHA CLA PH . -32.81 33.82 40.97
CHB CLA PH . -36.96 36.29 41.09
CHC CLA PH . -36.23 37.76 36.54
CHD CLA PH . -32.05 35.18 36.32
NA CLA PH . -34.85 35.11 40.68
C1A CLA PH . -33.94 34.39 41.47
C2A CLA PH . -34.40 34.36 42.93
C3A CLA PH . -35.76 35.07 42.91
C4A CLA PH . -35.88 35.54 41.47
CMA CLA PH . -36.87 34.13 43.30
CAA CLA PH . -33.44 35.06 43.89
CBA CLA PH . -33.32 36.55 43.71
CGA CLA PH . -32.27 36.91 42.70
O1A CLA PH . -31.08 36.61 42.68
O2A CLA PH . -32.77 37.71 41.71
NB CLA PH . -36.25 36.81 38.81
C1B CLA PH . -37.15 36.82 39.81
C2B CLA PH . -38.39 37.51 39.41
C3B CLA PH . -38.19 37.93 38.13
C4B CLA PH . -36.82 37.51 37.73
CMB CLA PH . -39.51 37.66 40.34
CAB CLA PH . -39.01 38.70 37.22
CBB CLA PH . -40.34 38.68 37.12
NC CLA PH . -34.24 36.27 36.75
C1C CLA PH . -35.02 37.17 36.06
C2C CLA PH . -34.40 37.49 34.79
C3C CLA PH . -33.19 36.80 34.75
C4C CLA PH . -33.11 36.03 35.98
CMC CLA PH . -34.94 38.40 33.79
CAC CLA PH . -32.22 36.81 33.65
CBC CLA PH . -31.25 37.95 33.75
ND CLA PH . -32.91 34.64 38.55
C1D CLA PH . -31.93 34.53 37.52
C2D CLA PH . -30.86 33.61 37.98
C3D CLA PH . -31.18 33.28 39.28
C4D CLA PH . -32.42 33.98 39.59
CMD CLA PH . -29.73 33.18 37.18
CAD CLA PH . -30.80 32.51 40.45
OBD CLA PH . -29.92 31.66 40.60
CBD CLA PH . -31.76 32.93 41.59
CGD CLA PH . -32.39 31.76 42.27
O1D CLA PH . -33.40 31.14 41.93
O2D CLA PH . -31.76 31.38 43.41
CED CLA PH . -31.90 30.02 43.81
C1 CLA PH . -32.06 37.76 40.47
C2 CLA PH . -32.80 38.71 39.60
C3 CLA PH . -32.38 39.03 38.38
C4 CLA PH . -31.16 38.48 37.78
C5 CLA PH . -33.13 39.98 37.50
C6 CLA PH . -34.36 40.56 38.17
C7 CLA PH . -34.94 41.61 37.26
C8 CLA PH . -36.24 42.23 37.73
C9 CLA PH . -36.27 43.66 37.23
C10 CLA PH . -36.46 42.11 39.25
C11 CLA PH . -36.86 43.42 39.91
C12 CLA PH . -37.20 43.29 41.36
C13 CLA PH . -37.41 44.70 41.92
C14 CLA PH . -36.40 45.01 43.00
C15 CLA PH . -38.84 44.87 42.40
C16 CLA PH . -39.06 44.09 43.68
C17 CLA PH . -40.53 43.92 43.99
C18 CLA PH . -40.78 43.34 45.39
C19 CLA PH . -39.67 42.43 45.87
C20 CLA PH . -41.03 44.45 46.38
MG CLA QH . -44.23 41.42 34.56
CHA CLA QH . -45.93 40.48 37.42
CHB CLA QH . -47.12 40.92 32.77
CHC CLA QH . -42.91 43.19 31.94
CHD CLA QH . -41.57 42.57 36.63
NA CLA QH . -46.16 40.79 35.03
C1A CLA QH . -46.68 40.43 36.28
C2A CLA QH . -48.13 40.00 36.18
C3A CLA QH . -48.35 39.87 34.66
C4A CLA QH . -47.14 40.59 34.10
CMA CLA QH . -48.40 38.43 34.22
CAA CLA QH . -49.03 41.08 36.70
CBA CLA QH . -50.04 40.52 37.68
CGA CLA QH . -50.60 41.59 38.58
O1A CLA QH . -51.56 41.49 39.35
O2A CLA QH . -49.95 42.79 38.51
NB CLA QH . -44.90 42.00 32.75
C1B CLA QH . -46.04 41.56 32.15
C2B CLA QH . -46.00 41.82 30.70
C3B CLA QH . -44.82 42.45 30.44
C4B CLA QH . -44.11 42.58 31.74
CMB CLA QH . -47.08 41.47 29.78
CAB CLA QH . -44.34 42.95 29.18
CBB CLA QH . -44.14 44.23 28.89
NC CLA QH . -42.53 42.62 34.33
C1C CLA QH . -42.18 43.20 33.16
C2C CLA QH . -40.92 43.93 33.32
C3C CLA QH . -40.55 43.80 34.66
C4C CLA QH . -41.56 42.95 35.28
CMC CLA QH . -40.26 44.68 32.26
CAC CLA QH . -39.36 44.35 35.30
CBC CLA QH . -39.63 45.64 36.05
ND CLA QH . -43.77 41.49 36.53
C1D CLA QH . -42.60 41.90 37.23
C2D CLA QH . -42.74 41.49 38.66
C3D CLA QH . -43.99 40.93 38.77
C4D CLA QH . -44.59 40.98 37.43
CMD CLA QH . -41.73 41.68 39.69
CAD CLA QH . -44.94 40.30 39.67
OBD CLA QH . -44.83 40.00 40.85
CBD CLA QH . -46.23 40.07 38.84
CGD CLA QH . -46.66 38.64 38.91
O1D CLA QH . -46.43 37.74 38.11
O2D CLA QH . -47.39 38.34 40.03
CED CLA QH . -47.54 36.95 40.33
C1 CLA QH . -49.02 43.12 39.57
C2 CLA QH . -47.82 43.65 38.86
C3 CLA QH . -46.61 43.88 39.41
C4 CLA QH . -46.31 43.62 40.84
C5 CLA QH . -45.49 44.41 38.59
C6 CLA QH . -45.84 44.50 37.11
C7 CLA QH . -44.82 45.31 36.34
C8 CLA QH . -44.99 45.22 34.82
C9 CLA QH . -44.30 46.39 34.15
C10 CLA QH . -46.47 45.12 34.40
C11 CLA QH . -46.67 45.33 32.91
C12 CLA QH . -48.06 44.97 32.44
MG CLA RH . -49.78 47.79 22.70
CHA CLA RH . -51.11 49.96 20.36
CHB CLA RH . -48.62 50.44 24.50
CHC CLA RH . -48.03 45.63 24.73
CHD CLA RH . -50.59 45.08 20.56
NA CLA RH . -49.89 49.86 22.47
C1A CLA RH . -50.52 50.59 21.44
C2A CLA RH . -50.38 52.10 21.71
C3A CLA RH . -49.78 52.16 23.13
C4A CLA RH . -49.40 50.72 23.39
CMA CLA RH . -48.66 53.15 23.34
CAA CLA RH . -51.70 52.88 21.73
CBA CLA RH . -52.94 52.14 22.24
CGA CLA RH . -52.90 51.81 23.71
O1A CLA RH . -53.05 52.56 24.66
O2A CLA RH . -52.61 50.49 23.95
NB CLA RH . -48.53 48.00 24.27
C1B CLA RH . -48.21 49.16 24.87
C2B CLA RH . -47.33 48.93 26.05
C3B CLA RH . -47.15 47.56 26.12
C4B CLA RH . -47.94 46.95 25.01
CMB CLA RH . -46.83 50.01 26.89
CAB CLA RH . -46.44 46.79 27.09
CBB CLA RH . -46.64 46.81 28.41
NC CLA RH . -49.43 45.73 22.67
C1C CLA RH . -48.75 45.05 23.64
C2C CLA RH . -48.76 43.62 23.34
C3C CLA RH . -49.42 43.47 22.12
C4C CLA RH . -49.85 44.80 21.71
CMC CLA RH . -48.15 42.59 24.16
CAC CLA RH . -49.68 42.22 21.40
CBC CLA RH . -48.59 41.93 20.40
ND CLA RH . -50.70 47.49 20.93
C1D CLA RH . -50.99 46.33 20.17
C2D CLA RH . -51.75 46.72 18.97
C3D CLA RH . -51.83 48.10 18.99
C4D CLA RH . -51.14 48.53 20.23
CMD CLA RH . -52.26 45.77 17.97
CAD CLA RH . -52.35 49.26 18.33
OBD CLA RH . -53.08 49.36 17.35
CBD CLA RH . -51.81 50.49 19.12
CGD CLA RH . -50.85 51.30 18.30
O1D CLA RH . -50.51 52.47 18.50
O2D CLA RH . -50.34 50.63 17.22
CED CLA RH . -49.54 51.34 16.27
C1 CLA RH . -53.62 49.73 24.64
C2 CLA RH . -53.15 48.34 24.72
C3 CLA RH . -53.25 47.47 23.70
C4 CLA RH . -53.88 47.83 22.42
C5 CLA RH . -52.79 46.06 23.82
C6 CLA RH . -52.27 45.67 25.19
C10 WVN SH . -54.45 35.58 21.84
C11 WVN SH . -34.95 42.83 32.95
C12 WVN SH . -53.97 34.28 22.50
C13 WVN SH . -52.03 36.20 22.03
C14 WVN SH . -52.66 33.82 21.87
C01 WVN SH . -33.51 44.78 33.74
C02 WVN SH . -33.62 43.26 33.57
C03 WVN SH . -32.30 45.38 33.02
C04 WVN SH . -31.06 44.55 33.30
C05 WVN SH . -32.50 42.70 32.68
C06 WVN SH . -53.47 36.70 22.15
C07 WVN SH . -34.77 45.54 33.30
C08 WVN SH . -33.31 45.02 35.24
C09 WVN SH . -31.28 43.12 32.83
C15 WVN SH . -51.80 35.03 21.47
C16 WVN SH . -32.84 41.85 31.45
C17 WVN SH . -53.75 37.22 23.55
C18 WVN SH . -53.73 37.82 21.14
C19 WVN SH . -35.75 42.19 33.75
C20 WVN SH . -50.83 37.12 22.33
C21 WVN SH . -50.73 34.84 20.40
C22 WVN SH . -37.09 41.66 33.32
C23 WVN SH . -49.99 36.81 23.29
C24 WVN SH . -38.00 41.15 34.41
C25 WVN SH . -48.77 37.66 23.63
C26 WVN SH . -37.46 41.62 32.06
C27 WVN SH . -48.29 38.74 22.67
C28 WVN SH . -48.11 37.45 24.75
C29 WVN SH . -38.82 41.02 31.68
C30 WVN SH . -46.88 38.29 25.07
C31 WVN SH . -39.44 41.27 30.55
C32 WVN SH . -40.76 40.55 30.30
C33 WVN SH . -46.60 38.68 26.29
C34 WVN SH . -45.33 39.50 26.49
C35 WVN SH . -41.51 39.91 31.45
C36 WVN SH . -41.24 40.48 29.08
C37 WVN SH . -44.47 39.15 27.41
C38 WVN SH . -45.07 40.71 25.60
C39 WVN SH . -42.55 39.74 28.81
C40 WVN SH . -43.17 39.91 27.67
C03 II0 TH . -31.78 35.81 23.36
C05 II0 TH . -31.26 37.36 23.07
C07 II0 TH . -31.64 37.84 21.86
C09 II0 TH . -33.15 35.55 22.90
C11 II0 TH . -33.32 37.83 21.63
C13 II0 TH . -33.99 36.72 22.20
C15 II0 TH . -30.82 34.81 22.62
C16 II0 TH . -31.69 35.49 24.89
C19 II0 TH . -35.49 36.59 22.01
C21 II0 TH . -33.93 34.33 23.48
C23 II0 TH . -34.54 33.37 23.89
C25 II0 TH . -35.36 32.13 24.32
C27 II0 TH . -34.92 31.24 25.49
C29 II0 TH . -36.48 31.82 23.61
C30 II0 TH . -47.88 24.53 24.49
C31 II0 TH . -37.31 30.57 24.03
C32 II0 TH . -46.83 25.66 24.23
C33 II0 TH . -38.47 30.36 23.40
C34 II0 TH . -45.92 25.54 23.26
C35 II0 TH . -39.28 29.14 23.80
C36 II0 TH . -44.89 26.67 23.02
C37 II0 TH . -38.66 28.08 24.65
C38 II0 TH . -45.40 28.03 22.55
C39 II0 TH . -40.55 29.02 23.35
C40 II0 TH . -43.58 26.46 23.24
C41 II0 TH . -41.43 27.80 23.69
C42 II0 TH . -42.59 27.65 22.98
O01 II0 TH . -31.19 39.17 21.76
C03 II0 UH . -26.83 37.49 39.68
C04 II0 UH . -19.14 50.31 20.45
C05 II0 UH . -27.90 36.70 40.64
C06 II0 UH . -18.36 51.16 19.26
C07 II0 UH . -28.28 35.50 40.16
C08 II0 UH . -17.04 50.80 19.16
C09 II0 UH . -25.79 36.67 39.04
C10 II0 UH . -18.66 48.96 20.60
C11 II0 UH . -26.96 34.52 39.74
C12 II0 UH . -16.87 49.20 18.79
C13 II0 UH . -26.09 35.13 38.80
C14 II0 UH . -17.86 48.34 19.39
C15 II0 UH . -27.57 38.32 38.59
C16 II0 UH . -26.03 38.50 40.58
C17 II0 UH . -18.91 51.05 21.78
C18 II0 UH . -20.68 50.26 20.14
C19 II0 UH . -25.37 34.32 37.72
C20 II0 UH . -17.77 46.80 19.27
C21 II0 UH . -24.72 37.39 38.18
C22 II0 UH . -19.54 47.96 21.42
C23 II0 UH . -23.92 37.96 37.51
C24 II0 UH . -20.20 47.23 22.07
C25 II0 UH . -22.91 38.66 36.59
C26 II0 UH . -21.08 46.37 23.00
C27 II0 UH . -21.41 38.61 36.86
C28 II0 UH . -22.55 46.23 22.73
C29 II0 UH . -23.42 39.32 35.50
C30 II0 UH . -20.52 45.78 24.05
C31 II0 UH . -22.46 40.03 34.49
C32 II0 UH . -21.40 44.91 24.99
C33 II0 UH . -23.03 40.52 33.38
C34 II0 UH . -21.27 45.12 26.29
C35 II0 UH . -22.18 41.21 32.32
C36 II0 UH . -22.07 44.30 27.29
C37 II0 UH . -20.85 41.82 32.70
C38 II0 UH . -23.48 43.78 26.94
C39 II0 UH . -22.66 41.30 31.06
C40 II0 UH . -21.51 44.06 28.49
C41 II0 UH . -21.82 42.02 29.98
C42 II0 UH . -22.28 43.24 29.58
O01 II0 UH . -28.96 34.87 41.24
O02 II0 UH . -16.46 51.54 18.10
C03 II0 VH . -17.13 34.70 38.50
C04 II0 VH . -14.28 46.46 17.32
C05 II0 VH . -17.44 33.34 39.38
C06 II0 VH . -14.78 47.75 16.38
C07 II0 VH . -18.72 33.27 39.81
C08 II0 VH . -15.41 47.41 15.22
C09 II0 VH . -18.22 35.05 37.59
C10 II0 VH . -15.03 45.22 17.11
C11 II0 VH . -19.86 33.28 38.54
C12 II0 VH . -16.69 46.38 15.47
C13 II0 VH . -19.50 34.10 37.45
C14 II0 VH . -16.22 45.14 16.07
C15 II0 VH . -16.97 35.90 39.51
C16 II0 VH . -15.78 34.54 37.71
C17 II0 VH . -12.78 46.37 17.05
C18 II0 VH . -14.23 46.82 18.83
C19 II0 VH . -20.56 34.47 36.41
C20 II0 VH . -16.57 43.81 15.40
C21 II0 VH . -17.94 35.99 36.41
C22 II0 VH . -14.76 43.93 17.94
C23 II0 VH . -17.83 36.74 35.48
C24 II0 VH . -14.58 42.95 18.57
C25 II0 VH . -17.75 37.74 34.30
C26 II0 VH . -14.37 41.71 19.45
C27 II0 VH . -18.52 39.05 34.41
C28 II0 VH . -13.87 40.39 18.91
C29 II0 VH . -17.01 37.42 33.19
C30 II0 VH . -14.65 41.89 20.73
C31 II0 VH . -16.94 38.41 31.99
C32 II0 VH . -14.47 40.77 21.77
C33 II0 VH . -17.25 37.96 30.78
C34 II0 VH . -15.37 40.74 22.74
C35 II0 VH . -17.19 38.89 29.58
C36 II0 VH . -15.27 39.69 23.84
C37 II0 VH . -18.07 40.12 29.52
C38 II0 VH . -14.38 38.46 23.69
C39 II0 VH . -16.36 38.59 28.57
C40 II0 VH . -16.01 39.94 24.93
C41 II0 VH . -16.31 39.52 27.36
C42 II0 VH . -16.02 38.97 26.14
O01 II0 VH . -18.85 32.03 40.45
O02 II0 VH . -15.91 48.60 14.66
MG CLA WH . -31.08 38.29 17.48
CHA CLA WH . -30.75 40.80 15.09
CHB CLA WH . -34.48 38.53 17.13
CHC CLA WH . -31.47 35.15 18.87
CHD CLA WH . -27.64 37.61 17.09
NA CLA WH . -32.37 39.51 16.36
C1A CLA WH . -32.04 40.50 15.43
C2A CLA WH . -33.30 41.14 14.85
C3A CLA WH . -34.37 40.69 15.85
C4A CLA WH . -33.73 39.47 16.49
CMA CLA WH . -34.62 41.75 16.88
CAA CLA WH . -33.62 40.74 13.41
CBA CLA WH . -33.76 39.26 13.10
CGA CLA WH . -32.42 38.61 12.91
O1A CLA WH . -31.46 39.04 12.30
O2A CLA WH . -32.31 37.41 13.57
NB CLA WH . -32.64 37.08 17.88
C1B CLA WH . -33.95 37.39 17.74
C2B CLA WH . -34.79 36.34 18.33
C3B CLA WH . -33.96 35.36 18.82
C4B CLA WH . -32.58 35.84 18.56
CMB CLA WH . -36.24 36.49 18.30
CAB CLA WH . -34.17 34.10 19.49
CBB CLA WH . -35.33 33.52 19.81
NC CLA WH . -29.78 36.75 18.02
C1C CLA WH . -30.14 35.60 18.65
C2C CLA WH . -29.00 34.77 18.94
C3C CLA WH . -27.91 35.41 18.35
C4C CLA WH . -28.40 36.66 17.78
CMC CLA WH . -29.06 33.48 19.61
CAC CLA WH . -26.52 34.94 18.34
CBC CLA WH . -25.76 35.21 19.60
ND CLA WH . -29.50 39.10 16.53
C1D CLA WH . -28.14 38.72 16.46
C2D CLA WH . -27.40 39.74 15.68
C3D CLA WH . -28.36 40.59 15.17
C4D CLA WH . -29.65 40.09 15.66
CMD CLA WH . -25.96 39.74 15.51
CAD CLA WH . -28.63 41.78 14.38
OBD CLA WH . -27.87 42.64 13.96
CBD CLA WH . -30.17 41.82 14.15
CGD CLA WH . -30.76 43.20 14.30
O1D CLA WH . -31.51 43.80 13.53
O2D CLA WH . -30.42 43.86 15.44
CED CLA WH . -30.34 45.28 15.31
C1 CLA WH . -31.04 37.05 14.14
C2 CLA WH . -31.28 35.83 14.96
C3 CLA WH . -31.10 34.58 14.53
C4 CLA WH . -30.61 34.28 13.17
C5 CLA WH . -31.36 33.40 15.40
C6 CLA WH . -30.11 32.58 15.59
C7 CLA WH . -30.29 31.50 16.65
C8 CLA WH . -29.06 30.63 16.83
C9 CLA WH . -28.44 30.26 15.50
C10 CLA WH . -29.38 29.36 17.61
C11 CLA WH . -29.01 29.53 19.07
C12 CLA WH . -29.32 28.29 19.89
C13 CLA WH . -28.93 28.44 21.35
C14 CLA WH . -27.46 28.77 21.50
C15 CLA WH . -29.24 27.21 22.18
C16 CLA WH . -30.47 26.48 21.68
C17 CLA WH . -30.90 25.37 22.60
C18 CLA WH . -31.66 24.30 21.86
C19 CLA WH . -32.33 23.33 22.80
C20 CLA WH . -32.67 24.88 20.89
MG CLA XH . 52.43 33.06 56.15
CHA CLA XH . 55.59 32.36 57.36
CHB CLA XH . 51.53 34.35 59.14
CHC CLA XH . 49.25 33.52 54.94
CHD CLA XH . 53.30 31.45 53.11
NA CLA XH . 53.41 33.26 57.98
C1A CLA XH . 54.73 32.95 58.29
C2A CLA XH . 55.04 33.29 59.75
C3A CLA XH . 53.73 33.94 60.26
C4A CLA XH . 52.80 33.83 59.06
CMA CLA XH . 53.16 33.26 61.48
CAA CLA XH . 56.20 34.27 59.93
CBA CLA XH . 55.79 35.69 60.24
CGA CLA XH . 55.63 36.49 58.98
O1A CLA XH . 54.78 36.40 58.11
O2A CLA XH . 56.58 37.46 58.85
NB CLA XH . 50.71 33.77 56.90
C1B CLA XH . 50.58 34.34 58.13
C2B CLA XH . 49.25 34.98 58.26
C3B CLA XH . 48.58 34.76 57.08
C4B CLA XH . 49.51 33.98 56.21
CMB CLA XH . 48.82 35.67 59.46
CAB CLA XH . 47.25 35.16 56.71
CBB CLA XH . 46.92 35.94 55.68
NC CLA XH . 51.46 32.52 54.38
C1C CLA XH . 50.15 32.83 54.09
C2C CLA XH . 49.81 32.34 52.76
C3C CLA XH . 50.97 31.76 52.25
C4C CLA XH . 52.00 31.90 53.26
CMC CLA XH . 48.50 32.44 52.13
CAC CLA XH . 51.13 31.11 50.94
CBC CLA XH . 51.57 32.06 49.86
ND CLA XH . 53.97 31.99 55.40
C1D CLA XH . 54.25 31.49 54.11
C2D CLA XH . 55.63 31.02 54.04
C3D CLA XH . 56.19 31.32 55.26
C4D CLA XH . 55.12 31.95 56.07
CMD CLA XH . 56.24 30.38 52.87
CAD CLA XH . 57.37 31.24 56.08
OBD CLA XH . 58.45 30.70 55.86
CBD CLA XH . 57.05 31.98 57.40
CGD CLA XH . 57.43 31.15 58.57
O1D CLA XH . 58.55 31.07 59.09
O2D CLA XH . 56.42 30.43 59.10
CED CLA XH . 56.73 29.67 60.27
MG CLA YH . 59.90 23.26 49.59
CHA CLA YH . 58.43 22.42 52.62
CHB CLA YH . 59.51 20.05 48.54
CHC CLA YH . 60.58 24.25 46.37
CHD CLA YH . 59.65 26.68 50.53
NA CLA YH . 59.11 21.53 50.46
C1A CLA YH . 58.56 21.37 51.73
C2A CLA YH . 58.14 19.94 51.97
C3A CLA YH . 58.78 19.18 50.78
C4A CLA YH . 59.15 20.32 49.83
CMA CLA YH . 60.00 18.45 51.25
CAA CLA YH . 56.63 19.76 52.02
CBA CLA YH . 56.02 19.12 50.80
CGA CLA YH . 55.66 20.20 49.84
O1A CLA YH . 55.36 21.36 50.13
O2A CLA YH . 55.62 19.81 48.53
NB CLA YH . 59.99 22.34 47.80
C1B CLA YH . 59.86 21.01 47.60
C2B CLA YH . 60.17 20.69 46.19
C3B CLA YH . 60.48 21.87 45.56
C4B CLA YH . 60.37 22.94 46.59
CMB CLA YH . 60.12 19.31 45.71
CAB CLA YH . 60.86 22.20 44.21
CBB CLA YH . 61.43 21.41 43.31
NC CLA YH . 60.15 25.11 48.66
C1C CLA YH . 60.49 25.28 47.35
C2C CLA YH . 60.66 26.69 47.06
C3C CLA YH . 60.31 27.38 48.20
C4C CLA YH . 60.01 26.38 49.21
CMC CLA YH . 61.03 27.23 45.75
CAC CLA YH . 60.32 28.83 48.40
CBC CLA YH . 58.97 29.45 48.15
ND CLA YH . 59.28 24.35 51.18
C1D CLA YH . 59.31 25.73 51.46
C2D CLA YH . 58.90 25.94 52.86
C3D CLA YH . 58.57 24.70 53.36
C4D CLA YH . 58.78 23.74 52.26
CMD CLA YH . 58.84 27.25 53.50
CAD CLA YH . 58.07 23.95 54.48
OBD CLA YH . 57.77 24.33 55.61
CBD CLA YH . 57.96 22.47 54.04
CGD CLA YH . 58.79 21.65 54.98
O1D CLA YH . 58.44 21.04 55.98
O2D CLA YH . 60.12 21.65 54.68
CED CLA YH . 60.92 20.64 55.28
C1 CLA YH . 56.18 20.73 47.56
C2 CLA YH . 55.57 20.32 46.27
C3 CLA YH . 55.76 20.94 45.10
C4 CLA YH . 56.61 22.14 44.91
C5 CLA YH . 55.06 20.42 43.91
MG CLA ZH . 62.04 20.56 39.06
CHA CLA ZH . 61.07 17.31 39.82
CHB CLA ZH . 59.20 21.65 40.68
CHC CLA ZH . 62.29 23.68 37.58
CHD CLA ZH . 64.21 19.28 36.57
NA CLA ZH . 60.50 19.63 40.15
C1A CLA ZH . 60.29 18.26 40.38
C2A CLA ZH . 59.06 18.04 41.26
C3A CLA ZH . 58.57 19.44 41.59
C4A CLA ZH . 59.50 20.32 40.77
CMA CLA ZH . 57.16 19.61 41.08
CAA CLA ZH . 59.49 17.44 42.59
CBA CLA ZH . 58.31 17.08 43.48
CGA CLA ZH . 57.69 15.80 43.04
O1A CLA ZH . 58.02 14.65 43.33
O2A CLA ZH . 56.64 16.01 42.20
NB CLA ZH . 61.11 22.34 39.29
C1B CLA ZH . 59.90 22.53 39.88
C2B CLA ZH . 59.27 23.81 39.48
C3B CLA ZH . 60.13 24.41 38.60
C4B CLA ZH . 61.29 23.47 38.46
CMB CLA ZH . 57.92 24.17 39.95
CAB CLA ZH . 60.04 25.61 37.81
CBB CLA ZH . 59.18 26.63 37.90
NC CLA ZH . 63.15 21.34 37.46
C1C CLA ZH . 63.18 22.66 37.11
C2C CLA ZH . 64.14 22.89 36.05
C3C CLA ZH . 64.59 21.63 35.66
C4C CLA ZH . 63.99 20.66 36.58
CMC CLA ZH . 64.40 24.22 35.49
CAC CLA ZH . 65.57 21.35 34.62
CBC CLA ZH . 64.97 21.44 33.23
ND CLA ZH . 62.51 18.76 38.26
C1D CLA ZH . 63.53 18.36 37.35
C2D CLA ZH . 63.64 16.89 37.38
C3D CLA ZH . 62.72 16.45 38.28
C4D CLA ZH . 62.04 17.64 38.81
CMD CLA ZH . 64.56 16.09 36.56
CAD CLA ZH . 62.09 15.28 38.88
OBD CLA ZH . 62.22 14.11 38.63
CBD CLA ZH . 61.10 15.79 39.94
CGD CLA ZH . 59.75 15.13 39.86
O1D CLA ZH . 59.36 14.18 40.53
O2D CLA ZH . 58.89 15.66 38.95
CED CLA ZH . 58.28 14.78 37.99
C1 CLA ZH . 55.82 14.88 41.84
C2 CLA ZH . 55.32 15.12 40.48
C3 CLA ZH . 54.33 15.98 40.16
C4 CLA ZH . 53.60 16.80 41.17
C5 CLA ZH . 53.90 16.14 38.75
C6 CLA ZH . 54.11 17.56 38.23
MG CLA AI . 78.29 27.72 32.84
CHA CLA AI . 79.76 28.39 29.77
CHB CLA AI . 76.14 25.54 31.32
CHC CLA AI . 77.29 26.57 35.93
CHD CLA AI . 80.99 29.40 34.41
NA CLA AI . 78.02 27.08 30.88
C1A CLA AI . 78.72 27.49 29.73
C2A CLA AI . 78.18 26.78 28.49
C3A CLA AI . 76.96 25.99 29.01
C4A CLA AI . 77.03 26.19 30.52
CMA CLA AI . 75.67 26.54 28.47
CAA CLA AI . 79.20 25.86 27.84
CBA CLA AI . 79.54 24.66 28.70
CGA CLA AI . 80.71 24.97 29.58
O1A CLA AI . 81.86 25.26 29.25
O2A CLA AI . 80.43 24.93 30.91
NB CLA AI . 77.00 26.32 33.49
C1B CLA AI . 76.11 25.63 32.72
C2B CLA AI . 75.08 24.98 33.58
C3B CLA AI . 75.41 25.28 34.88
C4B CLA AI . 76.64 26.12 34.84
CMB CLA AI . 73.98 24.18 33.04
CAB CLA AI . 74.81 24.89 36.12
CBB CLA AI . 73.52 25.01 36.45
NC CLA AI . 79.01 27.96 34.79
C1C CLA AI . 78.41 27.44 35.91
C2C CLA AI . 79.11 27.87 37.09
C3C CLA AI . 80.20 28.62 36.67
C4C CLA AI . 80.11 28.69 35.22
CMC CLA AI . 78.75 27.52 38.46
CAC CLA AI . 81.20 29.27 37.51
CBC CLA AI . 82.48 28.48 37.55
ND CLA AI . 80.00 28.66 32.31
C1D CLA AI . 80.96 29.40 33.04
C2D CLA AI . 81.84 30.11 32.12
C3D CLA AI . 81.41 29.78 30.86
C4D CLA AI . 80.28 28.86 31.02
CMD CLA AI . 82.93 30.98 32.55
CAD CLA AI . 81.63 29.96 29.45
OBD CLA AI . 82.44 30.68 28.88
CBD CLA AI . 80.60 29.07 28.71
CGD CLA AI . 79.86 29.95 27.75
O1D CLA AI . 79.96 30.01 26.53
O2D CLA AI . 79.01 30.84 28.34
CED CLA AI . 79.32 32.23 28.14
C1 CLA AI . 81.42 25.61 31.70
C2 CLA AI . 81.34 25.18 33.11
C3 CLA AI . 82.30 25.51 33.99
C4 CLA AI . 83.46 26.34 33.59
C5 CLA AI . 82.25 25.09 35.41
C6 CLA AI . 80.94 24.45 35.82
C7 CLA AI . 81.18 23.62 37.06
C8 CLA AI . 79.98 23.60 38.01
C9 CLA AI . 80.37 24.27 39.31
C10 CLA AI . 79.56 22.18 38.31
C11 CLA AI . 80.78 21.42 38.73
C12 CLA AI . 80.48 20.03 39.23
C13 CLA AI . 79.75 20.05 40.57
C14 CLA AI . 80.72 20.39 41.66
C15 CLA AI . 79.06 18.73 40.84
C16 CLA AI . 78.31 18.22 39.61
C17 CLA AI . 78.76 16.87 39.09
C18 CLA AI . 78.09 16.53 37.77
C19 CLA AI . 78.66 17.37 36.65
C20 CLA AI . 76.57 16.69 37.85
MG CLA BI . 83.85 15.74 26.05
CHA CLA BI . 84.12 18.45 23.95
CHB CLA BI . 86.03 14.01 24.01
CHC CLA BI . 84.60 13.51 28.60
CHD CLA BI . 82.38 17.85 28.48
NA CLA BI . 84.83 16.16 24.25
C1A CLA BI . 84.82 17.35 23.53
C2A CLA BI . 85.64 17.23 22.25
C3A CLA BI . 85.87 15.70 22.16
C4A CLA BI . 85.59 15.24 23.57
CMA CLA BI . 84.93 15.03 21.19
CAA CLA BI . 86.95 17.97 22.33
CBA CLA BI . 87.83 17.60 21.14
CGA CLA BI . 87.45 18.34 19.89
O1A CLA BI . 87.55 19.55 19.65
O2A CLA BI . 86.92 17.55 18.91
NB CLA BI . 85.01 14.08 26.24
C1B CLA BI . 85.82 13.53 25.29
C2B CLA BI . 86.48 12.30 25.81
C3B CLA BI . 86.08 12.16 27.11
C4B CLA BI . 85.15 13.28 27.40
CMB CLA BI . 87.43 11.51 25.03
CAB CLA BI . 86.48 11.18 28.08
CBB CLA BI . 85.70 10.26 28.66
NC CLA BI . 83.46 15.65 28.10
C1C CLA BI . 83.80 14.62 28.93
C2C CLA BI . 83.31 14.84 30.28
C3C CLA BI . 82.77 16.13 30.28
C4C CLA BI . 82.85 16.60 28.91
CMC CLA BI . 83.49 13.90 31.39
CAC CLA BI . 82.14 16.83 31.40
CBC CLA BI . 80.65 16.59 31.47
ND CLA BI . 83.32 17.66 26.24
C1D CLA BI . 82.59 18.34 27.22
C2D CLA BI . 82.17 19.64 26.72
C3D CLA BI . 82.76 19.77 25.47
C4D CLA BI . 83.48 18.50 25.23
CMD CLA BI . 81.36 20.52 27.55
CAD CLA BI . 83.00 20.59 24.29
OBD CLA BI . 82.66 21.74 24.04
CBD CLA BI . 83.84 19.77 23.28
CGD CLA BI . 83.08 19.58 21.99
O1D CLA BI . 81.87 19.37 21.84
O2D CLA BI . 83.85 19.70 20.87
CED CLA BI . 83.48 20.69 19.90
C1 CLA BI . 86.38 18.25 17.77
C2 CLA BI . 85.68 17.27 16.89
C3 CLA BI . 84.48 16.75 17.11
C4 CLA BI . 83.64 17.10 18.29
C5 CLA BI . 83.91 15.77 16.13
C6 CLA BI . 84.33 14.36 16.47
C7 CLA BI . 85.56 13.95 15.68
C8 CLA BI . 86.73 13.43 16.53
C9 CLA BI . 86.52 13.62 18.03
C10 CLA BI . 88.04 14.07 16.04
C11 CLA BI . 89.01 14.45 17.14
C12 CLA BI . 90.29 15.06 16.63
C13 CLA BI . 91.18 15.56 17.78
C14 CLA BI . 91.25 14.55 18.90
C15 CLA BI . 90.75 16.93 18.31
C16 CLA BI . 90.44 17.90 17.17
C17 CLA BI . 90.36 19.33 17.67
C18 CLA BI . 91.74 19.93 17.90
C19 CLA BI . 91.70 20.93 19.04
C20 CLA BI . 92.21 20.62 16.65
MG CLA CI . 68.62 14.09 37.08
CHA CLA CI . 66.22 14.00 39.59
CHB CLA CI . 68.30 10.72 36.68
CHC CLA CI . 70.17 14.33 34.03
CHD CLA CI . 68.39 17.63 37.14
NA CLA CI . 67.51 12.61 38.05
C1A CLA CI . 66.55 12.77 39.06
C2A CLA CI . 66.01 11.42 39.51
C3A CLA CI . 66.99 10.43 38.82
C4A CLA CI . 67.66 11.29 37.76
CMA CLA CI . 68.01 9.82 39.74
CAA CLA CI . 64.54 11.21 39.17
CBA CLA CI . 64.09 11.70 37.80
CGA CLA CI . 64.63 10.85 36.70
O1A CLA CI . 64.59 9.62 36.65
O2A CLA CI . 65.26 11.55 35.72
NB CLA CI . 69.14 12.78 35.65
C1B CLA CI . 68.92 11.44 35.64
C2B CLA CI . 69.40 10.83 34.37
C3B CLA CI . 69.91 11.86 33.61
C4B CLA CI . 69.78 13.10 34.44
CMB CLA CI . 69.27 9.41 34.11
CAB CLA CI . 70.54 11.96 32.31
CBB CLA CI . 70.99 10.97 31.52
NC CLA CI . 69.29 15.68 35.90
C1C CLA CI . 69.98 15.55 34.73
C2C CLA CI . 70.35 16.84 34.21
C3C CLA CI . 69.73 17.77 35.03
C4C CLA CI . 69.09 17.04 36.09
CMC CLA CI . 71.13 17.08 33.00
CAC CLA CI . 69.79 19.23 34.92
CBC CLA CI . 70.91 19.79 35.76
ND CLA CI . 67.73 15.52 38.20
C1D CLA CI . 67.74 16.94 38.12
C2D CLA CI . 66.96 17.49 39.24
C3D CLA CI . 66.35 16.40 39.83
C4D CLA CI . 66.83 15.20 39.11
CMD CLA CI . 66.86 18.92 39.53
CAD CLA CI . 65.50 15.95 40.90
OBD CLA CI . 65.04 16.56 41.84
CBD CLA CI . 65.26 14.43 40.68
CGD CLA CI . 65.46 13.72 41.98
O1D CLA CI . 64.69 13.57 42.92
O2D CLA CI . 66.70 13.17 42.06
CED CLA CI . 66.91 12.23 43.09
C1 CLA CI . 64.42 12.11 34.70
C2 CLA CI . 65.22 13.13 33.97
C3 CLA CI . 66.12 12.89 33.01
C4 CLA CI . 66.46 11.52 32.56
C5 CLA CI . 66.88 13.99 32.35
C6 CLA CI . 66.40 15.36 32.82
C7 CLA CI . 67.17 16.50 32.20
C8 CLA CI . 66.42 17.84 32.29
C9 CLA CI . 65.49 17.86 33.48
C10 CLA CI . 65.72 18.20 30.97
C11 CLA CI . 64.20 18.24 31.06
C12 CLA CI . 63.54 18.67 29.76
C13 CLA CI . 62.10 19.09 30.00
C14 CLA CI . 61.98 19.98 31.21
C15 CLA CI . 61.15 17.91 30.09
C16 CLA CI . 59.79 18.31 29.55
C17 CLA CI . 58.77 17.19 29.66
C18 CLA CI . 57.53 17.41 28.79
C19 CLA CI . 57.76 16.92 27.37
C20 CLA CI . 57.06 18.85 28.79
MG CLA DI . 75.35 21.18 49.97
CHA CLA DI . 76.23 18.27 51.66
CHB CLA DI . 75.65 22.90 52.92
CHC CLA DI . 75.58 24.13 48.23
CHD CLA DI . 76.05 19.43 46.95
NA CLA DI . 75.78 20.65 51.94
C1A CLA DI . 76.12 19.39 52.44
C2A CLA DI . 76.34 19.43 53.94
C3A CLA DI . 75.82 20.83 54.33
C4A CLA DI . 75.75 21.53 52.99
CMA CLA DI . 74.47 20.76 54.99
CAA CLA DI . 77.82 19.32 54.25
CBA CLA DI . 78.07 19.75 55.67
CGA CLA DI . 79.49 20.14 55.81
O1A CLA DI . 80.50 19.47 55.62
O2A CLA DI . 79.63 21.43 56.25
NB CLA DI . 75.65 23.10 50.47
C1B CLA DI . 75.57 23.61 51.73
C2B CLA DI . 75.37 25.09 51.70
C3B CLA DI . 75.35 25.44 50.37
C4B CLA DI . 75.54 24.19 49.59
CMB CLA DI . 75.25 25.87 52.92
CAB CLA DI . 75.21 26.71 49.69
CBB CLA DI . 75.24 27.94 50.18
NC CLA DI . 75.62 21.67 47.97
C1C CLA DI . 75.60 22.93 47.46
C2C CLA DI . 75.71 22.91 46.02
C3C CLA DI . 75.97 21.60 45.67
C4C CLA DI . 75.91 20.82 46.89
CMC CLA DI . 75.64 24.10 45.16
CAC CLA DI . 76.14 21.04 44.31
CBC CLA DI . 77.58 20.85 43.94
ND CLA DI . 75.77 19.29 49.37
C1D CLA DI . 75.98 18.69 48.10
C2D CLA DI . 76.17 17.24 48.26
C3D CLA DI . 76.23 17.01 49.62
C4D CLA DI . 76.06 18.33 50.25
CMD CLA DI . 76.29 16.29 47.15
CAD CLA DI . 76.44 16.04 50.66
OBD CLA DI . 76.57 14.82 50.59
CBD CLA DI . 76.51 16.83 51.99
CGD CLA DI . 75.43 16.35 52.92
O1D CLA DI . 75.44 15.40 53.68
O2D CLA DI . 74.28 17.07 52.86
CED CLA DI . 73.41 17.03 53.99
C1 CLA DI . 80.43 22.31 55.46
C2 CLA DI . 79.59 22.90 54.39
C3 CLA DI . 80.07 23.83 53.55
C4 CLA DI . 81.47 24.33 53.64
C5 CLA DI . 79.25 24.43 52.47
C6 CLA DI . 79.08 25.91 52.74
C7 CLA DI . 78.70 26.66 51.48
C8 CLA DI . 79.92 27.15 50.69
C9 CLA DI . 81.05 27.63 51.59
C10 CLA DI . 79.52 28.28 49.76
C11 CLA DI . 80.64 28.69 48.84
C12 CLA DI . 80.24 29.89 48.03
C13 CLA DI . 81.22 30.15 46.89
C14 CLA DI . 80.87 31.40 46.11
C15 CLA DI . 81.36 28.91 46.00
C16 CLA DI . 80.76 29.08 44.61
C17 CLA DI . 81.10 27.93 43.71
C18 CLA DI . 80.97 28.39 42.26
C19 CLA DI . 82.05 29.42 41.96
C20 CLA DI . 81.11 27.22 41.34
MG CLA EI . 66.25 34.86 57.30
CHA CLA EI . 68.34 32.10 57.73
CHB CLA EI . 65.89 35.12 60.65
CHC CLA EI . 64.13 37.49 56.80
CHD CLA EI . 66.50 34.41 53.80
NA CLA EI . 66.98 33.74 58.92
C1A CLA EI . 67.87 32.64 58.90
C2A CLA EI . 68.15 32.19 60.34
C3A CLA EI . 67.31 33.15 61.21
C4A CLA EI . 66.67 34.08 60.20
CMA CLA EI . 66.27 32.44 62.04
CAA CLA EI . 69.59 32.23 60.83
CBA CLA EI . 70.57 33.12 60.09
CGA CLA EI . 70.44 34.56 60.46
O1A CLA EI . 70.74 35.11 61.51
O2A CLA EI . 69.93 35.32 59.44
NB CLA EI . 65.15 36.04 58.50
C1B CLA EI . 65.23 36.07 59.85
C2B CLA EI . 64.55 37.28 60.38
C3B CLA EI . 64.06 37.96 59.30
C4B CLA EI . 64.44 37.18 58.08
CMB CLA EI . 64.47 37.61 61.80
CAB CLA EI . 63.33 39.21 59.27
CBB CLA EI . 62.13 39.43 58.73
NC CLA EI . 65.41 35.72 55.61
C1C CLA EI . 64.57 36.79 55.63
C2C CLA EI . 64.19 37.17 54.29
C3C CLA EI . 64.86 36.30 53.42
C4C CLA EI . 65.64 35.42 54.26
CMC CLA EI . 63.27 38.26 53.99
CAC CLA EI . 64.79 36.27 51.96
CBC CLA EI . 65.84 37.08 51.25
ND CLA EI . 67.06 33.53 56.01
C1D CLA EI . 67.18 33.54 54.59
C2D CLA EI . 68.11 32.48 54.17
C3D CLA EI . 68.56 31.89 55.33
C4D CLA EI . 67.91 32.59 56.45
CMD CLA EI . 68.45 32.18 52.78
CAD CLA EI . 69.42 30.86 55.88
OBD CLA EI . 70.08 30.01 55.30
CBD CLA EI . 69.36 31.00 57.44
CGD CLA EI . 69.06 29.68 58.09
O1D CLA EI . 68.33 28.79 57.68
O2D CLA EI . 69.68 29.45 59.28
CED CLA EI . 69.05 28.55 60.21
C1 CLA EI . 70.67 36.52 59.14
NB KC2 FI . 74.21 33.57 49.26
ND KC2 FI . 71.86 34.48 52.41
C1A KC2 FI . 73.98 32.15 53.38
C1B KC2 FI . 75.27 32.74 49.23
C1C KC2 FI . 72.47 35.90 48.46
C1D KC2 FI . 70.98 35.49 52.64
C2A KC2 FI . 75.05 31.21 53.80
C2B KC2 FI . 76.07 32.87 48.00
C2C KC2 FI . 71.70 37.11 48.17
C2D KC2 FI . 70.63 35.51 54.06
C3A KC2 FI . 75.83 31.03 52.55
C3B KC2 FI . 75.36 33.87 47.21
C3C KC2 FI . 70.91 37.35 49.38
C3D KC2 FI . 71.37 34.38 54.66
C4A KC2 FI . 75.15 31.86 51.54
C4B KC2 FI . 74.22 34.22 48.07
C4C KC2 FI . 71.32 36.21 50.24
C4D KC2 FI . 72.09 33.77 53.61
CAA KC2 FI . 75.34 30.57 55.10
CAB KC2 FI . 75.52 34.53 45.88
CAC KC2 FI . 69.98 38.53 49.58
CAD KC2 FI . 71.61 33.67 55.94
CBA KC2 FI . 76.47 30.39 55.76
CBB KC2 FI . 76.71 34.69 45.32
CBC KC2 FI . 68.65 38.28 48.95
CBD KC2 FI . 72.62 32.68 55.65
CED KC2 FI . 74.43 33.60 58.75
CGA KC2 FI . 76.64 28.99 56.15
CGD KC2 FI . 73.78 33.13 56.44
CHA KC2 FI . 72.89 32.67 54.20
CHB KC2 FI . 75.78 31.81 50.22
CHC KC2 FI . 73.38 35.27 47.51
CHD KC2 FI . 70.60 36.35 51.51
CMA KC2 FI . 77.08 30.22 52.24
CMB KC2 FI . 77.31 32.11 47.63
CMC KC2 FI . 71.78 37.92 46.90
CMD KC2 FI . 69.65 36.55 54.54
NA KC2 FI . 74.06 32.52 51.97
NC KC2 FI . 72.30 35.28 49.62
O1A KC2 FI . 77.32 28.72 57.16
O1D KC2 FI . 74.41 34.12 56.13
O2A KC2 FI . 75.93 28.15 55.55
O2D KC2 FI . 73.76 32.75 57.82
OBD KC2 FI . 70.91 34.08 56.94
MG KC2 FI . 72.88 33.70 50.81
MG CLA GI . 62.07 39.64 39.88
CHA CLA GI . 61.56 42.88 38.87
CHB CLA GI . 63.89 40.77 42.53
CHC CLA GI . 62.02 36.48 41.27
CHD CLA GI . 59.74 38.55 37.44
NA CLA GI . 62.62 41.54 40.57
C1A CLA GI . 62.31 42.78 40.00
C2A CLA GI . 62.97 43.92 40.80
C3A CLA GI . 63.84 43.17 41.82
C4A CLA GI . 63.42 41.72 41.65
CMA CLA GI . 65.31 43.32 41.58
CAA CLA GI . 62.03 44.87 41.53
CBA CLA GI . 60.75 44.23 42.01
CGA CLA GI . 59.65 45.25 42.05
O1A CLA GI . 59.44 46.14 41.25
O2A CLA GI . 58.77 45.08 43.08
NB CLA GI . 62.84 38.78 41.54
C1B CLA GI . 63.57 39.40 42.49
C2B CLA GI . 63.98 38.46 43.54
C3B CLA GI . 63.46 37.23 43.19
C4B CLA GI . 62.71 37.43 41.92
CMB CLA GI . 64.75 38.91 44.69
CAB CLA GI . 63.49 35.93 43.82
CBB CLA GI . 63.93 35.58 45.03
NC CLA GI . 61.07 37.87 39.43
C1C CLA GI . 61.24 36.69 40.11
C2C CLA GI . 60.47 35.66 39.47
C3C CLA GI . 59.78 36.24 38.42
C4C CLA GI . 60.18 37.62 38.39
CMC CLA GI . 60.47 34.28 39.95
CAC CLA GI . 58.89 35.58 37.46
CBC CLA GI . 59.65 35.11 36.25
ND CLA GI . 60.83 40.46 38.53
C1D CLA GI . 60.03 39.89 37.52
C2D CLA GI . 59.62 40.94 36.55
C3D CLA GI . 60.20 42.10 37.02
C4D CLA GI . 60.94 41.76 38.26
CMD CLA GI . 58.81 40.71 35.38
CAD CLA GI . 60.40 43.51 36.80
OBD CLA GI . 60.01 44.20 35.86
CBD CLA GI . 61.25 44.06 37.99
CGD CLA GI . 62.52 44.68 37.49
O1D CLA GI . 63.35 44.18 36.73
O2D CLA GI . 62.75 45.93 37.93
CED CLA GI . 63.14 46.88 36.94
C1 CLA GI . 57.72 46.05 43.17
C2 CLA GI . 56.65 45.42 43.98
C3 CLA GI . 55.93 46.10 44.88
C4 CLA GI . 56.13 47.53 45.17
C5 CLA GI . 54.87 45.44 45.68
C6 CLA GI . 55.32 45.27 47.10
C7 CLA GI . 56.08 43.97 47.26
C8 CLA GI . 56.96 43.93 48.51
C9 CLA GI . 58.11 42.97 48.29
C10 CLA GI . 56.15 43.54 49.75
C11 CLA GI . 55.88 44.75 50.62
C12 CLA GI . 57.16 45.35 51.18
C13 CLA GI . 57.08 46.83 51.49
C14 CLA GI . 55.73 47.25 52.04
C15 CLA GI . 57.45 47.68 50.27
C16 CLA GI . 58.75 47.17 49.67
C17 CLA GI . 59.26 47.93 48.46
C18 CLA GI . 60.30 47.14 47.66
C19 CLA GI . 61.11 46.16 48.49
C20 CLA GI . 59.64 46.40 46.51
MG CLA HI . 59.02 31.71 31.33
CHA CLA HI . 60.24 31.47 28.06
CHB CLA HI . 60.09 28.52 31.91
CHC CLA HI . 57.18 31.64 34.24
CHD CLA HI . 57.31 34.66 30.38
NA CLA HI . 60.08 30.30 30.19
C1A CLA HI . 60.52 30.38 28.87
C2A CLA HI . 61.28 29.13 28.46
C3A CLA HI . 61.35 28.30 29.76
C4A CLA HI . 60.46 29.09 30.71
CMA CLA HI . 60.81 26.92 29.52
CAA CLA HI . 62.71 29.49 28.12
CBA CLA HI . 63.43 28.43 27.33
CGA CLA HI . 62.86 28.26 25.95
O1A CLA HI . 62.93 29.03 24.98
O2A CLA HI . 62.22 27.07 25.77
NB CLA HI . 58.78 30.38 32.82
C1B CLA HI . 59.24 29.12 32.85
C2B CLA HI . 58.65 28.37 33.99
C3B CLA HI . 57.83 29.24 34.65
C4B CLA HI . 57.90 30.54 33.93
CMB CLA HI . 58.93 26.97 34.26
CAB CLA HI . 56.99 29.04 35.81
CBB CLA HI . 55.69 28.77 35.77
NC CLA HI . 57.61 32.98 32.19
C1C CLA HI . 57.07 32.81 33.43
C2C CLA HI . 56.21 33.94 33.76
C3C CLA HI . 56.15 34.72 32.63
C4C CLA HI . 57.05 34.13 31.65
CMC CLA HI . 55.48 34.11 35.02
CAC CLA HI . 55.41 35.98 32.44
CBC CLA HI . 54.08 35.71 31.77
ND CLA HI . 58.83 32.87 29.69
C1D CLA HI . 58.12 34.08 29.45
C2D CLA HI . 58.42 34.54 28.08
C3D CLA HI . 59.23 33.59 27.52
C4D CLA HI . 59.43 32.55 28.54
CMD CLA HI . 57.91 35.76 27.47
CAD CLA HI . 59.94 33.21 26.34
OBD CLA HI . 60.08 33.82 25.28
CBD CLA HI . 60.55 31.80 26.62
CGD CLA HI . 59.96 30.78 25.69
O1D CLA HI . 59.03 30.02 25.92
O2D CLA HI . 60.53 30.72 24.46
CED CLA HI . 59.64 30.82 23.35
C1 CLA HI . 62.81 25.91 26.41
C2 CLA HI . 63.82 25.35 25.49
C3 CLA HI . 63.52 24.30 24.71
C4 CLA HI . 62.19 23.65 24.76
C5 CLA HI . 64.51 23.69 23.79
C6 CLA HI . 65.93 24.16 23.96
C7 CLA HI . 66.83 23.12 23.35
C8 CLA HI . 68.21 23.64 23.04
C9 CLA HI . 68.63 23.21 21.64
C10 CLA HI . 69.21 23.15 24.09
C11 CLA HI . 69.05 21.68 24.33
C12 CLA HI . 70.08 21.09 25.29
C13 CLA HI . 69.98 19.56 25.36
C14 CLA HI . 68.54 19.12 25.29
C15 CLA HI . 70.64 18.92 26.59
C16 CLA HI . 71.20 19.92 27.58
C17 CLA HI . 70.36 19.98 28.83
C18 CLA HI . 70.75 21.12 29.77
C19 CLA HI . 70.14 20.92 31.14
C20 CLA HI . 72.25 21.27 29.91
C03 II0 II . 82.05 21.72 50.03
C04 II0 II . 68.91 40.53 41.13
C05 II0 II . 82.42 20.88 51.40
C06 II0 II . 68.30 41.52 39.95
C07 II0 II . 81.40 20.41 52.15
C08 II0 II . 67.78 40.86 38.87
C09 II0 II . 80.66 22.22 50.04
C10 II0 II . 68.15 39.32 41.35
C11 II0 II . 79.91 20.12 51.34
C12 II0 II . 66.58 39.79 39.29
C13 II0 II . 79.56 21.15 50.42
C14 II0 II . 66.87 38.98 40.46
C15 II0 II . 82.99 22.97 49.93
C16 II0 II . 82.31 20.83 48.75
C17 II0 II . 70.35 40.11 40.77
C18 II0 II . 68.97 41.29 42.50
C19 II0 II . 78.60 20.82 49.28
C20 II0 II . 66.16 37.63 40.63
C21 II0 II . 80.22 23.13 48.85
C22 II0 II . 68.47 38.49 42.63
C23 II0 II . 79.80 23.82 47.95
C24 II0 II . 68.82 37.78 43.53
C25 II0 II . 79.20 24.64 46.79
C26 II0 II . 69.31 36.74 44.56
C27 II0 II . 79.29 24.13 45.34
C28 II0 II . 68.60 36.47 45.87
C29 II0 II . 78.59 25.81 47.16
C30 II0 II . 70.39 36.06 44.17
C31 II0 II . 77.89 26.79 46.18
C32 II0 II . 71.11 34.95 44.98
C33 II0 II . 76.79 27.43 46.61
C34 II0 II . 70.62 33.70 45.04
C35 II0 II . 76.11 28.40 45.65
C36 II0 II . 71.39 32.65 45.85
C37 II0 II . 76.61 28.38 44.23
C38 II0 II . 70.98 32.32 47.28
C39 II0 II . 75.13 29.22 46.13
C40 II0 II . 72.44 32.02 45.24
C41 II0 II . 74.33 30.28 45.32
C42 II0 II . 73.29 30.92 45.96
O01 II0 II . 81.79 19.18 52.74
O02 II0 II . 67.21 41.83 38.00
C03 II0 JI . 52.83 25.48 46.49
C04 II0 JI . 72.13 28.23 32.06
C05 II0 JI . 51.86 24.51 47.41
C06 II0 JI . 72.86 28.98 30.77
C07 II0 JI . 52.52 23.43 47.88
C08 II0 JI . 72.67 28.36 29.56
C09 II0 JI . 54.23 25.57 46.93
C10 II0 JI . 71.48 27.00 31.69
C11 II0 JI . 53.84 23.87 48.84
C12 II0 JI . 71.10 27.88 29.29
C13 II0 JI . 54.77 24.63 48.10
C14 II0 JI . 70.55 27.13 30.40
C15 II0 JI . 52.80 24.95 45.02
C16 II0 JI . 52.26 26.96 46.53
C17 II0 JI . 73.20 27.96 33.13
C18 II0 JI . 71.05 29.19 32.67
C19 II0 JI . 56.28 24.43 48.28
C20 II0 JI . 69.03 27.01 30.57
C21 II0 JI . 55.28 26.29 46.03
C22 II0 JI . 70.84 26.13 32.83
C23 II0 JI . 56.08 26.79 45.30
C24 II0 JI . 70.35 25.37 33.63
C25 II0 JI . 57.13 27.33 44.29
C26 II0 JI . 69.35 24.69 34.63
C27 II0 JI . 57.44 28.82 44.22
C28 II0 JI . 68.89 23.30 34.29
C29 II0 JI . 57.72 26.42 43.47
C30 II0 JI . 68.96 25.29 35.75
C31 II0 JI . 58.79 26.88 42.41
C32 II0 JI . 67.98 24.60 36.75
C33 II0 JI . 59.95 26.21 42.39
C34 II0 JI . 67.25 25.40 37.52
C35 II0 JI . 61.03 26.61 41.42
C36 II0 JI . 66.24 24.86 38.53
C37 II0 JI . 61.04 28.01 40.87
C38 II0 JI . 66.19 23.37 38.86
C39 II0 JI . 61.99 25.71 41.08
C40 II0 JI . 65.37 25.74 39.08
C41 II0 JI . 63.12 26.07 40.10
C42 II0 JI . 64.27 25.33 40.11
O01 II0 JI . 51.65 22.65 48.67
O02 II0 JI . 73.05 29.27 28.53
C03 II0 KI . 62.75 31.52 51.30
C04 II0 KI . 54.53 42.22 31.27
C05 II0 KI . 62.59 30.17 52.24
C06 II0 KI . 54.79 42.90 29.77
C07 II0 KI . 61.70 30.35 53.25
C08 II0 KI . 54.25 42.19 28.72
C09 II0 KI . 61.65 32.50 51.44
C10 II0 KI . 53.57 41.13 31.31
C11 II0 KI . 60.16 30.75 52.64
C12 II0 KI . 52.66 41.76 28.94
C13 II0 KI . 60.21 31.88 51.77
C14 II0 KI . 52.44 41.03 30.18
C15 II0 KI . 64.09 32.22 51.74
C16 II0 KI . 62.85 31.16 49.78
C17 II0 KI . 55.88 41.71 31.83
C18 II0 KI . 54.08 43.35 32.24
C19 II0 KI . 59.01 32.16 50.88
C20 II0 KI . 51.47 39.82 30.17
C21 II0 KI . 61.68 33.66 50.39
C22 II0 KI . 53.56 40.17 32.54
C23 II0 KI . 61.64 34.54 49.55
C24 II0 KI . 53.58 39.43 33.48
C25 II0 KI . 61.44 35.57 48.42
C26 II0 KI . 53.81 38.47 34.67
C27 II0 KI . 62.24 36.88 48.41
C28 II0 KI . 52.79 37.40 35.06
C29 II0 KI . 60.51 35.26 47.45
C30 II0 KI . 54.93 38.58 35.36
C31 II0 KI . 60.17 36.19 46.24
C32 II0 KI . 55.22 37.64 36.56
C33 II0 KI . 59.63 35.59 45.15
C34 II0 KI . 55.49 38.14 37.75
C35 II0 KI . 59.26 36.46 43.96
C36 II0 KI . 55.78 37.18 38.90
C37 II0 KI . 59.82 37.85 43.88
C38 II0 KI . 55.05 35.84 39.04
C39 II0 KI . 58.43 35.98 43.00
C40 II0 KI . 56.70 37.53 39.83
C41 II0 KI . 58.07 36.88 41.81
C42 II0 KI . 57.00 36.57 41.02
O01 II0 KI . 61.57 29.14 53.96
O02 II0 KI . 54.32 43.01 27.54
C10 WVN LI . 55.10 34.24 49.20
C11 WVN LI . 65.70 25.30 30.29
C12 WVN LI . 55.58 33.11 50.09
C13 WVN LI . 55.45 32.77 47.20
C14 WVN LI . 55.21 31.75 49.51
C01 WVN LI . 65.82 23.29 28.75
C02 WVN LI . 65.77 24.82 28.83
C03 WVN LI . 66.70 22.82 27.60
C04 WVN LI . 68.12 23.34 27.79
C05 WVN LI . 66.95 25.48 28.11
C06 WVN LI . 55.77 34.13 47.84
C07 WVN LI . 66.34 22.63 30.04
C08 WVN LI . 64.40 22.79 28.50
C09 WVN LI . 68.09 24.85 27.93
C15 WVN LI . 55.16 31.73 47.98
C16 WVN LI . 66.79 26.90 27.57
C17 WVN LI . 57.27 34.24 48.03
C18 WVN LI . 55.32 35.34 47.03
C19 WVN LI . 64.97 26.33 30.62
C20 WVN LI . 55.75 32.44 45.72
C21 WVN LI . 55.02 30.33 47.36
C22 WVN LI . 64.90 26.78 32.08
C23 WVN LI . 55.02 32.86 44.69
C24 WVN LI . 66.11 26.59 32.98
C25 WVN LI . 55.40 32.44 43.28
C26 WVN LI . 63.81 27.33 32.54
C27 WVN LI . 54.31 32.00 42.30
C28 WVN LI . 56.66 32.42 42.89
C29 WVN LI . 63.70 27.77 34.00
C30 WVN LI . 56.95 31.99 41.46
C31 WVN LI . 62.64 28.47 34.38
C32 WVN LI . 62.44 28.93 35.82
C33 WVN LI . 58.18 31.89 41.03
C34 WVN LI . 58.41 31.46 39.58
C35 WVN LI . 63.46 28.58 36.90
C36 WVN LI . 61.36 29.62 36.12
C37 WVN LI . 59.52 30.81 39.29
C38 WVN LI . 57.38 31.77 38.50
C39 WVN LI . 61.08 30.10 37.54
C40 WVN LI . 59.84 30.33 37.88
C03 II0 MI . 73.91 18.39 41.28
C04 II0 MI . 88.25 23.10 21.05
C05 II0 MI . 72.88 17.62 42.32
C06 II0 MI . 88.22 23.03 19.38
C07 II0 MI . 72.73 16.28 42.10
C08 II0 MI . 87.22 23.74 18.75
C09 II0 MI . 73.54 18.13 39.88
C10 II0 MI . 86.95 23.24 21.70
C11 II0 MI . 72.77 15.73 40.47
C12 II0 MI . 85.72 23.55 19.44
C13 II0 MI . 72.76 16.79 39.51
C14 II0 MI . 85.72 23.83 20.86
C15 II0 MI . 73.88 19.93 41.56
C16 II0 MI . 75.38 17.92 41.57
C17 II0 MI . 89.14 24.28 21.48
C18 II0 MI . 88.89 21.77 21.58
C19 II0 MI . 71.80 16.75 38.31
C20 II0 MI . 84.40 24.15 21.56
C21 II0 MI . 73.95 19.11 38.75
C22 II0 MI . 86.75 22.65 23.14
C23 II0 MI . 74.32 19.80 37.86
C24 II0 MI . 86.56 22.15 24.22
C25 II0 MI . 74.91 20.60 36.67
C26 II0 MI . 86.18 21.49 25.57
C27 II0 MI . 74.06 21.49 35.76
C28 II0 MI . 86.65 20.09 25.91
C29 II0 MI . 76.25 20.48 36.46
C30 II0 MI . 85.38 22.16 26.43
C31 II0 MI . 76.91 21.23 35.26
C32 II0 MI . 84.91 21.51 27.76
C33 II0 MI . 78.02 20.67 34.74
C34 II0 MI . 84.20 22.24 28.62
C35 II0 MI . 78.70 21.35 33.58
C36 II0 MI . 83.68 21.58 29.91
C37 II0 MI . 78.07 22.59 32.98
C38 II0 MI . 84.32 20.30 30.42
C39 II0 MI . 79.87 20.83 33.12
C40 II0 MI . 82.61 22.13 30.54
C41 II0 MI . 80.63 21.44 31.92
C42 II0 MI . 82.00 21.48 31.83
O01 II0 MI . 73.67 15.55 42.87
O02 II0 MI . 87.54 25.14 18.76
O1 LHG NI . 61.06 36.47 60.44
C1 LHG NI . 60.44 35.26 60.88
C2 LHG NI . 61.21 34.08 60.32
O2 LHG NI . 62.60 34.21 60.65
C3 LHG NI . 61.07 34.04 58.81
O3 LHG NI . 61.96 33.04 58.30
P LHG NI . 62.67 33.27 56.89
O4 LHG NI . 62.37 32.05 56.06
O5 LHG NI . 64.11 33.78 57.09
O6 LHG NI . 61.76 34.46 56.30
C4 LHG NI . 61.61 34.68 54.89
C5 LHG NI . 60.19 35.13 54.57
C6 LHG NI . 60.10 35.33 53.05
O7 LHG NI . 59.25 34.14 54.98
C7 LHG NI . 57.89 34.41 54.55
O9 LHG NI . 57.43 33.72 53.66
C8 LHG NI . 57.06 35.50 55.21
C9 LHG NI . 55.57 35.30 55.00
C10 LHG NI . 55.06 35.79 53.65
O8 LHG NI . 60.85 36.47 52.65
C23 LHG NI . 60.30 37.38 51.66
O10 LHG NI . 60.96 38.35 51.32
C24 LHG NI . 58.93 37.13 51.08
C11 LHG NI . 53.57 35.48 53.52
C12 LHG NI . 52.98 36.00 52.22
C13 LHG NI . 51.46 35.91 52.29
C14 LHG NI . 50.90 36.66 53.50
C25 LHG NI . 58.61 38.16 50.00
C26 LHG NI . 57.15 38.00 49.59
C27 LHG NI . 56.75 38.96 48.48
C28 LHG NI . 55.23 39.05 48.43
C29 LHG NI . 54.68 39.57 49.76
C30 LHG NI . 53.19 39.27 49.93
C31 LHG NI . 52.40 39.75 48.73
C32 LHG NI . 50.90 39.60 48.89
C33 LHG NI . 50.50 38.13 49.00
C34 LHG NI . 50.78 37.40 47.70
MG CLA OI . -52.68 -57.13 -59.99
CHA CLA OI . -56.06 -56.68 -59.32
CHB CLA OI . -53.28 -60.37 -60.83
CHC CLA OI . -49.59 -57.27 -61.55
CHD CLA OI . -52.24 -53.59 -59.72
NA CLA OI . -54.40 -58.33 -60.00
C1A CLA OI . -55.71 -57.96 -59.68
C2A CLA OI . -56.64 -59.18 -59.73
C3A CLA OI . -55.67 -60.37 -60.02
C4A CLA OI . -54.35 -59.66 -60.30
CMA CLA OI . -55.56 -61.33 -58.86
CAA CLA OI . -57.88 -59.12 -60.63
CBA CLA OI . -57.65 -59.69 -62.00
CGA CLA OI . -56.99 -58.60 -62.79
O1A CLA OI . -57.38 -57.46 -63.02
O2A CLA OI . -55.79 -59.01 -63.27
NB CLA OI . -51.66 -58.53 -61.00
C1B CLA OI . -52.02 -59.82 -61.17
C2B CLA OI . -50.90 -60.60 -61.80
C3B CLA OI . -49.87 -59.72 -62.00
C4B CLA OI . -50.33 -58.40 -61.50
CMB CLA OI . -50.94 -62.01 -62.14
CAB CLA OI . -48.58 -59.92 -62.58
CBB CLA OI . -47.45 -60.00 -61.89
NC CLA OI . -51.20 -55.72 -60.50
C1C CLA OI . -49.99 -56.01 -61.07
C2C CLA OI . -49.16 -54.83 -61.19
C3C CLA OI . -49.95 -53.76 -60.72
C4C CLA OI . -51.19 -54.34 -60.26
CMC CLA OI . -47.82 -54.82 -61.77
CAC CLA OI . -49.58 -52.35 -60.59
CBC CLA OI . -48.67 -52.14 -59.40
ND CLA OI . -53.80 -55.49 -59.59
C1D CLA OI . -53.47 -54.13 -59.41
C2D CLA OI . -54.65 -53.40 -58.92
C3D CLA OI . -55.68 -54.31 -58.91
C4D CLA OI . -55.10 -55.60 -59.34
CMD CLA OI . -54.65 -51.98 -58.60
CAD CLA OI . -57.08 -54.52 -58.64
OBD CLA OI . -57.95 -53.71 -58.34
CBD CLA OI . -57.37 -56.04 -58.87
CGD CLA OI . -57.87 -56.69 -57.62
O1D CLA OI . -57.38 -56.64 -56.50
O2D CLA OI . -59.02 -57.40 -57.80
CED CLA OI . -60.08 -57.22 -56.85
C1 CLA OI . -55.77 -59.61 -64.57
C2 CLA OI . -55.06 -60.89 -64.41
C3 CLA OI . -54.62 -61.60 -65.46
C4 CLA OI . -54.81 -61.15 -66.86
C5 CLA OI . -53.91 -62.90 -65.28
C6 CLA OI . -53.81 -63.36 -63.83
MG CLA PI . -55.53 -46.15 -50.90
CHA CLA PI . -55.13 -49.39 -49.79
CHB CLA PI . -54.30 -45.02 -47.93
CHC CLA PI . -54.90 -43.13 -52.34
CHD CLA PI . -56.06 -47.51 -54.18
NA CLA PI . -54.90 -47.07 -49.13
C1A CLA PI . -54.78 -48.44 -48.87
C2A CLA PI . -54.28 -48.68 -47.43
C3A CLA PI . -54.40 -47.28 -46.80
C4A CLA PI . -54.53 -46.37 -48.02
CMA CLA PI . -55.61 -47.19 -45.91
CAA CLA PI . -52.85 -49.21 -47.34
CBA CLA PI . -51.81 -48.19 -46.92
CGA CLA PI . -51.35 -47.50 -48.16
O1A CLA PI . -51.19 -48.05 -49.25
O2A CLA PI . -51.08 -46.16 -48.07
NB CLA PI . -54.69 -44.43 -50.28
C1B CLA PI . -54.39 -44.12 -49.00
C2B CLA PI . -54.15 -42.67 -48.84
C3B CLA PI . -54.30 -42.10 -50.08
C4B CLA PI . -54.65 -43.22 -51.02
CMB CLA PI . -53.81 -42.07 -47.56
CAB CLA PI . -54.16 -40.72 -50.44
CBB CLA PI . -53.48 -40.21 -51.48
NC CLA PI . -55.60 -45.45 -52.85
C1C CLA PI . -55.39 -44.16 -53.17
C2C CLA PI . -55.59 -43.97 -54.60
C3C CLA PI . -55.79 -45.23 -55.16
C4C CLA PI . -55.81 -46.14 -54.05
CMC CLA PI . -55.50 -42.66 -55.20
CAC CLA PI . -56.01 -45.61 -56.56
CBC CLA PI . -57.23 -45.01 -57.21
ND CLA PI . -55.77 -47.95 -51.79
C1D CLA PI . -56.03 -48.36 -53.12
C2D CLA PI . -56.24 -49.82 -53.15
C3D CLA PI . -55.95 -50.25 -51.88
C4D CLA PI . -55.59 -49.07 -51.09
CMD CLA PI . -56.62 -50.57 -54.33
CAD CLA PI . -55.83 -51.39 -51.01
OBD CLA PI . -56.14 -52.57 -51.22
CBD CLA PI . -55.23 -50.89 -49.69
CGD CLA PI . -56.25 -51.13 -48.65
O1D CLA PI . -57.38 -50.64 -48.59
O2D CLA PI . -55.87 -51.97 -47.67
CED CLA PI . -56.47 -51.69 -46.41
C1 CLA PI . -50.80 -45.51 -49.34
C2 CLA PI . -50.58 -44.06 -49.11
C3 CLA PI . -50.33 -43.15 -50.08
C4 CLA PI . -50.26 -43.48 -51.52
C5 CLA PI . -50.11 -41.73 -49.71
MG CLA QI . -53.23 -34.47 -50.53
CHA CLA QI . -51.99 -34.62 -47.22
CHB CLA QI . -50.87 -36.89 -51.34
CHC CLA QI . -53.17 -33.47 -53.87
CHD CLA QI . -54.50 -31.23 -49.72
NA CLA QI . -51.83 -35.63 -49.45
C1A CLA QI . -51.47 -35.54 -48.09
C2A CLA QI . -50.45 -36.61 -47.73
C3A CLA QI . -50.19 -37.37 -49.03
C4A CLA QI . -51.06 -36.61 -50.02
CMA CLA QI . -48.73 -37.23 -49.42
CAA CLA QI . -51.27 -37.63 -46.97
CBA CLA QI . -50.52 -38.89 -46.64
CGA CLA QI . -49.78 -38.67 -45.36
O1A CLA QI . -50.18 -38.03 -44.39
O2A CLA QI . -48.55 -39.28 -45.32
NB CLA QI . -52.32 -35.11 -52.23
C1B CLA QI . -51.47 -36.17 -52.36
C2B CLA QI . -51.11 -36.43 -53.77
C3B CLA QI . -51.75 -35.45 -54.51
C4B CLA QI . -52.51 -34.61 -53.54
CMB CLA QI . -50.15 -37.49 -54.13
CAB CLA QI . -51.69 -35.15 -55.91
CBB CLA QI . -50.65 -35.30 -56.73
NC CLA QI . -53.85 -32.76 -51.59
C1C CLA QI . -53.81 -32.59 -52.95
C2C CLA QI . -54.36 -31.32 -53.35
C3C CLA QI . -54.64 -30.63 -52.17
C4C CLA QI . -54.35 -31.55 -51.07
CMC CLA QI . -54.46 -30.82 -54.72
CAC CLA QI . -55.21 -29.26 -52.04
CBC CLA QI . -54.22 -28.23 -51.55
ND CLA QI . -53.38 -33.26 -48.90
C1D CLA QI . -54.04 -32.02 -48.70
C2D CLA QI . -54.05 -31.69 -47.25
C3D CLA QI . -53.26 -32.65 -46.65
C4D CLA QI . -52.83 -33.57 -47.73
CMD CLA QI . -54.70 -30.53 -46.64
CAD CLA QI . -52.67 -33.09 -45.42
OBD CLA QI . -52.73 -32.59 -44.30
CBD CLA QI . -51.82 -34.36 -45.72
CGD CLA QI . -50.39 -34.35 -45.17
O1D CLA QI . -49.98 -35.10 -44.27
O2D CLA QI . -49.48 -33.46 -45.67
CED CLA QI . -48.11 -33.61 -45.28
C1 CLA QI . -47.58 -38.68 -44.43
C2 CLA QI . -47.01 -37.51 -45.15
C3 CLA QI . -45.83 -37.55 -45.81
C4 CLA QI . -45.00 -38.76 -45.86
C5 CLA QI . -45.32 -36.34 -46.52
C6 CLA QI . -43.89 -36.04 -46.12
MG CLA RI . -68.39 -25.87 -58.19
CHA CLA RI . -69.42 -22.77 -59.34
CHB CLA RI . -65.82 -24.32 -56.52
CHC CLA RI . -67.91 -28.67 -56.23
CHD CLA RI . -71.56 -27.16 -59.13
NA CLA RI . -67.73 -23.88 -58.00
C1A CLA RI . -68.30 -22.73 -58.58
C2A CLA RI . -67.53 -21.48 -58.17
C3A CLA RI . -66.31 -22.06 -57.40
C4A CLA RI . -66.65 -23.53 -57.27
CMA CLA RI . -64.99 -21.93 -58.11
CAA CLA RI . -68.37 -20.57 -57.27
CBA CLA RI . -68.96 -21.25 -56.03
CGA CLA RI . -70.30 -21.87 -56.30
O1A CLA RI . -71.36 -21.36 -56.64
O2A CLA RI . -70.32 -23.20 -56.12
NB CLA RI . -67.11 -26.39 -56.72
C1B CLA RI . -66.03 -25.69 -56.31
C2B CLA RI . -65.10 -26.54 -55.52
C3B CLA RI . -65.69 -27.78 -55.43
C4B CLA RI . -66.97 -27.69 -56.18
CMB CLA RI . -63.89 -25.97 -54.93
CAB CLA RI . -65.34 -29.00 -54.75
CBB CLA RI . -64.17 -29.35 -54.24
NC CLA RI . -69.51 -27.58 -57.79
C1C CLA RI . -69.12 -28.60 -56.96
C2C CLA RI . -70.13 -29.62 -56.91
C3C CLA RI . -71.18 -29.22 -57.73
C4C CLA RI . -70.77 -27.94 -58.29
CMC CLA RI . -70.04 -30.81 -56.08
CAC CLA RI . -72.47 -29.91 -57.94
CBC CLA RI . -72.44 -31.18 -58.75
ND CLA RI . -70.11 -25.19 -59.01
C1D CLA RI . -71.26 -25.87 -59.49
C2D CLA RI . -72.05 -24.97 -60.33
C3D CLA RI . -71.40 -23.76 -60.32
C4D CLA RI . -70.21 -23.95 -59.47
CMD CLA RI . -73.28 -25.37 -61.00
CAD CLA RI . -71.39 -22.38 -60.77
OBD CLA RI . -72.19 -21.78 -61.47
CBD CLA RI . -70.14 -21.71 -60.15
CGD CLA RI . -69.27 -21.17 -61.25
O1D CLA RI . -68.85 -20.01 -61.37
O2D CLA RI . -68.93 -22.11 -62.17
CED CLA RI . -68.48 -21.65 -63.44
C1 CLA RI . -71.63 -23.79 -56.18
C2 CLA RI . -71.47 -25.21 -55.82
C3 CLA RI . -72.47 -25.93 -55.30
C4 CLA RI . -73.82 -25.40 -55.04
C5 CLA RI . -72.25 -27.36 -54.98
C6 CLA RI . -72.45 -27.67 -53.51
C7 CLA RI . -72.54 -29.17 -53.38
C8 CLA RI . -72.48 -29.59 -51.92
C9 CLA RI . -71.06 -29.47 -51.43
C10 CLA RI . -72.98 -31.02 -51.75
C11 CLA RI . -73.18 -31.33 -50.29
C12 CLA RI . -73.86 -32.66 -50.05
C13 CLA RI . -73.96 -33.04 -48.57
C14 CLA RI . -75.36 -32.82 -48.06
C15 CLA RI . -72.97 -32.27 -47.70
C16 CLA RI . -72.47 -33.10 -46.54
C17 CLA RI . -71.95 -32.22 -45.41
C18 CLA RI . -71.00 -33.01 -44.53
C19 CLA RI . -69.59 -32.90 -45.04
C20 CLA RI . -71.13 -32.52 -43.10
MG CLA SI . -75.59 -15.26 -59.03
CHA CLA SI . -76.80 -12.16 -60.05
CHB CLA SI . -78.80 -16.25 -58.37
CHC CLA SI . -74.41 -17.86 -57.15
CHD CLA SI . -72.32 -13.86 -59.00
NA CLA SI . -77.47 -14.38 -59.28
C1A CLA SI . -77.78 -13.08 -59.74
C2A CLA SI . -79.31 -12.87 -59.78
C3A CLA SI . -79.87 -14.27 -59.48
C4A CLA SI . -78.64 -15.04 -59.02
CMA CLA SI . -80.94 -14.23 -58.42
CAA CLA SI . -79.80 -12.46 -61.17
CBA CLA SI . -79.40 -13.46 -62.23
CGA CLA SI . -78.76 -12.81 -63.43
O1A CLA SI . -77.76 -12.08 -63.47
O2A CLA SI . -79.37 -13.10 -64.61
NB CLA SI . -76.44 -16.71 -57.92
C1B CLA SI . -77.75 -17.04 -57.89
C2B CLA SI . -77.95 -18.36 -57.23
C3B CLA SI . -76.69 -18.82 -56.89
C4B CLA SI . -75.74 -17.78 -57.33
CMB CLA SI . -79.26 -18.97 -57.04
CAB CLA SI . -76.20 -20.01 -56.23
CBB CLA SI . -76.82 -20.78 -55.34
NC CLA SI . -73.71 -15.81 -58.32
C1C CLA SI . -73.45 -16.95 -57.63
C2C CLA SI . -72.05 -17.07 -57.33
C3C CLA SI . -71.44 -15.90 -57.79
C4C CLA SI . -72.49 -15.12 -58.42
CMC CLA SI . -71.52 -18.22 -56.63
CAC CLA SI . -70.02 -15.54 -57.76
CBC CLA SI . -69.41 -15.39 -56.38
ND CLA SI . -74.69 -13.55 -59.61
C1D CLA SI . -73.35 -13.11 -59.53
C2D CLA SI . -73.24 -11.76 -60.09
C3D CLA SI . -74.54 -11.34 -60.31
C4D CLA SI . -75.42 -12.48 -59.93
CMD CLA SI . -71.97 -11.06 -60.27
CAD CLA SI . -75.39 -10.27 -60.79
OBD CLA SI . -75.09 -9.22 -61.32
CBD CLA SI . -76.85 -10.71 -60.48
CGD CLA SI . -77.50 -9.89 -59.40
O1D CLA SI . -77.07 -9.67 -58.26
O2D CLA SI . -78.70 -9.37 -59.77
CED CLA SI . -79.28 -8.36 -58.92
MG CLA TI . -72.33 -18.32 -47.11
CHA CLA TI . -72.22 -16.16 -49.82
CHB CLA TI . -73.93 -15.86 -45.32
CHC CLA TI . -73.42 -20.69 -44.85
CHD CLA TI . -71.12 -20.89 -49.19
NA CLA TI . -72.94 -16.36 -47.51
C1A CLA TI . -72.81 -15.66 -48.70
C2A CLA TI . -73.33 -14.26 -48.57
C3A CLA TI . -73.41 -14.09 -47.04
C4A CLA TI . -73.48 -15.54 -46.57
CMA CLA TI . -72.19 -13.38 -46.55
CAA CLA TI . -74.68 -14.16 -49.21
CBA CLA TI . -75.04 -12.71 -49.43
CGA CLA TI . -76.43 -12.64 -49.94
O1A CLA TI . -77.07 -11.66 -50.30
O2A CLA TI . -77.03 -13.87 -50.01
NB CLA TI . -73.41 -18.27 -45.40
C1B CLA TI . -73.99 -17.18 -44.84
C2B CLA TI . -74.71 -17.56 -43.59
C3B CLA TI . -74.56 -18.92 -43.45
C4B CLA TI . -73.75 -19.39 -44.61
CMB CLA TI . -75.43 -16.59 -42.76
CAB CLA TI . -75.07 -19.80 -42.45
CBB CLA TI . -76.36 -20.04 -42.17
NC CLA TI . -72.25 -20.40 -47.02
C1C CLA TI . -72.71 -21.17 -45.98
C2C CLA TI . -72.40 -22.58 -46.23
C3C CLA TI . -71.82 -22.64 -47.49
C4C CLA TI . -71.70 -21.27 -47.97
CMC CLA TI . -72.73 -23.68 -45.34
CAC CLA TI . -71.33 -23.85 -48.15
CBC CLA TI . -69.89 -24.12 -47.83
ND CLA TI . -71.87 -18.57 -49.05
C1D CLA TI . -71.21 -19.62 -49.72
C2D CLA TI . -70.66 -19.12 -50.98
C3D CLA TI . -71.09 -17.81 -51.12
C4D CLA TI . -71.81 -17.52 -49.88
CMD CLA TI . -69.88 -19.96 -51.88
CAD CLA TI . -71.05 -16.59 -51.91
OBD CLA TI . -70.59 -16.38 -53.02
CBD CLA TI . -71.76 -15.49 -51.08
CGD CLA TI . -70.77 -14.39 -50.79
O1D CLA TI . -69.81 -14.44 -50.03
O2D CLA TI . -70.98 -13.24 -51.45
CED CLA TI . -70.97 -12.08 -50.63
C1 CLA TI . -78.08 -13.99 -50.99
C2 CLA TI . -78.45 -15.42 -51.04
C3 CLA TI . -79.44 -15.88 -51.82
C4 CLA TI . -80.25 -15.01 -52.69
C5 CLA TI . -79.77 -17.34 -51.84
C6 CLA TI . -79.55 -17.97 -53.21
MG CLA UI . -56.85 -21.26 -53.31
CHA CLA UI . -55.57 -18.29 -51.98
CHB CLA UI . -53.71 -21.99 -54.46
CHC CLA UI . -57.71 -24.60 -53.58
CHD CLA UI . -59.75 -20.76 -51.32
NA CLA UI . -55.01 -20.25 -53.31
C1A CLA UI . -54.66 -19.05 -52.69
C2A CLA UI . -53.20 -18.68 -52.98
C3A CLA UI . -52.85 -19.66 -54.14
C4A CLA UI . -53.92 -20.73 -53.97
CMA CLA UI . -52.99 -18.98 -55.48
CAA CLA UI . -52.19 -18.80 -51.84
CBA CLA UI . -52.56 -19.78 -50.75
CGA CLA UI . -52.01 -21.17 -50.92
O1A CLA UI . -50.84 -21.53 -51.04
O2A CLA UI . -52.97 -22.15 -50.95
NB CLA UI . -55.92 -22.92 -53.95
C1B CLA UI . -54.63 -23.03 -54.34
C2B CLA UI . -54.31 -24.45 -54.66
C3B CLA UI . -55.42 -25.19 -54.43
C4B CLA UI . -56.46 -24.24 -53.97
CMB CLA UI . -52.99 -24.90 -55.11
CAB CLA UI . -55.59 -26.61 -54.55
CBB CLA UI . -56.50 -27.25 -55.28
NC CLA UI . -58.48 -22.42 -52.69
C1C CLA UI . -58.66 -23.74 -52.98
C2C CLA UI . -59.94 -24.21 -52.50
C3C CLA UI . -60.45 -23.17 -51.74
C4C CLA UI . -59.55 -22.03 -51.88
CMC CLA UI . -60.45 -25.56 -52.68
CAC CLA UI . -61.74 -23.17 -51.07
CBC CLA UI . -62.77 -22.63 -52.03
ND CLA UI . -57.60 -19.85 -52.05
C1D CLA UI . -58.84 -19.74 -51.37
C2D CLA UI . -58.94 -18.40 -50.77
C3D CLA UI . -57.72 -17.79 -50.99
C4D CLA UI . -56.90 -18.76 -51.75
CMD CLA UI . -60.10 -17.86 -50.05
CAD CLA UI . -56.92 -16.60 -50.80
OBD CLA UI . -57.24 -15.52 -50.30
CBD CLA UI . -55.49 -16.92 -51.35
CGD CLA UI . -55.06 -15.86 -52.30
O1D CLA UI . -55.10 -15.92 -53.53
O2D CLA UI . -54.58 -14.71 -51.73
CED CLA UI . -53.54 -14.79 -50.73
C1 CLA UI . -54.16 -21.90 -50.17
C2 CLA UI . -55.08 -23.07 -50.11
C3 CLA UI . -56.20 -22.99 -49.38
C4 CLA UI . -56.53 -21.76 -48.61
C5 CLA UI . -57.15 -24.13 -49.26
C6 CLA UI . -56.68 -25.38 -49.95
MG CLA VI . -58.10 -30.83 -43.40
CHA CLA VI . -56.44 -33.89 -43.57
CHB CLA VI . -56.95 -30.44 -40.20
CHC CLA VI . -58.78 -27.46 -43.56
CHD CLA VI . -58.43 -31.00 -46.93
NA CLA VI . -56.97 -32.01 -42.10
C1A CLA VI . -56.34 -33.25 -42.36
C2A CLA VI . -55.58 -33.74 -41.13
C3A CLA VI . -56.04 -32.78 -40.02
C4A CLA VI . -56.69 -31.64 -40.82
CMA CLA VI . -57.02 -33.43 -39.09
CAA CLA VI . -54.09 -33.66 -41.39
CBA CLA VI . -53.39 -32.41 -40.90
CGA CLA VI . -51.97 -32.36 -41.39
O1A CLA VI . -51.14 -33.26 -41.43
O2A CLA VI . -51.60 -31.11 -41.84
NB CLA VI . -57.81 -29.25 -42.17
C1B CLA VI . -57.52 -29.34 -40.84
C2B CLA VI . -57.89 -28.09 -40.13
C3B CLA VI . -58.42 -27.25 -41.07
C4B CLA VI . -58.38 -27.97 -42.37
CMB CLA VI . -57.69 -27.93 -38.69
CAB CLA VI . -58.92 -25.91 -40.97
CBB CLA VI . -58.37 -24.89 -40.31
NC CLA VI . -58.63 -29.51 -44.93
C1C CLA VI . -58.93 -28.20 -44.76
C2C CLA VI . -59.29 -27.59 -46.04
C3C CLA VI . -59.09 -28.57 -47.01
C4C CLA VI . -58.68 -29.77 -46.30
CMC CLA VI . -59.68 -26.19 -46.23
CAC CLA VI . -59.28 -28.45 -48.46
CBC CLA VI . -60.68 -28.78 -48.93
ND CLA VI . -57.84 -32.19 -44.88
C1D CLA VI . -58.04 -32.13 -46.28
C2D CLA VI . -57.73 -33.44 -46.87
C3D CLA VI . -57.16 -34.17 -45.87
C4D CLA VI . -57.15 -33.31 -44.67
CMD CLA VI . -57.99 -33.81 -48.26
CAD CLA VI . -56.60 -35.45 -45.48
OBD CLA VI . -56.61 -36.53 -46.07
CBD CLA VI . -55.91 -35.21 -44.11
CGD CLA VI . -56.08 -36.35 -43.16
O1D CLA VI . -55.28 -37.26 -42.93
O2D CLA VI . -57.25 -36.35 -42.46
CED CLA VI . -57.18 -36.86 -41.15
C1 CLA VI . -50.29 -31.02 -42.44
C2 CLA VI . -49.89 -29.61 -42.63
C3 CLA VI . -50.38 -28.81 -43.58
C4 CLA VI . -49.95 -27.39 -43.74
C5 CLA VI . -51.40 -29.27 -44.55
C6 CLA VI . -51.02 -29.06 -45.99
C7 CLA VI . -50.03 -30.09 -46.51
C8 CLA VI . -49.92 -30.15 -48.04
C9 CLA VI . -51.11 -29.47 -48.71
C10 CLA VI . -49.77 -31.62 -48.47
C11 CLA VI . -50.25 -31.90 -49.89
C12 CLA VI . -49.21 -31.52 -50.91
C13 CLA VI . -49.73 -31.72 -52.33
C14 CLA VI . -48.58 -32.05 -53.24
C15 CLA VI . -50.50 -30.49 -52.79
C16 CLA VI . -49.82 -29.18 -52.41
C17 CLA VI . -50.75 -27.98 -52.58
C18 CLA VI . -50.11 -26.64 -52.22
C19 CLA VI . -49.52 -25.92 -53.41
C20 CLA VI . -51.12 -25.76 -51.51
MG CLA WI . -69.99 -40.74 -48.22
CHA CLA WI . -71.16 -41.66 -45.06
CHB CLA WI . -71.51 -43.55 -49.48
CHC CLA WI . -69.90 -39.43 -51.41
CHD CLA WI . -69.59 -37.46 -46.95
NA CLA WI . -71.03 -42.35 -47.38
C1A CLA WI . -71.42 -42.54 -46.05
C2A CLA WI . -72.14 -43.89 -45.87
C3A CLA WI . -72.02 -44.51 -47.27
C4A CLA WI . -71.47 -43.40 -48.12
CMA CLA WI . -71.03 -45.57 -47.20
CAA CLA WI . -73.56 -43.92 -45.31
CBA CLA WI . -74.53 -42.92 -45.89
CGA CLA WI . -75.02 -43.43 -47.21
O1A CLA WI . -75.62 -44.46 -47.45
O2A CLA WI . -74.70 -42.55 -48.22
NB CLA WI . -70.53 -41.38 -50.06
C1B CLA WI . -71.07 -42.58 -50.38
C2B CLA WI . -71.18 -42.77 -51.84
C3B CLA WI . -70.73 -41.62 -52.41
C4B CLA WI . -70.34 -40.71 -51.29
CMB CLA WI . -71.76 -43.99 -52.41
CAB CLA WI . -70.69 -41.19 -53.78
CBB CLA WI . -70.59 -41.90 -54.91
NC CLA WI . -69.66 -38.85 -49.02
C1C CLA WI . -69.57 -38.56 -50.33
C2C CLA WI . -69.21 -37.17 -50.54
C3C CLA WI . -69.29 -36.57 -49.28
C4C CLA WI . -69.55 -37.64 -48.34
CMC CLA WI . -68.98 -36.54 -51.84
CAC CLA WI . -69.01 -35.18 -48.94
CBC CLA WI . -70.23 -34.32 -49.11
ND CLA WI . -70.17 -39.77 -46.45
C1D CLA WI . -69.88 -38.45 -46.05
C2D CLA WI . -69.96 -38.36 -44.57
C3D CLA WI . -70.42 -39.57 -44.13
C4D CLA WI . -70.60 -40.39 -45.35
CMD CLA WI . -69.62 -37.18 -43.78
CAD CLA WI . -70.80 -40.38 -42.99
OBD CLA WI . -70.74 -40.16 -41.79
CBD CLA WI . -71.39 -41.68 -43.57
CGD CLA WI . -70.77 -42.87 -42.90
O1D CLA WI . -69.91 -43.64 -43.35
O2D CLA WI . -71.25 -43.07 -41.66
CED CLA WI . -72.63 -43.42 -41.54
C1 CLA WI . -75.21 -42.86 -49.53
C2 CLA WI . -74.70 -41.83 -50.44
C3 CLA WI . -74.94 -41.85 -51.76
C4 CLA WI . -75.73 -42.93 -52.40
C5 CLA WI . -74.40 -40.78 -52.63
C6 CLA WI . -75.47 -40.37 -53.62
C7 CLA WI . -75.07 -39.19 -54.48
C8 CLA WI . -75.94 -39.02 -55.72
C9 CLA WI . -76.95 -40.14 -55.93
C10 CLA WI . -75.06 -38.94 -56.94
C11 CLA WI . -74.10 -37.78 -56.86
C12 CLA WI . -74.80 -36.47 -57.10
C13 CLA WI . -73.78 -35.34 -57.24
C14 CLA WI . -74.21 -34.10 -56.51
C15 CLA WI . -73.48 -35.03 -58.71
C16 CLA WI . -74.64 -35.34 -59.65
C17 CLA WI . -74.19 -35.52 -61.08
C18 CLA WI . -73.33 -34.37 -61.59
C19 CLA WI . -72.07 -34.91 -62.22
C20 CLA WI . -74.13 -33.57 -62.61
MG CLA XI . -65.31 -52.36 -61.45
CHA CLA XI . -67.70 -51.57 -58.99
CHB CLA XI . -66.83 -55.43 -61.79
CHC CLA XI . -63.93 -52.75 -64.57
CHD CLA XI . -64.65 -48.87 -61.71
NA CLA XI . -66.91 -53.34 -60.49
C1A CLA XI . -67.78 -52.85 -59.50
C2A CLA XI . -68.79 -53.93 -59.07
C3A CLA XI . -68.24 -55.20 -59.74
C4A CLA XI . -67.25 -54.64 -60.75
CMA CLA XI . -67.56 -56.12 -58.76
CAA CLA XI . -70.24 -53.60 -59.38
CBA CLA XI . -70.78 -54.12 -60.70
CGA CLA XI . -71.46 -52.97 -61.38
O1A CLA XI . -72.52 -52.41 -61.07
O2A CLA XI . -70.72 -52.48 -62.41
NB CLA XI . -65.40 -53.78 -62.89
C1B CLA XI . -65.94 -55.03 -62.77
C2B CLA XI . -65.45 -55.93 -63.85
C3B CLA XI . -64.62 -55.17 -64.64
C4B CLA XI . -64.59 -53.81 -64.05
CMB CLA XI . -65.86 -57.32 -63.99
CAB CLA XI . -63.89 -55.50 -65.82
CBB CLA XI . -62.56 -55.60 -65.84
NC CLA XI . -64.36 -51.08 -62.81
C1C CLA XI . -63.80 -51.47 -63.99
C2C CLA XI . -63.16 -50.37 -64.67
C3C CLA XI . -63.45 -49.24 -63.92
C4C CLA XI . -64.19 -49.71 -62.74
CMC CLA XI . -62.46 -50.48 -65.95
CAC CLA XI . -63.02 -47.86 -64.19
CBC CLA XI . -61.58 -47.61 -63.82
ND CLA XI . -65.84 -50.66 -60.51
C1D CLA XI . -65.42 -49.31 -60.66
C2D CLA XI . -65.99 -48.50 -59.57
C3D CLA XI . -66.86 -49.31 -58.90
C4D CLA XI . -66.78 -50.64 -59.56
CMD CLA XI . -65.71 -47.08 -59.32
CAD CLA XI . -67.83 -49.40 -57.83
OBD CLA XI . -68.17 -48.52 -57.05
CBD CLA XI . -68.45 -50.83 -57.89
CGD CLA XI . -68.34 -51.44 -56.52
O1D CLA XI . -67.92 -50.89 -55.51
O2D CLA XI . -68.77 -52.71 -56.37
CED CLA XI . -70.07 -52.93 -55.82
C1 CLA XI . -70.04 -53.41 -63.27
C2 CLA XI . -69.06 -52.62 -64.04
C3 CLA XI . -68.43 -53.11 -65.11
C4 CLA XI . -68.70 -54.48 -65.60
C5 CLA XI . -67.43 -52.26 -65.84
C6 CLA XI . -67.27 -50.87 -65.25
NB KC2 YI . -70.29 -42.24 -60.55
ND KC2 YI . -69.92 -46.27 -60.59
C1A KC2 YI . -72.04 -45.46 -58.19
C1B KC2 YI . -71.05 -41.49 -59.72
C1C KC2 YI . -68.63 -42.99 -62.96
C1D KC2 YI . -69.31 -47.13 -61.44
C2A KC2 YI . -73.05 -45.09 -57.20
C2B KC2 YI . -71.13 -40.08 -60.17
C2C KC2 YI . -67.92 -43.42 -64.17
C2D KC2 YI . -69.75 -48.51 -61.12
C3A KC2 YI . -73.02 -43.61 -57.28
C3B KC2 YI . -70.31 -40.02 -61.38
C3C KC2 YI . -67.80 -44.87 -64.04
C3D KC2 YI . -70.67 -48.36 -59.97
C4A KC2 YI . -72.00 -43.27 -58.30
C4B KC2 YI . -69.82 -41.41 -61.51
C4C KC2 YI . -68.48 -45.12 -62.73
C4D KC2 YI . -70.72 -47.00 -59.68
CAA KC2 YI . -73.92 -45.92 -56.34
CAB KC2 YI . -69.90 -38.98 -62.36
CAC KC2 YI . -67.14 -45.77 -65.05
CAD KC2 YI . -71.54 -49.12 -59.01
CBA KC2 YI . -74.09 -45.80 -55.03
CBB KC2 YI . -69.68 -37.72 -62.03
CBC KC2 YI . -65.65 -45.65 -64.97
CBD KC2 YI . -72.43 -48.09 -58.49
CED KC2 YI . -73.97 -46.63 -61.32
CGA KC2 YI . -75.26 -46.46 -54.48
CGD KC2 YI . -73.68 -48.10 -59.33
CHA KC2 YI . -71.66 -46.83 -58.54
CHB KC2 YI . -71.80 -41.85 -58.53
CHC KC2 YI . -68.97 -41.60 -62.68
CHD KC2 YI . -68.42 -46.58 -62.47
CMA KC2 YI . -73.82 -42.58 -56.53
CMB KC2 YI . -71.88 -38.94 -59.54
CMC KC2 YI . -67.44 -42.52 -65.29
CMD KC2 YI . -69.19 -49.61 -61.97
NA KC2 YI . -71.38 -44.33 -58.87
NC KC2 YI . -68.99 -43.90 -62.07
O1A KC2 YI . -75.85 -47.30 -55.19
O1D KC2 YI . -74.51 -48.98 -59.21
O2A KC2 YI . -75.40 -46.39 -53.24
O2D KC2 YI . -74.16 -46.86 -59.93
OBD KC2 YI . -71.49 -50.39 -59.13
MG KC2 YI . -69.91 -44.24 -60.28
NB KC2 ZI . -56.49 -39.37 -68.75
ND KC2 ZI . -53.41 -36.95 -69.86
C1A KC2 ZI . -55.14 -37.80 -72.54
C1B KC2 ZI . -57.48 -39.87 -69.49
C1C KC2 ZI . -54.87 -38.69 -66.24
C1D KC2 ZI . -52.45 -36.30 -69.15
C2A KC2 ZI . -55.96 -38.11 -73.71
C2B KC2 ZI . -58.45 -40.67 -68.68
C2C KC2 ZI . -54.15 -38.31 -65.05
C2D KC2 ZI . -51.64 -35.51 -70.11
C3A KC2 ZI . -57.03 -38.95 -73.14
C3B KC2 ZI . -57.93 -40.57 -67.32
C3C KC2 ZI . -53.06 -37.42 -65.48
C3D KC2 ZI . -52.24 -35.77 -71.43
C4A KC2 ZI . -56.73 -39.05 -71.70
C4B KC2 ZI . -56.72 -39.75 -67.47
C4C KC2 ZI . -53.31 -37.40 -66.98
C4D KC2 ZI . -53.33 -36.64 -71.22
CAA KC2 ZI . -55.79 -37.71 -75.13
CAB KC2 ZI . -58.30 -41.06 -65.96
CAC KC2 ZI . -52.11 -36.82 -64.45
CAD KC2 ZI . -52.14 -35.41 -72.87
CBA KC2 ZI . -56.53 -36.98 -75.91
CBB KC2 ZI . -59.40 -40.63 -65.38
CBC KC2 ZI . -50.66 -36.71 -64.84
CBD KC2 ZI . -53.30 -36.07 -73.50
CED KC2 ZI . -54.10 -32.98 -75.36
CGA KC2 ZI . -55.75 -36.44 -77.04
CGD KC2 ZI . -54.21 -34.98 -73.91
CHA KC2 ZI . -53.93 -36.97 -72.52
CHB KC2 ZI . -57.71 -39.83 -70.93
CHC KC2 ZI . -56.02 -39.57 -66.21
CHD KC2 ZI . -52.34 -36.53 -67.68
CMA KC2 ZI . -58.21 -39.62 -73.79
CMB KC2 ZI . -59.70 -41.39 -69.13
CMC KC2 ZI . -54.55 -38.81 -63.70
CMD KC2 ZI . -50.52 -34.71 -69.53
NA KC2 ZI . -55.63 -38.40 -71.29
NC KC2 ZI . -54.49 -38.22 -67.39
O1A KC2 ZI . -55.95 -35.23 -77.34
O1D KC2 ZI . -54.71 -34.26 -73.06
O2A KC2 ZI . -54.92 -37.22 -77.59
O2D KC2 ZI . -53.94 -34.39 -75.19
OBD KC2 ZI . -51.51 -34.30 -73.04
MG KC2 ZI . -54.90 -38.25 -69.37
NB KC2 AJ . -55.26 -40.07 -78.39
ND KC2 AJ . -52.02 -37.70 -77.71
C1A KC2 AJ . -53.30 -36.86 -80.63
C1B KC2 AJ . -55.99 -40.09 -79.51
C1C KC2 AJ . -54.34 -40.63 -75.54
C1D KC2 AJ . -51.19 -37.56 -76.65
C2A KC2 AJ . -53.91 -36.48 -81.93
C2B KC2 AJ . -57.19 -40.95 -79.38
C2C KC2 AJ . -53.83 -40.81 -74.17
C2D KC2 AJ . -50.31 -36.39 -76.90
C3A KC2 AJ . -54.96 -37.51 -82.08
C3B KC2 AJ . -57.12 -41.44 -78.00
C3C KC2 AJ . -52.61 -39.98 -74.09
C3D KC2 AJ . -50.72 -35.85 -78.22
C4A KC2 AJ . -54.86 -38.36 -80.87
C4B KC2 AJ . -55.87 -40.83 -77.47
C4C KC2 AJ . -52.54 -39.41 -75.47
C4D KC2 AJ . -51.77 -36.68 -78.66
CAA KC2 AJ . -53.59 -35.38 -82.88
CAB KC2 AJ . -57.94 -42.35 -77.18
CAC KC2 AJ . -51.72 -39.85 -72.89
CAD KC2 AJ . -50.46 -34.78 -79.23
CBA KC2 AJ . -52.76 -35.40 -83.91
CBB KC2 AJ . -59.27 -42.26 -77.20
CBC KC2 AJ . -50.56 -40.81 -72.93
CBD KC2 AJ . -51.67 -34.79 -80.03
CED KC2 AJ . -53.57 -31.48 -79.58
CGA KC2 AJ . -52.44 -36.72 -84.47
CGD KC2 AJ . -52.63 -33.78 -79.46
CHA KC2 AJ . -52.20 -36.16 -79.98
CHB KC2 AJ . -55.82 -39.46 -80.80
CHC KC2 AJ . -55.54 -41.22 -76.10
CHD KC2 AJ . -51.33 -38.55 -75.56
CMA KC2 AJ . -55.97 -37.74 -83.17
CMB KC2 AJ . -58.25 -41.22 -80.42
CMC KC2 AJ . -54.49 -41.67 -73.11
CMD KC2 AJ . -49.27 -36.03 -75.87
NA KC2 AJ . -53.90 -38.03 -79.98
NC KC2 AJ . -53.65 -39.83 -76.35
O1A KC2 AJ . -51.23 -37.03 -84.58
O1D KC2 AJ . -53.37 -34.01 -78.52
O2A KC2 AJ . -53.34 -37.25 -85.18
O2D KC2 AJ . -52.67 -32.47 -80.09
OBD KC2 AJ . -49.53 -33.94 -78.87
MG KC2 AJ . -53.53 -38.99 -78.22
MG CLA BJ . -49.27 -31.71 -62.13
CHA CLA BJ . -47.93 -29.87 -64.74
CHB CLA BJ . -47.67 -34.48 -63.44
CHC CLA BJ . -49.30 -33.23 -59.05
CHD CLA BJ . -49.98 -28.62 -60.47
NA CLA BJ . -48.10 -32.10 -63.83
C1A CLA BJ . -47.64 -31.20 -64.79
C2A CLA BJ . -46.83 -31.91 -65.86
C3A CLA BJ . -47.31 -33.37 -65.67
C4A CLA BJ . -47.69 -33.35 -64.20
CMA CLA BJ . -48.51 -33.71 -66.51
CAA CLA BJ . -45.33 -31.85 -65.56
CBA CLA BJ . -44.49 -30.94 -66.45
CGA CLA BJ . -44.43 -29.52 -65.94
O1A CLA BJ . -44.30 -29.13 -64.78
O2A CLA BJ . -44.54 -28.59 -66.94
NB CLA BJ . -48.79 -33.55 -61.45
C1B CLA BJ . -48.01 -34.47 -62.09
C2B CLA BJ . -47.55 -35.53 -61.16
C3B CLA BJ . -48.00 -35.17 -59.93
C4B CLA BJ . -48.79 -33.92 -60.09
CMB CLA BJ . -46.68 -36.62 -61.56
CAB CLA BJ . -47.76 -35.77 -58.65
CBB CLA BJ . -46.80 -35.35 -57.82
NC CLA BJ . -49.70 -31.07 -60.18
C1C CLA BJ . -49.75 -31.89 -59.09
C2C CLA BJ . -50.16 -31.17 -57.89
C3C CLA BJ . -50.22 -29.82 -58.26
C4C CLA BJ . -49.97 -29.79 -59.70
CMC CLA BJ . -50.27 -31.81 -56.59
CAC CLA BJ . -50.55 -28.62 -57.44
CBC CLA BJ . -51.83 -28.62 -56.63
ND CLA BJ . -48.99 -29.72 -62.43
C1D CLA BJ . -49.50 -28.57 -61.75
C2D CLA BJ . -49.40 -27.39 -62.63
C3D CLA BJ . -48.80 -27.83 -63.81
C4D CLA BJ . -48.56 -29.28 -63.61
CMD CLA BJ . -49.85 -26.05 -62.25
CAD CLA BJ . -48.29 -27.48 -65.13
OBD CLA BJ . -48.24 -26.40 -65.70
CBD CLA BJ . -47.78 -28.79 -65.76
CGD CLA BJ . -48.67 -29.23 -66.90
O1D CLA BJ . -49.88 -29.41 -66.82
O2D CLA BJ . -48.03 -29.48 -68.08
CED CLA BJ . -47.96 -28.42 -69.04
C1 CLA BJ . -44.31 -27.18 -66.67
C2 CLA BJ . -42.86 -26.93 -66.52
C3 CLA BJ . -41.94 -27.02 -67.51
C4 CLA BJ . -40.50 -26.76 -67.26
C5 CLA BJ . -42.30 -27.38 -68.91
C6 CLA BJ . -41.57 -28.59 -69.42
C03 II0 CJ . -76.42 -37.60 -49.10
C04 II0 CJ . -60.66 -36.72 -68.80
C05 II0 CJ . -77.13 -38.12 -47.72
C06 II0 CJ . -60.38 -35.07 -68.86
C07 II0 CJ . -76.74 -39.39 -47.41
C08 II0 CJ . -61.20 -34.45 -69.77
C09 II0 CJ . -74.97 -37.78 -49.08
C10 II0 CJ . -62.04 -37.07 -68.50
C11 II0 CJ . -75.06 -39.50 -47.16
C12 II0 CJ . -62.80 -34.79 -69.40
C13 II0 CJ . -74.36 -39.02 -48.30
C14 II0 CJ . -63.16 -36.17 -69.19
C15 II0 CJ . -76.98 -38.46 -50.29
C16 II0 CJ . -76.69 -36.07 -49.38
C17 II0 CJ . -60.32 -37.32 -70.19
C18 II0 CJ . -59.73 -37.36 -67.72
C19 II0 CJ . -72.85 -39.09 -48.29
C20 II0 CJ . -64.65 -36.54 -69.02
C21 II0 CJ . -74.14 -37.15 -50.22
C22 II0 CJ . -62.39 -37.84 -67.18
C23 II0 CJ . -73.49 -36.74 -51.12
C24 II0 CJ . -62.69 -38.42 -66.19
C25 II0 CJ . -72.67 -36.35 -52.35
C26 II0 CJ . -63.18 -39.19 -64.93
C27 II0 CJ . -72.32 -34.89 -52.68
C28 II0 CJ . -62.95 -40.68 -64.81
C29 II0 CJ . -72.34 -37.40 -53.15
C30 II0 CJ . -63.81 -38.53 -63.93
C31 II0 CJ . -71.50 -37.10 -54.41
C32 II0 CJ . -64.33 -39.30 -62.68
C33 II0 CJ . -70.76 -38.08 -54.96
C34 II0 CJ . -65.35 -38.75 -62.02
C35 II0 CJ . -69.97 -37.68 -56.17
C36 II0 CJ . -66.02 -39.37 -60.79
C37 II0 CJ . -69.99 -36.21 -56.41
C38 II0 CJ . -65.93 -40.87 -60.53
C39 II0 CJ . -69.34 -38.60 -56.96
C40 II0 CJ . -66.70 -38.56 -59.94
C41 II0 CJ . -68.51 -38.23 -58.22
C42 II0 CJ . -67.46 -39.02 -58.65
O01 II0 CJ . -77.38 -39.78 -46.21
O02 II0 CJ . -60.98 -33.04 -69.71
C03 II0 DJ . -49.30 -47.46 -54.52
C04 II0 DJ . -62.43 -27.76 -58.70
C05 II0 DJ . -48.62 -48.42 -53.38
C06 II0 DJ . -62.88 -26.52 -59.71
C07 II0 DJ . -49.21 -48.13 -52.20
C08 II0 DJ . -63.21 -25.38 -59.04
C09 II0 DJ . -50.71 -47.06 -54.26
C10 II0 DJ . -61.77 -27.32 -57.48
C11 II0 DJ . -50.80 -48.70 -52.34
C12 II0 DJ . -61.96 -24.80 -58.12
C13 II0 DJ . -51.52 -47.73 -53.06
C14 II0 DJ . -61.20 -25.84 -57.44
C15 II0 DJ . -48.39 -46.18 -54.54
C16 II0 DJ . -49.24 -48.14 -55.95
C17 II0 DJ . -63.68 -28.58 -58.36
C18 II0 DJ . -61.42 -28.67 -59.48
C19 II0 DJ . -52.49 -46.88 -52.24
C20 II0 DJ . -59.71 -25.65 -57.12
C21 II0 DJ . -51.07 -45.64 -54.78
C22 II0 DJ . -61.01 -28.40 -56.64
C23 II0 DJ . -51.22 -44.54 -55.22
C24 II0 DJ . -60.48 -29.30 -56.04
C25 II0 DJ . -51.21 -43.13 -55.85
C26 II0 DJ . -59.84 -30.53 -55.36
C27 II0 DJ . -49.99 -42.21 -55.65
C28 II0 DJ . -60.57 -31.11 -54.18
C29 II0 DJ . -52.30 -42.79 -56.61
C30 II0 DJ . -58.69 -31.09 -55.76
C31 II0 DJ . -52.54 -41.39 -57.29
C32 II0 DJ . -58.15 -32.35 -54.99
C33 II0 DJ . -53.10 -40.60 -56.34
C34 II0 DJ . -58.33 -33.57 -55.53
C35 II0 DJ . -53.61 -39.18 -56.47
C36 II0 DJ . -57.85 -34.88 -54.88
C37 II0 DJ . -52.83 -38.11 -57.16
C38 II0 DJ . -58.28 -35.25 -53.46
C39 II0 DJ . -54.83 -38.95 -55.90
C40 II0 DJ . -57.04 -35.70 -55.60
C41 II0 DJ . -55.51 -37.57 -56.02
C42 II0 DJ . -56.48 -37.09 -55.17
O01 II0 DJ . -48.52 -48.76 -51.17
O02 II0 DJ . -63.55 -24.38 -60.00
C03 II0 EJ . -59.57 -47.57 -59.64
C04 II0 EJ . -44.25 -33.30 -72.80
C05 II0 EJ . -59.65 -47.96 -58.05
C06 II0 EJ . -45.63 -33.16 -73.74
C07 II0 EJ . -58.91 -49.06 -57.78
C08 II0 EJ . -46.71 -32.71 -73.03
C09 II0 EJ . -58.30 -47.79 -60.36
C10 II0 EJ . -44.38 -32.69 -71.49
C11 II0 EJ . -57.28 -48.75 -58.16
C12 II0 EJ . -46.40 -31.26 -72.27
C13 II0 EJ . -57.10 -48.47 -59.55
C14 II0 EJ . -45.17 -31.29 -71.49
C15 II0 EJ . -60.77 -48.26 -60.36
C16 II0 EJ . -59.71 -46.02 -59.75
C17 II0 EJ . -43.96 -34.81 -72.65
C18 II0 EJ . -43.04 -32.61 -73.54
C19 II0 EJ . -56.16 -49.29 -60.41
C20 II0 EJ . -44.97 -30.30 -70.32
C21 II0 EJ . -57.87 -46.88 -61.58
C22 II0 EJ . -44.53 -33.63 -70.26
C23 II0 EJ . -57.41 -46.17 -62.45
C24 II0 EJ . -44.71 -34.38 -69.32
C25 II0 EJ . -56.81 -45.25 -63.56
C26 II0 EJ . -45.04 -35.29 -68.11
C27 II0 EJ . -57.65 -44.44 -64.56
C28 II0 EJ . -44.14 -35.37 -66.90
C29 II0 EJ . -55.44 -45.19 -63.68
C30 II0 EJ . -46.17 -35.99 -68.21
C31 II0 EJ . -54.81 -44.26 -64.76
C32 II0 EJ . -46.72 -36.95 -67.11
C33 II0 EJ . -53.79 -43.43 -64.41
C34 II0 EJ . -47.69 -37.77 -67.53
C35 II0 EJ . -53.20 -42.49 -65.46
C36 II0 EJ . -48.37 -38.77 -66.60
C37 II0 EJ . -53.80 -42.42 -66.84
C38 II0 EJ . -47.78 -39.05 -65.23
C39 II0 EJ . -52.11 -41.76 -65.16
C40 II0 EJ . -49.51 -39.39 -67.01
C41 II0 EJ . -51.49 -40.81 -66.21
C42 II0 EJ . -50.20 -40.39 -66.02
O01 II0 EJ . -59.07 -49.39 -56.41
O02 II0 EJ . -47.82 -32.56 -73.92
C02 IHT FJ . -51.90 -48.44 -60.21
C03 IHT FJ . -53.52 -24.63 -59.65
C04 IHT FJ . -52.46 -49.97 -60.50
C05 IHT FJ . -52.97 -23.08 -59.42
C06 IHT FJ . -52.42 -50.32 -61.80
C07 IHT FJ . -52.33 -47.45 -61.18
C08 IHT FJ . -53.97 -22.19 -59.26
C09 IHT FJ . -53.29 -49.26 -62.75
C10 IHT FJ . -52.79 -47.92 -62.64
C11 IHT FJ . -54.49 -25.00 -58.61
C12 IHT FJ . -54.92 -22.56 -57.89
C13 IHT FJ . -52.41 -47.99 -58.80
C14 IHT FJ . -50.30 -48.49 -60.18
C15 IHT FJ . -55.48 -23.86 -58.02
C16 IHT FJ . -54.17 -24.77 -61.01
C17 IHT FJ . -52.35 -25.60 -59.56
C18 IHT FJ . -52.40 -45.96 -60.81
C19 IHT FJ . -52.23 -47.22 -63.87
C20 IHT FJ . -57.00 -23.96 -58.22
C21 IHT FJ . -54.87 -26.50 -58.49
C22 IHT FJ . -51.37 -45.14 -61.05
C23 IHT FJ . -51.52 -43.61 -60.64
C24 IHT FJ . -55.13 -27.70 -58.45
C25 IHT FJ . -50.40 -42.93 -59.78
C26 IHT FJ . -55.43 -29.22 -58.43
C27 IHT FJ . -52.62 -42.93 -61.06
C28 IHT FJ . -56.84 -29.73 -58.26
C29 IHT FJ . -54.38 -30.07 -58.57
C30 IHT FJ . -52.91 -41.42 -60.74
C31 IHT FJ . -54.55 -31.60 -58.58
C32 IHT FJ . -52.18 -40.42 -61.26
C33 IHT FJ . -52.53 -38.98 -60.91
C34 IHT FJ . -53.47 -32.31 -58.92
C35 IHT FJ . -53.45 -33.89 -58.99
C36 IHT FJ . -53.93 -38.67 -60.37
C37 IHT FJ . -51.60 -38.00 -61.11
C38 IHT FJ . -52.35 -34.47 -59.50
C39 IHT FJ . -54.65 -34.72 -58.48
C40 IHT FJ . -51.83 -36.50 -60.82
C41 IHT FJ . -52.17 -36.01 -59.64
O01 IHT FJ . -53.41 -20.89 -59.09
C03 II0 GJ . -76.48 -12.92 -55.24
C04 II0 GJ . -63.39 -31.36 -45.91
C05 II0 GJ . -76.88 -11.32 -55.35
C06 II0 GJ . -63.35 -32.57 -44.76
C07 II0 GJ . -76.69 -10.61 -54.21
C08 II0 GJ . -64.40 -33.47 -44.78
C09 II0 GJ . -75.69 -13.26 -54.05
C10 II0 GJ . -64.05 -31.70 -47.17
C11 II0 GJ . -75.13 -10.79 -53.54
C12 II0 GJ . -64.74 -34.04 -46.31
C13 II0 GJ . -74.64 -12.12 -53.65
C14 II0 GJ . -65.08 -32.91 -47.15
C15 II0 GJ . -77.70 -13.91 -55.36
C16 II0 GJ . -75.48 -13.18 -56.42
C17 II0 GJ . -64.16 -30.19 -45.28
C18 II0 GJ . -61.92 -30.92 -46.20
C19 II0 GJ . -73.14 -12.40 -53.71
C20 II0 GJ . -66.50 -32.74 -47.71
C21 II0 GJ . -75.37 -14.76 -53.79
C22 II0 GJ . -64.18 -30.66 -48.32
C23 II0 GJ . -75.10 -15.91 -53.54
C24 II0 GJ . -64.39 -29.84 -49.18
C25 II0 GJ . -74.78 -17.35 -53.05
C26 II0 GJ . -64.80 -28.70 -50.13
C27 II0 GJ . -75.69 -18.05 -52.03
C28 II0 GJ . -63.80 -27.76 -50.78
C29 II0 GJ . -73.68 -18.04 -53.52
C30 II0 GJ . -66.11 -28.59 -50.34
C31 II0 GJ . -73.40 -19.46 -52.94
C32 II0 GJ . -66.70 -27.48 -51.26
C33 II0 GJ . -73.53 -20.65 -53.58
C34 II0 GJ . -68.02 -27.23 -51.21
C35 II0 GJ . -73.15 -21.87 -52.75
C36 II0 GJ . -68.55 -26.11 -52.08
C37 II0 GJ . -74.11 -22.48 -51.75
C38 II0 GJ . -67.83 -25.80 -53.39
C39 II0 GJ . -71.92 -22.42 -52.95
C40 II0 GJ . -69.60 -25.38 -51.66
C41 II0 GJ . -71.37 -23.63 -52.16
C42 II0 GJ . -70.16 -24.18 -52.51
O01 II0 GJ . -76.86 -9.23 -54.51
O02 II0 GJ . -64.05 -34.56 -43.93
O1 LHG HJ . -60.93 -58.57 -61.84
C1 LHG HJ . -61.48 -57.26 -61.63
C2 LHG HJ . -62.58 -57.32 -60.60
O2 LHG HJ . -63.69 -58.05 -61.13
C3 LHG HJ . -63.03 -55.92 -60.20
O3 LHG HJ . -61.89 -55.15 -59.81
P LHG HJ . -61.82 -53.56 -60.03
O4 LHG HJ . -61.34 -52.98 -58.71
O5 LHG HJ . -63.12 -53.06 -60.68
O6 LHG HJ . -60.54 -53.44 -61.01
C4 LHG HJ . -60.22 -52.24 -61.69
C5 LHG HJ . -58.87 -52.27 -62.41
C6 LHG HJ . -58.60 -50.86 -62.87
O7 LHG HJ . -57.82 -52.64 -61.53
C7 LHG HJ . -56.55 -52.90 -62.24
O9 LHG HJ . -55.63 -52.11 -62.09
C8 LHG HJ . -56.42 -54.12 -63.12
C9 LHG HJ . -55.02 -54.74 -63.07
C10 LHG HJ . -54.02 -54.09 -64.02
O8 LHG HJ . -59.18 -50.68 -64.16
C23 LHG HJ . -58.37 -50.09 -65.21
O10 LHG HJ . -58.02 -50.79 -66.15
C24 LHG HJ . -57.99 -48.63 -65.12
C11 LHG HJ . -52.68 -54.81 -63.96
C12 LHG HJ . -52.86 -56.30 -64.24
C13 LHG HJ . -51.55 -56.98 -64.64
C14 LHG HJ . -51.79 -58.43 -65.01
C25 LHG HJ . -56.99 -48.26 -66.19
C26 LHG HJ . -55.59 -48.72 -65.81
C27 LHG HJ . -54.66 -48.62 -67.01
C28 LHG HJ . -53.33 -49.32 -66.72
C29 LHG HJ . -53.55 -50.70 -66.12
C30 LHG HJ . -52.27 -51.53 -66.15
C31 LHG HJ . -51.10 -50.76 -65.56
C32 LHG HJ . -49.83 -51.61 -65.62
C33 LHG HJ . -48.62 -50.82 -65.17
C34 LHG HJ . -48.83 -50.29 -63.77
C03 II0 IJ . -80.25 -22.65 -30.18
C04 II0 IJ . -67.91 -10.60 -46.96
C05 II0 IJ . -79.75 -23.17 -28.69
C06 II0 IJ . -67.64 -9.28 -47.93
C07 II0 IJ . -79.58 -24.52 -28.71
C08 II0 IJ . -66.66 -8.46 -47.43
C09 II0 IJ . -79.38 -23.17 -31.27
C10 II0 IJ . -66.70 -11.36 -46.68
C11 II0 IJ . -78.32 -24.98 -29.76
C12 II0 IJ . -65.21 -9.25 -47.23
C13 II0 IJ . -78.15 -24.12 -30.88
C14 II0 IJ . -65.33 -10.53 -46.54
C15 II0 IJ . -81.71 -23.18 -30.39
C16 II0 IJ . -80.26 -21.08 -30.21
C17 II0 IJ . -68.91 -11.55 -47.66
C18 II0 IJ . -68.56 -10.13 -45.60
C19 II0 IJ . -77.11 -24.45 -31.94
C20 II0 IJ . -64.08 -11.24 -46.02
C21 II0 IJ . -79.32 -22.40 -32.63
C22 II0 IJ . -66.88 -12.62 -45.78
C23 II0 IJ . -79.21 -21.80 -33.68
C24 II0 IJ . -67.09 -13.54 -45.03
C25 II0 IJ . -78.98 -21.01 -34.99
C26 II0 IJ . -67.48 -14.61 -43.98
C27 II0 IJ . -80.06 -20.10 -35.58
C28 II0 IJ . -66.62 -15.85 -43.76
C29 II0 IJ . -77.76 -21.17 -35.63
C30 II0 IJ . -68.60 -14.39 -43.31
C31 II0 IJ . -77.41 -20.41 -36.94
C32 II0 IJ . -69.19 -15.31 -42.19
C33 II0 IJ . -76.41 -19.49 -36.84
C34 II0 IJ . -70.49 -15.62 -42.20
C35 II0 IJ . -75.95 -18.66 -38.03
C36 II0 IJ . -70.99 -16.50 -41.06
C37 II0 IJ . -76.95 -18.11 -39.01
C38 II0 IJ . -70.01 -17.02 -40.01
C39 II0 IJ . -74.61 -18.44 -38.19
C40 II0 IJ . -72.31 -16.78 -40.95
C41 II0 IJ . -74.11 -17.61 -39.39
C42 II0 IJ . -72.79 -17.65 -39.74
O01 II0 IJ . -79.28 -24.95 -27.39
O02 II0 IJ . -66.47 -7.38 -48.34
MG CLA JJ . 12.57 47.22 58.64
CHA CLA JJ . 15.40 47.12 60.61
CHB CLA JJ . 10.67 47.85 61.43
CHC CLA JJ . 9.71 46.82 56.79
CHD CLA JJ . 14.47 45.95 55.92
NA CLA JJ . 12.98 47.42 60.68
C1A CLA JJ . 14.24 47.37 61.30
C2A CLA JJ . 14.11 47.59 62.80
C3A CLA JJ . 12.61 47.88 63.02
C4A CLA JJ . 12.02 47.70 61.62
CMA CLA JJ . 11.99 46.94 64.02
CAA CLA JJ . 14.92 48.77 63.27
CBA CLA JJ . 14.20 50.05 62.94
CGA CLA JJ . 15.04 50.86 62.01
O1A CLA JJ . 15.51 50.53 60.92
O2A CLA JJ . 15.30 52.11 62.49
NB CLA JJ . 10.59 47.29 59.04
C1B CLA JJ . 10.02 47.70 60.20
C2B CLA JJ . 8.58 47.98 59.99
C3B CLA JJ . 8.30 47.70 58.69
C4B CLA JJ . 9.57 47.24 58.07
CMB CLA JJ . 7.68 48.43 61.06
CAB CLA JJ . 7.05 47.73 57.97
CBB CLA JJ . 6.83 48.45 56.87
NC CLA JJ . 12.17 46.51 56.71
C1C CLA JJ . 10.94 46.46 56.15
C2C CLA JJ . 11.01 46.00 54.78
C3C CLA JJ . 12.35 45.71 54.53
C4C CLA JJ . 13.07 46.04 55.75
CMC CLA JJ . 9.85 45.87 53.89
CAC CLA JJ . 12.95 45.22 53.28
CBC CLA JJ . 12.51 43.82 52.92
ND CLA JJ . 14.45 46.57 58.30
C1D CLA JJ . 15.12 46.20 57.11
C2D CLA JJ . 16.57 46.13 57.38
C3D CLA JJ . 16.74 46.50 58.69
C4D CLA JJ . 15.38 46.76 59.23
CMD CLA JJ . 17.57 45.75 56.39
CAD CLA JJ . 17.68 46.67 59.77
OBD CLA JJ . 18.88 46.49 59.79
CBD CLA JJ . 16.86 47.15 61.02
CGD CLA JJ . 17.15 46.33 62.23
O1D CLA JJ . 17.93 46.61 63.16
O2D CLA JJ . 16.46 45.16 62.31
CED CLA JJ . 16.15 44.67 63.62
C1 CLA JJ . 14.88 52.37 63.85
C2 CLA JJ . 14.19 53.69 63.86
MG CLA KJ . 23.96 40.42 53.58
CHA CLA KJ . 22.12 38.73 55.95
CHB CLA KJ . 24.84 37.42 52.19
CHC CLA KJ . 25.19 42.07 50.85
CHD CLA KJ . 22.47 43.44 54.70
NA CLA KJ . 23.53 38.41 54.01
C1A CLA KJ . 22.74 37.92 55.05
C2A CLA KJ . 22.69 36.40 55.05
C3A CLA KJ . 23.81 36.06 54.04
C4A CLA KJ . 24.07 37.37 53.33
CMA CLA KJ . 25.04 35.64 54.79
CAA CLA KJ . 21.33 35.88 54.61
CBA CLA KJ . 21.34 35.15 53.28
CGA CLA KJ . 20.88 36.10 52.24
O1A CLA KJ . 20.42 37.22 52.46
O2A CLA KJ . 20.93 35.63 50.97
NB CLA KJ . 24.83 39.85 51.85
C1B CLA KJ . 25.17 38.58 51.49
C2B CLA KJ . 25.99 38.61 50.26
C3B CLA KJ . 26.09 39.92 49.88
C4B CLA KJ . 25.35 40.73 50.88
CMB CLA KJ . 26.51 37.41 49.61
CAB CLA KJ . 26.72 40.53 48.76
CBB CLA KJ . 26.30 40.34 47.52
NC CLA KJ . 23.89 42.40 52.93
C1C CLA KJ . 24.52 42.87 51.81
C2C CLA KJ . 24.33 44.31 51.72
C3C CLA KJ . 23.49 44.68 52.76
C4C CLA KJ . 23.23 43.48 53.52
CMC CLA KJ . 24.88 45.17 50.67
CAC CLA KJ . 22.98 46.01 53.06
CBC CLA KJ . 21.78 46.32 52.20
ND CLA KJ . 22.63 41.01 54.97
C1D CLA KJ . 22.17 42.29 55.38
C2D CLA KJ . 21.40 42.12 56.64
C3D CLA KJ . 21.42 40.79 56.93
C4D CLA KJ . 22.14 40.14 55.84
CMD CLA KJ . 20.81 43.19 57.42
CAD CLA KJ . 20.98 39.77 57.84
OBD CLA KJ . 20.41 39.87 58.92
CBD CLA KJ . 21.37 38.41 57.22
CGD CLA KJ . 22.19 37.59 58.18
O1D CLA KJ . 21.95 36.46 58.59
O2D CLA KJ . 23.33 38.17 58.61
CED CLA KJ . 24.41 37.30 58.91
C1 CLA KJ . 21.98 36.01 50.03
C2 CLA KJ . 22.01 37.49 49.89
C3 CLA KJ . 22.46 38.18 48.83
C4 CLA KJ . 22.43 39.66 48.87
C5 CLA KJ . 22.96 37.53 47.59
C6 CLA KJ . 22.59 38.34 46.34
C7 CLA KJ . 21.18 38.05 45.87
C8 CLA KJ . 20.60 39.15 44.99
C9 CLA KJ . 21.16 39.08 43.58
C10 CLA KJ . 20.85 40.51 45.66
C11 CLA KJ . 20.64 41.69 44.74
C12 CLA KJ . 19.40 42.45 45.13
C13 CLA KJ . 19.59 43.95 45.13
C14 CLA KJ . 18.56 44.58 46.05
C15 CLA KJ . 19.53 44.49 43.70
C16 CLA KJ . 18.21 45.17 43.42
C17 CLA KJ . 17.89 45.39 41.96
C18 CLA KJ . 16.63 46.25 41.81
C19 CLA KJ . 15.62 46.00 42.91
C20 CLA KJ . 17.03 47.70 41.83
MG CLA LJ . 29.30 39.59 43.38
CHA CLA LJ . 29.42 36.13 43.62
CHB CLA LJ . 26.01 39.52 44.26
CHC CLA LJ . 29.01 42.93 42.54
CHD CLA LJ . 32.46 39.53 41.81
NA CLA LJ . 27.97 38.07 43.92
C1A CLA LJ . 28.23 36.70 44.00
C2A CLA LJ . 26.99 35.97 44.48
C3A CLA LJ . 25.95 37.07 44.71
C4A CLA LJ . 26.69 38.33 44.29
CMA CLA LJ . 24.77 36.86 43.80
CAA CLA LJ . 27.29 35.38 45.85
CBA CLA LJ . 26.15 34.59 46.45
CGA CLA LJ . 25.98 33.34 45.67
O1A CLA LJ . 26.75 32.38 45.63
O2A CLA LJ . 24.82 33.32 44.97
NB CLA LJ . 27.84 40.97 43.50
C1B CLA LJ . 26.55 40.73 43.85
C2B CLA LJ . 25.73 41.95 43.66
C3B CLA LJ . 26.58 42.92 43.19
C4B CLA LJ . 27.92 42.30 43.06
CMB CLA LJ . 24.29 41.98 43.95
CAB CLA LJ . 26.35 44.27 42.75
CBB CLA LJ . 25.38 44.63 41.90
NC CLA LJ . 30.53 40.97 42.40
C1C CLA LJ . 30.23 42.30 42.23
C2C CLA LJ . 31.34 42.98 41.60
C3C CLA LJ . 32.30 42.01 41.34
C4C CLA LJ . 31.80 40.76 41.87
CMC CLA LJ . 31.36 44.40 41.26
CAC CLA LJ . 33.62 42.24 40.73
CBC CLA LJ . 34.74 42.12 41.73
ND CLA LJ . 30.63 38.21 42.75
C1D CLA LJ . 31.93 38.33 42.20
C2D CLA LJ . 32.56 37.00 42.13
C3D CLA LJ . 31.63 36.12 42.65
C4D CLA LJ . 30.46 36.92 43.03
CMD CLA LJ . 33.88 36.73 41.58
CAD CLA LJ . 31.34 34.73 42.93
OBD CLA LJ . 32.01 33.75 42.70
CBD CLA LJ . 29.94 34.71 43.61
CGD CLA LJ . 29.02 33.69 42.98
O1D CLA LJ . 28.89 32.51 43.28
O2D CLA LJ . 28.28 34.15 41.93
CED CLA LJ . 27.29 33.28 41.38
C1 CLA LJ . 23.98 32.16 45.11
C2 CLA LJ . 22.77 32.39 44.28
C3 CLA LJ . 21.78 33.25 44.64
C4 CLA LJ . 21.81 34.05 45.88
C5 CLA LJ . 20.57 33.44 43.79
C6 CLA LJ . 20.43 34.87 43.30
MG CLA MJ . 43.31 52.64 44.33
CHA CLA MJ . 45.60 54.20 42.26
CHB CLA MJ . 42.77 50.30 41.89
CHC CLA MJ . 41.92 50.47 46.60
CHD CLA MJ . 44.64 54.53 47.04
NA CLA MJ . 44.08 52.32 42.41
C1A CLA MJ . 45.02 53.08 41.72
C2A CLA MJ . 45.30 52.50 40.35
C3A CLA MJ . 44.29 51.36 40.23
C4A CLA MJ . 43.67 51.29 41.62
CMA CLA MJ . 43.24 51.59 39.19
CAA CLA MJ . 46.72 51.96 40.24
CBA CLA MJ . 47.11 50.95 41.30
CGA CLA MJ . 47.80 51.62 42.45
O1A CLA MJ . 48.86 52.25 42.47
O2A CLA MJ . 47.10 51.48 43.59
NB CLA MJ . 42.52 50.77 44.26
C1B CLA MJ . 42.17 50.13 43.13
C2B CLA MJ . 41.13 49.09 43.38
C3B CLA MJ . 40.87 49.14 44.72
C4B CLA MJ . 41.78 50.17 45.29
CMB CLA MJ . 40.64 48.24 42.30
CAB CLA MJ . 40.03 48.36 45.59
CBB CLA MJ . 39.12 47.42 45.27
NC CLA MJ . 43.27 52.54 46.41
C1C CLA MJ . 42.63 51.57 47.12
C2C CLA MJ . 42.81 51.78 48.53
C3C CLA MJ . 43.59 52.93 48.68
C4C CLA MJ . 43.87 53.40 47.33
CMC CLA MJ . 42.27 50.88 49.55
CAC CLA MJ . 44.09 53.50 49.93
CBC CLA MJ . 43.09 54.27 50.74
ND CLA MJ . 44.75 54.02 44.65
C1D CLA MJ . 45.06 54.85 45.77
C2D CLA MJ . 45.89 55.98 45.33
C3D CLA MJ . 46.13 55.78 43.99
C4D CLA MJ . 45.42 54.54 43.63
CMD CLA MJ . 46.37 57.07 46.18
CAD CLA MJ . 46.79 56.25 42.81
OBD CLA MJ . 47.52 57.22 42.67
CBD CLA MJ . 46.46 55.27 41.67
CGD CLA MJ . 45.68 56.00 40.62
O1D CLA MJ . 45.57 55.72 39.43
O2D CLA MJ . 45.06 57.12 41.08
CED CLA MJ . 44.12 57.78 40.24
C1 CLA MJ . 47.76 51.83 44.81
C2 CLA MJ . 46.83 51.37 45.87
C3 CLA MJ . 47.22 51.05 47.11
C4 CLA MJ . 48.63 51.13 47.56
C5 CLA MJ . 46.22 50.57 48.10
C6 CLA MJ . 46.47 49.15 48.55
C7 CLA MJ . 45.58 48.83 49.73
C8 CLA MJ . 45.77 47.42 50.28
C9 CLA MJ . 45.51 46.35 49.24
C10 CLA MJ . 44.84 47.24 51.46
C11 CLA MJ . 45.17 46.02 52.29
C12 CLA MJ . 46.52 46.11 52.96
C13 CLA MJ . 46.62 45.03 54.03
C14 CLA MJ . 47.57 45.46 55.13
C15 CLA MJ . 47.03 43.69 53.42
C16 CLA MJ . 46.11 42.57 53.86
C17 CLA MJ . 46.56 41.22 53.33
C18 CLA MJ . 45.48 40.14 53.47
C19 CLA MJ . 44.45 40.25 52.37
C20 CLA MJ . 46.09 38.75 53.43
MG CLA NJ . 55.41 56.36 40.90
CHA CLA NJ . 58.21 58.02 39.81
CHB CLA NJ . 54.55 55.72 37.63
CHC CLA NJ . 52.99 54.15 41.97
CHD CLA NJ . 56.68 56.48 44.20
NA CLA NJ . 56.26 56.80 39.03
C1A CLA NJ . 57.43 57.53 38.79
C2A CLA NJ . 57.71 57.68 37.30
C3A CLA NJ . 56.50 56.99 36.63
C4A CLA NJ . 55.70 56.46 37.83
CMA CLA NJ . 55.72 57.90 35.73
CAA CLA NJ . 59.03 57.05 36.88
CBA CLA NJ . 59.88 57.99 36.05
CGA CLA NJ . 61.33 57.64 36.18
O1A CLA NJ . 62.30 58.17 35.64
O2A CLA NJ . 61.56 56.64 37.08
NB CLA NJ . 54.05 55.20 39.99
C1B CLA NJ . 53.78 55.14 38.66
C2B CLA NJ . 52.53 54.38 38.42
C3B CLA NJ . 52.10 53.93 39.63
C4B CLA NJ . 53.06 54.43 40.64
CMB CLA NJ . 52.00 54.13 37.08
CAB CLA NJ . 51.00 53.09 40.02
CBB CLA NJ . 50.72 51.89 39.51
NC CLA NJ . 54.95 55.47 42.73
C1C CLA NJ . 53.90 54.63 42.96
C2C CLA NJ . 53.82 54.26 44.36
C3C CLA NJ . 54.88 54.89 44.99
C4C CLA NJ . 55.56 55.67 43.97
CMC CLA NJ . 52.85 53.35 44.95
CAC CLA NJ . 55.24 54.82 46.40
CBC CLA NJ . 54.58 55.92 47.19
ND CLA NJ . 57.10 56.93 41.83
C1D CLA NJ . 57.41 57.09 43.21
C2D CLA NJ . 58.61 57.93 43.35
C3D CLA NJ . 58.97 58.30 42.07
C4D CLA NJ . 57.99 57.67 41.17
CMD CLA NJ . 59.26 58.27 44.61
CAD CLA NJ . 59.93 58.99 41.25
OBD CLA NJ . 61.01 59.49 41.55
CBD CLA NJ . 59.40 58.94 39.79
CGD CLA NJ . 58.93 60.29 39.29
O1D CLA NJ . 59.25 60.86 38.24
O2D CLA NJ . 58.03 60.90 40.11
CED CLA NJ . 58.38 62.16 40.69
MG CLA OJ . 54.35 43.90 40.98
CHA CLA OJ . 54.67 46.66 38.94
CHB CLA OJ . 57.47 42.89 40.06
CHC CLA OJ . 54.64 42.04 43.89
CHD CLA OJ . 51.47 45.43 42.42
NA CLA OJ . 55.78 44.64 39.67
C1A CLA OJ . 55.74 45.81 38.92
C2A CLA OJ . 56.97 45.91 38.04
C3A CLA OJ . 57.50 44.46 38.08
C4A CLA OJ . 56.93 43.95 39.38
CMA CLA OJ . 56.89 43.67 36.96
CAA CLA OJ . 57.98 46.94 38.51
CBA CLA OJ . 58.81 47.37 37.33
CGA CLA OJ . 59.94 48.22 37.80
O1A CLA OJ . 60.53 49.14 37.21
O2A CLA OJ . 60.36 47.87 39.04
NB CLA OJ . 55.74 42.64 41.76
C1B CLA OJ . 56.96 42.37 41.26
C2B CLA OJ . 57.68 41.43 42.13
C3B CLA OJ . 56.88 41.19 43.22
C4B CLA OJ . 55.64 41.97 43.00
CMB CLA OJ . 59.03 40.95 41.89
CAB CLA OJ . 57.15 40.42 44.40
CBB CLA OJ . 56.47 39.36 44.85
NC CLA OJ . 53.24 43.73 42.76
C1C CLA OJ . 53.49 42.86 43.77
C2C CLA OJ . 52.49 42.95 44.80
C3C CLA OJ . 51.61 43.95 44.42
C4C CLA OJ . 52.08 44.41 43.13
CMC CLA OJ . 52.47 42.16 46.02
CAC CLA OJ . 50.42 44.39 45.17
CBC CLA OJ . 49.19 43.65 44.76
ND CLA OJ . 53.31 45.62 40.83
C1D CLA OJ . 52.05 46.03 41.34
C2D CLA OJ . 51.52 47.14 40.56
C3D CLA OJ . 52.50 47.46 39.65
C4D CLA OJ . 53.59 46.49 39.85
CMD CLA OJ . 50.21 47.74 40.83
CAD CLA OJ . 52.90 48.30 38.54
OBD CLA OJ . 52.30 49.21 38.00
CBD CLA OJ . 54.31 47.84 38.08
CGD CLA OJ . 54.35 47.49 36.62
O1D CLA OJ . 54.69 48.21 35.68
O2D CLA OJ . 53.96 46.22 36.35
CED CLA OJ . 54.26 45.72 35.04
C1 CLA OJ . 61.31 48.75 39.69
C2 CLA OJ . 60.57 49.66 40.58
C3 CLA OJ . 60.90 49.83 41.87
C4 CLA OJ . 62.05 49.12 42.49
C5 CLA OJ . 60.14 50.75 42.76
C6 CLA OJ . 59.45 49.99 43.88
MG CLA PJ . 38.84 44.74 34.69
CHA CLA PJ . 39.88 43.41 31.66
CHB CLA PJ . 35.62 44.69 33.46
CHC CLA PJ . 37.56 44.99 37.88
CHD CLA PJ . 41.90 43.58 36.12
NA CLA PJ . 37.95 44.24 32.86
C1A CLA PJ . 38.55 43.71 31.71
C2A CLA PJ . 37.53 43.48 30.60
C3A CLA PJ . 36.31 44.26 31.10
C4A CLA PJ . 36.63 44.41 32.59
CMA CLA PJ . 36.19 45.55 30.36
CAA CLA PJ . 37.18 42.02 30.42
CBA CLA PJ . 35.75 41.63 30.79
CGA CLA PJ . 35.86 40.47 31.72
O1A CLA PJ . 36.67 39.57 31.59
O2A CLA PJ . 34.97 40.47 32.77
NB CLA PJ . 36.99 44.90 35.49
C1B CLA PJ . 35.81 44.86 34.83
C2B CLA PJ . 34.68 45.07 35.76
C3B CLA PJ . 35.21 45.16 37.01
C4B CLA PJ . 36.69 45.06 36.86
CMB CLA PJ . 33.28 45.06 35.34
CAB CLA PJ . 34.55 45.26 38.28
CBB CLA PJ . 34.72 46.22 39.19
NC CLA PJ . 39.61 44.45 36.60
C1C CLA PJ . 38.94 44.69 37.76
C2C CLA PJ . 39.78 44.49 38.92
C3C CLA PJ . 40.95 43.94 38.42
C4C CLA PJ . 40.86 43.96 36.98
CMC CLA PJ . 39.33 44.68 40.30
CAC CLA PJ . 42.13 43.51 39.16
CBC CLA PJ . 42.88 44.69 39.67
ND CLA PJ . 40.52 43.80 34.10
C1D CLA PJ . 41.73 43.49 34.76
C2D CLA PJ . 42.74 43.09 33.77
C3D CLA PJ . 42.08 43.10 32.57
C4D CLA PJ . 40.70 43.49 32.83
CMD CLA PJ . 44.12 42.79 34.09
CAD CLA PJ . 42.21 42.89 31.15
OBD CLA PJ . 43.21 42.68 30.49
CBD CLA PJ . 40.79 43.00 30.54
CGD CLA PJ . 40.82 44.00 29.41
O1D CLA PJ . 40.88 43.76 28.21
O2D CLA PJ . 40.80 45.29 29.79
CED CLA PJ . 40.16 46.22 28.90
C1 CLA PJ . 34.18 39.31 33.11
C2 CLA PJ . 35.07 38.25 33.68
C3 CLA PJ . 34.70 37.17 34.39
C4 CLA PJ . 35.72 36.21 34.86
C5 CLA PJ . 33.29 36.90 34.76
C6 CLA PJ . 33.23 36.46 36.20
C7 CLA PJ . 31.83 36.53 36.77
C8 CLA PJ . 31.81 36.12 38.24
C9 CLA PJ . 32.74 34.96 38.50
C10 CLA PJ . 30.43 35.68 38.66
C11 CLA PJ . 29.36 36.69 38.31
C12 CLA PJ . 29.38 37.89 39.23
C13 CLA PJ . 28.15 38.00 40.13
C14 CLA PJ . 27.22 36.80 40.05
C15 CLA PJ . 27.42 39.35 39.97
C16 CLA PJ . 25.93 39.20 40.20
C17 CLA PJ . 25.05 40.40 39.98
C18 CLA PJ . 23.65 40.19 40.57
C19 CLA PJ . 22.67 41.14 39.95
C20 CLA PJ . 23.13 38.79 40.32
MG CLA QJ . 37.59 34.69 44.15
CHA CLA QJ . 34.46 33.99 45.45
CHB CLA QJ . 38.10 31.32 43.76
CHC CLA QJ . 40.15 35.34 41.95
CHD CLA QJ . 36.62 38.09 43.95
NA CLA QJ . 36.49 32.97 44.60
C1A CLA QJ . 35.20 32.89 45.13
C2A CLA QJ . 34.78 31.43 45.29
C3A CLA QJ . 36.11 30.68 45.11
C4A CLA QJ . 36.96 31.71 44.42
CMA CLA QJ . 36.70 30.35 46.45
CAA CLA QJ . 33.81 31.06 44.18
CBA CLA QJ . 33.25 29.67 44.34
CGA CLA QJ . 32.01 29.57 43.52
O1A CLA QJ . 31.04 30.32 43.52
O2A CLA QJ . 31.98 28.47 42.71
NB CLA QJ . 38.82 33.56 43.02
C1B CLA QJ . 38.96 32.21 43.11
C2B CLA QJ . 40.17 31.76 42.40
C3B CLA QJ . 40.76 32.89 41.88
C4B CLA QJ . 39.92 34.04 42.27
CMB CLA QJ . 40.51 30.34 42.37
CAB CLA QJ . 41.95 33.12 41.09
CBB CLA QJ . 42.81 32.24 40.60
NC CLA QJ . 38.32 36.42 43.23
C1C CLA QJ . 39.42 36.47 42.43
C2C CLA QJ . 39.66 37.85 42.02
C3C CLA QJ . 38.60 38.61 42.51
C4C CLA QJ . 37.78 37.71 43.28
CMC CLA QJ . 40.76 38.30 41.17
CAC CLA QJ . 38.37 40.05 42.38
CBC CLA QJ . 39.07 40.83 43.46
ND CLA QJ . 36.05 35.85 44.75
C1D CLA QJ . 35.80 37.23 44.64
C2D CLA QJ . 34.54 37.55 45.32
C3D CLA QJ . 33.99 36.34 45.68
C4D CLA QJ . 34.95 35.31 45.24
CMD CLA QJ . 34.00 38.89 45.50
CAD CLA QJ . 32.89 35.67 46.33
OBD CLA QJ . 31.97 36.14 46.99
CBD CLA QJ . 33.07 34.14 46.05
CGD CLA QJ . 32.80 33.29 47.25
O1D CLA QJ . 31.80 32.59 47.46
O2D CLA QJ . 33.77 33.29 48.19
CED CLA QJ . 33.46 32.62 49.42
C1 CLA QJ . 31.22 28.62 41.51
C2 CLA QJ . 32.15 28.93 40.40
C3 CLA QJ . 32.26 30.14 39.85
C4 CLA QJ . 31.44 31.29 40.33
C5 CLA QJ . 33.21 30.39 38.73
C6 CLA QJ . 34.20 31.48 39.07
C7 CLA QJ . 35.16 31.08 40.16
C8 CLA QJ . 36.00 32.27 40.59
C9 CLA QJ . 35.17 33.13 41.51
C10 CLA QJ . 36.42 33.11 39.40
C11 CLA QJ . 36.81 34.52 39.78
C12 CLA QJ . 37.23 35.23 38.54
C13 CLA QJ . 37.96 36.52 38.88
C14 CLA QJ . 36.96 37.65 38.78
C15 CLA QJ . 39.15 36.75 37.97
C16 CLA QJ . 39.81 35.43 37.60
C17 CLA QJ . 41.06 35.54 36.76
C18 CLA QJ . 40.78 35.90 35.31
C19 CLA QJ . 41.96 35.58 34.42
C20 CLA QJ . 39.55 35.22 34.75
MG CLA RJ . 38.83 42.59 58.80
CHA CLA RJ . 40.15 39.92 60.58
CHB CLA RJ . 37.77 43.96 61.76
CHC CLA RJ . 38.37 45.63 57.23
CHD CLA RJ . 40.77 41.55 56.02
NA CLA RJ . 38.90 41.99 60.80
C1A CLA RJ . 39.50 40.84 61.33
C2A CLA RJ . 39.27 40.77 62.85
C3A CLA RJ . 38.24 41.89 63.09
C4A CLA RJ . 38.30 42.70 61.80
CMA CLA RJ . 36.89 41.31 63.31
CAA CLA RJ . 40.54 40.89 63.69
CBA CLA RJ . 41.42 42.07 63.40
CGA CLA RJ . 40.91 43.32 64.02
O1A CLA RJ . 40.51 43.52 65.17
O2A CLA RJ . 40.92 44.37 63.14
NB CLA RJ . 38.20 44.42 59.38
C1B CLA RJ . 37.78 44.77 60.62
C2B CLA RJ . 37.26 46.17 60.61
C3B CLA RJ . 37.43 46.64 59.33
C4B CLA RJ . 38.02 45.53 58.54
CMB CLA RJ . 36.75 46.80 61.82
CAB CLA RJ . 37.16 47.92 58.73
CBB CLA RJ . 36.14 48.74 58.98
NC CLA RJ . 39.37 43.39 56.94
C1C CLA RJ . 39.00 44.61 56.48
C2C CLA RJ . 39.42 44.78 55.11
C3C CLA RJ . 40.22 43.70 54.81
C4C CLA RJ . 40.17 42.81 55.95
CMC CLA RJ . 39.13 45.96 54.30
CAC CLA RJ . 40.85 43.44 53.51
CBC CLA RJ . 42.26 43.98 53.43
ND CLA RJ . 40.06 41.07 58.30
C1D CLA RJ . 40.74 40.73 57.12
C2D CLA RJ . 41.34 39.39 57.27
C3D CLA RJ . 41.08 39.01 58.56
C4D CLA RJ . 40.35 40.12 59.18
CMD CLA RJ . 42.03 38.67 56.19
CAD CLA RJ . 41.23 37.97 59.56
OBD CLA RJ . 41.61 36.82 59.42
CBD CLA RJ . 40.76 38.58 60.91
CGD CLA RJ . 39.79 37.67 61.61
O1D CLA RJ . 39.91 37.13 62.71
O2D CLA RJ . 38.66 37.43 60.90
CED CLA RJ . 37.52 36.96 61.62
C1 CLA RJ . 40.48 45.63 63.65
C2 CLA RJ . 40.96 46.60 62.63
C3 CLA RJ . 40.90 47.92 62.77
C4 CLA RJ . 40.34 48.57 63.97
C5 CLA RJ . 41.42 48.80 61.69
C6 CLA RJ . 40.30 49.46 60.92
C7 CLA RJ . 40.79 50.02 59.60
C8 CLA RJ . 41.74 51.19 59.78
C9 CLA RJ . 41.00 52.37 60.39
C10 CLA RJ . 42.42 51.54 58.46
C11 CLA RJ . 42.29 52.99 58.02
C12 CLA RJ . 43.09 53.30 56.77
C13 CLA RJ . 42.59 52.52 55.57
C14 CLA RJ . 43.71 52.29 54.59
C15 CLA RJ . 41.44 53.25 54.91
C16 CLA RJ . 41.86 54.62 54.40
C17 CLA RJ . 40.64 55.45 54.03
C18 CLA RJ . 40.94 56.61 53.09
C19 CLA RJ . 42.16 57.39 53.52
C20 CLA RJ . 39.76 57.55 53.02
MG CLA SJ . 24.45 52.89 63.21
CHA CLA SJ . 26.94 50.83 64.45
CHB CLA SJ . 22.79 52.64 66.20
CHC CLA SJ . 21.68 54.34 61.79
CHD CLA SJ . 25.85 52.52 59.97
NA CLA SJ . 24.83 51.91 65.02
C1A CLA SJ . 25.94 51.13 65.35
C2A CLA SJ . 25.84 50.63 66.79
C3A CLA SJ . 24.62 51.37 67.35
C4A CLA SJ . 24.02 52.03 66.11
CMA CLA SJ . 23.64 50.44 68.01
CAA CLA SJ . 27.06 51.02 67.59
CBA CLA SJ . 27.17 52.52 67.74
CGA CLA SJ . 28.09 52.80 68.89
O1A CLA SJ . 28.56 52.01 69.70
O2A CLA SJ . 28.42 54.13 69.01
NB CLA SJ . 22.63 53.43 63.87
C1B CLA SJ . 22.14 53.26 65.13
C2B CLA SJ . 20.77 53.81 65.23
C3B CLA SJ . 20.43 54.30 64.00
C4B CLA SJ . 21.61 54.06 63.11
CMB CLA SJ . 19.99 53.75 66.46
CAB CLA SJ . 19.20 54.88 63.55
CBB CLA SJ . 19.07 55.95 62.75
NC CLA SJ . 23.91 53.38 61.26
C1C CLA SJ . 22.76 54.04 60.92
C2C CLA SJ . 22.74 54.33 59.50
C3C CLA SJ . 23.88 53.73 58.95
C4C CLA SJ . 24.61 53.16 60.07
CMC CLA SJ . 21.67 55.06 58.82
CAC CLA SJ . 24.31 53.76 57.56
CBC CLA SJ . 24.91 55.09 57.18
ND CLA SJ . 25.99 51.91 62.34
C1D CLA SJ . 26.51 51.93 61.02
C2D CLA SJ . 27.81 51.24 61.01
C3D CLA SJ . 28.03 50.80 62.30
C4D CLA SJ . 26.86 51.24 63.08
CMD CLA SJ . 28.64 51.09 59.82
CAD CLA SJ . 28.93 50.10 63.20
OBD CLA SJ . 30.02 49.61 62.98
CBD CLA SJ . 28.24 50.07 64.59
CGD CLA SJ . 28.00 48.66 65.04
O1D CLA SJ . 26.94 48.03 64.98
O2D CLA SJ . 29.10 48.05 65.57
CED CLA SJ . 29.48 48.41 66.90
C1 CLA SJ . 29.05 54.74 67.86
C2 CLA SJ . 28.38 56.05 67.67
C3 CLA SJ . 28.69 56.89 66.66
C4 CLA SJ . 28.00 58.20 66.49
C5 CLA SJ . 29.74 56.55 65.67
C6 CLA SJ . 29.70 57.44 64.45
C7 CLA SJ . 31.01 58.18 64.31
C8 CLA SJ . 32.17 57.22 64.28
C9 CLA SJ . 33.49 57.95 64.49
C10 CLA SJ . 32.21 56.46 62.97
C11 CLA SJ . 33.59 55.96 62.68
C12 CLA SJ . 33.89 55.94 61.19
C13 CLA SJ . 35.36 56.23 60.94
C14 CLA SJ . 36.18 56.02 62.19
C15 CLA SJ . 35.55 57.64 60.41
C16 CLA SJ . 34.33 58.09 59.63
C17 CLA SJ . 33.79 59.40 60.18
C18 CLA SJ . 32.38 59.67 59.66
C19 CLA SJ . 32.38 59.71 58.15
C20 CLA SJ . 31.43 58.61 60.14
NB KC2 TJ . 34.35 53.90 58.51
ND KC2 TJ . 31.38 53.56 61.24
C1A KC2 TJ . 34.08 52.14 62.50
C1B KC2 TJ . 35.63 53.57 58.67
C1C KC2 TJ . 31.94 55.40 57.42
C1D KC2 TJ . 30.15 54.11 61.33
C2A KC2 TJ . 35.33 51.66 63.10
C2B KC2 TJ . 36.49 54.06 57.58
C2C KC2 TJ . 30.79 56.22 57.03
C2D KC2 TJ . 29.61 53.85 62.67
C3A KC2 TJ . 36.28 51.94 62.01
C3B KC2 TJ . 35.56 54.77 56.70
C3C KC2 TJ . 29.81 56.06 58.11
C3D KC2 TJ . 30.65 53.07 63.36
C4A KC2 TJ . 35.51 52.52 60.91
C4B KC2 TJ . 34.26 54.59 57.35
C4C KC2 TJ . 30.51 55.13 59.02
C4D KC2 TJ . 31.69 52.90 62.45
CAA KC2 TJ . 35.63 51.06 64.44
CAB KC2 TJ . 35.62 55.50 55.40
CAC KC2 TJ . 28.45 56.71 58.13
CAD KC2 TJ . 30.94 52.40 64.65
CBA KC2 TJ . 36.65 50.34 64.88
CBB KC2 TJ . 36.59 55.29 54.52
CBC KC2 TJ . 28.44 58.20 58.33
CBD KC2 TJ . 32.32 51.95 64.53
CED KC2 TJ . 34.89 54.31 65.96
CGA KC2 TJ . 36.95 50.47 66.31
CGD KC2 TJ . 33.08 52.75 65.54
CHA KC2 TJ . 32.76 52.13 63.13
CHB KC2 TJ . 36.31 52.83 59.73
CHC KC2 TJ . 33.17 55.24 56.65
CHD KC2 TJ . 29.63 54.85 60.17
CMA KC2 TJ . 37.77 51.72 61.93
CMB KC2 TJ . 37.97 53.90 57.42
CMC KC2 TJ . 30.69 57.08 55.81
CMD KC2 TJ . 28.24 54.39 63.00
NA KC2 TJ . 34.19 52.65 61.12
NC KC2 TJ . 31.86 54.71 58.54
O1A KC2 TJ . 38.14 50.39 66.69
O1D KC2 TJ . 33.31 52.29 66.65
O2A KC2 TJ . 36.03 50.96 67.00
O2D KC2 TJ . 33.85 53.86 65.10
OBD KC2 TJ . 30.09 52.66 65.58
MG KC2 TJ . 32.83 53.41 59.79
MG CLA UJ . 24.23 57.27 44.89
CHA CLA UJ . 22.74 60.05 43.29
CHB CLA UJ . 24.33 59.32 47.74
CHC CLA UJ . 23.96 54.56 47.08
CHD CLA UJ . 22.54 55.26 42.47
NA CLA UJ . 23.81 59.31 45.33
C1A CLA UJ . 23.18 60.30 44.55
C2A CLA UJ . 23.08 61.66 45.25
C3A CLA UJ . 23.94 61.44 46.52
C4A CLA UJ . 24.06 59.92 46.54
CMA CLA UJ . 25.28 62.12 46.43
CAA CLA UJ . 21.71 62.28 45.51
CBA CLA UJ . 20.89 61.67 46.62
CGA CLA UJ . 19.66 61.06 46.03
O1A CLA UJ . 19.35 60.94 44.86
O2A CLA UJ . 18.80 60.57 46.96
NB CLA UJ . 24.18 57.01 46.92
C1B CLA UJ . 24.40 57.95 47.88
C2B CLA UJ . 24.72 57.35 49.19
C3B CLA UJ . 24.63 55.99 49.02
C4B CLA UJ . 24.25 55.77 47.60
CMB CLA UJ . 24.94 58.17 50.37
CAB CLA UJ . 24.76 54.92 49.96
CBB CLA UJ . 25.69 54.80 50.90
NC CLA UJ . 23.50 55.29 44.76
C1C CLA UJ . 23.57 54.34 45.74
C2C CLA UJ . 23.18 53.04 45.25
C3C CLA UJ . 22.65 53.27 43.99
C4C CLA UJ . 22.89 54.66 43.68
CMC CLA UJ . 23.24 51.82 46.05
CAC CLA UJ . 22.18 52.25 43.05
CBC CLA UJ . 23.27 51.80 42.11
ND CLA UJ . 23.12 57.51 43.20
C1D CLA UJ . 22.59 56.61 42.25
C2D CLA UJ . 22.16 57.33 41.05
C3D CLA UJ . 22.24 58.66 41.39
C4D CLA UJ . 22.75 58.72 42.76
CMD CLA UJ . 21.70 56.68 39.83
CAD CLA UJ . 22.03 60.03 40.95
OBD CLA UJ . 21.79 60.45 39.83
CBD CLA UJ . 22.20 60.94 42.21
CGD CLA UJ . 23.19 62.03 41.97
O1D CLA UJ . 23.02 63.25 42.06
O2D CLA UJ . 24.43 61.58 41.65
CED CLA UJ . 24.91 61.91 40.35
C1 CLA UJ . 17.40 60.80 46.72
C2 CLA UJ . 16.74 60.32 47.95
C3 CLA UJ . 15.40 60.22 48.06
C4 CLA UJ . 14.50 60.58 46.95
C5 CLA UJ . 14.77 59.73 49.31
C6 CLA UJ . 13.79 60.74 49.87
MG CLA VJ . 24.75 49.85 37.05
CHA CLA VJ . 24.36 52.36 34.67
CHB CLA VJ . 21.51 50.38 38.02
CHC CLA VJ . 24.77 46.85 38.71
CHD CLA VJ . 27.86 49.03 35.58
NA CLA VJ . 23.24 51.19 36.48
C1A CLA VJ . 23.26 52.15 35.47
C2A CLA VJ . 21.95 52.94 35.44
C3A CLA VJ . 21.28 52.52 36.76
C4A CLA VJ . 22.04 51.26 37.12
CMA CLA VJ . 21.49 53.55 37.83
CAA CLA VJ . 21.08 52.68 34.22
CBA CLA VJ . 20.84 51.23 33.85
CGA CLA VJ . 20.32 51.18 32.44
O1A CLA VJ . 19.75 50.27 31.87
O2A CLA VJ . 20.59 52.34 31.76
NB CLA VJ . 23.42 48.86 38.22
C1B CLA VJ . 22.13 49.20 38.41
C2B CLA VJ . 21.41 48.12 39.13
C3B CLA VJ . 22.31 47.11 39.33
C4B CLA VJ . 23.61 47.57 38.76
CMB CLA VJ . 19.98 48.19 39.46
CAB CLA VJ . 22.07 45.84 39.97
CBB CLA VJ . 22.24 44.64 39.43
NC CLA VJ . 26.10 48.27 37.17
C1C CLA VJ . 25.94 47.17 37.97
C2C CLA VJ . 27.11 46.32 37.88
C3C CLA VJ . 27.96 46.89 36.93
C4C CLA VJ . 27.34 48.14 36.52
CMC CLA VJ . 27.29 45.05 38.57
CAC CLA VJ . 29.27 46.37 36.51
CBC CLA VJ . 29.24 45.60 35.22
ND CLA VJ . 25.89 50.49 35.51
C1D CLA VJ . 27.20 50.12 35.09
C2D CLA VJ . 27.64 51.07 34.06
C3D CLA VJ . 26.58 51.94 33.85
C4D CLA VJ . 25.52 51.54 34.79
CMD CLA VJ . 28.94 50.99 33.40
CAD CLA VJ . 26.09 53.08 33.11
OBD CLA VJ . 26.65 53.71 32.21
CBD CLA VJ . 24.66 53.38 33.60
CGD CLA VJ . 24.51 54.79 34.10
O1D CLA VJ . 24.88 55.24 35.19
O2D CLA VJ . 23.92 55.63 33.22
CED CLA VJ . 24.76 56.46 32.40
C1 CLA VJ . 19.76 52.80 30.67
C2 CLA VJ . 20.29 54.16 30.40
C3 CLA VJ . 21.44 54.42 29.73
C4 CLA VJ . 21.91 55.81 29.52
C5 CLA VJ . 22.29 53.36 29.14
C6 CLA VJ . 23.45 52.89 30.01
C7 CLA VJ . 23.90 51.53 29.52
C8 CLA VJ . 24.53 50.65 30.61
C9 CLA VJ . 25.86 50.14 30.11
C10 CLA VJ . 23.60 49.48 30.95
C11 CLA VJ . 23.60 49.07 32.41
C12 CLA VJ . 24.50 47.88 32.67
C13 CLA VJ . 23.93 46.77 33.55
C14 CLA VJ . 22.63 47.12 34.25
C15 CLA VJ . 24.98 46.35 34.57
C16 CLA VJ . 25.38 44.89 34.47
C17 CLA VJ . 24.36 43.98 35.12
C18 CLA VJ . 24.96 42.83 35.92
C19 CLA VJ . 24.01 41.64 35.94
C20 CLA VJ . 26.29 42.37 35.38
C03 II0 WJ . 45.16 45.70 59.92
C04 II0 WJ . 29.12 60.23 48.15
C05 II0 WJ . 45.57 44.88 61.29
C06 II0 WJ . 29.04 60.79 46.59
C07 II0 WJ . 44.49 44.33 61.89
C08 II0 WJ . 29.06 59.78 45.67
C09 II0 WJ . 44.12 45.06 59.08
C10 II0 WJ . 28.84 58.82 48.29
C11 II0 WJ . 43.70 43.24 60.84
C12 II0 WJ . 27.79 58.73 45.93
C13 II0 WJ . 43.25 43.87 59.66
C14 II0 WJ . 27.86 58.14 47.26
C15 II0 WJ . 44.64 47.10 60.37
C16 II0 WJ . 46.44 45.86 59.01
C17 II0 WJ . 30.55 60.41 48.73
C18 II0 WJ . 28.09 61.01 49.06
C19 II0 WJ . 41.76 44.00 59.47
C20 II0 WJ . 27.69 56.63 47.45
C21 II0 WJ . 43.43 46.00 58.03
C22 II0 WJ . 29.14 58.09 49.64
C23 II0 WJ . 42.92 46.73 57.23
C24 II0 WJ . 29.38 57.45 50.63
C25 II0 WJ . 42.15 47.59 56.22
C26 II0 WJ . 29.75 56.54 51.82
C27 II0 WJ . 42.68 47.77 54.80
C28 II0 WJ . 28.74 56.11 52.85
C29 II0 WJ . 40.98 48.19 56.65
C30 II0 WJ . 31.01 56.11 51.88
C31 II0 WJ . 40.12 49.09 55.71
C32 II0 WJ . 31.50 55.14 53.01
C33 II0 WJ . 38.84 49.31 56.04
C34 II0 WJ . 32.15 54.05 52.60
C35 II0 WJ . 38.02 50.22 55.13
C36 II0 WJ . 32.69 53.00 53.57
C37 II0 WJ . 38.71 50.74 53.92
C38 II0 WJ . 31.77 52.31 54.58
C39 II0 WJ . 36.74 50.57 55.43
C40 II0 WJ . 34.00 52.70 53.52
C41 II0 WJ . 35.99 51.54 54.49
C42 II0 WJ . 34.62 51.66 54.51
O01 II0 WJ . 44.91 43.61 63.01
O02 II0 WJ . 29.02 60.32 44.35
C03 II0 XJ . 17.33 40.60 49.00
C04 II0 XJ . 37.60 51.38 41.67
C05 II0 XJ . 16.46 39.39 49.68
C06 II0 XJ . 38.49 52.65 41.10
C07 II0 XJ . 17.25 38.48 50.31
C08 II0 XJ . 39.70 52.24 40.61
C09 II0 XJ . 18.60 40.90 49.70
C10 II0 XJ . 37.93 50.13 41.02
C11 II0 XJ . 18.06 39.22 51.60
C12 II0 XJ . 39.54 51.21 39.31
C13 II0 XJ . 18.95 40.21 51.10
C14 II0 XJ . 38.56 50.18 39.55
C15 II0 XJ . 17.66 40.16 47.53
C16 II0 XJ . 16.47 41.93 48.96
C17 II0 XJ . 37.85 51.21 43.19
C18 II0 XJ . 36.08 51.71 41.45
C19 II0 XJ . 20.31 40.43 51.76
C20 II0 XJ . 38.45 48.97 38.63
C21 II0 XJ . 19.52 42.06 49.23
C22 II0 XJ . 37.19 48.84 41.47
C23 II0 XJ . 20.31 42.89 48.88
C24 II0 XJ . 36.59 47.89 41.86
C25 II0 XJ . 21.35 43.90 48.36
C26 II0 XJ . 35.82 46.68 42.42
C27 II0 XJ . 21.17 45.42 48.46
C28 II0 XJ . 36.39 45.29 42.38
C29 II0 XJ . 22.46 43.37 47.76
C30 II0 XJ . 34.63 46.94 42.94
C31 II0 XJ . 23.55 44.30 47.18
C32 II0 XJ . 33.74 45.83 43.53
C33 II0 XJ . 24.83 43.89 47.20
C34 II0 XJ . 32.73 46.24 44.29
C35 II0 XJ . 25.87 44.81 46.61
C36 II0 XJ . 31.79 45.23 44.93
C37 II0 XJ . 25.56 46.26 46.32
C38 II0 XJ . 32.23 43.81 45.27
C39 II0 XJ . 27.09 44.30 46.35
C40 II0 XJ . 30.54 45.67 45.16
C41 II0 XJ . 28.17 45.20 45.74
C42 II0 XJ . 29.45 44.75 45.78
O01 II0 XJ . 16.45 37.46 50.86
O02 II0 XJ . 40.41 53.41 40.18
C03 II0 YJ . 23.65 48.84 57.20
C04 II0 YJ . 17.90 56.03 33.56
C05 II0 YJ . 23.97 47.32 57.74
C06 II0 YJ . 17.17 57.08 32.49
C07 II0 YJ . 22.94 46.83 58.48
C08 II0 YJ . 17.12 58.42 32.82
C09 II0 YJ . 22.28 48.98 56.63
C10 II0 YJ . 17.51 56.30 34.92
C11 II0 YJ . 21.52 46.73 57.55
C12 II0 YJ . 17.08 58.80 34.46
C13 II0 YJ . 21.51 47.61 56.44
C14 II0 YJ . 17.69 57.82 35.34
C15 II0 YJ . 23.78 49.79 58.42
C16 II0 YJ . 24.68 49.26 56.08
C17 II0 YJ . 17.53 54.57 33.24
C18 II0 YJ . 19.46 56.22 33.46
C19 II0 YJ . 20.44 47.48 55.35
C20 II0 YJ . 18.06 58.15 36.80
C21 II0 YJ . 22.02 50.06 55.55
C22 II0 YJ . 17.55 55.20 36.01
C23 II0 YJ . 21.83 50.84 54.65
C24 II0 YJ . 17.60 54.40 36.92
C25 II0 YJ . 21.61 51.82 53.46
C26 II0 YJ . 17.75 53.46 38.13
C27 II0 YJ . 22.50 53.05 53.34
C28 II0 YJ . 17.73 51.96 37.95
C29 II0 YJ . 20.64 51.55 52.54
C30 II0 YJ . 17.90 54.01 39.32
C31 II0 YJ . 20.41 52.49 51.31
C32 II0 YJ . 18.06 53.11 40.58
C33 II0 YJ . 20.76 52.01 50.11
C34 II0 YJ . 18.49 53.68 41.70
C35 II0 YJ . 20.56 52.87 48.87
C36 II0 YJ . 18.68 52.84 42.97
C37 II0 YJ . 20.94 54.32 48.97
C38 II0 YJ . 18.46 51.33 42.95
C39 II0 YJ . 20.05 52.32 47.75
C40 II0 YJ . 19.09 53.43 44.09
C41 II0 YJ . 19.82 53.17 46.47
C42 II0 YJ . 19.31 52.57 45.37
O01 II0 YJ . 23.28 45.55 58.94
O02 II0 YJ . 18.24 59.09 32.22
C02 IHT ZJ . 33.39 49.17 34.27
C03 IHT ZJ . 16.71 50.06 51.72
C04 IHT ZJ . 34.42 48.71 33.05
C05 IHT ZJ . 17.25 50.04 53.29
C06 IHT ZJ . 35.71 49.04 33.29
C07 IHT ZJ . 33.89 48.90 35.61
C08 IHT ZJ . 16.80 48.95 53.95
C09 IHT ZJ . 36.25 48.43 34.73
C10 IHT ZJ . 35.47 48.91 35.84
C11 IHT ZJ . 17.21 48.86 51.07
C12 IHT ZJ . 17.33 47.48 53.25
C13 IHT ZJ . 32.04 48.38 34.11
C14 IHT ZJ . 33.09 50.73 34.13
C15 IHT ZJ . 17.14 47.45 51.85
C16 IHT ZJ . 17.24 51.30 51.03
C17 IHT ZJ . 15.20 50.06 51.70
C18 IHT ZJ . 32.89 48.81 36.76
C19 IHT ZJ . 36.06 50.00 36.70
C20 IHT ZJ . 17.32 46.12 51.09
C21 IHT ZJ . 17.89 48.92 49.68
C22 IHT ZJ . 33.17 48.97 38.06
C23 IHT ZJ . 31.87 48.82 38.95
C24 IHT ZJ . 18.41 48.91 48.57
C25 IHT ZJ . 30.53 49.19 38.26
C26 IHT ZJ . 19.07 48.84 47.18
C27 IHT ZJ . 31.82 48.38 40.24
C28 IHT ZJ . 18.20 48.77 45.93
C29 IHT ZJ . 20.42 48.84 47.09
C30 IHT ZJ . 30.33 48.35 40.76
C31 IHT ZJ . 21.08 48.76 45.70
C32 IHT ZJ . 29.81 48.24 42.00
C33 IHT ZJ . 28.29 48.27 41.81
C34 IHT ZJ . 22.38 48.46 45.61
C35 IHT ZJ . 23.00 48.38 44.17
C36 IHT ZJ . 27.83 48.53 40.38
C37 IHT ZJ . 27.30 48.09 42.72
C38 IHT ZJ . 24.32 48.46 43.95
C39 IHT ZJ . 22.03 48.18 42.97
C40 IHT ZJ . 25.95 48.21 41.98
C41 IHT ZJ . 24.72 48.37 42.46
O01 IHT ZJ . 17.30 49.01 55.25
C03 II0 AK . 40.32 40.81 49.66
C04 II0 AK . 56.55 51.97 36.83
C05 II0 AK . 39.52 39.70 50.57
C06 II0 AK . 57.62 52.52 35.67
C07 II0 AK . 39.57 38.39 50.14
C08 II0 AK . 58.34 53.61 36.07
C09 II0 AK . 40.22 40.59 48.22
C10 II0 AK . 56.61 52.55 38.16
C11 II0 AK . 39.52 38.17 48.45
C12 II0 AK . 58.98 53.45 37.60
C13 II0 AK . 40.36 39.07 47.76
C14 II0 AK . 57.91 53.37 38.58
C15 II0 AK . 39.79 42.24 50.04
C16 II0 AK . 41.85 40.79 49.99
C17 II0 AK . 55.12 52.20 36.28
C18 II0 AK . 56.79 50.43 36.98
C19 II0 AK . 41.65 38.55 47.13
C20 II0 AK . 58.20 53.57 40.07
C21 II0 AK . 40.74 41.71 47.28
C22 II0 AK . 55.88 51.76 39.30
C23 II0 AK . 41.16 42.58 46.57
C24 II0 AK . 55.30 51.11 40.12
C25 II0 AK . 41.93 43.62 45.72
C26 II0 AK . 54.69 50.20 41.22
C27 II0 AK . 41.42 44.14 44.38
C28 II0 AK . 55.45 48.97 41.68
C29 II0 AK . 43.09 44.02 46.34
C30 II0 AK . 53.49 50.47 41.75
C31 II0 AK . 44.10 45.03 45.73
C32 II0 AK . 52.84 49.52 42.83
C33 II0 AK . 43.92 46.35 45.75
C34 II0 AK . 51.63 49.81 43.31
C35 II0 AK . 45.07 47.12 45.11
C36 II0 AK . 50.94 48.90 44.33
C37 II0 AK . 44.77 48.29 44.23
C38 II0 AK . 51.75 48.06 45.30
C39 II0 AK . 46.35 46.78 45.36
C40 II0 AK . 49.58 48.86 44.30
C41 II0 AK . 47.44 47.62 44.66
C42 II0 AK . 48.64 48.00 45.22
O01 II0 AK . 40.75 37.78 50.64
O02 II0 AK . 59.39 53.85 35.14
O1 LHG BK . 17.89 49.45 67.10
C1 LHG BK . 18.06 49.28 65.69
C2 LHG BK . 18.94 50.39 65.15
O2 LHG BK . 18.33 50.97 64.00
C3 LHG BK . 20.32 49.82 64.78
O3 LHG BK . 20.88 50.58 63.71
P LHG BK . 21.82 49.87 62.61
O4 LHG BK . 21.75 48.38 62.83
O5 LHG BK . 23.16 50.55 62.65
O6 LHG BK . 21.08 50.21 61.22
C4 LHG BK . 20.02 51.17 61.18
C5 LHG BK . 19.46 51.21 59.77
C6 LHG BK . 20.58 51.72 58.85
O7 LHG BK . 19.06 49.90 59.42
C7 LHG BK . 18.07 49.85 58.36
O9 LHG BK . 18.20 49.01 57.50
C8 LHG BK . 16.91 50.82 58.32
C9 LHG BK . 15.66 50.11 57.85
C10 LHG BK . 14.47 51.06 57.85
O8 LHG BK . 20.19 51.72 57.48
C23 LHG BK . 19.30 52.73 56.95
O10 LHG BK . 19.13 53.77 57.58
C24 LHG BK . 18.59 52.50 55.65
C11 LHG BK . 13.22 50.36 57.33
C12 LHG BK . 13.55 49.52 56.11
C13 LHG BK . 13.06 50.20 54.84
C14 LHG BK . 11.71 49.63 54.40
C25 LHG BK . 18.12 53.83 55.07
C26 LHG BK . 19.22 54.44 54.22
C27 LHG BK . 18.66 55.51 53.29
C28 LHG BK . 17.27 55.93 53.73
C29 LHG BK . 17.19 57.44 53.95
C30 LHG BK . 18.59 58.05 54.06
C31 LHG BK . 18.72 58.88 55.33
C32 LHG BK . 20.14 59.40 55.48
C33 LHG BK . 20.86 58.73 56.65
C34 LHG BK . 21.86 57.69 56.17
O1 LHG CK . 50.22 43.84 27.75
C1 LHG CK . 49.26 44.84 28.09
C2 LHG CK . 47.95 44.48 27.43
O2 LHG CK . 46.86 45.23 27.97
C3 LHG CK . 47.73 43.02 27.71
O3 LHG CK . 47.85 42.81 29.11
P LHG CK . 46.61 42.23 29.92
O4 LHG CK . 45.71 41.52 28.93
O5 LHG CK . 46.05 43.31 30.81
O6 LHG CK . 47.30 41.13 30.87
C4 LHG CK . 46.92 41.05 32.24
C5 LHG CK . 46.75 39.59 32.62
C6 LHG CK . 46.01 38.84 31.50
O7 LHG CK . 48.00 38.97 32.85
C7 LHG CK . 48.31 38.98 34.26
O9 LHG CK . 49.27 39.62 34.65
C8 LHG CK . 47.45 38.20 35.22
C9 LHG CK . 47.49 36.73 34.87
C10 LHG CK . 46.14 36.08 35.18
O8 LHG CK . 44.75 39.48 31.35
C23 LHG CK . 43.54 38.78 31.75
O10 LHG CK . 43.64 37.82 32.47
C24 LHG CK . 42.22 39.29 31.26
C11 LHG CK . 45.79 36.10 36.66
C12 LHG CK . 46.65 35.12 37.46
C13 LHG CK . 46.26 33.66 37.23
C14 LHG CK . 47.20 32.72 37.98
C15 LHG CK . 47.30 33.16 39.43
C16 LHG CK . 48.47 32.49 40.14
C17 LHG CK . 48.21 31.01 40.36
C18 LHG CK . 49.45 30.41 40.99
C19 LHG CK . 49.23 28.99 41.44
C20 LHG CK . 50.53 28.43 42.00
C21 LHG CK . 50.34 27.02 42.54
C22 LHG CK . 49.39 27.00 43.71
C25 LHG CK . 41.06 38.71 32.04
C26 LHG CK . 40.67 39.63 33.19
C27 LHG CK . 39.30 39.21 33.67
C28 LHG CK . 38.64 40.21 34.58
C29 LHG CK . 39.39 40.42 35.89
C30 LHG CK . 38.47 40.74 37.07
C31 LHG CK . 37.08 41.19 36.61
C32 LHG CK . 36.02 41.11 37.70
C33 LHG CK . 34.68 41.28 37.01
C34 LHG CK . 33.68 40.34 37.67
C35 LHG CK . 32.26 40.59 37.19
C36 LHG CK . 31.87 42.04 37.38
C37 LHG CK . 30.44 42.15 37.86
C38 LHG CK . 29.49 41.40 36.98
MG CLA DK . -81.23 -4.27 -2.80
CHA CLA DK . -82.85 -2.41 -0.38
CHB CLA DK . -84.11 -6.02 -3.34
CHC CLA DK . -79.91 -5.52 -5.68
CHD CLA DK . -78.46 -2.07 -2.54
NA CLA DK . -83.15 -4.23 -1.96
C1A CLA DK . -83.64 -3.36 -0.98
C2A CLA DK . -85.09 -3.69 -0.62
C3A CLA DK . -85.34 -5.01 -1.41
C4A CLA DK . -84.14 -5.10 -2.32
CMA CLA DK . -85.40 -6.22 -0.53
CAA CLA DK . -86.06 -2.57 -0.98
CBA CLA DK . -87.12 -2.99 -1.97
CGA CLA DK . -86.76 -2.60 -3.36
O1A CLA DK . -87.35 -2.87 -4.41
O2A CLA DK . -85.64 -1.83 -3.42
NB CLA DK . -81.91 -5.48 -4.27
C1B CLA DK . -83.05 -6.19 -4.24
C2B CLA DK . -83.04 -7.22 -5.32
C3B CLA DK . -81.86 -7.09 -6.00
C4B CLA DK . -81.13 -5.99 -5.32
CMB CLA DK . -84.15 -8.14 -5.54
CAB CLA DK . -81.38 -7.88 -7.11
CBB CLA DK . -80.72 -7.48 -8.20
NC CLA DK . -79.50 -3.88 -3.89
C1C CLA DK . -79.16 -4.53 -5.02
C2C CLA DK . -77.88 -4.08 -5.51
C3C CLA DK . -77.48 -3.07 -4.66
C4C CLA DK . -78.50 -2.95 -3.62
CMC CLA DK . -77.25 -4.62 -6.73
CAC CLA DK . -76.24 -2.31 -4.73
CBC CLA DK . -75.14 -3.14 -4.14
ND CLA DK . -80.69 -2.66 -1.71
C1D CLA DK . -79.48 -1.93 -1.62
C2D CLA DK . -79.54 -1.02 -0.47
C3D CLA DK . -80.83 -1.14 0.03
C4D CLA DK . -81.50 -2.17 -0.79
CMD CLA DK . -78.45 -0.16 -0.01
CAD CLA DK . -81.77 -0.73 1.06
OBD CLA DK . -81.59 0.03 1.99
CBD CLA DK . -83.10 -1.47 0.77
CGD CLA DK . -83.67 -2.19 1.96
O1D CLA DK . -84.81 -2.12 2.38
O2D CLA DK . -82.78 -2.98 2.61
CED CLA DK . -83.33 -3.98 3.46
C1 CLA DK . -84.73 -2.10 -4.51
C2 CLA DK . -83.57 -1.21 -4.30
C3 CLA DK . -82.50 -1.20 -5.11
C4 CLA DK . -82.38 -2.08 -6.30
C5 CLA DK . -81.37 -0.29 -4.83
C6 CLA DK . -81.12 0.60 -6.04
MG CLA EK . -72.85 3.99 5.35
CHA CLA EK . -73.39 0.72 6.40
CHB CLA EK . -69.74 3.88 6.79
CHC CLA EK . -71.95 6.76 3.56
CHD CLA EK . -75.73 3.66 3.31
NA CLA EK . -71.79 2.56 6.45
C1A CLA EK . -72.18 1.25 6.77
C2A CLA EK . -71.12 0.54 7.59
C3A CLA EK . -70.20 1.69 7.99
C4A CLA EK . -70.57 2.80 7.00
CMA CLA EK . -70.49 2.07 9.41
CAA CLA EK . -70.39 -0.48 6.74
CBA CLA EK . -68.89 -0.22 6.68
CGA CLA EK . -68.51 0.05 5.26
O1A CLA EK . -68.80 -0.60 4.26
O2A CLA EK . -67.72 1.14 5.12
NB CLA EK . -71.15 5.06 5.15
C1B CLA EK . -70.03 4.94 5.92
C2B CLA EK . -69.16 6.13 5.75
C3B CLA EK . -69.79 6.95 4.83
C4B CLA EK . -71.06 6.29 4.45
CMB CLA EK . -67.89 6.29 6.45
CAB CLA EK . -69.41 8.23 4.26
CBB CLA EK . -68.20 8.60 3.85
NC CLA EK . -73.73 5.05 3.79
C1C CLA EK . -73.23 6.20 3.25
C2C CLA EK . -74.12 6.72 2.23
C3C CLA EK . -75.16 5.79 2.09
C4C CLA EK . -74.90 4.76 3.08
CMC CLA EK . -73.89 7.95 1.48
CAC CLA EK . -76.32 5.83 1.21
CBC CLA EK . -76.13 5.01 -0.06
ND CLA EK . -74.32 2.65 5.02
C1D CLA EK . -75.48 2.66 4.20
C2D CLA EK . -76.29 1.47 4.48
C3D CLA EK . -75.55 0.70 5.35
C4D CLA EK . -74.30 1.45 5.60
CMD CLA EK . -77.58 1.22 3.89
CAD CLA EK . -75.49 -0.52 6.13
OBD CLA EK . -76.36 -1.35 6.34
CBD CLA EK . -74.06 -0.60 6.70
CGD CLA EK . -74.16 -0.98 8.15
O1D CLA EK . -74.58 -2.05 8.57
O2D CLA EK . -73.76 -0.07 9.07
CED CLA EK . -73.06 -0.62 10.19
C1 CLA EK . -68.19 2.12 4.18
C2 CLA EK . -66.98 2.70 3.55
C3 CLA EK . -67.04 3.77 2.73
C4 CLA EK . -68.33 4.42 2.41
C5 CLA EK . -65.81 4.32 2.10
MG CLA FK . -64.15 11.21 3.98
CHA CLA FK . -62.41 9.44 6.41
CHB CLA FK . -65.02 8.25 2.50
CHC CLA FK . -65.35 12.93 1.25
CHD CLA FK . -62.68 14.18 5.17
NA CLA FK . -63.78 9.19 4.42
C1A CLA FK . -63.08 8.66 5.50
C2A CLA FK . -63.09 7.14 5.46
C3A CLA FK . -63.86 6.81 4.18
C4A CLA FK . -64.28 8.17 3.66
CMA CLA FK . -62.87 6.20 3.22
CAA CLA FK . -63.85 6.59 6.65
CBA CLA FK . -64.09 5.11 6.57
CGA CLA FK . -62.81 4.33 6.53
O1A CLA FK . -61.95 4.20 7.41
O2A CLA FK . -62.66 3.67 5.33
NB CLA FK . -65.08 10.70 2.27
C1B CLA FK . -65.37 9.45 1.86
C2B CLA FK . -66.05 9.48 0.54
C3B CLA FK . -66.16 10.80 0.17
C4B CLA FK . -65.52 11.59 1.25
CMB CLA FK . -66.43 8.23 -0.13
CAB CLA FK . -66.65 11.46 -1.02
CBB CLA FK . -66.83 10.94 -2.24
NC CLA FK . -64.05 13.19 3.35
C1C CLA FK . -64.66 13.69 2.23
C2C CLA FK . -64.44 15.12 2.15
C3C CLA FK . -63.66 15.48 3.23
C4C CLA FK . -63.44 14.26 4.00
CMC CLA FK . -64.95 15.96 1.05
CAC CLA FK . -63.18 16.82 3.62
CBC CLA FK . -61.84 17.21 3.05
ND CLA FK . -62.78 11.74 5.35
C1D CLA FK . -62.37 13.02 5.82
C2D CLA FK . -61.53 12.85 7.02
C3D CLA FK . -61.50 11.49 7.27
C4D CLA FK . -62.32 10.85 6.23
CMD CLA FK . -60.88 13.95 7.72
CAD CLA FK . -60.95 10.44 8.11
OBD CLA FK . -60.13 10.50 9.00
CBD CLA FK . -61.59 9.11 7.63
CGD CLA FK . -60.55 8.05 7.39
O1D CLA FK . -60.33 7.04 8.07
O2D CLA FK . -59.77 8.23 6.29
CED CLA FK . -59.34 7.07 5.58
C1 CLA FK . -61.74 2.57 5.19
C2 CLA FK . -60.40 3.12 4.84
C3 CLA FK . -59.98 3.29 3.57
C4 CLA FK . -60.81 2.95 2.39
C5 CLA FK . -58.63 3.85 3.29
C6 CLA FK . -57.75 2.89 2.52
MG CLA GK . -72.56 28.88 5.58
CHA CLA GK . -71.70 32.04 4.49
CHB CLA GK . -69.34 27.81 5.05
CHC CLA GK . -73.30 25.88 7.04
CHD CLA GK . -75.65 30.16 6.77
NA CLA GK . -70.82 29.79 4.87
C1A CLA GK . -70.68 31.12 4.43
C2A CLA GK . -69.25 31.32 3.93
C3A CLA GK . -68.52 29.99 4.18
C4A CLA GK . -69.64 29.12 4.72
CMA CLA GK . -67.85 29.49 2.93
CAA CLA GK . -68.43 32.42 4.54
CBA CLA GK . -68.09 32.27 6.00
CGA CLA GK . -69.05 33.22 6.60
O1A CLA GK . -69.16 34.44 6.40
O2A CLA GK . -69.86 32.61 7.49
NB CLA GK . -71.52 27.20 5.96
C1B CLA GK . -70.25 26.91 5.59
C2B CLA GK . -69.93 25.47 5.85
C3B CLA GK . -71.06 24.92 6.42
C4B CLA GK . -72.07 26.01 6.50
CMB CLA GK . -68.62 24.91 5.57
CAB CLA GK . -71.39 23.61 6.92
CBB CLA GK . -70.77 22.46 6.65
NC CLA GK . -74.17 28.17 6.70
C1C CLA GK . -74.27 26.89 7.15
C2C CLA GK . -75.55 26.67 7.80
C3C CLA GK . -76.22 27.90 7.79
C4C CLA GK . -75.34 28.83 7.07
CMC CLA GK . -75.93 25.38 8.38
CAC CLA GK . -77.56 28.22 8.29
CBC CLA GK . -78.68 27.51 7.56
ND CLA GK . -73.50 30.67 5.71
C1D CLA GK . -74.79 31.04 6.14
C2D CLA GK . -75.03 32.45 5.78
C3D CLA GK . -73.90 32.87 5.12
C4D CLA GK . -72.96 31.73 5.12
CMD CLA GK . -76.25 33.20 6.07
CAD CLA GK . -73.24 33.99 4.50
OBD CLA GK . -73.66 35.13 4.32
CBD CLA GK . -71.84 33.48 4.05
CGD CLA GK . -71.76 33.63 2.56
O1D CLA GK . -70.76 33.83 1.86
O2D CLA GK . -72.98 33.54 1.95
CED CLA GK . -72.99 33.29 0.55
C1 CLA GK . -70.92 33.42 7.98
C2 CLA GK . -71.78 32.55 8.81
C3 CLA GK . -72.79 33.07 9.53
C4 CLA GK . -73.10 34.51 9.55
C5 CLA GK . -73.65 32.20 10.38
C6 CLA GK . -73.21 30.75 10.35
C7 CLA GK . -73.82 29.98 11.51
C8 CLA GK . -73.68 28.45 11.40
C9 CLA GK . -72.86 28.00 10.21
C10 CLA GK . -75.07 27.82 11.37
C11 CLA GK . -75.33 27.01 12.61
C12 CLA GK . -74.52 25.73 12.60
C13 CLA GK . -74.62 24.86 13.86
C14 CLA GK . -75.64 25.38 14.87
C15 CLA GK . -73.26 24.70 14.49
C16 CLA GK . -73.32 23.92 15.79
C17 CLA GK . -72.03 24.11 16.56
C18 CLA GK . -71.79 23.05 17.61
C19 CLA GK . -70.91 23.63 18.69
C20 CLA GK . -71.14 21.84 16.99
MG CLA HK . -64.17 35.54 13.78
CHA CLA HK . -64.47 37.38 10.82
CHB CLA HK . -63.10 38.37 15.35
CHC CLA HK . -64.75 34.02 16.81
CHD CLA HK . -66.13 33.00 12.23
NA CLA HK . -63.81 37.51 13.16
C1A CLA HK . -64.00 38.08 11.88
C2A CLA HK . -63.59 39.55 11.87
C3A CLA HK . -62.92 39.73 13.25
C4A CLA HK . -63.31 38.47 14.00
CMA CLA HK . -61.43 39.83 13.14
CAA CLA HK . -64.79 40.47 11.73
CBA CLA HK . -64.38 41.93 11.71
CGA CLA HK . -63.30 42.17 10.69
O1A CLA HK . -63.31 41.93 9.47
O2A CLA HK . -62.19 42.76 11.20
NB CLA HK . -64.05 36.12 15.69
C1B CLA HK . -63.39 37.24 16.12
C2B CLA HK . -62.97 37.10 17.54
C3B CLA HK . -63.43 35.87 17.97
C4B CLA HK . -64.12 35.23 16.80
CMB CLA HK . -62.25 38.15 18.25
CAB CLA HK . -63.31 35.24 19.24
CBB CLA HK . -62.15 34.97 19.83
NC CLA HK . -65.21 33.82 14.39
C1C CLA HK . -65.26 33.36 15.67
C2C CLA HK . -66.01 32.10 15.72
C3C CLA HK . -66.45 31.85 14.43
C4C CLA HK . -65.93 32.92 13.60
CMC CLA HK . -66.28 31.31 16.93
CAC CLA HK . -67.24 30.70 13.94
CBC CLA HK . -66.40 29.48 13.64
ND CLA HK . -65.01 35.17 11.98
C1D CLA HK . -65.70 34.04 11.45
C2D CLA HK . -65.88 34.21 10.01
C3D CLA HK . -65.39 35.45 9.70
C4D CLA HK . -64.92 36.03 10.97
CMD CLA HK . -66.47 33.22 9.12
CAD CLA HK . -65.18 36.43 8.65
OBD CLA HK . -65.37 36.30 7.45
CBD CLA HK . -64.64 37.71 9.35
CGD CLA HK . -63.35 38.11 8.71
O1D CLA HK . -63.15 39.00 7.87
O2D CLA HK . -62.28 37.38 9.12
CED CLA HK . -61.05 38.05 9.40
C1 CLA HK . -62.38 43.99 11.92
C2 CLA HK . -62.85 45.02 10.96
C3 CLA HK . -63.45 46.16 11.32
C4 CLA HK . -63.73 46.49 12.74
C5 CLA HK . -63.89 47.13 10.28
C6 CLA HK . -65.40 47.27 10.18
MG CLA IK . -61.98 16.50 11.17
CHA CLA IK . -62.31 13.02 11.01
CHB CLA IK . -59.21 16.09 13.13
CHC CLA IK . -60.90 19.67 10.33
CHD CLA IK . -64.28 16.69 8.46
NA CLA IK . -61.01 14.84 12.00
C1A CLA IK . -61.27 13.47 11.79
C2A CLA IK . -60.29 12.60 12.58
C3A CLA IK . -59.69 13.62 13.57
C4A CLA IK . -59.95 14.95 12.85
CMA CLA IK . -60.40 13.53 14.91
CAA CLA IK . -59.22 12.07 11.63
CBA CLA IK . -58.47 10.85 12.14
CGA CLA IK . -57.55 10.30 11.08
O1A CLA IK . -56.60 10.85 10.51
O2A CLA IK . -57.82 8.99 10.76
NB CLA IK . -60.37 17.63 11.62
C1B CLA IK . -59.40 17.34 12.52
C2B CLA IK . -58.54 18.54 12.79
C3B CLA IK . -59.03 19.56 11.99
C4B CLA IK . -60.18 18.99 11.25
CMB CLA IK . -57.41 18.52 13.72
CAB CLA IK . -58.63 20.93 11.73
CBB CLA IK . -57.45 21.53 11.94
NC CLA IK . -62.56 17.93 9.76
C1C CLA IK . -62.03 19.18 9.63
C2C CLA IK . -62.69 19.94 8.59
C3C CLA IK . -63.59 19.05 8.00
C4C CLA IK . -63.51 17.81 8.75
CMC CLA IK . -62.37 21.31 8.22
CAC CLA IK . -64.53 19.32 6.89
CBC CLA IK . -65.82 19.92 7.41
ND CLA IK . -63.18 15.26 10.12
C1D CLA IK . -64.14 15.48 9.09
C2D CLA IK . -64.86 14.23 8.82
C3D CLA IK . -64.21 13.26 9.55
C4D CLA IK . -63.14 13.94 10.30
CMD CLA IK . -65.97 14.10 7.89
CAD CLA IK . -64.18 11.87 9.91
OBD CLA IK . -64.98 10.98 9.65
CBD CLA IK . -62.89 11.65 10.76
CGD CLA IK . -63.22 10.96 12.05
O1D CLA IK . -63.17 11.44 13.19
O2D CLA IK . -63.63 9.68 11.92
CED CLA IK . -64.31 9.10 13.04
C1 CLA IK . -57.12 7.97 11.52
C2 CLA IK . -57.60 6.64 11.07
C3 CLA IK . -57.11 5.99 10.00
C4 CLA IK . -57.61 4.66 9.57
C5 CLA IK . -56.03 6.58 9.16
C6 CLA IK . -56.33 6.53 7.66
C7 CLA IK . -55.42 7.51 6.94
C8 CLA IK . -55.77 8.96 7.23
C9 CLA IK . -56.61 9.50 6.09
C10 CLA IK . -54.52 9.81 7.49
C11 CLA IK . -54.37 11.02 6.59
C12 CLA IK . -53.41 12.05 7.16
C13 CLA IK . -53.92 12.54 8.52
C14 CLA IK . -54.88 13.71 8.34
C15 CLA IK . -52.77 12.88 9.46
C16 CLA IK . -52.47 11.73 10.39
MG CLA JK . -77.89 14.26 15.74
CHA CLA JK . -77.22 13.49 19.07
CHB CLA JK . -80.98 12.81 16.11
CHC CLA JK . -78.99 15.85 12.87
CHD CLA JK . -75.15 16.52 15.83
NA CLA JK . -78.87 13.25 17.30
C1A CLA JK . -78.43 13.04 18.62
C2A CLA JK . -79.45 12.21 19.42
C3A CLA JK . -80.46 11.77 18.33
C4A CLA JK . -80.10 12.67 17.16
CMA CLA JK . -80.28 10.32 18.03
CAA CLA JK . -80.11 12.77 20.69
CBA CLA JK . -80.97 14.02 20.62
CGA CLA JK . -82.24 13.87 19.84
O1A CLA JK . -83.19 13.12 20.02
O2A CLA JK . -82.26 14.74 18.77
NB CLA JK . -79.61 14.29 14.70
C1B CLA JK . -80.75 13.62 14.99
C2B CLA JK . -81.76 13.81 13.92
C3B CLA JK . -81.20 14.67 13.00
C4B CLA JK . -79.84 14.98 13.49
CMB CLA JK . -83.09 13.17 13.99
CAB CLA JK . -81.69 15.30 11.81
CBB CLA JK . -82.61 14.84 10.96
NC CLA JK . -77.15 15.81 14.54
C1C CLA JK . -77.71 16.22 13.37
C2C CLA JK . -76.87 17.22 12.73
C3C CLA JK . -75.85 17.52 13.62
C4C CLA JK . -76.02 16.61 14.75
CMC CLA JK . -77.14 17.85 11.45
CAC CLA JK . -74.76 18.48 13.39
CBC CLA JK . -74.85 19.70 14.28
ND CLA JK . -76.45 14.83 17.03
C1D CLA JK . -75.35 15.72 16.91
C2D CLA JK . -74.48 15.58 18.09
C3D CLA JK . -75.12 14.68 18.91
C4D CLA JK . -76.38 14.30 18.25
CMD CLA JK . -73.21 16.27 18.27
CAD CLA JK . -75.07 13.97 20.17
OBD CLA JK . -74.15 13.89 20.96
CBD CLA JK . -76.45 13.28 20.36
CGD CLA JK . -76.26 11.82 20.64
O1D CLA JK . -76.31 11.24 21.72
O2D CLA JK . -75.99 11.08 19.52
CED CLA JK . -75.95 9.67 19.68
C1 CLA JK . -83.43 14.78 17.92
C2 CLA JK . -83.12 15.81 16.90
C3 CLA JK . -83.99 16.38 16.06
C4 CLA JK . -85.44 16.07 16.07
C5 CLA JK . -83.54 17.41 15.08
C6 CLA JK . -84.32 18.71 15.22
MG CLA KK . -87.65 5.66 3.28
CHA CLA KK . -87.62 7.01 6.48
CHB CLA KK . -90.30 3.67 4.22
CHC CLA KK . -88.44 5.14 -0.02
CHD CLA KK . -85.64 8.42 2.26
NA CLA KK . -88.71 5.35 5.06
C1A CLA KK . -88.56 6.04 6.28
C2A CLA KK . -89.54 5.50 7.33
C3A CLA KK . -90.08 4.22 6.68
C4A CLA KK . -89.69 4.42 5.21
CMA CLA KK . -89.45 3.03 7.33
CAA CLA KK . -90.70 6.43 7.65
CBA CLA KK . -90.92 7.62 6.76
CGA CLA KK . -91.54 7.30 5.43
O1A CLA KK . -92.59 6.70 5.20
O2A CLA KK . -90.79 7.76 4.38
NB CLA KK . -89.13 4.67 2.30
C1B CLA KK . -90.00 3.79 2.85
C2B CLA KK . -90.61 2.93 1.81
C3B CLA KK . -90.10 3.35 0.60
C4B CLA KK . -89.14 4.44 0.91
CMB CLA KK . -91.59 1.89 2.11
CAB CLA KK . -90.37 2.86 -0.72
CBB CLA KK . -90.80 3.57 -1.76
NC CLA KK . -87.05 6.53 1.48
C1C CLA KK . -87.45 6.11 0.25
C2C CLA KK . -86.79 6.86 -0.81
C3C CLA KK . -86.07 7.87 -0.15
C4C CLA KK . -86.25 7.65 1.27
CMC CLA KK . -86.98 6.61 -2.23
CAC CLA KK . -85.23 8.90 -0.75
CBC CLA KK . -85.95 10.20 -0.95
ND CLA KK . -86.66 7.20 4.12
C1D CLA KK . -85.81 8.22 3.61
C2D CLA KK . -85.23 8.98 4.72
C3D CLA KK . -85.84 8.52 5.86
C4D CLA KK . -86.79 7.47 5.41
CMD CLA KK . -84.20 10.02 4.59
CAD CLA KK . -85.95 8.62 7.29
OBD CLA KK . -85.25 9.21 8.09
CBD CLA KK . -87.21 7.78 7.69
CGD CLA KK . -86.90 6.90 8.88
O1D CLA KK . -86.80 5.67 8.92
O2D CLA KK . -86.70 7.61 10.02
CED CLA KK . -87.80 8.38 10.50
C1 CLA KK . -91.17 7.36 3.05
NB KC2 LK . -84.82 17.04 6.29
ND KC2 LK . -86.61 13.43 5.93
C1A KC2 LK . -86.60 14.28 9.17
C1B KC2 LK . -84.62 17.75 7.41
C1C KC2 LK . -85.11 16.44 3.33
C1D KC2 LK . -87.00 12.70 4.86
C2A KC2 LK . -86.67 14.75 10.59
C2B KC2 LK . -84.20 19.14 7.13
C2C KC2 LK . -85.34 16.14 1.92
C2D KC2 LK . -87.85 11.59 5.34
C3A KC2 LK . -85.95 16.04 10.51
C3B KC2 LK . -84.11 19.20 5.67
C3C KC2 LK . -85.94 14.82 1.89
C3D KC2 LK . -87.90 11.75 6.80
C4A KC2 LK . -85.53 16.19 9.09
C4B KC2 LK . -84.50 17.84 5.25
C4C KC2 LK . -85.97 14.48 3.35
C4D KC2 LK . -87.10 12.86 7.13
CAA KC2 LK . -87.30 14.14 11.78
CAB KC2 LK . -83.75 20.27 4.70
CAC KC2 LK . -86.35 14.10 0.63
CAD KC2 LK . -88.46 11.12 8.03
CBA KC2 LK . -87.18 14.38 13.07
CBB KC2 LK . -82.51 20.43 4.24
CBC KC2 LK . -87.77 14.39 0.23
CBD KC2 LK . -87.94 11.92 9.13
CED KC2 LK . -90.80 11.62 11.52
CGA KC2 LK . -88.10 13.62 13.92
CGD KC2 LK . -89.18 12.36 9.83
CHA KC2 LK . -87.16 13.04 8.60
CHB KC2 LK . -84.81 17.42 8.82
CHC KC2 LK . -84.53 17.68 3.81
CHD KC2 LK . -86.57 13.13 3.51
CMA KC2 LK . -85.64 17.09 11.57
CMB KC2 LK . -83.87 20.27 8.09
CMC KC2 LK . -85.03 17.08 0.77
CMD KC2 LK . -88.45 10.64 4.33
NA KC2 LK . -85.89 15.19 8.26
NC KC2 LK . -85.42 15.52 4.25
O1A KC2 LK . -88.74 14.22 14.81
O1D KC2 LK . -90.09 12.89 9.22
O2A KC2 LK . -87.98 12.36 13.88
O2D KC2 LK . -89.45 11.68 11.06
OBD KC2 LK . -89.43 10.31 7.81
MG KC2 LK . -85.45 15.07 6.26
MG CLA MK . -76.76 15.80 -9.13
CHA CLA MK . -77.14 16.75 -12.54
CHB CLA MK . -80.24 15.51 -9.12
CHC CLA MK . -76.76 13.38 -6.60
CHD CLA MK . -73.58 14.52 -10.13
NA CLA MK . -78.35 16.21 -10.50
C1A CLA MK . -78.31 16.59 -11.86
C2A CLA MK . -79.70 16.76 -12.51
C3A CLA MK . -80.64 16.60 -11.29
C4A CLA MK . -79.68 16.08 -10.22
CMA CLA MK . -81.34 17.85 -10.88
CAA CLA MK . -80.00 15.82 -13.68
CBA CLA MK . -81.31 15.07 -13.63
CGA CLA MK . -81.01 13.61 -13.63
O1A CLA MK . -80.60 12.93 -12.67
O2A CLA MK . -81.24 13.02 -14.84
NB CLA MK . -78.16 14.75 -8.08
C1B CLA MK . -79.50 14.93 -8.10
C2B CLA MK . -80.18 14.38 -6.90
C3B CLA MK . -79.19 13.77 -6.17
C4B CLA MK . -77.93 13.95 -6.93
CMB CLA MK . -81.64 14.41 -6.75
CAB CLA MK . -79.24 12.96 -4.97
CBB CLA MK . -80.12 13.04 -3.98
NC CLA MK . -75.38 14.37 -8.42
C1C CLA MK . -75.55 13.56 -7.32
C2C CLA MK . -74.33 12.85 -7.00
C3C CLA MK . -73.50 13.05 -8.10
C4C CLA MK . -74.15 14.01 -8.97
CMC CLA MK . -74.14 12.02 -5.82
CAC CLA MK . -72.12 12.56 -8.22
CBC CLA MK . -71.07 13.62 -7.96
ND CLA MK . -75.56 15.78 -10.79
C1D CLA MK . -74.23 15.35 -11.00
C2D CLA MK . -73.72 15.90 -12.28
C3D CLA MK . -74.79 16.52 -12.86
C4D CLA MK . -75.93 16.31 -11.95
CMD CLA MK . -72.35 15.78 -12.77
CAD CLA MK . -75.26 17.20 -14.05
OBD CLA MK . -74.64 17.63 -15.02
CBD CLA MK . -76.80 17.29 -13.90
CGD CLA MK . -77.21 18.73 -13.92
O1D CLA MK . -77.27 19.50 -12.97
O2D CLA MK . -77.53 19.20 -15.15
CED CLA MK . -76.62 20.13 -15.73
C1 CLA MK . -80.82 11.64 -15.03
C2 CLA MK . -81.81 10.73 -14.42
C3 CLA MK . -82.00 9.47 -14.82
C4 CLA MK . -81.20 8.87 -15.92
C5 CLA MK . -83.01 8.59 -14.18
C6 CLA MK . -82.43 7.27 -13.71
MG CLA NK . -65.92 15.28 -7.72
CHA CLA NK . -65.47 17.24 -10.55
CHB CLA NK . -67.12 12.78 -9.73
CHC CLA NK . -65.36 12.98 -5.20
CHD CLA NK . -64.06 17.66 -5.86
NA CLA NK . -66.28 15.09 -9.77
C1A CLA NK . -66.01 16.00 -10.80
C2A CLA NK . -66.48 15.43 -12.15
C3A CLA NK . -67.42 14.29 -11.70
C4A CLA NK . -66.89 14.00 -10.31
CMA CLA NK . -68.87 14.69 -11.65
CAA CLA NK . -65.36 14.80 -12.95
CBA CLA NK . -64.76 15.71 -14.01
CGA CLA NK . -63.41 16.19 -13.57
O1A CLA NK . -62.88 17.28 -13.79
O2A CLA NK . -62.70 15.26 -12.86
NB CLA NK . -66.29 13.32 -7.48
C1B CLA NK . -66.68 12.45 -8.45
C2B CLA NK . -66.58 11.05 -7.98
C3B CLA NK . -66.08 11.10 -6.71
C4B CLA NK . -65.89 12.53 -6.37
CMB CLA NK . -66.92 9.91 -8.85
CAB CLA NK . -65.73 10.04 -5.79
CBB CLA NK . -66.57 9.13 -5.29
NC CLA NK . -64.99 15.35 -5.85
C1C CLA NK . -64.95 14.32 -4.95
C2C CLA NK . -64.30 14.73 -3.72
C3C CLA NK . -63.83 16.02 -3.94
C4C CLA NK . -64.28 16.41 -5.27
CMC CLA NK . -64.12 13.87 -2.55
CAC CLA NK . -63.11 16.88 -2.98
CBC CLA NK . -61.60 16.77 -3.11
ND CLA NK . -64.95 17.02 -8.05
C1D CLA NK . -64.35 17.96 -7.17
C2D CLA NK . -64.13 19.23 -7.89
C3D CLA NK . -64.53 19.00 -9.19
C4D CLA NK . -65.02 17.62 -9.24
CMD CLA NK . -63.55 20.43 -7.29
CAD CLA NK . -64.70 19.58 -10.51
OBD CLA NK . -64.48 20.72 -10.89
CBD CLA NK . -65.26 18.46 -11.42
CGD CLA NK . -66.50 18.89 -12.15
O1D CLA NK . -66.63 19.12 -13.35
O2D CLA NK . -67.59 19.01 -11.34
CED CLA NK . -68.80 18.44 -11.83
C1 CLA NK . -62.05 15.73 -11.66
C2 CLA NK . -62.49 14.82 -10.57
C3 CLA NK . -62.22 15.03 -9.28
C4 CLA NK . -61.43 16.21 -8.83
C5 CLA NK . -62.69 14.08 -8.25
C6 CLA NK . -61.74 13.99 -7.06
C03 II0 OK . -79.15 19.99 18.78
C04 II0 OK . -81.69 19.68 -5.54
C05 II0 OK . -79.45 19.65 20.37
C06 II0 OK . -81.16 20.71 -6.73
C07 II0 OK . -80.29 18.61 20.61
C08 II0 OK . -79.80 20.78 -6.84
C09 II0 OK . -79.95 19.15 17.87
C10 II0 OK . -80.68 18.77 -5.10
C11 II0 OK . -79.97 17.26 19.63
C12 II0 OK . -79.15 19.27 -7.14
C13 II0 OK . -80.03 17.61 18.26
C14 II0 OK . -79.61 18.29 -6.19
C15 II0 OK . -79.54 21.49 18.52
C16 II0 OK . -77.62 19.82 18.48
C17 II0 OK . -82.12 20.52 -4.32
C18 II0 OK . -82.91 18.80 -6.03
C19 II0 OK . -79.71 16.59 17.18
C20 II0 OK . -78.65 17.23 -5.65
C21 II0 OK . -79.76 19.42 16.34
C22 II0 OK . -80.96 17.87 -3.86
C23 II0 OK . -79.67 19.62 15.17
C24 II0 OK . -81.11 17.20 -2.89
C25 II0 OK . -79.40 19.96 13.68
C26 II0 OK . -81.30 16.44 -1.55
C27 II0 OK . -78.18 20.80 13.27
C28 II0 OK . -82.24 15.28 -1.38
C29 II0 OK . -80.28 19.49 12.75
C30 II0 OK . -80.54 16.88 -0.56
C31 II0 OK . -80.10 19.80 11.22
C32 II0 OK . -80.49 16.32 0.88
C33 II0 OK . -80.42 18.85 10.33
C34 II0 OK . -80.89 17.20 1.78
C35 II0 OK . -80.26 19.19 8.85
C36 II0 OK . -80.91 16.90 3.28
C37 II0 OK . -79.65 20.51 8.44
C38 II0 OK . -81.66 15.70 3.84
C39 II0 OK . -80.70 18.29 7.94
C40 II0 OK . -80.26 17.77 4.09
C41 II0 OK . -80.60 18.54 6.43
C42 II0 OK . -80.32 17.49 5.62
O01 II0 OK . -80.15 18.20 21.96
O02 II0 OK . -79.48 21.68 -7.89
C03 II0 PK . -69.65 0.41 -0.94
C04 II0 PK . -67.86 24.97 0.93
C05 II0 PK . -69.30 -1.09 -0.35
C06 II0 PK . -68.20 26.59 0.74
C07 II0 PK . -69.25 -1.13 1.00
C08 II0 PK . -69.50 26.84 0.39
C09 II0 PK . -70.17 1.32 0.12
C10 II0 PK . -68.86 24.28 1.71
C11 II0 PK . -70.71 -0.63 1.71
C12 II0 PK . -70.64 26.17 1.41
C13 II0 PK . -71.02 0.70 1.33
C14 II0 PK . -70.18 25.04 2.18
C15 II0 PK . -68.35 1.04 -1.55
C16 II0 PK . -70.75 0.30 -2.06
C17 II0 PK . -67.77 24.30 -0.45
C18 II0 PK . -66.48 24.83 1.67
C19 II0 PK . -71.58 1.65 2.39
C20 II0 PK . -71.25 24.17 2.87
C21 II0 PK . -70.55 2.76 -0.31
C22 II0 PK . -68.50 22.92 2.39
C23 II0 PK . -70.83 3.90 -0.56
C24 II0 PK . -68.22 21.85 2.86
C25 II0 PK . -71.15 5.40 -0.82
C26 II0 PK . -67.92 20.40 3.31
C27 II0 PK . -72.23 5.83 -1.83
C28 II0 PK . -66.55 20.01 3.80
C29 II0 PK . -70.41 6.31 -0.12
C30 II0 PK . -68.92 19.51 3.22
C31 II0 PK . -70.65 7.83 -0.33
C32 II0 PK . -68.76 18.01 3.58
C33 II0 PK . -69.96 8.68 0.47
C34 II0 PK . -68.61 17.19 2.56
C35 II0 PK . -70.13 10.19 0.34
C36 II0 PK . -68.46 15.67 2.76
C37 II0 PK . -70.91 10.77 -0.82
C38 II0 PK . -67.78 15.14 4.02
C39 II0 PK . -69.54 10.98 1.26
C40 II0 PK . -68.93 14.85 1.80
C41 II0 PK . -69.65 12.53 1.17
C42 II0 PK . -68.82 13.30 1.92
O01 II0 PK . -69.00 -2.47 1.38
O02 II0 PK . -69.71 28.25 0.38
C03 II0 QK . -81.19 6.37 2.09
C04 II0 QK . -70.88 14.53 -18.74
C05 II0 QK . -81.33 5.47 3.46
C06 II0 QK . -71.93 15.71 -18.20
C07 II0 QK . -81.56 4.13 3.34
C08 II0 QK . -71.39 16.94 -17.91
C09 II0 QK . -80.88 5.67 0.84
C10 II0 QK . -69.69 14.50 -17.90
C11 II0 QK . -80.93 3.33 1.98
C12 II0 QK . -69.93 16.91 -17.09
C13 II0 QK . -80.48 4.13 0.89
C14 II0 QK . -69.02 15.91 -17.62
C15 II0 QK . -82.54 7.09 1.80
C16 II0 QK . -80.19 7.56 2.26
C17 II0 QK . -71.58 13.16 -18.65
C18 II0 QK . -70.49 14.77 -20.25
C19 II0 QK . -80.10 3.43 -0.43
C20 II0 QK . -67.53 15.98 -17.27
C21 II0 QK . -80.77 6.53 -0.48
C22 II0 QK . -69.74 13.54 -16.68
C23 II0 QK . -80.69 7.20 -1.48
C24 II0 QK . -69.83 12.86 -15.71
C25 II0 QK . -80.42 8.05 -2.77
C26 II0 QK . -69.97 12.04 -14.40
C27 II0 QK . -81.05 9.42 -2.93
C28 II0 QK . -68.83 11.20 -13.89
C29 II0 QK . -79.58 7.55 -3.77
C30 II0 QK . -71.13 12.16 -13.75
C31 II0 QK . -79.22 8.33 -5.09
C32 II0 QK . -71.39 11.39 -12.42
C33 II0 QK . -77.93 8.46 -5.43
C34 II0 QK . -72.64 11.01 -12.16
C35 II0 QK . -77.48 9.18 -6.71
C36 II0 QK . -72.94 10.25 -10.86
C37 II0 QK . -78.44 10.11 -7.40
C38 II0 QK . -71.93 9.26 -10.27
C39 II0 QK . -76.22 8.99 -7.21
C40 II0 QK . -74.13 10.45 -10.24
C41 II0 QK . -75.77 9.72 -8.50
C42 II0 QK . -74.47 9.69 -8.92
O01 II0 QK . -81.07 3.47 4.49
O02 II0 QK . -71.25 17.69 -19.13
O1 LHG RK . -89.10 0.46 5.45
C1 LHG RK . -88.40 -0.41 4.56
C2 LHG RK . -87.95 0.36 3.32
O2 LHG RK . -87.18 -0.52 2.50
C3 LHG RK . -87.11 1.57 3.71
O3 LHG RK . -86.89 2.37 2.56
P LHG RK . -85.52 3.20 2.37
O4 LHG RK . -84.37 2.31 2.77
O5 LHG RK . -85.72 4.55 3.03
O6 LHG RK . -85.49 3.40 0.77
C4 LHG RK . -84.29 3.39 0.01
C5 LHG RK . -84.59 2.90 -1.41
C6 LHG RK . -83.35 3.04 -2.29
O7 LHG RK . -85.02 1.54 -1.41
C7 LHG RK . -86.47 1.38 -1.53
O9 LHG RK . -87.15 1.44 -0.53
C8 LHG RK . -87.12 1.13 -2.89
C9 LHG RK . -87.36 2.41 -3.68
C10 LHG RK . -87.08 2.21 -5.16
O8 LHG RK . -82.93 4.39 -2.32
C23 LHG RK . -83.33 5.27 -3.42
O10 LHG RK . -83.89 6.31 -3.17
C24 LHG RK . -83.09 4.89 -4.86
C11 LHG RK . -85.59 1.90 -5.35
C12 LHG RK . -85.22 1.81 -6.83
C13 LHG RK . -85.93 0.65 -7.51
C14 LHG RK . -85.52 0.58 -8.98
C25 LHG RK . -81.60 4.84 -5.12
C26 LHG RK . -81.31 4.40 -6.54
C27 LHG RK . -81.76 5.42 -7.58
C28 LHG RK . -81.44 4.94 -9.00
C29 LHG RK . -82.26 3.72 -9.44
C30 LHG RK . -81.44 2.43 -9.56
C31 LHG RK . -80.31 2.55 -10.58
C32 LHG RK . -79.39 1.33 -10.49
C33 LHG RK . -78.36 1.28 -11.61
C34 LHG RK . -79.01 1.05 -12.96
NB KC2 SK . -53.34 19.44 16.79
ND KC2 SK . -53.32 15.41 16.20
C1A KC2 SK . -52.59 15.98 19.38
C1B KC2 SK . -52.95 20.09 17.90
C1C KC2 SK . -54.01 18.94 13.87
C1D KC2 SK . -53.38 14.63 15.09
C2A KC2 SK . -52.11 16.23 20.75
C2B KC2 SK . -52.95 21.57 17.69
C2C KC2 SK . -54.17 18.64 12.44
C2D KC2 SK . -53.15 13.22 15.48
C3A KC2 SK . -52.06 17.72 20.79
C3B KC2 SK . -53.38 21.73 16.31
C3C KC2 SK . -54.04 17.17 12.34
C3D KC2 SK . -52.93 13.25 16.95
C4A KC2 SK . -52.51 18.17 19.44
C4B KC2 SK . -53.60 20.36 15.84
C4C KC2 SK . -53.81 16.78 13.76
C4D KC2 SK . -53.04 14.60 17.32
CAA KC2 SK . -51.75 15.29 21.85
CAB KC2 SK . -53.64 22.88 15.40
CAC KC2 SK . -54.12 16.39 11.05
CAD KC2 SK . -52.64 12.40 18.15
CBA KC2 SK . -52.52 14.91 22.86
CBB KC2 SK . -54.56 23.78 15.70
CBC KC2 SK . -52.75 16.23 10.46
CBD KC2 SK . -52.83 13.29 19.29
CED KC2 SK . -53.98 10.71 20.89
CGA KC2 SK . -52.38 13.50 23.25
CGD KC2 SK . -54.14 12.99 19.97
CHA KC2 SK . -52.84 14.67 18.79
CHB KC2 SK . -52.54 19.62 19.22
CHC KC2 SK . -54.06 20.27 14.46
CHD KC2 SK . -53.66 15.30 13.81
CMA KC2 SK . -51.64 18.63 21.91
CMB KC2 SK . -52.58 22.66 18.67
CMC KC2 SK . -54.40 19.66 11.34
CMD KC2 SK . -53.18 12.17 14.40
NA KC2 SK . -52.84 17.19 18.58
NC KC2 SK . -53.80 17.94 14.70
O1A KC2 SK . -53.21 13.02 24.05
O1D KC2 SK . -54.92 13.87 20.28
O2A KC2 SK . -51.61 12.79 22.54
O2D KC2 SK . -54.59 11.62 19.97
OBD KC2 SK . -52.07 11.28 17.88
MG KC2 SK . -53.50 17.41 16.64
C10 WVN TK . -63.76 24.39 -2.72
C11 WVN TK . -75.13 4.80 -5.37
C12 WVN TK . -62.71 23.89 -1.73
C13 WVN TK . -63.74 21.95 -3.40
C14 WVN TK . -61.72 22.92 -2.37
C01 WVN TK . -77.28 3.50 -5.56
C02 WVN TK . -75.78 3.41 -5.23
C03 WVN TK . -78.00 2.25 -5.08
C04 WVN TK . -77.88 2.07 -3.57
C05 WVN TK . -75.50 2.77 -3.86
C06 WVN TK . -64.24 23.36 -3.74
C07 WVN TK . -77.89 4.77 -5.00
C08 WVN TK . -77.45 3.48 -7.06
C09 WVN TK . -76.44 2.26 -3.10
C15 WVN TK . -62.47 21.79 -3.08
C16 WVN TK . -74.07 2.70 -3.35
C17 WVN TK . -63.83 23.76 -5.16
C18 WVN TK . -65.76 23.42 -3.69
C19 WVN TK . -74.13 4.87 -6.23
C20 WVN TK . -64.72 20.79 -3.16
C21 WVN TK . -61.64 20.71 -3.76
C22 WVN TK . -73.33 6.12 -6.54
C23 WVN TK . -65.12 20.48 -1.94
C24 WVN TK . -72.87 6.33 -7.99
C25 WVN TK . -66.08 19.33 -1.66
C26 WVN TK . -73.04 6.99 -5.60
C27 WVN TK . -66.67 19.18 -0.26
C28 WVN TK . -66.39 18.48 -2.61
C29 WVN TK . -72.20 8.22 -5.94
C30 WVN TK . -67.36 17.32 -2.34
C31 WVN TK . -71.67 8.93 -4.97
C32 WVN TK . -70.81 10.14 -5.29
C33 WVN TK . -67.45 16.36 -3.23
C34 WVN TK . -68.38 15.16 -3.04
C35 WVN TK . -70.00 10.15 -6.58
C36 WVN TK . -70.74 11.15 -4.45
C37 WVN TK . -68.45 14.23 -3.95
C38 WVN TK . -69.20 15.03 -1.76
C39 WVN TK . -69.86 12.37 -4.78
C40 WVN TK . -69.35 13.02 -3.76
MG CLA UK . -75.21 -32.63 -34.06
CHA CLA UK . -78.05 -31.43 -32.47
CHB CLA UK . -77.09 -35.27 -35.23
CHC CLA UK . -72.90 -33.20 -36.54
CHD CLA UK . -73.69 -29.46 -33.50
NA CLA UK . -77.21 -33.24 -33.84
C1A CLA UK . -78.24 -32.59 -33.15
C2A CLA UK . -79.53 -33.41 -33.23
C3A CLA UK . -79.05 -34.77 -33.77
C4A CLA UK . -77.69 -34.41 -34.35
CMA CLA UK . -78.91 -35.79 -32.67
CAA CLA UK . -80.55 -32.81 -34.18
CBA CLA UK . -80.00 -31.95 -35.29
CGA CLA UK . -80.11 -32.67 -36.61
O1A CLA UK . -81.11 -32.99 -37.24
O2A CLA UK . -78.87 -32.96 -37.12
NB CLA UK . -75.02 -33.97 -35.56
C1B CLA UK . -75.86 -35.00 -35.82
C2B CLA UK . -75.31 -35.85 -36.90
C3B CLA UK . -74.13 -35.30 -37.30
C4B CLA UK . -73.92 -34.09 -36.45
CMB CLA UK . -76.03 -37.01 -37.40
CAB CLA UK . -73.23 -35.76 -38.33
CBB CLA UK . -72.65 -35.03 -39.28
NC CLA UK . -73.56 -31.58 -34.80
C1C CLA UK . -72.72 -32.03 -35.76
C2C CLA UK . -71.64 -31.11 -36.01
C3C CLA UK . -71.92 -30.00 -35.22
C4C CLA UK . -73.11 -30.31 -34.45
CMC CLA UK . -70.57 -31.31 -36.98
CAC CLA UK . -71.14 -28.77 -35.11
CBC CLA UK . -69.93 -28.96 -34.26
ND CLA UK . -75.65 -30.87 -33.16
C1D CLA UK . -74.89 -29.72 -32.89
C2D CLA UK . -75.59 -28.89 -31.90
C3D CLA UK . -76.81 -29.51 -31.69
C4D CLA UK . -76.81 -30.71 -32.53
CMD CLA UK . -75.06 -27.67 -31.31
CAD CLA UK . -78.06 -29.49 -30.97
OBD CLA UK . -78.43 -28.74 -30.07
CBD CLA UK . -78.94 -30.64 -31.54
CGD CLA UK . -79.51 -31.48 -30.43
O1D CLA UK . -80.66 -31.86 -30.29
O2D CLA UK . -78.61 -31.82 -29.46
CED CLA UK . -78.99 -32.80 -28.50
C1 CLA UK . -78.83 -33.69 -38.36
C2 CLA UK . -77.41 -33.70 -38.80
C3 CLA UK . -76.82 -32.61 -39.34
C4 CLA UK . -77.54 -31.33 -39.55
C5 CLA UK . -75.39 -32.64 -39.77
C6 CLA UK . -75.22 -32.25 -41.23
MG CLA VK . -72.64 -22.06 -25.03
CHA CLA VK . -72.45 -25.29 -23.83
CHB CLA VK . -70.18 -21.15 -22.81
CHC CLA VK . -72.13 -19.15 -26.78
CHD CLA VK . -74.55 -23.29 -27.77
NA CLA VK . -71.53 -23.07 -23.56
C1A CLA VK . -71.61 -24.42 -23.21
C2A CLA VK . -70.65 -24.75 -22.07
C3A CLA VK . -70.22 -23.36 -21.59
C4A CLA VK . -70.65 -22.46 -22.74
CMA CLA VK . -70.94 -23.01 -20.31
CAA CLA VK . -69.45 -25.59 -22.48
CBA CLA VK . -68.78 -25.27 -23.81
CGA CLA VK . -67.77 -24.18 -23.68
O1A CLA VK . -66.92 -24.02 -22.78
O2A CLA VK . -67.80 -23.29 -24.72
NB CLA VK . -71.40 -20.48 -24.84
C1B CLA VK . -70.53 -20.26 -23.82
C2B CLA VK . -69.99 -18.88 -23.90
C3B CLA VK . -70.54 -18.31 -25.02
C4B CLA VK . -71.42 -19.33 -25.63
CMB CLA VK . -69.03 -18.36 -22.93
CAB CLA VK . -70.35 -17.03 -25.62
CBB CLA VK . -69.18 -16.45 -25.83
NC CLA VK . -73.32 -21.31 -26.87
C1C CLA VK . -73.05 -20.07 -27.36
C2C CLA VK . -73.76 -19.85 -28.61
C3C CLA VK . -74.33 -21.08 -28.94
C4C CLA VK . -74.06 -21.97 -27.84
CMC CLA VK . -73.75 -18.62 -29.39
CAC CLA VK . -75.15 -21.38 -30.12
CBC CLA VK . -74.30 -21.83 -31.28
ND CLA VK . -73.41 -23.81 -25.67
C1D CLA VK . -74.25 -24.16 -26.75
C2D CLA VK . -74.70 -25.56 -26.60
C3D CLA VK . -74.07 -26.03 -25.47
C4D CLA VK . -73.25 -24.92 -24.96
CMD CLA VK . -75.62 -26.23 -27.51
CAD CLA VK . -73.87 -27.15 -24.58
OBD CLA VK . -74.37 -28.26 -24.57
CBD CLA VK . -72.79 -26.74 -23.55
CGD CLA VK . -73.43 -26.93 -22.21
O1D CLA VK . -73.53 -28.00 -21.60
O2D CLA VK . -73.97 -25.81 -21.66
CED CLA VK . -74.44 -25.88 -20.32
C1 CLA VK . -66.97 -22.11 -24.66
C2 CLA VK . -67.27 -21.32 -25.87
C3 CLA VK . -66.64 -20.19 -26.25
C4 CLA VK . -65.54 -19.59 -25.46
C5 CLA VK . -67.01 -19.47 -27.49
MG CLA WK . -67.03 -12.28 -25.03
CHA CLA WK . -65.06 -12.94 -22.24
CHB CLA WK . -66.08 -15.29 -26.34
CHC CLA WK . -68.34 -11.38 -28.09
CHD CLA WK . -67.29 -8.93 -23.97
NA CLA WK . -65.84 -13.86 -24.36
C1A CLA WK . -65.13 -13.96 -23.14
C2A CLA WK . -64.43 -15.32 -23.04
C3A CLA WK . -64.83 -16.03 -24.33
C4A CLA WK . -65.67 -15.01 -25.07
CMA CLA WK . -63.63 -16.39 -25.16
CAA CLA WK . -65.07 -16.10 -21.92
CBA CLA WK . -64.50 -17.49 -21.68
CGA CLA WK . -63.11 -17.40 -21.11
O1A CLA WK . -62.71 -16.78 -20.12
O2A CLA WK . -62.22 -18.16 -21.81
NB CLA WK . -67.28 -13.20 -26.81
C1B CLA WK . -66.79 -14.41 -27.15
C2B CLA WK . -67.07 -14.71 -28.58
C3B CLA WK . -67.72 -13.60 -29.09
C4B CLA WK . -67.84 -12.63 -27.98
CMB CLA WK . -66.63 -15.96 -29.21
CAB CLA WK . -68.15 -13.25 -30.41
CBB CLA WK . -67.95 -13.89 -31.57
NC CLA WK . -67.74 -10.49 -25.85
C1C CLA WK . -68.30 -10.37 -27.08
C2C CLA WK . -68.77 -9.01 -27.29
C3C CLA WK . -68.39 -8.30 -26.14
C4C CLA WK . -67.79 -9.25 -25.24
CMC CLA WK . -69.41 -8.47 -28.49
CAC CLA WK . -68.62 -6.88 -25.87
CBC CLA WK . -67.33 -6.12 -26.14
ND CLA WK . -66.31 -11.12 -23.54
C1D CLA WK . -66.58 -9.79 -23.17
C2D CLA WK . -65.98 -9.51 -21.85
C3D CLA WK . -65.37 -10.68 -21.46
C4D CLA WK . -65.61 -11.65 -22.54
CMD CLA WK . -66.00 -8.23 -21.15
CAD CLA WK . -64.55 -11.31 -20.46
OBD CLA WK . -64.05 -10.84 -19.47
CBD CLA WK . -64.39 -12.80 -20.88
CGD CLA WK . -62.93 -13.21 -20.88
O1D CLA WK . -62.30 -13.79 -19.99
O2D CLA WK . -62.25 -12.91 -22.02
CED CLA WK . -60.83 -12.96 -21.97
C1 CLA WK . -60.82 -18.08 -21.45
C2 CLA WK . -60.20 -16.96 -22.20
C3 CLA WK . -59.84 -17.02 -23.50
C4 CLA WK . -60.03 -18.25 -24.32
C5 CLA WK . -59.23 -15.86 -24.19
C6 CLA WK . -59.90 -15.50 -25.50
MG CLA XK . -80.93 1.04 -27.20
CHA CLA XK . -81.18 4.41 -27.94
CHB CLA XK . -77.59 1.47 -26.58
CHC CLA XK . -80.78 -1.94 -25.48
CHD CLA XK . -84.46 0.85 -27.13
NA CLA XK . -79.63 2.68 -27.26
C1A CLA XK . -79.93 4.00 -27.60
C2A CLA XK . -78.68 4.88 -27.52
C3A CLA XK . -77.55 3.87 -27.24
C4A CLA XK . -78.30 2.58 -26.99
CMA CLA XK . -76.59 3.71 -28.39
CAA CLA XK . -78.76 5.97 -26.46
CBA CLA XK . -78.97 5.46 -25.06
CGA CLA XK . -80.43 5.48 -24.75
O1A CLA XK . -81.19 6.45 -24.63
O2A CLA XK . -80.93 4.23 -24.57
NB CLA XK . -79.49 -0.01 -26.25
C1B CLA XK . -78.16 0.26 -26.28
C2B CLA XK . -77.36 -0.91 -25.85
C3B CLA XK . -78.26 -1.90 -25.52
C4B CLA XK . -79.61 -1.33 -25.76
CMB CLA XK . -75.90 -0.82 -25.74
CAB CLA XK . -78.10 -3.24 -24.99
CBB CLA XK . -77.02 -4.03 -25.06
NC CLA XK . -82.36 -0.28 -26.43
C1C CLA XK . -82.07 -1.44 -25.76
C2C CLA XK . -83.29 -2.11 -25.37
C3C CLA XK . -84.35 -1.34 -25.85
C4C CLA XK . -83.75 -0.19 -26.52
CMC CLA XK . -83.32 -3.36 -24.60
CAC CLA XK . -85.79 -1.59 -25.69
CBC CLA XK . -86.33 -2.77 -26.48
ND CLA XK . -82.50 2.30 -27.37
C1D CLA XK . -83.89 2.04 -27.54
C2D CLA XK . -84.53 3.22 -28.13
C3D CLA XK . -83.56 4.17 -28.26
C4D CLA XK . -82.31 3.54 -27.79
CMD CLA XK . -85.94 3.33 -28.44
CAD CLA XK . -83.24 5.52 -28.70
OBD CLA XK . -83.97 6.40 -29.11
CBD CLA XK . -81.71 5.69 -28.54
CGD CLA XK . -81.11 5.95 -29.90
O1D CLA XK . -80.15 6.66 -30.17
O2D CLA XK . -81.75 5.29 -30.91
CED CLA XK . -81.27 5.46 -32.24
C1 CLA XK . -82.19 4.17 -23.90
C2 CLA XK . -82.62 2.75 -23.91
C3 CLA XK . -83.53 2.29 -23.04
C4 CLA XK . -84.18 3.17 -22.04
C5 CLA XK . -83.97 0.88 -23.05
C6 CLA XK . -83.35 0.07 -21.94
C7 CLA XK . -84.31 -1.02 -21.54
C8 CLA XK . -83.61 -2.27 -21.02
C9 CLA XK . -84.59 -3.43 -21.09
C10 CLA XK . -83.03 -2.03 -19.62
C11 CLA XK . -83.63 -2.95 -18.59
C12 CLA XK . -82.98 -2.85 -17.23
C13 CLA XK . -83.62 -3.91 -16.34
C14 CLA XK . -85.11 -3.66 -16.20
C15 CLA XK . -82.91 -3.98 -14.98
C16 CLA XK . -82.32 -5.36 -14.76
C17 CLA XK . -81.60 -5.45 -13.45
C18 CLA XK . -80.83 -6.75 -13.31
C19 CLA XK . -79.57 -6.75 -14.16
C20 CLA XK . -80.49 -6.96 -11.85
MG CLA YK . -84.52 13.69 -25.05
CHA CLA YK . -85.98 16.67 -26.02
CHB CLA YK . -81.71 14.48 -26.79
CHC CLA YK . -83.31 10.50 -24.55
CHD CLA YK . -87.58 12.71 -23.53
NA CLA YK . -83.95 15.34 -26.20
C1A CLA YK . -84.68 16.52 -26.48
C2A CLA YK . -83.83 17.45 -27.40
C3A CLA YK . -82.41 16.84 -27.27
C4A CLA YK . -82.70 15.44 -26.75
CMA CLA YK . -81.51 16.84 -28.49
CAA CLA YK . -83.85 18.95 -27.10
CBA CLA YK . -83.33 19.82 -28.24
CGA CLA YK . -84.21 19.82 -29.46
O1A CLA YK . -84.67 18.86 -30.09
O2A CLA YK . -84.46 21.07 -29.93
NB CLA YK . -82.91 12.65 -25.67
C1B CLA YK . -81.82 13.19 -26.28
C2B CLA YK . -80.68 12.24 -26.25
C3B CLA YK . -81.13 11.11 -25.63
C4B CLA YK . -82.52 11.37 -25.21
CMB CLA YK . -79.37 12.56 -26.81
CAB CLA YK . -80.44 9.88 -25.32
CBB CLA YK . -79.97 9.54 -24.11
NC CLA YK . -85.29 11.96 -24.16
C1C CLA YK . -84.60 10.78 -24.04
C2C CLA YK . -85.40 9.79 -23.34
C3C CLA YK . -86.62 10.39 -23.07
C4C CLA YK . -86.55 11.75 -23.59
CMC CLA YK . -84.93 8.43 -23.04
CAC CLA YK . -87.76 9.79 -22.35
CBC CLA YK . -88.58 8.88 -23.23
ND CLA YK . -86.31 14.52 -24.64
C1D CLA YK . -87.49 13.99 -24.04
C2D CLA YK . -88.52 15.03 -24.05
C3D CLA YK . -88.00 16.08 -24.78
C4D CLA YK . -86.63 15.70 -25.18
CMD CLA YK . -89.84 14.87 -23.43
CAD CLA YK . -88.22 17.41 -25.27
OBD CLA YK . -89.14 18.18 -25.04
CBD CLA YK . -87.02 17.74 -26.22
CGD CLA YK . -87.42 17.68 -27.68
O1D CLA YK . -87.18 18.49 -28.58
O2D CLA YK . -88.12 16.56 -28.02
CED CLA YK . -89.23 16.72 -28.90
MG CLA ZK . -77.32 9.53 -16.07
CHA CLA ZK . -77.60 11.67 -18.78
CHB CLA ZK . -77.28 12.22 -13.97
CHC CLA ZK . -78.53 7.55 -13.46
CHD CLA ZK . -78.32 6.87 -18.28
NA CLA ZK . -77.32 11.58 -16.35
C1A CLA ZK . -77.45 12.28 -17.55
C2A CLA ZK . -77.34 13.76 -17.28
C3A CLA ZK . -76.76 13.83 -15.85
C4A CLA ZK . -77.15 12.46 -15.32
CMA CLA ZK . -75.27 14.00 -15.86
CAA CLA ZK . -78.70 14.37 -17.38
CBA CLA ZK . -78.61 15.51 -18.36
CGA CLA ZK . -78.21 16.79 -17.68
O1A CLA ZK . -77.14 17.39 -17.75
O2A CLA ZK . -79.17 17.31 -16.86
NB CLA ZK . -77.73 9.81 -14.11
C1B CLA ZK . -77.65 10.98 -13.43
C2B CLA ZK . -78.02 10.78 -12.01
C3B CLA ZK . -78.37 9.46 -11.86
C4B CLA ZK . -78.20 8.83 -13.20
CMB CLA ZK . -78.05 11.85 -11.02
CAB CLA ZK . -78.86 8.75 -10.71
CBB CLA ZK . -80.15 8.50 -10.48
NC CLA ZK . -78.13 7.59 -15.90
C1C CLA ZK . -78.49 6.96 -14.74
C2C CLA ZK . -78.95 5.60 -14.98
C3C CLA ZK . -78.96 5.45 -16.35
C4C CLA ZK . -78.43 6.67 -16.92
CMC CLA ZK . -79.41 4.67 -13.96
CAC CLA ZK . -79.35 4.26 -17.10
CBC CLA ZK . -78.21 3.32 -17.37
ND CLA ZK . -77.79 9.25 -18.02
C1D CLA ZK . -78.04 8.09 -18.81
C2D CLA ZK . -77.98 8.43 -20.24
C3D CLA ZK . -77.87 9.80 -20.28
C4D CLA ZK . -77.77 10.26 -18.89
CMD CLA ZK . -78.11 7.46 -21.32
CAD CLA ZK . -77.73 10.95 -21.14
OBD CLA ZK . -77.68 11.03 -22.36
CBD CLA ZK . -77.65 12.19 -20.20
CGD CLA ZK . -76.48 13.01 -20.66
O1D CLA ZK . -76.33 13.50 -21.79
O2D CLA ZK . -75.53 13.23 -19.73
CED CLA ZK . -74.90 14.50 -19.80
C1 CLA ZK . -80.42 17.81 -17.40
C2 CLA ZK . -81.50 16.81 -17.16
C3 CLA ZK . -82.75 16.99 -17.59
C4 CLA ZK . -83.83 15.99 -17.35
C5 CLA ZK . -83.15 18.22 -18.33
C6 CLA ZK . -83.64 17.93 -19.73
MG CLA AL . -67.77 1.47 -26.90
CHA CLA AL . -65.26 3.80 -26.45
CHB CLA AL . -65.55 -0.33 -28.91
CHC CLA AL . -69.63 -1.41 -26.50
CHD CLA AL . -69.36 2.78 -23.99
NA CLA AL . -65.82 1.76 -27.63
C1A CLA AL . -64.95 2.80 -27.33
C2A CLA AL . -63.61 2.65 -28.06
C3A CLA AL . -63.94 1.55 -29.08
C4A CLA AL . -65.19 0.93 -28.52
CMA CLA AL . -64.21 2.14 -30.43
CAA CLA AL . -62.47 2.27 -27.13
CBA CLA AL . -62.80 1.15 -26.16
CGA CLA AL . -61.82 1.19 -25.02
O1A CLA AL . -61.68 2.07 -24.19
O2A CLA AL . -61.01 0.09 -24.97
NB CLA AL . -67.64 -0.43 -27.58
C1B CLA AL . -66.72 -0.95 -28.42
C2B CLA AL . -67.12 -2.30 -28.89
C3B CLA AL . -68.27 -2.61 -28.23
C4B CLA AL . -68.61 -1.44 -27.38
CMB CLA AL . -66.33 -3.10 -29.81
CAB CLA AL . -69.02 -3.82 -28.24
CBB CLA AL . -70.28 -3.92 -28.64
NC CLA AL . -69.27 0.86 -25.58
C1C CLA AL . -69.95 -0.32 -25.66
C2C CLA AL . -70.98 -0.41 -24.65
C3C CLA AL . -70.83 0.72 -23.87
C4C CLA AL . -69.79 1.53 -24.47
CMC CLA AL . -71.84 -1.58 -24.50
CAC CLA AL . -71.62 1.08 -22.69
CBC CLA AL . -73.01 1.47 -23.06
ND CLA AL . -67.51 2.97 -25.58
C1D CLA AL . -68.29 3.46 -24.50
C2D CLA AL . -67.70 4.74 -24.04
C3D CLA AL . -66.57 4.93 -24.79
C4D CLA AL . -66.46 3.78 -25.68
CMD CLA AL . -68.25 5.59 -22.99
CAD CLA AL . -65.41 5.77 -25.01
OBD CLA AL . -65.11 6.82 -24.46
CBD CLA AL . -64.55 5.07 -26.08
CGD CLA AL . -64.44 5.98 -27.26
O1D CLA AL . -63.73 6.97 -27.40
O2D CLA AL . -65.27 5.66 -28.30
CED CLA AL . -64.87 6.08 -29.61
C1 CLA AL . -61.67 -1.19 -24.86
C2 CLA AL . -60.68 -2.27 -24.98
C3 CLA AL . -59.79 -2.62 -24.04
C4 CLA AL . -59.69 -1.94 -22.72
C5 CLA AL . -58.83 -3.75 -24.29
C6 CLA AL . -57.39 -3.31 -24.40
MG CLA BL . -68.08 -7.29 -17.10
CHA CLA BL . -67.31 -10.61 -17.68
CHB CLA BL . -66.04 -7.35 -14.37
CHC CLA BL . -68.01 -3.85 -17.10
CHD CLA BL . -69.57 -7.19 -20.32
NA CLA BL . -66.95 -8.76 -16.15
C1A CLA BL . -66.75 -10.08 -16.56
C2A CLA BL . -65.86 -10.81 -15.57
C3A CLA BL . -65.87 -9.86 -14.36
C4A CLA BL . -66.29 -8.55 -15.00
CMA CLA BL . -66.93 -10.25 -13.37
CAA CLA BL . -64.47 -10.92 -16.14
CBA CLA BL . -63.65 -11.84 -15.28
CGA CLA BL . -62.28 -11.93 -15.86
O1A CLA BL . -61.96 -12.33 -16.98
O2A CLA BL . -61.32 -11.49 -14.99
NB CLA BL . -67.19 -5.88 -15.97
C1B CLA BL . -66.40 -6.11 -14.88
C2B CLA BL . -65.98 -4.83 -14.27
C3B CLA BL . -66.53 -3.83 -15.04
C4B CLA BL . -67.32 -4.48 -16.11
CMB CLA BL . -65.14 -4.80 -13.09
CAB CLA BL . -66.44 -2.41 -14.93
CBB CLA BL . -65.29 -1.73 -14.78
NC CLA BL . -68.78 -5.81 -18.39
C1C CLA BL . -68.73 -4.48 -18.15
C2C CLA BL . -69.39 -3.75 -19.20
C3C CLA BL . -69.71 -4.68 -20.18
C4C CLA BL . -69.36 -5.97 -19.65
CMC CLA BL . -69.53 -2.30 -19.22
CAC CLA BL . -70.42 -4.46 -21.44
CBC CLA BL . -71.91 -4.55 -21.26
ND CLA BL . -68.55 -8.58 -18.58
C1D CLA BL . -69.17 -8.40 -19.84
C2D CLA BL . -69.30 -9.72 -20.51
C3D CLA BL . -68.62 -10.60 -19.71
C4D CLA BL . -68.12 -9.83 -18.56
CMD CLA BL . -69.98 -9.96 -21.76
CAD CLA BL . -68.22 -11.97 -19.51
OBD CLA BL . -68.53 -12.99 -20.11
CBD CLA BL . -67.24 -11.97 -18.32
CGD CLA BL . -67.52 -13.11 -17.39
O1D CLA BL . -66.90 -14.17 -17.34
O2D CLA BL . -68.56 -12.94 -16.56
CED CLA BL . -68.49 -13.74 -15.39
MG CLA CL . -83.43 -13.93 -16.64
CHA CLA CL . -83.65 -14.64 -13.25
CHB CLA CL . -85.82 -16.33 -17.20
CHC CLA CL . -84.10 -12.56 -19.71
CHD CLA CL . -81.67 -10.96 -15.77
NA CLA CL . -84.48 -15.28 -15.43
C1A CLA CL . -84.44 -15.42 -14.04
C2A CLA CL . -85.35 -16.55 -13.58
C3A CLA CL . -85.70 -17.27 -14.88
C4A CLA CL . -85.32 -16.23 -15.94
CMA CLA CL . -84.93 -18.55 -15.02
CAA CLA CL . -86.57 -16.05 -12.83
CBA CLA CL . -87.19 -14.79 -13.41
CGA CLA CL . -88.13 -15.16 -14.51
O1A CLA CL . -88.97 -16.04 -14.50
O2A CLA CL . -88.01 -14.41 -15.64
NB CLA CL . -84.70 -14.36 -18.15
C1B CLA CL . -85.52 -15.43 -18.22
C2B CLA CL . -86.11 -15.56 -19.57
C3B CLA CL . -85.64 -14.50 -20.31
C4B CLA CL . -84.74 -13.71 -19.40
CMB CLA CL . -87.05 -16.64 -19.87
CAB CLA CL . -85.90 -14.05 -21.65
CBB CLA CL . -86.45 -14.73 -22.65
NC CLA CL . -82.88 -12.15 -17.59
C1C CLA CL . -83.21 -11.84 -18.88
C2C CLA CL . -82.60 -10.57 -19.25
C3C CLA CL . -81.99 -10.06 -18.11
C4C CLA CL . -82.16 -11.07 -17.07
CMC CLA CL . -82.70 -9.94 -20.56
CAC CLA CL . -81.23 -8.82 -17.99
CBC CLA CL . -82.11 -7.64 -17.67
ND CLA CL . -82.70 -13.03 -14.98
C1D CLA CL . -81.92 -11.86 -14.78
C2D CLA CL . -81.45 -11.82 -13.37
C3D CLA CL . -82.08 -12.88 -12.74
C4D CLA CL . -82.88 -13.56 -13.78
CMD CLA CL . -80.54 -10.83 -12.82
CAD CLA CL . -82.24 -13.62 -11.51
OBD CLA CL . -81.65 -13.47 -10.44
CBD CLA CL . -83.35 -14.68 -11.76
CGD CLA CL . -82.96 -16.03 -11.27
O1D CLA CL . -81.92 -16.65 -11.46
O2D CLA CL . -83.92 -16.62 -10.50
CED CLA CL . -83.79 -18.01 -10.22
C1 CLA CL . -89.16 -14.36 -16.48
C2 CLA CL . -88.75 -13.69 -17.74
C3 CLA CL . -89.60 -13.29 -18.70
C4 CLA CL . -91.06 -13.48 -18.59
C5 CLA CL . -89.07 -12.65 -19.94
C6 CLA CL . -89.68 -11.28 -20.23
MG CLA DL . -86.32 -25.41 -30.53
CHA CLA DL . -87.50 -24.12 -27.52
CHB CLA DL . -88.41 -28.10 -30.12
CHC CLA DL . -85.88 -26.27 -33.82
CHD CLA DL . -84.97 -22.21 -31.24
NA CLA DL . -87.67 -26.01 -29.04
C1A CLA DL . -88.01 -25.34 -27.86
C2A CLA DL . -89.04 -26.14 -27.05
C3A CLA DL . -89.14 -27.47 -27.81
C4A CLA DL . -88.35 -27.19 -29.09
CMA CLA DL . -88.54 -28.60 -27.02
CAA CLA DL . -90.35 -25.39 -26.92
CBA CLA DL . -91.62 -26.18 -27.12
CGA CLA DL . -92.73 -25.19 -27.34
O1A CLA DL . -93.93 -25.32 -27.04
O2A CLA DL . -92.33 -24.04 -27.95
NB CLA DL . -87.04 -26.87 -31.72
C1B CLA DL . -87.75 -27.96 -31.34
C2B CLA DL . -87.76 -28.99 -32.41
C3B CLA DL . -87.04 -28.48 -33.46
C4B CLA DL . -86.59 -27.13 -33.04
CMB CLA DL . -88.45 -30.28 -32.34
CAB CLA DL . -86.78 -29.06 -34.74
CBB CLA DL . -87.22 -28.60 -35.91
NC CLA DL . -85.52 -24.44 -32.19
C1C CLA DL . -85.38 -25.00 -33.43
C2C CLA DL . -84.70 -24.10 -34.32
C3C CLA DL . -84.53 -22.91 -33.62
C4C CLA DL . -85.02 -23.14 -32.27
CMC CLA DL . -84.37 -24.40 -35.72
CAC CLA DL . -83.85 -21.69 -34.07
CBC CLA DL . -84.68 -20.83 -34.98
ND CLA DL . -86.17 -23.61 -29.63
C1D CLA DL . -85.51 -22.41 -30.00
C2D CLA DL . -85.51 -21.48 -28.85
C3D CLA DL . -86.24 -22.10 -27.86
C4D CLA DL . -86.66 -23.39 -28.42
CMD CLA DL . -84.86 -20.18 -28.86
CAD CLA DL . -86.76 -22.00 -26.51
OBD CLA DL . -86.60 -21.15 -25.65
CBD CLA DL . -87.64 -23.26 -26.29
CGD CLA DL . -87.24 -24.04 -25.07
O1D CLA DL . -86.53 -25.05 -25.03
O2D CLA DL . -87.70 -23.53 -23.90
CED CLA DL . -88.61 -24.35 -23.18
C1 CLA DL . -92.46 -23.96 -29.40
C2 CLA DL . -93.80 -23.46 -29.73
C3 CLA DL . -94.07 -22.17 -30.01
C4 CLA DL . -95.44 -21.71 -30.32
C5 CLA DL . -93.00 -21.14 -30.00
C6 CLA DL . -92.89 -20.43 -31.34
C7 CLA DL . -92.04 -19.19 -31.18
C8 CLA DL . -92.78 -18.10 -30.43
C9 CLA DL . -93.71 -17.41 -31.40
C10 CLA DL . -91.80 -17.14 -29.76
C11 CLA DL . -92.20 -15.69 -29.88
C12 CLA DL . -91.27 -14.73 -29.17
C13 CLA DL . -91.55 -13.28 -29.59
C14 CLA DL . -92.48 -12.62 -28.62
C15 CLA DL . -92.09 -13.15 -31.01
C16 CLA DL . -91.03 -12.78 -32.03
NB KC2 EL . -88.11 -14.22 -28.23
ND KC2 EL . -88.71 -18.22 -28.40
C1A KC2 EL . -89.68 -17.18 -25.41
C1B KC2 EL . -88.43 -13.41 -27.22
C1C KC2 EL . -87.54 -15.10 -31.05
C1D KC2 EL . -88.67 -19.11 -29.42
C2A KC2 EL . -90.24 -16.64 -24.17
C2B KC2 EL . -88.35 -11.97 -27.59
C2C KC2 EL . -87.40 -15.54 -32.43
C2D KC2 EL . -89.28 -20.37 -28.98
C3A KC2 EL . -89.95 -15.21 -24.27
C3B KC2 EL . -87.92 -11.99 -28.99
C3C KC2 EL . -87.61 -16.99 -32.38
C3D KC2 EL . -89.67 -20.15 -27.58
C4A KC2 EL . -89.25 -15.04 -25.57
C4B KC2 EL . -87.79 -13.44 -29.27
C4C KC2 EL . -87.86 -17.21 -30.93
C4D KC2 EL . -89.30 -18.83 -27.26
CAA KC2 EL . -90.94 -17.23 -23.00
CAB KC2 EL . -87.59 -11.00 -30.06
CAC KC2 EL . -87.63 -17.92 -33.57
CAD KC2 EL . -90.29 -20.81 -26.38
CBA KC2 EL . -90.68 -18.36 -22.39
CBB KC2 EL . -87.67 -9.69 -29.89
CBC KC2 EL . -86.39 -17.87 -34.41
CBD KC2 EL . -90.48 -19.74 -25.42
CED KC2 EL . -93.93 -20.86 -24.99
CGA KC2 EL . -91.69 -18.74 -21.41
CGD KC2 EL . -91.95 -19.50 -25.38
CHA KC2 EL . -89.70 -18.57 -25.86
CHB KC2 EL . -88.87 -13.67 -25.86
CHC KC2 EL . -87.37 -13.71 -30.64
CHD KC2 EL . -88.11 -18.66 -30.71
CMA KC2 EL . -90.27 -14.10 -23.28
CMB KC2 EL . -88.65 -10.78 -26.73
CMC KC2 EL . -87.11 -14.59 -33.57
CMD KC2 EL . -89.35 -21.51 -29.96
NA KC2 EL . -89.05 -16.16 -26.28
NC KC2 EL . -87.78 -15.98 -30.09
O1A KC2 EL . -92.61 -17.94 -21.18
O1D KC2 EL . -92.55 -19.10 -26.38
O2A KC2 EL . -91.81 -19.99 -21.24
O2D KC2 EL . -92.67 -20.39 -24.54
OBD KC2 EL . -90.77 -21.98 -26.61
MG KC2 EL . -88.11 -16.28 -28.10
MG CLA FL . -76.77 -12.57 -40.65
CHA CLA FL . -76.76 -12.13 -44.17
CHB CLA FL . -79.97 -13.94 -41.09
CHC CLA FL . -76.50 -14.58 -37.83
CHD CLA FL . -73.22 -12.72 -40.92
NA CLA FL . -78.13 -12.79 -42.27
C1A CLA FL . -77.93 -12.58 -43.66
C2A CLA FL . -79.19 -12.87 -44.51
C3A CLA FL . -80.25 -13.17 -43.43
C4A CLA FL . -79.41 -13.29 -42.17
CMA CLA FL . -81.31 -12.13 -43.33
CAA CLA FL . -79.08 -13.93 -45.60
CBA CLA FL . -78.46 -15.25 -45.19
CGA CLA FL . -78.21 -16.09 -46.41
O1A CLA FL . -78.88 -16.19 -47.44
O2A CLA FL . -77.08 -16.84 -46.30
NB CLA FL . -77.94 -13.97 -39.73
C1B CLA FL . -79.28 -14.17 -39.92
C2B CLA FL . -79.97 -14.66 -38.69
C3B CLA FL . -78.99 -14.85 -37.75
C4B CLA FL . -77.71 -14.45 -38.41
CMB CLA FL . -81.39 -14.97 -38.64
CAB CLA FL . -79.01 -15.38 -36.41
CBB CLA FL . -79.73 -16.40 -35.94
NC CLA FL . -75.18 -13.40 -39.56
C1C CLA FL . -75.29 -14.14 -38.39
C2C CLA FL . -74.00 -14.36 -37.78
C3C CLA FL . -73.08 -13.97 -38.73
C4C CLA FL . -73.81 -13.34 -39.81
CMC CLA FL . -73.81 -15.01 -36.49
CAC CLA FL . -71.62 -13.93 -38.57
CBC CLA FL . -71.14 -12.60 -38.06
ND CLA FL . -75.34 -12.23 -42.05
C1D CLA FL . -73.93 -12.22 -41.98
C2D CLA FL . -73.38 -11.65 -43.21
C3D CLA FL . -74.44 -11.54 -44.09
C4D CLA FL . -75.62 -12.03 -43.34
CMD CLA FL . -71.97 -11.35 -43.43
CAD CLA FL . -74.88 -11.18 -45.42
OBD CLA FL . -74.30 -10.62 -46.33
CBD CLA FL . -76.33 -11.71 -45.56
CGD CLA FL . -77.24 -10.65 -46.13
O1D CLA FL . -77.80 -10.65 -47.23
O2D CLA FL . -77.42 -9.57 -45.33
CED CLA FL . -77.27 -8.30 -45.95
C1 CLA FL . -77.25 -18.26 -46.13
C2 CLA FL . -76.69 -18.91 -47.34
C3 CLA FL . -76.41 -20.23 -47.40
C4 CLA FL . -75.85 -20.84 -48.63
C5 CLA FL . -76.66 -21.13 -46.23
C6 CLA FL . -77.40 -22.40 -46.57
MG CLA GL . -66.76 -9.24 -37.23
CHA CLA GL . -66.17 -7.58 -40.22
CHB CLA GL . -66.32 -12.21 -38.89
CHC CLA GL . -66.24 -10.85 -34.24
CHD CLA GL . -66.26 -6.15 -35.55
NA CLA GL . -66.41 -9.78 -39.23
C1A CLA GL . -66.19 -8.94 -40.32
C2A CLA GL . -65.99 -9.75 -41.60
C3A CLA GL . -66.47 -11.15 -41.16
C4A CLA GL . -66.38 -11.07 -39.64
CMA CLA GL . -67.90 -11.37 -41.56
CAA CLA GL . -64.57 -9.75 -42.18
CBA CLA GL . -63.47 -10.34 -41.31
CGA CLA GL . -62.80 -9.31 -40.46
O1A CLA GL . -62.26 -8.26 -40.81
O2A CLA GL . -62.84 -9.59 -39.12
NB CLA GL . -66.49 -11.16 -36.67
C1B CLA GL . -66.22 -12.19 -37.49
C2B CLA GL . -65.75 -13.38 -36.73
C3B CLA GL . -65.72 -13.00 -35.40
C4B CLA GL . -66.20 -11.59 -35.36
CMB CLA GL . -65.36 -14.62 -37.41
CAB CLA GL . -65.30 -13.66 -34.19
CBB CLA GL . -64.75 -14.86 -34.04
NC CLA GL . -66.47 -8.61 -35.26
C1C CLA GL . -66.38 -9.45 -34.18
C2C CLA GL . -66.28 -8.68 -32.95
C3C CLA GL . -66.15 -7.35 -33.32
C4C CLA GL . -66.29 -7.31 -34.78
CMC CLA GL . -66.22 -9.26 -31.61
CAC CLA GL . -66.04 -6.20 -32.41
CBC CLA GL . -64.64 -5.70 -32.16
ND CLA GL . -66.36 -7.32 -37.70
C1D CLA GL . -66.26 -6.15 -36.92
C2D CLA GL . -66.19 -4.98 -37.82
C3D CLA GL . -66.21 -5.47 -39.10
C4D CLA GL . -66.27 -6.93 -38.96
CMD CLA GL . -66.11 -3.58 -37.41
CAD CLA GL . -66.19 -5.16 -40.50
OBD CLA GL . -66.24 -4.07 -41.05
CBD CLA GL . -66.07 -6.49 -41.26
CGD CLA GL . -67.15 -6.60 -42.28
O1D CLA GL . -67.07 -6.41 -43.49
O2D CLA GL . -68.35 -6.94 -41.76
CED CLA GL . -69.10 -7.90 -42.50
C1 CLA GL . -62.83 -8.44 -38.26
C2 CLA GL . -62.77 -8.98 -36.88
C3 CLA GL . -62.65 -8.20 -35.81
C4 CLA GL . -62.54 -6.72 -35.86
C5 CLA GL . -62.57 -8.80 -34.45
C6 CLA GL . -62.41 -10.30 -34.43
C7 CLA GL . -61.73 -10.77 -33.16
C8 CLA GL . -62.39 -10.25 -31.89
C9 CLA GL . -61.47 -9.31 -31.11
C10 CLA GL . -62.85 -11.43 -31.04
C11 CLA GL . -63.20 -10.97 -29.64
C12 CLA GL . -63.70 -12.03 -28.69
C13 CLA GL . -64.16 -11.39 -27.39
C14 CLA GL . -64.66 -9.94 -27.56
C15 CLA GL . -63.09 -11.52 -26.30
C16 CLA GL . -63.06 -10.34 -25.35
C17 CLA GL . -61.97 -10.33 -24.30
C18 CLA GL . -62.32 -9.31 -23.21
C19 CLA GL . -62.78 -7.98 -23.77
C20 CLA GL . -61.20 -9.12 -22.22
C03 II0 HL . -82.99 -9.80 -39.24
C04 II0 HL . -86.38 -10.49 -15.50
C05 II0 HL . -82.44 -8.93 -40.53
C06 II0 HL . -86.87 -10.75 -13.93
C07 II0 HL . -81.30 -8.27 -40.19
C08 II0 HL . -88.23 -10.63 -13.76
C09 II0 HL . -81.91 -10.47 -38.51
C10 II0 HL . -87.34 -9.82 -16.37
C11 II0 HL . -80.03 -9.36 -39.87
C12 II0 HL . -88.82 -9.20 -14.34
C13 II0 HL . -80.45 -10.51 -39.14
C14 II0 HL . -88.65 -9.12 -15.78
C15 II0 HL . -83.76 -8.89 -38.24
C16 II0 HL . -83.95 -10.97 -39.71
C17 II0 HL . -86.09 -11.85 -16.16
C18 II0 HL . -85.04 -9.66 -15.53
C19 II0 HL . -79.45 -11.24 -38.27
C20 II0 HL . -89.88 -9.05 -16.69
C21 II0 HL . -82.28 -11.46 -37.37
C22 II0 HL . -86.84 -9.37 -17.76
C23 II0 HL . -82.60 -12.17 -36.46
C24 II0 HL . -86.49 -9.09 -18.84
C25 II0 HL . -83.09 -12.97 -35.22
C26 II0 HL . -86.12 -8.77 -20.30
C27 II0 HL . -83.19 -14.49 -35.17
C28 II0 HL . -85.71 -7.36 -20.72
C29 II0 HL . -83.42 -12.21 -34.14
C30 II0 HL . -86.20 -9.79 -21.14
C31 II0 HL . -83.90 -12.83 -32.80
C32 II0 HL . -85.86 -9.63 -22.63
C33 II0 HL . -83.37 -12.21 -31.73
C34 II0 HL . -85.56 -10.71 -23.34
C35 II0 HL . -83.72 -12.62 -30.31
C36 II0 HL . -85.23 -10.43 -24.78
C37 II0 HL . -83.82 -14.06 -29.90
C38 II0 HL . -84.87 -8.98 -25.11
C39 II0 HL . -83.93 -11.63 -29.42
C40 II0 HL . -85.21 -11.38 -25.73
C41 II0 HL . -84.29 -11.99 -27.97
C42 II0 HL . -84.84 -11.02 -27.20
O01 II0 HL . -80.91 -7.41 -41.23
O02 II0 HL . -88.88 -11.70 -14.43
C03 II0 IL . -66.88 -23.98 -30.60
C04 II0 IL . -76.04 -1.87 -30.19
C05 II0 IL . -66.30 -25.40 -29.98
C06 II0 IL . -76.71 -0.56 -30.93
C07 II0 IL . -66.34 -25.43 -28.62
C08 II0 IL . -76.47 0.60 -30.25
C09 II0 IL . -67.78 -23.26 -29.69
C10 II0 IL . -74.99 -1.54 -29.23
C11 II0 IL . -67.91 -25.23 -28.01
C12 II0 IL . -74.86 0.90 -30.02
C13 II0 IL . -68.51 -24.05 -28.52
C14 II0 IL . -74.14 -0.21 -29.43
C15 II0 IL . -65.64 -23.06 -30.92
C16 II0 IL . -67.64 -24.26 -31.95
C17 II0 IL . -77.16 -2.63 -29.44
C18 II0 IL . -75.46 -2.80 -31.31
C19 II0 IL . -69.58 -23.32 -27.70
C20 II0 IL . -73.01 0.10 -28.43
C21 II0 IL . -68.65 -22.12 -30.28
C22 II0 IL . -74.35 -2.72 -28.45
C23 II0 IL . -69.29 -21.20 -30.71
C24 II0 IL . -73.94 -3.65 -27.81
C25 II0 IL . -70.01 -19.92 -31.18
C26 II0 IL . -73.33 -4.92 -27.21
C27 II0 IL . -70.77 -19.85 -32.50
C28 II0 IL . -72.52 -4.89 -25.94
C29 II0 IL . -69.91 -18.85 -30.34
C30 II0 IL . -73.57 -6.06 -27.86
C31 II0 IL . -70.56 -17.49 -30.70
C32 II0 IL . -73.00 -7.40 -27.32
C33 II0 IL . -70.66 -16.62 -29.68
C34 II0 IL . -73.29 -8.47 -28.05
C35 II0 IL . -71.26 -15.26 -29.97
C36 II0 IL . -72.79 -9.84 -27.64
C37 II0 IL . -71.90 -14.98 -31.31
C38 II0 IL . -72.33 -10.13 -26.21
C39 II0 IL . -71.15 -14.32 -29.02
C40 II0 IL . -72.74 -10.78 -28.58
C41 II0 IL . -71.72 -12.91 -29.28
C42 II0 IL . -72.20 -12.19 -28.23
O01 II0 IL . -65.89 -26.70 -28.20
O02 II0 IL . -77.00 1.66 -31.04
C02 IHT JL . -73.60 -23.71 -35.22
C03 IHT JL . -69.20 0.26 -31.83
C04 IHT JL . -73.64 -25.34 -35.45
C05 IHT JL . -69.31 1.48 -32.96
C06 IHT JL . -73.09 -25.69 -36.64
C07 IHT JL . -73.26 -23.00 -36.43
C08 IHT JL . -68.11 1.72 -33.53
C09 IHT JL . -73.84 -24.98 -37.93
C10 IHT JL . -73.94 -23.56 -37.75
C11 IHT JL . -68.72 -0.95 -32.50
C12 IHT JL . -67.52 0.36 -34.40
C13 IHT JL . -72.53 -23.37 -34.11
C14 IHT JL . -75.05 -23.22 -34.75
C15 IHT JL . -67.55 -0.81 -33.60
C16 IHT JL . -68.21 0.70 -30.79
C17 IHT JL . -70.54 0.00 -31.17
C18 IHT JL . -72.67 -21.59 -36.41
C19 IHT JL . -74.13 -22.62 -38.96
C20 IHT JL . -66.75 -2.05 -34.07
C21 IHT JL . -69.41 -2.32 -32.28
C22 IHT JL . -71.43 -21.39 -36.86
C23 IHT JL . -70.83 -19.93 -36.85
C24 IHT JL . -69.92 -3.42 -32.14
C25 IHT JL . -69.42 -19.66 -37.44
C26 IHT JL . -70.50 -4.85 -31.99
C27 IHT JL . -71.57 -18.93 -36.31
C28 IHT JL . -71.93 -5.08 -31.49
C29 IHT JL . -69.73 -5.91 -32.33
C30 IHT JL . -70.99 -17.46 -36.29
C31 IHT JL . -70.26 -7.33 -32.20
C32 IHT JL . -70.65 -16.86 -35.14
C33 IHT JL . -70.11 -15.44 -35.21
C34 IHT JL . -69.82 -8.28 -33.04
C35 IHT JL . -70.37 -9.74 -32.92
C36 IHT JL . -68.91 -15.13 -36.11
C37 IHT JL . -70.69 -14.46 -34.49
C38 IHT JL . -69.89 -10.70 -33.73
C39 IHT JL . -71.45 -10.07 -31.85
C40 IHT JL . -70.16 -13.02 -34.56
C41 IHT JL . -70.43 -12.14 -33.61
O01 IHT JL . -68.23 2.80 -34.42
C03 II0 KL . -74.27 -6.31 -17.16
C04 II0 KL . -80.58 15.63 -22.78
C05 II0 KL . -73.97 -7.75 -16.42
C06 II0 KL . -80.98 16.73 -23.97
C07 II0 KL . -75.08 -8.31 -15.87
C08 II0 KL . -82.16 17.42 -23.79
C09 II0 KL . -75.27 -6.49 -18.23
C10 II0 KL . -81.71 14.82 -22.37
C11 II0 KL . -76.45 -8.34 -16.87
C12 II0 KL . -83.43 16.55 -23.18
C13 II0 KL . -76.30 -7.71 -18.14
C14 II0 KL . -83.08 15.57 -22.15
C15 II0 KL . -72.95 -5.77 -17.82
C16 II0 KL . -74.76 -5.25 -16.10
C17 II0 KL . -79.51 14.69 -23.37
C18 II0 KL . -79.99 16.36 -21.53
C19 II0 KL . -77.49 -7.72 -19.08
C20 II0 KL . -84.21 14.79 -21.45
C21 II0 KL . -75.63 -5.28 -19.15
C22 II0 KL . -81.55 13.44 -21.65
C23 II0 KL . -75.92 -4.32 -19.82
C24 II0 KL . -81.53 12.37 -21.14
C25 II0 KL . -76.28 -3.03 -20.60
C26 II0 KL . -81.36 11.09 -20.29
C27 II0 KL . -75.72 -2.71 -21.98
C28 II0 KL . -81.15 11.13 -18.79
C29 II0 KL . -77.15 -2.20 -19.95
C30 II0 KL . -81.47 9.94 -20.94
C31 II0 KL . -77.65 -0.83 -20.51
C32 II0 KL . -81.34 8.57 -20.20
C33 II0 KL . -78.78 -0.69 -21.21
C34 II0 KL . -81.86 7.50 -20.78
C35 II0 KL . -79.13 0.73 -21.62
C36 II0 KL . -81.73 6.15 -20.10
C37 II0 KL . -78.98 1.20 -23.05
C38 II0 KL . -82.36 5.88 -18.73
C39 II0 KL . -79.59 1.57 -20.66
C40 II0 KL . -81.04 5.22 -20.78
C41 II0 KL . -79.94 3.02 -21.05
C42 II0 KL . -80.78 3.77 -20.27
O01 II0 KL . -74.77 -9.66 -15.55
O02 II0 KL . -81.94 18.56 -22.94
O1 LHG LL . -84.92 -29.60 -30.32
C1 LHG LL . -84.18 -30.73 -30.80
C2 LHG LL . -83.76 -30.47 -32.24
O2 LHG LL . -83.12 -31.63 -32.76
C3 LHG LL . -82.80 -29.31 -32.23
O3 LHG LL . -83.54 -28.14 -31.88
P LHG LL . -82.84 -26.90 -31.13
O4 LHG LL . -81.84 -27.43 -30.14
O5 LHG LL . -84.02 -26.04 -30.67
O6 LHG LL . -82.04 -26.26 -32.38
C4 LHG LL . -80.62 -26.39 -32.52
C5 LHG LL . -80.26 -26.66 -33.98
C6 LHG LL . -80.95 -25.57 -34.79
O7 LHG LL . -78.85 -26.54 -34.17
C7 LHG LL . -78.30 -27.53 -35.11
O9 LHG LL . -78.99 -28.47 -35.44
C8 LHG LL . -76.89 -27.38 -35.67
C9 LHG LL . -76.61 -28.41 -36.77
C10 LHG LL . -75.15 -28.35 -37.21
O8 LHG LL . -80.64 -25.70 -36.17
C23 LHG LL . -80.16 -24.55 -36.90
O10 LHG LL . -80.36 -23.44 -36.46
C24 LHG LL . -79.41 -24.70 -38.21
C11 LHG LL . -74.85 -29.07 -38.50
C12 LHG LL . -73.43 -28.78 -38.95
C13 LHG LL . -73.15 -29.25 -40.37
C14 LHG LL . -71.71 -28.95 -40.78
C25 LHG LL . -77.92 -24.46 -37.96
C26 LHG LL . -77.14 -24.44 -39.27
C27 LHG LL . -77.11 -25.84 -39.90
MG CLA ML . 77.54 -10.72 14.29
CHA CLA ML . 77.43 -12.46 17.29
CHB CLA ML . 74.20 -11.39 13.84
CHC CLA ML . 77.39 -8.30 11.86
CHD CLA ML . 80.61 -9.28 15.41
NA CLA ML . 76.08 -11.75 15.42
C1A CLA ML . 76.25 -12.44 16.61
C2A CLA ML . 74.94 -13.11 17.04
C3A CLA ML . 74.11 -13.04 15.75
C4A CLA ML . 74.80 -11.95 14.95
CMA CLA ML . 74.19 -14.32 14.98
CAA CLA ML . 74.26 -12.46 18.22
CBA CLA ML . 72.84 -12.11 17.88
CGA CLA ML . 72.84 -10.64 17.68
O1A CLA ML . 73.27 -9.82 18.46
O2A CLA ML . 72.35 -10.21 16.49
NB CLA ML . 76.06 -9.92 13.17
C1B CLA ML . 74.82 -10.46 12.99
C2B CLA ML . 74.24 -10.03 11.68
C3B CLA ML . 75.15 -9.15 11.12
C4B CLA ML . 76.30 -9.08 12.05
CMB CLA ML . 72.93 -10.47 11.21
CAB CLA ML . 75.15 -8.39 9.90
CBB CLA ML . 74.13 -7.80 9.31
NC CLA ML . 78.80 -9.17 13.68
C1C CLA ML . 78.60 -8.37 12.60
C2C CLA ML . 79.73 -7.47 12.42
C3C CLA ML . 80.56 -7.67 13.51
C4C CLA ML . 79.99 -8.73 14.29
CMC CLA ML . 79.89 -6.48 11.33
CAC CLA ML . 81.83 -7.01 13.81
CBC CLA ML . 81.60 -5.66 14.46
ND CLA ML . 78.83 -10.89 15.84
C1D CLA ML . 80.07 -10.30 16.14
C2D CLA ML . 80.66 -10.93 17.33
C3D CLA ML . 79.71 -11.84 17.76
C4D CLA ML . 78.56 -11.71 16.85
CMD CLA ML . 81.98 -10.62 17.87
CAD CLA ML . 79.36 -12.79 18.78
OBD CLA ML . 80.03 -13.26 19.69
CBD CLA ML . 77.88 -13.18 18.54
CGD CLA ML . 77.85 -14.65 18.30
O1D CLA ML . 77.87 -15.57 19.14
O2D CLA ML . 77.83 -14.99 16.98
CED CLA ML . 77.29 -16.27 16.63
C1 CLA ML . 72.79 -8.90 16.10
C2 CLA ML . 72.13 -8.61 14.81
C3 CLA ML . 72.35 -7.50 14.08
C4 CLA ML . 73.27 -6.41 14.48
C5 CLA ML . 71.63 -7.32 12.80
MG CLA NL . 71.07 -6.35 5.71
CHA CLA NL . 68.37 -8.23 6.82
CHB CLA NL . 71.66 -5.48 8.97
CHC CLA NL . 73.29 -3.94 4.66
CHD CLA NL . 69.77 -6.55 2.42
NA CLA NL . 70.19 -6.83 7.56
C1A CLA NL . 69.11 -7.68 7.81
C2A CLA NL . 68.81 -7.80 9.30
C3A CLA NL . 69.84 -6.88 9.94
C4A CLA NL . 70.65 -6.38 8.75
CMA CLA NL . 69.15 -5.75 10.65
CAA CLA NL . 69.18 -9.20 9.77
CBA CLA NL . 68.98 -9.45 11.25
CGA CLA NL . 67.52 -9.41 11.61
O1A CLA NL . 66.63 -10.18 11.25
O2A CLA NL . 67.19 -8.38 12.45
NB CLA NL . 72.34 -5.10 6.63
C1B CLA NL . 72.39 -4.87 7.96
C2B CLA NL . 73.31 -3.74 8.27
C3B CLA NL . 73.80 -3.29 7.07
C4B CLA NL . 73.15 -4.13 6.00
CMB CLA NL . 73.48 -3.29 9.65
CAB CLA NL . 74.64 -2.17 6.72
CBB CLA NL . 74.92 -1.09 7.45
NC CLA NL . 71.50 -5.47 3.87
C1C CLA NL . 72.50 -4.57 3.65
C2C CLA NL . 72.61 -4.28 2.22
C3C CLA NL . 71.53 -4.92 1.60
C4C CLA NL . 70.86 -5.69 2.64
CMC CLA NL . 73.59 -3.36 1.62
CAC CLA NL . 71.19 -4.94 0.17
CBC CLA NL . 70.37 -3.75 -0.29
ND CLA NL . 69.42 -7.07 4.78
C1D CLA NL . 69.10 -7.22 3.41
C2D CLA NL . 67.93 -8.10 3.27
C3D CLA NL . 67.60 -8.50 4.55
C4D CLA NL . 68.56 -7.84 5.45
CMD CLA NL . 67.28 -8.43 2.01
CAD CLA NL . 66.66 -9.19 5.39
OBD CLA NL . 65.56 -9.66 5.17
CBD CLA NL . 67.21 -9.18 6.83
CGD CLA NL . 66.10 -8.91 7.81
O1D CLA NL . 65.42 -9.75 8.41
O2D CLA NL . 65.83 -7.60 8.04
CED CLA NL . 64.46 -7.19 8.03
C1 CLA NL . 65.80 -8.15 12.72
C2 CLA NL . 65.27 -7.13 11.78
C3 CLA NL . 65.38 -5.82 12.04
C4 CLA NL . 66.03 -5.30 13.25
C5 CLA NL . 64.85 -4.80 11.07
C6 CLA NL . 65.88 -3.76 10.71
MG CLA OL . 82.88 -6.22 -9.73
CHA CLA OL . 82.85 -5.07 -12.97
CHB CLA OL . 79.42 -5.82 -9.68
CHC CLA OL . 82.44 -8.60 -7.23
CHD CLA OL . 86.04 -7.73 -10.40
NA CLA OL . 81.43 -5.47 -11.07
C1A CLA OL . 81.63 -5.07 -12.39
C2A CLA OL . 80.31 -4.59 -13.03
C3A CLA OL . 79.33 -4.60 -11.83
C4A CLA OL . 80.10 -5.37 -10.78
CMA CLA OL . 79.01 -3.22 -11.31
CAA CLA OL . 79.80 -5.44 -14.19
CBA CLA OL . 79.46 -6.88 -13.86
CGA CLA OL . 80.67 -7.75 -14.05
O1A CLA OL . 81.30 -7.95 -15.09
O2A CLA OL . 81.09 -8.35 -12.90
NB CLA OL . 81.30 -7.05 -8.73
C1B CLA OL . 80.03 -6.56 -8.67
C2B CLA OL . 79.33 -6.90 -7.41
C3B CLA OL . 80.18 -7.70 -6.71
C4B CLA OL . 81.40 -7.81 -7.54
CMB CLA OL . 77.94 -6.52 -7.15
CAB CLA OL . 80.08 -8.42 -5.47
CBB CLA OL . 79.42 -8.05 -4.37
NC CLA OL . 84.03 -7.78 -8.93
C1C CLA OL . 83.67 -8.59 -7.90
C2C CLA OL . 84.68 -9.55 -7.56
C3C CLA OL . 85.71 -9.37 -8.48
C4C CLA OL . 85.29 -8.25 -9.33
CMC CLA OL . 84.55 -10.56 -6.49
CAC CLA OL . 86.98 -10.12 -8.52
CBC CLA OL . 86.97 -11.30 -9.46
ND CLA OL . 84.24 -6.26 -11.20
C1D CLA OL . 85.55 -6.82 -11.29
C2D CLA OL . 86.21 -6.25 -12.47
C3D CLA OL . 85.24 -5.53 -13.14
C4D CLA OL . 83.99 -5.65 -12.34
CMD CLA OL . 87.60 -6.49 -12.82
CAD CLA OL . 84.90 -4.69 -14.28
OBD CLA OL . 85.64 -4.18 -15.12
CBD CLA OL . 83.35 -4.51 -14.28
CGD CLA OL . 82.94 -3.07 -14.41
O1D CLA OL . 81.93 -2.62 -14.96
O2D CLA OL . 83.81 -2.22 -13.82
CED CLA OL . 84.24 -1.10 -14.61
C1 CLA OL . 81.82 -9.58 -13.07
C2 CLA OL . 82.28 -10.03 -11.74
C3 CLA OL . 82.66 -11.29 -11.52
C4 CLA OL . 82.63 -12.33 -12.57
C5 CLA OL . 83.13 -11.76 -10.18
C6 CLA OL . 82.23 -12.87 -9.65
C7 CLA OL . 82.78 -13.55 -8.42
C8 CLA OL . 81.72 -14.29 -7.61
C9 CLA OL . 82.35 -15.41 -6.80
C10 CLA OL . 80.60 -14.81 -8.51
C11 CLA OL . 79.79 -15.96 -7.95
C12 CLA OL . 78.63 -16.30 -8.87
C13 CLA OL . 78.02 -17.62 -8.45
C14 CLA OL . 77.46 -18.37 -9.65
C15 CLA OL . 76.95 -17.47 -7.38
C16 CLA OL . 77.09 -18.54 -6.33
C17 CLA OL . 75.83 -18.69 -5.49
C18 CLA OL . 75.99 -19.46 -4.18
C19 CLA OL . 74.72 -20.20 -3.83
C20 CLA OL . 77.18 -20.40 -4.16
MG CLA PL . 83.24 -7.48 -22.09
CHA CLA PL . 84.03 -7.46 -25.46
CHB CLA PL . 84.95 -10.44 -21.75
CHC CLA PL . 81.97 -7.85 -18.93
CHD CLA PL . 80.94 -4.83 -22.67
NA CLA PL . 84.32 -8.72 -23.40
C1A CLA PL . 84.55 -8.53 -24.78
C2A CLA PL . 85.42 -9.67 -25.34
C3A CLA PL . 85.69 -10.58 -24.12
C4A CLA PL . 84.95 -9.87 -23.00
CMA CLA PL . 85.17 -11.98 -24.33
CAA CLA PL . 86.77 -9.15 -25.83
CBA CLA PL . 87.95 -9.56 -24.98
CGA CLA PL . 89.20 -8.87 -25.45
O1A CLA PL . 89.47 -7.66 -25.39
O2A CLA PL . 90.08 -9.73 -26.01
NB CLA PL . 83.41 -8.88 -20.65
C1B CLA PL . 84.27 -9.92 -20.64
C2B CLA PL . 84.35 -10.55 -19.29
C3B CLA PL . 83.50 -9.80 -18.50
C4B CLA PL . 82.89 -8.76 -19.34
CMB CLA PL . 85.18 -11.72 -19.01
CAB CLA PL . 83.10 -9.96 -17.12
CBB CLA PL . 82.74 -11.10 -16.54
NC CLA PL . 81.75 -6.50 -21.01
C1C CLA PL . 81.44 -6.79 -19.71
C2C CLA PL . 80.43 -5.87 -19.20
C3C CLA PL . 80.07 -5.05 -20.28
C4C CLA PL . 80.91 -5.45 -21.41
CMC CLA PL . 79.94 -5.92 -17.82
CAC CLA PL . 79.13 -3.92 -20.28
CBC CLA PL . 77.67 -4.28 -20.08
ND CLA PL . 82.60 -6.35 -23.64
C1D CLA PL . 81.72 -5.24 -23.73
C2D CLA PL . 81.83 -4.64 -25.09
C3D CLA PL . 82.71 -5.45 -25.79
C4D CLA PL . 83.14 -6.52 -24.85
CMD CLA PL . 81.14 -3.44 -25.56
CAD CLA PL . 83.40 -5.66 -27.04
OBD CLA PL . 83.42 -4.98 -28.07
CBD CLA PL . 84.17 -7.00 -26.90
CGD CLA PL . 83.67 -8.02 -27.88
O1D CLA PL . 84.32 -8.92 -28.43
O2D CLA PL . 82.34 -7.90 -28.17
CED CLA PL . 81.72 -8.90 -28.98
C1 CLA PL . 91.01 -9.14 -26.95
C2 CLA PL . 91.56 -10.26 -27.75
C3 CLA PL . 92.42 -10.09 -28.77
C4 CLA PL . 92.91 -8.76 -29.17
C5 CLA PL . 92.93 -11.26 -29.53
C6 CLA PL . 92.47 -12.59 -28.98
MG CLA QL . 73.01 -12.67 -18.55
CHA CLA QL . 74.19 -9.76 -20.09
CHB CLA QL . 71.73 -13.63 -21.57
CHC CLA QL . 72.99 -15.89 -17.49
CHD CLA QL . 75.01 -11.82 -15.75
NA CLA QL . 72.94 -11.82 -20.46
C1A CLA QL . 73.48 -10.60 -20.90
C2A CLA QL . 73.21 -10.36 -22.38
C3A CLA QL . 72.12 -11.41 -22.70
C4A CLA QL . 72.27 -12.38 -21.51
CMA CLA QL . 70.76 -10.76 -22.81
CAA CLA QL . 74.51 -10.59 -23.19
CBA CLA QL . 74.30 -10.59 -24.69
CGA CLA QL . 75.60 -10.96 -25.36
O1A CLA QL . 76.05 -10.57 -26.43
O2A CLA QL . 76.35 -11.84 -24.63
NB CLA QL . 72.36 -14.41 -19.32
C1B CLA QL . 71.85 -14.58 -20.55
C2B CLA QL . 71.46 -16.00 -20.69
C3B CLA QL . 71.82 -16.65 -19.55
C4B CLA QL . 72.44 -15.66 -18.68
CMB CLA QL . 70.95 -16.55 -21.92
CAB CLA QL . 71.75 -18.05 -19.23
CBB CLA QL . 72.45 -19.06 -19.79
NC CLA QL . 73.80 -13.67 -16.89
C1C CLA QL . 73.61 -14.99 -16.64
C2C CLA QL . 74.23 -15.33 -15.39
C3C CLA QL . 74.85 -14.19 -14.93
C4C CLA QL . 74.55 -13.13 -15.84
CMC CLA QL . 74.27 -16.67 -14.84
CAC CLA QL . 75.62 -14.05 -13.69
CBC CLA QL . 74.76 -13.49 -12.59
ND CLA QL . 74.32 -11.20 -17.99
C1D CLA QL . 74.92 -10.90 -16.74
C2D CLA QL . 75.46 -9.54 -16.76
C3D CLA QL . 75.22 -9.06 -18.02
C4D CLA QL . 74.49 -10.12 -18.74
CMD CLA QL . 76.17 -8.91 -15.66
CAD CLA QL . 75.38 -7.94 -18.93
OBD CLA QL . 75.96 -6.87 -18.75
CBD CLA QL . 74.68 -8.33 -20.27
CGD CLA QL . 73.49 -7.44 -20.50
O1D CLA QL . 73.34 -6.57 -21.38
O2D CLA QL . 72.51 -7.65 -19.59
CED CLA QL . 71.13 -7.48 -19.97
C1 CLA QL . 77.75 -11.94 -24.92
C2 CLA QL . 78.18 -13.17 -24.20
C3 CLA QL . 79.25 -13.22 -23.38
C4 CLA QL . 79.62 -14.47 -22.68
C5 CLA QL . 80.10 -12.02 -23.12
C6 CLA QL . 81.59 -12.32 -23.21
MG CLA RL . 70.55 -1.22 -6.65
CHA CLA RL . 67.44 -0.38 -7.98
CHB CLA RL . 69.72 0.63 -3.85
CHC CLA RL . 72.88 -2.91 -4.72
CHD CLA RL . 70.72 -3.86 -9.01
NA CLA RL . 68.90 -0.04 -6.08
C1A CLA RL . 67.69 0.19 -6.76
C2A CLA RL . 66.74 1.12 -6.00
C3A CLA RL . 67.62 1.59 -4.81
C4A CLA RL . 68.83 0.66 -4.90
CMA CLA RL . 68.01 3.04 -4.89
CAA CLA RL . 65.43 0.46 -5.55
CBA CLA RL . 65.36 0.03 -4.09
CGA CLA RL . 64.60 0.98 -3.20
O1A CLA RL . 64.63 2.22 -3.17
O2A CLA RL . 63.78 0.34 -2.31
NB CLA RL . 71.18 -1.13 -4.72
C1B CLA RL . 70.83 -0.20 -3.80
C2B CLA RL . 71.79 -0.20 -2.66
C3B CLA RL . 72.68 -1.20 -2.91
C4B CLA RL . 72.29 -1.83 -4.19
CMB CLA RL . 71.65 0.65 -1.48
CAB CLA RL . 73.76 -1.70 -2.10
CBB CLA RL . 74.90 -1.05 -1.86
NC CLA RL . 71.65 -2.99 -6.89
C1C CLA RL . 72.59 -3.46 -6.01
C2C CLA RL . 73.21 -4.67 -6.49
C3C CLA RL . 72.54 -5.00 -7.66
C4C CLA RL . 71.58 -3.94 -7.91
CMC CLA RL . 74.25 -5.42 -5.79
CAC CLA RL . 72.81 -6.16 -8.52
CBC CLA RL . 72.00 -7.36 -8.11
ND CLA RL . 69.45 -1.95 -8.18
C1D CLA RL . 69.72 -2.94 -9.14
C2D CLA RL . 68.73 -2.81 -10.24
C3D CLA RL . 67.85 -1.83 -9.86
C4D CLA RL . 68.32 -1.37 -8.54
CMD CLA RL . 68.73 -3.62 -11.45
CAD CLA RL . 66.65 -1.12 -10.20
OBD CLA RL . 65.94 -1.22 -11.20
CBD CLA RL . 66.33 -0.17 -9.01
CGD CLA RL . 66.28 1.24 -9.50
O1D CLA RL . 65.54 2.16 -9.13
O2D CLA RL . 67.17 1.49 -10.50
CED CLA RL . 68.37 2.21 -10.21
C1 CLA RL . 62.51 0.96 -2.06
C2 CLA RL . 61.97 0.34 -0.83
C3 CLA RL . 62.36 0.69 0.41
C4 CLA RL . 63.37 1.74 0.68
C5 CLA RL . 61.78 0.01 1.60
C6 CLA RL . 62.85 -0.58 2.48
MG CLA SL . 68.09 -11.86 -0.37
CHA CLA SL . 67.96 -12.13 3.09
CHB CLA SL . 64.98 -13.31 -0.53
CHC CLA SL . 67.68 -10.62 -3.53
CHD CLA SL . 71.03 -9.90 -0.03
NA CLA SL . 66.77 -12.64 1.03
C1A CLA SL . 66.87 -12.64 2.44
C2A CLA SL . 65.67 -13.33 3.06
C3A CLA SL . 65.13 -14.13 1.85
C4A CLA SL . 65.63 -13.30 0.68
CMA CLA SL . 65.68 -15.53 1.80
CAA CLA SL . 64.62 -12.35 3.59
CBA CLA SL . 64.42 -11.11 2.73
CGA CLA SL . 63.20 -10.26 2.95
O1A CLA SL . 62.87 -9.60 3.94
O2A CLA SL . 62.37 -10.25 1.85
NB CLA SL . 66.62 -11.95 -1.75
C1B CLA SL . 65.42 -12.58 -1.63
C2B CLA SL . 64.62 -12.42 -2.88
C3B CLA SL . 65.38 -11.64 -3.72
C4B CLA SL . 66.66 -11.36 -3.03
CMB CLA SL . 63.29 -12.99 -3.06
CAB CLA SL . 65.08 -11.20 -5.05
CBB CLA SL . 65.07 -9.93 -5.47
NC CLA SL . 69.21 -10.58 -1.58
C1C CLA SL . 68.89 -10.28 -2.87
C2C CLA SL . 69.91 -9.42 -3.46
C3C CLA SL . 70.82 -9.15 -2.45
C4C CLA SL . 70.39 -9.91 -1.27
CMC CLA SL . 69.86 -8.92 -4.84
CAC CLA SL . 72.03 -8.33 -2.55
CBC CLA SL . 73.20 -9.14 -3.06
ND CLA SL . 69.29 -11.20 1.11
C1D CLA SL . 70.51 -10.49 1.10
C2D CLA SL . 71.07 -10.47 2.46
C3D CLA SL . 70.13 -11.05 3.27
C4D CLA SL . 69.03 -11.49 2.39
CMD CLA SL . 72.35 -9.85 2.79
CAD CLA SL . 69.78 -11.49 4.61
OBD CLA SL . 70.40 -11.37 5.66
CBD CLA SL . 68.37 -12.15 4.55
CGD CLA SL . 68.41 -13.55 5.06
O1D CLA SL . 68.47 -14.58 4.38
O2D CLA SL . 68.40 -13.67 6.41
CED CLA SL . 68.40 -14.99 6.95
C1 CLA SL . 62.95 -10.00 0.54
MG CLA TL . 82.04 -20.25 2.49
CHA CLA TL . 80.73 -23.48 2.53
CHB CLA TL . 84.79 -21.44 4.20
CHC CLA TL . 83.88 -17.51 1.52
CHD CLA TL . 79.68 -19.48 -0.08
NA CLA TL . 82.60 -22.11 3.29
C1A CLA TL . 81.92 -23.33 3.19
C2A CLA TL . 82.69 -24.43 3.91
C3A CLA TL . 83.76 -23.67 4.70
C4A CLA TL . 83.74 -22.30 4.02
CMA CLA TL . 83.44 -23.56 6.17
CAA CLA TL . 83.36 -25.34 2.88
NB CLA TL . 83.92 -19.61 2.81
C1B CLA TL . 84.86 -20.19 3.60
C2B CLA TL . 86.03 -19.28 3.79
C3B CLA TL . 85.78 -18.16 3.03
C4B CLA TL . 84.45 -18.36 2.40
CMB CLA TL . 87.21 -19.66 4.58
CAB CLA TL . 86.58 -16.99 2.76
CBB CLA TL . 87.35 -16.32 3.62
NC CLA TL . 81.78 -18.76 1.06
C1C CLA TL . 82.64 -17.70 0.88
C2C CLA TL . 82.14 -16.81 -0.13
C3C CLA TL . 81.00 -17.40 -0.66
C4C CLA TL . 80.77 -18.61 0.11
CMC CLA TL . 82.81 -15.58 -0.56
CAC CLA TL . 80.14 -16.86 -1.72
CBC CLA TL . 80.41 -17.51 -3.07
ND CLA TL . 80.51 -21.15 1.49
C1D CLA TL . 79.54 -20.68 0.57
C2D CLA TL . 78.47 -21.68 0.42
C3D CLA TL . 78.89 -22.77 1.15
C4D CLA TL . 80.18 -22.41 1.76
CMD CLA TL . 77.26 -21.52 -0.38
CAD CLA TL . 78.57 -24.11 1.55
OBD CLA TL . 77.57 -24.77 1.26
CBD CLA TL . 79.75 -24.63 2.42
CGD CLA TL . 79.26 -25.03 3.78
O1D CLA TL . 79.67 -24.63 4.88
O2D CLA TL . 78.23 -25.93 3.75
CED CLA TL . 78.13 -26.91 4.78
MG CLA UL . 92.58 -11.92 15.25
CHA CLA UL . 92.29 -14.87 13.43
CHB CLA UL . 94.46 -13.64 17.57
CHC CLA UL . 93.75 -8.96 16.56
CHD CLA UL . 91.42 -10.17 12.40
NA CLA UL . 93.24 -13.90 15.45
C1A CLA UL . 93.01 -14.99 14.58
C2A CLA UL . 93.66 -16.27 15.11
C3A CLA UL . 94.18 -15.87 16.50
C4A CLA UL . 93.97 -14.37 16.52
CMA CLA UL . 93.45 -16.57 17.62
CAA CLA UL . 94.83 -16.71 14.24
NB CLA UL . 93.92 -11.41 16.69
C1B CLA UL . 94.32 -12.25 17.67
C2B CLA UL . 94.64 -11.53 18.93
C3B CLA UL . 94.43 -10.20 18.66
C4B CLA UL . 94.01 -10.10 17.23
CMB CLA UL . 95.10 -12.21 20.14
CAB CLA UL . 94.63 -9.04 19.49
CBB CLA UL . 95.79 -8.67 20.04
NC CLA UL . 92.54 -9.93 14.60
C1C CLA UL . 93.05 -8.88 15.32
C2C CLA UL . 92.82 -7.63 14.60
C3C CLA UL . 92.21 -7.98 13.39
C4C CLA UL . 92.02 -9.42 13.41
CMC CLA UL . 93.22 -6.31 15.07
CAC CLA UL . 91.75 -7.05 12.35
CBC CLA UL . 92.74 -6.85 11.21
ND CLA UL . 91.90 -12.35 13.40
C1D CLA UL . 91.34 -11.55 12.38
C2D CLA UL . 90.75 -12.42 11.34
C3D CLA UL . 91.06 -13.71 11.72
C4D CLA UL . 91.82 -13.61 12.97
CMD CLA UL . 90.01 -11.94 10.17
CAD CLA UL . 90.95 -15.12 11.38
OBD CLA UL . 90.35 -15.65 10.45
CBD CLA UL . 91.80 -15.90 12.43
CGD CLA UL . 91.07 -17.03 13.11
O1D CLA UL . 90.49 -17.00 14.20
O2D CLA UL . 91.10 -18.20 12.43
CED CLA UL . 90.61 -19.36 13.10
NB KC2 VL . 91.78 -12.64 3.57
ND KC2 VL . 93.10 -12.83 7.40
C1A KC2 VL . 92.50 -15.92 6.38
C1B KC2 VL . 91.52 -13.66 2.76
C1C KC2 VL . 92.49 -9.83 4.42
C1D KC2 VL . 93.63 -11.91 8.24
C2A KC2 VL . 92.40 -17.29 5.84
C2B KC2 VL . 91.29 -13.23 1.36
C2C KC2 VL . 92.98 -8.51 4.84
C2D KC2 VL . 94.17 -12.61 9.43
C3A KC2 VL . 91.96 -17.03 4.45
C3B KC2 VL . 91.43 -11.77 1.41
C3C KC2 VL . 93.46 -8.70 6.22
C3D KC2 VL . 93.88 -14.03 9.22
C4A KC2 VL . 91.88 -15.56 4.31
C4B KC2 VL . 91.70 -11.51 2.83
C4C KC2 VL . 93.17 -10.15 6.45
C4D KC2 VL . 93.21 -14.12 7.98
CAA KC2 VL . 92.63 -18.61 6.48
CAB KC2 VL . 91.33 -10.62 0.46
CAC KC2 VL . 94.07 -7.62 7.06
CAD KC2 VL . 94.02 -15.39 9.84
CBA KC2 VL . 93.19 -19.70 5.98
CBB KC2 VL . 91.73 -10.69 -0.80
CBC KC2 VL . 93.01 -6.71 7.61
CBD KC2 VL . 93.71 -16.31 8.74
CED KC2 VL . 96.23 -17.16 6.10
CGA KC2 VL . 92.74 -20.94 6.60
CGD KC2 VL . 95.01 -16.80 8.21
CHA KC2 VL . 92.93 -15.57 7.73
CHB KC2 VL . 91.46 -15.10 3.00
CHC KC2 VL . 91.91 -10.10 3.12
CHD KC2 VL . 93.61 -10.50 7.82
CMA KC2 VL . 91.66 -17.99 3.31
CMB KC2 VL . 90.99 -14.08 0.16
CMC KC2 VL . 92.97 -7.28 3.98
CMD KC2 VL . 94.83 -11.79 10.50
NA KC2 VL . 92.18 -14.85 5.42
NC KC2 VL . 92.54 -10.83 5.29
O1A KC2 VL . 91.71 -20.89 7.31
O1D KC2 VL . 95.50 -17.85 8.61
O2A KC2 VL . 93.13 -22.00 6.05
O2D KC2 VL . 95.43 -16.30 6.93
OBD KC2 VL . 94.64 -15.41 10.96
MG KC2 VL . 92.15 -12.81 5.59
NB KC2 WL . 88.79 3.51 7.89
ND KC2 WL . 86.74 6.87 7.03
C1A KC2 WL . 89.93 7.68 7.38
C1B KC2 WL . 90.10 3.37 7.96
C1C KC2 WL . 85.85 2.94 8.22
C1D KC2 WL . 85.43 7.16 6.93
C2A KC2 WL . 91.36 8.00 7.61
C2B KC2 WL . 90.50 2.09 8.57
C2C KC2 WL . 84.41 2.71 8.37
C2D KC2 WL . 85.25 8.62 6.94
C3A KC2 WL . 91.96 6.65 7.72
C3B KC2 WL . 89.23 1.41 8.84
C3C KC2 WL . 83.75 3.92 7.88
C3D KC2 WL . 86.61 9.19 7.05
C4A KC2 WL . 90.84 5.69 7.56
C4B KC2 WL . 88.22 2.38 8.36
C4C KC2 WL . 84.94 4.74 7.45
C4D KC2 WL . 87.48 8.07 7.07
CAA KC2 WL . 92.08 9.30 7.71
CAB KC2 WL . 88.82 0.11 9.43
CAC KC2 WL . 82.24 4.06 7.88
CAD KC2 WL . 87.41 10.45 7.09
CBA KC2 WL . 92.28 10.21 6.78
CBB KC2 WL . 89.50 -1.00 9.22
CBC KC2 WL . 81.69 5.31 8.53
CBD KC2 WL . 88.72 10.00 6.68
CED KC2 WL . 90.33 10.28 3.31
CGA KC2 WL . 92.17 11.61 7.22
CGD KC2 WL . 88.78 10.07 5.17
CHA KC2 WL . 88.84 8.63 7.20
CHB KC2 WL . 91.21 4.27 7.63
CHC KC2 WL . 86.86 1.95 8.57
CHD KC2 WL . 84.49 6.03 6.89
CMA KC2 WL . 93.39 6.23 7.97
CMB KC2 WL . 91.89 1.58 8.84
CMC KC2 WL . 83.77 1.47 8.96
CMD KC2 WL . 83.84 9.14 6.84
NA KC2 WL . 89.64 6.24 7.36
NC KC2 WL . 86.27 4.07 7.65
O1A KC2 WL . 91.96 12.50 6.36
O1D KC2 WL . 88.10 9.38 4.42
O2A KC2 WL . 92.08 11.82 8.46
O2D KC2 WL . 89.93 10.71 4.61
OBD KC2 WL . 86.70 11.52 7.06
MG KC2 WL . 87.90 5.18 7.11
MG CLA XL . 76.56 6.18 6.16
CHA CLA XL . 76.89 9.26 4.63
CHB CLA XL . 78.15 7.46 8.94
CHC CLA XL . 75.11 3.77 8.21
CHD CLA XL . 74.28 5.23 3.61
NA CLA XL . 77.41 8.02 6.66
C1A CLA XL . 77.44 9.21 5.90
C2A CLA XL . 78.19 10.31 6.65
C3A CLA XL . 78.90 9.52 7.78
C4A CLA XL . 78.08 8.25 7.83
CMA CLA XL . 80.33 9.16 7.54
CAA CLA XL . 77.35 11.35 7.39
CBA CLA XL . 75.92 11.64 6.96
CGA CLA XL . 75.91 12.56 5.79
O1A CLA XL . 76.79 13.38 5.50
O2A CLA XL . 74.79 12.43 5.01
NB CLA XL . 76.70 5.67 8.11
C1B CLA XL . 77.41 6.28 9.08
C2B CLA XL . 77.30 5.58 10.38
C3B CLA XL . 76.43 4.54 10.18
C4B CLA XL . 76.02 4.59 8.76
CMB CLA XL . 77.95 6.11 11.58
CAB CLA XL . 75.85 3.58 11.09
CBB CLA XL . 76.46 2.91 12.07
NC CLA XL . 75.04 4.75 5.91
C1C CLA XL . 74.64 3.85 6.86
C2C CLA XL . 73.59 2.99 6.37
C3C CLA XL . 73.32 3.41 5.07
C4C CLA XL . 74.25 4.49 4.80
CMC CLA XL . 72.93 1.93 7.15
CAC CLA XL . 72.33 2.82 4.14
CBC CLA XL . 70.99 3.53 4.07
ND CLA XL . 75.70 7.00 4.52
C1D CLA XL . 74.93 6.43 3.47
C2D CLA XL . 74.95 7.34 2.30
C3D CLA XL . 75.65 8.46 2.70
C4D CLA XL . 76.11 8.19 4.09
CMD CLA XL . 74.26 7.08 1.04
CAD CLA XL . 76.15 9.77 2.34
OBD CLA XL . 75.99 10.43 1.31
CBD CLA XL . 76.99 10.29 3.54
CGD CLA XL . 78.42 10.57 3.18
O1D CLA XL . 78.94 11.62 2.83
O2D CLA XL . 79.23 9.49 3.31
CED CLA XL . 80.45 9.77 3.97
C1 CLA XL . 74.64 13.27 3.84
C2 CLA XL . 74.30 14.63 4.31
C3 CLA XL . 74.25 15.71 3.52
C4 CLA XL . 73.90 17.05 4.07
C5 CLA XL . 74.54 15.61 2.07
C6 CLA XL . 73.38 16.02 1.18
C03 II0 YL . 75.44 -4.71 18.40
C04 II0 YL . 79.62 -2.55 -5.35
C05 II0 YL . 74.99 -5.42 19.83
C06 II0 YL . 80.25 -1.97 -6.78
C07 II0 YL . 74.43 -6.64 19.63
C08 II0 YL . 79.33 -1.97 -7.80
C09 II0 YL . 76.02 -5.63 17.39
C10 II0 YL . 78.24 -2.96 -5.47
C11 II0 YL . 75.54 -7.69 18.88
C12 II0 YL . 77.88 -1.28 -7.40
C13 II0 YL . 75.93 -7.21 17.60
C14 II0 YL . 77.29 -1.96 -6.27
C15 II0 YL . 74.17 -4.03 17.77
C16 II0 YL . 76.52 -3.60 18.69
C17 II0 YL . 80.48 -3.76 -4.90
C18 II0 YL . 79.72 -1.41 -4.27
C19 II0 YL . 76.55 -8.16 16.56
C20 II0 YL . 75.93 -1.52 -5.72
C21 II0 YL . 76.60 -5.04 16.07
C22 II0 YL . 77.61 -3.78 -4.30
C23 II0 YL . 76.99 -4.61 15.02
C24 II0 YL . 77.15 -4.34 -3.35
C25 II0 YL . 77.45 -4.09 13.64
C26 II0 YL . 76.58 -4.90 -2.03
C27 II0 YL . 78.62 -3.11 13.51
C28 II0 YL . 75.26 -5.63 -1.96
C29 II0 YL . 76.76 -4.51 12.51
C30 II0 YL . 77.33 -4.66 -0.95
C31 II0 YL . 77.20 -4.02 11.10
C32 II0 YL . 76.93 -5.12 0.48
C33 II0 YL . 77.07 -4.87 10.06
C34 II0 YL . 77.89 -5.45 1.33
C35 II0 YL . 77.52 -4.42 8.68
C36 II0 YL . 77.48 -5.86 2.75
C37 II0 YL . 78.56 -3.34 8.53
C38 II0 YL . 77.07 -7.29 3.10
C39 II0 YL . 76.97 -5.00 7.59
C40 II0 YL . 77.46 -4.90 3.70
C41 II0 YL . 77.43 -4.55 6.18
C42 II0 YL . 77.03 -5.32 5.13
O01 II0 YL . 74.04 -7.19 20.88
O02 II0 YL . 79.87 -1.19 -8.84
C03 II0 ZL . 73.84 3.27 -4.38
C04 II0 ZL . 81.00 -2.60 18.59
C05 II0 ZL . 74.21 4.69 -5.14
C06 II0 ZL . 81.48 -3.21 20.06
C07 II0 ZL . 73.29 5.65 -4.89
C08 II0 ZL . 82.24 -4.36 19.94
C09 II0 ZL . 73.66 3.47 -2.93
C10 II0 ZL . 82.20 -2.28 17.84
C11 II0 ZL . 73.08 5.97 -3.24
C12 II0 ZL . 83.50 -4.31 18.84
C13 II0 ZL . 72.86 4.78 -2.47
C14 II0 ZL . 83.28 -3.42 17.70
C15 II0 ZL . 72.49 2.74 -5.00
C16 II0 ZL . 74.98 2.21 -4.66
C17 II0 ZL . 80.15 -3.62 17.78
C18 II0 ZL . 80.10 -1.32 18.78
C19 II0 ZL . 71.94 4.79 -1.25
C20 II0 ZL . 84.34 -3.28 16.60
C21 II0 ZL . 74.72 2.93 -1.91
C22 II0 ZL . 82.11 -1.28 16.65
C23 II0 ZL . 75.47 2.53 -1.07
C24 II0 ZL . 81.98 -0.52 15.76
C25 II0 ZL . 76.36 2.06 0.11
C26 II0 ZL . 81.68 0.44 14.59
C27 II0 ZL . 77.24 0.81 -0.01
C28 II0 ZL . 81.89 1.93 14.76
C29 II0 ZL . 76.34 2.79 1.29
C30 II0 ZL . 81.22 -0.08 13.47
C31 II0 ZL . 77.21 2.32 2.49
C32 II0 ZL . 80.86 0.85 12.29
C33 II0 ZL . 76.56 1.53 3.37
C34 II0 ZL . 80.14 0.35 11.29
C35 II0 ZL . 77.22 0.95 4.61
C36 II0 ZL . 79.75 1.30 10.16
C37 II0 ZL . 77.77 -0.46 4.55
C38 II0 ZL . 79.85 2.81 10.38
C39 II0 ZL . 77.30 1.67 5.75
C40 II0 ZL . 79.32 0.77 9.00
C41 II0 ZL . 77.93 1.04 7.00
C42 II0 ZL . 78.88 1.66 7.79
O01 II0 ZL . 73.70 6.84 -5.54
O02 II0 ZL . 82.75 -4.71 21.23
C03 II0 AM . 75.69 -15.18 -1.64
C04 II0 AM . 77.41 -6.69 -24.53
C05 II0 AM . 75.25 -15.83 -0.19
C06 II0 AM . 77.67 -5.68 -25.84
C07 II0 AM . 73.93 -16.12 0.00
C08 II0 AM . 78.78 -6.00 -26.59
C09 II0 AM . 74.59 -14.48 -2.34
C10 II0 AM . 78.45 -7.68 -24.29
C11 II0 AM . 72.98 -16.26 -1.42
C12 II0 AM . 78.93 -7.64 -26.85
C13 II0 AM . 73.15 -15.16 -2.31
C14 II0 AM . 79.15 -8.32 -25.59
C15 II0 AM . 76.86 -14.17 -1.38
C16 II0 AM . 76.35 -16.27 -2.57
C17 II0 AM . 77.30 -5.77 -23.30
C18 II0 AM . 76.02 -7.41 -24.70
C19 II0 AM . 72.34 -15.15 -3.61
C20 II0 AM . 80.39 -9.21 -25.44
C21 II0 AM . 75.01 -13.58 -3.55
C22 II0 AM . 78.31 -8.56 -23.00
C23 II0 AM . 75.41 -12.94 -4.49
C24 II0 AM . 78.17 -9.27 -22.05
C25 II0 AM . 75.96 -12.20 -5.76
C26 II0 AM . 78.00 -10.22 -20.82
C27 II0 AM . 76.36 -10.73 -5.71
C28 II0 AM . 77.20 -11.51 -20.94
C29 II0 AM . 76.12 -12.93 -6.93
C30 II0 AM . 78.55 -9.89 -19.65
C31 II0 AM . 76.67 -12.24 -8.22
C32 II0 AM . 78.37 -10.83 -18.43
C33 II0 AM . 77.73 -12.76 -8.88
C34 II0 AM . 79.24 -10.88 -17.42
C35 II0 AM . 78.22 -12.04 -10.14
C36 II0 AM . 78.87 -11.84 -16.31
C37 II0 AM . 78.98 -10.74 -10.02
C38 II0 AM . 78.20 -13.18 -16.63
C39 II0 AM . 78.01 -12.58 -11.37
C40 II0 AM . 79.10 -11.47 -15.03
C41 II0 AM . 78.49 -11.81 -12.62
C42 II0 AM . 78.68 -12.40 -13.85
O01 II0 AM . 73.84 -17.33 0.73
O02 II0 AM . 78.67 -5.33 -27.84
O1 LHG BM . 91.94 -13.52 20.98
C1 LHG BM . 91.23 -12.35 21.39
C2 LHG BM . 91.26 -11.37 20.24
O2 LHG BM . 90.44 -10.23 20.51
C3 LHG BM . 90.77 -12.10 19.01
O3 LHG BM . 91.11 -11.29 17.89
P LHG BM . 90.03 -10.50 17.01
O4 LHG BM . 88.65 -10.73 17.56
O5 LHG BM . 90.45 -10.97 15.62
O6 LHG BM . 90.47 -8.97 17.23
C4 LHG BM . 89.84 -7.87 16.56
C5 LHG BM . 90.09 -6.58 17.36
C6 LHG BM . 89.64 -5.35 16.56
O7 LHG BM . 89.42 -6.60 18.61
C7 LHG BM . 90.33 -6.80 19.72
O9 LHG BM . 91.49 -7.12 19.50
C8 LHG BM . 89.86 -6.60 21.15
C9 LHG BM . 90.16 -5.17 21.61
C10 LHG BM . 89.28 -4.14 20.91
O8 LHG BM . 89.75 -4.18 17.38
C23 LHG BM . 89.55 -2.85 16.86
O10 LHG BM . 90.34 -2.36 16.08
C24 LHG BM . 88.34 -2.05 17.30
C11 LHG BM . 87.85 -4.25 21.37
C12 LHG BM . 87.05 -3.07 20.83
C13 LHG BM . 85.65 -3.03 21.41
C14 LHG BM . 84.97 -1.73 21.01
C25 LHG BM . 88.39 -0.66 16.68
C26 LHG BM . 87.29 0.25 17.24
C27 LHG BM . 87.40 0.39 18.76
C28 LHG BM . 87.60 1.85 19.18
C29 LHG BM . 86.37 2.69 18.87
C30 LHG BM . 85.21 2.33 19.80
C31 LHG BM . 83.95 3.11 19.45
C32 LHG BM . 82.82 2.76 20.38
C33 LHG BM . 82.48 1.27 20.32
C34 LHG BM . 81.31 0.99 21.25
O1 LHG CM . -11.10 49.14 16.67
C1 LHG CM . -9.97 49.15 15.81
C2 LHG CM . -8.81 48.48 16.51
O2 LHG CM . -9.19 47.16 16.86
C3 LHG CM . -8.45 49.29 17.76
O3 LHG CM . -9.24 48.88 18.87
P LHG CM . -8.48 48.12 20.07
O4 LHG CM . -7.04 48.56 19.99
O5 LHG CM . -8.84 46.65 19.99
O6 LHG CM . -9.09 48.69 21.45
C4 LHG CM . -8.22 48.72 22.58
C5 LHG CM . -8.94 48.34 23.86
C6 LHG CM . -9.83 47.13 23.58
O7 LHG CM . -7.97 47.97 24.84
C7 LHG CM . -8.28 48.45 26.17
O9 LHG CM . -8.60 49.60 26.34
C8 LHG CM . -8.21 47.50 27.35
C9 LHG CM . -8.40 48.21 28.68
C10 LHG CM . -8.61 47.18 29.80
O8 LHG CM . -11.13 47.39 24.06
C23 LHG CM . -11.48 46.99 25.42
O10 LHG CM . -11.04 45.93 25.85
C24 LHG CM . -12.40 47.82 26.26
C11 LHG CM . -8.22 47.74 31.16
C12 LHG CM . -6.75 48.15 31.18
C13 LHG CM . -6.19 48.42 32.57
C14 LHG CM . -4.80 49.00 32.44
C15 LHG CM . -4.08 49.14 33.78
C16 LHG CM . -3.79 47.76 34.34
C17 LHG CM . -2.75 47.83 35.45
C18 LHG CM . -2.51 46.44 36.05
C19 LHG CM . -3.77 45.95 36.74
C20 LHG CM . -3.52 44.60 37.38
C21 LHG CM . -4.81 44.04 37.95
C22 LHG CM . -4.59 42.63 38.44
C25 LHG CM . -12.84 47.01 27.46
C26 LHG CM . -13.81 47.86 28.26
C27 LHG CM . -14.43 47.12 29.42
C28 LHG CM . -13.41 46.74 30.47
C29 LHG CM . -14.12 46.09 31.66
C30 LHG CM . -13.14 45.87 32.80
C31 LHG CM . -13.79 45.13 33.96
C32 LHG CM . -14.99 45.89 34.47
C33 LHG CM . -15.80 44.98 35.40
C34 LHG CM . -17.12 45.60 35.89
C35 LHG CM . -17.98 44.50 36.51
C36 LHG CM . -17.27 43.75 37.64
C37 LHG CM . -17.97 42.45 38.01
C38 LHG CM . -19.43 42.65 38.40
MG CLA DM . -29.26 48.22 54.09
CHA CLA DM . -26.81 49.20 56.29
CHB CLA DM . -31.58 48.48 56.56
CHC CLA DM . -31.65 47.01 51.93
CHD CLA DM . -26.80 47.65 51.63
NA CLA DM . -29.17 48.72 56.12
C1A CLA DM . -28.07 49.14 56.86
C2A CLA DM . -28.47 49.46 58.30
C3A CLA DM . -29.99 49.18 58.33
C4A CLA DM . -30.28 48.76 56.90
CMA CLA DM . -30.38 48.08 59.28
CAA CLA DM . -28.24 50.92 58.65
CBA CLA DM . -28.96 51.37 59.91
NB CLA DM . -31.22 47.83 54.22
C1B CLA DM . -32.00 48.04 55.31
C2B CLA DM . -33.42 47.69 55.01
C3B CLA DM . -33.45 47.27 53.70
C4B CLA DM . -32.06 47.36 53.18
CMB CLA DM . -34.43 47.84 56.06
CAB CLA DM . -34.50 46.79 52.83
CBB CLA DM . -35.76 46.49 53.15
NC CLA DM . -29.22 47.46 52.16
C1C CLA DM . -30.32 47.05 51.45
C2C CLA DM . -29.94 46.65 50.10
C3C CLA DM . -28.56 46.80 50.02
C4C CLA DM . -28.12 47.34 51.30
CMC CLA DM . -30.85 46.13 49.09
CAC CLA DM . -27.72 46.50 48.85
CBC CLA DM . -27.66 47.61 47.83
ND CLA DM . -27.26 48.25 53.95
C1D CLA DM . -26.38 48.08 52.87
C2D CLA DM . -25.02 48.43 53.29
C3D CLA DM . -25.12 48.89 54.59
C4D CLA DM . -26.54 48.77 54.96
CMD CLA DM . -23.86 48.32 52.41
CAD CLA DM . -24.42 49.40 55.75
OBD CLA DM . -23.22 49.65 55.89
CBD CLA DM . -25.48 49.64 56.85
CGD CLA DM . -25.20 48.89 58.13
O1D CLA DM . -25.44 47.70 58.37
O2D CLA DM . -24.65 49.63 59.12
CED CLA DM . -24.56 49.07 60.42
MG CLA EM . -15.40 45.75 51.30
CHA CLA EM . -17.16 43.47 53.21
CHB CLA EM . -13.27 43.22 50.39
CHC CLA EM . -14.22 47.69 48.73
CHD CLA EM . -17.97 48.10 51.85
NA CLA EM . -15.25 43.71 51.75
C1A CLA EM . -16.10 42.94 52.55
C2A CLA EM . -15.63 41.51 52.64
C3A CLA EM . -14.19 41.62 52.09
C4A CLA EM . -14.23 42.93 51.32
CMA CLA EM . -13.20 41.71 53.21
CAA CLA EM . -16.55 40.60 51.84
CBA CLA EM . -15.93 39.86 50.67
CGA CLA EM . -15.88 40.74 49.46
O1A CLA EM . -16.55 41.74 49.27
O2A CLA EM . -15.00 40.38 48.48
NB CLA EM . -14.05 45.50 49.83
C1B CLA EM . -13.24 44.42 49.67
C2B CLA EM . -12.25 44.68 48.59
C3B CLA EM . -12.51 45.94 48.12
C4B CLA EM . -13.64 46.48 48.91
CMB CLA EM . -11.26 43.69 48.21
CAB CLA EM . -11.90 46.71 47.09
CBB CLA EM . -11.66 46.27 45.85
NC CLA EM . -15.97 47.57 50.48
C1C CLA EM . -15.32 48.21 49.47
C2C CLA EM . -15.94 49.50 49.21
C3C CLA EM . -17.04 49.58 50.04
C4C CLA EM . -17.05 48.38 50.85
CMC CLA EM . -15.50 50.45 48.20
CAC CLA EM . -17.98 50.69 50.15
CBC CLA EM . -19.08 50.58 49.15
ND CLA EM . -17.13 45.84 52.30
C1D CLA EM . -18.03 46.91 52.54
C2D CLA EM . -18.95 46.52 53.61
C3D CLA EM . -18.66 45.21 53.92
C4D CLA EM . -17.54 44.83 53.05
CMD CLA EM . -19.96 47.41 54.16
CAD CLA EM . -18.95 44.06 54.77
OBD CLA EM . -19.71 43.98 55.72
CBD CLA EM . -18.06 42.90 54.29
CGD CLA EM . -17.26 42.34 55.42
O1D CLA EM . -17.36 41.24 55.95
O2D CLA EM . -16.31 43.19 55.91
CED CLA EM . -15.20 42.62 56.60
C1 CLA EM . -14.55 41.47 47.64
C2 CLA EM . -15.23 41.42 46.32
C3 CLA EM . -15.28 42.47 45.49
C4 CLA EM . -14.67 43.77 45.82
C5 CLA EM . -15.97 42.38 44.17
MG CLA FM . -8.61 46.05 42.63
CHA CLA FM . -7.53 42.83 43.20
CHB CLA FM . -11.84 44.95 42.78
CHC CLA FM . -9.68 49.13 41.61
CHD CLA FM . -5.29 46.97 41.78
NA CLA FM . -9.52 44.19 42.97
C1A CLA FM . -8.90 42.97 43.24
C2A CLA FM . -9.94 41.87 43.48
C3A CLA FM . -11.28 42.60 43.33
C4A CLA FM . -10.87 44.03 43.02
CMA CLA FM . -12.11 42.04 42.20
CAA CLA FM . -9.85 41.38 44.91
CBA CLA FM . -11.14 40.81 45.48
CGA CLA FM . -11.29 39.35 45.13
O1A CLA FM . -10.56 38.42 45.46
O2A CLA FM . -12.40 39.08 44.37
NB CLA FM . -10.41 46.91 42.38
C1B CLA FM . -11.60 46.28 42.44
C2B CLA FM . -12.69 47.19 42.03
C3B CLA FM . -12.09 48.39 41.70
C4B CLA FM . -10.64 48.21 41.90
CMB CLA FM . -14.08 46.71 41.99
CAB CLA FM . -12.60 49.62 41.16
CBB CLA FM . -13.79 49.83 40.59
NC CLA FM . -7.65 47.73 41.85
C1C CLA FM . -8.28 48.90 41.56
C2C CLA FM . -7.29 49.90 41.17
C3C CLA FM . -6.07 49.25 41.13
C4C CLA FM . -6.30 47.91 41.59
CMC CLA FM . -7.59 51.27 40.79
CAC CLA FM . -4.74 49.79 40.78
CBC CLA FM . -4.40 49.55 39.33
ND CLA FM . -6.83 45.15 42.36
C1D CLA FM . -5.53 45.68 42.16
C2D CLA FM . -4.54 44.63 42.35
C3D CLA FM . -5.25 43.52 42.74
C4D CLA FM . -6.67 43.89 42.75
CMD CLA FM . -3.11 44.84 42.15
CAD CLA FM . -5.19 42.12 43.05
OBD CLA FM . -4.25 41.34 42.94
CBD CLA FM . -6.61 41.67 43.50
CGD CLA FM . -7.00 40.38 42.84
O1D CLA FM . -7.67 40.20 41.82
O2D CLA FM . -6.52 39.29 43.50
CED CLA FM . -5.75 38.33 42.77
C1 CLA FM . -12.56 37.72 43.92
C2 CLA FM . -11.91 37.55 42.59
C3 CLA FM . -12.60 37.58 41.45
C4 CLA FM . -14.07 37.78 41.42
C5 CLA FM . -11.95 37.42 40.12
C6 CLA FM . -12.29 38.55 39.18
MG CLA GM . 1.27 63.05 44.81
CHA CLA GM . 3.39 65.13 43.04
CHB CLA GM . 2.02 60.51 42.64
CHC CLA GM . 0.08 60.70 47.03
CHD CLA GM . 1.36 65.37 47.48
NA CLA GM . 2.48 62.88 43.11
C1A CLA GM . 3.28 63.87 42.53
C2A CLA GM . 4.00 63.33 41.30
C3A CLA GM . 3.46 61.90 41.14
C4A CLA GM . 2.59 61.73 42.39
CMA CLA GM . 2.71 61.62 39.88
CAA CLA GM . 5.52 63.32 41.46
CBA CLA GM . 6.03 62.52 42.65
CGA CLA GM . 6.24 63.39 43.84
O1A CLA GM . 6.99 64.36 43.96
O2A CLA GM . 5.47 63.05 44.92
NB CLA GM . 1.10 61.03 44.83
C1B CLA GM . 1.25 60.23 43.76
C2B CLA GM . 0.50 58.96 43.93
C3B CLA GM . -0.06 59.00 45.19
C4B CLA GM . 0.35 60.31 45.77
CMB CLA GM . 0.55 57.92 42.91
CAB CLA GM . -0.82 58.07 45.98
CBB CLA GM . -1.59 57.07 45.55
NC CLA GM . 0.81 63.05 46.85
C1C CLA GM . 0.33 61.97 47.53
C2C CLA GM . 0.10 62.31 48.92
C3C CLA GM . 0.48 63.64 49.08
C4C CLA GM . 0.90 64.10 47.76
CMC CLA GM . -0.37 61.31 49.89
CAC CLA GM . 0.50 64.48 50.29
CBC CLA GM . -0.82 64.69 50.96
ND CLA GM . 2.13 64.82 45.24
C1D CLA GM . 1.92 65.75 46.29
C2D CLA GM . 2.46 67.06 45.91
C3D CLA GM . 3.07 66.88 44.69
C4D CLA GM . 2.84 65.47 44.32
CMD CLA GM . 2.41 68.25 46.74
CAD CLA GM . 3.83 67.48 43.64
OBD CLA GM . 4.30 68.61 43.56
CBD CLA GM . 4.04 66.40 42.54
CGD CLA GM . 3.41 66.86 41.27
O1D CLA GM . 3.63 66.43 40.13
O2D CLA GM . 2.49 67.85 41.43
CED CLA GM . 1.40 67.86 40.50
C1 CLA GM . 5.80 63.72 46.15
C2 CLA GM . 4.79 63.30 47.14
C3 CLA GM . 5.03 63.24 48.46
C4 CLA GM . 6.35 63.58 49.04
C5 CLA GM . 3.98 62.82 49.41
C6 CLA GM . 4.31 61.50 50.09
C7 CLA GM . 3.42 61.28 51.29
C8 CLA GM . 3.51 59.85 51.80
C9 CLA GM . 3.28 58.87 50.68
C10 CLA GM . 2.47 59.60 52.89
C11 CLA GM . 3.09 59.17 54.18
C12 CLA GM . 3.49 57.70 54.18
C13 CLA GM . 3.73 57.13 55.57
C14 CLA GM . 4.08 58.20 56.60
C15 CLA GM . 4.81 56.06 55.60
C16 CLA GM . 4.67 55.10 54.43
C17 CLA GM . 5.46 53.83 54.63
C18 CLA GM . 4.72 52.81 55.49
C19 CLA GM . 3.67 52.12 54.65
C20 CLA GM . 5.68 51.76 56.01
MG CLA HM . 11.96 70.34 43.18
CHA CLA HM . 14.30 72.89 42.89
CHB CLA HM . 12.38 69.61 39.89
CHC CLA HM . 10.23 67.40 43.62
CHD CLA HM . 12.28 70.60 46.70
NA CLA HM . 13.15 71.13 41.65
C1A CLA HM . 14.05 72.20 41.73
C2A CLA HM . 14.72 72.46 40.38
C3A CLA HM . 14.02 71.46 39.44
C4A CLA HM . 13.11 70.66 40.37
CMA CLA HM . 13.28 72.16 38.32
CAA CLA HM . 16.18 72.10 40.44
CBA CLA HM . 17.09 73.26 40.08
CGA CLA HM . 18.53 72.86 40.21
O1A CLA HM . 19.51 73.60 40.25
O2A CLA HM . 18.72 71.51 40.31
NB CLA HM . 11.44 68.79 41.99
C1B CLA HM . 11.54 68.79 40.64
C2B CLA HM . 10.64 67.75 40.07
C3B CLA HM . 10.04 67.13 41.13
C4B CLA HM . 10.54 67.77 42.36
CMB CLA HM . 10.52 67.48 38.65
CAB CLA HM . 9.14 66.01 41.16
CBB CLA HM . 9.50 64.76 40.89
NC CLA HM . 11.36 69.23 44.85
C1C CLA HM . 10.63 68.08 44.79
C2C CLA HM . 10.34 67.60 46.14
C3C CLA HM . 10.98 68.48 47.02
C4C CLA HM . 11.59 69.50 46.19
CMC CLA HM . 9.59 66.41 46.47
CAC CLA HM . 10.99 68.43 48.48
CBC CLA HM . 10.00 69.38 49.10
ND CLA HM . 12.98 71.44 44.52
C1D CLA HM . 12.94 71.52 45.93
C2D CLA HM . 13.65 72.72 46.40
C3D CLA HM . 14.13 73.32 45.26
C4D CLA HM . 13.74 72.46 44.13
CMD CLA HM . 13.72 73.14 47.79
CAD CLA HM . 14.87 74.44 44.70
OBD CLA HM . 15.23 75.47 45.25
CBD CLA HM . 15.10 74.13 43.20
CGD CLA HM . 14.74 75.32 42.37
O1D CLA HM . 13.61 75.73 42.07
O2D CLA HM . 15.82 76.00 41.91
CED CLA HM . 15.72 76.62 40.64
C1 CLA HM . 19.65 71.02 41.32
C2 CLA HM . 18.87 70.93 42.58
C3 CLA HM . 19.31 70.31 43.70
C4 CLA HM . 20.64 69.65 43.76
C5 CLA HM . 18.48 70.27 44.94
C6 CLA HM . 17.17 71.04 44.83
MG CLA IM . 14.69 58.00 44.48
CHA CLA IM . 14.70 60.37 41.95
CHB CLA IM . 18.11 58.00 44.40
CHC CLA IM . 14.78 56.59 47.62
CHD CLA IM . 11.22 58.55 44.88
NA CLA IM . 16.13 58.96 43.32
C1A CLA IM . 15.93 59.92 42.32
C2A CLA IM . 17.26 60.32 41.71
C3A CLA IM . 18.22 59.22 42.21
C4A CLA IM . 17.46 58.70 43.41
CMA CLA IM . 18.43 58.13 41.19
CAA CLA IM . 17.68 61.69 42.16
CBA CLA IM . 18.72 62.21 41.20
CGA CLA IM . 19.05 63.63 41.51
O1A CLA IM . 19.81 64.38 40.91
O2A CLA IM . 18.38 64.11 42.61
NB CLA IM . 16.15 57.40 45.73
C1B CLA IM . 17.48 57.49 45.53
C2B CLA IM . 18.23 56.94 46.67
C3B CLA IM . 17.30 56.53 47.59
C4B CLA IM . 15.96 56.81 47.00
CMB CLA IM . 19.68 56.92 46.71
CAB CLA IM . 17.46 55.95 48.89
CBB CLA IM . 17.96 56.60 49.93
NC CLA IM . 13.24 57.57 45.94
C1C CLA IM . 13.50 56.93 47.12
C2C CLA IM . 12.26 56.74 47.86
C3C CLA IM . 11.26 57.34 47.12
C4C CLA IM . 11.88 57.85 45.90
CMC CLA IM . 12.14 56.09 49.16
CAC CLA IM . 9.84 57.38 47.47
CBC CLA IM . 9.12 56.12 47.05
ND CLA IM . 13.24 59.11 43.63
C1D CLA IM . 11.84 59.16 43.82
C2D CLA IM . 11.23 59.96 42.74
C3D CLA IM . 12.29 60.49 42.01
C4D CLA IM . 13.51 59.93 42.61
CMD CLA IM . 9.79 60.16 42.62
CAD CLA IM . 12.72 61.31 40.87
OBD CLA IM . 12.05 61.93 40.06
CBD CLA IM . 14.28 61.28 40.83
CGD CLA IM . 14.82 60.76 39.53
O1D CLA IM . 15.24 59.63 39.30
O2D CLA IM . 14.82 61.66 38.50
CED CLA IM . 15.71 61.40 37.41
C1 CLA IM . 19.09 65.03 43.46
C2 CLA IM . 18.22 65.25 44.64
C3 CLA IM . 18.65 65.88 45.74
C4 CLA IM . 20.03 66.41 45.85
C5 CLA IM . 17.78 66.09 46.93
C6 CLA IM . 18.37 65.45 48.17
MG CLA JM . 0.97 53.65 35.72
CHA CLA JM . 2.78 52.29 33.06
CHB CLA JM . -1.90 52.55 34.23
CHC CLA JM . -0.73 53.91 38.72
CHD CLA JM . 3.99 53.77 37.54
NA CLA JM . 0.53 52.68 33.91
C1A CLA JM . 1.41 52.20 32.93
C2A CLA JM . 0.63 51.57 31.77
C3A CLA JM . -0.83 51.92 32.08
C4A CLA JM . -0.74 52.42 33.51
CMA CLA JM . -1.42 52.96 31.17
CAA CLA JM . 0.86 50.08 31.60
CBA CLA JM . 0.00 49.22 32.49
CGA CLA JM . 0.17 47.80 32.08
O1A CLA JM . -0.49 47.14 31.27
O2A CLA JM . 1.21 47.21 32.73
NB CLA JM . -0.91 53.29 36.34
C1B CLA JM . -1.96 52.95 35.56
C2B CLA JM . -3.23 53.00 36.31
C3B CLA JM . -2.91 53.39 37.59
C4B CLA JM . -1.44 53.58 37.62
CMB CLA JM . -4.48 52.64 35.66
CAB CLA JM . -3.67 53.62 38.79
CBB CLA JM . -4.86 53.14 39.09
NC CLA JM . 1.54 53.92 37.72
C1C CLA JM . 0.67 54.09 38.76
C2C CLA JM . 1.40 54.36 39.99
C3C CLA JM . 2.74 54.20 39.68
C4C CLA JM . 2.81 53.94 38.25
CMC CLA JM . 0.79 54.62 41.28
CAC CLA JM . 3.89 54.40 40.58
CBC CLA JM . 4.17 53.22 41.48
ND CLA JM . 2.93 53.31 35.39
C1D CLA JM . 4.07 53.45 36.22
C2D CLA JM . 5.28 53.20 35.43
C3D CLA JM . 4.84 52.79 34.19
C4D CLA JM . 3.37 52.81 34.24
CMD CLA JM . 6.63 53.35 35.93
CAD CLA JM . 5.22 52.37 32.87
OBD CLA JM . 6.33 52.35 32.36
CBD CLA JM . 3.93 51.88 32.16
CGD CLA JM . 3.84 52.37 30.74
O1D CLA JM . 4.32 51.84 29.74
O2D CLA JM . 3.17 53.54 30.58
CED CLA JM . 3.22 54.13 29.28
C1 CLA JM . 0.83 46.25 33.73
C2 CLA JM . 2.05 45.83 34.44
C3 CLA JM . 2.04 44.99 35.48
C4 CLA JM . 0.77 44.40 35.95
C5 CLA JM . 3.31 44.61 36.15
C6 CLA JM . 3.39 43.10 36.28
C7 CLA JM . 4.82 42.65 36.35
C8 CLA JM . 5.04 41.32 37.06
C9 CLA JM . 3.82 40.41 37.05
C10 CLA JM . 5.39 41.63 38.51
C11 CLA JM . 6.58 40.83 38.99
C12 CLA JM . 7.79 40.90 38.09
C13 CLA JM . 9.04 40.32 38.75
C14 CLA JM . 8.96 40.33 40.28
C15 CLA JM . 10.30 41.01 38.23
C16 CLA JM . 11.38 41.17 39.29
C17 CLA JM . 12.59 41.99 38.86
C18 CLA JM . 13.77 41.71 39.78
C19 CLA JM . 14.52 40.47 39.36
C20 CLA JM . 13.39 41.64 41.25
MG CLA KM . 0.55 45.33 44.48
CHA CLA KM . -2.16 43.49 45.59
CHB CLA KM . 2.28 42.44 43.99
CHC CLA KM . 2.87 47.07 42.67
CHD CLA KM . -1.55 48.20 44.45
NA CLA KM . 0.13 43.31 44.83
C1A CLA KM . -1.05 42.74 45.28
C2A CLA KM . -0.89 41.22 45.41
C3A CLA KM . 0.61 41.03 45.24
C4A CLA KM . 1.07 42.34 44.64
CMA CLA KM . 1.25 40.83 46.58
CAA CLA KM . -1.57 40.46 44.31
CBA CLA KM . -1.30 38.97 44.40
CGA CLA KM . -1.62 38.43 45.76
O1A CLA KM . -2.50 38.77 46.53
O2A CLA KM . -0.79 37.41 46.15
NB CLA KM . 2.20 44.83 43.44
C1B CLA KM . 2.80 43.61 43.43
C2B CLA KM . 4.14 43.70 42.77
C3B CLA KM . 4.31 45.02 42.41
C4B CLA KM . 3.10 45.75 42.85
CMB CLA KM . 5.01 42.53 42.64
CAB CLA KM . 5.39 45.73 41.77
CBB CLA KM . 6.38 45.27 41.00
NC CLA KM . 0.67 47.29 43.79
C1C CLA KM . 1.75 47.80 43.13
C2C CLA KM . 1.53 49.21 42.83
C3C CLA KM . 0.25 49.52 43.26
C4C CLA KM . -0.28 48.31 43.88
CMC CLA KM . 2.48 50.06 42.14
CAC CLA KM . -0.42 50.82 43.17
CBC CLA KM . -0.05 51.77 44.26
ND CLA KM . -1.29 45.86 45.12
C1D CLA KM . -2.03 47.06 45.01
C2D CLA KM . -3.36 46.87 45.62
C3D CLA KM . -3.45 45.52 45.89
C4D CLA KM . -2.16 44.93 45.49
CMD CLA KM . -4.33 47.93 45.80
CAD CLA KM . -4.25 44.47 46.45
OBD CLA KM . -5.25 44.53 47.14
CBD CLA KM . -3.57 43.14 46.03
CGD CLA KM . -3.72 42.07 47.05
O1D CLA KM . -4.28 40.99 46.89
O2D CLA KM . -3.24 42.35 48.27
CED CLA KM . -3.76 41.50 49.27
C1 CLA KM . -1.27 36.48 47.14
C2 CLA KM . -2.02 35.39 46.45
C3 CLA KM . -2.50 34.30 47.08
C4 CLA KM . -2.29 34.06 48.52
C5 CLA KM . -3.25 33.25 46.35
C6 CLA KM . -4.70 33.10 46.77
C7 CLA KM . -5.61 34.03 46.00
C8 CLA KM . -5.89 33.59 44.56
C9 CLA KM . -5.19 34.48 43.55
C10 CLA KM . -7.40 33.55 44.32
C11 CLA KM . -7.98 34.89 43.90
C12 CLA KM . -9.49 34.86 43.76
C13 CLA KM . -9.98 33.91 42.66
C14 CLA KM . -9.59 34.39 41.28
C15 CLA KM . -11.49 33.70 42.76
C16 CLA KM . -12.00 32.72 41.73
C17 CLA KM . -13.36 32.19 42.15
C18 CLA KM . -13.91 31.18 41.17
C19 CLA KM . -15.31 30.74 41.51
C20 CLA KM . -13.00 29.97 41.08
MG CLA LM . -3.31 52.44 58.94
CHA CLA LM . -1.67 50.27 61.10
CHB CLA LM . -5.37 53.34 61.52
CHC CLA LM . -4.34 55.19 57.15
CHD CLA LM . -0.60 52.08 56.69
NA CLA LM . -3.50 51.87 60.94
C1A CLA LM . -2.72 50.95 61.66
C2A CLA LM . -3.21 50.80 63.11
C3A CLA LM . -4.53 51.60 63.10
C4A CLA LM . -4.48 52.34 61.76
CMA CLA LM . -5.73 50.70 63.24
CAA CLA LM . -2.21 51.29 64.14
CBA CLA LM . -2.20 52.76 64.47
CGA CLA LM . -3.19 53.10 65.55
O1A CLA LM . -3.41 52.48 66.60
O2A CLA LM . -3.93 54.24 65.33
NB CLA LM . -4.60 53.95 59.27
C1B CLA LM . -5.40 54.10 60.34
C2B CLA LM . -6.38 55.19 60.13
C3B CLA LM . -6.10 55.73 58.89
C4B CLA LM . -4.95 54.94 58.33
CMB CLA LM . -7.34 55.53 61.17
CAB CLA LM . -6.66 56.84 58.18
CBB CLA LM . -7.84 57.42 58.35
NC CLA LM . -2.63 53.40 57.22
C1C CLA LM . -3.25 54.46 56.62
C2C CLA LM . -2.58 54.80 55.38
C3C CLA LM . -1.45 54.01 55.31
C4C CLA LM . -1.50 53.12 56.45
CMC CLA LM . -2.99 55.85 54.45
CAC CLA LM . -0.47 53.96 54.21
CBC CLA LM . 0.73 54.83 54.49
ND CLA LM . -1.54 51.45 58.84
C1D CLA LM . -0.60 51.29 57.80
C2D CLA LM . 0.32 50.19 58.13
C3D CLA LM . -0.07 49.74 59.37
C4D CLA LM . -1.20 50.59 59.79
CMD CLA LM . 1.39 49.71 57.25
CAD CLA LM . 0.19 48.81 60.45
OBD CLA LM . 1.02 47.90 60.51
CBD CLA LM . -0.81 49.13 61.58
CGD CLA LM . -1.65 47.93 61.84
O1D CLA LM . -1.33 46.91 62.45
O2D CLA LM . -2.90 47.98 61.28
CED CLA LM . -3.78 46.89 61.46
C1 CLA LM . -3.45 55.21 64.38
C2 CLA LM . -4.25 56.44 64.50
C3 CLA LM . -4.06 57.50 63.68
C4 CLA LM . -4.84 58.74 63.78
C5 CLA LM . -3.03 57.46 62.60
C6 CLA LM . -3.64 57.72 61.23
MG CLA MM . -20.81 56.73 60.05
CHA CLA MM . -17.74 56.44 61.66
CHB CLA MM . -22.31 56.99 63.12
CHC CLA MM . -23.66 58.02 58.58
CHD CLA MM . -19.04 57.46 57.07
NA CLA MM . -20.12 56.67 62.03
C1A CLA MM . -18.81 56.54 62.51
C2A CLA MM . -18.76 56.52 64.04
C3A CLA MM . -20.25 56.54 64.44
C4A CLA MM . -20.96 56.75 63.11
CMA CLA MM . -20.70 55.27 65.13
CAA CLA MM . -17.93 57.65 64.66
CBA CLA MM . -18.62 58.95 64.97
CGA CLA MM . -17.55 59.96 65.31
O1A CLA MM . -16.53 59.79 65.97
O2A CLA MM . -17.79 61.20 64.77
NB CLA MM . -22.60 57.40 60.72
C1B CLA MM . -23.08 57.25 61.98
C2B CLA MM . -24.56 57.40 62.02
C3B CLA MM . -24.94 57.69 60.74
C4B CLA MM . -23.71 57.72 59.90
CMB CLA MM . -25.35 57.32 63.24
CAB CLA MM . -26.25 58.00 60.23
CBB CLA MM . -26.68 59.20 59.86
NC CLA MM . -21.27 57.50 58.16
C1C CLA MM . -22.51 57.90 57.76
C2C CLA MM . -22.49 58.29 56.36
C3C CLA MM . -21.16 58.23 55.97
C4C CLA MM . -20.41 57.71 57.09
CMC CLA MM . -23.65 58.73 55.59
CAC CLA MM . -20.60 58.51 54.64
CBC CLA MM . -20.04 59.91 54.55
ND CLA MM . -18.89 56.84 59.42
C1D CLA MM . -18.31 57.07 58.15
C2D CLA MM . -16.87 56.79 58.22
C3D CLA MM . -16.60 56.48 59.53
C4D CLA MM . -17.89 56.60 60.25
CMD CLA MM . -15.98 56.85 57.07
CAD CLA MM . -15.59 56.12 60.51
OBD CLA MM . -14.42 55.85 60.31
CBD CLA MM . -16.27 56.17 61.91
CGD CLA MM . -16.12 54.93 62.74
O1D CLA MM . -16.33 53.77 62.41
O2D CLA MM . -15.72 55.14 64.02
CED CLA MM . -15.97 54.09 64.97
C1 CLA MM . -16.68 61.92 64.15
C2 CLA MM . -17.28 63.10 63.46
C3 CLA MM . -16.63 63.98 62.68
C4 CLA MM . -17.34 65.10 62.03
C5 CLA MM . -15.16 63.90 62.37
C6 CLA MM . -14.85 63.79 60.88
C7 CLA MM . -13.48 64.37 60.59
C8 CLA MM . -12.94 63.99 59.22
C9 CLA MM . -13.01 65.14 58.24
NB KC2 NM . -10.49 62.02 56.33
ND KC2 NM . -13.73 60.84 58.45
C1A KC2 NM . -11.05 60.15 60.29
C1B KC2 NM . -9.22 62.00 56.73
C1C KC2 NM . -12.92 62.84 54.72
C1D KC2 NM . -15.05 61.05 58.25
C2A KC2 NM . -9.82 59.99 61.10
C2B KC2 NM . -8.31 62.71 55.80
C2C KC2 NM . -14.11 63.31 54.03
C2D KC2 NM . -15.77 60.64 59.46
C3A KC2 NM . -8.78 60.48 60.17
C3B KC2 NM . -9.20 63.18 54.72
C3C KC2 NM . -15.23 62.88 54.89
C3D KC2 NM . -14.74 60.17 60.40
C4A KC2 NM . -9.48 60.90 58.95
C4B KC2 NM . -10.52 62.70 55.16
C4C KC2 NM . -14.51 62.18 56.00
C4D KC2 NM . -13.50 60.31 59.76
CAA KC2 NM . -9.60 59.45 62.46
CAB KC2 NM . -9.05 63.93 53.46
CAC KC2 NM . -16.68 63.17 54.54
CAD KC2 NM . -14.58 59.58 61.75
CBA KC2 NM . -9.09 58.29 62.83
CBB KC2 NM . -8.12 64.86 53.28
CBC KC2 NM . -17.02 64.62 54.79
CBD KC2 NM . -13.14 59.44 61.96
CED KC2 NM . -11.48 62.19 63.41
CGA KC2 NM . -8.30 58.31 64.06
CGD KC2 NM . -12.89 60.15 63.28
CHA KC2 NM . -12.44 59.83 60.70
CHB KC2 NM . -8.60 61.43 57.91
CHC KC2 NM . -11.57 63.05 54.22
CHD KC2 NM . -15.50 61.65 56.97
CMA KC2 NM . -7.28 60.62 60.34
CMB KC2 NM . -6.82 62.91 55.90
CMC KC2 NM . -14.11 64.10 52.75
CMD KC2 NM . -17.26 60.77 59.50
NA KC2 NM . -10.81 60.71 58.94
NC KC2 NM . -13.05 62.15 55.86
O1A KC2 NM . -8.45 59.30 64.81
O1D KC2 NM . -13.64 59.80 64.17
O2A KC2 NM . -7.87 57.21 64.47
O2D KC2 NM . -12.78 61.59 63.32
OBD KC2 NM . -15.72 59.36 62.32
MG KC2 NM . -12.04 61.16 57.35
NB KC2 OM . -19.53 61.52 42.46
ND KC2 OM . -19.72 61.21 38.38
C1A KC2 OM . -21.02 64.10 39.28
C1B KC2 OM . -19.80 62.60 43.19
C1C KC2 OM . -18.46 58.75 41.70
C1D KC2 OM . -19.26 60.29 37.50
C2A KC2 OM . -21.45 65.46 39.67
C2B KC2 OM . -19.56 62.38 44.63
C2C KC2 OM . -17.83 57.52 41.26
C2D KC2 OM . -19.58 60.75 36.14
C3A KC2 OM . -21.21 65.46 41.14
C3B KC2 OM . -19.06 61.00 44.69
C3C KC2 OM . -17.85 57.56 39.80
C3D KC2 OM . -20.28 62.04 36.32
C4A KC2 OM . -20.66 64.12 41.44
C4B KC2 OM . -19.09 60.55 43.28
C4C KC2 OM . -18.51 58.87 39.54
C4D KC2 OM . -20.33 62.27 37.70
CAA KC2 OM . -22.01 66.53 38.80
CAB KC2 OM . -18.61 60.06 45.74
CAC KC2 OM . -17.29 56.48 38.91
CAD KC2 OM . -20.92 63.16 35.57
CBA KC2 OM . -21.93 67.84 38.88
CBB KC2 OM . -18.11 60.47 46.90
CBC KC2 OM . -18.39 55.69 38.25
CBD KC2 OM . -21.22 64.14 36.59
CED KC2 OM . -19.85 67.47 35.48
CGA KC2 OM . -22.40 68.53 37.69
CGD KC2 OM . -20.24 65.22 36.37
CHA KC2 OM . -21.04 63.53 37.93
CHB KC2 OM . -20.33 63.91 42.85
CHC KC2 OM . -18.67 59.17 43.09
CHD KC2 OM . -18.62 59.08 38.06
CMA KC2 OM . -21.43 66.52 42.19
CMB KC2 OM . -19.73 63.36 45.75
CMC KC2 OM . -17.29 56.43 42.16
CMD KC2 OM . -19.18 59.92 34.96
NA KC2 OM . -20.54 63.27 40.40
NC KC2 OM . -18.87 59.60 40.78
O1A KC2 OM . -22.01 69.70 37.48
O1D KC2 OM . -19.13 65.25 36.89
O2A KC2 OM . -22.93 67.81 36.79
O2D KC2 OM . -20.69 66.33 35.59
OBD KC2 OM . -20.64 63.16 34.30
MG KC2 OM . -19.78 61.38 40.43
NB KC2 PM . -25.37 67.83 39.14
ND KC2 PM . -25.24 66.96 35.17
C1A KC2 PM . -26.05 70.15 35.49
C1B KC2 PM . -25.63 69.02 39.69
C1C KC2 PM . -24.93 64.83 38.88
C1D KC2 PM . -25.09 65.81 34.48
C2A KC2 PM . -26.48 71.55 35.66
C2B KC2 PM . -25.79 68.93 41.16
C2C KC2 PM . -24.80 63.38 38.67
C2D KC2 PM . -25.35 66.08 33.04
C3A KC2 PM . -26.40 71.72 37.13
C3B KC2 PM . -25.58 67.51 41.46
C3C KC2 PM . -24.70 63.20 37.20
C3D KC2 PM . -25.69 67.52 32.96
C4A KC2 PM . -25.93 70.41 37.67
C4B KC2 PM . -25.32 66.91 40.13
C4C KC2 PM . -24.79 64.61 36.73
C4D KC2 PM . -25.61 68.01 34.27
CAA KC2 PM . -26.89 72.58 34.67
CAB KC2 PM . -25.58 66.66 42.68
CAC KC2 PM . -24.55 61.91 36.44
CAD KC2 PM . -26.08 68.61 32.01
CBA KC2 PM . -27.94 72.51 33.87
CBB KC2 PM . -24.92 67.05 43.76
CBC KC2 PM . -23.41 61.04 36.90
CBD KC2 PM . -26.11 69.82 32.81
CED KC2 PM . -24.41 72.22 30.44
CGA KC2 PM . -27.81 73.11 32.54
CGD KC2 PM . -25.09 70.78 32.30
CHA KC2 PM . -25.93 69.44 34.23
CHB KC2 PM . -25.80 70.35 39.12
CHC KC2 PM . -25.07 65.47 40.17
CHD KC2 PM . -24.71 64.61 35.25
CMA KC2 PM . -26.71 72.93 37.98
CMB KC2 PM . -26.09 70.02 42.14
CMC KC2 PM . -24.78 62.37 39.79
CMD KC2 PM . -25.24 64.92 32.09
NA KC2 PM . -25.71 69.45 36.75
NC KC2 PM . -24.94 65.62 37.81
O1A KC2 PM . -27.11 74.14 32.42
O1D KC2 PM . -24.46 71.55 33.01
O2A KC2 PM . -28.06 72.33 31.58
O2D KC2 PM . -25.14 71.08 30.89
OBD KC2 PM . -26.64 68.19 30.92
MG KC2 PM . -25.08 67.53 37.14
MG CLA QM . -14.28 54.03 34.81
CHA CLA QM . -14.71 55.67 31.79
CHB CLA QM . -17.68 53.60 34.93
CHC CLA QM . -13.87 51.50 37.10
CHD CLA QM . -10.83 53.79 34.06
NA CLA QM . -15.89 54.63 33.62
C1A CLA QM . -15.87 55.30 32.39
C2A CLA QM . -17.27 55.53 31.86
C3A CLA QM . -18.14 55.25 33.11
C4A CLA QM . -17.19 54.42 33.96
CMA CLA QM . -18.53 56.50 33.83
CAA CLA QM . -17.54 54.51 30.78
CBA CLA QM . -18.24 55.11 29.57
CGA CLA QM . -19.54 54.39 29.40
O1A CLA QM . -20.44 54.30 30.22
O2A CLA QM . -19.69 53.81 28.18
NB CLA QM . -15.53 52.84 35.85
C1B CLA QM . -16.87 52.80 35.74
C2B CLA QM . -17.44 51.76 36.61
C3B CLA QM . -16.38 51.15 37.24
C4B CLA QM . -15.14 51.84 36.77
CMB CLA QM . -18.88 51.50 36.66
CAB CLA QM . -16.35 50.06 38.18
CBB CLA QM . -15.87 48.85 37.91
NC CLA QM . -12.64 52.97 35.53
C1C CLA QM . -12.69 52.04 36.53
C2C CLA QM . -11.35 51.55 36.84
C3C CLA QM . -10.50 52.12 35.89
C4C CLA QM . -11.32 53.02 35.09
CMC CLA QM . -11.02 50.58 37.88
CAC CLA QM . -9.05 51.95 35.78
CBC CLA QM . -8.65 51.01 34.66
ND CLA QM . -13.00 54.68 33.41
C1D CLA QM . -11.60 54.56 33.24
C2D CLA QM . -11.18 55.37 32.09
C3D CLA QM . -12.33 55.85 31.53
C4D CLA QM . -13.44 55.34 32.35
CMD CLA QM . -9.82 55.56 31.64
CAD CLA QM . -12.91 56.65 30.48
OBD CLA QM . -12.32 57.36 29.69
CBD CLA QM . -14.44 56.46 30.54
CGD CLA QM . -15.17 57.76 30.59
O1D CLA QM . -16.16 58.09 29.95
O2D CLA QM . -14.66 58.67 31.47
CED CLA QM . -15.58 59.24 32.40
C1 CLA QM . -20.66 52.74 28.07
C2 CLA QM . -21.94 53.29 27.59
C3 CLA QM . -23.05 52.55 27.46
C4 CLA QM . -24.33 53.09 26.98
C5 CLA QM . -23.03 51.09 27.81
C6 CLA QM . -24.07 50.73 28.84
C03 II0 RM . 1.60 57.28 61.30
C04 II0 RM . -14.75 65.94 46.22
C05 II0 RM . 1.99 56.54 62.72
C06 II0 RM . -14.23 66.73 44.85
C07 II0 RM . 0.95 55.88 63.27
C08 II0 RM . -14.36 66.01 43.70
C09 II0 RM . 0.78 56.47 60.38
C10 II0 RM . -15.20 64.56 46.04
C11 II0 RM . 0.31 54.69 62.25
C12 II0 RM . -15.80 65.19 43.63
C13 II0 RM . 0.15 55.10 60.89
C14 II0 RM . -15.85 64.13 44.64
C15 II0 RM . 0.78 58.57 61.63
C16 II0 RM . 2.93 57.69 60.57
C17 II0 RM . -13.55 65.88 47.19
C18 II0 RM . -15.87 66.80 46.88
C19 II0 RM . -0.97 54.50 60.08
C20 II0 RM . -15.80 62.66 44.20
C21 II0 RM . 0.15 57.15 59.12
C22 II0 RM . -15.01 63.53 47.19
C23 II0 RM . -0.36 57.70 58.17
C24 II0 RM . -14.77 62.77 48.08
C25 II0 RM . -1.12 58.39 57.01
C26 II0 RM . -14.38 61.74 49.17
C27 II0 RM . -0.35 59.06 55.84
C28 II0 RM . -15.42 61.03 50.02
C29 II0 RM . -2.49 58.38 57.02
C30 II0 RM . -13.07 61.52 49.29
C31 II0 RM . -3.26 59.07 55.85
C32 II0 RM . -12.41 60.54 50.30
C33 II0 RM . -4.61 59.06 55.90
C34 II0 RM . -11.85 61.08 51.37
C35 II0 RM . -5.43 59.70 54.78
C36 II0 RM . -11.12 60.26 52.45
C37 II0 RM . -4.75 60.53 53.73
C38 II0 RM . -11.86 59.50 53.56
C39 II0 RM . -6.76 59.50 54.80
C40 II0 RM . -9.77 60.27 52.37
C41 II0 RM . -7.70 60.12 53.74
C42 II0 RM . -8.90 59.53 53.42
O01 II0 RM . 1.43 55.23 64.43
O02 II0 RM . -14.27 66.93 42.62
C03 II0 SM . -20.23 43.29 45.80
C04 II0 SM . -3.30 60.03 41.39
C05 II0 SM . -20.00 41.68 46.03
C06 II0 SM . -2.79 61.42 40.67
C07 II0 SM . -19.99 41.21 47.31
C08 II0 SM . -1.48 61.40 40.31
C09 II0 SM . -19.35 44.07 46.68
C10 II0 SM . -2.53 58.86 41.05
C11 II0 SM . -19.63 42.30 48.57
C12 II0 SM . -1.12 60.15 39.30
C13 II0 SM . -19.06 43.54 48.15
C14 II0 SM . -1.66 58.87 39.71
C15 II0 SM . -19.82 43.59 44.30
C16 II0 SM . -21.72 43.72 46.01
C17 II0 SM . -3.20 60.27 42.91
C18 II0 SM . -4.80 59.78 40.97
C19 II0 SM . -18.32 44.44 49.14
C20 II0 SM . -0.96 57.58 39.30
C21 II0 SM . -18.81 45.45 46.27
C22 II0 SM . -3.00 57.47 41.56
C23 II0 SM . -18.34 46.51 45.96
C24 II0 SM . -3.40 56.41 41.93
C25 II0 SM . -17.69 47.84 45.51
C26 II0 SM . -3.94 55.04 42.38
C27 II0 SM . -18.46 49.15 45.55
C28 II0 SM . -3.07 53.80 42.43
C29 II0 SM . -16.39 47.75 45.05
C30 II0 SM . -5.23 55.01 42.70
C31 II0 SM . -15.60 49.00 44.56
C32 II0 SM . -5.90 53.69 43.16
C33 II0 SM . -14.33 49.08 44.97
C34 II0 SM . -7.03 53.80 43.85
C35 II0 SM . -13.46 50.25 44.55
C36 II0 SM . -7.75 52.54 44.31
C37 II0 SM . -14.08 51.52 44.03
C38 II0 SM . -6.99 51.31 44.82
C39 II0 SM . -12.12 50.14 44.66
C40 II0 SM . -9.09 52.56 44.23
C41 II0 SM . -11.23 51.32 44.24
C42 II0 SM . -9.93 51.34 44.66
O01 II0 SM . -21.24 40.60 47.53
O02 II0 SM . -1.32 62.58 39.57
C03 II0 TM . -18.98 53.44 53.56
C04 II0 TM . -22.91 61.05 31.26
C05 II0 TM . -18.49 52.18 54.49
C06 II0 TM . -22.47 62.53 30.63
C07 II0 TM . -19.53 51.58 55.11
C08 II0 TM . -21.57 62.48 29.59
C09 II0 TM . -20.26 53.24 52.88
C10 II0 TM . -21.92 59.99 31.13
C11 II0 TM . -20.69 50.97 54.02
C12 II0 TM . -20.22 61.56 29.94
C13 II0 TM . -20.78 51.73 52.83
C14 II0 TM . -20.54 60.21 30.36
C15 II0 TM . -19.08 54.70 54.51
C16 II0 TM . -17.92 53.74 52.44
C17 II0 TM . -23.18 61.22 32.78
C18 II0 TM . -24.25 60.54 30.60
C19 II0 TM . -21.67 51.25 51.68
C20 II0 TM . -19.38 59.29 30.75
C21 II0 TM . -20.54 54.14 51.64
C22 II0 TM . -22.17 58.65 31.87
C23 II0 TM . -20.70 54.79 50.62
C24 II0 TM . -22.35 57.67 32.51
C25 II0 TM . -20.86 55.59 49.30
C26 II0 TM . -22.44 56.44 33.44
C27 II0 TM . -20.29 57.00 49.16
C28 II0 TM . -22.62 55.01 32.97
C29 II0 TM . -21.50 55.01 48.23
C30 II0 TM . -22.35 56.75 34.73
C31 II0 TM . -21.64 55.81 46.90
C32 II0 TM . -22.41 55.71 35.87
C33 II0 TM . -21.44 55.16 45.73
C34 II0 TM . -21.92 56.17 37.01
C35 II0 TM . -21.55 55.91 44.41
C36 II0 TM . -21.90 55.31 38.26
C37 II0 TM . -21.60 57.41 44.42
C38 II0 TM . -22.09 53.78 38.18
C39 II0 TM . -21.59 55.21 43.27
C40 II0 TM . -21.69 55.95 39.41
C41 II0 TM . -21.68 55.94 41.91
C42 II0 TM . -21.62 55.20 40.77
O01 II0 TM . -19.03 50.51 55.87
O02 II0 TM . -22.18 61.95 28.42
C02 IHT UM . -23.87 49.41 47.96
C03 IHT UM . -5.88 56.20 33.91
C04 IHT UM . -24.89 49.40 49.26
C05 IHT UM . -4.74 56.08 32.70
C06 IHT UM . -25.55 50.56 49.48
C07 IHT UM . -23.86 50.64 47.20
C08 IHT UM . -3.83 57.08 32.70
C09 IHT UM . -24.57 51.88 49.32
C10 IHT UM . -24.14 52.00 47.96
C11 IHT UM . -5.17 56.09 35.19
C12 IHT UM . -3.27 57.56 34.24
C13 IHT UM . -24.29 48.26 46.99
C14 IHT UM . -22.38 49.11 48.47
C15 IHT UM . -3.68 56.70 35.29
C16 IHT UM . -6.87 55.07 33.79
C17 IHT UM . -6.61 57.53 33.83
C18 IHT UM . -22.96 50.67 45.96
C19 IHT UM . -24.66 53.19 47.15
C20 IHT UM . -3.01 56.85 36.67
C21 IHT UM . -6.01 55.85 36.46
C22 IHT UM . -22.04 51.64 45.87
C23 IHT UM . -21.11 51.67 44.59
C24 IHT UM . -6.72 55.68 37.44
C25 IHT UM . -21.66 51.16 43.23
C26 IHT UM . -7.72 55.50 38.59
C27 IHT UM . -19.84 52.13 44.75
C28 IHT UM . -7.32 55.75 40.04
C29 IHT UM . -8.96 55.12 38.26
C30 IHT UM . -18.81 52.21 43.57
C31 IHT UM . -10.05 54.94 39.33
C32 IHT UM . -19.05 52.93 42.47
C33 IHT UM . -17.99 52.92 41.38
C34 IHT UM . -10.97 53.98 39.17
C35 IHT UM . -12.07 53.87 40.29
C36 IHT UM . -18.38 52.70 39.93
C37 IHT UM . -16.69 53.08 41.73
C38 IHT UM . -13.35 53.88 39.89
C39 IHT UM . -11.68 53.79 41.79
C40 IHT UM . -15.59 53.09 40.66
C41 IHT UM . -14.51 53.80 40.92
O01 IHT UM . -2.70 56.60 32.01
C03 II0 VM . 0.94 51.20 50.55
C04 II0 VM . 15.22 66.09 39.14
C05 II0 VM . 0.94 49.77 51.35
C06 II0 VM . 16.01 67.18 38.17
C07 II0 VM . 0.12 48.87 50.74
C08 II0 VM . 15.99 68.43 38.70
C09 II0 VM . 0.86 51.08 49.08
C10 II0 VM . 15.08 66.50 40.53
C11 II0 VM . 0.62 48.52 49.14
C12 II0 VM . 16.73 68.47 40.19
C13 II0 VM . 1.16 49.65 48.44
C14 II0 VM . 16.07 67.60 41.14
C15 II0 VM . -0.32 52.02 50.99
C16 II0 VM . 2.22 52.02 50.92
C17 II0 VM . 13.82 65.93 38.54
C18 II0 VM . 15.98 64.72 39.05
C19 II0 VM . 1.37 49.57 46.92
C20 II0 VM . 15.73 68.15 42.53
C21 II0 VM . 1.11 52.36 48.24
C22 II0 VM . 14.32 65.60 41.55
C23 II0 VM . 1.36 53.37 47.62
C24 II0 VM . 13.77 64.88 42.34
C25 II0 VM . 1.81 54.66 46.90
C26 II0 VM . 13.15 63.94 43.39
C27 II0 VM . 1.35 54.97 45.47
C28 II0 VM . 14.08 63.16 44.27
C29 II0 VM . 2.65 55.51 47.57
C30 II0 VM . 11.81 63.82 43.49
C31 II0 VM . 3.17 56.81 46.88
C32 II0 VM . 11.11 62.84 44.51
C33 II0 VM . 4.11 57.50 47.54
C34 II0 VM . 10.74 63.12 45.77
C35 II0 VM . 4.72 58.75 46.91
C36 II0 VM . 10.03 61.97 46.50
C37 II0 VM . 4.00 59.49 45.81
C38 II0 VM . 10.78 61.05 47.46
C39 II0 VM . 5.95 59.14 47.34
C40 II0 VM . 8.73 61.75 46.28
C41 II0 VM . 6.65 60.34 46.70
C42 II0 VM . 7.98 60.57 46.98
O01 II0 VM . 0.17 47.68 51.50
O02 II0 VM . 16.67 69.32 37.81
O1 LHG WM . -26.37 53.09 62.67
C1 LHG WM . -25.11 52.59 62.24
C2 LHG WM . -24.63 53.44 61.08
O2 LHG WM . -25.45 53.26 59.92
C3 LHG WM . -23.18 53.08 60.75
O3 LHG WM . -22.76 54.08 59.82
P LHG WM . -21.99 53.77 58.47
O4 LHG WM . -21.55 52.32 58.45
O5 LHG WM . -21.02 54.94 58.49
O6 LHG WM . -23.14 53.97 57.35
C4 LHG WM . -22.87 54.52 56.07
C5 LHG WM . -23.87 54.07 55.01
C6 LHG WM . -23.29 54.57 53.69
O7 LHG WM . -24.06 52.65 54.97
C7 LHG WM . -25.09 52.27 54.02
O9 LHG WM . -24.75 51.81 52.93
C8 LHG WM . -26.57 52.37 54.33
C9 LHG WM . -27.33 51.88 53.10
C10 LHG WM . -28.79 51.57 53.39
O8 LHG WM . -23.94 55.75 53.27
C23 LHG WM . -24.64 55.71 52.01
O10 LHG WM . -25.51 54.86 51.87
C24 LHG WM . -24.28 56.64 50.88
C11 LHG WM . -29.46 50.99 52.13
C12 LHG WM . -29.34 51.92 50.93
C13 LHG WM . -30.39 51.54 49.89
C14 LHG WM . -30.22 50.09 49.45
C25 LHG WM . -25.00 56.12 49.65
C26 LHG WM . -24.89 57.02 48.41
C27 LHG WM . -25.69 56.44 47.24
C28 LHG WM . -26.97 55.79 47.77
C29 LHG WM . -27.71 54.98 46.73
C30 LHG WM . -28.68 54.05 47.46
C31 LHG WM . -29.47 53.21 46.49
C32 LHG WM . -28.57 52.35 45.62
C33 LHG WM . -27.80 51.31 46.41
C34 LHG WM . -26.93 50.49 45.45
MG CLA XM . 12.26 47.96 33.52
CHA CLA XM . 13.92 50.66 34.97
CHB CLA XM . 14.48 48.01 30.94
CHC CLA XM . 11.24 44.81 32.59
CHD CLA XM . 10.40 47.62 36.50
NA CLA XM . 13.89 49.17 33.03
C1A CLA XM . 14.42 50.26 33.75
C2A CLA XM . 15.63 50.85 33.03
C3A CLA XM . 15.57 50.16 31.65
C4A CLA XM . 14.59 49.03 31.87
CMA CLA XM . 15.11 51.08 30.55
CAA CLA XM . 16.91 50.52 33.79
CBA CLA XM . 17.06 49.05 34.12
CGA CLA XM . 17.77 48.76 35.41
O1A CLA XM . 18.90 49.10 35.76
O2A CLA XM . 17.03 48.00 36.27
NB CLA XM . 12.82 46.65 32.10
C1B CLA XM . 13.62 46.92 31.05
C2B CLA XM . 13.48 45.89 29.99
C3B CLA XM . 12.57 44.99 30.45
C4B CLA XM . 12.13 45.45 31.79
CMB CLA XM . 14.25 45.94 28.74
CAB CLA XM . 12.04 43.78 29.87
CBB CLA XM . 12.76 42.74 29.44
NC CLA XM . 11.02 46.51 34.37
C1C CLA XM . 10.72 45.31 33.80
C2C CLA XM . 9.80 44.57 34.64
C3C CLA XM . 9.55 45.36 35.76
C4C CLA XM . 10.31 46.58 35.56
CMC CLA XM . 9.28 43.23 34.36
CAC CLA XM . 8.66 45.04 36.88
CBC CLA XM . 9.34 44.66 38.16
ND CLA XM . 12.08 48.91 35.28
C1D CLA XM . 11.24 48.68 36.40
C2D CLA XM . 11.45 49.74 37.38
C3D CLA XM . 12.48 50.51 36.90
C4D CLA XM . 12.85 49.95 35.59
CMD CLA XM . 10.74 49.84 38.65
CAD CLA XM . 13.33 51.64 37.14
OBD CLA XM . 13.36 52.39 38.10
CBD CLA XM . 14.30 51.76 35.93
CGD CLA XM . 14.24 53.16 35.39
O1D CLA XM . 14.51 54.18 36.02
O2D CLA XM . 13.84 53.31 34.10
CED CLA XM . 13.71 54.66 33.65
C1 CLA XM . 16.03 48.69 37.05
C2 CLA XM . 15.37 47.77 38.02
C3 CLA XM . 14.56 46.75 37.69
C4 CLA XM . 13.93 45.87 38.70
C5 CLA XM . 14.23 46.43 36.28
C6 CLA XM . 14.75 45.04 35.99
C7 CLA XM . 14.17 44.49 34.71
C8 CLA XM . 14.99 43.30 34.22
C9 CLA XM . 14.97 42.19 35.24
C10 CLA XM . 16.41 43.74 33.92
C11 CLA XM . 16.43 44.52 32.64
C12 CLA XM . 17.70 45.33 32.43
C13 CLA XM . 17.87 45.68 30.96
C14 CLA XM . 17.44 44.54 30.04
C15 CLA XM . 19.32 46.04 30.66
C16 CLA XM . 19.51 47.48 30.25
C17 CLA XM . 18.42 48.06 29.39
C18 CLA XM . 18.92 48.99 28.29
C19 CLA XM . 17.90 50.05 27.93
C20 CLA XM . 20.24 49.65 28.59
C10 WVN YM . -19.88 -18.29 -9.23
C11 WVN YM . -36.48 -21.27 -25.30
C12 WVN YM . -19.47 -19.72 -8.95
C13 WVN YM . -22.15 -19.08 -9.88
C14 WVN YM . -20.68 -20.48 -8.39
C01 WVN YM . -38.45 -19.66 -25.43
C02 WVN YM . -37.27 -20.29 -26.18
C03 WVN YM . -39.77 -19.72 -26.18
C04 WVN YM . -39.60 -19.48 -27.66
C05 WVN YM . -37.64 -20.96 -27.50
C06 WVN YM . -20.92 -18.28 -10.32
C07 WVN YM . -38.67 -20.25 -24.05
C08 WVN YM . -38.13 -18.16 -25.27
C09 WVN YM . -38.63 -20.50 -28.21
C15 WVN YM . -22.03 -19.94 -8.85
C16 WVN YM . -36.55 -21.64 -28.30
C17 WVN YM . -20.33 -18.87 -11.60
C18 WVN YM . -21.26 -16.83 -10.60
C19 WVN YM . -35.28 -20.85 -24.97
C20 WVN YM . -23.40 -18.94 -10.76
C21 WVN YM . -23.13 -20.18 -7.82
C22 WVN YM . -34.23 -21.56 -24.13
C23 WVN YM . -24.52 -18.42 -10.32
C24 WVN YM . -33.79 -22.97 -24.48
C25 WVN YM . -25.75 -18.27 -11.22
C26 WVN YM . -33.72 -20.87 -23.14
C27 WVN YM . -26.56 -16.99 -11.12
C28 WVN YM . -26.09 -19.23 -12.05
C29 WVN YM . -32.62 -21.38 -22.19
C30 WVN YM . -27.31 -19.00 -12.94
C31 WVN YM . -32.32 -20.61 -21.16
C32 WVN YM . -31.22 -20.96 -20.18
C33 WVN YM . -27.60 -19.85 -13.89
C34 WVN YM . -28.80 -19.59 -14.79
C35 WVN YM . -30.20 -22.05 -20.50
C36 WVN YM . -31.13 -20.31 -19.05
C37 WVN YM . -28.80 -20.10 -15.99
C38 WVN YM . -29.96 -18.74 -14.29
C39 WVN YM . -30.02 -20.59 -18.06
C40 WVN YM . -29.92 -19.87 -16.97
C10 WVN ZM . -59.75 2.42 -19.30
C11 WVN ZM . -43.45 -5.66 -33.94
C12 WVN ZM . -59.80 1.30 -18.26
C13 WVN ZM . -57.40 1.52 -19.56
C14 WVN ZM . -58.55 1.34 -17.39
C01 WVN ZM . -43.12 -7.93 -34.96
C02 WVN ZM . -42.82 -6.44 -35.08
C03 WVN ZM . -42.07 -8.83 -35.64
C04 WVN ZM . -41.27 -8.10 -36.70
C05 WVN ZM . -41.32 -6.22 -35.12
C06 WVN ZM . -58.54 2.30 -20.21
C07 WVN ZM . -43.09 -8.27 -33.48
C08 WVN ZM . -44.49 -8.27 -35.55
C09 WVN ZM . -40.63 -6.90 -36.01
C15 WVN ZM . -57.30 1.56 -18.25
C16 WVN ZM . -40.64 -5.32 -34.11
C17 WVN ZM . -58.02 3.70 -20.47
C18 WVN ZM . -59.00 1.69 -21.53
C19 WVN ZM . -44.52 -4.99 -34.25
C20 WVN ZM . -56.78 0.35 -20.33
C21 WVN ZM . -56.06 2.12 -17.58
C22 WVN ZM . -45.31 -4.15 -33.27
C23 WVN ZM . -55.73 0.54 -21.07
C24 WVN ZM . -45.71 -2.75 -33.68
C25 WVN ZM . -55.10 -0.63 -21.83
C26 WVN ZM . -45.68 -4.66 -32.12
C27 WVN ZM . -55.43 -2.07 -21.44
C28 WVN ZM . -54.28 -0.38 -22.82
C29 WVN ZM . -46.50 -3.74 -31.23
C30 WVN ZM . -53.64 -1.52 -23.59
C31 WVN ZM . -47.58 -4.18 -30.63
C32 WVN ZM . -48.37 -3.21 -29.78
C33 WVN ZM . -52.48 -1.29 -24.13
C34 WVN ZM . -51.79 -2.39 -24.92
C35 WVN ZM . -48.73 -1.83 -30.33
C36 WVN ZM . -48.71 -3.55 -28.57
C37 WVN ZM . -50.90 -2.02 -25.82
C38 WVN ZM . -52.08 -3.84 -24.62
C39 WVN ZM . -49.49 -2.59 -27.70
C40 WVN ZM . -50.14 -3.03 -26.65
MG CLA AN . -39.24 -28.89 -30.72
CHA CLA AN . -40.23 -32.20 -30.82
CHB CLA AN . -38.06 -29.42 -27.53
CHC CLA AN . -37.22 -26.12 -30.97
CHD CLA AN . -39.58 -28.82 -34.28
NA CLA AN . -39.23 -30.50 -29.39
C1A CLA AN . -39.70 -31.79 -29.62
C2A CLA AN . -39.49 -32.65 -28.38
C3A CLA AN . -39.32 -31.59 -27.29
C4A CLA AN . -38.79 -30.42 -28.10
CMA CLA AN . -40.63 -31.28 -26.63
CAA CLA AN . -38.14 -33.35 -28.46
CBA CLA AN . -37.98 -34.43 -29.49
CGA CLA AN . -37.30 -33.95 -30.74
O1A CLA AN . -37.03 -34.63 -31.72
O2A CLA AN . -36.90 -32.64 -30.79
NB CLA AN . -37.95 -27.94 -29.49
C1B CLA AN . -37.59 -28.31 -28.23
C2B CLA AN . -36.66 -27.32 -27.64
C3B CLA AN . -36.42 -26.38 -28.61
C4B CLA AN . -37.23 -26.77 -29.79
CMB CLA AN . -36.15 -27.51 -26.28
CAB CLA AN . -35.56 -25.21 -28.66
CBB CLA AN . -34.84 -24.67 -27.68
NC CLA AN . -38.64 -27.64 -32.29
C1C CLA AN . -37.90 -26.51 -32.15
C2C CLA AN . -37.77 -25.81 -33.42
C3C CLA AN . -38.30 -26.66 -34.37
C4C CLA AN . -38.88 -27.77 -33.66
CMC CLA AN . -37.07 -24.55 -33.60
CAC CLA AN . -38.42 -26.43 -35.83
CBC CLA AN . -39.75 -25.86 -36.28
ND CLA AN . -39.81 -30.11 -32.23
C1D CLA AN . -40.02 -29.93 -33.61
C2D CLA AN . -40.71 -31.11 -34.16
C3D CLA AN . -40.82 -31.99 -33.13
C4D CLA AN . -40.22 -31.34 -31.97
CMD CLA AN . -41.13 -31.30 -35.55
CAD CLA AN . -41.27 -33.30 -32.73
OBD CLA AN . -41.82 -34.19 -33.36
CBD CLA AN . -40.91 -33.47 -31.24
CGD CLA AN . -42.17 -33.68 -30.49
O1D CLA AN . -42.61 -34.72 -30.02
O2D CLA AN . -42.92 -32.56 -30.35
CED CLA AN . -44.31 -32.77 -30.06
C1 CLA AN . -36.73 -32.16 -32.14
C2 CLA AN . -36.01 -30.85 -32.21
C3 CLA AN . -35.86 -30.23 -33.39
C4 CLA AN . -36.42 -30.80 -34.63
C5 CLA AN . -35.15 -28.93 -33.53
C6 CLA AN . -34.30 -28.54 -32.35
C02 IHT BN . -44.48 -35.99 -36.24
C03 IHT BN . -42.38 -12.44 -30.89
C04 IHT BN . -45.02 -37.51 -36.56
C05 IHT BN . -43.95 -11.99 -31.17
C06 IHT BN . -46.11 -37.85 -35.84
C07 IHT BN . -45.09 -35.38 -35.07
C08 IHT BN . -43.99 -11.23 -32.29
C09 IHT BN . -45.84 -37.69 -34.20
C10 IHT BN . -45.51 -36.35 -33.87
C11 IHT BN . -41.93 -13.25 -32.02
C12 IHT BN . -43.64 -12.15 -33.68
C13 IHT BN . -42.92 -36.06 -36.03
C14 IHT BN . -44.76 -35.06 -37.51
C15 IHT BN . -42.46 -12.92 -33.52
C16 IHT BN . -41.53 -11.19 -30.80
C17 IHT BN . -42.29 -13.22 -29.60
C18 IHT BN . -45.05 -33.86 -34.90
C19 IHT BN . -45.35 -35.93 -32.40
C20 IHT BN . -41.89 -13.69 -34.74
C21 IHT BN . -41.23 -14.60 -31.75
C22 IHT BN . -46.01 -33.23 -34.23
C23 IHT BN . -45.96 -31.66 -34.06
C24 IHT BN . -40.69 -15.69 -31.56
C25 IHT BN . -47.27 -30.87 -33.74
C26 IHT BN . -40.08 -17.09 -31.33
C27 IHT BN . -44.79 -30.99 -34.20
C28 IHT BN . -38.83 -17.28 -30.49
C29 IHT BN . -40.71 -18.13 -31.91
C30 IHT BN . -44.74 -29.42 -34.06
C31 IHT BN . -40.23 -19.59 -31.77
C32 IHT BN . -43.63 -28.83 -33.60
C33 IHT BN . -43.59 -27.30 -33.47
C34 IHT BN . -41.05 -20.52 -32.25
C35 IHT BN . -40.73 -22.05 -32.20
C36 IHT BN . -44.77 -26.45 -33.91
C37 IHT BN . -42.49 -26.68 -32.99
C38 IHT BN . -41.62 -22.88 -32.75
C39 IHT BN . -39.43 -22.57 -31.53
C40 IHT BN . -42.53 -25.15 -32.92
C41 IHT BN . -41.44 -24.42 -32.78
O01 IHT BN . -45.27 -10.65 -32.40
#